data_5VFP
#
_entry.id   5VFP
#
_cell.length_a   1.000
_cell.length_b   1.000
_cell.length_c   1.000
_cell.angle_alpha   90.00
_cell.angle_beta   90.00
_cell.angle_gamma   90.00
#
_symmetry.space_group_name_H-M   'P 1'
#
loop_
_entity.id
_entity.type
_entity.pdbx_description
1 polymer 'Proteasome subunit alpha type-6'
2 polymer 'Proteasome subunit alpha type-2'
3 polymer 'Proteasome subunit alpha type-4'
4 polymer 'Proteasome subunit alpha type-7'
5 polymer 'Proteasome subunit alpha type-5'
6 polymer 'Proteasome subunit alpha type-1'
7 polymer 'Proteasome subunit alpha type-3'
8 polymer 'Proteasome subunit beta type-6'
9 polymer 'Proteasome subunit beta type-7'
10 polymer 'Proteasome subunit beta type-3'
11 polymer 'Proteasome subunit beta type-2'
12 polymer 'Proteasome subunit beta type-5'
13 polymer 'Proteasome subunit beta type-1'
14 polymer 'Proteasome subunit beta type-4'
15 polymer '26S proteasome non-ATPase regulatory subunit 1'
16 polymer '26S proteasome non-ATPase regulatory subunit 3'
17 polymer '26S proteasome non-ATPase regulatory subunit 12'
18 polymer '26S proteasome non-ATPase regulatory subunit 6'
19 polymer '26S proteasome non-ATPase regulatory subunit 7'
20 polymer '26S proteasome non-ATPase regulatory subunit 13'
21 polymer '26S proteasome non-ATPase regulatory subunit 4'
22 polymer '26S proteasome non-ATPase regulatory subunit 14'
23 polymer '26S proteasome non-ATPase regulatory subunit 8'
24 polymer sem1
25 polymer '26S proteasome non-ATPase regulatory subunit 11'
26 polymer '26S proteasome regulatory subunit 7'
27 polymer '26S proteasome regulatory subunit 4'
28 polymer '26S proteasome regulatory subunit 8'
29 polymer '26S proteasome regulatory subunit 6B'
30 polymer '26S proteasome regulatory subunit 10B'
31 polymer '26S proteasome regulatory subunit 6A'
32 polymer '26S proteasome non-ATPase regulatory subunit 2'
33 non-polymer 'ZINC ION'
34 non-polymer 'PHOSPHOTHIOPHOSPHORIC ACID-ADENYLATE ESTER'
#
loop_
_entity_poly.entity_id
_entity_poly.type
_entity_poly.pdbx_seq_one_letter_code
_entity_poly.pdbx_strand_id
1 'polypeptide(L)'
;SSAGFDRHITIFSPEGRLYQVEYAFKAINQGGLTSVAVRGKDCAVIVTQKKVPDKLLDSSTVTHLFKITENIGCVMTGMT
ADSRSQVQRARYEAANWKYKYGYEIPVDMLCKRIADISQVYTQNAEMRPLGCCMILIGIDEEQGPQVYKCDPAGYYCGFK
ATAAGVKQTESTSFLEKKVKKKFDWTFEQTVETAITCLSTVLSIDFKPSEIEVGVVTVENPKFRILTEAEIDAHLVALAE
;
G,g
2 'polypeptide(L)'
;ERGYSFSLTTFSPSGKLVQIEYALAAVAGGAPSVGIKAANGVVLATEKKQKSILYDERSVHKVEPITKHIGLVYSGMGPD
YRVLVHRARKLAQQYYLVYQEPIPTAQLVQRVASVMQEYTQSGGVRPFGVSLLICGWNEGRPYLFQSDPSGAYFAWKATA
MGKNYVNGKTFLEKRYNEDLELEDAIHTAILTLKESFEGQMTEDNIEVGICNEAGFRRLTPTEVKDYLAAIA
;
H,h
3 'polypeptide(L)'
;SRRYDSRTTIFSPEGRLYQVEYAMEAIGHAGTCLGILANDGVLLAAERRNIHKLLDEVFFSEKIYKLNEDMACSVAGITS
DANVLTNELRLIAQRYLLQYQEPIPCEQLVTALCDIKQAYTQFGGKRPFGVSLLYIGWDKHYGFQLYQSDPSGNYGGWKA
TCIGNNSAAAVSMLKQDYKEGEMTLKSALALAIKVLNKTMDVSKLSAEKVEIATLTRENGKTVIRVLKQKEVEQLIKKHE
EEEAKAEREK
;
I,i
4 'polypeptide(L)'
;SYDRAITVFSPDGHLFQVEYAQEAVKKGSTAVGVRGRDIVVLGVEKKSVAKLQDERTVRKICALDDNVCMAFAGLTADAR
IVINRARVECQSHRLTVEDPVTVEYITRYIASLKQRYTQSNGRRPFGISALIVGFDFDGTPRLYQTDPSGTYHAWKANAI
GRGAKSVREFLEKNYTDEAIETDDLTIKLVIKALLEVVQSGGKNIELAVMRRDQSLKILNPEEIEKYVAEIEKEKEENEK
KKQ
;
J,j
5 'polypeptide(L)'
;YDRGVNTFSPEGRLFQVEYAIEAIKLGSTAIGIQTSEGVCLAVEKRITSPLMEPSSIEKIVEIDAHIGCAMSGLIADAKT
LIDKARVETQNHWFTYNETMTVESVTQAVSNLALQFGEEDADPGAMSRPFGVALLFGGVDEKGPQLFHMDPSGTFVQCDA
RAIGSASEGAQSSLQEVYHKSMTLKEAIKSSLIILKQVMEEKLNATNIELATVQPGQNFHMFTKEELEEVIKDI
;
K,k
6 'polypeptide(L)'
;NQYDNDVTVWSPQGRIHQIEYAMEAVKQGSATVGLKSKTHAVLVALKRAQSELAAHQKKILHVDNHIGISIAGLTADARL
LCNFMRQECLDSRFVFDRPLPVSRLVSLIGSKTQIPTQRYGRRPYGVGLLIAGYDDMGPHIFQTCPSANYFDCRAMSIGA
RSQSARTYLERHMSEFMECNLNELVKHGLRALRETLPAEQDLTTKNVSIGIVGKDLEFTIYDDDDVSPFLEGLEERPQ
;
L,l
7 'polypeptide(L)'
;SSIGTGYDLSASTFSPDGRVFQVEYAMKAVENSSTAIGIRCKDGVVFGVEKLVLSKLYEEGSNKRLFNVDRHVGMAVAGL
LADARSLADIAREEASNFRSNFGYNIPLKHLADRVAMYVHAYTLYSAVRPFGCSFMLGSYSVNDGAQLYMIDPSGVSYGY
WGCAIGKARQAAKTEIEKLQMKEMTCRDIVKEVAKIIYIVHDEVKDKAFELELSWVGELTNGRHEIVPKDIREEAEKYAK
ESLKE
;
M,m
8 'polypeptide(L)'
;TTIMAVQFDGGVVLGADSRTTTGSYIANRVTDKLTPIHDRIFCCRSGSAADTQAVADAVTYQLGFHSIELNEPPLVHTAA
SLFKEMCYRYREDLMAGIIIAGWDPQEGGQVYSVPMGGMMVRQSFAIGGSGSSYIYGYVDATYREGMTKEECLQFTANAL
ALAMERDGSSGGVIRLAAIAESGVERQVLLG
;
N,n
9 'polypeptide(L)'
;TTIAGVVYKDGIVLGADTRATEGMVVADKNCSKIHFISPNIYCCGAGTAADTDMTTQLISSNLELHSLSTGRLPRVVTAN
RMLKQMLFRYQGYIGAALVLGGVDVTGPHLYSIYPHGSTDKLPYVTMGSGSLAAMAVFEDKFRPDMEEEEAKNLVSEAIA
AGIFNDLGSGSNIDLCVISKNKLDFLRPYTVPNKKGTRLGRYRCEKGTTAVLTEKITPLE
;
O,o
10 'polypeptide(L)'
;SIMSYNGGAVMAMKGKNCVAIAADRRFGIQAQMVTTDFQKIFPMGDRLYIGLAGLATDVQTVAQRLKFRLNLYELKEGRQ
IKPYTLMSMVANLLYEKRFGPYYTEPVIAGLDPKTFKPFICSLDLIGCPMVTDDFVVSGTCAEQMYGMCESLWEPNMDPD
HLFETISQAMLNAVDRDAVSGMGVIVHIIEKDKITTRTLKARMD
;
P,p
11 'polypeptide(L)'
;MEYLIGIQGPDYVLVASDRVAASNIVQMKDDHDKMFKMSEKILLLCVGEAGDTVQFAEYIQKNVQLYKMRNGYELSPTAA
ANFTRRNLADCLRSRTPYHVNLLLAGYDEHEGPALYYMDYLAALAKAPFAAHGYGAFLTLSILDRYYTPTISRERAVELL
RKCLEELQKRFILNLPTFSVRIIDKNGIHDLDNISFPKQ
;
Q,q
12 'polypeptide(L)'
;TTTLAFKFRHGVIVAADSRATAGAYIASQTVKKVIEINPYLLGTMAGGAADCSFWERLLARQCRIYELRNKERISVAAAS
KLLANMVYQYKGMGLSMGTMICGWDKRGPGLYYVDSEGNRISGATFSVGSGSVYAYGVMDRGYSYDLEVEQAYDLARRAI
YQATYRDAYSGGAVNLYHVREDGWIRVSSDNVADLHEKYSG
;
R,r
13 'polypeptide(L)'
;RFSPYVFNGGTILAIAGEDFAIVASDTRLSEGFSIHTRDSPKCYKLTDKTVIGCSGFHGDCLTLTKIIEARLKMYKHSNN
KAMTTGAIAAMLSTILYSRRFFPYYVYNIIGGLDEEGKGAVYSFDPVGSYQRDSFKAGGSASAMLQPLLDNQVGFKNMQN
VEHVPLSLDRAMRLVKDVFISAAERDVYTGDALRICIVTKEGIREETVSLRKD
;
S,s
14 'polypeptide(L)'
;TQNPMVTGTSVLGVKFEGGVVIAADMLGSYGSLARFRNISRIMRVNNSTMLGASGDYADFQYLKQVLGQMVIDEELLGDG
HSYSPRAIHSWLTRAMYSRRSKMNPLWNTMVIGGYADGESFLGYVDMLGVAYEAPSLATGYGAYLAQPLLREVLEKQPVL
SQTEARDLVERCMRVLYYRDARSYNRFQIATVTEKGVEIEGPLSTETNWDIAHMI
;
T,t
15 'polypeptide(L)'
;GIISLLDEDEPQLKEFALHKLNAVVNDFWAEISESVDKIEVLYEDEGFRSRQFAALVASKVFYHLGAFEESLNYALGAGD
LFNVNDNSEYVETIIAKCIDHYTKQCVENADLPEGEKKPIDQRLEGIVNKMFQRCLDDHKYKQAIGIALETRRLDVFEKT
ILESNDVPGMLAYSLKLCMSLMQNKQFRNKVLRVLVKIYMNLEKPDFINVCQCLIFLDDPQAVSDILEKLVKEDNLLMAY
QICFDLYESASQQFLSSVIQNLRTVGTPIASVPGSTNTGTVPGSEKDSDSMETEEKTSSAFVGKTPEASPEPKDQTLKMI
KILSGEMAIELHLQFLIRNNNTDLMILKNTKDAVRNSVCHTATVIANSFMHCGTTSDQFLRDNLEWLARATNWAKFTATA
SLGVIHKGHEKEALQLMATYLPKDTSPGSAYQEGGGLYALGLIHANHGGDIIDYLLNQLKNASNDIVRHGGSLGLGLAAM
GTARQDVYDLLKTNLYQDDAVTGEAAGLALGLVMLGSKNAQAIEDMVGYAQETQHEKILRGLAVGIALVMYGRMEEADAL
IESLCRDKDPILRRSGMYTVAMAYCGSGNNKAIRRLLHVAVSDVNDDVRRAAVESLGFILFRTPEQCPSVVSLLSESYNP
HVRYGAAMALGICCAGTGNKEAINLLEPMTNDPVNYVRQGALIASALIMIQQTEITCPKVNQFRQLYSKVINDKHDDVMA
KFGAILAQGILDAGGHNVTISLQSRTGHTHMPSVVGVLVFTQFWFWFPLSHFLSLAYTPTCVIGLNKDLKMPKVQYKSNC
KPSTFAYPAPLEVPKEKEKEKVSTAVLSITAKAKKKEKEKEKKEEEKMEVDEAEKKEEKEKKKEPEPNFQLLDNPARVMP
AQLKVLTMPETCRYQPFKPLSIGGIIILKDT
;
U
16 'polypeptide(L)'
;PPGGGEQEPPPPPAPQDVEMKEEAATGGGSTGEADGKTAAAAAEHSQRELDTVTLEDIKEHVKQLEKAVSGKEPRFVLRA
LRMLPSTSRRLNHYVLYKAVQGFFTSNNATRDFLLPFLEEPMDTEADLQFRPRTGKAASTPLLPEVEAYLQLLVVIFMMN
SKRYKEAQKISDDLMQKISTQNRRALDLVAAKCYYYHARVYEFLDKLDVVRSFLHARLRTATLRHDADGQATLLNLLLRN
YLHYSLYDQAEKLVSKSVFPEQANNNEWARYLYYTGRIKAIQLEYSEARRTMTNALRKAPQHTAVGFKQTVHKLLIVVEL
LLGEIPDRLQFRQPSLKRSLMPYFLLTQAVRTGNLAKFNQVLDQFGEKFQADGTYTLIIRLRHNVIKTGVRMISLSYSRI
SLADIAQKLQLDSPEDAEFIVAKAIRDGVIEASINHEKGYVQSKEMIDIYSTREPQLAFHQRISFCLDIHNMSVKAMRFP
;
V
17 'polypeptide(L)'
;MADGGSERADGRIVKMEVDYSATVDQRLPECAKLAKEGRLQEVIETLLSLEKQTRTASDMVSTSRILVAVVKMCYEAKEW
DLLNENIMLLSKRRSQLKQAVAKMVQQCCTYVEEITDLPIKLRLIDTLRMVTEGKIYVEIERARLTKTLATIKEQNGDVK
EAASILQELQVETYGSMEKKERVEFILEQMRLCLAVKDYIRTQIISKKINTKFFQEENTEKLKLKYYNLMIQLDQHEGSY
LSICKHYRAIYDTPCIQAESEKWQQALKSVVLYVILAPFDNEQSDLVHRISGDKKLEEIPKYKDLLKLFTTMELMRWSTL
VEDYGMELRKGSLESPATDVFGSTEEGEKRWKDLKNRVVEHNIRIMAKYYTRITMKRMAQLLDLSVDESEAFLSNLVVNK
TIFAKVDRLAGIINFQRPKDPNNLLNDWSQKLNSLMSLVNKTTHLIAKEEMIHNLQ
;
W
18 'polypeptide(L)'
;PKNPDLRIAQLRFLLSLPEHRGDAAVRDELMAAVRDNNMAPYYEALCKSLDWQIDVDLLNKMKKANEDELKRLDEELEDA
EKNLGESEIRDAMMAKAEYLCRIGDKEGALTAFRKTYDKTVALGHRLDIVFYLLRIGLFYMDNDLITRNTEKAKSLIEEG
GDWDRRNRLKVYQGLYCVAIRDFKQAAELFLDTVSTFTSYELMDYKTFVTYTVYVSMIALERPDLREKVIKGAEILEVLH
SLPAVRQYLFSLYECRYSVFFQSLAVVEQEMKKDWLFAPHYRYYVREMRIHAYSQLLESYRSLTLGYMAEAFGVGVEFID
QELSRFIAAGRLHCKIDKVNEIVETNRPDSKNWQYQETIKKGDLLLNRVQKLSRVINM
;
Y
19 'polypeptide(L)'
;AVQKVVVHPLVLLSVVDHFNRIGKVGNQKRVVGVLLGSWQKKVLDVSNSFAVPFDEDDKDDSVWFLDHDYLENMYGMFKK
VNARERIVGWYHTGPKLHKNDIAINELMKRYCPNSVLVIIDVKPKDLGLPTEAYISVEEVHDDGTPTSKTFEHVTSEIGA
EEAEEVGVEHLLRDIKDTTVGTLSQRITNQVHGLKGLNSKLLDIRSYLEKVATGKLPINHQIIYQLQDVFNLLPDVSLQE
FVKAFYLKTNDQMVVVYLASLIRSVVALHNLINNKIANRDAEKKEG
;
Z
20 'polypeptide(L)'
;VPGFLQQSQNSGPGQPAVWHRLEELYTKKLWHQLTLQVLDFVQDPCFAQGDGLIKLYENFISEFEHRVNPLSLVEIILHV
VRQMTDPNVALTFLEKTREKVKSSDEAVILCKTAIGALKLNIGDLQVTKETIEDVEEMLNNLPGVTSVHSRFYDLSSKYY
QTIGNHASYYKDALRFLGCVDIKDLPVSEQQERAFTLGLAGLLGEGVFNFGELLMHPVLESLRNTDRQWLIDTLYAFNSG
NVERFQTLKTAWGQQPDLAANEAQLLRKIQLLCLMEMTFTRPANHRQLTFEEIAKSAKITVNEVELLVMKALSVGLVKGS
IDEVDKRVHMTWVQPRVLDLQQIKGMKDRLEFWCTDVKSMEMLVEHQAHDILT
;
a
21 'polypeptide(L)'
;MVLESTMVCVDNSEYMRNGDFLPTRLQAQQDAVNIVCHSKTRSNPENNVGLITLANDCEVLTTLTPDTGRILSKLHTVQP
KGKITFCTGIRVAHLALKHRQGKNHKMRIIAFVGSPVEDNEKDLVKLAKRLKKEKVNVDIINFGEEEVNTEKLTAFVNTL
NGKDGTGSHLVTVPPGPSLADALISSPILAG
;
b
22 'polypeptide(L)'
;AVDTAEQVYISSLALLKMLKHGRAGVPMEVMGLMLGEFVDDYTVRVIDVFAMPQSGTGVSVEAVDPVFQAKMLDMLKQTG
RPEMVVGWYHSHPGFGCWLSGVDINTQQSFEALSERAVAVVVDPIQSVKGKVVIDAFRLINANMMVLGHEPRQTTSNLGH
LNKPSIQALIHGLNRHYYSITINYRKNELEQKMLLNLHKKSWMEGLTLQDYSEHCKHNESVVKEMLELAKNYNKAVEEED
KMTPEQLAIKNVGKQDPKRHLEEHVDVLMTSNIVQCLAAMLDTVVFK
;
c
23 'polypeptide(L)'
;MYEQLKGEWNRKSPNLSKCGEELGRLKLVLLELNFLPTTGTKLTKQQLILARDILEIGAQWSILRKDIPSFERYMAQLKC
YYFDYKEQLPESAYMHQLLGLNLLFLLSQNRVAEFHTELERLPAKDIQTNVYIKHPVSLEQYLMEGSYNKVFLAKGNIPA
ESYTFFIDILLDTIRDEIAGCIEKAYEKILFTEATRILFFNTPKKMTDYAKKRGWVLGPNNYYSFASQQQKPEDTTIPST
ELAKQVIEYARQLEMIV
;
d
24 'polypeptide(L)'
;MSEKKQPVD(UNK)(UNK)(UNK)(UNK)(UNK)(UNK)(UNK)(UNK)(UNK)(UNK)(UNK)(UNK)(UNK)(UNK)
(UNK)(UNK)(UNK)(UNK)(UNK)(UNK)(UNK)(UNK)(UNK)(UNK)(UNK)(UNK)(UNK)(UNK)(UNK)(UNK)
EDNWDDDNVEDDFSNQLRAELEKHGYKMETS
;
e
25 'polypeptide(L)'
;VQVKEQSILELGSLLAKTGQAAELGGLLKYVRPFLNSISKAKAARLVRSLLDLFLDMEAATGQEVELCLECIEWAKSEKR
TFLRQALEARLVSLYFDTKRYQEALHLGSQLLRELKKMDDKALLVEVQLLESKTYHALSNLPKARAALTSARTTANAIYC
PPKLQATLDMQSGIIHAAEEKDWKTAYSYFYEAFEGYDSIDSPKAITSLKYMLLCKIMLNTPEDVQALVSGKLALRYAGR
QTEALKCVAQASKNRSLADFEKALTDYRAELRDDPIISTHLAKLYDNLLEQNLIRVIEPFSRVQIEHISSLIKLSKADVE
RKLSQMILDKKFHGILDQGEGVLIIFDEPPVDKTYEAALETIQNMSKVVDSLYNKAKKLT
;
X
26 'polypeptide(L)'
;TYGQSTYSRQIKQVEDDIQQLLKKINELTGIKESDTGLAPPALWDLAADKQTLQSEQPLQVARCTKIINADSEDPKYIIN
VKQFAKFVVDLSDQVAPTDIEEGMRVGVDRNKYQIHIPLPPKIDPTVTMMQVEEKPDVTYSDVGGCKEQIEKLREVVETP
LLHPERFVNLGIEPPKGVLLFGPPGTGKTLCARAVANRTDACFIRVIGSELVQKYVGEGARMVRELFEMARTKKACLIFF
DEIDAIGGARFDDGAGGDNEVQRTMLELINQLDGFDPRGNIKVLMATNRPDTLDPALMRPGRLDRKIEFSLPDLEGRTHI
FKIHARSMSVERDIRFELLARLCPNSTGAEIRSVCTEAGMFAIRARRKIATEKDFLEAVNKVIKSYAKFSATPRYMTYN
;
A
27 'polypeptide(L)'
;VTPHTQCRLKLLKLERIKDYLLMEEEFIRNQEQMKPLEEKQEEERSKVDDLRGTPMSVGTLEEIIDDNHAIVSTSVGSEH
YVSILSFVDKDLLEPGCSVLLNHKVHAVIGVLMDDTDPLVTVMKVEKAPQETYADIGGLDNQIQEIKESVELPLTHPEYY
EEMGIKPPKGVILYGPPGTGKTLLAKAVANQTSATFLRVVGSELIQKYLGDGPKLVRELFRVAEEHAPSIVFIDEIDAIG
TKRYDSNSGGEREIQRTMLELLNQLDGFDSRGDVKVIMATNRIETLDPALIRPGRIDRKIEFPLPDEKTKKRIFQIHTSR
MTLADDVTLDDLIMAKDDLSGADIKAICTEAGLMALRERRMKVTNEDFKKSKENVLYKKQEGTPEGLYL
;
B
28 'polypeptide(L)'
;LEEGKAGSGLRQYYLSKIEELQLIVNDKSQNLRRLQAQRNELNAKVRLLREELQLLQEQGSYVGEVVRAMDKKKVLVKVH
PEGKFVVDVDKNIDINDVTPNCRVALRNDSYTLHKILPNKVDPLVSLMMVEKVPDSTYEMIGGLDKQIKEIKEVIELPVK
HPELFEALGIAQPKGVLLYGPPGTGKTLLARAVAHHTDCTFIRVSGSELVQKFIGEGARMVRELFVMAREHAPSIIFMDE
IDSIGSSRLEGGSGGDSEVQRTMLELLNQLDGFEATKNIKVIMATNRIDILDSALLRPGRIDRKIEFPPPNEEARLDILK
IHSRKMNLTRGINLRKIAELMPGASGAEVKGVCTEAGMYALRERRVHVTQEDFEMAVAKVMQKDSEKNMSIK
;
C
29 'polypeptide(L)'
;DLYSRYKKLQQELEFLEVQEEYIKDEQKNLKKEFLHAQEEVKRIQSIPLVIGQFLEAVDQNTAIVGSTTGSNYYVRILST
IDRELLKPNASVALHKHSNALVDVLPPEADSSIMMLTSDQKPDVMYADIGGMDIQKQEVREAVELPLTHFELYKQIGIDP
PRGVLMYGPPGCGKTMLAKAVAHHTTAAFIRVVGSEFVQKYLGEGPRMVRDVFRLAKENAPAIIFIDEIDAIATKRFDAQ
TGADREVQRILLELLNQMDGFDQNVNVKVIMATNRADTLDPALLRPGRLDRKIEFPLPDRRQKRLIFSTITSKMNLSEEV
DLEDYVARPDKISGADINSICQESGMLAVRENRYIVLAKDFEKAYKTVIKKDEQEHEFYK
;
D
30 'polypeptide(L)'
;KLLEHKEIDGRLKELREQLKELTKQYEKSENDLKALQSVGQIVGEVLKQLTEEKFIVKATNGPRYVVGCRRQLDKSKLKP
GTRVALDMTTLTIMRYLPREVDPLVYNMSHEDPGNVSYSEIGGLSEQIRELREVIELPLTNPELFQRVGIIPPKGCLLYG
PPGTGKTLLARAVASQLDCNFLKVVSSSIVDKYIGESARLIREMFNYARDHQPCIIFMDEIDAIGGRRFSEGTSADREIQ
RTLMELLNQMDGFDTLHRVKMIMATNRPDTLDPALLRPGRLDRKIHIDLPNEQARLDILKIHAGPITKHGEIDYEAIVKL
SDGFNGADLRNVCTEAGMFAIRADHDFVVQEDFMKAVRKVADSKKLESKLDYKPV
;
E
31 'polypeptide(L)'
;RTRLLDSEIKIMKSEVLRVTHELQAMKDKIKENSEKIKVNKTLPYLVSNVIELLDVDPNDQEEDGANIDLDSQRKGKCAV
IKTSTRQTYFLPVIGLVDAEKLKPGDLVGVNKDSYLILETLPTEYDSRVKAMEVDERPTEQYSDIGGLDKQIQELVEAIV
LPMNHKEKFENLGIQPPKGVLMYGPPGTGKTLLARACAAQTKATFLKLAGPQLVQMFIGDGAKLVRDAFALAKEKAPSII
FIDELDAIGTKRFDSEKAGDREVQRTMLELLNQLDGFQPNTQVKVIAATNRVDILDPALLRSGRLDRKIEFPMPNEEARA
RIMQIHSRKMNVSPDVNYEELARCTDDFNGAQCKAVCVEAGMIALRRGATELTHEDYMEGILEVQAKKKANLQYYA
;
F
32 'polypeptide(L)'
;MEEGGRDKAPVQPQQSPAAAPGGTDEKPSGKERRDAGDKDKEQELSEEDKQLQDELEMLVERLGEKDTSLYRPALEELRR
QIRSSTTSMTSVPKPLKFLRPHYGKLKEIYENMAPGENKRFAADIISVLAMTMSGERECLKYRLVGSQEELASWGHEYVR
HLAGEVAKEWQELDDAEKVQREPLLTLVKEIVPYNMAHNAEHEACDLLMEIEQVDMLEKDIDENAYAKVCLYLTSCVNYV
PEPENSALLRCALGVFRKFSRFPEALRLALMLNDMELVEDIFTSCKDVVVQKQMAFMLGRHGVFLELSEDVEEYEDLTEI
MSNVQLNSNFLALARELDIMEPKVPDDIYKTHLENNRFGGSGSQVDSARMNLASSFVNGFVNAAFGQDKLLTDDGNKWLY
KNKDHGMLSAAASLGMILLWDVDGGLTQIDKYLYSSEDYIKSGALLACGIVNSGVRNECDPALALLSDYVLHNSNTMRLG
SIFGLGLAYAGSNREDVLTLLLPVMGDSKSSMEVAGVTALACGMIAVGSCNGDVTSTILQTIMEKSETELKDTYARWLPL
GLGLNHLGKGEAIEAILAALEVVSEPFRSFANTLVDVCAYAGSGNVLKVQQLLHICSEHFDSKEKEEDKDKKEKKDKDKK
EAPADMGAHQGVAVLGIALIAMGEEIGAEMALRTFGHLLRYGEPTLRRAVPLALALISVSNPRLNILDTLSKFSHDADPE
VSYNSIFAMGMVGSGTNNARLAAMLRQLAQYHAKDPNNLFMVRLAQGLTHLGKGTLTLCPYHSDRQLMSQVAVAGLLTVL
VSFLDVRNIILGKSHYVLYGLVAAMQPRMLVTFDEELRPLPVSVRVGQAVDVVGQAGKPKTITGFQTHTTPVLLAHGERA
ELATEEFLPVTPILEGFVILRKNPNYDL
;
f
#
loop_
_chem_comp.id
_chem_comp.type
_chem_comp.name
_chem_comp.formula
AGS non-polymer 'PHOSPHOTHIOPHOSPHORIC ACID-ADENYLATE ESTER' 'C10 H16 N5 O12 P3 S'
ZN non-polymer 'ZINC ION' 'Zn 2'
#
# COMPACT_ATOMS: atom_id res chain seq x y z
N SER A 2 -9.64 0.32 -6.64
CA SER A 2 -9.81 -0.89 -5.86
C SER A 2 -8.52 -1.71 -5.86
N ALA A 3 -8.54 -2.84 -6.58
CA ALA A 3 -7.38 -3.70 -6.71
C ALA A 3 -7.20 -4.09 -8.18
N GLY A 4 -6.30 -3.42 -8.88
CA GLY A 4 -5.52 -2.31 -8.36
C GLY A 4 -4.15 -2.70 -7.83
N PHE A 5 -4.06 -2.94 -6.52
CA PHE A 5 -2.80 -3.35 -5.94
C PHE A 5 -2.48 -4.82 -6.16
N ASP A 6 -3.36 -5.56 -6.84
CA ASP A 6 -3.27 -6.99 -7.11
C ASP A 6 -3.15 -7.89 -5.88
N ARG A 7 -3.32 -7.33 -4.67
CA ARG A 7 -3.50 -7.98 -3.37
C ARG A 7 -2.64 -9.25 -3.13
N HIS A 8 -1.37 -9.20 -3.53
CA HIS A 8 -0.52 -10.38 -3.49
C HIS A 8 -0.12 -10.78 -2.07
N ILE A 9 0.36 -9.82 -1.29
CA ILE A 9 0.84 -10.11 0.04
C ILE A 9 -0.13 -9.45 1.01
N THR A 10 0.11 -9.58 2.31
CA THR A 10 -0.83 -9.05 3.30
C THR A 10 -0.44 -7.61 3.62
N ILE A 11 -1.01 -6.68 2.87
CA ILE A 11 -0.86 -5.25 3.10
C ILE A 11 -2.24 -4.62 3.12
N PHE A 12 -2.29 -3.32 3.43
CA PHE A 12 -3.56 -2.60 3.48
C PHE A 12 -3.86 -1.99 2.13
N SER A 13 -5.04 -2.29 1.60
CA SER A 13 -5.51 -1.71 0.34
C SER A 13 -6.28 -0.43 0.65
N PRO A 14 -6.46 0.45 -0.34
CA PRO A 14 -7.21 1.68 -0.08
C PRO A 14 -8.69 1.42 0.16
N GLU A 15 -9.20 2.15 1.15
CA GLU A 15 -10.57 2.09 1.64
C GLU A 15 -11.14 0.69 1.90
N GLY A 16 -10.68 -0.03 2.91
CA GLY A 16 -9.52 0.25 3.76
C GLY A 16 -8.99 -1.12 4.04
N ARG A 17 -9.50 -2.06 3.26
CA ARG A 17 -9.55 -3.47 3.63
C ARG A 17 -8.28 -4.18 3.16
N LEU A 18 -8.20 -5.47 3.44
CA LEU A 18 -7.20 -6.34 2.84
C LEU A 18 -7.89 -7.58 2.30
N TYR A 19 -7.34 -8.13 1.22
CA TYR A 19 -8.10 -9.10 0.44
C TYR A 19 -7.71 -10.55 0.66
N GLN A 20 -6.56 -10.83 1.28
CA GLN A 20 -6.11 -12.21 1.39
C GLN A 20 -6.99 -13.01 2.32
N VAL A 21 -7.30 -12.44 3.48
CA VAL A 21 -8.09 -13.17 4.46
C VAL A 21 -9.53 -13.30 3.99
N GLU A 22 -10.04 -12.28 3.34
CA GLU A 22 -11.39 -12.41 2.80
C GLU A 22 -11.41 -13.14 1.46
N TYR A 23 -10.27 -13.57 0.94
CA TYR A 23 -10.26 -14.66 -0.02
C TYR A 23 -10.20 -15.99 0.68
N ALA A 24 -9.58 -16.03 1.85
CA ALA A 24 -9.54 -17.26 2.64
C ALA A 24 -10.88 -17.59 3.25
N PHE A 25 -11.78 -16.60 3.37
CA PHE A 25 -13.14 -16.87 3.83
C PHE A 25 -13.92 -17.80 2.91
N LYS A 26 -13.54 -17.91 1.64
CA LYS A 26 -14.15 -18.91 0.78
C LYS A 26 -13.21 -20.07 0.50
N ALA A 27 -12.05 -20.11 1.13
CA ALA A 27 -11.30 -21.37 1.18
C ALA A 27 -12.05 -22.42 1.98
N ILE A 28 -12.89 -21.99 2.91
CA ILE A 28 -13.90 -22.87 3.48
C ILE A 28 -14.86 -23.31 2.38
N ASN A 29 -15.25 -22.37 1.51
CA ASN A 29 -16.26 -22.67 0.50
C ASN A 29 -15.72 -23.54 -0.63
N GLN A 30 -14.41 -23.69 -0.77
CA GLN A 30 -13.91 -24.77 -1.61
C GLN A 30 -14.01 -26.14 -0.93
N GLY A 31 -14.53 -26.23 0.29
CA GLY A 31 -14.65 -27.53 0.93
C GLY A 31 -15.79 -28.36 0.38
N GLY A 32 -16.93 -27.74 0.14
CA GLY A 32 -18.11 -28.48 -0.26
C GLY A 32 -18.69 -29.31 0.87
N LEU A 33 -19.10 -28.65 1.96
CA LEU A 33 -19.48 -29.36 3.16
C LEU A 33 -20.34 -28.45 4.01
N THR A 34 -21.10 -29.06 4.92
CA THR A 34 -22.04 -28.34 5.78
C THR A 34 -21.91 -28.82 7.21
N SER A 35 -21.74 -27.86 8.13
CA SER A 35 -21.51 -28.17 9.53
C SER A 35 -22.47 -27.35 10.38
N VAL A 36 -23.06 -27.99 11.38
CA VAL A 36 -24.10 -27.37 12.21
C VAL A 36 -23.81 -27.74 13.66
N ALA A 37 -23.82 -26.73 14.54
CA ALA A 37 -23.67 -26.92 15.97
C ALA A 37 -24.87 -26.35 16.70
N VAL A 38 -25.31 -27.06 17.74
CA VAL A 38 -26.53 -26.74 18.46
C VAL A 38 -26.25 -26.78 19.96
N ARG A 39 -26.59 -25.70 20.67
CA ARG A 39 -26.53 -25.67 22.12
C ARG A 39 -27.85 -25.12 22.62
N GLY A 40 -28.68 -26.00 23.19
CA GLY A 40 -29.92 -25.53 23.78
C GLY A 40 -30.05 -25.69 25.29
N LYS A 41 -29.51 -26.78 25.82
CA LYS A 41 -29.61 -27.16 27.22
C LYS A 41 -28.34 -27.91 27.55
N ASP A 42 -28.34 -28.77 28.56
CA ASP A 42 -27.11 -29.38 29.07
C ASP A 42 -26.49 -30.45 28.16
N CYS A 43 -26.90 -30.50 26.90
CA CYS A 43 -26.22 -31.28 25.87
C CYS A 43 -25.79 -30.34 24.74
N ALA A 44 -24.99 -30.86 23.81
CA ALA A 44 -24.53 -30.06 22.69
C ALA A 44 -24.26 -30.99 21.52
N VAL A 45 -24.73 -30.59 20.34
CA VAL A 45 -24.88 -31.50 19.21
C VAL A 45 -24.13 -30.94 18.01
N ILE A 46 -23.34 -31.79 17.37
CA ILE A 46 -22.71 -31.49 16.08
C ILE A 46 -23.32 -32.41 15.03
N VAL A 47 -23.52 -31.90 13.82
CA VAL A 47 -23.90 -32.74 12.70
C VAL A 47 -23.22 -32.20 11.43
N THR A 48 -22.75 -33.13 10.59
CA THR A 48 -22.03 -32.81 9.36
C THR A 48 -22.08 -34.03 8.46
N GLN A 49 -22.38 -33.83 7.18
CA GLN A 49 -22.46 -34.92 6.24
C GLN A 49 -21.06 -35.35 5.79
N LYS A 50 -21.03 -36.44 5.03
CA LYS A 50 -19.85 -36.83 4.27
C LYS A 50 -20.18 -36.69 2.79
N LYS A 51 -19.14 -36.65 1.97
CA LYS A 51 -19.26 -36.70 0.52
C LYS A 51 -18.42 -37.86 0.02
N VAL A 52 -18.99 -39.05 0.05
CA VAL A 52 -18.31 -40.25 -0.42
C VAL A 52 -19.04 -40.80 -1.63
N PRO A 53 -18.52 -40.59 -2.84
CA PRO A 53 -19.13 -41.22 -4.01
C PRO A 53 -18.66 -42.64 -4.25
N ASP A 54 -17.58 -43.06 -3.61
CA ASP A 54 -16.81 -44.22 -4.02
C ASP A 54 -17.14 -45.41 -3.15
N LYS A 55 -17.18 -46.58 -3.79
CA LYS A 55 -17.22 -47.85 -3.08
C LYS A 55 -15.83 -48.40 -2.79
N LEU A 56 -14.81 -47.92 -3.48
CA LEU A 56 -13.44 -48.29 -3.16
C LEU A 56 -12.90 -47.50 -1.97
N LEU A 57 -13.54 -46.39 -1.64
CA LEU A 57 -13.12 -45.56 -0.52
C LEU A 57 -13.77 -46.04 0.77
N ASP A 58 -13.02 -45.92 1.87
CA ASP A 58 -13.45 -46.47 3.16
C ASP A 58 -14.58 -45.64 3.76
N SER A 59 -14.93 -45.91 5.01
CA SER A 59 -15.93 -45.12 5.70
C SER A 59 -15.50 -44.65 7.08
N SER A 60 -14.57 -45.34 7.74
CA SER A 60 -14.17 -44.95 9.08
C SER A 60 -13.19 -43.79 9.06
N THR A 61 -12.30 -43.76 8.07
CA THR A 61 -11.24 -42.76 8.01
C THR A 61 -11.69 -41.46 7.38
N VAL A 62 -12.98 -41.31 7.07
CA VAL A 62 -13.46 -40.15 6.34
C VAL A 62 -14.07 -39.13 7.30
N THR A 63 -14.07 -39.43 8.59
CA THR A 63 -14.78 -38.64 9.58
C THR A 63 -14.07 -37.31 9.80
N HIS A 64 -14.84 -36.22 9.82
CA HIS A 64 -14.29 -34.92 10.15
C HIS A 64 -14.50 -34.56 11.61
N LEU A 65 -15.30 -35.32 12.34
CA LEU A 65 -15.33 -35.20 13.78
C LEU A 65 -13.98 -35.67 14.33
N PHE A 66 -13.21 -34.74 14.88
CA PHE A 66 -11.90 -35.04 15.42
C PHE A 66 -11.93 -34.83 16.93
N LYS A 67 -11.70 -35.90 17.67
CA LYS A 67 -11.63 -35.83 19.13
C LYS A 67 -10.34 -35.12 19.51
N ILE A 68 -10.47 -33.90 20.03
CA ILE A 68 -9.29 -33.17 20.49
C ILE A 68 -8.79 -33.74 21.81
N THR A 69 -9.65 -33.78 22.81
CA THR A 69 -9.30 -34.28 24.12
C THR A 69 -10.48 -35.14 24.58
N GLU A 70 -10.38 -35.73 25.77
CA GLU A 70 -11.45 -36.57 26.28
C GLU A 70 -12.70 -35.80 26.68
N ASN A 71 -12.63 -34.48 26.77
CA ASN A 71 -13.82 -33.69 27.04
C ASN A 71 -14.02 -32.60 26.01
N ILE A 72 -13.21 -32.59 24.95
CA ILE A 72 -13.29 -31.60 23.90
C ILE A 72 -13.21 -32.32 22.56
N GLY A 73 -14.28 -32.21 21.76
CA GLY A 73 -14.26 -32.65 20.38
C GLY A 73 -14.45 -31.44 19.47
N CYS A 74 -14.27 -31.67 18.18
CA CYS A 74 -14.42 -30.60 17.22
C CYS A 74 -14.81 -31.19 15.89
N VAL A 75 -15.03 -30.30 14.93
CA VAL A 75 -15.40 -30.69 13.58
C VAL A 75 -14.77 -29.69 12.63
N MET A 76 -14.41 -30.16 11.44
CA MET A 76 -13.66 -29.35 10.51
C MET A 76 -14.36 -29.26 9.16
N THR A 77 -14.14 -28.14 8.49
CA THR A 77 -14.51 -27.95 7.09
C THR A 77 -13.33 -27.36 6.34
N GLY A 78 -13.58 -26.89 5.12
CA GLY A 78 -12.50 -26.38 4.31
C GLY A 78 -11.64 -27.50 3.76
N MET A 79 -10.46 -27.14 3.30
CA MET A 79 -9.53 -28.13 2.82
C MET A 79 -8.93 -28.92 3.98
N THR A 80 -8.61 -30.19 3.71
CA THR A 80 -8.41 -31.16 4.77
C THR A 80 -7.05 -30.99 5.44
N ALA A 81 -6.04 -30.56 4.68
CA ALA A 81 -4.68 -30.50 5.22
C ALA A 81 -4.54 -29.42 6.29
N ASP A 82 -5.08 -28.22 6.01
CA ASP A 82 -5.14 -27.16 7.00
C ASP A 82 -5.91 -27.59 8.22
N SER A 83 -6.98 -28.35 8.02
CA SER A 83 -7.82 -28.81 9.12
C SER A 83 -7.05 -29.76 10.02
N ARG A 84 -6.37 -30.74 9.43
CA ARG A 84 -5.65 -31.72 10.22
C ARG A 84 -4.45 -31.10 10.92
N SER A 85 -3.79 -30.14 10.27
CA SER A 85 -2.69 -29.43 10.91
C SER A 85 -3.16 -28.62 12.11
N GLN A 86 -4.31 -27.94 11.96
CA GLN A 86 -4.86 -27.17 13.07
C GLN A 86 -5.29 -28.10 14.20
N VAL A 87 -5.74 -29.30 13.87
CA VAL A 87 -6.13 -30.28 14.88
C VAL A 87 -4.92 -30.76 15.66
N GLN A 88 -3.82 -31.10 14.98
CA GLN A 88 -2.63 -31.50 15.74
C GLN A 88 -2.06 -30.36 16.57
N ARG A 89 -2.16 -29.12 16.10
CA ARG A 89 -1.73 -27.99 16.92
C ARG A 89 -2.61 -27.83 18.15
N ALA A 90 -3.92 -28.01 17.99
CA ALA A 90 -4.83 -27.92 19.13
C ALA A 90 -4.56 -29.03 20.14
N ARG A 91 -4.29 -30.24 19.64
CA ARG A 91 -3.95 -31.37 20.50
C ARG A 91 -2.69 -31.09 21.29
N TYR A 92 -1.67 -30.58 20.61
CA TYR A 92 -0.40 -30.30 21.26
C TYR A 92 -0.52 -29.20 22.30
N GLU A 93 -1.31 -28.18 22.01
CA GLU A 93 -1.41 -27.08 22.96
C GLU A 93 -2.32 -27.43 24.13
N ALA A 94 -3.31 -28.28 23.92
CA ALA A 94 -4.10 -28.78 25.05
C ALA A 94 -3.24 -29.64 25.97
N ALA A 95 -2.36 -30.45 25.38
CA ALA A 95 -1.43 -31.24 26.18
C ALA A 95 -0.46 -30.34 26.94
N ASN A 96 -0.04 -29.24 26.32
CA ASN A 96 0.84 -28.31 27.02
C ASN A 96 0.13 -27.65 28.17
N TRP A 97 -1.16 -27.36 28.01
CA TRP A 97 -1.97 -26.84 29.12
C TRP A 97 -2.02 -27.83 30.25
N LYS A 98 -2.29 -29.10 29.93
CA LYS A 98 -2.39 -30.13 30.94
C LYS A 98 -1.07 -30.34 31.66
N TYR A 99 0.04 -30.16 30.95
CA TYR A 99 1.35 -30.27 31.58
C TYR A 99 1.63 -29.08 32.49
N LYS A 100 1.35 -27.87 32.00
CA LYS A 100 1.82 -26.69 32.72
C LYS A 100 0.91 -26.32 33.88
N TYR A 101 -0.40 -26.40 33.71
CA TYR A 101 -1.31 -25.79 34.66
C TYR A 101 -2.03 -26.79 35.54
N GLY A 102 -1.85 -28.08 35.29
CA GLY A 102 -2.25 -29.09 36.24
C GLY A 102 -3.68 -29.59 36.14
N TYR A 103 -4.45 -29.11 35.17
CA TYR A 103 -5.84 -29.50 35.08
C TYR A 103 -6.29 -29.44 33.63
N GLU A 104 -7.52 -29.88 33.41
CA GLU A 104 -8.09 -29.94 32.07
C GLU A 104 -8.40 -28.54 31.56
N ILE A 105 -8.08 -28.30 30.30
CA ILE A 105 -8.24 -26.93 29.78
C ILE A 105 -9.72 -26.62 29.58
N PRO A 106 -10.16 -25.41 29.87
CA PRO A 106 -11.49 -24.98 29.41
C PRO A 106 -11.48 -24.74 27.91
N VAL A 107 -12.66 -24.87 27.31
CA VAL A 107 -12.78 -24.84 25.87
C VAL A 107 -12.49 -23.46 25.29
N ASP A 108 -12.66 -22.40 26.09
CA ASP A 108 -12.48 -21.06 25.56
C ASP A 108 -11.01 -20.73 25.35
N MET A 109 -10.16 -21.09 26.32
CA MET A 109 -8.74 -20.78 26.25
C MET A 109 -8.07 -21.42 25.06
N LEU A 110 -8.52 -22.61 24.69
CA LEU A 110 -7.98 -23.27 23.51
C LEU A 110 -8.33 -22.50 22.26
N CYS A 111 -9.57 -22.00 22.20
CA CYS A 111 -9.99 -21.19 21.06
C CYS A 111 -9.19 -19.90 20.97
N LYS A 112 -8.89 -19.31 22.13
CA LYS A 112 -8.06 -18.12 22.17
C LYS A 112 -6.67 -18.41 21.65
N ARG A 113 -6.12 -19.57 22.02
CA ARG A 113 -4.77 -19.90 21.57
C ARG A 113 -4.73 -20.20 20.08
N ILE A 114 -5.75 -20.89 19.56
CA ILE A 114 -5.79 -21.17 18.13
C ILE A 114 -5.97 -19.89 17.33
N ALA A 115 -6.80 -18.97 17.83
CA ALA A 115 -6.97 -17.66 17.21
C ALA A 115 -5.67 -16.87 17.23
N ASP A 116 -4.91 -16.98 18.32
CA ASP A 116 -3.63 -16.30 18.40
C ASP A 116 -2.63 -16.87 17.40
N ILE A 117 -2.61 -18.19 17.23
CA ILE A 117 -1.74 -18.83 16.24
C ILE A 117 -2.10 -18.36 14.84
N SER A 118 -3.40 -18.26 14.54
CA SER A 118 -3.80 -17.82 13.20
C SER A 118 -3.51 -16.34 12.99
N GLN A 119 -3.58 -15.54 14.05
CA GLN A 119 -3.25 -14.13 13.95
C GLN A 119 -1.75 -13.93 13.74
N VAL A 120 -0.93 -14.74 14.43
CA VAL A 120 0.50 -14.64 14.26
C VAL A 120 0.90 -15.09 12.86
N TYR A 121 0.23 -16.12 12.34
CA TYR A 121 0.41 -16.48 10.93
C TYR A 121 -0.12 -15.40 9.99
N THR A 122 -1.02 -14.55 10.48
CA THR A 122 -1.55 -13.44 9.70
C THR A 122 -0.73 -12.18 9.85
N GLN A 123 -0.29 -11.88 11.08
CA GLN A 123 0.48 -10.69 11.37
C GLN A 123 1.80 -10.67 10.59
N ASN A 124 2.59 -11.72 10.74
CA ASN A 124 3.78 -11.89 9.93
C ASN A 124 3.38 -12.46 8.59
N ALA A 125 4.11 -12.10 7.55
CA ALA A 125 3.82 -12.55 6.20
C ALA A 125 4.54 -13.86 5.91
N GLU A 126 4.60 -14.21 4.63
CA GLU A 126 5.42 -15.29 4.07
C GLU A 126 5.05 -16.66 4.62
N MET A 127 3.75 -16.88 4.84
CA MET A 127 3.22 -18.19 5.17
C MET A 127 1.74 -18.17 4.85
N ARG A 128 1.24 -19.27 4.30
CA ARG A 128 -0.16 -19.29 3.87
C ARG A 128 -1.09 -19.38 5.09
N PRO A 129 -2.08 -18.52 5.19
CA PRO A 129 -2.80 -18.36 6.46
C PRO A 129 -3.96 -19.31 6.73
N LEU A 130 -3.77 -20.62 6.55
CA LEU A 130 -4.60 -21.70 7.12
C LEU A 130 -6.10 -21.56 6.84
N GLY A 131 -6.47 -21.77 5.59
CA GLY A 131 -7.86 -21.66 5.22
C GLY A 131 -8.76 -22.80 5.65
N CYS A 132 -8.99 -22.94 6.96
CA CYS A 132 -9.96 -23.91 7.46
C CYS A 132 -10.65 -23.34 8.69
N CYS A 133 -11.93 -23.65 8.83
CA CYS A 133 -12.72 -23.16 9.95
C CYS A 133 -12.95 -24.28 10.95
N MET A 134 -12.82 -23.97 12.23
CA MET A 134 -12.93 -24.96 13.28
C MET A 134 -14.08 -24.58 14.19
N ILE A 135 -14.93 -25.57 14.47
CA ILE A 135 -16.04 -25.43 15.41
C ILE A 135 -15.78 -26.35 16.59
N LEU A 136 -15.82 -25.78 17.79
CA LEU A 136 -15.57 -26.55 19.00
C LEU A 136 -16.83 -26.67 19.83
N ILE A 137 -16.87 -27.74 20.62
CA ILE A 137 -17.87 -27.91 21.67
C ILE A 137 -17.19 -28.39 22.92
N GLY A 138 -17.85 -28.18 24.05
CA GLY A 138 -17.30 -28.63 25.32
C GLY A 138 -18.23 -28.33 26.46
N ILE A 139 -18.04 -29.10 27.52
CA ILE A 139 -18.74 -28.90 28.79
C ILE A 139 -17.77 -28.24 29.74
N ASP A 140 -18.25 -27.24 30.46
CA ASP A 140 -17.48 -26.64 31.54
C ASP A 140 -18.28 -26.72 32.82
N GLU A 141 -17.58 -26.89 33.93
CA GLU A 141 -18.21 -26.78 35.24
C GLU A 141 -18.64 -25.34 35.48
N GLU A 142 -19.78 -25.20 36.17
CA GLU A 142 -20.43 -23.94 36.56
C GLU A 142 -20.87 -23.10 35.36
N GLN A 143 -20.80 -23.61 34.14
CA GLN A 143 -21.22 -22.88 32.96
C GLN A 143 -22.04 -23.71 31.99
N GLY A 144 -22.17 -25.01 32.20
CA GLY A 144 -22.89 -25.84 31.28
C GLY A 144 -22.10 -26.08 30.03
N PRO A 145 -22.79 -26.19 28.90
CA PRO A 145 -22.12 -26.48 27.63
C PRO A 145 -21.68 -25.20 26.93
N GLN A 146 -20.73 -25.37 26.00
CA GLN A 146 -20.25 -24.29 25.18
C GLN A 146 -20.10 -24.74 23.75
N VAL A 147 -20.29 -23.80 22.83
CA VAL A 147 -19.97 -23.97 21.42
C VAL A 147 -19.10 -22.78 21.06
N TYR A 148 -18.01 -23.02 20.38
CA TYR A 148 -17.21 -21.92 19.87
C TYR A 148 -16.89 -22.17 18.41
N LYS A 149 -16.60 -21.09 17.71
CA LYS A 149 -16.18 -21.14 16.32
C LYS A 149 -14.85 -20.43 16.21
N CYS A 150 -13.94 -21.00 15.44
CA CYS A 150 -12.65 -20.38 15.20
C CYS A 150 -12.52 -20.04 13.72
N ASP A 151 -12.07 -18.86 13.43
CA ASP A 151 -11.89 -18.45 12.06
C ASP A 151 -10.49 -18.76 11.58
N PRO A 152 -10.30 -18.84 10.27
CA PRO A 152 -8.96 -18.60 9.70
C PRO A 152 -8.49 -17.18 9.93
N ALA A 153 -9.42 -16.24 10.05
CA ALA A 153 -9.13 -14.85 10.33
C ALA A 153 -8.63 -14.63 11.76
N GLY A 154 -8.78 -15.61 12.65
CA GLY A 154 -8.36 -15.43 14.02
C GLY A 154 -9.40 -14.78 14.89
N TYR A 155 -10.62 -14.69 14.42
CA TYR A 155 -11.70 -14.09 15.19
C TYR A 155 -12.53 -15.24 15.77
N TYR A 156 -12.23 -15.62 17.00
CA TYR A 156 -13.03 -16.63 17.64
C TYR A 156 -14.29 -16.00 18.20
N CYS A 157 -15.37 -16.77 18.18
CA CYS A 157 -16.63 -16.37 18.80
C CYS A 157 -17.36 -17.63 19.22
N GLY A 158 -18.42 -17.45 20.01
CA GLY A 158 -19.08 -18.62 20.52
C GLY A 158 -20.46 -18.38 21.07
N PHE A 159 -21.39 -19.25 20.71
CA PHE A 159 -22.82 -18.94 20.80
C PHE A 159 -23.63 -20.21 20.60
N LYS A 160 -24.95 -20.06 20.63
CA LYS A 160 -25.85 -21.18 20.88
C LYS A 160 -26.04 -22.05 19.64
N ALA A 161 -26.61 -21.48 18.59
CA ALA A 161 -26.88 -22.20 17.35
C ALA A 161 -25.87 -21.72 16.31
N THR A 162 -25.06 -22.65 15.81
CA THR A 162 -23.81 -22.31 15.16
C THR A 162 -23.63 -23.18 13.92
N ALA A 163 -23.14 -22.58 12.84
CA ALA A 163 -23.00 -23.29 11.58
C ALA A 163 -21.96 -22.62 10.70
N ALA A 164 -21.16 -23.42 10.01
CA ALA A 164 -20.18 -22.91 9.06
C ALA A 164 -19.97 -23.94 7.96
N GLY A 165 -19.43 -23.48 6.83
CA GLY A 165 -19.25 -24.37 5.69
C GLY A 165 -19.47 -23.69 4.36
N VAL A 166 -20.43 -24.19 3.61
CA VAL A 166 -20.78 -23.66 2.29
C VAL A 166 -22.15 -22.98 2.30
N LYS A 167 -23.15 -23.62 2.90
CA LYS A 167 -24.55 -23.26 2.73
C LYS A 167 -25.19 -22.71 4.00
N GLN A 168 -24.51 -21.84 4.72
CA GLN A 168 -24.91 -21.53 6.09
C GLN A 168 -25.43 -20.13 6.27
N THR A 169 -25.44 -19.31 5.23
CA THR A 169 -26.33 -18.16 5.24
C THR A 169 -27.77 -18.61 5.39
N GLU A 170 -28.14 -19.67 4.67
CA GLU A 170 -29.48 -20.26 4.77
C GLU A 170 -29.67 -20.93 6.12
N SER A 171 -28.63 -21.59 6.62
CA SER A 171 -28.75 -22.28 7.91
C SER A 171 -28.89 -21.29 9.06
N THR A 172 -28.14 -20.19 9.01
CA THR A 172 -28.32 -19.14 10.00
C THR A 172 -29.66 -18.43 9.85
N SER A 173 -30.20 -18.34 8.63
CA SER A 173 -31.54 -17.80 8.47
C SER A 173 -32.58 -18.71 9.12
N PHE A 174 -32.46 -20.01 8.91
CA PHE A 174 -33.39 -20.95 9.53
C PHE A 174 -33.23 -20.98 11.03
N LEU A 175 -32.01 -20.81 11.53
CA LEU A 175 -31.86 -20.81 12.97
C LEU A 175 -32.21 -19.47 13.59
N GLU A 176 -32.24 -18.40 12.80
CA GLU A 176 -32.87 -17.18 13.28
C GLU A 176 -34.38 -17.35 13.38
N LYS A 177 -34.98 -18.00 12.38
CA LYS A 177 -36.41 -18.27 12.43
C LYS A 177 -36.76 -19.38 13.40
N LYS A 178 -35.78 -20.15 13.86
CA LYS A 178 -36.04 -21.32 14.68
C LYS A 178 -35.69 -21.11 16.14
N VAL A 179 -34.50 -20.59 16.44
CA VAL A 179 -34.21 -20.13 17.80
C VAL A 179 -34.64 -18.68 17.83
N LYS A 180 -35.95 -18.50 17.97
CA LYS A 180 -36.57 -17.30 18.50
C LYS A 180 -37.67 -17.63 19.47
N LYS A 181 -38.26 -18.82 19.34
CA LYS A 181 -39.24 -19.34 20.26
C LYS A 181 -38.50 -19.96 21.43
N LYS A 182 -39.00 -19.70 22.64
CA LYS A 182 -38.25 -19.95 23.86
C LYS A 182 -38.42 -21.37 24.40
N PHE A 183 -38.55 -22.36 23.53
CA PHE A 183 -38.75 -23.74 23.97
C PHE A 183 -37.51 -24.29 24.66
N ASP A 184 -37.74 -25.29 25.51
CA ASP A 184 -36.64 -26.04 26.09
C ASP A 184 -36.07 -26.99 25.05
N TRP A 185 -34.93 -27.57 25.37
CA TRP A 185 -34.18 -28.35 24.40
C TRP A 185 -33.78 -29.67 25.06
N THR A 186 -34.69 -30.62 25.10
CA THR A 186 -34.45 -31.85 25.88
C THR A 186 -33.82 -32.94 25.02
N PHE A 187 -32.77 -32.54 24.31
CA PHE A 187 -31.76 -33.34 23.62
C PHE A 187 -32.25 -34.13 22.40
N GLU A 188 -33.52 -34.50 22.39
CA GLU A 188 -34.10 -35.02 21.16
C GLU A 188 -34.73 -33.90 20.38
N GLN A 189 -35.13 -32.84 21.09
CA GLN A 189 -35.40 -31.57 20.45
C GLN A 189 -34.16 -31.06 19.72
N THR A 190 -32.99 -31.21 20.33
CA THR A 190 -31.75 -30.74 19.70
C THR A 190 -31.38 -31.60 18.51
N VAL A 191 -31.45 -32.92 18.67
CA VAL A 191 -31.19 -33.85 17.55
C VAL A 191 -32.15 -33.58 16.41
N GLU A 192 -33.43 -33.37 16.72
CA GLU A 192 -34.44 -33.14 15.68
C GLU A 192 -34.21 -31.83 14.97
N THR A 193 -33.86 -30.77 15.71
CA THR A 193 -33.58 -29.49 15.07
C THR A 193 -32.34 -29.53 14.20
N ALA A 194 -31.30 -30.26 14.63
CA ALA A 194 -30.09 -30.34 13.82
C ALA A 194 -30.33 -31.12 12.53
N ILE A 195 -30.97 -32.28 12.66
CA ILE A 195 -31.23 -33.12 11.49
C ILE A 195 -32.19 -32.41 10.55
N THR A 196 -33.22 -31.76 11.07
CA THR A 196 -34.17 -31.11 10.20
C THR A 196 -33.66 -29.80 9.63
N CYS A 197 -32.75 -29.11 10.31
CA CYS A 197 -32.24 -27.88 9.73
C CYS A 197 -31.28 -28.20 8.59
N LEU A 198 -30.46 -29.24 8.76
CA LEU A 198 -29.66 -29.70 7.64
C LEU A 198 -30.54 -30.32 6.55
N SER A 199 -31.67 -30.91 6.95
CA SER A 199 -32.59 -31.54 6.01
C SER A 199 -33.50 -30.53 5.33
N THR A 200 -33.50 -29.29 5.77
CA THR A 200 -34.14 -28.21 5.03
C THR A 200 -33.16 -27.42 4.20
N VAL A 201 -31.92 -27.28 4.66
CA VAL A 201 -30.91 -26.64 3.82
C VAL A 201 -30.58 -27.52 2.62
N LEU A 202 -30.33 -28.80 2.86
CA LEU A 202 -29.98 -29.66 1.74
C LEU A 202 -31.20 -30.26 1.05
N SER A 203 -32.27 -30.54 1.81
CA SER A 203 -33.54 -31.08 1.33
C SER A 203 -33.34 -32.40 0.59
N ILE A 204 -32.73 -33.35 1.30
CA ILE A 204 -32.39 -34.66 0.74
C ILE A 204 -33.14 -35.78 1.46
N ASP A 205 -33.22 -35.69 2.80
CA ASP A 205 -33.99 -36.60 3.67
C ASP A 205 -33.53 -38.05 3.52
N PHE A 206 -32.29 -38.25 3.92
CA PHE A 206 -31.40 -39.27 3.40
C PHE A 206 -31.12 -40.35 4.44
N LYS A 207 -30.23 -41.27 4.06
CA LYS A 207 -29.89 -42.45 4.82
C LYS A 207 -29.11 -42.04 6.08
N PRO A 208 -29.09 -42.89 7.12
CA PRO A 208 -28.20 -42.61 8.26
C PRO A 208 -26.71 -42.79 8.00
N SER A 209 -26.28 -43.05 6.77
CA SER A 209 -24.88 -43.33 6.47
C SER A 209 -24.12 -42.11 5.99
N GLU A 210 -24.73 -40.94 5.95
CA GLU A 210 -24.09 -39.75 5.40
C GLU A 210 -23.67 -38.74 6.44
N ILE A 211 -24.46 -38.49 7.44
CA ILE A 211 -24.09 -37.52 8.46
C ILE A 211 -23.36 -38.20 9.60
N GLU A 212 -22.42 -37.46 10.19
CA GLU A 212 -21.78 -37.84 11.44
C GLU A 212 -22.31 -36.92 12.53
N VAL A 213 -22.60 -37.49 13.68
CA VAL A 213 -23.23 -36.75 14.77
C VAL A 213 -22.28 -36.75 15.95
N GLY A 214 -21.86 -35.57 16.36
CA GLY A 214 -21.00 -35.43 17.51
C GLY A 214 -21.74 -34.80 18.67
N VAL A 215 -21.74 -35.46 19.81
CA VAL A 215 -22.53 -35.01 20.94
C VAL A 215 -21.65 -34.99 22.18
N VAL A 216 -22.03 -34.15 23.13
CA VAL A 216 -21.48 -34.18 24.48
C VAL A 216 -22.58 -33.68 25.41
N THR A 217 -22.67 -34.27 26.58
CA THR A 217 -23.85 -34.12 27.43
C THR A 217 -23.39 -34.02 28.87
N VAL A 218 -24.12 -33.25 29.69
CA VAL A 218 -23.82 -33.30 31.11
C VAL A 218 -24.65 -34.44 31.70
N GLU A 219 -24.25 -35.65 31.39
CA GLU A 219 -24.31 -36.83 32.22
C GLU A 219 -23.04 -37.66 32.10
N ASN A 220 -22.36 -37.58 30.97
CA ASN A 220 -21.03 -38.13 30.75
C ASN A 220 -20.30 -37.07 29.95
N PRO A 221 -19.38 -36.32 30.56
CA PRO A 221 -18.65 -35.28 29.82
C PRO A 221 -17.67 -35.79 28.79
N LYS A 222 -17.54 -37.11 28.60
CA LYS A 222 -16.74 -37.63 27.51
C LYS A 222 -17.38 -37.29 26.17
N PHE A 223 -16.54 -36.85 25.24
CA PHE A 223 -17.01 -36.62 23.88
C PHE A 223 -17.39 -37.94 23.24
N ARG A 224 -18.44 -37.92 22.44
CA ARG A 224 -19.04 -39.16 21.97
C ARG A 224 -19.44 -39.05 20.52
N ILE A 225 -19.12 -40.09 19.75
CA ILE A 225 -19.45 -40.18 18.34
C ILE A 225 -20.57 -41.21 18.20
N LEU A 226 -21.60 -40.87 17.46
CA LEU A 226 -22.75 -41.75 17.40
C LEU A 226 -22.55 -42.89 16.42
N THR A 227 -23.35 -43.93 16.60
CA THR A 227 -23.28 -45.16 15.84
C THR A 227 -24.42 -45.18 14.83
N GLU A 228 -24.28 -46.01 13.78
CA GLU A 228 -25.26 -46.11 12.71
C GLU A 228 -26.65 -46.47 13.22
N ALA A 229 -26.72 -47.35 14.22
CA ALA A 229 -28.01 -47.83 14.71
C ALA A 229 -28.77 -46.73 15.43
N GLU A 230 -28.11 -45.99 16.31
CA GLU A 230 -28.79 -44.95 17.06
C GLU A 230 -29.06 -43.71 16.21
N ILE A 231 -28.24 -43.46 15.18
CA ILE A 231 -28.56 -42.43 14.20
C ILE A 231 -29.83 -42.80 13.44
N ASP A 232 -29.96 -44.06 13.04
CA ASP A 232 -31.19 -44.53 12.40
C ASP A 232 -32.38 -44.45 13.36
N ALA A 233 -32.12 -44.72 14.64
CA ALA A 233 -33.19 -44.67 15.64
C ALA A 233 -33.72 -43.25 15.79
N HIS A 234 -32.81 -42.27 15.88
CA HIS A 234 -33.23 -40.87 15.90
C HIS A 234 -33.89 -40.45 14.59
N LEU A 235 -33.41 -40.97 13.47
CA LEU A 235 -33.93 -40.54 12.17
C LEU A 235 -35.36 -41.03 11.96
N VAL A 236 -35.65 -42.28 12.33
CA VAL A 236 -37.02 -42.74 12.25
C VAL A 236 -37.84 -42.21 13.41
N ALA A 237 -37.20 -41.76 14.50
CA ALA A 237 -37.94 -41.12 15.57
C ALA A 237 -38.38 -39.72 15.21
N LEU A 238 -37.68 -39.05 14.30
CA LEU A 238 -38.13 -37.77 13.81
C LEU A 238 -38.92 -37.89 12.52
N ALA A 239 -39.23 -39.11 12.10
CA ALA A 239 -39.90 -39.36 10.83
C ALA A 239 -41.41 -39.34 11.07
N GLU A 240 -42.03 -38.18 10.83
CA GLU A 240 -43.48 -38.07 10.88
C GLU A 240 -43.97 -37.21 9.72
N GLY B 3 0.87 2.57 -8.28
CA GLY B 3 1.38 1.41 -7.58
C GLY B 3 2.71 1.68 -6.89
N TYR B 4 2.63 2.18 -5.65
CA TYR B 4 3.81 2.61 -4.90
C TYR B 4 3.48 2.65 -3.42
N SER B 5 4.51 2.44 -2.60
CA SER B 5 4.46 2.42 -1.14
C SER B 5 3.45 1.40 -0.62
N PHE B 6 3.71 0.08 -0.78
CA PHE B 6 4.80 -0.71 -1.44
C PHE B 6 6.31 -0.43 -1.18
N SER B 7 6.81 -0.70 0.03
CA SER B 7 5.98 -1.24 1.10
C SER B 7 6.12 -0.51 2.42
N LEU B 8 7.31 -0.53 2.98
CA LEU B 8 7.51 0.04 4.30
C LEU B 8 8.94 0.54 4.41
N THR B 9 9.70 0.41 3.33
CA THR B 9 11.12 0.69 3.35
C THR B 9 11.48 2.04 2.76
N THR B 10 10.57 2.66 2.00
CA THR B 10 10.84 3.91 1.32
C THR B 10 9.80 4.95 1.68
N PHE B 11 10.21 6.20 1.62
CA PHE B 11 9.29 7.32 1.66
C PHE B 11 8.59 7.47 0.32
N SER B 12 7.62 8.36 0.32
CA SER B 12 6.90 8.84 -0.85
C SER B 12 7.79 9.82 -1.61
N PRO B 13 7.40 10.26 -2.82
CA PRO B 13 8.13 11.38 -3.42
C PRO B 13 8.03 12.69 -2.64
N SER B 14 6.91 12.97 -1.98
CA SER B 14 6.90 14.16 -1.14
C SER B 14 6.16 14.02 0.19
N GLY B 15 5.22 13.07 0.27
CA GLY B 15 4.24 13.07 1.33
C GLY B 15 4.58 12.24 2.54
N LYS B 16 3.70 11.29 2.85
CA LYS B 16 3.80 10.48 4.06
C LYS B 16 3.67 9.00 3.68
N LEU B 17 3.48 8.16 4.71
CA LEU B 17 3.55 6.70 4.59
C LEU B 17 2.17 6.12 4.32
N VAL B 18 2.01 5.57 3.11
CA VAL B 18 0.72 5.12 2.61
C VAL B 18 0.23 3.89 3.37
N GLN B 19 1.13 2.99 3.76
CA GLN B 19 0.75 1.83 4.56
C GLN B 19 0.67 2.15 6.05
N ILE B 20 0.54 3.42 6.40
CA ILE B 20 0.15 3.85 7.72
C ILE B 20 -1.18 4.56 7.55
N GLU B 21 -1.27 5.36 6.48
CA GLU B 21 -2.51 6.06 6.19
C GLU B 21 -3.67 5.10 5.91
N TYR B 22 -3.39 4.00 5.21
CA TYR B 22 -4.44 3.01 4.97
C TYR B 22 -4.79 2.24 6.23
N ALA B 23 -3.82 2.04 7.13
CA ALA B 23 -4.14 1.41 8.40
C ALA B 23 -5.02 2.30 9.26
N LEU B 24 -4.74 3.61 9.23
CA LEU B 24 -5.62 4.57 9.89
C LEU B 24 -7.00 4.59 9.24
N ALA B 25 -7.06 4.40 7.92
CA ALA B 25 -8.34 4.33 7.22
C ALA B 25 -9.14 3.12 7.66
N ALA B 26 -8.47 1.99 7.85
CA ALA B 26 -9.16 0.80 8.35
C ALA B 26 -9.57 0.98 9.81
N VAL B 27 -8.79 1.76 10.57
CA VAL B 27 -9.18 2.09 11.94
C VAL B 27 -10.43 2.96 11.95
N ALA B 28 -10.47 3.99 11.10
CA ALA B 28 -11.62 4.87 10.97
C ALA B 28 -12.84 4.13 10.42
N GLY B 29 -12.62 3.04 9.68
CA GLY B 29 -13.69 2.16 9.28
C GLY B 29 -14.07 1.12 10.33
N GLY B 30 -13.75 1.41 11.60
CA GLY B 30 -14.05 0.50 12.69
C GLY B 30 -15.27 0.91 13.49
N ALA B 31 -15.50 0.15 14.57
CA ALA B 31 -16.69 0.32 15.37
C ALA B 31 -16.60 1.59 16.22
N PRO B 32 -17.70 2.29 16.42
CA PRO B 32 -17.64 3.55 17.16
C PRO B 32 -17.47 3.33 18.66
N SER B 33 -16.86 4.32 19.29
CA SER B 33 -16.58 4.28 20.72
C SER B 33 -16.34 5.70 21.20
N VAL B 34 -16.37 5.87 22.52
CA VAL B 34 -16.22 7.20 23.11
C VAL B 34 -15.62 7.05 24.49
N GLY B 35 -14.84 8.05 24.88
CA GLY B 35 -14.24 8.08 26.21
C GLY B 35 -14.13 9.50 26.72
N ILE B 36 -14.53 9.71 27.97
CA ILE B 36 -14.63 11.05 28.53
C ILE B 36 -13.90 11.08 29.86
N LYS B 37 -12.99 12.04 30.00
CA LYS B 37 -12.26 12.26 31.24
C LYS B 37 -13.02 13.29 32.06
N ALA B 38 -13.52 12.87 33.21
CA ALA B 38 -14.26 13.75 34.10
C ALA B 38 -13.32 14.24 35.20
N ALA B 39 -13.88 14.93 36.18
CA ALA B 39 -13.06 15.46 37.27
C ALA B 39 -12.59 14.34 38.20
N ASN B 40 -13.43 13.33 38.42
CA ASN B 40 -13.12 12.28 39.38
C ASN B 40 -12.81 10.93 38.74
N GLY B 41 -13.36 10.63 37.57
CA GLY B 41 -13.10 9.37 36.90
C GLY B 41 -13.04 9.56 35.40
N VAL B 42 -12.78 8.46 34.70
CA VAL B 42 -12.83 8.43 33.23
C VAL B 42 -13.75 7.29 32.82
N VAL B 43 -14.66 7.57 31.90
CA VAL B 43 -15.67 6.61 31.47
C VAL B 43 -15.37 6.18 30.05
N LEU B 44 -15.26 4.88 29.84
CA LEU B 44 -15.17 4.30 28.50
C LEU B 44 -16.43 3.50 28.20
N ALA B 45 -16.81 3.50 26.93
CA ALA B 45 -18.01 2.84 26.47
C ALA B 45 -17.88 2.54 25.00
N THR B 46 -18.44 1.42 24.57
CA THR B 46 -18.36 1.01 23.18
C THR B 46 -19.73 0.78 22.58
N GLU B 47 -19.72 0.28 21.34
CA GLU B 47 -20.92 0.03 20.56
C GLU B 47 -20.74 -1.35 19.95
N LYS B 48 -21.45 -2.34 20.48
CA LYS B 48 -21.19 -3.74 20.17
C LYS B 48 -22.50 -4.39 19.70
N LYS B 49 -22.75 -4.34 18.41
CA LYS B 49 -23.90 -5.03 17.83
C LYS B 49 -23.47 -6.37 17.27
N GLN B 50 -24.15 -7.42 17.70
CA GLN B 50 -23.97 -8.72 17.08
C GLN B 50 -24.54 -8.71 15.67
N LYS B 51 -23.94 -9.54 14.81
CA LYS B 51 -24.39 -9.59 13.42
C LYS B 51 -25.76 -10.24 13.31
N SER B 52 -25.95 -11.38 13.97
CA SER B 52 -27.24 -12.03 14.05
C SER B 52 -27.72 -12.03 15.49
N ILE B 53 -28.90 -12.62 15.71
CA ILE B 53 -29.39 -12.83 17.07
C ILE B 53 -28.84 -14.10 17.68
N LEU B 54 -27.94 -14.79 16.98
CA LEU B 54 -27.37 -16.03 17.48
C LEU B 54 -26.26 -15.79 18.48
N TYR B 55 -25.53 -14.69 18.34
CA TYR B 55 -24.27 -14.47 19.05
C TYR B 55 -24.51 -14.28 20.55
N ASP B 56 -23.46 -14.54 21.32
CA ASP B 56 -23.52 -14.46 22.77
C ASP B 56 -22.71 -13.26 23.25
N GLU B 57 -23.21 -12.63 24.32
CA GLU B 57 -22.67 -11.37 24.82
C GLU B 57 -21.94 -11.56 26.15
N ARG B 58 -21.68 -12.80 26.53
CA ARG B 58 -20.86 -13.10 27.69
C ARG B 58 -19.54 -13.74 27.28
N SER B 59 -19.20 -13.73 26.00
CA SER B 59 -17.98 -14.35 25.50
C SER B 59 -16.88 -13.34 25.24
N VAL B 60 -17.07 -12.45 24.28
CA VAL B 60 -16.04 -11.50 23.89
C VAL B 60 -16.33 -10.18 24.59
N HIS B 61 -15.28 -9.50 25.06
CA HIS B 61 -15.46 -8.35 25.93
C HIS B 61 -14.59 -7.20 25.44
N LYS B 62 -15.22 -6.07 25.13
CA LYS B 62 -14.50 -4.95 24.56
C LYS B 62 -13.75 -4.18 25.63
N VAL B 63 -14.46 -3.74 26.67
CA VAL B 63 -13.82 -3.08 27.81
C VAL B 63 -12.96 -4.10 28.53
N GLU B 64 -11.66 -3.86 28.59
CA GLU B 64 -10.75 -4.84 29.11
C GLU B 64 -9.79 -4.18 30.09
N PRO B 65 -9.66 -4.72 31.28
CA PRO B 65 -8.66 -4.20 32.22
C PRO B 65 -7.28 -4.71 31.88
N ILE B 66 -6.30 -3.87 32.13
CA ILE B 66 -4.90 -4.23 32.04
C ILE B 66 -4.32 -4.53 33.41
N THR B 67 -4.75 -3.75 34.39
CA THR B 67 -4.45 -3.99 35.79
C THR B 67 -5.76 -3.75 36.52
N LYS B 68 -5.73 -3.69 37.85
CA LYS B 68 -6.94 -3.43 38.62
C LYS B 68 -7.37 -1.98 38.61
N HIS B 69 -6.62 -1.10 37.93
CA HIS B 69 -6.95 0.31 37.94
C HIS B 69 -6.78 0.95 36.57
N ILE B 70 -6.72 0.15 35.51
CA ILE B 70 -6.46 0.65 34.16
C ILE B 70 -7.46 0.02 33.22
N GLY B 71 -8.30 0.84 32.61
CA GLY B 71 -9.18 0.38 31.56
C GLY B 71 -8.60 0.68 30.19
N LEU B 72 -9.08 -0.05 29.19
CA LEU B 72 -8.52 0.05 27.85
C LEU B 72 -9.53 -0.48 26.85
N VAL B 73 -9.92 0.34 25.88
CA VAL B 73 -10.76 -0.11 24.78
C VAL B 73 -10.07 0.23 23.47
N TYR B 74 -10.72 -0.10 22.36
CA TYR B 74 -10.11 0.06 21.05
C TYR B 74 -11.19 0.47 20.05
N SER B 75 -10.76 0.66 18.81
CA SER B 75 -11.70 0.79 17.70
C SER B 75 -10.99 0.23 16.46
N GLY B 76 -11.27 -1.02 16.14
CA GLY B 76 -10.51 -1.67 15.10
C GLY B 76 -10.72 -3.17 14.97
N MET B 77 -9.61 -3.92 14.95
CA MET B 77 -9.63 -5.35 14.70
C MET B 77 -9.21 -6.12 15.95
N GLY B 78 -10.18 -6.84 16.51
CA GLY B 78 -10.01 -7.71 17.66
C GLY B 78 -8.84 -8.68 17.73
N PRO B 79 -8.53 -9.42 16.66
CA PRO B 79 -7.39 -10.34 16.74
C PRO B 79 -6.05 -9.65 16.93
N ASP B 80 -5.89 -8.44 16.43
CA ASP B 80 -4.68 -7.69 16.76
C ASP B 80 -4.78 -7.02 18.13
N TYR B 81 -6.02 -6.61 18.47
CA TYR B 81 -6.29 -6.01 19.78
C TYR B 81 -5.89 -6.93 20.92
N ARG B 82 -6.20 -8.22 20.79
CA ARG B 82 -5.86 -9.18 21.83
C ARG B 82 -4.35 -9.37 21.96
N VAL B 83 -3.65 -9.34 20.83
CA VAL B 83 -2.21 -9.54 20.84
C VAL B 83 -1.52 -8.40 21.57
N LEU B 84 -1.89 -7.17 21.22
CA LEU B 84 -1.26 -6.03 21.89
C LEU B 84 -1.71 -5.89 23.34
N VAL B 85 -2.93 -6.32 23.68
CA VAL B 85 -3.38 -6.31 25.07
C VAL B 85 -2.56 -7.29 25.89
N HIS B 86 -2.39 -8.51 25.38
CA HIS B 86 -1.58 -9.53 26.05
C HIS B 86 -0.14 -9.08 26.23
N ARG B 87 0.38 -8.36 25.23
CA ARG B 87 1.68 -7.71 25.36
C ARG B 87 1.69 -6.72 26.52
N ALA B 88 0.65 -5.89 26.62
CA ALA B 88 0.59 -4.89 27.68
C ALA B 88 0.45 -5.52 29.05
N ARG B 89 -0.27 -6.64 29.12
CA ARG B 89 -0.40 -7.43 30.35
C ARG B 89 0.96 -7.89 30.83
N LYS B 90 1.70 -8.57 29.95
CA LYS B 90 3.02 -9.10 30.31
C LYS B 90 3.98 -7.98 30.67
N LEU B 91 3.89 -6.87 29.95
CA LEU B 91 4.81 -5.77 30.19
C LEU B 91 4.53 -5.07 31.52
N ALA B 92 3.24 -4.89 31.84
CA ALA B 92 2.88 -4.31 33.13
C ALA B 92 3.29 -5.24 34.27
N GLN B 93 3.20 -6.55 34.03
CA GLN B 93 3.68 -7.47 35.04
C GLN B 93 5.20 -7.42 35.19
N GLN B 94 5.92 -7.14 34.11
CA GLN B 94 7.36 -6.97 34.23
C GLN B 94 7.72 -5.74 35.03
N TYR B 95 6.95 -4.67 34.83
CA TYR B 95 7.12 -3.47 35.65
C TYR B 95 6.86 -3.77 37.12
N TYR B 96 5.81 -4.56 37.38
CA TYR B 96 5.49 -4.90 38.76
C TYR B 96 6.49 -5.88 39.35
N LEU B 97 7.19 -6.63 38.50
CA LEU B 97 8.31 -7.43 38.98
C LEU B 97 9.48 -6.54 39.37
N VAL B 98 9.80 -5.54 38.54
CA VAL B 98 10.99 -4.74 38.79
C VAL B 98 10.77 -3.78 39.95
N TYR B 99 9.68 -3.02 39.93
CA TYR B 99 9.51 -1.92 40.85
C TYR B 99 8.59 -2.22 42.03
N GLN B 100 7.86 -3.33 41.96
CA GLN B 100 6.91 -3.78 42.99
C GLN B 100 5.89 -2.68 43.30
N GLU B 101 5.31 -2.14 42.23
CA GLU B 101 4.51 -0.94 42.29
C GLU B 101 3.66 -0.90 41.04
N PRO B 102 2.40 -0.49 41.11
CA PRO B 102 1.55 -0.50 39.91
C PRO B 102 1.98 0.57 38.90
N ILE B 103 2.09 0.16 37.65
CA ILE B 103 2.74 0.94 36.60
C ILE B 103 1.87 2.13 36.22
N PRO B 104 2.44 3.32 36.04
CA PRO B 104 1.64 4.47 35.62
C PRO B 104 1.29 4.43 34.14
N THR B 105 0.13 5.01 33.83
CA THR B 105 -0.47 4.88 32.51
C THR B 105 0.36 5.56 31.44
N ALA B 106 1.07 6.64 31.80
CA ALA B 106 2.00 7.26 30.87
C ALA B 106 3.13 6.31 30.51
N GLN B 107 3.59 5.52 31.48
CA GLN B 107 4.66 4.56 31.21
C GLN B 107 4.15 3.42 30.35
N LEU B 108 2.91 2.96 30.58
CA LEU B 108 2.28 2.01 29.67
C LEU B 108 2.21 2.55 28.26
N VAL B 109 1.84 3.82 28.12
CA VAL B 109 1.69 4.40 26.79
C VAL B 109 3.03 4.53 26.10
N GLN B 110 4.07 4.87 26.86
CA GLN B 110 5.44 4.86 26.36
C GLN B 110 5.80 3.49 25.78
N ARG B 111 5.56 2.44 26.56
CA ARG B 111 6.07 1.14 26.14
C ARG B 111 5.19 0.49 25.08
N VAL B 112 3.87 0.66 25.17
CA VAL B 112 2.98 0.14 24.14
C VAL B 112 3.19 0.87 22.82
N ALA B 113 3.42 2.20 22.90
CA ALA B 113 3.75 2.97 21.72
C ALA B 113 5.06 2.54 21.12
N SER B 114 6.03 2.18 21.95
CA SER B 114 7.29 1.65 21.43
C SER B 114 7.09 0.31 20.74
N VAL B 115 6.20 -0.52 21.29
CA VAL B 115 5.86 -1.81 20.67
C VAL B 115 5.25 -1.61 19.30
N MET B 116 4.26 -0.71 19.22
CA MET B 116 3.58 -0.48 17.96
C MET B 116 4.49 0.18 16.94
N GLN B 117 5.33 1.12 17.39
CA GLN B 117 6.30 1.74 16.49
C GLN B 117 7.33 0.74 15.99
N GLU B 118 7.71 -0.22 16.84
CA GLU B 118 8.56 -1.33 16.42
C GLU B 118 7.88 -2.16 15.36
N TYR B 119 6.58 -2.36 15.47
CA TYR B 119 5.90 -3.09 14.41
C TYR B 119 5.73 -2.26 13.13
N THR B 120 5.69 -0.94 13.24
CA THR B 120 5.69 -0.16 12.02
C THR B 120 7.08 -0.06 11.40
N GLN B 121 8.12 -0.48 12.11
CA GLN B 121 9.45 -0.52 11.53
C GLN B 121 9.49 -1.52 10.40
N SER B 122 10.36 -1.22 9.44
CA SER B 122 10.38 -1.90 8.15
C SER B 122 10.85 -3.35 8.31
N GLY B 123 10.37 -4.22 7.42
CA GLY B 123 9.29 -3.95 6.47
C GLY B 123 8.40 -5.14 6.20
N GLY B 124 8.44 -6.13 7.08
CA GLY B 124 7.89 -7.42 6.72
C GLY B 124 6.51 -7.70 7.25
N VAL B 125 6.11 -7.02 8.31
CA VAL B 125 4.77 -7.17 8.85
C VAL B 125 3.96 -5.92 8.53
N ARG B 126 2.66 -6.07 8.52
CA ARG B 126 1.85 -4.88 8.49
C ARG B 126 1.78 -4.27 9.89
N PRO B 127 1.43 -3.00 10.00
CA PRO B 127 1.09 -2.44 11.31
C PRO B 127 -0.28 -2.92 11.79
N PHE B 128 -0.62 -2.56 13.01
CA PHE B 128 -1.92 -2.89 13.55
C PHE B 128 -3.02 -2.11 12.84
N GLY B 129 -4.20 -2.71 12.78
CA GLY B 129 -5.39 -1.94 12.50
C GLY B 129 -6.12 -1.58 13.78
N VAL B 130 -5.40 -1.01 14.75
CA VAL B 130 -5.91 -0.82 16.10
C VAL B 130 -5.49 0.55 16.60
N SER B 131 -6.46 1.36 16.99
CA SER B 131 -6.22 2.57 17.77
C SER B 131 -6.75 2.33 19.18
N LEU B 132 -6.01 2.80 20.17
CA LEU B 132 -6.35 2.50 21.55
C LEU B 132 -6.92 3.70 22.28
N LEU B 133 -7.51 3.41 23.45
CA LEU B 133 -7.96 4.42 24.40
C LEU B 133 -7.55 3.92 25.77
N ILE B 134 -6.53 4.53 26.34
CA ILE B 134 -5.98 4.09 27.62
C ILE B 134 -6.32 5.12 28.69
N CYS B 135 -6.78 4.64 29.85
CA CYS B 135 -7.16 5.53 30.93
C CYS B 135 -6.97 4.83 32.27
N GLY B 136 -6.89 5.62 33.31
CA GLY B 136 -6.70 5.11 34.65
C GLY B 136 -6.55 6.26 35.63
N TRP B 137 -6.75 5.93 36.90
CA TRP B 137 -6.75 6.93 37.97
C TRP B 137 -5.45 6.75 38.74
N ASN B 138 -4.38 7.28 38.18
CA ASN B 138 -3.04 7.15 38.74
C ASN B 138 -2.67 8.45 39.43
N GLU B 139 -2.35 8.36 40.72
CA GLU B 139 -2.00 9.49 41.58
C GLU B 139 -3.10 10.55 41.61
N GLY B 140 -4.33 10.09 41.90
CA GLY B 140 -5.44 11.00 42.08
C GLY B 140 -6.03 11.55 40.80
N ARG B 141 -5.22 12.26 40.04
CA ARG B 141 -5.65 12.79 38.76
C ARG B 141 -5.83 11.64 37.78
N PRO B 142 -7.01 11.46 37.20
CA PRO B 142 -7.17 10.45 36.16
C PRO B 142 -6.58 10.95 34.85
N TYR B 143 -6.34 10.01 33.95
CA TYR B 143 -5.75 10.33 32.66
C TYR B 143 -6.57 9.68 31.55
N LEU B 144 -6.27 10.08 30.31
CA LEU B 144 -6.95 9.50 29.15
C LEU B 144 -6.01 9.63 27.96
N PHE B 145 -5.56 8.49 27.45
CA PHE B 145 -4.49 8.44 26.46
C PHE B 145 -4.96 7.66 25.25
N GLN B 146 -5.03 8.33 24.11
CA GLN B 146 -5.35 7.70 22.85
C GLN B 146 -4.09 7.53 22.03
N SER B 147 -3.87 6.31 21.53
CA SER B 147 -2.76 6.02 20.65
C SER B 147 -3.30 5.70 19.27
N ASP B 148 -2.41 5.34 18.36
CA ASP B 148 -2.76 5.11 16.97
C ASP B 148 -1.81 4.06 16.41
N PRO B 149 -2.16 3.45 15.26
CA PRO B 149 -1.21 2.50 14.63
C PRO B 149 0.12 3.09 14.23
N SER B 150 0.27 4.40 14.12
CA SER B 150 1.57 4.95 13.75
C SER B 150 2.56 4.95 14.91
N GLY B 151 2.13 4.54 16.11
CA GLY B 151 2.99 4.54 17.26
C GLY B 151 2.92 5.79 18.10
N ALA B 152 2.21 6.82 17.63
CA ALA B 152 2.11 8.04 18.39
C ALA B 152 1.02 7.92 19.46
N TYR B 153 0.84 8.99 20.22
CA TYR B 153 -0.15 9.03 21.27
C TYR B 153 -0.52 10.47 21.56
N PHE B 154 -1.58 10.63 22.34
CA PHE B 154 -2.11 11.95 22.66
C PHE B 154 -2.55 11.96 24.11
N ALA B 155 -3.30 13.00 24.47
CA ALA B 155 -3.98 13.07 25.76
C ALA B 155 -5.24 13.90 25.53
N TRP B 156 -6.41 13.36 25.86
CA TRP B 156 -7.65 14.04 25.55
C TRP B 156 -8.41 14.36 26.82
N LYS B 157 -9.32 15.31 26.70
CA LYS B 157 -10.40 15.46 27.67
C LYS B 157 -11.57 14.57 27.32
N ALA B 158 -11.90 14.47 26.03
CA ALA B 158 -12.91 13.57 25.53
C ALA B 158 -12.67 13.41 24.04
N THR B 159 -12.84 12.19 23.54
CA THR B 159 -12.57 11.90 22.15
C THR B 159 -13.39 10.69 21.76
N ALA B 160 -13.33 10.36 20.47
CA ALA B 160 -14.10 9.24 19.96
C ALA B 160 -13.33 8.61 18.81
N MET B 161 -13.70 7.37 18.49
CA MET B 161 -13.03 6.62 17.45
C MET B 161 -14.01 5.65 16.82
N GLY B 162 -14.04 5.62 15.50
CA GLY B 162 -14.94 4.74 14.77
C GLY B 162 -15.70 5.46 13.67
N LYS B 163 -16.93 5.03 13.41
CA LYS B 163 -17.77 5.68 12.41
C LYS B 163 -18.33 6.97 12.98
N ASN B 164 -18.34 8.02 12.14
CA ASN B 164 -18.93 9.33 12.46
C ASN B 164 -18.28 9.95 13.69
N TYR B 165 -16.98 9.69 13.84
CA TYR B 165 -16.22 10.21 14.97
C TYR B 165 -16.12 11.72 14.91
N VAL B 166 -16.18 12.30 13.72
CA VAL B 166 -16.21 13.75 13.58
C VAL B 166 -17.50 14.31 14.16
N ASN B 167 -18.62 13.62 13.95
CA ASN B 167 -19.90 14.09 14.48
C ASN B 167 -19.96 13.92 15.99
N GLY B 168 -19.46 12.77 16.47
CA GLY B 168 -19.33 12.58 17.91
C GLY B 168 -18.38 13.57 18.54
N LYS B 169 -17.35 13.96 17.82
CA LYS B 169 -16.40 14.93 18.34
C LYS B 169 -17.00 16.32 18.40
N THR B 170 -17.82 16.68 17.40
CA THR B 170 -18.53 17.95 17.47
C THR B 170 -19.55 17.94 18.60
N PHE B 171 -20.16 16.80 18.88
CA PHE B 171 -21.10 16.75 20.00
C PHE B 171 -20.37 16.80 21.33
N LEU B 172 -19.23 16.12 21.45
CA LEU B 172 -18.43 16.17 22.68
C LEU B 172 -17.81 17.54 22.87
N GLU B 173 -17.51 18.24 21.79
CA GLU B 173 -17.10 19.62 21.90
C GLU B 173 -18.26 20.48 22.37
N LYS B 174 -19.47 20.18 21.90
CA LYS B 174 -20.63 20.98 22.26
C LYS B 174 -21.14 20.61 23.64
N ARG B 175 -21.44 19.33 23.87
CA ARG B 175 -22.14 18.94 25.08
C ARG B 175 -21.21 18.86 26.27
N TYR B 176 -20.06 18.21 26.12
CA TYR B 176 -19.19 18.01 27.25
C TYR B 176 -18.42 19.29 27.57
N ASN B 177 -17.87 19.31 28.78
CA ASN B 177 -17.08 20.42 29.27
C ASN B 177 -16.03 19.85 30.21
N GLU B 178 -15.40 20.70 31.00
CA GLU B 178 -14.32 20.25 31.86
C GLU B 178 -14.81 19.49 33.09
N ASP B 179 -15.82 20.02 33.76
CA ASP B 179 -16.17 19.59 35.11
C ASP B 179 -17.52 18.89 35.12
N LEU B 180 -17.50 17.57 35.34
CA LEU B 180 -18.69 16.77 35.52
C LEU B 180 -18.40 15.74 36.61
N GLU B 181 -19.40 14.90 36.88
CA GLU B 181 -19.19 13.75 37.72
C GLU B 181 -19.08 12.49 36.87
N LEU B 182 -18.86 11.37 37.54
CA LEU B 182 -18.82 10.08 36.86
C LEU B 182 -20.17 9.76 36.23
N GLU B 183 -21.27 10.03 36.93
CA GLU B 183 -22.59 9.71 36.39
C GLU B 183 -22.94 10.62 35.23
N ASP B 184 -22.61 11.91 35.32
CA ASP B 184 -22.87 12.82 34.22
C ASP B 184 -22.04 12.47 33.00
N ALA B 185 -20.80 12.04 33.21
CA ALA B 185 -19.97 11.56 32.12
C ALA B 185 -20.57 10.31 31.49
N ILE B 186 -21.12 9.42 32.32
CA ILE B 186 -21.81 8.23 31.82
C ILE B 186 -22.99 8.62 30.96
N HIS B 187 -23.74 9.65 31.40
CA HIS B 187 -24.92 10.10 30.67
C HIS B 187 -24.54 10.65 29.30
N THR B 188 -23.56 11.56 29.26
CA THR B 188 -23.21 12.15 27.98
C THR B 188 -22.44 11.17 27.09
N ALA B 189 -21.81 10.16 27.69
CA ALA B 189 -21.16 9.12 26.89
C ALA B 189 -22.19 8.24 26.21
N ILE B 190 -23.25 7.86 26.93
CA ILE B 190 -24.31 7.07 26.30
C ILE B 190 -25.04 7.93 25.27
N LEU B 191 -25.11 9.23 25.51
CA LEU B 191 -25.74 10.14 24.54
C LEU B 191 -24.94 10.20 23.25
N THR B 192 -23.62 10.41 23.34
CA THR B 192 -22.82 10.49 22.13
C THR B 192 -22.64 9.14 21.47
N LEU B 193 -22.81 8.04 22.21
CA LEU B 193 -22.82 6.75 21.56
C LEU B 193 -24.13 6.50 20.82
N LYS B 194 -25.26 6.87 21.43
CA LYS B 194 -26.56 6.69 20.79
C LYS B 194 -26.79 7.68 19.67
N GLU B 195 -25.97 8.72 19.59
CA GLU B 195 -26.10 9.70 18.51
C GLU B 195 -25.77 9.08 17.16
N SER B 196 -24.77 8.20 17.11
CA SER B 196 -24.31 7.67 15.83
C SER B 196 -24.56 6.18 15.64
N PHE B 197 -24.96 5.46 16.69
CA PHE B 197 -25.24 4.05 16.56
C PHE B 197 -26.60 3.82 15.89
N GLU B 198 -26.98 2.55 15.74
CA GLU B 198 -28.38 2.27 15.49
C GLU B 198 -29.16 2.46 16.79
N GLY B 199 -30.48 2.58 16.66
CA GLY B 199 -31.30 2.98 17.79
C GLY B 199 -31.65 1.84 18.71
N GLN B 200 -31.64 0.61 18.21
CA GLN B 200 -32.00 -0.54 19.02
C GLN B 200 -30.82 -0.82 19.94
N MET B 201 -30.81 -0.14 21.08
CA MET B 201 -29.70 -0.18 22.03
C MET B 201 -30.23 -0.65 23.37
N THR B 202 -29.68 -1.76 23.83
CA THR B 202 -30.15 -2.47 25.02
C THR B 202 -29.04 -2.49 26.05
N GLU B 203 -29.20 -3.35 27.06
CA GLU B 203 -28.16 -3.66 28.01
C GLU B 203 -26.98 -4.42 27.39
N ASP B 204 -27.11 -4.92 26.16
CA ASP B 204 -26.09 -5.75 25.55
C ASP B 204 -25.39 -5.09 24.38
N ASN B 205 -26.00 -4.12 23.73
CA ASN B 205 -25.38 -3.53 22.56
C ASN B 205 -24.25 -2.58 22.94
N ILE B 206 -24.27 -2.07 24.17
CA ILE B 206 -23.20 -1.26 24.69
C ILE B 206 -22.47 -2.04 25.77
N GLU B 207 -21.28 -1.58 26.14
CA GLU B 207 -20.48 -2.27 27.14
C GLU B 207 -19.55 -1.23 27.75
N VAL B 208 -19.71 -0.96 29.04
CA VAL B 208 -19.19 0.24 29.68
C VAL B 208 -18.27 -0.17 30.82
N GLY B 209 -17.07 0.40 30.83
CA GLY B 209 -16.19 0.30 31.98
C GLY B 209 -15.80 1.68 32.46
N ILE B 210 -15.72 1.81 33.78
CA ILE B 210 -15.40 3.09 34.39
C ILE B 210 -14.10 2.95 35.16
N CYS B 211 -13.56 4.06 35.65
CA CYS B 211 -12.29 4.05 36.38
C CYS B 211 -12.45 5.01 37.55
N ASN B 212 -12.81 4.45 38.70
CA ASN B 212 -12.88 5.24 39.92
C ASN B 212 -11.48 5.52 40.44
N GLU B 213 -11.42 6.37 41.45
CA GLU B 213 -10.18 6.45 42.22
C GLU B 213 -10.06 5.23 43.13
N ALA B 214 -11.16 4.54 43.40
CA ALA B 214 -11.12 3.24 44.04
C ALA B 214 -10.62 2.13 43.13
N GLY B 215 -10.40 2.41 41.84
CA GLY B 215 -9.89 1.43 40.92
C GLY B 215 -10.70 1.38 39.63
N PHE B 216 -10.26 0.51 38.74
CA PHE B 216 -11.04 0.20 37.55
C PHE B 216 -12.32 -0.53 37.92
N ARG B 217 -13.37 -0.29 37.15
CA ARG B 217 -14.58 -1.08 37.30
C ARG B 217 -15.25 -1.29 35.94
N ARG B 218 -15.51 -2.54 35.62
CA ARG B 218 -16.18 -2.95 34.40
C ARG B 218 -17.63 -3.29 34.76
N LEU B 219 -18.55 -2.44 34.31
CA LEU B 219 -19.93 -2.51 34.75
C LEU B 219 -20.67 -3.69 34.12
N THR B 220 -21.77 -4.06 34.76
CA THR B 220 -22.56 -5.23 34.41
C THR B 220 -23.79 -4.81 33.63
N PRO B 221 -24.42 -5.73 32.89
CA PRO B 221 -25.71 -5.41 32.27
C PRO B 221 -26.82 -5.12 33.26
N THR B 222 -26.70 -5.58 34.50
CA THR B 222 -27.68 -5.24 35.53
C THR B 222 -27.72 -3.74 35.77
N GLU B 223 -26.57 -3.16 36.15
CA GLU B 223 -26.50 -1.72 36.33
C GLU B 223 -26.60 -0.95 35.02
N VAL B 224 -26.28 -1.59 33.90
CA VAL B 224 -26.44 -0.91 32.62
C VAL B 224 -27.93 -0.72 32.32
N LYS B 225 -28.72 -1.78 32.44
CA LYS B 225 -30.15 -1.66 32.22
C LYS B 225 -30.84 -0.91 33.35
N ASP B 226 -30.21 -0.85 34.52
CA ASP B 226 -30.68 0.08 35.54
C ASP B 226 -30.45 1.52 35.12
N TYR B 227 -29.34 1.79 34.43
CA TYR B 227 -29.06 3.16 34.06
C TYR B 227 -29.65 3.50 32.70
N LEU B 228 -29.39 2.69 31.68
CA LEU B 228 -29.69 3.06 30.31
C LEU B 228 -31.14 2.81 29.92
N ALA B 229 -32.00 2.48 30.88
CA ALA B 229 -33.44 2.35 30.62
C ALA B 229 -34.01 3.76 30.49
N ALA B 230 -33.87 4.30 29.28
CA ALA B 230 -34.24 5.67 28.92
C ALA B 230 -33.57 6.69 29.84
N ILE B 231 -32.24 6.59 29.89
CA ILE B 231 -31.45 7.69 30.45
C ILE B 231 -31.59 8.83 29.45
N ALA B 232 -32.39 9.83 29.81
CA ALA B 232 -32.95 10.85 28.89
C ALA B 232 -33.54 10.25 27.62
N ARG C 3 12.07 6.35 -11.70
CA ARG C 3 12.95 5.80 -12.72
C ARG C 3 13.94 4.85 -12.05
N TYR C 4 14.68 5.39 -11.09
CA TYR C 4 15.64 4.63 -10.28
C TYR C 4 15.32 4.85 -8.80
N ASP C 5 14.08 4.57 -8.45
CA ASP C 5 13.44 4.92 -7.19
C ASP C 5 13.72 3.94 -6.06
N SER C 6 13.44 2.66 -6.32
CA SER C 6 12.78 1.71 -5.44
C SER C 6 13.22 1.73 -3.97
N ARG C 7 14.51 1.54 -3.70
CA ARG C 7 14.97 1.50 -2.33
C ARG C 7 15.81 2.72 -1.99
N THR C 8 16.13 2.84 -0.70
CA THR C 8 17.07 3.85 -0.24
C THR C 8 18.45 3.60 -0.84
N THR C 9 18.79 2.33 -1.03
CA THR C 9 20.06 1.89 -1.55
C THR C 9 19.74 1.06 -2.79
N ILE C 10 20.34 1.40 -3.93
CA ILE C 10 21.61 2.08 -4.06
C ILE C 10 21.31 3.41 -4.78
N PHE C 11 22.36 4.14 -5.19
CA PHE C 11 22.29 5.48 -5.81
C PHE C 11 21.35 5.60 -6.98
N SER C 12 20.95 6.81 -7.24
CA SER C 12 20.44 7.21 -8.54
C SER C 12 21.57 7.80 -9.35
N PRO C 13 21.60 7.59 -10.67
CA PRO C 13 22.83 7.91 -11.41
C PRO C 13 23.03 9.39 -11.63
N GLU C 14 23.64 10.04 -10.64
CA GLU C 14 24.08 11.42 -10.82
C GLU C 14 25.45 11.81 -10.25
N GLY C 15 25.99 11.26 -9.13
CA GLY C 15 25.34 10.46 -8.09
C GLY C 15 24.63 11.33 -7.07
N ARG C 16 23.32 11.17 -6.99
CA ARG C 16 22.47 11.89 -6.05
C ARG C 16 21.79 10.85 -5.17
N LEU C 17 20.93 11.32 -4.27
CA LEU C 17 20.15 10.40 -3.47
C LEU C 17 18.66 10.75 -3.49
N TYR C 18 17.91 9.73 -3.10
CA TYR C 18 16.46 9.71 -3.16
C TYR C 18 15.87 10.01 -1.79
N GLN C 19 16.24 9.19 -0.81
CA GLN C 19 15.61 9.23 0.49
C GLN C 19 16.11 10.35 1.39
N VAL C 20 17.34 10.84 1.21
CA VAL C 20 17.78 11.99 2.02
C VAL C 20 17.00 13.23 1.62
N GLU C 21 16.86 13.44 0.30
CA GLU C 21 16.04 14.53 -0.21
C GLU C 21 14.59 14.38 0.21
N TYR C 22 14.08 13.15 0.18
CA TYR C 22 12.68 12.98 0.52
C TYR C 22 12.47 13.03 2.03
N ALA C 23 13.52 12.76 2.80
CA ALA C 23 13.45 12.95 4.24
C ALA C 23 13.45 14.43 4.59
N MET C 24 14.21 15.24 3.87
CA MET C 24 14.15 16.68 4.11
C MET C 24 12.80 17.26 3.70
N GLU C 25 12.24 16.76 2.61
CA GLU C 25 10.89 17.17 2.24
C GLU C 25 9.84 16.61 3.19
N ALA C 26 10.16 15.57 3.93
CA ALA C 26 9.34 15.16 5.06
C ALA C 26 9.56 16.07 6.28
N ILE C 27 10.74 16.65 6.41
CA ILE C 27 11.01 17.56 7.51
C ILE C 27 10.19 18.83 7.37
N GLY C 28 10.09 19.35 6.14
CA GLY C 28 9.57 20.69 5.93
C GLY C 28 8.14 20.93 6.40
N HIS C 29 7.32 19.89 6.42
CA HIS C 29 5.93 20.02 6.85
C HIS C 29 5.78 19.60 8.31
N ALA C 30 6.49 20.30 9.19
CA ALA C 30 6.45 19.94 10.60
C ALA C 30 6.60 21.21 11.43
N GLY C 31 6.81 21.02 12.73
CA GLY C 31 6.88 22.15 13.63
C GLY C 31 8.15 22.96 13.45
N THR C 32 8.03 24.26 13.71
CA THR C 32 9.14 25.18 13.56
C THR C 32 9.78 25.44 14.92
N CYS C 33 11.10 25.36 14.97
CA CYS C 33 11.84 25.60 16.19
C CYS C 33 13.02 26.50 15.88
N LEU C 34 13.60 27.08 16.93
CA LEU C 34 14.80 27.89 16.77
C LEU C 34 15.55 28.04 18.08
N GLY C 35 16.86 28.29 17.95
CA GLY C 35 17.69 28.71 19.06
C GLY C 35 18.59 29.85 18.62
N ILE C 36 19.01 30.64 19.60
CA ILE C 36 19.52 31.97 19.31
C ILE C 36 20.96 32.11 19.78
N LEU C 37 21.60 33.16 19.28
CA LEU C 37 22.95 33.55 19.71
C LEU C 37 22.85 34.12 21.11
N ALA C 38 23.33 33.38 22.10
CA ALA C 38 23.33 33.94 23.44
C ALA C 38 24.50 33.39 24.22
N ASN C 39 25.22 34.28 24.89
CA ASN C 39 26.11 33.85 25.96
C ASN C 39 25.36 33.92 27.28
N ASP C 40 25.90 33.21 28.28
CA ASP C 40 25.35 33.12 29.63
C ASP C 40 23.92 32.59 29.62
N GLY C 41 23.69 31.60 28.76
CA GLY C 41 22.36 31.09 28.54
C GLY C 41 22.10 30.79 27.09
N VAL C 42 21.06 30.01 26.81
CA VAL C 42 20.64 29.70 25.46
C VAL C 42 19.17 29.30 25.53
N LEU C 43 18.47 29.45 24.42
CA LEU C 43 17.02 29.30 24.41
C LEU C 43 16.59 28.29 23.35
N LEU C 44 15.33 27.88 23.47
CA LEU C 44 14.66 27.14 22.41
C LEU C 44 13.23 27.62 22.28
N ALA C 45 12.75 27.65 21.05
CA ALA C 45 11.38 28.01 20.75
C ALA C 45 10.74 26.84 20.01
N ALA C 46 9.42 26.76 20.08
CA ALA C 46 8.71 25.70 19.40
C ALA C 46 7.29 26.13 19.13
N GLU C 47 6.72 25.59 18.06
CA GLU C 47 5.35 25.88 17.67
C GLU C 47 4.47 24.70 18.05
N ARG C 48 3.33 25.00 18.66
CA ARG C 48 2.41 23.95 19.07
C ARG C 48 1.62 23.45 17.87
N ARG C 49 1.86 22.20 17.49
CA ARG C 49 0.97 21.54 16.56
C ARG C 49 -0.26 21.05 17.30
N ASN C 50 -1.38 20.95 16.56
CA ASN C 50 -2.64 20.36 17.03
C ASN C 50 -3.17 21.08 18.28
N ILE C 51 -3.56 22.34 18.05
CA ILE C 51 -3.90 23.25 19.14
C ILE C 51 -5.38 23.15 19.50
N HIS C 52 -6.00 22.01 19.14
CA HIS C 52 -7.39 21.73 19.46
C HIS C 52 -7.65 21.75 20.97
N LYS C 53 -8.85 22.17 21.34
CA LYS C 53 -9.17 22.55 22.71
C LYS C 53 -9.40 21.38 23.66
N LEU C 54 -9.43 20.14 23.16
CA LEU C 54 -9.77 19.02 24.01
C LEU C 54 -8.55 18.22 24.45
N LEU C 55 -7.41 18.88 24.60
CA LEU C 55 -6.22 18.20 25.08
C LEU C 55 -6.08 18.44 26.58
N ASP C 56 -4.93 18.04 27.13
CA ASP C 56 -4.69 18.16 28.56
C ASP C 56 -3.46 18.98 28.90
N GLU C 57 -2.40 18.90 28.09
CA GLU C 57 -1.11 19.59 28.28
C GLU C 57 -0.49 19.29 29.65
N VAL C 58 -0.70 18.06 30.14
CA VAL C 58 -0.24 17.65 31.45
C VAL C 58 1.14 17.04 31.34
N PHE C 59 1.74 17.11 30.16
CA PHE C 59 3.08 16.59 29.94
C PHE C 59 4.17 17.61 30.20
N PHE C 60 3.83 18.91 30.09
CA PHE C 60 4.67 20.10 30.23
C PHE C 60 5.70 20.24 29.12
N SER C 61 5.79 19.30 28.19
CA SER C 61 6.86 19.28 27.21
C SER C 61 6.43 18.39 26.06
N GLU C 62 6.36 18.94 24.85
CA GLU C 62 5.91 18.19 23.69
C GLU C 62 6.99 18.01 22.63
N LYS C 63 7.82 19.01 22.40
CA LYS C 63 8.99 18.89 21.54
C LYS C 63 10.29 18.88 22.32
N ILE C 64 10.31 19.55 23.48
CA ILE C 64 11.51 19.62 24.30
C ILE C 64 11.68 18.32 25.06
N TYR C 65 12.91 17.84 25.14
CA TYR C 65 13.24 16.66 25.94
C TYR C 65 14.53 16.96 26.68
N LYS C 66 14.40 17.22 27.98
CA LYS C 66 15.55 17.45 28.85
C LYS C 66 16.32 16.14 28.95
N LEU C 67 17.40 16.04 28.19
CA LEU C 67 17.89 14.71 27.89
C LEU C 67 18.85 14.19 28.95
N ASN C 68 19.94 14.87 29.29
CA ASN C 68 20.85 14.32 30.28
C ASN C 68 20.73 15.08 31.59
N GLU C 69 21.35 16.26 31.73
CA GLU C 69 21.04 17.17 32.81
C GLU C 69 21.04 18.58 32.26
N ASP C 70 21.98 18.83 31.36
CA ASP C 70 22.35 20.16 30.92
C ASP C 70 22.13 20.31 29.43
N MET C 71 21.27 19.48 28.88
CA MET C 71 21.00 19.47 27.46
C MET C 71 19.54 19.15 27.25
N ALA C 72 18.93 19.90 26.36
CA ALA C 72 17.62 19.56 25.87
C ALA C 72 17.73 19.47 24.37
N CYS C 73 16.65 19.00 23.75
CA CYS C 73 16.63 18.90 22.31
C CYS C 73 15.22 19.17 21.82
N SER C 74 15.12 20.12 20.89
CA SER C 74 13.89 20.23 20.13
C SER C 74 13.88 19.09 19.12
N VAL C 75 12.76 18.93 18.42
CA VAL C 75 12.65 17.86 17.45
C VAL C 75 11.64 18.29 16.40
N ALA C 76 11.72 17.68 15.23
CA ALA C 76 10.81 17.97 14.14
C ALA C 76 10.77 16.76 13.22
N GLY C 77 9.57 16.35 12.84
CA GLY C 77 9.44 15.25 11.91
C GLY C 77 8.51 14.18 12.45
N ILE C 78 8.78 12.94 12.02
CA ILE C 78 7.92 11.82 12.36
C ILE C 78 8.06 11.50 13.83
N THR C 79 6.94 11.56 14.55
CA THR C 79 6.99 11.82 15.99
C THR C 79 7.40 10.59 16.79
N SER C 80 7.06 9.40 16.31
CA SER C 80 7.41 8.20 17.07
C SER C 80 8.88 7.84 16.92
N ASP C 81 9.47 8.17 15.77
CA ASP C 81 10.90 7.98 15.58
C ASP C 81 11.69 8.91 16.49
N ALA C 82 11.09 10.04 16.87
CA ALA C 82 11.72 10.90 17.86
C ALA C 82 11.78 10.24 19.22
N ASN C 83 10.74 9.50 19.61
CA ASN C 83 10.80 8.76 20.87
C ASN C 83 11.85 7.67 20.82
N VAL C 84 11.89 6.95 19.69
CA VAL C 84 12.88 5.90 19.45
C VAL C 84 14.30 6.43 19.57
N LEU C 85 14.55 7.61 19.00
CA LEU C 85 15.91 8.15 19.07
C LEU C 85 16.22 8.76 20.42
N THR C 86 15.23 9.37 21.09
CA THR C 86 15.52 10.05 22.35
C THR C 86 15.79 9.08 23.49
N ASN C 87 15.08 7.95 23.53
CA ASN C 87 15.41 6.94 24.53
C ASN C 87 16.82 6.41 24.35
N GLU C 88 17.19 6.14 23.10
CA GLU C 88 18.54 5.66 22.81
C GLU C 88 19.59 6.71 23.10
N LEU C 89 19.27 7.97 22.85
CA LEU C 89 20.24 9.04 23.08
C LEU C 89 20.47 9.28 24.56
N ARG C 90 19.39 9.22 25.36
CA ARG C 90 19.55 9.24 26.82
C ARG C 90 20.37 8.04 27.28
N LEU C 91 20.16 6.88 26.66
CA LEU C 91 20.93 5.70 27.01
C LEU C 91 22.40 5.84 26.64
N ILE C 92 22.70 6.54 25.53
CA ILE C 92 24.08 6.79 25.15
C ILE C 92 24.75 7.73 26.13
N ALA C 93 24.06 8.82 26.48
CA ALA C 93 24.61 9.78 27.43
C ALA C 93 24.80 9.15 28.80
N GLN C 94 23.88 8.29 29.19
CA GLN C 94 23.96 7.68 30.50
C GLN C 94 25.01 6.58 30.53
N ARG C 95 25.25 5.94 29.38
CA ARG C 95 26.39 5.04 29.26
C ARG C 95 27.71 5.78 29.37
N TYR C 96 27.79 6.96 28.77
CA TYR C 96 29.01 7.76 28.89
C TYR C 96 29.26 8.17 30.33
N LEU C 97 28.19 8.56 31.02
CA LEU C 97 28.32 8.94 32.42
C LEU C 97 28.67 7.73 33.27
N LEU C 98 28.13 6.56 32.94
CA LEU C 98 28.51 5.33 33.62
C LEU C 98 29.98 5.02 33.43
N GLN C 99 30.49 5.22 32.23
CA GLN C 99 31.85 4.84 31.94
C GLN C 99 32.85 5.80 32.54
N TYR C 100 32.56 7.10 32.57
CA TYR C 100 33.57 8.07 32.95
C TYR C 100 33.27 8.87 34.20
N GLN C 101 32.01 8.91 34.66
CA GLN C 101 31.54 9.84 35.70
C GLN C 101 31.93 11.27 35.36
N GLU C 102 31.54 11.69 34.16
CA GLU C 102 31.71 13.01 33.67
C GLU C 102 30.54 13.23 32.72
N PRO C 103 29.92 14.40 32.74
CA PRO C 103 28.88 14.70 31.75
C PRO C 103 29.45 14.70 30.35
N ILE C 104 28.58 14.35 29.40
CA ILE C 104 29.01 14.17 28.03
C ILE C 104 29.20 15.54 27.38
N PRO C 105 30.33 15.77 26.70
CA PRO C 105 30.63 17.11 26.18
C PRO C 105 29.97 17.47 24.87
N CYS C 106 28.92 16.73 24.52
CA CYS C 106 27.88 17.01 23.53
C CYS C 106 28.30 16.82 22.08
N GLU C 107 29.60 16.84 21.77
CA GLU C 107 29.91 16.74 20.35
C GLU C 107 30.01 15.29 19.92
N GLN C 108 30.66 14.48 20.74
CA GLN C 108 30.66 13.05 20.49
C GLN C 108 29.27 12.44 20.68
N LEU C 109 28.44 13.06 21.51
CA LEU C 109 27.03 12.69 21.59
C LEU C 109 26.31 12.93 20.28
N VAL C 110 26.53 14.12 19.69
CA VAL C 110 25.91 14.45 18.42
C VAL C 110 26.40 13.52 17.31
N THR C 111 27.71 13.25 17.27
CA THR C 111 28.23 12.37 16.22
C THR C 111 27.78 10.94 16.43
N ALA C 112 27.56 10.52 17.68
CA ALA C 112 27.04 9.18 17.93
C ALA C 112 25.63 9.03 17.40
N LEU C 113 24.78 10.04 17.65
CA LEU C 113 23.43 9.97 17.10
C LEU C 113 23.43 10.06 15.58
N CYS C 114 24.33 10.86 15.03
CA CYS C 114 24.46 10.95 13.58
C CYS C 114 24.91 9.62 12.98
N ASP C 115 25.75 8.89 13.68
CA ASP C 115 26.16 7.57 13.23
C ASP C 115 25.02 6.57 13.33
N ILE C 116 24.18 6.71 14.36
CA ILE C 116 22.98 5.87 14.49
C ILE C 116 22.05 6.08 13.31
N LYS C 117 21.88 7.34 12.89
CA LYS C 117 21.05 7.64 11.73
C LYS C 117 21.75 7.17 10.44
N GLN C 118 23.07 7.32 10.38
CA GLN C 118 23.80 7.02 9.17
C GLN C 118 23.87 5.53 8.89
N ALA C 119 23.92 4.71 9.95
CA ALA C 119 23.92 3.26 9.78
C ALA C 119 22.63 2.78 9.12
N TYR C 120 21.53 3.49 9.34
CA TYR C 120 20.33 3.22 8.56
C TYR C 120 20.33 3.92 7.23
N THR C 121 21.21 4.90 7.01
CA THR C 121 21.30 5.40 5.63
C THR C 121 22.01 4.42 4.71
N GLN C 122 23.14 3.86 5.14
CA GLN C 122 23.85 2.93 4.27
C GLN C 122 23.15 1.58 4.15
N PHE C 123 22.72 1.02 5.27
CA PHE C 123 22.22 -0.35 5.26
C PHE C 123 20.88 -0.43 4.54
N GLY C 124 20.48 -1.65 4.21
CA GLY C 124 19.30 -1.82 3.39
C GLY C 124 18.61 -3.14 3.62
N GLY C 125 17.28 -3.17 3.55
CA GLY C 125 16.48 -2.00 3.23
C GLY C 125 15.73 -1.52 4.44
N LYS C 126 16.15 -0.37 4.94
CA LYS C 126 15.61 0.21 6.17
C LYS C 126 15.15 1.63 5.91
N ARG C 127 14.15 2.03 6.66
CA ARG C 127 13.72 3.40 6.61
C ARG C 127 14.69 4.29 7.38
N PRO C 128 15.29 5.28 6.74
CA PRO C 128 16.08 6.25 7.48
C PRO C 128 15.18 7.20 8.26
N PHE C 129 15.73 7.73 9.35
CA PHE C 129 14.94 8.59 10.24
C PHE C 129 14.67 9.92 9.56
N GLY C 130 13.42 10.19 9.24
CA GLY C 130 13.07 11.46 8.63
C GLY C 130 12.88 12.56 9.66
N VAL C 131 13.87 12.74 10.53
CA VAL C 131 13.76 13.64 11.67
C VAL C 131 15.04 14.47 11.75
N SER C 132 14.90 15.79 11.72
CA SER C 132 15.93 16.69 12.20
C SER C 132 15.59 17.19 13.59
N LEU C 133 16.63 17.48 14.36
CA LEU C 133 16.42 17.88 15.74
C LEU C 133 17.59 18.75 16.19
N LEU C 134 17.31 19.56 17.20
CA LEU C 134 18.24 20.59 17.64
C LEU C 134 19.07 20.11 18.81
N TYR C 135 19.98 20.97 19.25
CA TYR C 135 20.81 20.69 20.41
C TYR C 135 21.14 21.98 21.12
N ILE C 136 20.84 22.05 22.40
CA ILE C 136 21.41 23.06 23.27
C ILE C 136 22.19 22.32 24.35
N GLY C 137 23.18 22.98 24.91
CA GLY C 137 23.94 22.34 25.97
C GLY C 137 25.14 23.16 26.38
N TRP C 138 25.81 22.64 27.40
CA TRP C 138 26.95 23.29 28.02
C TRP C 138 28.00 22.23 28.26
N ASP C 139 29.27 22.64 28.24
CA ASP C 139 30.35 21.70 28.42
C ASP C 139 31.42 22.33 29.29
N LYS C 140 32.56 21.65 29.37
CA LYS C 140 33.73 22.19 30.03
C LYS C 140 34.70 22.85 29.07
N HIS C 141 34.39 22.85 27.77
CA HIS C 141 35.39 23.22 26.79
C HIS C 141 34.97 24.35 25.89
N TYR C 142 33.68 24.58 25.69
CA TYR C 142 33.24 25.65 24.81
C TYR C 142 32.13 26.51 25.38
N GLY C 143 31.42 26.07 26.41
CA GLY C 143 30.32 26.82 26.95
C GLY C 143 29.01 26.43 26.29
N PHE C 144 28.17 27.43 26.02
CA PHE C 144 26.85 27.19 25.47
C PHE C 144 27.00 26.93 23.98
N GLN C 145 26.22 25.97 23.47
CA GLN C 145 26.45 25.42 22.15
C GLN C 145 25.12 25.25 21.43
N LEU C 146 25.18 25.13 20.11
CA LEU C 146 24.00 24.93 19.27
C LEU C 146 24.36 23.99 18.13
N TYR C 147 23.50 23.01 17.86
CA TYR C 147 23.79 22.06 16.80
C TYR C 147 22.51 21.67 16.09
N GLN C 148 22.69 21.24 14.83
CA GLN C 148 21.60 20.91 13.91
C GLN C 148 21.84 19.51 13.38
N SER C 149 21.03 18.55 13.82
CA SER C 149 21.11 17.20 13.30
C SER C 149 20.34 17.10 12.00
N ASP C 150 20.79 16.20 11.13
CA ASP C 150 20.15 15.99 9.85
C ASP C 150 20.00 14.50 9.59
N PRO C 151 19.00 14.11 8.80
CA PRO C 151 18.84 12.68 8.46
C PRO C 151 19.94 12.12 7.58
N SER C 152 20.74 12.96 6.95
CA SER C 152 21.90 12.46 6.22
C SER C 152 22.97 11.96 7.17
N GLY C 153 22.99 12.42 8.41
CA GLY C 153 24.09 12.19 9.30
C GLY C 153 25.05 13.35 9.36
N ASN C 154 24.89 14.33 8.47
CA ASN C 154 25.62 15.57 8.58
C ASN C 154 25.07 16.37 9.75
N TYR C 155 25.94 17.08 10.45
CA TYR C 155 25.51 17.90 11.57
C TYR C 155 26.17 19.26 11.48
N GLY C 156 25.40 20.31 11.75
CA GLY C 156 25.92 21.65 11.64
C GLY C 156 25.97 22.37 12.97
N GLY C 157 27.14 22.90 13.31
CA GLY C 157 27.25 23.82 14.43
C GLY C 157 26.79 25.20 14.03
N TRP C 158 25.62 25.60 14.50
CA TRP C 158 25.05 26.90 14.17
C TRP C 158 25.10 27.83 15.36
N LYS C 159 24.75 29.08 15.11
CA LYS C 159 24.39 30.00 16.17
C LYS C 159 22.98 30.54 16.01
N ALA C 160 22.35 30.30 14.88
CA ALA C 160 20.95 30.64 14.64
C ALA C 160 20.44 29.61 13.65
N THR C 161 19.48 28.79 14.05
CA THR C 161 19.28 27.54 13.36
C THR C 161 18.13 27.62 12.35
N CYS C 162 17.86 26.47 11.72
CA CYS C 162 17.05 26.38 10.51
C CYS C 162 16.20 25.13 10.55
N ILE C 163 14.89 25.30 10.38
CA ILE C 163 13.97 24.20 10.16
C ILE C 163 13.41 24.52 8.78
N GLY C 164 12.41 23.77 8.30
CA GLY C 164 12.03 23.76 6.91
C GLY C 164 11.32 24.96 6.32
N ASN C 165 10.29 24.67 5.52
CA ASN C 165 9.60 25.67 4.69
C ASN C 165 8.97 26.77 5.54
N ASN C 166 8.58 26.45 6.77
CA ASN C 166 8.07 27.45 7.69
C ASN C 166 9.19 28.24 8.38
N SER C 167 10.45 27.91 8.12
CA SER C 167 11.56 28.61 8.75
C SER C 167 12.62 29.14 7.81
N ALA C 168 12.45 29.02 6.49
CA ALA C 168 13.38 29.67 5.57
C ALA C 168 13.29 31.18 5.70
N ALA C 169 12.07 31.70 5.81
CA ALA C 169 11.88 33.13 6.10
C ALA C 169 12.39 33.50 7.49
N ALA C 170 12.35 32.55 8.43
CA ALA C 170 12.92 32.79 9.74
C ALA C 170 14.43 32.96 9.66
N VAL C 171 15.09 32.13 8.86
CA VAL C 171 16.53 32.25 8.66
C VAL C 171 16.86 33.54 7.92
N SER C 172 15.98 33.97 7.01
CA SER C 172 16.18 35.24 6.33
C SER C 172 16.10 36.41 7.31
N MET C 173 15.11 36.38 8.22
CA MET C 173 15.04 37.42 9.25
C MET C 173 16.20 37.33 10.22
N LEU C 174 16.68 36.12 10.51
CA LEU C 174 17.83 35.96 11.38
C LEU C 174 19.10 36.51 10.76
N LYS C 175 19.23 36.45 9.44
CA LYS C 175 20.40 37.05 8.82
C LYS C 175 20.25 38.56 8.70
N GLN C 176 19.06 39.02 8.29
CA GLN C 176 18.85 40.45 8.10
C GLN C 176 18.78 41.22 9.42
N ASP C 177 18.44 40.54 10.50
CA ASP C 177 18.39 41.10 11.85
C ASP C 177 19.37 40.38 12.74
N TYR C 178 20.55 40.15 12.21
CA TYR C 178 21.59 39.43 12.93
C TYR C 178 22.07 40.24 14.12
N LYS C 179 22.35 39.55 15.21
CA LYS C 179 22.86 40.17 16.42
C LYS C 179 24.18 39.51 16.81
N GLU C 180 25.03 40.27 17.49
CA GLU C 180 26.30 39.78 17.98
C GLU C 180 26.77 40.72 19.09
N GLY C 181 27.20 40.14 20.21
CA GLY C 181 27.69 40.96 21.29
C GLY C 181 26.72 41.04 22.45
N GLU C 182 25.42 41.03 22.15
CA GLU C 182 24.41 41.06 23.20
C GLU C 182 24.08 39.65 23.64
N MET C 183 24.42 39.35 24.89
CA MET C 183 24.08 38.09 25.52
C MET C 183 22.81 38.20 26.37
N THR C 184 22.16 39.36 26.35
CA THR C 184 20.93 39.56 27.11
C THR C 184 19.83 38.68 26.57
N LEU C 185 19.31 37.80 27.43
CA LEU C 185 18.38 36.77 26.98
C LEU C 185 17.03 37.36 26.60
N LYS C 186 16.62 38.44 27.25
CA LYS C 186 15.32 39.04 26.95
C LYS C 186 15.31 39.65 25.56
N SER C 187 16.46 40.16 25.11
CA SER C 187 16.58 40.66 23.74
C SER C 187 16.37 39.57 22.72
N ALA C 188 17.03 38.43 22.91
CA ALA C 188 16.87 37.31 22.00
C ALA C 188 15.48 36.71 22.09
N LEU C 189 14.86 36.77 23.26
CA LEU C 189 13.48 36.30 23.39
C LEU C 189 12.51 37.20 22.65
N ALA C 190 12.74 38.51 22.68
CA ALA C 190 11.94 39.42 21.87
C ALA C 190 12.19 39.19 20.39
N LEU C 191 13.44 38.87 20.03
CA LEU C 191 13.76 38.58 18.64
C LEU C 191 13.06 37.30 18.18
N ALA C 192 13.02 36.29 19.04
CA ALA C 192 12.33 35.05 18.72
C ALA C 192 10.83 35.26 18.66
N ILE C 193 10.31 36.14 19.52
CA ILE C 193 8.90 36.48 19.49
C ILE C 193 8.55 37.17 18.18
N LYS C 194 9.45 38.02 17.68
CA LYS C 194 9.25 38.66 16.39
C LYS C 194 9.31 37.65 15.26
N VAL C 195 10.23 36.68 15.36
CA VAL C 195 10.37 35.66 14.32
C VAL C 195 9.13 34.78 14.26
N LEU C 196 8.65 34.31 15.41
CA LEU C 196 7.40 33.54 15.40
C LEU C 196 6.18 34.41 15.12
N ASN C 197 6.26 35.73 15.35
CA ASN C 197 5.13 36.58 15.00
C ASN C 197 5.00 36.71 13.50
N LYS C 198 6.12 36.87 12.80
CA LYS C 198 6.02 36.95 11.35
C LYS C 198 5.85 35.57 10.72
N THR C 199 6.65 34.60 11.13
CA THR C 199 6.73 33.32 10.44
C THR C 199 5.52 32.43 10.71
N MET C 200 5.05 32.37 11.95
CA MET C 200 3.80 31.67 12.18
C MET C 200 2.64 32.54 11.72
N ASP C 201 1.60 31.88 11.22
CA ASP C 201 0.41 32.54 10.72
C ASP C 201 -0.61 32.80 11.81
N VAL C 202 -0.21 32.64 13.07
CA VAL C 202 -1.09 32.88 14.21
C VAL C 202 -1.33 34.37 14.33
N SER C 203 -2.60 34.78 14.22
CA SER C 203 -2.96 36.18 14.37
C SER C 203 -2.74 36.60 15.82
N LYS C 204 -1.87 37.59 16.00
CA LYS C 204 -1.53 38.25 17.27
C LYS C 204 -0.88 37.32 18.30
N LEU C 205 -0.47 36.12 17.88
CA LEU C 205 0.44 35.23 18.63
C LEU C 205 -0.15 34.85 20.00
N SER C 206 -1.19 34.02 19.95
CA SER C 206 -1.73 33.44 21.17
C SER C 206 -0.70 32.55 21.86
N ALA C 207 -0.60 32.67 23.19
CA ALA C 207 0.43 31.96 23.95
C ALA C 207 0.19 30.45 24.04
N GLU C 208 -1.01 29.98 23.73
CA GLU C 208 -1.25 28.55 23.76
C GLU C 208 -0.65 27.86 22.55
N LYS C 209 -0.30 28.60 21.51
CA LYS C 209 0.30 28.04 20.31
C LYS C 209 1.82 28.10 20.33
N VAL C 210 2.44 28.58 21.40
CA VAL C 210 3.88 28.77 21.44
C VAL C 210 4.45 27.90 22.56
N GLU C 211 5.77 27.79 22.57
CA GLU C 211 6.48 27.04 23.60
C GLU C 211 7.93 27.54 23.63
N ILE C 212 8.42 27.85 24.82
CA ILE C 212 9.74 28.44 25.01
C ILE C 212 10.43 27.70 26.14
N ALA C 213 11.67 27.25 25.90
CA ALA C 213 12.50 26.63 26.93
C ALA C 213 13.89 27.23 26.88
N THR C 214 14.45 27.51 28.05
CA THR C 214 15.79 28.08 28.16
C THR C 214 16.67 27.27 29.09
N LEU C 215 17.96 27.60 29.06
CA LEU C 215 19.01 26.83 29.72
C LEU C 215 20.05 27.82 30.21
N THR C 216 20.12 28.04 31.53
CA THR C 216 21.09 28.96 32.11
C THR C 216 22.04 28.23 33.04
N ARG C 217 23.16 28.89 33.31
CA ARG C 217 24.25 28.36 34.13
C ARG C 217 24.20 29.01 35.51
N GLU C 218 23.83 28.23 36.51
CA GLU C 218 23.62 28.76 37.86
C GLU C 218 24.52 28.04 38.84
N ASN C 219 25.75 28.55 39.00
CA ASN C 219 26.64 28.36 40.15
C ASN C 219 27.22 26.95 40.28
N GLY C 220 26.73 26.01 39.51
CA GLY C 220 27.33 24.70 39.39
C GLY C 220 26.35 23.75 38.73
N LYS C 221 25.17 24.27 38.40
CA LYS C 221 24.04 23.37 38.21
C LYS C 221 23.59 23.24 36.77
N THR C 222 23.66 24.32 35.99
CA THR C 222 23.28 24.37 34.57
C THR C 222 21.82 23.94 34.38
N VAL C 223 20.93 24.72 35.00
CA VAL C 223 19.52 24.35 35.02
C VAL C 223 18.89 24.62 33.67
N ILE C 224 17.81 23.88 33.39
CA ILE C 224 17.03 24.04 32.17
C ILE C 224 15.66 24.55 32.56
N ARG C 225 15.29 25.69 32.00
CA ARG C 225 14.06 26.39 32.38
C ARG C 225 13.00 26.17 31.32
N VAL C 226 12.06 25.28 31.60
CA VAL C 226 10.83 25.20 30.83
C VAL C 226 9.88 26.20 31.46
N LEU C 227 9.87 27.41 30.94
CA LEU C 227 9.14 28.49 31.59
C LEU C 227 7.65 28.40 31.30
N LYS C 228 6.86 29.02 32.17
CA LYS C 228 5.41 28.89 32.19
C LYS C 228 4.77 29.95 31.29
N GLN C 229 3.49 30.22 31.50
CA GLN C 229 2.69 30.96 30.53
C GLN C 229 2.59 32.45 30.78
N LYS C 230 2.66 32.91 32.04
CA LYS C 230 2.38 34.31 32.34
C LYS C 230 3.49 35.24 31.86
N GLU C 231 4.74 34.79 31.98
CA GLU C 231 5.84 35.56 31.42
C GLU C 231 5.81 35.54 29.90
N VAL C 232 5.25 34.48 29.31
CA VAL C 232 5.01 34.48 27.87
C VAL C 232 3.96 35.52 27.52
N GLU C 233 2.92 35.66 28.35
CA GLU C 233 1.88 36.66 28.14
C GLU C 233 2.45 38.07 28.18
N GLN C 234 3.25 38.36 29.20
CA GLN C 234 3.84 39.70 29.27
C GLN C 234 4.93 39.89 28.22
N LEU C 235 5.54 38.82 27.72
CA LEU C 235 6.43 38.93 26.57
C LEU C 235 5.66 39.32 25.32
N ILE C 236 4.47 38.77 25.15
CA ILE C 236 3.59 39.14 24.05
C ILE C 236 3.17 40.59 24.15
N LYS C 237 2.82 41.04 25.36
CA LYS C 237 2.45 42.44 25.55
C LYS C 237 3.65 43.37 25.34
N LYS C 238 4.84 42.92 25.72
CA LYS C 238 6.05 43.70 25.48
C LYS C 238 6.33 43.83 23.99
N HIS C 239 6.19 42.73 23.25
CA HIS C 239 6.42 42.77 21.81
C HIS C 239 5.35 43.57 21.07
N GLU C 240 4.13 43.59 21.59
CA GLU C 240 3.10 44.40 20.95
C GLU C 240 3.23 45.87 21.33
N GLU C 241 3.77 46.17 22.51
CA GLU C 241 4.19 47.54 22.81
C GLU C 241 5.33 47.96 21.89
N GLU C 242 6.22 47.03 21.53
CA GLU C 242 7.24 47.32 20.54
C GLU C 242 6.64 47.50 19.14
N GLU C 243 5.52 46.84 18.86
CA GLU C 243 4.81 47.11 17.61
C GLU C 243 4.19 48.50 17.62
N ALA C 244 3.72 48.96 18.77
CA ALA C 244 3.27 50.35 18.92
C ALA C 244 4.42 51.32 18.73
N LYS C 245 5.60 50.95 19.25
CA LYS C 245 6.81 51.72 18.99
C LYS C 245 7.17 51.72 17.50
N ALA C 246 6.86 50.62 16.81
CA ALA C 246 7.10 50.56 15.38
C ALA C 246 6.13 51.42 14.60
N GLU C 247 4.89 51.57 15.07
CA GLU C 247 3.92 52.42 14.38
C GLU C 247 3.97 53.85 14.88
N ARG C 248 4.91 54.18 15.76
CA ARG C 248 5.23 55.58 16.04
C ARG C 248 5.71 56.37 14.82
N GLU C 249 6.21 55.71 13.78
CA GLU C 249 6.64 56.39 12.56
C GLU C 249 5.48 56.74 11.62
N LYS C 250 4.24 56.64 12.10
CA LYS C 250 3.07 57.00 11.31
C LYS C 250 2.36 58.19 11.95
N SER D 1 22.57 -6.26 -15.87
CA SER D 1 22.09 -5.17 -16.72
C SER D 1 20.95 -4.43 -16.08
N TYR D 2 21.30 -3.42 -15.27
CA TYR D 2 20.65 -2.12 -15.05
C TYR D 2 21.44 -1.38 -13.98
N ASP D 3 21.04 -0.14 -13.70
CA ASP D 3 21.71 0.69 -12.69
C ASP D 3 21.49 0.15 -11.28
N ARG D 4 20.41 -0.60 -11.07
CA ARG D 4 20.30 -1.59 -10.01
C ARG D 4 20.59 -2.97 -10.61
N ALA D 5 21.24 -3.85 -9.84
CA ALA D 5 21.85 -3.59 -8.53
C ALA D 5 23.37 -3.50 -8.64
N ILE D 6 24.05 -3.56 -7.48
CA ILE D 6 25.50 -3.58 -7.47
C ILE D 6 26.09 -4.93 -7.86
N THR D 7 25.28 -5.98 -7.91
CA THR D 7 25.81 -7.33 -7.93
C THR D 7 26.00 -7.88 -9.33
N VAL D 8 25.18 -7.48 -10.29
CA VAL D 8 25.23 -8.03 -11.64
C VAL D 8 26.01 -7.09 -12.56
N PHE D 9 26.64 -7.68 -13.56
CA PHE D 9 27.44 -6.95 -14.51
C PHE D 9 26.56 -6.32 -15.59
N SER D 10 27.21 -5.50 -16.42
CA SER D 10 26.58 -5.06 -17.64
C SER D 10 26.75 -6.16 -18.69
N PRO D 11 25.97 -6.12 -19.78
CA PRO D 11 26.22 -7.07 -20.87
C PRO D 11 27.52 -6.83 -21.61
N ASP D 12 28.09 -5.64 -21.52
CA ASP D 12 29.43 -5.39 -22.03
C ASP D 12 30.47 -5.32 -20.91
N GLY D 13 30.15 -5.83 -19.74
CA GLY D 13 31.19 -6.06 -18.74
C GLY D 13 31.49 -4.87 -17.85
N HIS D 14 30.47 -4.24 -17.30
CA HIS D 14 30.67 -3.11 -16.41
C HIS D 14 29.85 -3.26 -15.16
N LEU D 15 30.22 -2.48 -14.15
CA LEU D 15 29.44 -2.29 -12.94
C LEU D 15 28.95 -0.86 -12.91
N PHE D 16 27.64 -0.68 -12.87
CA PHE D 16 27.07 0.65 -13.01
C PHE D 16 27.31 1.49 -11.76
N GLN D 17 27.05 0.92 -10.59
CA GLN D 17 27.16 1.68 -9.36
C GLN D 17 28.61 1.96 -8.98
N VAL D 18 29.54 1.12 -9.41
CA VAL D 18 30.95 1.45 -9.24
C VAL D 18 31.31 2.65 -10.08
N GLU D 19 30.88 2.65 -11.34
CA GLU D 19 31.11 3.79 -12.21
C GLU D 19 30.30 5.00 -11.79
N TYR D 20 29.10 4.79 -11.24
CA TYR D 20 28.26 5.93 -10.91
C TYR D 20 28.61 6.55 -9.57
N ALA D 21 29.15 5.78 -8.64
CA ALA D 21 29.47 6.30 -7.32
C ALA D 21 30.67 7.24 -7.37
N GLN D 22 31.51 7.14 -8.40
CA GLN D 22 32.58 8.09 -8.57
C GLN D 22 32.08 9.46 -8.98
N GLU D 23 30.87 9.54 -9.53
CA GLU D 23 30.34 10.84 -9.93
C GLU D 23 30.00 11.70 -8.73
N ALA D 24 29.59 11.09 -7.62
CA ALA D 24 29.36 11.84 -6.41
C ALA D 24 30.65 12.46 -5.89
N VAL D 25 31.76 11.75 -6.03
CA VAL D 25 33.06 12.32 -5.73
C VAL D 25 33.41 13.41 -6.73
N LYS D 26 33.12 13.16 -8.01
CA LYS D 26 33.47 14.10 -9.08
C LYS D 26 32.66 15.37 -9.04
N LYS D 27 31.55 15.38 -8.30
CA LYS D 27 30.80 16.61 -8.09
C LYS D 27 31.08 17.18 -6.70
N GLY D 28 32.19 16.77 -6.10
CA GLY D 28 32.41 17.13 -4.71
C GLY D 28 33.42 18.25 -4.57
N SER D 29 33.76 18.59 -3.34
CA SER D 29 34.67 19.71 -3.13
C SER D 29 36.09 19.32 -3.51
N THR D 30 36.86 20.33 -3.90
CA THR D 30 38.18 20.09 -4.43
C THR D 30 39.19 20.13 -3.32
N ALA D 31 40.10 19.17 -3.33
CA ALA D 31 41.15 19.10 -2.33
C ALA D 31 42.39 18.55 -2.99
N VAL D 32 43.48 19.29 -2.89
CA VAL D 32 44.70 18.91 -3.57
C VAL D 32 45.72 18.48 -2.53
N GLY D 33 46.79 17.88 -3.01
CA GLY D 33 47.84 17.40 -2.14
C GLY D 33 49.07 17.06 -2.95
N VAL D 34 50.21 17.59 -2.51
CA VAL D 34 51.49 17.34 -3.14
C VAL D 34 52.43 16.85 -2.07
N ARG D 35 53.54 16.27 -2.50
CA ARG D 35 54.62 15.95 -1.59
C ARG D 35 55.86 16.77 -1.93
N GLY D 36 56.46 17.34 -0.90
CA GLY D 36 57.77 17.92 -1.01
C GLY D 36 58.83 16.85 -0.89
N ARG D 37 60.05 17.29 -0.64
CA ARG D 37 61.07 16.33 -0.29
C ARG D 37 61.11 16.11 1.22
N ASP D 38 60.84 17.15 1.99
CA ASP D 38 60.83 17.04 3.44
C ASP D 38 59.51 17.46 4.07
N ILE D 39 58.84 18.49 3.55
CA ILE D 39 57.60 18.97 4.11
C ILE D 39 56.49 18.68 3.13
N VAL D 40 55.46 17.98 3.58
CA VAL D 40 54.31 17.68 2.75
C VAL D 40 53.16 18.58 3.15
N VAL D 41 52.37 18.96 2.15
CA VAL D 41 51.37 20.00 2.35
C VAL D 41 50.19 19.71 1.44
N LEU D 42 49.01 20.13 1.89
CA LEU D 42 47.79 19.88 1.17
C LEU D 42 46.76 20.93 1.61
N GLY D 43 45.58 20.85 1.03
CA GLY D 43 44.53 21.78 1.40
C GLY D 43 43.27 21.51 0.62
N VAL D 44 42.16 22.01 1.17
CA VAL D 44 40.87 21.90 0.54
C VAL D 44 40.47 23.32 0.11
N GLU D 45 39.57 23.38 -0.86
CA GLU D 45 38.93 24.64 -1.23
C GLU D 45 37.46 24.61 -0.80
N LYS D 46 36.77 25.71 -1.09
CA LYS D 46 35.36 25.92 -0.79
C LYS D 46 35.06 25.76 0.70
N LYS D 47 35.65 26.67 1.49
CA LYS D 47 35.30 26.73 2.90
C LYS D 47 33.86 27.15 3.08
N SER D 48 33.40 28.13 2.29
CA SER D 48 31.99 28.49 2.11
C SER D 48 31.32 28.90 3.41
N VAL D 49 31.90 29.89 4.07
CA VAL D 49 31.40 30.33 5.37
C VAL D 49 30.10 31.10 5.16
N ALA D 50 29.01 30.58 5.72
CA ALA D 50 27.68 31.17 5.54
C ALA D 50 27.29 32.12 6.67
N LYS D 51 28.23 32.92 7.17
CA LYS D 51 28.03 34.23 7.79
C LYS D 51 27.42 34.18 9.20
N LEU D 52 26.88 33.05 9.64
CA LEU D 52 26.19 33.06 10.91
C LEU D 52 26.52 31.87 11.81
N GLN D 53 27.48 31.02 11.44
CA GLN D 53 27.77 29.84 12.23
C GLN D 53 29.28 29.65 12.27
N ASP D 54 29.71 28.65 13.04
CA ASP D 54 31.11 28.29 13.15
C ASP D 54 31.45 27.23 12.11
N GLU D 55 32.73 27.13 11.79
CA GLU D 55 33.21 26.20 10.78
C GLU D 55 34.33 25.32 11.29
N ARG D 56 34.59 25.31 12.60
CA ARG D 56 35.60 24.41 13.14
C ARG D 56 35.14 22.95 13.15
N THR D 57 33.86 22.68 12.89
CA THR D 57 33.35 21.33 12.87
C THR D 57 33.36 20.73 11.47
N VAL D 58 33.51 21.55 10.45
CA VAL D 58 33.39 21.09 9.07
C VAL D 58 34.77 20.79 8.47
N ARG D 59 35.77 20.58 9.32
CA ARG D 59 37.14 20.43 8.87
C ARG D 59 37.33 19.12 8.12
N LYS D 60 37.72 19.22 6.85
CA LYS D 60 37.82 18.08 5.96
C LYS D 60 39.20 17.45 5.96
N ILE D 61 40.15 18.02 6.70
CA ILE D 61 41.51 17.51 6.78
C ILE D 61 41.76 17.12 8.23
N CYS D 62 42.02 15.84 8.45
CA CYS D 62 42.32 15.41 9.82
C CYS D 62 43.47 14.42 9.82
N ALA D 63 43.63 13.73 10.94
CA ALA D 63 44.71 12.78 11.09
C ALA D 63 44.21 11.56 11.84
N LEU D 64 44.85 10.43 11.56
CA LEU D 64 44.61 9.21 12.31
C LEU D 64 45.68 9.00 13.36
N ASP D 65 46.90 9.36 13.02
CA ASP D 65 48.09 9.28 13.85
C ASP D 65 48.78 10.63 13.73
N ASP D 66 49.91 10.78 14.39
CA ASP D 66 50.70 12.00 14.24
C ASP D 66 51.53 12.00 12.97
N ASN D 67 51.56 10.89 12.25
CA ASN D 67 52.39 10.71 11.07
C ASN D 67 51.61 10.70 9.77
N VAL D 68 50.29 10.59 9.82
CA VAL D 68 49.48 10.45 8.63
C VAL D 68 48.44 11.57 8.62
N CYS D 69 48.03 11.98 7.41
CA CYS D 69 47.10 13.08 7.24
C CYS D 69 46.01 12.66 6.26
N MET D 70 44.85 13.29 6.41
CA MET D 70 43.65 12.91 5.67
C MET D 70 43.17 14.03 4.77
N ALA D 71 42.36 13.61 3.79
CA ALA D 71 41.51 14.44 2.95
C ALA D 71 40.54 13.48 2.30
N PHE D 72 39.51 14.02 1.66
CA PHE D 72 38.51 13.18 1.00
C PHE D 72 37.77 14.03 -0.03
N ALA D 73 36.81 13.40 -0.68
CA ALA D 73 35.83 14.10 -1.50
C ALA D 73 34.52 13.32 -1.43
N GLY D 74 33.57 13.70 -2.27
CA GLY D 74 32.26 13.10 -2.18
C GLY D 74 31.49 13.62 -0.97
N LEU D 75 30.68 12.74 -0.40
CA LEU D 75 29.81 13.12 0.70
C LEU D 75 30.53 12.95 2.03
N THR D 76 30.12 13.74 3.01
CA THR D 76 30.88 13.86 4.24
C THR D 76 30.65 12.72 5.22
N ALA D 77 29.48 12.08 5.18
CA ALA D 77 29.13 11.10 6.19
C ALA D 77 29.97 9.83 6.04
N ASP D 78 30.16 9.38 4.80
CA ASP D 78 31.01 8.22 4.56
C ASP D 78 32.45 8.50 4.99
N ALA D 79 32.92 9.74 4.79
CA ALA D 79 34.24 10.13 5.26
C ALA D 79 34.31 10.09 6.78
N ARG D 80 33.23 10.52 7.45
CA ARG D 80 33.18 10.47 8.91
C ARG D 80 33.31 9.05 9.43
N ILE D 81 32.52 8.13 8.86
CA ILE D 81 32.53 6.73 9.29
C ILE D 81 33.87 6.06 8.97
N VAL D 82 34.40 6.30 7.77
CA VAL D 82 35.64 5.66 7.35
C VAL D 82 36.81 6.14 8.20
N ILE D 83 36.86 7.44 8.51
CA ILE D 83 37.93 7.95 9.35
C ILE D 83 37.78 7.48 10.79
N ASN D 84 36.54 7.44 11.31
CA ASN D 84 36.33 6.96 12.67
C ASN D 84 36.71 5.48 12.80
N ARG D 85 36.49 4.71 11.74
CA ARG D 85 36.96 3.33 11.72
C ARG D 85 38.48 3.28 11.59
N ALA D 86 39.05 4.19 10.82
CA ALA D 86 40.46 4.11 10.50
C ALA D 86 41.33 4.52 11.68
N ARG D 87 40.81 5.40 12.54
CA ARG D 87 41.50 5.74 13.78
C ARG D 87 41.66 4.50 14.65
N VAL D 88 40.57 3.74 14.79
CA VAL D 88 40.59 2.53 15.61
C VAL D 88 41.47 1.47 14.95
N GLU D 89 41.48 1.43 13.62
CA GLU D 89 42.40 0.52 12.94
C GLU D 89 43.86 0.90 13.17
N CYS D 90 44.18 2.20 13.08
CA CYS D 90 45.52 2.68 13.36
C CYS D 90 45.93 2.35 14.78
N GLN D 91 45.00 2.50 15.71
CA GLN D 91 45.32 2.26 17.10
C GLN D 91 45.40 0.77 17.40
N SER D 92 44.62 -0.04 16.69
CA SER D 92 44.75 -1.49 16.83
C SER D 92 46.05 -1.98 16.24
N HIS D 93 46.49 -1.37 15.15
CA HIS D 93 47.80 -1.67 14.58
C HIS D 93 48.91 -1.28 15.54
N ARG D 94 48.77 -0.13 16.19
CA ARG D 94 49.69 0.27 17.23
C ARG D 94 49.66 -0.68 18.43
N LEU D 95 48.49 -1.24 18.73
CA LEU D 95 48.37 -2.23 19.80
C LEU D 95 49.09 -3.53 19.42
N THR D 96 49.15 -3.82 18.12
CA THR D 96 50.06 -4.81 17.55
C THR D 96 51.44 -4.20 17.43
N VAL D 97 52.20 -4.65 16.42
CA VAL D 97 53.56 -4.25 16.09
C VAL D 97 53.82 -2.75 16.28
N GLU D 98 54.88 -2.44 17.02
CA GLU D 98 55.03 -1.16 17.70
C GLU D 98 55.61 -0.06 16.83
N ASP D 99 55.54 -0.21 15.53
CA ASP D 99 56.02 0.80 14.62
C ASP D 99 55.03 1.96 14.54
N PRO D 100 55.47 3.13 14.10
CA PRO D 100 54.52 4.09 13.56
C PRO D 100 53.88 3.48 12.32
N VAL D 101 52.59 3.74 12.15
CA VAL D 101 51.82 3.05 11.13
C VAL D 101 52.24 3.52 9.74
N THR D 102 52.61 2.57 8.89
CA THR D 102 52.95 2.89 7.52
C THR D 102 51.71 3.34 6.78
N VAL D 103 51.90 4.26 5.83
CA VAL D 103 50.81 4.75 5.01
C VAL D 103 50.26 3.64 4.11
N GLU D 104 51.12 2.71 3.70
CA GLU D 104 50.72 1.68 2.75
C GLU D 104 49.75 0.70 3.38
N TYR D 105 50.00 0.31 4.63
CA TYR D 105 49.14 -0.65 5.31
C TYR D 105 47.76 -0.06 5.59
N ILE D 106 47.71 1.21 6.01
CA ILE D 106 46.41 1.79 6.32
C ILE D 106 45.63 2.09 5.05
N THR D 107 46.32 2.38 3.94
CA THR D 107 45.60 2.52 2.68
C THR D 107 45.07 1.18 2.19
N ARG D 108 45.84 0.11 2.37
CA ARG D 108 45.34 -1.23 2.05
C ARG D 108 44.13 -1.58 2.91
N TYR D 109 44.16 -1.16 4.19
CA TYR D 109 43.00 -1.39 5.06
C TYR D 109 41.78 -0.65 4.55
N ILE D 110 41.92 0.63 4.26
CA ILE D 110 40.76 1.45 3.93
C ILE D 110 40.18 1.03 2.59
N ALA D 111 41.04 0.82 1.60
CA ALA D 111 40.55 0.38 0.30
C ALA D 111 40.00 -1.04 0.35
N SER D 112 40.59 -1.90 1.20
CA SER D 112 40.10 -3.26 1.32
C SER D 112 38.75 -3.31 1.99
N LEU D 113 38.58 -2.53 3.07
CA LEU D 113 37.29 -2.41 3.74
C LEU D 113 36.25 -1.85 2.80
N LYS D 114 36.62 -0.86 2.01
CA LYS D 114 35.70 -0.24 1.07
C LYS D 114 35.28 -1.26 0.00
N GLN D 115 36.21 -2.10 -0.44
CA GLN D 115 35.89 -3.07 -1.46
C GLN D 115 35.05 -4.22 -0.94
N ARG D 116 35.44 -4.83 0.19
CA ARG D 116 34.64 -5.91 0.73
C ARG D 116 33.35 -5.42 1.33
N TYR D 117 33.25 -4.13 1.58
CA TYR D 117 32.00 -3.47 1.85
C TYR D 117 31.15 -3.38 0.58
N THR D 118 31.80 -3.16 -0.56
CA THR D 118 31.06 -3.05 -1.81
C THR D 118 30.54 -4.40 -2.29
N GLN D 119 31.34 -5.46 -2.08
CA GLN D 119 31.01 -6.77 -2.64
C GLN D 119 29.80 -7.39 -2.00
N SER D 120 29.43 -6.94 -0.81
CA SER D 120 28.40 -7.57 0.00
C SER D 120 27.02 -7.26 -0.57
N ASN D 121 25.99 -7.66 0.17
CA ASN D 121 24.63 -7.73 -0.36
C ASN D 121 23.91 -6.42 -0.07
N GLY D 122 23.88 -5.51 -1.04
CA GLY D 122 23.02 -4.35 -0.91
C GLY D 122 23.50 -3.26 0.02
N ARG D 123 24.81 -3.16 0.22
CA ARG D 123 25.38 -2.07 1.00
C ARG D 123 25.84 -0.96 0.05
N ARG D 124 25.32 0.25 0.26
CA ARG D 124 25.66 1.38 -0.60
C ARG D 124 27.12 1.75 -0.42
N PRO D 125 27.95 1.70 -1.47
CA PRO D 125 29.38 1.92 -1.31
C PRO D 125 29.71 3.35 -0.92
N PHE D 126 30.82 3.51 -0.21
CA PHE D 126 31.20 4.82 0.28
C PHE D 126 31.66 5.67 -0.88
N GLY D 127 30.86 6.67 -1.24
CA GLY D 127 31.19 7.52 -2.37
C GLY D 127 32.18 8.59 -2.00
N ILE D 128 33.38 8.18 -1.57
CA ILE D 128 34.45 9.09 -1.21
C ILE D 128 35.72 8.63 -1.94
N SER D 129 36.74 9.45 -1.86
CA SER D 129 38.07 9.10 -2.36
C SER D 129 39.06 9.85 -1.50
N ALA D 130 39.80 9.13 -0.68
CA ALA D 130 40.60 9.75 0.35
C ALA D 130 42.01 10.07 -0.15
N LEU D 131 42.65 11.01 0.53
CA LEU D 131 44.04 11.35 0.27
C LEU D 131 44.82 11.10 1.56
N ILE D 132 45.82 10.26 1.48
CA ILE D 132 46.44 9.68 2.65
C ILE D 132 47.92 10.00 2.56
N VAL D 133 48.36 11.01 3.31
CA VAL D 133 49.69 11.56 3.15
C VAL D 133 50.50 11.26 4.41
N GLY D 134 51.72 10.76 4.22
CA GLY D 134 52.60 10.51 5.33
C GLY D 134 54.03 10.33 4.87
N PHE D 135 54.95 10.50 5.81
CA PHE D 135 56.37 10.31 5.56
C PHE D 135 56.93 9.58 6.77
N ASP D 136 57.13 8.28 6.63
CA ASP D 136 57.40 7.40 7.76
C ASP D 136 58.81 6.82 7.68
N PHE D 137 59.14 6.14 6.61
CA PHE D 137 60.40 5.42 6.50
C PHE D 137 61.51 6.41 6.19
N ASP D 138 62.21 6.83 7.24
CA ASP D 138 63.28 7.84 7.21
C ASP D 138 62.78 9.14 6.59
N GLY D 139 61.51 9.48 6.82
CA GLY D 139 60.91 10.65 6.21
C GLY D 139 60.77 10.56 4.72
N THR D 140 60.34 9.42 4.20
CA THR D 140 60.09 9.30 2.77
C THR D 140 58.67 9.75 2.48
N PRO D 141 58.46 10.86 1.78
CA PRO D 141 57.10 11.40 1.60
C PRO D 141 56.28 10.52 0.67
N ARG D 142 55.11 10.12 1.15
CA ARG D 142 54.21 9.30 0.37
C ARG D 142 52.81 9.87 0.46
N LEU D 143 52.08 9.75 -0.64
CA LEU D 143 50.68 10.10 -0.63
C LEU D 143 49.98 9.15 -1.60
N TYR D 144 48.95 8.49 -1.11
CA TYR D 144 48.17 7.58 -1.94
C TYR D 144 46.76 8.13 -2.00
N GLN D 145 46.03 7.73 -3.01
CA GLN D 145 44.63 8.08 -3.10
C GLN D 145 43.80 6.80 -3.14
N THR D 146 42.51 6.95 -2.90
CA THR D 146 41.61 5.81 -2.92
C THR D 146 40.61 5.99 -4.04
N ASP D 147 39.63 5.10 -4.08
CA ASP D 147 38.64 5.03 -5.13
C ASP D 147 37.41 4.39 -4.51
N PRO D 148 36.20 4.71 -5.01
CA PRO D 148 35.03 3.97 -4.56
C PRO D 148 35.05 2.49 -4.86
N SER D 149 35.76 2.06 -5.90
CA SER D 149 35.99 0.63 -6.07
C SER D 149 36.94 0.11 -4.99
N GLY D 150 37.87 0.95 -4.55
CA GLY D 150 38.78 0.53 -3.50
C GLY D 150 40.15 0.19 -4.03
N THR D 151 40.69 1.06 -4.87
CA THR D 151 42.02 0.86 -5.45
C THR D 151 42.94 1.98 -4.97
N TYR D 152 43.87 1.63 -4.10
CA TYR D 152 44.93 2.57 -3.73
C TYR D 152 45.90 2.73 -4.89
N HIS D 153 46.35 3.96 -5.09
CA HIS D 153 46.99 4.32 -6.36
C HIS D 153 47.95 5.47 -6.08
N ALA D 154 49.24 5.14 -6.02
CA ALA D 154 50.25 6.07 -5.50
C ALA D 154 50.60 7.15 -6.51
N TRP D 155 50.54 8.39 -6.06
CA TRP D 155 50.87 9.55 -6.87
C TRP D 155 52.00 10.34 -6.24
N LYS D 156 52.36 11.44 -6.93
CA LYS D 156 53.25 12.44 -6.40
C LYS D 156 52.55 13.75 -6.14
N ALA D 157 51.48 14.03 -6.89
CA ALA D 157 50.58 15.15 -6.62
C ALA D 157 49.19 14.67 -6.92
N ASN D 158 48.19 15.42 -6.45
CA ASN D 158 46.83 14.90 -6.55
C ASN D 158 45.86 16.08 -6.56
N ALA D 159 44.72 15.85 -7.20
CA ALA D 159 43.65 16.83 -7.31
C ALA D 159 42.36 16.09 -7.59
N ILE D 160 41.35 16.33 -6.75
CA ILE D 160 40.05 15.71 -6.88
C ILE D 160 38.97 16.76 -6.73
N GLY D 161 37.71 16.30 -6.72
CA GLY D 161 36.60 17.21 -6.61
C GLY D 161 36.15 17.78 -7.94
N ARG D 162 35.61 18.98 -7.90
CA ARG D 162 35.10 19.64 -9.10
C ARG D 162 36.25 20.10 -9.98
N GLY D 163 36.18 19.76 -11.27
CA GLY D 163 37.15 20.23 -12.24
C GLY D 163 38.54 19.71 -12.01
N ALA D 164 38.67 18.45 -11.57
CA ALA D 164 39.95 17.90 -11.17
C ALA D 164 40.92 17.73 -12.35
N LYS D 165 40.40 17.59 -13.57
CA LYS D 165 41.25 17.49 -14.74
C LYS D 165 42.06 18.76 -14.97
N SER D 166 41.41 19.92 -14.87
CA SER D 166 42.10 21.19 -15.04
C SER D 166 43.09 21.46 -13.92
N VAL D 167 42.70 21.12 -12.69
CA VAL D 167 43.55 21.37 -11.54
C VAL D 167 44.77 20.46 -11.57
N ARG D 168 44.58 19.20 -11.98
CA ARG D 168 45.71 18.31 -12.18
C ARG D 168 46.54 18.73 -13.39
N GLU D 169 45.90 19.32 -14.40
CA GLU D 169 46.61 19.78 -15.59
C GLU D 169 47.52 20.96 -15.26
N PHE D 170 47.16 21.75 -14.24
CA PHE D 170 48.06 22.80 -13.80
C PHE D 170 49.32 22.21 -13.17
N LEU D 171 49.18 21.10 -12.45
CA LEU D 171 50.35 20.48 -11.85
C LEU D 171 51.23 19.80 -12.89
N GLU D 172 50.65 19.43 -14.03
CA GLU D 172 51.44 18.95 -15.16
C GLU D 172 52.36 20.04 -15.67
N LYS D 173 51.85 21.26 -15.80
CA LYS D 173 52.63 22.39 -16.26
C LYS D 173 53.40 23.08 -15.15
N ASN D 174 53.25 22.63 -13.91
CA ASN D 174 53.92 23.28 -12.79
C ASN D 174 55.04 22.41 -12.24
N TYR D 175 54.76 21.12 -12.05
CA TYR D 175 55.61 20.17 -11.35
C TYR D 175 56.85 19.78 -12.14
N THR D 176 57.85 20.67 -12.17
CA THR D 176 59.18 20.28 -12.65
C THR D 176 59.93 19.52 -11.55
N ASP D 177 61.18 19.17 -11.86
CA ASP D 177 61.98 18.35 -10.95
C ASP D 177 62.34 19.09 -9.68
N GLU D 178 62.78 20.35 -9.79
CA GLU D 178 63.36 21.06 -8.65
C GLU D 178 62.31 21.78 -7.83
N ALA D 179 61.28 21.04 -7.43
CA ALA D 179 60.24 21.63 -6.59
C ALA D 179 60.73 21.79 -5.15
N ILE D 180 61.37 20.77 -4.60
CA ILE D 180 61.55 20.67 -3.16
C ILE D 180 62.71 19.72 -2.86
N GLU D 181 63.45 19.93 -1.76
CA GLU D 181 63.26 21.03 -0.81
C GLU D 181 64.48 21.96 -0.65
N THR D 182 64.37 23.30 -0.75
CA THR D 182 63.29 24.18 -1.26
C THR D 182 61.88 24.13 -0.68
N ASP D 183 61.76 24.27 0.64
CA ASP D 183 60.44 24.27 1.26
C ASP D 183 59.63 25.49 0.86
N ASP D 184 60.28 26.63 0.71
CA ASP D 184 59.60 27.85 0.28
C ASP D 184 58.97 27.68 -1.10
N LEU D 185 59.63 26.94 -1.99
CA LEU D 185 59.06 26.70 -3.30
C LEU D 185 57.91 25.72 -3.23
N THR D 186 57.94 24.78 -2.29
CA THR D 186 56.78 23.92 -2.07
C THR D 186 55.61 24.73 -1.50
N ILE D 187 55.91 25.72 -0.65
CA ILE D 187 54.89 26.63 -0.13
C ILE D 187 54.24 27.42 -1.28
N LYS D 188 55.08 27.99 -2.15
CA LYS D 188 54.57 28.71 -3.30
C LYS D 188 53.88 27.78 -4.30
N LEU D 189 54.24 26.50 -4.29
CA LEU D 189 53.58 25.52 -5.15
C LEU D 189 52.16 25.27 -4.68
N VAL D 190 51.98 25.13 -3.36
CA VAL D 190 50.64 25.03 -2.80
C VAL D 190 49.85 26.31 -3.06
N ILE D 191 50.53 27.45 -2.98
CA ILE D 191 49.88 28.74 -3.22
C ILE D 191 49.45 28.88 -4.68
N LYS D 192 50.27 28.38 -5.61
CA LYS D 192 49.93 28.43 -7.02
C LYS D 192 48.82 27.45 -7.35
N ALA D 193 48.77 26.33 -6.63
CA ALA D 193 47.64 25.41 -6.78
C ALA D 193 46.35 26.05 -6.30
N LEU D 194 46.41 26.77 -5.19
CA LEU D 194 45.22 27.46 -4.67
C LEU D 194 44.82 28.62 -5.57
N LEU D 195 45.78 29.26 -6.22
CA LEU D 195 45.47 30.30 -7.19
C LEU D 195 44.90 29.69 -8.47
N GLU D 196 45.32 28.48 -8.80
CA GLU D 196 44.80 27.77 -9.96
C GLU D 196 43.54 26.99 -9.66
N VAL D 197 42.93 27.20 -8.49
CA VAL D 197 41.72 26.50 -8.09
C VAL D 197 40.54 27.01 -8.91
N VAL D 198 39.43 26.28 -8.86
CA VAL D 198 38.29 26.54 -9.74
C VAL D 198 37.62 27.88 -9.42
N GLN D 199 37.70 28.32 -8.16
CA GLN D 199 37.19 29.64 -7.84
C GLN D 199 38.29 30.59 -7.37
N SER D 200 39.19 30.12 -6.50
CA SER D 200 40.33 30.89 -5.98
C SER D 200 39.88 32.21 -5.37
N GLY D 201 38.92 32.10 -4.45
CA GLY D 201 38.32 33.28 -3.84
C GLY D 201 39.24 34.05 -2.92
N GLY D 202 40.31 33.42 -2.43
CA GLY D 202 41.32 34.07 -1.64
C GLY D 202 41.13 33.93 -0.15
N LYS D 203 39.88 33.92 0.32
CA LYS D 203 39.59 33.72 1.73
C LYS D 203 38.97 32.36 2.03
N ASN D 204 38.47 31.67 1.01
CA ASN D 204 37.89 30.35 1.15
C ASN D 204 38.94 29.24 1.04
N ILE D 205 40.21 29.60 1.10
CA ILE D 205 41.29 28.66 0.98
C ILE D 205 41.69 28.20 2.38
N GLU D 206 41.79 26.88 2.57
CA GLU D 206 42.18 26.31 3.83
C GLU D 206 43.20 25.22 3.57
N LEU D 207 44.43 25.42 4.08
CA LEU D 207 45.54 24.52 3.77
C LEU D 207 46.25 24.12 5.06
N ALA D 208 46.77 22.90 5.07
CA ALA D 208 47.42 22.34 6.24
C ALA D 208 48.71 21.65 5.81
N VAL D 209 49.73 21.71 6.66
CA VAL D 209 51.07 21.31 6.29
C VAL D 209 51.56 20.22 7.24
N MET D 210 52.63 19.54 6.82
CA MET D 210 53.34 18.59 7.65
C MET D 210 54.80 18.53 7.22
N ARG D 211 55.71 18.79 8.14
CA ARG D 211 57.14 18.79 7.85
C ARG D 211 57.78 17.43 8.09
N ARG D 212 56.99 16.35 8.01
CA ARG D 212 57.35 14.93 8.17
C ARG D 212 57.80 14.56 9.57
N ASP D 213 57.96 15.52 10.48
CA ASP D 213 58.40 15.25 11.84
C ASP D 213 57.55 15.96 12.87
N GLN D 214 56.92 17.07 12.51
CA GLN D 214 56.16 17.90 13.41
C GLN D 214 54.72 17.43 13.47
N SER D 215 53.81 18.31 13.86
CA SER D 215 52.39 18.02 13.89
C SER D 215 51.71 18.71 12.71
N LEU D 216 50.39 18.57 12.63
CA LEU D 216 49.64 19.27 11.60
C LEU D 216 49.48 20.73 11.99
N LYS D 217 49.78 21.63 11.06
CA LYS D 217 49.76 23.06 11.32
C LYS D 217 48.72 23.70 10.42
N ILE D 218 47.74 24.34 11.03
CA ILE D 218 46.75 25.12 10.29
C ILE D 218 47.26 26.54 10.18
N LEU D 219 47.25 27.08 8.98
CA LEU D 219 47.91 28.36 8.72
C LEU D 219 46.97 29.50 9.07
N ASN D 220 47.31 30.70 8.61
CA ASN D 220 46.60 31.91 8.98
C ASN D 220 46.30 32.73 7.73
N PRO D 221 45.09 33.34 7.63
CA PRO D 221 44.68 34.08 6.43
C PRO D 221 45.29 35.48 6.28
N GLU D 222 46.55 35.60 6.67
CA GLU D 222 47.40 36.75 6.41
C GLU D 222 48.71 36.35 5.77
N GLU D 223 49.22 35.18 6.15
CA GLU D 223 50.35 34.58 5.44
C GLU D 223 49.96 34.24 4.02
N ILE D 224 48.74 33.73 3.83
CA ILE D 224 48.25 33.37 2.51
C ILE D 224 47.98 34.60 1.67
N GLU D 225 47.60 35.71 2.31
CA GLU D 225 47.46 36.96 1.57
C GLU D 225 48.80 37.46 1.07
N LYS D 226 49.86 37.27 1.86
CA LYS D 226 51.21 37.57 1.41
C LYS D 226 51.63 36.65 0.28
N TYR D 227 51.16 35.42 0.31
CA TYR D 227 51.50 34.46 -0.75
C TYR D 227 50.81 34.83 -2.06
N VAL D 228 49.55 35.25 -1.97
CA VAL D 228 48.85 35.73 -3.16
C VAL D 228 49.45 37.03 -3.66
N ALA D 229 49.95 37.87 -2.75
CA ALA D 229 50.59 39.12 -3.14
C ALA D 229 51.90 38.87 -3.87
N GLU D 230 52.71 37.92 -3.39
CA GLU D 230 53.96 37.63 -4.08
C GLU D 230 53.72 36.82 -5.35
N ILE D 231 52.62 36.07 -5.43
CA ILE D 231 52.27 35.40 -6.68
C ILE D 231 51.83 36.41 -7.73
N GLU D 232 51.06 37.42 -7.32
CA GLU D 232 50.72 38.50 -8.24
C GLU D 232 51.95 39.33 -8.61
N LYS D 233 52.90 39.45 -7.69
CA LYS D 233 54.18 40.08 -8.01
C LYS D 233 54.93 39.29 -9.06
N GLU D 234 54.92 37.96 -8.96
CA GLU D 234 55.54 37.12 -9.98
C GLU D 234 54.83 37.23 -11.32
N LYS D 235 53.50 37.37 -11.29
CA LYS D 235 52.75 37.59 -12.53
C LYS D 235 53.08 38.93 -13.16
N GLU D 236 53.32 39.95 -12.33
CA GLU D 236 53.72 41.26 -12.85
C GLU D 236 55.15 41.23 -13.40
N GLU D 237 56.01 40.45 -12.75
CA GLU D 237 57.38 40.28 -13.23
C GLU D 237 57.45 39.46 -14.51
N ASN D 238 56.45 38.59 -14.74
CA ASN D 238 56.32 37.94 -16.03
C ASN D 238 56.04 38.95 -17.14
N GLU D 239 55.33 40.03 -16.82
CA GLU D 239 55.14 41.13 -17.76
C GLU D 239 56.42 41.94 -17.91
N TYR E 1 15.90 -9.85 -18.38
CA TYR E 1 16.04 -11.28 -18.24
C TYR E 1 17.53 -11.55 -18.05
N ASP E 2 17.84 -12.75 -17.55
CA ASP E 2 19.16 -13.31 -17.24
C ASP E 2 19.82 -12.68 -16.01
N ARG E 3 19.40 -11.47 -15.59
CA ARG E 3 18.88 -11.15 -14.26
C ARG E 3 19.26 -12.12 -13.13
N GLY E 4 20.55 -12.27 -12.83
CA GLY E 4 20.89 -13.09 -11.67
C GLY E 4 21.53 -14.43 -11.95
N VAL E 5 22.30 -14.90 -10.95
CA VAL E 5 23.11 -16.11 -11.07
C VAL E 5 22.33 -17.40 -10.86
N ASN E 6 21.02 -17.33 -10.62
CA ASN E 6 20.28 -18.48 -10.16
C ASN E 6 19.25 -18.88 -11.20
N THR E 7 19.64 -18.78 -12.47
CA THR E 7 18.70 -18.97 -13.57
C THR E 7 19.51 -19.34 -14.80
N PHE E 8 19.20 -20.47 -15.41
CA PHE E 8 19.89 -20.87 -16.62
C PHE E 8 19.33 -20.11 -17.82
N SER E 9 19.87 -20.40 -18.98
CA SER E 9 19.35 -19.94 -20.24
C SER E 9 18.53 -21.05 -20.86
N PRO E 10 17.65 -20.75 -21.80
CA PRO E 10 17.01 -21.83 -22.55
C PRO E 10 17.96 -22.69 -23.37
N GLU E 11 19.13 -22.18 -23.72
CA GLU E 11 20.12 -22.96 -24.47
C GLU E 11 21.25 -23.48 -23.59
N GLY E 12 21.82 -22.62 -22.77
CA GLY E 12 22.83 -22.95 -21.78
C GLY E 12 22.36 -22.36 -20.46
N ARG E 13 23.03 -21.39 -19.81
CA ARG E 13 24.46 -21.06 -19.58
C ARG E 13 24.34 -19.78 -18.78
N LEU E 14 25.42 -19.35 -18.15
CA LEU E 14 25.48 -18.06 -17.49
C LEU E 14 26.40 -17.17 -18.31
N PHE E 15 25.97 -15.99 -18.81
CA PHE E 15 24.81 -15.05 -18.62
C PHE E 15 24.86 -14.36 -17.27
N GLN E 16 25.84 -14.76 -16.46
CA GLN E 16 26.61 -13.92 -15.55
C GLN E 16 28.09 -14.19 -15.71
N VAL E 17 28.43 -15.46 -15.88
CA VAL E 17 29.79 -15.85 -16.22
C VAL E 17 30.19 -15.26 -17.57
N GLU E 18 29.24 -15.17 -18.50
CA GLU E 18 29.52 -14.59 -19.81
C GLU E 18 29.86 -13.12 -19.70
N TYR E 19 29.20 -12.42 -18.79
CA TYR E 19 29.52 -11.02 -18.65
C TYR E 19 30.81 -10.83 -17.88
N ALA E 20 31.19 -11.82 -17.06
CA ALA E 20 32.52 -11.78 -16.46
C ALA E 20 33.62 -12.02 -17.50
N ILE E 21 33.37 -12.93 -18.44
CA ILE E 21 34.32 -13.16 -19.54
C ILE E 21 34.39 -11.92 -20.42
N GLU E 22 33.26 -11.22 -20.56
CA GLU E 22 33.27 -9.94 -21.27
C GLU E 22 34.04 -8.90 -20.49
N ALA E 23 33.94 -8.93 -19.17
CA ALA E 23 34.69 -8.03 -18.30
C ALA E 23 36.16 -8.41 -18.16
N ILE E 24 36.59 -9.51 -18.77
CA ILE E 24 38.03 -9.71 -18.93
C ILE E 24 38.60 -8.64 -19.87
N LYS E 25 37.84 -8.31 -20.92
CA LYS E 25 38.35 -7.67 -22.12
C LYS E 25 38.87 -6.26 -21.89
N LEU E 26 38.30 -5.54 -20.92
CA LEU E 26 38.63 -4.15 -20.62
C LEU E 26 40.05 -3.93 -20.13
N GLY E 27 40.71 -4.97 -19.63
CA GLY E 27 42.00 -4.79 -18.97
C GLY E 27 43.14 -4.63 -19.94
N SER E 28 44.30 -4.32 -19.37
CA SER E 28 45.51 -4.25 -20.17
C SER E 28 46.03 -5.66 -20.43
N THR E 29 46.85 -5.77 -21.46
CA THR E 29 47.28 -7.07 -21.90
C THR E 29 48.46 -7.57 -21.07
N ALA E 30 48.74 -8.86 -21.21
CA ALA E 30 49.87 -9.52 -20.57
C ALA E 30 50.13 -10.81 -21.32
N ILE E 31 51.41 -11.18 -21.41
CA ILE E 31 51.82 -12.36 -22.18
C ILE E 31 52.84 -13.12 -21.37
N GLY E 32 52.62 -14.41 -21.19
CA GLY E 32 53.62 -15.31 -20.64
C GLY E 32 53.84 -16.47 -21.59
N ILE E 33 55.07 -16.96 -21.62
CA ILE E 33 55.48 -18.04 -22.53
C ILE E 33 56.25 -19.07 -21.72
N GLN E 34 55.82 -20.32 -21.76
CA GLN E 34 56.55 -21.35 -21.06
C GLN E 34 57.69 -21.86 -21.93
N THR E 35 58.88 -21.82 -21.39
CA THR E 35 60.08 -22.36 -22.02
C THR E 35 60.71 -23.27 -20.98
N SER E 36 61.24 -24.41 -21.41
CA SER E 36 61.86 -25.36 -20.48
C SER E 36 63.07 -24.77 -19.78
N GLU E 37 63.72 -23.77 -20.38
CA GLU E 37 64.74 -22.99 -19.69
C GLU E 37 64.15 -22.21 -18.52
N GLY E 38 62.91 -21.79 -18.66
CA GLY E 38 62.22 -21.05 -17.61
C GLY E 38 61.08 -20.27 -18.20
N VAL E 39 60.19 -19.82 -17.32
CA VAL E 39 58.98 -19.13 -17.74
C VAL E 39 59.26 -17.64 -17.79
N CYS E 40 59.06 -17.05 -18.95
CA CYS E 40 59.10 -15.60 -19.11
C CYS E 40 57.67 -15.07 -19.17
N LEU E 41 57.52 -13.80 -18.83
CA LEU E 41 56.19 -13.23 -18.66
C LEU E 41 56.30 -11.72 -18.81
N ALA E 42 55.23 -11.11 -19.30
CA ALA E 42 55.24 -9.69 -19.61
C ALA E 42 53.85 -9.11 -19.39
N VAL E 43 53.77 -7.79 -19.35
CA VAL E 43 52.52 -7.08 -19.09
C VAL E 43 52.69 -5.65 -19.60
N GLU E 44 51.57 -4.96 -19.81
CA GLU E 44 51.55 -3.53 -20.06
C GLU E 44 51.00 -2.82 -18.83
N LYS E 45 51.56 -1.65 -18.51
CA LYS E 45 51.11 -0.92 -17.33
C LYS E 45 49.99 0.07 -17.62
N ARG E 46 50.01 0.70 -18.79
CA ARG E 46 49.06 1.72 -19.24
C ARG E 46 49.01 2.90 -18.26
N ILE E 47 50.17 3.56 -18.17
CA ILE E 47 50.32 4.70 -17.28
C ILE E 47 49.52 5.89 -17.80
N THR E 48 48.76 6.53 -16.93
CA THR E 48 47.99 7.69 -17.35
C THR E 48 48.77 9.00 -17.17
N SER E 49 49.21 9.28 -15.95
CA SER E 49 49.84 10.56 -15.63
C SER E 49 51.31 10.38 -15.35
N PRO E 50 52.12 11.43 -15.50
CA PRO E 50 53.49 11.38 -14.96
C PRO E 50 53.51 11.38 -13.45
N LEU E 51 52.46 11.89 -12.80
CA LEU E 51 52.34 11.79 -11.35
C LEU E 51 52.11 10.35 -10.92
N MET E 52 51.54 9.53 -11.81
CA MET E 52 51.27 8.12 -11.57
C MET E 52 52.60 7.38 -11.48
N GLU E 53 52.97 6.99 -10.28
CA GLU E 53 54.27 6.39 -10.06
C GLU E 53 54.27 4.99 -10.63
N PRO E 54 55.20 4.66 -11.53
CA PRO E 54 55.07 3.41 -12.29
C PRO E 54 55.37 2.15 -11.49
N SER E 55 56.28 2.21 -10.53
CA SER E 55 56.59 1.02 -9.76
C SER E 55 55.55 0.70 -8.70
N SER E 56 54.54 1.56 -8.54
CA SER E 56 53.50 1.34 -7.56
C SER E 56 52.38 0.46 -8.06
N ILE E 57 52.05 0.54 -9.34
CA ILE E 57 51.02 -0.33 -9.90
C ILE E 57 51.59 -1.73 -10.03
N GLU E 58 50.94 -2.69 -9.38
CA GLU E 58 51.40 -4.06 -9.38
C GLU E 58 50.71 -4.85 -10.48
N LYS E 59 51.50 -5.55 -11.27
CA LYS E 59 50.99 -6.52 -12.22
C LYS E 59 51.57 -7.90 -12.00
N ILE E 60 52.89 -8.00 -11.87
CA ILE E 60 53.52 -9.21 -11.40
C ILE E 60 53.71 -9.10 -9.91
N VAL E 61 53.07 -9.99 -9.17
CA VAL E 61 53.28 -10.10 -7.74
C VAL E 61 53.95 -11.43 -7.47
N GLU E 62 54.45 -11.59 -6.25
CA GLU E 62 55.21 -12.75 -5.84
C GLU E 62 54.42 -13.54 -4.80
N ILE E 63 53.94 -14.70 -5.18
CA ILE E 63 53.21 -15.57 -4.26
C ILE E 63 54.16 -16.44 -3.47
N ASP E 64 55.05 -17.13 -4.17
CA ASP E 64 56.06 -17.96 -3.55
C ASP E 64 57.41 -17.51 -4.10
N ALA E 65 58.48 -18.07 -3.56
CA ALA E 65 59.83 -17.74 -4.01
C ALA E 65 60.11 -18.20 -5.43
N HIS E 66 59.28 -19.11 -5.97
CA HIS E 66 59.45 -19.55 -7.34
C HIS E 66 58.16 -19.45 -8.13
N ILE E 67 57.14 -18.75 -7.61
CA ILE E 67 55.84 -18.66 -8.25
C ILE E 67 55.50 -17.21 -8.48
N GLY E 68 55.28 -16.83 -9.74
CA GLY E 68 54.79 -15.52 -10.07
C GLY E 68 53.30 -15.52 -10.38
N CYS E 69 52.81 -14.34 -10.72
CA CYS E 69 51.41 -14.17 -11.10
C CYS E 69 51.27 -12.94 -11.98
N ALA E 70 50.12 -12.86 -12.66
CA ALA E 70 49.75 -11.67 -13.39
C ALA E 70 48.23 -11.57 -13.38
N MET E 71 47.73 -10.34 -13.33
CA MET E 71 46.30 -10.14 -13.15
C MET E 71 45.71 -9.43 -14.36
N SER E 72 44.40 -9.61 -14.55
CA SER E 72 43.74 -9.12 -15.76
C SER E 72 42.25 -8.85 -15.46
N GLY E 73 41.93 -7.60 -15.13
CA GLY E 73 40.55 -7.24 -14.94
C GLY E 73 40.32 -6.33 -13.75
N LEU E 74 39.41 -6.70 -12.85
CA LEU E 74 39.23 -5.91 -11.65
C LEU E 74 40.41 -6.11 -10.71
N ILE E 75 40.95 -5.01 -10.22
CA ILE E 75 42.19 -5.03 -9.45
C ILE E 75 41.96 -5.68 -8.10
N ALA E 76 40.83 -5.41 -7.48
CA ALA E 76 40.65 -5.76 -6.08
C ALA E 76 40.20 -7.19 -5.87
N ASP E 77 39.40 -7.74 -6.81
CA ASP E 77 39.17 -9.18 -6.82
C ASP E 77 40.48 -9.93 -6.96
N ALA E 78 41.36 -9.43 -7.83
CA ALA E 78 42.68 -10.00 -7.98
C ALA E 78 43.50 -9.88 -6.71
N LYS E 79 43.36 -8.76 -6.00
CA LYS E 79 44.10 -8.57 -4.74
C LYS E 79 43.62 -9.54 -3.68
N THR E 80 42.30 -9.78 -3.62
CA THR E 80 41.73 -10.76 -2.71
C THR E 80 42.25 -12.16 -3.03
N LEU E 81 42.28 -12.52 -4.31
CA LEU E 81 42.76 -13.84 -4.70
C LEU E 81 44.24 -14.02 -4.43
N ILE E 82 45.04 -12.97 -4.65
CA ILE E 82 46.46 -13.00 -4.33
C ILE E 82 46.65 -13.15 -2.82
N ASP E 83 45.84 -12.44 -2.03
CA ASP E 83 45.88 -12.54 -0.58
C ASP E 83 45.60 -13.98 -0.12
N LYS E 84 44.58 -14.60 -0.70
CA LYS E 84 44.22 -15.95 -0.31
C LYS E 84 45.30 -16.96 -0.72
N ALA E 85 45.89 -16.77 -1.90
CA ALA E 85 46.97 -17.65 -2.32
C ALA E 85 48.20 -17.49 -1.44
N ARG E 86 48.51 -16.24 -1.06
CA ARG E 86 49.62 -15.97 -0.14
C ARG E 86 49.39 -16.62 1.21
N VAL E 87 48.14 -16.68 1.66
CA VAL E 87 47.84 -17.42 2.88
C VAL E 87 48.06 -18.91 2.68
N GLU E 88 47.55 -19.44 1.56
CA GLU E 88 47.37 -20.89 1.43
C GLU E 88 48.68 -21.59 1.13
N THR E 89 49.49 -21.04 0.21
CA THR E 89 50.89 -21.43 0.04
C THR E 89 51.67 -21.58 1.34
N GLN E 90 51.50 -20.60 2.24
CA GLN E 90 52.25 -20.63 3.48
C GLN E 90 51.73 -21.75 4.38
N ASN E 91 50.43 -22.02 4.33
CA ASN E 91 49.86 -23.13 5.07
C ASN E 91 50.35 -24.47 4.52
N HIS E 92 50.53 -24.55 3.21
CA HIS E 92 51.02 -25.80 2.63
C HIS E 92 52.46 -26.05 3.02
N TRP E 93 53.29 -25.00 2.99
CA TRP E 93 54.64 -25.14 3.49
C TRP E 93 54.65 -25.46 4.98
N PHE E 94 53.71 -24.88 5.72
CA PHE E 94 53.57 -25.13 7.14
C PHE E 94 53.30 -26.59 7.43
N THR E 95 52.25 -27.12 6.83
CA THR E 95 51.84 -28.48 7.08
C THR E 95 52.64 -29.53 6.32
N TYR E 96 53.57 -29.14 5.45
CA TYR E 96 54.29 -30.17 4.70
C TYR E 96 55.78 -29.95 4.54
N ASN E 97 56.34 -28.82 5.01
CA ASN E 97 57.76 -28.45 4.83
C ASN E 97 58.19 -28.42 3.38
N GLU E 98 57.28 -28.16 2.45
CA GLU E 98 57.65 -28.21 1.05
C GLU E 98 56.88 -27.11 0.32
N THR E 99 57.17 -26.97 -0.97
CA THR E 99 56.53 -25.96 -1.79
C THR E 99 55.29 -26.56 -2.43
N MET E 100 54.16 -25.88 -2.25
CA MET E 100 52.98 -26.20 -3.01
C MET E 100 53.24 -25.97 -4.50
N THR E 101 53.09 -27.02 -5.30
CA THR E 101 53.25 -26.90 -6.74
C THR E 101 52.14 -26.07 -7.33
N VAL E 102 52.41 -25.51 -8.51
CA VAL E 102 51.63 -24.39 -9.01
C VAL E 102 50.25 -24.84 -9.49
N GLU E 103 50.16 -26.08 -9.98
CA GLU E 103 48.86 -26.64 -10.32
C GLU E 103 47.99 -26.78 -9.09
N SER E 104 48.59 -27.20 -7.97
CA SER E 104 47.84 -27.32 -6.74
C SER E 104 47.51 -25.94 -6.16
N VAL E 105 48.38 -24.96 -6.40
CA VAL E 105 48.04 -23.56 -6.10
C VAL E 105 46.80 -23.15 -6.86
N THR E 106 46.73 -23.51 -8.13
CA THR E 106 45.63 -23.04 -8.94
C THR E 106 44.34 -23.77 -8.62
N GLN E 107 44.44 -25.03 -8.21
CA GLN E 107 43.28 -25.75 -7.70
C GLN E 107 42.76 -25.11 -6.42
N ALA E 108 43.69 -24.67 -5.57
CA ALA E 108 43.28 -24.01 -4.34
C ALA E 108 42.64 -22.65 -4.61
N VAL E 109 43.09 -21.94 -5.64
CA VAL E 109 42.48 -20.65 -5.95
C VAL E 109 41.12 -20.85 -6.61
N SER E 110 41.04 -21.82 -7.50
CA SER E 110 39.83 -22.11 -8.25
C SER E 110 38.82 -22.90 -7.44
N ASN E 111 39.16 -23.30 -6.22
CA ASN E 111 38.14 -23.80 -5.31
C ASN E 111 37.08 -22.76 -4.99
N LEU E 112 37.47 -21.50 -4.83
CA LEU E 112 36.48 -20.46 -4.58
C LEU E 112 36.60 -19.30 -5.54
N ALA E 113 37.30 -19.49 -6.67
CA ALA E 113 37.05 -18.64 -7.82
C ALA E 113 35.59 -18.70 -8.23
N LEU E 114 34.98 -19.88 -8.15
CA LEU E 114 33.53 -20.01 -8.12
C LEU E 114 33.14 -20.71 -6.82
N GLN E 115 33.02 -19.93 -5.76
CA GLN E 115 32.09 -20.21 -4.67
C GLN E 115 31.11 -19.07 -4.50
N PHE E 116 30.75 -18.45 -5.62
CA PHE E 116 29.94 -17.25 -5.58
C PHE E 116 28.53 -17.58 -5.15
N GLY E 117 28.06 -16.87 -4.13
CA GLY E 117 26.76 -17.12 -3.55
C GLY E 117 26.37 -16.02 -2.59
N GLU E 118 25.17 -15.50 -2.75
CA GLU E 118 24.71 -14.39 -1.94
C GLU E 118 23.84 -14.85 -0.77
N GLU E 119 23.11 -15.95 -0.95
CA GLU E 119 22.43 -16.66 0.12
C GLU E 119 22.97 -18.08 0.17
N ASP E 120 22.62 -18.78 1.26
CA ASP E 120 23.06 -20.15 1.56
C ASP E 120 24.59 -20.29 1.59
N SER E 127 30.31 -13.18 -3.06
CA SER E 127 28.90 -13.06 -3.40
C SER E 127 28.70 -13.22 -4.89
N ARG E 128 29.00 -12.16 -5.63
CA ARG E 128 29.01 -12.22 -7.09
C ARG E 128 30.24 -13.02 -7.55
N PRO E 129 30.23 -13.52 -8.78
CA PRO E 129 31.45 -14.12 -9.32
C PRO E 129 32.49 -13.07 -9.63
N PHE E 130 33.75 -13.49 -9.60
CA PHE E 130 34.88 -12.58 -9.69
C PHE E 130 35.15 -12.20 -11.13
N GLY E 131 35.84 -11.07 -11.29
CA GLY E 131 36.04 -10.47 -12.60
C GLY E 131 37.48 -10.34 -13.04
N VAL E 132 38.27 -11.40 -12.88
CA VAL E 132 39.69 -11.35 -13.24
C VAL E 132 40.12 -12.71 -13.77
N ALA E 133 40.96 -12.69 -14.80
CA ALA E 133 41.65 -13.89 -15.27
C ALA E 133 43.12 -13.81 -14.89
N LEU E 134 43.71 -14.94 -14.52
CA LEU E 134 45.03 -14.93 -13.92
C LEU E 134 45.98 -15.89 -14.64
N LEU E 135 47.22 -15.44 -14.80
CA LEU E 135 48.29 -16.25 -15.34
C LEU E 135 49.26 -16.60 -14.23
N PHE E 136 49.56 -17.89 -14.09
CA PHE E 136 50.47 -18.36 -13.05
C PHE E 136 51.70 -18.97 -13.69
N GLY E 137 52.86 -18.50 -13.28
CA GLY E 137 54.12 -19.05 -13.74
C GLY E 137 54.96 -19.50 -12.55
N GLY E 138 55.53 -20.70 -12.68
CA GLY E 138 56.27 -21.27 -11.57
C GLY E 138 57.05 -22.48 -12.03
N VAL E 139 57.88 -22.99 -11.12
CA VAL E 139 58.70 -24.16 -11.39
C VAL E 139 58.41 -25.18 -10.30
N ASP E 140 57.74 -26.27 -10.66
CA ASP E 140 57.56 -27.40 -9.75
C ASP E 140 58.71 -28.38 -9.95
N GLU E 141 58.54 -29.62 -9.49
CA GLU E 141 59.52 -30.67 -9.72
C GLU E 141 59.66 -31.02 -11.19
N LYS E 142 58.61 -30.87 -11.97
CA LYS E 142 58.61 -31.21 -13.38
C LYS E 142 59.13 -30.09 -14.26
N GLY E 143 59.96 -29.20 -13.73
CA GLY E 143 60.46 -28.10 -14.49
C GLY E 143 59.55 -26.90 -14.34
N PRO E 144 59.63 -25.96 -15.26
CA PRO E 144 58.77 -24.77 -15.17
C PRO E 144 57.34 -25.07 -15.59
N GLN E 145 56.43 -24.30 -15.02
CA GLN E 145 55.00 -24.46 -15.30
C GLN E 145 54.40 -23.10 -15.58
N LEU E 146 53.55 -23.05 -16.61
CA LEU E 146 52.81 -21.84 -16.95
C LEU E 146 51.34 -22.17 -16.98
N PHE E 147 50.56 -21.43 -16.23
CA PHE E 147 49.21 -21.82 -15.89
C PHE E 147 48.24 -20.66 -16.10
N HIS E 148 47.09 -20.99 -16.68
CA HIS E 148 46.11 -20.01 -17.12
C HIS E 148 44.76 -20.40 -16.57
N MET E 149 44.18 -19.53 -15.75
CA MET E 149 42.84 -19.75 -15.25
C MET E 149 41.93 -18.66 -15.78
N ASP E 150 40.70 -18.69 -15.31
CA ASP E 150 39.65 -17.81 -15.79
C ASP E 150 38.77 -17.40 -14.61
N PRO E 151 37.84 -16.46 -14.79
CA PRO E 151 36.81 -16.27 -13.75
C PRO E 151 35.94 -17.48 -13.50
N SER E 152 35.70 -18.33 -14.49
CA SER E 152 34.81 -19.47 -14.30
C SER E 152 35.50 -20.67 -13.66
N GLY E 153 36.75 -20.53 -13.23
CA GLY E 153 37.43 -21.66 -12.62
C GLY E 153 37.83 -22.77 -13.56
N THR E 154 37.53 -22.67 -14.84
CA THR E 154 37.95 -23.70 -15.79
C THR E 154 39.44 -23.51 -16.03
N PHE E 155 40.25 -24.14 -15.20
CA PHE E 155 41.69 -24.00 -15.26
C PHE E 155 42.31 -25.06 -16.17
N VAL E 156 43.24 -24.64 -17.02
CA VAL E 156 44.01 -25.54 -17.86
C VAL E 156 45.42 -24.98 -17.97
N GLN E 157 46.37 -25.84 -18.34
CA GLN E 157 47.70 -25.41 -18.66
C GLN E 157 47.74 -24.79 -20.05
N CYS E 158 48.52 -23.72 -20.21
CA CYS E 158 48.79 -23.14 -21.51
C CYS E 158 50.28 -22.98 -21.70
N ASP E 159 50.76 -23.20 -22.93
CA ASP E 159 52.18 -23.08 -23.20
C ASP E 159 52.60 -21.63 -23.39
N ALA E 160 51.79 -20.84 -24.09
CA ALA E 160 52.05 -19.42 -24.20
C ALA E 160 50.71 -18.71 -24.36
N ARG E 161 50.17 -18.21 -23.26
CA ARG E 161 48.85 -17.63 -23.25
C ARG E 161 48.94 -16.10 -23.24
N ALA E 162 48.04 -15.47 -23.99
CA ALA E 162 47.87 -14.02 -23.96
C ALA E 162 46.45 -13.70 -23.54
N ILE E 163 46.30 -12.60 -22.81
CA ILE E 163 45.00 -12.27 -22.22
C ILE E 163 44.54 -10.88 -22.63
N GLY E 164 43.39 -10.47 -22.09
CA GLY E 164 43.00 -9.06 -22.04
C GLY E 164 42.67 -8.48 -23.40
N SER E 165 42.93 -7.18 -23.54
CA SER E 165 42.61 -6.49 -24.78
C SER E 165 43.62 -6.87 -25.86
N ALA E 166 43.11 -6.96 -27.09
CA ALA E 166 43.88 -7.36 -28.29
C ALA E 166 44.53 -8.72 -28.12
N SER E 167 43.85 -9.64 -27.45
CA SER E 167 44.39 -10.99 -27.28
C SER E 167 44.27 -11.83 -28.53
N GLU E 168 43.41 -11.45 -29.47
CA GLU E 168 43.17 -12.28 -30.65
C GLU E 168 44.38 -12.31 -31.57
N GLY E 169 44.79 -11.14 -32.06
CA GLY E 169 45.99 -11.07 -32.88
C GLY E 169 47.25 -11.39 -32.12
N ALA E 170 47.22 -11.20 -30.80
CA ALA E 170 48.33 -11.63 -29.95
C ALA E 170 48.50 -13.14 -29.99
N GLN E 171 47.40 -13.88 -29.81
CA GLN E 171 47.44 -15.33 -29.95
C GLN E 171 47.77 -15.75 -31.38
N SER E 172 47.32 -14.96 -32.35
CA SER E 172 47.56 -15.26 -33.76
C SER E 172 49.04 -15.17 -34.10
N SER E 173 49.64 -14.00 -33.89
CA SER E 173 51.06 -13.82 -34.11
C SER E 173 51.92 -14.61 -33.12
N LEU E 174 51.34 -15.03 -32.00
CA LEU E 174 52.05 -15.89 -31.08
C LEU E 174 52.17 -17.31 -31.61
N GLN E 175 51.05 -17.88 -32.07
CA GLN E 175 51.06 -19.17 -32.75
C GLN E 175 51.81 -19.11 -34.07
N GLU E 176 51.94 -17.92 -34.64
CA GLU E 176 52.81 -17.72 -35.79
C GLU E 176 54.26 -17.99 -35.42
N VAL E 177 54.71 -17.51 -34.27
CA VAL E 177 56.13 -17.57 -33.94
C VAL E 177 56.50 -18.72 -33.02
N TYR E 178 55.54 -19.33 -32.33
CA TYR E 178 55.90 -20.27 -31.28
C TYR E 178 56.17 -21.66 -31.83
N HIS E 179 57.11 -22.34 -31.20
CA HIS E 179 57.25 -23.79 -31.28
C HIS E 179 57.71 -24.28 -29.92
N LYS E 180 57.98 -25.58 -29.81
CA LYS E 180 58.19 -26.16 -28.50
C LYS E 180 59.58 -25.89 -27.94
N SER E 181 60.57 -25.71 -28.80
CA SER E 181 61.97 -25.71 -28.39
C SER E 181 62.58 -24.31 -28.44
N MET E 182 61.81 -23.33 -28.00
CA MET E 182 62.29 -21.95 -27.96
C MET E 182 63.39 -21.79 -26.92
N THR E 183 64.11 -20.68 -27.02
CA THR E 183 65.10 -20.33 -26.01
C THR E 183 64.57 -19.15 -25.20
N LEU E 184 65.37 -18.69 -24.24
CA LEU E 184 64.87 -17.71 -23.28
C LEU E 184 64.75 -16.32 -23.90
N LYS E 185 65.90 -15.74 -24.27
CA LYS E 185 65.92 -14.34 -24.71
C LYS E 185 65.21 -14.18 -26.04
N GLU E 186 65.21 -15.22 -26.87
CA GLU E 186 64.41 -15.22 -28.08
C GLU E 186 62.92 -15.12 -27.77
N ALA E 187 62.46 -15.87 -26.77
CA ALA E 187 61.06 -15.75 -26.36
C ALA E 187 60.77 -14.41 -25.72
N ILE E 188 61.76 -13.84 -25.03
CA ILE E 188 61.61 -12.51 -24.43
C ILE E 188 61.40 -11.45 -25.51
N LYS E 189 62.28 -11.44 -26.51
CA LYS E 189 62.14 -10.45 -27.56
C LYS E 189 60.93 -10.75 -28.45
N SER E 190 60.58 -12.02 -28.62
CA SER E 190 59.41 -12.39 -29.38
C SER E 190 58.14 -11.91 -28.69
N SER E 191 58.12 -11.95 -27.36
CA SER E 191 56.99 -11.47 -26.60
C SER E 191 56.89 -9.95 -26.65
N LEU E 192 58.01 -9.25 -26.49
CA LEU E 192 57.93 -7.80 -26.48
C LEU E 192 57.68 -7.21 -27.86
N ILE E 193 58.02 -7.95 -28.92
CA ILE E 193 57.57 -7.57 -30.26
C ILE E 193 56.05 -7.53 -30.33
N ILE E 194 55.41 -8.58 -29.80
CA ILE E 194 53.96 -8.65 -29.83
C ILE E 194 53.36 -7.57 -28.93
N LEU E 195 54.05 -7.25 -27.83
CA LEU E 195 53.62 -6.17 -26.95
C LEU E 195 53.63 -4.83 -27.67
N LYS E 196 54.74 -4.51 -28.35
CA LYS E 196 54.79 -3.23 -29.04
C LYS E 196 54.02 -3.23 -30.35
N GLN E 197 53.51 -4.39 -30.77
CA GLN E 197 52.51 -4.43 -31.83
C GLN E 197 51.11 -4.21 -31.32
N VAL E 198 50.81 -4.61 -30.08
CA VAL E 198 49.46 -4.43 -29.55
C VAL E 198 49.35 -3.17 -28.71
N MET E 199 50.46 -2.55 -28.33
CA MET E 199 50.30 -1.34 -27.56
C MET E 199 50.18 -0.13 -28.48
N GLU E 200 49.76 0.98 -27.87
CA GLU E 200 49.53 2.25 -28.56
C GLU E 200 50.62 3.27 -28.30
N GLU E 201 51.38 3.11 -27.22
CA GLU E 201 52.42 4.04 -26.84
C GLU E 201 53.78 3.50 -27.26
N LYS E 202 54.78 4.38 -27.21
CA LYS E 202 56.14 3.98 -27.50
C LYS E 202 56.69 3.14 -26.35
N LEU E 203 57.26 2.00 -26.71
CA LEU E 203 57.78 1.06 -25.71
C LEU E 203 59.03 1.62 -25.06
N ASN E 204 59.02 1.73 -23.74
CA ASN E 204 60.18 2.21 -23.02
C ASN E 204 60.23 1.52 -21.66
N ALA E 205 61.08 2.04 -20.77
CA ALA E 205 61.36 1.40 -19.49
C ALA E 205 60.16 1.42 -18.55
N THR E 206 59.20 2.32 -18.76
CA THR E 206 58.08 2.46 -17.86
C THR E 206 56.82 1.74 -18.33
N ASN E 207 56.78 1.29 -19.58
CA ASN E 207 55.54 0.72 -20.10
C ASN E 207 55.36 -0.72 -19.66
N ILE E 208 56.38 -1.55 -19.83
CA ILE E 208 56.25 -2.97 -19.59
C ILE E 208 57.16 -3.37 -18.44
N GLU E 209 57.00 -4.60 -17.97
CA GLU E 209 57.91 -5.19 -17.02
C GLU E 209 57.93 -6.71 -17.21
N LEU E 210 59.09 -7.31 -17.01
CA LEU E 210 59.29 -8.72 -17.22
C LEU E 210 59.44 -9.46 -15.89
N ALA E 211 59.19 -10.75 -15.93
CA ALA E 211 59.28 -11.60 -14.75
C ALA E 211 59.79 -12.95 -15.21
N THR E 212 61.03 -13.26 -14.87
CA THR E 212 61.72 -14.44 -15.36
C THR E 212 62.04 -15.35 -14.19
N VAL E 213 61.56 -16.58 -14.23
CA VAL E 213 61.86 -17.57 -13.21
C VAL E 213 62.60 -18.72 -13.88
N GLN E 214 63.66 -19.19 -13.22
CA GLN E 214 64.48 -20.27 -13.71
C GLN E 214 64.72 -21.26 -12.56
N PRO E 215 64.94 -22.54 -12.86
CA PRO E 215 65.20 -23.49 -11.77
C PRO E 215 66.50 -23.23 -11.05
N GLY E 216 67.53 -22.79 -11.75
CA GLY E 216 68.76 -22.39 -11.10
C GLY E 216 68.81 -20.95 -10.66
N GLN E 217 67.78 -20.18 -11.00
CA GLN E 217 67.68 -18.76 -10.69
C GLN E 217 66.30 -18.50 -10.10
N ASN E 218 65.96 -19.32 -9.10
CA ASN E 218 64.62 -19.34 -8.51
C ASN E 218 64.26 -18.00 -7.88
N PHE E 219 65.20 -17.41 -7.15
CA PHE E 219 64.98 -16.12 -6.52
C PHE E 219 64.96 -15.02 -7.58
N HIS E 220 64.27 -13.93 -7.25
CA HIS E 220 64.18 -12.70 -8.07
C HIS E 220 63.59 -12.99 -9.46
N MET E 221 62.27 -13.19 -9.43
CA MET E 221 61.49 -13.32 -10.67
C MET E 221 61.14 -11.95 -11.23
N PHE E 222 62.18 -11.17 -11.57
CA PHE E 222 61.97 -9.80 -12.02
C PHE E 222 63.21 -9.34 -12.77
N THR E 223 63.03 -8.35 -13.65
CA THR E 223 64.13 -7.66 -14.32
C THR E 223 63.96 -6.16 -14.12
N LYS E 224 64.96 -5.52 -13.54
CA LYS E 224 64.92 -4.10 -13.18
C LYS E 224 66.00 -3.34 -13.94
N GLU E 225 65.57 -2.54 -14.94
CA GLU E 225 66.39 -1.60 -15.72
C GLU E 225 67.51 -2.21 -16.56
N GLU E 226 67.72 -3.52 -16.46
CA GLU E 226 68.32 -4.29 -17.53
C GLU E 226 67.32 -4.54 -18.63
N LEU E 227 66.04 -4.42 -18.27
CA LEU E 227 64.95 -4.40 -19.23
C LEU E 227 65.09 -3.27 -20.22
N GLU E 228 65.71 -2.16 -19.82
CA GLU E 228 66.10 -1.11 -20.76
C GLU E 228 67.03 -1.64 -21.84
N GLU E 229 68.03 -2.41 -21.41
CA GLU E 229 68.98 -3.02 -22.34
C GLU E 229 68.31 -4.06 -23.22
N VAL E 230 67.29 -4.74 -22.71
CA VAL E 230 66.56 -5.69 -23.53
C VAL E 230 65.70 -4.95 -24.56
N ILE E 231 65.15 -3.79 -24.17
CA ILE E 231 64.37 -2.98 -25.09
C ILE E 231 65.23 -2.42 -26.21
N LYS E 232 66.42 -1.92 -25.88
CA LYS E 232 67.24 -1.27 -26.89
C LYS E 232 67.88 -2.23 -27.88
N ASP E 233 67.73 -3.54 -27.69
CA ASP E 233 68.21 -4.53 -28.63
C ASP E 233 67.21 -4.85 -29.73
N ILE E 234 66.16 -4.05 -29.88
CA ILE E 234 65.23 -4.24 -30.98
C ILE E 234 65.24 -2.97 -31.81
N ASN F 1 5.32 -16.91 -20.26
CA ASN F 1 6.75 -17.13 -20.14
C ASN F 1 7.32 -16.51 -18.87
N GLN F 2 6.48 -15.75 -18.16
CA GLN F 2 6.91 -15.11 -16.93
C GLN F 2 7.05 -16.09 -15.77
N TYR F 3 6.54 -17.30 -15.92
CA TYR F 3 6.70 -18.35 -14.93
C TYR F 3 7.95 -19.19 -15.16
N ASP F 4 8.64 -19.00 -16.27
CA ASP F 4 9.86 -19.77 -16.56
C ASP F 4 11.08 -18.99 -16.10
N ASN F 5 11.15 -18.79 -14.81
CA ASN F 5 12.32 -18.09 -14.29
C ASN F 5 12.98 -18.82 -13.13
N ASP F 6 12.22 -19.47 -12.27
CA ASP F 6 12.75 -19.96 -11.01
C ASP F 6 12.41 -21.43 -10.80
N VAL F 7 13.18 -22.04 -9.90
CA VAL F 7 13.08 -23.48 -9.65
C VAL F 7 11.82 -23.80 -8.88
N THR F 8 11.42 -22.91 -7.97
CA THR F 8 10.29 -23.18 -7.08
C THR F 8 8.98 -23.19 -7.84
N VAL F 9 8.87 -22.39 -8.89
CA VAL F 9 7.58 -22.16 -9.54
C VAL F 9 7.22 -23.37 -10.39
N TRP F 10 6.10 -24.00 -10.09
CA TRP F 10 5.55 -25.02 -10.96
C TRP F 10 5.02 -24.40 -12.23
N SER F 11 5.16 -25.11 -13.32
CA SER F 11 4.57 -24.64 -14.56
C SER F 11 3.07 -24.94 -14.56
N PRO F 12 2.29 -24.19 -15.35
CA PRO F 12 0.88 -24.57 -15.56
C PRO F 12 0.69 -25.84 -16.35
N GLN F 13 1.76 -26.43 -16.87
CA GLN F 13 1.73 -27.79 -17.40
C GLN F 13 2.41 -28.76 -16.46
N GLY F 14 3.00 -28.27 -15.37
CA GLY F 14 3.64 -29.10 -14.40
C GLY F 14 5.09 -29.46 -14.68
N ARG F 15 5.68 -28.95 -15.76
CA ARG F 15 7.05 -29.29 -16.11
C ARG F 15 7.99 -28.17 -15.70
N ILE F 16 8.86 -28.44 -14.74
CA ILE F 16 9.86 -27.46 -14.31
C ILE F 16 10.85 -27.28 -15.45
N HIS F 17 10.81 -26.13 -16.11
CA HIS F 17 11.70 -25.88 -17.23
C HIS F 17 13.12 -25.58 -16.79
N GLN F 18 13.33 -25.30 -15.50
CA GLN F 18 14.68 -25.16 -14.98
C GLN F 18 15.42 -26.48 -15.06
N ILE F 19 14.72 -27.59 -14.85
CA ILE F 19 15.32 -28.92 -14.95
C ILE F 19 15.72 -29.21 -16.39
N GLU F 20 14.83 -28.91 -17.34
CA GLU F 20 15.15 -29.18 -18.74
C GLU F 20 16.23 -28.24 -19.26
N TYR F 21 16.28 -27.01 -18.73
CA TYR F 21 17.38 -26.12 -19.10
C TYR F 21 18.69 -26.63 -18.53
N ALA F 22 18.65 -27.23 -17.35
CA ALA F 22 19.84 -27.87 -16.79
C ALA F 22 20.25 -29.07 -17.64
N MET F 23 19.27 -29.81 -18.15
CA MET F 23 19.55 -30.93 -19.06
C MET F 23 20.24 -30.43 -20.32
N GLU F 24 19.73 -29.33 -20.90
CA GLU F 24 20.35 -28.79 -22.10
C GLU F 24 21.71 -28.19 -21.82
N ALA F 25 21.93 -27.69 -20.60
CA ALA F 25 23.27 -27.27 -20.21
C ALA F 25 24.21 -28.46 -20.08
N VAL F 26 23.69 -29.61 -19.65
CA VAL F 26 24.49 -30.84 -19.59
C VAL F 26 24.85 -31.31 -21.00
N LYS F 27 23.92 -31.17 -21.95
CA LYS F 27 24.14 -31.68 -23.32
C LYS F 27 25.24 -30.97 -24.09
N GLN F 28 25.80 -29.88 -23.56
CA GLN F 28 26.87 -29.16 -24.23
C GLN F 28 28.25 -29.52 -23.72
N GLY F 29 28.38 -30.64 -23.03
CA GLY F 29 29.65 -31.10 -22.51
C GLY F 29 30.40 -31.91 -23.55
N SER F 30 31.42 -32.62 -23.08
CA SER F 30 32.16 -33.45 -24.02
C SER F 30 31.47 -34.81 -24.15
N ALA F 31 31.82 -35.51 -25.22
CA ALA F 31 31.35 -36.86 -25.39
C ALA F 31 32.07 -37.78 -24.41
N THR F 32 31.33 -38.76 -23.91
CA THR F 32 31.89 -39.80 -23.06
C THR F 32 30.95 -40.99 -23.12
N VAL F 33 31.53 -42.17 -22.92
CA VAL F 33 30.82 -43.44 -23.05
C VAL F 33 31.27 -44.32 -21.89
N GLY F 34 30.32 -44.90 -21.18
CA GLY F 34 30.63 -45.88 -20.15
C GLY F 34 29.97 -47.20 -20.44
N LEU F 35 30.69 -48.28 -20.19
CA LEU F 35 30.23 -49.63 -20.49
C LEU F 35 31.02 -50.63 -19.67
N LYS F 36 30.37 -51.73 -19.30
CA LYS F 36 31.00 -52.71 -18.42
C LYS F 36 30.95 -54.08 -19.08
N SER F 37 31.88 -54.93 -18.65
CA SER F 37 31.75 -56.37 -18.85
C SER F 37 31.19 -56.96 -17.56
N LYS F 38 31.21 -58.29 -17.47
CA LYS F 38 30.88 -58.93 -16.19
C LYS F 38 31.97 -58.72 -15.16
N THR F 39 33.20 -58.52 -15.60
CA THR F 39 34.33 -58.40 -14.70
C THR F 39 35.03 -57.05 -14.77
N HIS F 40 34.85 -56.29 -15.84
CA HIS F 40 35.62 -55.07 -16.00
C HIS F 40 34.73 -53.95 -16.52
N ALA F 41 34.83 -52.81 -15.84
CA ALA F 41 34.06 -51.62 -16.15
C ALA F 41 35.02 -50.57 -16.67
N VAL F 42 34.73 -50.06 -17.87
CA VAL F 42 35.60 -49.09 -18.54
C VAL F 42 34.75 -47.89 -18.94
N LEU F 43 35.19 -46.70 -18.56
CA LEU F 43 34.56 -45.47 -19.01
C LEU F 43 35.59 -44.64 -19.75
N VAL F 44 35.20 -44.15 -20.93
CA VAL F 44 36.11 -43.46 -21.83
C VAL F 44 35.49 -42.11 -22.19
N ALA F 45 36.26 -41.05 -22.03
CA ALA F 45 35.80 -39.70 -22.30
C ALA F 45 36.63 -39.06 -23.40
N LEU F 46 36.27 -37.83 -23.75
CA LEU F 46 36.92 -37.07 -24.81
C LEU F 46 37.41 -35.75 -24.27
N LYS F 47 38.64 -35.38 -24.62
CA LYS F 47 39.18 -34.10 -24.19
C LYS F 47 39.03 -33.05 -25.28
N ARG F 48 39.08 -31.79 -24.85
CA ARG F 48 39.00 -30.63 -25.72
C ARG F 48 39.99 -29.59 -25.22
N ALA F 49 40.17 -28.53 -26.00
CA ALA F 49 41.12 -27.50 -25.61
C ALA F 49 40.57 -26.12 -25.92
N GLN F 50 41.20 -25.12 -25.31
CA GLN F 50 40.92 -23.74 -25.64
C GLN F 50 41.65 -23.33 -26.92
N SER F 51 42.90 -23.75 -27.06
CA SER F 51 43.71 -23.39 -28.21
C SER F 51 44.62 -24.57 -28.55
N GLU F 52 45.49 -24.36 -29.54
CA GLU F 52 46.44 -25.39 -29.94
C GLU F 52 47.56 -25.51 -28.93
N LEU F 53 48.07 -24.38 -28.46
CA LEU F 53 49.13 -24.38 -27.45
C LEU F 53 48.61 -24.83 -26.10
N ALA F 54 47.32 -24.66 -25.85
CA ALA F 54 46.78 -24.97 -24.54
C ALA F 54 46.71 -26.46 -24.33
N ALA F 55 46.66 -26.86 -23.07
CA ALA F 55 46.51 -28.26 -22.74
C ALA F 55 45.07 -28.69 -22.98
N HIS F 56 44.82 -29.97 -22.81
CA HIS F 56 43.48 -30.50 -22.91
C HIS F 56 42.86 -30.61 -21.53
N GLN F 57 41.60 -30.21 -21.44
CA GLN F 57 40.89 -30.29 -20.17
C GLN F 57 40.55 -31.74 -19.88
N LYS F 58 40.99 -32.23 -18.73
CA LYS F 58 40.71 -33.61 -18.36
C LYS F 58 39.25 -33.75 -17.95
N LYS F 59 38.71 -34.94 -18.21
CA LYS F 59 37.35 -35.28 -17.81
C LYS F 59 37.33 -36.38 -16.76
N ILE F 60 38.01 -37.49 -17.02
CA ILE F 60 38.02 -38.57 -16.05
C ILE F 60 38.98 -38.20 -14.94
N LEU F 61 38.47 -38.13 -13.72
CA LEU F 61 39.29 -37.81 -12.57
C LEU F 61 39.14 -38.91 -11.53
N HIS F 62 40.20 -39.08 -10.73
CA HIS F 62 40.22 -40.14 -9.74
C HIS F 62 39.30 -39.78 -8.58
N VAL F 63 38.71 -40.80 -7.97
CA VAL F 63 37.91 -40.58 -6.77
C VAL F 63 38.41 -41.46 -5.65
N ASP F 64 38.44 -42.76 -5.88
CA ASP F 64 38.74 -43.70 -4.83
C ASP F 64 39.40 -44.92 -5.47
N ASN F 65 39.86 -45.85 -4.63
CA ASN F 65 40.56 -47.03 -5.10
C ASN F 65 39.67 -47.98 -5.87
N HIS F 66 38.37 -47.82 -5.79
CA HIS F 66 37.49 -48.64 -6.61
C HIS F 66 36.41 -47.82 -7.28
N ILE F 67 36.45 -46.50 -7.16
CA ILE F 67 35.44 -45.63 -7.74
C ILE F 67 36.16 -44.56 -8.55
N GLY F 68 35.73 -44.39 -9.80
CA GLY F 68 36.13 -43.26 -10.62
C GLY F 68 34.98 -42.77 -11.46
N ILE F 69 34.96 -41.46 -11.78
CA ILE F 69 33.80 -40.85 -12.40
C ILE F 69 34.18 -40.21 -13.73
N SER F 70 33.20 -40.16 -14.64
CA SER F 70 33.23 -39.24 -15.76
C SER F 70 32.43 -37.99 -15.39
N ILE F 71 32.41 -36.99 -16.27
CA ILE F 71 31.75 -35.72 -15.95
C ILE F 71 31.42 -35.01 -17.25
N ALA F 72 30.32 -34.24 -17.24
CA ALA F 72 29.96 -33.32 -18.30
C ALA F 72 29.06 -32.24 -17.71
N GLY F 73 29.32 -31.00 -18.09
CA GLY F 73 28.55 -29.88 -17.56
C GLY F 73 29.44 -28.86 -16.88
N LEU F 74 29.05 -28.40 -15.69
CA LEU F 74 29.84 -27.37 -15.04
C LEU F 74 31.07 -27.98 -14.37
N THR F 75 32.04 -27.13 -14.10
CA THR F 75 33.30 -27.56 -13.50
C THR F 75 33.38 -27.27 -12.01
N ALA F 76 32.78 -26.15 -11.58
CA ALA F 76 32.76 -25.83 -10.16
C ALA F 76 31.88 -26.81 -9.40
N ASP F 77 30.70 -27.12 -9.94
CA ASP F 77 29.86 -28.15 -9.36
C ASP F 77 30.50 -29.52 -9.47
N ALA F 78 31.29 -29.74 -10.52
CA ALA F 78 32.01 -31.00 -10.68
C ALA F 78 33.01 -31.21 -9.55
N ARG F 79 33.84 -30.19 -9.28
CA ARG F 79 34.81 -30.34 -8.21
C ARG F 79 34.13 -30.29 -6.84
N LEU F 80 33.00 -29.61 -6.74
CA LEU F 80 32.22 -29.60 -5.50
C LEU F 80 31.70 -31.00 -5.18
N LEU F 81 31.09 -31.65 -6.16
CA LEU F 81 30.64 -33.02 -5.98
C LEU F 81 31.81 -33.98 -5.89
N CYS F 82 32.98 -33.64 -6.46
CA CYS F 82 34.18 -34.44 -6.27
C CYS F 82 34.62 -34.41 -4.81
N ASN F 83 34.64 -33.23 -4.21
CA ASN F 83 35.02 -33.10 -2.81
C ASN F 83 34.03 -33.82 -1.92
N PHE F 84 32.74 -33.68 -2.24
CA PHE F 84 31.72 -34.40 -1.47
C PHE F 84 31.84 -35.91 -1.67
N MET F 85 32.22 -36.33 -2.87
CA MET F 85 32.36 -37.74 -3.18
C MET F 85 33.51 -38.36 -2.40
N ARG F 86 34.66 -37.69 -2.42
CA ARG F 86 35.83 -38.16 -1.68
C ARG F 86 35.57 -38.16 -0.20
N GLN F 87 34.81 -37.16 0.28
CA GLN F 87 34.47 -37.10 1.69
C GLN F 87 33.57 -38.26 2.07
N GLU F 88 32.59 -38.58 1.24
CA GLU F 88 31.71 -39.70 1.52
C GLU F 88 32.43 -41.03 1.41
N CYS F 89 33.47 -41.10 0.59
CA CYS F 89 34.29 -42.31 0.56
C CYS F 89 35.06 -42.46 1.87
N LEU F 90 35.85 -41.44 2.22
CA LEU F 90 36.77 -41.60 3.33
C LEU F 90 36.07 -41.59 4.68
N ASP F 91 34.84 -41.07 4.75
CA ASP F 91 34.10 -41.13 6.01
C ASP F 91 33.73 -42.56 6.37
N SER F 92 33.11 -43.29 5.44
CA SER F 92 32.81 -44.69 5.73
C SER F 92 34.06 -45.54 5.73
N ARG F 93 35.09 -45.12 5.00
CA ARG F 93 36.38 -45.79 5.09
C ARG F 93 36.97 -45.64 6.49
N PHE F 94 36.70 -44.51 7.14
CA PHE F 94 37.15 -44.28 8.50
C PHE F 94 36.28 -45.01 9.51
N VAL F 95 34.97 -44.96 9.32
CA VAL F 95 34.06 -45.49 10.33
C VAL F 95 33.97 -47.00 10.23
N PHE F 96 33.54 -47.50 9.08
CA PHE F 96 33.27 -48.92 8.91
C PHE F 96 34.49 -49.71 8.50
N ASP F 97 35.55 -49.04 8.06
CA ASP F 97 36.78 -49.64 7.55
C ASP F 97 36.48 -50.61 6.43
N ARG F 98 35.60 -50.21 5.52
CA ARG F 98 35.30 -51.00 4.34
C ARG F 98 35.20 -50.05 3.16
N PRO F 99 35.39 -50.56 1.95
CA PRO F 99 34.98 -49.80 0.77
C PRO F 99 33.48 -49.83 0.61
N LEU F 100 32.95 -48.76 0.07
CA LEU F 100 31.51 -48.55 -0.01
C LEU F 100 30.87 -49.40 -1.10
N PRO F 101 29.65 -49.86 -0.89
CA PRO F 101 28.78 -50.18 -2.04
C PRO F 101 28.47 -48.91 -2.80
N VAL F 102 28.34 -49.06 -4.11
CA VAL F 102 28.23 -47.88 -4.97
C VAL F 102 26.82 -47.30 -4.89
N SER F 103 25.82 -48.16 -4.69
CA SER F 103 24.42 -47.75 -4.77
C SER F 103 24.05 -46.75 -3.68
N ARG F 104 24.50 -47.01 -2.45
CA ARG F 104 24.20 -46.07 -1.39
C ARG F 104 24.97 -44.77 -1.56
N LEU F 105 26.14 -44.82 -2.20
CA LEU F 105 26.87 -43.60 -2.52
C LEU F 105 26.10 -42.75 -3.51
N VAL F 106 25.55 -43.36 -4.55
CA VAL F 106 24.86 -42.56 -5.54
C VAL F 106 23.49 -42.12 -5.03
N SER F 107 22.90 -42.87 -4.11
CA SER F 107 21.71 -42.38 -3.41
C SER F 107 22.05 -41.15 -2.56
N LEU F 108 23.23 -41.16 -1.94
CA LEU F 108 23.71 -39.97 -1.23
C LEU F 108 23.91 -38.81 -2.18
N ILE F 109 24.34 -39.08 -3.40
CA ILE F 109 24.49 -38.03 -4.39
C ILE F 109 23.13 -37.44 -4.76
N GLY F 110 22.13 -38.30 -4.91
CA GLY F 110 20.79 -37.82 -5.22
C GLY F 110 20.18 -37.01 -4.10
N SER F 111 20.36 -37.47 -2.87
CA SER F 111 19.86 -36.72 -1.72
C SER F 111 20.63 -35.42 -1.52
N LYS F 112 21.89 -35.40 -1.93
CA LYS F 112 22.67 -34.16 -1.89
C LYS F 112 22.13 -33.16 -2.90
N THR F 113 21.81 -33.64 -4.10
CA THR F 113 21.36 -32.76 -5.16
C THR F 113 19.88 -32.47 -5.15
N GLN F 114 19.10 -33.07 -4.24
CA GLN F 114 17.67 -32.79 -4.21
C GLN F 114 17.38 -31.39 -3.68
N ILE F 115 18.01 -31.03 -2.57
CA ILE F 115 17.76 -29.71 -1.96
C ILE F 115 18.06 -28.52 -2.87
N PRO F 116 19.15 -28.48 -3.65
CA PRO F 116 19.25 -27.39 -4.64
C PRO F 116 18.31 -27.50 -5.83
N THR F 117 17.37 -28.45 -5.85
CA THR F 117 16.32 -28.51 -6.85
C THR F 117 14.94 -28.25 -6.28
N GLN F 118 14.84 -27.98 -5.00
CA GLN F 118 13.52 -27.76 -4.43
C GLN F 118 13.39 -26.42 -3.74
N ARG F 119 14.39 -26.02 -2.97
CA ARG F 119 14.32 -24.73 -2.32
C ARG F 119 14.77 -23.65 -3.28
N TYR F 120 14.66 -22.41 -2.84
CA TYR F 120 15.08 -21.26 -3.61
C TYR F 120 16.42 -20.77 -3.08
N GLY F 121 17.26 -20.31 -3.97
CA GLY F 121 18.55 -19.74 -3.59
C GLY F 121 19.75 -20.49 -4.11
N ARG F 122 19.58 -21.64 -4.74
CA ARG F 122 20.70 -22.38 -5.29
C ARG F 122 20.24 -23.07 -6.56
N ARG F 123 21.05 -22.98 -7.60
CA ARG F 123 20.62 -23.57 -8.84
C ARG F 123 20.86 -25.07 -8.80
N PRO F 124 20.11 -25.83 -9.59
CA PRO F 124 20.43 -27.25 -9.76
C PRO F 124 21.76 -27.42 -10.49
N TYR F 125 22.39 -28.54 -10.19
CA TYR F 125 23.77 -28.76 -10.58
C TYR F 125 23.83 -29.34 -11.99
N GLY F 126 24.50 -28.63 -12.90
CA GLY F 126 24.73 -29.17 -14.22
C GLY F 126 25.84 -30.21 -14.16
N VAL F 127 25.47 -31.48 -14.31
CA VAL F 127 26.37 -32.56 -13.91
C VAL F 127 26.15 -33.76 -14.85
N GLY F 128 27.24 -34.44 -15.18
CA GLY F 128 27.22 -35.52 -16.14
C GLY F 128 27.94 -36.77 -15.69
N LEU F 129 27.77 -37.16 -14.44
CA LEU F 129 28.56 -38.25 -13.86
C LEU F 129 28.25 -39.61 -14.49
N LEU F 130 29.31 -40.36 -14.75
CA LEU F 130 29.23 -41.79 -15.07
C LEU F 130 30.14 -42.50 -14.08
N ILE F 131 29.56 -43.33 -13.23
CA ILE F 131 30.25 -43.84 -12.05
C ILE F 131 30.49 -45.33 -12.21
N ALA F 132 31.75 -45.75 -12.07
CA ALA F 132 32.15 -47.14 -12.16
C ALA F 132 32.71 -47.61 -10.82
N GLY F 133 32.23 -48.75 -10.35
CA GLY F 133 32.62 -49.20 -9.03
C GLY F 133 32.60 -50.71 -8.91
N TYR F 134 32.98 -51.19 -7.73
CA TYR F 134 32.97 -52.62 -7.41
C TYR F 134 32.52 -52.84 -5.99
N ASP F 135 31.27 -53.23 -5.84
CA ASP F 135 30.80 -53.77 -4.58
C ASP F 135 30.99 -55.29 -4.62
N ASP F 136 30.33 -56.00 -3.72
CA ASP F 136 30.45 -57.45 -3.68
C ASP F 136 29.79 -58.12 -4.89
N MET F 137 28.90 -57.43 -5.59
CA MET F 137 28.22 -58.01 -6.74
C MET F 137 28.75 -57.48 -8.06
N GLY F 138 29.99 -57.02 -8.10
CA GLY F 138 30.65 -56.75 -9.35
C GLY F 138 30.55 -55.32 -9.82
N PRO F 139 30.81 -55.09 -11.10
CA PRO F 139 30.84 -53.72 -11.62
C PRO F 139 29.47 -53.13 -11.77
N HIS F 140 29.41 -51.81 -11.65
CA HIS F 140 28.20 -51.03 -11.86
C HIS F 140 28.55 -49.79 -12.64
N ILE F 141 27.71 -49.45 -13.61
CA ILE F 141 27.84 -48.22 -14.35
C ILE F 141 26.57 -47.43 -14.09
N PHE F 142 26.67 -46.39 -13.27
CA PHE F 142 25.52 -45.55 -13.00
C PHE F 142 25.70 -44.25 -13.76
N GLN F 143 24.58 -43.60 -14.07
CA GLN F 143 24.60 -42.26 -14.61
C GLN F 143 23.69 -41.38 -13.78
N THR F 144 23.96 -40.10 -13.83
CA THR F 144 23.25 -39.11 -13.05
C THR F 144 22.46 -38.19 -13.95
N CYS F 145 21.82 -37.21 -13.32
CA CYS F 145 21.09 -36.16 -14.02
C CYS F 145 20.96 -34.99 -13.06
N PRO F 146 20.73 -33.77 -13.58
CA PRO F 146 20.41 -32.66 -12.68
C PRO F 146 19.07 -32.80 -11.98
N SER F 147 18.19 -33.69 -12.43
CA SER F 147 16.94 -33.98 -11.75
C SER F 147 17.10 -35.02 -10.65
N ALA F 148 18.34 -35.47 -10.40
CA ALA F 148 18.70 -36.44 -9.36
C ALA F 148 18.00 -37.79 -9.53
N ASN F 149 17.59 -38.13 -10.74
CA ASN F 149 17.02 -39.44 -11.04
C ASN F 149 18.16 -40.28 -11.59
N TYR F 150 18.95 -40.85 -10.68
CA TYR F 150 20.12 -41.60 -11.11
C TYR F 150 19.70 -42.92 -11.74
N PHE F 151 20.37 -43.28 -12.81
CA PHE F 151 19.99 -44.44 -13.60
C PHE F 151 21.11 -45.46 -13.57
N ASP F 152 20.72 -46.71 -13.42
CA ASP F 152 21.65 -47.81 -13.58
C ASP F 152 21.48 -48.36 -14.97
N CYS F 153 22.58 -48.69 -15.61
CA CYS F 153 22.57 -49.19 -16.96
C CYS F 153 23.57 -50.32 -17.08
N ARG F 154 23.81 -50.72 -18.31
CA ARG F 154 24.96 -51.51 -18.68
C ARG F 154 25.88 -50.78 -19.64
N ALA F 155 25.37 -49.78 -20.35
CA ALA F 155 26.15 -49.01 -21.32
C ALA F 155 25.41 -47.72 -21.60
N MET F 156 25.98 -46.58 -21.22
CA MET F 156 25.42 -45.28 -21.56
C MET F 156 26.47 -44.33 -22.12
N SER F 157 25.97 -43.18 -22.54
CA SER F 157 26.78 -42.15 -23.16
C SER F 157 26.03 -40.84 -23.10
N ILE F 158 26.67 -39.79 -22.58
CA ILE F 158 26.06 -38.49 -22.49
C ILE F 158 27.01 -37.42 -23.00
N GLY F 159 26.44 -36.27 -23.36
CA GLY F 159 27.17 -35.15 -23.88
C GLY F 159 26.59 -34.71 -25.20
N ALA F 160 27.42 -34.04 -25.99
CA ALA F 160 27.01 -33.61 -27.32
C ALA F 160 27.08 -34.78 -28.30
N ARG F 161 26.11 -34.82 -29.22
CA ARG F 161 25.88 -35.80 -30.29
C ARG F 161 26.12 -37.25 -29.88
N SER F 162 25.71 -37.62 -28.67
CA SER F 162 25.97 -38.94 -28.13
C SER F 162 24.97 -39.98 -28.63
N GLN F 163 24.11 -39.63 -29.58
CA GLN F 163 23.05 -40.53 -29.99
C GLN F 163 23.59 -41.68 -30.84
N SER F 164 24.53 -41.38 -31.73
CA SER F 164 25.20 -42.41 -32.50
C SER F 164 25.93 -43.39 -31.60
N ALA F 165 26.51 -42.88 -30.51
CA ALA F 165 27.09 -43.74 -29.49
C ALA F 165 26.03 -44.64 -28.88
N ARG F 166 24.83 -44.10 -28.62
CA ARG F 166 23.77 -44.90 -28.02
C ARG F 166 23.30 -45.99 -28.97
N THR F 167 23.24 -45.70 -30.26
CA THR F 167 22.86 -46.72 -31.24
C THR F 167 23.94 -47.79 -31.36
N TYR F 168 25.21 -47.39 -31.26
CA TYR F 168 26.29 -48.36 -31.23
C TYR F 168 26.18 -49.27 -30.01
N LEU F 169 25.80 -48.69 -28.87
CA LEU F 169 25.56 -49.48 -27.68
C LEU F 169 24.37 -50.42 -27.87
N GLU F 170 23.37 -49.98 -28.61
CA GLU F 170 22.24 -50.84 -28.93
C GLU F 170 22.67 -52.04 -29.74
N ARG F 171 23.50 -51.81 -30.75
CA ARG F 171 23.91 -52.91 -31.61
C ARG F 171 25.09 -53.70 -31.09
N HIS F 172 25.64 -53.35 -29.91
CA HIS F 172 26.67 -54.21 -29.32
C HIS F 172 26.49 -54.49 -27.83
N MET F 173 25.32 -54.20 -27.26
CA MET F 173 25.09 -54.54 -25.86
C MET F 173 24.97 -56.04 -25.64
N SER F 174 24.64 -56.80 -26.68
CA SER F 174 24.75 -58.24 -26.58
C SER F 174 26.20 -58.69 -26.55
N GLU F 175 27.08 -57.93 -27.19
CA GLU F 175 28.45 -58.37 -27.38
C GLU F 175 29.39 -57.93 -26.28
N PHE F 176 28.99 -56.91 -25.51
CA PHE F 176 29.87 -56.35 -24.50
C PHE F 176 30.14 -57.30 -23.34
N MET F 177 29.25 -58.25 -23.08
CA MET F 177 29.23 -58.92 -21.78
C MET F 177 30.32 -59.98 -21.63
N GLU F 178 30.82 -60.55 -22.72
CA GLU F 178 31.66 -61.73 -22.63
C GLU F 178 33.13 -61.46 -22.89
N CYS F 179 33.46 -60.36 -23.54
CA CYS F 179 34.82 -60.13 -24.02
C CYS F 179 35.72 -59.68 -22.88
N ASN F 180 37.03 -59.72 -23.13
CA ASN F 180 37.98 -59.26 -22.14
C ASN F 180 38.25 -57.78 -22.36
N LEU F 181 39.28 -57.24 -21.71
CA LEU F 181 39.42 -55.80 -21.54
C LEU F 181 39.74 -55.09 -22.84
N ASN F 182 40.57 -55.71 -23.69
CA ASN F 182 41.16 -55.01 -24.84
C ASN F 182 40.12 -54.65 -25.88
N GLU F 183 39.38 -55.64 -26.37
CA GLU F 183 38.37 -55.32 -27.36
C GLU F 183 37.17 -54.60 -26.74
N LEU F 184 36.98 -54.71 -25.43
CA LEU F 184 36.00 -53.89 -24.74
C LEU F 184 36.35 -52.42 -24.84
N VAL F 185 37.63 -52.09 -24.60
CA VAL F 185 38.10 -50.71 -24.72
C VAL F 185 38.02 -50.25 -26.16
N LYS F 186 38.34 -51.14 -27.11
CA LYS F 186 38.23 -50.63 -28.48
C LYS F 186 36.80 -50.62 -28.98
N HIS F 187 35.86 -51.33 -28.33
CA HIS F 187 34.46 -51.03 -28.54
C HIS F 187 34.10 -49.65 -28.01
N GLY F 188 34.66 -49.28 -26.85
CA GLY F 188 34.38 -47.96 -26.29
C GLY F 188 34.83 -46.83 -27.21
N LEU F 189 36.02 -46.96 -27.76
CA LEU F 189 36.42 -45.94 -28.71
C LEU F 189 35.78 -46.15 -30.09
N ARG F 190 35.21 -47.32 -30.38
CA ARG F 190 34.28 -47.43 -31.51
C ARG F 190 32.87 -47.00 -31.15
N ALA F 191 32.67 -46.39 -30.01
CA ALA F 191 31.57 -45.46 -29.84
C ALA F 191 32.04 -44.01 -29.95
N LEU F 192 33.21 -43.71 -29.37
CA LEU F 192 33.72 -42.34 -29.38
C LEU F 192 34.09 -41.86 -30.77
N ARG F 193 34.50 -42.75 -31.68
CA ARG F 193 34.84 -42.30 -33.03
C ARG F 193 33.60 -42.00 -33.87
N GLU F 194 32.41 -42.34 -33.38
CA GLU F 194 31.14 -41.94 -33.97
C GLU F 194 30.50 -40.81 -33.19
N THR F 195 31.05 -40.47 -32.04
CA THR F 195 30.71 -39.19 -31.41
C THR F 195 31.40 -38.00 -32.08
N LEU F 196 32.13 -38.20 -33.18
CA LEU F 196 32.83 -37.15 -33.87
C LEU F 196 32.30 -36.98 -35.29
N PRO F 197 32.48 -35.80 -35.87
CA PRO F 197 32.41 -35.71 -37.33
C PRO F 197 33.50 -36.52 -37.99
N ALA F 198 33.19 -37.04 -39.17
CA ALA F 198 34.04 -38.01 -39.84
C ALA F 198 35.19 -37.39 -40.62
N GLU F 199 35.27 -36.07 -40.72
CA GLU F 199 36.36 -35.43 -41.45
C GLU F 199 37.60 -35.23 -40.59
N GLN F 200 37.62 -35.76 -39.38
CA GLN F 200 38.83 -35.79 -38.58
C GLN F 200 38.87 -37.11 -37.81
N ASP F 201 40.03 -37.41 -37.28
CA ASP F 201 40.27 -38.68 -36.61
C ASP F 201 40.58 -38.44 -35.14
N LEU F 202 40.14 -39.39 -34.29
CA LEU F 202 40.50 -39.37 -32.89
C LEU F 202 41.99 -39.60 -32.73
N THR F 203 42.67 -38.63 -32.11
CA THR F 203 44.12 -38.63 -31.98
C THR F 203 44.52 -39.29 -30.68
N THR F 204 45.79 -39.09 -30.28
CA THR F 204 46.22 -39.50 -28.95
C THR F 204 45.71 -38.52 -27.90
N LYS F 205 46.09 -37.24 -28.03
CA LYS F 205 46.03 -36.27 -26.96
C LYS F 205 44.62 -35.89 -26.53
N ASN F 206 43.59 -36.35 -27.25
CA ASN F 206 42.22 -35.95 -26.99
C ASN F 206 41.42 -36.97 -26.19
N VAL F 207 42.00 -38.10 -25.84
CA VAL F 207 41.24 -39.19 -25.25
C VAL F 207 41.87 -39.59 -23.93
N SER F 208 41.05 -40.15 -23.04
CA SER F 208 41.54 -40.80 -21.83
C SER F 208 40.63 -41.97 -21.51
N ILE F 209 41.21 -43.01 -20.96
CA ILE F 209 40.52 -44.27 -20.71
C ILE F 209 40.80 -44.65 -19.26
N GLY F 210 39.75 -45.02 -18.53
CA GLY F 210 39.93 -45.45 -17.16
C GLY F 210 39.38 -46.83 -16.96
N ILE F 211 40.20 -47.76 -16.52
CA ILE F 211 39.77 -49.12 -16.24
C ILE F 211 39.82 -49.33 -14.74
N VAL F 212 38.73 -49.83 -14.17
CA VAL F 212 38.75 -50.44 -12.87
C VAL F 212 38.25 -51.86 -13.00
N GLY F 213 38.92 -52.80 -12.34
CA GLY F 213 38.58 -54.19 -12.43
C GLY F 213 38.20 -54.75 -11.06
N LYS F 214 37.68 -55.97 -11.09
CA LYS F 214 37.31 -56.64 -9.84
C LYS F 214 38.55 -56.99 -9.03
N ASP F 215 39.70 -57.12 -9.68
CA ASP F 215 40.98 -57.19 -9.02
C ASP F 215 41.88 -56.02 -9.37
N LEU F 216 41.44 -55.10 -10.21
CA LEU F 216 42.27 -54.01 -10.68
C LEU F 216 41.80 -52.68 -10.12
N GLU F 217 42.74 -51.92 -9.54
CA GLU F 217 42.45 -50.61 -8.98
C GLU F 217 42.17 -49.62 -10.10
N PHE F 218 41.34 -48.61 -9.78
CA PHE F 218 40.94 -47.60 -10.77
C PHE F 218 42.13 -46.76 -11.21
N THR F 219 42.34 -46.68 -12.51
CA THR F 219 43.53 -46.03 -13.03
C THR F 219 43.17 -45.24 -14.28
N ILE F 220 43.65 -44.02 -14.35
CA ILE F 220 43.43 -43.16 -15.50
C ILE F 220 44.66 -43.24 -16.39
N TYR F 221 44.46 -43.16 -17.69
CA TYR F 221 45.55 -43.25 -18.65
C TYR F 221 45.47 -42.11 -19.63
N ASP F 222 46.63 -41.72 -20.17
CA ASP F 222 46.70 -40.59 -21.09
C ASP F 222 47.91 -40.74 -22.02
N ASP F 223 47.61 -41.16 -23.26
CA ASP F 223 48.45 -41.22 -24.46
C ASP F 223 49.49 -42.33 -24.42
N ASP F 224 49.78 -42.86 -23.24
CA ASP F 224 50.99 -43.63 -23.01
C ASP F 224 50.73 -45.08 -22.75
N ASP F 225 49.70 -45.40 -21.96
CA ASP F 225 49.06 -46.69 -22.05
C ASP F 225 47.88 -46.67 -23.00
N VAL F 226 47.71 -45.55 -23.70
CA VAL F 226 46.62 -45.36 -24.63
C VAL F 226 47.07 -45.56 -26.08
N SER F 227 48.29 -45.15 -26.42
CA SER F 227 48.91 -45.58 -27.67
C SER F 227 48.98 -47.10 -27.84
N PRO F 228 49.12 -47.92 -26.78
CA PRO F 228 48.79 -49.35 -26.95
C PRO F 228 47.32 -49.61 -27.18
N PHE F 229 46.42 -48.81 -26.62
CA PHE F 229 45.01 -49.06 -26.87
C PHE F 229 44.54 -48.46 -28.17
N LEU F 230 45.27 -47.47 -28.71
CA LEU F 230 44.90 -46.87 -29.98
C LEU F 230 45.28 -47.70 -31.19
N GLU F 231 46.19 -48.66 -31.04
CA GLU F 231 46.40 -49.61 -32.11
C GLU F 231 45.37 -50.74 -31.99
N GLY F 232 45.21 -51.48 -33.08
CA GLY F 232 44.15 -52.48 -33.13
C GLY F 232 42.85 -51.93 -33.66
N LEU F 233 42.91 -50.97 -34.59
CA LEU F 233 41.74 -50.32 -35.12
C LEU F 233 41.78 -50.32 -36.64
N GLU F 234 40.60 -50.25 -37.23
CA GLU F 234 40.45 -50.01 -38.65
C GLU F 234 39.95 -48.59 -38.86
N GLU F 235 39.96 -48.15 -40.11
CA GLU F 235 39.41 -46.86 -40.44
C GLU F 235 37.88 -46.92 -40.43
N ARG F 236 37.26 -45.75 -40.45
CA ARG F 236 35.81 -45.69 -40.57
C ARG F 236 35.42 -46.06 -42.00
N PRO F 237 34.28 -46.75 -42.18
CA PRO F 237 33.92 -47.23 -43.52
C PRO F 237 33.43 -46.13 -44.45
N GLN F 238 34.36 -45.35 -44.97
CA GLN F 238 34.03 -44.26 -45.89
C GLN F 238 33.65 -44.80 -47.27
N THR G 5 -5.00 -17.80 -12.31
CA THR G 5 -3.98 -17.71 -13.33
C THR G 5 -3.32 -16.33 -13.29
N GLY G 6 -2.10 -16.26 -12.76
CA GLY G 6 -1.37 -15.03 -12.90
C GLY G 6 -0.59 -14.43 -11.73
N TYR G 7 -0.89 -14.52 -10.42
CA TYR G 7 -1.97 -15.16 -9.61
C TYR G 7 -1.79 -16.68 -9.52
N ASP G 8 -0.74 -17.19 -10.15
CA ASP G 8 -0.37 -18.59 -9.99
C ASP G 8 1.06 -18.77 -9.51
N LEU G 9 1.75 -17.69 -9.14
CA LEU G 9 3.19 -17.75 -8.97
C LEU G 9 3.59 -18.41 -7.66
N SER G 10 3.38 -17.72 -6.55
CA SER G 10 3.87 -18.21 -5.27
C SER G 10 2.87 -19.15 -4.63
N ALA G 11 3.38 -20.03 -3.78
CA ALA G 11 2.54 -21.03 -3.14
C ALA G 11 1.85 -20.49 -1.89
N SER G 12 2.16 -19.27 -1.48
CA SER G 12 1.54 -18.69 -0.31
C SER G 12 0.35 -17.83 -0.64
N THR G 13 0.30 -17.29 -1.85
CA THR G 13 -0.81 -16.43 -2.24
C THR G 13 -2.04 -17.27 -2.57
N PHE G 14 -3.20 -16.66 -2.40
CA PHE G 14 -4.44 -17.25 -2.84
C PHE G 14 -4.86 -16.71 -4.19
N SER G 15 -5.95 -17.25 -4.69
CA SER G 15 -6.57 -16.81 -5.91
C SER G 15 -7.78 -15.96 -5.61
N PRO G 16 -8.24 -15.15 -6.56
CA PRO G 16 -9.51 -14.44 -6.36
C PRO G 16 -10.74 -15.34 -6.28
N ASP G 17 -10.63 -16.63 -6.55
CA ASP G 17 -11.72 -17.54 -6.22
C ASP G 17 -11.40 -18.43 -5.02
N GLY G 18 -10.14 -18.49 -4.60
CA GLY G 18 -9.80 -19.00 -3.30
C GLY G 18 -8.99 -20.28 -3.23
N ARG G 19 -8.40 -20.74 -4.33
CA ARG G 19 -7.59 -21.95 -4.29
C ARG G 19 -6.15 -21.64 -4.67
N VAL G 20 -5.29 -22.64 -4.52
CA VAL G 20 -3.86 -22.49 -4.80
C VAL G 20 -3.52 -23.24 -6.08
N PHE G 21 -3.06 -22.50 -7.08
CA PHE G 21 -2.69 -23.12 -8.35
C PHE G 21 -1.41 -23.91 -8.27
N GLN G 22 -0.53 -23.58 -7.32
CA GLN G 22 0.69 -24.36 -7.14
C GLN G 22 0.37 -25.78 -6.69
N VAL G 23 -0.65 -25.92 -5.84
CA VAL G 23 -1.11 -27.24 -5.44
C VAL G 23 -1.72 -27.96 -6.63
N GLU G 24 -2.47 -27.25 -7.47
CA GLU G 24 -3.14 -27.87 -8.59
C GLU G 24 -2.14 -28.30 -9.66
N TYR G 25 -1.18 -27.43 -9.95
CA TYR G 25 -0.13 -27.75 -10.92
C TYR G 25 0.76 -28.87 -10.40
N ALA G 26 0.94 -28.95 -9.08
CA ALA G 26 1.67 -30.09 -8.54
C ALA G 26 0.85 -31.36 -8.61
N MET G 27 -0.48 -31.26 -8.53
CA MET G 27 -1.33 -32.44 -8.63
C MET G 27 -1.31 -33.02 -10.02
N LYS G 28 -1.56 -32.21 -11.04
CA LYS G 28 -1.64 -32.76 -12.39
C LYS G 28 -0.28 -32.97 -13.03
N ALA G 29 0.80 -32.75 -12.29
CA ALA G 29 2.11 -33.18 -12.75
C ALA G 29 2.26 -34.69 -12.66
N VAL G 30 1.71 -35.29 -11.61
CA VAL G 30 1.80 -36.73 -11.41
C VAL G 30 0.88 -37.48 -12.37
N GLU G 31 -0.09 -36.77 -12.94
CA GLU G 31 -0.99 -37.33 -13.94
C GLU G 31 -0.25 -37.83 -15.17
N ASN G 32 0.84 -37.17 -15.54
CA ASN G 32 1.61 -37.63 -16.69
C ASN G 32 2.53 -38.79 -16.37
N SER G 33 2.73 -39.11 -15.09
CA SER G 33 3.65 -40.18 -14.71
C SER G 33 2.99 -41.54 -14.92
N SER G 34 3.77 -42.59 -14.69
CA SER G 34 3.37 -43.95 -14.98
C SER G 34 2.23 -44.41 -14.07
N THR G 35 1.53 -45.44 -14.52
CA THR G 35 0.38 -45.95 -13.80
C THR G 35 0.84 -46.84 -12.65
N ALA G 36 0.33 -46.56 -11.44
CA ALA G 36 0.67 -47.34 -10.25
C ALA G 36 -0.61 -47.57 -9.46
N ILE G 37 -0.92 -48.84 -9.20
CA ILE G 37 -2.17 -49.21 -8.54
C ILE G 37 -1.84 -49.92 -7.24
N GLY G 38 -2.89 -50.20 -6.48
CA GLY G 38 -2.77 -50.98 -5.26
C GLY G 38 -4.14 -51.47 -4.81
N ILE G 39 -4.14 -52.62 -4.17
CA ILE G 39 -5.36 -53.27 -3.68
C ILE G 39 -4.97 -54.26 -2.60
N ARG G 40 -5.79 -54.35 -1.56
CA ARG G 40 -5.54 -55.28 -0.47
C ARG G 40 -6.54 -56.43 -0.50
N CYS G 41 -6.15 -57.51 0.15
CA CYS G 41 -7.02 -58.66 0.36
C CYS G 41 -7.33 -58.76 1.84
N LYS G 42 -7.97 -59.86 2.22
CA LYS G 42 -8.37 -60.04 3.62
C LYS G 42 -7.21 -60.34 4.54
N ASP G 43 -6.03 -60.65 4.03
CA ASP G 43 -4.88 -60.85 4.89
C ASP G 43 -3.60 -60.34 4.26
N GLY G 44 -3.68 -59.29 3.45
CA GLY G 44 -2.48 -58.72 2.88
C GLY G 44 -2.80 -57.59 1.94
N VAL G 45 -1.73 -56.89 1.54
CA VAL G 45 -1.80 -55.75 0.64
C VAL G 45 -0.86 -56.04 -0.53
N VAL G 46 -1.35 -55.81 -1.75
CA VAL G 46 -0.57 -56.05 -2.96
C VAL G 46 -0.37 -54.73 -3.70
N PHE G 47 0.88 -54.46 -4.07
CA PHE G 47 1.23 -53.35 -4.93
C PHE G 47 1.54 -53.84 -6.34
N GLY G 48 1.53 -52.91 -7.29
CA GLY G 48 1.85 -53.21 -8.67
C GLY G 48 2.02 -51.95 -9.49
N VAL G 49 3.12 -51.84 -10.24
CA VAL G 49 3.48 -50.62 -10.93
C VAL G 49 3.75 -50.94 -12.39
N GLU G 50 3.04 -50.27 -13.29
CA GLU G 50 3.40 -50.29 -14.70
C GLU G 50 4.67 -49.46 -14.90
N LYS G 51 5.78 -50.13 -15.14
CA LYS G 51 7.06 -49.45 -15.28
C LYS G 51 7.60 -49.65 -16.70
N LEU G 52 8.19 -48.61 -17.26
CA LEU G 52 8.55 -48.61 -18.67
C LEU G 52 10.06 -48.53 -18.85
N VAL G 53 10.56 -49.31 -19.82
CA VAL G 53 11.91 -49.17 -20.33
C VAL G 53 11.92 -48.04 -21.34
N LEU G 54 12.98 -47.21 -21.34
CA LEU G 54 13.02 -46.08 -22.24
C LEU G 54 13.07 -46.50 -23.71
N SER G 55 14.22 -46.98 -24.19
CA SER G 55 14.19 -47.75 -25.43
C SER G 55 14.90 -49.09 -25.31
N LYS G 56 16.23 -49.03 -25.08
CA LYS G 56 17.02 -50.25 -24.98
C LYS G 56 18.15 -50.05 -23.98
N LEU G 57 18.03 -49.05 -23.11
CA LEU G 57 19.15 -48.52 -22.37
C LEU G 57 19.05 -48.79 -20.89
N TYR G 58 18.02 -49.49 -20.48
CA TYR G 58 17.73 -49.75 -19.08
C TYR G 58 18.39 -51.08 -18.71
N GLU G 59 18.08 -51.63 -17.53
CA GLU G 59 18.72 -52.87 -17.10
C GLU G 59 17.75 -53.84 -16.43
N GLU G 60 16.47 -53.47 -16.31
CA GLU G 60 15.40 -54.28 -15.71
C GLU G 60 15.75 -54.71 -14.29
N GLY G 61 15.66 -53.72 -13.40
CA GLY G 61 16.01 -53.92 -12.01
C GLY G 61 16.68 -52.70 -11.41
N SER G 62 16.76 -51.64 -12.19
CA SER G 62 17.16 -50.34 -11.68
C SER G 62 15.95 -49.59 -11.16
N ASN G 63 16.23 -48.49 -10.43
CA ASN G 63 15.36 -47.38 -10.02
C ASN G 63 13.91 -47.74 -9.75
N LYS G 64 13.72 -48.82 -8.98
CA LYS G 64 12.39 -49.40 -8.78
C LYS G 64 11.54 -48.51 -7.90
N ARG G 65 10.37 -48.14 -8.40
CA ARG G 65 9.46 -47.28 -7.64
C ARG G 65 8.82 -48.00 -6.46
N LEU G 66 8.93 -49.31 -6.37
CA LEU G 66 8.52 -50.00 -5.16
C LEU G 66 9.62 -49.89 -4.13
N PHE G 67 9.47 -48.95 -3.21
CA PHE G 67 10.44 -48.78 -2.14
C PHE G 67 10.12 -49.75 -1.02
N ASN G 68 10.87 -49.67 0.07
CA ASN G 68 10.54 -50.45 1.26
C ASN G 68 11.05 -49.66 2.47
N VAL G 69 10.14 -48.93 3.12
CA VAL G 69 10.55 -48.01 4.18
C VAL G 69 10.83 -48.76 5.47
N ASP G 70 9.84 -49.49 5.96
CA ASP G 70 9.96 -50.17 7.22
C ASP G 70 10.01 -51.67 6.95
N ARG G 71 10.10 -52.46 8.03
CA ARG G 71 10.05 -53.91 7.97
C ARG G 71 8.75 -54.40 7.35
N HIS G 72 7.67 -53.65 7.52
CA HIS G 72 6.34 -54.04 7.06
C HIS G 72 5.69 -52.94 6.24
N VAL G 73 6.40 -51.85 5.94
CA VAL G 73 5.84 -50.71 5.24
C VAL G 73 6.77 -50.36 4.09
N GLY G 74 6.20 -50.23 2.89
CA GLY G 74 6.96 -49.79 1.75
C GLY G 74 6.07 -49.01 0.80
N MET G 75 6.72 -48.27 -0.09
CA MET G 75 6.03 -47.32 -0.93
C MET G 75 5.86 -47.86 -2.34
N ALA G 76 4.94 -47.26 -3.07
CA ALA G 76 4.60 -47.64 -4.43
C ALA G 76 4.49 -46.40 -5.29
N VAL G 77 5.54 -45.56 -5.23
CA VAL G 77 5.45 -44.16 -5.63
C VAL G 77 5.17 -43.99 -7.11
N ALA G 78 4.74 -42.78 -7.46
CA ALA G 78 4.59 -42.37 -8.84
C ALA G 78 4.68 -40.85 -8.88
N GLY G 79 5.30 -40.33 -9.93
CA GLY G 79 5.53 -38.91 -10.03
C GLY G 79 7.00 -38.60 -10.29
N LEU G 80 7.49 -37.53 -9.69
CA LEU G 80 8.92 -37.24 -9.77
C LEU G 80 9.69 -38.20 -8.88
N LEU G 81 10.71 -38.84 -9.45
CA LEU G 81 11.33 -39.98 -8.78
C LEU G 81 12.22 -39.54 -7.62
N ALA G 82 13.04 -38.50 -7.82
CA ALA G 82 13.99 -38.09 -6.79
C ALA G 82 13.27 -37.48 -5.59
N ASP G 83 12.18 -36.76 -5.86
CA ASP G 83 11.33 -36.25 -4.80
C ASP G 83 10.74 -37.39 -3.99
N ALA G 84 10.37 -38.48 -4.67
CA ALA G 84 9.88 -39.65 -3.98
C ALA G 84 10.97 -40.32 -3.16
N ARG G 85 12.21 -40.29 -3.65
CA ARG G 85 13.33 -40.84 -2.88
C ARG G 85 13.56 -40.04 -1.60
N SER G 86 13.51 -38.72 -1.72
CA SER G 86 13.66 -37.85 -0.56
C SER G 86 12.55 -38.07 0.46
N LEU G 87 11.32 -38.20 -0.02
CA LEU G 87 10.20 -38.42 0.88
C LEU G 87 10.27 -39.80 1.51
N ALA G 88 10.80 -40.78 0.77
CA ALA G 88 11.05 -42.10 1.33
C ALA G 88 12.07 -42.04 2.44
N ASP G 89 13.11 -41.20 2.27
CA ASP G 89 14.11 -41.04 3.33
C ASP G 89 13.50 -40.42 4.58
N ILE G 90 12.60 -39.45 4.40
CA ILE G 90 11.93 -38.85 5.54
C ILE G 90 11.04 -39.87 6.25
N ALA G 91 10.41 -40.76 5.47
CA ALA G 91 9.61 -41.81 6.07
C ALA G 91 10.45 -42.80 6.85
N ARG G 92 11.61 -43.16 6.30
CA ARG G 92 12.54 -44.05 7.00
C ARG G 92 13.04 -43.43 8.29
N GLU G 93 13.31 -42.12 8.25
CA GLU G 93 13.77 -41.40 9.42
C GLU G 93 12.70 -41.37 10.50
N GLU G 94 11.45 -41.15 10.10
CA GLU G 94 10.37 -41.09 11.08
C GLU G 94 10.09 -42.45 11.70
N ALA G 95 10.12 -43.51 10.88
CA ALA G 95 9.93 -44.85 11.41
C ALA G 95 11.06 -45.25 12.34
N SER G 96 12.28 -44.80 12.04
CA SER G 96 13.41 -45.02 12.93
C SER G 96 13.21 -44.31 14.27
N ASN G 97 12.71 -43.07 14.23
CA ASN G 97 12.49 -42.35 15.48
C ASN G 97 11.41 -43.00 16.33
N PHE G 98 10.34 -43.50 15.70
CA PHE G 98 9.30 -44.17 16.48
C PHE G 98 9.83 -45.44 17.09
N ARG G 99 10.62 -46.21 16.32
CA ARG G 99 11.22 -47.42 16.84
C ARG G 99 12.19 -47.11 17.98
N SER G 100 12.86 -45.97 17.91
CA SER G 100 13.78 -45.59 18.97
C SER G 100 13.06 -45.16 20.23
N ASN G 101 11.95 -44.43 20.10
CA ASN G 101 11.34 -43.79 21.24
C ASN G 101 10.22 -44.60 21.85
N PHE G 102 9.76 -45.66 21.19
CA PHE G 102 8.62 -46.40 21.70
C PHE G 102 8.81 -47.91 21.68
N GLY G 103 9.80 -48.42 20.95
CA GLY G 103 10.19 -49.80 21.09
C GLY G 103 9.33 -50.81 20.38
N TYR G 104 8.46 -50.39 19.46
CA TYR G 104 7.67 -51.33 18.68
C TYR G 104 7.38 -50.72 17.32
N ASN G 105 6.64 -51.47 16.51
CA ASN G 105 6.40 -51.10 15.12
C ASN G 105 5.48 -49.91 15.02
N ILE G 106 5.72 -49.07 14.02
CA ILE G 106 4.91 -47.86 13.85
C ILE G 106 3.54 -48.23 13.32
N PRO G 107 2.45 -47.74 13.93
CA PRO G 107 1.14 -47.88 13.30
C PRO G 107 1.02 -46.98 12.10
N LEU G 108 0.30 -47.47 11.09
CA LEU G 108 0.36 -46.88 9.77
C LEU G 108 -0.37 -45.55 9.71
N LYS G 109 -1.42 -45.39 10.52
CA LYS G 109 -2.18 -44.15 10.54
C LYS G 109 -1.34 -43.00 11.08
N HIS G 110 -0.60 -43.27 12.15
CA HIS G 110 0.26 -42.25 12.73
C HIS G 110 1.38 -41.86 11.78
N LEU G 111 1.96 -42.85 11.11
CA LEU G 111 3.00 -42.61 10.12
C LEU G 111 2.47 -41.78 8.97
N ALA G 112 1.27 -42.11 8.50
CA ALA G 112 0.64 -41.37 7.42
C ALA G 112 0.33 -39.94 7.83
N ASP G 113 -0.04 -39.73 9.09
CA ASP G 113 -0.33 -38.37 9.54
C ASP G 113 0.94 -37.53 9.63
N ARG G 114 2.04 -38.13 10.09
CA ARG G 114 3.30 -37.39 10.16
C ARG G 114 3.82 -37.04 8.77
N VAL G 115 3.74 -38.00 7.84
CA VAL G 115 4.16 -37.73 6.47
C VAL G 115 3.23 -36.71 5.81
N ALA G 116 1.94 -36.76 6.14
CA ALA G 116 0.99 -35.78 5.59
C ALA G 116 1.28 -34.38 6.12
N MET G 117 1.69 -34.28 7.37
CA MET G 117 2.10 -32.98 7.89
C MET G 117 3.37 -32.50 7.23
N TYR G 118 4.27 -33.41 6.89
CA TYR G 118 5.50 -33.02 6.20
C TYR G 118 5.19 -32.49 4.81
N VAL G 119 4.30 -33.19 4.10
CA VAL G 119 3.82 -32.75 2.79
C VAL G 119 3.13 -31.39 2.91
N HIS G 120 2.33 -31.23 3.94
CA HIS G 120 1.55 -30.00 4.09
C HIS G 120 2.44 -28.81 4.40
N ALA G 121 3.44 -29.02 5.25
CA ALA G 121 4.42 -27.98 5.52
C ALA G 121 5.21 -27.62 4.27
N TYR G 122 5.49 -28.59 3.40
CA TYR G 122 6.08 -28.20 2.13
C TYR G 122 5.08 -27.61 1.14
N THR G 123 3.78 -27.66 1.43
CA THR G 123 2.85 -26.84 0.67
C THR G 123 2.67 -25.45 1.24
N LEU G 124 3.04 -25.23 2.51
CA LEU G 124 2.72 -23.96 3.16
C LEU G 124 3.59 -22.81 2.65
N TYR G 125 4.90 -22.95 2.76
CA TYR G 125 5.76 -21.79 2.57
C TYR G 125 5.98 -21.49 1.09
N SER G 126 6.59 -20.33 0.85
CA SER G 126 6.77 -19.81 -0.49
C SER G 126 8.14 -20.08 -1.06
N ALA G 127 9.13 -20.38 -0.22
CA ALA G 127 10.49 -20.64 -0.73
C ALA G 127 10.59 -22.02 -1.34
N VAL G 128 9.68 -22.92 -1.01
CA VAL G 128 9.72 -24.28 -1.53
C VAL G 128 8.49 -24.51 -2.38
N ARG G 129 8.56 -25.53 -3.19
CA ARG G 129 7.43 -25.93 -3.99
C ARG G 129 6.67 -27.06 -3.32
N PRO G 130 5.43 -27.30 -3.70
CA PRO G 130 4.77 -28.56 -3.32
C PRO G 130 5.43 -29.73 -4.02
N PHE G 131 5.28 -30.90 -3.41
CA PHE G 131 5.89 -32.10 -3.95
C PHE G 131 5.19 -32.52 -5.23
N GLY G 132 5.93 -33.23 -6.07
CA GLY G 132 5.40 -33.72 -7.32
C GLY G 132 5.22 -35.22 -7.28
N CYS G 133 4.75 -35.74 -6.16
CA CYS G 133 4.66 -37.17 -5.94
C CYS G 133 3.26 -37.57 -5.50
N SER G 134 2.92 -38.82 -5.77
CA SER G 134 1.71 -39.42 -5.25
C SER G 134 1.99 -40.90 -5.07
N PHE G 135 1.75 -41.41 -3.88
CA PHE G 135 2.24 -42.73 -3.55
C PHE G 135 1.23 -43.49 -2.72
N MET G 136 1.60 -44.73 -2.41
CA MET G 136 0.80 -45.66 -1.65
C MET G 136 1.52 -45.98 -0.34
N LEU G 137 0.77 -46.41 0.65
CA LEU G 137 1.36 -46.99 1.85
C LEU G 137 0.57 -48.23 2.22
N GLY G 138 1.24 -49.36 2.22
CA GLY G 138 0.60 -50.59 2.66
C GLY G 138 1.29 -51.13 3.88
N SER G 139 0.57 -51.96 4.64
CA SER G 139 1.12 -52.54 5.86
C SER G 139 0.32 -53.78 6.20
N TYR G 140 0.80 -54.50 7.20
CA TYR G 140 0.08 -55.62 7.75
C TYR G 140 0.47 -55.74 9.22
N SER G 141 -0.49 -56.15 10.05
CA SER G 141 -0.19 -56.44 11.43
C SER G 141 -1.13 -57.51 11.94
N VAL G 142 -0.64 -58.32 12.87
CA VAL G 142 -1.46 -59.39 13.40
C VAL G 142 -2.50 -58.87 14.38
N ASN G 143 -2.27 -57.70 14.98
CA ASN G 143 -3.26 -57.09 15.84
C ASN G 143 -4.01 -55.96 15.15
N ASP G 144 -3.65 -55.64 13.91
CA ASP G 144 -4.29 -54.55 13.19
C ASP G 144 -4.80 -54.93 11.81
N GLY G 145 -4.34 -56.02 11.22
CA GLY G 145 -4.80 -56.38 9.90
C GLY G 145 -4.10 -55.58 8.83
N ALA G 146 -4.76 -55.44 7.70
CA ALA G 146 -4.21 -54.73 6.56
C ALA G 146 -4.79 -53.32 6.50
N GLN G 147 -3.92 -52.35 6.27
CA GLN G 147 -4.33 -50.96 6.09
C GLN G 147 -3.62 -50.45 4.85
N LEU G 148 -4.38 -49.81 3.96
CA LEU G 148 -3.86 -49.31 2.71
C LEU G 148 -4.17 -47.83 2.60
N TYR G 149 -3.14 -47.01 2.50
CA TYR G 149 -3.31 -45.57 2.51
C TYR G 149 -2.89 -44.97 1.18
N MET G 150 -2.98 -43.65 1.13
CA MET G 150 -2.97 -42.92 -0.12
C MET G 150 -2.70 -41.44 0.16
N ILE G 151 -1.70 -40.87 -0.50
CA ILE G 151 -1.26 -39.52 -0.18
C ILE G 151 -1.17 -38.72 -1.46
N ASP G 152 -1.92 -37.63 -1.52
CA ASP G 152 -1.92 -36.70 -2.65
C ASP G 152 -0.73 -35.76 -2.54
N PRO G 153 -0.46 -34.96 -3.58
CA PRO G 153 0.53 -33.88 -3.41
C PRO G 153 0.13 -32.80 -2.41
N SER G 154 -1.16 -32.64 -2.09
CA SER G 154 -1.49 -31.60 -1.13
C SER G 154 -1.18 -32.03 0.29
N GLY G 155 -1.59 -33.23 0.67
CA GLY G 155 -1.40 -33.69 2.03
C GLY G 155 -2.65 -34.31 2.61
N VAL G 156 -3.66 -34.51 1.77
CA VAL G 156 -4.88 -35.19 2.20
C VAL G 156 -4.62 -36.69 2.15
N SER G 157 -4.54 -37.32 3.31
CA SER G 157 -4.08 -38.69 3.42
C SER G 157 -5.14 -39.51 4.14
N TYR G 158 -5.75 -40.45 3.43
CA TYR G 158 -6.76 -41.29 4.01
C TYR G 158 -6.75 -42.63 3.29
N GLY G 159 -7.63 -43.52 3.71
CA GLY G 159 -7.51 -44.90 3.30
C GLY G 159 -8.50 -45.39 2.27
N TYR G 160 -8.12 -46.46 1.59
CA TYR G 160 -8.93 -47.08 0.57
C TYR G 160 -9.04 -48.56 0.86
N TRP G 161 -9.69 -49.26 -0.06
CA TRP G 161 -9.34 -50.62 -0.35
C TRP G 161 -8.45 -50.72 -1.59
N GLY G 162 -8.77 -49.92 -2.61
CA GLY G 162 -8.02 -49.96 -3.84
C GLY G 162 -7.75 -48.57 -4.37
N CYS G 163 -6.70 -48.47 -5.19
CA CYS G 163 -6.30 -47.20 -5.75
C CYS G 163 -5.62 -47.38 -7.08
N ALA G 164 -5.35 -46.26 -7.73
CA ALA G 164 -4.60 -46.19 -8.97
C ALA G 164 -4.01 -44.81 -9.05
N ILE G 165 -2.74 -44.72 -9.47
CA ILE G 165 -2.05 -43.45 -9.61
C ILE G 165 -1.30 -43.48 -10.93
N GLY G 166 -1.66 -42.60 -11.85
CA GLY G 166 -1.02 -42.55 -13.14
C GLY G 166 -1.95 -41.96 -14.17
N LYS G 167 -1.73 -42.32 -15.43
CA LYS G 167 -2.64 -41.89 -16.49
C LYS G 167 -4.02 -42.50 -16.29
N ALA G 168 -4.10 -43.83 -16.32
CA ALA G 168 -5.38 -44.52 -16.22
C ALA G 168 -5.81 -44.68 -14.77
N ARG G 169 -5.99 -43.53 -14.12
CA ARG G 169 -6.46 -43.54 -12.74
C ARG G 169 -7.93 -43.92 -12.68
N GLN G 170 -8.75 -43.29 -13.52
CA GLN G 170 -10.15 -43.69 -13.62
C GLN G 170 -10.29 -45.05 -14.29
N ALA G 171 -9.52 -45.28 -15.35
CA ALA G 171 -9.70 -46.47 -16.18
C ALA G 171 -9.22 -47.74 -15.51
N ALA G 172 -8.49 -47.65 -14.40
CA ALA G 172 -8.15 -48.83 -13.63
C ALA G 172 -9.22 -49.14 -12.59
N LYS G 173 -9.59 -48.14 -11.81
CA LYS G 173 -10.62 -48.29 -10.79
C LYS G 173 -12.02 -48.48 -11.36
N THR G 174 -12.16 -48.34 -12.69
CA THR G 174 -13.35 -48.80 -13.37
C THR G 174 -13.58 -50.29 -13.14
N GLU G 175 -12.52 -51.09 -13.20
CA GLU G 175 -12.62 -52.54 -13.05
C GLU G 175 -11.91 -53.06 -11.81
N ILE G 176 -11.28 -52.20 -11.02
CA ILE G 176 -10.82 -52.66 -9.73
C ILE G 176 -12.02 -52.93 -8.81
N GLU G 177 -13.06 -52.12 -8.93
CA GLU G 177 -14.21 -52.24 -8.05
C GLU G 177 -15.11 -53.42 -8.38
N LYS G 178 -14.95 -54.05 -9.53
CA LYS G 178 -15.65 -55.30 -9.80
C LYS G 178 -14.88 -56.51 -9.33
N LEU G 179 -13.78 -56.31 -8.61
CA LEU G 179 -13.08 -57.42 -7.98
C LEU G 179 -13.70 -57.72 -6.63
N GLN G 180 -13.89 -59.02 -6.37
CA GLN G 180 -14.46 -59.46 -5.10
C GLN G 180 -13.32 -59.50 -4.08
N MET G 181 -13.07 -58.35 -3.47
CA MET G 181 -11.83 -58.13 -2.75
C MET G 181 -11.77 -58.81 -1.39
N LYS G 182 -12.90 -59.03 -0.72
CA LYS G 182 -12.86 -59.47 0.66
C LYS G 182 -12.60 -60.96 0.77
N GLU G 183 -13.24 -61.75 -0.07
CA GLU G 183 -13.21 -63.19 0.09
C GLU G 183 -11.99 -63.85 -0.53
N MET G 184 -11.05 -63.08 -1.07
CA MET G 184 -9.93 -63.64 -1.80
C MET G 184 -8.64 -63.49 -1.00
N THR G 185 -7.79 -64.50 -1.08
CA THR G 185 -6.44 -64.37 -0.58
C THR G 185 -5.57 -63.65 -1.61
N CYS G 186 -4.45 -63.10 -1.13
CA CYS G 186 -3.64 -62.22 -1.98
C CYS G 186 -2.89 -62.95 -3.08
N ARG G 187 -2.75 -64.26 -2.99
CA ARG G 187 -2.10 -65.00 -4.07
C ARG G 187 -2.94 -65.00 -5.34
N ASP G 188 -4.26 -64.95 -5.20
CA ASP G 188 -5.12 -64.70 -6.35
C ASP G 188 -4.98 -63.26 -6.81
N ILE G 189 -4.88 -62.34 -5.84
CA ILE G 189 -4.79 -60.92 -6.11
C ILE G 189 -3.51 -60.57 -6.86
N VAL G 190 -2.49 -61.43 -6.77
CA VAL G 190 -1.27 -61.29 -7.59
C VAL G 190 -1.61 -61.28 -9.07
N LYS G 191 -2.26 -62.35 -9.54
CA LYS G 191 -2.60 -62.38 -10.95
C LYS G 191 -3.75 -61.44 -11.27
N GLU G 192 -4.52 -61.02 -10.26
CA GLU G 192 -5.49 -59.95 -10.48
C GLU G 192 -4.79 -58.64 -10.84
N VAL G 193 -3.78 -58.24 -10.06
CA VAL G 193 -3.02 -57.02 -10.35
C VAL G 193 -2.28 -57.16 -11.67
N ALA G 194 -1.83 -58.39 -11.96
CA ALA G 194 -1.21 -58.67 -13.25
C ALA G 194 -2.16 -58.38 -14.41
N LYS G 195 -3.41 -58.84 -14.29
CA LYS G 195 -4.33 -58.61 -15.41
C LYS G 195 -4.76 -57.15 -15.46
N ILE G 196 -4.78 -56.46 -14.32
CA ILE G 196 -5.19 -55.06 -14.33
C ILE G 196 -4.12 -54.20 -15.01
N ILE G 197 -2.85 -54.42 -14.64
CA ILE G 197 -1.75 -53.70 -15.29
C ILE G 197 -1.68 -54.08 -16.77
N TYR G 198 -1.92 -55.35 -17.09
CA TYR G 198 -1.74 -55.80 -18.45
C TYR G 198 -2.84 -55.32 -19.38
N ILE G 199 -4.06 -55.11 -18.89
CA ILE G 199 -5.15 -54.68 -19.77
C ILE G 199 -4.92 -53.24 -20.24
N VAL G 200 -4.54 -52.35 -19.34
CA VAL G 200 -4.35 -50.97 -19.71
C VAL G 200 -3.02 -50.77 -20.43
N HIS G 201 -3.09 -50.18 -21.64
CA HIS G 201 -1.96 -49.69 -22.44
C HIS G 201 -0.95 -50.80 -22.75
N ASP G 202 -1.41 -51.73 -23.57
CA ASP G 202 -0.53 -52.79 -24.06
C ASP G 202 0.58 -52.22 -24.96
N GLU G 203 0.21 -51.56 -26.06
CA GLU G 203 1.21 -51.14 -27.03
C GLU G 203 0.91 -49.77 -27.63
N VAL G 204 -0.06 -49.02 -27.10
CA VAL G 204 -0.71 -47.97 -27.86
C VAL G 204 0.21 -46.78 -28.08
N LYS G 205 0.49 -46.03 -27.03
CA LYS G 205 1.30 -44.83 -27.17
C LYS G 205 2.78 -45.14 -27.11
N ASP G 206 3.19 -46.06 -26.25
CA ASP G 206 4.59 -46.41 -26.09
C ASP G 206 4.85 -47.79 -26.66
N LYS G 207 6.07 -48.28 -26.45
CA LYS G 207 6.52 -49.53 -27.03
C LYS G 207 6.45 -50.69 -26.04
N ALA G 208 7.09 -50.56 -24.89
CA ALA G 208 7.21 -51.67 -23.97
C ALA G 208 7.11 -51.17 -22.54
N PHE G 209 6.61 -52.04 -21.67
CA PHE G 209 6.53 -51.77 -20.24
C PHE G 209 7.10 -52.97 -19.50
N GLU G 210 7.08 -52.91 -18.17
CA GLU G 210 7.60 -54.00 -17.36
C GLU G 210 6.89 -53.96 -16.02
N LEU G 211 6.67 -55.14 -15.45
CA LEU G 211 5.86 -55.29 -14.26
C LEU G 211 6.71 -55.53 -13.03
N GLU G 212 6.39 -54.82 -11.94
CA GLU G 212 6.87 -55.14 -10.61
C GLU G 212 5.68 -55.32 -9.69
N LEU G 213 5.82 -56.19 -8.70
CA LEU G 213 4.75 -56.46 -7.75
C LEU G 213 5.33 -56.52 -6.35
N SER G 214 4.95 -55.56 -5.50
CA SER G 214 5.31 -55.64 -4.10
C SER G 214 4.21 -56.34 -3.34
N TRP G 215 4.54 -56.76 -2.13
CA TRP G 215 3.76 -57.82 -1.53
C TRP G 215 4.00 -57.88 -0.04
N VAL G 216 2.95 -57.63 0.74
CA VAL G 216 3.01 -57.65 2.19
C VAL G 216 1.74 -58.30 2.70
N GLY G 217 1.86 -59.04 3.79
CA GLY G 217 0.67 -59.56 4.43
C GLY G 217 0.99 -60.73 5.32
N GLU G 218 -0.05 -61.53 5.57
CA GLU G 218 0.02 -62.64 6.51
C GLU G 218 0.91 -63.75 5.99
N LEU G 219 1.01 -63.90 4.67
CA LEU G 219 1.81 -64.97 4.11
C LEU G 219 3.31 -64.71 4.31
N THR G 220 3.71 -63.45 4.41
CA THR G 220 5.10 -63.09 4.59
C THR G 220 5.47 -62.95 6.05
N ASN G 221 4.53 -63.24 6.97
CA ASN G 221 4.70 -63.12 8.42
C ASN G 221 5.09 -61.72 8.84
N GLY G 222 4.47 -60.72 8.23
CA GLY G 222 4.77 -59.34 8.53
C GLY G 222 5.89 -58.75 7.71
N ARG G 223 6.48 -59.50 6.81
CA ARG G 223 7.52 -58.95 5.96
C ARG G 223 6.89 -58.25 4.77
N HIS G 224 7.63 -57.29 4.22
CA HIS G 224 7.23 -56.61 3.01
C HIS G 224 8.37 -56.71 2.01
N GLU G 225 8.07 -57.31 0.86
CA GLU G 225 9.10 -57.54 -0.14
C GLU G 225 8.44 -57.68 -1.49
N ILE G 226 9.25 -57.58 -2.54
CA ILE G 226 8.81 -57.93 -3.87
C ILE G 226 8.57 -59.44 -3.94
N VAL G 227 7.55 -59.84 -4.70
CA VAL G 227 7.31 -61.25 -4.96
C VAL G 227 8.48 -61.88 -5.70
N PRO G 228 8.65 -63.16 -5.57
CA PRO G 228 9.34 -63.89 -6.64
C PRO G 228 8.36 -64.01 -7.80
N LYS G 229 8.27 -62.98 -8.65
CA LYS G 229 7.29 -62.99 -9.73
C LYS G 229 7.62 -64.05 -10.76
N ASP G 230 8.91 -64.25 -10.99
CA ASP G 230 9.38 -65.34 -11.83
C ASP G 230 8.93 -66.70 -11.32
N ILE G 231 8.88 -66.86 -10.00
CA ILE G 231 8.26 -68.04 -9.42
C ILE G 231 6.76 -67.96 -9.61
N ARG G 232 6.20 -69.00 -10.23
CA ARG G 232 4.79 -69.26 -10.55
C ARG G 232 4.28 -68.38 -11.69
N GLU G 233 5.05 -67.34 -12.05
CA GLU G 233 5.03 -66.62 -13.33
C GLU G 233 3.61 -66.22 -13.74
N GLU G 234 2.97 -65.47 -12.85
CA GLU G 234 1.52 -65.33 -12.88
C GLU G 234 1.01 -64.44 -14.00
N ALA G 235 1.82 -63.48 -14.46
CA ALA G 235 1.34 -62.53 -15.45
C ALA G 235 1.16 -63.16 -16.82
N GLU G 236 2.26 -63.62 -17.43
CA GLU G 236 2.31 -63.80 -18.88
C GLU G 236 1.50 -65.02 -19.32
N LYS G 237 1.52 -66.10 -18.54
CA LYS G 237 0.63 -67.21 -18.83
C LYS G 237 -0.83 -66.89 -18.58
N TYR G 238 -1.12 -65.82 -17.86
CA TYR G 238 -2.48 -65.30 -17.79
C TYR G 238 -2.69 -64.13 -18.73
N ALA G 239 -1.62 -63.37 -19.02
CA ALA G 239 -1.72 -62.24 -19.92
C ALA G 239 -2.02 -62.68 -21.34
N LYS G 240 -1.42 -63.79 -21.77
CA LYS G 240 -1.72 -64.33 -23.09
C LYS G 240 -3.11 -64.93 -23.17
N GLU G 241 -3.73 -65.21 -22.03
CA GLU G 241 -5.12 -65.63 -21.98
C GLU G 241 -6.06 -64.48 -21.66
N SER G 242 -5.53 -63.30 -21.34
CA SER G 242 -6.36 -62.15 -21.07
C SER G 242 -6.53 -61.25 -22.28
N LEU G 243 -5.89 -61.59 -23.40
CA LEU G 243 -6.08 -60.87 -24.65
C LEU G 243 -7.30 -61.35 -25.42
N LYS G 244 -8.07 -62.27 -24.85
CA LYS G 244 -9.29 -62.77 -25.48
C LYS G 244 -10.31 -63.12 -24.40
N THR H 1 8.51 -45.84 50.69
CA THR H 1 9.79 -46.46 50.47
C THR H 1 9.62 -47.81 49.79
N THR H 2 9.13 -48.80 50.54
CA THR H 2 9.03 -50.16 50.06
C THR H 2 7.83 -50.30 49.12
N ILE H 3 8.09 -50.64 47.87
CA ILE H 3 7.02 -50.83 46.90
C ILE H 3 7.08 -52.25 46.36
N MET H 4 5.94 -52.71 45.85
CA MET H 4 5.71 -54.10 45.56
C MET H 4 4.69 -54.20 44.43
N ALA H 5 4.96 -55.07 43.46
CA ALA H 5 4.07 -55.19 42.32
C ALA H 5 4.01 -56.65 41.88
N VAL H 6 2.82 -57.22 41.92
CA VAL H 6 2.60 -58.63 41.61
C VAL H 6 1.52 -58.71 40.55
N GLN H 7 1.77 -59.45 39.49
CA GLN H 7 0.72 -59.73 38.53
C GLN H 7 0.05 -61.06 38.85
N PHE H 8 -1.13 -61.24 38.29
CA PHE H 8 -1.82 -62.52 38.29
C PHE H 8 -2.42 -62.69 36.90
N ASP H 9 -3.29 -63.68 36.74
CA ASP H 9 -3.77 -64.03 35.41
C ASP H 9 -4.67 -62.95 34.84
N GLY H 10 -5.59 -62.44 35.66
CA GLY H 10 -6.43 -61.35 35.20
C GLY H 10 -5.67 -60.05 35.04
N GLY H 11 -4.92 -59.64 36.04
CA GLY H 11 -4.24 -58.36 36.02
C GLY H 11 -3.06 -58.31 36.96
N VAL H 12 -2.84 -57.12 37.52
CA VAL H 12 -1.71 -56.86 38.39
C VAL H 12 -2.21 -56.36 39.73
N VAL H 13 -1.36 -56.48 40.74
CA VAL H 13 -1.63 -56.01 42.09
C VAL H 13 -0.40 -55.23 42.54
N LEU H 14 -0.63 -54.02 43.03
CA LEU H 14 0.45 -53.15 43.44
C LEU H 14 0.42 -52.98 44.95
N GLY H 15 1.33 -52.18 45.49
CA GLY H 15 1.38 -51.98 46.92
C GLY H 15 2.58 -51.20 47.41
N ALA H 16 2.38 -50.38 48.44
CA ALA H 16 3.46 -49.55 48.97
C ALA H 16 3.17 -49.19 50.41
N ASP H 17 4.24 -48.81 51.12
CA ASP H 17 4.17 -48.15 52.42
C ASP H 17 3.99 -46.65 52.18
N SER H 18 3.98 -45.84 53.23
CA SER H 18 3.90 -44.42 52.88
C SER H 18 5.09 -43.57 53.31
N ARG H 19 5.16 -43.21 54.60
CA ARG H 19 6.32 -42.72 55.37
C ARG H 19 7.47 -42.05 54.63
N THR H 20 7.20 -40.95 53.94
CA THR H 20 8.27 -40.19 53.32
C THR H 20 9.12 -39.53 54.39
N THR H 21 10.39 -39.91 54.46
CA THR H 21 11.28 -39.46 55.52
C THR H 21 12.39 -38.57 54.96
N THR H 22 12.96 -37.76 55.85
CA THR H 22 14.16 -36.98 55.56
C THR H 22 15.11 -37.06 56.75
N GLY H 23 16.29 -37.63 56.51
CA GLY H 23 17.21 -37.92 57.59
C GLY H 23 16.65 -39.00 58.48
N SER H 24 16.44 -38.69 59.75
CA SER H 24 15.72 -39.56 60.65
C SER H 24 14.33 -39.04 60.97
N TYR H 25 13.96 -37.89 60.43
CA TYR H 25 12.67 -37.28 60.68
C TYR H 25 11.70 -37.66 59.58
N ILE H 26 10.50 -38.05 59.97
CA ILE H 26 9.42 -38.28 59.01
C ILE H 26 8.86 -36.93 58.61
N ALA H 27 9.01 -36.60 57.33
CA ALA H 27 8.40 -35.38 56.83
C ALA H 27 6.92 -35.58 56.55
N ASN H 28 6.55 -36.76 56.09
CA ASN H 28 5.16 -37.03 55.72
C ASN H 28 4.81 -38.44 56.18
N ARG H 29 3.69 -38.55 56.87
CA ARG H 29 3.34 -39.78 57.53
C ARG H 29 2.53 -40.67 56.60
N VAL H 30 1.85 -40.06 55.64
CA VAL H 30 1.06 -40.77 54.67
C VAL H 30 1.26 -40.11 53.31
N THR H 31 1.60 -40.91 52.30
CA THR H 31 1.99 -40.38 51.02
C THR H 31 1.51 -41.29 49.92
N ASP H 32 0.90 -40.71 48.89
CA ASP H 32 0.48 -41.46 47.71
C ASP H 32 1.71 -41.81 46.91
N LYS H 33 2.28 -42.98 47.19
CA LYS H 33 3.50 -43.39 46.50
C LYS H 33 3.23 -43.90 45.09
N LEU H 34 2.03 -44.40 44.84
CA LEU H 34 1.67 -44.88 43.52
C LEU H 34 0.95 -43.78 42.75
N THR H 35 1.22 -43.71 41.45
CA THR H 35 0.76 -42.60 40.63
C THR H 35 0.07 -43.09 39.37
N PRO H 36 -1.16 -42.65 39.12
CA PRO H 36 -1.79 -42.94 37.82
C PRO H 36 -1.14 -42.13 36.72
N ILE H 37 -1.01 -42.75 35.56
CA ILE H 37 -0.55 -42.04 34.38
C ILE H 37 -1.69 -42.07 33.39
N HIS H 38 -2.06 -43.27 32.98
CA HIS H 38 -3.26 -43.49 32.22
C HIS H 38 -4.24 -44.24 33.12
N ASP H 39 -5.47 -44.41 32.65
CA ASP H 39 -6.54 -44.91 33.49
C ASP H 39 -6.41 -46.39 33.83
N ARG H 40 -5.54 -47.11 33.14
CA ARG H 40 -5.31 -48.51 33.44
C ARG H 40 -3.87 -48.78 33.85
N ILE H 41 -3.04 -47.74 33.94
CA ILE H 41 -1.61 -47.90 34.13
C ILE H 41 -1.17 -47.04 35.29
N PHE H 42 -0.52 -47.65 36.28
CA PHE H 42 0.06 -46.93 37.40
C PHE H 42 1.57 -46.98 37.32
N CYS H 43 2.20 -46.18 38.17
CA CYS H 43 3.60 -46.37 38.49
C CYS H 43 3.78 -46.07 39.95
N CYS H 44 4.67 -46.81 40.59
CA CYS H 44 5.04 -46.59 41.97
C CYS H 44 6.52 -46.26 42.03
N ARG H 45 6.86 -45.27 42.85
CA ARG H 45 8.14 -44.62 42.78
C ARG H 45 8.92 -44.84 44.08
N SER H 46 10.22 -44.59 44.01
CA SER H 46 11.10 -44.73 45.16
C SER H 46 12.27 -43.76 44.95
N GLY H 47 13.28 -43.89 45.81
CA GLY H 47 14.43 -43.00 45.70
C GLY H 47 14.05 -41.59 46.13
N SER H 48 14.60 -40.60 45.43
CA SER H 48 14.22 -39.23 45.68
C SER H 48 12.79 -38.98 45.22
N ALA H 49 12.19 -37.93 45.78
CA ALA H 49 10.78 -37.72 45.51
C ALA H 49 10.56 -36.81 44.32
N ALA H 50 11.22 -35.64 44.34
CA ALA H 50 10.96 -34.61 43.34
C ALA H 50 11.37 -35.06 41.94
N ASP H 51 12.45 -35.86 41.88
CA ASP H 51 12.88 -36.45 40.63
C ASP H 51 11.78 -37.32 40.04
N THR H 52 11.24 -38.22 40.84
CA THR H 52 10.19 -39.12 40.38
C THR H 52 8.91 -38.38 40.05
N GLN H 53 8.60 -37.30 40.76
CA GLN H 53 7.40 -36.54 40.47
C GLN H 53 7.52 -35.83 39.13
N ALA H 54 8.68 -35.23 38.86
CA ALA H 54 8.89 -34.58 37.57
C ALA H 54 8.88 -35.58 36.44
N VAL H 55 9.48 -36.75 36.65
CA VAL H 55 9.48 -37.78 35.62
C VAL H 55 8.07 -38.31 35.38
N ALA H 56 7.29 -38.45 36.45
CA ALA H 56 5.90 -38.88 36.32
C ALA H 56 5.07 -37.87 35.55
N ASP H 57 5.31 -36.59 35.79
CA ASP H 57 4.58 -35.54 35.07
C ASP H 57 4.91 -35.56 33.58
N ALA H 58 6.21 -35.68 33.25
CA ALA H 58 6.61 -35.66 31.84
C ALA H 58 6.13 -36.91 31.12
N VAL H 59 6.18 -38.06 31.78
CA VAL H 59 5.69 -39.29 31.18
C VAL H 59 4.18 -39.22 30.98
N THR H 60 3.47 -38.61 31.94
CA THR H 60 2.03 -38.44 31.81
C THR H 60 1.68 -37.57 30.61
N TYR H 61 2.44 -36.49 30.44
CA TYR H 61 2.30 -35.61 29.27
C TYR H 61 2.48 -36.36 27.97
N GLN H 62 3.63 -37.03 27.80
CA GLN H 62 3.92 -37.68 26.52
C GLN H 62 2.99 -38.85 26.26
N LEU H 63 2.65 -39.63 27.29
CA LEU H 63 1.83 -40.81 27.08
C LEU H 63 0.39 -40.44 26.77
N GLY H 64 -0.15 -39.41 27.46
CA GLY H 64 -1.49 -38.97 27.13
C GLY H 64 -1.58 -38.37 25.74
N PHE H 65 -0.55 -37.60 25.35
CA PHE H 65 -0.51 -37.04 24.01
C PHE H 65 -0.46 -38.13 22.96
N HIS H 66 0.36 -39.15 23.21
CA HIS H 66 0.52 -40.26 22.28
C HIS H 66 -0.75 -41.09 22.18
N SER H 67 -1.41 -41.34 23.31
CA SER H 67 -2.64 -42.12 23.32
C SER H 67 -3.80 -41.38 22.69
N ILE H 68 -3.83 -40.06 22.81
CA ILE H 68 -4.88 -39.29 22.14
C ILE H 68 -4.62 -39.23 20.64
N GLU H 69 -3.37 -39.10 20.23
CA GLU H 69 -3.07 -39.16 18.80
C GLU H 69 -3.32 -40.54 18.20
N LEU H 70 -3.16 -41.61 18.99
CA LEU H 70 -3.50 -42.92 18.46
C LEU H 70 -5.00 -43.13 18.40
N ASN H 71 -5.74 -42.42 19.26
CA ASN H 71 -7.17 -42.64 19.52
C ASN H 71 -7.41 -44.08 19.94
N GLU H 72 -6.48 -44.61 20.75
CA GLU H 72 -6.46 -46.01 21.15
C GLU H 72 -5.90 -46.11 22.55
N PRO H 73 -6.20 -47.18 23.28
CA PRO H 73 -5.54 -47.41 24.57
C PRO H 73 -4.05 -47.65 24.38
N PRO H 74 -3.22 -47.09 25.25
CA PRO H 74 -1.78 -47.25 25.12
C PRO H 74 -1.32 -48.60 25.67
N LEU H 75 -0.08 -48.93 25.37
CA LEU H 75 0.54 -50.14 25.87
C LEU H 75 1.33 -49.85 27.14
N VAL H 76 1.48 -50.87 27.96
CA VAL H 76 2.25 -50.73 29.19
C VAL H 76 3.74 -50.65 28.87
N HIS H 77 4.15 -51.42 27.86
CA HIS H 77 5.51 -51.38 27.38
C HIS H 77 5.88 -50.02 26.80
N THR H 78 4.91 -49.28 26.28
CA THR H 78 5.18 -47.93 25.79
C THR H 78 5.61 -47.02 26.93
N ALA H 79 4.89 -47.07 28.05
CA ALA H 79 5.28 -46.27 29.21
C ALA H 79 6.58 -46.77 29.80
N ALA H 80 6.82 -48.08 29.73
CA ALA H 80 8.11 -48.61 30.15
C ALA H 80 9.24 -48.05 29.29
N SER H 81 9.00 -47.92 27.99
CA SER H 81 10.02 -47.39 27.09
C SER H 81 10.27 -45.91 27.36
N LEU H 82 9.21 -45.17 27.67
CA LEU H 82 9.35 -43.74 27.95
C LEU H 82 10.13 -43.51 29.24
N PHE H 83 9.80 -44.26 30.30
CA PHE H 83 10.58 -44.20 31.53
C PHE H 83 12.03 -44.61 31.32
N LYS H 84 12.27 -45.63 30.48
CA LYS H 84 13.62 -46.09 30.24
C LYS H 84 14.44 -45.01 29.54
N GLU H 85 13.85 -44.39 28.52
CA GLU H 85 14.54 -43.34 27.78
C GLU H 85 14.84 -42.14 28.68
N MET H 86 13.85 -41.71 29.46
CA MET H 86 14.09 -40.52 30.27
C MET H 86 15.00 -40.79 31.45
N CYS H 87 15.00 -42.01 31.99
CA CYS H 87 15.94 -42.31 33.07
C CYS H 87 17.36 -42.44 32.53
N TYR H 88 17.53 -43.10 31.39
CA TYR H 88 18.87 -43.27 30.84
C TYR H 88 19.42 -41.96 30.32
N ARG H 89 18.54 -41.06 29.91
CA ARG H 89 18.99 -39.77 29.38
C ARG H 89 19.60 -38.91 30.48
N TYR H 90 19.10 -39.02 31.70
CA TYR H 90 19.64 -38.21 32.77
C TYR H 90 20.02 -39.05 33.97
N ARG H 91 20.68 -40.19 33.73
CA ARG H 91 21.02 -41.09 34.83
C ARG H 91 22.10 -40.51 35.72
N GLU H 92 22.84 -39.52 35.25
CA GLU H 92 23.85 -38.88 36.08
C GLU H 92 23.25 -38.03 37.18
N ASP H 93 21.95 -37.70 37.12
CA ASP H 93 21.33 -36.88 38.13
C ASP H 93 20.15 -37.53 38.86
N LEU H 94 19.64 -38.65 38.39
CA LEU H 94 18.38 -39.16 38.90
C LEU H 94 18.59 -40.39 39.78
N MET H 95 17.68 -40.58 40.72
CA MET H 95 17.58 -41.76 41.58
C MET H 95 16.12 -42.20 41.60
N ALA H 96 15.77 -43.12 40.71
CA ALA H 96 14.38 -43.50 40.50
C ALA H 96 14.19 -44.96 40.85
N GLY H 97 13.08 -45.25 41.53
CA GLY H 97 12.70 -46.61 41.84
C GLY H 97 11.43 -47.00 41.15
N ILE H 98 11.32 -46.67 39.86
CA ILE H 98 10.05 -46.73 39.17
C ILE H 98 9.70 -48.18 38.83
N ILE H 99 8.47 -48.57 39.11
CA ILE H 99 7.91 -49.82 38.64
C ILE H 99 6.62 -49.51 37.92
N ILE H 100 6.53 -49.90 36.66
CA ILE H 100 5.37 -49.61 35.83
C ILE H 100 4.54 -50.89 35.73
N ALA H 101 3.25 -50.77 36.03
CA ALA H 101 2.37 -51.91 35.91
C ALA H 101 0.98 -51.44 35.51
N GLY H 102 0.19 -52.38 35.03
CA GLY H 102 -1.16 -52.07 34.63
C GLY H 102 -1.71 -53.05 33.64
N TRP H 103 -3.03 -53.18 33.60
CA TRP H 103 -3.67 -54.09 32.66
C TRP H 103 -3.65 -53.50 31.27
N ASP H 104 -3.50 -54.36 30.28
CA ASP H 104 -3.55 -53.96 28.90
C ASP H 104 -4.55 -54.83 28.16
N PRO H 105 -5.30 -54.26 27.22
CA PRO H 105 -6.23 -55.10 26.45
C PRO H 105 -5.54 -56.09 25.53
N GLN H 106 -4.41 -55.71 24.96
CA GLN H 106 -3.70 -56.64 24.09
C GLN H 106 -2.95 -57.69 24.90
N GLU H 107 -2.37 -57.30 26.03
CA GLU H 107 -1.39 -58.16 26.70
C GLU H 107 -1.72 -58.46 28.16
N GLY H 108 -2.92 -58.13 28.63
CA GLY H 108 -3.25 -58.48 30.00
C GLY H 108 -2.57 -57.57 30.99
N GLY H 109 -2.29 -58.12 32.18
CA GLY H 109 -1.52 -57.41 33.17
C GLY H 109 -0.04 -57.61 32.89
N GLN H 110 0.73 -56.53 33.03
CA GLN H 110 2.18 -56.60 32.87
C GLN H 110 2.86 -55.80 33.96
N VAL H 111 4.09 -56.19 34.28
CA VAL H 111 4.92 -55.55 35.30
C VAL H 111 6.29 -55.32 34.71
N TYR H 112 6.71 -54.05 34.65
CA TYR H 112 8.07 -53.71 34.28
C TYR H 112 8.76 -53.01 35.43
N SER H 113 10.08 -53.14 35.49
CA SER H 113 10.85 -52.59 36.59
C SER H 113 11.94 -51.68 36.05
N VAL H 114 12.07 -50.50 36.64
CA VAL H 114 13.16 -49.59 36.31
C VAL H 114 13.91 -49.22 37.58
N PRO H 115 15.11 -49.73 37.78
CA PRO H 115 15.91 -49.33 38.93
C PRO H 115 16.67 -48.06 38.67
N MET H 116 17.61 -47.74 39.55
CA MET H 116 18.43 -46.53 39.47
C MET H 116 19.26 -46.46 38.20
N GLY H 117 19.59 -47.60 37.58
CA GLY H 117 20.48 -47.61 36.44
C GLY H 117 19.85 -47.11 35.15
N GLY H 118 18.72 -47.67 34.78
CA GLY H 118 18.05 -47.27 33.56
C GLY H 118 17.68 -48.47 32.71
N MET H 119 17.91 -49.66 33.24
CA MET H 119 17.52 -50.86 32.54
C MET H 119 16.03 -51.10 32.70
N MET H 120 15.49 -51.91 31.80
CA MET H 120 14.07 -52.20 31.73
C MET H 120 13.90 -53.70 31.57
N VAL H 121 13.07 -54.31 32.41
CA VAL H 121 12.86 -55.74 32.33
C VAL H 121 11.42 -56.04 32.74
N ARG H 122 10.86 -57.07 32.13
CA ARG H 122 9.54 -57.57 32.50
C ARG H 122 9.72 -58.69 33.51
N GLN H 123 8.95 -58.62 34.58
CA GLN H 123 9.04 -59.58 35.67
C GLN H 123 7.64 -60.10 35.98
N SER H 124 7.60 -61.15 36.79
CA SER H 124 6.35 -61.63 37.35
C SER H 124 6.05 -61.00 38.69
N PHE H 125 7.05 -60.42 39.35
CA PHE H 125 6.88 -59.77 40.63
C PHE H 125 8.04 -58.81 40.79
N ALA H 126 7.85 -57.79 41.63
CA ALA H 126 8.91 -56.81 41.78
C ALA H 126 8.89 -56.23 43.19
N ILE H 127 10.09 -55.91 43.67
CA ILE H 127 10.28 -55.19 44.93
C ILE H 127 10.75 -53.80 44.57
N GLY H 128 10.91 -52.94 45.56
CA GLY H 128 11.54 -51.67 45.30
C GLY H 128 11.57 -50.80 46.54
N GLY H 129 12.61 -49.98 46.66
CA GLY H 129 12.83 -49.24 47.88
C GLY H 129 13.99 -49.79 48.67
N SER H 130 14.46 -49.00 49.64
CA SER H 130 15.61 -49.41 50.43
C SER H 130 15.24 -50.54 51.38
N GLY H 131 14.01 -50.56 51.86
CA GLY H 131 13.61 -51.60 52.79
C GLY H 131 12.95 -52.77 52.08
N SER H 132 13.40 -53.06 50.88
CA SER H 132 12.79 -54.09 50.05
C SER H 132 13.55 -55.41 50.08
N SER H 133 14.76 -55.42 50.62
CA SER H 133 15.63 -56.59 50.55
C SER H 133 15.09 -57.77 51.34
N TYR H 134 14.28 -57.49 52.35
CA TYR H 134 13.82 -58.52 53.28
C TYR H 134 12.72 -59.36 52.65
N ILE H 135 11.66 -58.68 52.20
CA ILE H 135 10.61 -59.35 51.47
C ILE H 135 11.12 -59.81 50.12
N TYR H 136 12.20 -59.24 49.61
CA TYR H 136 12.90 -59.85 48.50
C TYR H 136 13.58 -61.14 48.90
N GLY H 137 13.93 -61.25 50.17
CA GLY H 137 14.46 -62.50 50.67
C GLY H 137 13.44 -63.62 50.66
N TYR H 138 12.18 -63.30 50.91
CA TYR H 138 11.22 -64.42 50.92
C TYR H 138 10.18 -64.36 49.81
N VAL H 139 10.30 -63.43 48.87
CA VAL H 139 9.36 -63.41 47.76
C VAL H 139 9.61 -64.58 46.83
N ASP H 140 10.82 -65.14 46.82
CA ASP H 140 11.09 -66.37 46.11
C ASP H 140 10.79 -67.60 46.94
N ALA H 141 10.26 -67.41 48.15
CA ALA H 141 9.81 -68.51 48.98
C ALA H 141 8.29 -68.66 48.95
N THR H 142 7.56 -67.57 49.12
CA THR H 142 6.13 -67.67 49.33
C THR H 142 5.34 -67.59 48.02
N TYR H 143 5.88 -66.95 46.99
CA TYR H 143 5.17 -66.82 45.72
C TYR H 143 4.96 -68.16 45.04
N ARG H 144 3.79 -68.31 44.46
CA ARG H 144 3.39 -69.48 43.69
C ARG H 144 2.87 -68.99 42.35
N GLU H 145 3.28 -69.67 41.28
CA GLU H 145 2.82 -69.29 39.95
C GLU H 145 1.34 -69.65 39.79
N GLY H 146 0.55 -68.67 39.35
CA GLY H 146 -0.87 -68.88 39.19
C GLY H 146 -1.68 -68.59 40.42
N MET H 147 -1.57 -67.37 40.94
CA MET H 147 -2.40 -66.97 42.06
C MET H 147 -3.75 -66.46 41.58
N THR H 148 -4.62 -66.18 42.53
CA THR H 148 -5.83 -65.42 42.28
C THR H 148 -5.63 -63.99 42.76
N LYS H 149 -6.69 -63.20 42.74
CA LYS H 149 -6.60 -61.82 43.17
C LYS H 149 -6.44 -61.73 44.68
N GLU H 150 -7.26 -62.47 45.42
CA GLU H 150 -7.23 -62.41 46.88
C GLU H 150 -5.94 -62.97 47.43
N GLU H 151 -5.39 -63.99 46.76
CA GLU H 151 -4.10 -64.52 47.15
C GLU H 151 -3.00 -63.49 46.95
N CYS H 152 -3.07 -62.73 45.86
CA CYS H 152 -2.09 -61.67 45.63
C CYS H 152 -2.24 -60.54 46.64
N LEU H 153 -3.47 -60.19 46.99
CA LEU H 153 -3.70 -59.19 48.04
C LEU H 153 -3.13 -59.63 49.36
N GLN H 154 -3.36 -60.89 49.74
CA GLN H 154 -2.83 -61.39 51.00
C GLN H 154 -1.32 -61.48 50.97
N PHE H 155 -0.76 -61.85 49.81
CA PHE H 155 0.67 -61.95 49.61
C PHE H 155 1.35 -60.60 49.80
N THR H 156 0.87 -59.59 49.08
CA THR H 156 1.39 -58.24 49.23
C THR H 156 1.10 -57.67 50.61
N ALA H 157 0.01 -58.11 51.25
CA ALA H 157 -0.32 -57.66 52.58
C ALA H 157 0.73 -58.12 53.59
N ASN H 158 1.07 -59.41 53.54
CA ASN H 158 2.11 -59.92 54.43
C ASN H 158 3.47 -59.36 54.07
N ALA H 159 3.74 -59.15 52.78
CA ALA H 159 5.00 -58.58 52.34
C ALA H 159 5.21 -57.19 52.91
N LEU H 160 4.27 -56.29 52.62
CA LEU H 160 4.38 -54.93 53.12
C LEU H 160 4.28 -54.87 54.63
N ALA H 161 3.58 -55.83 55.26
CA ALA H 161 3.51 -55.88 56.71
C ALA H 161 4.87 -56.14 57.32
N LEU H 162 5.59 -57.14 56.80
CA LEU H 162 6.90 -57.45 57.36
C LEU H 162 7.93 -56.39 57.01
N ALA H 163 7.80 -55.77 55.84
CA ALA H 163 8.74 -54.71 55.48
C ALA H 163 8.54 -53.47 56.34
N MET H 164 7.28 -53.08 56.55
CA MET H 164 6.96 -51.93 57.40
C MET H 164 7.28 -52.21 58.85
N GLU H 165 7.20 -53.47 59.27
CA GLU H 165 7.57 -53.80 60.63
C GLU H 165 9.07 -53.75 60.83
N ARG H 166 9.84 -54.27 59.87
CA ARG H 166 11.25 -54.47 60.15
C ARG H 166 12.09 -53.24 59.82
N ASP H 167 11.90 -52.66 58.65
CA ASP H 167 12.73 -51.54 58.22
C ASP H 167 12.37 -50.29 58.99
N GLY H 168 13.38 -49.46 59.27
CA GLY H 168 13.12 -48.23 59.99
C GLY H 168 12.46 -47.18 59.13
N SER H 169 12.88 -47.05 57.87
CA SER H 169 12.30 -46.03 57.02
C SER H 169 10.90 -46.42 56.57
N SER H 170 10.65 -47.72 56.45
CA SER H 170 9.32 -48.21 56.10
C SER H 170 8.37 -48.07 57.28
N GLY H 171 7.09 -48.20 56.98
CA GLY H 171 6.08 -48.07 57.98
C GLY H 171 4.92 -47.30 57.42
N GLY H 172 4.12 -46.77 58.30
CA GLY H 172 3.01 -45.93 57.87
C GLY H 172 1.72 -46.73 57.75
N VAL H 173 1.20 -46.80 56.53
CA VAL H 173 -0.05 -47.50 56.27
C VAL H 173 0.08 -48.17 54.92
N ILE H 174 -0.78 -49.16 54.68
CA ILE H 174 -0.71 -50.00 53.50
C ILE H 174 -1.64 -49.44 52.45
N ARG H 175 -1.10 -49.14 51.26
CA ARG H 175 -1.89 -48.72 50.12
C ARG H 175 -1.85 -49.78 49.04
N LEU H 176 -3.01 -50.10 48.49
CA LEU H 176 -3.13 -51.19 47.53
C LEU H 176 -3.79 -50.69 46.25
N ALA H 177 -3.55 -51.43 45.18
CA ALA H 177 -4.08 -51.05 43.87
C ALA H 177 -4.39 -52.31 43.09
N ALA H 178 -5.62 -52.42 42.60
CA ALA H 178 -6.06 -53.58 41.84
C ALA H 178 -6.43 -53.14 40.44
N ILE H 179 -5.71 -53.64 39.45
CA ILE H 179 -5.95 -53.31 38.05
C ILE H 179 -6.14 -54.61 37.28
N ALA H 180 -7.22 -54.70 36.53
CA ALA H 180 -7.51 -55.82 35.65
C ALA H 180 -8.23 -55.29 34.43
N GLU H 181 -8.94 -56.17 33.74
CA GLU H 181 -9.82 -55.72 32.65
C GLU H 181 -10.91 -54.80 33.15
N SER H 182 -11.48 -55.10 34.31
CA SER H 182 -12.71 -54.46 34.74
C SER H 182 -12.47 -53.03 35.21
N GLY H 183 -11.89 -52.87 36.39
CA GLY H 183 -11.77 -51.55 36.95
C GLY H 183 -10.61 -51.44 37.92
N VAL H 184 -10.47 -50.25 38.47
CA VAL H 184 -9.36 -49.90 39.34
C VAL H 184 -9.88 -49.92 40.78
N GLU H 185 -9.33 -50.79 41.61
CA GLU H 185 -9.77 -50.91 42.99
C GLU H 185 -8.62 -50.57 43.92
N ARG H 186 -8.72 -49.43 44.57
CA ARG H 186 -7.75 -49.01 45.56
C ARG H 186 -8.37 -49.11 46.93
N GLN H 187 -7.53 -49.44 47.92
CA GLN H 187 -7.97 -49.47 49.30
C GLN H 187 -6.77 -49.25 50.19
N VAL H 188 -7.03 -48.84 51.43
CA VAL H 188 -5.98 -48.57 52.40
C VAL H 188 -6.24 -49.44 53.61
N LEU H 189 -5.30 -50.33 53.91
CA LEU H 189 -5.47 -51.30 54.99
C LEU H 189 -4.42 -51.09 56.06
N LEU H 190 -4.60 -51.80 57.17
CA LEU H 190 -3.62 -51.84 58.25
C LEU H 190 -3.77 -53.15 59.00
N GLY H 191 -2.64 -53.80 59.26
CA GLY H 191 -2.63 -55.09 59.94
C GLY H 191 -1.50 -55.99 59.51
N THR I 1 12.34 -19.23 62.66
CA THR I 1 11.30 -19.27 61.65
C THR I 1 10.50 -20.57 61.75
N THR I 2 9.19 -20.42 61.96
CA THR I 2 8.31 -21.56 62.19
C THR I 2 6.95 -21.22 61.58
N ILE I 3 6.68 -21.76 60.43
CA ILE I 3 5.41 -21.55 59.74
C ILE I 3 4.59 -22.83 59.81
N ALA I 4 3.28 -22.67 59.80
CA ALA I 4 2.41 -23.83 59.94
C ALA I 4 1.15 -23.62 59.13
N GLY I 5 0.45 -24.72 58.87
CA GLY I 5 -0.80 -24.68 58.14
C GLY I 5 -1.76 -25.69 58.71
N VAL I 6 -3.04 -25.47 58.44
CA VAL I 6 -4.09 -26.34 58.96
C VAL I 6 -5.30 -26.18 58.04
N VAL I 7 -6.19 -27.16 58.05
CA VAL I 7 -7.44 -27.11 57.32
C VAL I 7 -8.55 -27.34 58.34
N TYR I 8 -9.39 -26.33 58.55
CA TYR I 8 -10.55 -26.49 59.41
C TYR I 8 -11.74 -26.93 58.55
N LYS I 9 -12.96 -26.83 59.08
CA LYS I 9 -14.15 -27.32 58.38
C LYS I 9 -14.44 -26.60 57.07
N ASP I 10 -13.89 -25.41 56.86
CA ASP I 10 -14.14 -24.72 55.60
C ASP I 10 -12.87 -24.34 54.85
N GLY I 11 -11.84 -23.86 55.53
CA GLY I 11 -10.70 -23.24 54.86
C GLY I 11 -9.41 -23.50 55.57
N ILE I 12 -8.50 -22.51 55.52
CA ILE I 12 -7.11 -22.66 55.90
C ILE I 12 -6.74 -21.53 56.86
N VAL I 13 -6.08 -21.88 57.96
CA VAL I 13 -5.53 -20.90 58.89
C VAL I 13 -4.02 -21.02 58.89
N LEU I 14 -3.32 -19.93 58.55
CA LEU I 14 -1.88 -19.92 58.44
C LEU I 14 -1.24 -19.05 59.51
N GLY I 15 -0.02 -19.42 59.93
CA GLY I 15 0.69 -18.68 60.95
C GLY I 15 2.18 -18.65 60.68
N ALA I 16 2.86 -17.70 61.32
CA ALA I 16 4.30 -17.51 61.13
C ALA I 16 4.87 -16.72 62.28
N ASP I 17 6.18 -16.79 62.43
CA ASP I 17 6.92 -15.99 63.39
C ASP I 17 7.95 -15.17 62.65
N THR I 18 8.16 -13.93 63.11
CA THR I 18 8.77 -12.90 62.28
C THR I 18 10.10 -12.42 62.83
N ARG I 19 10.95 -13.33 63.28
CA ARG I 19 12.29 -12.97 63.70
C ARG I 19 13.25 -13.34 62.58
N ALA I 20 13.73 -12.35 61.86
CA ALA I 20 14.64 -12.57 60.74
C ALA I 20 16.05 -12.47 61.29
N THR I 21 16.54 -13.57 61.86
CA THR I 21 17.91 -13.61 62.32
C THR I 21 18.85 -13.74 61.15
N GLU I 22 19.96 -13.03 61.22
CA GLU I 22 21.03 -13.16 60.25
C GLU I 22 22.20 -13.78 61.00
N GLY I 23 22.29 -15.10 60.94
CA GLY I 23 23.35 -15.76 61.66
C GLY I 23 22.99 -15.90 63.12
N MET I 24 23.64 -15.13 63.97
CA MET I 24 23.49 -15.33 65.40
C MET I 24 22.88 -14.13 66.09
N VAL I 25 22.60 -13.07 65.37
CA VAL I 25 22.11 -11.83 65.94
C VAL I 25 20.67 -11.65 65.50
N VAL I 26 19.79 -11.30 66.45
CA VAL I 26 18.43 -10.94 66.08
C VAL I 26 18.51 -9.64 65.28
N ALA I 27 18.34 -9.74 63.97
CA ALA I 27 18.45 -8.59 63.11
C ALA I 27 17.12 -7.90 62.88
N ASP I 28 16.01 -8.59 63.14
CA ASP I 28 14.69 -8.05 62.90
C ASP I 28 13.73 -8.57 63.95
N LYS I 29 12.69 -7.80 64.21
CA LYS I 29 11.61 -8.24 65.09
C LYS I 29 10.28 -8.31 64.37
N ASN I 30 10.21 -7.90 63.10
CA ASN I 30 8.92 -7.83 62.42
C ASN I 30 9.20 -7.96 60.91
N CYS I 31 8.93 -9.14 60.37
CA CYS I 31 9.22 -9.48 58.99
C CYS I 31 8.07 -10.30 58.43
N SER I 32 7.41 -9.78 57.39
CA SER I 32 6.22 -10.40 56.84
C SER I 32 6.58 -11.68 56.09
N LYS I 33 6.38 -12.82 56.74
CA LYS I 33 6.62 -14.10 56.09
C LYS I 33 5.38 -14.67 55.43
N ILE I 34 4.22 -14.09 55.68
CA ILE I 34 3.01 -14.46 54.95
C ILE I 34 2.93 -13.54 53.74
N HIS I 35 3.00 -14.14 52.56
CA HIS I 35 3.10 -13.40 51.31
C HIS I 35 1.79 -13.43 50.55
N PHE I 36 1.60 -12.42 49.70
CA PHE I 36 0.48 -12.41 48.77
C PHE I 36 0.79 -13.29 47.58
N ILE I 37 -0.22 -14.01 47.12
CA ILE I 37 -0.17 -14.73 45.86
C ILE I 37 -1.36 -14.33 45.02
N SER I 38 -2.54 -14.40 45.61
CA SER I 38 -3.77 -14.11 44.90
C SER I 38 -4.80 -13.68 45.94
N PRO I 39 -5.96 -13.19 45.51
CA PRO I 39 -7.05 -12.99 46.47
C PRO I 39 -7.54 -14.27 47.16
N ASN I 40 -7.29 -15.45 46.61
CA ASN I 40 -7.66 -16.68 47.31
C ASN I 40 -6.48 -17.48 47.85
N ILE I 41 -5.30 -17.37 47.26
CA ILE I 41 -4.16 -18.21 47.61
C ILE I 41 -3.10 -17.33 48.24
N TYR I 42 -2.47 -17.83 49.30
CA TYR I 42 -1.34 -17.19 49.97
C TYR I 42 -0.17 -18.17 50.03
N CYS I 43 0.95 -17.68 50.57
CA CYS I 43 2.13 -18.53 50.72
C CYS I 43 2.98 -18.03 51.87
N CYS I 44 3.66 -18.97 52.51
CA CYS I 44 4.62 -18.69 53.56
C CYS I 44 5.96 -19.30 53.20
N GLY I 45 7.02 -18.66 53.68
CA GLY I 45 8.36 -19.06 53.31
C GLY I 45 9.19 -19.38 54.53
N ALA I 46 10.30 -20.09 54.29
CA ALA I 46 11.27 -20.39 55.33
C ALA I 46 12.62 -20.60 54.68
N GLY I 47 13.66 -20.55 55.50
CA GLY I 47 15.01 -20.71 54.97
C GLY I 47 15.56 -19.39 54.49
N THR I 48 16.13 -19.39 53.29
CA THR I 48 16.68 -18.17 52.71
C THR I 48 15.54 -17.25 52.31
N ALA I 49 15.55 -16.03 52.85
CA ALA I 49 14.37 -15.17 52.76
C ALA I 49 14.16 -14.61 51.36
N ALA I 50 15.22 -14.05 50.77
CA ALA I 50 15.08 -13.33 49.51
C ALA I 50 14.75 -14.28 48.37
N ASP I 51 15.25 -15.52 48.41
CA ASP I 51 14.92 -16.49 47.37
C ASP I 51 13.43 -16.81 47.39
N THR I 52 12.88 -17.05 48.59
CA THR I 52 11.45 -17.27 48.74
C THR I 52 10.66 -16.06 48.27
N ASP I 53 11.13 -14.86 48.59
CA ASP I 53 10.41 -13.65 48.23
C ASP I 53 10.36 -13.46 46.72
N MET I 54 11.51 -13.63 46.05
CA MET I 54 11.54 -13.42 44.61
C MET I 54 10.74 -14.50 43.87
N THR I 55 10.82 -15.74 44.34
CA THR I 55 10.06 -16.81 43.71
C THR I 55 8.56 -16.61 43.91
N THR I 56 8.16 -16.19 45.12
CA THR I 56 6.74 -16.04 45.37
C THR I 56 6.18 -14.82 44.66
N GLN I 57 7.00 -13.78 44.43
CA GLN I 57 6.52 -12.65 43.65
C GLN I 57 6.43 -13.01 42.18
N LEU I 58 7.36 -13.83 41.69
CA LEU I 58 7.34 -14.23 40.29
C LEU I 58 6.13 -15.11 39.99
N ILE I 59 5.84 -16.06 40.87
CA ILE I 59 4.69 -16.92 40.65
C ILE I 59 3.40 -16.15 40.85
N SER I 60 3.38 -15.17 41.76
CA SER I 60 2.21 -14.33 41.91
C SER I 60 1.96 -13.50 40.67
N SER I 61 3.03 -13.05 40.01
CA SER I 61 2.90 -12.33 38.75
C SER I 61 2.33 -13.24 37.67
N ASN I 62 2.85 -14.46 37.56
CA ASN I 62 2.37 -15.36 36.51
C ASN I 62 0.94 -15.80 36.75
N LEU I 63 0.56 -15.99 38.01
CA LEU I 63 -0.82 -16.37 38.30
C LEU I 63 -1.79 -15.22 38.13
N GLU I 64 -1.34 -13.99 38.41
CA GLU I 64 -2.14 -12.82 38.10
C GLU I 64 -2.37 -12.70 36.61
N LEU I 65 -1.30 -12.93 35.82
CA LEU I 65 -1.42 -12.92 34.37
C LEU I 65 -2.40 -13.98 33.88
N HIS I 66 -2.28 -15.19 34.41
CA HIS I 66 -3.16 -16.28 33.98
C HIS I 66 -4.60 -16.02 34.41
N SER I 67 -4.80 -15.45 35.60
CA SER I 67 -6.15 -15.23 36.09
C SER I 67 -6.84 -14.11 35.32
N LEU I 68 -6.11 -13.03 35.05
CA LEU I 68 -6.71 -11.94 34.31
C LEU I 68 -6.86 -12.29 32.84
N SER I 69 -6.04 -13.20 32.32
CA SER I 69 -6.23 -13.69 30.97
C SER I 69 -7.41 -14.65 30.90
N THR I 70 -7.61 -15.43 31.96
CA THR I 70 -8.69 -16.39 31.98
C THR I 70 -10.02 -15.71 32.22
N GLY I 71 -10.11 -14.93 33.29
CA GLY I 71 -11.32 -14.28 33.68
C GLY I 71 -12.05 -14.91 34.84
N ARG I 72 -11.39 -15.74 35.64
CA ARG I 72 -12.05 -16.39 36.76
C ARG I 72 -11.02 -16.67 37.84
N LEU I 73 -11.45 -17.37 38.88
CA LEU I 73 -10.66 -17.62 40.06
C LEU I 73 -9.58 -18.66 39.77
N PRO I 74 -8.35 -18.44 40.26
CA PRO I 74 -7.26 -19.39 39.97
C PRO I 74 -7.41 -20.69 40.76
N ARG I 75 -6.51 -21.62 40.45
CA ARG I 75 -6.45 -22.90 41.14
C ARG I 75 -5.16 -23.02 41.94
N VAL I 76 -5.25 -23.73 43.06
CA VAL I 76 -4.08 -23.93 43.91
C VAL I 76 -3.08 -24.86 43.24
N VAL I 77 -3.61 -25.88 42.54
CA VAL I 77 -2.75 -26.89 41.93
C VAL I 77 -1.91 -26.31 40.81
N THR I 78 -2.38 -25.22 40.19
CA THR I 78 -1.57 -24.56 39.18
C THR I 78 -0.37 -23.87 39.83
N ALA I 79 -0.58 -23.25 40.99
CA ALA I 79 0.53 -22.68 41.76
C ALA I 79 1.49 -23.78 42.20
N ASN I 80 0.95 -24.93 42.59
CA ASN I 80 1.77 -26.06 43.01
C ASN I 80 2.64 -26.55 41.87
N ARG I 81 2.05 -26.68 40.67
CA ARG I 81 2.78 -27.16 39.50
C ARG I 81 3.84 -26.17 39.07
N MET I 82 3.53 -24.87 39.11
CA MET I 82 4.50 -23.84 38.75
C MET I 82 5.67 -23.83 39.71
N LEU I 83 5.40 -23.88 41.01
CA LEU I 83 6.46 -23.86 42.01
C LEU I 83 7.34 -25.09 41.92
N LYS I 84 6.74 -26.28 41.80
CA LYS I 84 7.55 -27.49 41.75
C LYS I 84 8.35 -27.57 40.46
N GLN I 85 7.80 -27.05 39.35
CA GLN I 85 8.50 -27.10 38.09
C GLN I 85 9.69 -26.14 38.09
N MET I 86 9.49 -24.95 38.67
CA MET I 86 10.57 -23.98 38.77
C MET I 86 11.67 -24.48 39.69
N LEU I 87 11.31 -25.01 40.86
CA LEU I 87 12.31 -25.45 41.81
C LEU I 87 13.06 -26.68 41.33
N PHE I 88 12.41 -27.54 40.55
CA PHE I 88 13.17 -28.63 39.96
C PHE I 88 14.06 -28.12 38.84
N ARG I 89 13.65 -27.04 38.18
CA ARG I 89 14.50 -26.50 37.14
C ARG I 89 15.74 -25.85 37.73
N TYR I 90 15.66 -25.31 38.93
CA TYR I 90 16.86 -24.78 39.55
C TYR I 90 17.72 -25.83 40.24
N GLN I 91 17.31 -27.10 40.21
CA GLN I 91 18.09 -28.24 40.69
C GLN I 91 18.44 -28.13 42.17
N GLY I 92 17.57 -27.52 42.95
CA GLY I 92 17.74 -27.48 44.38
C GLY I 92 18.80 -26.53 44.88
N TYR I 93 19.35 -25.68 44.02
CA TYR I 93 20.30 -24.67 44.50
C TYR I 93 19.60 -23.58 45.28
N ILE I 94 18.44 -23.14 44.80
CA ILE I 94 17.65 -22.15 45.50
C ILE I 94 16.99 -22.80 46.70
N GLY I 95 17.30 -22.32 47.89
CA GLY I 95 16.71 -22.85 49.10
C GLY I 95 15.45 -22.12 49.47
N ALA I 96 14.31 -22.77 49.27
CA ALA I 96 13.01 -22.16 49.50
C ALA I 96 12.07 -23.20 50.09
N ALA I 97 11.80 -23.06 51.39
CA ALA I 97 10.84 -23.92 52.07
C ALA I 97 9.49 -23.21 52.06
N LEU I 98 8.54 -23.75 51.33
CA LEU I 98 7.28 -23.06 51.09
C LEU I 98 6.09 -23.84 51.63
N VAL I 99 5.10 -23.09 52.09
CA VAL I 99 3.80 -23.61 52.44
C VAL I 99 2.78 -22.91 51.56
N LEU I 100 1.99 -23.69 50.83
CA LEU I 100 1.06 -23.16 49.85
C LEU I 100 -0.36 -23.48 50.29
N GLY I 101 -1.21 -22.45 50.30
CA GLY I 101 -2.60 -22.63 50.68
C GLY I 101 -3.57 -21.67 50.04
N GLY I 102 -4.69 -22.20 49.57
CA GLY I 102 -5.77 -21.37 49.04
C GLY I 102 -7.02 -22.22 48.90
N VAL I 103 -8.14 -21.54 48.71
CA VAL I 103 -9.44 -22.19 48.60
C VAL I 103 -9.96 -22.02 47.19
N ASP I 104 -10.08 -23.12 46.48
CA ASP I 104 -10.58 -23.13 45.11
C ASP I 104 -12.05 -23.48 45.09
N VAL I 105 -12.58 -23.71 43.88
CA VAL I 105 -13.96 -24.15 43.69
C VAL I 105 -14.16 -25.54 44.30
N THR I 106 -13.13 -26.38 44.26
CA THR I 106 -13.19 -27.63 45.01
C THR I 106 -13.13 -27.40 46.51
N GLY I 107 -12.57 -26.27 46.95
CA GLY I 107 -12.50 -25.98 48.36
C GLY I 107 -11.09 -25.76 48.82
N PRO I 108 -10.82 -26.03 50.10
CA PRO I 108 -9.50 -25.77 50.66
C PRO I 108 -8.47 -26.81 50.24
N HIS I 109 -7.26 -26.34 49.97
CA HIS I 109 -6.16 -27.23 49.59
C HIS I 109 -4.88 -26.67 50.19
N LEU I 110 -4.17 -27.51 50.92
CA LEU I 110 -2.95 -27.12 51.60
C LEU I 110 -1.78 -27.92 51.04
N TYR I 111 -0.68 -27.23 50.73
CA TYR I 111 0.50 -27.90 50.21
C TYR I 111 1.76 -27.48 50.94
N SER I 112 2.68 -28.44 51.09
CA SER I 112 4.01 -28.20 51.63
C SER I 112 5.03 -28.37 50.51
N ILE I 113 5.99 -27.47 50.44
CA ILE I 113 7.00 -27.51 49.40
C ILE I 113 8.36 -27.46 50.07
N TYR I 114 9.19 -28.45 49.77
CA TYR I 114 10.59 -28.69 50.05
C TYR I 114 11.44 -28.25 48.87
N PRO I 115 12.60 -27.63 49.12
CA PRO I 115 13.29 -26.89 48.04
C PRO I 115 13.89 -27.75 46.95
N HIS I 116 13.86 -29.08 47.05
CA HIS I 116 14.20 -29.86 45.88
C HIS I 116 13.02 -29.99 44.93
N GLY I 117 11.80 -29.90 45.46
CA GLY I 117 10.63 -29.88 44.61
C GLY I 117 9.57 -30.88 45.02
N SER I 118 9.76 -31.52 46.17
CA SER I 118 8.83 -32.53 46.64
C SER I 118 7.66 -31.84 47.31
N THR I 119 6.46 -32.10 46.80
CA THR I 119 5.25 -31.42 47.23
C THR I 119 4.25 -32.44 47.76
N ASP I 120 3.47 -32.02 48.76
CA ASP I 120 2.53 -32.90 49.44
C ASP I 120 1.27 -32.16 49.84
N LYS I 121 0.13 -32.81 49.58
CA LYS I 121 -1.14 -32.36 50.11
C LYS I 121 -1.36 -32.98 51.48
N LEU I 122 -1.50 -32.15 52.49
CA LEU I 122 -1.61 -32.61 53.86
C LEU I 122 -2.61 -31.75 54.61
N PRO I 123 -3.26 -32.30 55.63
CA PRO I 123 -4.16 -31.47 56.44
C PRO I 123 -3.45 -30.49 57.32
N TYR I 124 -2.23 -30.78 57.76
CA TYR I 124 -1.47 -29.81 58.53
C TYR I 124 0.01 -30.05 58.30
N VAL I 125 0.74 -28.94 58.11
CA VAL I 125 2.16 -28.98 57.84
C VAL I 125 2.87 -27.98 58.74
N THR I 126 4.14 -28.25 59.00
CA THR I 126 5.02 -27.33 59.72
C THR I 126 6.34 -27.25 58.99
N MET I 127 6.84 -26.03 58.80
CA MET I 127 8.10 -25.82 58.12
C MET I 127 8.92 -24.78 58.86
N GLY I 128 10.24 -24.88 58.70
CA GLY I 128 11.15 -23.95 59.31
C GLY I 128 12.12 -24.60 60.27
N SER I 129 12.78 -23.79 61.08
CA SER I 129 13.78 -24.32 62.01
C SER I 129 13.14 -24.90 63.26
N GLY I 130 12.20 -24.17 63.86
CA GLY I 130 11.54 -24.64 65.06
C GLY I 130 10.18 -25.22 64.76
N SER I 131 10.06 -25.81 63.58
CA SER I 131 8.79 -26.39 63.15
C SER I 131 8.39 -27.61 63.97
N LEU I 132 9.35 -28.24 64.63
CA LEU I 132 9.08 -29.49 65.33
C LEU I 132 8.16 -29.29 66.53
N ALA I 133 8.24 -28.13 67.20
CA ALA I 133 7.33 -27.87 68.31
C ALA I 133 5.89 -27.72 67.83
N ALA I 134 5.71 -27.06 66.68
CA ALA I 134 4.37 -26.93 66.15
C ALA I 134 3.85 -28.26 65.62
N MET I 135 4.74 -29.11 65.11
CA MET I 135 4.33 -30.46 64.74
C MET I 135 3.95 -31.27 65.97
N ALA I 136 4.61 -31.00 67.11
CA ALA I 136 4.24 -31.64 68.37
C ALA I 136 2.83 -31.24 68.78
N VAL I 137 2.55 -29.94 68.78
CA VAL I 137 1.24 -29.45 69.19
C VAL I 137 0.15 -29.95 68.25
N PHE I 138 0.44 -29.97 66.95
CA PHE I 138 -0.52 -30.47 65.98
C PHE I 138 -0.80 -31.95 66.17
N GLU I 139 0.24 -32.78 66.26
CA GLU I 139 0.04 -34.21 66.42
C GLU I 139 -0.55 -34.55 67.78
N ASP I 140 -0.40 -33.66 68.75
CA ASP I 140 -1.08 -33.82 70.02
C ASP I 140 -2.56 -33.54 69.88
N LYS I 141 -2.93 -32.38 69.37
CA LYS I 141 -4.29 -31.86 69.53
C LYS I 141 -4.95 -31.49 68.21
N PHE I 142 -4.88 -32.36 67.21
CA PHE I 142 -5.64 -32.16 65.99
C PHE I 142 -6.74 -33.21 65.91
N ARG I 143 -7.86 -32.81 65.34
CA ARG I 143 -8.99 -33.65 65.01
C ARG I 143 -9.59 -33.10 63.72
N PRO I 144 -10.20 -33.94 62.90
CA PRO I 144 -10.69 -33.46 61.60
C PRO I 144 -11.92 -32.60 61.74
N ASP I 145 -12.00 -31.60 60.85
CA ASP I 145 -13.13 -30.67 60.73
C ASP I 145 -13.36 -29.90 62.02
N MET I 146 -12.36 -29.12 62.42
CA MET I 146 -12.53 -28.28 63.58
C MET I 146 -13.27 -27.01 63.21
N GLU I 147 -13.58 -26.23 64.24
CA GLU I 147 -14.27 -24.96 64.05
C GLU I 147 -13.26 -23.86 63.78
N GLU I 148 -13.73 -22.62 63.77
CA GLU I 148 -12.86 -21.49 63.45
C GLU I 148 -11.95 -21.16 64.61
N GLU I 149 -12.54 -20.86 65.76
CA GLU I 149 -11.76 -20.39 66.89
C GLU I 149 -10.94 -21.50 67.53
N GLU I 150 -11.43 -22.74 67.44
CA GLU I 150 -10.63 -23.89 67.84
C GLU I 150 -9.36 -23.99 67.00
N ALA I 151 -9.48 -23.81 65.69
CA ALA I 151 -8.33 -23.87 64.81
C ALA I 151 -7.38 -22.70 65.05
N LYS I 152 -7.94 -21.51 65.30
CA LYS I 152 -7.09 -20.36 65.62
C LYS I 152 -6.33 -20.58 66.91
N ASN I 153 -7.00 -21.12 67.93
CA ASN I 153 -6.35 -21.39 69.19
C ASN I 153 -5.27 -22.45 69.04
N LEU I 154 -5.52 -23.45 68.18
CA LEU I 154 -4.54 -24.50 67.95
C LEU I 154 -3.30 -23.96 67.25
N VAL I 155 -3.49 -23.11 66.24
CA VAL I 155 -2.35 -22.59 65.48
C VAL I 155 -1.54 -21.63 66.32
N SER I 156 -2.22 -20.76 67.07
CA SER I 156 -1.54 -19.86 67.99
C SER I 156 -0.80 -20.63 69.06
N GLU I 157 -1.40 -21.72 69.55
CA GLU I 157 -0.76 -22.59 70.52
C GLU I 157 0.50 -23.24 69.95
N ALA I 158 0.45 -23.66 68.69
CA ALA I 158 1.59 -24.35 68.08
C ALA I 158 2.76 -23.42 67.88
N ILE I 159 2.51 -22.24 67.31
CA ILE I 159 3.64 -21.33 67.07
C ILE I 159 4.10 -20.69 68.39
N ALA I 160 3.21 -20.59 69.38
CA ALA I 160 3.62 -20.17 70.71
C ALA I 160 4.54 -21.20 71.35
N ALA I 161 4.27 -22.48 71.13
CA ALA I 161 5.19 -23.50 71.59
C ALA I 161 6.51 -23.44 70.83
N GLY I 162 6.46 -23.07 69.55
CA GLY I 162 7.68 -22.86 68.81
C GLY I 162 8.51 -21.70 69.35
N ILE I 163 7.84 -20.64 69.79
CA ILE I 163 8.56 -19.50 70.35
C ILE I 163 9.06 -19.82 71.75
N PHE I 164 8.36 -20.67 72.49
CA PHE I 164 8.96 -21.18 73.71
C PHE I 164 10.02 -22.25 73.44
N ASN I 165 10.16 -22.70 72.21
CA ASN I 165 11.36 -23.40 71.79
C ASN I 165 12.32 -22.35 71.22
N ASP I 166 13.51 -22.78 70.80
CA ASP I 166 14.51 -21.82 70.34
C ASP I 166 14.16 -21.32 68.94
N LEU I 167 14.64 -20.11 68.63
CA LEU I 167 14.46 -19.44 67.33
C LEU I 167 13.00 -19.25 66.98
N GLY I 168 12.24 -18.75 67.94
CA GLY I 168 10.89 -18.31 67.66
C GLY I 168 10.92 -16.87 67.17
N SER I 169 10.18 -15.99 67.84
CA SER I 169 10.23 -14.58 67.53
C SER I 169 9.83 -13.79 68.77
N GLY I 170 10.20 -12.52 68.77
CA GLY I 170 9.55 -11.59 69.68
C GLY I 170 8.12 -11.28 69.28
N SER I 171 7.75 -11.64 68.05
CA SER I 171 6.56 -11.13 67.40
C SER I 171 5.28 -11.60 68.05
N ASN I 172 4.24 -10.88 67.67
CA ASN I 172 2.84 -11.08 68.00
C ASN I 172 2.14 -11.98 67.01
N ILE I 173 2.37 -13.30 67.09
CA ILE I 173 2.39 -14.29 66.01
C ILE I 173 1.35 -14.05 64.94
N ASP I 174 1.81 -13.92 63.71
CA ASP I 174 0.95 -13.47 62.63
C ASP I 174 0.01 -14.59 62.26
N LEU I 175 -1.23 -14.24 61.98
CA LEU I 175 -2.20 -15.23 61.58
C LEU I 175 -2.83 -14.80 60.27
N CYS I 176 -3.39 -15.78 59.58
CA CYS I 176 -4.04 -15.48 58.32
C CYS I 176 -5.16 -16.48 58.13
N VAL I 177 -6.33 -15.97 57.78
CA VAL I 177 -7.53 -16.78 57.66
C VAL I 177 -8.03 -16.68 56.22
N ILE I 178 -8.15 -17.82 55.56
CA ILE I 178 -8.76 -17.89 54.24
C ILE I 178 -9.99 -18.76 54.34
N SER I 179 -11.14 -18.19 53.99
CA SER I 179 -12.39 -18.92 53.91
C SER I 179 -12.92 -18.82 52.49
N LYS I 180 -14.11 -19.37 52.28
CA LYS I 180 -14.72 -19.37 50.96
C LYS I 180 -15.18 -17.98 50.55
N ASN I 181 -15.38 -17.10 51.51
CA ASN I 181 -15.88 -15.77 51.21
C ASN I 181 -15.01 -14.68 51.81
N LYS I 182 -14.48 -14.93 53.00
CA LYS I 182 -13.91 -13.90 53.85
C LYS I 182 -12.41 -14.11 54.01
N LEU I 183 -11.63 -13.15 53.54
CA LEU I 183 -10.17 -13.18 53.68
C LEU I 183 -9.77 -12.25 54.81
N ASP I 184 -9.00 -12.78 55.76
CA ASP I 184 -8.52 -12.00 56.89
C ASP I 184 -7.03 -12.17 57.03
N PHE I 185 -6.42 -11.19 57.70
CA PHE I 185 -4.98 -11.14 57.85
C PHE I 185 -4.66 -10.28 59.05
N LEU I 186 -4.05 -10.88 60.08
CA LEU I 186 -3.97 -10.29 61.41
C LEU I 186 -2.52 -10.19 61.85
N ARG I 187 -1.91 -9.01 61.70
CA ARG I 187 -0.52 -8.91 62.13
C ARG I 187 -0.42 -8.87 63.65
N PRO I 188 -0.93 -7.84 64.39
CA PRO I 188 -0.53 -7.84 65.81
C PRO I 188 -1.46 -8.68 66.68
N TYR I 189 -1.40 -10.00 66.47
CA TYR I 189 -2.45 -10.86 66.96
C TYR I 189 -2.38 -11.04 68.47
N THR I 190 -1.24 -11.47 69.00
CA THR I 190 -1.11 -11.68 70.42
C THR I 190 0.32 -11.45 70.85
N VAL I 191 0.54 -10.42 71.67
CA VAL I 191 1.85 -10.01 72.18
C VAL I 191 2.04 -10.66 73.55
N PRO I 192 2.90 -11.66 73.69
CA PRO I 192 3.11 -12.26 75.01
C PRO I 192 4.20 -11.55 75.83
N ASN I 193 5.19 -11.00 75.14
CA ASN I 193 6.44 -10.55 75.76
C ASN I 193 6.53 -9.04 75.67
N LYS I 194 6.11 -8.36 76.73
CA LYS I 194 6.29 -6.91 76.80
C LYS I 194 7.72 -6.58 77.16
N LYS I 195 8.28 -5.60 76.46
CA LYS I 195 9.64 -5.15 76.72
C LYS I 195 9.67 -4.33 78.01
N GLY I 196 10.66 -4.59 78.84
CA GLY I 196 10.75 -3.92 80.12
C GLY I 196 11.06 -2.44 79.96
N THR I 197 10.58 -1.64 80.92
CA THR I 197 10.86 -0.22 80.93
C THR I 197 12.33 0.04 81.20
N ARG I 198 12.82 1.17 80.69
CA ARG I 198 14.15 1.66 81.01
C ARG I 198 14.26 1.98 82.49
N LEU I 199 15.47 1.86 83.02
CA LEU I 199 15.72 2.19 84.42
C LEU I 199 16.49 3.49 84.61
N GLY I 200 17.24 3.93 83.61
CA GLY I 200 17.87 5.23 83.66
C GLY I 200 17.69 5.95 82.34
N ARG I 201 17.60 7.28 82.44
CA ARG I 201 17.61 8.11 81.25
C ARG I 201 19.05 8.33 80.83
N TYR I 202 19.50 7.55 79.84
CA TYR I 202 20.88 7.63 79.35
C TYR I 202 20.95 8.59 78.16
N ARG I 203 20.44 9.80 78.34
CA ARG I 203 20.22 10.68 77.20
C ARG I 203 21.44 11.55 76.95
N CYS I 204 21.79 11.71 75.67
CA CYS I 204 22.91 12.54 75.26
C CYS I 204 22.47 13.99 75.30
N GLU I 205 23.25 14.83 75.99
CA GLU I 205 22.94 16.25 76.01
C GLU I 205 23.47 16.91 74.74
N LYS I 206 22.91 18.06 74.42
CA LYS I 206 23.25 18.77 73.19
C LYS I 206 24.58 19.49 73.38
N GLY I 207 25.65 18.83 72.96
CA GLY I 207 26.97 19.43 72.99
C GLY I 207 28.04 18.53 73.57
N THR I 208 27.71 17.25 73.78
CA THR I 208 28.65 16.29 74.31
C THR I 208 29.54 15.67 73.25
N THR I 209 29.52 16.17 72.02
CA THR I 209 30.34 15.62 70.95
C THR I 209 30.99 16.74 70.17
N ALA I 210 32.31 16.68 70.06
CA ALA I 210 33.05 17.69 69.30
C ALA I 210 32.80 17.53 67.82
N VAL I 211 32.59 18.65 67.13
CA VAL I 211 32.31 18.68 65.71
C VAL I 211 33.49 19.33 65.00
N LEU I 212 33.97 18.70 63.93
CA LEU I 212 35.10 19.23 63.20
C LEU I 212 34.70 20.16 62.06
N THR I 213 33.67 19.80 61.29
CA THR I 213 33.28 20.59 60.13
C THR I 213 31.78 20.42 59.91
N GLU I 214 31.03 21.50 60.04
CA GLU I 214 29.60 21.48 59.78
C GLU I 214 29.32 21.99 58.38
N LYS I 215 28.15 21.66 57.88
CA LYS I 215 27.75 22.03 56.52
C LYS I 215 26.24 22.12 56.46
N ILE I 216 25.73 23.20 55.86
CA ILE I 216 24.30 23.43 55.72
C ILE I 216 24.00 23.61 54.25
N THR I 217 23.02 22.88 53.74
CA THR I 217 22.52 23.06 52.38
C THR I 217 21.01 23.12 52.41
N PRO I 218 20.40 24.26 52.07
CA PRO I 218 18.95 24.36 52.06
C PRO I 218 18.32 23.59 50.91
N LEU I 219 17.00 23.50 50.95
CA LEU I 219 16.24 22.78 49.95
C LEU I 219 15.05 23.62 49.52
N GLU I 220 14.06 22.97 48.93
CA GLU I 220 12.81 23.60 48.56
C GLU I 220 11.63 22.96 49.28
N SER J 1 36.67 -11.98 57.13
CA SER J 1 35.86 -12.44 56.01
C SER J 1 36.13 -11.65 54.75
N ILE J 2 35.39 -12.00 53.69
CA ILE J 2 35.39 -11.20 52.49
C ILE J 2 34.75 -9.85 52.78
N MET J 3 33.74 -9.83 53.64
CA MET J 3 33.17 -8.56 54.11
C MET J 3 34.17 -7.80 54.96
N SER J 4 35.07 -8.50 55.64
CA SER J 4 36.10 -7.87 56.45
C SER J 4 37.41 -7.67 55.70
N TYR J 5 37.35 -7.44 54.39
CA TYR J 5 38.58 -7.17 53.66
C TYR J 5 38.95 -5.69 53.72
N ASN J 6 37.97 -4.81 53.50
CA ASN J 6 38.22 -3.37 53.56
C ASN J 6 37.52 -2.72 54.75
N GLY J 7 36.96 -3.50 55.66
CA GLY J 7 36.24 -2.91 56.76
C GLY J 7 34.90 -2.34 56.30
N GLY J 8 34.35 -1.46 57.12
CA GLY J 8 33.10 -0.83 56.80
C GLY J 8 32.07 -0.83 57.92
N ALA J 9 31.36 0.28 58.06
CA ALA J 9 30.31 0.44 59.07
C ALA J 9 29.39 1.56 58.62
N VAL J 10 28.10 1.26 58.50
CA VAL J 10 27.09 2.23 58.12
C VAL J 10 25.95 2.14 59.11
N MET J 11 25.59 3.26 59.71
CA MET J 11 24.48 3.33 60.65
C MET J 11 23.46 4.33 60.13
N ALA J 12 22.19 3.94 60.17
CA ALA J 12 21.08 4.85 59.90
C ALA J 12 20.12 4.77 61.06
N MET J 13 19.56 5.91 61.44
CA MET J 13 18.67 5.98 62.59
C MET J 13 17.53 6.93 62.28
N LYS J 14 16.30 6.46 62.50
CA LYS J 14 15.11 7.23 62.20
C LYS J 14 14.73 8.07 63.41
N GLY J 15 14.54 9.36 63.20
CA GLY J 15 14.14 10.28 64.24
C GLY J 15 12.65 10.51 64.28
N LYS J 16 12.25 11.68 64.75
CA LYS J 16 10.84 12.01 64.81
C LYS J 16 10.30 12.36 63.43
N ASN J 17 10.79 13.44 62.84
CA ASN J 17 10.34 13.90 61.54
C ASN J 17 11.50 13.99 60.57
N CYS J 18 12.67 13.51 60.96
CA CYS J 18 13.88 13.57 60.18
C CYS J 18 14.59 12.23 60.28
N VAL J 19 15.66 12.07 59.52
CA VAL J 19 16.40 10.82 59.51
C VAL J 19 17.88 11.17 59.33
N ALA J 20 18.74 10.37 59.96
CA ALA J 20 20.18 10.62 59.97
C ALA J 20 20.94 9.37 59.56
N ILE J 21 21.94 9.55 58.72
CA ILE J 21 22.79 8.47 58.24
C ILE J 21 24.25 8.86 58.47
N ALA J 22 25.05 7.89 58.93
CA ALA J 22 26.45 8.13 59.22
C ALA J 22 27.28 6.93 58.80
N ALA J 23 28.55 7.18 58.49
CA ALA J 23 29.46 6.12 58.12
C ALA J 23 30.87 6.50 58.51
N ASP J 24 31.77 5.54 58.39
CA ASP J 24 33.17 5.75 58.68
C ASP J 24 33.91 6.32 57.47
N ARG J 25 35.18 6.63 57.67
CA ARG J 25 35.99 7.27 56.65
C ARG J 25 37.18 6.44 56.19
N ARG J 26 37.52 5.38 56.92
CA ARG J 26 38.75 4.65 56.68
C ARG J 26 38.62 3.77 55.44
N PHE J 27 39.66 3.79 54.61
CA PHE J 27 39.78 2.88 53.50
C PHE J 27 41.17 2.28 53.49
N GLY J 28 41.26 0.98 53.28
CA GLY J 28 42.55 0.34 53.20
C GLY J 28 42.40 -1.15 53.05
N ILE J 29 43.55 -1.79 52.88
CA ILE J 29 43.63 -3.24 52.79
C ILE J 29 43.57 -3.74 54.24
N GLN J 30 43.47 -5.06 54.42
CA GLN J 30 43.11 -5.82 55.61
C GLN J 30 43.57 -5.26 56.94
N ALA J 31 44.81 -4.83 57.03
CA ALA J 31 45.29 -4.09 58.17
C ALA J 31 45.94 -2.76 57.83
N GLN J 32 46.26 -2.54 56.56
CA GLN J 32 46.99 -1.36 56.12
C GLN J 32 45.99 -0.37 55.56
N MET J 33 45.80 0.73 56.25
CA MET J 33 44.89 1.74 55.74
C MET J 33 45.57 2.53 54.63
N VAL J 34 44.77 3.26 53.87
CA VAL J 34 45.30 4.06 52.77
C VAL J 34 44.91 5.51 52.96
N THR J 35 43.61 5.78 53.09
CA THR J 35 43.13 7.14 53.09
C THR J 35 41.97 7.29 54.07
N THR J 36 41.63 8.55 54.33
CA THR J 36 40.61 8.91 55.30
C THR J 36 39.43 9.65 54.67
N ASP J 37 39.28 9.58 53.36
CA ASP J 37 38.29 10.40 52.68
C ASP J 37 37.45 9.57 51.72
N PHE J 38 37.26 8.30 52.03
CA PHE J 38 36.54 7.42 51.13
C PHE J 38 35.05 7.63 51.32
N GLN J 39 34.34 7.88 50.22
CA GLN J 39 32.92 8.10 50.31
C GLN J 39 32.20 6.77 50.29
N LYS J 40 31.28 6.59 51.23
CA LYS J 40 30.38 5.46 51.23
C LYS J 40 28.92 5.87 51.25
N ILE J 41 28.63 7.15 51.37
CA ILE J 41 27.26 7.65 51.41
C ILE J 41 27.03 8.46 50.15
N PHE J 42 26.09 8.03 49.35
CA PHE J 42 26.00 8.70 48.08
C PHE J 42 24.65 9.35 47.90
N PRO J 43 24.61 10.60 47.44
CA PRO J 43 23.32 11.26 47.24
C PRO J 43 22.64 10.74 45.99
N MET J 44 21.39 10.32 46.16
CA MET J 44 20.61 9.74 45.07
C MET J 44 19.35 10.59 44.99
N GLY J 45 19.41 11.65 44.18
CA GLY J 45 18.35 12.64 44.22
C GLY J 45 18.45 13.50 45.46
N ASP J 46 17.39 14.26 45.70
CA ASP J 46 17.35 15.17 46.84
C ASP J 46 16.64 14.51 48.00
N ARG J 47 17.17 14.73 49.20
CA ARG J 47 16.62 14.24 50.47
C ARG J 47 16.47 12.72 50.48
N LEU J 48 17.42 12.05 49.83
CA LEU J 48 17.39 10.59 49.76
C LEU J 48 18.80 10.09 49.54
N TYR J 49 19.37 9.45 50.55
CA TYR J 49 20.74 8.98 50.54
C TYR J 49 20.77 7.47 50.56
N ILE J 50 21.94 6.93 50.26
CA ILE J 50 22.17 5.50 50.35
C ILE J 50 23.50 5.29 51.04
N GLY J 51 23.60 4.21 51.81
CA GLY J 51 24.84 3.84 52.47
C GLY J 51 25.27 2.46 51.99
N LEU J 52 26.58 2.32 51.78
CA LEU J 52 27.13 1.08 51.28
C LEU J 52 28.33 0.69 52.14
N ALA J 53 28.36 -0.56 52.57
CA ALA J 53 29.50 -1.05 53.34
C ALA J 53 29.83 -2.46 52.87
N GLY J 54 31.12 -2.79 52.94
CA GLY J 54 31.63 -4.08 52.48
C GLY J 54 32.79 -3.89 51.54
N LEU J 55 32.82 -4.69 50.48
CA LEU J 55 33.90 -4.60 49.51
C LEU J 55 33.74 -3.33 48.69
N ALA J 56 34.82 -2.54 48.64
CA ALA J 56 34.74 -1.19 48.08
C ALA J 56 34.53 -1.21 46.57
N THR J 57 34.98 -2.26 45.90
CA THR J 57 34.80 -2.36 44.46
C THR J 57 33.34 -2.54 44.11
N ASP J 58 32.69 -3.47 44.80
CA ASP J 58 31.26 -3.63 44.65
C ASP J 58 30.52 -2.39 45.07
N VAL J 59 31.04 -1.67 46.06
CA VAL J 59 30.42 -0.42 46.51
C VAL J 59 30.39 0.60 45.38
N GLN J 60 31.54 0.87 44.78
CA GLN J 60 31.58 1.89 43.73
C GLN J 60 30.87 1.44 42.47
N THR J 61 30.97 0.16 42.12
CA THR J 61 30.32 -0.31 40.89
C THR J 61 28.81 -0.34 41.04
N VAL J 62 28.32 -0.82 42.19
CA VAL J 62 26.90 -0.81 42.47
C VAL J 62 26.36 0.61 42.59
N ALA J 63 27.15 1.53 43.15
CA ALA J 63 26.70 2.92 43.23
C ALA J 63 26.57 3.55 41.85
N GLN J 64 27.53 3.27 40.97
CA GLN J 64 27.44 3.84 39.62
C GLN J 64 26.34 3.17 38.81
N ARG J 65 26.11 1.88 39.04
CA ARG J 65 25.04 1.17 38.32
C ARG J 65 23.68 1.69 38.77
N LEU J 66 23.53 1.92 40.07
CA LEU J 66 22.28 2.45 40.58
C LEU J 66 22.07 3.88 40.12
N LYS J 67 23.17 4.66 40.01
CA LYS J 67 23.07 6.00 39.46
C LYS J 67 22.62 5.97 38.01
N PHE J 68 23.12 5.01 37.25
CA PHE J 68 22.72 4.78 35.86
C PHE J 68 21.22 4.53 35.75
N ARG J 69 20.74 3.50 36.43
CA ARG J 69 19.32 3.15 36.33
C ARG J 69 18.43 4.21 36.96
N LEU J 70 18.94 4.92 37.98
CA LEU J 70 18.20 5.99 38.60
C LEU J 70 18.01 7.17 37.66
N ASN J 71 19.06 7.57 36.95
CA ASN J 71 18.91 8.67 36.01
C ASN J 71 18.02 8.29 34.85
N LEU J 72 18.10 7.03 34.39
CA LEU J 72 17.20 6.61 33.32
C LEU J 72 15.74 6.61 33.77
N TYR J 73 15.49 6.21 35.03
CA TYR J 73 14.12 6.24 35.53
C TYR J 73 13.62 7.66 35.71
N GLU J 74 14.43 8.53 36.29
CA GLU J 74 13.97 9.90 36.50
C GLU J 74 13.98 10.74 35.23
N LEU J 75 14.56 10.26 34.15
CA LEU J 75 14.39 10.98 32.90
C LEU J 75 13.36 10.35 31.99
N LYS J 76 13.00 9.09 32.23
CA LYS J 76 11.77 8.61 31.60
C LYS J 76 10.55 9.20 32.26
N GLU J 77 10.58 9.39 33.58
CA GLU J 77 9.47 9.99 34.30
C GLU J 77 10.00 11.16 35.11
N GLY J 78 9.42 12.34 34.86
CA GLY J 78 9.93 13.58 35.41
C GLY J 78 9.84 13.71 36.91
N ARG J 79 9.01 12.90 37.56
CA ARG J 79 8.96 12.95 39.01
C ARG J 79 10.22 12.30 39.58
N GLN J 80 10.48 12.60 40.84
CA GLN J 80 11.60 11.97 41.53
C GLN J 80 11.13 10.65 42.11
N ILE J 81 12.08 9.91 42.65
CA ILE J 81 11.83 8.53 43.02
C ILE J 81 11.33 8.47 44.46
N LYS J 82 10.41 7.56 44.71
CA LYS J 82 9.98 7.20 46.05
C LYS J 82 10.94 6.18 46.64
N PRO J 83 11.06 6.12 47.97
CA PRO J 83 12.06 5.22 48.56
C PRO J 83 11.76 3.74 48.39
N TYR J 84 10.48 3.34 48.38
CA TYR J 84 10.15 1.94 48.13
C TYR J 84 10.52 1.52 46.71
N THR J 85 10.38 2.46 45.77
CA THR J 85 10.81 2.20 44.40
C THR J 85 12.32 1.98 44.36
N LEU J 86 13.07 2.75 45.14
CA LEU J 86 14.51 2.56 45.23
C LEU J 86 14.84 1.22 45.85
N MET J 87 14.07 0.81 46.87
CA MET J 87 14.35 -0.45 47.55
C MET J 87 14.11 -1.64 46.63
N SER J 88 13.03 -1.61 45.86
CA SER J 88 12.77 -2.69 44.91
C SER J 88 13.80 -2.69 43.79
N MET J 89 14.25 -1.50 43.35
CA MET J 89 15.26 -1.43 42.31
C MET J 89 16.59 -2.00 42.77
N VAL J 90 16.99 -1.66 43.99
CA VAL J 90 18.23 -2.17 44.56
C VAL J 90 18.16 -3.67 44.77
N ALA J 91 17.00 -4.17 45.22
CA ALA J 91 16.85 -5.61 45.40
C ALA J 91 16.91 -6.35 44.08
N ASN J 92 16.34 -5.75 43.03
CA ASN J 92 16.43 -6.35 41.70
C ASN J 92 17.87 -6.35 41.19
N LEU J 93 18.59 -5.25 41.43
CA LEU J 93 19.97 -5.14 40.97
C LEU J 93 20.86 -6.14 41.67
N LEU J 94 20.60 -6.39 42.95
CA LEU J 94 21.38 -7.41 43.65
C LEU J 94 20.99 -8.81 43.23
N TYR J 95 19.70 -9.06 43.00
CA TYR J 95 19.25 -10.41 42.76
C TYR J 95 19.54 -10.85 41.33
N GLU J 96 19.87 -9.91 40.44
CA GLU J 96 20.39 -10.31 39.13
C GLU J 96 21.71 -11.06 39.25
N LYS J 97 22.52 -10.74 40.24
CA LYS J 97 23.69 -11.54 40.56
C LYS J 97 23.36 -12.47 41.73
N ARG J 98 22.47 -13.43 41.44
CA ARG J 98 22.09 -14.40 42.46
C ARG J 98 23.24 -15.33 42.81
N PHE J 99 23.92 -15.86 41.80
CA PHE J 99 25.00 -16.78 42.06
C PHE J 99 26.36 -16.15 41.80
N GLY J 100 26.39 -14.91 41.34
CA GLY J 100 27.60 -14.18 41.12
C GLY J 100 27.71 -12.93 41.98
N PRO J 101 27.47 -13.07 43.28
CA PRO J 101 26.98 -11.94 44.07
C PRO J 101 28.03 -10.85 44.31
N TYR J 102 27.55 -9.61 44.37
CA TYR J 102 28.37 -8.55 44.92
C TYR J 102 28.47 -8.71 46.43
N TYR J 103 29.49 -8.10 47.01
CA TYR J 103 29.74 -8.23 48.43
C TYR J 103 29.54 -6.87 49.09
N THR J 104 28.29 -6.59 49.44
CA THR J 104 27.93 -5.32 50.03
C THR J 104 26.65 -5.47 50.83
N GLU J 105 26.38 -4.49 51.67
CA GLU J 105 25.16 -4.42 52.45
C GLU J 105 24.61 -3.02 52.33
N PRO J 106 23.73 -2.79 51.37
CA PRO J 106 23.22 -1.43 51.15
C PRO J 106 22.25 -1.00 52.24
N VAL J 107 22.29 0.28 52.57
CA VAL J 107 21.38 0.90 53.52
C VAL J 107 20.80 2.14 52.85
N ILE J 108 19.48 2.21 52.79
CA ILE J 108 18.78 3.33 52.17
C ILE J 108 18.17 4.20 53.25
N ALA J 109 18.43 5.50 53.18
CA ALA J 109 17.85 6.44 54.12
C ALA J 109 17.37 7.66 53.35
N GLY J 110 16.07 7.95 53.44
CA GLY J 110 15.50 9.09 52.74
C GLY J 110 14.14 9.43 53.32
N LEU J 111 13.61 10.56 52.86
CA LEU J 111 12.32 11.05 53.31
C LEU J 111 11.26 10.83 52.23
N ASP J 112 10.04 11.17 52.59
CA ASP J 112 8.93 11.12 51.66
C ASP J 112 9.00 12.28 50.68
N PRO J 113 8.64 12.06 49.42
CA PRO J 113 8.66 13.19 48.46
C PRO J 113 7.49 14.15 48.65
N LYS J 114 6.34 13.63 49.11
CA LYS J 114 5.17 14.47 49.30
C LYS J 114 5.03 14.96 50.74
N THR J 115 5.12 14.06 51.70
CA THR J 115 5.09 14.42 53.09
C THR J 115 6.52 14.45 53.61
N PHE J 116 6.66 14.54 54.94
CA PHE J 116 7.94 14.50 55.60
C PHE J 116 8.23 13.14 56.20
N LYS J 117 7.61 12.09 55.67
CA LYS J 117 7.66 10.79 56.31
C LYS J 117 9.05 10.18 56.21
N PRO J 118 9.67 9.84 57.33
CA PRO J 118 11.01 9.27 57.29
C PRO J 118 10.96 7.82 56.83
N PHE J 119 12.13 7.30 56.49
CA PHE J 119 12.19 5.95 55.96
C PHE J 119 13.58 5.37 56.17
N ILE J 120 13.63 4.12 56.63
CA ILE J 120 14.87 3.36 56.71
C ILE J 120 14.61 1.96 56.19
N CYS J 121 15.61 1.39 55.53
CA CYS J 121 15.63 -0.02 55.18
C CYS J 121 17.08 -0.43 54.93
N SER J 122 17.31 -1.73 55.00
CA SER J 122 18.62 -2.29 54.73
C SER J 122 18.44 -3.62 54.04
N LEU J 123 19.45 -4.03 53.28
CA LEU J 123 19.33 -5.21 52.44
C LEU J 123 20.52 -6.11 52.65
N ASP J 124 20.37 -7.36 52.20
CA ASP J 124 21.44 -8.34 52.24
C ASP J 124 22.16 -8.39 50.90
N LEU J 125 23.15 -9.26 50.83
CA LEU J 125 23.97 -9.38 49.64
C LEU J 125 23.27 -10.11 48.49
N ILE J 126 22.04 -10.57 48.68
CA ILE J 126 21.26 -11.14 47.59
C ILE J 126 19.97 -10.39 47.35
N GLY J 127 19.64 -9.39 48.16
CA GLY J 127 18.49 -8.56 47.86
C GLY J 127 17.28 -8.81 48.75
N CYS J 128 17.51 -9.02 50.04
CA CYS J 128 16.41 -9.20 50.98
C CYS J 128 16.09 -7.87 51.65
N PRO J 129 14.96 -7.24 51.34
CA PRO J 129 14.63 -5.97 51.99
C PRO J 129 14.14 -6.18 53.41
N MET J 130 14.26 -5.12 54.21
CA MET J 130 13.83 -5.15 55.60
C MET J 130 13.60 -3.71 56.05
N VAL J 131 12.35 -3.35 56.29
CA VAL J 131 12.02 -2.03 56.83
C VAL J 131 11.80 -2.13 58.33
N THR J 132 12.39 -1.20 59.07
CA THR J 132 12.14 -1.10 60.50
C THR J 132 11.75 0.32 60.85
N ASP J 133 11.74 0.65 62.13
CA ASP J 133 11.39 1.99 62.57
C ASP J 133 12.44 2.64 63.44
N ASP J 134 13.36 1.88 64.03
CA ASP J 134 14.32 2.41 64.98
C ASP J 134 15.66 2.72 64.33
N PHE J 135 16.31 1.73 63.74
CA PHE J 135 17.65 1.86 63.19
C PHE J 135 17.96 0.64 62.34
N VAL J 136 18.85 0.82 61.37
CA VAL J 136 19.45 -0.29 60.66
C VAL J 136 20.96 -0.06 60.63
N VAL J 137 21.71 -1.16 60.69
CA VAL J 137 23.16 -1.10 60.68
C VAL J 137 23.69 -2.12 59.69
N SER J 138 24.93 -1.90 59.26
CA SER J 138 25.61 -2.80 58.33
C SER J 138 27.11 -2.64 58.50
N GLY J 139 27.83 -3.53 57.85
CA GLY J 139 29.27 -3.51 57.87
C GLY J 139 29.85 -4.64 58.69
N THR J 140 31.15 -4.51 58.98
CA THR J 140 31.87 -5.59 59.66
C THR J 140 31.46 -5.68 61.13
N CYS J 141 31.59 -4.58 61.87
CA CYS J 141 31.06 -4.52 63.21
C CYS J 141 29.54 -4.50 63.13
N ALA J 142 28.90 -5.36 63.90
CA ALA J 142 27.44 -5.36 63.98
C ALA J 142 26.95 -5.23 65.41
N GLU J 143 27.40 -6.13 66.29
CA GLU J 143 26.80 -6.32 67.59
C GLU J 143 27.01 -5.11 68.50
N GLN J 144 28.12 -4.40 68.28
CA GLN J 144 28.39 -3.16 68.98
C GLN J 144 27.30 -2.14 68.69
N MET J 145 27.03 -1.93 67.40
CA MET J 145 26.04 -0.95 67.01
C MET J 145 24.64 -1.39 67.40
N TYR J 146 24.38 -2.70 67.36
CA TYR J 146 23.10 -3.22 67.85
C TYR J 146 22.90 -2.91 69.33
N GLY J 147 23.93 -3.17 70.14
CA GLY J 147 23.82 -2.91 71.56
C GLY J 147 23.66 -1.44 71.86
N MET J 148 24.42 -0.59 71.18
CA MET J 148 24.36 0.86 71.43
C MET J 148 23.02 1.45 71.00
N CYS J 149 22.53 1.06 69.82
CA CYS J 149 21.29 1.62 69.33
C CYS J 149 20.09 1.07 70.08
N GLU J 150 20.14 -0.18 70.52
CA GLU J 150 19.09 -0.63 71.42
C GLU J 150 19.23 -0.05 72.81
N SER J 151 20.39 0.50 73.14
CA SER J 151 20.57 1.12 74.44
C SER J 151 20.07 2.55 74.47
N LEU J 152 20.20 3.30 73.39
CA LEU J 152 20.05 4.73 73.46
C LEU J 152 18.91 5.31 72.63
N TRP J 153 18.17 4.49 71.91
CA TRP J 153 17.14 5.03 71.03
C TRP J 153 15.84 5.26 71.77
N GLU J 154 15.20 6.38 71.48
CA GLU J 154 13.86 6.73 71.91
C GLU J 154 12.99 6.95 70.68
N PRO J 155 11.67 6.77 70.79
CA PRO J 155 10.84 6.83 69.57
C PRO J 155 10.71 8.21 68.96
N ASN J 156 10.49 9.25 69.75
CA ASN J 156 10.23 10.58 69.22
C ASN J 156 11.41 11.48 69.58
N MET J 157 12.21 11.85 68.59
CA MET J 157 13.48 12.50 68.85
C MET J 157 13.62 13.77 68.05
N ASP J 158 13.79 14.88 68.76
CA ASP J 158 14.28 16.12 68.18
C ASP J 158 15.63 15.91 67.49
N PRO J 159 15.92 16.67 66.42
CA PRO J 159 17.12 16.41 65.61
C PRO J 159 18.43 16.58 66.35
N ASP J 160 18.45 17.37 67.42
CA ASP J 160 19.68 17.53 68.20
C ASP J 160 20.00 16.26 68.97
N HIS J 161 19.00 15.70 69.66
CA HIS J 161 19.25 14.47 70.40
C HIS J 161 19.43 13.28 69.47
N LEU J 162 18.78 13.30 68.31
CA LEU J 162 19.02 12.29 67.29
C LEU J 162 20.46 12.33 66.82
N PHE J 163 20.96 13.55 66.54
CA PHE J 163 22.33 13.76 66.14
C PHE J 163 23.32 13.30 67.20
N GLU J 164 23.08 13.67 68.46
CA GLU J 164 24.02 13.31 69.51
C GLU J 164 23.98 11.83 69.83
N THR J 165 22.81 11.21 69.68
CA THR J 165 22.66 9.78 69.93
C THR J 165 23.39 8.97 68.88
N ILE J 166 23.19 9.31 67.60
CA ILE J 166 23.91 8.58 66.55
C ILE J 166 25.39 8.90 66.61
N SER J 167 25.75 10.09 67.12
CA SER J 167 27.15 10.45 67.30
C SER J 167 27.83 9.55 68.32
N GLN J 168 27.24 9.45 69.52
CA GLN J 168 27.84 8.65 70.57
C GLN J 168 27.85 7.17 70.22
N ALA J 169 26.79 6.69 69.55
CA ALA J 169 26.72 5.30 69.16
C ALA J 169 27.81 4.95 68.16
N MET J 170 27.96 5.78 67.11
CA MET J 170 29.00 5.54 66.11
C MET J 170 30.39 5.64 66.71
N LEU J 171 30.62 6.63 67.58
CA LEU J 171 31.97 6.82 68.12
C LEU J 171 32.37 5.66 69.01
N ASN J 172 31.47 5.21 69.88
CA ASN J 172 31.82 4.10 70.77
C ASN J 172 31.96 2.78 70.00
N ALA J 173 31.08 2.53 69.02
CA ALA J 173 31.15 1.27 68.30
C ALA J 173 32.34 1.22 67.35
N VAL J 174 32.76 2.38 66.83
CA VAL J 174 33.94 2.40 65.98
C VAL J 174 35.20 2.27 66.81
N ASP J 175 35.24 2.89 68.00
CA ASP J 175 36.39 2.73 68.88
C ASP J 175 36.53 1.31 69.40
N ARG J 176 35.42 0.58 69.54
CA ARG J 176 35.58 -0.84 69.83
C ARG J 176 35.98 -1.62 68.59
N ASP J 177 35.65 -1.12 67.40
CA ASP J 177 36.01 -1.82 66.17
C ASP J 177 37.48 -1.61 65.86
N ALA J 178 38.07 -2.63 65.23
CA ALA J 178 39.48 -2.61 64.87
C ALA J 178 39.70 -2.18 63.42
N VAL J 179 39.11 -2.91 62.47
CA VAL J 179 39.44 -2.72 61.06
C VAL J 179 38.75 -1.53 60.42
N SER J 180 37.82 -0.90 61.13
CA SER J 180 37.13 0.29 60.63
C SER J 180 37.30 1.41 61.64
N GLY J 181 37.78 2.56 61.19
CA GLY J 181 37.91 3.69 62.08
C GLY J 181 38.20 5.00 61.39
N MET J 182 39.05 5.82 62.03
CA MET J 182 39.74 6.96 61.41
C MET J 182 38.77 8.05 60.94
N GLY J 183 37.80 8.37 61.79
CA GLY J 183 36.94 9.49 61.52
C GLY J 183 35.55 9.05 61.08
N VAL J 184 34.58 9.94 61.32
CA VAL J 184 33.16 9.67 61.09
C VAL J 184 32.56 10.85 60.34
N ILE J 185 31.82 10.55 59.28
CA ILE J 185 30.98 11.52 58.60
C ILE J 185 29.55 11.29 59.04
N VAL J 186 28.80 12.37 59.25
CA VAL J 186 27.41 12.30 59.68
C VAL J 186 26.56 13.17 58.77
N HIS J 187 25.52 12.58 58.19
CA HIS J 187 24.52 13.30 57.43
C HIS J 187 23.21 13.26 58.18
N ILE J 188 22.72 14.43 58.61
CA ILE J 188 21.39 14.58 59.16
C ILE J 188 20.58 15.47 58.23
N ILE J 189 19.52 14.92 57.65
CA ILE J 189 18.69 15.63 56.69
C ILE J 189 17.31 15.79 57.29
N GLU J 190 16.55 16.71 56.72
CA GLU J 190 15.16 16.93 57.08
C GLU J 190 14.48 17.62 55.90
N LYS J 191 13.22 18.03 56.11
CA LYS J 191 12.47 18.65 55.02
C LYS J 191 13.04 20.02 54.68
N ASP J 192 13.58 20.72 55.66
CA ASP J 192 14.01 22.09 55.45
C ASP J 192 15.38 22.18 54.80
N LYS J 193 16.33 21.39 55.27
CA LYS J 193 17.72 21.57 54.91
C LYS J 193 18.43 20.23 55.08
N ILE J 194 19.70 20.20 54.70
CA ILE J 194 20.52 19.02 54.85
C ILE J 194 21.78 19.42 55.60
N THR J 195 22.05 18.76 56.71
CA THR J 195 23.18 19.08 57.57
C THR J 195 24.18 17.93 57.50
N THR J 196 25.45 18.29 57.32
CA THR J 196 26.54 17.32 57.23
C THR J 196 27.61 17.73 58.23
N ARG J 197 27.91 16.86 59.18
CA ARG J 197 28.96 17.12 60.15
C ARG J 197 29.97 15.99 60.19
N THR J 198 31.20 16.35 60.54
CA THR J 198 32.29 15.42 60.75
C THR J 198 32.74 15.50 62.21
N LEU J 199 32.90 14.35 62.84
CA LEU J 199 33.16 14.30 64.27
C LEU J 199 34.64 14.16 64.55
N LYS J 200 35.04 14.58 65.74
CA LYS J 200 36.42 14.43 66.20
C LYS J 200 36.57 13.05 66.83
N ALA J 201 36.95 12.08 66.01
CA ALA J 201 37.09 10.70 66.43
C ALA J 201 38.51 10.39 66.86
N ARG J 202 38.66 9.27 67.56
CA ARG J 202 39.98 8.76 67.87
C ARG J 202 40.65 8.24 66.61
N MET J 203 41.81 8.78 66.29
CA MET J 203 42.54 8.41 65.08
C MET J 203 43.51 7.26 65.31
N ASP J 204 43.27 6.45 66.33
CA ASP J 204 44.13 5.31 66.65
C ASP J 204 43.83 4.06 65.85
N MET K 1 56.01 -6.89 44.63
CA MET K 1 57.41 -7.08 44.95
C MET K 1 58.13 -5.75 45.15
N GLU K 2 58.40 -5.05 44.06
CA GLU K 2 59.02 -3.74 44.12
C GLU K 2 57.94 -2.68 44.30
N TYR K 3 58.34 -1.42 44.42
CA TYR K 3 57.35 -0.36 44.57
C TYR K 3 57.80 0.93 43.91
N LEU K 4 56.84 1.61 43.28
CA LEU K 4 57.05 2.87 42.58
C LEU K 4 56.27 3.96 43.31
N ILE K 5 56.97 4.98 43.87
CA ILE K 5 56.38 5.97 44.77
C ILE K 5 55.92 7.21 44.01
N GLY K 6 54.81 7.81 44.50
CA GLY K 6 53.96 8.76 43.80
C GLY K 6 53.52 10.05 44.48
N ILE K 7 54.44 10.78 45.14
CA ILE K 7 54.10 11.92 46.00
C ILE K 7 53.37 13.03 45.25
N GLN K 8 52.27 13.51 45.84
CA GLN K 8 51.55 14.71 45.39
C GLN K 8 52.14 15.97 46.02
N GLY K 9 52.27 17.02 45.21
CA GLY K 9 52.66 18.32 45.71
C GLY K 9 51.54 19.33 45.58
N PRO K 10 51.86 20.62 45.73
CA PRO K 10 50.85 21.65 45.43
C PRO K 10 50.51 21.78 43.96
N ASP K 11 51.51 21.86 43.09
CA ASP K 11 51.26 22.02 41.66
C ASP K 11 52.11 21.06 40.85
N TYR K 12 52.48 19.94 41.46
CA TYR K 12 53.31 18.95 40.79
C TYR K 12 52.98 17.60 41.38
N VAL K 13 53.28 16.55 40.63
CA VAL K 13 53.16 15.19 41.10
C VAL K 13 54.51 14.53 40.96
N LEU K 14 55.08 14.06 42.08
CA LEU K 14 56.41 13.50 42.09
C LEU K 14 56.29 11.98 42.08
N VAL K 15 56.54 11.38 40.93
CA VAL K 15 56.50 9.93 40.79
C VAL K 15 57.92 9.43 40.64
N ALA K 16 58.14 8.19 41.08
CA ALA K 16 59.48 7.61 41.07
C ALA K 16 59.36 6.09 41.06
N SER K 17 59.85 5.44 40.00
CA SER K 17 59.75 4.02 39.83
C SER K 17 61.09 3.36 40.12
N ASP K 18 61.20 2.06 39.85
CA ASP K 18 62.51 1.40 39.87
C ASP K 18 62.93 1.05 38.45
N ARG K 19 64.03 0.31 38.33
CA ARG K 19 64.50 -0.16 37.04
C ARG K 19 64.82 -1.64 37.10
N VAL K 20 64.06 -2.42 37.86
CA VAL K 20 64.37 -3.81 38.16
C VAL K 20 63.34 -4.71 37.49
N ALA K 21 63.80 -5.77 36.84
CA ALA K 21 62.95 -6.78 36.21
C ALA K 21 63.46 -8.18 36.53
N ALA K 22 63.62 -8.49 37.81
CA ALA K 22 64.20 -9.75 38.23
C ALA K 22 63.22 -10.91 38.02
N SER K 23 63.78 -12.14 37.97
CA SER K 23 63.01 -13.37 37.80
C SER K 23 63.45 -14.42 38.83
N ASN K 24 62.89 -14.31 40.03
CA ASN K 24 62.80 -15.32 41.10
C ASN K 24 64.14 -15.69 41.75
N ILE K 25 65.25 -15.42 41.07
CA ILE K 25 66.58 -15.57 41.63
C ILE K 25 67.47 -14.40 41.21
N VAL K 26 67.52 -14.15 39.91
CA VAL K 26 68.50 -13.24 39.33
C VAL K 26 67.80 -12.00 38.80
N GLN K 27 68.59 -10.94 38.68
CA GLN K 27 68.13 -9.68 38.10
C GLN K 27 68.38 -9.76 36.61
N MET K 28 67.30 -9.94 35.84
CA MET K 28 67.47 -10.04 34.39
C MET K 28 67.78 -8.69 33.78
N LYS K 29 67.09 -7.65 34.23
CA LYS K 29 67.18 -6.35 33.60
C LYS K 29 67.34 -5.28 34.68
N ASP K 30 68.42 -4.50 34.56
CA ASP K 30 68.80 -3.51 35.56
C ASP K 30 68.57 -2.09 35.08
N ASP K 31 67.90 -1.92 33.95
CA ASP K 31 67.58 -0.61 33.39
C ASP K 31 66.16 -0.60 32.88
N HIS K 32 65.28 -1.29 33.61
CA HIS K 32 63.90 -1.46 33.20
C HIS K 32 63.13 -0.16 33.33
N ASP K 33 62.05 -0.04 32.56
CA ASP K 33 61.20 1.13 32.62
C ASP K 33 59.76 0.69 32.73
N LYS K 34 59.05 1.22 33.73
CA LYS K 34 57.64 0.91 33.94
C LYS K 34 56.76 2.13 33.71
N MET K 35 57.30 3.17 33.11
CA MET K 35 56.61 4.45 33.00
C MET K 35 55.88 4.52 31.67
N PHE K 36 54.59 4.82 31.73
CA PHE K 36 53.69 4.74 30.58
C PHE K 36 53.09 6.12 30.34
N LYS K 37 53.67 6.88 29.41
CA LYS K 37 53.23 8.23 29.11
C LYS K 37 51.93 8.17 28.32
N MET K 38 50.81 8.43 29.00
CA MET K 38 49.51 8.39 28.34
C MET K 38 49.33 9.56 27.39
N SER K 39 49.37 10.78 27.92
CA SER K 39 49.26 11.98 27.09
C SER K 39 50.20 13.02 27.67
N GLU K 40 49.99 14.28 27.28
CA GLU K 40 50.91 15.36 27.58
C GLU K 40 51.00 15.73 29.05
N LYS K 41 50.04 15.31 29.88
CA LYS K 41 50.17 15.62 31.29
C LYS K 41 49.68 14.48 32.18
N ILE K 42 49.57 13.27 31.65
CA ILE K 42 48.98 12.15 32.38
C ILE K 42 49.91 10.95 32.27
N LEU K 43 50.37 10.44 33.40
CA LEU K 43 51.26 9.29 33.49
C LEU K 43 50.54 8.11 34.13
N LEU K 44 51.20 6.95 34.07
CA LEU K 44 50.70 5.73 34.67
C LEU K 44 51.86 4.80 34.99
N LEU K 45 51.80 4.19 36.18
CA LEU K 45 52.78 3.22 36.63
C LEU K 45 52.07 1.89 36.92
N CYS K 46 52.83 0.80 36.82
CA CYS K 46 52.22 -0.53 36.85
C CYS K 46 53.15 -1.53 37.52
N VAL K 47 52.59 -2.29 38.47
CA VAL K 47 53.29 -3.36 39.18
C VAL K 47 52.31 -4.51 39.36
N GLY K 48 52.68 -5.70 38.90
CA GLY K 48 51.84 -6.85 39.12
C GLY K 48 52.40 -8.06 38.42
N GLU K 49 51.52 -8.91 37.89
CA GLU K 49 51.96 -10.00 37.02
C GLU K 49 52.51 -9.44 35.73
N ALA K 50 53.77 -9.76 35.44
CA ALA K 50 54.49 -9.16 34.32
C ALA K 50 54.05 -9.66 32.96
N GLY K 51 53.01 -10.48 32.88
CA GLY K 51 52.38 -10.76 31.61
C GLY K 51 51.23 -9.81 31.39
N ASP K 52 50.71 -9.23 32.46
CA ASP K 52 49.55 -8.35 32.36
C ASP K 52 49.92 -6.89 32.25
N THR K 53 51.13 -6.52 32.64
CA THR K 53 51.57 -5.12 32.62
C THR K 53 51.61 -4.58 31.20
N VAL K 54 52.21 -5.35 30.29
CA VAL K 54 52.27 -4.97 28.89
C VAL K 54 50.88 -4.89 28.29
N GLN K 55 49.96 -5.75 28.76
CA GLN K 55 48.60 -5.75 28.24
C GLN K 55 47.84 -4.51 28.67
N PHE K 56 48.01 -4.09 29.93
CA PHE K 56 47.42 -2.84 30.34
C PHE K 56 48.03 -1.65 29.64
N ALA K 57 49.34 -1.71 29.37
CA ALA K 57 50.01 -0.64 28.62
C ALA K 57 49.38 -0.48 27.26
N GLU K 58 49.22 -1.59 26.53
CA GLU K 58 48.55 -1.61 25.25
C GLU K 58 47.15 -1.02 25.34
N TYR K 59 46.33 -1.60 26.23
CA TYR K 59 44.91 -1.28 26.26
C TYR K 59 44.67 0.16 26.66
N ILE K 60 45.14 0.53 27.86
CA ILE K 60 44.83 1.85 28.40
C ILE K 60 45.55 2.95 27.62
N GLN K 61 46.87 2.77 27.39
CA GLN K 61 47.66 3.74 26.65
C GLN K 61 47.07 4.02 25.28
N LYS K 62 46.79 2.97 24.53
CA LYS K 62 46.34 3.15 23.17
C LYS K 62 44.90 3.61 23.13
N ASN K 63 44.06 3.22 24.08
CA ASN K 63 42.69 3.67 24.00
C ASN K 63 42.54 5.13 24.42
N VAL K 64 43.39 5.60 25.33
CA VAL K 64 43.40 7.02 25.65
C VAL K 64 43.94 7.83 24.47
N GLN K 65 44.97 7.30 23.79
CA GLN K 65 45.39 7.92 22.54
C GLN K 65 44.28 7.93 21.49
N LEU K 66 43.44 6.90 21.50
CA LEU K 66 42.31 6.84 20.57
C LEU K 66 41.28 7.91 20.88
N TYR K 67 41.00 8.13 22.17
CA TYR K 67 40.10 9.22 22.56
C TYR K 67 40.66 10.57 22.14
N LYS K 68 41.97 10.76 22.35
CA LYS K 68 42.63 12.01 22.01
C LYS K 68 42.55 12.29 20.51
N MET K 69 42.85 11.28 19.69
CA MET K 69 42.80 11.49 18.25
C MET K 69 41.37 11.58 17.75
N ARG K 70 40.42 11.01 18.47
CA ARG K 70 39.02 11.12 18.07
C ARG K 70 38.47 12.50 18.34
N ASN K 71 38.42 12.89 19.61
CA ASN K 71 37.65 14.08 20.00
C ASN K 71 38.41 15.36 19.67
N GLY K 72 39.62 15.50 20.17
CA GLY K 72 40.42 16.64 19.79
C GLY K 72 41.15 17.25 20.96
N TYR K 73 40.92 16.72 22.14
CA TYR K 73 41.52 17.29 23.35
C TYR K 73 41.85 16.16 24.30
N GLU K 74 42.59 16.50 25.34
CA GLU K 74 43.15 15.54 26.26
C GLU K 74 42.18 15.29 27.41
N LEU K 75 42.19 14.06 27.91
CA LEU K 75 41.31 13.66 29.01
C LEU K 75 41.68 14.35 30.31
N SER K 76 40.70 14.40 31.21
CA SER K 76 40.99 14.68 32.60
C SER K 76 41.67 13.47 33.22
N PRO K 77 42.45 13.67 34.29
CA PRO K 77 42.97 12.50 35.00
C PRO K 77 41.87 11.69 35.67
N THR K 78 40.79 12.34 36.06
CA THR K 78 39.71 11.65 36.76
C THR K 78 38.97 10.69 35.84
N ALA K 79 38.67 11.13 34.62
CA ALA K 79 37.95 10.28 33.69
C ALA K 79 38.80 9.10 33.24
N ALA K 80 40.11 9.34 33.06
CA ALA K 80 41.00 8.24 32.71
C ALA K 80 41.12 7.25 33.86
N ALA K 81 41.20 7.75 35.09
CA ALA K 81 41.28 6.88 36.26
C ALA K 81 40.02 6.04 36.40
N ASN K 82 38.88 6.65 36.17
CA ASN K 82 37.63 5.90 36.24
C ASN K 82 37.51 4.90 35.11
N PHE K 83 38.03 5.24 33.93
CA PHE K 83 38.06 4.31 32.81
C PHE K 83 38.89 3.08 33.14
N THR K 84 40.05 3.29 33.76
CA THR K 84 40.88 2.18 34.19
C THR K 84 40.20 1.33 35.24
N ARG K 85 39.60 1.98 36.25
CA ARG K 85 38.92 1.25 37.33
C ARG K 85 37.75 0.46 36.79
N ARG K 86 37.01 1.03 35.84
CA ARG K 86 35.91 0.34 35.21
C ARG K 86 36.38 -0.88 34.42
N ASN K 87 37.51 -0.74 33.72
CA ASN K 87 38.02 -1.87 32.95
C ASN K 87 38.54 -2.98 33.84
N LEU K 88 39.22 -2.64 34.94
CA LEU K 88 39.66 -3.68 35.86
C LEU K 88 38.48 -4.37 36.52
N ALA K 89 37.47 -3.59 36.92
CA ALA K 89 36.31 -4.17 37.58
C ALA K 89 35.52 -5.07 36.64
N ASP K 90 35.51 -4.74 35.36
CA ASP K 90 34.80 -5.60 34.41
C ASP K 90 35.61 -6.85 34.10
N CYS K 91 36.92 -6.70 33.90
CA CYS K 91 37.74 -7.86 33.57
C CYS K 91 38.07 -8.71 34.79
N LEU K 92 37.67 -8.27 35.98
CA LEU K 92 37.88 -9.05 37.18
C LEU K 92 37.04 -10.32 37.16
N ARG K 93 35.75 -10.19 36.86
CA ARG K 93 34.80 -11.29 36.96
C ARG K 93 34.68 -12.00 35.62
N SER K 94 35.74 -12.74 35.28
CA SER K 94 35.77 -13.45 34.02
C SER K 94 36.58 -14.72 34.19
N ARG K 95 36.75 -15.45 33.09
CA ARG K 95 37.67 -16.58 33.09
C ARG K 95 39.11 -16.14 33.00
N THR K 96 39.35 -14.87 32.68
CA THR K 96 40.70 -14.29 32.63
C THR K 96 40.68 -13.02 33.46
N PRO K 97 41.04 -13.11 34.74
CA PRO K 97 41.11 -11.90 35.56
C PRO K 97 42.48 -11.23 35.42
N TYR K 98 42.50 -9.95 35.77
CA TYR K 98 43.74 -9.18 35.72
C TYR K 98 44.18 -8.80 37.12
N HIS K 99 45.47 -9.03 37.40
CA HIS K 99 46.06 -8.83 38.73
C HIS K 99 47.28 -7.93 38.59
N VAL K 100 47.06 -6.62 38.59
CA VAL K 100 48.15 -5.67 38.66
C VAL K 100 47.84 -4.69 39.78
N ASN K 101 48.77 -3.79 40.04
CA ASN K 101 48.57 -2.71 40.98
C ASN K 101 49.02 -1.42 40.31
N LEU K 102 48.07 -0.54 40.07
CA LEU K 102 48.33 0.70 39.37
C LEU K 102 48.30 1.87 40.35
N LEU K 103 48.78 3.00 39.87
CA LEU K 103 48.59 4.28 40.51
C LEU K 103 48.73 5.34 39.43
N LEU K 104 47.86 6.35 39.49
CA LEU K 104 47.70 7.28 38.38
C LEU K 104 48.15 8.69 38.76
N ALA K 105 48.83 9.32 37.82
CA ALA K 105 49.36 10.67 37.97
C ALA K 105 48.94 11.49 36.77
N GLY K 106 48.18 12.55 37.02
CA GLY K 106 47.73 13.42 35.96
C GLY K 106 47.77 14.87 36.41
N TYR K 107 47.37 15.76 35.50
CA TYR K 107 47.47 17.19 35.74
C TYR K 107 46.42 17.89 34.88
N ASP K 108 45.58 18.69 35.51
CA ASP K 108 44.51 19.40 34.82
C ASP K 108 44.83 20.89 34.72
N GLU K 109 44.24 21.52 33.70
CA GLU K 109 44.21 22.98 33.64
C GLU K 109 43.34 23.56 34.73
N HIS K 110 42.29 22.85 35.13
CA HIS K 110 41.35 23.33 36.14
C HIS K 110 41.63 22.72 37.51
N GLU K 111 41.73 21.41 37.59
CA GLU K 111 41.95 20.73 38.85
C GLU K 111 43.41 20.73 39.28
N GLY K 112 44.32 21.15 38.41
CA GLY K 112 45.72 21.13 38.74
C GLY K 112 46.25 19.71 38.74
N PRO K 113 47.20 19.42 39.62
CA PRO K 113 47.75 18.07 39.70
C PRO K 113 46.79 17.11 40.36
N ALA K 114 47.02 15.82 40.10
CA ALA K 114 46.13 14.80 40.61
C ALA K 114 46.90 13.50 40.80
N LEU K 115 46.55 12.77 41.86
CA LEU K 115 47.09 11.45 42.14
C LEU K 115 45.92 10.48 42.31
N TYR K 116 46.02 9.32 41.70
CA TYR K 116 45.08 8.27 41.98
C TYR K 116 45.80 7.01 42.40
N TYR K 117 45.02 6.05 42.92
CA TYR K 117 45.56 4.88 43.60
C TYR K 117 44.63 3.70 43.36
N MET K 118 45.15 2.66 42.71
CA MET K 118 44.40 1.47 42.39
C MET K 118 44.65 0.35 43.40
N ASP K 119 44.24 -0.85 43.00
CA ASP K 119 44.39 -2.08 43.77
C ASP K 119 44.24 -3.21 42.76
N TYR K 120 44.55 -4.45 43.18
CA TYR K 120 44.19 -5.57 42.33
C TYR K 120 42.74 -5.97 42.53
N LEU K 121 42.01 -5.24 43.36
CA LEU K 121 40.57 -5.38 43.42
C LEU K 121 39.88 -4.11 42.96
N ALA K 122 40.56 -3.32 42.13
CA ALA K 122 39.94 -2.28 41.29
C ALA K 122 39.21 -1.21 42.10
N ALA K 123 39.94 -0.54 42.99
CA ALA K 123 39.37 0.50 43.82
C ALA K 123 39.98 1.84 43.43
N LEU K 124 39.11 2.83 43.23
CA LEU K 124 39.57 4.20 43.11
C LEU K 124 39.99 4.73 44.46
N ALA K 125 40.93 5.67 44.44
CA ALA K 125 41.32 6.40 45.64
C ALA K 125 41.98 7.70 45.24
N LYS K 126 41.76 8.72 46.07
CA LYS K 126 42.31 10.04 45.87
C LYS K 126 43.21 10.31 47.06
N ALA K 127 44.47 10.00 46.92
CA ALA K 127 45.35 10.00 48.06
C ALA K 127 46.40 11.10 47.95
N PRO K 128 47.03 11.48 49.06
CA PRO K 128 48.21 12.34 48.95
C PRO K 128 49.45 11.56 48.52
N PHE K 129 49.57 10.33 49.00
CA PHE K 129 50.72 9.50 48.69
C PHE K 129 50.37 8.05 48.94
N ALA K 130 50.88 7.17 48.09
CA ALA K 130 50.35 5.82 47.97
C ALA K 130 51.37 4.78 48.36
N ALA K 131 51.00 3.51 48.15
CA ALA K 131 51.79 2.39 48.61
C ALA K 131 51.38 1.12 47.88
N HIS K 132 52.37 0.24 47.67
CA HIS K 132 52.22 -1.12 47.16
C HIS K 132 53.44 -1.91 47.58
N GLY K 133 53.27 -3.22 47.73
CA GLY K 133 54.42 -4.05 48.05
C GLY K 133 54.83 -3.96 49.51
N TYR K 134 56.14 -3.87 49.73
CA TYR K 134 56.73 -3.79 51.06
C TYR K 134 57.50 -2.49 51.26
N GLY K 135 58.02 -1.96 50.14
CA GLY K 135 58.37 -0.56 50.05
C GLY K 135 57.21 0.35 50.39
N ALA K 136 55.98 -0.12 50.18
CA ALA K 136 54.78 0.39 50.84
C ALA K 136 55.04 0.82 52.27
N PHE K 137 55.36 -0.16 53.12
CA PHE K 137 55.50 0.09 54.55
C PHE K 137 56.69 0.99 54.83
N LEU K 138 57.82 0.65 54.22
CA LEU K 138 59.06 1.33 54.55
C LEU K 138 59.09 2.77 54.03
N THR K 139 58.32 3.07 52.98
CA THR K 139 58.17 4.45 52.59
C THR K 139 57.12 5.16 53.43
N LEU K 140 56.00 4.49 53.76
CA LEU K 140 54.88 5.18 54.37
C LEU K 140 55.18 5.70 55.75
N SER K 141 56.06 5.02 56.49
CA SER K 141 56.42 5.51 57.83
C SER K 141 57.08 6.89 57.77
N ILE K 142 58.20 7.00 57.04
CA ILE K 142 58.91 8.27 56.94
C ILE K 142 58.06 9.29 56.17
N LEU K 143 57.34 8.83 55.15
CA LEU K 143 56.64 9.75 54.26
C LEU K 143 55.45 10.38 54.96
N ASP K 144 54.81 9.65 55.86
CA ASP K 144 53.78 10.26 56.68
C ASP K 144 54.38 10.97 57.88
N ARG K 145 55.64 10.71 58.21
CA ARG K 145 56.31 11.52 59.22
C ARG K 145 56.63 12.92 58.70
N TYR K 146 56.98 13.03 57.43
CA TYR K 146 57.51 14.30 56.94
C TYR K 146 56.73 14.84 55.77
N TYR K 147 55.41 14.88 55.86
CA TYR K 147 54.62 15.41 54.77
C TYR K 147 54.04 16.76 55.18
N THR K 148 54.05 17.69 54.24
CA THR K 148 53.44 18.98 54.37
C THR K 148 52.75 19.19 53.04
N PRO K 149 51.48 19.61 53.03
CA PRO K 149 50.82 19.90 51.75
C PRO K 149 51.45 21.06 51.02
N THR K 150 51.97 22.04 51.74
CA THR K 150 52.69 23.16 51.15
C THR K 150 54.18 22.87 51.20
N ILE K 151 54.61 21.93 50.36
CA ILE K 151 56.01 21.54 50.28
C ILE K 151 56.53 21.94 48.91
N SER K 152 57.80 22.32 48.84
CA SER K 152 58.38 22.70 47.57
C SER K 152 58.92 21.46 46.88
N ARG K 153 59.18 21.60 45.57
CA ARG K 153 59.60 20.46 44.77
C ARG K 153 61.00 20.00 45.14
N GLU K 154 61.86 20.93 45.58
CA GLU K 154 63.19 20.53 46.00
C GLU K 154 63.16 19.84 47.36
N ARG K 155 62.26 20.27 48.25
CA ARG K 155 62.08 19.56 49.50
C ARG K 155 61.51 18.17 49.27
N ALA K 156 60.67 18.01 48.24
CA ALA K 156 60.13 16.70 47.91
C ALA K 156 61.22 15.79 47.36
N VAL K 157 62.10 16.32 46.51
CA VAL K 157 63.23 15.55 46.00
C VAL K 157 64.17 15.16 47.12
N GLU K 158 64.44 16.09 48.04
CA GLU K 158 65.28 15.81 49.20
C GLU K 158 64.67 14.75 50.10
N LEU K 159 63.35 14.82 50.28
CA LEU K 159 62.64 13.81 51.05
C LEU K 159 62.74 12.44 50.39
N LEU K 160 62.72 12.42 49.06
CA LEU K 160 62.84 11.15 48.36
C LEU K 160 64.25 10.58 48.48
N ARG K 161 65.26 11.47 48.43
CA ARG K 161 66.65 11.08 48.71
C ARG K 161 66.77 10.42 50.08
N LYS K 162 66.18 11.08 51.09
CA LYS K 162 66.26 10.58 52.47
C LYS K 162 65.55 9.25 52.62
N CYS K 163 64.37 9.11 52.00
CA CYS K 163 63.61 7.88 52.12
C CYS K 163 64.34 6.73 51.43
N LEU K 164 64.93 6.99 50.26
CA LEU K 164 65.73 5.99 49.55
C LEU K 164 66.96 5.57 50.34
N GLU K 165 67.60 6.52 51.02
CA GLU K 165 68.66 6.18 51.96
C GLU K 165 68.16 5.27 53.07
N GLU K 166 66.91 5.41 53.47
CA GLU K 166 66.34 4.48 54.45
C GLU K 166 65.91 3.16 53.80
N LEU K 167 65.63 3.15 52.50
CA LEU K 167 65.21 1.95 51.81
C LEU K 167 66.40 1.04 51.54
N GLN K 168 67.56 1.62 51.30
CA GLN K 168 68.75 0.83 51.02
C GLN K 168 69.40 0.27 52.27
N LYS K 169 68.79 0.44 53.42
CA LYS K 169 69.40 0.05 54.68
C LYS K 169 68.70 -1.15 55.32
N ARG K 170 67.39 -1.32 55.14
CA ARG K 170 66.67 -2.41 55.78
C ARG K 170 65.69 -3.10 54.84
N PHE K 171 66.14 -3.56 53.68
CA PHE K 171 65.35 -4.51 52.92
C PHE K 171 66.06 -5.85 52.75
N ILE K 172 65.26 -6.83 52.35
CA ILE K 172 65.83 -7.98 51.69
C ILE K 172 66.21 -7.68 50.24
N LEU K 173 65.52 -6.76 49.58
CA LEU K 173 65.63 -6.64 48.14
C LEU K 173 66.90 -5.86 47.78
N ASN K 174 67.15 -5.75 46.48
CA ASN K 174 68.37 -5.08 46.01
C ASN K 174 68.06 -3.63 45.67
N LEU K 175 67.19 -3.40 44.68
CA LEU K 175 66.69 -2.12 44.19
C LEU K 175 67.78 -1.06 43.98
N PRO K 176 68.61 -1.18 42.96
CA PRO K 176 69.77 -0.27 42.86
C PRO K 176 69.44 1.13 42.38
N THR K 177 68.62 1.26 41.33
CA THR K 177 68.45 2.52 40.63
C THR K 177 66.98 2.84 40.53
N PHE K 178 66.61 4.09 40.82
CA PHE K 178 65.24 4.55 40.72
C PHE K 178 65.13 5.67 39.70
N SER K 179 64.25 5.51 38.73
CA SER K 179 63.96 6.55 37.76
C SER K 179 62.80 7.42 38.24
N VAL K 180 62.86 8.71 37.92
CA VAL K 180 62.00 9.74 38.52
C VAL K 180 61.45 10.63 37.41
N ARG K 181 60.14 10.85 37.42
CA ARG K 181 59.53 11.90 36.61
C ARG K 181 59.02 13.03 37.51
N ILE K 182 58.54 14.08 36.85
CA ILE K 182 57.79 15.15 37.50
C ILE K 182 56.81 15.72 36.48
N ILE K 183 55.67 16.18 36.97
CA ILE K 183 54.64 16.79 36.14
C ILE K 183 54.46 18.21 36.63
N ASP K 184 54.26 19.15 35.69
CA ASP K 184 54.12 20.56 36.05
C ASP K 184 52.99 21.15 35.20
N LYS K 185 52.99 22.48 35.09
CA LYS K 185 52.12 23.13 34.13
C LYS K 185 52.53 22.84 32.69
N ASN K 186 53.80 22.50 32.46
CA ASN K 186 54.24 22.16 31.11
C ASN K 186 53.87 20.73 30.76
N GLY K 187 54.44 19.78 31.49
CA GLY K 187 54.19 18.38 31.20
C GLY K 187 55.11 17.43 31.92
N ILE K 188 55.56 16.39 31.23
CA ILE K 188 56.39 15.35 31.83
C ILE K 188 57.84 15.72 31.63
N HIS K 189 58.53 16.02 32.72
CA HIS K 189 59.96 16.27 32.72
C HIS K 189 60.65 15.15 33.49
N ASP K 190 61.57 14.47 32.83
CA ASP K 190 62.34 13.42 33.48
C ASP K 190 63.49 14.03 34.23
N LEU K 191 63.57 13.76 35.52
CA LEU K 191 64.71 14.19 36.31
C LEU K 191 65.86 13.21 36.11
N ASP K 192 66.96 13.45 36.82
CA ASP K 192 68.09 12.55 36.69
C ASP K 192 67.80 11.20 37.36
N ASN K 193 68.50 10.18 36.89
CA ASN K 193 68.29 8.84 37.41
C ASN K 193 68.91 8.76 38.79
N ILE K 194 68.20 8.16 39.73
CA ILE K 194 68.57 8.23 41.13
C ILE K 194 69.05 6.85 41.55
N SER K 195 70.36 6.71 41.63
CA SER K 195 71.01 5.50 42.07
C SER K 195 71.86 5.83 43.29
N PHE K 196 72.29 4.78 43.99
CA PHE K 196 73.12 5.01 45.16
C PHE K 196 74.22 3.96 45.26
N PRO K 197 75.48 4.38 45.35
CA PRO K 197 76.51 3.51 45.92
C PRO K 197 76.23 3.32 47.40
N LYS K 198 76.15 2.06 47.83
CA LYS K 198 75.63 1.76 49.17
C LYS K 198 76.65 2.09 50.25
N GLN K 199 77.71 1.32 50.34
CA GLN K 199 78.75 1.56 51.35
C GLN K 199 79.63 2.74 50.96
N THR L 1 69.37 -28.27 30.17
CA THR L 1 69.03 -27.30 29.15
C THR L 1 69.56 -25.93 29.55
N THR L 2 70.34 -25.32 28.66
CA THR L 2 70.87 -23.98 28.90
C THR L 2 71.09 -23.29 27.57
N THR L 3 70.46 -22.13 27.39
CA THR L 3 70.71 -21.26 26.26
C THR L 3 71.29 -19.96 26.79
N LEU L 4 71.88 -19.18 25.89
CA LEU L 4 72.23 -17.80 26.21
C LEU L 4 72.30 -17.00 24.91
N ALA L 5 72.26 -15.69 25.07
CA ALA L 5 72.40 -14.78 23.93
C ALA L 5 72.91 -13.45 24.45
N PHE L 6 73.85 -12.87 23.71
CA PHE L 6 74.35 -11.55 24.06
C PHE L 6 74.76 -10.84 22.78
N LYS L 7 74.39 -9.58 22.69
CA LYS L 7 74.70 -8.77 21.53
C LYS L 7 75.86 -7.83 21.85
N PHE L 8 76.54 -7.40 20.80
CA PHE L 8 77.70 -6.53 20.95
C PHE L 8 77.82 -5.73 19.67
N ARG L 9 79.01 -5.17 19.43
CA ARG L 9 79.26 -4.33 18.27
C ARG L 9 79.00 -5.05 16.95
N HIS L 10 79.58 -6.23 16.80
CA HIS L 10 79.46 -6.97 15.54
C HIS L 10 78.38 -8.05 15.69
N GLY L 11 77.15 -7.59 15.90
CA GLY L 11 76.02 -8.49 15.88
C GLY L 11 75.78 -9.22 17.18
N VAL L 12 75.14 -10.39 17.06
CA VAL L 12 74.58 -11.13 18.19
C VAL L 12 75.21 -12.50 18.23
N ILE L 13 75.57 -12.96 19.42
CA ILE L 13 76.03 -14.33 19.64
C ILE L 13 74.87 -15.14 20.19
N VAL L 14 74.63 -16.30 19.59
CA VAL L 14 73.60 -17.23 20.04
C VAL L 14 74.25 -18.60 20.18
N ALA L 15 74.17 -19.18 21.37
CA ALA L 15 74.71 -20.50 21.60
C ALA L 15 73.80 -21.26 22.56
N ALA L 16 73.83 -22.58 22.42
CA ALA L 16 73.02 -23.43 23.27
C ALA L 16 73.61 -24.83 23.24
N ASP L 17 73.12 -25.66 24.15
CA ASP L 17 73.48 -27.07 24.18
C ASP L 17 72.56 -27.85 23.25
N SER L 18 72.61 -29.18 23.30
CA SER L 18 71.70 -29.95 22.48
C SER L 18 71.13 -31.13 23.25
N ARG L 19 71.16 -31.09 24.57
CA ARG L 19 70.63 -32.17 25.39
C ARG L 19 69.19 -31.85 25.75
N ALA L 20 68.30 -32.81 25.50
CA ALA L 20 66.90 -32.70 25.87
C ALA L 20 66.50 -34.06 26.42
N THR L 21 66.33 -34.14 27.74
CA THR L 21 66.09 -35.40 28.40
C THR L 21 64.59 -35.69 28.47
N ALA L 22 64.26 -36.77 29.17
CA ALA L 22 62.88 -37.10 29.53
C ALA L 22 62.94 -37.52 31.00
N GLY L 23 62.86 -36.52 31.87
CA GLY L 23 63.00 -36.74 33.29
C GLY L 23 64.42 -37.13 33.66
N ALA L 24 64.57 -38.31 34.25
CA ALA L 24 65.88 -38.85 34.58
C ALA L 24 66.46 -39.68 33.46
N TYR L 25 65.77 -39.76 32.33
CA TYR L 25 66.20 -40.51 31.17
C TYR L 25 66.55 -39.52 30.07
N ILE L 26 67.74 -39.64 29.51
CA ILE L 26 68.10 -38.79 28.38
C ILE L 26 67.38 -39.29 27.14
N ALA L 27 66.65 -38.39 26.49
CA ALA L 27 66.06 -38.75 25.21
C ALA L 27 67.13 -38.72 24.11
N SER L 28 67.71 -37.55 23.88
CA SER L 28 68.68 -37.39 22.80
C SER L 28 69.84 -36.53 23.27
N GLN L 29 70.85 -36.47 22.41
CA GLN L 29 72.00 -35.61 22.62
C GLN L 29 72.15 -34.57 21.53
N THR L 30 71.38 -34.65 20.45
CA THR L 30 71.57 -33.81 19.28
C THR L 30 70.30 -33.07 18.94
N VAL L 31 69.66 -32.46 19.93
CA VAL L 31 68.47 -31.67 19.68
C VAL L 31 68.90 -30.26 19.29
N LYS L 32 68.71 -29.91 18.03
CA LYS L 32 69.01 -28.56 17.55
C LYS L 32 67.99 -27.60 18.13
N LYS L 33 68.35 -26.95 19.23
CA LYS L 33 67.37 -26.13 19.93
C LYS L 33 67.16 -24.79 19.26
N VAL L 34 68.20 -24.24 18.65
CA VAL L 34 68.11 -22.88 18.12
C VAL L 34 67.35 -22.96 16.80
N ILE L 35 66.07 -22.61 16.84
CA ILE L 35 65.20 -22.81 15.69
C ILE L 35 65.44 -21.69 14.69
N GLU L 36 65.71 -22.07 13.45
CA GLU L 36 65.94 -21.11 12.37
C GLU L 36 64.59 -20.59 11.88
N ILE L 37 64.28 -19.34 12.21
CA ILE L 37 63.00 -18.77 11.83
C ILE L 37 63.00 -18.33 10.37
N ASN L 38 64.02 -17.57 9.98
CA ASN L 38 64.09 -16.94 8.67
C ASN L 38 65.54 -16.93 8.19
N PRO L 39 65.85 -16.33 7.03
CA PRO L 39 67.23 -15.89 6.81
C PRO L 39 67.66 -14.69 7.65
N TYR L 40 66.79 -14.16 8.50
CA TYR L 40 67.12 -13.03 9.34
C TYR L 40 66.61 -13.13 10.76
N LEU L 41 65.95 -14.22 11.14
CA LEU L 41 65.48 -14.39 12.51
C LEU L 41 65.87 -15.75 13.05
N LEU L 42 66.23 -15.78 14.32
CA LEU L 42 66.65 -16.99 15.01
C LEU L 42 66.00 -17.04 16.39
N GLY L 43 65.24 -18.09 16.65
CA GLY L 43 64.68 -18.33 17.96
C GLY L 43 65.29 -19.55 18.59
N THR L 44 65.12 -19.70 19.90
CA THR L 44 65.70 -20.82 20.64
C THR L 44 64.59 -21.69 21.20
N MET L 45 64.99 -22.77 21.84
CA MET L 45 64.07 -23.74 22.43
C MET L 45 64.40 -23.77 23.92
N ALA L 46 63.50 -23.27 24.74
CA ALA L 46 63.81 -23.10 26.16
C ALA L 46 62.64 -23.62 26.99
N GLY L 47 62.66 -24.90 27.32
CA GLY L 47 61.72 -25.43 28.26
C GLY L 47 60.46 -25.85 27.55
N GLY L 48 60.25 -27.15 27.37
CA GLY L 48 59.16 -27.61 26.54
C GLY L 48 59.52 -27.50 25.07
N ALA L 49 59.36 -28.58 24.33
CA ALA L 49 59.82 -28.56 22.95
C ALA L 49 58.71 -28.14 22.00
N ALA L 50 57.52 -28.72 22.20
CA ALA L 50 56.43 -28.56 21.26
C ALA L 50 55.95 -27.12 21.20
N ASP L 51 55.95 -26.43 22.34
CA ASP L 51 55.51 -25.05 22.36
C ASP L 51 56.50 -24.16 21.61
N CYS L 52 57.79 -24.36 21.85
CA CYS L 52 58.83 -23.58 21.16
C CYS L 52 58.74 -23.80 19.65
N SER L 53 58.66 -25.06 19.23
CA SER L 53 58.64 -25.40 17.82
C SER L 53 57.39 -24.83 17.14
N PHE L 54 56.21 -25.08 17.73
CA PHE L 54 54.97 -24.69 17.11
C PHE L 54 54.84 -23.18 17.03
N TRP L 55 55.03 -22.50 18.15
CA TRP L 55 54.74 -21.08 18.16
C TRP L 55 55.82 -20.30 17.41
N GLU L 56 57.06 -20.79 17.36
CA GLU L 56 58.02 -20.11 16.50
C GLU L 56 57.77 -20.40 15.03
N ARG L 57 57.23 -21.58 14.69
CA ARG L 57 56.88 -21.81 13.29
C ARG L 57 55.71 -20.94 12.87
N LEU L 58 54.75 -20.74 13.76
CA LEU L 58 53.64 -19.83 13.49
C LEU L 58 54.14 -18.38 13.38
N LEU L 59 55.14 -18.03 14.17
CA LEU L 59 55.73 -16.71 14.05
C LEU L 59 56.45 -16.53 12.71
N ALA L 60 57.11 -17.59 12.23
CA ALA L 60 57.77 -17.52 10.93
C ALA L 60 56.76 -17.37 9.80
N ARG L 61 55.65 -18.11 9.90
CA ARG L 61 54.51 -17.92 8.99
C ARG L 61 54.03 -16.49 8.96
N GLN L 62 53.81 -15.90 10.14
CA GLN L 62 53.23 -14.57 10.18
C GLN L 62 54.24 -13.52 9.71
N CYS L 63 55.52 -13.75 9.96
CA CYS L 63 56.56 -12.85 9.44
C CYS L 63 56.61 -12.90 7.92
N ARG L 64 56.46 -14.09 7.35
CA ARG L 64 56.48 -14.21 5.90
C ARG L 64 55.27 -13.52 5.27
N ILE L 65 54.10 -13.65 5.90
CA ILE L 65 52.90 -12.97 5.42
C ILE L 65 53.06 -11.45 5.53
N TYR L 66 53.66 -10.97 6.64
CA TYR L 66 53.94 -9.56 6.82
C TYR L 66 54.84 -9.03 5.72
N GLU L 67 55.91 -9.78 5.42
CA GLU L 67 56.86 -9.34 4.40
C GLU L 67 56.21 -9.34 3.02
N LEU L 68 55.41 -10.35 2.71
CA LEU L 68 54.78 -10.38 1.40
C LEU L 68 53.65 -9.37 1.28
N ARG L 69 53.10 -8.89 2.39
CA ARG L 69 52.11 -7.85 2.28
C ARG L 69 52.71 -6.46 2.28
N ASN L 70 53.88 -6.28 2.87
CA ASN L 70 54.44 -4.94 2.98
C ASN L 70 55.72 -4.76 2.19
N LYS L 71 56.18 -5.79 1.48
CA LYS L 71 57.39 -5.77 0.64
C LYS L 71 58.62 -5.38 1.44
N GLU L 72 58.66 -5.78 2.70
CA GLU L 72 59.55 -5.15 3.67
C GLU L 72 59.84 -6.14 4.78
N ARG L 73 61.10 -6.20 5.17
CA ARG L 73 61.51 -7.15 6.20
C ARG L 73 61.04 -6.68 7.57
N ILE L 74 60.59 -7.63 8.38
CA ILE L 74 59.96 -7.27 9.66
C ILE L 74 61.04 -6.96 10.70
N SER L 75 60.67 -6.13 11.69
CA SER L 75 61.60 -5.81 12.76
C SER L 75 61.50 -6.86 13.88
N VAL L 76 62.43 -6.77 14.83
CA VAL L 76 62.59 -7.81 15.83
C VAL L 76 61.57 -7.66 16.95
N ALA L 77 61.41 -6.41 17.40
CA ALA L 77 60.39 -6.08 18.40
C ALA L 77 59.00 -6.46 17.92
N ALA L 78 58.76 -6.35 16.61
CA ALA L 78 57.54 -6.82 16.00
C ALA L 78 57.33 -8.31 16.24
N ALA L 79 58.39 -9.09 16.08
CA ALA L 79 58.27 -10.53 16.23
C ALA L 79 58.04 -10.92 17.68
N SER L 80 58.76 -10.27 18.59
CA SER L 80 58.55 -10.56 20.01
C SER L 80 57.16 -10.15 20.46
N LYS L 81 56.65 -9.06 19.90
CA LYS L 81 55.33 -8.56 20.24
C LYS L 81 54.25 -9.51 19.78
N LEU L 82 54.33 -9.96 18.52
CA LEU L 82 53.35 -10.89 18.00
C LEU L 82 53.42 -12.22 18.73
N LEU L 83 54.62 -12.66 19.09
CA LEU L 83 54.75 -13.93 19.80
C LEU L 83 54.14 -13.85 21.18
N ALA L 84 54.35 -12.73 21.88
CA ALA L 84 53.77 -12.58 23.21
C ALA L 84 52.26 -12.48 23.15
N ASN L 85 51.73 -11.76 22.15
CA ASN L 85 50.28 -11.65 22.01
C ASN L 85 49.66 -12.97 21.60
N MET L 86 50.40 -13.82 20.88
CA MET L 86 49.87 -15.14 20.58
C MET L 86 49.89 -16.06 21.79
N VAL L 87 50.99 -16.05 22.55
CA VAL L 87 51.14 -17.01 23.64
C VAL L 87 50.27 -16.62 24.82
N TYR L 88 50.05 -15.32 25.04
CA TYR L 88 49.29 -14.83 26.18
C TYR L 88 47.82 -15.26 26.15
N GLN L 89 47.33 -15.71 25.00
CA GLN L 89 45.97 -16.21 24.86
C GLN L 89 45.76 -17.57 25.51
N TYR L 90 46.75 -18.19 26.13
CA TYR L 90 46.58 -19.45 26.83
C TYR L 90 47.17 -19.36 28.22
N LYS L 91 46.99 -18.21 28.86
CA LYS L 91 47.59 -17.98 30.17
C LYS L 91 46.86 -18.82 31.21
N GLY L 92 47.64 -19.53 32.02
CA GLY L 92 47.10 -20.41 33.02
C GLY L 92 46.78 -21.80 32.53
N MET L 93 46.79 -22.02 31.22
CA MET L 93 46.46 -23.34 30.70
C MET L 93 47.67 -24.27 30.62
N GLY L 94 48.85 -23.81 31.04
CA GLY L 94 49.95 -24.72 31.24
C GLY L 94 50.87 -24.89 30.04
N LEU L 95 51.27 -23.79 29.42
CA LEU L 95 52.30 -23.82 28.40
C LEU L 95 53.61 -23.37 28.99
N SER L 96 54.67 -24.11 28.73
CA SER L 96 56.01 -23.75 29.16
C SER L 96 56.80 -23.35 27.93
N MET L 97 57.29 -22.12 27.92
CA MET L 97 57.98 -21.58 26.75
C MET L 97 58.77 -20.36 27.18
N GLY L 98 60.08 -20.40 27.03
CA GLY L 98 60.91 -19.30 27.49
C GLY L 98 61.94 -18.83 26.49
N THR L 99 61.57 -18.77 25.22
CA THR L 99 62.53 -18.56 24.16
C THR L 99 63.04 -17.11 24.13
N MET L 100 63.97 -16.87 23.22
CA MET L 100 64.52 -15.56 22.97
C MET L 100 64.34 -15.24 21.50
N ILE L 101 64.31 -13.95 21.18
CA ILE L 101 64.15 -13.51 19.80
C ILE L 101 65.35 -12.64 19.43
N CYS L 102 66.03 -13.02 18.36
CA CYS L 102 67.22 -12.33 17.88
C CYS L 102 67.04 -12.02 16.41
N GLY L 103 67.66 -10.93 15.98
CA GLY L 103 67.64 -10.58 14.57
C GLY L 103 68.21 -9.21 14.37
N TRP L 104 68.47 -8.89 13.12
CA TRP L 104 69.01 -7.58 12.79
C TRP L 104 67.86 -6.65 12.43
N ASP L 105 68.01 -5.38 12.79
CA ASP L 105 66.94 -4.41 12.73
C ASP L 105 67.42 -3.21 11.93
N LYS L 106 66.48 -2.35 11.54
CA LYS L 106 66.83 -1.02 11.05
C LYS L 106 67.48 -0.19 12.15
N ARG L 107 67.09 -0.43 13.41
CA ARG L 107 67.83 0.14 14.54
C ARG L 107 69.15 -0.59 14.79
N GLY L 108 69.35 -1.76 14.21
CA GLY L 108 70.61 -2.44 14.27
C GLY L 108 70.49 -3.86 14.81
N PRO L 109 71.19 -4.14 15.90
CA PRO L 109 71.02 -5.44 16.54
C PRO L 109 69.68 -5.50 17.26
N GLY L 110 69.18 -6.72 17.44
CA GLY L 110 67.93 -6.90 18.14
C GLY L 110 67.94 -8.10 19.07
N LEU L 111 67.55 -7.88 20.32
CA LEU L 111 67.58 -8.93 21.34
C LEU L 111 66.40 -8.74 22.28
N TYR L 112 65.45 -9.67 22.22
CA TYR L 112 64.28 -9.68 23.06
C TYR L 112 64.12 -11.04 23.73
N TYR L 113 63.27 -11.06 24.74
CA TYR L 113 63.12 -12.24 25.59
C TYR L 113 61.64 -12.44 25.87
N VAL L 114 61.08 -13.54 25.37
CA VAL L 114 59.65 -13.79 25.44
C VAL L 114 59.41 -15.06 26.24
N ASP L 115 58.62 -14.93 27.29
CA ASP L 115 58.22 -16.08 28.09
C ASP L 115 56.80 -16.49 27.78
N SER L 116 56.48 -17.73 28.17
CA SER L 116 55.09 -18.15 28.25
C SER L 116 54.35 -17.43 29.37
N GLU L 117 55.07 -16.88 30.34
CA GLU L 117 54.52 -15.93 31.27
C GLU L 117 54.38 -14.53 30.70
N GLY L 118 54.81 -14.32 29.47
CA GLY L 118 54.61 -13.03 28.83
C GLY L 118 55.53 -11.95 29.32
N ASN L 119 56.80 -12.27 29.55
CA ASN L 119 57.73 -11.31 30.12
C ASN L 119 58.57 -10.66 29.02
N ARG L 120 57.88 -10.02 28.09
CA ARG L 120 58.52 -9.42 26.93
C ARG L 120 59.38 -8.22 27.31
N ILE L 121 60.70 -8.39 27.25
CA ILE L 121 61.65 -7.34 27.53
C ILE L 121 62.78 -7.41 26.52
N SER L 122 63.43 -6.27 26.32
CA SER L 122 64.72 -6.26 25.66
C SER L 122 65.83 -6.39 26.69
N GLY L 123 67.06 -6.19 26.25
CA GLY L 123 68.20 -6.27 27.15
C GLY L 123 69.47 -6.46 26.35
N ALA L 124 70.53 -6.77 27.07
CA ALA L 124 71.83 -6.99 26.45
C ALA L 124 72.33 -8.42 26.60
N THR L 125 72.08 -9.06 27.73
CA THR L 125 72.47 -10.44 27.96
C THR L 125 71.27 -11.20 28.50
N PHE L 126 71.17 -12.46 28.09
CA PHE L 126 70.12 -13.34 28.58
C PHE L 126 70.66 -14.75 28.63
N SER L 127 70.03 -15.57 29.47
CA SER L 127 70.36 -16.98 29.52
C SER L 127 69.19 -17.74 30.10
N VAL L 128 68.74 -18.78 29.41
CA VAL L 128 67.52 -19.47 29.79
C VAL L 128 67.87 -20.92 30.03
N GLY L 129 67.16 -21.54 30.97
CA GLY L 129 67.29 -22.96 31.23
C GLY L 129 67.58 -23.25 32.68
N SER L 130 67.75 -24.53 32.96
CA SER L 130 68.02 -24.98 34.33
C SER L 130 69.41 -24.54 34.77
N GLY L 131 70.42 -24.77 33.94
CA GLY L 131 71.76 -24.35 34.28
C GLY L 131 72.09 -22.99 33.69
N SER L 132 71.11 -22.09 33.67
CA SER L 132 71.33 -20.78 33.09
C SER L 132 72.16 -19.89 34.00
N VAL L 133 72.06 -20.08 35.31
CA VAL L 133 72.75 -19.20 36.25
C VAL L 133 74.26 -19.37 36.19
N TYR L 134 74.71 -20.58 35.83
CA TYR L 134 76.13 -20.81 35.57
C TYR L 134 76.58 -19.94 34.42
N ALA L 135 75.77 -19.90 33.36
CA ALA L 135 76.09 -19.13 32.18
C ALA L 135 76.05 -17.64 32.46
N TYR L 136 75.12 -17.20 33.32
CA TYR L 136 75.09 -15.81 33.76
C TYR L 136 76.39 -15.42 34.45
N GLY L 137 76.85 -16.27 35.36
CA GLY L 137 78.10 -16.02 36.03
C GLY L 137 79.31 -15.92 35.10
N VAL L 138 79.50 -16.91 34.25
CA VAL L 138 80.69 -16.90 33.41
C VAL L 138 80.60 -15.83 32.31
N MET L 139 79.40 -15.54 31.82
CA MET L 139 79.24 -14.52 30.79
C MET L 139 79.42 -13.13 31.36
N ASP L 140 78.82 -12.85 32.52
CA ASP L 140 78.99 -11.55 33.15
C ASP L 140 80.36 -11.36 33.76
N ARG L 141 81.10 -12.44 33.97
CA ARG L 141 82.54 -12.33 34.03
C ARG L 141 83.09 -11.81 32.72
N GLY L 142 82.81 -12.53 31.63
CA GLY L 142 83.44 -12.21 30.38
C GLY L 142 82.76 -11.22 29.48
N TYR L 143 81.76 -10.48 29.96
CA TYR L 143 81.04 -9.58 29.07
C TYR L 143 81.77 -8.26 28.93
N SER L 144 81.80 -7.76 27.70
CA SER L 144 82.02 -6.36 27.39
C SER L 144 81.23 -6.06 26.14
N TYR L 145 81.28 -4.81 25.69
CA TYR L 145 80.68 -4.48 24.41
C TYR L 145 81.67 -4.55 23.27
N ASP L 146 82.94 -4.23 23.55
CA ASP L 146 83.96 -4.05 22.52
C ASP L 146 84.76 -5.31 22.27
N LEU L 147 84.15 -6.47 22.44
CA LEU L 147 84.82 -7.73 22.18
C LEU L 147 85.04 -7.93 20.70
N GLU L 148 85.93 -8.86 20.38
CA GLU L 148 86.20 -9.25 19.02
C GLU L 148 85.28 -10.40 18.65
N VAL L 149 85.54 -11.01 17.50
CA VAL L 149 84.67 -12.08 17.02
C VAL L 149 85.09 -13.41 17.62
N GLU L 150 86.38 -13.73 17.50
CA GLU L 150 86.90 -14.96 18.10
C GLU L 150 86.86 -14.91 19.62
N GLN L 151 87.00 -13.71 20.18
CA GLN L 151 86.84 -13.53 21.63
C GLN L 151 85.45 -13.91 22.08
N ALA L 152 84.42 -13.45 21.35
CA ALA L 152 83.05 -13.78 21.71
C ALA L 152 82.76 -15.24 21.48
N TYR L 153 83.36 -15.83 20.44
CA TYR L 153 83.17 -17.24 20.16
C TYR L 153 83.73 -18.10 21.28
N ASP L 154 84.96 -17.81 21.71
CA ASP L 154 85.57 -18.55 22.80
C ASP L 154 84.87 -18.26 24.12
N LEU L 155 84.33 -17.06 24.28
CA LEU L 155 83.56 -16.70 25.47
C LEU L 155 82.32 -17.56 25.61
N ALA L 156 81.49 -17.59 24.56
CA ALA L 156 80.26 -18.36 24.60
C ALA L 156 80.54 -19.85 24.68
N ARG L 157 81.64 -20.30 24.06
CA ARG L 157 82.01 -21.70 24.11
C ARG L 157 82.41 -22.09 25.53
N ARG L 158 83.21 -21.25 26.18
CA ARG L 158 83.52 -21.40 27.59
C ARG L 158 82.26 -21.40 28.44
N ALA L 159 81.29 -20.56 28.08
CA ALA L 159 80.09 -20.41 28.88
C ALA L 159 79.23 -21.66 28.86
N ILE L 160 78.98 -22.18 27.66
CA ILE L 160 78.19 -23.40 27.55
C ILE L 160 78.95 -24.59 28.13
N TYR L 161 80.29 -24.57 28.06
CA TYR L 161 81.08 -25.62 28.68
C TYR L 161 80.91 -25.62 30.19
N GLN L 162 80.94 -24.44 30.82
CA GLN L 162 80.76 -24.36 32.27
C GLN L 162 79.35 -24.79 32.67
N ALA L 163 78.35 -24.35 31.91
CA ALA L 163 76.97 -24.67 32.22
C ALA L 163 76.70 -26.17 32.11
N THR L 164 77.15 -26.79 31.03
CA THR L 164 77.02 -28.23 30.91
C THR L 164 77.94 -28.98 31.85
N TYR L 165 78.99 -28.33 32.36
CA TYR L 165 79.85 -29.01 33.31
C TYR L 165 79.18 -29.15 34.66
N ARG L 166 78.56 -28.08 35.15
CA ARG L 166 78.03 -28.19 36.50
C ARG L 166 76.62 -28.79 36.51
N ASP L 167 75.76 -28.40 35.58
CA ASP L 167 74.41 -28.94 35.58
C ASP L 167 74.39 -30.34 34.96
N ALA L 168 73.44 -31.15 35.41
CA ALA L 168 73.27 -32.49 34.88
C ALA L 168 72.28 -32.54 33.73
N TYR L 169 71.40 -31.55 33.63
CA TYR L 169 70.40 -31.51 32.57
C TYR L 169 70.90 -30.87 31.30
N SER L 170 72.21 -30.75 31.12
CA SER L 170 72.74 -30.05 29.96
C SER L 170 73.93 -30.79 29.41
N GLY L 171 74.06 -30.76 28.08
CA GLY L 171 75.11 -31.48 27.41
C GLY L 171 74.86 -31.56 25.92
N GLY L 172 75.54 -32.52 25.29
CA GLY L 172 75.41 -32.70 23.86
C GLY L 172 76.31 -31.75 23.09
N ALA L 173 76.01 -31.62 21.80
CA ALA L 173 76.77 -30.72 20.96
C ALA L 173 76.47 -29.28 21.32
N VAL L 174 77.51 -28.45 21.30
CA VAL L 174 77.37 -27.03 21.58
C VAL L 174 77.19 -26.32 20.26
N ASN L 175 75.97 -25.88 19.98
CA ASN L 175 75.78 -25.08 18.79
C ASN L 175 76.22 -23.65 19.03
N LEU L 176 76.53 -22.96 17.94
CA LEU L 176 77.04 -21.60 18.02
C LEU L 176 76.63 -20.86 16.77
N TYR L 177 75.72 -19.91 16.92
CA TYR L 177 75.25 -19.09 15.81
C TYR L 177 75.72 -17.66 15.98
N HIS L 178 75.77 -16.95 14.87
CA HIS L 178 76.24 -15.57 14.84
C HIS L 178 75.36 -14.75 13.92
N VAL L 179 74.72 -13.74 14.46
CA VAL L 179 73.90 -12.84 13.67
C VAL L 179 74.79 -11.71 13.18
N ARG L 180 74.69 -11.41 11.89
CA ARG L 180 75.37 -10.27 11.30
C ARG L 180 74.35 -9.22 10.93
N GLU L 181 74.83 -8.17 10.25
CA GLU L 181 73.95 -7.15 9.74
C GLU L 181 73.19 -7.62 8.51
N ASP L 182 73.84 -8.44 7.66
CA ASP L 182 73.18 -8.93 6.46
C ASP L 182 72.39 -10.21 6.74
N GLY L 183 73.00 -11.18 7.41
CA GLY L 183 72.31 -12.40 7.72
C GLY L 183 73.09 -13.24 8.70
N TRP L 184 72.39 -14.15 9.35
CA TRP L 184 73.00 -14.99 10.37
C TRP L 184 73.82 -16.09 9.71
N ILE L 185 74.73 -16.67 10.50
CA ILE L 185 75.59 -17.74 10.01
C ILE L 185 75.87 -18.69 11.15
N ARG L 186 75.71 -19.99 10.89
CA ARG L 186 76.22 -21.00 11.81
C ARG L 186 77.73 -20.91 11.90
N VAL L 187 78.25 -20.86 13.11
CA VAL L 187 79.69 -20.83 13.30
C VAL L 187 80.20 -22.26 13.42
N SER L 188 79.70 -22.97 14.42
CA SER L 188 80.22 -24.31 14.72
C SER L 188 79.20 -25.10 15.50
N SER L 189 79.46 -26.40 15.59
CA SER L 189 78.71 -27.32 16.44
C SER L 189 79.73 -28.23 17.12
N ASP L 190 80.09 -27.90 18.35
CA ASP L 190 81.22 -28.50 19.03
C ASP L 190 80.74 -29.47 20.10
N ASN L 191 81.37 -30.63 20.18
CA ASN L 191 80.99 -31.57 21.23
C ASN L 191 81.73 -31.22 22.52
N VAL L 192 81.11 -31.62 23.64
CA VAL L 192 81.61 -31.24 24.96
C VAL L 192 82.94 -31.91 25.25
N ALA L 193 83.08 -33.19 24.90
CA ALA L 193 84.30 -33.94 25.20
C ALA L 193 85.51 -33.36 24.47
N ASP L 194 85.31 -32.89 23.24
CA ASP L 194 86.36 -32.19 22.52
C ASP L 194 86.74 -30.91 23.25
N LEU L 195 85.75 -30.20 23.80
CA LEU L 195 86.04 -28.97 24.51
C LEU L 195 86.73 -29.24 25.84
N HIS L 196 86.41 -30.37 26.47
CA HIS L 196 87.06 -30.72 27.72
C HIS L 196 88.52 -31.09 27.50
N GLU L 197 88.79 -31.85 26.44
CA GLU L 197 90.19 -32.13 26.08
C GLU L 197 90.92 -30.85 25.68
N LYS L 198 90.24 -29.96 24.96
CA LYS L 198 90.88 -28.77 24.43
C LYS L 198 91.17 -27.76 25.52
N TYR L 199 90.29 -27.65 26.51
CA TYR L 199 90.36 -26.56 27.48
C TYR L 199 90.83 -27.03 28.84
N SER L 200 90.84 -28.33 29.08
CA SER L 200 91.18 -28.87 30.39
C SER L 200 92.66 -28.75 30.70
N GLY L 201 93.51 -28.65 29.68
CA GLY L 201 94.94 -28.60 29.88
C GLY L 201 95.68 -29.25 28.74
N ARG M 1 38.34 -43.74 39.92
CA ARG M 1 37.44 -43.17 38.94
C ARG M 1 37.74 -43.74 37.56
N PHE M 2 37.02 -43.24 36.55
CA PHE M 2 37.41 -43.45 35.17
C PHE M 2 38.78 -42.84 34.90
N SER M 3 39.71 -43.65 34.50
CA SER M 3 40.92 -43.03 33.98
C SER M 3 40.92 -43.12 32.48
N PRO M 4 41.34 -42.07 31.77
CA PRO M 4 41.35 -42.14 30.30
C PRO M 4 42.53 -42.88 29.72
N TYR M 5 43.54 -43.20 30.53
CA TYR M 5 44.75 -43.80 30.02
C TYR M 5 44.97 -45.19 30.62
N VAL M 6 45.65 -46.02 29.84
CA VAL M 6 46.17 -47.30 30.31
C VAL M 6 47.43 -47.59 29.53
N PHE M 7 48.40 -48.23 30.17
CA PHE M 7 49.69 -48.49 29.57
C PHE M 7 49.66 -49.87 28.94
N ASN M 8 49.65 -49.91 27.61
CA ASN M 8 49.70 -51.18 26.91
C ASN M 8 51.11 -51.66 26.68
N GLY M 9 52.09 -50.77 26.74
CA GLY M 9 53.45 -51.14 26.47
C GLY M 9 53.74 -51.17 24.98
N GLY M 10 54.82 -51.89 24.65
CA GLY M 10 55.27 -52.03 23.29
C GLY M 10 56.76 -51.80 23.21
N THR M 11 57.37 -52.18 22.10
CA THR M 11 58.79 -51.93 21.89
C THR M 11 59.02 -51.73 20.39
N ILE M 12 59.46 -50.53 20.01
CA ILE M 12 59.65 -50.19 18.61
C ILE M 12 61.10 -49.80 18.38
N LEU M 13 61.70 -50.37 17.34
CA LEU M 13 63.07 -50.08 17.00
C LEU M 13 63.14 -49.56 15.57
N ALA M 14 64.07 -48.63 15.32
CA ALA M 14 64.30 -48.13 13.98
C ALA M 14 65.78 -47.88 13.77
N ILE M 15 66.24 -48.11 12.55
CA ILE M 15 67.63 -47.91 12.17
C ILE M 15 67.65 -47.21 10.82
N ALA M 16 68.33 -46.07 10.73
CA ALA M 16 68.54 -45.41 9.45
C ALA M 16 69.81 -45.94 8.81
N GLY M 17 69.69 -46.52 7.62
CA GLY M 17 70.82 -47.08 6.92
C GLY M 17 71.35 -46.17 5.83
N GLU M 18 72.24 -46.74 5.02
CA GLU M 18 72.80 -46.01 3.89
C GLU M 18 71.73 -45.76 2.82
N ASP M 19 70.95 -46.78 2.50
CA ASP M 19 69.84 -46.64 1.58
C ASP M 19 68.64 -47.43 2.06
N PHE M 20 68.54 -47.65 3.37
CA PHE M 20 67.51 -48.53 3.88
C PHE M 20 67.01 -48.03 5.22
N ALA M 21 65.81 -48.47 5.57
CA ALA M 21 65.17 -48.16 6.84
C ALA M 21 64.58 -49.44 7.39
N ILE M 22 65.11 -49.92 8.51
CA ILE M 22 64.65 -51.13 9.16
C ILE M 22 63.85 -50.73 10.38
N VAL M 23 62.60 -51.19 10.46
CA VAL M 23 61.75 -50.98 11.62
C VAL M 23 61.23 -52.34 12.07
N ALA M 24 61.45 -52.66 13.34
CA ALA M 24 61.01 -53.92 13.89
C ALA M 24 60.35 -53.68 15.25
N SER M 25 59.42 -54.59 15.59
CA SER M 25 58.65 -54.47 16.82
C SER M 25 58.06 -55.82 17.18
N ASP M 26 57.98 -56.10 18.47
CA ASP M 26 57.25 -57.25 18.97
C ASP M 26 55.74 -57.02 18.83
N THR M 27 54.99 -58.12 18.97
CA THR M 27 53.56 -58.09 18.70
C THR M 27 52.72 -58.44 19.92
N ARG M 28 53.27 -58.25 21.12
CA ARG M 28 52.55 -58.54 22.34
C ARG M 28 51.72 -57.33 22.73
N LEU M 29 50.44 -57.57 23.00
CA LEU M 29 49.53 -56.56 23.51
C LEU M 29 49.06 -57.01 24.87
N SER M 30 49.48 -56.31 25.92
CA SER M 30 49.23 -56.71 27.29
C SER M 30 48.61 -55.56 28.05
N GLU M 31 48.18 -55.84 29.28
CA GLU M 31 47.54 -54.82 30.10
C GLU M 31 47.61 -55.27 31.56
N GLY M 32 48.28 -54.49 32.40
CA GLY M 32 48.37 -54.81 33.81
C GLY M 32 49.18 -56.06 34.06
N PHE M 33 48.50 -57.14 34.40
CA PHE M 33 49.14 -58.42 34.68
C PHE M 33 48.48 -59.54 33.90
N SER M 34 48.19 -59.26 32.63
CA SER M 34 47.63 -60.27 31.74
C SER M 34 48.05 -59.97 30.32
N ILE M 35 47.82 -60.96 29.45
CA ILE M 35 48.18 -60.89 28.05
C ILE M 35 46.89 -60.91 27.26
N HIS M 36 46.69 -59.88 26.44
CA HIS M 36 45.51 -59.93 25.59
C HIS M 36 45.75 -60.77 24.35
N THR M 37 46.87 -60.58 23.67
CA THR M 37 47.17 -61.37 22.50
C THR M 37 48.68 -61.48 22.31
N ARG M 38 49.06 -62.33 21.38
CA ARG M 38 50.46 -62.50 21.00
C ARG M 38 50.66 -62.19 19.52
N ASP M 39 49.72 -61.47 18.92
CA ASP M 39 49.82 -61.08 17.52
C ASP M 39 49.12 -59.75 17.36
N SER M 40 49.90 -58.69 17.33
CA SER M 40 49.44 -57.35 17.00
C SER M 40 50.64 -56.54 16.55
N PRO M 41 50.91 -56.49 15.24
CA PRO M 41 52.09 -55.77 14.76
C PRO M 41 51.92 -54.26 14.91
N LYS M 42 52.87 -53.65 15.61
CA LYS M 42 52.87 -52.19 15.76
C LYS M 42 53.30 -51.49 14.49
N CYS M 43 53.90 -52.22 13.55
CA CYS M 43 54.38 -51.62 12.32
C CYS M 43 53.28 -51.56 11.28
N TYR M 44 53.31 -50.51 10.46
CA TYR M 44 52.29 -50.30 9.43
C TYR M 44 52.94 -49.70 8.21
N LYS M 45 52.59 -50.23 7.03
CA LYS M 45 53.16 -49.79 5.76
C LYS M 45 52.26 -48.70 5.17
N LEU M 46 52.78 -47.48 5.09
CA LEU M 46 51.99 -46.38 4.55
C LEU M 46 52.06 -46.31 3.03
N THR M 47 53.26 -46.07 2.50
CA THR M 47 53.51 -46.04 1.07
C THR M 47 54.55 -47.11 0.76
N ASP M 48 55.09 -47.04 -0.45
CA ASP M 48 56.21 -47.90 -0.80
C ASP M 48 57.49 -47.53 -0.06
N LYS M 49 57.56 -46.33 0.53
CA LYS M 49 58.80 -45.80 1.08
C LYS M 49 58.64 -45.32 2.51
N THR M 50 57.59 -45.75 3.21
CA THR M 50 57.29 -45.20 4.53
C THR M 50 56.61 -46.25 5.40
N VAL M 51 57.19 -46.52 6.57
CA VAL M 51 56.62 -47.44 7.55
C VAL M 51 56.56 -46.69 8.88
N ILE M 52 55.42 -46.77 9.56
CA ILE M 52 55.25 -46.14 10.86
C ILE M 52 55.02 -47.23 11.91
N GLY M 53 55.55 -47.00 13.11
CA GLY M 53 55.23 -47.80 14.27
C GLY M 53 54.73 -46.91 15.39
N CYS M 54 53.78 -47.44 16.16
CA CYS M 54 53.11 -46.66 17.21
C CYS M 54 52.93 -47.54 18.44
N SER M 55 53.52 -47.12 19.56
CA SER M 55 53.36 -47.82 20.84
C SER M 55 52.71 -46.89 21.85
N GLY M 56 52.34 -47.47 22.98
CA GLY M 56 51.66 -46.71 24.01
C GLY M 56 50.20 -47.09 24.14
N PHE M 57 49.33 -46.10 24.29
CA PHE M 57 47.90 -46.37 24.39
C PHE M 57 47.37 -46.89 23.07
N HIS M 58 46.75 -48.06 23.10
CA HIS M 58 46.50 -48.80 21.86
C HIS M 58 45.39 -48.15 21.03
N GLY M 59 44.36 -47.62 21.70
CA GLY M 59 43.26 -47.01 20.98
C GLY M 59 43.67 -45.76 20.22
N ASP M 60 44.51 -44.94 20.85
CA ASP M 60 45.05 -43.78 20.16
C ASP M 60 45.99 -44.18 19.04
N CYS M 61 46.69 -45.32 19.19
CA CYS M 61 47.51 -45.82 18.09
C CYS M 61 46.65 -46.17 16.88
N LEU M 62 45.54 -46.87 17.11
CA LEU M 62 44.64 -47.24 16.01
C LEU M 62 44.03 -46.00 15.37
N THR M 63 43.53 -45.08 16.19
CA THR M 63 42.88 -43.88 15.70
C THR M 63 43.85 -43.00 14.92
N LEU M 64 45.06 -42.83 15.45
CA LEU M 64 46.07 -42.03 14.79
C LEU M 64 46.49 -42.66 13.47
N THR M 65 46.57 -44.00 13.43
CA THR M 65 46.88 -44.71 12.20
C THR M 65 45.84 -44.43 11.13
N LYS M 66 44.56 -44.47 11.52
CA LYS M 66 43.48 -44.25 10.56
C LYS M 66 43.47 -42.81 10.06
N ILE M 67 43.71 -41.85 10.95
CA ILE M 67 43.71 -40.44 10.56
C ILE M 67 44.88 -40.14 9.63
N ILE M 68 46.04 -40.75 9.92
CA ILE M 68 47.21 -40.58 9.07
C ILE M 68 46.96 -41.13 7.67
N GLU M 69 46.32 -42.31 7.60
CA GLU M 69 45.99 -42.88 6.30
C GLU M 69 45.02 -42.00 5.53
N ALA M 70 44.06 -41.40 6.25
CA ALA M 70 43.11 -40.49 5.63
C ALA M 70 43.82 -39.28 5.04
N ARG M 71 44.74 -38.69 5.77
CA ARG M 71 45.41 -37.50 5.26
C ARG M 71 46.41 -37.84 4.16
N LEU M 72 47.00 -39.04 4.19
CA LEU M 72 47.78 -39.51 3.06
C LEU M 72 46.95 -39.54 1.79
N LYS M 73 45.76 -40.13 1.88
CA LYS M 73 44.88 -40.18 0.73
C LYS M 73 44.42 -38.79 0.31
N MET M 74 44.25 -37.88 1.27
CA MET M 74 43.87 -36.50 0.94
C MET M 74 44.95 -35.80 0.14
N TYR M 75 46.21 -35.92 0.58
CA TYR M 75 47.32 -35.29 -0.12
C TYR M 75 47.49 -35.86 -1.51
N LYS M 76 47.38 -37.19 -1.65
CA LYS M 76 47.60 -37.80 -2.96
C LYS M 76 46.46 -37.47 -3.90
N HIS M 77 45.23 -37.56 -3.43
CA HIS M 77 44.05 -37.29 -4.24
C HIS M 77 43.84 -35.80 -4.47
N SER M 78 44.59 -34.94 -3.79
CA SER M 78 44.59 -33.54 -4.14
C SER M 78 45.74 -33.15 -5.05
N ASN M 79 46.90 -33.77 -4.88
CA ASN M 79 48.13 -33.23 -5.46
C ASN M 79 48.87 -34.24 -6.32
N ASN M 80 48.23 -35.37 -6.61
CA ASN M 80 48.64 -36.33 -7.64
C ASN M 80 50.00 -36.95 -7.36
N LYS M 81 50.44 -36.94 -6.10
CA LYS M 81 51.74 -37.45 -5.73
C LYS M 81 51.71 -37.90 -4.28
N ALA M 82 52.56 -38.87 -3.96
CA ALA M 82 52.66 -39.33 -2.59
C ALA M 82 53.55 -38.39 -1.79
N MET M 83 53.47 -38.51 -0.47
CA MET M 83 54.25 -37.65 0.41
C MET M 83 55.69 -38.14 0.46
N THR M 84 56.56 -37.27 0.97
CA THR M 84 57.90 -37.68 1.35
C THR M 84 57.84 -38.19 2.79
N THR M 85 58.99 -38.45 3.39
CA THR M 85 58.98 -38.89 4.78
C THR M 85 58.82 -37.71 5.73
N GLY M 86 59.62 -36.66 5.53
CA GLY M 86 59.59 -35.51 6.42
C GLY M 86 58.28 -34.73 6.36
N ALA M 87 57.59 -34.79 5.22
CA ALA M 87 56.27 -34.18 5.14
C ALA M 87 55.28 -34.90 6.06
N ILE M 88 55.36 -36.24 6.08
CA ILE M 88 54.54 -37.02 7.01
C ILE M 88 54.95 -36.72 8.44
N ALA M 89 56.25 -36.49 8.67
CA ALA M 89 56.74 -36.14 10.00
C ALA M 89 56.16 -34.82 10.48
N ALA M 90 56.17 -33.81 9.60
CA ALA M 90 55.58 -32.52 9.94
C ALA M 90 54.08 -32.63 10.18
N MET M 91 53.42 -33.47 9.39
CA MET M 91 51.97 -33.61 9.53
C MET M 91 51.60 -34.27 10.84
N LEU M 92 52.33 -35.33 11.21
CA LEU M 92 52.11 -35.98 12.51
C LEU M 92 52.42 -35.05 13.67
N SER M 93 53.45 -34.22 13.52
CA SER M 93 53.78 -33.26 14.56
C SER M 93 52.67 -32.23 14.74
N THR M 94 52.09 -31.77 13.63
CA THR M 94 50.99 -30.82 13.72
C THR M 94 49.76 -31.45 14.34
N ILE M 95 49.51 -32.73 14.08
CA ILE M 95 48.37 -33.40 14.69
C ILE M 95 48.56 -33.55 16.21
N LEU M 96 49.74 -34.02 16.60
CA LEU M 96 50.03 -34.19 18.02
C LEU M 96 50.03 -32.88 18.77
N TYR M 97 50.35 -31.77 18.10
CA TYR M 97 50.12 -30.52 18.80
C TYR M 97 48.66 -30.09 18.71
N SER M 98 47.92 -30.55 17.70
CA SER M 98 46.52 -30.18 17.58
C SER M 98 45.67 -30.82 18.66
N ARG M 99 46.17 -31.83 19.34
CA ARG M 99 45.48 -32.29 20.54
C ARG M 99 46.32 -32.08 21.78
N ARG M 100 46.86 -30.86 21.91
CA ARG M 100 47.80 -30.52 22.99
C ARG M 100 47.19 -30.69 24.36
N PHE M 101 46.01 -30.14 24.57
CA PHE M 101 45.44 -30.10 25.91
C PHE M 101 44.72 -31.39 26.27
N PHE M 102 44.73 -32.40 25.40
CA PHE M 102 44.34 -33.75 25.78
C PHE M 102 45.18 -34.67 24.93
N PRO M 103 46.36 -35.05 25.42
CA PRO M 103 47.38 -35.61 24.54
C PRO M 103 47.11 -37.06 24.17
N TYR M 104 47.72 -37.46 23.06
CA TYR M 104 47.90 -38.88 22.80
C TYR M 104 49.04 -39.40 23.64
N TYR M 105 48.78 -40.44 24.41
CA TYR M 105 49.82 -41.07 25.20
C TYR M 105 50.43 -42.20 24.37
N VAL M 106 51.12 -41.78 23.31
CA VAL M 106 51.58 -42.66 22.24
C VAL M 106 52.97 -42.25 21.80
N TYR M 107 53.92 -43.18 21.85
CA TYR M 107 55.22 -42.97 21.23
C TYR M 107 55.14 -43.29 19.75
N ASN M 108 55.87 -42.52 18.95
CA ASN M 108 55.80 -42.64 17.51
C ASN M 108 57.17 -42.61 16.88
N ILE M 109 57.37 -43.47 15.88
CA ILE M 109 58.57 -43.50 15.07
C ILE M 109 58.15 -43.64 13.61
N ILE M 110 58.60 -42.73 12.76
CA ILE M 110 58.46 -42.85 11.31
C ILE M 110 59.83 -43.16 10.73
N GLY M 111 59.94 -44.28 10.04
CA GLY M 111 61.12 -44.56 9.26
C GLY M 111 60.79 -44.53 7.78
N GLY M 112 61.79 -44.33 6.94
CA GLY M 112 61.56 -44.33 5.52
C GLY M 112 62.69 -43.67 4.77
N LEU M 113 62.52 -43.62 3.46
CA LEU M 113 63.53 -43.09 2.57
C LEU M 113 63.23 -41.63 2.24
N ASP M 114 64.29 -40.86 2.07
CA ASP M 114 64.20 -39.48 1.63
C ASP M 114 64.06 -39.45 0.11
N GLU M 115 64.20 -38.27 -0.48
CA GLU M 115 64.20 -38.20 -1.93
C GLU M 115 65.55 -38.52 -2.54
N GLU M 116 66.60 -38.57 -1.71
CA GLU M 116 67.91 -39.02 -2.18
C GLU M 116 68.05 -40.53 -2.17
N GLY M 117 67.09 -41.23 -1.58
CA GLY M 117 67.18 -42.68 -1.49
C GLY M 117 67.97 -43.17 -0.30
N LYS M 118 68.01 -42.41 0.78
CA LYS M 118 68.76 -42.78 1.97
C LYS M 118 67.82 -42.89 3.16
N GLY M 119 68.26 -43.65 4.16
CA GLY M 119 67.42 -43.90 5.31
C GLY M 119 67.26 -42.67 6.18
N ALA M 120 66.07 -42.51 6.73
CA ALA M 120 65.76 -41.34 7.54
C ALA M 120 64.76 -41.75 8.61
N VAL M 121 65.15 -41.63 9.86
CA VAL M 121 64.30 -41.98 11.00
C VAL M 121 63.90 -40.68 11.67
N TYR M 122 62.60 -40.46 11.81
CA TYR M 122 62.09 -39.32 12.55
C TYR M 122 61.48 -39.82 13.85
N SER M 123 62.10 -39.47 14.96
CA SER M 123 61.55 -39.79 16.27
C SER M 123 60.47 -38.80 16.65
N PHE M 124 59.71 -39.13 17.68
CA PHE M 124 58.63 -38.27 18.13
C PHE M 124 58.52 -38.34 19.64
N ASP M 125 57.57 -37.59 20.17
CA ASP M 125 57.26 -37.52 21.59
C ASP M 125 55.74 -37.41 21.72
N PRO M 126 55.16 -37.64 22.91
CA PRO M 126 53.69 -37.53 23.02
C PRO M 126 53.12 -36.15 22.82
N VAL M 127 53.93 -35.10 22.77
CA VAL M 127 53.41 -33.76 22.52
C VAL M 127 53.65 -33.29 21.09
N GLY M 128 54.62 -33.83 20.37
CA GLY M 128 54.71 -33.54 18.95
C GLY M 128 55.97 -32.87 18.42
N SER M 129 57.10 -33.05 19.08
CA SER M 129 58.37 -32.60 18.54
C SER M 129 59.06 -33.74 17.82
N TYR M 130 60.00 -33.39 16.95
CA TYR M 130 60.59 -34.40 16.10
C TYR M 130 61.98 -33.96 15.67
N GLN M 131 62.73 -34.93 15.14
CA GLN M 131 64.09 -34.73 14.68
C GLN M 131 64.50 -35.93 13.84
N ARG M 132 65.46 -35.69 12.95
CA ARG M 132 65.98 -36.73 12.06
C ARG M 132 67.19 -37.37 12.70
N ASP M 133 67.04 -38.61 13.16
CA ASP M 133 68.11 -39.33 13.82
C ASP M 133 68.39 -40.62 13.07
N SER M 134 69.39 -41.35 13.53
CA SER M 134 69.75 -42.61 12.90
C SER M 134 69.08 -43.82 13.55
N PHE M 135 68.80 -43.76 14.84
CA PHE M 135 68.25 -44.91 15.54
C PHE M 135 67.55 -44.46 16.81
N LYS M 136 66.41 -45.07 17.08
CA LYS M 136 65.68 -44.86 18.33
C LYS M 136 65.04 -46.17 18.78
N ALA M 137 64.81 -46.26 20.08
CA ALA M 137 64.09 -47.36 20.68
C ALA M 137 62.91 -46.78 21.43
N GLY M 138 61.69 -47.15 21.03
CA GLY M 138 60.48 -46.62 21.63
C GLY M 138 59.79 -47.68 22.45
N GLY M 139 59.12 -47.25 23.52
CA GLY M 139 58.35 -48.14 24.36
C GLY M 139 58.92 -48.33 25.75
N SER M 140 58.53 -49.41 26.42
CA SER M 140 59.02 -49.66 27.77
C SER M 140 60.46 -50.13 27.75
N ALA M 141 60.91 -50.70 26.63
CA ALA M 141 62.27 -51.22 26.51
C ALA M 141 63.23 -50.22 25.89
N SER M 142 62.99 -48.93 26.09
CA SER M 142 63.85 -47.91 25.49
C SER M 142 65.25 -47.92 26.11
N ALA M 143 65.31 -47.88 27.44
CA ALA M 143 66.58 -47.85 28.14
C ALA M 143 67.33 -49.16 28.04
N MET M 144 66.61 -50.27 27.81
CA MET M 144 67.27 -51.55 27.63
C MET M 144 67.96 -51.66 26.28
N LEU M 145 67.74 -50.73 25.37
CA LEU M 145 68.23 -50.86 24.01
C LEU M 145 69.10 -49.71 23.54
N GLN M 146 68.90 -48.50 24.05
CA GLN M 146 69.67 -47.36 23.55
C GLN M 146 71.19 -47.42 23.76
N PRO M 147 71.75 -47.82 24.92
CA PRO M 147 73.22 -47.80 25.02
C PRO M 147 73.92 -48.83 24.15
N LEU M 148 73.26 -49.95 23.85
CA LEU M 148 73.88 -50.93 22.97
C LEU M 148 73.95 -50.40 21.54
N LEU M 149 72.93 -49.65 21.13
CA LEU M 149 72.99 -49.02 19.82
C LEU M 149 73.99 -47.88 19.81
N ASP M 150 74.24 -47.26 20.97
CA ASP M 150 75.36 -46.32 21.04
C ASP M 150 76.68 -47.04 20.88
N ASN M 151 76.77 -48.27 21.40
CA ASN M 151 77.99 -49.06 21.29
C ASN M 151 78.26 -49.49 19.85
N GLN M 152 77.24 -49.94 19.15
CA GLN M 152 77.47 -50.59 17.85
C GLN M 152 77.33 -49.63 16.69
N VAL M 153 76.22 -48.91 16.62
CA VAL M 153 75.99 -48.00 15.50
C VAL M 153 76.87 -46.76 15.63
N GLY M 154 76.81 -46.12 16.79
CA GLY M 154 77.58 -44.91 16.99
C GLY M 154 79.05 -45.12 17.29
N PHE M 155 79.41 -46.37 17.66
CA PHE M 155 80.78 -46.76 18.06
C PHE M 155 81.28 -45.91 19.22
N LYS M 156 80.37 -45.50 20.09
CA LYS M 156 80.73 -44.55 21.12
C LYS M 156 81.46 -45.24 22.26
N ASN M 157 82.25 -44.44 22.98
CA ASN M 157 83.07 -44.86 24.13
C ASN M 157 84.05 -45.95 23.76
N MET M 158 84.56 -45.92 22.53
CA MET M 158 85.51 -46.91 22.08
C MET M 158 86.80 -46.22 21.67
N GLN M 159 87.88 -46.98 21.68
CA GLN M 159 89.19 -46.46 21.29
C GLN M 159 89.74 -47.35 20.19
N ASN M 160 90.32 -46.71 19.17
CA ASN M 160 91.02 -47.36 18.04
C ASN M 160 90.09 -48.25 17.22
N VAL M 161 88.79 -47.96 17.24
CA VAL M 161 87.81 -48.69 16.45
C VAL M 161 87.31 -47.73 15.39
N GLU M 162 87.65 -48.02 14.14
CA GLU M 162 87.30 -47.14 13.04
C GLU M 162 85.81 -47.25 12.71
N HIS M 163 85.35 -46.39 11.82
CA HIS M 163 83.95 -46.31 11.46
C HIS M 163 83.71 -47.07 10.17
N VAL M 164 83.06 -48.23 10.29
CA VAL M 164 82.57 -48.97 9.14
C VAL M 164 81.07 -48.64 9.01
N PRO M 165 80.57 -48.36 7.81
CA PRO M 165 79.13 -48.12 7.66
C PRO M 165 78.34 -49.39 7.84
N LEU M 166 77.14 -49.25 8.39
CA LEU M 166 76.30 -50.39 8.74
C LEU M 166 75.70 -51.01 7.48
N SER M 167 75.92 -52.30 7.30
CA SER M 167 75.36 -53.04 6.18
C SER M 167 73.93 -53.45 6.52
N LEU M 168 73.34 -54.26 5.64
CA LEU M 168 71.97 -54.72 5.86
C LEU M 168 71.91 -55.92 6.78
N ASP M 169 72.65 -56.97 6.43
CA ASP M 169 72.55 -58.24 7.15
C ASP M 169 73.12 -58.15 8.56
N ARG M 170 74.19 -57.36 8.74
CA ARG M 170 74.69 -57.09 10.07
C ARG M 170 73.65 -56.40 10.92
N ALA M 171 72.91 -55.46 10.33
CA ALA M 171 71.83 -54.80 11.04
C ALA M 171 70.70 -55.76 11.38
N MET M 172 70.45 -56.75 10.51
CA MET M 172 69.43 -57.76 10.81
C MET M 172 69.82 -58.61 12.01
N ARG M 173 71.08 -59.04 12.05
CA ARG M 173 71.60 -59.78 13.18
C ARG M 173 71.60 -58.94 14.46
N LEU M 174 71.85 -57.63 14.32
CA LEU M 174 71.75 -56.72 15.45
C LEU M 174 70.34 -56.68 15.99
N VAL M 175 69.34 -56.57 15.12
CA VAL M 175 67.96 -56.46 15.57
C VAL M 175 67.51 -57.73 16.27
N LYS M 176 67.91 -58.88 15.73
CA LYS M 176 67.57 -60.16 16.35
C LYS M 176 68.21 -60.28 17.74
N ASP M 177 69.47 -59.87 17.86
CA ASP M 177 70.15 -59.99 19.14
C ASP M 177 69.61 -59.01 20.17
N VAL M 178 69.26 -57.78 19.74
CA VAL M 178 68.78 -56.82 20.72
C VAL M 178 67.39 -57.18 21.20
N PHE M 179 66.56 -57.76 20.33
CA PHE M 179 65.25 -58.13 20.83
C PHE M 179 65.30 -59.39 21.68
N ILE M 180 66.25 -60.30 21.42
CA ILE M 180 66.44 -61.43 22.33
C ILE M 180 66.94 -60.95 23.70
N SER M 181 67.93 -60.04 23.70
CA SER M 181 68.49 -59.55 24.94
C SER M 181 67.50 -58.71 25.74
N ALA M 182 66.64 -57.96 25.05
CA ALA M 182 65.63 -57.21 25.78
C ALA M 182 64.47 -58.10 26.22
N ALA M 183 64.14 -59.13 25.44
CA ALA M 183 63.07 -60.02 25.81
C ALA M 183 63.46 -60.91 26.97
N GLU M 184 64.76 -61.07 27.23
CA GLU M 184 65.17 -61.77 28.43
C GLU M 184 64.84 -60.99 29.69
N ARG M 185 64.83 -59.66 29.63
CA ARG M 185 64.65 -58.88 30.84
C ARG M 185 63.37 -58.05 30.90
N ASP M 186 62.80 -57.67 29.78
CA ASP M 186 61.55 -56.92 29.84
C ASP M 186 60.38 -57.89 29.99
N VAL M 187 59.30 -57.38 30.56
CA VAL M 187 58.07 -58.15 30.66
C VAL M 187 57.06 -57.79 29.58
N TYR M 188 57.25 -56.67 28.89
CA TYR M 188 56.34 -56.24 27.82
C TYR M 188 56.84 -56.67 26.47
N THR M 189 57.58 -57.76 26.39
CA THR M 189 58.32 -58.07 25.19
C THR M 189 58.39 -59.58 25.02
N GLY M 190 58.00 -60.07 23.86
CA GLY M 190 58.32 -61.43 23.51
C GLY M 190 57.36 -62.00 22.49
N ASP M 191 57.50 -63.30 22.28
CA ASP M 191 56.68 -64.26 21.55
C ASP M 191 56.81 -64.14 20.04
N ALA M 192 57.38 -63.05 19.50
CA ALA M 192 57.40 -62.77 18.08
C ALA M 192 58.23 -61.54 17.79
N LEU M 193 58.40 -61.23 16.51
CA LEU M 193 59.05 -60.00 16.08
C LEU M 193 58.65 -59.75 14.63
N ARG M 194 58.10 -58.57 14.35
CA ARG M 194 57.72 -58.20 13.00
C ARG M 194 58.76 -57.22 12.47
N ILE M 195 59.60 -57.70 11.56
CA ILE M 195 60.70 -56.92 11.04
C ILE M 195 60.31 -56.42 9.66
N CYS M 196 60.33 -55.12 9.46
CA CYS M 196 60.03 -54.51 8.17
C CYS M 196 61.26 -53.78 7.65
N ILE M 197 61.56 -53.96 6.36
CA ILE M 197 62.73 -53.39 5.74
C ILE M 197 62.30 -52.59 4.53
N VAL M 198 62.73 -51.35 4.44
CA VAL M 198 62.41 -50.46 3.33
C VAL M 198 63.65 -50.36 2.45
N THR M 199 63.52 -50.77 1.21
CA THR M 199 64.56 -50.62 0.20
C THR M 199 64.08 -49.63 -0.86
N LYS M 200 64.89 -49.45 -1.89
CA LYS M 200 64.47 -48.67 -3.05
C LYS M 200 63.64 -49.50 -4.02
N GLU M 201 63.26 -50.73 -3.65
CA GLU M 201 62.48 -51.61 -4.50
C GLU M 201 61.21 -52.10 -3.83
N GLY M 202 60.95 -51.70 -2.59
CA GLY M 202 59.72 -52.06 -1.94
C GLY M 202 59.96 -52.36 -0.47
N ILE M 203 58.98 -53.04 0.11
CA ILE M 203 58.95 -53.32 1.55
C ILE M 203 59.08 -54.82 1.74
N ARG M 204 60.06 -55.23 2.52
CA ARG M 204 60.17 -56.63 2.90
C ARG M 204 59.74 -56.81 4.34
N GLU M 205 59.09 -57.94 4.60
CA GLU M 205 58.68 -58.29 5.95
C GLU M 205 59.23 -59.65 6.31
N GLU M 206 59.35 -59.88 7.61
CA GLU M 206 59.95 -61.10 8.12
C GLU M 206 59.54 -61.26 9.57
N THR M 207 59.10 -62.45 9.94
CA THR M 207 58.63 -62.74 11.27
C THR M 207 59.58 -63.71 11.94
N VAL M 208 60.18 -63.29 13.04
CA VAL M 208 61.08 -64.12 13.82
C VAL M 208 60.45 -64.30 15.19
N SER M 209 60.23 -65.55 15.58
CA SER M 209 59.61 -65.83 16.86
C SER M 209 60.60 -65.63 18.00
N LEU M 210 60.10 -65.77 19.22
CA LEU M 210 60.91 -65.62 20.42
C LEU M 210 60.50 -66.72 21.39
N ARG M 211 60.92 -66.59 22.64
CA ARG M 211 60.47 -67.49 23.68
C ARG M 211 59.02 -67.20 24.06
N LYS M 212 58.33 -68.23 24.54
CA LYS M 212 56.88 -68.20 24.64
C LYS M 212 56.38 -67.87 26.04
N ASP M 213 57.23 -67.34 26.92
CA ASP M 213 56.79 -66.96 28.25
C ASP M 213 56.71 -65.44 28.45
N THR N 1 28.80 -43.03 31.75
CA THR N 1 28.48 -43.63 33.03
C THR N 1 29.68 -43.66 33.96
N GLN N 2 29.63 -42.89 35.04
CA GLN N 2 30.73 -42.91 35.99
C GLN N 2 30.67 -44.15 36.85
N ASN N 3 29.51 -44.48 37.38
CA ASN N 3 29.36 -45.59 38.30
C ASN N 3 28.37 -46.59 37.74
N PRO N 4 28.81 -47.80 37.38
CA PRO N 4 27.87 -48.83 36.91
C PRO N 4 26.99 -49.32 38.05
N MET N 5 25.67 -49.28 37.85
CA MET N 5 24.75 -49.77 38.86
C MET N 5 24.64 -51.29 38.78
N VAL N 6 24.12 -51.80 37.67
CA VAL N 6 23.86 -53.23 37.51
C VAL N 6 24.86 -53.76 36.48
N THR N 7 25.80 -54.55 36.95
CA THR N 7 26.84 -55.11 36.12
C THR N 7 26.54 -56.57 35.81
N GLY N 8 27.02 -57.00 34.64
CA GLY N 8 27.07 -58.41 34.31
C GLY N 8 28.33 -59.03 34.85
N THR N 9 28.82 -60.04 34.14
CA THR N 9 30.08 -60.69 34.50
C THR N 9 30.70 -61.25 33.23
N SER N 10 31.61 -62.21 33.40
CA SER N 10 32.51 -62.67 32.35
C SER N 10 31.76 -63.30 31.19
N VAL N 11 32.27 -63.08 29.99
CA VAL N 11 31.72 -63.61 28.75
C VAL N 11 32.82 -64.37 28.03
N LEU N 12 32.50 -65.59 27.58
CA LEU N 12 33.48 -66.45 26.95
C LEU N 12 33.13 -66.68 25.49
N GLY N 13 34.14 -66.62 24.63
CA GLY N 13 33.96 -66.88 23.22
C GLY N 13 35.20 -67.46 22.57
N VAL N 14 35.03 -68.39 21.63
CA VAL N 14 36.16 -69.07 21.00
C VAL N 14 35.74 -69.52 19.60
N LYS N 15 36.69 -69.48 18.67
CA LYS N 15 36.44 -69.99 17.35
C LYS N 15 36.48 -71.51 17.35
N PHE N 16 35.90 -72.09 16.30
CA PHE N 16 36.22 -73.44 15.90
C PHE N 16 36.17 -73.49 14.38
N GLU N 17 36.19 -74.69 13.82
CA GLU N 17 36.20 -74.87 12.38
C GLU N 17 34.83 -74.49 11.82
N GLY N 18 34.79 -73.32 11.16
CA GLY N 18 33.57 -72.91 10.49
C GLY N 18 32.50 -72.41 11.42
N GLY N 19 32.89 -71.83 12.55
CA GLY N 19 31.91 -71.30 13.47
C GLY N 19 32.60 -70.81 14.73
N VAL N 20 31.85 -70.00 15.49
CA VAL N 20 32.30 -69.43 16.75
C VAL N 20 31.19 -69.63 17.76
N VAL N 21 31.53 -70.14 18.94
CA VAL N 21 30.57 -70.33 20.02
C VAL N 21 30.85 -69.31 21.11
N ILE N 22 29.79 -68.72 21.65
CA ILE N 22 29.86 -67.72 22.71
C ILE N 22 28.83 -68.08 23.77
N ALA N 23 29.21 -68.05 25.04
CA ALA N 23 28.25 -68.29 26.11
C ALA N 23 28.50 -67.38 27.30
N ALA N 24 27.43 -66.86 27.87
CA ALA N 24 27.49 -66.07 29.09
C ALA N 24 26.24 -66.35 29.93
N ASP N 25 26.30 -66.01 31.21
CA ASP N 25 25.23 -66.34 32.13
C ASP N 25 24.16 -65.23 32.15
N MET N 26 23.24 -65.32 33.10
CA MET N 26 21.95 -64.65 33.06
C MET N 26 21.68 -63.91 34.36
N LEU N 27 22.68 -63.19 34.84
CA LEU N 27 22.64 -62.65 36.20
C LEU N 27 22.75 -61.14 36.18
N GLY N 28 21.89 -60.49 36.95
CA GLY N 28 21.78 -59.05 36.92
C GLY N 28 22.16 -58.40 38.23
N SER N 29 23.29 -58.84 38.80
CA SER N 29 23.66 -58.44 40.15
C SER N 29 23.96 -56.95 40.26
N TYR N 30 23.47 -56.37 41.35
CA TYR N 30 23.62 -54.97 41.69
C TYR N 30 24.45 -54.91 42.97
N GLY N 31 25.71 -54.53 42.86
CA GLY N 31 26.57 -54.58 44.03
C GLY N 31 26.92 -56.01 44.35
N SER N 32 26.33 -56.56 45.41
CA SER N 32 26.47 -57.98 45.70
C SER N 32 25.14 -58.72 45.64
N LEU N 33 24.02 -58.00 45.59
CA LEU N 33 22.71 -58.64 45.53
C LEU N 33 22.43 -59.09 44.10
N ALA N 34 22.09 -60.36 43.94
CA ALA N 34 21.64 -60.88 42.65
C ALA N 34 20.20 -60.43 42.44
N ARG N 35 20.04 -59.21 41.93
CA ARG N 35 18.72 -58.62 41.86
C ARG N 35 17.92 -59.14 40.67
N PHE N 36 18.57 -59.34 39.53
CA PHE N 36 17.88 -59.70 38.29
C PHE N 36 18.39 -61.04 37.81
N ARG N 37 17.83 -62.13 38.32
CA ARG N 37 18.39 -63.44 38.06
C ARG N 37 17.81 -64.10 36.81
N ASN N 38 17.13 -63.35 35.96
CA ASN N 38 16.72 -63.90 34.67
C ASN N 38 16.81 -62.77 33.64
N ILE N 39 17.95 -62.70 32.96
CA ILE N 39 18.17 -61.71 31.91
C ILE N 39 18.87 -62.37 30.74
N SER N 40 18.84 -61.68 29.61
CA SER N 40 19.55 -62.10 28.41
C SER N 40 20.72 -61.16 28.19
N ARG N 41 21.90 -61.72 27.95
CA ARG N 41 23.10 -60.91 27.78
C ARG N 41 23.75 -61.14 26.42
N ILE N 42 23.02 -61.72 25.46
CA ILE N 42 23.54 -61.94 24.12
C ILE N 42 22.49 -61.53 23.11
N MET N 43 22.83 -60.57 22.24
CA MET N 43 21.96 -60.17 21.16
C MET N 43 22.26 -60.97 19.90
N ARG N 44 21.22 -61.54 19.30
CA ARG N 44 21.35 -62.21 18.01
C ARG N 44 21.22 -61.16 16.93
N VAL N 45 22.35 -60.76 16.34
CA VAL N 45 22.35 -59.90 15.17
C VAL N 45 21.98 -60.80 13.99
N ASN N 46 21.72 -60.21 12.82
CA ASN N 46 20.90 -60.72 11.73
C ASN N 46 21.08 -62.18 11.28
N ASN N 47 22.21 -62.50 10.66
CA ASN N 47 22.49 -63.87 10.19
C ASN N 47 23.91 -64.31 10.42
N SER N 48 24.84 -63.39 10.64
CA SER N 48 26.26 -63.71 10.64
C SER N 48 26.91 -63.41 11.97
N THR N 49 26.77 -62.18 12.45
CA THR N 49 27.47 -61.81 13.66
C THR N 49 26.55 -61.83 14.86
N MET N 50 27.11 -61.53 16.02
CA MET N 50 26.44 -61.73 17.29
C MET N 50 27.19 -60.97 18.37
N LEU N 51 26.46 -60.41 19.33
CA LEU N 51 27.03 -59.55 20.34
C LEU N 51 26.86 -60.16 21.72
N GLY N 52 27.93 -60.12 22.50
CA GLY N 52 27.86 -60.41 23.92
C GLY N 52 28.70 -59.40 24.66
N ALA N 53 28.22 -59.02 25.85
CA ALA N 53 28.82 -57.91 26.56
C ALA N 53 28.81 -58.16 28.06
N SER N 54 29.56 -57.33 28.77
CA SER N 54 29.54 -57.29 30.22
C SER N 54 29.33 -55.85 30.66
N GLY N 55 29.42 -55.60 31.96
CA GLY N 55 29.30 -54.24 32.45
C GLY N 55 27.87 -53.78 32.56
N ASP N 56 27.66 -52.49 32.35
CA ASP N 56 26.37 -51.88 32.63
C ASP N 56 25.34 -52.30 31.59
N TYR N 57 24.27 -52.93 32.08
CA TYR N 57 23.32 -53.58 31.19
C TYR N 57 22.45 -52.58 30.46
N ALA N 58 22.24 -51.39 31.03
CA ALA N 58 21.47 -50.36 30.34
C ALA N 58 22.21 -49.85 29.12
N ASP N 59 23.53 -49.71 29.23
CA ASP N 59 24.35 -49.35 28.08
C ASP N 59 24.30 -50.42 27.01
N PHE N 60 24.24 -51.67 27.44
CA PHE N 60 24.08 -52.77 26.51
C PHE N 60 22.73 -52.73 25.81
N GLN N 61 21.68 -52.33 26.53
CA GLN N 61 20.37 -52.13 25.89
C GLN N 61 20.43 -51.02 24.87
N TYR N 62 21.15 -49.95 25.19
CA TYR N 62 21.30 -48.82 24.29
C TYR N 62 21.99 -49.24 23.00
N LEU N 63 23.09 -49.98 23.12
CA LEU N 63 23.80 -50.43 21.93
C LEU N 63 23.02 -51.46 21.15
N LYS N 64 22.24 -52.30 21.84
CA LYS N 64 21.32 -53.22 21.20
C LYS N 64 20.33 -52.48 20.33
N GLN N 65 19.76 -51.41 20.86
CA GLN N 65 18.81 -50.58 20.13
C GLN N 65 19.45 -49.95 18.90
N VAL N 66 20.63 -49.36 19.08
CA VAL N 66 21.27 -48.64 17.98
C VAL N 66 21.72 -49.61 16.89
N LEU N 67 22.31 -50.74 17.28
CA LEU N 67 22.76 -51.71 16.29
C LEU N 67 21.60 -52.35 15.56
N GLY N 68 20.50 -52.62 16.27
CA GLY N 68 19.31 -53.15 15.62
C GLY N 68 18.75 -52.19 14.59
N GLN N 69 18.77 -50.90 14.91
CA GLN N 69 18.33 -49.89 13.95
C GLN N 69 19.25 -49.85 12.72
N MET N 70 20.57 -49.93 12.94
CA MET N 70 21.50 -49.90 11.81
C MET N 70 21.36 -51.11 10.91
N VAL N 71 21.21 -52.29 11.51
CA VAL N 71 21.10 -53.53 10.75
C VAL N 71 19.80 -53.55 9.94
N ILE N 72 18.69 -53.14 10.58
CA ILE N 72 17.41 -53.07 9.87
C ILE N 72 17.46 -52.02 8.76
N ASP N 73 18.23 -50.94 8.98
CA ASP N 73 18.42 -49.95 7.92
C ASP N 73 19.12 -50.53 6.71
N GLU N 74 20.20 -51.28 6.92
CA GLU N 74 20.91 -51.83 5.77
C GLU N 74 20.09 -52.93 5.09
N GLU N 75 19.32 -53.69 5.88
CA GLU N 75 18.45 -54.70 5.29
C GLU N 75 17.34 -54.07 4.46
N LEU N 76 16.86 -52.88 4.85
CA LEU N 76 15.84 -52.22 4.08
C LEU N 76 16.42 -51.34 2.98
N LEU N 77 17.74 -51.26 2.88
CA LEU N 77 18.30 -50.73 1.64
C LEU N 77 17.97 -51.63 0.46
N GLY N 78 17.87 -52.94 0.69
CA GLY N 78 17.51 -53.87 -0.36
C GLY N 78 18.56 -54.06 -1.42
N ASP N 79 19.81 -53.71 -1.14
CA ASP N 79 20.88 -53.78 -2.12
C ASP N 79 21.63 -55.10 -2.13
N GLY N 80 21.28 -56.03 -1.24
CA GLY N 80 22.01 -57.27 -1.19
C GLY N 80 23.32 -57.21 -0.46
N HIS N 81 23.57 -56.13 0.26
CA HIS N 81 24.79 -55.98 1.05
C HIS N 81 24.45 -55.96 2.53
N SER N 82 25.24 -56.67 3.31
CA SER N 82 25.11 -56.71 4.75
C SER N 82 26.41 -56.24 5.36
N TYR N 83 26.46 -56.23 6.69
CA TYR N 83 27.71 -55.89 7.37
C TYR N 83 28.53 -57.15 7.59
N SER N 84 29.82 -57.05 7.26
CA SER N 84 30.76 -57.98 7.82
C SER N 84 30.87 -57.73 9.33
N PRO N 85 31.17 -58.78 10.11
CA PRO N 85 31.34 -58.57 11.56
C PRO N 85 32.51 -57.67 11.90
N ARG N 86 33.53 -57.61 11.04
CA ARG N 86 34.61 -56.67 11.25
C ARG N 86 34.17 -55.24 11.02
N ALA N 87 33.19 -55.02 10.15
CA ALA N 87 32.65 -53.68 10.00
C ALA N 87 31.90 -53.25 11.26
N ILE N 88 31.16 -54.18 11.86
CA ILE N 88 30.49 -53.93 13.13
C ILE N 88 31.52 -53.65 14.22
N HIS N 89 32.61 -54.41 14.22
CA HIS N 89 33.67 -54.23 15.19
C HIS N 89 34.33 -52.87 15.04
N SER N 90 34.51 -52.44 13.79
CA SER N 90 35.08 -51.12 13.51
C SER N 90 34.17 -50.01 13.99
N TRP N 91 32.87 -50.11 13.67
CA TRP N 91 31.92 -49.08 14.08
C TRP N 91 31.81 -49.01 15.59
N LEU N 92 31.80 -50.16 16.26
CA LEU N 92 31.65 -50.20 17.70
C LEU N 92 32.89 -49.63 18.38
N THR N 93 34.07 -49.90 17.81
CA THR N 93 35.30 -49.36 18.36
C THR N 93 35.34 -47.85 18.24
N ARG N 94 34.96 -47.33 17.07
CA ARG N 94 34.91 -45.89 16.87
C ARG N 94 33.89 -45.24 17.79
N ALA N 95 32.76 -45.93 18.01
CA ALA N 95 31.71 -45.39 18.86
C ALA N 95 32.19 -45.30 20.31
N MET N 96 32.85 -46.34 20.80
CA MET N 96 33.35 -46.31 22.17
C MET N 96 34.47 -45.30 22.34
N TYR N 97 35.29 -45.12 21.31
CA TYR N 97 36.37 -44.15 21.42
C TYR N 97 35.83 -42.72 21.44
N SER N 98 34.90 -42.41 20.54
CA SER N 98 34.31 -41.08 20.55
C SER N 98 33.42 -40.85 21.77
N ARG N 99 32.89 -41.92 22.35
CA ARG N 99 32.18 -41.80 23.61
C ARG N 99 33.12 -41.43 24.75
N ARG N 100 34.19 -42.19 24.92
CA ARG N 100 35.10 -41.94 26.04
C ARG N 100 35.92 -40.69 25.87
N SER N 101 36.01 -40.16 24.66
CA SER N 101 36.82 -38.97 24.43
C SER N 101 36.19 -37.73 25.06
N LYS N 102 34.88 -37.75 25.25
CA LYS N 102 34.16 -36.66 25.87
C LYS N 102 34.03 -36.81 27.37
N MET N 103 34.91 -37.60 27.99
CA MET N 103 34.97 -37.87 29.42
C MET N 103 33.70 -38.47 29.98
N ASN N 104 32.92 -39.17 29.16
CA ASN N 104 31.75 -39.90 29.61
C ASN N 104 31.90 -41.31 29.07
N PRO N 105 32.31 -42.25 29.90
CA PRO N 105 32.46 -43.61 29.42
C PRO N 105 31.15 -44.37 29.38
N LEU N 106 31.06 -45.30 28.43
CA LEU N 106 30.09 -46.37 28.50
C LEU N 106 30.75 -47.55 29.17
N TRP N 107 30.25 -47.94 30.32
CA TRP N 107 30.84 -49.03 31.09
C TRP N 107 30.46 -50.35 30.43
N ASN N 108 31.27 -50.79 29.47
CA ASN N 108 31.02 -52.05 28.79
C ASN N 108 32.31 -52.79 28.53
N THR N 109 32.15 -54.06 28.18
CA THR N 109 33.26 -54.92 27.79
C THR N 109 32.64 -55.96 26.85
N MET N 110 32.87 -55.80 25.57
CA MET N 110 32.04 -56.43 24.56
C MET N 110 32.80 -57.48 23.75
N VAL N 111 32.08 -58.53 23.37
CA VAL N 111 32.61 -59.59 22.52
C VAL N 111 31.72 -59.72 21.30
N ILE N 112 32.34 -59.58 20.12
CA ILE N 112 31.65 -59.75 18.85
C ILE N 112 32.15 -61.03 18.22
N GLY N 113 31.23 -61.96 17.97
CA GLY N 113 31.57 -63.15 17.23
C GLY N 113 30.75 -63.21 15.96
N GLY N 114 31.40 -63.49 14.84
CA GLY N 114 30.71 -63.52 13.57
C GLY N 114 31.37 -64.44 12.59
N TYR N 115 30.55 -65.07 11.75
CA TYR N 115 31.03 -65.99 10.73
C TYR N 115 30.45 -65.52 9.42
N ALA N 116 31.32 -65.05 8.53
CA ALA N 116 30.86 -64.57 7.22
C ALA N 116 31.89 -64.96 6.18
N ASP N 117 31.38 -65.53 5.08
CA ASP N 117 32.15 -65.85 3.87
C ASP N 117 33.28 -66.83 4.16
N GLY N 118 32.95 -67.87 4.92
CA GLY N 118 33.91 -68.93 5.17
C GLY N 118 34.86 -68.68 6.33
N GLU N 119 35.13 -67.41 6.62
CA GLU N 119 36.09 -67.04 7.65
C GLU N 119 35.36 -66.70 8.94
N SER N 120 35.84 -67.28 10.04
CA SER N 120 35.31 -66.93 11.34
C SER N 120 35.91 -65.60 11.79
N PHE N 121 35.27 -65.01 12.79
CA PHE N 121 35.75 -63.77 13.39
C PHE N 121 35.34 -63.73 14.85
N LEU N 122 36.22 -63.22 15.69
CA LEU N 122 35.94 -63.10 17.10
C LEU N 122 36.55 -61.79 17.57
N GLY N 123 35.72 -60.78 17.82
CA GLY N 123 36.22 -59.47 18.13
C GLY N 123 36.01 -58.98 19.54
N TYR N 124 36.96 -58.19 20.04
CA TYR N 124 36.93 -57.64 21.37
C TYR N 124 36.83 -56.13 21.29
N VAL N 125 36.03 -55.54 22.18
CA VAL N 125 35.95 -54.10 22.33
C VAL N 125 35.98 -53.77 23.82
N ASP N 126 36.92 -52.92 24.21
CA ASP N 126 37.06 -52.49 25.59
C ASP N 126 36.29 -51.18 25.81
N MET N 127 36.13 -50.79 27.07
CA MET N 127 35.61 -49.47 27.39
C MET N 127 36.55 -48.37 26.91
N LEU N 128 37.84 -48.57 27.09
CA LEU N 128 38.84 -47.58 26.72
C LEU N 128 39.13 -47.56 25.22
N GLY N 129 38.40 -48.31 24.41
CA GLY N 129 38.67 -48.34 23.00
C GLY N 129 39.71 -49.34 22.58
N VAL N 130 40.18 -50.18 23.51
CA VAL N 130 41.14 -51.21 23.16
C VAL N 130 40.42 -52.30 22.38
N ALA N 131 40.86 -52.56 21.16
CA ALA N 131 40.17 -53.50 20.31
C ALA N 131 41.19 -54.28 19.51
N TYR N 132 40.97 -55.59 19.40
CA TYR N 132 41.91 -56.48 18.73
C TYR N 132 41.16 -57.73 18.32
N GLU N 133 41.86 -58.62 17.64
CA GLU N 133 41.35 -59.93 17.30
C GLU N 133 42.07 -60.99 18.10
N ALA N 134 41.40 -62.12 18.30
CA ALA N 134 41.95 -63.19 19.12
C ALA N 134 41.22 -64.48 18.75
N PRO N 135 41.90 -65.63 18.81
CA PRO N 135 41.20 -66.89 18.63
C PRO N 135 40.33 -67.27 19.81
N SER N 136 40.53 -66.63 20.96
CA SER N 136 39.78 -66.96 22.17
C SER N 136 39.66 -65.70 23.00
N LEU N 137 38.44 -65.36 23.39
CA LEU N 137 38.20 -64.21 24.25
C LEU N 137 37.66 -64.63 25.60
N ALA N 138 38.00 -63.83 26.60
CA ALA N 138 37.57 -64.03 27.97
C ALA N 138 37.61 -62.68 28.65
N THR N 139 36.48 -62.22 29.15
CA THR N 139 36.36 -60.88 29.69
C THR N 139 36.27 -60.90 31.20
N GLY N 140 36.52 -59.74 31.79
CA GLY N 140 36.42 -59.58 33.25
C GLY N 140 37.39 -60.48 33.98
N TYR N 141 36.85 -61.26 34.91
CA TYR N 141 37.65 -62.26 35.57
C TYR N 141 37.85 -63.51 34.73
N GLY N 142 37.15 -63.63 33.61
CA GLY N 142 37.38 -64.75 32.72
C GLY N 142 38.77 -64.74 32.13
N ALA N 143 39.30 -63.53 31.88
CA ALA N 143 40.70 -63.40 31.48
C ALA N 143 41.66 -63.80 32.58
N TYR N 144 41.22 -63.77 33.83
CA TYR N 144 42.05 -64.23 34.94
C TYR N 144 41.92 -65.72 35.17
N LEU N 145 40.78 -66.30 34.82
CA LEU N 145 40.48 -67.66 35.24
C LEU N 145 40.46 -68.65 34.08
N ALA N 146 39.60 -68.43 33.08
CA ALA N 146 39.43 -69.44 32.04
C ALA N 146 40.31 -69.17 30.82
N GLN N 147 40.96 -68.02 30.76
CA GLN N 147 41.92 -67.75 29.69
C GLN N 147 43.07 -68.74 29.60
N PRO N 148 43.72 -69.19 30.71
CA PRO N 148 44.75 -70.22 30.54
C PRO N 148 44.24 -71.56 30.06
N LEU N 149 42.97 -71.89 30.27
CA LEU N 149 42.45 -73.14 29.73
C LEU N 149 42.32 -73.06 28.21
N LEU N 150 41.80 -71.94 27.71
CA LEU N 150 41.74 -71.67 26.29
C LEU N 150 43.12 -71.68 25.67
N ARG N 151 44.07 -70.98 26.31
CA ARG N 151 45.41 -70.92 25.75
C ARG N 151 46.18 -72.22 25.94
N GLU N 152 45.76 -73.07 26.88
CA GLU N 152 46.32 -74.40 26.98
C GLU N 152 45.89 -75.25 25.79
N VAL N 153 44.58 -75.26 25.51
CA VAL N 153 44.09 -76.18 24.50
C VAL N 153 44.43 -75.70 23.09
N LEU N 154 44.40 -74.38 22.86
CA LEU N 154 44.71 -73.88 21.52
C LEU N 154 46.19 -74.04 21.18
N GLU N 155 47.08 -73.97 22.18
CA GLU N 155 48.47 -74.31 21.93
C GLU N 155 48.64 -75.81 21.74
N LYS N 156 47.90 -76.61 22.49
CA LYS N 156 47.97 -78.05 22.30
C LYS N 156 47.28 -78.47 21.01
N GLN N 157 46.28 -77.72 20.57
CA GLN N 157 45.64 -78.03 19.30
C GLN N 157 45.07 -76.76 18.69
N PRO N 158 45.60 -76.31 17.55
CA PRO N 158 45.21 -74.99 17.03
C PRO N 158 43.80 -74.92 16.47
N VAL N 159 43.27 -76.02 15.93
CA VAL N 159 41.92 -76.05 15.46
C VAL N 159 41.09 -76.90 16.42
N LEU N 160 39.77 -76.83 16.28
CA LEU N 160 38.87 -77.58 17.14
C LEU N 160 37.69 -78.09 16.34
N SER N 161 36.84 -78.85 17.02
CA SER N 161 35.53 -79.20 16.52
C SER N 161 34.49 -78.32 17.21
N GLN N 162 33.24 -78.50 16.79
CA GLN N 162 32.15 -77.82 17.47
C GLN N 162 31.90 -78.43 18.84
N THR N 163 31.96 -79.75 18.93
CA THR N 163 31.64 -80.45 20.17
C THR N 163 32.71 -80.23 21.23
N GLU N 164 33.98 -80.29 20.82
CA GLU N 164 35.10 -80.04 21.74
C GLU N 164 35.04 -78.64 22.32
N ALA N 165 34.77 -77.66 21.46
CA ALA N 165 34.66 -76.28 21.91
C ALA N 165 33.47 -76.10 22.83
N ARG N 166 32.36 -76.76 22.53
CA ARG N 166 31.17 -76.64 23.36
C ARG N 166 31.41 -77.25 24.75
N ASP N 167 32.05 -78.42 24.80
CA ASP N 167 32.38 -79.02 26.08
C ASP N 167 33.41 -78.19 26.84
N LEU N 168 34.33 -77.55 26.12
CA LEU N 168 35.33 -76.74 26.78
C LEU N 168 34.71 -75.49 27.39
N VAL N 169 33.76 -74.89 26.68
CA VAL N 169 32.98 -73.78 27.22
C VAL N 169 32.19 -74.21 28.44
N GLU N 170 31.65 -75.44 28.41
CA GLU N 170 30.96 -75.99 29.57
C GLU N 170 31.89 -76.11 30.77
N ARG N 171 33.13 -76.58 30.54
CA ARG N 171 34.07 -76.73 31.64
C ARG N 171 34.51 -75.38 32.18
N CYS N 172 34.72 -74.40 31.30
CA CYS N 172 35.13 -73.08 31.74
C CYS N 172 34.02 -72.36 32.50
N MET N 173 32.77 -72.50 32.07
CA MET N 173 31.67 -71.91 32.82
C MET N 173 31.44 -72.62 34.14
N ARG N 174 31.73 -73.92 34.20
CA ARG N 174 31.72 -74.64 35.48
C ARG N 174 32.75 -74.08 36.43
N VAL N 175 33.95 -73.79 35.91
CA VAL N 175 35.02 -73.22 36.72
C VAL N 175 34.65 -71.83 37.22
N LEU N 176 34.08 -71.00 36.33
CA LEU N 176 33.65 -69.68 36.73
C LEU N 176 32.49 -69.73 37.72
N TYR N 177 31.68 -70.78 37.67
CA TYR N 177 30.73 -70.97 38.75
C TYR N 177 31.43 -71.37 40.04
N TYR N 178 32.54 -72.10 39.93
CA TYR N 178 33.24 -72.54 41.14
C TYR N 178 33.89 -71.38 41.89
N ARG N 179 34.41 -70.36 41.21
CA ARG N 179 35.11 -69.40 42.07
C ARG N 179 34.86 -67.92 41.75
N ASP N 180 33.78 -67.59 41.04
CA ASP N 180 33.40 -66.19 40.87
C ASP N 180 32.20 -65.87 41.76
N ALA N 181 32.31 -64.76 42.50
CA ALA N 181 31.19 -64.36 43.34
C ALA N 181 30.06 -63.77 42.53
N ARG N 182 30.34 -63.33 41.30
CA ARG N 182 29.36 -62.69 40.46
C ARG N 182 28.82 -63.66 39.42
N SER N 183 28.93 -64.95 39.69
CA SER N 183 28.48 -65.97 38.77
C SER N 183 27.20 -66.62 39.27
N TYR N 184 26.58 -67.40 38.40
CA TYR N 184 25.28 -67.97 38.69
C TYR N 184 25.12 -69.23 37.86
N ASN N 185 24.40 -70.20 38.41
CA ASN N 185 24.33 -71.52 37.80
C ASN N 185 23.20 -71.59 36.77
N ARG N 186 23.23 -70.65 35.84
CA ARG N 186 22.25 -70.61 34.75
C ARG N 186 22.84 -69.77 33.64
N PHE N 187 23.04 -70.37 32.48
CA PHE N 187 23.75 -69.71 31.40
C PHE N 187 23.18 -70.15 30.06
N GLN N 188 23.43 -69.34 29.05
CA GLN N 188 22.95 -69.61 27.70
C GLN N 188 24.12 -69.67 26.73
N ILE N 189 24.08 -70.65 25.83
CA ILE N 189 25.14 -70.90 24.86
C ILE N 189 24.66 -70.47 23.49
N ALA N 190 25.46 -69.66 22.82
CA ALA N 190 25.12 -69.19 21.50
C ALA N 190 26.19 -69.61 20.52
N THR N 191 25.76 -70.01 19.33
CA THR N 191 26.67 -70.56 18.34
C THR N 191 26.26 -70.03 16.97
N VAL N 192 27.25 -69.58 16.19
CA VAL N 192 27.01 -69.16 14.82
C VAL N 192 27.71 -70.13 13.89
N THR N 193 27.13 -70.33 12.71
CA THR N 193 27.67 -71.17 11.67
C THR N 193 27.49 -70.45 10.35
N GLU N 194 27.69 -71.18 9.25
CA GLU N 194 27.14 -70.71 7.99
C GLU N 194 25.65 -70.99 7.88
N LYS N 195 25.11 -71.87 8.71
CA LYS N 195 23.69 -72.18 8.66
C LYS N 195 22.83 -71.16 9.39
N GLY N 196 23.45 -70.22 10.11
CA GLY N 196 22.71 -69.17 10.79
C GLY N 196 23.17 -69.02 12.22
N VAL N 197 22.35 -68.35 13.01
CA VAL N 197 22.67 -68.00 14.39
C VAL N 197 21.70 -68.71 15.30
N GLU N 198 22.21 -69.42 16.30
CA GLU N 198 21.37 -70.17 17.22
C GLU N 198 21.71 -69.83 18.66
N ILE N 199 20.70 -69.53 19.44
CA ILE N 199 20.83 -69.31 20.87
C ILE N 199 20.16 -70.47 21.59
N GLU N 200 20.93 -71.21 22.37
CA GLU N 200 20.37 -72.31 23.14
C GLU N 200 19.68 -71.79 24.38
N GLY N 201 19.13 -72.73 25.15
CA GLY N 201 18.36 -72.39 26.32
C GLY N 201 19.23 -72.10 27.52
N PRO N 202 18.56 -71.83 28.63
CA PRO N 202 19.28 -71.51 29.86
C PRO N 202 19.89 -72.72 30.55
N LEU N 203 21.05 -73.15 30.10
CA LEU N 203 21.64 -74.38 30.60
C LEU N 203 22.24 -74.19 31.99
N SER N 204 22.69 -75.31 32.56
CA SER N 204 23.16 -75.35 33.94
C SER N 204 24.49 -76.06 33.97
N THR N 205 25.10 -76.12 35.15
CA THR N 205 26.36 -76.81 35.35
C THR N 205 26.17 -77.96 36.34
N GLU N 206 27.17 -78.82 36.40
CA GLU N 206 27.19 -79.94 37.32
C GLU N 206 28.45 -79.83 38.15
N THR N 207 28.28 -79.62 39.44
CA THR N 207 29.40 -79.29 40.32
C THR N 207 29.86 -80.53 41.07
N ASN N 208 30.98 -80.36 41.78
CA ASN N 208 31.49 -81.36 42.70
C ASN N 208 31.75 -80.68 44.03
N TRP N 209 31.48 -81.41 45.10
CA TRP N 209 31.69 -80.89 46.44
C TRP N 209 32.27 -81.95 47.35
N ASP N 210 33.03 -82.89 46.77
CA ASP N 210 33.58 -83.98 47.57
C ASP N 210 34.75 -83.54 48.42
N ILE N 211 35.31 -82.37 48.16
CA ILE N 211 36.36 -81.83 49.00
C ILE N 211 35.81 -81.34 50.33
N ALA N 212 34.50 -81.14 50.44
CA ALA N 212 33.90 -80.66 51.67
C ALA N 212 33.93 -81.71 52.76
N HIS N 213 34.01 -82.98 52.40
CA HIS N 213 34.08 -84.04 53.41
C HIS N 213 35.40 -84.05 54.16
N MET N 214 36.45 -83.47 53.58
CA MET N 214 37.69 -83.30 54.30
C MET N 214 37.57 -82.13 55.26
N ILE N 215 38.55 -82.03 56.15
CA ILE N 215 38.50 -81.04 57.22
C ILE N 215 38.95 -79.68 56.70
N GLY O 1 -95.11 92.90 -45.25
CA GLY O 1 -94.83 94.04 -44.38
C GLY O 1 -95.64 95.23 -44.80
N ILE O 2 -95.02 96.10 -45.60
CA ILE O 2 -95.71 97.22 -46.21
C ILE O 2 -96.19 96.87 -47.62
N ILE O 3 -96.29 95.59 -47.92
CA ILE O 3 -96.64 95.12 -49.26
C ILE O 3 -98.03 94.49 -49.29
N SER O 4 -98.50 93.93 -48.18
CA SER O 4 -99.85 93.39 -48.07
C SER O 4 -100.94 94.46 -48.10
N LEU O 5 -100.57 95.74 -48.11
CA LEU O 5 -101.46 96.90 -48.11
C LEU O 5 -102.28 97.05 -49.38
N LEU O 6 -102.04 96.21 -50.40
CA LEU O 6 -102.48 96.47 -51.77
C LEU O 6 -103.81 95.81 -52.10
N ASP O 7 -104.70 95.64 -51.11
CA ASP O 7 -106.00 95.05 -51.35
C ASP O 7 -107.00 96.03 -51.94
N GLU O 8 -106.64 97.30 -52.02
CA GLU O 8 -107.47 98.32 -52.67
C GLU O 8 -107.54 98.04 -54.16
N ASP O 9 -108.67 98.41 -54.78
CA ASP O 9 -108.78 98.26 -56.23
C ASP O 9 -108.19 99.45 -56.98
N GLU O 10 -108.03 100.59 -56.34
CA GLU O 10 -107.42 101.75 -57.00
C GLU O 10 -105.89 101.62 -57.01
N PRO O 11 -105.24 102.00 -58.12
CA PRO O 11 -103.80 101.76 -58.26
C PRO O 11 -102.91 102.81 -57.60
N GLN O 12 -103.47 103.90 -57.08
CA GLN O 12 -102.64 104.97 -56.56
C GLN O 12 -102.01 104.60 -55.22
N LEU O 13 -102.64 103.70 -54.45
CA LEU O 13 -101.95 103.12 -53.32
C LEU O 13 -100.81 102.22 -53.78
N LYS O 14 -100.94 101.61 -54.95
CA LYS O 14 -99.83 100.81 -55.47
C LYS O 14 -98.67 101.68 -55.90
N GLU O 15 -98.96 102.86 -56.48
CA GLU O 15 -97.87 103.77 -56.81
C GLU O 15 -97.25 104.40 -55.55
N PHE O 16 -98.08 104.71 -54.54
CA PHE O 16 -97.54 105.13 -53.24
C PHE O 16 -96.73 104.03 -52.60
N ALA O 17 -97.13 102.77 -52.82
CA ALA O 17 -96.44 101.64 -52.23
C ALA O 17 -95.09 101.40 -52.90
N LEU O 18 -95.02 101.56 -54.22
CA LEU O 18 -93.71 101.44 -54.88
C LEU O 18 -92.82 102.65 -54.59
N HIS O 19 -93.43 103.83 -54.39
CA HIS O 19 -92.70 104.98 -53.90
C HIS O 19 -92.14 104.73 -52.51
N LYS O 20 -92.82 103.90 -51.71
CA LYS O 20 -92.23 103.41 -50.47
C LYS O 20 -91.19 102.32 -50.72
N LEU O 21 -91.41 101.47 -51.73
CA LEU O 21 -90.55 100.33 -51.98
C LEU O 21 -89.16 100.77 -52.40
N ASN O 22 -89.06 101.65 -53.39
CA ASN O 22 -87.75 102.12 -53.82
C ASN O 22 -87.09 103.03 -52.78
N ALA O 23 -87.86 103.54 -51.82
CA ALA O 23 -87.30 104.33 -50.73
C ALA O 23 -86.68 103.46 -49.65
N VAL O 24 -87.44 102.51 -49.11
CA VAL O 24 -86.95 101.70 -47.99
C VAL O 24 -86.63 100.28 -48.45
N VAL O 25 -86.30 100.13 -49.73
CA VAL O 25 -85.82 98.87 -50.28
C VAL O 25 -84.46 98.47 -49.74
N ASN O 26 -83.77 99.38 -49.10
CA ASN O 26 -82.43 99.16 -48.58
C ASN O 26 -82.39 98.45 -47.23
N ASP O 27 -83.53 97.92 -46.73
CA ASP O 27 -83.45 97.10 -45.52
C ASP O 27 -84.36 95.88 -45.52
N PHE O 28 -85.23 95.70 -46.53
CA PHE O 28 -86.31 94.73 -46.46
C PHE O 28 -86.34 93.74 -47.63
N TRP O 29 -85.21 93.13 -47.98
CA TRP O 29 -85.18 92.36 -49.22
C TRP O 29 -85.81 90.97 -49.11
N ALA O 30 -86.16 90.50 -47.92
CA ALA O 30 -86.74 89.17 -47.83
C ALA O 30 -88.24 89.15 -48.02
N GLU O 31 -88.91 90.30 -47.89
CA GLU O 31 -90.37 90.31 -47.81
C GLU O 31 -91.01 90.04 -49.16
N ILE O 32 -90.33 90.41 -50.25
CA ILE O 32 -90.87 90.19 -51.58
C ILE O 32 -90.79 88.71 -51.96
N SER O 33 -89.93 87.95 -51.28
CA SER O 33 -89.81 86.51 -51.52
C SER O 33 -91.08 85.76 -51.13
N GLU O 34 -91.89 86.32 -50.22
CA GLU O 34 -93.24 85.83 -50.02
C GLU O 34 -94.23 86.47 -50.97
N SER O 35 -93.92 87.66 -51.48
CA SER O 35 -94.79 88.41 -52.38
C SER O 35 -94.49 88.14 -53.84
N VAL O 36 -93.83 87.02 -54.15
CA VAL O 36 -93.52 86.66 -55.54
C VAL O 36 -94.80 86.49 -56.35
N ASP O 37 -95.81 85.84 -55.77
CA ASP O 37 -97.07 85.66 -56.47
C ASP O 37 -97.81 86.98 -56.66
N LYS O 38 -97.70 87.89 -55.69
CA LYS O 38 -98.29 89.21 -55.84
C LYS O 38 -97.59 90.01 -56.93
N ILE O 39 -96.27 89.81 -57.05
CA ILE O 39 -95.51 90.38 -58.16
C ILE O 39 -96.00 89.83 -59.48
N GLU O 40 -96.26 88.53 -59.54
CA GLU O 40 -96.75 87.90 -60.78
C GLU O 40 -98.13 88.43 -61.16
N VAL O 41 -99.02 88.55 -60.17
CA VAL O 41 -100.39 89.01 -60.44
C VAL O 41 -100.38 90.48 -60.85
N LEU O 42 -99.62 91.31 -60.14
CA LEU O 42 -99.50 92.72 -60.51
C LEU O 42 -98.75 92.90 -61.81
N TYR O 43 -97.93 91.93 -62.23
CA TYR O 43 -97.30 92.01 -63.53
C TYR O 43 -98.27 91.65 -64.63
N GLU O 44 -99.14 90.69 -64.39
CA GLU O 44 -100.06 90.25 -65.44
C GLU O 44 -101.31 91.11 -65.54
N ASP O 45 -101.35 92.25 -64.88
CA ASP O 45 -102.44 93.19 -65.02
C ASP O 45 -102.01 94.28 -65.98
N GLU O 46 -102.68 94.34 -67.13
CA GLU O 46 -102.21 95.14 -68.26
C GLU O 46 -102.47 96.63 -68.05
N GLY O 47 -103.75 97.00 -67.91
CA GLY O 47 -104.15 98.39 -67.71
C GLY O 47 -103.67 99.00 -66.42
N PHE O 48 -103.39 98.16 -65.42
CA PHE O 48 -102.64 98.60 -64.25
C PHE O 48 -101.25 99.05 -64.68
N ARG O 49 -100.89 100.27 -64.27
CA ARG O 49 -99.72 100.94 -64.83
C ARG O 49 -98.42 100.37 -64.31
N SER O 50 -98.40 99.85 -63.08
CA SER O 50 -97.16 99.55 -62.40
C SER O 50 -96.79 98.09 -62.48
N ARG O 51 -97.14 97.42 -63.58
CA ARG O 51 -96.59 96.10 -63.85
C ARG O 51 -95.11 96.19 -64.22
N GLN O 52 -94.70 97.24 -64.93
CA GLN O 52 -93.32 97.38 -65.36
C GLN O 52 -92.41 97.73 -64.19
N PHE O 53 -92.85 98.62 -63.30
CA PHE O 53 -91.99 98.94 -62.17
C PHE O 53 -91.96 97.79 -61.16
N ALA O 54 -93.04 96.99 -61.12
CA ALA O 54 -92.99 95.72 -60.40
C ALA O 54 -91.95 94.79 -61.01
N ALA O 55 -91.82 94.80 -62.35
CA ALA O 55 -90.78 93.99 -63.00
C ALA O 55 -89.38 94.51 -62.67
N LEU O 56 -89.23 95.84 -62.58
CA LEU O 56 -87.97 96.45 -62.14
C LEU O 56 -87.57 95.97 -60.75
N VAL O 57 -88.45 96.19 -59.75
CA VAL O 57 -88.08 95.83 -58.39
C VAL O 57 -88.06 94.32 -58.19
N ALA O 58 -88.73 93.57 -59.05
CA ALA O 58 -88.63 92.11 -58.99
C ALA O 58 -87.27 91.65 -59.51
N SER O 59 -86.76 92.29 -60.56
CA SER O 59 -85.37 92.06 -60.97
C SER O 59 -84.40 92.43 -59.87
N LYS O 60 -84.69 93.51 -59.13
CA LYS O 60 -83.86 93.92 -58.00
C LYS O 60 -83.80 92.84 -56.92
N VAL O 61 -84.96 92.38 -56.46
CA VAL O 61 -85.00 91.44 -55.35
C VAL O 61 -84.50 90.06 -55.80
N PHE O 62 -84.78 89.68 -57.05
CA PHE O 62 -84.34 88.37 -57.48
C PHE O 62 -82.88 88.41 -57.92
N TYR O 63 -82.32 89.60 -58.09
CA TYR O 63 -80.88 89.79 -58.17
C TYR O 63 -80.25 89.71 -56.78
N HIS O 64 -80.98 90.10 -55.74
CA HIS O 64 -80.46 89.87 -54.40
C HIS O 64 -80.49 88.39 -54.04
N LEU O 65 -81.60 87.71 -54.35
CA LEU O 65 -81.75 86.29 -54.04
C LEU O 65 -80.81 85.43 -54.87
N GLY O 66 -80.91 85.51 -56.18
CA GLY O 66 -80.20 84.58 -57.02
C GLY O 66 -80.98 84.14 -58.23
N ALA O 67 -82.24 84.60 -58.36
CA ALA O 67 -83.02 84.36 -59.57
C ALA O 67 -82.70 85.44 -60.61
N PHE O 68 -81.46 85.36 -61.11
CA PHE O 68 -80.94 86.34 -62.07
C PHE O 68 -81.59 86.21 -63.44
N GLU O 69 -82.20 85.06 -63.72
CA GLU O 69 -82.70 84.74 -65.04
C GLU O 69 -84.15 85.17 -65.20
N GLU O 70 -84.95 85.04 -64.15
CA GLU O 70 -86.22 85.72 -64.18
C GLU O 70 -86.06 87.21 -63.91
N SER O 71 -84.98 87.62 -63.23
CA SER O 71 -84.59 89.03 -63.24
C SER O 71 -84.30 89.50 -64.66
N LEU O 72 -83.69 88.63 -65.46
CA LEU O 72 -83.39 88.96 -66.84
C LEU O 72 -84.66 89.09 -67.68
N ASN O 73 -85.58 88.14 -67.53
CA ASN O 73 -86.85 88.21 -68.25
C ASN O 73 -87.70 89.39 -67.78
N TYR O 74 -87.61 89.73 -66.49
CA TYR O 74 -88.29 90.92 -65.98
C TYR O 74 -87.64 92.20 -66.46
N ALA O 75 -86.33 92.20 -66.65
CA ALA O 75 -85.66 93.35 -67.23
C ALA O 75 -86.09 93.55 -68.67
N LEU O 76 -86.29 92.45 -69.39
CA LEU O 76 -86.88 92.53 -70.72
C LEU O 76 -88.30 93.08 -70.66
N GLY O 77 -89.13 92.50 -69.79
CA GLY O 77 -90.49 92.99 -69.67
C GLY O 77 -90.68 94.08 -68.63
N ALA O 78 -89.66 94.92 -68.46
CA ALA O 78 -89.71 96.02 -67.50
C ALA O 78 -89.78 97.37 -68.20
N GLY O 79 -90.14 97.38 -69.48
CA GLY O 79 -90.37 98.58 -70.24
C GLY O 79 -89.10 99.35 -70.55
N ASP O 80 -89.31 100.56 -71.06
CA ASP O 80 -88.21 101.48 -71.33
C ASP O 80 -87.68 102.09 -70.03
N LEU O 81 -88.43 101.93 -68.92
CA LEU O 81 -87.92 102.22 -67.58
C LEU O 81 -86.73 101.35 -67.21
N PHE O 82 -86.59 100.18 -67.84
CA PHE O 82 -85.35 99.43 -67.67
C PHE O 82 -84.22 100.00 -68.51
N ASN O 83 -84.46 100.19 -69.82
CA ASN O 83 -83.39 100.60 -70.73
C ASN O 83 -82.92 102.02 -70.51
N VAL O 84 -83.65 102.84 -69.76
CA VAL O 84 -83.21 104.21 -69.46
C VAL O 84 -82.02 104.24 -68.52
N ASN O 85 -81.71 103.13 -67.84
CA ASN O 85 -80.58 103.07 -66.91
C ASN O 85 -79.52 102.16 -67.49
N ASP O 86 -78.33 102.71 -67.75
CA ASP O 86 -77.18 101.90 -68.12
C ASP O 86 -75.91 102.43 -67.48
N ASN O 87 -75.99 102.87 -66.21
CA ASN O 87 -74.79 103.31 -65.49
C ASN O 87 -74.97 102.97 -64.01
N SER O 88 -74.43 101.81 -63.63
CA SER O 88 -74.51 101.21 -62.30
C SER O 88 -73.71 99.92 -62.32
N GLU O 89 -73.49 99.36 -61.13
CA GLU O 89 -72.89 98.03 -61.02
C GLU O 89 -73.94 96.95 -61.24
N TYR O 90 -75.13 97.19 -60.68
CA TYR O 90 -76.32 96.40 -60.95
C TYR O 90 -76.55 96.21 -62.44
N VAL O 91 -76.53 97.32 -63.19
CA VAL O 91 -76.87 97.23 -64.60
C VAL O 91 -75.74 96.59 -65.39
N GLU O 92 -74.48 96.71 -64.95
CA GLU O 92 -73.42 96.09 -65.73
C GLU O 92 -73.37 94.58 -65.52
N THR O 93 -73.68 94.12 -64.30
CA THR O 93 -73.80 92.69 -64.06
C THR O 93 -74.97 92.10 -64.83
N ILE O 94 -76.09 92.81 -64.89
CA ILE O 94 -77.23 92.21 -65.56
C ILE O 94 -77.15 92.34 -67.08
N ILE O 95 -76.44 93.33 -67.63
CA ILE O 95 -76.25 93.31 -69.07
C ILE O 95 -75.16 92.33 -69.49
N ALA O 96 -74.22 92.04 -68.58
CA ALA O 96 -73.30 90.91 -68.78
C ALA O 96 -74.09 89.62 -68.91
N LYS O 97 -74.98 89.36 -67.95
CA LYS O 97 -75.85 88.19 -68.04
C LYS O 97 -76.81 88.25 -69.21
N CYS O 98 -77.19 89.45 -69.64
CA CYS O 98 -78.15 89.58 -70.73
C CYS O 98 -77.53 89.23 -72.06
N ILE O 99 -76.34 89.76 -72.34
CA ILE O 99 -75.70 89.42 -73.59
C ILE O 99 -74.98 88.08 -73.47
N ASP O 100 -74.85 87.54 -72.26
CA ASP O 100 -74.58 86.12 -72.09
C ASP O 100 -75.71 85.27 -72.66
N HIS O 101 -76.94 85.61 -72.29
CA HIS O 101 -78.11 84.98 -72.90
C HIS O 101 -78.15 85.19 -74.41
N TYR O 102 -77.79 86.40 -74.86
CA TYR O 102 -77.78 86.69 -76.29
C TYR O 102 -76.72 85.88 -77.03
N THR O 103 -75.54 85.68 -76.43
CA THR O 103 -74.50 84.99 -77.17
C THR O 103 -74.72 83.48 -77.16
N LYS O 104 -75.31 82.93 -76.09
CA LYS O 104 -75.68 81.52 -76.15
C LYS O 104 -76.85 81.32 -77.10
N GLN O 105 -77.73 82.32 -77.19
CA GLN O 105 -78.81 82.33 -78.16
C GLN O 105 -78.27 82.33 -79.59
N CYS O 106 -77.25 83.15 -79.84
CA CYS O 106 -76.69 83.27 -81.19
C CYS O 106 -75.85 82.07 -81.59
N VAL O 107 -75.11 81.48 -80.64
CA VAL O 107 -74.35 80.28 -80.94
C VAL O 107 -75.29 79.09 -81.16
N GLU O 108 -76.44 79.08 -80.48
CA GLU O 108 -77.43 78.05 -80.75
C GLU O 108 -78.08 78.26 -82.11
N ASN O 109 -78.47 79.50 -82.42
CA ASN O 109 -79.21 79.78 -83.64
C ASN O 109 -78.34 79.75 -84.89
N ALA O 110 -77.03 79.92 -84.74
CA ALA O 110 -76.14 80.06 -85.88
C ALA O 110 -76.03 78.78 -86.70
N ASP O 111 -76.29 77.62 -86.10
CA ASP O 111 -76.32 76.37 -86.83
C ASP O 111 -77.77 75.90 -86.87
N LEU O 112 -78.51 76.45 -87.84
CA LEU O 112 -79.88 76.16 -88.21
C LEU O 112 -79.91 76.48 -89.69
N PRO O 113 -80.59 75.66 -90.52
CA PRO O 113 -80.37 75.70 -91.98
C PRO O 113 -80.68 77.02 -92.68
N GLU O 114 -81.90 77.52 -92.56
CA GLU O 114 -82.21 78.85 -93.09
C GLU O 114 -83.13 79.63 -92.17
N GLY O 115 -83.45 79.10 -91.00
CA GLY O 115 -84.49 79.68 -90.17
C GLY O 115 -84.73 78.85 -88.93
N GLU O 116 -86.02 78.60 -88.62
CA GLU O 116 -86.56 77.90 -87.44
C GLU O 116 -85.87 78.28 -86.13
N LYS O 117 -85.50 79.55 -86.01
CA LYS O 117 -84.69 80.01 -84.90
C LYS O 117 -85.55 80.39 -83.71
N LYS O 118 -84.93 80.37 -82.53
CA LYS O 118 -85.59 80.86 -81.35
C LYS O 118 -85.70 82.37 -81.42
N PRO O 119 -86.78 82.95 -80.85
CA PRO O 119 -86.97 84.40 -80.99
C PRO O 119 -85.95 85.21 -80.20
N ILE O 120 -85.03 85.84 -80.93
CA ILE O 120 -84.09 86.77 -80.36
C ILE O 120 -84.85 88.05 -80.05
N ASP O 121 -85.02 88.34 -78.76
CA ASP O 121 -85.89 89.44 -78.37
C ASP O 121 -85.22 90.77 -78.68
N GLN O 122 -86.06 91.78 -78.95
CA GLN O 122 -85.57 93.05 -79.49
C GLN O 122 -84.79 93.87 -78.48
N ARG O 123 -85.02 93.64 -77.19
CA ARG O 123 -84.36 94.43 -76.16
C ARG O 123 -82.91 94.01 -76.01
N LEU O 124 -82.68 92.70 -75.95
CA LEU O 124 -81.34 92.18 -75.83
C LEU O 124 -80.54 92.33 -77.12
N GLU O 125 -81.17 92.55 -78.27
CA GLU O 125 -80.38 92.87 -79.45
C GLU O 125 -80.27 94.36 -79.71
N GLY O 126 -81.13 95.17 -79.08
CA GLY O 126 -80.96 96.61 -79.14
C GLY O 126 -79.89 97.11 -78.20
N ILE O 127 -79.72 96.44 -77.05
CA ILE O 127 -78.61 96.85 -76.19
C ILE O 127 -77.28 96.43 -76.77
N VAL O 128 -77.27 95.54 -77.77
CA VAL O 128 -76.05 95.23 -78.53
C VAL O 128 -75.54 96.48 -79.25
N ASN O 129 -76.36 97.06 -80.13
CA ASN O 129 -75.81 98.23 -80.82
C ASN O 129 -75.84 99.48 -79.95
N LYS O 130 -76.57 99.46 -78.82
CA LYS O 130 -76.40 100.52 -77.85
C LYS O 130 -75.02 100.47 -77.20
N MET O 131 -74.55 99.26 -76.87
CA MET O 131 -73.18 99.11 -76.42
C MET O 131 -72.17 99.37 -77.53
N PHE O 132 -72.55 99.16 -78.79
CA PHE O 132 -71.65 99.58 -79.86
C PHE O 132 -71.61 101.10 -79.99
N GLN O 133 -72.72 101.78 -79.71
CA GLN O 133 -72.68 103.24 -79.62
C GLN O 133 -71.82 103.69 -78.46
N ARG O 134 -71.82 102.93 -77.37
CA ARG O 134 -70.88 103.20 -76.29
C ARG O 134 -69.44 102.93 -76.69
N CYS O 135 -69.22 101.95 -77.58
CA CYS O 135 -67.87 101.74 -78.14
C CYS O 135 -67.44 102.90 -79.01
N LEU O 136 -68.37 103.41 -79.83
CA LEU O 136 -68.08 104.55 -80.70
C LEU O 136 -67.81 105.80 -79.88
N ASP O 137 -68.56 106.00 -78.80
CA ASP O 137 -68.32 107.13 -77.91
C ASP O 137 -67.00 106.98 -77.19
N ASP O 138 -66.68 105.77 -76.75
CA ASP O 138 -65.39 105.48 -76.17
C ASP O 138 -64.29 105.44 -77.22
N HIS O 139 -64.68 105.34 -78.51
CA HIS O 139 -63.85 105.36 -79.71
C HIS O 139 -63.02 104.08 -79.83
N LYS O 140 -63.20 103.15 -78.89
CA LYS O 140 -62.34 101.98 -78.81
C LYS O 140 -62.73 100.96 -79.87
N TYR O 141 -61.71 100.44 -80.55
CA TYR O 141 -61.89 99.54 -81.68
C TYR O 141 -61.89 98.07 -81.27
N LYS O 142 -60.99 97.68 -80.37
CA LYS O 142 -60.88 96.27 -80.02
C LYS O 142 -61.99 95.84 -79.06
N GLN O 143 -62.46 96.73 -78.20
CA GLN O 143 -63.69 96.43 -77.46
C GLN O 143 -64.88 96.32 -78.40
N ALA O 144 -64.89 97.16 -79.43
CA ALA O 144 -65.93 97.09 -80.45
C ALA O 144 -65.85 95.78 -81.23
N ILE O 145 -64.65 95.26 -81.47
CA ILE O 145 -64.56 94.00 -82.21
C ILE O 145 -64.83 92.82 -81.27
N GLY O 146 -64.58 92.98 -79.97
CA GLY O 146 -64.97 91.95 -79.02
C GLY O 146 -66.47 91.80 -78.94
N ILE O 147 -67.19 92.92 -78.80
CA ILE O 147 -68.65 92.91 -78.88
C ILE O 147 -69.13 92.47 -80.26
N ALA O 148 -68.40 92.82 -81.32
CA ALA O 148 -68.75 92.42 -82.67
C ALA O 148 -68.61 90.92 -82.90
N LEU O 149 -67.79 90.24 -82.11
CA LEU O 149 -67.78 88.79 -82.16
C LEU O 149 -68.60 88.14 -81.04
N GLU O 150 -69.04 88.93 -80.06
CA GLU O 150 -70.01 88.42 -79.07
C GLU O 150 -71.30 87.98 -79.74
N THR O 151 -71.78 88.76 -80.71
CA THR O 151 -72.97 88.38 -81.46
C THR O 151 -72.73 87.19 -82.37
N ARG O 152 -71.46 86.88 -82.67
CA ARG O 152 -71.03 85.83 -83.61
C ARG O 152 -71.68 86.01 -84.98
N ARG O 153 -71.89 87.26 -85.38
CA ARG O 153 -72.70 87.54 -86.54
C ARG O 153 -72.19 88.83 -87.16
N LEU O 154 -72.49 89.00 -88.45
CA LEU O 154 -71.92 90.05 -89.29
C LEU O 154 -72.63 91.38 -89.16
N ASP O 155 -73.60 91.50 -88.25
CA ASP O 155 -74.42 92.70 -88.16
C ASP O 155 -73.63 93.90 -87.66
N VAL O 156 -73.05 93.80 -86.46
CA VAL O 156 -72.21 94.86 -85.93
C VAL O 156 -70.74 94.59 -86.23
N PHE O 157 -70.39 93.34 -86.55
CA PHE O 157 -69.08 93.06 -87.12
C PHE O 157 -68.88 93.75 -88.45
N GLU O 158 -69.96 93.88 -89.22
CA GLU O 158 -69.95 94.72 -90.41
C GLU O 158 -69.85 96.19 -90.05
N LYS O 159 -70.29 96.58 -88.87
CA LYS O 159 -70.33 98.00 -88.54
C LYS O 159 -69.01 98.49 -87.95
N THR O 160 -68.21 97.60 -87.35
CA THR O 160 -66.88 97.98 -86.90
C THR O 160 -65.97 98.31 -88.07
N ILE O 161 -66.13 97.58 -89.17
CA ILE O 161 -65.39 97.87 -90.39
C ILE O 161 -66.12 98.85 -91.28
N LEU O 162 -67.31 99.30 -90.86
CA LEU O 162 -68.04 100.40 -91.49
C LEU O 162 -67.71 101.74 -90.85
N GLU O 163 -66.93 101.74 -89.77
CA GLU O 163 -66.55 102.96 -89.09
C GLU O 163 -65.59 103.78 -89.98
N SER O 164 -65.37 105.02 -89.57
CA SER O 164 -64.30 105.80 -90.15
C SER O 164 -63.00 105.41 -89.45
N ASN O 165 -61.89 105.93 -89.98
CA ASN O 165 -60.48 105.80 -89.59
C ASN O 165 -60.12 104.41 -89.04
N ASP O 166 -60.60 103.38 -89.73
CA ASP O 166 -60.31 102.00 -89.39
C ASP O 166 -58.99 101.66 -90.06
N VAL O 167 -57.94 101.52 -89.26
CA VAL O 167 -56.62 101.25 -89.81
C VAL O 167 -56.57 99.81 -90.33
N PRO O 168 -56.21 99.60 -91.60
CA PRO O 168 -56.22 98.25 -92.16
C PRO O 168 -55.17 97.34 -91.57
N GLY O 169 -54.17 97.86 -90.85
CA GLY O 169 -53.27 97.03 -90.09
C GLY O 169 -53.95 96.32 -88.93
N MET O 170 -54.67 97.08 -88.09
CA MET O 170 -55.46 96.47 -87.03
C MET O 170 -56.54 95.57 -87.60
N LEU O 171 -57.19 96.02 -88.68
CA LEU O 171 -58.20 95.19 -89.33
C LEU O 171 -57.60 93.97 -90.03
N ALA O 172 -56.29 93.95 -90.26
CA ALA O 172 -55.62 92.83 -90.92
C ALA O 172 -55.06 91.82 -89.93
N TYR O 173 -54.59 92.24 -88.76
CA TYR O 173 -54.32 91.22 -87.75
C TYR O 173 -55.57 90.84 -86.98
N SER O 174 -56.68 91.54 -87.19
CA SER O 174 -57.97 90.97 -86.84
C SER O 174 -58.22 89.67 -87.58
N LEU O 175 -57.79 89.59 -88.84
CA LEU O 175 -57.84 88.32 -89.58
C LEU O 175 -56.97 87.27 -88.92
N LYS O 176 -55.80 87.67 -88.40
CA LYS O 176 -54.94 86.73 -87.67
C LYS O 176 -55.62 86.19 -86.43
N LEU O 177 -56.20 87.10 -85.63
CA LEU O 177 -56.99 86.79 -84.44
C LEU O 177 -58.08 85.77 -84.75
N CYS O 178 -58.96 86.12 -85.68
CA CYS O 178 -60.07 85.24 -86.04
C CYS O 178 -59.62 83.97 -86.74
N MET O 179 -58.43 83.96 -87.33
CA MET O 179 -57.89 82.75 -87.93
C MET O 179 -57.49 81.75 -86.87
N SER O 180 -56.81 82.23 -85.82
CA SER O 180 -56.39 81.31 -84.78
C SER O 180 -57.48 80.98 -83.76
N LEU O 181 -58.73 81.44 -83.93
CA LEU O 181 -59.64 81.20 -82.82
C LEU O 181 -60.92 80.46 -83.20
N MET O 182 -61.54 80.79 -84.33
CA MET O 182 -62.92 80.40 -84.55
C MET O 182 -63.00 78.94 -84.93
N GLN O 183 -63.83 78.19 -84.20
CA GLN O 183 -63.74 76.74 -84.20
C GLN O 183 -64.34 76.13 -85.46
N ASN O 184 -65.62 76.42 -85.71
CA ASN O 184 -66.26 75.82 -86.87
C ASN O 184 -65.81 76.49 -88.16
N LYS O 185 -65.92 75.74 -89.25
CA LYS O 185 -65.80 76.31 -90.58
C LYS O 185 -67.15 76.77 -91.10
N GLN O 186 -68.16 76.84 -90.22
CA GLN O 186 -69.47 77.31 -90.63
C GLN O 186 -69.46 78.79 -90.94
N PHE O 187 -68.77 79.59 -90.11
CA PHE O 187 -68.75 81.02 -90.38
C PHE O 187 -67.39 81.67 -90.16
N ARG O 188 -66.34 80.91 -89.85
CA ARG O 188 -65.00 81.51 -89.80
C ARG O 188 -64.57 81.96 -91.19
N ASN O 189 -64.74 81.07 -92.17
CA ASN O 189 -64.53 81.42 -93.56
C ASN O 189 -65.51 82.47 -94.07
N LYS O 190 -66.69 82.57 -93.46
CA LYS O 190 -67.61 83.65 -93.83
C LYS O 190 -67.12 85.00 -93.31
N VAL O 191 -66.58 85.02 -92.09
CA VAL O 191 -65.89 86.20 -91.57
C VAL O 191 -64.71 86.56 -92.46
N LEU O 192 -63.96 85.56 -92.90
CA LEU O 192 -62.87 85.74 -93.86
C LEU O 192 -63.35 86.41 -95.15
N ARG O 193 -64.40 85.87 -95.76
CA ARG O 193 -64.80 86.37 -97.06
C ARG O 193 -65.52 87.71 -96.94
N VAL O 194 -66.14 88.01 -95.80
CA VAL O 194 -66.71 89.35 -95.69
C VAL O 194 -65.61 90.37 -95.41
N LEU O 195 -64.49 89.93 -94.81
CA LEU O 195 -63.37 90.85 -94.70
C LEU O 195 -62.66 91.05 -96.03
N VAL O 196 -62.64 90.03 -96.90
CA VAL O 196 -62.07 90.30 -98.23
C VAL O 196 -63.05 91.12 -99.07
N LYS O 197 -64.36 91.05 -98.75
CA LYS O 197 -65.32 92.00 -99.32
C LYS O 197 -65.00 93.43 -98.90
N ILE O 198 -64.77 93.65 -97.61
CA ILE O 198 -64.54 95.01 -97.15
C ILE O 198 -63.14 95.49 -97.54
N TYR O 199 -62.24 94.58 -97.90
CA TYR O 199 -60.95 94.99 -98.44
C TYR O 199 -61.02 95.26 -99.94
N MET O 200 -61.96 94.63 -100.63
CA MET O 200 -62.31 95.10 -101.96
C MET O 200 -63.06 96.42 -101.91
N ASN O 201 -63.70 96.74 -100.78
CA ASN O 201 -64.19 98.10 -100.54
C ASN O 201 -63.08 99.07 -100.20
N LEU O 202 -61.91 98.57 -99.82
CA LEU O 202 -60.78 99.46 -99.55
C LEU O 202 -60.22 99.95 -100.87
N GLU O 203 -59.78 101.21 -100.88
CA GLU O 203 -59.52 101.92 -102.14
C GLU O 203 -58.29 101.38 -102.84
N LYS O 204 -57.30 100.95 -102.08
CA LYS O 204 -56.15 100.27 -102.68
C LYS O 204 -56.60 98.89 -103.16
N PRO O 205 -56.24 98.48 -104.36
CA PRO O 205 -56.64 97.15 -104.83
C PRO O 205 -55.89 96.09 -104.06
N ASP O 206 -56.59 95.42 -103.14
CA ASP O 206 -55.93 94.60 -102.15
C ASP O 206 -55.67 93.20 -102.71
N PHE O 207 -54.55 92.61 -102.29
CA PHE O 207 -54.23 91.25 -102.69
C PHE O 207 -53.78 90.34 -101.55
N ILE O 208 -53.58 90.87 -100.34
CA ILE O 208 -53.39 90.00 -99.19
C ILE O 208 -54.72 89.33 -98.83
N ASN O 209 -55.84 89.99 -99.13
CA ASN O 209 -57.17 89.44 -98.85
C ASN O 209 -57.45 88.21 -99.69
N VAL O 210 -57.26 88.31 -101.01
CA VAL O 210 -57.47 87.18 -101.90
C VAL O 210 -56.33 86.18 -101.74
N CYS O 211 -55.13 86.67 -101.41
CA CYS O 211 -54.00 85.84 -101.03
C CYS O 211 -54.28 84.93 -99.85
N GLN O 212 -55.17 85.33 -98.95
CA GLN O 212 -55.52 84.49 -97.80
C GLN O 212 -56.77 83.64 -98.04
N CYS O 213 -57.84 84.24 -98.55
CA CYS O 213 -59.06 83.46 -98.76
C CYS O 213 -58.96 82.52 -99.96
N LEU O 214 -57.97 82.71 -100.82
CA LEU O 214 -57.76 81.82 -101.96
C LEU O 214 -57.19 80.50 -101.53
N ILE O 215 -56.49 80.48 -100.39
CA ILE O 215 -55.89 79.27 -99.88
C ILE O 215 -56.61 78.75 -98.65
N PHE O 216 -57.58 79.49 -98.12
CA PHE O 216 -58.46 78.96 -97.09
C PHE O 216 -59.84 78.60 -97.63
N LEU O 217 -60.55 79.58 -98.17
CA LEU O 217 -61.86 79.39 -98.75
C LEU O 217 -61.76 78.94 -100.21
N ASP O 218 -60.54 78.67 -100.67
CA ASP O 218 -60.12 77.93 -101.87
C ASP O 218 -60.95 78.15 -103.13
N ASP O 219 -61.00 79.41 -103.56
CA ASP O 219 -61.82 79.81 -104.69
C ASP O 219 -61.07 79.62 -106.00
N PRO O 220 -61.61 78.84 -106.92
CA PRO O 220 -60.96 78.68 -108.21
C PRO O 220 -61.32 79.79 -109.18
N GLN O 221 -62.45 80.44 -108.96
CA GLN O 221 -62.85 81.49 -109.86
C GLN O 221 -62.31 82.86 -109.44
N ALA O 222 -62.01 83.04 -108.15
CA ALA O 222 -61.53 84.35 -107.71
C ALA O 222 -60.11 84.61 -108.16
N VAL O 223 -59.30 83.56 -108.27
CA VAL O 223 -57.96 83.72 -108.81
C VAL O 223 -58.02 84.00 -110.32
N SER O 224 -59.01 83.42 -111.01
CA SER O 224 -59.22 83.75 -112.42
C SER O 224 -59.73 85.17 -112.60
N ASP O 225 -60.54 85.66 -111.65
CA ASP O 225 -61.09 87.01 -111.79
C ASP O 225 -60.06 88.07 -111.42
N ILE O 226 -59.19 87.79 -110.44
CA ILE O 226 -58.08 88.71 -110.23
C ILE O 226 -57.06 88.58 -111.36
N LEU O 227 -57.01 87.44 -112.06
CA LEU O 227 -56.21 87.36 -113.27
C LEU O 227 -56.81 88.21 -114.40
N GLU O 228 -58.14 88.29 -114.47
CA GLU O 228 -58.76 89.20 -115.41
C GLU O 228 -58.51 90.66 -115.01
N LYS O 229 -58.42 90.92 -113.70
CA LYS O 229 -57.92 92.21 -113.25
C LYS O 229 -56.46 92.44 -113.62
N LEU O 230 -55.67 91.37 -113.74
CA LEU O 230 -54.31 91.53 -114.25
C LEU O 230 -54.33 91.88 -115.74
N VAL O 231 -55.23 91.24 -116.49
CA VAL O 231 -55.44 91.53 -117.91
C VAL O 231 -55.84 92.99 -118.10
N LYS O 232 -56.65 93.51 -117.18
CA LYS O 232 -56.95 94.94 -117.24
C LYS O 232 -55.75 95.79 -116.79
N GLU O 233 -55.01 95.33 -115.79
CA GLU O 233 -54.08 96.20 -115.08
C GLU O 233 -52.79 96.44 -115.86
N ASP O 234 -52.19 95.37 -116.38
CA ASP O 234 -50.96 95.37 -117.18
C ASP O 234 -49.79 96.00 -116.40
N ASN O 235 -49.46 95.34 -115.30
CA ASN O 235 -48.29 95.59 -114.48
C ASN O 235 -47.37 94.37 -114.62
N LEU O 236 -46.29 94.31 -113.83
CA LEU O 236 -45.56 93.06 -113.63
C LEU O 236 -45.36 92.72 -112.16
N LEU O 237 -45.60 93.65 -111.23
CA LEU O 237 -45.72 93.29 -109.83
C LEU O 237 -47.07 92.62 -109.55
N MET O 238 -48.03 92.80 -110.45
CA MET O 238 -49.40 92.34 -110.20
C MET O 238 -49.52 90.82 -110.28
N ALA O 239 -48.62 90.15 -110.99
CA ALA O 239 -48.77 88.73 -111.30
C ALA O 239 -47.69 87.89 -110.64
N TYR O 240 -47.06 88.43 -109.60
CA TYR O 240 -45.79 87.90 -109.11
C TYR O 240 -45.90 87.34 -107.69
N GLN O 241 -46.31 88.15 -106.71
CA GLN O 241 -46.11 87.75 -105.33
C GLN O 241 -47.25 86.88 -104.82
N ILE O 242 -48.50 87.25 -105.13
CA ILE O 242 -49.63 86.38 -104.83
C ILE O 242 -49.52 85.07 -105.60
N CYS O 243 -48.96 85.14 -106.81
CA CYS O 243 -48.66 83.95 -107.59
C CYS O 243 -47.67 83.04 -106.86
N PHE O 244 -46.63 83.64 -106.26
CA PHE O 244 -45.68 82.85 -105.49
C PHE O 244 -46.29 82.31 -104.21
N ASP O 245 -47.17 83.08 -103.58
CA ASP O 245 -47.85 82.62 -102.37
C ASP O 245 -48.70 81.39 -102.62
N LEU O 246 -49.50 81.41 -103.69
CA LEU O 246 -50.23 80.20 -104.05
C LEU O 246 -49.35 79.14 -104.68
N TYR O 247 -48.20 79.54 -105.21
CA TYR O 247 -47.34 78.67 -105.98
C TYR O 247 -46.42 77.84 -105.09
N GLU O 248 -46.17 78.28 -103.86
CA GLU O 248 -45.54 77.43 -102.86
C GLU O 248 -46.41 77.20 -101.63
N SER O 249 -47.59 77.80 -101.55
CA SER O 249 -48.39 77.73 -100.34
C SER O 249 -49.86 77.53 -100.67
N ALA O 250 -50.16 76.65 -101.63
CA ALA O 250 -51.51 76.16 -101.84
C ALA O 250 -51.43 74.66 -102.06
N SER O 251 -52.57 74.06 -102.39
CA SER O 251 -52.59 72.62 -102.62
C SER O 251 -51.91 72.28 -103.94
N GLN O 252 -51.29 71.09 -103.97
CA GLN O 252 -50.70 70.57 -105.18
C GLN O 252 -51.74 70.39 -106.27
N GLN O 253 -52.94 69.93 -105.88
CA GLN O 253 -54.03 69.77 -106.82
C GLN O 253 -54.58 71.12 -107.29
N PHE O 254 -54.55 72.13 -106.41
CA PHE O 254 -55.34 73.34 -106.60
C PHE O 254 -54.85 74.16 -107.79
N LEU O 255 -53.59 74.57 -107.77
CA LEU O 255 -53.09 75.45 -108.83
C LEU O 255 -52.97 74.69 -110.15
N SER O 256 -52.55 73.42 -110.09
CA SER O 256 -52.44 72.61 -111.30
C SER O 256 -53.79 72.30 -111.91
N SER O 257 -54.85 72.34 -111.11
CA SER O 257 -56.19 72.22 -111.67
C SER O 257 -56.68 73.56 -112.21
N VAL O 258 -56.46 74.64 -111.46
CA VAL O 258 -57.06 75.92 -111.82
C VAL O 258 -56.28 76.65 -112.90
N ILE O 259 -55.08 76.18 -113.25
CA ILE O 259 -54.25 76.89 -114.21
C ILE O 259 -54.87 76.87 -115.60
N GLN O 260 -55.62 75.81 -115.94
CA GLN O 260 -56.32 75.81 -117.21
C GLN O 260 -57.50 76.78 -117.22
N ASN O 261 -58.14 76.98 -116.05
CA ASN O 261 -59.16 78.04 -115.93
C ASN O 261 -58.52 79.40 -116.14
N LEU O 262 -57.30 79.57 -115.64
CA LEU O 262 -56.60 80.84 -115.70
C LEU O 262 -55.90 81.09 -117.03
N ARG O 263 -55.79 80.09 -117.90
CA ARG O 263 -55.13 80.31 -119.18
C ARG O 263 -55.92 79.89 -120.41
N THR O 264 -57.14 79.39 -120.26
CA THR O 264 -57.96 79.08 -121.43
C THR O 264 -58.79 80.28 -121.88
N ASP O 314 -46.22 89.35 -121.71
CA ASP O 314 -47.59 89.46 -121.21
C ASP O 314 -47.72 88.69 -119.90
N GLN O 315 -48.76 89.01 -119.13
CA GLN O 315 -49.08 88.25 -117.93
C GLN O 315 -49.61 86.87 -118.26
N THR O 316 -50.21 86.70 -119.45
CA THR O 316 -50.63 85.38 -119.91
C THR O 316 -49.42 84.49 -120.16
N LEU O 317 -48.26 85.08 -120.49
CA LEU O 317 -47.02 84.35 -120.60
C LEU O 317 -46.29 84.27 -119.27
N LYS O 318 -46.46 85.29 -118.42
CA LYS O 318 -45.79 85.33 -117.13
C LYS O 318 -46.36 84.29 -116.17
N MET O 319 -47.66 83.99 -116.29
CA MET O 319 -48.23 82.90 -115.51
C MET O 319 -47.72 81.55 -115.98
N ILE O 320 -47.42 81.40 -117.27
CA ILE O 320 -46.79 80.19 -117.77
C ILE O 320 -45.37 80.09 -117.24
N LYS O 321 -44.72 81.23 -117.07
CA LYS O 321 -43.35 81.22 -116.56
C LYS O 321 -43.29 80.85 -115.08
N ILE O 322 -44.08 81.51 -114.25
CA ILE O 322 -43.92 81.35 -112.80
C ILE O 322 -45.06 80.56 -112.17
N LEU O 323 -45.87 79.86 -112.96
CA LEU O 323 -46.83 78.91 -112.44
C LEU O 323 -46.53 77.47 -112.80
N SER O 324 -45.74 77.26 -113.86
CA SER O 324 -45.48 75.91 -114.35
C SER O 324 -44.67 75.10 -113.34
N GLY O 325 -43.56 75.65 -112.88
CA GLY O 325 -42.65 74.92 -112.03
C GLY O 325 -41.29 74.79 -112.69
N GLU O 326 -40.98 75.72 -113.59
CA GLU O 326 -39.75 75.67 -114.37
C GLU O 326 -38.61 76.48 -113.76
N MET O 327 -38.88 77.27 -112.72
CA MET O 327 -37.81 78.09 -112.17
C MET O 327 -37.61 77.98 -110.66
N ALA O 328 -38.64 77.68 -109.86
CA ALA O 328 -38.52 77.83 -108.41
C ALA O 328 -37.65 76.74 -107.80
N ILE O 329 -37.92 75.47 -108.15
CA ILE O 329 -37.12 74.39 -107.60
C ILE O 329 -35.72 74.39 -108.21
N GLU O 330 -35.58 74.94 -109.42
CA GLU O 330 -34.26 75.07 -110.04
C GLU O 330 -33.41 76.11 -109.33
N LEU O 331 -33.99 77.26 -109.00
CA LEU O 331 -33.25 78.24 -108.21
C LEU O 331 -33.06 77.77 -106.78
N HIS O 332 -33.94 76.90 -106.28
CA HIS O 332 -33.71 76.27 -104.98
C HIS O 332 -32.53 75.30 -105.04
N LEU O 333 -32.40 74.59 -106.16
CA LEU O 333 -31.23 73.76 -106.41
C LEU O 333 -29.97 74.59 -106.48
N GLN O 334 -30.06 75.75 -107.13
CA GLN O 334 -28.94 76.69 -107.19
C GLN O 334 -28.58 77.21 -105.80
N PHE O 335 -29.60 77.54 -105.01
CA PHE O 335 -29.46 77.97 -103.63
C PHE O 335 -28.75 76.91 -102.79
N LEU O 336 -29.06 75.65 -103.01
CA LEU O 336 -28.46 74.62 -102.18
C LEU O 336 -27.09 74.14 -102.67
N ILE O 337 -26.79 74.24 -103.97
CA ILE O 337 -25.40 73.97 -104.38
C ILE O 337 -24.48 75.10 -103.94
N ARG O 338 -24.95 76.34 -104.03
CA ARG O 338 -24.09 77.47 -103.69
C ARG O 338 -24.30 77.91 -102.25
N ASN O 339 -25.02 77.12 -101.45
CA ASN O 339 -25.19 77.38 -100.03
C ASN O 339 -24.58 76.26 -99.19
N ASN O 340 -23.48 75.69 -99.67
CA ASN O 340 -22.90 74.50 -99.05
C ASN O 340 -21.96 74.93 -97.93
N ASN O 341 -22.33 74.58 -96.68
CA ASN O 341 -21.54 74.83 -95.47
C ASN O 341 -21.54 73.53 -94.67
N THR O 342 -20.63 72.61 -95.01
CA THR O 342 -20.70 71.29 -94.39
C THR O 342 -19.38 70.79 -93.82
N ASP O 343 -19.38 69.56 -93.34
CA ASP O 343 -18.23 68.91 -92.72
C ASP O 343 -18.05 67.55 -93.38
N LEU O 344 -16.82 67.06 -93.36
CA LEU O 344 -16.51 65.72 -93.85
C LEU O 344 -15.83 64.87 -92.80
N MET O 345 -15.33 65.49 -91.72
CA MET O 345 -14.66 64.76 -90.64
C MET O 345 -15.60 63.81 -89.91
N ILE O 346 -16.88 64.20 -89.78
CA ILE O 346 -17.88 63.32 -89.20
C ILE O 346 -18.11 62.11 -90.09
N LEU O 347 -18.16 62.34 -91.41
CA LEU O 347 -18.26 61.25 -92.36
C LEU O 347 -17.03 60.36 -92.34
N LYS O 348 -15.86 60.89 -91.95
CA LYS O 348 -14.69 60.03 -91.77
C LYS O 348 -14.79 59.20 -90.50
N ASN O 349 -15.17 59.84 -89.39
CA ASN O 349 -15.32 59.18 -88.10
C ASN O 349 -16.44 58.16 -88.08
N THR O 350 -17.31 58.17 -89.08
CA THR O 350 -18.20 57.05 -89.31
C THR O 350 -17.84 56.19 -90.51
N LYS O 351 -17.01 56.71 -91.42
CA LYS O 351 -16.51 55.94 -92.56
C LYS O 351 -15.62 54.80 -92.10
N ASP O 352 -14.93 55.00 -90.98
CA ASP O 352 -14.08 53.95 -90.45
C ASP O 352 -14.85 52.90 -89.62
N ALA O 353 -16.16 52.81 -89.74
CA ALA O 353 -16.91 51.71 -89.16
C ALA O 353 -16.81 50.50 -90.07
N VAL O 354 -16.73 49.30 -89.47
CA VAL O 354 -16.36 48.10 -90.21
C VAL O 354 -17.48 47.06 -90.15
N ARG O 355 -18.25 47.06 -89.07
CA ARG O 355 -19.11 45.94 -88.71
C ARG O 355 -20.31 45.79 -89.64
N ASN O 356 -20.99 44.65 -89.50
CA ASN O 356 -22.01 44.22 -90.45
C ASN O 356 -23.41 44.69 -90.07
N SER O 357 -23.52 45.75 -89.28
CA SER O 357 -24.81 46.39 -89.16
C SER O 357 -25.12 47.16 -90.45
N VAL O 358 -26.37 47.60 -90.57
CA VAL O 358 -26.83 48.27 -91.78
C VAL O 358 -26.65 49.77 -91.56
N CYS O 359 -25.94 50.13 -90.48
CA CYS O 359 -25.52 51.50 -90.23
C CYS O 359 -24.59 52.03 -91.33
N HIS O 360 -23.99 51.15 -92.13
CA HIS O 360 -23.29 51.61 -93.32
C HIS O 360 -24.22 52.25 -94.33
N THR O 361 -25.51 51.89 -94.32
CA THR O 361 -26.49 52.67 -95.05
C THR O 361 -26.93 53.92 -94.29
N ALA O 362 -26.72 53.96 -92.98
CA ALA O 362 -26.96 55.19 -92.25
C ALA O 362 -25.86 56.22 -92.50
N THR O 363 -24.67 55.76 -92.90
CA THR O 363 -23.63 56.68 -93.34
C THR O 363 -24.06 57.45 -94.59
N VAL O 364 -24.68 56.76 -95.55
CA VAL O 364 -25.18 57.49 -96.70
C VAL O 364 -26.53 58.14 -96.44
N ILE O 365 -27.27 57.70 -95.39
CA ILE O 365 -28.42 58.48 -94.93
C ILE O 365 -27.92 59.86 -94.45
N ALA O 366 -26.75 59.88 -93.81
CA ALA O 366 -26.15 61.13 -93.37
C ALA O 366 -25.70 61.97 -94.56
N ASN O 367 -24.85 61.39 -95.43
CA ASN O 367 -24.28 62.22 -96.49
C ASN O 367 -25.26 62.53 -97.61
N SER O 368 -26.46 61.92 -97.59
CA SER O 368 -27.53 62.32 -98.50
C SER O 368 -28.41 63.37 -97.87
N PHE O 369 -28.67 63.29 -96.57
CA PHE O 369 -29.54 64.26 -95.92
C PHE O 369 -28.83 65.60 -95.76
N MET O 370 -27.59 65.58 -95.29
CA MET O 370 -26.88 66.83 -95.11
C MET O 370 -26.30 67.37 -96.41
N HIS O 371 -26.50 66.66 -97.52
CA HIS O 371 -26.14 67.14 -98.85
C HIS O 371 -27.29 66.93 -99.82
N CYS O 372 -28.46 67.43 -99.46
CA CYS O 372 -29.54 67.51 -100.43
C CYS O 372 -29.34 68.71 -101.33
N GLY O 373 -29.86 68.62 -102.55
CA GLY O 373 -29.92 69.76 -103.44
C GLY O 373 -28.59 70.27 -103.96
N THR O 374 -27.55 69.45 -103.92
CA THR O 374 -26.25 69.88 -104.43
C THR O 374 -25.98 69.43 -105.85
N THR O 375 -26.30 68.18 -106.20
CA THR O 375 -26.01 67.47 -107.46
C THR O 375 -24.51 67.44 -107.80
N SER O 376 -23.64 67.79 -106.87
CA SER O 376 -22.25 67.39 -106.94
C SER O 376 -22.17 65.97 -106.39
N ASP O 377 -21.46 65.11 -107.10
CA ASP O 377 -21.41 63.70 -106.73
C ASP O 377 -19.99 63.45 -106.20
N GLN O 378 -19.83 63.60 -104.88
CA GLN O 378 -18.55 63.42 -104.21
C GLN O 378 -18.58 62.26 -103.22
N PHE O 379 -19.63 61.46 -103.29
CA PHE O 379 -19.89 60.42 -102.30
C PHE O 379 -20.01 59.04 -102.89
N LEU O 380 -20.35 58.91 -104.17
CA LEU O 380 -20.40 57.63 -104.85
C LEU O 380 -19.01 57.10 -105.18
N ARG O 381 -17.97 57.89 -104.94
CA ARG O 381 -16.68 57.74 -105.59
C ARG O 381 -15.56 57.38 -104.61
N ASP O 382 -15.89 57.05 -103.36
CA ASP O 382 -14.91 56.81 -102.32
C ASP O 382 -14.97 55.40 -101.74
N ASN O 383 -15.18 54.40 -102.60
CA ASN O 383 -15.52 53.06 -102.13
C ASN O 383 -15.39 52.03 -103.24
N LEU O 384 -15.03 50.82 -102.84
CA LEU O 384 -15.24 49.65 -103.69
C LEU O 384 -16.09 48.63 -102.97
N GLU O 385 -15.72 48.28 -101.72
CA GLU O 385 -16.44 47.31 -100.92
C GLU O 385 -17.33 47.95 -99.86
N TRP O 386 -17.10 49.22 -99.56
CA TRP O 386 -17.96 49.99 -98.67
C TRP O 386 -19.34 50.19 -99.28
N LEU O 387 -19.47 50.02 -100.59
CA LEU O 387 -20.75 50.04 -101.29
C LEU O 387 -21.30 48.64 -101.57
N ALA O 388 -20.45 47.62 -101.56
CA ALA O 388 -20.78 46.32 -102.16
C ALA O 388 -21.16 45.27 -101.14
N ARG O 389 -21.88 45.63 -100.09
CA ARG O 389 -22.36 44.65 -99.11
C ARG O 389 -23.82 44.28 -99.39
N ALA O 390 -23.98 43.59 -100.53
CA ALA O 390 -25.24 43.50 -101.26
C ALA O 390 -26.37 42.81 -100.51
N THR O 391 -27.32 43.62 -100.06
CA THR O 391 -28.63 43.18 -99.59
C THR O 391 -29.68 43.98 -100.37
N ASN O 392 -30.92 43.95 -99.89
CA ASN O 392 -31.96 44.85 -100.40
C ASN O 392 -31.52 46.30 -100.31
N TRP O 393 -31.32 46.78 -99.09
CA TRP O 393 -31.16 48.21 -98.91
C TRP O 393 -29.73 48.68 -99.19
N ALA O 394 -28.76 47.77 -99.29
CA ALA O 394 -27.46 48.14 -99.82
C ALA O 394 -27.60 48.68 -101.24
N LYS O 395 -28.20 47.88 -102.12
CA LYS O 395 -28.56 48.29 -103.48
C LYS O 395 -29.43 49.53 -103.46
N PHE O 396 -30.56 49.46 -102.74
CA PHE O 396 -31.61 50.46 -102.86
C PHE O 396 -31.17 51.79 -102.25
N THR O 397 -30.53 51.75 -101.09
CA THR O 397 -30.00 52.94 -100.43
C THR O 397 -28.84 53.52 -101.20
N ALA O 398 -28.02 52.67 -101.84
CA ALA O 398 -26.89 53.16 -102.61
C ALA O 398 -27.35 53.94 -103.83
N THR O 399 -28.39 53.48 -104.51
CA THR O 399 -28.90 54.26 -105.62
C THR O 399 -30.00 55.24 -105.24
N ALA O 400 -30.43 55.24 -103.98
CA ALA O 400 -31.44 56.17 -103.52
C ALA O 400 -30.84 57.43 -102.91
N SER O 401 -29.69 57.31 -102.25
CA SER O 401 -29.03 58.46 -101.66
C SER O 401 -28.53 59.42 -102.73
N LEU O 402 -28.24 58.90 -103.94
CA LEU O 402 -27.90 59.77 -105.07
C LEU O 402 -29.09 60.65 -105.45
N GLY O 403 -30.30 60.08 -105.47
CA GLY O 403 -31.47 60.87 -105.77
C GLY O 403 -31.85 61.81 -104.65
N VAL O 404 -31.51 61.45 -103.41
CA VAL O 404 -31.67 62.39 -102.30
C VAL O 404 -30.71 63.56 -102.48
N ILE O 405 -29.50 63.29 -102.95
CA ILE O 405 -28.57 64.35 -103.35
C ILE O 405 -29.06 65.07 -104.59
N HIS O 406 -29.81 64.40 -105.45
CA HIS O 406 -30.35 65.02 -106.67
C HIS O 406 -31.76 65.54 -106.49
N LYS O 407 -32.06 66.10 -105.31
CA LYS O 407 -33.35 66.74 -105.10
C LYS O 407 -33.47 67.98 -105.98
N GLY O 408 -34.53 68.03 -106.78
CA GLY O 408 -34.59 68.97 -107.89
C GLY O 408 -34.08 68.31 -109.14
N HIS O 409 -33.17 68.98 -109.85
CA HIS O 409 -32.32 68.41 -110.91
C HIS O 409 -33.18 67.86 -112.06
N GLU O 410 -33.92 68.77 -112.67
CA GLU O 410 -35.07 68.40 -113.49
C GLU O 410 -34.68 67.68 -114.78
N LYS O 411 -33.71 68.22 -115.52
CA LYS O 411 -33.51 67.77 -116.88
C LYS O 411 -32.49 66.63 -117.01
N GLU O 412 -31.41 66.68 -116.24
CA GLU O 412 -30.22 65.88 -116.53
C GLU O 412 -30.30 64.46 -115.96
N ALA O 413 -31.50 64.00 -115.57
CA ALA O 413 -31.66 62.73 -114.88
C ALA O 413 -31.29 61.55 -115.76
N LEU O 414 -31.82 61.50 -116.98
CA LEU O 414 -31.58 60.36 -117.86
C LEU O 414 -30.14 60.31 -118.33
N GLN O 415 -29.59 61.45 -118.75
CA GLN O 415 -28.21 61.43 -119.23
C GLN O 415 -27.20 61.57 -118.10
N LEU O 416 -27.64 61.58 -116.84
CA LEU O 416 -26.72 61.38 -115.73
C LEU O 416 -26.83 59.98 -115.14
N MET O 417 -27.97 59.32 -115.31
CA MET O 417 -28.12 57.93 -114.92
C MET O 417 -28.25 57.02 -116.14
N ALA O 418 -27.60 57.39 -117.24
CA ALA O 418 -27.48 56.50 -118.40
C ALA O 418 -26.89 55.14 -118.03
N THR O 419 -25.92 55.12 -117.12
CA THR O 419 -25.44 53.85 -116.57
C THR O 419 -26.44 53.27 -115.59
N TYR O 420 -27.35 54.09 -115.07
CA TYR O 420 -28.23 53.61 -114.01
C TYR O 420 -29.69 53.60 -114.45
N LEU O 421 -29.94 53.14 -115.68
CA LEU O 421 -31.26 52.70 -116.09
C LEU O 421 -31.57 51.38 -115.39
N PRO O 422 -32.84 50.95 -115.35
CA PRO O 422 -33.15 49.63 -114.77
C PRO O 422 -32.54 48.44 -115.51
N LYS O 423 -32.13 48.58 -116.76
CA LYS O 423 -31.52 47.47 -117.48
C LYS O 423 -30.01 47.64 -117.65
N ASP O 424 -29.43 48.73 -117.14
CA ASP O 424 -28.03 49.04 -117.40
C ASP O 424 -27.13 48.83 -116.18
N THR O 425 -27.63 48.13 -115.16
CA THR O 425 -26.90 48.00 -113.91
C THR O 425 -26.56 46.55 -113.55
N SER O 426 -27.44 45.59 -113.87
CA SER O 426 -27.42 44.20 -113.41
C SER O 426 -27.34 44.13 -111.89
N PRO O 427 -28.45 44.37 -111.17
CA PRO O 427 -28.40 44.41 -109.70
C PRO O 427 -28.09 43.08 -109.03
N GLY O 428 -28.05 43.10 -107.71
CA GLY O 428 -28.03 41.88 -106.93
C GLY O 428 -29.31 41.11 -107.20
N SER O 429 -30.45 41.65 -106.78
CA SER O 429 -31.73 41.10 -107.23
C SER O 429 -32.56 42.13 -108.00
N ALA O 430 -33.03 43.20 -107.35
CA ALA O 430 -33.95 44.10 -108.03
C ALA O 430 -33.85 45.56 -107.61
N TYR O 431 -32.84 45.95 -106.83
CA TYR O 431 -32.98 47.23 -106.17
C TYR O 431 -31.95 48.27 -106.60
N GLN O 432 -30.84 47.86 -107.19
CA GLN O 432 -30.06 48.79 -108.01
C GLN O 432 -30.83 49.21 -109.27
N GLU O 433 -31.87 48.45 -109.65
CA GLU O 433 -32.79 48.89 -110.68
C GLU O 433 -34.10 49.44 -110.13
N GLY O 434 -34.46 49.15 -108.88
CA GLY O 434 -35.64 49.75 -108.28
C GLY O 434 -35.40 51.17 -107.78
N GLY O 435 -34.28 51.35 -107.08
CA GLY O 435 -33.92 52.66 -106.57
C GLY O 435 -33.54 53.65 -107.62
N GLY O 436 -33.25 53.20 -108.84
CA GLY O 436 -33.07 54.14 -109.94
C GLY O 436 -34.36 54.88 -110.26
N LEU O 437 -35.45 54.13 -110.44
CA LEU O 437 -36.76 54.76 -110.64
C LEU O 437 -37.24 55.48 -109.38
N TYR O 438 -36.82 55.00 -108.21
CA TYR O 438 -37.08 55.72 -106.97
C TYR O 438 -36.41 57.08 -106.97
N ALA O 439 -35.15 57.13 -107.42
CA ALA O 439 -34.42 58.39 -107.49
C ALA O 439 -35.00 59.31 -108.56
N LEU O 440 -35.49 58.75 -109.66
CA LEU O 440 -36.20 59.57 -110.64
C LEU O 440 -37.50 60.14 -110.07
N GLY O 441 -38.18 59.37 -109.21
CA GLY O 441 -39.34 59.90 -108.53
C GLY O 441 -38.99 60.99 -107.52
N LEU O 442 -37.83 60.87 -106.89
CA LEU O 442 -37.36 61.91 -105.98
C LEU O 442 -36.96 63.17 -106.76
N ILE O 443 -36.31 62.98 -107.90
CA ILE O 443 -35.95 64.08 -108.78
C ILE O 443 -37.20 64.81 -109.25
N HIS O 444 -38.23 64.07 -109.61
CA HIS O 444 -39.47 64.66 -110.10
C HIS O 444 -40.56 64.61 -109.05
N ALA O 445 -40.19 64.83 -107.80
CA ALA O 445 -41.15 64.92 -106.71
C ALA O 445 -41.97 66.19 -106.87
N ASN O 446 -43.29 66.03 -107.01
CA ASN O 446 -44.31 67.09 -107.07
C ASN O 446 -44.19 68.01 -108.29
N HIS O 447 -43.23 67.73 -109.17
CA HIS O 447 -43.02 68.48 -110.42
C HIS O 447 -42.74 67.43 -111.48
N GLY O 448 -43.81 66.94 -112.11
CA GLY O 448 -43.71 65.85 -113.07
C GLY O 448 -43.83 66.38 -114.48
N GLY O 449 -43.08 65.76 -115.38
CA GLY O 449 -43.19 66.00 -116.80
C GLY O 449 -43.76 64.76 -117.46
N ASP O 450 -42.88 63.93 -118.02
CA ASP O 450 -43.24 62.61 -118.51
C ASP O 450 -43.20 61.57 -117.40
N ILE O 451 -43.45 61.97 -116.15
CA ILE O 451 -43.15 61.14 -114.99
C ILE O 451 -44.47 60.49 -114.59
N ILE O 452 -45.44 60.56 -115.49
CA ILE O 452 -46.64 59.73 -115.46
C ILE O 452 -46.52 58.61 -116.48
N ASP O 453 -46.45 58.95 -117.77
CA ASP O 453 -46.40 57.96 -118.84
C ASP O 453 -45.10 57.17 -118.82
N TYR O 454 -43.97 57.89 -118.73
CA TYR O 454 -42.64 57.29 -118.69
C TYR O 454 -42.50 56.31 -117.54
N LEU O 455 -42.84 56.76 -116.33
CA LEU O 455 -42.68 55.96 -115.14
C LEU O 455 -43.68 54.81 -115.12
N LEU O 456 -44.93 55.08 -115.53
CA LEU O 456 -45.96 54.06 -115.49
C LEU O 456 -45.74 53.01 -116.57
N ASN O 457 -45.10 53.38 -117.68
CA ASN O 457 -44.75 52.38 -118.68
C ASN O 457 -43.58 51.53 -118.23
N GLN O 458 -42.53 52.17 -117.70
CA GLN O 458 -41.37 51.41 -117.26
C GLN O 458 -41.64 50.57 -116.03
N LEU O 459 -42.71 50.87 -115.29
CA LEU O 459 -43.23 49.93 -114.30
C LEU O 459 -44.22 48.95 -114.92
N LYS O 460 -44.88 49.34 -116.00
CA LYS O 460 -45.73 48.40 -116.71
C LYS O 460 -44.88 47.44 -117.52
N ASN O 461 -43.80 47.95 -118.11
CA ASN O 461 -42.74 47.11 -118.63
C ASN O 461 -41.69 46.93 -117.54
N ALA O 462 -42.11 46.21 -116.49
CA ALA O 462 -41.22 45.80 -115.42
C ALA O 462 -41.58 44.37 -115.06
N SER O 463 -40.56 43.53 -114.92
CA SER O 463 -40.63 42.08 -114.76
C SER O 463 -41.63 41.60 -113.73
N ASN O 464 -41.52 42.07 -112.49
CA ASN O 464 -42.46 41.67 -111.45
C ASN O 464 -42.84 42.84 -110.58
N ASP O 465 -43.52 42.53 -109.49
CA ASP O 465 -43.88 43.49 -108.47
C ASP O 465 -42.70 43.85 -107.58
N ILE O 466 -41.69 42.98 -107.53
CA ILE O 466 -40.52 43.16 -106.68
C ILE O 466 -39.56 44.24 -107.19
N VAL O 467 -39.90 44.89 -108.29
CA VAL O 467 -39.13 46.00 -108.82
C VAL O 467 -39.86 47.34 -108.65
N ARG O 468 -41.19 47.32 -108.83
CA ARG O 468 -42.02 48.51 -109.10
C ARG O 468 -42.09 49.52 -107.95
N HIS O 469 -41.39 49.29 -106.85
CA HIS O 469 -41.62 50.00 -105.60
C HIS O 469 -41.43 51.51 -105.66
N GLY O 470 -40.18 51.93 -105.84
CA GLY O 470 -39.87 53.35 -105.78
C GLY O 470 -40.46 54.13 -106.91
N GLY O 471 -40.57 53.50 -108.09
CA GLY O 471 -41.31 54.09 -109.18
C GLY O 471 -42.77 54.32 -108.83
N SER O 472 -43.37 53.39 -108.09
CA SER O 472 -44.76 53.58 -107.69
C SER O 472 -44.90 54.67 -106.64
N LEU O 473 -43.96 54.75 -105.71
CA LEU O 473 -43.99 55.78 -104.67
C LEU O 473 -43.82 57.18 -105.27
N GLY O 474 -42.79 57.36 -106.10
CA GLY O 474 -42.61 58.64 -106.77
C GLY O 474 -43.69 58.93 -107.79
N LEU O 475 -44.31 57.89 -108.34
CA LEU O 475 -45.44 58.05 -109.25
C LEU O 475 -46.63 58.64 -108.52
N GLY O 476 -46.96 58.09 -107.35
CA GLY O 476 -48.01 58.68 -106.54
C GLY O 476 -47.64 60.05 -106.01
N LEU O 477 -46.35 60.27 -105.75
CA LEU O 477 -45.88 61.54 -105.22
C LEU O 477 -46.00 62.66 -106.25
N ALA O 478 -45.63 62.38 -107.50
CA ALA O 478 -45.76 63.36 -108.56
C ALA O 478 -47.16 63.41 -109.15
N ALA O 479 -47.95 62.34 -108.96
CA ALA O 479 -49.25 62.21 -109.60
C ALA O 479 -50.39 62.67 -108.70
N MET O 480 -50.10 63.60 -107.79
CA MET O 480 -51.13 64.21 -106.94
C MET O 480 -52.03 65.07 -107.81
N GLY O 481 -53.29 64.68 -107.92
CA GLY O 481 -54.25 65.46 -108.66
C GLY O 481 -54.15 65.36 -110.16
N THR O 482 -53.34 64.44 -110.68
CA THR O 482 -53.26 64.24 -112.12
C THR O 482 -54.31 63.26 -112.63
N ALA O 483 -55.16 62.75 -111.73
CA ALA O 483 -56.27 61.83 -112.03
C ALA O 483 -55.77 60.57 -112.74
N ARG O 484 -54.64 60.05 -112.28
CA ARG O 484 -54.09 58.83 -112.83
C ARG O 484 -55.02 57.67 -112.53
N GLN O 485 -55.40 56.96 -113.57
CA GLN O 485 -56.38 55.89 -113.41
C GLN O 485 -55.72 54.54 -113.28
N ASP O 486 -54.58 54.35 -113.94
CA ASP O 486 -53.87 53.07 -113.90
C ASP O 486 -53.35 52.77 -112.50
N VAL O 487 -53.06 53.79 -111.70
CA VAL O 487 -52.67 53.59 -110.32
C VAL O 487 -53.83 52.99 -109.51
N TYR O 488 -55.06 53.24 -109.94
CA TYR O 488 -56.23 52.59 -109.36
C TYR O 488 -56.55 51.28 -110.04
N ASP O 489 -56.16 51.14 -111.31
CA ASP O 489 -56.56 49.96 -112.08
C ASP O 489 -55.64 48.79 -111.80
N LEU O 490 -54.36 48.93 -112.08
CA LEU O 490 -53.49 47.76 -112.20
C LEU O 490 -52.80 47.41 -110.90
N LEU O 491 -52.96 48.19 -109.85
CA LEU O 491 -52.23 47.92 -108.60
C LEU O 491 -52.89 46.80 -107.81
N LYS O 492 -54.21 46.90 -107.62
CA LYS O 492 -54.96 45.86 -106.92
C LYS O 492 -54.90 44.53 -107.68
N THR O 493 -55.08 44.57 -109.00
CA THR O 493 -54.96 43.35 -109.78
C THR O 493 -53.51 43.01 -110.13
N ASN O 494 -52.57 43.85 -109.73
CA ASN O 494 -51.16 43.47 -109.79
C ASN O 494 -50.81 42.62 -108.59
N LEU O 495 -51.36 42.97 -107.43
CA LEU O 495 -51.09 42.15 -106.26
C LEU O 495 -51.97 40.90 -106.22
N TYR O 496 -53.22 41.00 -106.67
CA TYR O 496 -54.23 39.95 -106.86
C TYR O 496 -54.73 39.31 -105.55
N GLN O 497 -53.89 39.25 -104.54
CA GLN O 497 -54.17 38.99 -103.13
C GLN O 497 -53.33 39.87 -102.22
N ASP O 498 -52.06 40.05 -102.56
CA ASP O 498 -51.04 40.64 -101.69
C ASP O 498 -49.73 40.74 -102.49
N ASP O 499 -48.73 41.33 -101.85
CA ASP O 499 -47.39 41.46 -102.41
C ASP O 499 -46.37 41.17 -101.30
N ALA O 500 -45.12 41.55 -101.54
CA ALA O 500 -44.13 41.54 -100.48
C ALA O 500 -44.16 42.84 -99.69
N VAL O 501 -43.80 43.95 -100.33
CA VAL O 501 -43.92 45.26 -99.70
C VAL O 501 -44.50 46.25 -100.72
N THR O 502 -44.58 45.81 -101.98
CA THR O 502 -45.16 46.77 -102.90
C THR O 502 -46.68 46.83 -102.85
N GLY O 503 -47.34 45.98 -102.06
CA GLY O 503 -48.71 46.27 -101.70
C GLY O 503 -48.81 47.49 -100.80
N GLU O 504 -47.83 47.65 -99.90
CA GLU O 504 -47.71 48.89 -99.13
C GLU O 504 -47.47 50.05 -100.06
N ALA O 505 -46.60 49.85 -101.06
CA ALA O 505 -46.40 50.86 -102.09
C ALA O 505 -47.68 51.20 -102.84
N ALA O 506 -48.54 50.20 -103.04
CA ALA O 506 -49.80 50.42 -103.76
C ALA O 506 -50.75 51.29 -102.94
N GLY O 507 -50.88 50.96 -101.65
CA GLY O 507 -51.65 51.80 -100.75
C GLY O 507 -51.14 53.22 -100.68
N LEU O 508 -49.81 53.38 -100.60
CA LEU O 508 -49.20 54.70 -100.57
C LEU O 508 -49.43 55.48 -101.86
N ALA O 509 -49.36 54.79 -103.01
CA ALA O 509 -49.51 55.47 -104.29
C ALA O 509 -50.94 55.95 -104.49
N LEU O 510 -51.92 55.10 -104.18
CA LEU O 510 -53.30 55.53 -104.34
C LEU O 510 -53.68 56.57 -103.29
N GLY O 511 -53.06 56.51 -102.10
CA GLY O 511 -53.28 57.55 -101.12
C GLY O 511 -52.70 58.89 -101.52
N LEU O 512 -51.51 58.87 -102.13
CA LEU O 512 -50.90 60.14 -102.55
C LEU O 512 -51.61 60.74 -103.74
N VAL O 513 -52.09 59.91 -104.67
CA VAL O 513 -52.86 60.50 -105.76
C VAL O 513 -54.26 60.87 -105.31
N MET O 514 -54.71 60.36 -104.15
CA MET O 514 -56.04 60.62 -103.65
C MET O 514 -55.96 61.17 -102.22
N LEU O 515 -55.09 62.16 -102.03
CA LEU O 515 -54.85 62.75 -100.72
C LEU O 515 -56.05 63.59 -100.29
N GLY O 516 -56.64 63.24 -99.15
CA GLY O 516 -57.81 63.93 -98.63
C GLY O 516 -59.00 63.89 -99.56
N SER O 517 -59.15 62.79 -100.31
CA SER O 517 -60.05 62.75 -101.43
C SER O 517 -61.43 62.20 -101.08
N LYS O 518 -61.52 61.42 -100.01
CA LYS O 518 -62.61 60.48 -99.76
C LYS O 518 -62.87 59.67 -101.02
N ASN O 519 -61.89 58.85 -101.38
CA ASN O 519 -61.92 58.09 -102.62
C ASN O 519 -62.92 56.96 -102.42
N ALA O 520 -64.20 57.27 -102.70
CA ALA O 520 -65.30 56.34 -102.41
C ALA O 520 -65.20 55.07 -103.24
N GLN O 521 -64.56 55.14 -104.42
CA GLN O 521 -64.13 53.94 -105.11
C GLN O 521 -63.15 53.14 -104.24
N ALA O 522 -62.19 53.82 -103.63
CA ALA O 522 -61.15 53.11 -102.91
C ALA O 522 -61.38 53.03 -101.41
N ILE O 523 -62.36 53.75 -100.84
CA ILE O 523 -62.89 53.31 -99.54
C ILE O 523 -63.32 51.86 -99.65
N GLU O 524 -64.18 51.56 -100.64
CA GLU O 524 -64.58 50.19 -100.92
C GLU O 524 -63.37 49.32 -101.24
N ASP O 525 -62.65 49.67 -102.31
CA ASP O 525 -61.59 48.81 -102.80
C ASP O 525 -60.30 48.84 -101.97
N MET O 526 -60.29 49.49 -100.80
CA MET O 526 -59.18 49.28 -99.90
C MET O 526 -59.63 48.71 -98.57
N VAL O 527 -60.64 49.31 -97.92
CA VAL O 527 -60.97 48.85 -96.58
C VAL O 527 -62.07 47.79 -96.60
N GLY O 528 -62.58 47.43 -97.78
CA GLY O 528 -63.28 46.18 -97.89
C GLY O 528 -62.37 45.19 -98.58
N TYR O 529 -61.07 45.46 -98.50
CA TYR O 529 -60.04 44.57 -99.04
C TYR O 529 -58.97 44.21 -98.03
N ALA O 530 -58.77 45.02 -97.00
CA ALA O 530 -57.70 44.81 -96.03
C ALA O 530 -58.11 43.88 -94.89
N GLN O 531 -59.01 42.93 -95.12
CA GLN O 531 -59.48 42.08 -94.04
C GLN O 531 -59.26 40.61 -94.34
N GLU O 532 -59.27 40.26 -95.63
CA GLU O 532 -59.38 38.86 -96.04
C GLU O 532 -58.05 38.22 -96.40
N THR O 533 -56.95 38.97 -96.35
CA THR O 533 -55.63 38.36 -96.38
C THR O 533 -55.06 38.37 -94.96
N GLN O 534 -53.83 37.92 -94.79
CA GLN O 534 -53.36 37.53 -93.46
C GLN O 534 -52.02 38.12 -93.03
N HIS O 535 -51.22 38.68 -93.93
CA HIS O 535 -49.86 39.02 -93.55
C HIS O 535 -49.82 40.35 -92.81
N GLU O 536 -48.63 40.72 -92.36
CA GLU O 536 -48.45 41.96 -91.61
C GLU O 536 -48.06 43.12 -92.50
N LYS O 537 -47.26 42.86 -93.54
CA LYS O 537 -46.76 43.93 -94.39
C LYS O 537 -47.87 44.50 -95.26
N ILE O 538 -48.61 43.63 -95.95
CA ILE O 538 -49.65 44.07 -96.87
C ILE O 538 -50.77 44.81 -96.11
N LEU O 539 -51.10 44.33 -94.91
CA LEU O 539 -52.18 44.95 -94.15
C LEU O 539 -51.72 46.25 -93.52
N ARG O 540 -50.48 46.30 -93.03
CA ARG O 540 -49.94 47.53 -92.45
C ARG O 540 -49.76 48.59 -93.53
N GLY O 541 -49.43 48.19 -94.74
CA GLY O 541 -49.27 49.15 -95.80
C GLY O 541 -50.58 49.68 -96.34
N LEU O 542 -51.58 48.81 -96.50
CA LEU O 542 -52.91 49.33 -96.78
C LEU O 542 -53.47 50.15 -95.63
N ALA O 543 -53.04 49.87 -94.39
CA ALA O 543 -53.42 50.69 -93.24
C ALA O 543 -52.87 52.10 -93.38
N VAL O 544 -51.58 52.21 -93.73
CA VAL O 544 -50.99 53.52 -93.97
C VAL O 544 -51.61 54.18 -95.20
N GLY O 545 -52.02 53.39 -96.19
CA GLY O 545 -52.64 53.95 -97.38
C GLY O 545 -54.03 54.52 -97.12
N ILE O 546 -54.85 53.79 -96.36
CA ILE O 546 -56.16 54.32 -96.01
C ILE O 546 -56.08 55.39 -94.94
N ALA O 547 -54.95 55.48 -94.23
CA ALA O 547 -54.68 56.69 -93.49
C ALA O 547 -54.42 57.85 -94.44
N LEU O 548 -53.63 57.60 -95.47
CA LEU O 548 -53.16 58.69 -96.32
C LEU O 548 -54.26 59.22 -97.22
N VAL O 549 -55.25 58.38 -97.57
CA VAL O 549 -56.31 58.83 -98.46
C VAL O 549 -57.24 59.86 -97.80
N MET O 550 -57.24 59.94 -96.47
CA MET O 550 -58.11 60.84 -95.72
C MET O 550 -57.26 61.78 -94.88
N TYR O 551 -57.44 63.08 -95.10
CA TYR O 551 -56.52 64.08 -94.58
C TYR O 551 -57.23 65.41 -94.45
N GLY O 552 -57.14 66.01 -93.26
CA GLY O 552 -57.74 67.31 -92.99
C GLY O 552 -59.25 67.31 -93.08
N ARG O 553 -59.89 66.23 -92.66
CA ARG O 553 -61.32 66.11 -92.91
C ARG O 553 -62.16 66.84 -91.87
N MET O 554 -61.75 66.74 -90.61
CA MET O 554 -62.24 67.45 -89.43
C MET O 554 -63.64 67.04 -88.97
N GLU O 555 -64.41 66.37 -89.82
CA GLU O 555 -65.58 65.63 -89.37
C GLU O 555 -65.75 64.37 -90.19
N GLU O 556 -65.19 64.37 -91.39
CA GLU O 556 -65.77 63.64 -92.50
C GLU O 556 -65.40 62.18 -92.55
N ALA O 557 -64.83 61.63 -91.50
CA ALA O 557 -64.48 60.22 -91.58
C ALA O 557 -64.71 59.44 -90.31
N ASP O 558 -65.24 60.05 -89.26
CA ASP O 558 -64.97 59.55 -87.92
C ASP O 558 -65.86 58.37 -87.55
N ALA O 559 -67.02 58.25 -88.19
CA ALA O 559 -67.80 57.03 -88.07
C ALA O 559 -67.07 55.84 -88.71
N LEU O 560 -66.43 56.06 -89.86
CA LEU O 560 -65.57 55.04 -90.44
C LEU O 560 -64.36 54.77 -89.56
N ILE O 561 -63.89 55.78 -88.82
CA ILE O 561 -62.75 55.58 -87.93
C ILE O 561 -63.12 54.67 -86.76
N GLU O 562 -64.29 54.89 -86.15
CA GLU O 562 -64.70 53.98 -85.09
C GLU O 562 -65.12 52.61 -85.66
N SER O 563 -65.56 52.58 -86.92
CA SER O 563 -65.75 51.30 -87.61
C SER O 563 -64.43 50.56 -87.80
N LEU O 564 -63.34 51.29 -87.96
CA LEU O 564 -62.02 50.70 -87.90
C LEU O 564 -61.64 50.31 -86.47
N CYS O 565 -62.15 51.05 -85.50
CA CYS O 565 -61.86 50.73 -84.10
C CYS O 565 -62.52 49.42 -83.67
N ARG O 566 -63.66 49.06 -84.26
CA ARG O 566 -64.35 47.86 -83.82
C ARG O 566 -63.88 46.61 -84.55
N ASP O 567 -62.72 46.68 -85.18
CA ASP O 567 -62.17 45.59 -85.98
C ASP O 567 -61.23 44.78 -85.09
N LYS O 568 -60.40 43.92 -85.70
CA LYS O 568 -59.51 43.04 -84.96
C LYS O 568 -58.30 43.80 -84.40
N ASP O 569 -57.33 43.06 -83.88
CA ASP O 569 -56.32 43.67 -83.03
C ASP O 569 -55.35 44.59 -83.78
N PRO O 570 -54.51 44.14 -84.74
CA PRO O 570 -53.35 45.00 -85.03
C PRO O 570 -53.50 45.98 -86.18
N ILE O 571 -54.66 46.04 -86.82
CA ILE O 571 -54.67 46.65 -88.14
C ILE O 571 -55.51 47.91 -88.21
N LEU O 572 -56.83 47.74 -88.07
CA LEU O 572 -57.70 48.85 -88.40
C LEU O 572 -57.79 49.85 -87.28
N ARG O 573 -57.65 49.41 -86.03
CA ARG O 573 -57.58 50.35 -84.91
C ARG O 573 -56.33 51.21 -85.02
N ARG O 574 -55.21 50.57 -85.37
CA ARG O 574 -53.96 51.25 -85.63
C ARG O 574 -54.11 52.28 -86.76
N SER O 575 -54.71 51.86 -87.87
CA SER O 575 -54.93 52.77 -88.98
C SER O 575 -55.98 53.82 -88.69
N GLY O 576 -56.90 53.58 -87.77
CA GLY O 576 -57.89 54.57 -87.40
C GLY O 576 -57.19 55.63 -86.60
N MET O 577 -56.21 55.21 -85.80
CA MET O 577 -55.38 56.18 -85.11
C MET O 577 -54.57 57.03 -86.08
N TYR O 578 -53.96 56.41 -87.09
CA TYR O 578 -53.21 57.21 -88.05
C TYR O 578 -54.13 58.08 -88.90
N THR O 579 -55.34 57.60 -89.19
CA THR O 579 -56.24 58.34 -90.05
C THR O 579 -56.86 59.51 -89.30
N VAL O 580 -57.06 59.38 -88.00
CA VAL O 580 -57.51 60.54 -87.24
C VAL O 580 -56.32 61.45 -86.96
N ALA O 581 -55.09 60.91 -87.00
CA ALA O 581 -53.92 61.76 -86.93
C ALA O 581 -53.75 62.58 -88.20
N MET O 582 -54.23 62.08 -89.33
CA MET O 582 -54.17 62.85 -90.57
C MET O 582 -55.41 63.67 -90.85
N ALA O 583 -56.57 63.22 -90.38
CA ALA O 583 -57.80 63.95 -90.63
C ALA O 583 -57.93 65.18 -89.76
N TYR O 584 -57.17 65.26 -88.67
CA TYR O 584 -57.23 66.40 -87.77
C TYR O 584 -55.89 67.14 -87.75
N CYS O 585 -55.31 67.37 -88.93
CA CYS O 585 -54.04 68.08 -89.00
C CYS O 585 -54.25 69.58 -88.99
N GLY O 586 -53.73 70.25 -87.96
CA GLY O 586 -53.76 71.69 -87.86
C GLY O 586 -54.78 72.22 -86.88
N SER O 587 -55.62 71.36 -86.30
CA SER O 587 -56.67 71.83 -85.41
C SER O 587 -56.48 71.23 -84.02
N GLY O 588 -56.99 71.97 -83.04
CA GLY O 588 -57.07 71.48 -81.68
C GLY O 588 -58.42 70.86 -81.39
N ASN O 589 -58.88 69.98 -82.27
CA ASN O 589 -60.13 69.26 -82.07
C ASN O 589 -60.00 68.34 -80.86
N ASN O 590 -60.99 68.39 -79.98
CA ASN O 590 -60.97 67.53 -78.81
C ASN O 590 -61.73 66.23 -79.02
N LYS O 591 -61.95 65.86 -80.28
CA LYS O 591 -62.59 64.60 -80.63
C LYS O 591 -61.59 63.47 -80.74
N ALA O 592 -60.46 63.72 -81.43
CA ALA O 592 -59.42 62.70 -81.57
C ALA O 592 -58.84 62.29 -80.24
N ILE O 593 -58.73 63.24 -79.31
CA ILE O 593 -57.97 63.01 -78.09
C ILE O 593 -58.70 62.00 -77.19
N ARG O 594 -60.02 61.89 -77.33
CA ARG O 594 -60.85 60.94 -76.59
C ARG O 594 -60.41 59.51 -76.84
N ARG O 595 -60.63 59.08 -78.07
CA ARG O 595 -60.24 57.74 -78.48
C ARG O 595 -58.72 57.59 -78.55
N LEU O 596 -58.00 58.70 -78.68
CA LEU O 596 -56.55 58.67 -78.73
C LEU O 596 -55.97 58.20 -77.41
N LEU O 597 -56.32 58.89 -76.32
CA LEU O 597 -55.86 58.50 -75.01
C LEU O 597 -56.44 57.16 -74.59
N HIS O 598 -57.71 56.94 -74.96
CA HIS O 598 -58.40 55.69 -74.63
C HIS O 598 -57.69 54.49 -75.20
N VAL O 599 -57.42 54.48 -76.52
CA VAL O 599 -56.70 53.35 -77.09
C VAL O 599 -55.21 53.46 -76.80
N ALA O 600 -54.74 54.61 -76.33
CA ALA O 600 -53.33 54.76 -76.03
C ALA O 600 -52.94 54.03 -74.77
N VAL O 601 -53.83 53.97 -73.79
CA VAL O 601 -53.49 53.30 -72.53
C VAL O 601 -54.39 52.12 -72.22
N SER O 602 -55.65 52.14 -72.62
CA SER O 602 -56.56 51.06 -72.24
C SER O 602 -56.33 49.79 -73.03
N ASP O 603 -55.59 49.87 -74.13
CA ASP O 603 -55.43 48.71 -74.99
C ASP O 603 -54.25 47.85 -74.54
N VAL O 604 -54.31 46.58 -74.94
CA VAL O 604 -53.31 45.59 -74.56
C VAL O 604 -52.30 45.34 -75.67
N ASN O 605 -52.69 45.49 -76.94
CA ASN O 605 -51.71 45.56 -78.01
C ASN O 605 -50.93 46.86 -77.84
N ASP O 606 -49.62 46.78 -78.05
CA ASP O 606 -48.73 47.85 -77.62
C ASP O 606 -48.21 48.71 -78.76
N ASP O 607 -48.12 48.15 -79.97
CA ASP O 607 -47.72 48.95 -81.12
C ASP O 607 -48.77 50.00 -81.46
N VAL O 608 -50.05 49.65 -81.26
CA VAL O 608 -51.12 50.61 -81.47
C VAL O 608 -51.09 51.69 -80.39
N ARG O 609 -50.61 51.35 -79.18
CA ARG O 609 -50.39 52.36 -78.16
C ARG O 609 -49.30 53.33 -78.59
N ARG O 610 -48.20 52.78 -79.14
CA ARG O 610 -47.12 53.60 -79.67
C ARG O 610 -47.61 54.53 -80.77
N ALA O 611 -48.47 54.01 -81.65
CA ALA O 611 -49.06 54.84 -82.70
C ALA O 611 -49.96 55.93 -82.11
N ALA O 612 -50.72 55.57 -81.07
CA ALA O 612 -51.67 56.51 -80.50
C ALA O 612 -50.98 57.64 -79.76
N VAL O 613 -49.80 57.41 -79.22
CA VAL O 613 -49.06 58.53 -78.66
C VAL O 613 -48.18 59.22 -79.70
N GLU O 614 -47.91 58.58 -80.84
CA GLU O 614 -47.33 59.28 -81.98
C GLU O 614 -48.28 60.31 -82.56
N SER O 615 -49.59 60.08 -82.46
CA SER O 615 -50.57 60.89 -83.19
C SER O 615 -50.64 62.35 -82.76
N LEU O 616 -50.19 62.69 -81.55
CA LEU O 616 -50.36 64.06 -81.06
C LEU O 616 -49.49 65.05 -81.81
N GLY O 617 -48.28 64.64 -82.20
CA GLY O 617 -47.46 65.50 -83.04
C GLY O 617 -48.04 65.67 -84.42
N PHE O 618 -48.84 64.71 -84.88
CA PHE O 618 -49.50 64.84 -86.16
C PHE O 618 -50.64 65.83 -86.09
N ILE O 619 -51.37 65.85 -84.99
CA ILE O 619 -52.55 66.71 -84.91
C ILE O 619 -52.29 68.06 -84.23
N LEU O 620 -51.12 68.26 -83.64
CA LEU O 620 -50.89 69.42 -82.77
C LEU O 620 -49.63 70.16 -83.17
N PHE O 621 -49.47 70.41 -84.46
CA PHE O 621 -48.30 71.13 -84.94
C PHE O 621 -48.53 72.63 -85.10
N ARG O 622 -49.79 73.08 -85.16
CA ARG O 622 -50.02 74.51 -85.31
C ARG O 622 -49.78 75.25 -84.00
N THR O 623 -50.26 74.70 -82.89
CA THR O 623 -50.01 75.21 -81.55
C THR O 623 -49.24 74.16 -80.76
N PRO O 624 -47.93 74.05 -80.98
CA PRO O 624 -47.18 72.90 -80.47
C PRO O 624 -46.85 72.96 -79.00
N GLU O 625 -47.16 74.05 -78.30
CA GLU O 625 -46.73 74.24 -76.93
C GLU O 625 -47.68 73.60 -75.92
N GLN O 626 -48.59 72.76 -76.38
CA GLN O 626 -49.52 72.03 -75.52
C GLN O 626 -48.96 70.69 -75.05
N CYS O 627 -48.19 70.02 -75.92
CA CYS O 627 -47.82 68.63 -75.69
C CYS O 627 -46.92 68.36 -74.48
N PRO O 628 -45.71 68.98 -74.35
CA PRO O 628 -44.68 68.38 -73.47
C PRO O 628 -45.06 68.29 -71.99
N SER O 629 -45.85 69.25 -71.52
CA SER O 629 -46.32 69.28 -70.14
C SER O 629 -47.20 68.08 -69.78
N VAL O 630 -47.82 67.43 -70.76
CA VAL O 630 -48.63 66.24 -70.48
C VAL O 630 -48.03 64.97 -71.07
N VAL O 631 -47.14 65.06 -72.05
CA VAL O 631 -46.49 63.84 -72.54
C VAL O 631 -45.32 63.48 -71.62
N SER O 632 -44.89 64.41 -70.75
CA SER O 632 -43.95 64.06 -69.70
C SER O 632 -44.50 63.03 -68.72
N LEU O 633 -45.82 62.97 -68.54
CA LEU O 633 -46.39 61.91 -67.73
C LEU O 633 -46.51 60.61 -68.51
N LEU O 634 -46.73 60.70 -69.84
CA LEU O 634 -46.65 59.53 -70.70
C LEU O 634 -45.25 58.94 -70.76
N SER O 635 -44.24 59.73 -70.44
CA SER O 635 -42.85 59.31 -70.49
C SER O 635 -42.49 58.22 -69.49
N GLU O 636 -43.39 57.90 -68.56
CA GLU O 636 -43.05 56.97 -67.49
C GLU O 636 -43.94 55.74 -67.53
N SER O 637 -44.14 55.19 -68.72
CA SER O 637 -45.06 54.08 -68.90
C SER O 637 -44.36 52.78 -68.54
N TYR O 638 -45.13 51.70 -68.53
CA TYR O 638 -44.57 50.38 -68.23
C TYR O 638 -43.65 49.91 -69.35
N ASN O 639 -44.00 50.20 -70.55
CA ASN O 639 -43.42 49.67 -71.76
C ASN O 639 -42.52 50.68 -72.45
N PRO O 640 -41.52 50.18 -73.18
CA PRO O 640 -40.81 51.04 -74.14
C PRO O 640 -41.62 51.46 -75.34
N HIS O 641 -42.81 50.89 -75.54
CA HIS O 641 -43.70 51.34 -76.61
C HIS O 641 -44.16 52.77 -76.37
N VAL O 642 -44.82 52.98 -75.23
CA VAL O 642 -45.41 54.28 -74.94
C VAL O 642 -44.33 55.28 -74.55
N ARG O 643 -43.26 54.82 -73.88
CA ARG O 643 -42.12 55.70 -73.64
C ARG O 643 -41.44 56.09 -74.95
N TYR O 644 -41.38 55.16 -75.91
CA TYR O 644 -40.77 55.45 -77.20
C TYR O 644 -41.60 56.45 -77.98
N GLY O 645 -42.92 56.25 -78.01
CA GLY O 645 -43.78 57.22 -78.64
C GLY O 645 -43.83 58.56 -77.92
N ALA O 646 -43.65 58.55 -76.60
CA ALA O 646 -43.58 59.80 -75.85
C ALA O 646 -42.29 60.53 -76.13
N ALA O 647 -41.22 59.79 -76.41
CA ALA O 647 -40.00 60.44 -76.86
C ALA O 647 -40.14 60.97 -78.27
N MET O 648 -40.93 60.31 -79.11
CA MET O 648 -41.14 60.82 -80.47
C MET O 648 -42.09 61.99 -80.50
N ALA O 649 -43.00 62.09 -79.52
CA ALA O 649 -44.06 63.10 -79.57
C ALA O 649 -43.52 64.50 -79.35
N LEU O 650 -42.66 64.66 -78.34
CA LEU O 650 -42.00 65.94 -78.09
C LEU O 650 -41.16 66.39 -79.29
N GLY O 651 -40.60 65.44 -80.03
CA GLY O 651 -39.89 65.78 -81.24
C GLY O 651 -40.82 66.24 -82.33
N ILE O 652 -41.72 65.36 -82.78
CA ILE O 652 -42.49 65.60 -84.00
C ILE O 652 -43.59 66.62 -83.76
N CYS O 653 -43.77 67.04 -82.52
CA CYS O 653 -44.65 68.16 -82.26
C CYS O 653 -43.95 69.50 -82.45
N CYS O 654 -42.68 69.59 -82.07
CA CYS O 654 -42.03 70.89 -81.88
C CYS O 654 -40.70 71.01 -82.62
N ALA O 655 -40.43 70.14 -83.60
CA ALA O 655 -39.07 70.01 -84.14
C ALA O 655 -38.59 71.25 -84.87
N GLY O 656 -39.50 72.09 -85.36
CA GLY O 656 -39.09 73.38 -85.89
C GLY O 656 -38.60 74.33 -84.83
N THR O 657 -38.92 74.07 -83.56
CA THR O 657 -38.55 74.92 -82.45
C THR O 657 -37.45 74.27 -81.63
N GLY O 658 -36.86 75.07 -80.74
CA GLY O 658 -35.80 74.62 -79.87
C GLY O 658 -36.12 74.86 -78.42
N ASN O 659 -37.36 74.57 -78.01
CA ASN O 659 -37.82 74.83 -76.64
C ASN O 659 -36.98 74.08 -75.62
N LYS O 660 -36.58 74.79 -74.56
CA LYS O 660 -35.64 74.25 -73.60
C LYS O 660 -36.28 73.19 -72.70
N GLU O 661 -37.59 73.30 -72.46
CA GLU O 661 -38.23 72.38 -71.53
C GLU O 661 -38.41 71.00 -72.16
N ALA O 662 -38.76 70.95 -73.45
CA ALA O 662 -38.86 69.66 -74.14
C ALA O 662 -37.50 68.98 -74.23
N ILE O 663 -36.44 69.76 -74.39
CA ILE O 663 -35.08 69.26 -74.32
C ILE O 663 -34.77 68.70 -72.93
N ASN O 664 -35.16 69.46 -71.89
CA ASN O 664 -34.91 69.08 -70.52
C ASN O 664 -35.66 67.80 -70.15
N LEU O 665 -36.80 67.57 -70.77
CA LEU O 665 -37.56 66.34 -70.53
C LEU O 665 -37.15 65.21 -71.47
N LEU O 666 -36.47 65.50 -72.57
CA LEU O 666 -35.83 64.45 -73.35
C LEU O 666 -34.57 63.93 -72.68
N GLU O 667 -33.95 64.74 -71.82
CA GLU O 667 -32.72 64.34 -71.13
C GLU O 667 -32.83 63.05 -70.30
N PRO O 668 -33.76 62.91 -69.33
CA PRO O 668 -33.82 61.62 -68.62
C PRO O 668 -34.38 60.50 -69.49
N MET O 669 -35.04 60.83 -70.60
CA MET O 669 -35.55 59.81 -71.49
C MET O 669 -34.43 59.20 -72.33
N THR O 670 -33.43 59.99 -72.68
CA THR O 670 -32.20 59.40 -73.20
C THR O 670 -31.22 59.01 -72.10
N ASN O 671 -31.65 59.07 -70.84
CA ASN O 671 -31.00 58.29 -69.79
C ASN O 671 -31.85 57.10 -69.35
N ASP O 672 -32.46 56.34 -70.33
CA ASP O 672 -33.36 55.24 -70.01
C ASP O 672 -32.62 53.91 -69.91
N PRO O 673 -33.12 52.93 -69.14
CA PRO O 673 -32.55 51.58 -69.21
C PRO O 673 -32.70 50.91 -70.56
N VAL O 674 -33.90 51.00 -71.16
CA VAL O 674 -34.11 50.43 -72.48
C VAL O 674 -33.37 51.27 -73.51
N ASN O 675 -32.77 50.60 -74.49
CA ASN O 675 -31.79 51.24 -75.36
C ASN O 675 -32.44 52.06 -76.47
N TYR O 676 -33.40 51.48 -77.19
CA TYR O 676 -33.89 52.13 -78.40
C TYR O 676 -34.84 53.27 -78.10
N VAL O 677 -35.39 53.34 -76.89
CA VAL O 677 -36.15 54.53 -76.52
C VAL O 677 -35.21 55.72 -76.34
N ARG O 678 -34.01 55.48 -75.81
CA ARG O 678 -32.97 56.52 -75.79
C ARG O 678 -32.59 56.90 -77.20
N GLN O 679 -32.46 55.88 -78.08
CA GLN O 679 -32.15 56.11 -79.49
C GLN O 679 -33.15 57.05 -80.15
N GLY O 680 -34.44 56.75 -79.98
CA GLY O 680 -35.48 57.57 -80.56
C GLY O 680 -35.58 58.95 -79.93
N ALA O 681 -35.24 59.06 -78.64
CA ALA O 681 -35.16 60.38 -78.01
C ALA O 681 -34.05 61.21 -78.64
N LEU O 682 -32.92 60.58 -78.95
CA LEU O 682 -31.82 61.29 -79.60
C LEU O 682 -32.19 61.69 -81.02
N ILE O 683 -32.93 60.82 -81.72
CA ILE O 683 -33.44 61.15 -83.05
C ILE O 683 -34.36 62.36 -82.99
N ALA O 684 -35.27 62.37 -82.02
CA ALA O 684 -36.20 63.49 -81.86
C ALA O 684 -35.49 64.76 -81.44
N SER O 685 -34.40 64.65 -80.71
CA SER O 685 -33.65 65.85 -80.35
C SER O 685 -32.85 66.39 -81.54
N ALA O 686 -32.37 65.48 -82.40
CA ALA O 686 -31.75 65.95 -83.64
C ALA O 686 -32.78 66.63 -84.53
N LEU O 687 -34.03 66.18 -84.46
CA LEU O 687 -35.10 66.93 -85.10
C LEU O 687 -35.34 68.25 -84.40
N ILE O 688 -35.18 68.31 -83.08
CA ILE O 688 -35.50 69.53 -82.34
C ILE O 688 -34.40 70.58 -82.48
N MET O 689 -33.21 70.19 -82.95
CA MET O 689 -32.08 71.12 -83.01
C MET O 689 -31.57 71.38 -84.43
N ILE O 690 -32.37 71.14 -85.47
CA ILE O 690 -31.99 71.55 -86.81
C ILE O 690 -31.97 73.08 -86.87
N GLN O 691 -30.97 73.63 -87.59
CA GLN O 691 -30.77 75.06 -87.86
C GLN O 691 -30.37 75.82 -86.59
N GLN O 692 -30.34 75.14 -85.44
CA GLN O 692 -30.36 75.80 -84.14
C GLN O 692 -28.96 76.21 -83.72
N THR O 693 -28.77 77.51 -83.57
CA THR O 693 -27.52 78.02 -83.04
C THR O 693 -27.40 77.71 -81.56
N GLU O 694 -26.19 77.89 -81.04
CA GLU O 694 -25.92 77.66 -79.64
C GLU O 694 -26.32 78.86 -78.78
N ILE O 695 -26.45 80.04 -79.39
CA ILE O 695 -26.76 81.25 -78.64
C ILE O 695 -28.19 81.26 -78.12
N THR O 696 -29.07 80.42 -78.69
CA THR O 696 -30.45 80.35 -78.23
C THR O 696 -30.61 79.39 -77.06
N CYS O 697 -30.35 78.11 -77.29
CA CYS O 697 -30.35 77.11 -76.23
C CYS O 697 -29.03 76.36 -76.31
N PRO O 698 -28.21 76.38 -75.26
CA PRO O 698 -26.83 75.87 -75.37
C PRO O 698 -26.71 74.36 -75.37
N LYS O 699 -27.82 73.63 -75.41
CA LYS O 699 -27.77 72.17 -75.41
C LYS O 699 -27.40 71.59 -76.77
N VAL O 700 -27.15 72.44 -77.76
CA VAL O 700 -26.71 71.97 -79.09
C VAL O 700 -25.39 71.22 -78.97
N ASN O 701 -24.36 71.90 -78.45
CA ASN O 701 -23.05 71.28 -78.29
C ASN O 701 -23.09 70.16 -77.27
N GLN O 702 -23.95 70.30 -76.25
CA GLN O 702 -24.16 69.24 -75.27
C GLN O 702 -24.61 67.94 -75.92
N PHE O 703 -25.60 68.02 -76.78
CA PHE O 703 -26.07 66.81 -77.41
C PHE O 703 -25.18 66.36 -78.54
N ARG O 704 -24.41 67.27 -79.15
CA ARG O 704 -23.42 66.84 -80.15
C ARG O 704 -22.31 66.03 -79.49
N GLN O 705 -21.81 66.48 -78.36
CA GLN O 705 -20.79 65.70 -77.68
C GLN O 705 -21.38 64.47 -77.00
N LEU O 706 -22.67 64.47 -76.69
CA LEU O 706 -23.32 63.25 -76.24
C LEU O 706 -23.45 62.24 -77.37
N TYR O 707 -23.71 62.73 -78.59
CA TYR O 707 -23.71 61.86 -79.76
C TYR O 707 -22.33 61.33 -80.04
N SER O 708 -21.31 62.15 -79.80
CA SER O 708 -19.93 61.70 -79.87
C SER O 708 -19.67 60.58 -78.87
N LYS O 709 -20.21 60.73 -77.65
CA LYS O 709 -20.08 59.70 -76.63
C LYS O 709 -20.76 58.40 -77.04
N VAL O 710 -21.96 58.48 -77.60
CA VAL O 710 -22.66 57.25 -77.97
C VAL O 710 -22.10 56.66 -79.25
N ILE O 711 -21.37 57.43 -80.05
CA ILE O 711 -20.87 56.91 -81.31
C ILE O 711 -19.45 56.37 -81.18
N ASN O 712 -18.72 56.77 -80.14
CA ASN O 712 -17.33 56.36 -79.98
C ASN O 712 -17.15 55.33 -78.87
N ASP O 713 -18.11 54.42 -78.73
CA ASP O 713 -18.01 53.24 -77.89
C ASP O 713 -18.77 52.14 -78.59
N LYS O 714 -18.42 50.89 -78.31
CA LYS O 714 -19.05 49.79 -79.03
C LYS O 714 -20.22 49.17 -78.28
N HIS O 715 -20.28 49.30 -76.96
CA HIS O 715 -21.22 48.52 -76.16
C HIS O 715 -22.56 49.22 -75.96
N ASP O 716 -22.99 50.03 -76.92
CA ASP O 716 -24.32 50.62 -76.97
C ASP O 716 -25.26 49.71 -77.77
N ASP O 717 -26.43 50.21 -78.14
CA ASP O 717 -27.38 49.46 -78.95
C ASP O 717 -26.84 49.34 -80.37
N VAL O 718 -27.33 48.31 -81.07
CA VAL O 718 -26.82 47.98 -82.41
C VAL O 718 -27.23 49.05 -83.42
N MET O 719 -28.49 49.49 -83.37
CA MET O 719 -28.97 50.56 -84.22
C MET O 719 -28.91 51.92 -83.54
N ALA O 720 -28.24 52.01 -82.39
CA ALA O 720 -27.95 53.32 -81.81
C ALA O 720 -27.01 54.12 -82.69
N LYS O 721 -26.07 53.45 -83.37
CA LYS O 721 -25.17 54.16 -84.26
C LYS O 721 -25.88 54.58 -85.53
N PHE O 722 -26.74 53.69 -86.05
CA PHE O 722 -27.70 53.97 -87.10
C PHE O 722 -28.43 55.29 -86.81
N GLY O 723 -29.06 55.35 -85.64
CA GLY O 723 -29.70 56.57 -85.19
C GLY O 723 -28.74 57.71 -84.92
N ALA O 724 -27.49 57.43 -84.59
CA ALA O 724 -26.56 58.48 -84.20
C ALA O 724 -26.03 59.24 -85.40
N ILE O 725 -25.52 58.52 -86.39
CA ILE O 725 -25.10 59.20 -87.61
C ILE O 725 -26.31 59.65 -88.42
N LEU O 726 -27.49 59.04 -88.20
CA LEU O 726 -28.72 59.61 -88.72
C LEU O 726 -28.99 60.95 -88.07
N ALA O 727 -28.74 61.05 -86.76
CA ALA O 727 -28.92 62.30 -86.03
C ALA O 727 -27.91 63.34 -86.47
N GLN O 728 -26.73 62.91 -86.88
CA GLN O 728 -25.74 63.85 -87.39
C GLN O 728 -26.09 64.34 -88.79
N GLY O 729 -26.60 63.46 -89.65
CA GLY O 729 -27.01 63.90 -90.98
C GLY O 729 -28.24 64.80 -90.93
N ILE O 730 -29.15 64.53 -90.00
CA ILE O 730 -30.25 65.44 -89.74
C ILE O 730 -29.73 66.75 -89.15
N LEU O 731 -28.71 66.65 -88.31
CA LEU O 731 -28.22 67.78 -87.54
C LEU O 731 -27.50 68.81 -88.40
N ASP O 732 -27.07 68.45 -89.60
CA ASP O 732 -26.41 69.39 -90.50
C ASP O 732 -27.07 69.42 -91.88
N ALA O 733 -28.39 69.22 -91.93
CA ALA O 733 -29.15 69.00 -93.15
C ALA O 733 -29.04 70.16 -94.15
N GLY O 734 -28.39 69.89 -95.27
CA GLY O 734 -28.00 70.91 -96.22
C GLY O 734 -26.87 71.80 -95.78
N GLY O 735 -26.35 71.64 -94.56
CA GLY O 735 -25.41 72.57 -93.99
C GLY O 735 -26.14 73.64 -93.19
N HIS O 736 -27.10 73.20 -92.36
CA HIS O 736 -28.02 74.07 -91.61
C HIS O 736 -28.84 74.97 -92.52
N ASN O 737 -29.09 74.54 -93.76
CA ASN O 737 -29.84 75.38 -94.68
C ASN O 737 -31.33 75.13 -94.63
N VAL O 738 -31.74 73.87 -94.59
CA VAL O 738 -33.15 73.52 -94.59
C VAL O 738 -33.61 73.24 -93.17
N THR O 739 -34.92 73.34 -92.97
CA THR O 739 -35.58 73.02 -91.70
C THR O 739 -36.93 72.40 -92.01
N ILE O 740 -37.66 72.02 -90.97
CA ILE O 740 -38.97 71.42 -91.14
C ILE O 740 -40.02 72.38 -90.60
N SER O 741 -41.18 72.41 -91.25
CA SER O 741 -42.33 73.18 -90.79
C SER O 741 -43.55 72.56 -91.45
N LEU O 742 -44.45 72.02 -90.64
CA LEU O 742 -45.68 71.40 -91.13
C LEU O 742 -46.76 72.42 -91.47
N GLN O 743 -46.43 73.71 -91.44
CA GLN O 743 -47.42 74.77 -91.44
C GLN O 743 -46.72 76.06 -91.83
N SER O 744 -47.18 76.72 -92.90
CA SER O 744 -46.57 77.97 -93.29
C SER O 744 -47.06 79.10 -92.40
N ARG O 745 -46.42 80.27 -92.54
CA ARG O 745 -46.70 81.39 -91.66
C ARG O 745 -48.09 81.97 -91.92
N THR O 746 -48.52 82.01 -93.17
CA THR O 746 -49.79 82.66 -93.53
C THR O 746 -51.02 81.82 -93.21
N GLY O 747 -50.85 80.76 -92.42
CA GLY O 747 -51.95 79.93 -92.01
C GLY O 747 -52.24 78.77 -92.92
N HIS O 748 -51.67 78.73 -94.10
CA HIS O 748 -51.77 77.56 -94.95
C HIS O 748 -50.76 76.54 -94.43
N THR O 749 -51.13 75.27 -94.44
CA THR O 749 -50.22 74.25 -93.96
C THR O 749 -49.12 73.99 -94.97
N HIS O 750 -48.16 73.17 -94.56
CA HIS O 750 -47.15 72.68 -95.48
C HIS O 750 -47.32 71.16 -95.51
N MET O 751 -48.22 70.70 -96.38
CA MET O 751 -48.58 69.29 -96.44
C MET O 751 -47.47 68.27 -96.78
N PRO O 752 -46.40 68.56 -97.56
CA PRO O 752 -45.36 67.52 -97.67
C PRO O 752 -44.57 67.33 -96.41
N SER O 753 -44.56 68.31 -95.49
CA SER O 753 -43.90 68.10 -94.22
C SER O 753 -44.71 67.18 -93.32
N VAL O 754 -46.03 67.36 -93.32
CA VAL O 754 -46.94 66.46 -92.61
C VAL O 754 -46.81 65.05 -93.17
N VAL O 755 -46.84 64.93 -94.51
CA VAL O 755 -46.67 63.66 -95.18
C VAL O 755 -45.32 63.05 -94.85
N GLY O 756 -44.28 63.88 -94.80
CA GLY O 756 -42.94 63.38 -94.52
C GLY O 756 -42.79 62.82 -93.12
N VAL O 757 -43.38 63.48 -92.12
CA VAL O 757 -43.22 62.97 -90.76
C VAL O 757 -44.07 61.70 -90.54
N LEU O 758 -45.29 61.66 -91.10
CA LEU O 758 -46.10 60.45 -90.95
C LEU O 758 -45.52 59.29 -91.75
N VAL O 759 -44.83 59.60 -92.83
CA VAL O 759 -43.99 58.64 -93.52
C VAL O 759 -42.84 58.20 -92.64
N PHE O 760 -42.18 59.15 -91.97
CA PHE O 760 -40.90 58.90 -91.31
C PHE O 760 -41.05 58.00 -90.10
N THR O 761 -42.25 57.96 -89.50
CA THR O 761 -42.43 57.19 -88.27
C THR O 761 -42.26 55.68 -88.47
N GLN O 762 -42.76 55.12 -89.56
CA GLN O 762 -42.95 53.66 -89.63
C GLN O 762 -41.78 52.93 -90.29
N PHE O 763 -40.58 53.13 -89.78
CA PHE O 763 -39.37 52.61 -90.40
C PHE O 763 -39.07 51.15 -90.03
N TRP O 764 -40.01 50.39 -89.47
CA TRP O 764 -39.74 48.98 -89.18
C TRP O 764 -39.51 48.17 -90.44
N PHE O 765 -40.13 48.58 -91.54
CA PHE O 765 -39.76 48.14 -92.87
C PHE O 765 -39.88 49.34 -93.80
N TRP O 766 -39.37 49.18 -95.02
CA TRP O 766 -39.22 50.23 -96.01
C TRP O 766 -38.50 51.44 -95.40
N PHE O 767 -37.23 51.23 -95.14
CA PHE O 767 -36.32 52.25 -94.62
C PHE O 767 -36.30 53.57 -95.41
N PRO O 768 -36.55 53.61 -96.77
CA PRO O 768 -36.73 54.94 -97.42
C PRO O 768 -37.92 55.78 -96.98
N LEU O 769 -38.74 55.30 -96.03
CA LEU O 769 -39.57 56.21 -95.28
C LEU O 769 -38.72 57.23 -94.51
N SER O 770 -37.51 56.84 -94.10
CA SER O 770 -36.56 57.84 -93.63
C SER O 770 -36.10 58.78 -94.74
N HIS O 771 -35.76 58.23 -95.93
CA HIS O 771 -35.35 59.01 -97.09
C HIS O 771 -36.36 60.08 -97.50
N PHE O 772 -37.64 59.85 -97.24
CA PHE O 772 -38.61 60.90 -97.58
C PHE O 772 -38.56 62.14 -96.68
N LEU O 773 -37.66 62.23 -95.69
CA LEU O 773 -37.63 63.44 -94.87
C LEU O 773 -37.01 64.62 -95.63
N SER O 774 -36.49 64.39 -96.83
CA SER O 774 -36.22 65.48 -97.75
C SER O 774 -37.51 66.21 -98.15
N LEU O 775 -38.63 65.50 -98.21
CA LEU O 775 -39.90 66.12 -98.58
C LEU O 775 -40.42 67.04 -97.49
N ALA O 776 -39.92 66.90 -96.26
CA ALA O 776 -40.29 67.76 -95.15
C ALA O 776 -39.35 68.93 -95.00
N TYR O 777 -38.56 69.24 -96.02
CA TYR O 777 -37.58 70.32 -95.92
C TYR O 777 -38.04 71.53 -96.72
N THR O 778 -37.65 72.70 -96.24
CA THR O 778 -38.28 73.92 -96.69
C THR O 778 -37.28 74.88 -97.32
N PRO O 779 -37.72 75.68 -98.29
CA PRO O 779 -36.91 76.78 -98.84
C PRO O 779 -36.94 78.04 -97.98
N THR O 780 -36.14 78.03 -96.92
CA THR O 780 -35.95 79.22 -96.09
C THR O 780 -34.93 80.11 -96.78
N CYS O 781 -35.42 81.12 -97.49
CA CYS O 781 -34.56 81.97 -98.30
C CYS O 781 -35.15 83.37 -98.35
N VAL O 782 -34.36 84.28 -98.88
CA VAL O 782 -34.78 85.65 -99.15
C VAL O 782 -34.21 86.03 -100.52
N ILE O 783 -35.08 86.41 -101.44
CA ILE O 783 -34.73 86.52 -102.85
C ILE O 783 -35.10 87.92 -103.33
N GLY O 784 -34.11 88.79 -103.45
CA GLY O 784 -34.33 90.11 -104.00
C GLY O 784 -34.43 90.06 -105.52
N LEU O 785 -35.57 89.60 -106.02
CA LEU O 785 -35.75 89.34 -107.44
C LEU O 785 -36.86 90.24 -107.96
N ASN O 786 -36.71 90.74 -109.19
CA ASN O 786 -37.75 91.60 -109.74
C ASN O 786 -38.44 91.07 -111.00
N LYS O 787 -37.71 90.72 -112.07
CA LYS O 787 -38.43 90.46 -113.31
C LYS O 787 -38.96 89.03 -113.38
N ASP O 788 -38.10 88.07 -113.75
CA ASP O 788 -38.16 86.70 -113.29
C ASP O 788 -36.76 86.12 -113.31
N LEU O 789 -35.81 86.91 -113.82
CA LEU O 789 -34.51 86.38 -114.21
C LEU O 789 -33.40 87.37 -113.85
N LYS O 790 -33.77 88.64 -113.72
CA LYS O 790 -32.81 89.73 -113.68
C LYS O 790 -31.96 89.67 -112.41
N MET O 791 -30.78 90.28 -112.47
CA MET O 791 -29.92 90.42 -111.30
C MET O 791 -29.87 91.87 -110.79
N PRO O 792 -30.65 92.22 -109.78
CA PRO O 792 -30.44 93.50 -109.11
C PRO O 792 -29.47 93.40 -107.95
N LYS O 793 -28.41 94.21 -107.94
CA LYS O 793 -27.37 94.13 -106.93
C LYS O 793 -27.91 94.69 -105.61
N VAL O 794 -28.37 93.79 -104.74
CA VAL O 794 -29.10 94.16 -103.53
C VAL O 794 -28.37 93.59 -102.32
N GLN O 795 -28.04 94.47 -101.38
CA GLN O 795 -27.42 94.07 -100.10
C GLN O 795 -28.13 94.89 -99.02
N TYR O 796 -29.16 94.31 -98.41
CA TYR O 796 -29.86 95.00 -97.35
C TYR O 796 -29.29 94.56 -96.01
N LYS O 797 -29.88 95.05 -94.92
CA LYS O 797 -29.26 94.93 -93.61
C LYS O 797 -30.11 94.06 -92.69
N SER O 798 -29.45 93.54 -91.66
CA SER O 798 -30.10 92.75 -90.63
C SER O 798 -29.70 93.30 -89.27
N ASN O 799 -30.69 93.55 -88.41
CA ASN O 799 -30.45 94.23 -87.14
C ASN O 799 -29.64 93.38 -86.16
N CYS O 800 -29.59 92.06 -86.33
CA CYS O 800 -28.81 91.23 -85.43
C CYS O 800 -27.32 91.43 -85.61
N LYS O 801 -26.61 91.37 -84.49
CA LYS O 801 -25.16 91.40 -84.48
C LYS O 801 -24.61 90.11 -85.10
N PRO O 802 -23.30 90.08 -85.46
CA PRO O 802 -22.69 88.80 -85.88
C PRO O 802 -22.52 87.77 -84.77
N SER O 803 -22.97 88.08 -83.55
CA SER O 803 -23.04 87.08 -82.50
C SER O 803 -24.10 86.03 -82.76
N THR O 804 -25.10 86.32 -83.59
CA THR O 804 -26.06 85.31 -84.01
C THR O 804 -25.90 84.88 -85.46
N PHE O 805 -25.12 85.60 -86.28
CA PHE O 805 -24.83 85.15 -87.63
C PHE O 805 -23.94 83.91 -87.66
N ALA O 806 -23.26 83.61 -86.56
CA ALA O 806 -22.30 82.51 -86.53
C ALA O 806 -23.00 81.16 -86.62
N TYR O 807 -22.41 80.26 -87.39
CA TYR O 807 -22.87 78.88 -87.52
C TYR O 807 -21.81 77.95 -86.96
N PRO O 808 -22.02 77.37 -85.77
CA PRO O 808 -21.04 76.51 -85.10
C PRO O 808 -20.74 75.22 -85.85
N THR O 830 -23.90 95.59 -85.01
CA THR O 830 -23.73 95.18 -86.39
C THR O 830 -23.78 96.34 -87.38
N ALA O 831 -23.51 96.01 -88.63
CA ALA O 831 -23.80 96.89 -89.74
C ALA O 831 -24.97 96.38 -90.56
N LYS O 832 -24.87 95.16 -91.07
CA LYS O 832 -25.83 94.64 -92.04
C LYS O 832 -25.68 93.12 -92.09
N ALA O 833 -26.32 92.51 -93.09
CA ALA O 833 -26.02 91.15 -93.52
C ALA O 833 -25.68 91.19 -95.00
N LYS O 834 -24.78 90.31 -95.43
CA LYS O 834 -24.38 90.30 -96.84
C LYS O 834 -25.43 89.58 -97.68
N LYS O 835 -25.84 90.21 -98.78
CA LYS O 835 -26.79 89.63 -99.71
C LYS O 835 -26.25 89.66 -101.13
N LYS O 836 -26.97 89.01 -102.02
CA LYS O 836 -26.53 88.82 -103.39
C LYS O 836 -27.49 89.47 -104.39
N GLU O 837 -27.19 89.28 -105.67
CA GLU O 837 -27.88 90.02 -106.72
C GLU O 837 -29.00 89.27 -107.39
N LYS O 838 -29.06 87.94 -107.23
CA LYS O 838 -29.89 87.04 -108.03
C LYS O 838 -29.73 87.28 -109.53
N ASN O 874 -27.12 81.97 -106.59
CA ASN O 874 -28.03 81.81 -105.45
C ASN O 874 -28.50 83.14 -104.87
N PRO O 875 -29.66 83.12 -104.23
CA PRO O 875 -29.98 84.14 -103.24
C PRO O 875 -29.32 83.78 -101.92
N ALA O 876 -29.44 84.67 -100.94
CA ALA O 876 -28.86 84.41 -99.64
C ALA O 876 -29.83 83.58 -98.79
N ARG O 877 -29.27 82.93 -97.78
CA ARG O 877 -30.07 82.19 -96.81
C ARG O 877 -30.65 83.15 -95.76
N VAL O 878 -31.70 82.69 -95.09
CA VAL O 878 -32.32 83.46 -94.03
C VAL O 878 -32.41 82.56 -92.81
N MET O 879 -32.27 83.16 -91.64
CA MET O 879 -32.45 82.37 -90.44
C MET O 879 -33.87 82.52 -89.95
N PRO O 880 -34.55 81.41 -89.62
CA PRO O 880 -35.94 81.49 -89.15
C PRO O 880 -36.10 82.21 -87.81
N ALA O 881 -35.05 82.30 -87.01
CA ALA O 881 -35.06 83.13 -85.83
C ALA O 881 -34.61 84.55 -86.11
N GLN O 882 -34.58 84.96 -87.38
CA GLN O 882 -34.06 86.26 -87.76
C GLN O 882 -34.92 86.94 -88.83
N LEU O 883 -36.21 86.59 -88.89
CA LEU O 883 -37.10 87.32 -89.81
C LEU O 883 -37.43 88.70 -89.28
N LYS O 884 -37.40 88.88 -87.97
CA LYS O 884 -37.82 90.12 -87.33
C LYS O 884 -36.69 91.14 -87.24
N VAL O 885 -35.52 90.84 -87.79
CA VAL O 885 -34.37 91.74 -87.70
C VAL O 885 -33.84 92.17 -89.04
N LEU O 886 -34.23 91.51 -90.13
CA LEU O 886 -33.82 91.94 -91.46
C LEU O 886 -34.63 93.17 -91.87
N THR O 887 -33.96 94.10 -92.56
CA THR O 887 -34.54 95.41 -92.84
C THR O 887 -34.27 95.78 -94.30
N MET O 888 -35.31 96.31 -94.97
CA MET O 888 -35.21 96.72 -96.35
C MET O 888 -34.20 97.85 -96.52
N PRO O 889 -33.46 97.88 -97.63
CA PRO O 889 -32.29 98.75 -97.72
C PRO O 889 -32.66 100.20 -97.98
N GLU O 890 -31.74 101.08 -97.55
CA GLU O 890 -31.83 102.50 -97.80
C GLU O 890 -30.87 102.99 -98.86
N THR O 891 -29.78 102.26 -99.12
CA THR O 891 -28.76 102.68 -100.05
C THR O 891 -28.77 101.88 -101.35
N CYS O 892 -29.51 100.79 -101.40
CA CYS O 892 -29.53 99.98 -102.61
C CYS O 892 -30.33 100.67 -103.70
N ARG O 893 -30.00 100.32 -104.94
CA ARG O 893 -30.70 100.88 -106.09
C ARG O 893 -32.03 100.19 -106.32
N TYR O 894 -32.15 98.93 -105.95
CA TYR O 894 -33.36 98.15 -106.16
C TYR O 894 -33.90 97.76 -104.79
N GLN O 895 -34.99 98.40 -104.37
CA GLN O 895 -35.46 98.24 -103.01
C GLN O 895 -36.89 97.72 -103.00
N PRO O 896 -37.22 96.80 -102.11
CA PRO O 896 -38.56 96.20 -102.14
C PRO O 896 -39.65 97.16 -101.70
N PHE O 897 -40.72 97.21 -102.50
CA PHE O 897 -41.86 98.10 -102.25
C PHE O 897 -42.83 97.49 -101.25
N LYS O 898 -43.41 96.34 -101.60
CA LYS O 898 -44.17 95.54 -100.65
C LYS O 898 -43.22 95.07 -99.54
N PRO O 899 -43.68 95.10 -98.28
CA PRO O 899 -42.77 94.91 -97.14
C PRO O 899 -42.16 93.51 -97.08
N LEU O 900 -41.09 93.40 -96.29
CA LEU O 900 -40.30 92.18 -96.18
C LEU O 900 -40.10 91.85 -94.70
N SER O 901 -40.98 91.01 -94.17
CA SER O 901 -40.79 90.35 -92.88
C SER O 901 -40.78 88.84 -93.04
N ILE O 902 -41.79 88.29 -93.73
CA ILE O 902 -41.83 86.87 -94.04
C ILE O 902 -40.78 86.56 -95.10
N GLY O 903 -40.26 85.34 -95.09
CA GLY O 903 -39.22 84.93 -96.01
C GLY O 903 -39.74 84.44 -97.34
N GLY O 904 -38.86 83.74 -98.07
CA GLY O 904 -39.21 83.12 -99.33
C GLY O 904 -38.74 83.87 -100.56
N ILE O 905 -39.48 83.70 -101.66
CA ILE O 905 -39.23 84.41 -102.91
C ILE O 905 -40.12 85.65 -102.90
N ILE O 906 -39.50 86.83 -102.95
CA ILE O 906 -40.22 88.06 -102.72
C ILE O 906 -39.96 89.05 -103.86
N ILE O 907 -40.61 90.21 -103.74
CA ILE O 907 -40.69 91.23 -104.78
C ILE O 907 -39.43 92.08 -104.81
N LEU O 908 -39.28 92.89 -105.87
CA LEU O 908 -38.29 93.95 -105.93
C LEU O 908 -38.68 94.90 -107.03
N LYS O 909 -38.23 96.16 -106.91
CA LYS O 909 -38.52 97.20 -107.87
C LYS O 909 -37.49 98.31 -107.68
N ASP O 910 -37.15 98.98 -108.77
CA ASP O 910 -36.19 100.06 -108.70
C ASP O 910 -36.85 101.31 -108.12
N THR O 911 -36.09 102.06 -107.33
CA THR O 911 -36.60 103.28 -106.70
C THR O 911 -36.03 104.52 -107.39
N GLU P 8 -35.48 105.94 -21.31
CA GLU P 8 -35.42 106.81 -22.50
C GLU P 8 -34.34 106.43 -23.56
N PRO P 9 -33.24 105.78 -23.19
CA PRO P 9 -32.46 105.01 -24.19
C PRO P 9 -33.05 103.65 -24.57
N PRO P 10 -33.80 102.91 -23.72
CA PRO P 10 -34.37 101.63 -24.21
C PRO P 10 -35.53 101.73 -25.20
N PRO P 11 -36.38 102.78 -25.24
CA PRO P 11 -37.45 102.78 -26.28
C PRO P 11 -37.11 103.38 -27.64
N PRO P 12 -35.86 103.74 -28.00
CA PRO P 12 -35.55 103.87 -29.45
C PRO P 12 -35.14 102.58 -30.18
N PRO P 13 -34.52 101.55 -29.57
CA PRO P 13 -34.21 100.37 -30.41
C PRO P 13 -35.41 99.55 -30.85
N ALA P 14 -36.38 99.32 -29.96
CA ALA P 14 -37.40 98.29 -30.18
C ALA P 14 -38.35 98.56 -31.36
N PRO P 15 -38.97 99.75 -31.52
CA PRO P 15 -39.84 99.92 -32.69
C PRO P 15 -39.07 99.95 -34.00
N GLN P 16 -37.83 100.47 -34.00
CA GLN P 16 -36.96 100.39 -35.17
C GLN P 16 -36.74 98.97 -35.62
N ASP P 17 -36.69 98.02 -34.69
CA ASP P 17 -36.57 96.61 -35.02
C ASP P 17 -37.89 96.06 -35.54
N VAL P 18 -38.94 96.13 -34.71
CA VAL P 18 -40.13 95.34 -34.99
C VAL P 18 -40.94 95.95 -36.13
N GLU P 19 -41.02 97.28 -36.22
CA GLU P 19 -41.77 97.94 -37.27
C GLU P 19 -41.09 97.78 -38.63
N MET P 20 -39.75 97.73 -38.65
CA MET P 20 -39.09 97.50 -39.93
C MET P 20 -39.19 96.04 -40.35
N LYS P 21 -39.13 95.11 -39.39
CA LYS P 21 -39.41 93.72 -39.76
C LYS P 21 -40.85 93.50 -40.15
N GLU P 22 -41.77 94.35 -39.69
CA GLU P 22 -43.12 94.39 -40.22
C GLU P 22 -43.12 94.80 -41.69
N GLU P 23 -42.74 96.04 -41.99
CA GLU P 23 -43.03 96.51 -43.34
C GLU P 23 -42.05 96.04 -44.39
N ALA P 24 -40.83 95.66 -44.02
CA ALA P 24 -39.90 95.05 -44.96
C ALA P 24 -40.52 93.78 -45.53
N ALA P 25 -40.85 92.86 -44.62
CA ALA P 25 -41.56 91.63 -45.01
C ALA P 25 -42.86 91.94 -45.72
N THR P 26 -43.68 92.84 -45.15
CA THR P 26 -45.01 93.16 -45.68
C THR P 26 -44.98 93.70 -47.10
N GLY P 27 -44.32 94.84 -47.30
CA GLY P 27 -44.26 95.43 -48.63
C GLY P 27 -43.45 94.60 -49.61
N GLY P 28 -42.23 94.20 -49.23
CA GLY P 28 -41.36 93.49 -50.16
C GLY P 28 -41.85 92.11 -50.52
N GLY P 29 -42.70 91.51 -49.68
CA GLY P 29 -43.25 90.24 -50.03
C GLY P 29 -44.60 90.38 -50.68
N SER P 30 -45.34 91.46 -50.40
CA SER P 30 -46.58 91.69 -51.12
C SER P 30 -46.29 92.06 -52.56
N THR P 31 -45.14 92.67 -52.82
CA THR P 31 -44.68 92.90 -54.19
C THR P 31 -44.49 91.56 -54.92
N GLY P 32 -43.81 90.61 -54.27
CA GLY P 32 -43.70 89.28 -54.84
C GLY P 32 -45.02 88.54 -54.93
N GLU P 33 -45.94 88.81 -53.99
CA GLU P 33 -47.24 88.16 -54.00
C GLU P 33 -48.15 88.69 -55.09
N ALA P 34 -47.98 89.94 -55.49
CA ALA P 34 -48.77 90.51 -56.57
C ALA P 34 -48.04 90.50 -57.90
N ASP P 35 -46.77 90.11 -57.93
CA ASP P 35 -46.11 89.80 -59.18
C ASP P 35 -45.97 88.30 -59.40
N GLY P 36 -46.35 87.50 -58.43
CA GLY P 36 -46.65 86.09 -58.62
C GLY P 36 -48.06 86.01 -59.16
N LYS P 37 -48.16 86.26 -60.48
CA LYS P 37 -49.34 86.64 -61.26
C LYS P 37 -50.68 86.04 -60.86
N THR P 38 -50.70 84.80 -60.36
CA THR P 38 -51.91 84.19 -59.82
C THR P 38 -51.64 83.69 -58.41
N ALA P 39 -52.43 84.16 -57.46
CA ALA P 39 -52.38 83.68 -56.08
C ALA P 39 -53.72 84.01 -55.42
N ALA P 40 -54.58 82.99 -55.29
CA ALA P 40 -55.83 83.10 -54.55
C ALA P 40 -55.72 82.51 -53.15
N ALA P 41 -54.65 81.77 -52.89
CA ALA P 41 -54.40 81.09 -51.62
C ALA P 41 -53.15 81.61 -50.89
N ALA P 42 -52.03 81.78 -51.63
CA ALA P 42 -50.67 82.01 -51.12
C ALA P 42 -50.51 83.01 -49.97
N ALA P 43 -50.80 84.28 -50.24
CA ALA P 43 -50.87 85.44 -49.33
C ALA P 43 -49.97 85.42 -48.10
N GLU P 44 -48.73 84.94 -48.23
CA GLU P 44 -47.93 84.50 -47.07
C GLU P 44 -47.44 85.64 -46.19
N HIS P 45 -47.49 86.88 -46.66
CA HIS P 45 -47.26 88.01 -45.78
C HIS P 45 -48.53 88.75 -45.43
N SER P 46 -49.65 88.47 -46.11
CA SER P 46 -50.91 89.08 -45.75
C SER P 46 -51.40 88.58 -44.40
N GLN P 47 -51.57 87.26 -44.27
CA GLN P 47 -51.97 86.71 -42.98
C GLN P 47 -50.87 86.82 -41.94
N ARG P 48 -49.61 86.90 -42.37
CA ARG P 48 -48.54 87.14 -41.41
C ARG P 48 -48.61 88.55 -40.84
N GLU P 49 -48.87 89.54 -41.68
CA GLU P 49 -49.04 90.90 -41.19
C GLU P 49 -50.31 91.04 -40.37
N LEU P 50 -51.34 90.26 -40.67
CA LEU P 50 -52.50 90.25 -39.77
C LEU P 50 -52.16 89.61 -38.43
N ASP P 51 -51.32 88.57 -38.44
CA ASP P 51 -50.82 87.97 -37.21
C ASP P 51 -49.91 88.92 -36.44
N THR P 52 -49.30 89.89 -37.11
CA THR P 52 -48.51 90.89 -36.40
C THR P 52 -49.28 92.15 -36.06
N VAL P 53 -50.43 92.41 -36.69
CA VAL P 53 -51.25 93.58 -36.34
C VAL P 53 -52.20 93.27 -35.18
N THR P 54 -52.76 92.05 -35.15
CA THR P 54 -53.36 91.56 -33.92
C THR P 54 -52.34 91.50 -32.77
N LEU P 55 -51.06 91.32 -33.12
CA LEU P 55 -49.97 91.43 -32.16
C LEU P 55 -49.60 92.88 -31.88
N GLU P 56 -49.81 93.79 -32.83
CA GLU P 56 -49.61 95.22 -32.58
C GLU P 56 -50.60 95.72 -31.55
N ASP P 57 -51.85 95.25 -31.63
CA ASP P 57 -52.85 95.56 -30.61
C ASP P 57 -52.41 95.10 -29.22
N ILE P 58 -51.58 94.06 -29.15
CA ILE P 58 -50.83 93.78 -27.93
C ILE P 58 -49.62 94.70 -27.84
N LYS P 59 -48.86 94.81 -28.92
CA LYS P 59 -47.58 95.49 -28.86
C LYS P 59 -47.62 97.01 -28.93
N GLU P 60 -46.45 97.55 -29.21
CA GLU P 60 -46.04 98.92 -28.95
C GLU P 60 -46.27 99.85 -30.13
N HIS P 61 -47.52 100.21 -30.44
CA HIS P 61 -48.30 100.58 -31.65
C HIS P 61 -47.50 101.21 -32.80
N VAL P 62 -48.21 101.71 -33.81
CA VAL P 62 -47.58 102.56 -34.82
C VAL P 62 -46.63 103.57 -34.17
N LYS P 63 -47.09 104.27 -33.14
CA LYS P 63 -46.29 104.77 -32.02
C LYS P 63 -47.18 104.94 -30.79
N GLN P 64 -46.96 104.15 -29.72
CA GLN P 64 -47.73 104.37 -28.50
C GLN P 64 -47.28 105.57 -27.70
N LEU P 65 -47.24 106.74 -28.36
CA LEU P 65 -46.67 107.99 -27.85
C LEU P 65 -45.39 107.74 -27.06
N GLU P 66 -44.47 106.97 -27.67
CA GLU P 66 -43.44 106.28 -26.90
C GLU P 66 -42.35 107.24 -26.45
N LYS P 67 -42.74 108.15 -25.55
CA LYS P 67 -41.87 108.91 -24.65
C LYS P 67 -40.88 109.85 -25.35
N ALA P 68 -40.97 110.04 -26.66
CA ALA P 68 -40.42 111.29 -27.14
C ALA P 68 -41.43 112.12 -27.93
N VAL P 69 -41.85 111.63 -29.10
CA VAL P 69 -42.71 112.50 -29.90
C VAL P 69 -43.80 111.77 -30.69
N SER P 70 -43.73 110.43 -30.75
CA SER P 70 -44.56 109.59 -31.64
C SER P 70 -44.39 109.95 -33.11
N GLY P 71 -43.22 109.62 -33.66
CA GLY P 71 -42.78 110.11 -34.96
C GLY P 71 -42.95 109.26 -36.21
N LYS P 72 -43.51 108.04 -36.13
CA LYS P 72 -43.73 107.27 -37.36
C LYS P 72 -44.84 107.87 -38.21
N GLU P 73 -45.75 108.59 -37.58
CA GLU P 73 -46.91 109.21 -38.22
C GLU P 73 -46.53 110.41 -39.10
N PRO P 74 -45.50 111.26 -38.75
CA PRO P 74 -44.97 112.16 -39.79
C PRO P 74 -43.89 111.56 -40.67
N ARG P 75 -43.80 110.23 -40.72
CA ARG P 75 -42.68 109.61 -41.43
C ARG P 75 -43.11 108.80 -42.66
N PHE P 76 -44.00 107.80 -42.51
CA PHE P 76 -44.14 106.80 -43.55
C PHE P 76 -45.23 107.10 -44.56
N VAL P 77 -46.03 108.14 -44.34
CA VAL P 77 -47.06 108.51 -45.28
C VAL P 77 -46.64 109.73 -46.09
N LEU P 78 -45.61 110.45 -45.67
CA LEU P 78 -44.96 111.40 -46.56
C LEU P 78 -44.20 110.62 -47.63
N ARG P 79 -44.29 111.13 -48.86
CA ARG P 79 -43.72 110.51 -50.07
C ARG P 79 -44.18 109.07 -50.21
N ALA P 80 -45.47 108.86 -49.96
CA ALA P 80 -46.09 107.54 -50.05
C ALA P 80 -46.26 107.24 -51.52
N LEU P 81 -45.16 106.81 -52.13
CA LEU P 81 -45.03 106.72 -53.57
C LEU P 81 -43.98 105.64 -53.82
N ARG P 82 -44.39 104.58 -54.50
CA ARG P 82 -43.52 103.42 -54.68
C ARG P 82 -43.01 103.34 -56.13
N MET P 83 -42.10 104.25 -56.44
CA MET P 83 -41.54 104.36 -57.78
C MET P 83 -40.48 103.29 -58.06
N LEU P 84 -39.67 103.56 -59.08
CA LEU P 84 -38.41 102.86 -59.34
C LEU P 84 -37.63 102.73 -58.02
N PRO P 85 -36.97 101.56 -57.75
CA PRO P 85 -36.66 101.16 -56.36
C PRO P 85 -35.78 102.07 -55.49
N SER P 86 -35.51 103.29 -55.93
CA SER P 86 -35.03 104.32 -55.02
C SER P 86 -36.09 104.74 -54.00
N THR P 87 -37.36 104.40 -54.17
CA THR P 87 -38.30 104.60 -53.08
C THR P 87 -38.22 103.53 -52.01
N SER P 88 -37.62 102.38 -52.32
CA SER P 88 -37.17 101.51 -51.23
C SER P 88 -36.06 102.19 -50.43
N ARG P 89 -35.23 102.99 -51.07
CA ARG P 89 -34.29 103.83 -50.33
C ARG P 89 -35.00 104.99 -49.64
N ARG P 90 -36.17 105.43 -50.13
CA ARG P 90 -36.97 106.38 -49.36
C ARG P 90 -37.48 105.74 -48.07
N LEU P 91 -37.89 104.47 -48.13
CA LEU P 91 -38.22 103.77 -46.89
C LEU P 91 -36.99 103.54 -46.01
N ASN P 92 -35.81 103.37 -46.61
CA ASN P 92 -34.59 103.31 -45.79
C ASN P 92 -34.24 104.68 -45.21
N HIS P 93 -34.61 105.76 -45.89
CA HIS P 93 -34.53 107.08 -45.28
C HIS P 93 -35.52 107.21 -44.14
N TYR P 94 -36.66 106.54 -44.24
CA TYR P 94 -37.62 106.45 -43.14
C TYR P 94 -37.18 105.46 -42.07
N VAL P 95 -36.13 104.70 -42.31
CA VAL P 95 -35.43 103.97 -41.26
C VAL P 95 -34.42 104.87 -40.55
N LEU P 96 -33.62 105.59 -41.32
CA LEU P 96 -32.60 106.49 -40.75
C LEU P 96 -33.23 107.68 -40.04
N TYR P 97 -34.41 108.11 -40.47
CA TYR P 97 -35.13 109.22 -39.88
C TYR P 97 -35.94 108.82 -38.66
N LYS P 98 -35.84 107.57 -38.20
CA LYS P 98 -36.56 107.16 -37.00
C LYS P 98 -36.03 107.82 -35.73
N ALA P 99 -34.83 108.41 -35.80
CA ALA P 99 -34.25 109.17 -34.70
C ALA P 99 -34.51 110.66 -34.83
N VAL P 100 -35.64 111.07 -35.39
CA VAL P 100 -36.15 112.42 -35.13
C VAL P 100 -36.42 112.60 -33.63
N GLN P 101 -36.81 111.51 -32.97
CA GLN P 101 -37.08 111.50 -31.54
C GLN P 101 -35.83 111.73 -30.71
N GLY P 102 -34.67 111.25 -31.18
CA GLY P 102 -33.46 111.28 -30.37
C GLY P 102 -32.37 112.22 -30.85
N PHE P 103 -32.22 112.37 -32.16
CA PHE P 103 -31.19 113.21 -32.76
C PHE P 103 -31.70 114.64 -32.99
N PHE P 104 -32.79 114.75 -33.74
CA PHE P 104 -33.21 115.98 -34.38
C PHE P 104 -34.33 116.65 -33.58
N THR P 105 -34.90 117.71 -34.14
CA THR P 105 -36.02 118.40 -33.52
C THR P 105 -37.27 117.52 -33.58
N SER P 106 -37.92 117.33 -32.44
CA SER P 106 -39.01 116.37 -32.30
C SER P 106 -40.34 117.06 -32.62
N ASN P 107 -40.98 116.62 -33.70
CA ASN P 107 -42.28 117.13 -34.14
C ASN P 107 -43.32 116.03 -34.01
N ASN P 108 -44.38 116.30 -33.25
CA ASN P 108 -45.51 115.40 -33.13
C ASN P 108 -46.59 115.84 -34.11
N ALA P 109 -47.08 114.89 -34.90
CA ALA P 109 -48.11 115.20 -35.88
C ALA P 109 -49.23 114.17 -35.84
N THR P 110 -49.46 113.58 -34.66
CA THR P 110 -50.62 112.74 -34.43
C THR P 110 -51.79 113.61 -34.02
N ARG P 111 -52.96 113.32 -34.63
CA ARG P 111 -54.29 113.84 -34.33
C ARG P 111 -54.48 115.29 -34.78
N ASP P 112 -53.42 115.93 -35.27
CA ASP P 112 -53.45 117.31 -35.72
C ASP P 112 -53.09 117.44 -37.19
N PHE P 113 -51.97 116.86 -37.59
CA PHE P 113 -51.56 116.86 -38.99
C PHE P 113 -51.78 115.50 -39.64
N LEU P 114 -52.46 114.58 -38.96
CA LEU P 114 -52.79 113.31 -39.61
C LEU P 114 -53.83 113.48 -40.70
N LEU P 115 -54.65 114.53 -40.66
CA LEU P 115 -55.63 114.74 -41.72
C LEU P 115 -55.00 115.15 -43.05
N PRO P 116 -54.03 116.08 -43.11
CA PRO P 116 -53.27 116.17 -44.37
C PRO P 116 -52.40 114.96 -44.62
N PHE P 117 -52.03 114.21 -43.57
CA PHE P 117 -51.36 112.93 -43.81
C PHE P 117 -52.33 111.91 -44.38
N LEU P 118 -53.61 111.98 -43.96
CA LEU P 118 -54.64 111.22 -44.63
C LEU P 118 -54.86 111.70 -46.07
N GLU P 119 -54.53 112.94 -46.38
CA GLU P 119 -54.57 113.41 -47.75
C GLU P 119 -53.29 113.09 -48.53
N GLU P 120 -52.21 112.74 -47.85
CA GLU P 120 -50.92 112.46 -48.47
C GLU P 120 -50.76 111.22 -49.36
N PRO P 121 -51.41 110.07 -49.16
CA PRO P 121 -51.27 109.00 -50.18
C PRO P 121 -51.88 109.35 -51.52
N MET P 122 -52.78 110.34 -51.58
CA MET P 122 -53.20 110.92 -52.85
C MET P 122 -52.32 112.08 -53.27
N ASP P 123 -51.81 112.87 -52.31
CA ASP P 123 -50.91 113.99 -52.59
C ASP P 123 -49.55 113.53 -53.09
N THR P 124 -49.19 112.28 -52.86
CA THR P 124 -48.04 111.65 -53.49
C THR P 124 -48.54 110.85 -54.68
N GLU P 125 -47.61 110.56 -55.60
CA GLU P 125 -47.99 110.17 -56.96
C GLU P 125 -48.57 108.76 -57.00
N ALA P 126 -48.90 108.34 -58.22
CA ALA P 126 -49.88 107.29 -58.50
C ALA P 126 -49.50 105.95 -57.89
N ASP P 127 -50.49 105.33 -57.24
CA ASP P 127 -50.31 104.04 -56.60
C ASP P 127 -50.02 102.98 -57.65
N LEU P 128 -48.85 102.37 -57.56
CA LEU P 128 -48.45 101.37 -58.55
C LEU P 128 -48.90 99.97 -58.13
N GLN P 129 -50.23 99.85 -57.98
CA GLN P 129 -51.00 98.61 -57.75
C GLN P 129 -50.50 97.81 -56.54
N PHE P 130 -50.20 98.52 -55.45
CA PHE P 130 -49.95 97.87 -54.16
C PHE P 130 -50.77 98.58 -53.10
N ARG P 131 -52.01 98.20 -53.03
CA ARG P 131 -52.98 98.78 -52.11
C ARG P 131 -52.88 98.33 -50.64
N PRO P 132 -52.50 97.09 -50.28
CA PRO P 132 -52.29 96.80 -48.85
C PRO P 132 -51.25 97.64 -48.14
N ARG P 133 -50.29 98.25 -48.84
CA ARG P 133 -49.49 99.26 -48.16
C ARG P 133 -50.34 100.49 -47.83
N THR P 134 -51.16 100.94 -48.79
CA THR P 134 -52.07 102.04 -48.51
C THR P 134 -53.27 101.62 -47.67
N GLY P 135 -53.70 100.36 -47.75
CA GLY P 135 -54.72 99.89 -46.83
C GLY P 135 -54.22 99.86 -45.40
N LYS P 136 -52.96 99.46 -45.23
CA LYS P 136 -52.31 99.57 -43.93
C LYS P 136 -52.17 101.03 -43.50
N ALA P 137 -51.89 101.91 -44.45
CA ALA P 137 -51.80 103.34 -44.16
C ALA P 137 -53.16 103.99 -43.93
N ALA P 138 -54.26 103.31 -44.27
CA ALA P 138 -55.59 103.79 -43.95
C ALA P 138 -56.17 103.12 -42.71
N SER P 139 -55.55 102.05 -42.21
CA SER P 139 -56.03 101.37 -41.01
C SER P 139 -55.12 101.57 -39.80
N THR P 140 -53.86 101.16 -39.90
CA THR P 140 -52.90 101.20 -38.81
C THR P 140 -52.54 102.55 -38.17
N PRO P 141 -52.73 103.74 -38.83
CA PRO P 141 -52.60 104.99 -38.05
C PRO P 141 -53.54 105.16 -36.87
N LEU P 142 -54.86 105.13 -37.10
CA LEU P 142 -55.80 105.52 -36.06
C LEU P 142 -56.51 104.36 -35.39
N LEU P 143 -56.52 103.18 -36.00
CA LEU P 143 -57.23 102.06 -35.40
C LEU P 143 -56.42 101.43 -34.25
N PRO P 144 -55.07 101.39 -34.30
CA PRO P 144 -54.31 101.29 -33.05
C PRO P 144 -54.26 102.56 -32.19
N GLU P 145 -55.10 103.55 -32.46
CA GLU P 145 -55.32 104.65 -31.54
C GLU P 145 -56.74 104.60 -30.95
N VAL P 146 -57.54 103.59 -31.34
CA VAL P 146 -58.76 103.26 -30.63
C VAL P 146 -58.46 102.90 -29.17
N GLU P 147 -57.30 102.29 -28.92
CA GLU P 147 -56.84 101.96 -27.57
C GLU P 147 -56.48 103.17 -26.73
N ALA P 148 -56.59 104.40 -27.24
CA ALA P 148 -56.61 105.55 -26.36
C ALA P 148 -57.94 105.67 -25.64
N TYR P 149 -59.00 105.08 -26.20
CA TYR P 149 -60.34 104.93 -25.62
C TYR P 149 -61.03 106.25 -25.32
N LEU P 150 -60.53 107.36 -25.86
CA LEU P 150 -61.14 108.64 -25.53
C LEU P 150 -62.42 108.83 -26.35
N GLN P 151 -62.32 108.61 -27.67
CA GLN P 151 -63.43 108.64 -28.62
C GLN P 151 -64.23 109.95 -28.51
N LEU P 152 -63.49 111.05 -28.44
CA LEU P 152 -64.09 112.39 -28.41
C LEU P 152 -63.36 113.21 -29.47
N LEU P 153 -64.08 113.52 -30.56
CA LEU P 153 -63.65 114.30 -31.74
C LEU P 153 -62.62 113.55 -32.58
N VAL P 154 -62.21 112.35 -32.13
CA VAL P 154 -61.39 111.45 -32.92
C VAL P 154 -62.23 110.30 -33.46
N VAL P 155 -63.49 110.18 -33.01
CA VAL P 155 -64.46 109.26 -33.62
C VAL P 155 -64.57 109.50 -35.11
N ILE P 156 -64.83 110.75 -35.50
CA ILE P 156 -64.87 111.08 -36.91
C ILE P 156 -63.49 111.10 -37.53
N PHE P 157 -62.42 111.17 -36.73
CA PHE P 157 -61.07 111.06 -37.30
C PHE P 157 -60.76 109.63 -37.70
N MET P 158 -61.01 108.68 -36.80
CA MET P 158 -60.92 107.27 -37.14
C MET P 158 -61.88 106.90 -38.26
N MET P 159 -63.05 107.52 -38.26
CA MET P 159 -63.98 107.36 -39.37
C MET P 159 -63.43 107.94 -40.66
N ASN P 160 -62.63 109.01 -40.58
CA ASN P 160 -62.00 109.56 -41.79
C ASN P 160 -60.90 108.64 -42.31
N SER P 161 -60.19 107.99 -41.39
CA SER P 161 -59.24 106.95 -41.80
C SER P 161 -59.96 105.81 -42.51
N LYS P 162 -61.16 105.47 -42.05
CA LYS P 162 -61.98 104.51 -42.80
C LYS P 162 -62.63 105.11 -44.04
N ARG P 163 -62.74 106.43 -44.14
CA ARG P 163 -63.15 107.03 -45.41
C ARG P 163 -62.04 106.90 -46.44
N TYR P 164 -60.79 106.98 -46.01
CA TYR P 164 -59.69 106.69 -46.92
C TYR P 164 -59.53 105.20 -47.15
N LYS P 165 -60.00 104.37 -46.23
CA LYS P 165 -60.27 102.97 -46.59
C LYS P 165 -61.32 102.87 -47.69
N GLU P 166 -62.35 103.70 -47.65
CA GLU P 166 -63.36 103.65 -48.71
C GLU P 166 -62.79 104.17 -50.02
N ALA P 167 -61.83 105.10 -49.94
CA ALA P 167 -61.02 105.43 -51.10
C ALA P 167 -60.20 104.24 -51.57
N GLN P 168 -59.75 103.40 -50.64
CA GLN P 168 -59.10 102.15 -51.05
C GLN P 168 -60.09 101.15 -51.65
N LYS P 169 -61.35 101.18 -51.25
CA LYS P 169 -62.36 100.36 -51.92
C LYS P 169 -62.65 100.91 -53.32
N ILE P 170 -62.60 102.23 -53.47
CA ILE P 170 -62.68 102.87 -54.79
C ILE P 170 -61.54 102.38 -55.68
N SER P 171 -60.31 102.45 -55.18
CA SER P 171 -59.16 101.96 -55.94
C SER P 171 -59.08 100.43 -55.98
N ASP P 172 -59.92 99.74 -55.23
CA ASP P 172 -59.94 98.28 -55.19
C ASP P 172 -60.91 97.71 -56.22
N ASP P 173 -62.18 98.08 -56.12
CA ASP P 173 -63.22 97.56 -57.00
C ASP P 173 -63.80 98.65 -57.89
N LEU P 174 -63.00 99.68 -58.15
CA LEU P 174 -63.22 100.65 -59.20
C LEU P 174 -61.94 100.89 -60.01
N MET P 175 -60.85 100.21 -59.66
CA MET P 175 -59.58 100.27 -60.38
C MET P 175 -58.99 98.86 -60.44
N GLN P 176 -57.99 98.70 -61.31
CA GLN P 176 -57.34 97.42 -61.63
C GLN P 176 -58.36 96.36 -62.06
N LYS P 177 -58.88 96.57 -63.27
CA LYS P 177 -59.95 95.72 -63.79
C LYS P 177 -59.46 94.41 -64.40
N ILE P 178 -58.21 94.01 -64.14
CA ILE P 178 -57.79 92.65 -64.48
C ILE P 178 -57.19 92.00 -63.23
N SER P 179 -58.04 91.28 -62.48
CA SER P 179 -57.69 90.20 -61.54
C SER P 179 -56.61 90.60 -60.54
N THR P 180 -56.97 91.54 -59.66
CA THR P 180 -56.02 92.10 -58.71
C THR P 180 -55.53 91.04 -57.72
N GLN P 181 -56.47 90.32 -57.10
CA GLN P 181 -56.30 89.16 -56.21
C GLN P 181 -55.67 89.52 -54.87
N ASN P 182 -55.27 90.76 -54.70
CA ASN P 182 -55.22 91.40 -53.40
C ASN P 182 -56.56 91.98 -53.03
N ARG P 183 -57.57 91.82 -53.91
CA ARG P 183 -58.95 92.07 -53.53
C ARG P 183 -59.36 91.21 -52.36
N ARG P 184 -58.85 89.98 -52.29
CA ARG P 184 -59.13 89.11 -51.17
C ARG P 184 -58.36 89.54 -49.91
N ALA P 185 -57.11 89.98 -50.09
CA ALA P 185 -56.34 90.49 -48.95
C ALA P 185 -56.97 91.76 -48.39
N LEU P 186 -57.48 92.61 -49.26
CA LEU P 186 -58.19 93.80 -48.83
C LEU P 186 -59.58 93.50 -48.29
N ASP P 187 -60.20 92.38 -48.71
CA ASP P 187 -61.36 91.88 -47.98
C ASP P 187 -61.01 91.55 -46.54
N LEU P 188 -59.87 90.87 -46.35
CA LEU P 188 -59.39 90.55 -45.00
C LEU P 188 -59.10 91.81 -44.18
N VAL P 189 -58.50 92.81 -44.80
CA VAL P 189 -58.19 94.05 -44.07
C VAL P 189 -59.46 94.84 -43.79
N ALA P 190 -60.31 94.96 -44.81
CA ALA P 190 -61.56 95.70 -44.72
C ALA P 190 -62.52 95.06 -43.74
N ALA P 191 -62.43 93.74 -43.54
CA ALA P 191 -63.25 93.11 -42.52
C ALA P 191 -62.87 93.60 -41.14
N LYS P 192 -61.58 93.60 -40.83
CA LYS P 192 -61.11 94.04 -39.52
C LYS P 192 -61.40 95.52 -39.31
N CYS P 193 -61.28 96.32 -40.36
CA CYS P 193 -61.63 97.71 -40.18
C CYS P 193 -63.13 97.94 -40.21
N TYR P 194 -63.93 96.98 -40.68
CA TYR P 194 -65.37 97.04 -40.44
C TYR P 194 -65.68 96.74 -38.97
N TYR P 195 -64.88 95.87 -38.35
CA TYR P 195 -64.99 95.76 -36.91
C TYR P 195 -64.44 96.98 -36.19
N TYR P 196 -63.60 97.76 -36.85
CA TYR P 196 -63.30 99.08 -36.30
C TYR P 196 -64.39 100.13 -36.60
N HIS P 197 -65.14 99.96 -37.70
CA HIS P 197 -66.39 100.71 -37.86
C HIS P 197 -67.34 100.42 -36.71
N ALA P 198 -67.42 99.14 -36.32
CA ALA P 198 -68.12 98.77 -35.10
C ALA P 198 -67.54 99.50 -33.90
N ARG P 199 -66.23 99.42 -33.72
CA ARG P 199 -65.58 100.10 -32.60
C ARG P 199 -65.56 101.63 -32.70
N VAL P 200 -66.11 102.25 -33.73
CA VAL P 200 -66.21 103.70 -33.82
C VAL P 200 -67.65 104.17 -33.72
N TYR P 201 -68.55 103.58 -34.50
CA TYR P 201 -69.96 103.94 -34.39
C TYR P 201 -70.61 103.32 -33.16
N GLU P 202 -70.44 102.01 -32.96
CA GLU P 202 -71.17 101.27 -31.94
C GLU P 202 -70.75 101.62 -30.51
N PHE P 203 -69.67 102.38 -30.33
CA PHE P 203 -69.47 102.99 -29.02
C PHE P 203 -70.51 104.07 -28.74
N LEU P 204 -71.04 104.72 -29.78
CA LEU P 204 -72.02 105.78 -29.55
C LEU P 204 -73.24 105.75 -30.47
N ASP P 205 -73.17 105.18 -31.67
CA ASP P 205 -74.29 105.21 -32.62
C ASP P 205 -74.41 103.82 -33.24
N LYS P 206 -75.18 103.72 -34.32
CA LYS P 206 -75.15 102.52 -35.15
C LYS P 206 -74.54 102.88 -36.50
N LEU P 207 -74.28 101.85 -37.30
CA LEU P 207 -73.57 102.06 -38.56
C LEU P 207 -74.56 102.22 -39.72
N ASP P 208 -75.24 103.36 -39.68
CA ASP P 208 -76.26 103.70 -40.67
C ASP P 208 -75.68 103.86 -42.07
N VAL P 209 -74.41 104.25 -42.18
CA VAL P 209 -73.68 104.03 -43.44
C VAL P 209 -73.67 102.54 -43.76
N VAL P 210 -73.20 101.74 -42.82
CA VAL P 210 -72.81 100.37 -43.14
C VAL P 210 -73.99 99.44 -42.86
N ARG P 211 -75.20 100.00 -42.71
CA ARG P 211 -76.34 99.09 -42.77
C ARG P 211 -76.64 98.75 -44.22
N SER P 212 -77.01 99.76 -45.00
CA SER P 212 -77.14 99.54 -46.43
C SER P 212 -75.79 99.36 -47.09
N PHE P 213 -74.70 99.80 -46.47
CA PHE P 213 -73.39 99.48 -47.01
C PHE P 213 -72.87 98.13 -46.53
N LEU P 214 -73.46 97.55 -45.49
CA LEU P 214 -73.24 96.14 -45.20
C LEU P 214 -73.87 95.29 -46.27
N HIS P 215 -75.10 95.64 -46.64
CA HIS P 215 -75.76 94.93 -47.73
C HIS P 215 -75.11 95.23 -49.09
N ALA P 216 -74.57 96.43 -49.28
CA ALA P 216 -73.93 96.77 -50.54
C ALA P 216 -72.52 96.23 -50.64
N ARG P 217 -71.84 96.05 -49.51
CA ARG P 217 -70.55 95.40 -49.49
C ARG P 217 -70.72 93.89 -49.63
N LEU P 218 -71.86 93.38 -49.18
CA LEU P 218 -72.24 92.03 -49.57
C LEU P 218 -72.56 91.97 -51.05
N ARG P 219 -73.14 93.03 -51.60
CA ARG P 219 -73.44 93.08 -53.03
C ARG P 219 -72.17 93.03 -53.87
N THR P 220 -71.17 93.83 -53.49
CA THR P 220 -69.92 93.85 -54.25
C THR P 220 -69.07 92.61 -53.97
N ALA P 221 -69.44 91.80 -52.98
CA ALA P 221 -68.76 90.55 -52.68
C ALA P 221 -69.80 89.46 -52.48
N THR P 222 -70.69 89.31 -53.45
CA THR P 222 -71.71 88.26 -53.39
C THR P 222 -71.25 87.03 -54.14
N LEU P 223 -70.92 87.22 -55.42
CA LEU P 223 -70.48 86.12 -56.26
C LEU P 223 -69.25 86.45 -57.08
N ARG P 224 -69.10 87.70 -57.51
CA ARG P 224 -68.11 88.01 -58.54
C ARG P 224 -66.69 87.98 -57.99
N HIS P 225 -66.48 88.50 -56.78
CA HIS P 225 -65.18 88.44 -56.12
C HIS P 225 -65.38 88.15 -54.63
N ASP P 226 -66.19 87.14 -54.35
CA ASP P 226 -66.53 86.77 -52.99
C ASP P 226 -65.58 85.68 -52.51
N ALA P 227 -64.70 86.03 -51.59
CA ALA P 227 -63.89 85.06 -50.84
C ALA P 227 -63.47 85.69 -49.53
N ASP P 228 -63.97 85.13 -48.43
CA ASP P 228 -63.88 85.47 -47.00
C ASP P 228 -64.72 86.69 -46.65
N GLY P 229 -65.11 87.46 -47.67
CA GLY P 229 -65.92 88.63 -47.45
C GLY P 229 -67.32 88.27 -47.01
N GLN P 230 -67.83 87.13 -47.52
CA GLN P 230 -69.22 86.73 -47.29
C GLN P 230 -69.48 86.48 -45.82
N ALA P 231 -68.66 85.67 -45.17
CA ALA P 231 -68.98 85.42 -43.78
C ALA P 231 -68.30 86.38 -42.82
N THR P 232 -67.33 87.19 -43.24
CA THR P 232 -66.99 88.32 -42.37
C THR P 232 -68.13 89.33 -42.29
N LEU P 233 -68.68 89.69 -43.46
CA LEU P 233 -69.86 90.55 -43.48
C LEU P 233 -71.07 89.87 -42.87
N LEU P 234 -71.16 88.56 -42.98
CA LEU P 234 -72.28 87.87 -42.35
C LEU P 234 -72.10 87.75 -40.85
N ASN P 235 -70.87 87.81 -40.34
CA ASN P 235 -70.72 87.89 -38.90
C ASN P 235 -71.06 89.27 -38.38
N LEU P 236 -70.75 90.32 -39.16
CA LEU P 236 -71.32 91.65 -38.88
C LEU P 236 -72.84 91.61 -38.90
N LEU P 237 -73.40 91.00 -39.95
CA LEU P 237 -74.84 90.89 -40.18
C LEU P 237 -75.51 90.09 -39.09
N LEU P 238 -74.80 89.16 -38.48
CA LEU P 238 -75.36 88.24 -37.53
C LEU P 238 -74.90 88.56 -36.12
N ARG P 239 -74.18 89.67 -35.95
CA ARG P 239 -73.71 90.12 -34.66
C ARG P 239 -74.29 91.45 -34.23
N ASN P 240 -74.20 92.48 -35.08
CA ASN P 240 -74.84 93.75 -34.75
C ASN P 240 -76.36 93.59 -34.81
N TYR P 241 -76.85 92.68 -35.65
CA TYR P 241 -78.28 92.44 -35.70
C TYR P 241 -78.76 91.46 -34.63
N LEU P 242 -78.01 91.33 -33.53
CA LEU P 242 -78.57 90.72 -32.32
C LEU P 242 -79.03 91.76 -31.31
N HIS P 243 -78.18 92.72 -30.95
CA HIS P 243 -78.59 93.72 -29.97
C HIS P 243 -79.62 94.70 -30.54
N TYR P 244 -79.25 95.41 -31.60
CA TYR P 244 -80.21 96.02 -32.51
C TYR P 244 -80.90 94.84 -33.19
N SER P 245 -82.23 94.80 -33.05
CA SER P 245 -83.21 93.69 -33.13
C SER P 245 -83.18 92.69 -34.29
N LEU P 246 -84.21 91.83 -34.36
CA LEU P 246 -84.16 90.51 -34.99
C LEU P 246 -85.15 90.51 -36.14
N TYR P 247 -85.44 89.31 -36.71
CA TYR P 247 -86.06 89.04 -38.02
C TYR P 247 -85.13 89.36 -39.19
N ASP P 248 -83.95 89.91 -38.93
CA ASP P 248 -82.90 89.93 -39.94
C ASP P 248 -82.31 88.55 -40.15
N GLN P 249 -82.30 87.75 -39.08
CA GLN P 249 -82.01 86.33 -39.22
C GLN P 249 -83.08 85.65 -40.05
N ALA P 250 -84.32 86.13 -39.94
CA ALA P 250 -85.37 85.73 -40.87
C ALA P 250 -85.29 86.47 -42.20
N GLU P 251 -84.53 87.56 -42.29
CA GLU P 251 -84.23 88.12 -43.60
C GLU P 251 -83.21 87.25 -44.33
N LYS P 252 -82.41 86.49 -43.57
CA LYS P 252 -81.55 85.49 -44.20
C LYS P 252 -82.34 84.37 -44.85
N LEU P 253 -83.48 83.99 -44.27
CA LEU P 253 -84.08 82.67 -44.49
C LEU P 253 -84.60 82.43 -45.90
N VAL P 254 -84.61 83.44 -46.77
CA VAL P 254 -84.88 83.23 -48.18
C VAL P 254 -83.65 83.41 -49.05
N SER P 255 -82.54 83.87 -48.47
CA SER P 255 -81.28 84.01 -49.19
C SER P 255 -80.12 83.52 -48.33
N LYS P 256 -80.33 82.41 -47.61
CA LYS P 256 -79.26 81.82 -46.82
C LYS P 256 -78.19 81.28 -47.73
N SER P 257 -76.97 81.79 -47.58
CA SER P 257 -75.84 81.40 -48.40
C SER P 257 -74.60 81.44 -47.53
N VAL P 258 -73.81 80.38 -47.57
CA VAL P 258 -72.65 80.27 -46.71
C VAL P 258 -71.45 80.19 -47.64
N PHE P 259 -70.26 79.98 -47.09
CA PHE P 259 -69.05 79.79 -47.88
C PHE P 259 -69.09 78.54 -48.76
N PRO P 260 -68.33 78.56 -49.88
CA PRO P 260 -68.04 77.31 -50.60
C PRO P 260 -67.20 76.37 -49.76
N GLU P 261 -66.04 76.87 -49.33
CA GLU P 261 -65.15 76.15 -48.44
C GLU P 261 -65.13 76.85 -47.10
N GLN P 262 -65.12 76.06 -46.03
CA GLN P 262 -64.98 76.60 -44.69
C GLN P 262 -63.68 77.38 -44.53
N ALA P 263 -63.78 78.53 -43.86
CA ALA P 263 -62.71 79.49 -43.73
C ALA P 263 -61.86 79.17 -42.53
N ASN P 264 -61.15 80.18 -42.02
CA ASN P 264 -60.41 80.11 -40.76
C ASN P 264 -61.23 79.45 -39.66
N ASN P 265 -60.53 78.62 -38.89
CA ASN P 265 -61.18 77.72 -37.95
C ASN P 265 -61.87 78.49 -36.84
N ASN P 266 -61.21 79.54 -36.35
CA ASN P 266 -61.83 80.43 -35.39
C ASN P 266 -63.02 81.15 -36.01
N GLU P 267 -62.89 81.58 -37.26
CA GLU P 267 -63.97 82.29 -37.95
C GLU P 267 -65.19 81.41 -38.12
N TRP P 268 -64.99 80.21 -38.67
CA TRP P 268 -66.09 79.27 -38.89
C TRP P 268 -66.70 78.84 -37.57
N ALA P 269 -65.86 78.68 -36.54
CA ALA P 269 -66.34 78.33 -35.20
C ALA P 269 -67.26 79.41 -34.63
N ARG P 270 -66.80 80.66 -34.65
CA ARG P 270 -67.61 81.72 -34.05
C ARG P 270 -68.84 82.03 -34.89
N TYR P 271 -68.77 81.79 -36.21
CA TYR P 271 -69.95 81.93 -37.06
C TYR P 271 -71.01 80.90 -36.73
N LEU P 272 -70.59 79.64 -36.56
CA LEU P 272 -71.52 78.61 -36.09
C LEU P 272 -72.03 78.92 -34.70
N TYR P 273 -71.22 79.55 -33.87
CA TYR P 273 -71.69 79.97 -32.55
C TYR P 273 -72.78 81.04 -32.65
N TYR P 274 -72.61 82.02 -33.55
CA TYR P 274 -73.62 83.05 -33.72
C TYR P 274 -74.94 82.47 -34.20
N THR P 275 -74.88 81.57 -35.19
CA THR P 275 -76.14 81.02 -35.70
C THR P 275 -76.78 80.05 -34.72
N GLY P 276 -75.98 79.35 -33.91
CA GLY P 276 -76.58 78.55 -32.85
C GLY P 276 -77.19 79.38 -31.74
N ARG P 277 -76.59 80.53 -31.45
CA ARG P 277 -77.17 81.41 -30.44
C ARG P 277 -78.44 82.07 -30.96
N ILE P 278 -78.55 82.23 -32.28
CA ILE P 278 -79.81 82.67 -32.85
C ILE P 278 -80.85 81.55 -32.79
N LYS P 279 -80.46 80.31 -33.08
CA LYS P 279 -81.38 79.19 -32.89
C LYS P 279 -81.72 78.90 -31.44
N ALA P 280 -81.00 79.50 -30.49
CA ALA P 280 -81.42 79.45 -29.09
C ALA P 280 -82.74 80.18 -28.89
N ILE P 281 -82.86 81.40 -29.40
CA ILE P 281 -84.11 82.14 -29.24
C ILE P 281 -85.17 81.62 -30.19
N GLN P 282 -84.78 80.90 -31.24
CA GLN P 282 -85.73 80.22 -32.10
C GLN P 282 -86.27 78.94 -31.45
N LEU P 283 -85.63 78.47 -30.37
CA LEU P 283 -86.04 77.28 -29.61
C LEU P 283 -86.07 76.03 -30.47
N GLU P 284 -85.15 75.94 -31.42
CA GLU P 284 -84.93 74.74 -32.20
C GLU P 284 -83.69 74.06 -31.62
N TYR P 285 -83.91 72.98 -30.88
CA TYR P 285 -82.91 72.42 -30.00
C TYR P 285 -82.13 71.26 -30.61
N SER P 286 -82.43 70.89 -31.85
CA SER P 286 -81.84 69.70 -32.47
C SER P 286 -80.54 70.03 -33.19
N GLU P 287 -80.60 70.96 -34.16
CA GLU P 287 -79.40 71.43 -34.83
C GLU P 287 -78.50 72.21 -33.88
N ALA P 288 -79.12 72.88 -32.90
CA ALA P 288 -78.38 73.84 -32.08
C ALA P 288 -77.36 73.14 -31.19
N ARG P 289 -77.70 71.97 -30.66
CA ARG P 289 -76.79 71.31 -29.72
C ARG P 289 -75.52 70.84 -30.43
N ARG P 290 -75.63 70.32 -31.65
CA ARG P 290 -74.43 69.89 -32.35
C ARG P 290 -73.65 71.05 -32.93
N THR P 291 -74.32 72.13 -33.38
CA THR P 291 -73.54 73.23 -33.93
C THR P 291 -72.88 74.05 -32.82
N MET P 292 -73.50 74.14 -31.64
CA MET P 292 -72.87 74.84 -30.53
C MET P 292 -71.79 73.97 -29.89
N THR P 293 -71.92 72.64 -29.99
CA THR P 293 -70.83 71.77 -29.55
C THR P 293 -69.63 71.90 -30.49
N ASN P 294 -69.90 71.95 -31.80
CA ASN P 294 -68.87 72.19 -32.78
C ASN P 294 -68.18 73.53 -32.55
N ALA P 295 -68.96 74.57 -32.27
CA ALA P 295 -68.39 75.88 -32.00
C ALA P 295 -67.63 75.90 -30.69
N LEU P 296 -68.05 75.09 -29.71
CA LEU P 296 -67.39 75.05 -28.42
C LEU P 296 -66.02 74.40 -28.52
N ARG P 297 -65.97 73.22 -29.10
CA ARG P 297 -64.69 72.54 -29.26
C ARG P 297 -63.84 73.13 -30.37
N LYS P 298 -64.39 73.96 -31.25
CA LYS P 298 -63.64 74.38 -32.42
C LYS P 298 -62.88 75.69 -32.18
N ALA P 299 -63.09 76.33 -31.04
CA ALA P 299 -62.35 77.54 -30.67
C ALA P 299 -61.60 77.26 -29.37
N PRO P 300 -60.43 76.63 -29.43
CA PRO P 300 -59.67 76.32 -28.20
C PRO P 300 -58.71 77.42 -27.77
N GLN P 301 -58.62 78.51 -28.51
CA GLN P 301 -57.64 79.54 -28.24
C GLN P 301 -58.35 80.82 -27.85
N HIS P 302 -58.02 81.28 -26.65
CA HIS P 302 -58.69 82.40 -26.02
C HIS P 302 -57.74 83.03 -25.02
N THR P 303 -58.00 84.28 -24.69
CA THR P 303 -57.20 84.98 -23.69
C THR P 303 -57.50 84.43 -22.31
N ALA P 304 -56.46 84.36 -21.46
CA ALA P 304 -56.55 83.80 -20.11
C ALA P 304 -57.55 84.51 -19.20
N VAL P 305 -58.01 85.70 -19.57
CA VAL P 305 -59.13 86.31 -18.83
C VAL P 305 -60.41 85.52 -19.05
N GLY P 306 -60.48 84.77 -20.16
CA GLY P 306 -61.65 83.95 -20.44
C GLY P 306 -62.02 83.82 -21.90
N PHE P 307 -63.27 84.20 -22.20
CA PHE P 307 -63.94 84.33 -23.49
C PHE P 307 -64.35 82.99 -24.08
N LYS P 308 -63.66 81.92 -23.71
CA LYS P 308 -64.19 80.60 -24.03
C LYS P 308 -65.20 80.21 -22.96
N GLN P 309 -65.01 80.67 -21.73
CA GLN P 309 -66.07 80.49 -20.76
C GLN P 309 -67.21 81.47 -20.98
N THR P 310 -66.95 82.60 -21.65
CA THR P 310 -68.04 83.44 -22.15
C THR P 310 -68.86 82.70 -23.19
N VAL P 311 -68.18 82.12 -24.20
CA VAL P 311 -68.87 81.45 -25.29
C VAL P 311 -69.60 80.21 -24.74
N HIS P 312 -69.04 79.58 -23.71
CA HIS P 312 -69.67 78.41 -23.11
C HIS P 312 -70.85 78.77 -22.22
N LYS P 313 -70.69 79.83 -21.41
CA LYS P 313 -71.74 80.43 -20.60
C LYS P 313 -72.98 80.73 -21.41
N LEU P 314 -72.83 81.55 -22.44
CA LEU P 314 -74.00 81.86 -23.25
C LEU P 314 -74.35 80.74 -24.22
N LEU P 315 -73.53 79.68 -24.26
CA LEU P 315 -73.86 78.51 -25.05
C LEU P 315 -74.84 77.59 -24.34
N ILE P 316 -74.52 77.16 -23.11
CA ILE P 316 -75.11 75.94 -22.57
C ILE P 316 -76.47 76.17 -21.92
N VAL P 317 -77.03 77.37 -22.07
CA VAL P 317 -78.29 77.68 -21.39
C VAL P 317 -79.44 76.92 -22.03
N VAL P 318 -79.52 76.91 -23.36
CA VAL P 318 -80.53 76.09 -24.01
C VAL P 318 -80.19 74.60 -23.92
N GLU P 319 -78.93 74.27 -23.68
CA GLU P 319 -78.57 72.88 -23.41
C GLU P 319 -79.10 72.45 -22.04
N LEU P 320 -79.13 73.37 -21.09
CA LEU P 320 -79.90 73.14 -19.86
C LEU P 320 -81.38 73.04 -20.18
N LEU P 321 -81.87 73.86 -21.10
CA LEU P 321 -83.28 73.84 -21.51
C LEU P 321 -83.67 72.61 -22.32
N LEU P 322 -82.71 71.76 -22.70
CA LEU P 322 -83.02 70.52 -23.41
C LEU P 322 -83.90 69.58 -22.60
N GLY P 323 -83.77 69.60 -21.28
CA GLY P 323 -84.28 68.54 -20.44
C GLY P 323 -83.19 67.64 -19.94
N GLU P 324 -82.01 67.69 -20.54
CA GLU P 324 -80.85 66.93 -20.12
C GLU P 324 -79.59 67.66 -20.59
N ILE P 325 -78.54 67.54 -19.78
CA ILE P 325 -77.26 68.23 -19.99
C ILE P 325 -76.23 67.56 -19.08
N PRO P 326 -75.00 67.36 -19.54
CA PRO P 326 -73.95 66.87 -18.64
C PRO P 326 -73.55 67.91 -17.61
N ASP P 327 -72.82 67.43 -16.60
CA ASP P 327 -72.37 68.31 -15.53
C ASP P 327 -71.23 69.19 -16.03
N ARG P 328 -71.18 70.42 -15.52
CA ARG P 328 -70.19 71.39 -15.96
C ARG P 328 -68.88 71.27 -15.19
N LEU P 329 -68.61 70.09 -14.62
CA LEU P 329 -67.37 69.81 -13.91
C LEU P 329 -66.15 69.68 -14.82
N GLN P 330 -66.29 70.02 -16.09
CA GLN P 330 -65.22 70.04 -17.06
C GLN P 330 -64.99 71.43 -17.63
N PHE P 331 -65.68 72.44 -17.10
CA PHE P 331 -65.55 73.81 -17.58
C PHE P 331 -65.33 74.83 -16.47
N ARG P 332 -65.23 74.42 -15.22
CA ARG P 332 -65.17 75.37 -14.12
C ARG P 332 -63.80 76.02 -14.04
N GLN P 333 -63.77 77.35 -14.11
CA GLN P 333 -62.59 78.18 -14.06
C GLN P 333 -62.68 79.09 -12.83
N PRO P 334 -61.56 79.38 -12.16
CA PRO P 334 -61.63 80.19 -10.93
C PRO P 334 -62.09 81.63 -11.10
N SER P 335 -61.61 82.34 -12.12
CA SER P 335 -62.16 83.66 -12.41
C SER P 335 -63.60 83.54 -12.89
N LEU P 336 -63.93 82.46 -13.61
CA LEU P 336 -65.32 82.12 -13.87
C LEU P 336 -66.07 81.80 -12.59
N LYS P 337 -65.40 81.21 -11.60
CA LYS P 337 -66.05 80.95 -10.32
C LYS P 337 -66.38 82.25 -9.59
N ARG P 338 -65.50 83.25 -9.68
CA ARG P 338 -65.78 84.54 -9.05
C ARG P 338 -66.80 85.33 -9.83
N SER P 339 -66.83 85.18 -11.16
CA SER P 339 -67.78 85.93 -11.97
C SER P 339 -69.13 85.24 -12.09
N LEU P 340 -69.23 83.97 -11.66
CA LEU P 340 -70.46 83.15 -11.59
C LEU P 340 -71.34 83.28 -12.83
N MET P 341 -70.68 83.15 -14.00
CA MET P 341 -71.32 83.47 -15.27
C MET P 341 -72.39 82.45 -15.67
N PRO P 342 -72.13 81.08 -15.67
CA PRO P 342 -73.25 80.19 -16.03
C PRO P 342 -73.97 79.62 -14.82
N TYR P 343 -73.54 80.01 -13.61
CA TYR P 343 -74.10 79.54 -12.34
C TYR P 343 -74.09 78.03 -12.18
N PHE P 344 -72.96 77.47 -11.73
CA PHE P 344 -72.92 76.08 -11.24
C PHE P 344 -74.08 75.72 -10.33
N LEU P 345 -74.52 76.67 -9.50
CA LEU P 345 -75.71 76.47 -8.67
C LEU P 345 -76.98 76.24 -9.50
N LEU P 346 -77.07 76.84 -10.68
CA LEU P 346 -78.24 76.64 -11.54
C LEU P 346 -78.34 75.19 -12.01
N THR P 347 -77.26 74.67 -12.58
CA THR P 347 -77.28 73.28 -13.00
C THR P 347 -77.19 72.31 -11.82
N GLN P 348 -76.78 72.78 -10.65
CA GLN P 348 -76.95 72.00 -9.44
C GLN P 348 -78.42 71.85 -9.09
N ALA P 349 -79.19 72.93 -9.23
CA ALA P 349 -80.62 72.88 -8.98
C ALA P 349 -81.38 72.17 -10.10
N VAL P 350 -80.78 72.09 -11.29
CA VAL P 350 -81.35 71.29 -12.36
C VAL P 350 -81.37 69.81 -11.99
N ARG P 351 -80.28 69.32 -11.40
CA ARG P 351 -80.22 67.94 -10.96
C ARG P 351 -81.17 67.66 -9.80
N THR P 352 -81.55 68.68 -9.05
CA THR P 352 -82.54 68.53 -7.99
C THR P 352 -83.94 68.77 -8.55
N GLY P 353 -84.94 68.36 -7.78
CA GLY P 353 -86.30 68.75 -8.07
C GLY P 353 -86.72 69.88 -7.16
N ASN P 354 -85.77 70.76 -6.83
CA ASN P 354 -86.00 71.80 -5.84
C ASN P 354 -86.58 73.04 -6.48
N LEU P 355 -87.49 73.69 -5.76
CA LEU P 355 -88.17 74.88 -6.25
C LEU P 355 -87.78 76.13 -5.48
N ALA P 356 -87.57 76.01 -4.17
CA ALA P 356 -87.24 77.17 -3.35
C ALA P 356 -85.85 77.71 -3.67
N LYS P 357 -84.86 76.83 -3.79
CA LYS P 357 -83.51 77.29 -4.11
C LYS P 357 -83.40 77.71 -5.58
N PHE P 358 -84.13 77.03 -6.48
CA PHE P 358 -84.12 77.39 -7.89
C PHE P 358 -84.73 78.76 -8.12
N ASN P 359 -85.88 79.02 -7.52
CA ASN P 359 -86.43 80.36 -7.62
C ASN P 359 -85.67 81.35 -6.75
N GLN P 360 -84.87 80.90 -5.78
CA GLN P 360 -83.95 81.80 -5.09
C GLN P 360 -82.82 82.22 -6.01
N VAL P 361 -82.31 81.28 -6.82
CA VAL P 361 -81.36 81.61 -7.88
C VAL P 361 -81.95 82.66 -8.80
N LEU P 362 -83.18 82.43 -9.25
CA LEU P 362 -83.93 83.39 -10.07
C LEU P 362 -84.05 84.78 -9.45
N ASP P 363 -84.69 84.87 -8.28
CA ASP P 363 -84.99 86.17 -7.68
C ASP P 363 -83.74 86.83 -7.12
N GLN P 364 -82.89 86.06 -6.44
CA GLN P 364 -81.66 86.56 -5.87
C GLN P 364 -80.66 86.99 -6.94
N PHE P 365 -80.67 86.33 -8.10
CA PHE P 365 -79.61 86.46 -9.08
C PHE P 365 -80.14 87.07 -10.38
N GLY P 366 -81.32 87.71 -10.32
CA GLY P 366 -81.74 88.58 -11.41
C GLY P 366 -80.75 89.67 -11.78
N GLU P 367 -79.94 90.11 -10.81
CA GLU P 367 -78.81 90.99 -11.13
C GLU P 367 -77.83 90.35 -12.10
N LYS P 368 -77.63 89.03 -12.03
CA LYS P 368 -76.76 88.38 -13.00
C LYS P 368 -77.54 87.91 -14.23
N PHE P 369 -78.84 87.69 -14.06
CA PHE P 369 -79.74 87.53 -15.20
C PHE P 369 -79.80 88.77 -16.09
N GLN P 370 -79.45 89.94 -15.55
CA GLN P 370 -79.18 91.10 -16.40
C GLN P 370 -78.10 90.79 -17.43
N ALA P 371 -76.98 90.23 -16.96
CA ALA P 371 -75.90 89.86 -17.87
C ALA P 371 -76.28 88.66 -18.72
N ASP P 372 -77.21 87.83 -18.23
CA ASP P 372 -77.76 86.78 -19.08
C ASP P 372 -78.55 87.37 -20.23
N GLY P 373 -79.58 88.15 -19.92
CA GLY P 373 -80.41 88.76 -20.94
C GLY P 373 -81.23 87.79 -21.75
N THR P 374 -81.36 86.56 -21.27
CA THR P 374 -82.01 85.46 -21.97
C THR P 374 -83.15 84.93 -21.13
N TYR P 375 -83.98 85.85 -20.61
CA TYR P 375 -85.10 85.57 -19.70
C TYR P 375 -86.15 84.62 -20.27
N THR P 376 -86.06 84.24 -21.55
CA THR P 376 -86.84 83.13 -22.07
C THR P 376 -86.44 81.79 -21.47
N LEU P 377 -85.32 81.73 -20.73
CA LEU P 377 -84.94 80.49 -20.08
C LEU P 377 -85.94 80.11 -19.00
N ILE P 378 -86.39 81.08 -18.19
CA ILE P 378 -86.97 80.74 -16.88
C ILE P 378 -88.40 80.26 -17.00
N ILE P 379 -89.21 80.89 -17.87
CA ILE P 379 -90.64 80.64 -17.94
C ILE P 379 -90.94 79.23 -18.42
N ARG P 380 -89.98 78.59 -19.08
CA ARG P 380 -90.06 77.17 -19.39
C ARG P 380 -88.97 76.38 -18.71
N LEU P 381 -88.09 77.04 -17.97
CA LEU P 381 -87.05 76.28 -17.28
C LEU P 381 -87.56 75.84 -15.93
N ARG P 382 -88.54 76.55 -15.38
CA ARG P 382 -89.34 75.99 -14.30
C ARG P 382 -90.10 74.76 -14.77
N HIS P 383 -90.65 74.83 -15.99
CA HIS P 383 -91.23 73.65 -16.62
C HIS P 383 -90.20 72.56 -16.83
N ASN P 384 -88.96 72.96 -17.10
CA ASN P 384 -87.89 71.99 -17.25
C ASN P 384 -87.54 71.38 -15.89
N VAL P 385 -87.72 72.11 -14.80
CA VAL P 385 -87.51 71.55 -13.46
C VAL P 385 -88.55 70.48 -13.17
N ILE P 386 -89.83 70.79 -13.43
CA ILE P 386 -90.86 69.79 -13.14
C ILE P 386 -90.78 68.63 -14.14
N LYS P 387 -90.37 68.89 -15.39
CA LYS P 387 -90.13 67.79 -16.32
C LYS P 387 -88.90 67.00 -15.94
N THR P 388 -87.90 67.63 -15.33
CA THR P 388 -86.73 66.90 -14.84
C THR P 388 -87.11 65.99 -13.69
N GLY P 389 -87.99 66.47 -12.82
CA GLY P 389 -88.48 65.64 -11.72
C GLY P 389 -89.26 64.43 -12.20
N VAL P 390 -90.22 64.65 -13.10
CA VAL P 390 -91.03 63.53 -13.58
C VAL P 390 -90.19 62.61 -14.48
N ARG P 391 -89.18 63.14 -15.15
CA ARG P 391 -88.29 62.33 -15.97
C ARG P 391 -87.42 61.45 -15.09
N MET P 392 -86.87 62.02 -14.01
CA MET P 392 -86.06 61.28 -13.05
C MET P 392 -86.86 60.16 -12.40
N ILE P 393 -88.09 60.46 -11.97
CA ILE P 393 -88.91 59.48 -11.28
C ILE P 393 -89.37 58.38 -12.24
N SER P 394 -89.94 58.78 -13.39
CA SER P 394 -90.46 57.82 -14.34
C SER P 394 -89.34 57.01 -15.00
N LEU P 395 -88.13 57.58 -15.10
CA LEU P 395 -86.99 56.81 -15.55
C LEU P 395 -86.52 55.85 -14.47
N SER P 396 -86.68 56.22 -13.20
CA SER P 396 -86.31 55.33 -12.11
C SER P 396 -87.28 54.17 -11.99
N TYR P 397 -88.57 54.48 -11.94
CA TYR P 397 -89.58 53.46 -11.68
C TYR P 397 -90.00 52.76 -12.97
N SER P 398 -90.42 51.50 -12.80
CA SER P 398 -91.04 50.77 -13.90
C SER P 398 -92.52 51.16 -14.01
N ARG P 399 -93.28 50.90 -12.96
CA ARG P 399 -94.65 51.38 -12.85
C ARG P 399 -94.76 52.28 -11.63
N ILE P 400 -95.44 53.41 -11.82
CA ILE P 400 -95.70 54.36 -10.75
C ILE P 400 -97.13 54.84 -10.96
N SER P 401 -97.77 55.32 -9.89
CA SER P 401 -99.11 55.83 -10.01
C SER P 401 -99.16 57.33 -9.72
N LEU P 402 -100.32 57.92 -10.02
CA LEU P 402 -100.56 59.33 -9.70
C LEU P 402 -100.56 59.56 -8.20
N ALA P 403 -100.99 58.55 -7.43
CA ALA P 403 -101.00 58.66 -5.97
C ALA P 403 -99.61 58.86 -5.40
N ASP P 404 -98.57 58.40 -6.09
CA ASP P 404 -97.21 58.63 -5.66
C ASP P 404 -96.76 60.02 -6.09
N ILE P 405 -96.68 60.24 -7.40
CA ILE P 405 -95.94 61.38 -7.93
C ILE P 405 -96.79 62.64 -7.98
N ALA P 406 -98.10 62.51 -8.25
CA ALA P 406 -99.03 63.64 -8.36
C ALA P 406 -99.16 64.42 -7.05
N GLN P 407 -98.80 63.81 -5.93
CA GLN P 407 -98.75 64.48 -4.65
C GLN P 407 -97.37 64.50 -4.03
N LYS P 408 -96.45 63.65 -4.48
CA LYS P 408 -95.07 63.72 -4.02
C LYS P 408 -94.39 64.96 -4.57
N LEU P 409 -94.67 65.32 -5.82
CA LEU P 409 -94.26 66.61 -6.35
C LEU P 409 -95.36 67.65 -6.23
N GLN P 410 -96.31 67.43 -5.31
CA GLN P 410 -97.35 68.38 -4.83
C GLN P 410 -98.11 69.08 -5.97
N LEU P 411 -98.50 68.30 -6.98
CA LEU P 411 -99.34 68.85 -8.04
C LEU P 411 -100.81 68.96 -7.66
N ASP P 412 -101.14 68.65 -6.40
CA ASP P 412 -102.39 68.98 -5.71
C ASP P 412 -103.56 68.14 -6.20
N SER P 413 -103.34 67.32 -7.22
CA SER P 413 -104.42 66.67 -7.95
C SER P 413 -103.82 65.56 -8.79
N PRO P 414 -104.62 64.56 -9.16
CA PRO P 414 -104.15 63.56 -10.13
C PRO P 414 -104.03 64.14 -11.54
N GLU P 415 -105.01 64.96 -11.91
CA GLU P 415 -105.18 65.33 -13.32
C GLU P 415 -104.14 66.32 -13.81
N ASP P 416 -103.52 67.08 -12.90
CA ASP P 416 -102.43 67.95 -13.31
C ASP P 416 -101.21 67.12 -13.68
N ALA P 417 -100.94 66.08 -12.91
CA ALA P 417 -99.90 65.13 -13.30
C ALA P 417 -100.31 64.32 -14.52
N GLU P 418 -101.62 64.11 -14.72
CA GLU P 418 -102.07 63.48 -15.95
C GLU P 418 -101.78 64.36 -17.16
N PHE P 419 -101.92 65.67 -17.00
CA PHE P 419 -101.57 66.58 -18.09
C PHE P 419 -100.07 66.65 -18.30
N ILE P 420 -99.29 66.56 -17.22
CA ILE P 420 -97.84 66.52 -17.33
C ILE P 420 -97.38 65.26 -18.05
N VAL P 421 -97.94 64.11 -17.68
CA VAL P 421 -97.64 62.86 -18.36
C VAL P 421 -98.20 62.87 -19.79
N ALA P 422 -99.29 63.60 -20.01
CA ALA P 422 -99.83 63.75 -21.35
C ALA P 422 -98.87 64.52 -22.25
N LYS P 423 -98.27 65.59 -21.72
CA LYS P 423 -97.25 66.30 -22.47
C LYS P 423 -95.93 65.52 -22.55
N ALA P 424 -95.71 64.59 -21.63
CA ALA P 424 -94.51 63.76 -21.71
C ALA P 424 -94.65 62.70 -22.80
N ILE P 425 -95.84 62.11 -22.90
CA ILE P 425 -96.14 61.19 -23.99
C ILE P 425 -96.25 61.95 -25.30
N ARG P 426 -96.68 63.22 -25.24
CA ARG P 426 -96.65 64.08 -26.41
C ARG P 426 -95.21 64.38 -26.82
N ASP P 427 -94.30 64.41 -25.84
CA ASP P 427 -92.88 64.42 -26.10
C ASP P 427 -92.32 63.01 -26.25
N GLY P 428 -93.12 61.98 -25.98
CA GLY P 428 -92.71 60.61 -26.12
C GLY P 428 -91.76 60.11 -25.05
N VAL P 429 -91.60 60.85 -23.95
CA VAL P 429 -90.58 60.53 -22.97
C VAL P 429 -90.95 59.26 -22.21
N ILE P 430 -92.19 59.17 -21.75
CA ILE P 430 -92.66 58.01 -21.00
C ILE P 430 -93.72 57.28 -21.85
N GLU P 431 -93.85 55.98 -21.61
CA GLU P 431 -94.72 55.10 -22.38
C GLU P 431 -95.92 54.69 -21.52
N ALA P 432 -96.43 55.62 -20.71
CA ALA P 432 -97.39 55.32 -19.65
C ALA P 432 -98.81 55.19 -20.19
N SER P 433 -99.71 54.77 -19.29
CA SER P 433 -101.15 54.73 -19.54
C SER P 433 -101.88 55.08 -18.26
N ILE P 434 -103.02 55.73 -18.40
CA ILE P 434 -103.81 56.18 -17.26
C ILE P 434 -105.10 55.39 -17.22
N ASN P 435 -105.32 54.67 -16.12
CA ASN P 435 -106.59 54.01 -15.89
C ASN P 435 -107.58 55.09 -15.50
N HIS P 436 -108.44 55.50 -16.43
CA HIS P 436 -109.37 56.59 -16.18
C HIS P 436 -110.67 56.06 -15.57
N GLU P 437 -110.52 55.13 -14.63
CA GLU P 437 -111.66 54.63 -13.89
C GLU P 437 -111.54 54.87 -12.39
N LYS P 438 -110.45 54.41 -11.79
CA LYS P 438 -110.30 54.53 -10.35
C LYS P 438 -109.32 55.61 -9.92
N GLY P 439 -108.48 56.10 -10.83
CA GLY P 439 -107.45 57.02 -10.43
C GLY P 439 -106.13 56.29 -10.34
N TYR P 440 -105.85 55.46 -11.33
CA TYR P 440 -104.55 54.83 -11.47
C TYR P 440 -103.83 55.42 -12.66
N VAL P 441 -102.57 55.78 -12.47
CA VAL P 441 -101.62 55.76 -13.56
C VAL P 441 -101.14 54.32 -13.63
N GLN P 442 -101.68 53.58 -14.59
CA GLN P 442 -101.25 52.21 -14.87
C GLN P 442 -100.07 52.20 -15.83
N SER P 443 -99.01 52.90 -15.44
CA SER P 443 -97.84 53.12 -16.27
C SER P 443 -97.11 51.81 -16.53
N LYS P 444 -96.20 51.86 -17.50
CA LYS P 444 -95.58 50.66 -18.03
C LYS P 444 -94.35 51.08 -18.81
N GLU P 445 -93.65 50.10 -19.34
CA GLU P 445 -92.51 50.35 -20.21
C GLU P 445 -92.63 49.49 -21.44
N MET P 446 -92.16 50.03 -22.57
CA MET P 446 -92.14 49.28 -23.81
C MET P 446 -91.02 48.24 -23.79
N ILE P 447 -90.96 47.44 -24.84
CA ILE P 447 -90.11 46.26 -24.89
C ILE P 447 -89.14 46.36 -26.06
N ASP P 448 -88.35 45.30 -26.25
CA ASP P 448 -87.43 45.09 -27.38
C ASP P 448 -86.41 46.22 -27.48
N ILE P 449 -85.58 46.31 -26.45
CA ILE P 449 -84.55 47.35 -26.41
C ILE P 449 -83.27 46.74 -27.00
N TYR P 450 -83.38 45.50 -27.47
CA TYR P 450 -82.33 44.78 -28.16
C TYR P 450 -81.97 45.46 -29.48
N SER P 451 -80.85 45.07 -30.04
CA SER P 451 -80.27 45.63 -31.26
C SER P 451 -80.80 44.99 -32.54
N THR P 452 -82.08 44.61 -32.57
CA THR P 452 -82.65 44.03 -33.78
C THR P 452 -82.66 45.03 -34.93
N ARG P 453 -83.45 46.09 -34.81
CA ARG P 453 -83.71 46.98 -35.93
C ARG P 453 -83.06 48.35 -35.78
N GLU P 454 -82.86 48.82 -34.56
CA GLU P 454 -82.43 50.20 -34.39
C GLU P 454 -80.96 50.50 -34.74
N PRO P 455 -79.94 49.78 -34.22
CA PRO P 455 -78.56 50.23 -34.51
C PRO P 455 -78.15 50.04 -35.95
N GLN P 456 -78.68 49.02 -36.63
CA GLN P 456 -78.35 48.80 -38.04
C GLN P 456 -78.88 49.93 -38.92
N LEU P 457 -79.93 50.63 -38.49
CA LEU P 457 -80.38 51.79 -39.22
C LEU P 457 -79.62 53.04 -38.81
N ALA P 458 -79.17 53.10 -37.55
CA ALA P 458 -78.32 54.20 -37.10
C ALA P 458 -76.92 54.10 -37.68
N PHE P 459 -76.55 52.93 -38.18
CA PHE P 459 -75.25 52.77 -38.79
C PHE P 459 -75.16 53.41 -40.15
N HIS P 460 -76.27 53.78 -40.77
CA HIS P 460 -76.15 54.63 -41.95
C HIS P 460 -75.79 56.05 -41.58
N GLN P 461 -76.23 56.53 -40.41
CA GLN P 461 -75.68 57.78 -39.90
C GLN P 461 -74.20 57.62 -39.54
N ARG P 462 -73.87 56.52 -38.87
CA ARG P 462 -72.49 56.23 -38.47
C ARG P 462 -71.57 56.11 -39.68
N ILE P 463 -71.97 55.36 -40.67
CA ILE P 463 -71.12 55.12 -41.82
C ILE P 463 -71.22 56.24 -42.84
N SER P 464 -72.31 57.01 -42.84
CA SER P 464 -72.36 58.22 -43.65
C SER P 464 -71.40 59.27 -43.10
N PHE P 465 -71.37 59.40 -41.77
CA PHE P 465 -70.32 60.12 -41.05
C PHE P 465 -68.93 59.65 -41.50
N CYS P 466 -68.71 58.33 -41.49
CA CYS P 466 -67.41 57.76 -41.84
C CYS P 466 -67.01 58.07 -43.29
N LEU P 467 -67.92 57.87 -44.24
CA LEU P 467 -67.59 58.08 -45.65
C LEU P 467 -67.46 59.56 -45.99
N ASP P 468 -68.21 60.42 -45.29
CA ASP P 468 -68.00 61.84 -45.49
C ASP P 468 -66.65 62.28 -44.94
N ILE P 469 -66.17 61.62 -43.88
CA ILE P 469 -64.83 61.93 -43.41
C ILE P 469 -63.77 61.33 -44.33
N HIS P 470 -64.09 60.19 -44.98
CA HIS P 470 -63.28 59.70 -46.09
C HIS P 470 -63.15 60.74 -47.19
N ASN P 471 -64.27 61.34 -47.59
CA ASN P 471 -64.23 62.34 -48.65
C ASN P 471 -63.59 63.65 -48.19
N MET P 472 -63.70 63.98 -46.90
CA MET P 472 -62.94 65.13 -46.39
C MET P 472 -61.45 64.85 -46.42
N SER P 473 -61.05 63.61 -46.12
CA SER P 473 -59.66 63.21 -46.25
C SER P 473 -59.21 63.26 -47.70
N VAL P 474 -60.11 62.93 -48.62
CA VAL P 474 -59.82 62.99 -50.05
C VAL P 474 -59.63 64.43 -50.51
N LYS P 475 -60.54 65.32 -50.12
CA LYS P 475 -60.40 66.73 -50.48
C LYS P 475 -59.20 67.36 -49.80
N ALA P 476 -58.83 66.86 -48.62
CA ALA P 476 -57.59 67.28 -47.98
C ALA P 476 -56.39 66.85 -48.79
N MET P 477 -56.45 65.62 -49.30
CA MET P 477 -55.42 65.08 -50.18
C MET P 477 -55.30 65.90 -51.46
N ARG P 478 -56.41 66.53 -51.90
CA ARG P 478 -56.46 67.26 -53.16
C ARG P 478 -55.71 68.59 -53.18
N PHE P 479 -55.32 69.17 -52.05
CA PHE P 479 -54.72 70.50 -52.16
C PHE P 479 -53.23 70.57 -52.53
N PRO P 480 -52.32 69.74 -51.99
CA PRO P 480 -50.93 69.98 -52.41
C PRO P 480 -50.59 69.49 -53.81
N MET Q 1 -35.73 -55.15 -5.81
CA MET Q 1 -35.36 -56.55 -6.00
C MET Q 1 -36.61 -57.38 -6.24
N ALA Q 2 -36.62 -58.13 -7.34
CA ALA Q 2 -37.85 -58.70 -7.85
C ALA Q 2 -38.32 -59.91 -7.05
N ASP Q 3 -37.41 -60.85 -6.80
CA ASP Q 3 -37.79 -62.11 -6.16
C ASP Q 3 -38.16 -61.94 -4.69
N GLY Q 4 -37.64 -60.91 -4.03
CA GLY Q 4 -38.06 -60.62 -2.66
C GLY Q 4 -39.51 -60.18 -2.58
N GLY Q 5 -40.00 -59.51 -3.62
CA GLY Q 5 -41.42 -59.25 -3.71
C GLY Q 5 -42.18 -60.46 -4.21
N SER Q 6 -41.55 -61.28 -5.05
CA SER Q 6 -42.22 -62.43 -5.66
C SER Q 6 -42.56 -63.49 -4.62
N GLU Q 7 -41.57 -63.89 -3.80
CA GLU Q 7 -41.81 -64.94 -2.82
C GLU Q 7 -42.80 -64.48 -1.74
N ARG Q 8 -42.72 -63.22 -1.32
CA ARG Q 8 -43.63 -62.72 -0.28
C ARG Q 8 -45.05 -62.59 -0.80
N ALA Q 9 -45.25 -61.83 -1.88
CA ALA Q 9 -46.58 -61.66 -2.47
C ALA Q 9 -47.18 -63.01 -2.90
N ASP Q 10 -46.47 -63.73 -3.79
CA ASP Q 10 -46.99 -64.97 -4.35
C ASP Q 10 -47.13 -66.06 -3.28
N GLY Q 11 -46.04 -66.43 -2.61
CA GLY Q 11 -46.17 -67.43 -1.59
C GLY Q 11 -46.78 -66.99 -0.28
N ARG Q 12 -47.36 -65.79 -0.18
CA ARG Q 12 -48.23 -65.46 0.94
C ARG Q 12 -49.59 -64.94 0.46
N ILE Q 13 -49.97 -65.24 -0.79
CA ILE Q 13 -51.41 -65.18 -1.16
C ILE Q 13 -52.23 -66.12 -0.30
N VAL Q 14 -51.62 -67.20 0.21
CA VAL Q 14 -52.25 -68.13 1.12
C VAL Q 14 -52.61 -67.46 2.45
N LYS Q 15 -51.98 -66.32 2.75
CA LYS Q 15 -52.11 -65.66 4.03
C LYS Q 15 -53.22 -64.63 4.07
N MET Q 16 -54.28 -64.81 3.29
CA MET Q 16 -55.42 -63.91 3.37
C MET Q 16 -56.69 -64.63 3.81
N GLU Q 17 -57.02 -65.75 3.19
CA GLU Q 17 -58.24 -66.49 3.55
C GLU Q 17 -58.04 -67.26 4.85
N VAL Q 18 -56.90 -67.91 5.00
CA VAL Q 18 -56.64 -68.72 6.19
C VAL Q 18 -56.18 -67.85 7.35
N ASP Q 19 -55.30 -66.90 7.07
CA ASP Q 19 -54.47 -66.29 8.10
C ASP Q 19 -55.22 -65.20 8.84
N TYR Q 20 -54.79 -64.98 10.08
CA TYR Q 20 -55.17 -63.79 10.82
C TYR Q 20 -54.60 -62.55 10.13
N SER Q 21 -55.30 -61.43 10.29
CA SER Q 21 -55.09 -60.28 9.42
C SER Q 21 -53.81 -59.51 9.73
N ALA Q 22 -53.33 -59.55 10.98
CA ALA Q 22 -52.22 -58.67 11.37
C ALA Q 22 -50.86 -59.14 10.84
N THR Q 23 -50.79 -60.19 10.04
CA THR Q 23 -49.51 -60.53 9.44
C THR Q 23 -49.10 -59.56 8.34
N VAL Q 24 -50.00 -58.71 7.85
CA VAL Q 24 -49.56 -57.60 7.03
C VAL Q 24 -48.84 -56.57 7.89
N ASP Q 25 -49.33 -56.35 9.12
CA ASP Q 25 -48.64 -55.50 10.08
C ASP Q 25 -47.33 -56.11 10.53
N GLN Q 26 -47.21 -57.42 10.45
CA GLN Q 26 -45.95 -58.12 10.73
C GLN Q 26 -45.07 -58.23 9.49
N ARG Q 27 -45.63 -57.99 8.30
CA ARG Q 27 -44.92 -57.91 7.04
C ARG Q 27 -44.38 -56.50 6.80
N LEU Q 28 -44.93 -55.52 7.54
CA LEU Q 28 -44.49 -54.12 7.48
C LEU Q 28 -42.98 -53.86 7.56
N PRO Q 29 -42.15 -54.54 8.39
CA PRO Q 29 -40.71 -54.28 8.28
C PRO Q 29 -40.09 -54.76 6.98
N GLU Q 30 -40.62 -55.85 6.41
CA GLU Q 30 -40.21 -56.23 5.07
C GLU Q 30 -40.67 -55.21 4.05
N CYS Q 31 -41.83 -54.59 4.27
CA CYS Q 31 -42.27 -53.49 3.43
C CYS Q 31 -41.33 -52.29 3.54
N ALA Q 32 -40.80 -52.05 4.74
CA ALA Q 32 -39.81 -50.99 4.92
C ALA Q 32 -38.51 -51.31 4.20
N LYS Q 33 -38.08 -52.57 4.25
CA LYS Q 33 -36.90 -53.00 3.50
C LYS Q 33 -37.09 -52.80 2.00
N LEU Q 34 -38.28 -53.18 1.50
CA LEU Q 34 -38.57 -53.05 0.08
C LEU Q 34 -38.64 -51.59 -0.34
N ALA Q 35 -39.22 -50.74 0.52
CA ALA Q 35 -39.26 -49.31 0.23
C ALA Q 35 -37.89 -48.68 0.31
N LYS Q 36 -36.99 -49.23 1.13
CA LYS Q 36 -35.66 -48.67 1.33
C LYS Q 36 -34.57 -49.58 0.78
N GLU Q 37 -34.88 -50.29 -0.30
CA GLU Q 37 -33.89 -51.08 -1.01
C GLU Q 37 -32.74 -50.25 -1.57
N GLY Q 38 -33.04 -49.30 -2.44
CA GLY Q 38 -31.99 -48.64 -3.20
C GLY Q 38 -32.19 -48.78 -4.69
N ARG Q 39 -33.44 -48.96 -5.09
CA ARG Q 39 -33.83 -48.97 -6.49
C ARG Q 39 -34.78 -47.79 -6.70
N LEU Q 40 -34.20 -46.64 -7.04
CA LEU Q 40 -34.85 -45.34 -6.84
C LEU Q 40 -36.10 -45.16 -7.68
N GLN Q 41 -36.03 -45.50 -8.97
CA GLN Q 41 -37.04 -44.99 -9.90
C GLN Q 41 -38.34 -45.80 -9.87
N GLU Q 42 -38.29 -47.08 -10.25
CA GLU Q 42 -39.52 -47.82 -10.58
C GLU Q 42 -39.60 -49.23 -10.01
N VAL Q 43 -38.49 -49.85 -9.60
CA VAL Q 43 -38.50 -51.24 -9.17
C VAL Q 43 -39.22 -51.39 -7.84
N ILE Q 44 -38.91 -50.50 -6.90
CA ILE Q 44 -39.61 -50.44 -5.62
C ILE Q 44 -41.09 -50.09 -5.83
N GLU Q 45 -41.39 -49.33 -6.89
CA GLU Q 45 -42.79 -49.07 -7.22
C GLU Q 45 -43.50 -50.33 -7.68
N THR Q 46 -42.83 -51.15 -8.50
CA THR Q 46 -43.37 -52.44 -8.89
C THR Q 46 -43.52 -53.39 -7.71
N LEU Q 47 -42.69 -53.24 -6.69
CA LEU Q 47 -42.82 -54.09 -5.50
C LEU Q 47 -43.99 -53.64 -4.63
N LEU Q 48 -44.00 -52.37 -4.27
CA LEU Q 48 -45.04 -51.83 -3.41
C LEU Q 48 -46.40 -51.76 -4.09
N SER Q 49 -46.44 -51.80 -5.43
CA SER Q 49 -47.70 -52.05 -6.11
C SER Q 49 -48.28 -53.40 -5.70
N LEU Q 50 -47.43 -54.42 -5.65
CA LEU Q 50 -47.86 -55.74 -5.23
C LEU Q 50 -48.17 -55.79 -3.74
N GLU Q 51 -47.42 -55.05 -2.91
CA GLU Q 51 -47.72 -55.11 -1.48
C GLU Q 51 -48.94 -54.27 -1.10
N LYS Q 52 -49.18 -53.15 -1.77
CA LYS Q 52 -50.47 -52.48 -1.62
C LYS Q 52 -51.59 -53.28 -2.25
N GLN Q 53 -51.29 -54.13 -3.24
CA GLN Q 53 -52.29 -55.06 -3.74
C GLN Q 53 -52.65 -56.11 -2.69
N THR Q 54 -51.66 -56.58 -1.93
CA THR Q 54 -51.96 -57.46 -0.80
C THR Q 54 -52.69 -56.72 0.31
N ARG Q 55 -52.45 -55.42 0.47
CA ARG Q 55 -53.29 -54.61 1.33
C ARG Q 55 -54.73 -54.60 0.84
N THR Q 56 -54.93 -54.46 -0.47
CA THR Q 56 -56.30 -54.52 -1.00
C THR Q 56 -56.89 -55.91 -0.88
N ALA Q 57 -56.05 -56.95 -0.83
CA ALA Q 57 -56.55 -58.28 -0.50
C ALA Q 57 -57.02 -58.35 0.95
N SER Q 58 -56.28 -57.70 1.86
CA SER Q 58 -56.75 -57.57 3.24
C SER Q 58 -58.02 -56.73 3.33
N ASP Q 59 -58.19 -55.79 2.39
CA ASP Q 59 -59.42 -55.03 2.32
C ASP Q 59 -60.58 -55.90 1.86
N MET Q 60 -60.36 -56.74 0.84
CA MET Q 60 -61.36 -57.70 0.42
C MET Q 60 -61.65 -58.74 1.50
N VAL Q 61 -60.73 -58.92 2.44
CA VAL Q 61 -61.06 -59.67 3.66
C VAL Q 61 -61.98 -58.85 4.55
N SER Q 62 -61.53 -57.65 4.99
CA SER Q 62 -62.33 -56.81 5.91
C SER Q 62 -62.27 -55.35 5.45
N THR Q 63 -63.22 -54.96 4.60
CA THR Q 63 -63.39 -53.57 4.21
C THR Q 63 -63.63 -52.65 5.41
N SER Q 64 -64.81 -52.76 6.02
CA SER Q 64 -65.16 -51.90 7.14
C SER Q 64 -66.03 -52.60 8.17
N ARG Q 65 -66.36 -53.86 7.95
CA ARG Q 65 -67.51 -54.42 8.66
C ARG Q 65 -67.17 -55.07 10.00
N ILE Q 66 -65.92 -55.05 10.44
CA ILE Q 66 -65.60 -55.61 11.75
C ILE Q 66 -66.18 -54.75 12.87
N LEU Q 67 -66.17 -53.43 12.68
CA LEU Q 67 -66.74 -52.39 13.53
C LEU Q 67 -66.54 -51.08 12.79
N VAL Q 68 -67.33 -50.06 13.16
CA VAL Q 68 -67.30 -48.77 12.48
C VAL Q 68 -65.97 -48.05 12.74
N ALA Q 69 -65.14 -47.97 11.69
CA ALA Q 69 -63.90 -47.18 11.64
C ALA Q 69 -62.90 -47.61 12.71
N VAL Q 70 -62.50 -48.87 12.63
CA VAL Q 70 -61.37 -49.36 13.43
C VAL Q 70 -60.34 -49.91 12.45
N VAL Q 71 -60.75 -50.89 11.64
CA VAL Q 71 -59.82 -51.48 10.69
C VAL Q 71 -59.52 -50.51 9.57
N LYS Q 72 -60.44 -49.59 9.28
CA LYS Q 72 -60.20 -48.60 8.23
C LYS Q 72 -59.12 -47.61 8.66
N MET Q 73 -59.28 -47.00 9.84
CA MET Q 73 -58.27 -46.07 10.34
C MET Q 73 -56.99 -46.79 10.76
N CYS Q 74 -57.03 -48.09 11.04
CA CYS Q 74 -55.79 -48.84 11.19
C CYS Q 74 -55.07 -48.96 9.85
N TYR Q 75 -55.82 -49.19 8.77
CA TYR Q 75 -55.25 -49.22 7.43
C TYR Q 75 -54.72 -47.86 7.02
N GLU Q 76 -55.42 -46.78 7.36
CA GLU Q 76 -54.86 -45.47 7.05
C GLU Q 76 -53.73 -45.09 8.01
N ALA Q 77 -53.67 -45.71 9.19
CA ALA Q 77 -52.52 -45.53 10.07
C ALA Q 77 -51.27 -46.16 9.46
N LYS Q 78 -51.40 -47.36 8.91
CA LYS Q 78 -50.24 -47.94 8.24
C LYS Q 78 -49.96 -47.26 6.90
N GLU Q 79 -50.97 -46.62 6.29
CA GLU Q 79 -50.70 -45.73 5.16
C GLU Q 79 -49.85 -44.56 5.59
N TRP Q 80 -50.16 -43.99 6.74
CA TRP Q 80 -49.38 -42.88 7.26
C TRP Q 80 -47.95 -43.31 7.59
N ASP Q 81 -47.80 -44.49 8.19
CA ASP Q 81 -46.45 -45.03 8.41
C ASP Q 81 -45.72 -45.33 7.09
N LEU Q 82 -46.46 -45.77 6.09
CA LEU Q 82 -45.89 -46.07 4.78
C LEU Q 82 -45.43 -44.78 4.09
N LEU Q 83 -46.20 -43.70 4.24
CA LEU Q 83 -45.74 -42.40 3.76
C LEU Q 83 -44.77 -41.72 4.71
N ASN Q 84 -44.46 -42.33 5.86
CA ASN Q 84 -43.34 -41.89 6.66
C ASN Q 84 -42.05 -42.67 6.35
N GLU Q 85 -42.17 -43.81 5.68
CA GLU Q 85 -40.98 -44.39 5.06
C GLU Q 85 -40.93 -44.19 3.54
N ASN Q 86 -41.83 -43.40 2.97
CA ASN Q 86 -42.04 -43.40 1.53
C ASN Q 86 -41.98 -41.99 0.97
N ILE Q 87 -40.89 -41.29 1.26
CA ILE Q 87 -40.73 -39.88 0.94
C ILE Q 87 -40.63 -39.66 -0.57
N MET Q 88 -39.85 -40.51 -1.25
CA MET Q 88 -39.59 -40.64 -2.69
C MET Q 88 -38.72 -39.51 -3.27
N LEU Q 89 -38.53 -38.42 -2.50
CA LEU Q 89 -38.13 -37.10 -3.02
C LEU Q 89 -38.94 -36.68 -4.25
N LEU Q 90 -40.22 -37.07 -4.29
CA LEU Q 90 -41.14 -36.94 -5.43
C LEU Q 90 -40.53 -37.60 -6.68
N SER Q 91 -40.32 -38.92 -6.58
CA SER Q 91 -39.84 -39.70 -7.72
C SER Q 91 -40.61 -41.00 -7.87
N LYS Q 92 -41.75 -40.90 -8.57
CA LYS Q 92 -42.39 -41.97 -9.35
C LYS Q 92 -42.61 -43.26 -8.56
N ARG Q 93 -43.30 -43.13 -7.44
CA ARG Q 93 -43.69 -44.29 -6.65
C ARG Q 93 -45.12 -44.08 -6.15
N ARG Q 94 -46.00 -43.76 -7.08
CA ARG Q 94 -47.38 -43.42 -6.76
C ARG Q 94 -48.36 -44.56 -7.03
N SER Q 95 -47.90 -45.69 -7.61
CA SER Q 95 -48.75 -46.85 -7.85
C SER Q 95 -49.16 -47.57 -6.57
N GLN Q 96 -48.55 -47.22 -5.44
CA GLN Q 96 -49.08 -47.51 -4.12
C GLN Q 96 -50.33 -46.72 -3.80
N LEU Q 97 -50.64 -45.70 -4.60
CA LEU Q 97 -51.75 -44.80 -4.35
C LEU Q 97 -52.58 -44.57 -5.60
N LYS Q 98 -52.01 -44.73 -6.81
CA LYS Q 98 -52.76 -44.61 -8.05
C LYS Q 98 -53.81 -45.70 -8.15
N GLN Q 99 -53.37 -46.94 -8.37
CA GLN Q 99 -54.32 -48.04 -8.51
C GLN Q 99 -54.95 -48.39 -7.18
N ALA Q 100 -54.20 -48.26 -6.09
CA ALA Q 100 -54.72 -48.60 -4.78
C ALA Q 100 -55.81 -47.63 -4.36
N VAL Q 101 -55.60 -46.33 -4.58
CA VAL Q 101 -56.58 -45.34 -4.14
C VAL Q 101 -57.69 -45.13 -5.16
N ALA Q 102 -57.47 -45.45 -6.44
CA ALA Q 102 -58.61 -45.63 -7.34
C ALA Q 102 -59.44 -46.84 -6.93
N LYS Q 103 -58.79 -47.88 -6.41
CA LYS Q 103 -59.55 -48.98 -5.83
C LYS Q 103 -60.17 -48.58 -4.50
N MET Q 104 -59.63 -47.57 -3.81
CA MET Q 104 -60.26 -47.08 -2.59
C MET Q 104 -61.51 -46.27 -2.87
N VAL Q 105 -61.51 -45.45 -3.93
CA VAL Q 105 -62.76 -44.83 -4.32
C VAL Q 105 -63.67 -45.83 -5.01
N GLN Q 106 -63.13 -46.96 -5.46
CA GLN Q 106 -63.99 -48.08 -5.84
C GLN Q 106 -64.59 -48.75 -4.62
N GLN Q 107 -63.82 -48.85 -3.53
CA GLN Q 107 -64.37 -49.29 -2.23
C GLN Q 107 -65.45 -48.33 -1.77
N CYS Q 108 -65.25 -47.04 -1.98
CA CYS Q 108 -66.28 -46.05 -1.71
C CYS Q 108 -67.45 -46.16 -2.68
N CYS Q 109 -67.20 -46.61 -3.92
CA CYS Q 109 -68.30 -46.92 -4.82
C CYS Q 109 -69.09 -48.13 -4.32
N THR Q 110 -68.44 -49.03 -3.58
CA THR Q 110 -69.15 -50.09 -2.89
C THR Q 110 -69.77 -49.63 -1.58
N TYR Q 111 -69.26 -48.57 -0.96
CA TYR Q 111 -69.88 -48.02 0.24
C TYR Q 111 -71.02 -47.07 -0.08
N VAL Q 112 -71.18 -46.70 -1.35
CA VAL Q 112 -72.31 -45.88 -1.77
C VAL Q 112 -73.42 -46.73 -2.41
N GLU Q 113 -73.13 -47.99 -2.73
CA GLU Q 113 -74.15 -48.91 -3.24
C GLU Q 113 -74.52 -50.02 -2.25
N GLU Q 114 -73.60 -50.38 -1.35
CA GLU Q 114 -73.73 -51.52 -0.45
C GLU Q 114 -74.16 -51.09 0.94
N ILE Q 115 -73.85 -49.87 1.34
CA ILE Q 115 -74.16 -49.34 2.65
C ILE Q 115 -74.43 -47.85 2.47
N THR Q 116 -74.84 -47.18 3.53
CA THR Q 116 -75.10 -45.75 3.48
C THR Q 116 -73.81 -44.95 3.67
N ASP Q 117 -73.97 -43.66 3.92
CA ASP Q 117 -72.88 -42.70 3.99
C ASP Q 117 -72.00 -42.85 5.22
N LEU Q 118 -72.41 -43.65 6.20
CA LEU Q 118 -71.76 -43.66 7.50
C LEU Q 118 -70.37 -44.30 7.48
N PRO Q 119 -70.10 -45.39 6.74
CA PRO Q 119 -68.68 -45.73 6.55
C PRO Q 119 -67.95 -44.76 5.62
N ILE Q 120 -68.65 -44.19 4.63
CA ILE Q 120 -67.94 -43.52 3.54
C ILE Q 120 -67.43 -42.16 3.99
N LYS Q 121 -68.13 -41.48 4.90
CA LYS Q 121 -67.69 -40.14 5.26
C LYS Q 121 -66.51 -40.20 6.22
N LEU Q 122 -66.52 -41.16 7.15
CA LEU Q 122 -65.39 -41.38 8.03
C LEU Q 122 -64.19 -41.89 7.23
N ARG Q 123 -64.45 -42.74 6.22
CA ARG Q 123 -63.43 -43.24 5.32
C ARG Q 123 -62.71 -42.11 4.61
N LEU Q 124 -63.46 -41.23 3.96
CA LEU Q 124 -62.86 -40.19 3.15
C LEU Q 124 -62.28 -39.07 3.99
N ILE Q 125 -62.85 -38.79 5.16
CA ILE Q 125 -62.23 -37.81 6.05
C ILE Q 125 -60.97 -38.39 6.67
N ASP Q 126 -60.82 -39.71 6.69
CA ASP Q 126 -59.53 -40.29 7.08
C ASP Q 126 -58.52 -40.22 5.95
N THR Q 127 -58.95 -40.43 4.70
CA THR Q 127 -57.99 -40.52 3.62
C THR Q 127 -57.87 -39.22 2.80
N LEU Q 128 -58.34 -38.09 3.35
CA LEU Q 128 -58.08 -36.81 2.71
C LEU Q 128 -56.62 -36.42 2.64
N ARG Q 129 -55.74 -37.01 3.46
CA ARG Q 129 -54.40 -36.46 3.64
C ARG Q 129 -53.52 -36.69 2.42
N MET Q 130 -53.48 -37.92 1.91
CA MET Q 130 -52.72 -38.19 0.71
C MET Q 130 -53.29 -37.47 -0.51
N VAL Q 131 -54.60 -37.21 -0.49
CA VAL Q 131 -55.22 -36.47 -1.58
C VAL Q 131 -54.85 -34.99 -1.47
N THR Q 132 -54.65 -34.49 -0.26
CA THR Q 132 -54.11 -33.14 -0.16
C THR Q 132 -52.63 -33.08 -0.49
N GLU Q 133 -51.93 -34.21 -0.44
CA GLU Q 133 -50.50 -34.22 -0.71
C GLU Q 133 -50.16 -34.34 -2.20
N GLY Q 134 -50.76 -35.30 -2.90
CA GLY Q 134 -50.39 -35.57 -4.29
C GLY Q 134 -51.32 -34.99 -5.32
N LYS Q 135 -52.18 -35.86 -5.87
CA LYS Q 135 -53.45 -35.55 -6.55
C LYS Q 135 -53.32 -34.96 -7.95
N ILE Q 136 -52.13 -34.50 -8.33
CA ILE Q 136 -52.02 -33.69 -9.54
C ILE Q 136 -52.10 -34.55 -10.79
N TYR Q 137 -51.41 -35.68 -10.81
CA TYR Q 137 -51.08 -36.37 -12.04
C TYR Q 137 -52.27 -37.15 -12.60
N VAL Q 138 -53.13 -37.66 -11.72
CA VAL Q 138 -54.17 -38.60 -12.15
C VAL Q 138 -55.49 -38.01 -11.65
N GLU Q 139 -56.58 -38.77 -11.77
CA GLU Q 139 -57.90 -38.31 -11.36
C GLU Q 139 -58.15 -38.43 -9.86
N ILE Q 140 -57.09 -38.37 -9.06
CA ILE Q 140 -57.23 -38.15 -7.62
C ILE Q 140 -57.88 -36.79 -7.37
N GLU Q 141 -57.65 -35.82 -8.26
CA GLU Q 141 -58.52 -34.66 -8.39
C GLU Q 141 -59.98 -35.10 -8.48
N ARG Q 142 -60.27 -35.92 -9.46
CA ARG Q 142 -61.64 -36.33 -9.72
C ARG Q 142 -62.11 -37.38 -8.73
N ALA Q 143 -61.20 -38.09 -8.07
CA ALA Q 143 -61.57 -38.87 -6.89
C ALA Q 143 -62.06 -37.96 -5.78
N ARG Q 144 -61.37 -36.84 -5.56
CA ARG Q 144 -61.85 -35.84 -4.61
C ARG Q 144 -63.20 -35.25 -5.03
N LEU Q 145 -63.38 -35.06 -6.34
CA LEU Q 145 -64.63 -34.50 -6.85
C LEU Q 145 -65.80 -35.45 -6.61
N THR Q 146 -65.61 -36.74 -6.91
CA THR Q 146 -66.72 -37.68 -6.71
C THR Q 146 -66.95 -37.98 -5.23
N LYS Q 147 -65.91 -37.89 -4.40
CA LYS Q 147 -66.14 -38.16 -2.98
C LYS Q 147 -66.83 -36.97 -2.32
N THR Q 148 -66.51 -35.75 -2.74
CA THR Q 148 -67.25 -34.63 -2.19
C THR Q 148 -68.63 -34.52 -2.83
N LEU Q 149 -68.81 -35.12 -4.03
CA LEU Q 149 -70.15 -35.31 -4.55
C LEU Q 149 -70.96 -36.25 -3.67
N ALA Q 150 -70.32 -37.30 -3.16
CA ALA Q 150 -71.00 -38.19 -2.22
C ALA Q 150 -71.36 -37.47 -0.94
N THR Q 151 -70.47 -36.58 -0.46
CA THR Q 151 -70.80 -35.77 0.72
C THR Q 151 -71.94 -34.79 0.44
N ILE Q 152 -72.07 -34.33 -0.80
CA ILE Q 152 -73.21 -33.51 -1.18
C ILE Q 152 -74.48 -34.33 -1.18
N LYS Q 153 -74.46 -35.49 -1.84
CA LYS Q 153 -75.62 -36.36 -1.97
C LYS Q 153 -75.96 -37.11 -0.68
N GLU Q 154 -75.17 -36.92 0.39
CA GLU Q 154 -75.58 -37.33 1.73
C GLU Q 154 -76.96 -36.80 2.08
N GLN Q 155 -77.14 -35.49 1.99
CA GLN Q 155 -78.44 -34.87 2.20
C GLN Q 155 -78.94 -34.17 0.95
N ASN Q 156 -78.30 -34.46 -0.19
CA ASN Q 156 -78.57 -33.87 -1.51
C ASN Q 156 -78.45 -32.34 -1.49
N GLY Q 157 -77.62 -31.83 -0.59
CA GLY Q 157 -77.44 -30.41 -0.41
C GLY Q 157 -78.22 -29.89 0.76
N ASP Q 158 -77.56 -29.80 1.91
CA ASP Q 158 -77.97 -29.07 3.08
C ASP Q 158 -77.11 -27.80 3.17
N VAL Q 159 -77.11 -27.15 4.33
CA VAL Q 159 -76.24 -25.99 4.57
C VAL Q 159 -74.76 -26.37 4.41
N LYS Q 160 -74.41 -27.64 4.65
CA LYS Q 160 -73.15 -28.18 4.13
C LYS Q 160 -73.17 -28.08 2.61
N GLU Q 161 -72.27 -27.24 2.08
CA GLU Q 161 -72.46 -26.68 0.77
C GLU Q 161 -71.06 -26.48 0.22
N ALA Q 162 -70.86 -25.55 -0.70
CA ALA Q 162 -69.62 -25.31 -1.43
C ALA Q 162 -68.43 -24.89 -0.58
N ALA Q 163 -68.54 -24.84 0.76
CA ALA Q 163 -67.39 -24.57 1.61
C ALA Q 163 -66.30 -25.64 1.52
N SER Q 164 -66.62 -26.83 1.01
CA SER Q 164 -65.63 -27.86 0.77
C SER Q 164 -65.32 -28.07 -0.71
N ILE Q 165 -65.90 -27.26 -1.61
CA ILE Q 165 -65.75 -27.54 -3.03
C ILE Q 165 -65.25 -26.30 -3.78
N LEU Q 166 -65.36 -25.12 -3.14
CA LEU Q 166 -64.75 -23.92 -3.73
C LEU Q 166 -63.24 -24.00 -3.68
N GLN Q 167 -62.71 -24.75 -2.70
CA GLN Q 167 -61.31 -25.12 -2.72
C GLN Q 167 -60.97 -26.01 -3.91
N GLU Q 168 -61.94 -26.76 -4.42
CA GLU Q 168 -61.70 -27.71 -5.50
C GLU Q 168 -62.05 -27.14 -6.85
N LEU Q 169 -62.74 -26.01 -6.90
CA LEU Q 169 -63.15 -25.36 -8.13
C LEU Q 169 -62.08 -24.49 -8.76
N GLN Q 170 -60.84 -24.66 -8.35
CA GLN Q 170 -59.74 -23.91 -8.96
C GLN Q 170 -58.50 -24.75 -9.22
N VAL Q 171 -58.49 -26.04 -8.86
CA VAL Q 171 -57.25 -26.79 -8.87
C VAL Q 171 -56.97 -27.38 -10.25
N GLU Q 172 -57.98 -27.99 -10.87
CA GLU Q 172 -57.80 -28.80 -12.07
C GLU Q 172 -57.46 -27.98 -13.30
N THR Q 173 -57.63 -26.66 -13.23
CA THR Q 173 -57.16 -25.77 -14.28
C THR Q 173 -55.65 -25.58 -14.27
N TYR Q 174 -54.93 -26.19 -13.33
CA TYR Q 174 -53.49 -26.04 -13.24
C TYR Q 174 -52.73 -27.35 -13.35
N GLY Q 175 -53.29 -28.48 -12.91
CA GLY Q 175 -52.57 -29.73 -12.99
C GLY Q 175 -52.63 -30.39 -14.35
N SER Q 176 -53.83 -30.77 -14.78
CA SER Q 176 -54.02 -31.44 -16.06
C SER Q 176 -55.48 -31.22 -16.47
N MET Q 177 -55.69 -30.27 -17.37
CA MET Q 177 -57.05 -29.93 -17.80
C MET Q 177 -57.59 -30.99 -18.75
N GLU Q 178 -58.67 -31.64 -18.35
CA GLU Q 178 -59.45 -32.45 -19.26
C GLU Q 178 -60.62 -31.62 -19.73
N LYS Q 179 -60.92 -31.70 -21.01
CA LYS Q 179 -61.78 -30.72 -21.66
C LYS Q 179 -63.27 -31.00 -21.48
N LYS Q 180 -63.63 -32.09 -20.81
CA LYS Q 180 -65.04 -32.42 -20.60
C LYS Q 180 -65.42 -32.51 -19.13
N GLU Q 181 -64.63 -33.21 -18.31
CA GLU Q 181 -64.99 -33.38 -16.91
C GLU Q 181 -64.80 -32.10 -16.13
N ARG Q 182 -63.89 -31.23 -16.58
CA ARG Q 182 -63.81 -29.90 -16.00
C ARG Q 182 -65.08 -29.13 -16.32
N VAL Q 183 -65.65 -29.34 -17.50
CA VAL Q 183 -66.93 -28.72 -17.84
C VAL Q 183 -68.05 -29.35 -17.03
N GLU Q 184 -68.06 -30.68 -16.93
CA GLU Q 184 -69.09 -31.40 -16.20
C GLU Q 184 -68.99 -31.18 -14.70
N PHE Q 185 -67.89 -30.64 -14.21
CA PHE Q 185 -67.77 -30.25 -12.82
C PHE Q 185 -67.94 -28.76 -12.61
N ILE Q 186 -67.67 -27.94 -13.62
CA ILE Q 186 -67.89 -26.50 -13.54
C ILE Q 186 -69.35 -26.15 -13.72
N LEU Q 187 -70.15 -27.10 -14.22
CA LEU Q 187 -71.60 -26.91 -14.15
C LEU Q 187 -72.18 -27.21 -12.78
N GLU Q 188 -71.43 -27.87 -11.90
CA GLU Q 188 -72.00 -28.41 -10.67
C GLU Q 188 -72.29 -27.31 -9.65
N GLN Q 189 -71.64 -26.16 -9.75
CA GLN Q 189 -71.77 -25.16 -8.71
C GLN Q 189 -72.74 -24.04 -9.05
N MET Q 190 -73.26 -23.99 -10.27
CA MET Q 190 -74.31 -23.01 -10.55
C MET Q 190 -75.61 -23.35 -9.85
N ARG Q 191 -75.92 -24.64 -9.73
CA ARG Q 191 -77.04 -25.05 -8.90
C ARG Q 191 -76.72 -24.89 -7.42
N LEU Q 192 -75.42 -24.87 -7.06
CA LEU Q 192 -75.04 -24.59 -5.69
C LEU Q 192 -75.24 -23.11 -5.36
N CYS Q 193 -74.93 -22.24 -6.31
CA CYS Q 193 -75.06 -20.80 -6.10
C CYS Q 193 -76.43 -20.26 -6.48
N LEU Q 194 -77.32 -21.11 -7.01
CA LEU Q 194 -78.73 -20.81 -6.95
C LEU Q 194 -79.29 -21.04 -5.56
N ALA Q 195 -78.67 -21.95 -4.80
CA ALA Q 195 -79.04 -22.16 -3.40
C ALA Q 195 -78.40 -21.12 -2.51
N VAL Q 196 -77.16 -20.71 -2.83
CA VAL Q 196 -76.57 -19.54 -2.21
C VAL Q 196 -77.37 -18.30 -2.54
N LYS Q 197 -77.87 -18.21 -3.80
CA LYS Q 197 -78.79 -17.21 -4.34
C LYS Q 197 -78.09 -15.85 -4.54
N ASP Q 198 -76.85 -15.74 -4.08
CA ASP Q 198 -76.02 -14.57 -4.40
C ASP Q 198 -75.67 -14.63 -5.87
N TYR Q 199 -76.22 -13.70 -6.66
CA TYR Q 199 -75.98 -13.73 -8.08
C TYR Q 199 -74.63 -13.16 -8.45
N ILE Q 200 -74.00 -12.39 -7.56
CA ILE Q 200 -72.62 -11.99 -7.82
C ILE Q 200 -71.67 -13.12 -7.44
N ARG Q 201 -72.04 -14.01 -6.51
CA ARG Q 201 -71.28 -15.24 -6.35
C ARG Q 201 -71.52 -16.17 -7.53
N THR Q 202 -72.74 -16.13 -8.07
CA THR Q 202 -73.05 -16.85 -9.30
C THR Q 202 -72.26 -16.27 -10.48
N GLN Q 203 -71.86 -15.00 -10.43
CA GLN Q 203 -70.94 -14.52 -11.45
C GLN Q 203 -69.48 -14.56 -11.03
N ILE Q 204 -69.16 -14.91 -9.78
CA ILE Q 204 -67.82 -15.39 -9.49
C ILE Q 204 -67.58 -16.73 -10.17
N ILE Q 205 -68.51 -17.67 -9.95
CA ILE Q 205 -68.38 -18.94 -10.62
C ILE Q 205 -68.69 -18.82 -12.11
N SER Q 206 -69.44 -17.80 -12.55
CA SER Q 206 -69.58 -17.57 -13.98
C SER Q 206 -68.39 -16.85 -14.58
N LYS Q 207 -67.62 -16.15 -13.76
CA LYS Q 207 -66.29 -15.71 -14.15
C LYS Q 207 -65.38 -16.90 -14.33
N LYS Q 208 -65.58 -17.94 -13.53
CA LYS Q 208 -64.86 -19.19 -13.78
C LYS Q 208 -65.44 -19.94 -14.99
N ILE Q 209 -66.71 -19.70 -15.32
CA ILE Q 209 -67.27 -20.26 -16.56
C ILE Q 209 -66.61 -19.61 -17.77
N ASN Q 210 -66.70 -18.29 -17.87
CA ASN Q 210 -66.30 -17.61 -19.10
C ASN Q 210 -64.80 -17.34 -19.18
N THR Q 211 -64.00 -17.96 -18.31
CA THR Q 211 -62.57 -18.08 -18.52
C THR Q 211 -62.24 -19.37 -19.29
N LYS Q 212 -63.25 -20.00 -19.88
CA LYS Q 212 -63.12 -21.22 -20.65
C LYS Q 212 -63.68 -21.02 -22.05
N PHE Q 213 -63.19 -19.98 -22.74
CA PHE Q 213 -63.62 -19.65 -24.10
C PHE Q 213 -63.38 -20.78 -25.10
N PHE Q 214 -62.41 -21.65 -24.84
CA PHE Q 214 -62.31 -22.88 -25.63
C PHE Q 214 -63.43 -23.82 -25.21
N GLN Q 215 -64.57 -23.71 -25.85
CA GLN Q 215 -65.76 -24.44 -25.46
C GLN Q 215 -66.26 -25.39 -26.53
N GLU Q 216 -66.19 -25.00 -27.80
CA GLU Q 216 -66.63 -25.83 -28.90
C GLU Q 216 -65.54 -26.88 -29.19
N GLU Q 217 -65.77 -27.70 -30.22
CA GLU Q 217 -64.89 -28.80 -30.65
C GLU Q 217 -64.71 -29.81 -29.51
N ASN Q 218 -65.81 -30.50 -29.24
CA ASN Q 218 -65.82 -31.69 -28.40
C ASN Q 218 -65.99 -32.91 -29.29
N THR Q 219 -66.18 -34.06 -28.66
CA THR Q 219 -66.49 -35.29 -29.37
C THR Q 219 -67.89 -35.22 -29.98
N GLU Q 220 -68.90 -34.99 -29.14
CA GLU Q 220 -70.29 -35.27 -29.49
C GLU Q 220 -71.22 -34.17 -29.00
N LYS Q 221 -72.50 -34.50 -28.85
CA LYS Q 221 -73.60 -33.64 -28.42
C LYS Q 221 -73.49 -33.21 -26.94
N LEU Q 222 -72.40 -33.52 -26.22
CA LEU Q 222 -72.32 -33.23 -24.80
C LEU Q 222 -72.29 -31.74 -24.51
N LYS Q 223 -71.47 -30.98 -25.25
CA LYS Q 223 -71.53 -29.52 -25.16
C LYS Q 223 -72.87 -29.01 -25.66
N LEU Q 224 -73.40 -29.62 -26.71
CA LEU Q 224 -74.75 -29.33 -27.17
C LEU Q 224 -75.82 -29.81 -26.17
N LYS Q 225 -75.46 -30.70 -25.25
CA LYS Q 225 -76.29 -30.98 -24.08
C LYS Q 225 -75.83 -30.23 -22.84
N TYR Q 226 -74.61 -29.68 -22.85
CA TYR Q 226 -74.20 -28.76 -21.80
C TYR Q 226 -74.93 -27.42 -21.90
N TYR Q 227 -75.36 -27.05 -23.11
CA TYR Q 227 -75.89 -25.73 -23.36
C TYR Q 227 -77.16 -25.45 -22.59
N ASN Q 228 -77.94 -26.48 -22.28
CA ASN Q 228 -79.12 -26.29 -21.43
C ASN Q 228 -78.73 -25.88 -20.02
N LEU Q 229 -77.63 -26.43 -19.52
CA LEU Q 229 -77.09 -25.99 -18.24
C LEU Q 229 -76.42 -24.63 -18.37
N MET Q 230 -75.74 -24.38 -19.50
CA MET Q 230 -75.08 -23.11 -19.75
C MET Q 230 -76.10 -21.96 -19.82
N ILE Q 231 -77.31 -22.25 -20.24
CA ILE Q 231 -78.35 -21.22 -20.24
C ILE Q 231 -79.18 -21.23 -18.97
N GLN Q 232 -79.23 -22.35 -18.26
CA GLN Q 232 -79.81 -22.37 -16.91
C GLN Q 232 -78.96 -21.55 -15.96
N LEU Q 233 -77.67 -21.38 -16.29
CA LEU Q 233 -76.79 -20.44 -15.61
C LEU Q 233 -77.40 -19.03 -15.58
N ASP Q 234 -77.64 -18.43 -16.74
CA ASP Q 234 -77.99 -17.02 -16.79
C ASP Q 234 -79.36 -16.80 -17.43
N GLN Q 235 -80.30 -17.70 -17.16
CA GLN Q 235 -81.69 -17.43 -17.51
C GLN Q 235 -82.23 -16.21 -16.77
N HIS Q 236 -82.17 -16.21 -15.44
CA HIS Q 236 -82.81 -15.16 -14.65
C HIS Q 236 -81.93 -13.92 -14.55
N GLU Q 237 -80.76 -14.07 -13.94
CA GLU Q 237 -79.91 -12.93 -13.61
C GLU Q 237 -79.04 -12.49 -14.77
N GLY Q 238 -79.15 -13.13 -15.93
CA GLY Q 238 -78.42 -12.68 -17.09
C GLY Q 238 -78.90 -11.31 -17.54
N SER Q 239 -77.95 -10.41 -17.76
CA SER Q 239 -78.27 -9.02 -18.03
C SER Q 239 -78.93 -8.87 -19.40
N TYR Q 240 -79.64 -7.77 -19.57
CA TYR Q 240 -80.55 -7.58 -20.69
C TYR Q 240 -79.84 -7.32 -22.01
N LEU Q 241 -78.52 -7.29 -22.04
CA LEU Q 241 -77.76 -7.44 -23.26
C LEU Q 241 -77.00 -8.75 -23.31
N SER Q 242 -76.72 -9.36 -22.15
CA SER Q 242 -76.13 -10.70 -22.14
C SER Q 242 -77.11 -11.73 -22.69
N ILE Q 243 -78.40 -11.45 -22.54
CA ILE Q 243 -79.45 -12.31 -23.09
C ILE Q 243 -79.41 -12.38 -24.60
N CYS Q 244 -78.76 -11.41 -25.27
CA CYS Q 244 -78.60 -11.46 -26.73
C CYS Q 244 -77.83 -12.69 -27.18
N LYS Q 245 -76.56 -12.78 -26.80
CA LYS Q 245 -75.78 -13.94 -27.18
C LYS Q 245 -76.14 -15.16 -26.36
N HIS Q 246 -76.74 -14.98 -25.20
CA HIS Q 246 -77.11 -16.10 -24.34
C HIS Q 246 -78.36 -16.79 -24.87
N TYR Q 247 -79.41 -16.03 -25.12
CA TYR Q 247 -80.62 -16.51 -25.74
C TYR Q 247 -80.52 -16.59 -27.25
N ARG Q 248 -79.33 -16.43 -27.84
CA ARG Q 248 -79.07 -17.03 -29.15
C ARG Q 248 -78.15 -18.24 -29.07
N ALA Q 249 -77.43 -18.41 -27.96
CA ALA Q 249 -76.77 -19.67 -27.67
C ALA Q 249 -77.74 -20.74 -27.23
N ILE Q 250 -78.98 -20.38 -26.90
CA ILE Q 250 -80.04 -21.36 -26.69
C ILE Q 250 -80.39 -22.09 -27.98
N TYR Q 251 -79.95 -21.57 -29.13
CA TYR Q 251 -80.40 -22.00 -30.44
C TYR Q 251 -79.43 -22.97 -31.10
N ASP Q 252 -78.29 -23.25 -30.47
CA ASP Q 252 -77.23 -23.99 -31.14
C ASP Q 252 -77.56 -25.47 -31.32
N THR Q 253 -78.22 -26.08 -30.33
CA THR Q 253 -78.80 -27.43 -30.42
C THR Q 253 -80.15 -27.48 -31.16
N PRO Q 254 -81.10 -26.53 -30.98
CA PRO Q 254 -82.29 -26.54 -31.86
C PRO Q 254 -82.01 -26.39 -33.35
N CYS Q 255 -80.86 -25.83 -33.74
CA CYS Q 255 -80.39 -26.00 -35.10
C CYS Q 255 -80.09 -27.46 -35.40
N ILE Q 256 -79.52 -28.18 -34.44
CA ILE Q 256 -79.10 -29.55 -34.67
C ILE Q 256 -80.22 -30.55 -34.35
N GLN Q 257 -81.12 -30.22 -33.42
CA GLN Q 257 -82.11 -31.19 -32.95
C GLN Q 257 -83.18 -31.43 -34.01
N ALA Q 258 -84.02 -32.44 -33.76
CA ALA Q 258 -85.10 -32.79 -34.67
C ALA Q 258 -86.48 -32.54 -34.08
N GLU Q 259 -86.59 -31.65 -33.08
CA GLU Q 259 -87.89 -31.26 -32.56
C GLU Q 259 -88.43 -30.05 -33.30
N SER Q 260 -89.74 -29.86 -33.19
CA SER Q 260 -90.43 -28.73 -33.79
C SER Q 260 -91.24 -27.93 -32.79
N GLU Q 261 -91.27 -28.33 -31.53
CA GLU Q 261 -91.89 -27.56 -30.46
C GLU Q 261 -90.86 -27.00 -29.51
N LYS Q 262 -89.86 -27.81 -29.14
CA LYS Q 262 -88.66 -27.28 -28.51
C LYS Q 262 -87.94 -26.32 -29.42
N TRP Q 263 -87.99 -26.58 -30.74
CA TRP Q 263 -87.50 -25.60 -31.70
C TRP Q 263 -88.44 -24.41 -31.81
N GLN Q 264 -89.75 -24.62 -31.63
CA GLN Q 264 -90.69 -23.52 -31.70
C GLN Q 264 -90.56 -22.60 -30.49
N GLN Q 265 -90.41 -23.18 -29.30
CA GLN Q 265 -90.13 -22.36 -28.14
C GLN Q 265 -88.71 -21.84 -28.15
N ALA Q 266 -87.80 -22.48 -28.90
CA ALA Q 266 -86.48 -21.90 -29.11
C ALA Q 266 -86.57 -20.63 -29.97
N LEU Q 267 -87.45 -20.63 -30.96
CA LEU Q 267 -87.67 -19.41 -31.74
C LEU Q 267 -88.39 -18.34 -30.93
N LYS Q 268 -89.41 -18.73 -30.16
CA LYS Q 268 -90.10 -17.70 -29.39
C LYS Q 268 -89.27 -17.23 -28.20
N SER Q 269 -88.29 -18.01 -27.74
CA SER Q 269 -87.35 -17.54 -26.74
C SER Q 269 -86.13 -16.85 -27.33
N VAL Q 270 -85.86 -17.02 -28.63
CA VAL Q 270 -84.87 -16.17 -29.30
C VAL Q 270 -85.53 -14.89 -29.80
N VAL Q 271 -86.84 -14.76 -29.64
CA VAL Q 271 -87.43 -13.49 -30.04
C VAL Q 271 -88.07 -12.72 -28.88
N LEU Q 272 -88.47 -13.39 -27.79
CA LEU Q 272 -89.19 -12.66 -26.75
C LEU Q 272 -88.29 -11.91 -25.78
N TYR Q 273 -86.98 -11.98 -25.92
CA TYR Q 273 -86.11 -11.15 -25.09
C TYR Q 273 -85.79 -9.83 -25.75
N VAL Q 274 -86.17 -9.67 -27.03
CA VAL Q 274 -86.06 -8.39 -27.73
C VAL Q 274 -86.86 -7.32 -27.01
N ILE Q 275 -88.00 -7.69 -26.44
CA ILE Q 275 -88.74 -6.82 -25.55
C ILE Q 275 -87.90 -6.47 -24.33
N LEU Q 276 -87.19 -7.46 -23.77
CA LEU Q 276 -86.39 -7.23 -22.57
C LEU Q 276 -85.19 -6.36 -22.84
N ALA Q 277 -84.62 -6.45 -24.04
CA ALA Q 277 -83.36 -5.79 -24.31
C ALA Q 277 -83.57 -4.30 -24.54
N PRO Q 278 -82.80 -3.44 -23.89
CA PRO Q 278 -82.98 -1.99 -24.06
C PRO Q 278 -82.48 -1.53 -25.42
N PHE Q 279 -82.89 -0.32 -25.77
CA PHE Q 279 -82.76 0.27 -27.10
C PHE Q 279 -81.30 0.38 -27.53
N ASP Q 280 -80.91 -0.41 -28.53
CA ASP Q 280 -79.51 -0.54 -28.88
C ASP Q 280 -79.41 -0.80 -30.39
N ASN Q 281 -78.19 -0.70 -30.91
CA ASN Q 281 -77.96 -0.99 -32.33
C ASN Q 281 -77.86 -2.49 -32.61
N GLU Q 282 -77.23 -3.23 -31.71
CA GLU Q 282 -77.03 -4.66 -31.92
C GLU Q 282 -78.35 -5.41 -31.84
N GLN Q 283 -79.27 -4.94 -31.02
CA GLN Q 283 -80.63 -5.48 -31.02
C GLN Q 283 -81.34 -5.12 -32.31
N SER Q 284 -81.14 -3.90 -32.79
CA SER Q 284 -81.92 -3.40 -33.92
C SER Q 284 -81.50 -4.04 -35.23
N ASP Q 285 -80.23 -4.40 -35.39
CA ASP Q 285 -79.89 -5.19 -36.55
C ASP Q 285 -79.92 -6.68 -36.24
N LEU Q 286 -79.97 -7.06 -34.97
CA LEU Q 286 -80.18 -8.47 -34.62
C LEU Q 286 -81.57 -8.92 -35.04
N VAL Q 287 -82.55 -8.04 -34.87
CA VAL Q 287 -83.90 -8.31 -35.37
C VAL Q 287 -84.02 -8.06 -36.87
N HIS Q 288 -83.00 -7.49 -37.50
CA HIS Q 288 -82.91 -7.52 -38.95
C HIS Q 288 -82.36 -8.86 -39.44
N ARG Q 289 -81.42 -9.42 -38.69
CA ARG Q 289 -80.85 -10.73 -39.01
C ARG Q 289 -81.90 -11.82 -38.85
N ILE Q 290 -82.46 -11.93 -37.64
CA ILE Q 290 -83.30 -13.07 -37.32
C ILE Q 290 -84.66 -12.98 -37.99
N SER Q 291 -85.05 -11.80 -38.48
CA SER Q 291 -86.23 -11.71 -39.30
C SER Q 291 -85.98 -12.33 -40.68
N GLY Q 292 -87.06 -12.56 -41.41
CA GLY Q 292 -86.97 -13.40 -42.58
C GLY Q 292 -86.71 -14.85 -42.22
N ASP Q 293 -87.20 -15.27 -41.06
CA ASP Q 293 -86.96 -16.61 -40.53
C ASP Q 293 -87.88 -17.59 -41.25
N LYS Q 294 -87.93 -18.83 -40.78
CA LYS Q 294 -88.79 -19.82 -41.41
C LYS Q 294 -90.12 -19.97 -40.69
N LYS Q 295 -90.08 -20.22 -39.39
CA LYS Q 295 -91.31 -20.43 -38.63
C LYS Q 295 -91.50 -19.38 -37.56
N LEU Q 296 -90.76 -18.28 -37.62
CA LEU Q 296 -90.97 -17.23 -36.62
C LEU Q 296 -92.05 -16.26 -37.06
N GLU Q 297 -92.05 -15.86 -38.34
CA GLU Q 297 -93.09 -14.98 -38.87
C GLU Q 297 -94.42 -15.70 -39.05
N GLU Q 298 -94.42 -17.03 -38.95
CA GLU Q 298 -95.66 -17.80 -39.01
C GLU Q 298 -96.54 -17.55 -37.79
N ILE Q 299 -95.94 -17.11 -36.69
CA ILE Q 299 -96.67 -16.62 -35.53
C ILE Q 299 -97.09 -15.19 -35.81
N PRO Q 300 -98.39 -14.89 -35.89
CA PRO Q 300 -98.82 -13.49 -36.07
C PRO Q 300 -98.53 -12.62 -34.86
N LYS Q 301 -98.25 -13.22 -33.70
CA LYS Q 301 -97.76 -12.45 -32.58
C LYS Q 301 -96.35 -11.93 -32.83
N TYR Q 302 -95.55 -12.63 -33.63
CA TYR Q 302 -94.30 -12.03 -34.07
C TYR Q 302 -94.52 -10.92 -35.09
N LYS Q 303 -95.59 -11.02 -35.89
CA LYS Q 303 -95.97 -9.89 -36.73
C LYS Q 303 -96.37 -8.69 -35.89
N ASP Q 304 -97.04 -8.94 -34.75
CA ASP Q 304 -97.31 -7.88 -33.78
C ASP Q 304 -96.02 -7.32 -33.20
N LEU Q 305 -95.05 -8.20 -32.91
CA LEU Q 305 -93.76 -7.78 -32.37
C LEU Q 305 -93.01 -6.87 -33.33
N LEU Q 306 -92.94 -7.27 -34.59
CA LEU Q 306 -92.24 -6.47 -35.60
C LEU Q 306 -93.03 -5.22 -35.93
N LYS Q 307 -94.36 -5.31 -35.97
CA LYS Q 307 -95.23 -4.17 -36.23
C LYS Q 307 -95.11 -3.13 -35.14
N LEU Q 308 -94.81 -3.55 -33.91
CA LEU Q 308 -94.52 -2.65 -32.82
C LEU Q 308 -93.16 -1.96 -32.98
N PHE Q 309 -92.40 -2.32 -34.01
CA PHE Q 309 -91.06 -1.79 -34.21
C PHE Q 309 -90.86 -1.10 -35.55
N THR Q 310 -91.68 -1.36 -36.57
CA THR Q 310 -91.53 -0.66 -37.83
C THR Q 310 -92.36 0.63 -37.84
N THR Q 311 -91.67 1.77 -37.64
CA THR Q 311 -92.11 3.18 -37.67
C THR Q 311 -93.07 3.55 -36.54
N MET Q 312 -93.67 2.55 -35.91
CA MET Q 312 -94.21 2.46 -34.56
C MET Q 312 -95.42 3.34 -34.28
N GLU Q 313 -95.50 4.53 -34.86
CA GLU Q 313 -96.72 5.26 -35.18
C GLU Q 313 -97.72 5.64 -34.08
N LEU Q 314 -97.67 4.96 -32.92
CA LEU Q 314 -98.43 5.03 -31.64
C LEU Q 314 -98.62 3.59 -31.17
N MET Q 315 -98.99 3.43 -29.91
CA MET Q 315 -99.56 2.14 -29.56
C MET Q 315 -100.54 2.33 -28.43
N ARG Q 316 -101.48 1.40 -28.37
CA ARG Q 316 -102.43 1.28 -27.28
C ARG Q 316 -101.94 0.16 -26.38
N TRP Q 317 -101.87 0.44 -25.08
CA TRP Q 317 -101.38 -0.58 -24.17
C TRP Q 317 -102.39 -1.69 -23.98
N SER Q 318 -103.69 -1.39 -24.06
CA SER Q 318 -104.70 -2.42 -23.83
C SER Q 318 -104.84 -3.36 -25.02
N THR Q 319 -104.59 -2.88 -26.25
CA THR Q 319 -104.55 -3.79 -27.38
C THR Q 319 -103.36 -4.73 -27.28
N LEU Q 320 -102.26 -4.25 -26.72
CA LEU Q 320 -101.14 -5.13 -26.39
C LEU Q 320 -101.51 -6.11 -25.28
N VAL Q 321 -102.30 -5.67 -24.31
CA VAL Q 321 -102.80 -6.56 -23.26
C VAL Q 321 -103.61 -7.69 -23.88
N GLU Q 322 -104.47 -7.36 -24.85
CA GLU Q 322 -105.21 -8.37 -25.61
C GLU Q 322 -104.30 -9.34 -26.35
N ASP Q 323 -103.49 -8.80 -27.28
CA ASP Q 323 -102.72 -9.62 -28.20
C ASP Q 323 -101.65 -10.44 -27.49
N TYR Q 324 -101.09 -9.92 -26.41
CA TYR Q 324 -100.05 -10.61 -25.67
C TYR Q 324 -100.50 -10.93 -24.24
N GLY Q 325 -101.80 -11.15 -24.05
CA GLY Q 325 -102.25 -11.79 -22.83
C GLY Q 325 -103.20 -12.92 -23.18
N MET Q 326 -103.62 -12.97 -24.44
CA MET Q 326 -104.24 -14.18 -24.92
C MET Q 326 -103.22 -15.23 -25.32
N GLU Q 327 -101.95 -14.86 -25.44
CA GLU Q 327 -100.87 -15.81 -25.67
C GLU Q 327 -100.43 -16.51 -24.38
N LEU Q 328 -100.74 -15.96 -23.21
CA LEU Q 328 -100.39 -16.59 -21.95
C LEU Q 328 -101.36 -17.69 -21.57
N ARG Q 329 -102.51 -17.74 -22.22
CA ARG Q 329 -103.47 -18.81 -22.10
C ARG Q 329 -103.47 -19.73 -23.31
N LYS Q 330 -103.29 -19.19 -24.51
CA LYS Q 330 -103.19 -20.04 -25.69
C LYS Q 330 -101.83 -20.75 -25.73
N GLY Q 331 -101.86 -22.07 -25.91
CA GLY Q 331 -100.65 -22.86 -25.84
C GLY Q 331 -100.26 -23.57 -27.12
N SER Q 332 -99.08 -23.25 -27.59
CA SER Q 332 -98.27 -24.01 -28.52
C SER Q 332 -96.87 -24.24 -27.97
N LEU Q 333 -96.37 -23.29 -27.20
CA LEU Q 333 -95.03 -23.29 -26.65
C LEU Q 333 -95.02 -23.06 -25.14
N GLU Q 334 -95.80 -22.11 -24.65
CA GLU Q 334 -96.26 -21.92 -23.26
C GLU Q 334 -95.15 -21.66 -22.24
N SER Q 335 -93.97 -22.23 -22.38
CA SER Q 335 -92.85 -21.98 -21.47
C SER Q 335 -92.15 -20.63 -21.68
N PRO Q 336 -91.90 -20.12 -22.90
CA PRO Q 336 -91.29 -18.78 -22.94
C PRO Q 336 -92.25 -17.67 -22.55
N ALA Q 337 -93.53 -17.80 -22.93
CA ALA Q 337 -94.53 -16.82 -22.49
C ALA Q 337 -94.75 -16.89 -20.98
N THR Q 338 -94.55 -18.06 -20.38
CA THR Q 338 -94.52 -18.17 -18.93
C THR Q 338 -93.32 -17.43 -18.36
N ASP Q 339 -92.12 -17.72 -18.89
CA ASP Q 339 -90.89 -17.19 -18.35
C ASP Q 339 -90.81 -15.67 -18.49
N VAL Q 340 -91.43 -15.10 -19.51
CA VAL Q 340 -91.40 -13.67 -19.73
C VAL Q 340 -92.61 -12.97 -19.13
N PHE Q 341 -93.81 -13.52 -19.30
CA PHE Q 341 -95.03 -12.85 -18.86
C PHE Q 341 -95.77 -13.62 -17.79
N GLY Q 342 -95.91 -14.94 -17.95
CA GLY Q 342 -96.66 -15.73 -16.99
C GLY Q 342 -96.02 -15.84 -15.64
N SER Q 343 -94.70 -15.65 -15.57
CA SER Q 343 -94.03 -15.61 -14.28
C SER Q 343 -94.38 -14.33 -13.53
N THR Q 344 -94.12 -14.33 -12.24
CA THR Q 344 -94.47 -13.20 -11.39
C THR Q 344 -93.24 -12.49 -10.84
N GLU Q 345 -92.36 -13.21 -10.15
CA GLU Q 345 -91.23 -12.60 -9.46
C GLU Q 345 -90.20 -12.05 -10.42
N GLU Q 346 -90.10 -12.62 -11.61
CA GLU Q 346 -89.31 -12.06 -12.68
C GLU Q 346 -90.14 -11.72 -13.90
N GLY Q 347 -91.18 -12.51 -14.17
CA GLY Q 347 -92.06 -12.22 -15.28
C GLY Q 347 -92.83 -10.93 -15.11
N GLU Q 348 -93.14 -10.55 -13.87
CA GLU Q 348 -93.80 -9.27 -13.66
C GLU Q 348 -92.81 -8.12 -13.74
N LYS Q 349 -91.54 -8.36 -13.41
CA LYS Q 349 -90.51 -7.38 -13.73
C LYS Q 349 -90.34 -7.24 -15.23
N ARG Q 350 -90.58 -8.31 -15.97
CA ARG Q 350 -90.57 -8.22 -17.42
C ARG Q 350 -91.86 -7.58 -17.95
N TRP Q 351 -92.96 -7.67 -17.18
CA TRP Q 351 -94.12 -6.83 -17.47
C TRP Q 351 -93.81 -5.36 -17.26
N LYS Q 352 -93.01 -5.06 -16.23
CA LYS Q 352 -92.54 -3.69 -16.02
C LYS Q 352 -91.63 -3.25 -17.16
N ASP Q 353 -90.81 -4.18 -17.65
CA ASP Q 353 -89.99 -3.90 -18.81
C ASP Q 353 -90.85 -3.74 -20.06
N LEU Q 354 -91.98 -4.44 -20.14
CA LEU Q 354 -92.95 -4.19 -21.20
C LEU Q 354 -93.60 -2.82 -21.06
N LYS Q 355 -93.79 -2.36 -19.83
CA LYS Q 355 -94.27 -0.99 -19.65
C LYS Q 355 -93.21 0.02 -20.05
N ASN Q 356 -91.94 -0.30 -19.79
CA ASN Q 356 -90.84 0.46 -20.36
C ASN Q 356 -90.90 0.46 -21.88
N ARG Q 357 -91.26 -0.68 -22.47
CA ARG Q 357 -91.32 -0.76 -23.93
C ARG Q 357 -92.46 0.07 -24.48
N VAL Q 358 -93.61 0.09 -23.82
CA VAL Q 358 -94.72 0.88 -24.34
C VAL Q 358 -94.45 2.36 -24.15
N VAL Q 359 -93.79 2.74 -23.05
CA VAL Q 359 -93.55 4.17 -22.87
C VAL Q 359 -92.36 4.64 -23.69
N GLU Q 360 -91.39 3.77 -23.97
CA GLU Q 360 -90.32 4.19 -24.87
C GLU Q 360 -90.79 4.12 -26.31
N HIS Q 361 -91.77 3.25 -26.57
CA HIS Q 361 -92.49 3.27 -27.83
C HIS Q 361 -93.17 4.60 -28.07
N ASN Q 362 -93.74 5.18 -27.01
CA ASN Q 362 -94.20 6.56 -27.08
C ASN Q 362 -93.03 7.51 -27.34
N ILE Q 363 -92.02 7.49 -26.47
CA ILE Q 363 -91.03 8.56 -26.37
C ILE Q 363 -90.11 8.61 -27.58
N ARG Q 364 -89.81 7.47 -28.20
CA ARG Q 364 -88.94 7.46 -29.37
C ARG Q 364 -89.57 8.21 -30.55
N ILE Q 365 -90.81 7.87 -30.88
CA ILE Q 365 -91.45 8.57 -31.99
C ILE Q 365 -91.89 9.98 -31.59
N MET Q 366 -92.15 10.23 -30.31
CA MET Q 366 -92.48 11.59 -29.90
C MET Q 366 -91.25 12.47 -29.74
N ALA Q 367 -90.06 11.87 -29.70
CA ALA Q 367 -88.82 12.61 -29.86
C ALA Q 367 -88.50 12.81 -31.32
N LYS Q 368 -88.98 11.90 -32.18
CA LYS Q 368 -88.90 12.14 -33.61
C LYS Q 368 -89.84 13.25 -34.05
N TYR Q 369 -90.94 13.46 -33.34
CA TYR Q 369 -92.05 14.23 -33.90
C TYR Q 369 -92.61 15.17 -32.84
N TYR Q 370 -93.83 15.66 -33.10
CA TYR Q 370 -94.62 16.56 -32.27
C TYR Q 370 -93.95 17.89 -31.95
N THR Q 371 -93.81 18.75 -32.96
CA THR Q 371 -93.42 20.14 -32.74
C THR Q 371 -94.67 21.01 -32.67
N ARG Q 372 -94.87 21.65 -31.52
CA ARG Q 372 -96.01 22.46 -31.10
C ARG Q 372 -97.31 21.67 -30.99
N ILE Q 373 -97.37 20.75 -30.02
CA ILE Q 373 -98.60 20.21 -29.48
C ILE Q 373 -98.65 20.63 -28.01
N THR Q 374 -99.84 20.56 -27.41
CA THR Q 374 -100.05 20.88 -26.01
C THR Q 374 -99.75 19.67 -25.13
N MET Q 375 -100.33 19.63 -23.93
CA MET Q 375 -99.92 18.68 -22.89
C MET Q 375 -100.98 17.67 -22.46
N LYS Q 376 -102.22 18.10 -22.22
CA LYS Q 376 -103.27 17.11 -21.94
C LYS Q 376 -103.56 16.31 -23.19
N ARG Q 377 -103.52 16.97 -24.34
CA ARG Q 377 -103.51 16.31 -25.64
C ARG Q 377 -102.33 15.36 -25.76
N MET Q 378 -101.17 15.78 -25.25
CA MET Q 378 -99.99 14.89 -25.22
C MET Q 378 -100.23 13.66 -24.39
N ALA Q 379 -100.79 13.81 -23.18
CA ALA Q 379 -100.99 12.67 -22.30
C ALA Q 379 -102.07 11.73 -22.84
N GLN Q 380 -103.11 12.28 -23.46
CA GLN Q 380 -104.16 11.43 -24.00
C GLN Q 380 -103.72 10.77 -25.31
N LEU Q 381 -102.70 11.31 -25.97
CA LEU Q 381 -102.08 10.60 -27.07
C LEU Q 381 -100.90 9.74 -26.63
N LEU Q 382 -100.46 9.89 -25.39
CA LEU Q 382 -99.56 8.94 -24.75
C LEU Q 382 -100.30 7.71 -24.27
N ASP Q 383 -101.64 7.79 -24.22
CA ASP Q 383 -102.53 6.80 -23.61
C ASP Q 383 -102.19 6.58 -22.13
N LEU Q 384 -101.75 7.64 -21.48
CA LEU Q 384 -101.38 7.61 -20.07
C LEU Q 384 -101.39 9.06 -19.57
N SER Q 385 -102.03 9.26 -18.43
CA SER Q 385 -102.50 10.59 -18.03
C SER Q 385 -101.32 11.44 -17.53
N VAL Q 386 -101.65 12.64 -17.04
CA VAL Q 386 -100.64 13.67 -16.80
C VAL Q 386 -99.76 13.35 -15.59
N ASP Q 387 -100.34 12.80 -14.52
CA ASP Q 387 -99.49 12.29 -13.44
C ASP Q 387 -98.73 11.05 -13.89
N GLU Q 388 -99.39 10.21 -14.69
CA GLU Q 388 -98.68 9.11 -15.31
C GLU Q 388 -97.67 9.62 -16.32
N SER Q 389 -97.92 10.79 -16.91
CA SER Q 389 -96.93 11.41 -17.79
C SER Q 389 -95.71 11.85 -17.02
N GLU Q 390 -95.88 12.43 -15.82
CA GLU Q 390 -94.69 12.85 -15.09
C GLU Q 390 -93.92 11.66 -14.57
N ALA Q 391 -94.62 10.60 -14.16
CA ALA Q 391 -93.93 9.37 -13.77
C ALA Q 391 -93.22 8.72 -14.96
N PHE Q 392 -94.01 8.33 -15.96
CA PHE Q 392 -93.57 7.65 -17.18
C PHE Q 392 -92.66 8.50 -18.06
N LEU Q 393 -92.52 9.80 -17.80
CA LEU Q 393 -91.57 10.59 -18.56
C LEU Q 393 -90.42 11.09 -17.72
N SER Q 394 -90.55 11.08 -16.40
CA SER Q 394 -89.38 11.27 -15.54
C SER Q 394 -88.45 10.08 -15.65
N ASN Q 395 -89.03 8.88 -15.65
CA ASN Q 395 -88.18 7.69 -15.70
C ASN Q 395 -87.62 7.41 -17.11
N LEU Q 396 -87.90 8.27 -18.10
CA LEU Q 396 -87.17 8.26 -19.35
C LEU Q 396 -86.53 9.61 -19.67
N VAL Q 397 -86.71 10.63 -18.84
CA VAL Q 397 -85.83 11.78 -18.93
C VAL Q 397 -84.58 11.54 -18.09
N VAL Q 398 -84.62 10.53 -17.21
CA VAL Q 398 -83.38 10.01 -16.64
C VAL Q 398 -82.53 9.27 -17.66
N ASN Q 399 -83.10 8.93 -18.82
CA ASN Q 399 -82.28 8.50 -19.95
C ASN Q 399 -81.35 9.61 -20.42
N LYS Q 400 -81.79 10.87 -20.24
CA LYS Q 400 -81.01 12.13 -20.40
C LYS Q 400 -80.25 12.21 -21.72
N THR Q 401 -80.79 11.56 -22.76
CA THR Q 401 -80.25 11.67 -24.10
C THR Q 401 -81.27 12.15 -25.12
N ILE Q 402 -82.51 12.36 -24.72
CA ILE Q 402 -83.53 12.99 -25.55
C ILE Q 402 -83.85 14.36 -24.96
N PHE Q 403 -83.75 15.40 -25.78
CA PHE Q 403 -84.13 16.74 -25.38
C PHE Q 403 -85.54 17.01 -25.88
N ALA Q 404 -86.44 17.35 -24.95
CA ALA Q 404 -87.83 17.63 -25.27
C ALA Q 404 -88.18 19.00 -24.74
N LYS Q 405 -89.46 19.36 -24.70
CA LYS Q 405 -89.81 20.67 -24.18
C LYS Q 405 -91.20 20.64 -23.58
N VAL Q 406 -91.31 21.03 -22.31
CA VAL Q 406 -92.59 21.27 -21.67
C VAL Q 406 -92.53 22.54 -20.84
N ASP Q 407 -93.69 23.18 -20.72
CA ASP Q 407 -93.91 24.33 -19.85
C ASP Q 407 -95.20 24.10 -19.11
N ARG Q 408 -95.41 24.82 -18.00
CA ARG Q 408 -96.76 24.78 -17.49
C ARG Q 408 -97.58 26.01 -17.87
N LEU Q 409 -97.43 27.09 -17.09
CA LEU Q 409 -97.96 28.46 -17.23
C LEU Q 409 -99.49 28.55 -17.18
N ALA Q 410 -100.18 27.41 -17.38
CA ALA Q 410 -101.57 27.11 -17.06
C ALA Q 410 -101.82 25.62 -17.27
N GLY Q 411 -100.78 24.90 -17.70
CA GLY Q 411 -100.94 23.59 -18.29
C GLY Q 411 -100.79 23.52 -19.80
N ILE Q 412 -99.86 24.28 -20.39
CA ILE Q 412 -99.66 24.33 -21.84
C ILE Q 412 -98.15 24.26 -22.11
N ILE Q 413 -97.75 23.37 -23.02
CA ILE Q 413 -96.35 23.21 -23.38
C ILE Q 413 -96.12 23.68 -24.82
N ASN Q 414 -94.85 23.75 -25.22
CA ASN Q 414 -94.47 24.06 -26.58
C ASN Q 414 -93.28 23.19 -26.97
N PHE Q 415 -92.65 23.52 -28.10
CA PHE Q 415 -91.62 22.68 -28.71
C PHE Q 415 -90.60 23.49 -29.50
N GLN Q 416 -90.01 22.86 -30.53
CA GLN Q 416 -88.88 23.33 -31.32
C GLN Q 416 -87.67 23.46 -30.42
N ARG Q 417 -87.10 22.29 -30.09
CA ARG Q 417 -86.11 22.09 -29.04
C ARG Q 417 -84.78 22.86 -29.12
N PRO Q 418 -84.11 23.09 -30.26
CA PRO Q 418 -82.79 23.72 -30.17
C PRO Q 418 -82.82 25.24 -30.03
N LYS Q 419 -84.03 25.83 -30.00
CA LYS Q 419 -84.26 27.27 -30.01
C LYS Q 419 -83.71 27.94 -31.26
N ASP Q 420 -83.63 27.18 -32.36
CA ASP Q 420 -83.28 27.60 -33.72
C ASP Q 420 -82.00 28.41 -33.83
N PRO Q 421 -80.82 27.79 -33.73
CA PRO Q 421 -79.58 28.56 -33.95
C PRO Q 421 -79.23 28.66 -35.43
N ASN Q 422 -80.20 29.01 -36.27
CA ASN Q 422 -80.08 28.89 -37.70
C ASN Q 422 -80.52 30.16 -38.40
N ASN Q 423 -79.62 30.68 -39.21
CA ASN Q 423 -79.96 31.55 -40.34
C ASN Q 423 -79.10 31.04 -41.47
N LEU Q 424 -78.37 29.96 -41.17
CA LEU Q 424 -77.36 29.39 -42.06
C LEU Q 424 -77.96 28.35 -42.99
N LEU Q 425 -78.59 27.32 -42.43
CA LEU Q 425 -79.12 26.26 -43.26
C LEU Q 425 -80.36 26.71 -44.01
N ASN Q 426 -81.00 27.79 -43.56
CA ASN Q 426 -82.02 28.46 -44.36
C ASN Q 426 -81.46 28.87 -45.70
N ASP Q 427 -80.35 29.61 -45.67
CA ASP Q 427 -79.66 30.01 -46.89
C ASP Q 427 -79.18 28.80 -47.67
N TRP Q 428 -78.49 27.87 -46.98
CA TRP Q 428 -77.98 26.63 -47.58
C TRP Q 428 -79.02 25.84 -48.35
N SER Q 429 -80.01 25.31 -47.62
CA SER Q 429 -81.09 24.52 -48.16
C SER Q 429 -81.86 25.28 -49.21
N GLN Q 430 -82.56 26.34 -48.78
CA GLN Q 430 -83.40 27.19 -49.60
C GLN Q 430 -82.70 27.64 -50.87
N LYS Q 431 -81.63 28.41 -50.72
CA LYS Q 431 -81.05 29.06 -51.89
C LYS Q 431 -80.19 28.12 -52.72
N LEU Q 432 -79.35 27.28 -52.11
CA LEU Q 432 -78.51 26.40 -52.93
C LEU Q 432 -79.35 25.36 -53.66
N ASN Q 433 -80.29 24.72 -52.95
CA ASN Q 433 -81.21 23.76 -53.57
C ASN Q 433 -82.05 24.42 -54.67
N SER Q 434 -82.67 25.56 -54.37
CA SER Q 434 -83.57 26.19 -55.33
C SER Q 434 -82.82 26.74 -56.52
N LEU Q 435 -81.67 27.38 -56.30
CA LEU Q 435 -80.91 27.94 -57.40
C LEU Q 435 -80.29 26.85 -58.26
N MET Q 436 -79.83 25.76 -57.67
CA MET Q 436 -79.29 24.70 -58.51
C MET Q 436 -80.39 23.92 -59.21
N SER Q 437 -81.56 23.81 -58.59
CA SER Q 437 -82.69 23.25 -59.32
C SER Q 437 -83.12 24.17 -60.45
N LEU Q 438 -82.99 25.49 -60.27
CA LEU Q 438 -83.32 26.42 -61.33
C LEU Q 438 -82.30 26.42 -62.45
N VAL Q 439 -81.02 26.17 -62.15
CA VAL Q 439 -80.07 26.02 -63.25
C VAL Q 439 -80.22 24.66 -63.89
N ASN Q 440 -80.83 23.69 -63.20
CA ASN Q 440 -81.26 22.50 -63.89
C ASN Q 440 -82.48 22.75 -64.77
N LYS Q 441 -83.36 23.68 -64.35
CA LYS Q 441 -84.61 23.94 -65.08
C LYS Q 441 -84.33 24.33 -66.52
N THR Q 442 -83.31 25.15 -66.75
CA THR Q 442 -82.82 25.38 -68.10
C THR Q 442 -82.41 24.08 -68.77
N THR Q 443 -81.39 23.41 -68.19
CA THR Q 443 -80.69 22.30 -68.86
C THR Q 443 -81.60 21.12 -69.17
N HIS Q 444 -82.70 20.95 -68.44
CA HIS Q 444 -83.61 19.86 -68.76
C HIS Q 444 -85.00 20.28 -69.20
N LEU Q 445 -85.54 21.43 -68.77
CA LEU Q 445 -86.80 21.86 -69.35
C LEU Q 445 -86.63 22.32 -70.79
N ILE Q 446 -85.57 23.05 -71.11
CA ILE Q 446 -85.41 23.39 -72.52
C ILE Q 446 -84.98 22.16 -73.30
N ALA Q 447 -84.39 21.17 -72.62
CA ALA Q 447 -84.09 19.90 -73.28
C ALA Q 447 -85.38 19.20 -73.69
N LYS Q 448 -86.33 19.07 -72.76
CA LYS Q 448 -87.60 18.42 -73.09
C LYS Q 448 -88.45 19.26 -74.03
N GLU Q 449 -88.32 20.58 -73.98
CA GLU Q 449 -89.02 21.44 -74.92
C GLU Q 449 -88.44 21.29 -76.33
N GLU Q 450 -87.11 21.21 -76.43
CA GLU Q 450 -86.50 20.87 -77.70
C GLU Q 450 -86.80 19.45 -78.12
N MET Q 451 -87.03 18.53 -77.19
CA MET Q 451 -87.43 17.18 -77.57
C MET Q 451 -88.85 17.19 -78.13
N ILE Q 452 -89.76 17.90 -77.47
CA ILE Q 452 -91.13 17.93 -77.96
C ILE Q 452 -91.29 18.80 -79.20
N HIS Q 453 -90.26 19.56 -79.57
CA HIS Q 453 -90.22 20.17 -80.89
C HIS Q 453 -89.26 19.46 -81.83
N ASN Q 454 -88.54 18.41 -81.38
CA ASN Q 454 -88.01 17.42 -82.31
C ASN Q 454 -89.13 16.56 -82.85
N LEU Q 455 -90.05 16.17 -81.96
CA LEU Q 455 -91.20 15.36 -82.36
C LEU Q 455 -92.37 16.22 -82.84
N GLN Q 456 -92.11 17.49 -83.20
CA GLN Q 456 -93.07 18.32 -83.92
C GLN Q 456 -92.37 19.06 -85.06
N PRO R 1 -37.32 58.75 12.84
CA PRO R 1 -37.24 60.17 12.45
C PRO R 1 -38.44 60.58 11.63
N LYS R 2 -39.33 59.62 11.39
CA LYS R 2 -40.51 59.78 10.54
C LYS R 2 -41.81 59.56 11.30
N ASN R 3 -41.94 58.43 11.94
CA ASN R 3 -43.17 57.92 12.53
C ASN R 3 -43.67 58.66 13.78
N PRO R 4 -42.81 59.19 14.73
CA PRO R 4 -43.39 60.00 15.83
C PRO R 4 -44.14 61.24 15.36
N ASP R 5 -43.50 62.08 14.54
CA ASP R 5 -44.22 63.27 14.11
C ASP R 5 -45.20 62.96 12.98
N LEU R 6 -45.07 61.80 12.33
CA LEU R 6 -46.16 61.30 11.49
C LEU R 6 -47.37 60.92 12.33
N ARG R 7 -47.13 60.37 13.53
CA ARG R 7 -48.24 60.10 14.44
C ARG R 7 -48.84 61.40 14.96
N ILE R 8 -48.02 62.44 15.09
CA ILE R 8 -48.56 63.76 15.41
C ILE R 8 -49.31 64.35 14.22
N ALA R 9 -48.97 63.95 12.99
CA ALA R 9 -49.81 64.29 11.85
C ALA R 9 -51.14 63.55 11.91
N GLN R 10 -51.11 62.31 12.41
CA GLN R 10 -52.37 61.63 12.72
C GLN R 10 -53.10 62.34 13.86
N LEU R 11 -52.37 62.99 14.77
CA LEU R 11 -53.01 63.84 15.76
C LEU R 11 -53.55 65.13 15.15
N ARG R 12 -52.99 65.60 14.04
CA ARG R 12 -53.65 66.67 13.29
C ARG R 12 -54.96 66.18 12.70
N PHE R 13 -54.97 64.94 12.24
CA PHE R 13 -56.22 64.32 11.84
C PHE R 13 -57.16 64.10 13.03
N LEU R 14 -56.62 63.93 14.22
CA LEU R 14 -57.43 63.93 15.43
C LEU R 14 -57.98 65.32 15.71
N LEU R 15 -57.24 66.36 15.34
CA LEU R 15 -57.80 67.70 15.37
C LEU R 15 -58.88 67.88 14.31
N SER R 16 -58.88 67.05 13.27
CA SER R 16 -59.79 67.27 12.14
C SER R 16 -61.23 66.92 12.49
N LEU R 17 -61.53 65.64 12.77
CA LEU R 17 -62.97 65.34 12.86
C LEU R 17 -63.62 65.74 14.19
N PRO R 18 -63.07 65.43 15.40
CA PRO R 18 -63.66 66.10 16.57
C PRO R 18 -63.21 67.55 16.63
N GLU R 19 -64.13 68.44 16.27
CA GLU R 19 -63.93 69.88 16.25
C GLU R 19 -64.51 70.59 17.46
N HIS R 20 -65.63 70.09 17.98
CA HIS R 20 -66.36 70.76 19.05
C HIS R 20 -65.60 70.74 20.37
N ARG R 21 -64.59 69.89 20.50
CA ARG R 21 -63.81 69.77 21.73
C ARG R 21 -62.49 70.51 21.61
N GLY R 22 -62.05 71.08 22.73
CA GLY R 22 -60.79 71.79 22.80
C GLY R 22 -59.96 71.25 23.95
N ASP R 23 -60.36 70.08 24.46
CA ASP R 23 -59.61 69.38 25.50
C ASP R 23 -58.81 68.19 24.96
N ALA R 24 -59.41 67.37 24.09
CA ALA R 24 -58.64 66.34 23.41
C ALA R 24 -57.66 66.91 22.41
N ALA R 25 -57.84 68.17 22.00
CA ALA R 25 -56.78 68.90 21.35
C ALA R 25 -55.60 69.10 22.30
N VAL R 26 -55.85 69.76 23.44
CA VAL R 26 -54.77 70.33 24.24
C VAL R 26 -54.02 69.24 25.01
N ARG R 27 -54.66 68.11 25.33
CA ARG R 27 -53.99 67.06 26.12
C ARG R 27 -52.81 66.42 25.38
N ASP R 28 -53.08 65.71 24.30
CA ASP R 28 -51.95 65.19 23.55
C ASP R 28 -51.32 66.22 22.63
N GLU R 29 -51.87 67.44 22.55
CA GLU R 29 -51.13 68.58 22.02
C GLU R 29 -49.93 68.90 22.90
N LEU R 30 -50.15 69.02 24.21
CA LEU R 30 -49.05 69.23 25.13
C LEU R 30 -48.16 68.00 25.21
N MET R 31 -48.74 66.80 25.10
CA MET R 31 -47.91 65.59 25.14
C MET R 31 -47.00 65.48 23.93
N ALA R 32 -47.46 65.87 22.74
CA ALA R 32 -46.64 65.88 21.55
C ALA R 32 -45.78 67.13 21.43
N ALA R 33 -46.05 68.15 22.23
CA ALA R 33 -45.30 69.39 22.16
C ALA R 33 -44.27 69.53 23.28
N VAL R 34 -44.26 68.62 24.25
CA VAL R 34 -43.16 68.58 25.21
C VAL R 34 -42.10 67.55 24.84
N ARG R 35 -42.35 66.71 23.84
CA ARG R 35 -41.44 65.64 23.49
C ARG R 35 -40.61 66.01 22.26
N ASP R 36 -39.29 65.95 22.43
CA ASP R 36 -38.32 65.75 21.36
C ASP R 36 -38.29 66.94 20.38
N ASN R 37 -38.27 68.15 20.94
CA ASN R 37 -37.92 69.41 20.26
C ASN R 37 -38.75 69.62 18.99
N ASN R 38 -40.04 69.82 19.18
CA ASN R 38 -40.96 69.89 18.04
C ASN R 38 -41.70 71.23 18.08
N MET R 39 -41.06 72.25 17.50
CA MET R 39 -41.61 73.61 17.50
C MET R 39 -42.85 73.72 16.62
N ALA R 40 -42.80 73.13 15.42
CA ALA R 40 -43.92 73.20 14.48
C ALA R 40 -45.18 72.45 14.88
N PRO R 41 -45.16 71.24 15.48
CA PRO R 41 -46.43 70.62 15.90
C PRO R 41 -47.21 71.38 16.96
N TYR R 42 -46.62 72.34 17.67
CA TYR R 42 -47.44 73.31 18.38
C TYR R 42 -47.46 74.66 17.71
N TYR R 43 -46.64 74.89 16.69
CA TYR R 43 -46.69 76.19 16.01
C TYR R 43 -47.87 76.27 15.04
N GLU R 44 -48.04 75.26 14.18
CA GLU R 44 -49.25 75.22 13.35
C GLU R 44 -50.50 74.98 14.18
N ALA R 45 -50.38 74.25 15.29
CA ALA R 45 -51.54 74.09 16.16
C ALA R 45 -51.79 75.32 17.02
N LEU R 46 -50.80 76.18 17.19
CA LEU R 46 -51.03 77.53 17.67
C LEU R 46 -51.74 78.36 16.63
N CYS R 47 -51.44 78.10 15.36
CA CYS R 47 -52.16 78.75 14.29
C CYS R 47 -53.56 78.17 14.07
N LYS R 48 -53.86 76.99 14.60
CA LYS R 48 -55.16 76.35 14.40
C LYS R 48 -55.95 76.16 15.69
N SER R 49 -55.41 75.43 16.65
CA SER R 49 -56.07 75.13 17.90
C SER R 49 -55.83 76.27 18.89
N LEU R 50 -56.05 76.00 20.18
CA LEU R 50 -55.94 77.00 21.22
C LEU R 50 -54.52 77.57 21.30
N ASP R 51 -54.45 78.84 21.65
CA ASP R 51 -53.20 79.57 21.73
C ASP R 51 -52.53 79.28 23.08
N TRP R 52 -51.52 80.07 23.44
CA TRP R 52 -50.75 79.82 24.64
C TRP R 52 -51.00 80.92 25.66
N GLN R 53 -51.22 80.50 26.90
CA GLN R 53 -51.18 81.35 28.09
C GLN R 53 -49.85 82.11 28.14
N ILE R 54 -48.76 81.37 28.29
CA ILE R 54 -47.40 81.83 28.02
C ILE R 54 -46.67 80.70 27.31
N ASP R 55 -45.38 80.91 27.11
CA ASP R 55 -44.51 79.84 26.64
C ASP R 55 -43.14 79.84 27.31
N VAL R 56 -42.91 80.71 28.29
CA VAL R 56 -41.57 81.03 28.79
C VAL R 56 -40.92 79.84 29.48
N ASP R 57 -41.52 79.37 30.56
CA ASP R 57 -41.11 78.10 31.14
C ASP R 57 -41.80 76.92 30.48
N LEU R 58 -42.84 77.17 29.69
CA LEU R 58 -43.58 76.09 29.07
C LEU R 58 -42.85 75.57 27.83
N LEU R 59 -42.66 76.44 26.82
CA LEU R 59 -42.09 76.01 25.56
C LEU R 59 -40.94 76.88 25.08
N ASN R 60 -40.63 77.99 25.75
CA ASN R 60 -39.41 78.68 25.39
C ASN R 60 -38.18 77.99 25.96
N LYS R 61 -38.34 77.10 26.93
CA LYS R 61 -37.26 76.18 27.24
C LYS R 61 -37.00 75.23 26.08
N MET R 62 -38.01 74.93 25.26
CA MET R 62 -37.78 74.12 24.09
C MET R 62 -37.33 74.95 22.90
N LYS R 63 -37.66 76.24 22.85
CA LYS R 63 -36.95 77.07 21.87
C LYS R 63 -35.52 77.31 22.32
N LYS R 64 -35.25 77.18 23.62
CA LYS R 64 -33.88 77.21 24.12
C LYS R 64 -33.15 75.92 23.75
N ALA R 65 -33.86 74.79 23.79
CA ALA R 65 -33.31 73.55 23.26
C ALA R 65 -33.08 73.64 21.75
N ASN R 66 -33.96 74.35 21.05
CA ASN R 66 -33.75 74.64 19.63
C ASN R 66 -32.51 75.52 19.43
N GLU R 67 -32.30 76.47 20.33
CA GLU R 67 -31.09 77.30 20.31
C GLU R 67 -29.84 76.45 20.53
N ASP R 68 -29.92 75.47 21.42
CA ASP R 68 -28.80 74.56 21.67
C ASP R 68 -28.53 73.69 20.45
N GLU R 69 -29.60 73.19 19.83
CA GLU R 69 -29.48 72.41 18.60
C GLU R 69 -28.90 73.26 17.48
N LEU R 70 -29.27 74.54 17.43
CA LEU R 70 -28.79 75.45 16.39
C LEU R 70 -27.33 75.80 16.59
N LYS R 71 -26.91 76.02 17.85
CA LYS R 71 -25.51 76.33 18.09
C LYS R 71 -24.64 75.10 17.89
N ARG R 72 -25.18 73.89 18.05
CA ARG R 72 -24.36 72.75 17.65
C ARG R 72 -24.44 72.49 16.15
N LEU R 73 -25.42 73.05 15.44
CA LEU R 73 -25.30 73.11 13.98
C LEU R 73 -24.14 74.02 13.57
N ASP R 74 -24.03 75.17 14.24
CA ASP R 74 -22.92 76.09 14.02
C ASP R 74 -21.60 75.51 14.51
N GLU R 75 -21.63 74.50 15.38
CA GLU R 75 -20.45 73.70 15.63
C GLU R 75 -20.17 72.78 14.44
N GLU R 76 -21.21 72.07 13.99
CA GLU R 76 -21.02 70.88 13.18
C GLU R 76 -20.65 71.22 11.74
N LEU R 77 -21.38 72.14 11.10
CA LEU R 77 -21.08 72.41 9.70
C LEU R 77 -19.82 73.25 9.54
N GLU R 78 -19.40 73.97 10.59
CA GLU R 78 -18.10 74.60 10.61
C GLU R 78 -16.98 73.62 10.95
N ASP R 79 -17.32 72.50 11.59
CA ASP R 79 -16.35 71.43 11.73
C ASP R 79 -16.29 70.53 10.50
N ALA R 80 -17.31 70.57 9.65
CA ALA R 80 -17.38 69.76 8.45
C ALA R 80 -17.00 70.53 7.20
N GLU R 81 -16.82 71.84 7.30
CA GLU R 81 -16.29 72.62 6.19
C GLU R 81 -14.78 72.49 6.08
N LYS R 82 -14.12 72.03 7.15
CA LYS R 82 -12.70 71.71 7.08
C LYS R 82 -12.50 70.35 6.42
N ASN R 83 -13.37 69.40 6.72
CA ASN R 83 -13.26 68.06 6.15
C ASN R 83 -13.74 68.07 4.70
N LEU R 84 -13.05 67.29 3.86
CA LEU R 84 -13.30 67.25 2.42
C LEU R 84 -13.54 65.79 2.06
N GLY R 85 -14.78 65.34 2.21
CA GLY R 85 -15.12 63.93 2.04
C GLY R 85 -16.35 63.69 1.19
N GLU R 86 -17.33 62.98 1.74
CA GLU R 86 -18.58 62.68 1.05
C GLU R 86 -19.64 63.76 1.28
N SER R 87 -19.20 65.01 1.07
CA SER R 87 -19.94 66.23 1.41
C SER R 87 -20.43 66.17 2.86
N GLU R 88 -19.41 66.25 3.73
CA GLU R 88 -19.59 66.09 5.17
C GLU R 88 -20.61 67.08 5.73
N ILE R 89 -20.54 68.34 5.30
CA ILE R 89 -21.50 69.38 5.69
C ILE R 89 -22.92 68.92 5.37
N ARG R 90 -23.18 68.62 4.10
CA ARG R 90 -24.56 68.36 3.65
C ARG R 90 -25.07 67.02 4.17
N ASP R 91 -24.19 66.05 4.44
CA ASP R 91 -24.62 64.76 4.98
C ASP R 91 -24.88 64.83 6.48
N ALA R 92 -23.85 65.18 7.27
CA ALA R 92 -23.97 65.30 8.71
C ALA R 92 -24.84 66.48 9.13
N MET R 93 -25.28 67.32 8.20
CA MET R 93 -26.24 68.37 8.47
C MET R 93 -27.60 68.10 7.82
N MET R 94 -27.70 67.22 6.81
CA MET R 94 -29.03 66.80 6.38
C MET R 94 -29.68 65.93 7.44
N ALA R 95 -28.86 65.23 8.25
CA ALA R 95 -29.39 64.52 9.42
C ALA R 95 -30.11 65.47 10.37
N LYS R 96 -29.35 66.42 10.92
CA LYS R 96 -29.91 67.40 11.83
C LYS R 96 -30.84 68.41 11.16
N ALA R 97 -30.87 68.45 9.84
CA ALA R 97 -31.67 69.42 9.10
C ALA R 97 -33.03 68.88 8.68
N GLU R 98 -33.11 67.60 8.35
CA GLU R 98 -34.39 66.92 8.38
C GLU R 98 -34.94 66.89 9.79
N TYR R 99 -34.06 66.81 10.80
CA TYR R 99 -34.51 67.01 12.16
C TYR R 99 -34.97 68.45 12.42
N LEU R 100 -34.36 69.43 11.75
CA LEU R 100 -34.85 70.81 11.83
C LEU R 100 -36.23 70.95 11.20
N CYS R 101 -36.45 70.25 10.10
CA CYS R 101 -37.78 70.22 9.48
C CYS R 101 -38.79 69.54 10.40
N ARG R 102 -38.32 68.58 11.20
CA ARG R 102 -39.14 68.05 12.27
C ARG R 102 -39.37 69.10 13.36
N ILE R 103 -38.38 69.95 13.62
CA ILE R 103 -38.55 71.02 14.60
C ILE R 103 -39.52 72.07 14.08
N GLY R 104 -39.17 72.68 12.95
CA GLY R 104 -39.95 73.80 12.46
C GLY R 104 -40.66 73.59 11.14
N ASP R 105 -40.75 74.66 10.35
CA ASP R 105 -41.54 74.67 9.12
C ASP R 105 -40.83 74.02 7.95
N LYS R 106 -41.35 74.28 6.76
CA LYS R 106 -40.83 73.85 5.46
C LYS R 106 -39.47 74.45 5.12
N GLU R 107 -38.69 75.10 5.99
CA GLU R 107 -37.29 75.41 5.70
C GLU R 107 -36.44 74.15 5.55
N GLY R 108 -36.95 73.01 6.01
CA GLY R 108 -36.54 71.71 5.56
C GLY R 108 -36.46 71.52 4.07
N ALA R 109 -37.20 72.29 3.27
CA ALA R 109 -37.01 72.33 1.82
C ALA R 109 -35.57 72.72 1.46
N LEU R 110 -35.18 73.93 1.84
CA LEU R 110 -33.87 74.43 1.46
C LEU R 110 -32.75 73.68 2.16
N THR R 111 -32.98 73.20 3.39
CA THR R 111 -31.90 72.54 4.10
C THR R 111 -32.00 71.03 4.04
N ALA R 112 -32.94 70.47 3.28
CA ALA R 112 -32.92 69.04 3.11
C ALA R 112 -32.91 68.66 1.64
N PHE R 113 -33.91 69.17 0.90
CA PHE R 113 -34.29 68.71 -0.43
C PHE R 113 -33.10 68.82 -1.37
N ARG R 114 -32.72 70.07 -1.62
CA ARG R 114 -31.59 70.34 -2.48
C ARG R 114 -30.27 70.19 -1.76
N LYS R 115 -30.25 70.29 -0.43
CA LYS R 115 -29.01 70.13 0.31
C LYS R 115 -28.44 68.72 0.18
N THR R 116 -29.30 67.72 0.02
CA THR R 116 -28.82 66.39 -0.36
C THR R 116 -29.09 66.05 -1.83
N TYR R 117 -29.91 66.84 -2.53
CA TYR R 117 -30.24 66.57 -3.92
C TYR R 117 -29.20 67.11 -4.88
N ASP R 118 -28.40 68.08 -4.44
CA ASP R 118 -27.35 68.66 -5.27
C ASP R 118 -26.04 67.89 -5.20
N LYS R 119 -25.94 66.88 -4.34
CA LYS R 119 -24.73 66.09 -4.22
C LYS R 119 -24.90 64.66 -4.72
N THR R 120 -25.88 63.93 -4.20
CA THR R 120 -25.90 62.48 -4.29
C THR R 120 -26.25 62.00 -5.69
N VAL R 121 -25.96 60.72 -5.92
CA VAL R 121 -26.52 59.97 -7.04
C VAL R 121 -27.28 58.74 -6.57
N ALA R 122 -27.25 58.45 -5.27
CA ALA R 122 -27.98 57.33 -4.69
C ALA R 122 -29.36 57.77 -4.27
N LEU R 123 -30.34 56.90 -4.52
CA LEU R 123 -31.75 57.20 -4.29
C LEU R 123 -32.17 57.10 -2.84
N GLY R 124 -31.27 56.73 -1.93
CA GLY R 124 -31.65 56.59 -0.54
C GLY R 124 -31.94 57.93 0.12
N HIS R 125 -31.04 58.89 -0.07
CA HIS R 125 -31.21 60.21 0.52
C HIS R 125 -32.35 60.97 -0.15
N ARG R 126 -32.40 60.92 -1.49
CA ARG R 126 -33.51 61.51 -2.24
C ARG R 126 -34.85 60.86 -1.89
N LEU R 127 -34.82 59.58 -1.54
CA LEU R 127 -36.06 58.92 -1.20
C LEU R 127 -36.46 59.21 0.24
N ASP R 128 -35.49 59.47 1.12
CA ASP R 128 -35.81 60.07 2.42
C ASP R 128 -36.48 61.42 2.23
N ILE R 129 -36.02 62.18 1.23
CA ILE R 129 -36.67 63.46 0.92
C ILE R 129 -38.08 63.25 0.42
N VAL R 130 -38.29 62.24 -0.45
CA VAL R 130 -39.63 61.90 -0.94
C VAL R 130 -40.54 61.50 0.21
N PHE R 131 -40.01 60.72 1.15
CA PHE R 131 -40.76 60.31 2.34
C PHE R 131 -41.05 61.50 3.26
N TYR R 132 -40.21 62.52 3.23
CA TYR R 132 -40.45 63.70 4.05
C TYR R 132 -41.45 64.65 3.41
N LEU R 133 -41.46 64.75 2.08
CA LEU R 133 -42.57 65.43 1.43
C LEU R 133 -43.87 64.66 1.63
N LEU R 134 -43.79 63.34 1.78
CA LEU R 134 -44.97 62.56 2.17
C LEU R 134 -45.43 62.92 3.57
N ARG R 135 -44.50 63.01 4.53
CA ARG R 135 -44.92 63.29 5.90
C ARG R 135 -45.41 64.73 6.03
N ILE R 136 -44.94 65.64 5.16
CA ILE R 136 -45.40 67.02 5.26
C ILE R 136 -46.64 67.24 4.40
N GLY R 137 -46.88 66.36 3.43
CA GLY R 137 -48.19 66.20 2.84
C GLY R 137 -49.16 65.43 3.69
N LEU R 138 -48.67 64.92 4.82
CA LEU R 138 -49.54 64.48 5.89
C LEU R 138 -49.71 65.53 6.99
N PHE R 139 -48.70 66.39 7.20
CA PHE R 139 -48.82 67.56 8.06
C PHE R 139 -49.85 68.55 7.53
N TYR R 140 -49.54 69.17 6.39
CA TYR R 140 -50.42 70.16 5.80
C TYR R 140 -51.59 69.54 5.08
N MET R 141 -51.58 68.21 4.92
CA MET R 141 -52.51 67.46 4.06
C MET R 141 -52.49 68.02 2.64
N ASP R 142 -51.29 67.92 2.04
CA ASP R 142 -51.00 68.57 0.76
C ASP R 142 -51.72 67.90 -0.39
N ASN R 143 -51.96 68.67 -1.43
CA ASN R 143 -52.04 68.14 -2.78
C ASN R 143 -50.76 68.42 -3.54
N ASP R 144 -50.00 69.43 -3.11
CA ASP R 144 -48.80 69.83 -3.83
C ASP R 144 -47.65 68.87 -3.59
N LEU R 145 -47.21 68.75 -2.34
CA LEU R 145 -45.93 68.12 -2.07
C LEU R 145 -45.99 66.62 -2.21
N ILE R 146 -47.15 66.00 -2.00
CA ILE R 146 -47.31 64.57 -2.26
C ILE R 146 -47.48 64.25 -3.74
N THR R 147 -47.51 65.27 -4.60
CA THR R 147 -47.24 65.10 -6.02
C THR R 147 -45.83 65.53 -6.39
N ARG R 148 -45.25 66.49 -5.67
CA ARG R 148 -43.91 66.93 -5.97
C ARG R 148 -42.87 65.89 -5.59
N ASN R 149 -43.16 65.07 -4.56
CA ASN R 149 -42.24 63.99 -4.25
C ASN R 149 -42.33 62.87 -5.27
N THR R 150 -43.47 62.72 -5.95
CA THR R 150 -43.53 61.82 -7.08
C THR R 150 -42.75 62.39 -8.25
N GLU R 151 -42.86 63.71 -8.44
CA GLU R 151 -42.10 64.42 -9.46
C GLU R 151 -40.60 64.32 -9.22
N LYS R 152 -40.18 64.23 -7.97
CA LYS R 152 -38.77 64.03 -7.64
C LYS R 152 -38.36 62.56 -7.69
N ALA R 153 -39.25 61.64 -7.32
CA ALA R 153 -38.89 60.23 -7.26
C ALA R 153 -38.85 59.59 -8.63
N LYS R 154 -39.68 60.04 -9.56
CA LYS R 154 -39.63 59.52 -10.92
C LYS R 154 -38.39 59.93 -11.67
N SER R 155 -37.57 60.83 -11.12
CA SER R 155 -36.23 61.06 -11.65
C SER R 155 -35.29 59.90 -11.38
N LEU R 156 -35.63 58.98 -10.47
CA LEU R 156 -34.85 57.78 -10.26
C LEU R 156 -35.68 56.51 -10.31
N ILE R 157 -36.95 56.59 -10.72
CA ILE R 157 -37.69 55.39 -11.07
C ILE R 157 -37.20 54.84 -12.40
N GLU R 158 -36.71 55.72 -13.28
CA GLU R 158 -36.31 55.37 -14.63
C GLU R 158 -35.15 54.37 -14.69
N GLU R 159 -34.37 54.24 -13.61
CA GLU R 159 -33.46 53.12 -13.45
C GLU R 159 -33.59 52.63 -12.01
N GLY R 160 -33.93 51.36 -11.84
CA GLY R 160 -34.16 50.88 -10.49
C GLY R 160 -34.28 49.38 -10.31
N GLY R 161 -35.22 49.00 -9.45
CA GLY R 161 -35.40 47.63 -9.00
C GLY R 161 -34.84 47.48 -7.61
N ASP R 162 -35.70 47.57 -6.60
CA ASP R 162 -35.29 47.46 -5.22
C ASP R 162 -36.41 46.81 -4.43
N TRP R 163 -36.00 46.12 -3.37
CA TRP R 163 -36.79 45.09 -2.73
C TRP R 163 -37.97 45.64 -1.93
N ASP R 164 -37.71 46.44 -0.90
CA ASP R 164 -38.79 46.97 -0.06
C ASP R 164 -39.18 48.38 -0.47
N ARG R 165 -38.21 49.27 -0.61
CA ARG R 165 -38.52 50.70 -0.63
C ARG R 165 -39.23 51.12 -1.91
N ARG R 166 -38.98 50.44 -3.03
CA ARG R 166 -39.75 50.76 -4.23
C ARG R 166 -41.17 50.24 -4.13
N ASN R 167 -41.37 49.13 -3.42
CA ASN R 167 -42.73 48.71 -3.09
C ASN R 167 -43.39 49.69 -2.14
N ARG R 168 -42.59 50.38 -1.32
CA ARG R 168 -43.16 51.44 -0.49
C ARG R 168 -43.52 52.67 -1.32
N LEU R 169 -42.74 52.96 -2.37
CA LEU R 169 -43.17 53.96 -3.36
C LEU R 169 -44.52 53.60 -3.95
N LYS R 170 -44.69 52.31 -4.28
CA LYS R 170 -45.97 51.81 -4.76
C LYS R 170 -47.08 52.04 -3.73
N VAL R 171 -46.75 51.79 -2.45
CA VAL R 171 -47.70 51.99 -1.35
C VAL R 171 -48.13 53.44 -1.25
N TYR R 172 -47.18 54.36 -1.28
CA TYR R 172 -47.58 55.75 -1.07
C TYR R 172 -48.13 56.41 -2.32
N GLN R 173 -47.79 55.90 -3.51
CA GLN R 173 -48.51 56.30 -4.71
C GLN R 173 -49.96 55.82 -4.65
N GLY R 174 -50.19 54.63 -4.10
CA GLY R 174 -51.54 54.17 -3.90
C GLY R 174 -52.29 54.98 -2.85
N LEU R 175 -51.60 55.39 -1.79
CA LEU R 175 -52.21 56.30 -0.82
C LEU R 175 -52.51 57.66 -1.43
N TYR R 176 -51.69 58.10 -2.38
CA TYR R 176 -52.02 59.31 -3.12
C TYR R 176 -53.27 59.12 -3.98
N CYS R 177 -53.34 57.97 -4.67
CA CYS R 177 -54.54 57.59 -5.41
C CYS R 177 -55.78 57.63 -4.53
N VAL R 178 -55.83 56.75 -3.52
CA VAL R 178 -57.04 56.63 -2.71
C VAL R 178 -57.07 57.66 -1.58
N ALA R 179 -56.20 58.68 -1.65
CA ALA R 179 -56.46 59.91 -0.91
C ALA R 179 -57.58 60.72 -1.57
N ILE R 180 -57.80 60.51 -2.86
CA ILE R 180 -58.95 61.04 -3.58
C ILE R 180 -59.67 59.81 -4.12
N ARG R 181 -60.75 59.96 -4.90
CA ARG R 181 -61.44 58.81 -5.45
C ARG R 181 -60.64 58.23 -6.63
N ASP R 182 -59.54 57.55 -6.29
CA ASP R 182 -58.75 56.76 -7.23
C ASP R 182 -58.41 55.44 -6.56
N PHE R 183 -58.93 54.34 -7.09
CA PHE R 183 -59.15 53.24 -6.16
C PHE R 183 -58.46 51.94 -6.51
N LYS R 184 -58.34 51.60 -7.79
CA LYS R 184 -57.89 50.25 -8.15
C LYS R 184 -56.36 50.11 -8.12
N GLN R 185 -55.63 51.15 -8.54
CA GLN R 185 -54.18 51.05 -8.60
C GLN R 185 -53.57 50.98 -7.22
N ALA R 186 -54.24 51.59 -6.24
CA ALA R 186 -53.86 51.47 -4.84
C ALA R 186 -53.83 50.02 -4.40
N ALA R 187 -54.94 49.30 -4.62
CA ALA R 187 -55.01 47.89 -4.23
C ALA R 187 -54.06 47.03 -5.03
N GLU R 188 -53.94 47.31 -6.33
CA GLU R 188 -53.08 46.50 -7.19
C GLU R 188 -51.62 46.63 -6.81
N LEU R 189 -51.20 47.83 -6.40
CA LEU R 189 -49.83 48.05 -5.96
C LEU R 189 -49.61 47.67 -4.50
N PHE R 190 -50.67 47.59 -3.69
CA PHE R 190 -50.49 47.08 -2.33
C PHE R 190 -50.43 45.58 -2.28
N LEU R 191 -50.97 44.91 -3.31
CA LEU R 191 -51.26 43.47 -3.27
C LEU R 191 -50.05 42.59 -2.98
N ASP R 192 -48.84 43.07 -3.25
CA ASP R 192 -47.62 42.35 -2.88
C ASP R 192 -47.23 42.70 -1.43
N THR R 193 -48.02 42.14 -0.50
CA THR R 193 -47.92 42.46 0.92
C THR R 193 -46.74 41.80 1.60
N VAL R 194 -45.97 40.98 0.90
CA VAL R 194 -44.90 40.24 1.55
C VAL R 194 -43.74 41.16 1.90
N SER R 195 -43.16 41.82 0.90
CA SER R 195 -41.87 42.49 1.06
C SER R 195 -41.94 43.79 1.83
N THR R 196 -43.10 44.18 2.34
CA THR R 196 -43.29 45.46 3.02
C THR R 196 -43.22 45.29 4.52
N PHE R 197 -42.35 44.37 4.99
CA PHE R 197 -42.37 43.80 6.33
C PHE R 197 -42.33 44.83 7.45
N THR R 198 -41.23 45.57 7.54
CA THR R 198 -41.08 46.63 8.52
C THR R 198 -40.00 47.57 8.03
N SER R 199 -40.36 48.83 7.83
CA SER R 199 -39.39 49.90 7.68
C SER R 199 -39.85 51.05 8.55
N TYR R 200 -38.93 51.97 8.83
CA TYR R 200 -39.14 52.98 9.87
C TYR R 200 -39.95 54.17 9.37
N GLU R 201 -40.69 53.98 8.27
CA GLU R 201 -41.81 54.82 7.92
C GLU R 201 -43.15 54.12 8.08
N LEU R 202 -43.15 52.81 8.34
CA LEU R 202 -44.41 52.12 8.58
C LEU R 202 -45.00 52.51 9.92
N MET R 203 -46.32 52.41 9.96
CA MET R 203 -47.09 52.23 11.19
C MET R 203 -47.24 50.73 11.40
N ASP R 204 -48.23 50.30 12.18
CA ASP R 204 -48.53 48.88 12.32
C ASP R 204 -48.74 48.21 10.97
N TYR R 205 -47.91 47.21 10.70
CA TYR R 205 -48.00 46.40 9.49
C TYR R 205 -49.34 45.69 9.38
N LYS R 206 -49.92 45.34 10.53
CA LYS R 206 -51.29 44.84 10.56
C LYS R 206 -52.27 45.89 10.07
N THR R 207 -52.02 47.17 10.39
CA THR R 207 -52.91 48.20 9.88
C THR R 207 -52.69 48.46 8.40
N PHE R 208 -51.47 48.21 7.91
CA PHE R 208 -51.24 48.15 6.47
C PHE R 208 -52.06 47.05 5.83
N VAL R 209 -52.18 45.91 6.53
CA VAL R 209 -53.02 44.81 6.04
C VAL R 209 -54.49 45.23 6.00
N THR R 210 -54.95 45.94 7.04
CA THR R 210 -56.34 46.39 7.05
C THR R 210 -56.59 47.40 5.93
N TYR R 211 -55.62 48.27 5.67
CA TYR R 211 -55.80 49.28 4.62
C TYR R 211 -55.79 48.64 3.24
N THR R 212 -54.90 47.67 3.00
CA THR R 212 -54.94 47.00 1.71
C THR R 212 -56.18 46.13 1.54
N VAL R 213 -56.73 45.58 2.63
CA VAL R 213 -57.94 44.81 2.41
C VAL R 213 -59.15 45.73 2.23
N TYR R 214 -59.16 46.90 2.89
CA TYR R 214 -60.24 47.86 2.65
C TYR R 214 -60.22 48.39 1.24
N VAL R 215 -59.03 48.54 0.66
CA VAL R 215 -58.98 49.05 -0.70
C VAL R 215 -59.12 47.92 -1.73
N SER R 216 -58.87 46.67 -1.34
CA SER R 216 -58.92 45.58 -2.30
C SER R 216 -60.21 44.78 -2.24
N MET R 217 -61.09 45.05 -1.27
CA MET R 217 -62.39 44.40 -1.27
C MET R 217 -63.25 44.82 -2.45
N ILE R 218 -63.09 46.05 -2.95
CA ILE R 218 -63.75 46.48 -4.18
C ILE R 218 -62.60 46.71 -5.15
N ALA R 219 -62.92 47.02 -6.42
CA ALA R 219 -62.02 46.95 -7.57
C ALA R 219 -61.38 45.57 -7.68
N LEU R 220 -62.19 44.55 -7.42
CA LEU R 220 -61.70 43.18 -7.46
C LEU R 220 -62.93 42.32 -7.71
N GLU R 221 -63.05 41.79 -8.91
CA GLU R 221 -64.23 41.04 -9.30
C GLU R 221 -64.23 39.69 -8.58
N ARG R 222 -65.41 39.09 -8.49
CA ARG R 222 -65.67 37.94 -7.62
C ARG R 222 -64.72 36.74 -7.75
N PRO R 223 -64.25 36.33 -8.94
CA PRO R 223 -63.17 35.31 -8.93
C PRO R 223 -61.86 35.82 -8.35
N ASP R 224 -61.45 37.02 -8.75
CA ASP R 224 -60.29 37.64 -8.15
C ASP R 224 -60.52 37.97 -6.68
N LEU R 225 -61.76 38.35 -6.34
CA LEU R 225 -62.12 38.59 -4.95
C LEU R 225 -61.91 37.35 -4.10
N ARG R 226 -62.47 36.22 -4.50
CA ARG R 226 -62.32 35.01 -3.70
C ARG R 226 -60.89 34.51 -3.70
N GLU R 227 -60.17 34.66 -4.82
CA GLU R 227 -58.80 34.16 -4.89
C GLU R 227 -57.87 34.99 -4.02
N LYS R 228 -58.09 36.29 -3.93
CA LYS R 228 -57.21 37.10 -3.10
C LYS R 228 -57.64 37.08 -1.64
N VAL R 229 -58.87 37.51 -1.33
CA VAL R 229 -59.22 37.67 0.07
C VAL R 229 -59.65 36.37 0.71
N ILE R 230 -59.87 35.31 -0.06
CA ILE R 230 -60.26 34.01 0.48
C ILE R 230 -59.11 33.02 0.36
N LYS R 231 -58.62 32.79 -0.85
CA LYS R 231 -57.51 31.89 -1.05
C LYS R 231 -56.15 32.54 -0.77
N GLY R 232 -56.12 33.71 -0.14
CA GLY R 232 -54.84 34.32 0.20
C GLY R 232 -54.19 33.61 1.37
N ALA R 233 -52.96 33.14 1.17
CA ALA R 233 -52.31 32.30 2.16
C ALA R 233 -51.82 33.09 3.37
N GLU R 234 -50.88 34.00 3.15
CA GLU R 234 -50.31 34.73 4.27
C GLU R 234 -51.21 35.84 4.76
N ILE R 235 -52.25 36.20 4.00
CA ILE R 235 -53.14 37.27 4.43
C ILE R 235 -54.03 36.79 5.57
N LEU R 236 -54.23 35.47 5.69
CA LEU R 236 -55.26 34.93 6.57
C LEU R 236 -54.91 35.13 8.03
N GLU R 237 -53.63 35.15 8.37
CA GLU R 237 -53.24 35.32 9.76
C GLU R 237 -53.38 36.77 10.17
N VAL R 238 -52.86 37.68 9.34
CA VAL R 238 -52.91 39.10 9.63
C VAL R 238 -54.32 39.67 9.45
N LEU R 239 -55.26 38.86 8.96
CA LEU R 239 -56.67 39.15 9.21
C LEU R 239 -57.33 38.20 10.20
N HIS R 240 -56.59 37.22 10.73
CA HIS R 240 -57.06 36.42 11.85
C HIS R 240 -56.80 37.12 13.18
N SER R 241 -55.95 38.14 13.18
CA SER R 241 -55.83 39.01 14.34
C SER R 241 -57.15 39.72 14.63
N LEU R 242 -57.59 40.55 13.71
CA LEU R 242 -58.86 41.25 13.88
C LEU R 242 -60.01 40.36 13.44
N PRO R 243 -60.95 40.02 14.33
CA PRO R 243 -62.08 39.17 13.91
C PRO R 243 -63.05 39.87 12.98
N ALA R 244 -63.38 41.14 13.26
CA ALA R 244 -64.40 41.86 12.52
C ALA R 244 -63.99 42.15 11.08
N VAL R 245 -62.70 42.09 10.77
CA VAL R 245 -62.26 42.24 9.38
C VAL R 245 -62.55 40.97 8.59
N ARG R 246 -62.15 39.82 9.15
CA ARG R 246 -62.48 38.54 8.53
C ARG R 246 -63.99 38.31 8.55
N GLN R 247 -64.65 38.74 9.62
CA GLN R 247 -66.11 38.72 9.68
C GLN R 247 -66.70 39.60 8.59
N TYR R 248 -66.06 40.73 8.31
CA TYR R 248 -66.54 41.64 7.27
C TYR R 248 -66.46 40.99 5.90
N LEU R 249 -65.32 40.35 5.63
CA LEU R 249 -65.14 39.70 4.34
C LEU R 249 -66.07 38.50 4.18
N PHE R 250 -66.25 37.71 5.24
CA PHE R 250 -67.11 36.54 5.11
C PHE R 250 -68.59 36.90 5.20
N SER R 251 -68.91 38.06 5.75
CA SER R 251 -70.27 38.55 5.69
C SER R 251 -70.59 39.13 4.32
N LEU R 252 -69.60 39.73 3.68
CA LEU R 252 -69.80 40.22 2.32
C LEU R 252 -69.88 39.07 1.32
N TYR R 253 -68.95 38.11 1.42
CA TYR R 253 -68.94 36.96 0.54
C TYR R 253 -70.07 36.00 0.86
N GLU R 254 -70.57 36.06 2.08
CA GLU R 254 -71.74 35.27 2.46
C GLU R 254 -72.98 35.73 1.72
N CYS R 255 -73.05 37.03 1.39
CA CYS R 255 -74.12 37.64 0.59
C CYS R 255 -75.49 37.52 1.27
N ARG R 256 -75.53 37.77 2.57
CA ARG R 256 -76.82 37.87 3.25
C ARG R 256 -77.41 39.25 3.06
N TYR R 257 -78.45 39.57 3.81
CA TYR R 257 -79.11 40.87 3.69
C TYR R 257 -78.85 41.75 4.91
N SER R 258 -79.01 41.22 6.12
CA SER R 258 -78.77 42.01 7.31
C SER R 258 -77.32 42.00 7.78
N VAL R 259 -76.58 40.92 7.52
CA VAL R 259 -75.19 40.96 7.96
C VAL R 259 -74.37 41.81 7.00
N PHE R 260 -74.89 42.07 5.78
CA PHE R 260 -74.46 43.21 4.98
C PHE R 260 -74.39 44.48 5.80
N PHE R 261 -75.48 44.82 6.48
CA PHE R 261 -75.55 46.09 7.18
C PHE R 261 -74.90 46.05 8.54
N GLN R 262 -74.84 44.89 9.19
CA GLN R 262 -74.05 44.76 10.42
C GLN R 262 -72.57 44.97 10.13
N SER R 263 -72.07 44.21 9.15
CA SER R 263 -70.74 44.37 8.62
C SER R 263 -70.50 45.81 8.18
N LEU R 264 -71.48 46.39 7.48
CA LEU R 264 -71.36 47.75 6.96
C LEU R 264 -71.35 48.76 8.08
N ALA R 265 -71.97 48.46 9.22
CA ALA R 265 -71.90 49.35 10.36
C ALA R 265 -70.52 49.30 10.99
N VAL R 266 -69.89 48.12 11.00
CA VAL R 266 -68.52 48.01 11.48
C VAL R 266 -67.58 48.85 10.62
N VAL R 267 -67.68 48.69 9.30
CA VAL R 267 -66.85 49.47 8.40
C VAL R 267 -67.34 50.92 8.29
N GLU R 268 -68.54 51.21 8.75
CA GLU R 268 -68.95 52.60 8.93
C GLU R 268 -68.22 53.23 10.10
N GLN R 269 -68.07 52.48 11.21
CA GLN R 269 -67.32 52.98 12.35
C GLN R 269 -65.86 53.18 12.01
N GLU R 270 -65.31 52.20 11.30
CA GLU R 270 -63.92 52.19 10.84
C GLU R 270 -63.60 53.28 9.82
N MET R 271 -64.51 53.51 8.89
CA MET R 271 -64.27 54.51 7.85
C MET R 271 -64.78 55.87 8.30
N LYS R 272 -63.81 56.69 8.72
CA LYS R 272 -63.87 58.05 9.25
C LYS R 272 -62.53 58.19 9.95
N LYS R 273 -62.35 57.38 10.98
CA LYS R 273 -61.14 57.35 11.78
C LYS R 273 -59.88 57.25 10.95
N ASP R 274 -59.96 57.56 9.66
CA ASP R 274 -58.91 57.24 8.73
C ASP R 274 -58.52 58.50 7.97
N TRP R 275 -57.25 58.88 8.09
CA TRP R 275 -56.75 60.15 7.59
C TRP R 275 -56.52 60.08 6.09
N LEU R 276 -56.92 61.18 5.42
CA LEU R 276 -57.11 61.29 3.97
C LEU R 276 -57.96 60.14 3.40
N PHE R 277 -58.88 59.65 4.23
CA PHE R 277 -59.93 58.70 3.86
C PHE R 277 -61.28 59.15 4.41
N ALA R 278 -61.24 59.75 5.60
CA ALA R 278 -62.48 60.19 6.23
C ALA R 278 -63.23 61.30 5.50
N PRO R 279 -62.59 62.27 4.76
CA PRO R 279 -63.41 63.11 3.87
C PRO R 279 -63.99 62.36 2.67
N HIS R 280 -63.60 61.11 2.49
CA HIS R 280 -64.15 60.22 1.46
C HIS R 280 -64.99 59.11 2.07
N TYR R 281 -65.75 59.42 3.12
CA TYR R 281 -66.49 58.37 3.80
C TYR R 281 -67.74 57.94 3.06
N ARG R 282 -68.17 58.63 2.02
CA ARG R 282 -69.50 58.35 1.50
C ARG R 282 -69.51 57.39 0.31
N TYR R 283 -68.76 57.71 -0.75
CA TYR R 283 -68.77 56.87 -1.95
C TYR R 283 -68.17 55.49 -1.70
N TYR R 284 -67.36 55.33 -0.67
CA TYR R 284 -66.92 54.00 -0.29
C TYR R 284 -68.08 53.17 0.28
N VAL R 285 -68.96 53.80 1.07
CA VAL R 285 -70.05 53.06 1.70
C VAL R 285 -71.09 52.65 0.67
N ARG R 286 -71.55 53.60 -0.14
CA ARG R 286 -72.45 53.21 -1.22
C ARG R 286 -71.73 52.45 -2.34
N GLU R 287 -70.39 52.45 -2.35
CA GLU R 287 -69.67 51.58 -3.26
C GLU R 287 -69.75 50.13 -2.81
N MET R 288 -69.56 49.90 -1.50
CA MET R 288 -69.88 48.60 -0.92
C MET R 288 -71.31 48.19 -1.23
N ARG R 289 -72.23 49.15 -1.10
CA ARG R 289 -73.64 48.87 -1.39
C ARG R 289 -73.85 48.51 -2.84
N ILE R 290 -73.21 49.23 -3.76
CA ILE R 290 -73.48 48.99 -5.16
C ILE R 290 -72.86 47.68 -5.60
N HIS R 291 -71.73 47.28 -4.98
CA HIS R 291 -71.18 45.96 -5.24
C HIS R 291 -72.09 44.87 -4.70
N ALA R 292 -72.68 45.11 -3.52
CA ALA R 292 -73.56 44.13 -2.90
C ALA R 292 -74.86 43.95 -3.70
N TYR R 293 -75.51 45.05 -4.03
CA TYR R 293 -76.74 44.95 -4.83
C TYR R 293 -76.46 44.46 -6.24
N SER R 294 -75.28 44.77 -6.79
CA SER R 294 -74.97 44.28 -8.13
C SER R 294 -74.75 42.78 -8.12
N GLN R 295 -74.10 42.25 -7.09
CA GLN R 295 -73.93 40.81 -7.04
C GLN R 295 -75.19 40.10 -6.56
N LEU R 296 -76.15 40.83 -6.01
CA LEU R 296 -77.36 40.17 -5.54
C LEU R 296 -78.54 40.30 -6.50
N LEU R 297 -78.51 41.26 -7.43
CA LEU R 297 -79.69 41.56 -8.22
C LEU R 297 -79.63 41.04 -9.66
N GLU R 298 -78.48 40.58 -10.14
CA GLU R 298 -78.44 40.03 -11.49
C GLU R 298 -79.01 38.62 -11.53
N SER R 299 -79.01 37.92 -10.41
CA SER R 299 -79.30 36.49 -10.41
C SER R 299 -80.79 36.21 -10.42
N TYR R 300 -81.55 36.95 -9.62
CA TYR R 300 -83.00 36.82 -9.65
C TYR R 300 -83.59 37.60 -10.81
N ARG R 301 -84.79 37.23 -11.19
CA ARG R 301 -85.59 38.07 -12.07
C ARG R 301 -87.04 38.22 -11.62
N SER R 302 -87.57 37.28 -10.85
CA SER R 302 -88.85 37.44 -10.17
C SER R 302 -88.59 37.86 -8.71
N LEU R 303 -88.22 39.12 -8.55
CA LEU R 303 -87.78 39.64 -7.27
C LEU R 303 -88.79 40.65 -6.76
N THR R 304 -89.13 40.53 -5.47
CA THR R 304 -89.93 41.53 -4.78
C THR R 304 -89.10 42.19 -3.67
N LEU R 305 -89.39 43.46 -3.43
CA LEU R 305 -88.69 44.17 -2.38
C LEU R 305 -89.19 43.80 -0.99
N GLY R 306 -90.33 43.12 -0.90
CA GLY R 306 -90.70 42.47 0.34
C GLY R 306 -89.71 41.38 0.71
N TYR R 307 -89.25 40.63 -0.29
CA TYR R 307 -88.21 39.63 -0.07
C TYR R 307 -86.88 40.25 0.34
N MET R 308 -86.65 41.52 -0.04
CA MET R 308 -85.49 42.24 0.48
C MET R 308 -85.72 42.64 1.93
N ALA R 309 -86.80 43.37 2.20
CA ALA R 309 -87.06 43.98 3.49
C ALA R 309 -87.39 42.97 4.58
N GLU R 310 -87.75 41.74 4.22
CA GLU R 310 -87.89 40.68 5.21
C GLU R 310 -86.57 40.28 5.84
N ALA R 311 -85.45 40.55 5.18
CA ALA R 311 -84.17 40.12 5.71
C ALA R 311 -83.09 41.18 5.76
N PHE R 312 -83.26 42.33 5.11
CA PHE R 312 -82.34 43.45 5.31
C PHE R 312 -82.45 44.10 6.68
N GLY R 313 -83.57 43.92 7.37
CA GLY R 313 -83.93 44.78 8.48
C GLY R 313 -85.29 45.39 8.19
N VAL R 314 -85.32 46.69 7.94
CA VAL R 314 -86.51 47.35 7.43
C VAL R 314 -86.15 48.06 6.13
N GLY R 315 -86.97 47.84 5.11
CA GLY R 315 -86.74 48.41 3.80
C GLY R 315 -88.04 48.74 3.10
N VAL R 316 -89.15 48.75 3.85
CA VAL R 316 -90.47 48.88 3.26
C VAL R 316 -90.63 50.24 2.59
N GLU R 317 -90.07 51.28 3.19
CA GLU R 317 -89.81 52.52 2.49
C GLU R 317 -88.36 52.94 2.65
N PHE R 318 -87.57 52.15 3.37
CA PHE R 318 -86.22 52.54 3.75
C PHE R 318 -85.22 52.29 2.64
N ILE R 319 -85.37 51.19 1.90
CA ILE R 319 -84.51 50.97 0.75
C ILE R 319 -85.13 51.53 -0.52
N ASP R 320 -86.35 52.08 -0.44
CA ASP R 320 -87.08 52.62 -1.57
C ASP R 320 -86.32 53.75 -2.25
N GLN R 321 -86.11 54.86 -1.52
CA GLN R 321 -85.35 55.98 -2.06
C GLN R 321 -83.88 55.61 -2.27
N GLU R 322 -83.38 54.66 -1.48
CA GLU R 322 -82.00 54.20 -1.59
C GLU R 322 -81.72 53.56 -2.94
N LEU R 323 -82.48 52.52 -3.26
CA LEU R 323 -82.36 51.86 -4.56
C LEU R 323 -82.79 52.77 -5.70
N SER R 324 -83.71 53.70 -5.45
CA SER R 324 -84.12 54.62 -6.51
C SER R 324 -82.99 55.57 -6.90
N ARG R 325 -82.30 56.14 -5.89
CA ARG R 325 -81.10 56.92 -6.15
C ARG R 325 -80.01 56.08 -6.79
N PHE R 326 -79.91 54.82 -6.38
CA PHE R 326 -78.88 53.95 -6.94
C PHE R 326 -79.13 53.64 -8.41
N ILE R 327 -80.39 53.46 -8.79
CA ILE R 327 -80.72 53.18 -10.19
C ILE R 327 -80.59 54.45 -11.02
N ALA R 328 -81.30 55.51 -10.64
CA ALA R 328 -81.33 56.73 -11.41
C ALA R 328 -80.03 57.54 -11.32
N ALA R 329 -79.10 57.13 -10.46
CA ALA R 329 -77.77 57.73 -10.40
C ALA R 329 -76.91 57.39 -11.60
N GLY R 330 -77.35 56.47 -12.45
CA GLY R 330 -76.62 56.08 -13.64
C GLY R 330 -76.24 54.61 -13.66
N ARG R 331 -76.22 53.95 -12.51
CA ARG R 331 -75.73 52.59 -12.41
C ARG R 331 -76.84 51.69 -11.88
N LEU R 332 -76.49 50.41 -11.72
CA LEU R 332 -77.30 49.38 -11.05
C LEU R 332 -78.65 49.23 -11.75
N HIS R 333 -78.58 48.77 -13.00
CA HIS R 333 -79.79 48.79 -13.81
C HIS R 333 -80.70 47.64 -13.43
N CYS R 334 -81.81 47.99 -12.80
CA CYS R 334 -82.98 47.14 -12.70
C CYS R 334 -84.19 48.05 -12.69
N LYS R 335 -85.38 47.50 -12.46
CA LYS R 335 -86.60 48.28 -12.47
C LYS R 335 -87.28 48.19 -11.12
N ILE R 336 -87.55 49.34 -10.51
CA ILE R 336 -88.31 49.42 -9.28
C ILE R 336 -89.76 49.70 -9.65
N ASP R 337 -90.69 49.13 -8.88
CA ASP R 337 -92.04 48.94 -9.33
C ASP R 337 -93.04 49.57 -8.36
N LYS R 338 -94.25 49.79 -8.85
CA LYS R 338 -95.45 49.95 -8.05
C LYS R 338 -95.77 48.59 -7.40
N VAL R 339 -96.81 48.54 -6.55
CA VAL R 339 -97.16 47.40 -5.70
C VAL R 339 -97.39 46.07 -6.43
N ASN R 340 -97.43 46.08 -7.76
CA ASN R 340 -97.16 44.88 -8.55
C ASN R 340 -95.84 44.24 -8.11
N GLU R 341 -94.81 45.07 -7.95
CA GLU R 341 -93.61 44.80 -7.16
C GLU R 341 -92.80 43.62 -7.72
N ILE R 342 -92.34 43.78 -8.94
CA ILE R 342 -91.46 42.81 -9.60
C ILE R 342 -90.23 43.57 -10.06
N VAL R 343 -89.08 43.22 -9.52
CA VAL R 343 -87.84 43.89 -9.88
C VAL R 343 -87.22 43.16 -11.07
N GLU R 344 -87.00 43.89 -12.16
CA GLU R 344 -86.62 43.29 -13.44
C GLU R 344 -85.22 43.76 -13.85
N THR R 345 -84.35 42.81 -14.14
CA THR R 345 -82.92 43.01 -14.36
C THR R 345 -82.59 43.11 -15.84
N ASN R 346 -81.29 43.14 -16.16
CA ASN R 346 -80.85 43.49 -17.51
C ASN R 346 -79.78 42.55 -18.05
N ARG R 347 -79.16 42.94 -19.16
CA ARG R 347 -78.21 42.18 -19.97
C ARG R 347 -76.80 42.26 -19.38
N PRO R 348 -75.91 41.32 -19.76
CA PRO R 348 -74.52 41.38 -19.25
C PRO R 348 -73.58 42.23 -20.09
N ASP R 349 -74.12 43.13 -20.94
CA ASP R 349 -73.35 43.93 -21.91
C ASP R 349 -72.59 43.01 -22.88
N SER R 350 -73.21 41.89 -23.25
CA SER R 350 -72.60 41.04 -24.26
C SER R 350 -72.93 41.53 -25.66
N LYS R 351 -74.10 42.11 -25.85
CA LYS R 351 -74.51 42.47 -27.20
C LYS R 351 -74.83 43.95 -27.34
N ASN R 352 -75.67 44.48 -26.45
CA ASN R 352 -76.39 45.71 -26.74
C ASN R 352 -75.66 46.97 -26.31
N TRP R 353 -75.37 47.08 -25.00
CA TRP R 353 -74.72 48.26 -24.43
C TRP R 353 -73.30 48.45 -24.96
N GLN R 354 -72.70 47.36 -25.45
CA GLN R 354 -71.39 47.42 -26.08
C GLN R 354 -71.39 48.32 -27.31
N TYR R 355 -72.52 48.40 -28.00
CA TYR R 355 -72.58 49.12 -29.26
C TYR R 355 -72.72 50.63 -29.09
N GLN R 356 -71.89 51.27 -28.27
CA GLN R 356 -72.00 52.71 -28.18
C GLN R 356 -70.68 53.45 -28.21
N GLU R 357 -69.67 52.92 -27.49
CA GLU R 357 -68.47 53.68 -27.17
C GLU R 357 -67.61 53.93 -28.39
N THR R 358 -67.76 53.07 -29.41
CA THR R 358 -67.08 53.23 -30.68
C THR R 358 -67.41 54.57 -31.33
N ILE R 359 -68.70 54.85 -31.51
CA ILE R 359 -69.08 56.14 -32.07
C ILE R 359 -69.01 57.23 -31.00
N LYS R 360 -69.01 56.87 -29.72
CA LYS R 360 -68.79 57.89 -28.70
C LYS R 360 -67.38 58.44 -28.73
N LYS R 361 -66.41 57.67 -29.19
CA LYS R 361 -65.07 58.20 -29.35
C LYS R 361 -64.79 58.70 -30.76
N GLY R 362 -65.34 58.02 -31.76
CA GLY R 362 -65.25 58.49 -33.13
C GLY R 362 -66.06 59.75 -33.40
N ASP R 363 -66.94 60.14 -32.49
CA ASP R 363 -67.46 61.49 -32.51
C ASP R 363 -66.43 62.44 -31.92
N LEU R 364 -66.13 62.30 -30.63
CA LEU R 364 -65.38 63.28 -29.85
C LEU R 364 -63.95 63.49 -30.33
N LEU R 365 -63.12 62.44 -30.23
CA LEU R 365 -61.69 62.62 -30.45
C LEU R 365 -61.39 62.74 -31.93
N LEU R 366 -62.11 61.95 -32.72
CA LEU R 366 -62.05 62.08 -34.16
C LEU R 366 -62.65 63.39 -34.64
N ASN R 367 -63.45 64.08 -33.83
CA ASN R 367 -63.99 65.37 -34.24
C ASN R 367 -63.02 66.48 -33.90
N ARG R 368 -62.23 66.29 -32.83
CA ARG R 368 -61.06 67.14 -32.62
C ARG R 368 -60.12 67.08 -33.81
N VAL R 369 -59.86 65.87 -34.32
CA VAL R 369 -59.03 65.84 -35.52
C VAL R 369 -59.81 66.20 -36.77
N GLN R 370 -61.15 66.24 -36.71
CA GLN R 370 -61.87 66.92 -37.79
C GLN R 370 -61.57 68.40 -37.80
N LYS R 371 -61.46 69.02 -36.62
CA LYS R 371 -61.05 70.42 -36.55
C LYS R 371 -59.68 70.62 -37.15
N LEU R 372 -58.72 69.77 -36.72
CA LEU R 372 -57.37 69.85 -37.29
C LEU R 372 -57.35 69.51 -38.78
N SER R 373 -58.29 68.68 -39.24
CA SER R 373 -58.46 68.42 -40.66
C SER R 373 -58.95 69.66 -41.39
N ARG R 374 -59.83 70.41 -40.76
CA ARG R 374 -60.27 71.67 -41.33
C ARG R 374 -59.26 72.78 -41.13
N VAL R 375 -58.12 72.49 -40.49
CA VAL R 375 -56.98 73.38 -40.62
C VAL R 375 -56.20 72.94 -41.85
N ILE R 376 -56.63 73.38 -43.03
CA ILE R 376 -55.78 73.29 -44.22
C ILE R 376 -55.52 74.69 -44.77
N ASN R 377 -56.58 75.31 -45.28
CA ASN R 377 -56.47 76.44 -46.18
C ASN R 377 -56.26 77.74 -45.40
N MET R 378 -57.22 78.08 -44.56
CA MET R 378 -57.15 79.28 -43.76
C MET R 378 -57.55 78.92 -42.33
N ALA S 1 -75.51 5.86 -65.50
CA ALA S 1 -74.34 5.22 -66.10
C ALA S 1 -73.21 6.21 -66.28
N VAL S 2 -73.56 7.47 -66.49
CA VAL S 2 -72.61 8.57 -66.61
C VAL S 2 -72.95 9.59 -65.54
N GLN S 3 -71.99 9.89 -64.66
CA GLN S 3 -72.26 10.81 -63.56
C GLN S 3 -72.21 12.26 -64.06
N LYS S 4 -71.04 12.69 -64.55
CA LYS S 4 -70.90 13.93 -65.29
C LYS S 4 -69.63 13.83 -66.13
N VAL S 5 -69.27 14.94 -66.78
CA VAL S 5 -68.10 14.96 -67.65
C VAL S 5 -67.11 15.98 -67.11
N VAL S 6 -65.86 15.83 -67.54
CA VAL S 6 -64.78 16.78 -67.27
C VAL S 6 -64.11 16.98 -68.63
N VAL S 7 -64.50 18.02 -69.36
CA VAL S 7 -64.14 18.18 -70.76
C VAL S 7 -63.27 19.41 -70.92
N HIS S 8 -62.07 19.20 -71.43
CA HIS S 8 -61.07 20.23 -71.66
C HIS S 8 -61.39 21.00 -72.95
N PRO S 9 -60.97 22.26 -73.06
CA PRO S 9 -61.25 23.02 -74.29
C PRO S 9 -60.43 22.58 -75.49
N LEU S 10 -59.40 21.76 -75.27
CA LEU S 10 -58.52 21.33 -76.35
C LEU S 10 -59.27 20.50 -77.38
N VAL S 11 -60.14 19.62 -76.90
CA VAL S 11 -60.95 18.80 -77.81
C VAL S 11 -61.98 19.68 -78.52
N LEU S 12 -62.39 20.79 -77.90
CA LEU S 12 -63.28 21.71 -78.59
C LEU S 12 -62.55 22.42 -79.72
N LEU S 13 -61.28 22.76 -79.51
CA LEU S 13 -60.50 23.36 -80.59
C LEU S 13 -60.21 22.32 -81.67
N SER S 14 -60.10 21.05 -81.25
CA SER S 14 -60.00 19.92 -82.17
C SER S 14 -61.31 19.68 -82.93
N VAL S 15 -62.41 20.24 -82.46
CA VAL S 15 -63.60 20.31 -83.30
C VAL S 15 -63.51 21.50 -84.24
N VAL S 16 -62.99 22.61 -83.73
CA VAL S 16 -62.94 23.89 -84.46
C VAL S 16 -62.09 23.77 -85.72
N ASP S 17 -60.96 23.05 -85.64
CA ASP S 17 -60.09 22.97 -86.80
C ASP S 17 -60.72 22.14 -87.92
N HIS S 18 -61.46 21.09 -87.57
CA HIS S 18 -62.16 20.35 -88.61
C HIS S 18 -63.38 21.11 -89.12
N PHE S 19 -63.94 21.98 -88.28
CA PHE S 19 -64.93 22.93 -88.80
C PHE S 19 -64.31 23.86 -89.83
N ASN S 20 -63.06 24.26 -89.62
CA ASN S 20 -62.34 25.01 -90.63
C ASN S 20 -62.07 24.17 -91.87
N ARG S 21 -61.82 22.87 -91.66
CA ARG S 21 -61.62 21.94 -92.78
C ARG S 21 -62.88 21.74 -93.61
N ILE S 22 -64.07 21.97 -93.05
CA ILE S 22 -65.30 21.80 -93.82
C ILE S 22 -65.94 23.11 -94.25
N GLY S 23 -65.53 24.24 -93.69
CA GLY S 23 -66.10 25.50 -94.13
C GLY S 23 -65.63 25.96 -95.49
N LYS S 24 -64.58 25.33 -96.03
CA LYS S 24 -63.98 25.66 -97.32
C LYS S 24 -64.49 24.79 -98.45
N VAL S 25 -65.28 23.76 -98.15
CA VAL S 25 -65.76 22.80 -99.14
C VAL S 25 -67.28 22.82 -99.14
N GLY S 26 -67.89 22.01 -100.00
CA GLY S 26 -69.33 21.92 -100.05
C GLY S 26 -69.92 21.29 -98.81
N ASN S 27 -70.48 22.13 -97.94
CA ASN S 27 -70.99 21.69 -96.65
C ASN S 27 -72.48 21.43 -96.81
N GLN S 28 -72.86 20.15 -96.75
CA GLN S 28 -74.28 19.81 -96.84
C GLN S 28 -74.99 20.05 -95.51
N LYS S 29 -74.63 19.28 -94.47
CA LYS S 29 -75.27 19.56 -93.20
C LYS S 29 -74.32 20.00 -92.09
N ARG S 30 -73.45 19.11 -91.62
CA ARG S 30 -72.64 19.41 -90.42
C ARG S 30 -71.46 18.45 -90.33
N VAL S 31 -70.85 18.42 -89.15
CA VAL S 31 -69.68 17.60 -88.83
C VAL S 31 -70.12 16.46 -87.94
N VAL S 32 -69.67 15.24 -88.25
CA VAL S 32 -69.77 14.09 -87.36
C VAL S 32 -68.37 13.53 -87.21
N GLY S 33 -67.79 13.64 -86.01
CA GLY S 33 -66.47 13.13 -85.75
C GLY S 33 -66.45 12.30 -84.47
N VAL S 34 -65.30 11.66 -84.26
CA VAL S 34 -65.11 10.74 -83.14
C VAL S 34 -64.88 11.54 -81.86
N LEU S 35 -65.46 11.10 -80.76
CA LEU S 35 -65.08 11.63 -79.45
C LEU S 35 -64.43 10.53 -78.63
N LEU S 36 -63.11 10.63 -78.49
CA LEU S 36 -62.36 9.82 -77.55
C LEU S 36 -62.66 10.26 -76.12
N GLY S 37 -62.17 9.49 -75.15
CA GLY S 37 -62.42 9.82 -73.77
C GLY S 37 -61.53 9.08 -72.81
N SER S 38 -61.43 9.62 -71.60
CA SER S 38 -60.72 8.99 -70.48
C SER S 38 -61.76 8.72 -69.40
N TRP S 39 -62.41 7.57 -69.51
CA TRP S 39 -63.46 7.17 -68.58
C TRP S 39 -62.83 6.47 -67.38
N GLN S 40 -62.90 7.07 -66.20
CA GLN S 40 -62.30 6.47 -65.01
C GLN S 40 -63.35 6.07 -63.97
N LYS S 41 -64.11 7.03 -63.46
CA LYS S 41 -65.19 6.77 -62.53
C LYS S 41 -66.47 6.69 -63.38
N LYS S 42 -67.65 6.76 -62.76
CA LYS S 42 -68.86 7.13 -63.48
C LYS S 42 -68.79 8.59 -63.98
N VAL S 43 -67.84 9.38 -63.52
CA VAL S 43 -67.50 10.67 -64.10
C VAL S 43 -66.75 10.40 -65.41
N LEU S 44 -66.62 11.42 -66.26
CA LEU S 44 -66.02 11.24 -67.56
C LEU S 44 -64.96 12.31 -67.79
N ASP S 45 -63.95 11.97 -68.59
CA ASP S 45 -62.92 12.92 -69.01
C ASP S 45 -62.61 12.68 -70.48
N VAL S 46 -62.27 13.75 -71.18
CA VAL S 46 -61.79 13.69 -72.55
C VAL S 46 -60.49 14.48 -72.63
N SER S 47 -59.47 13.87 -73.21
CA SER S 47 -58.22 14.58 -73.44
C SER S 47 -58.04 15.03 -74.87
N ASN S 48 -58.62 14.32 -75.83
CA ASN S 48 -58.32 14.51 -77.24
C ASN S 48 -59.43 13.82 -78.01
N SER S 49 -59.48 14.08 -79.32
CA SER S 49 -60.34 13.38 -80.27
C SER S 49 -59.88 13.71 -81.68
N PHE S 50 -60.55 13.10 -82.65
CA PHE S 50 -60.32 13.38 -84.06
C PHE S 50 -61.62 13.16 -84.80
N ALA S 51 -61.61 13.47 -86.09
CA ALA S 51 -62.84 13.47 -86.88
C ALA S 51 -62.88 12.27 -87.81
N VAL S 52 -63.91 12.27 -88.66
CA VAL S 52 -64.17 11.24 -89.67
C VAL S 52 -65.08 11.89 -90.71
N PRO S 53 -64.87 11.65 -92.00
CA PRO S 53 -65.74 12.27 -93.01
C PRO S 53 -67.16 11.72 -92.97
N PHE S 54 -68.08 12.54 -93.48
CA PHE S 54 -69.52 12.34 -93.27
C PHE S 54 -70.34 13.20 -94.23
N ASP S 55 -71.31 12.58 -94.92
CA ASP S 55 -72.31 13.31 -95.69
C ASP S 55 -73.68 12.69 -95.42
N GLU S 56 -74.72 13.46 -95.71
CA GLU S 56 -76.08 13.03 -95.36
C GLU S 56 -77.07 13.73 -96.27
N ASP S 57 -77.74 12.98 -97.12
CA ASP S 57 -78.89 13.49 -97.86
C ASP S 57 -80.13 13.38 -96.99
N ASP S 58 -81.13 14.19 -97.31
CA ASP S 58 -82.35 14.24 -96.49
C ASP S 58 -83.54 13.79 -97.33
N LYS S 59 -83.70 12.48 -97.42
CA LYS S 59 -84.88 11.85 -97.98
C LYS S 59 -85.52 10.86 -97.01
N ASP S 60 -84.72 10.05 -96.32
CA ASP S 60 -85.23 9.21 -95.24
C ASP S 60 -84.24 9.09 -94.08
N ASP S 61 -83.42 10.14 -93.88
CA ASP S 61 -82.36 10.32 -92.86
C ASP S 61 -81.69 9.01 -92.42
N SER S 62 -81.27 8.24 -93.41
CA SER S 62 -80.69 6.94 -93.16
C SER S 62 -79.43 6.81 -94.00
N VAL S 63 -79.27 7.73 -94.95
CA VAL S 63 -78.12 7.76 -95.83
C VAL S 63 -77.10 8.67 -95.15
N TRP S 64 -76.16 8.07 -94.42
CA TRP S 64 -75.16 8.80 -93.67
C TRP S 64 -73.97 7.88 -93.47
N PHE S 65 -72.75 8.44 -93.60
CA PHE S 65 -71.58 7.64 -93.89
C PHE S 65 -70.40 7.97 -92.99
N LEU S 66 -69.79 6.92 -92.45
CA LEU S 66 -68.54 7.02 -91.71
C LEU S 66 -67.55 6.05 -92.35
N ASP S 67 -66.35 5.95 -91.76
CA ASP S 67 -65.33 5.02 -92.22
C ASP S 67 -64.76 4.36 -90.97
N HIS S 68 -65.32 3.20 -90.64
CA HIS S 68 -64.92 2.48 -89.43
C HIS S 68 -63.53 1.90 -89.55
N ASP S 69 -63.08 1.62 -90.77
CA ASP S 69 -61.71 1.20 -90.98
C ASP S 69 -60.74 2.32 -90.63
N TYR S 70 -60.95 3.51 -91.19
CA TYR S 70 -60.16 4.70 -90.86
C TYR S 70 -60.27 5.06 -89.38
N LEU S 71 -61.48 4.92 -88.83
CA LEU S 71 -61.73 5.19 -87.42
C LEU S 71 -60.89 4.29 -86.54
N GLU S 72 -60.94 2.98 -86.78
CA GLU S 72 -60.18 2.07 -85.94
C GLU S 72 -58.68 2.14 -86.21
N ASN S 73 -58.28 2.58 -87.40
CA ASN S 73 -56.86 2.76 -87.69
C ASN S 73 -56.28 3.89 -86.85
N MET S 74 -56.89 5.08 -86.93
CA MET S 74 -56.37 6.19 -86.14
C MET S 74 -56.64 6.01 -84.67
N TYR S 75 -57.66 5.20 -84.31
CA TYR S 75 -57.81 4.79 -82.93
C TYR S 75 -56.66 3.92 -82.47
N GLY S 76 -56.21 3.00 -83.33
CA GLY S 76 -55.04 2.19 -83.01
C GLY S 76 -53.79 3.03 -82.87
N MET S 77 -53.66 4.06 -83.71
CA MET S 77 -52.59 5.04 -83.62
C MET S 77 -52.54 5.71 -82.25
N PHE S 78 -53.62 6.40 -81.93
CA PHE S 78 -53.65 7.18 -80.71
C PHE S 78 -53.77 6.31 -79.47
N LYS S 79 -54.17 5.05 -79.63
CA LYS S 79 -54.15 4.10 -78.53
C LYS S 79 -52.75 3.59 -78.28
N LYS S 80 -51.96 3.40 -79.33
CA LYS S 80 -50.57 2.99 -79.16
C LYS S 80 -49.74 4.12 -78.57
N VAL S 81 -49.87 5.33 -79.11
CA VAL S 81 -49.07 6.45 -78.62
C VAL S 81 -49.59 6.95 -77.28
N ASN S 82 -50.81 6.56 -76.89
CA ASN S 82 -51.34 6.93 -75.59
C ASN S 82 -52.35 5.86 -75.19
N ALA S 83 -51.95 4.96 -74.30
CA ALA S 83 -52.82 3.88 -73.87
C ALA S 83 -53.86 4.31 -72.83
N ARG S 84 -53.86 5.58 -72.43
CA ARG S 84 -54.86 6.08 -71.49
C ARG S 84 -56.21 6.25 -72.16
N GLU S 85 -56.21 6.71 -73.41
CA GLU S 85 -57.42 7.13 -74.08
C GLU S 85 -58.20 5.90 -74.56
N ARG S 86 -59.48 6.12 -74.87
CA ARG S 86 -60.32 5.21 -75.63
C ARG S 86 -61.51 6.01 -76.13
N ILE S 87 -62.25 5.44 -77.07
CA ILE S 87 -63.40 6.16 -77.61
C ILE S 87 -64.50 6.24 -76.57
N VAL S 88 -65.23 7.35 -76.57
CA VAL S 88 -66.31 7.47 -75.60
C VAL S 88 -67.58 7.99 -76.28
N GLY S 89 -67.47 8.46 -77.52
CA GLY S 89 -68.67 8.93 -78.21
C GLY S 89 -68.36 9.68 -79.49
N TRP S 90 -69.17 10.70 -79.76
CA TRP S 90 -69.04 11.49 -80.97
C TRP S 90 -69.41 12.94 -80.66
N TYR S 91 -69.58 13.74 -81.70
CA TYR S 91 -69.96 15.14 -81.56
C TYR S 91 -70.58 15.62 -82.86
N HIS S 92 -71.33 16.71 -82.76
CA HIS S 92 -71.86 17.37 -83.94
C HIS S 92 -71.89 18.87 -83.69
N THR S 93 -71.79 19.63 -84.77
CA THR S 93 -71.69 21.08 -84.66
C THR S 93 -73.00 21.81 -84.78
N GLY S 94 -74.02 21.22 -85.39
CA GLY S 94 -75.31 21.86 -85.48
C GLY S 94 -76.05 21.71 -84.17
N PRO S 95 -76.41 22.85 -83.56
CA PRO S 95 -76.84 22.83 -82.15
C PRO S 95 -78.16 22.10 -81.89
N LYS S 96 -78.97 21.87 -82.91
CA LYS S 96 -80.23 21.16 -82.77
C LYS S 96 -80.04 19.74 -83.30
N LEU S 97 -80.36 18.74 -82.49
CA LEU S 97 -80.26 17.36 -82.90
C LEU S 97 -81.38 17.01 -83.89
N HIS S 98 -81.25 15.85 -84.52
CA HIS S 98 -82.27 15.38 -85.44
C HIS S 98 -82.41 13.86 -85.29
N LYS S 99 -83.35 13.30 -86.05
CA LYS S 99 -83.78 11.93 -85.81
C LYS S 99 -82.77 10.89 -86.28
N ASN S 100 -81.82 11.27 -87.14
CA ASN S 100 -80.78 10.35 -87.56
C ASN S 100 -79.77 10.08 -86.43
N ASP S 101 -79.75 10.95 -85.42
CA ASP S 101 -78.71 10.89 -84.38
C ASP S 101 -78.80 9.63 -83.54
N ILE S 102 -80.00 9.06 -83.40
CA ILE S 102 -80.11 7.79 -82.70
C ILE S 102 -79.49 6.65 -83.52
N ALA S 103 -79.57 6.73 -84.85
CA ALA S 103 -78.93 5.72 -85.69
C ALA S 103 -77.42 5.87 -85.62
N ILE S 104 -76.93 7.11 -85.61
CA ILE S 104 -75.51 7.37 -85.37
C ILE S 104 -75.06 6.80 -84.02
N ASN S 105 -75.85 7.07 -82.97
CA ASN S 105 -75.49 6.65 -81.62
C ASN S 105 -75.44 5.15 -81.51
N GLU S 106 -76.50 4.45 -81.92
CA GLU S 106 -76.53 3.01 -81.77
C GLU S 106 -75.64 2.32 -82.78
N LEU S 107 -75.24 2.99 -83.87
CA LEU S 107 -74.31 2.37 -84.77
C LEU S 107 -72.88 2.50 -84.27
N MET S 108 -72.58 3.48 -83.41
CA MET S 108 -71.25 3.49 -82.81
C MET S 108 -71.25 3.07 -81.34
N LYS S 109 -72.37 2.63 -80.80
CA LYS S 109 -72.36 2.00 -79.48
C LYS S 109 -71.96 0.54 -79.53
N ARG S 110 -71.43 0.07 -80.65
CA ARG S 110 -70.99 -1.31 -80.78
C ARG S 110 -69.53 -1.49 -80.41
N TYR S 111 -68.72 -0.43 -80.45
CA TYR S 111 -67.31 -0.58 -80.06
C TYR S 111 -67.20 -0.52 -78.55
N CYS S 112 -67.56 0.58 -77.98
CA CYS S 112 -67.83 0.55 -76.57
C CYS S 112 -69.33 0.73 -76.40
N PRO S 113 -69.96 0.06 -75.43
CA PRO S 113 -71.43 0.09 -75.35
C PRO S 113 -72.07 1.39 -74.89
N ASN S 114 -71.26 2.44 -74.72
CA ASN S 114 -71.76 3.78 -74.53
C ASN S 114 -71.06 4.71 -75.52
N SER S 115 -71.84 5.66 -76.05
CA SER S 115 -71.31 6.64 -77.00
C SER S 115 -72.06 7.95 -76.77
N VAL S 116 -71.48 8.80 -75.93
CA VAL S 116 -72.09 10.08 -75.59
C VAL S 116 -71.74 11.12 -76.65
N LEU S 117 -72.74 11.82 -77.14
CA LEU S 117 -72.51 12.85 -78.13
C LEU S 117 -72.09 14.15 -77.46
N VAL S 118 -71.64 15.11 -78.28
CA VAL S 118 -71.37 16.45 -77.80
C VAL S 118 -71.97 17.44 -78.80
N ILE S 119 -73.02 18.13 -78.38
CA ILE S 119 -73.44 19.33 -79.08
C ILE S 119 -72.40 20.40 -78.85
N ILE S 120 -72.04 21.14 -79.88
CA ILE S 120 -71.28 22.37 -79.72
C ILE S 120 -71.89 23.44 -80.62
N ASP S 121 -71.33 24.64 -80.55
CA ASP S 121 -71.67 25.68 -81.49
C ASP S 121 -70.38 26.37 -81.91
N VAL S 122 -70.17 26.44 -83.23
CA VAL S 122 -69.05 27.17 -83.77
C VAL S 122 -69.29 28.67 -83.76
N LYS S 123 -70.55 29.10 -83.66
CA LYS S 123 -70.87 30.52 -83.47
C LYS S 123 -71.76 30.69 -82.24
N PRO S 124 -71.21 30.49 -81.02
CA PRO S 124 -72.08 30.55 -79.83
C PRO S 124 -72.22 31.97 -79.29
N LYS S 125 -73.44 32.39 -79.03
CA LYS S 125 -73.58 33.71 -78.42
C LYS S 125 -74.52 33.72 -77.22
N ASP S 126 -75.55 32.88 -77.25
CA ASP S 126 -76.65 32.96 -76.30
C ASP S 126 -76.64 31.84 -75.30
N LEU S 127 -76.06 30.70 -75.66
CA LEU S 127 -75.96 29.54 -74.80
C LEU S 127 -75.07 29.76 -73.58
N GLY S 128 -74.96 28.76 -72.73
CA GLY S 128 -74.14 28.84 -71.54
C GLY S 128 -72.88 28.05 -71.82
N LEU S 129 -72.83 26.80 -71.37
CA LEU S 129 -71.67 25.98 -71.66
C LEU S 129 -71.97 25.22 -72.95
N PRO S 130 -71.04 25.21 -73.91
CA PRO S 130 -71.25 24.42 -75.13
C PRO S 130 -71.43 22.93 -74.89
N THR S 131 -70.66 22.36 -73.96
CA THR S 131 -70.64 20.91 -73.77
C THR S 131 -71.95 20.37 -73.25
N GLU S 132 -72.44 19.32 -73.91
CA GLU S 132 -73.70 18.70 -73.59
C GLU S 132 -73.51 17.19 -73.63
N ALA S 133 -74.30 16.47 -72.82
CA ALA S 133 -74.23 15.03 -72.76
C ALA S 133 -75.63 14.43 -72.80
N TYR S 134 -75.83 13.47 -73.70
CA TYR S 134 -76.98 12.58 -73.66
C TYR S 134 -76.51 11.15 -73.39
N ILE S 135 -77.47 10.30 -73.04
CA ILE S 135 -77.24 8.86 -72.97
C ILE S 135 -78.53 8.17 -73.43
N SER S 136 -78.37 7.00 -74.04
CA SER S 136 -79.50 6.33 -74.69
C SER S 136 -79.98 5.15 -73.84
N VAL S 137 -80.83 5.47 -72.87
CA VAL S 137 -81.48 4.43 -72.07
C VAL S 137 -82.99 4.56 -72.19
N GLU S 138 -83.73 3.67 -71.54
CA GLU S 138 -85.16 3.58 -71.73
C GLU S 138 -85.87 3.52 -70.39
N GLU S 139 -87.00 4.24 -70.33
CA GLU S 139 -87.88 4.34 -69.16
C GLU S 139 -89.25 3.78 -69.48
N VAL S 140 -89.30 2.59 -70.07
CA VAL S 140 -89.68 2.42 -71.47
C VAL S 140 -90.74 3.43 -71.88
N HIS S 141 -91.87 3.44 -71.17
CA HIS S 141 -92.88 4.48 -71.25
C HIS S 141 -93.95 4.19 -70.19
N ASP S 142 -94.81 5.17 -69.93
CA ASP S 142 -96.01 4.88 -69.14
C ASP S 142 -96.95 3.99 -69.93
N ASP S 143 -97.08 4.22 -71.23
CA ASP S 143 -97.84 3.38 -72.15
C ASP S 143 -96.99 2.23 -72.69
N GLY S 144 -95.74 2.10 -72.24
CA GLY S 144 -94.82 1.02 -72.55
C GLY S 144 -94.61 0.70 -74.01
N THR S 145 -94.25 1.70 -74.81
CA THR S 145 -94.23 1.56 -76.26
C THR S 145 -93.17 0.55 -76.72
N PRO S 146 -93.23 0.08 -77.97
CA PRO S 146 -92.16 -0.78 -78.48
C PRO S 146 -90.84 -0.04 -78.66
N THR S 147 -90.05 -0.05 -77.59
CA THR S 147 -88.67 0.43 -77.54
C THR S 147 -88.56 1.93 -77.81
N SER S 148 -88.94 2.74 -76.82
CA SER S 148 -88.87 4.20 -76.91
C SER S 148 -87.47 4.58 -76.44
N LYS S 149 -86.53 4.45 -77.36
CA LYS S 149 -85.09 4.59 -77.13
C LYS S 149 -84.74 6.05 -77.11
N THR S 150 -84.57 6.60 -75.91
CA THR S 150 -84.51 8.04 -75.73
C THR S 150 -83.12 8.48 -75.32
N PHE S 151 -82.63 9.54 -75.96
CA PHE S 151 -81.49 10.28 -75.43
C PHE S 151 -81.86 10.89 -74.09
N GLU S 152 -80.98 10.73 -73.11
CA GLU S 152 -81.24 11.21 -71.75
C GLU S 152 -80.17 12.20 -71.36
N HIS S 153 -80.59 13.43 -71.07
CA HIS S 153 -79.69 14.56 -70.90
C HIS S 153 -78.86 14.41 -69.63
N VAL S 154 -77.63 13.96 -69.79
CA VAL S 154 -76.72 13.88 -68.67
C VAL S 154 -76.13 15.27 -68.43
N THR S 155 -75.86 15.59 -67.18
CA THR S 155 -75.25 16.86 -66.83
C THR S 155 -73.82 16.95 -67.38
N SER S 156 -73.35 18.19 -67.53
CA SER S 156 -72.13 18.46 -68.23
C SER S 156 -71.44 19.67 -67.63
N GLU S 157 -70.21 19.91 -68.07
CA GLU S 157 -69.43 21.11 -67.73
C GLU S 157 -68.25 21.21 -68.69
N ILE S 158 -67.52 22.31 -68.56
CA ILE S 158 -66.15 22.44 -69.05
C ILE S 158 -65.24 21.91 -67.96
N GLY S 159 -64.31 21.04 -68.32
CA GLY S 159 -63.40 20.47 -67.37
C GLY S 159 -62.27 21.40 -67.03
N ALA S 160 -61.28 20.84 -66.33
CA ALA S 160 -60.17 21.61 -65.81
C ALA S 160 -58.95 20.71 -65.71
N GLU S 161 -57.78 21.26 -66.06
CA GLU S 161 -56.55 20.51 -65.98
C GLU S 161 -55.42 21.50 -65.73
N GLU S 162 -54.47 21.10 -64.90
CA GLU S 162 -53.37 21.99 -64.53
C GLU S 162 -52.49 22.30 -65.73
N ALA S 163 -52.21 23.60 -65.90
CA ALA S 163 -51.33 24.15 -66.93
C ALA S 163 -51.80 23.82 -68.34
N GLU S 164 -53.11 23.72 -68.55
CA GLU S 164 -53.61 23.70 -69.91
C GLU S 164 -54.02 25.09 -70.38
N GLU S 165 -53.96 26.08 -69.51
CA GLU S 165 -54.37 27.44 -69.81
C GLU S 165 -53.17 28.31 -70.15
N VAL S 166 -51.99 27.69 -70.25
CA VAL S 166 -50.73 28.39 -70.55
C VAL S 166 -50.83 29.11 -71.88
N GLY S 167 -51.38 28.43 -72.88
CA GLY S 167 -51.65 29.09 -74.13
C GLY S 167 -52.81 30.05 -73.97
N VAL S 168 -53.84 29.63 -73.26
CA VAL S 168 -55.17 30.25 -73.35
C VAL S 168 -55.15 31.67 -72.77
N GLU S 169 -54.80 31.79 -71.50
CA GLU S 169 -54.82 33.10 -70.86
C GLU S 169 -53.69 34.00 -71.30
N HIS S 170 -52.66 33.44 -71.94
CA HIS S 170 -51.67 34.28 -72.60
C HIS S 170 -52.22 34.82 -73.92
N LEU S 171 -52.98 33.99 -74.64
CA LEU S 171 -53.57 34.39 -75.92
C LEU S 171 -54.60 35.49 -75.74
N LEU S 172 -55.58 35.26 -74.86
CA LEU S 172 -56.77 36.11 -74.86
C LEU S 172 -56.48 37.50 -74.32
N ARG S 173 -55.62 37.62 -73.29
CA ARG S 173 -54.86 38.82 -72.94
C ARG S 173 -55.73 39.93 -72.35
N ASP S 174 -57.05 39.77 -72.43
CA ASP S 174 -58.01 40.81 -72.11
C ASP S 174 -58.61 40.62 -70.73
N ILE S 175 -58.24 39.53 -70.04
CA ILE S 175 -58.89 39.16 -68.80
C ILE S 175 -58.57 40.15 -67.69
N LYS S 176 -59.62 40.67 -67.06
CA LYS S 176 -59.49 41.47 -65.86
C LYS S 176 -59.63 40.50 -64.70
N ASP S 177 -58.50 40.02 -64.20
CA ASP S 177 -58.47 39.08 -63.10
C ASP S 177 -58.92 39.71 -61.79
N THR S 178 -59.78 38.99 -61.07
CA THR S 178 -60.27 39.32 -59.73
C THR S 178 -60.99 40.68 -59.72
N THR S 179 -62.12 40.71 -60.43
CA THR S 179 -63.03 41.85 -60.37
C THR S 179 -64.00 41.76 -59.19
N VAL S 180 -63.67 40.98 -58.15
CA VAL S 180 -64.42 41.02 -56.91
C VAL S 180 -64.27 42.41 -56.30
N GLY S 181 -65.40 43.05 -56.06
CA GLY S 181 -65.43 44.43 -55.65
C GLY S 181 -65.96 45.36 -56.71
N THR S 182 -66.20 44.87 -57.93
CA THR S 182 -66.72 45.71 -59.00
C THR S 182 -67.41 44.91 -60.10
N LEU S 183 -68.71 45.11 -60.22
CA LEU S 183 -69.58 44.93 -61.39
C LEU S 183 -69.71 43.51 -61.94
N SER S 184 -68.93 42.56 -61.42
CA SER S 184 -69.12 41.16 -61.80
C SER S 184 -70.44 40.65 -61.24
N GLN S 185 -70.76 41.10 -60.03
CA GLN S 185 -72.00 40.72 -59.39
C GLN S 185 -73.21 41.25 -60.15
N ARG S 186 -73.12 42.45 -60.72
CA ARG S 186 -74.28 42.95 -61.45
C ARG S 186 -74.34 42.40 -62.87
N ILE S 187 -73.21 41.99 -63.46
CA ILE S 187 -73.28 41.22 -64.69
C ILE S 187 -74.01 39.90 -64.45
N THR S 188 -73.67 39.22 -63.35
CA THR S 188 -74.43 38.02 -62.97
C THR S 188 -75.87 38.34 -62.62
N ASN S 189 -76.14 39.54 -62.12
CA ASN S 189 -77.52 39.92 -61.81
C ASN S 189 -78.35 40.08 -63.07
N GLN S 190 -77.85 40.87 -64.03
CA GLN S 190 -78.52 41.07 -65.32
C GLN S 190 -78.71 39.74 -66.03
N VAL S 191 -77.65 38.94 -66.10
CA VAL S 191 -77.76 37.73 -66.87
C VAL S 191 -78.56 36.66 -66.13
N HIS S 192 -78.51 36.59 -64.79
CA HIS S 192 -79.26 35.51 -64.21
C HIS S 192 -80.74 35.85 -64.10
N GLY S 193 -81.09 37.08 -63.70
CA GLY S 193 -82.45 37.56 -63.74
C GLY S 193 -83.04 37.46 -65.13
N LEU S 194 -82.47 38.16 -66.11
CA LEU S 194 -83.09 38.21 -67.43
C LEU S 194 -82.95 36.88 -68.16
N LYS S 195 -81.73 36.34 -68.26
CA LYS S 195 -81.48 35.11 -68.99
C LYS S 195 -81.87 33.86 -68.22
N GLY S 196 -82.45 33.94 -67.02
CA GLY S 196 -83.01 32.76 -66.42
C GLY S 196 -84.51 32.87 -66.38
N LEU S 197 -85.01 34.08 -66.18
CA LEU S 197 -86.44 34.27 -66.26
C LEU S 197 -86.94 34.32 -67.69
N ASN S 198 -86.05 34.43 -68.68
CA ASN S 198 -86.51 34.19 -70.05
C ASN S 198 -86.56 32.71 -70.35
N SER S 199 -85.67 31.93 -69.76
CA SER S 199 -85.84 30.48 -69.75
C SER S 199 -87.15 30.10 -69.08
N LYS S 200 -87.49 30.81 -68.00
CA LYS S 200 -88.77 30.60 -67.32
C LYS S 200 -89.94 31.02 -68.19
N LEU S 201 -89.82 32.16 -68.89
CA LEU S 201 -90.91 32.63 -69.72
C LEU S 201 -91.02 31.82 -71.01
N LEU S 202 -89.94 31.19 -71.46
CA LEU S 202 -90.06 30.24 -72.54
C LEU S 202 -90.54 28.89 -72.06
N ASP S 203 -90.34 28.57 -70.78
CA ASP S 203 -91.04 27.44 -70.19
C ASP S 203 -92.54 27.70 -70.14
N ILE S 204 -92.93 28.94 -69.85
CA ILE S 204 -94.37 29.22 -69.86
C ILE S 204 -94.86 29.44 -71.29
N ARG S 205 -93.96 29.72 -72.22
CA ARG S 205 -94.31 29.66 -73.64
C ARG S 205 -94.54 28.22 -74.07
N SER S 206 -93.75 27.30 -73.53
CA SER S 206 -94.02 25.87 -73.70
C SER S 206 -95.29 25.47 -72.99
N TYR S 207 -95.65 26.17 -71.91
CA TYR S 207 -96.94 25.93 -71.29
C TYR S 207 -98.07 26.43 -72.19
N LEU S 208 -97.86 27.52 -72.91
CA LEU S 208 -98.81 27.94 -73.94
C LEU S 208 -98.81 26.96 -75.11
N GLU S 209 -97.68 26.30 -75.35
CA GLU S 209 -97.66 25.19 -76.29
C GLU S 209 -98.50 24.03 -75.78
N LYS S 210 -98.50 23.79 -74.46
CA LYS S 210 -99.43 22.83 -73.87
C LYS S 210 -100.87 23.31 -73.89
N VAL S 211 -101.09 24.62 -73.97
CA VAL S 211 -102.45 25.16 -74.02
C VAL S 211 -103.04 25.01 -75.41
N ALA S 212 -102.38 25.58 -76.41
CA ALA S 212 -102.90 25.56 -77.78
C ALA S 212 -102.55 24.27 -78.52
N THR S 213 -101.58 23.52 -78.02
CA THR S 213 -101.00 22.33 -78.63
C THR S 213 -100.56 21.44 -77.49
N GLY S 214 -99.58 20.58 -77.74
CA GLY S 214 -98.99 19.85 -76.65
C GLY S 214 -99.79 18.67 -76.17
N LYS S 215 -100.47 17.95 -77.06
CA LYS S 215 -101.08 16.67 -76.75
C LYS S 215 -100.04 15.55 -76.68
N LEU S 216 -98.84 15.83 -77.16
CA LEU S 216 -97.87 14.90 -77.72
C LEU S 216 -97.23 13.89 -76.75
N PRO S 217 -96.09 14.16 -76.02
CA PRO S 217 -96.06 13.88 -74.58
C PRO S 217 -96.32 15.09 -73.70
N ILE S 218 -97.58 15.41 -73.39
CA ILE S 218 -97.98 16.52 -72.50
C ILE S 218 -97.26 16.49 -71.14
N ASN S 219 -96.80 15.29 -70.72
CA ASN S 219 -95.75 15.12 -69.71
C ASN S 219 -96.21 15.59 -68.32
N HIS S 220 -97.23 14.93 -67.81
CA HIS S 220 -97.68 15.12 -66.43
C HIS S 220 -96.99 14.16 -65.47
N GLN S 221 -95.71 13.88 -65.70
CA GLN S 221 -94.94 13.01 -64.83
C GLN S 221 -93.82 13.74 -64.13
N ILE S 222 -92.95 14.41 -64.90
CA ILE S 222 -91.78 15.07 -64.34
C ILE S 222 -91.97 16.59 -64.23
N ILE S 223 -92.84 17.18 -65.06
CA ILE S 223 -92.93 18.64 -65.18
C ILE S 223 -93.48 19.24 -63.90
N TYR S 224 -94.72 18.87 -63.51
CA TYR S 224 -95.26 19.45 -62.29
C TYR S 224 -94.57 18.94 -61.03
N GLN S 225 -93.85 17.84 -61.10
CA GLN S 225 -93.23 17.33 -59.89
C GLN S 225 -91.95 18.10 -59.58
N LEU S 226 -91.11 18.33 -60.59
CA LEU S 226 -89.97 19.21 -60.34
C LEU S 226 -90.41 20.66 -60.21
N GLN S 227 -91.56 21.01 -60.80
CA GLN S 227 -92.15 22.31 -60.52
C GLN S 227 -92.78 22.36 -59.13
N ASP S 228 -93.06 21.21 -58.52
CA ASP S 228 -93.46 21.24 -57.11
C ASP S 228 -92.24 21.42 -56.22
N VAL S 229 -91.10 20.88 -56.65
CA VAL S 229 -89.82 21.22 -56.01
C VAL S 229 -89.57 22.72 -56.08
N PHE S 230 -89.96 23.34 -57.19
CA PHE S 230 -90.06 24.81 -57.20
C PHE S 230 -91.12 25.32 -56.24
N ASN S 231 -92.29 24.68 -56.22
CA ASN S 231 -93.48 25.16 -55.52
C ASN S 231 -93.39 24.89 -54.02
N LEU S 232 -92.19 24.51 -53.56
CA LEU S 232 -91.76 24.75 -52.19
C LEU S 232 -91.93 26.20 -51.74
N LEU S 233 -91.97 27.17 -52.66
CA LEU S 233 -92.30 28.55 -52.34
C LEU S 233 -93.43 29.03 -53.25
N PRO S 234 -94.69 28.90 -52.82
CA PRO S 234 -95.79 29.52 -53.56
C PRO S 234 -95.95 30.99 -53.20
N ASP S 235 -95.16 31.85 -53.83
CA ASP S 235 -94.93 33.22 -53.35
C ASP S 235 -96.00 34.17 -53.88
N VAL S 236 -97.20 33.98 -53.35
CA VAL S 236 -98.38 34.78 -53.68
C VAL S 236 -98.32 36.07 -52.88
N SER S 237 -99.21 37.01 -53.19
CA SER S 237 -99.33 38.26 -52.46
C SER S 237 -99.70 38.03 -51.01
N LEU S 238 -99.44 39.08 -50.19
CA LEU S 238 -99.33 39.19 -48.72
C LEU S 238 -97.99 38.62 -48.24
N GLN S 239 -97.24 37.98 -49.15
CA GLN S 239 -95.80 37.71 -49.13
C GLN S 239 -95.37 36.64 -48.11
N GLU S 240 -96.24 36.32 -47.15
CA GLU S 240 -96.19 35.16 -46.25
C GLU S 240 -94.91 34.99 -45.43
N PHE S 241 -94.01 35.99 -45.37
CA PHE S 241 -92.79 35.82 -44.59
C PHE S 241 -92.68 36.76 -43.39
N VAL S 242 -93.78 36.82 -42.63
CA VAL S 242 -93.73 37.33 -41.27
C VAL S 242 -92.77 36.50 -40.42
N LYS S 243 -92.69 35.20 -40.69
CA LYS S 243 -91.69 34.38 -40.01
C LYS S 243 -90.31 34.43 -40.66
N ALA S 244 -90.06 35.39 -41.55
CA ALA S 244 -88.72 35.55 -42.10
C ALA S 244 -88.21 36.99 -42.15
N PHE S 245 -89.02 38.00 -41.76
CA PHE S 245 -88.42 39.34 -41.66
C PHE S 245 -87.36 39.40 -40.54
N TYR S 246 -87.57 38.69 -39.43
CA TYR S 246 -86.56 38.70 -38.37
C TYR S 246 -85.33 37.91 -38.78
N LEU S 247 -85.54 36.87 -39.59
CA LEU S 247 -84.41 36.13 -40.14
C LEU S 247 -83.65 36.98 -41.14
N LYS S 248 -84.33 37.84 -41.89
CA LYS S 248 -83.65 38.76 -42.80
C LYS S 248 -82.90 39.83 -42.01
N THR S 249 -83.47 40.27 -40.89
CA THR S 249 -82.76 41.18 -40.01
C THR S 249 -81.54 40.51 -39.41
N ASN S 250 -81.65 39.22 -39.10
CA ASN S 250 -80.50 38.42 -38.67
C ASN S 250 -79.47 38.30 -39.79
N ASP S 251 -79.93 38.28 -41.04
CA ASP S 251 -78.99 38.29 -42.16
C ASP S 251 -78.29 39.62 -42.26
N GLN S 252 -79.01 40.71 -41.99
CA GLN S 252 -78.46 42.05 -42.08
C GLN S 252 -77.52 42.33 -40.93
N MET S 253 -77.81 41.73 -39.78
CA MET S 253 -77.24 41.92 -38.46
C MET S 253 -75.72 41.97 -38.43
N VAL S 254 -75.13 40.82 -38.74
CA VAL S 254 -73.70 40.62 -38.54
C VAL S 254 -72.90 41.43 -39.56
N VAL S 255 -73.41 41.47 -40.79
CA VAL S 255 -72.70 42.15 -41.87
C VAL S 255 -72.70 43.66 -41.64
N VAL S 256 -73.81 44.20 -41.12
CA VAL S 256 -73.86 45.63 -40.86
C VAL S 256 -73.05 45.97 -39.61
N TYR S 257 -72.94 45.03 -38.67
CA TYR S 257 -72.04 45.21 -37.54
C TYR S 257 -70.59 45.30 -38.01
N LEU S 258 -70.21 44.38 -38.89
CA LEU S 258 -68.89 44.41 -39.54
C LEU S 258 -68.70 45.71 -40.30
N ALA S 259 -69.73 46.16 -41.03
CA ALA S 259 -69.64 47.38 -41.82
C ALA S 259 -69.38 48.59 -40.94
N SER S 260 -70.19 48.76 -39.88
CA SER S 260 -70.08 49.87 -38.94
C SER S 260 -68.70 49.92 -38.30
N LEU S 261 -68.34 48.85 -37.59
CA LEU S 261 -67.06 48.77 -36.88
C LEU S 261 -65.89 48.93 -37.83
N ILE S 262 -65.84 48.08 -38.86
CA ILE S 262 -64.69 47.98 -39.73
C ILE S 262 -64.51 49.22 -40.57
N ARG S 263 -65.59 49.81 -41.11
CA ARG S 263 -65.40 50.99 -41.93
C ARG S 263 -65.12 52.23 -41.09
N SER S 264 -65.55 52.24 -39.82
CA SER S 264 -65.04 53.25 -38.91
C SER S 264 -63.53 53.10 -38.73
N VAL S 265 -63.06 51.85 -38.62
CA VAL S 265 -61.63 51.58 -38.58
C VAL S 265 -60.97 51.89 -39.93
N VAL S 266 -61.72 51.89 -41.02
CA VAL S 266 -61.16 52.22 -42.33
C VAL S 266 -60.98 53.72 -42.48
N ALA S 267 -61.93 54.52 -42.00
CA ALA S 267 -61.71 55.95 -41.87
C ALA S 267 -60.51 56.23 -40.99
N LEU S 268 -60.41 55.48 -39.89
CA LEU S 268 -59.26 55.54 -39.02
C LEU S 268 -57.96 55.12 -39.72
N HIS S 269 -58.05 54.21 -40.69
CA HIS S 269 -56.90 53.90 -41.53
C HIS S 269 -56.46 55.11 -42.34
N ASN S 270 -57.41 55.67 -43.10
CA ASN S 270 -57.07 56.67 -44.12
C ASN S 270 -56.55 57.96 -43.50
N LEU S 271 -57.22 58.43 -42.43
CA LEU S 271 -57.03 59.79 -41.94
C LEU S 271 -55.63 60.05 -41.44
N ILE S 272 -55.02 59.05 -40.80
CA ILE S 272 -53.74 59.24 -40.10
C ILE S 272 -52.64 59.61 -41.07
N ASN S 273 -52.34 58.68 -41.99
CA ASN S 273 -51.33 58.92 -43.01
C ASN S 273 -51.74 60.03 -43.93
N ASN S 274 -53.05 60.21 -44.16
CA ASN S 274 -53.48 61.26 -45.08
C ASN S 274 -53.19 62.64 -44.51
N LYS S 275 -53.56 62.87 -43.24
CA LYS S 275 -53.28 64.15 -42.59
C LYS S 275 -51.79 64.40 -42.48
N ILE S 276 -51.05 63.40 -41.96
CA ILE S 276 -49.63 63.59 -41.67
C ILE S 276 -48.84 63.87 -42.94
N ALA S 277 -48.95 62.97 -43.93
CA ALA S 277 -48.25 63.14 -45.19
C ALA S 277 -48.81 64.33 -45.98
N ASN S 278 -50.08 64.68 -45.73
CA ASN S 278 -50.71 65.78 -46.43
C ASN S 278 -50.06 67.10 -46.04
N ARG S 279 -49.98 67.38 -44.73
CA ARG S 279 -49.36 68.62 -44.31
C ARG S 279 -47.85 68.56 -44.37
N ASP S 280 -47.25 67.36 -44.34
CA ASP S 280 -45.85 67.20 -44.72
C ASP S 280 -45.59 67.74 -46.11
N ALA S 281 -46.29 67.21 -47.12
CA ALA S 281 -46.14 67.68 -48.49
C ALA S 281 -46.51 69.15 -48.62
N GLU S 282 -47.52 69.59 -47.86
CA GLU S 282 -48.05 70.95 -48.00
C GLU S 282 -47.06 71.99 -47.49
N LYS S 283 -46.61 71.89 -46.25
CA LYS S 283 -45.75 72.94 -45.73
C LYS S 283 -44.27 72.59 -45.75
N LYS S 284 -43.89 71.42 -46.26
CA LYS S 284 -42.50 71.13 -46.57
C LYS S 284 -42.28 71.09 -48.07
N GLU S 285 -43.32 71.40 -48.86
CA GLU S 285 -43.17 71.57 -50.31
C GLU S 285 -42.29 72.78 -50.64
N GLY S 286 -42.23 73.77 -49.76
CA GLY S 286 -41.37 74.92 -49.93
C GLY S 286 -40.67 75.36 -48.65
N VAL T 1 -94.51 -35.51 -97.46
CA VAL T 1 -95.25 -36.38 -98.34
C VAL T 1 -96.64 -35.81 -98.61
N PRO T 2 -96.96 -35.59 -99.89
CA PRO T 2 -98.26 -35.00 -100.25
C PRO T 2 -99.46 -35.89 -99.91
N GLY T 3 -99.25 -37.19 -99.66
CA GLY T 3 -100.32 -38.10 -99.30
C GLY T 3 -101.00 -37.79 -97.97
N PHE T 4 -100.39 -36.95 -97.12
CA PHE T 4 -101.07 -36.55 -95.90
C PHE T 4 -102.10 -35.46 -96.17
N LEU T 5 -101.78 -34.50 -97.03
CA LEU T 5 -102.79 -33.51 -97.39
C LEU T 5 -103.77 -34.03 -98.43
N GLN T 6 -103.45 -35.14 -99.10
CA GLN T 6 -104.45 -35.76 -99.96
C GLN T 6 -105.65 -36.29 -99.15
N GLN T 7 -105.41 -36.71 -97.91
CA GLN T 7 -106.48 -37.17 -97.04
C GLN T 7 -106.94 -36.10 -96.04
N SER T 8 -106.07 -35.16 -95.66
CA SER T 8 -106.45 -34.02 -94.83
C SER T 8 -106.67 -32.75 -95.66
N GLN T 9 -107.03 -32.89 -96.93
CA GLN T 9 -107.21 -31.75 -97.82
C GLN T 9 -108.51 -31.01 -97.57
N ASN T 10 -109.42 -31.57 -96.77
CA ASN T 10 -110.71 -30.98 -96.50
C ASN T 10 -110.73 -30.40 -95.09
N SER T 11 -110.88 -29.08 -94.99
CA SER T 11 -111.01 -28.38 -93.72
C SER T 11 -112.06 -27.29 -93.72
N GLY T 12 -112.56 -26.87 -94.88
CA GLY T 12 -113.57 -25.84 -94.94
C GLY T 12 -114.28 -25.77 -96.29
N PRO T 13 -115.01 -24.69 -96.54
CA PRO T 13 -115.59 -24.48 -97.88
C PRO T 13 -114.65 -23.70 -98.79
N GLY T 14 -114.56 -24.17 -100.03
CA GLY T 14 -113.57 -23.64 -100.98
C GLY T 14 -112.17 -23.93 -100.52
N GLN T 15 -111.96 -25.05 -99.85
CA GLN T 15 -110.76 -25.34 -99.08
C GLN T 15 -109.54 -25.79 -99.88
N PRO T 16 -109.59 -26.75 -100.83
CA PRO T 16 -108.34 -27.19 -101.47
C PRO T 16 -107.71 -26.18 -102.42
N ALA T 17 -108.27 -24.97 -102.56
CA ALA T 17 -107.59 -23.90 -103.29
C ALA T 17 -106.28 -23.52 -102.62
N VAL T 18 -106.19 -23.66 -101.30
CA VAL T 18 -104.91 -23.50 -100.62
C VAL T 18 -104.16 -24.81 -100.45
N TRP T 19 -104.81 -25.95 -100.66
CA TRP T 19 -104.12 -27.23 -100.46
C TRP T 19 -103.37 -27.68 -101.71
N HIS T 20 -104.00 -27.54 -102.88
CA HIS T 20 -103.30 -27.78 -104.14
C HIS T 20 -102.22 -26.73 -104.37
N ARG T 21 -102.35 -25.55 -103.78
CA ARG T 21 -101.29 -24.56 -103.77
C ARG T 21 -100.26 -24.85 -102.69
N LEU T 22 -100.68 -25.44 -101.58
CA LEU T 22 -99.79 -25.81 -100.50
C LEU T 22 -98.83 -26.91 -100.89
N GLU T 23 -99.32 -27.88 -101.66
CA GLU T 23 -98.46 -28.90 -102.26
C GLU T 23 -97.67 -28.37 -103.46
N GLU T 24 -97.72 -27.07 -103.73
CA GLU T 24 -96.68 -26.38 -104.46
C GLU T 24 -95.76 -25.59 -103.55
N LEU T 25 -96.29 -25.04 -102.45
CA LEU T 25 -95.52 -24.31 -101.45
C LEU T 25 -94.37 -25.12 -100.87
N TYR T 26 -94.68 -26.23 -100.21
CA TYR T 26 -93.57 -26.93 -99.59
C TYR T 26 -92.88 -27.90 -100.53
N THR T 27 -93.54 -28.32 -101.61
CA THR T 27 -92.88 -29.23 -102.54
C THR T 27 -91.94 -28.47 -103.47
N LYS T 28 -92.21 -27.18 -103.72
CA LYS T 28 -91.19 -26.34 -104.33
C LYS T 28 -90.22 -25.76 -103.30
N LYS T 29 -90.30 -26.22 -102.05
CA LYS T 29 -89.30 -26.04 -101.01
C LYS T 29 -89.16 -24.59 -100.56
N LEU T 30 -90.18 -23.77 -100.78
CA LEU T 30 -90.24 -22.50 -100.09
C LEU T 30 -90.95 -22.67 -98.75
N TRP T 31 -90.57 -21.83 -97.78
CA TRP T 31 -91.01 -22.02 -96.40
C TRP T 31 -91.49 -20.75 -95.74
N HIS T 32 -91.36 -19.58 -96.38
CA HIS T 32 -91.85 -18.35 -95.78
C HIS T 32 -93.32 -18.14 -96.08
N GLN T 33 -93.75 -18.53 -97.27
CA GLN T 33 -95.18 -18.61 -97.53
C GLN T 33 -95.80 -19.78 -96.78
N LEU T 34 -95.00 -20.77 -96.38
CA LEU T 34 -95.53 -21.79 -95.48
C LEU T 34 -95.57 -21.29 -94.04
N THR T 35 -94.71 -20.32 -93.68
CA THR T 35 -94.93 -19.62 -92.42
C THR T 35 -96.23 -18.84 -92.46
N LEU T 36 -96.51 -18.18 -93.59
CA LEU T 36 -97.81 -17.57 -93.82
C LEU T 36 -98.95 -18.58 -93.75
N GLN T 37 -98.73 -19.80 -94.21
CA GLN T 37 -99.79 -20.79 -94.20
C GLN T 37 -99.99 -21.39 -92.81
N VAL T 38 -98.93 -21.47 -92.01
CA VAL T 38 -99.09 -21.81 -90.60
C VAL T 38 -99.85 -20.71 -89.88
N LEU T 39 -99.60 -19.46 -90.25
CA LEU T 39 -100.43 -18.35 -89.77
C LEU T 39 -101.88 -18.50 -90.20
N ASP T 40 -102.10 -19.02 -91.41
CA ASP T 40 -103.46 -19.26 -91.91
C ASP T 40 -104.13 -20.41 -91.16
N PHE T 41 -103.36 -21.39 -90.72
CA PHE T 41 -103.94 -22.51 -89.98
C PHE T 41 -104.16 -22.16 -88.52
N VAL T 42 -103.38 -21.22 -87.98
CA VAL T 42 -103.76 -20.53 -86.77
C VAL T 42 -105.04 -19.73 -86.99
N GLN T 43 -105.16 -19.13 -88.18
CA GLN T 43 -106.29 -18.27 -88.54
C GLN T 43 -107.55 -19.08 -88.83
N ASP T 44 -107.40 -20.34 -89.30
CA ASP T 44 -108.45 -21.20 -89.86
C ASP T 44 -109.63 -21.38 -88.92
N PRO T 45 -110.78 -20.78 -89.24
CA PRO T 45 -111.93 -20.82 -88.33
C PRO T 45 -112.69 -22.14 -88.45
N CYS T 46 -112.64 -22.92 -87.38
CA CYS T 46 -113.27 -24.23 -87.33
C CYS T 46 -113.48 -24.60 -85.88
N PHE T 47 -113.68 -25.88 -85.61
CA PHE T 47 -113.55 -26.45 -84.27
C PHE T 47 -112.09 -26.81 -83.98
N ALA T 48 -111.17 -26.37 -84.84
CA ALA T 48 -109.74 -26.65 -84.78
C ALA T 48 -109.50 -28.17 -84.77
N GLN T 49 -109.88 -28.79 -85.88
CA GLN T 49 -109.83 -30.24 -86.05
C GLN T 49 -108.67 -30.71 -86.91
N GLY T 50 -108.07 -29.83 -87.70
CA GLY T 50 -106.94 -30.19 -88.54
C GLY T 50 -105.58 -29.97 -87.91
N ASP T 51 -105.55 -29.33 -86.74
CA ASP T 51 -104.28 -28.95 -86.11
C ASP T 51 -103.66 -30.11 -85.32
N GLY T 52 -104.48 -30.83 -84.55
CA GLY T 52 -104.03 -32.05 -83.90
C GLY T 52 -103.68 -33.17 -84.86
N LEU T 53 -104.10 -33.05 -86.12
CA LEU T 53 -103.66 -33.93 -87.17
C LEU T 53 -102.39 -33.42 -87.85
N ILE T 54 -102.29 -32.11 -88.05
CA ILE T 54 -101.15 -31.51 -88.74
C ILE T 54 -99.95 -31.32 -87.83
N LYS T 55 -100.09 -31.61 -86.53
CA LYS T 55 -99.00 -31.37 -85.57
C LYS T 55 -97.75 -32.18 -85.89
N LEU T 56 -97.91 -33.44 -86.29
CA LEU T 56 -96.75 -34.24 -86.66
C LEU T 56 -96.16 -33.76 -87.97
N TYR T 57 -97.02 -33.25 -88.86
CA TYR T 57 -96.54 -32.65 -90.09
C TYR T 57 -95.78 -31.35 -89.83
N GLU T 58 -96.19 -30.58 -88.83
CA GLU T 58 -95.48 -29.37 -88.47
C GLU T 58 -94.16 -29.69 -87.79
N ASN T 59 -94.13 -30.77 -87.02
CA ASN T 59 -92.88 -31.31 -86.50
C ASN T 59 -91.94 -31.68 -87.64
N PHE T 60 -92.50 -32.27 -88.70
CA PHE T 60 -91.72 -32.58 -89.90
C PHE T 60 -91.25 -31.32 -90.61
N ILE T 61 -92.09 -30.27 -90.62
CA ILE T 61 -91.68 -28.97 -91.16
C ILE T 61 -90.48 -28.42 -90.40
N SER T 62 -90.51 -28.52 -89.07
CA SER T 62 -89.36 -28.12 -88.27
C SER T 62 -88.15 -29.02 -88.48
N GLU T 63 -88.36 -30.28 -88.85
CA GLU T 63 -87.24 -31.18 -89.04
C GLU T 63 -86.51 -30.94 -90.37
N PHE T 64 -87.22 -30.87 -91.49
CA PHE T 64 -86.53 -30.62 -92.75
C PHE T 64 -86.79 -29.21 -93.30
N GLU T 65 -87.07 -28.26 -92.41
CA GLU T 65 -86.91 -26.83 -92.70
C GLU T 65 -85.74 -26.23 -91.95
N HIS T 66 -85.66 -26.55 -90.65
CA HIS T 66 -84.54 -26.25 -89.73
C HIS T 66 -84.09 -24.77 -89.74
N ARG T 67 -85.02 -23.85 -89.99
CA ARG T 67 -84.67 -22.44 -89.84
C ARG T 67 -85.74 -21.63 -89.11
N VAL T 68 -87.02 -21.98 -89.29
CA VAL T 68 -88.12 -21.06 -88.95
C VAL T 68 -88.26 -20.90 -87.44
N ASN T 69 -88.93 -19.82 -87.04
CA ASN T 69 -89.11 -19.34 -85.68
C ASN T 69 -90.35 -19.97 -85.05
N PRO T 70 -90.22 -20.50 -83.84
CA PRO T 70 -91.31 -21.29 -83.25
C PRO T 70 -92.37 -20.49 -82.52
N LEU T 71 -92.47 -19.18 -82.78
CA LEU T 71 -93.59 -18.40 -82.30
C LEU T 71 -94.92 -18.94 -82.83
N SER T 72 -94.97 -19.19 -84.14
CA SER T 72 -96.16 -19.83 -84.72
C SER T 72 -96.31 -21.27 -84.26
N LEU T 73 -95.21 -21.91 -83.84
CA LEU T 73 -95.31 -23.24 -83.24
C LEU T 73 -95.99 -23.17 -81.88
N VAL T 74 -95.73 -22.11 -81.11
CA VAL T 74 -96.44 -21.93 -79.84
C VAL T 74 -97.90 -21.61 -80.09
N GLU T 75 -98.18 -20.72 -81.04
CA GLU T 75 -99.57 -20.36 -81.33
C GLU T 75 -100.33 -21.48 -82.02
N ILE T 76 -99.67 -22.48 -82.57
CA ILE T 76 -100.37 -23.63 -83.12
C ILE T 76 -100.38 -24.80 -82.14
N ILE T 77 -99.47 -24.86 -81.17
CA ILE T 77 -99.55 -25.91 -80.17
C ILE T 77 -100.60 -25.55 -79.13
N LEU T 78 -100.90 -24.26 -78.97
CA LEU T 78 -102.08 -23.92 -78.18
C LEU T 78 -103.36 -24.31 -78.91
N HIS T 79 -103.35 -24.32 -80.24
CA HIS T 79 -104.49 -24.83 -81.00
C HIS T 79 -104.59 -26.36 -80.91
N VAL T 80 -103.44 -27.05 -80.97
CA VAL T 80 -103.41 -28.51 -80.82
C VAL T 80 -103.92 -28.90 -79.43
N VAL T 81 -103.51 -28.17 -78.40
CA VAL T 81 -103.99 -28.51 -77.07
C VAL T 81 -105.41 -27.97 -76.84
N ARG T 82 -105.88 -27.04 -77.67
CA ARG T 82 -107.30 -26.71 -77.67
C ARG T 82 -108.13 -27.85 -78.24
N GLN T 83 -107.62 -28.52 -79.28
CA GLN T 83 -108.26 -29.73 -79.79
C GLN T 83 -108.20 -30.86 -78.77
N MET T 84 -107.01 -31.13 -78.23
CA MET T 84 -106.77 -32.33 -77.45
C MET T 84 -107.09 -32.14 -75.97
N THR T 85 -107.25 -30.89 -75.51
CA THR T 85 -107.82 -30.54 -74.20
C THR T 85 -107.03 -31.08 -73.02
N ASP T 86 -105.71 -31.27 -73.17
CA ASP T 86 -104.87 -31.64 -72.04
C ASP T 86 -103.41 -31.28 -72.29
N PRO T 87 -102.80 -30.49 -71.39
CA PRO T 87 -101.45 -29.97 -71.65
C PRO T 87 -100.32 -30.93 -71.33
N ASN T 88 -100.59 -32.09 -70.75
CA ASN T 88 -99.52 -32.97 -70.31
C ASN T 88 -98.77 -33.59 -71.48
N VAL T 89 -99.49 -33.91 -72.57
CA VAL T 89 -98.81 -34.28 -73.81
C VAL T 89 -98.12 -33.06 -74.41
N ALA T 90 -98.75 -31.89 -74.30
CA ALA T 90 -98.09 -30.67 -74.74
C ALA T 90 -96.99 -30.24 -73.78
N LEU T 91 -96.97 -30.75 -72.55
CA LEU T 91 -95.80 -30.58 -71.70
C LEU T 91 -94.61 -31.34 -72.27
N THR T 92 -94.85 -32.54 -72.78
CA THR T 92 -93.78 -33.29 -73.43
C THR T 92 -93.32 -32.62 -74.71
N PHE T 93 -94.28 -32.11 -75.50
CA PHE T 93 -93.94 -31.36 -76.70
C PHE T 93 -93.23 -30.04 -76.36
N LEU T 94 -93.55 -29.47 -75.21
CA LEU T 94 -92.98 -28.20 -74.76
C LEU T 94 -91.55 -28.38 -74.29
N GLU T 95 -91.30 -29.42 -73.49
CA GLU T 95 -89.94 -29.78 -73.11
C GLU T 95 -89.12 -30.21 -74.33
N LYS T 96 -89.78 -30.82 -75.31
CA LYS T 96 -89.14 -31.19 -76.57
C LYS T 96 -88.70 -29.96 -77.36
N THR T 97 -89.62 -29.03 -77.60
CA THR T 97 -89.34 -27.80 -78.29
C THR T 97 -88.66 -26.75 -77.41
N ARG T 98 -88.29 -27.11 -76.19
CA ARG T 98 -87.32 -26.34 -75.43
C ARG T 98 -85.93 -26.96 -75.46
N GLU T 99 -85.85 -28.29 -75.55
CA GLU T 99 -84.55 -28.95 -75.56
C GLU T 99 -83.93 -29.01 -76.95
N LYS T 100 -84.72 -28.95 -78.02
CA LYS T 100 -84.16 -29.02 -79.37
C LYS T 100 -84.12 -27.68 -80.07
N VAL T 101 -84.76 -26.65 -79.51
CA VAL T 101 -84.95 -25.37 -80.19
C VAL T 101 -84.08 -24.34 -79.49
N LYS T 102 -83.05 -23.86 -80.18
CA LYS T 102 -82.30 -22.71 -79.72
C LYS T 102 -82.38 -21.57 -80.73
N SER T 103 -83.58 -21.37 -81.30
CA SER T 103 -83.80 -20.48 -82.44
C SER T 103 -83.42 -19.04 -82.12
N SER T 104 -83.07 -18.30 -83.17
CA SER T 104 -82.40 -17.02 -83.02
C SER T 104 -83.35 -15.87 -82.77
N ASP T 105 -84.62 -15.98 -83.17
CA ASP T 105 -85.62 -14.98 -82.83
C ASP T 105 -86.27 -15.32 -81.49
N GLU T 106 -85.42 -15.28 -80.45
CA GLU T 106 -85.81 -15.26 -79.04
C GLU T 106 -86.62 -16.49 -78.65
N ALA T 107 -85.94 -17.63 -78.77
CA ALA T 107 -86.59 -18.91 -78.51
C ALA T 107 -86.78 -19.14 -77.02
N VAL T 108 -85.86 -18.64 -76.20
CA VAL T 108 -85.92 -18.92 -74.77
C VAL T 108 -87.13 -18.22 -74.12
N ILE T 109 -87.46 -17.01 -74.56
CA ILE T 109 -88.58 -16.33 -73.95
C ILE T 109 -89.91 -16.89 -74.45
N LEU T 110 -89.95 -17.39 -75.69
CA LEU T 110 -91.17 -18.06 -76.11
C LEU T 110 -91.31 -19.43 -75.46
N CYS T 111 -90.20 -20.06 -75.06
CA CYS T 111 -90.30 -21.26 -74.25
C CYS T 111 -90.86 -20.94 -72.87
N LYS T 112 -90.39 -19.85 -72.26
CA LYS T 112 -90.87 -19.51 -70.94
C LYS T 112 -92.31 -19.02 -70.97
N THR T 113 -92.73 -18.35 -72.05
CA THR T 113 -94.15 -18.03 -72.17
C THR T 113 -94.98 -19.22 -72.60
N ALA T 114 -94.38 -20.27 -73.16
CA ALA T 114 -95.12 -21.51 -73.36
C ALA T 114 -95.36 -22.18 -72.01
N ILE T 115 -94.36 -22.14 -71.13
CA ILE T 115 -94.55 -22.57 -69.74
C ILE T 115 -95.62 -21.74 -69.06
N GLY T 116 -95.63 -20.43 -69.32
CA GLY T 116 -96.65 -19.57 -68.72
C GLY T 116 -98.05 -19.84 -69.24
N ALA T 117 -98.19 -20.00 -70.56
CA ALA T 117 -99.49 -20.15 -71.18
C ALA T 117 -100.06 -21.55 -71.02
N LEU T 118 -99.24 -22.54 -70.69
CA LEU T 118 -99.77 -23.84 -70.32
C LEU T 118 -99.50 -24.15 -68.86
N LYS T 119 -99.13 -23.13 -68.09
CA LYS T 119 -99.13 -23.18 -66.65
C LYS T 119 -100.52 -23.04 -66.07
N LEU T 120 -101.50 -22.69 -66.93
CA LEU T 120 -102.91 -22.51 -66.56
C LEU T 120 -103.56 -23.77 -66.03
N ASN T 121 -102.97 -24.94 -66.25
CA ASN T 121 -103.50 -26.18 -65.72
C ASN T 121 -102.60 -26.84 -64.69
N ILE T 122 -101.29 -26.56 -64.70
CA ILE T 122 -100.36 -27.26 -63.82
C ILE T 122 -100.36 -26.70 -62.42
N GLY T 123 -101.13 -25.65 -62.16
CA GLY T 123 -101.04 -24.92 -60.92
C GLY T 123 -100.14 -23.72 -61.05
N ASP T 124 -100.39 -22.74 -60.17
CA ASP T 124 -99.74 -21.44 -60.29
C ASP T 124 -99.20 -20.98 -58.94
N LEU T 125 -98.57 -21.89 -58.21
CA LEU T 125 -97.84 -21.48 -57.01
C LEU T 125 -96.48 -22.15 -56.86
N GLN T 126 -96.27 -23.31 -57.47
CA GLN T 126 -95.02 -24.03 -57.40
C GLN T 126 -94.01 -23.57 -58.44
N VAL T 127 -94.45 -22.85 -59.46
CA VAL T 127 -93.67 -22.68 -60.68
C VAL T 127 -93.68 -21.23 -61.10
N THR T 128 -94.60 -20.45 -60.54
CA THR T 128 -94.79 -19.05 -60.91
C THR T 128 -93.56 -18.21 -60.62
N LYS T 129 -93.12 -18.17 -59.36
CA LYS T 129 -91.92 -17.46 -58.95
C LYS T 129 -90.72 -17.83 -59.80
N GLU T 130 -90.33 -19.11 -59.79
CA GLU T 130 -89.19 -19.65 -60.54
C GLU T 130 -89.19 -19.25 -62.02
N THR T 131 -90.15 -19.74 -62.80
CA THR T 131 -89.96 -19.52 -64.24
C THR T 131 -90.57 -18.22 -64.72
N ILE T 132 -91.63 -17.70 -64.07
CA ILE T 132 -92.18 -16.41 -64.45
C ILE T 132 -91.22 -15.28 -64.10
N GLU T 133 -90.52 -15.38 -62.97
CA GLU T 133 -89.43 -14.45 -62.69
C GLU T 133 -88.25 -14.70 -63.62
N ASP T 134 -88.03 -15.96 -64.00
CA ASP T 134 -86.99 -16.28 -64.97
C ASP T 134 -87.27 -15.71 -66.35
N VAL T 135 -88.52 -15.37 -66.67
CA VAL T 135 -88.83 -14.70 -67.94
C VAL T 135 -88.11 -13.36 -68.02
N GLU T 136 -88.35 -12.48 -67.05
CA GLU T 136 -87.66 -11.19 -67.09
C GLU T 136 -86.20 -11.30 -66.68
N GLU T 137 -85.79 -12.40 -66.04
CA GLU T 137 -84.36 -12.68 -65.94
C GLU T 137 -83.76 -12.91 -67.32
N MET T 138 -84.47 -13.63 -68.17
CA MET T 138 -84.02 -13.88 -69.53
C MET T 138 -84.39 -12.75 -70.49
N LEU T 139 -85.19 -11.78 -70.05
CA LEU T 139 -85.54 -10.62 -70.87
C LEU T 139 -84.56 -9.48 -70.65
N ASN T 140 -83.32 -9.80 -70.28
CA ASN T 140 -82.28 -8.85 -69.95
C ASN T 140 -81.54 -8.34 -71.18
N ASN T 141 -81.84 -8.86 -72.36
CA ASN T 141 -81.22 -8.33 -73.57
C ASN T 141 -81.90 -7.05 -74.05
N LEU T 142 -83.16 -7.16 -74.49
CA LEU T 142 -83.84 -6.05 -75.12
C LEU T 142 -85.35 -6.29 -75.01
N PRO T 143 -86.00 -5.83 -73.94
CA PRO T 143 -87.45 -6.04 -73.79
C PRO T 143 -88.27 -5.13 -74.69
N GLY T 144 -88.35 -5.46 -75.97
CA GLY T 144 -89.09 -4.64 -76.92
C GLY T 144 -89.88 -5.44 -77.92
N VAL T 145 -90.25 -6.68 -77.55
CA VAL T 145 -90.98 -7.55 -78.46
C VAL T 145 -92.47 -7.22 -78.43
N THR T 146 -93.00 -6.93 -77.23
CA THR T 146 -94.36 -6.51 -76.85
C THR T 146 -95.34 -7.69 -76.93
N SER T 147 -94.96 -8.77 -77.60
CA SER T 147 -95.74 -10.00 -77.60
C SER T 147 -95.37 -10.84 -76.39
N VAL T 148 -94.06 -10.99 -76.15
CA VAL T 148 -93.60 -11.58 -74.90
C VAL T 148 -93.95 -10.69 -73.73
N HIS T 149 -94.11 -9.38 -73.93
CA HIS T 149 -94.48 -8.54 -72.81
C HIS T 149 -95.97 -8.65 -72.50
N SER T 150 -96.81 -8.87 -73.51
CA SER T 150 -98.22 -9.08 -73.24
C SER T 150 -98.47 -10.46 -72.64
N ARG T 151 -97.78 -11.49 -73.15
CA ARG T 151 -97.85 -12.81 -72.53
C ARG T 151 -97.21 -12.80 -71.15
N PHE T 152 -96.21 -11.93 -70.95
CA PHE T 152 -95.60 -11.75 -69.65
C PHE T 152 -96.55 -11.10 -68.66
N TYR T 153 -97.36 -10.16 -69.14
CA TYR T 153 -98.47 -9.68 -68.33
C TYR T 153 -99.43 -10.80 -68.00
N ASP T 154 -99.71 -11.68 -68.97
CA ASP T 154 -100.69 -12.74 -68.75
C ASP T 154 -100.23 -13.70 -67.65
N LEU T 155 -98.94 -14.06 -67.66
CA LEU T 155 -98.44 -14.93 -66.60
C LEU T 155 -98.22 -14.18 -65.29
N SER T 156 -97.80 -12.91 -65.32
CA SER T 156 -97.69 -12.14 -64.09
C SER T 156 -99.05 -11.77 -63.52
N SER T 157 -100.09 -11.75 -64.34
CA SER T 157 -101.44 -11.50 -63.88
C SER T 157 -102.10 -12.76 -63.36
N LYS T 158 -101.72 -13.93 -63.89
CA LYS T 158 -102.06 -15.17 -63.18
C LYS T 158 -101.34 -15.25 -61.84
N TYR T 159 -100.11 -14.71 -61.79
CA TYR T 159 -99.43 -14.56 -60.51
C TYR T 159 -100.15 -13.53 -59.63
N TYR T 160 -100.84 -12.58 -60.23
CA TYR T 160 -101.70 -11.70 -59.43
C TYR T 160 -102.97 -12.40 -58.97
N GLN T 161 -103.48 -13.33 -59.79
CA GLN T 161 -104.64 -14.14 -59.40
C GLN T 161 -104.32 -14.98 -58.19
N THR T 162 -103.27 -15.79 -58.28
CA THR T 162 -102.78 -16.54 -57.12
C THR T 162 -102.02 -15.57 -56.22
N ILE T 163 -102.72 -15.10 -55.18
CA ILE T 163 -102.49 -13.78 -54.59
C ILE T 163 -101.09 -13.63 -54.03
N GLY T 164 -100.32 -12.76 -54.65
CA GLY T 164 -99.10 -12.23 -54.07
C GLY T 164 -98.97 -10.78 -54.49
N ASN T 165 -98.86 -9.87 -53.52
CA ASN T 165 -98.63 -8.44 -53.73
C ASN T 165 -99.74 -7.80 -54.57
N HIS T 166 -100.91 -7.58 -53.94
CA HIS T 166 -101.97 -6.75 -54.53
C HIS T 166 -101.44 -5.43 -55.06
N ALA T 167 -100.52 -4.80 -54.33
CA ALA T 167 -99.93 -3.54 -54.75
C ALA T 167 -99.08 -3.67 -56.02
N SER T 168 -98.64 -4.87 -56.36
CA SER T 168 -97.92 -5.05 -57.63
C SER T 168 -98.84 -4.99 -58.84
N TYR T 169 -100.16 -4.93 -58.65
CA TYR T 169 -101.06 -4.87 -59.79
C TYR T 169 -100.99 -3.52 -60.49
N TYR T 170 -100.53 -2.47 -59.82
CA TYR T 170 -100.37 -1.21 -60.53
C TYR T 170 -99.21 -1.31 -61.51
N LYS T 171 -98.13 -1.99 -61.13
CA LYS T 171 -97.06 -2.24 -62.08
C LYS T 171 -97.47 -3.26 -63.12
N ASP T 172 -98.30 -4.22 -62.72
CA ASP T 172 -98.80 -5.20 -63.68
C ASP T 172 -99.75 -4.52 -64.67
N ALA T 173 -100.44 -3.47 -64.23
CA ALA T 173 -101.15 -2.59 -65.14
C ALA T 173 -100.18 -1.77 -65.98
N LEU T 174 -99.04 -1.38 -65.42
CA LEU T 174 -98.01 -0.73 -66.23
C LEU T 174 -97.35 -1.68 -67.20
N ARG T 175 -97.62 -2.98 -67.08
CA ARG T 175 -97.22 -3.98 -68.06
C ARG T 175 -98.32 -4.36 -69.04
N PHE T 176 -99.59 -4.20 -68.67
CA PHE T 176 -100.68 -4.46 -69.62
C PHE T 176 -101.11 -3.20 -70.34
N LEU T 177 -101.52 -2.20 -69.56
CA LEU T 177 -101.57 -0.81 -70.01
C LEU T 177 -100.27 -0.41 -70.69
N GLY T 178 -99.13 -0.89 -70.18
CA GLY T 178 -97.88 -0.72 -70.89
C GLY T 178 -97.73 -1.62 -72.11
N CYS T 179 -98.30 -2.83 -72.08
CA CYS T 179 -98.03 -3.74 -73.18
C CYS T 179 -98.81 -3.33 -74.42
N VAL T 180 -100.09 -3.11 -74.28
CA VAL T 180 -100.93 -2.80 -75.43
C VAL T 180 -100.83 -1.31 -75.74
N ASP T 181 -100.85 -0.98 -77.03
CA ASP T 181 -101.01 0.41 -77.47
C ASP T 181 -102.25 0.62 -78.32
N ILE T 182 -102.40 -0.10 -79.42
CA ILE T 182 -103.62 -0.07 -80.19
C ILE T 182 -104.47 -1.26 -79.78
N LYS T 183 -105.78 -1.12 -79.93
CA LYS T 183 -106.74 -1.86 -79.11
C LYS T 183 -106.71 -3.37 -79.32
N ASP T 184 -106.44 -3.82 -80.56
CA ASP T 184 -106.07 -5.16 -81.02
C ASP T 184 -106.78 -6.34 -80.36
N LEU T 185 -108.00 -6.11 -79.88
CA LEU T 185 -108.88 -7.06 -79.22
C LEU T 185 -110.18 -6.32 -79.01
N PRO T 186 -111.33 -7.02 -78.90
CA PRO T 186 -112.61 -6.30 -78.91
C PRO T 186 -112.84 -5.41 -77.69
N VAL T 187 -113.35 -4.20 -77.97
CA VAL T 187 -113.77 -3.24 -76.96
C VAL T 187 -114.82 -3.85 -76.03
N SER T 188 -115.67 -4.73 -76.58
CA SER T 188 -116.71 -5.43 -75.82
C SER T 188 -116.17 -6.40 -74.78
N GLU T 189 -114.86 -6.62 -74.71
CA GLU T 189 -114.21 -7.23 -73.58
C GLU T 189 -113.22 -6.30 -72.90
N GLN T 190 -112.70 -5.30 -73.63
CA GLN T 190 -111.79 -4.32 -73.04
C GLN T 190 -112.44 -3.49 -71.95
N GLN T 191 -113.71 -3.10 -72.13
CA GLN T 191 -114.33 -2.23 -71.15
C GLN T 191 -114.58 -2.95 -69.82
N GLU T 192 -114.83 -4.26 -69.88
CA GLU T 192 -114.91 -5.03 -68.65
C GLU T 192 -113.53 -5.31 -68.08
N ARG T 193 -112.51 -5.36 -68.94
CA ARG T 193 -111.15 -5.39 -68.41
C ARG T 193 -110.79 -4.10 -67.70
N ALA T 194 -111.31 -2.96 -68.16
CA ALA T 194 -111.04 -1.69 -67.51
C ALA T 194 -111.82 -1.57 -66.21
N PHE T 195 -113.05 -2.11 -66.22
CA PHE T 195 -113.85 -2.32 -65.02
C PHE T 195 -113.07 -3.06 -63.94
N THR T 196 -112.64 -4.30 -64.25
CA THR T 196 -111.91 -5.08 -63.27
C THR T 196 -110.49 -4.57 -63.06
N LEU T 197 -109.96 -3.77 -63.99
CA LEU T 197 -108.67 -3.14 -63.81
C LEU T 197 -108.74 -2.05 -62.76
N GLY T 198 -109.79 -1.23 -62.82
CA GLY T 198 -110.03 -0.25 -61.76
C GLY T 198 -110.28 -0.91 -60.42
N LEU T 199 -111.05 -2.01 -60.43
CA LEU T 199 -111.32 -2.73 -59.19
C LEU T 199 -110.05 -3.32 -58.58
N ALA T 200 -109.24 -4.00 -59.38
CA ALA T 200 -108.05 -4.64 -58.84
C ALA T 200 -106.92 -3.65 -58.59
N GLY T 201 -106.92 -2.50 -59.26
CA GLY T 201 -106.00 -1.44 -58.88
C GLY T 201 -106.45 -0.76 -57.61
N LEU T 202 -107.76 -0.79 -57.32
CA LEU T 202 -108.22 -0.34 -56.03
C LEU T 202 -107.86 -1.34 -54.94
N LEU T 203 -107.89 -2.64 -55.26
CA LEU T 203 -107.55 -3.66 -54.27
C LEU T 203 -106.08 -3.66 -53.90
N GLY T 204 -105.21 -3.12 -54.75
CA GLY T 204 -103.82 -2.96 -54.37
C GLY T 204 -103.50 -1.51 -54.11
N GLU T 205 -103.18 -1.17 -52.87
CA GLU T 205 -103.07 0.22 -52.45
C GLU T 205 -101.64 0.50 -52.02
N GLY T 206 -100.78 0.75 -53.00
CA GLY T 206 -99.43 1.16 -52.71
C GLY T 206 -99.11 2.53 -53.25
N VAL T 207 -99.72 2.88 -54.38
CA VAL T 207 -99.39 4.13 -55.05
C VAL T 207 -100.42 5.22 -54.75
N PHE T 208 -101.64 4.82 -54.34
CA PHE T 208 -102.74 5.67 -53.81
C PHE T 208 -102.99 6.98 -54.58
N ASN T 209 -102.73 6.96 -55.89
CA ASN T 209 -103.11 8.07 -56.75
C ASN T 209 -103.58 7.54 -58.11
N PHE T 210 -104.38 6.46 -58.08
CA PHE T 210 -104.69 5.60 -59.23
C PHE T 210 -105.27 6.34 -60.44
N GLY T 211 -105.82 7.54 -60.25
CA GLY T 211 -106.12 8.41 -61.36
C GLY T 211 -104.91 9.22 -61.80
N GLU T 212 -103.79 8.54 -62.03
CA GLU T 212 -102.51 9.15 -62.32
C GLU T 212 -102.30 9.37 -63.81
N LEU T 213 -102.86 8.50 -64.64
CA LEU T 213 -102.53 8.44 -66.05
C LEU T 213 -103.77 8.41 -66.93
N LEU T 214 -104.87 9.02 -66.51
CA LEU T 214 -106.15 8.73 -67.15
C LEU T 214 -106.44 9.62 -68.37
N MET T 215 -105.38 10.05 -69.04
CA MET T 215 -105.46 10.52 -70.43
C MET T 215 -104.86 9.44 -71.33
N HIS T 216 -105.15 8.18 -70.99
CA HIS T 216 -104.65 6.98 -71.64
C HIS T 216 -105.76 6.36 -72.48
N PRO T 217 -105.53 6.17 -73.77
CA PRO T 217 -106.64 5.97 -74.73
C PRO T 217 -107.37 4.65 -74.60
N VAL T 218 -106.64 3.54 -74.46
CA VAL T 218 -107.25 2.22 -74.44
C VAL T 218 -107.73 1.86 -73.04
N LEU T 219 -107.76 2.85 -72.15
CA LEU T 219 -108.67 2.81 -71.02
C LEU T 219 -109.75 3.88 -71.06
N GLU T 220 -109.47 5.09 -71.59
CA GLU T 220 -110.48 6.15 -71.52
C GLU T 220 -111.62 5.91 -72.52
N SER T 221 -111.33 5.23 -73.63
CA SER T 221 -112.38 4.82 -74.56
C SER T 221 -113.28 3.75 -73.97
N LEU T 222 -112.87 3.15 -72.86
CA LEU T 222 -113.70 2.26 -72.07
C LEU T 222 -114.34 2.99 -70.91
N ARG T 223 -113.66 4.03 -70.42
CA ARG T 223 -114.19 4.85 -69.34
C ARG T 223 -115.46 5.57 -69.77
N ASN T 224 -115.49 6.06 -71.00
CA ASN T 224 -116.69 6.70 -71.51
C ASN T 224 -117.66 5.72 -72.15
N THR T 225 -117.46 4.41 -71.94
CA THR T 225 -118.47 3.41 -72.28
C THR T 225 -118.85 2.50 -71.13
N ASP T 226 -118.08 2.49 -70.03
CA ASP T 226 -118.45 1.72 -68.85
C ASP T 226 -119.47 2.54 -68.05
N ARG T 227 -119.76 2.10 -66.83
CA ARG T 227 -120.51 2.94 -65.90
C ARG T 227 -119.71 4.20 -65.60
N GLN T 228 -120.36 5.35 -65.76
CA GLN T 228 -119.64 6.62 -65.78
C GLN T 228 -119.22 7.09 -64.39
N TRP T 229 -119.73 6.46 -63.32
CA TRP T 229 -119.42 6.90 -61.96
C TRP T 229 -118.25 6.16 -61.34
N LEU T 230 -117.90 4.98 -61.83
CA LEU T 230 -116.74 4.26 -61.30
C LEU T 230 -115.46 5.03 -61.60
N ILE T 231 -115.42 5.67 -62.76
CA ILE T 231 -114.33 6.56 -63.10
C ILE T 231 -114.39 7.82 -62.24
N ASP T 232 -115.60 8.30 -61.95
CA ASP T 232 -115.69 9.48 -61.10
C ASP T 232 -115.38 9.17 -59.64
N THR T 233 -115.50 7.91 -59.21
CA THR T 233 -115.08 7.60 -57.85
C THR T 233 -113.61 7.25 -57.78
N LEU T 234 -113.01 6.81 -58.88
CA LEU T 234 -111.55 6.88 -58.98
C LEU T 234 -111.08 8.33 -58.97
N TYR T 235 -111.86 9.24 -59.54
CA TYR T 235 -111.60 10.67 -59.41
C TYR T 235 -111.92 11.18 -58.01
N ALA T 236 -112.78 10.50 -57.27
CA ALA T 236 -113.00 10.82 -55.86
C ALA T 236 -111.93 10.22 -54.97
N PHE T 237 -111.08 9.36 -55.53
CA PHE T 237 -109.83 8.98 -54.89
C PHE T 237 -108.62 9.69 -55.50
N ASN T 238 -108.83 10.48 -56.54
CA ASN T 238 -107.77 11.21 -57.22
C ASN T 238 -107.77 12.69 -56.88
N SER T 239 -108.91 13.37 -57.02
CA SER T 239 -108.99 14.80 -56.81
C SER T 239 -109.49 15.16 -55.42
N GLY T 240 -110.72 14.76 -55.09
CA GLY T 240 -111.37 15.24 -53.90
C GLY T 240 -112.01 14.12 -53.10
N ASN T 241 -111.88 14.23 -51.78
CA ASN T 241 -112.17 13.13 -50.88
C ASN T 241 -113.55 13.24 -50.25
N VAL T 242 -114.46 13.91 -50.93
CA VAL T 242 -115.79 14.23 -50.43
C VAL T 242 -116.75 13.69 -51.46
N GLU T 243 -118.02 14.09 -51.36
CA GLU T 243 -119.14 13.52 -52.11
C GLU T 243 -119.26 12.05 -51.76
N ARG T 244 -119.74 11.79 -50.53
CA ARG T 244 -120.13 10.46 -50.05
C ARG T 244 -121.03 9.69 -51.01
N PHE T 245 -121.77 10.40 -51.89
CA PHE T 245 -122.38 9.79 -53.06
C PHE T 245 -121.39 8.97 -53.87
N GLN T 246 -120.22 9.53 -54.19
CA GLN T 246 -119.23 8.81 -55.00
C GLN T 246 -118.51 7.72 -54.20
N THR T 247 -117.83 8.11 -53.12
CA THR T 247 -117.08 7.18 -52.30
C THR T 247 -117.96 6.25 -51.46
N LEU T 248 -119.29 6.35 -51.57
CA LEU T 248 -120.20 5.32 -51.10
C LEU T 248 -120.95 4.65 -52.23
N LYS T 249 -121.00 5.27 -53.41
CA LYS T 249 -121.53 4.62 -54.60
C LYS T 249 -120.60 3.51 -55.06
N THR T 250 -119.31 3.65 -54.75
CA THR T 250 -118.39 2.52 -54.87
C THR T 250 -118.72 1.36 -53.92
N ALA T 251 -119.58 1.56 -52.93
CA ALA T 251 -120.20 0.44 -52.22
C ALA T 251 -121.58 0.11 -52.73
N TRP T 252 -122.30 1.11 -53.27
CA TRP T 252 -123.63 0.88 -53.83
C TRP T 252 -123.56 -0.07 -55.02
N GLY T 253 -122.83 0.31 -56.06
CA GLY T 253 -122.70 -0.51 -57.24
C GLY T 253 -121.84 -1.73 -57.00
N GLN T 254 -120.62 -1.50 -56.53
CA GLN T 254 -119.69 -2.58 -56.19
C GLN T 254 -119.97 -2.98 -54.74
N GLN T 255 -120.77 -4.02 -54.57
CA GLN T 255 -121.05 -4.51 -53.22
C GLN T 255 -119.88 -5.29 -52.60
N PRO T 256 -119.29 -6.32 -53.22
CA PRO T 256 -118.22 -7.03 -52.52
C PRO T 256 -116.88 -6.32 -52.63
N ASP T 257 -115.95 -6.76 -51.78
CA ASP T 257 -114.54 -6.33 -51.77
C ASP T 257 -114.40 -4.84 -51.55
N LEU T 258 -115.19 -4.29 -50.64
CA LEU T 258 -114.94 -2.92 -50.27
C LEU T 258 -114.78 -2.78 -48.75
N ALA T 259 -115.54 -3.55 -47.98
CA ALA T 259 -115.39 -3.57 -46.53
C ALA T 259 -114.08 -4.21 -46.10
N ALA T 260 -113.49 -5.06 -46.95
CA ALA T 260 -112.18 -5.64 -46.69
C ALA T 260 -111.05 -4.64 -46.87
N ASN T 261 -111.35 -3.42 -47.37
CA ASN T 261 -110.35 -2.38 -47.54
C ASN T 261 -110.89 -1.02 -47.10
N GLU T 262 -111.99 -0.99 -46.33
CA GLU T 262 -112.70 0.26 -46.07
C GLU T 262 -111.89 1.24 -45.24
N ALA T 263 -111.25 0.78 -44.17
CA ALA T 263 -110.44 1.67 -43.33
C ALA T 263 -109.24 2.20 -44.11
N GLN T 264 -108.70 1.38 -45.00
CA GLN T 264 -107.58 1.82 -45.82
C GLN T 264 -108.01 2.79 -46.90
N LEU T 265 -109.24 2.66 -47.39
CA LEU T 265 -109.80 3.67 -48.29
C LEU T 265 -110.07 4.96 -47.56
N LEU T 266 -110.46 4.88 -46.29
CA LEU T 266 -110.53 6.08 -45.46
C LEU T 266 -109.16 6.71 -45.29
N ARG T 267 -108.12 5.88 -45.20
CA ARG T 267 -106.75 6.42 -45.19
C ARG T 267 -106.42 7.09 -46.52
N LYS T 268 -106.93 6.54 -47.63
CA LYS T 268 -106.68 7.12 -48.93
C LYS T 268 -107.37 8.47 -49.08
N ILE T 269 -108.58 8.60 -48.55
CA ILE T 269 -109.23 9.91 -48.62
C ILE T 269 -108.58 10.87 -47.60
N GLN T 270 -107.99 10.33 -46.54
CA GLN T 270 -107.25 11.13 -45.57
C GLN T 270 -105.85 11.48 -46.02
N LEU T 271 -105.38 10.94 -47.14
CA LEU T 271 -104.23 11.54 -47.82
C LEU T 271 -104.66 12.39 -49.00
N LEU T 272 -105.87 12.17 -49.51
CA LEU T 272 -106.41 13.06 -50.52
C LEU T 272 -106.66 14.45 -49.93
N CYS T 273 -107.00 14.53 -48.64
CA CYS T 273 -107.04 15.85 -48.00
C CYS T 273 -105.64 16.46 -47.92
N LEU T 274 -104.62 15.61 -47.73
CA LEU T 274 -103.25 16.09 -47.63
C LEU T 274 -102.75 16.66 -48.95
N MET T 275 -103.25 16.15 -50.07
CA MET T 275 -102.88 16.86 -51.29
C MET T 275 -103.74 18.11 -51.49
N GLU T 276 -105.03 18.05 -51.11
CA GLU T 276 -105.94 19.19 -51.27
C GLU T 276 -105.44 20.45 -50.59
N MET T 277 -105.07 20.33 -49.31
CA MET T 277 -104.92 21.49 -48.42
C MET T 277 -103.77 22.39 -48.85
N THR T 278 -102.77 21.85 -49.54
CA THR T 278 -101.68 22.65 -50.08
C THR T 278 -101.71 22.76 -51.59
N PHE T 279 -102.53 21.97 -52.27
CA PHE T 279 -102.61 22.07 -53.72
C PHE T 279 -103.63 23.12 -54.16
N THR T 280 -104.88 22.96 -53.73
CA THR T 280 -105.96 23.77 -54.28
C THR T 280 -106.14 25.08 -53.53
N ARG T 281 -105.93 25.05 -52.23
CA ARG T 281 -106.12 26.18 -51.34
C ARG T 281 -105.07 27.26 -51.63
N PRO T 282 -105.34 28.53 -51.31
CA PRO T 282 -104.30 29.57 -51.44
C PRO T 282 -103.09 29.27 -50.58
N ALA T 283 -101.92 29.78 -51.01
CA ALA T 283 -100.63 29.08 -51.15
C ALA T 283 -100.46 27.94 -50.15
N ASN T 284 -100.46 28.19 -48.85
CA ASN T 284 -100.37 27.13 -47.86
C ASN T 284 -101.27 27.32 -46.66
N HIS T 285 -101.54 28.59 -46.29
CA HIS T 285 -102.15 29.15 -45.07
C HIS T 285 -101.23 29.03 -43.87
N ARG T 286 -100.13 28.25 -44.01
CA ARG T 286 -99.01 28.08 -43.11
C ARG T 286 -99.38 27.33 -41.82
N GLN T 287 -100.68 27.14 -41.57
CA GLN T 287 -101.18 26.54 -40.34
C GLN T 287 -102.63 26.11 -40.57
N LEU T 288 -102.92 24.81 -40.54
CA LEU T 288 -104.17 24.29 -41.07
C LEU T 288 -104.96 23.52 -40.03
N THR T 289 -106.19 23.96 -39.79
CA THR T 289 -106.96 23.57 -38.61
C THR T 289 -107.48 22.15 -38.69
N PHE T 290 -107.74 21.61 -37.50
CA PHE T 290 -108.32 20.28 -37.33
C PHE T 290 -109.68 20.17 -38.02
N GLU T 291 -110.42 21.28 -38.10
CA GLU T 291 -111.69 21.28 -38.81
C GLU T 291 -111.48 21.02 -40.29
N GLU T 292 -110.38 21.52 -40.84
CA GLU T 292 -110.11 21.36 -42.27
C GLU T 292 -109.79 19.91 -42.62
N ILE T 293 -108.83 19.31 -41.90
CA ILE T 293 -108.47 17.93 -42.17
C ILE T 293 -109.61 17.00 -41.81
N ALA T 294 -110.29 17.27 -40.69
CA ALA T 294 -111.40 16.43 -40.28
C ALA T 294 -112.63 16.61 -41.15
N LYS T 295 -112.75 17.75 -41.83
CA LYS T 295 -113.90 18.03 -42.67
C LYS T 295 -113.74 17.41 -44.05
N SER T 296 -112.54 17.53 -44.63
CA SER T 296 -112.28 16.78 -45.85
C SER T 296 -112.16 15.29 -45.57
N ALA T 297 -111.78 14.93 -44.35
CA ALA T 297 -111.56 13.56 -43.97
C ALA T 297 -112.81 12.86 -43.48
N LYS T 298 -113.89 13.63 -43.26
CA LYS T 298 -115.14 13.24 -42.59
C LYS T 298 -114.89 12.33 -41.39
N ILE T 299 -114.00 12.79 -40.52
CA ILE T 299 -113.52 12.03 -39.38
C ILE T 299 -113.54 12.98 -38.18
N THR T 300 -113.31 12.43 -36.98
CA THR T 300 -113.34 13.21 -35.76
C THR T 300 -112.08 14.05 -35.61
N VAL T 301 -112.05 14.81 -34.51
CA VAL T 301 -110.90 15.64 -34.18
C VAL T 301 -109.70 14.78 -33.79
N ASN T 302 -109.96 13.70 -33.05
CA ASN T 302 -108.91 12.92 -32.41
C ASN T 302 -108.40 11.81 -33.30
N GLU T 303 -108.44 12.01 -34.62
CA GLU T 303 -107.80 11.12 -35.57
C GLU T 303 -106.87 11.80 -36.56
N VAL T 304 -106.93 13.14 -36.71
CA VAL T 304 -106.03 13.83 -37.64
C VAL T 304 -104.59 13.77 -37.16
N GLU T 305 -104.39 13.52 -35.87
CA GLU T 305 -103.06 13.33 -35.29
C GLU T 305 -102.45 12.03 -35.78
N LEU T 306 -103.22 10.93 -35.63
CA LEU T 306 -102.85 9.64 -36.18
C LEU T 306 -102.66 9.72 -37.68
N LEU T 307 -103.47 10.56 -38.33
CA LEU T 307 -103.38 10.78 -39.77
C LEU T 307 -102.05 11.39 -40.16
N VAL T 308 -101.66 12.49 -39.50
CA VAL T 308 -100.43 13.16 -39.90
C VAL T 308 -99.20 12.36 -39.49
N MET T 309 -99.30 11.57 -38.41
CA MET T 309 -98.19 10.68 -38.13
C MET T 309 -98.12 9.54 -39.13
N LYS T 310 -99.27 9.06 -39.58
CA LYS T 310 -99.31 8.00 -40.57
C LYS T 310 -98.79 8.49 -41.93
N ALA T 311 -99.01 9.78 -42.23
CA ALA T 311 -98.43 10.37 -43.42
C ALA T 311 -96.91 10.45 -43.33
N LEU T 312 -96.38 10.61 -42.13
CA LEU T 312 -94.94 10.56 -41.90
C LEU T 312 -94.41 9.14 -42.04
N SER T 313 -95.21 8.17 -41.59
CA SER T 313 -94.85 6.76 -41.80
C SER T 313 -94.85 6.42 -43.27
N VAL T 314 -95.76 7.03 -44.05
CA VAL T 314 -95.74 6.86 -45.49
C VAL T 314 -94.55 7.58 -46.10
N GLY T 315 -94.27 8.80 -45.65
CA GLY T 315 -93.15 9.53 -46.17
C GLY T 315 -93.45 10.34 -47.41
N LEU T 316 -94.64 10.91 -47.53
CA LEU T 316 -94.93 11.86 -48.59
C LEU T 316 -94.81 13.31 -48.13
N VAL T 317 -94.75 13.55 -46.82
CA VAL T 317 -94.67 14.89 -46.27
C VAL T 317 -93.68 14.88 -45.11
N LYS T 318 -92.92 15.96 -44.97
CA LYS T 318 -91.89 16.09 -43.94
C LYS T 318 -92.35 17.05 -42.84
N GLY T 319 -93.64 17.04 -42.52
CA GLY T 319 -94.24 18.16 -41.82
C GLY T 319 -93.93 18.21 -40.34
N SER T 320 -94.15 19.39 -39.77
CA SER T 320 -94.08 19.62 -38.34
C SER T 320 -95.48 19.59 -37.78
N ILE T 321 -95.71 18.74 -36.78
CA ILE T 321 -97.06 18.40 -36.38
C ILE T 321 -97.55 19.50 -35.45
N ASP T 322 -98.05 20.57 -36.03
CA ASP T 322 -98.48 21.72 -35.25
C ASP T 322 -99.87 21.43 -34.72
N GLU T 323 -99.95 21.07 -33.45
CA GLU T 323 -101.24 20.80 -32.83
C GLU T 323 -101.30 21.41 -31.43
N VAL T 324 -100.51 22.46 -31.18
CA VAL T 324 -100.73 23.30 -30.02
C VAL T 324 -102.04 24.07 -30.19
N ASP T 325 -102.48 24.29 -31.42
CA ASP T 325 -103.75 24.92 -31.74
C ASP T 325 -104.66 23.97 -32.51
N LYS T 326 -104.25 22.70 -32.68
CA LYS T 326 -104.84 21.71 -33.59
C LYS T 326 -104.82 22.21 -35.04
N ARG T 327 -103.85 23.06 -35.35
CA ARG T 327 -103.78 23.78 -36.62
C ARG T 327 -102.42 23.48 -37.23
N VAL T 328 -102.40 22.72 -38.31
CA VAL T 328 -101.22 21.94 -38.71
C VAL T 328 -100.38 22.72 -39.71
N HIS T 329 -99.06 22.63 -39.54
CA HIS T 329 -98.06 23.29 -40.37
C HIS T 329 -97.65 22.38 -41.52
N MET T 330 -97.23 23.00 -42.63
CA MET T 330 -97.08 22.32 -43.92
C MET T 330 -95.62 22.30 -44.37
N THR T 331 -95.22 21.18 -44.97
CA THR T 331 -93.99 21.09 -45.77
C THR T 331 -94.28 20.51 -47.13
N TRP T 332 -93.23 20.07 -47.83
CA TRP T 332 -93.32 19.53 -49.17
C TRP T 332 -94.18 18.27 -49.21
N VAL T 333 -94.98 18.16 -50.27
CA VAL T 333 -95.83 17.00 -50.50
C VAL T 333 -95.53 16.46 -51.89
N GLN T 334 -95.74 15.16 -52.07
CA GLN T 334 -95.63 14.56 -53.39
C GLN T 334 -96.85 14.95 -54.21
N PRO T 335 -96.69 15.66 -55.33
CA PRO T 335 -97.84 16.31 -55.97
C PRO T 335 -98.76 15.34 -56.69
N ARG T 336 -99.92 15.86 -57.07
CA ARG T 336 -100.90 15.16 -57.86
C ARG T 336 -101.05 15.85 -59.21
N VAL T 337 -101.92 15.26 -60.05
CA VAL T 337 -101.93 15.57 -61.49
C VAL T 337 -102.40 17.00 -61.74
N LEU T 338 -101.56 17.75 -62.46
CA LEU T 338 -101.86 19.13 -62.82
C LEU T 338 -102.96 19.17 -63.86
N ASP T 339 -104.08 19.79 -63.51
CA ASP T 339 -105.23 19.83 -64.39
C ASP T 339 -105.04 20.91 -65.45
N LEU T 340 -105.96 20.95 -66.41
CA LEU T 340 -105.91 21.99 -67.45
C LEU T 340 -106.17 23.37 -66.85
N GLN T 341 -107.23 23.49 -66.05
CA GLN T 341 -107.43 24.71 -65.28
C GLN T 341 -106.31 24.94 -64.27
N GLN T 342 -105.66 23.86 -63.82
CA GLN T 342 -104.51 24.03 -62.95
C GLN T 342 -103.26 24.36 -63.73
N ILE T 343 -103.15 23.93 -64.99
CA ILE T 343 -102.14 24.48 -65.89
C ILE T 343 -102.33 25.99 -66.03
N LYS T 344 -103.59 26.44 -66.15
CA LYS T 344 -103.86 27.85 -66.35
C LYS T 344 -103.59 28.67 -65.08
N GLY T 345 -104.07 28.19 -63.93
CA GLY T 345 -103.77 28.85 -62.67
C GLY T 345 -102.31 28.77 -62.28
N MET T 346 -101.62 27.72 -62.73
CA MET T 346 -100.18 27.64 -62.56
C MET T 346 -99.48 28.67 -63.43
N LYS T 347 -99.96 28.86 -64.66
CA LYS T 347 -99.48 29.95 -65.50
C LYS T 347 -99.70 31.29 -64.84
N ASP T 348 -100.86 31.46 -64.18
CA ASP T 348 -101.21 32.69 -63.47
C ASP T 348 -100.22 33.00 -62.36
N ARG T 349 -100.13 32.12 -61.35
CA ARG T 349 -99.24 32.40 -60.22
C ARG T 349 -97.78 32.26 -60.60
N LEU T 350 -97.48 31.48 -61.63
CA LEU T 350 -96.11 31.25 -62.05
C LEU T 350 -95.58 32.44 -62.83
N GLU T 351 -96.38 32.97 -63.75
CA GLU T 351 -96.02 34.17 -64.48
C GLU T 351 -96.10 35.39 -63.58
N PHE T 352 -96.95 35.34 -62.55
CA PHE T 352 -96.90 36.30 -61.44
C PHE T 352 -95.51 36.36 -60.85
N TRP T 353 -95.01 35.20 -60.39
CA TRP T 353 -93.62 35.08 -59.92
C TRP T 353 -92.62 35.54 -60.97
N CYS T 354 -92.78 35.06 -62.21
CA CYS T 354 -91.79 35.26 -63.26
C CYS T 354 -91.64 36.74 -63.62
N THR T 355 -92.74 37.38 -64.02
CA THR T 355 -92.63 38.75 -64.44
C THR T 355 -92.52 39.70 -63.25
N ASP T 356 -92.96 39.30 -62.04
CA ASP T 356 -92.75 40.19 -60.90
C ASP T 356 -91.29 40.19 -60.46
N VAL T 357 -90.69 39.01 -60.36
CA VAL T 357 -89.27 38.93 -60.01
C VAL T 357 -88.42 39.52 -61.13
N LYS T 358 -88.84 39.33 -62.38
CA LYS T 358 -88.09 39.89 -63.50
C LYS T 358 -88.21 41.41 -63.54
N SER T 359 -89.40 41.95 -63.30
CA SER T 359 -89.63 43.39 -63.35
C SER T 359 -88.96 44.10 -62.18
N MET T 360 -89.15 43.58 -60.96
CA MET T 360 -88.48 44.16 -59.81
C MET T 360 -86.99 43.88 -59.84
N GLU T 361 -86.56 42.84 -60.54
CA GLU T 361 -85.15 42.61 -60.81
C GLU T 361 -84.59 43.71 -61.70
N MET T 362 -85.32 44.03 -62.78
CA MET T 362 -84.90 45.14 -63.64
C MET T 362 -84.96 46.46 -62.92
N LEU T 363 -85.81 46.59 -61.90
CA LEU T 363 -85.83 47.81 -61.09
C LEU T 363 -84.61 47.90 -60.18
N VAL T 364 -84.25 46.79 -59.53
CA VAL T 364 -83.03 46.73 -58.73
C VAL T 364 -81.81 47.01 -59.59
N GLU T 365 -81.77 46.43 -60.79
CA GLU T 365 -80.68 46.70 -61.72
C GLU T 365 -80.74 48.11 -62.28
N HIS T 366 -81.93 48.70 -62.35
CA HIS T 366 -82.05 50.08 -62.78
C HIS T 366 -81.48 51.03 -61.72
N GLN T 367 -81.59 50.64 -60.45
CA GLN T 367 -80.89 51.39 -59.42
C GLN T 367 -79.39 51.06 -59.41
N ALA T 368 -79.04 49.83 -59.77
CA ALA T 368 -77.65 49.38 -59.82
C ALA T 368 -76.97 49.71 -61.12
N HIS T 369 -77.65 50.44 -62.00
CA HIS T 369 -77.17 50.73 -63.34
C HIS T 369 -76.21 51.91 -63.37
N ASP T 370 -76.20 52.73 -62.34
CA ASP T 370 -75.50 54.00 -62.39
C ASP T 370 -74.03 53.88 -62.05
N ILE T 371 -73.60 52.76 -61.48
CA ILE T 371 -72.27 52.66 -60.89
C ILE T 371 -71.42 51.62 -61.62
N LEU T 372 -71.77 51.32 -62.86
CA LEU T 372 -71.01 50.33 -63.61
C LEU T 372 -69.65 50.91 -63.98
N THR T 373 -69.68 51.98 -64.76
CA THR T 373 -68.51 52.65 -65.37
C THR T 373 -67.63 51.67 -66.14
N MET U 1 -57.10 -5.01 -117.54
CA MET U 1 -58.02 -4.74 -116.44
C MET U 1 -58.86 -3.50 -116.72
N VAL U 2 -59.81 -3.23 -115.83
CA VAL U 2 -60.75 -2.13 -115.99
C VAL U 2 -61.02 -1.54 -114.61
N LEU U 3 -61.20 -0.22 -114.57
CA LEU U 3 -61.33 0.55 -113.35
C LEU U 3 -62.81 0.83 -113.08
N GLU U 4 -63.37 0.21 -112.05
CA GLU U 4 -64.75 0.49 -111.67
C GLU U 4 -64.90 0.33 -110.17
N SER U 5 -66.14 0.46 -109.70
CA SER U 5 -66.47 0.24 -108.30
C SER U 5 -67.84 -0.41 -108.24
N THR U 6 -67.88 -1.67 -107.83
CA THR U 6 -69.12 -2.43 -107.74
C THR U 6 -69.51 -2.59 -106.29
N MET U 7 -70.69 -2.11 -105.95
CA MET U 7 -71.20 -2.14 -104.58
C MET U 7 -72.16 -3.31 -104.48
N VAL U 8 -71.77 -4.37 -103.78
CA VAL U 8 -72.66 -5.51 -103.58
C VAL U 8 -73.77 -5.12 -102.62
N CYS U 9 -75.01 -5.31 -103.05
CA CYS U 9 -76.19 -4.88 -102.31
C CYS U 9 -76.94 -6.13 -101.86
N VAL U 10 -76.53 -6.67 -100.71
CA VAL U 10 -77.12 -7.91 -100.23
C VAL U 10 -78.51 -7.65 -99.66
N ASP U 11 -79.29 -8.71 -99.55
CA ASP U 11 -80.61 -8.67 -98.93
C ASP U 11 -80.52 -9.39 -97.59
N ASN U 12 -80.80 -8.67 -96.51
CA ASN U 12 -80.93 -9.27 -95.20
C ASN U 12 -82.37 -9.19 -94.69
N SER U 13 -83.32 -9.46 -95.56
CA SER U 13 -84.73 -9.55 -95.18
C SER U 13 -85.10 -10.98 -94.85
N GLU U 14 -86.25 -11.13 -94.19
CA GLU U 14 -86.73 -12.38 -93.63
C GLU U 14 -87.30 -13.35 -94.66
N TYR U 15 -87.06 -13.12 -95.95
CA TYR U 15 -87.48 -14.03 -97.01
C TYR U 15 -86.34 -14.85 -97.58
N MET U 16 -85.12 -14.65 -97.12
CA MET U 16 -83.93 -15.27 -97.71
C MET U 16 -83.41 -16.42 -96.89
N ARG U 17 -84.30 -17.19 -96.26
CA ARG U 17 -83.88 -18.18 -95.29
C ARG U 17 -84.28 -19.61 -95.64
N ASN U 18 -85.16 -19.81 -96.62
CA ASN U 18 -85.62 -21.14 -96.96
C ASN U 18 -84.68 -21.79 -97.96
N GLY U 19 -85.06 -22.96 -98.47
CA GLY U 19 -84.16 -23.76 -99.28
C GLY U 19 -84.71 -24.11 -100.64
N ASP U 20 -85.60 -23.27 -101.19
CA ASP U 20 -86.02 -23.47 -102.57
C ASP U 20 -84.90 -23.13 -103.55
N PHE U 21 -84.20 -22.06 -103.29
CA PHE U 21 -82.93 -21.80 -103.93
C PHE U 21 -82.01 -22.41 -102.90
N LEU U 22 -81.07 -23.24 -103.37
CA LEU U 22 -80.19 -24.36 -102.95
C LEU U 22 -79.59 -24.28 -101.53
N PRO U 23 -78.87 -25.29 -100.95
CA PRO U 23 -79.12 -25.73 -99.54
C PRO U 23 -79.23 -24.68 -98.43
N THR U 24 -78.88 -23.41 -98.68
CA THR U 24 -79.42 -22.27 -97.95
C THR U 24 -79.50 -21.11 -98.94
N ARG U 25 -80.58 -20.31 -98.86
CA ARG U 25 -80.60 -19.06 -99.63
C ARG U 25 -79.54 -18.09 -99.13
N LEU U 26 -79.28 -18.09 -97.81
CA LEU U 26 -78.12 -17.40 -97.25
C LEU U 26 -76.85 -17.85 -97.95
N GLN U 27 -76.73 -19.17 -98.16
CA GLN U 27 -75.59 -19.71 -98.88
C GLN U 27 -75.63 -19.36 -100.36
N ALA U 28 -76.84 -19.16 -100.92
CA ALA U 28 -76.96 -18.76 -102.31
C ALA U 28 -76.41 -17.36 -102.54
N GLN U 29 -76.90 -16.38 -101.78
CA GLN U 29 -76.34 -15.03 -101.85
C GLN U 29 -74.91 -14.97 -101.31
N GLN U 30 -74.53 -15.92 -100.46
CA GLN U 30 -73.16 -15.96 -99.95
C GLN U 30 -72.19 -16.41 -101.04
N ASP U 31 -72.57 -17.44 -101.80
CA ASP U 31 -71.80 -17.84 -102.97
C ASP U 31 -71.79 -16.76 -104.03
N ALA U 32 -72.87 -15.98 -104.11
CA ALA U 32 -72.86 -14.82 -105.00
C ALA U 32 -71.82 -13.79 -104.56
N VAL U 33 -71.73 -13.52 -103.26
CA VAL U 33 -70.68 -12.64 -102.76
C VAL U 33 -69.30 -13.25 -102.98
N ASN U 34 -69.19 -14.58 -102.86
CA ASN U 34 -67.93 -15.27 -103.15
C ASN U 34 -67.50 -15.06 -104.60
N ILE U 35 -68.43 -15.22 -105.53
CA ILE U 35 -68.02 -15.14 -106.92
C ILE U 35 -67.77 -13.70 -107.32
N VAL U 36 -68.48 -12.73 -106.73
CA VAL U 36 -68.18 -11.35 -107.13
C VAL U 36 -66.90 -10.85 -106.46
N CYS U 37 -66.55 -11.33 -105.27
CA CYS U 37 -65.30 -10.88 -104.67
C CYS U 37 -64.11 -11.57 -105.33
N HIS U 38 -64.26 -12.85 -105.70
CA HIS U 38 -63.23 -13.47 -106.51
C HIS U 38 -63.16 -12.86 -107.91
N SER U 39 -64.29 -12.37 -108.43
CA SER U 39 -64.28 -11.73 -109.74
C SER U 39 -63.62 -10.37 -109.70
N LYS U 40 -63.74 -9.65 -108.60
CA LYS U 40 -63.02 -8.39 -108.45
C LYS U 40 -61.60 -8.59 -107.94
N THR U 41 -61.27 -9.79 -107.47
CA THR U 41 -59.87 -10.15 -107.32
C THR U 41 -59.25 -10.43 -108.69
N ARG U 42 -60.01 -11.09 -109.56
CA ARG U 42 -59.57 -11.32 -110.94
C ARG U 42 -59.65 -10.05 -111.78
N SER U 43 -60.36 -9.03 -111.30
CA SER U 43 -60.37 -7.71 -111.91
C SER U 43 -59.21 -6.92 -111.32
N ASN U 44 -59.18 -5.62 -111.58
CA ASN U 44 -58.07 -4.79 -111.11
C ASN U 44 -58.17 -4.63 -109.60
N PRO U 45 -57.13 -4.99 -108.85
CA PRO U 45 -57.15 -4.76 -107.39
C PRO U 45 -57.07 -3.30 -106.98
N GLU U 46 -56.88 -2.38 -107.94
CA GLU U 46 -57.04 -0.96 -107.66
C GLU U 46 -58.49 -0.59 -107.38
N ASN U 47 -59.43 -1.43 -107.79
CA ASN U 47 -60.85 -1.24 -107.57
C ASN U 47 -61.22 -1.67 -106.15
N ASN U 48 -62.44 -1.36 -105.75
CA ASN U 48 -62.86 -1.53 -104.37
C ASN U 48 -64.30 -2.01 -104.26
N VAL U 49 -64.56 -2.84 -103.26
CA VAL U 49 -65.86 -3.46 -103.03
C VAL U 49 -66.23 -3.28 -101.56
N GLY U 50 -67.42 -2.74 -101.30
CA GLY U 50 -67.93 -2.60 -99.96
C GLY U 50 -69.32 -3.20 -99.81
N LEU U 51 -69.72 -3.51 -98.58
CA LEU U 51 -71.00 -4.18 -98.35
C LEU U 51 -72.06 -3.18 -97.95
N ILE U 52 -73.30 -3.48 -98.33
CA ILE U 52 -74.46 -2.67 -97.98
C ILE U 52 -75.69 -3.57 -98.08
N THR U 53 -76.70 -3.26 -97.26
CA THR U 53 -78.00 -3.87 -97.41
C THR U 53 -79.02 -2.86 -97.89
N LEU U 54 -80.17 -3.40 -98.28
CA LEU U 54 -81.37 -2.61 -98.55
C LEU U 54 -82.44 -2.81 -97.49
N ALA U 55 -82.37 -3.90 -96.73
CA ALA U 55 -83.41 -4.22 -95.76
C ALA U 55 -82.97 -3.87 -94.35
N ASN U 56 -83.94 -3.38 -93.56
CA ASN U 56 -83.94 -3.21 -92.11
C ASN U 56 -83.05 -2.07 -91.63
N ASP U 57 -82.17 -1.57 -92.50
CA ASP U 57 -81.21 -0.50 -92.27
C ASP U 57 -80.47 -0.27 -93.58
N CYS U 58 -79.52 0.65 -93.62
CA CYS U 58 -78.51 0.72 -94.67
C CYS U 58 -77.16 0.47 -93.99
N GLU U 59 -76.80 -0.81 -93.90
CA GLU U 59 -75.71 -1.26 -93.03
C GLU U 59 -74.39 -1.22 -93.78
N VAL U 60 -73.52 -0.29 -93.37
CA VAL U 60 -72.13 -0.28 -93.78
C VAL U 60 -71.32 -0.84 -92.63
N LEU U 61 -70.69 -1.99 -92.85
CA LEU U 61 -69.76 -2.52 -91.88
C LEU U 61 -68.33 -2.53 -92.37
N THR U 62 -68.12 -2.64 -93.68
CA THR U 62 -66.82 -2.46 -94.28
C THR U 62 -66.86 -1.27 -95.23
N THR U 63 -65.73 -0.60 -95.33
CA THR U 63 -65.57 0.47 -96.31
C THR U 63 -65.44 -0.14 -97.70
N LEU U 64 -65.73 0.66 -98.72
CA LEU U 64 -65.52 0.26 -100.10
C LEU U 64 -64.02 0.22 -100.34
N THR U 65 -63.39 -0.91 -100.01
CA THR U 65 -61.95 -1.06 -99.93
C THR U 65 -61.48 -2.14 -100.90
N PRO U 66 -60.24 -2.02 -101.43
CA PRO U 66 -59.72 -3.08 -102.31
C PRO U 66 -59.43 -4.41 -101.65
N ASP U 67 -59.44 -4.51 -100.31
CA ASP U 67 -59.37 -5.81 -99.68
C ASP U 67 -60.75 -6.43 -99.60
N THR U 68 -60.79 -7.77 -99.63
CA THR U 68 -62.05 -8.48 -99.44
C THR U 68 -61.95 -9.72 -98.56
N GLY U 69 -60.78 -10.01 -97.97
CA GLY U 69 -60.70 -11.13 -97.03
C GLY U 69 -61.50 -10.85 -95.77
N ARG U 70 -61.52 -9.59 -95.34
CA ARG U 70 -62.36 -9.23 -94.22
C ARG U 70 -63.84 -9.30 -94.60
N ILE U 71 -64.18 -9.04 -95.87
CA ILE U 71 -65.54 -9.24 -96.35
C ILE U 71 -65.92 -10.72 -96.31
N LEU U 72 -64.97 -11.59 -96.67
CA LEU U 72 -65.18 -13.04 -96.55
C LEU U 72 -65.37 -13.46 -95.10
N SER U 73 -64.73 -12.76 -94.17
CA SER U 73 -65.05 -12.99 -92.76
C SER U 73 -66.41 -12.41 -92.39
N LYS U 74 -66.83 -11.32 -93.05
CA LYS U 74 -68.13 -10.70 -92.85
C LYS U 74 -69.27 -11.46 -93.50
N LEU U 75 -68.97 -12.53 -94.23
CA LEU U 75 -70.02 -13.43 -94.73
C LEU U 75 -70.85 -14.02 -93.58
N HIS U 76 -70.19 -14.32 -92.46
CA HIS U 76 -70.81 -15.09 -91.40
C HIS U 76 -71.87 -14.28 -90.67
N THR U 77 -72.77 -15.01 -90.00
CA THR U 77 -73.93 -14.59 -89.19
C THR U 77 -74.66 -13.37 -89.76
N VAL U 78 -75.02 -13.43 -91.04
CA VAL U 78 -75.66 -12.29 -91.69
C VAL U 78 -77.08 -12.10 -91.17
N GLN U 79 -77.76 -13.20 -90.78
CA GLN U 79 -79.09 -13.27 -90.16
C GLN U 79 -80.13 -12.45 -90.92
N PRO U 80 -80.60 -12.91 -92.06
CA PRO U 80 -81.46 -12.09 -92.91
C PRO U 80 -82.86 -11.95 -92.34
N LYS U 81 -83.17 -10.75 -91.85
CA LYS U 81 -84.44 -10.48 -91.20
C LYS U 81 -84.70 -8.98 -91.22
N GLY U 82 -85.88 -8.60 -91.66
CA GLY U 82 -86.26 -7.20 -91.64
C GLY U 82 -87.30 -6.92 -92.71
N LYS U 83 -87.22 -5.71 -93.26
CA LYS U 83 -88.11 -5.26 -94.32
C LYS U 83 -87.33 -4.51 -95.39
N ILE U 84 -87.59 -4.84 -96.65
CA ILE U 84 -86.82 -4.36 -97.79
C ILE U 84 -87.09 -2.87 -98.02
N THR U 85 -86.02 -2.13 -98.33
CA THR U 85 -86.15 -0.82 -98.96
C THR U 85 -84.97 -0.68 -99.93
N PHE U 86 -85.21 -1.08 -101.18
CA PHE U 86 -84.17 -0.99 -102.20
C PHE U 86 -84.08 0.40 -102.80
N CYS U 87 -85.18 1.16 -102.76
CA CYS U 87 -85.23 2.51 -103.30
C CYS U 87 -84.29 3.46 -102.56
N THR U 88 -84.10 3.28 -101.25
CA THR U 88 -82.98 3.94 -100.59
C THR U 88 -81.68 3.22 -100.86
N GLY U 89 -81.74 1.96 -101.32
CA GLY U 89 -80.52 1.20 -101.55
C GLY U 89 -79.70 1.76 -102.70
N ILE U 90 -80.36 2.15 -103.79
CA ILE U 90 -79.67 2.75 -104.94
C ILE U 90 -78.98 4.03 -104.52
N ARG U 91 -79.69 4.89 -103.79
CA ARG U 91 -79.13 6.19 -103.44
C ARG U 91 -78.04 6.06 -102.37
N VAL U 92 -78.20 5.13 -101.43
CA VAL U 92 -77.19 4.98 -100.39
C VAL U 92 -75.93 4.38 -100.98
N ALA U 93 -76.06 3.48 -101.98
CA ALA U 93 -74.88 2.97 -102.66
C ALA U 93 -74.25 4.04 -103.53
N HIS U 94 -75.05 4.94 -104.10
CA HIS U 94 -74.49 5.96 -104.97
C HIS U 94 -73.75 7.01 -104.17
N LEU U 95 -74.24 7.36 -102.99
CA LEU U 95 -73.47 8.29 -102.17
C LEU U 95 -72.24 7.61 -101.58
N ALA U 96 -72.33 6.29 -101.34
CA ALA U 96 -71.16 5.52 -100.95
C ALA U 96 -70.10 5.51 -102.04
N LEU U 97 -70.52 5.55 -103.31
CA LEU U 97 -69.58 5.68 -104.41
C LEU U 97 -69.29 7.12 -104.82
N LYS U 98 -69.99 8.09 -104.24
CA LYS U 98 -69.48 9.45 -104.26
C LYS U 98 -68.60 9.71 -103.05
N HIS U 99 -68.36 8.70 -102.24
CA HIS U 99 -67.36 8.77 -101.20
C HIS U 99 -66.15 7.91 -101.54
N ARG U 100 -65.76 7.91 -102.81
CA ARG U 100 -64.64 7.11 -103.26
C ARG U 100 -63.33 7.87 -103.17
N GLN U 101 -62.30 7.31 -103.79
CA GLN U 101 -60.95 7.84 -103.80
C GLN U 101 -60.47 8.27 -105.17
N GLY U 102 -61.07 7.78 -106.24
CA GLY U 102 -60.62 8.12 -107.58
C GLY U 102 -61.81 8.29 -108.50
N LYS U 103 -61.61 9.09 -109.55
CA LYS U 103 -62.63 9.33 -110.55
C LYS U 103 -62.42 8.56 -111.84
N ASN U 104 -61.22 7.99 -112.04
CA ASN U 104 -60.98 7.18 -113.23
C ASN U 104 -61.63 5.81 -113.12
N HIS U 105 -61.99 5.37 -111.93
CA HIS U 105 -62.82 4.18 -111.79
C HIS U 105 -64.21 4.47 -112.33
N LYS U 106 -64.78 3.50 -113.06
CA LYS U 106 -66.15 3.60 -113.54
C LYS U 106 -67.11 3.23 -112.42
N MET U 107 -68.41 3.11 -112.75
CA MET U 107 -69.43 2.75 -111.78
C MET U 107 -70.37 1.74 -112.43
N ARG U 108 -70.04 0.46 -112.31
CA ARG U 108 -70.93 -0.64 -112.66
C ARG U 108 -71.24 -1.39 -111.38
N ILE U 109 -72.48 -1.29 -110.93
CA ILE U 109 -72.89 -1.76 -109.61
C ILE U 109 -73.83 -2.95 -109.80
N ILE U 110 -73.76 -3.90 -108.87
CA ILE U 110 -74.72 -4.99 -108.82
C ILE U 110 -75.70 -4.75 -107.67
N ALA U 111 -76.79 -5.51 -107.67
CA ALA U 111 -77.80 -5.42 -106.62
C ALA U 111 -78.55 -6.74 -106.53
N PHE U 112 -78.90 -7.14 -105.32
CA PHE U 112 -79.62 -8.38 -105.04
C PHE U 112 -80.92 -8.02 -104.33
N VAL U 113 -82.05 -8.26 -104.99
CA VAL U 113 -83.37 -7.97 -104.44
C VAL U 113 -84.13 -9.27 -104.28
N GLY U 114 -84.62 -9.53 -103.07
CA GLY U 114 -85.28 -10.79 -102.80
C GLY U 114 -86.57 -10.68 -102.00
N SER U 115 -87.30 -9.59 -102.16
CA SER U 115 -88.50 -9.35 -101.35
C SER U 115 -89.36 -8.33 -102.08
N PRO U 116 -90.69 -8.32 -101.82
CA PRO U 116 -91.55 -7.28 -102.39
C PRO U 116 -91.30 -5.91 -101.80
N VAL U 117 -90.71 -5.02 -102.59
CA VAL U 117 -90.38 -3.67 -102.15
C VAL U 117 -91.51 -2.73 -102.54
N GLU U 118 -91.85 -1.81 -101.62
CA GLU U 118 -92.81 -0.74 -101.89
C GLU U 118 -92.11 0.36 -102.68
N ASP U 119 -91.80 0.05 -103.94
CA ASP U 119 -91.03 0.94 -104.80
C ASP U 119 -91.95 1.36 -105.93
N ASN U 120 -92.32 2.63 -105.93
CA ASN U 120 -93.03 3.21 -107.05
C ASN U 120 -92.10 3.23 -108.27
N GLU U 121 -92.70 3.07 -109.44
CA GLU U 121 -91.88 3.24 -110.64
C GLU U 121 -91.52 4.70 -110.87
N LYS U 122 -92.25 5.64 -110.25
CA LYS U 122 -91.82 7.02 -110.27
C LYS U 122 -90.60 7.23 -109.37
N ASP U 123 -90.54 6.51 -108.25
CA ASP U 123 -89.35 6.54 -107.38
C ASP U 123 -88.12 6.07 -108.14
N LEU U 124 -88.19 4.88 -108.72
CA LEU U 124 -87.03 4.36 -109.41
C LEU U 124 -86.77 5.03 -110.75
N VAL U 125 -87.72 5.77 -111.32
CA VAL U 125 -87.37 6.54 -112.52
C VAL U 125 -86.75 7.88 -112.13
N LYS U 126 -87.10 8.45 -110.96
CA LYS U 126 -86.33 9.54 -110.40
C LYS U 126 -84.89 9.11 -110.19
N LEU U 127 -84.72 7.95 -109.57
CA LEU U 127 -83.39 7.35 -109.40
C LEU U 127 -82.73 7.04 -110.74
N ALA U 128 -83.52 6.66 -111.75
CA ALA U 128 -82.94 6.19 -113.00
C ALA U 128 -82.47 7.34 -113.89
N LYS U 129 -83.26 8.41 -114.01
CA LYS U 129 -82.74 9.58 -114.69
C LYS U 129 -81.77 10.36 -113.83
N ARG U 130 -81.82 10.17 -112.50
CA ARG U 130 -80.73 10.62 -111.63
C ARG U 130 -79.42 9.94 -112.02
N LEU U 131 -79.46 8.63 -112.26
CA LEU U 131 -78.28 7.92 -112.72
C LEU U 131 -77.94 8.24 -114.17
N LYS U 132 -78.91 8.65 -114.99
CA LYS U 132 -78.60 9.23 -116.28
C LYS U 132 -77.82 10.52 -116.15
N LYS U 133 -78.09 11.28 -115.09
CA LYS U 133 -77.30 12.46 -114.78
C LYS U 133 -76.23 12.18 -113.71
N GLU U 134 -75.91 10.91 -113.50
CA GLU U 134 -74.85 10.50 -112.58
C GLU U 134 -73.95 9.39 -113.11
N LYS U 135 -74.23 8.85 -114.30
CA LYS U 135 -73.33 8.00 -115.09
C LYS U 135 -73.00 6.68 -114.35
N VAL U 136 -74.05 5.89 -114.14
CA VAL U 136 -73.94 4.60 -113.44
C VAL U 136 -74.78 3.57 -114.20
N ASN U 137 -74.17 2.45 -114.57
CA ASN U 137 -74.89 1.28 -115.04
C ASN U 137 -75.04 0.29 -113.89
N VAL U 138 -76.22 -0.31 -113.76
CA VAL U 138 -76.54 -1.17 -112.64
C VAL U 138 -77.03 -2.52 -113.15
N ASP U 139 -76.37 -3.60 -112.74
CA ASP U 139 -76.72 -4.96 -113.14
C ASP U 139 -77.30 -5.72 -111.96
N ILE U 140 -78.62 -5.71 -111.85
CA ILE U 140 -79.33 -6.28 -110.72
C ILE U 140 -79.59 -7.75 -111.02
N ILE U 141 -79.49 -8.59 -110.00
CA ILE U 141 -79.73 -10.03 -110.11
C ILE U 141 -80.82 -10.37 -109.10
N ASN U 142 -82.04 -10.64 -109.60
CA ASN U 142 -83.16 -10.88 -108.69
C ASN U 142 -83.02 -12.22 -107.97
N PHE U 143 -83.14 -12.17 -106.66
CA PHE U 143 -83.17 -13.33 -105.79
C PHE U 143 -84.54 -13.39 -105.14
N GLY U 144 -84.69 -14.32 -104.19
CA GLY U 144 -85.84 -14.36 -103.30
C GLY U 144 -87.16 -14.57 -104.01
N GLU U 145 -88.18 -13.82 -103.56
CA GLU U 145 -89.44 -13.81 -104.29
C GLU U 145 -90.08 -12.44 -104.12
N GLU U 146 -90.30 -11.74 -105.24
CA GLU U 146 -91.28 -10.67 -105.23
C GLU U 146 -92.25 -10.87 -106.40
N GLU U 147 -91.72 -11.26 -107.55
CA GLU U 147 -92.48 -11.63 -108.74
C GLU U 147 -91.63 -12.63 -109.50
N VAL U 148 -92.31 -13.57 -110.16
CA VAL U 148 -91.61 -14.51 -111.03
C VAL U 148 -90.97 -13.80 -112.21
N ASN U 149 -91.58 -12.71 -112.67
CA ASN U 149 -91.04 -11.86 -113.72
C ASN U 149 -91.13 -10.41 -113.24
N THR U 150 -90.04 -9.95 -112.61
CA THR U 150 -89.98 -8.62 -112.02
C THR U 150 -90.18 -7.55 -113.08
N GLU U 151 -90.92 -6.51 -112.71
CA GLU U 151 -91.30 -5.45 -113.63
C GLU U 151 -90.80 -4.07 -113.22
N LYS U 152 -90.84 -3.75 -111.93
CA LYS U 152 -90.36 -2.46 -111.43
C LYS U 152 -88.87 -2.32 -111.67
N LEU U 153 -88.13 -3.40 -111.44
CA LEU U 153 -86.71 -3.38 -111.68
C LEU U 153 -86.42 -3.53 -113.17
N THR U 154 -87.33 -4.18 -113.91
CA THR U 154 -87.28 -4.14 -115.36
C THR U 154 -87.50 -2.73 -115.87
N ALA U 155 -88.40 -1.99 -115.21
CA ALA U 155 -88.60 -0.58 -115.54
C ALA U 155 -87.39 0.26 -115.20
N PHE U 156 -86.68 -0.07 -114.12
CA PHE U 156 -85.45 0.63 -113.78
C PHE U 156 -84.35 0.36 -114.79
N VAL U 157 -84.26 -0.90 -115.25
CA VAL U 157 -83.35 -1.29 -116.33
C VAL U 157 -83.67 -0.52 -117.61
N ASN U 158 -84.97 -0.38 -117.92
CA ASN U 158 -85.39 0.37 -119.10
C ASN U 158 -85.06 1.85 -118.97
N THR U 159 -85.31 2.43 -117.80
CA THR U 159 -85.19 3.86 -117.59
C THR U 159 -83.81 4.30 -117.16
N LEU U 160 -82.87 3.38 -117.01
CA LEU U 160 -81.49 3.77 -116.75
C LEU U 160 -80.76 4.16 -118.02
N ASN U 161 -80.91 3.38 -119.08
CA ASN U 161 -80.04 3.45 -120.23
C ASN U 161 -80.72 4.08 -121.45
N GLY U 162 -79.90 4.38 -122.45
CA GLY U 162 -80.41 4.54 -123.80
C GLY U 162 -79.30 4.66 -124.83
N LYS U 163 -79.34 3.77 -125.82
CA LYS U 163 -78.62 3.77 -127.09
C LYS U 163 -77.10 3.60 -126.98
N ASP U 164 -76.52 3.85 -125.80
CA ASP U 164 -75.08 3.80 -125.64
C ASP U 164 -74.68 3.15 -124.32
N GLY U 165 -75.47 3.39 -123.28
CA GLY U 165 -75.10 3.01 -121.94
C GLY U 165 -75.92 1.85 -121.40
N THR U 166 -76.19 0.87 -122.27
CA THR U 166 -77.01 -0.29 -121.91
C THR U 166 -76.20 -1.28 -121.08
N GLY U 167 -75.89 -0.86 -119.86
CA GLY U 167 -75.21 -1.70 -118.89
C GLY U 167 -76.15 -2.08 -117.76
N SER U 168 -77.43 -2.23 -118.06
CA SER U 168 -78.44 -2.70 -117.11
C SER U 168 -78.89 -4.08 -117.54
N HIS U 169 -78.45 -5.11 -116.82
CA HIS U 169 -78.81 -6.49 -117.13
C HIS U 169 -79.48 -7.08 -115.90
N LEU U 170 -80.73 -7.50 -116.07
CA LEU U 170 -81.59 -7.91 -114.97
C LEU U 170 -81.83 -9.41 -115.05
N VAL U 171 -81.12 -10.18 -114.23
CA VAL U 171 -81.45 -11.59 -114.07
C VAL U 171 -82.69 -11.62 -113.17
N THR U 172 -83.86 -11.80 -113.77
CA THR U 172 -85.09 -11.99 -113.01
C THR U 172 -85.01 -13.31 -112.24
N VAL U 173 -85.79 -13.41 -111.17
CA VAL U 173 -85.62 -14.54 -110.26
C VAL U 173 -86.33 -15.76 -110.83
N PRO U 174 -85.70 -16.93 -110.80
CA PRO U 174 -86.40 -18.19 -111.08
C PRO U 174 -86.95 -18.80 -109.80
N PRO U 175 -88.16 -18.42 -109.37
CA PRO U 175 -88.57 -18.69 -107.97
C PRO U 175 -88.72 -20.16 -107.58
N GLY U 176 -88.64 -21.10 -108.51
CA GLY U 176 -88.60 -22.50 -108.17
C GLY U 176 -87.18 -22.92 -107.85
N PRO U 177 -86.94 -24.23 -107.80
CA PRO U 177 -85.57 -24.69 -107.56
C PRO U 177 -84.66 -24.48 -108.75
N SER U 178 -83.81 -23.46 -108.64
CA SER U 178 -82.71 -23.21 -109.54
C SER U 178 -81.44 -23.10 -108.71
N LEU U 179 -80.29 -23.33 -109.35
CA LEU U 179 -79.07 -23.72 -108.66
C LEU U 179 -78.41 -22.54 -107.95
N ALA U 180 -77.21 -22.78 -107.41
CA ALA U 180 -76.45 -21.72 -106.77
C ALA U 180 -75.55 -20.97 -107.75
N ASP U 181 -74.96 -21.70 -108.72
CA ASP U 181 -74.08 -21.09 -109.69
C ASP U 181 -74.72 -20.89 -111.06
N ALA U 182 -75.89 -21.48 -111.29
CA ALA U 182 -76.59 -21.24 -112.56
C ALA U 182 -77.20 -19.85 -112.60
N LEU U 183 -77.55 -19.28 -111.44
CA LEU U 183 -78.00 -17.90 -111.40
C LEU U 183 -76.86 -16.95 -111.72
N ILE U 184 -75.71 -17.12 -111.05
CA ILE U 184 -74.59 -16.21 -111.25
C ILE U 184 -73.72 -16.58 -112.43
N SER U 185 -74.05 -17.64 -113.17
CA SER U 185 -73.27 -18.01 -114.32
C SER U 185 -73.54 -17.11 -115.51
N SER U 186 -74.72 -16.51 -115.59
CA SER U 186 -75.05 -15.61 -116.67
C SER U 186 -74.45 -14.20 -116.48
N PRO U 187 -74.40 -13.60 -115.28
CA PRO U 187 -73.61 -12.35 -115.18
C PRO U 187 -72.11 -12.56 -115.26
N ILE U 188 -71.58 -13.71 -114.84
CA ILE U 188 -70.17 -13.95 -115.09
C ILE U 188 -69.94 -14.26 -116.56
N LEU U 189 -70.99 -14.70 -117.27
CA LEU U 189 -70.95 -14.71 -118.73
C LEU U 189 -71.06 -13.29 -119.27
N ALA U 190 -72.12 -12.57 -118.90
CA ALA U 190 -72.31 -11.18 -119.31
C ALA U 190 -73.07 -10.47 -118.21
N GLY U 191 -72.41 -9.53 -117.53
CA GLY U 191 -72.95 -8.85 -116.37
C GLY U 191 -74.28 -8.15 -116.48
N ALA V 1 -28.27 36.10 -101.45
CA ALA V 1 -28.62 37.34 -102.12
C ALA V 1 -29.35 38.29 -101.19
N VAL V 2 -30.62 38.00 -100.94
CA VAL V 2 -31.45 38.85 -100.08
C VAL V 2 -32.60 37.99 -99.52
N ASP V 3 -32.89 38.16 -98.22
CA ASP V 3 -33.88 37.34 -97.52
C ASP V 3 -34.76 38.20 -96.63
N THR V 4 -36.08 38.07 -96.80
CA THR V 4 -37.08 38.88 -96.10
C THR V 4 -37.32 38.30 -94.70
N ALA V 5 -37.66 39.20 -93.76
CA ALA V 5 -37.85 38.88 -92.34
C ALA V 5 -38.92 37.83 -92.08
N GLU V 6 -38.50 36.66 -91.62
CA GLU V 6 -39.38 35.51 -91.50
C GLU V 6 -40.25 35.62 -90.23
N GLN V 7 -41.34 34.88 -90.24
CA GLN V 7 -42.30 34.86 -89.15
C GLN V 7 -42.86 33.45 -89.00
N VAL V 8 -43.05 33.00 -87.77
CA VAL V 8 -43.73 31.72 -87.55
C VAL V 8 -45.08 31.96 -86.88
N TYR V 9 -46.13 31.95 -87.70
CA TYR V 9 -47.49 31.91 -87.19
C TYR V 9 -47.74 30.58 -86.50
N ILE V 10 -48.62 30.59 -85.50
CA ILE V 10 -49.11 29.37 -84.88
C ILE V 10 -50.62 29.33 -84.98
N SER V 11 -51.19 28.21 -84.55
CA SER V 11 -52.63 28.02 -84.52
C SER V 11 -53.15 27.78 -83.10
N SER V 12 -52.24 27.58 -82.15
CA SER V 12 -52.41 27.41 -80.70
C SER V 12 -53.05 26.10 -80.29
N LEU V 13 -53.66 25.38 -81.24
CA LEU V 13 -53.83 23.95 -81.02
C LEU V 13 -52.47 23.29 -81.04
N ALA V 14 -51.54 23.88 -81.80
CA ALA V 14 -50.14 23.47 -81.77
C ALA V 14 -49.57 23.55 -80.36
N LEU V 15 -49.70 24.71 -79.71
CA LEU V 15 -49.11 24.91 -78.40
C LEU V 15 -49.82 24.06 -77.36
N LEU V 16 -51.14 23.89 -77.51
CA LEU V 16 -51.88 23.05 -76.58
C LEU V 16 -51.50 21.58 -76.72
N LYS V 17 -51.27 21.10 -77.94
CA LYS V 17 -50.81 19.72 -78.08
C LYS V 17 -49.36 19.57 -77.63
N MET V 18 -48.55 20.63 -77.75
CA MET V 18 -47.18 20.57 -77.23
C MET V 18 -47.18 20.41 -75.72
N LEU V 19 -47.97 21.24 -75.03
CA LEU V 19 -48.01 21.15 -73.57
C LEU V 19 -48.66 19.84 -73.13
N LYS V 20 -49.69 19.38 -73.85
CA LYS V 20 -50.35 18.14 -73.45
C LYS V 20 -49.48 16.93 -73.72
N HIS V 21 -48.68 16.95 -74.78
CA HIS V 21 -47.83 15.81 -75.10
C HIS V 21 -46.65 15.75 -74.15
N GLY V 22 -46.02 16.89 -73.89
CA GLY V 22 -44.97 16.96 -72.88
C GLY V 22 -45.48 16.80 -71.47
N ARG V 23 -46.79 16.91 -71.25
CA ARG V 23 -47.37 16.55 -69.97
C ARG V 23 -47.64 15.05 -69.89
N ALA V 24 -47.99 14.44 -71.01
CA ALA V 24 -48.29 13.01 -71.02
C ALA V 24 -47.03 12.18 -70.87
N GLY V 25 -45.94 12.59 -71.54
CA GLY V 25 -44.71 11.83 -71.41
C GLY V 25 -43.71 12.55 -70.54
N VAL V 26 -44.19 13.16 -69.47
CA VAL V 26 -43.47 14.21 -68.73
C VAL V 26 -42.11 13.84 -68.09
N PRO V 27 -41.80 12.62 -67.62
CA PRO V 27 -40.42 12.41 -67.15
C PRO V 27 -39.43 12.12 -68.26
N MET V 28 -39.82 12.29 -69.50
CA MET V 28 -39.05 11.85 -70.65
C MET V 28 -39.19 12.91 -71.74
N GLU V 29 -38.20 12.99 -72.61
CA GLU V 29 -38.32 13.85 -73.78
C GLU V 29 -39.00 13.07 -74.91
N VAL V 30 -39.67 13.81 -75.80
CA VAL V 30 -40.37 13.24 -76.92
C VAL V 30 -39.83 13.85 -78.20
N MET V 31 -40.34 13.37 -79.33
CA MET V 31 -39.95 13.84 -80.64
C MET V 31 -41.18 13.86 -81.52
N GLY V 32 -41.27 14.87 -82.39
CA GLY V 32 -42.41 14.93 -83.29
C GLY V 32 -42.18 15.73 -84.55
N LEU V 33 -43.15 15.62 -85.44
CA LEU V 33 -43.12 16.29 -86.73
C LEU V 33 -44.23 17.33 -86.80
N MET V 34 -43.88 18.52 -87.23
CA MET V 34 -44.79 19.65 -87.22
C MET V 34 -45.42 19.83 -88.59
N LEU V 35 -46.74 20.04 -88.60
CA LEU V 35 -47.52 20.16 -89.82
C LEU V 35 -48.09 21.58 -89.91
N GLY V 36 -48.26 22.07 -91.13
CA GLY V 36 -48.72 23.44 -91.29
C GLY V 36 -48.93 23.82 -92.74
N GLU V 37 -48.48 25.01 -93.13
CA GLU V 37 -48.60 25.43 -94.52
C GLU V 37 -47.49 26.42 -94.84
N PHE V 38 -46.68 26.07 -95.83
CA PHE V 38 -45.65 26.96 -96.37
C PHE V 38 -46.33 28.07 -97.15
N VAL V 39 -46.49 29.23 -96.52
CA VAL V 39 -47.20 30.31 -97.16
C VAL V 39 -46.28 31.15 -98.05
N ASP V 40 -45.18 31.67 -97.52
CA ASP V 40 -44.31 32.57 -98.28
C ASP V 40 -42.94 32.59 -97.61
N ASP V 41 -42.12 33.58 -97.97
CA ASP V 41 -40.80 33.70 -97.37
C ASP V 41 -40.87 34.37 -96.00
N TYR V 42 -41.60 35.47 -95.89
CA TYR V 42 -41.56 36.25 -94.66
C TYR V 42 -42.50 35.74 -93.58
N THR V 43 -43.35 34.76 -93.87
CA THR V 43 -44.15 34.10 -92.85
C THR V 43 -44.15 32.60 -93.10
N VAL V 44 -44.47 31.85 -92.05
CA VAL V 44 -44.77 30.42 -92.17
C VAL V 44 -45.71 30.08 -91.02
N ARG V 45 -46.58 29.11 -91.23
CA ARG V 45 -47.59 28.77 -90.23
C ARG V 45 -47.51 27.30 -89.88
N VAL V 46 -47.69 27.00 -88.59
CA VAL V 46 -48.04 25.67 -88.12
C VAL V 46 -49.52 25.67 -87.83
N ILE V 47 -50.24 24.77 -88.48
CA ILE V 47 -51.68 24.67 -88.29
C ILE V 47 -52.04 23.43 -87.49
N ASP V 48 -51.13 22.46 -87.37
CA ASP V 48 -51.50 21.18 -86.80
C ASP V 48 -50.27 20.52 -86.23
N VAL V 49 -50.36 20.13 -84.97
CA VAL V 49 -49.33 19.33 -84.33
C VAL V 49 -49.96 17.98 -84.01
N PHE V 50 -49.46 16.94 -84.66
CA PHE V 50 -50.00 15.61 -84.53
C PHE V 50 -49.04 14.76 -83.71
N ALA V 51 -49.59 13.71 -83.13
CA ALA V 51 -48.81 12.84 -82.27
C ALA V 51 -47.79 12.04 -83.07
N MET V 52 -46.64 11.82 -82.46
CA MET V 52 -45.57 11.03 -83.05
C MET V 52 -45.10 9.98 -82.05
N PRO V 53 -44.80 8.77 -82.53
CA PRO V 53 -44.67 7.62 -81.63
C PRO V 53 -43.42 7.69 -80.79
N GLN V 54 -43.44 6.91 -79.71
CA GLN V 54 -42.36 6.92 -78.76
C GLN V 54 -41.19 6.08 -79.28
N SER V 55 -40.00 6.46 -78.86
CA SER V 55 -38.89 5.55 -78.75
C SER V 55 -38.69 5.27 -77.27
N GLY V 56 -37.79 4.36 -76.94
CA GLY V 56 -37.42 4.25 -75.55
C GLY V 56 -35.92 4.36 -75.34
N THR V 57 -35.15 3.95 -76.35
CA THR V 57 -33.70 3.84 -76.20
C THR V 57 -33.03 5.19 -76.43
N GLY V 58 -33.22 5.75 -77.61
CA GLY V 58 -32.70 7.08 -77.88
C GLY V 58 -33.63 7.83 -78.80
N VAL V 59 -33.94 9.08 -78.45
CA VAL V 59 -34.59 9.97 -79.38
C VAL V 59 -33.63 10.23 -80.54
N SER V 60 -34.10 9.97 -81.75
CA SER V 60 -33.23 9.97 -82.92
C SER V 60 -34.02 10.43 -84.13
N VAL V 61 -33.32 10.52 -85.26
CA VAL V 61 -33.99 10.71 -86.55
C VAL V 61 -34.78 9.46 -86.92
N GLU V 62 -34.40 8.30 -86.39
CA GLU V 62 -35.11 7.05 -86.62
C GLU V 62 -36.36 6.91 -85.75
N ALA V 63 -36.73 7.95 -85.00
CA ALA V 63 -38.08 8.03 -84.47
C ALA V 63 -39.10 8.37 -85.53
N VAL V 64 -38.65 8.81 -86.71
CA VAL V 64 -39.54 9.08 -87.84
C VAL V 64 -39.69 7.74 -88.56
N ASP V 65 -40.73 7.00 -88.18
CA ASP V 65 -41.04 5.74 -88.80
C ASP V 65 -41.72 5.99 -90.14
N PRO V 66 -41.11 5.62 -91.27
CA PRO V 66 -41.71 5.98 -92.57
C PRO V 66 -43.00 5.26 -92.89
N VAL V 67 -43.22 4.07 -92.34
CA VAL V 67 -44.54 3.45 -92.49
C VAL V 67 -45.56 4.23 -91.67
N PHE V 68 -45.15 4.75 -90.51
CA PHE V 68 -46.04 5.63 -89.76
C PHE V 68 -46.21 6.96 -90.45
N GLN V 69 -45.19 7.43 -91.17
CA GLN V 69 -45.33 8.63 -91.98
C GLN V 69 -46.40 8.46 -93.05
N ALA V 70 -46.31 7.36 -93.79
CA ALA V 70 -47.30 7.04 -94.83
C ALA V 70 -48.70 6.93 -94.23
N LYS V 71 -48.85 6.14 -93.16
CA LYS V 71 -50.16 5.93 -92.55
C LYS V 71 -50.74 7.22 -91.98
N MET V 72 -49.95 7.92 -91.15
CA MET V 72 -50.39 9.13 -90.48
C MET V 72 -50.74 10.21 -91.48
N LEU V 73 -49.85 10.49 -92.43
CA LEU V 73 -50.11 11.57 -93.36
C LEU V 73 -51.20 11.23 -94.35
N ASP V 74 -51.35 9.97 -94.77
CA ASP V 74 -52.44 9.67 -95.71
C ASP V 74 -53.79 9.68 -94.99
N MET V 75 -53.82 9.26 -93.74
CA MET V 75 -55.06 9.36 -93.00
C MET V 75 -55.35 10.78 -92.54
N LEU V 76 -54.38 11.68 -92.64
CA LEU V 76 -54.69 13.10 -92.62
C LEU V 76 -55.09 13.63 -93.99
N LYS V 77 -54.64 12.99 -95.07
CA LYS V 77 -55.08 13.37 -96.40
C LYS V 77 -56.55 13.08 -96.60
N GLN V 78 -57.01 11.95 -96.08
CA GLN V 78 -58.45 11.68 -96.08
C GLN V 78 -59.16 12.27 -94.86
N THR V 79 -58.42 12.86 -93.93
CA THR V 79 -59.00 13.88 -93.09
C THR V 79 -58.99 15.19 -93.87
N GLY V 80 -59.48 16.26 -93.25
CA GLY V 80 -59.83 17.54 -93.87
C GLY V 80 -58.97 18.15 -94.95
N ARG V 81 -57.65 17.95 -94.88
CA ARG V 81 -56.76 18.55 -95.88
C ARG V 81 -55.44 17.80 -95.95
N PRO V 82 -54.86 17.65 -97.14
CA PRO V 82 -53.47 17.14 -97.26
C PRO V 82 -52.44 18.26 -97.18
N GLU V 83 -52.35 18.92 -96.03
CA GLU V 83 -51.40 20.02 -95.96
C GLU V 83 -49.99 19.51 -95.70
N MET V 84 -49.05 20.44 -95.77
CA MET V 84 -47.63 20.12 -95.86
C MET V 84 -46.95 20.35 -94.51
N VAL V 85 -45.97 19.49 -94.20
CA VAL V 85 -45.22 19.64 -92.96
C VAL V 85 -44.33 20.87 -93.06
N VAL V 86 -44.18 21.55 -91.93
CA VAL V 86 -43.42 22.80 -91.86
C VAL V 86 -42.24 22.70 -90.90
N GLY V 87 -41.97 21.52 -90.39
CA GLY V 87 -40.87 21.34 -89.49
C GLY V 87 -41.15 20.18 -88.56
N TRP V 88 -40.80 20.37 -87.29
CA TRP V 88 -40.71 19.24 -86.38
C TRP V 88 -40.66 19.78 -84.96
N TYR V 89 -40.97 18.90 -84.01
CA TYR V 89 -40.99 19.30 -82.62
C TYR V 89 -40.37 18.22 -81.75
N HIS V 90 -40.05 18.61 -80.54
CA HIS V 90 -39.50 17.70 -79.54
C HIS V 90 -39.72 18.34 -78.18
N SER V 91 -39.09 17.76 -77.15
CA SER V 91 -39.11 18.33 -75.82
C SER V 91 -37.72 18.21 -75.21
N HIS V 92 -37.49 18.99 -74.16
CA HIS V 92 -36.39 18.76 -73.23
C HIS V 92 -36.86 19.09 -71.82
N PRO V 93 -37.59 18.17 -71.18
CA PRO V 93 -38.12 18.46 -69.84
C PRO V 93 -37.07 18.50 -68.75
N GLY V 94 -35.84 18.09 -69.03
CA GLY V 94 -34.84 17.98 -68.00
C GLY V 94 -34.05 19.24 -67.72
N PHE V 95 -34.12 20.24 -68.59
CA PHE V 95 -33.24 21.39 -68.41
C PHE V 95 -33.86 22.61 -69.08
N GLY V 96 -33.06 23.66 -69.23
CA GLY V 96 -33.51 24.93 -69.77
C GLY V 96 -33.44 25.08 -71.26
N CYS V 97 -34.02 24.11 -71.98
CA CYS V 97 -34.44 24.15 -73.37
C CYS V 97 -33.43 24.69 -74.39
N TRP V 98 -32.31 24.00 -74.55
CA TRP V 98 -31.35 24.33 -75.60
C TRP V 98 -31.04 23.09 -76.43
N LEU V 99 -30.27 23.29 -77.49
CA LEU V 99 -30.23 22.38 -78.65
C LEU V 99 -29.35 21.18 -78.37
N SER V 100 -29.95 19.99 -78.36
CA SER V 100 -29.22 18.76 -78.12
C SER V 100 -28.42 18.35 -79.35
N GLY V 101 -27.64 17.26 -79.20
CA GLY V 101 -26.84 16.78 -80.30
C GLY V 101 -27.66 16.07 -81.36
N VAL V 102 -28.73 15.39 -80.93
CA VAL V 102 -29.64 14.71 -81.85
C VAL V 102 -30.30 15.70 -82.80
N ASP V 103 -30.56 16.92 -82.30
CA ASP V 103 -31.20 17.94 -83.11
C ASP V 103 -30.31 18.36 -84.27
N ILE V 104 -29.01 18.54 -84.03
CA ILE V 104 -28.13 18.87 -85.13
C ILE V 104 -27.81 17.62 -85.94
N ASN V 105 -28.01 16.42 -85.39
CA ASN V 105 -27.86 15.20 -86.19
C ASN V 105 -28.99 15.04 -87.19
N THR V 106 -30.18 15.51 -86.86
CA THR V 106 -31.34 15.38 -87.73
C THR V 106 -31.65 16.67 -88.45
N GLN V 107 -30.91 17.73 -88.17
CA GLN V 107 -31.17 19.01 -88.80
C GLN V 107 -30.92 18.95 -90.30
N GLN V 108 -29.84 18.27 -90.72
CA GLN V 108 -29.60 18.12 -92.15
C GLN V 108 -30.64 17.21 -92.80
N SER V 109 -31.15 16.23 -92.05
CA SER V 109 -32.20 15.37 -92.57
C SER V 109 -33.49 16.15 -92.79
N PHE V 110 -33.80 17.04 -91.86
CA PHE V 110 -35.02 17.81 -91.96
C PHE V 110 -34.93 18.92 -93.00
N GLU V 111 -33.76 19.54 -93.15
CA GLU V 111 -33.60 20.52 -94.22
C GLU V 111 -33.39 19.85 -95.57
N ALA V 112 -33.13 18.55 -95.59
CA ALA V 112 -33.31 17.77 -96.81
C ALA V 112 -34.77 17.46 -97.05
N LEU V 113 -35.57 17.36 -95.99
CA LEU V 113 -36.99 17.13 -96.11
C LEU V 113 -37.78 18.43 -96.31
N SER V 114 -37.40 19.49 -95.61
CA SER V 114 -38.12 20.76 -95.65
C SER V 114 -37.21 21.88 -96.11
N GLU V 115 -37.83 23.02 -96.41
CA GLU V 115 -37.08 24.19 -96.85
C GLU V 115 -36.50 24.95 -95.67
N ARG V 116 -37.37 25.44 -94.78
CA ARG V 116 -36.89 26.06 -93.55
C ARG V 116 -36.47 25.00 -92.55
N ALA V 117 -37.36 24.04 -92.28
CA ALA V 117 -37.18 22.94 -91.32
C ALA V 117 -36.87 23.46 -89.93
N VAL V 118 -37.85 24.15 -89.36
CA VAL V 118 -37.64 24.91 -88.14
C VAL V 118 -37.91 24.02 -86.93
N ALA V 119 -36.99 24.05 -85.97
CA ALA V 119 -37.11 23.27 -84.74
C ALA V 119 -38.17 23.84 -83.82
N VAL V 120 -38.56 23.04 -82.83
CA VAL V 120 -39.48 23.44 -81.76
C VAL V 120 -38.95 22.86 -80.46
N VAL V 121 -38.58 23.74 -79.52
CA VAL V 121 -37.93 23.35 -78.27
C VAL V 121 -38.84 23.76 -77.13
N VAL V 122 -39.07 22.84 -76.18
CA VAL V 122 -40.05 23.11 -75.14
C VAL V 122 -39.62 22.45 -73.82
N ASP V 123 -40.05 23.04 -72.72
CA ASP V 123 -39.94 22.45 -71.38
C ASP V 123 -41.35 22.44 -70.82
N PRO V 124 -41.90 21.27 -70.49
CA PRO V 124 -43.29 21.20 -70.02
C PRO V 124 -43.50 21.49 -68.54
N ILE V 125 -42.48 21.92 -67.79
CA ILE V 125 -42.75 22.28 -66.39
C ILE V 125 -42.39 23.74 -66.21
N GLN V 126 -43.30 24.64 -66.56
CA GLN V 126 -42.97 26.05 -66.42
C GLN V 126 -43.99 26.89 -65.64
N SER V 127 -45.24 26.93 -66.09
CA SER V 127 -46.21 27.88 -65.57
C SER V 127 -47.62 27.38 -65.85
N VAL V 128 -48.61 28.23 -65.58
CA VAL V 128 -50.01 27.84 -65.74
C VAL V 128 -50.74 28.76 -66.73
N LYS V 129 -50.31 30.03 -66.86
CA LYS V 129 -50.90 30.86 -67.90
C LYS V 129 -49.90 31.72 -68.66
N GLY V 130 -48.67 31.86 -68.18
CA GLY V 130 -47.82 32.93 -68.66
C GLY V 130 -46.78 32.61 -69.70
N LYS V 131 -45.99 31.56 -69.49
CA LYS V 131 -44.74 31.42 -70.21
C LYS V 131 -44.99 30.95 -71.65
N VAL V 132 -44.07 31.35 -72.53
CA VAL V 132 -44.12 31.17 -73.98
C VAL V 132 -43.03 30.20 -74.41
N VAL V 133 -42.83 29.14 -73.59
CA VAL V 133 -41.67 28.25 -73.47
C VAL V 133 -41.08 27.79 -74.80
N ILE V 134 -41.92 27.75 -75.85
CA ILE V 134 -41.52 27.27 -77.17
C ILE V 134 -40.35 28.10 -77.74
N ASP V 135 -39.46 27.39 -78.44
CA ASP V 135 -38.24 27.99 -78.96
C ASP V 135 -37.92 27.36 -80.31
N ALA V 136 -37.62 28.20 -81.29
CA ALA V 136 -37.51 27.79 -82.68
C ALA V 136 -36.24 28.36 -83.28
N PHE V 137 -35.68 27.67 -84.27
CA PHE V 137 -34.33 28.02 -84.71
C PHE V 137 -34.18 27.82 -86.21
N ARG V 138 -33.01 28.21 -86.71
CA ARG V 138 -32.62 27.96 -88.10
C ARG V 138 -31.11 27.85 -88.14
N LEU V 139 -30.60 26.62 -88.27
CA LEU V 139 -29.16 26.41 -88.41
C LEU V 139 -28.70 26.88 -89.77
N ILE V 140 -27.88 27.93 -89.79
CA ILE V 140 -27.27 28.39 -91.03
C ILE V 140 -25.97 27.62 -91.24
N ASN V 141 -25.67 27.33 -92.50
CA ASN V 141 -24.62 26.38 -92.85
C ASN V 141 -23.24 26.97 -92.61
N ALA V 142 -22.28 26.08 -92.35
CA ALA V 142 -20.88 26.48 -92.22
C ALA V 142 -20.24 26.79 -93.55
N ASN V 143 -20.88 26.45 -94.68
CA ASN V 143 -20.33 26.77 -95.99
C ASN V 143 -20.41 28.26 -96.29
N MET V 144 -21.26 29.00 -95.60
CA MET V 144 -21.35 30.45 -95.76
C MET V 144 -20.56 31.18 -94.68
N MET V 145 -19.43 30.58 -94.30
CA MET V 145 -18.49 31.20 -93.38
C MET V 145 -17.68 32.33 -94.03
N VAL V 146 -17.65 32.38 -95.36
CA VAL V 146 -17.00 33.50 -96.05
C VAL V 146 -17.85 34.75 -95.93
N LEU V 147 -19.13 34.63 -96.27
CA LEU V 147 -20.05 35.75 -96.23
C LEU V 147 -20.43 36.06 -94.79
N GLY V 148 -21.03 37.24 -94.58
CA GLY V 148 -21.45 37.62 -93.24
C GLY V 148 -22.58 36.77 -92.72
N HIS V 149 -22.70 36.73 -91.40
CA HIS V 149 -23.54 35.78 -90.72
C HIS V 149 -24.83 36.46 -90.26
N GLU V 150 -25.98 35.88 -90.66
CA GLU V 150 -27.35 36.35 -90.44
C GLU V 150 -27.60 37.76 -90.96
N PRO V 151 -27.66 37.96 -92.29
CA PRO V 151 -27.85 39.32 -92.84
C PRO V 151 -29.19 39.94 -92.50
N ARG V 152 -30.28 39.24 -92.85
CA ARG V 152 -31.65 39.57 -92.47
C ARG V 152 -32.08 40.96 -92.92
N GLN V 153 -32.32 41.09 -94.25
CA GLN V 153 -32.14 42.31 -95.08
C GLN V 153 -32.40 43.64 -94.37
N THR V 154 -33.37 43.70 -93.46
CA THR V 154 -33.71 44.93 -92.77
C THR V 154 -33.09 45.00 -91.39
N THR V 155 -33.19 43.90 -90.64
CA THR V 155 -32.63 43.74 -89.30
C THR V 155 -33.17 44.82 -88.34
N SER V 156 -34.40 45.28 -88.60
CA SER V 156 -35.13 46.18 -87.70
C SER V 156 -36.26 45.46 -86.98
N ASN V 157 -37.07 44.68 -87.68
CA ASN V 157 -37.93 43.76 -86.96
C ASN V 157 -37.13 42.58 -86.41
N LEU V 158 -35.98 42.29 -86.99
CA LEU V 158 -35.08 41.32 -86.36
C LEU V 158 -34.47 41.90 -85.09
N GLY V 159 -34.19 43.20 -85.08
CA GLY V 159 -33.81 43.86 -83.84
C GLY V 159 -34.94 43.98 -82.86
N HIS V 160 -36.18 44.03 -83.36
CA HIS V 160 -37.36 43.97 -82.52
C HIS V 160 -37.76 42.54 -82.15
N LEU V 161 -37.03 41.57 -82.67
CA LEU V 161 -36.96 40.21 -82.14
C LEU V 161 -35.84 40.08 -81.12
N ASN V 162 -34.77 40.86 -81.28
CA ASN V 162 -33.54 40.80 -80.51
C ASN V 162 -33.69 41.26 -79.06
N LYS V 163 -34.92 41.58 -78.64
CA LYS V 163 -35.24 42.34 -77.43
C LYS V 163 -34.62 41.82 -76.13
N PRO V 164 -34.73 40.51 -75.74
CA PRO V 164 -34.17 40.15 -74.43
C PRO V 164 -32.75 39.60 -74.45
N SER V 165 -32.23 39.25 -75.63
CA SER V 165 -31.03 38.42 -75.81
C SER V 165 -31.14 37.15 -74.96
N ILE V 166 -32.19 36.38 -75.25
CA ILE V 166 -32.65 35.35 -74.32
C ILE V 166 -31.74 34.13 -74.36
N GLN V 167 -31.76 33.36 -73.25
CA GLN V 167 -31.17 32.02 -73.13
C GLN V 167 -29.67 32.01 -73.35
N ALA V 168 -28.92 32.44 -72.33
CA ALA V 168 -27.48 32.69 -72.43
C ALA V 168 -26.67 31.47 -72.90
N LEU V 169 -27.19 30.25 -72.73
CA LEU V 169 -26.46 29.13 -73.32
C LEU V 169 -26.75 28.99 -74.81
N ILE V 170 -27.96 29.35 -75.27
CA ILE V 170 -28.20 29.42 -76.71
C ILE V 170 -27.44 30.57 -77.33
N HIS V 171 -27.33 31.70 -76.62
CA HIS V 171 -26.48 32.77 -77.11
C HIS V 171 -25.00 32.40 -77.01
N GLY V 172 -24.65 31.42 -76.18
CA GLY V 172 -23.39 30.72 -76.38
C GLY V 172 -23.42 29.89 -77.66
N LEU V 173 -24.57 29.32 -77.98
CA LEU V 173 -24.79 28.53 -79.18
C LEU V 173 -25.18 29.40 -80.37
N ASN V 174 -24.83 30.69 -80.32
CA ASN V 174 -25.02 31.64 -81.41
C ASN V 174 -24.10 31.34 -82.60
N ARG V 175 -23.24 30.34 -82.46
CA ARG V 175 -22.54 29.77 -83.59
C ARG V 175 -23.56 29.11 -84.48
N HIS V 176 -23.95 29.85 -85.53
CA HIS V 176 -24.87 29.41 -86.58
C HIS V 176 -26.27 29.10 -86.04
N TYR V 177 -26.72 29.88 -85.06
CA TYR V 177 -28.09 29.77 -84.59
C TYR V 177 -28.64 31.13 -84.21
N TYR V 178 -29.97 31.21 -84.22
CA TYR V 178 -30.72 32.40 -83.88
C TYR V 178 -32.17 31.97 -83.69
N SER V 179 -32.86 32.59 -82.74
CA SER V 179 -34.27 32.31 -82.60
C SER V 179 -35.06 33.11 -83.63
N ILE V 180 -36.35 32.82 -83.72
CA ILE V 180 -37.20 33.41 -84.74
C ILE V 180 -38.43 34.00 -84.05
N THR V 181 -39.10 34.91 -84.76
CA THR V 181 -40.34 35.51 -84.29
C THR V 181 -41.47 34.49 -84.33
N ILE V 182 -42.17 34.34 -83.20
CA ILE V 182 -43.40 33.56 -83.14
C ILE V 182 -44.46 34.43 -82.48
N ASN V 183 -45.41 34.91 -83.26
CA ASN V 183 -46.61 35.56 -82.75
C ASN V 183 -47.71 34.53 -82.52
N TYR V 184 -48.64 34.88 -81.64
CA TYR V 184 -49.79 34.04 -81.33
C TYR V 184 -50.98 34.69 -82.02
N ARG V 185 -51.17 34.36 -83.29
CA ARG V 185 -52.06 35.16 -84.10
C ARG V 185 -53.53 34.85 -83.81
N LYS V 186 -54.39 35.71 -84.32
CA LYS V 186 -55.83 35.65 -84.08
C LYS V 186 -56.46 34.57 -84.94
N ASN V 187 -57.51 33.96 -84.42
CA ASN V 187 -58.43 33.16 -85.22
C ASN V 187 -59.83 33.69 -84.97
N GLU V 188 -60.33 34.52 -85.89
CA GLU V 188 -61.67 35.10 -85.79
C GLU V 188 -62.75 34.02 -85.73
N LEU V 189 -62.50 32.88 -86.39
CA LEU V 189 -63.35 31.72 -86.27
C LEU V 189 -63.31 31.11 -84.86
N GLU V 190 -62.28 31.41 -84.07
CA GLU V 190 -62.03 30.68 -82.84
C GLU V 190 -61.82 31.57 -81.62
N GLN V 191 -61.35 32.81 -81.81
CA GLN V 191 -60.90 33.61 -80.67
C GLN V 191 -62.06 34.06 -79.80
N LYS V 192 -63.10 34.61 -80.43
CA LYS V 192 -64.25 35.08 -79.67
C LYS V 192 -65.01 33.91 -79.06
N MET V 193 -64.99 32.74 -79.70
CA MET V 193 -65.70 31.63 -79.09
C MET V 193 -64.88 30.94 -78.00
N LEU V 194 -63.55 30.97 -78.10
CA LEU V 194 -62.72 30.58 -76.96
C LEU V 194 -62.95 31.50 -75.78
N LEU V 195 -63.06 32.80 -76.08
CA LEU V 195 -63.42 33.78 -75.06
C LEU V 195 -64.80 33.48 -74.49
N ASN V 196 -65.72 33.01 -75.34
CA ASN V 196 -67.06 32.65 -74.89
C ASN V 196 -67.01 31.47 -73.92
N LEU V 197 -66.34 30.38 -74.33
CA LEU V 197 -66.02 29.23 -73.48
C LEU V 197 -65.47 29.61 -72.12
N HIS V 198 -64.29 30.23 -72.15
CA HIS V 198 -63.56 30.76 -71.00
C HIS V 198 -64.42 31.60 -70.05
N LYS V 199 -64.88 32.76 -70.52
CA LYS V 199 -65.60 33.71 -69.67
C LYS V 199 -66.96 33.16 -69.25
N LYS V 200 -67.82 32.88 -70.22
CA LYS V 200 -69.21 32.52 -69.96
C LYS V 200 -69.35 31.12 -69.37
N SER V 201 -68.27 30.32 -69.32
CA SER V 201 -68.26 29.11 -68.52
C SER V 201 -67.59 29.30 -67.16
N TRP V 202 -66.90 30.42 -66.94
CA TRP V 202 -66.35 30.66 -65.60
C TRP V 202 -67.10 31.70 -64.79
N MET V 203 -67.91 32.56 -65.43
CA MET V 203 -68.78 33.48 -64.70
C MET V 203 -70.01 32.70 -64.26
N GLU V 204 -69.89 32.07 -63.09
CA GLU V 204 -70.91 31.22 -62.46
C GLU V 204 -71.30 30.00 -63.29
N GLY V 205 -70.56 29.68 -64.35
CA GLY V 205 -70.82 28.49 -65.14
C GLY V 205 -72.01 28.63 -66.06
N LEU V 206 -73.21 28.57 -65.48
CA LEU V 206 -74.45 28.82 -66.19
C LEU V 206 -74.89 30.27 -66.07
N THR V 207 -74.07 31.08 -65.37
CA THR V 207 -74.32 32.48 -65.00
C THR V 207 -75.53 32.64 -64.08
N LEU V 208 -75.98 31.57 -63.41
CA LEU V 208 -77.18 31.67 -62.58
C LEU V 208 -77.05 30.97 -61.23
N GLN V 209 -75.85 30.74 -60.73
CA GLN V 209 -75.67 29.71 -59.72
C GLN V 209 -75.43 30.25 -58.31
N ASP V 210 -74.46 31.13 -58.09
CA ASP V 210 -74.21 31.63 -56.73
C ASP V 210 -74.66 33.08 -56.59
N TYR V 211 -75.71 33.43 -57.31
CA TYR V 211 -76.29 34.77 -57.24
C TYR V 211 -77.80 34.69 -57.27
N VAL V 221 -67.88 29.75 -46.25
CA VAL V 221 -68.55 30.15 -47.47
C VAL V 221 -69.01 31.59 -47.38
N VAL V 222 -70.04 31.82 -46.57
CA VAL V 222 -70.60 33.17 -46.43
C VAL V 222 -70.79 33.49 -44.96
N LYS V 223 -70.78 32.45 -44.11
CA LYS V 223 -71.13 32.62 -42.71
C LYS V 223 -70.06 32.13 -41.74
N GLU V 224 -68.93 31.66 -42.24
CA GLU V 224 -67.78 31.33 -41.43
C GLU V 224 -66.54 32.09 -41.85
N MET V 225 -66.53 32.60 -43.08
CA MET V 225 -65.57 33.61 -43.49
C MET V 225 -65.73 34.91 -42.72
N LEU V 226 -66.88 35.11 -42.04
CA LEU V 226 -67.01 36.14 -41.01
C LEU V 226 -65.90 36.05 -39.99
N GLU V 227 -65.80 34.88 -39.34
CA GLU V 227 -64.78 34.67 -38.33
C GLU V 227 -63.40 34.61 -38.94
N LEU V 228 -63.29 33.99 -40.12
CA LEU V 228 -61.99 33.90 -40.79
C LEU V 228 -61.44 35.29 -41.16
N ALA V 229 -62.31 36.16 -41.68
CA ALA V 229 -61.90 37.49 -42.07
C ALA V 229 -61.65 38.38 -40.85
N LYS V 230 -62.40 38.19 -39.76
CA LYS V 230 -62.15 39.03 -38.58
C LYS V 230 -60.82 38.66 -37.94
N ASN V 231 -60.45 37.37 -37.97
CA ASN V 231 -59.13 36.96 -37.52
C ASN V 231 -58.05 37.58 -38.39
N TYR V 232 -58.14 37.31 -39.70
CA TYR V 232 -57.17 37.75 -40.71
C TYR V 232 -57.05 39.26 -40.79
N ASN V 233 -58.04 40.00 -40.33
CA ASN V 233 -57.96 41.45 -40.28
C ASN V 233 -57.36 41.93 -38.96
N LYS V 234 -57.97 41.56 -37.83
CA LYS V 234 -57.61 42.18 -36.56
C LYS V 234 -56.21 41.79 -36.10
N ALA V 235 -55.83 40.53 -36.35
CA ALA V 235 -54.49 40.06 -35.95
C ALA V 235 -53.39 40.80 -36.69
N VAL V 236 -53.66 41.26 -37.91
CA VAL V 236 -52.71 42.10 -38.63
C VAL V 236 -52.89 43.57 -38.26
N GLU V 237 -54.10 43.95 -37.81
CA GLU V 237 -54.34 45.35 -37.51
C GLU V 237 -53.62 45.83 -36.27
N GLU V 238 -53.38 44.97 -35.28
CA GLU V 238 -52.66 45.51 -34.12
C GLU V 238 -51.19 45.80 -34.47
N GLU V 239 -50.58 44.99 -35.34
CA GLU V 239 -49.24 45.37 -35.75
C GLU V 239 -49.25 46.45 -36.81
N ASP V 240 -50.40 46.66 -37.47
CA ASP V 240 -50.56 47.83 -38.32
C ASP V 240 -50.61 49.11 -37.52
N LYS V 241 -51.10 49.06 -36.28
CA LYS V 241 -51.18 50.27 -35.46
C LYS V 241 -50.05 50.40 -34.47
N MET V 242 -49.11 49.43 -34.41
CA MET V 242 -47.94 49.59 -33.55
C MET V 242 -47.08 50.81 -33.94
N THR V 243 -46.82 50.98 -35.23
CA THR V 243 -45.81 51.95 -35.66
C THR V 243 -46.05 53.44 -35.35
N PRO V 244 -47.26 53.97 -35.14
CA PRO V 244 -47.35 55.34 -34.60
C PRO V 244 -46.78 55.54 -33.20
N GLU V 245 -46.45 54.48 -32.46
CA GLU V 245 -45.59 54.61 -31.30
C GLU V 245 -44.22 55.16 -31.70
N GLN V 246 -43.72 54.72 -32.84
CA GLN V 246 -42.36 55.02 -33.23
C GLN V 246 -42.26 56.17 -34.22
N LEU V 247 -43.39 56.63 -34.76
CA LEU V 247 -43.37 57.84 -35.56
C LEU V 247 -42.90 59.04 -34.73
N ALA V 248 -42.14 59.92 -35.39
CA ALA V 248 -41.52 61.06 -34.72
C ALA V 248 -41.21 62.11 -35.77
N ILE V 249 -40.36 63.08 -35.39
CA ILE V 249 -39.96 64.20 -36.23
C ILE V 249 -38.45 64.02 -36.34
N LYS V 250 -37.72 65.02 -36.89
CA LYS V 250 -36.36 64.94 -37.42
C LYS V 250 -36.34 63.96 -38.59
N ASN V 251 -36.89 64.43 -39.72
CA ASN V 251 -37.42 63.73 -40.89
C ASN V 251 -36.69 62.47 -41.33
N VAL V 252 -35.37 62.55 -41.56
CA VAL V 252 -34.61 61.38 -41.97
C VAL V 252 -33.96 60.68 -40.80
N GLY V 253 -33.99 61.28 -39.60
CA GLY V 253 -33.45 60.68 -38.40
C GLY V 253 -34.22 59.49 -37.86
N LYS V 254 -35.29 59.08 -38.53
CA LYS V 254 -36.00 57.83 -38.26
C LYS V 254 -36.07 57.05 -39.57
N GLN V 255 -35.88 55.73 -39.49
CA GLN V 255 -35.86 54.87 -40.68
C GLN V 255 -36.66 53.60 -40.38
N ASP V 256 -37.98 53.66 -40.63
CA ASP V 256 -38.85 52.51 -40.93
C ASP V 256 -40.19 52.90 -41.58
N PRO V 257 -40.21 53.47 -42.82
CA PRO V 257 -41.52 53.72 -43.45
C PRO V 257 -42.12 52.49 -44.12
N LYS V 258 -43.21 51.96 -43.55
CA LYS V 258 -43.97 50.92 -44.22
C LYS V 258 -45.45 51.22 -44.11
N ARG V 259 -46.18 50.98 -45.19
CA ARG V 259 -47.62 51.18 -45.21
C ARG V 259 -48.26 50.11 -44.33
N HIS V 260 -49.45 50.41 -43.83
CA HIS V 260 -50.17 49.47 -42.99
C HIS V 260 -51.60 49.22 -43.43
N LEU V 261 -52.13 50.02 -44.35
CA LEU V 261 -53.52 49.94 -44.76
C LEU V 261 -53.79 48.78 -45.72
N GLU V 262 -52.75 48.05 -46.12
CA GLU V 262 -52.88 47.01 -47.13
C GLU V 262 -53.66 45.82 -46.58
N GLU V 263 -54.53 45.27 -47.44
CA GLU V 263 -55.42 44.15 -47.18
C GLU V 263 -56.39 44.40 -46.02
N HIS V 264 -56.56 45.65 -45.61
CA HIS V 264 -57.63 46.00 -44.70
C HIS V 264 -58.49 47.10 -45.26
N VAL V 265 -58.04 47.78 -46.31
CA VAL V 265 -59.01 48.45 -47.14
C VAL V 265 -59.66 47.35 -47.94
N ASP V 266 -58.91 46.77 -48.88
CA ASP V 266 -59.52 46.09 -50.02
C ASP V 266 -60.11 44.73 -49.68
N VAL V 267 -59.45 43.95 -48.82
CA VAL V 267 -60.00 42.67 -48.41
C VAL V 267 -61.31 42.86 -47.66
N LEU V 268 -61.36 43.87 -46.79
CA LEU V 268 -62.61 44.17 -46.11
C LEU V 268 -63.65 44.75 -47.05
N MET V 269 -63.22 45.52 -48.05
CA MET V 269 -64.15 46.06 -49.04
C MET V 269 -64.84 44.94 -49.80
N THR V 270 -64.04 44.09 -50.45
CA THR V 270 -64.57 42.96 -51.22
C THR V 270 -65.38 42.02 -50.34
N SER V 271 -64.84 41.66 -49.17
CA SER V 271 -65.51 40.81 -48.20
C SER V 271 -66.90 41.32 -47.83
N ASN V 272 -66.96 42.51 -47.24
CA ASN V 272 -68.22 42.99 -46.69
C ASN V 272 -69.21 43.39 -47.77
N ILE V 273 -68.75 43.90 -48.92
CA ILE V 273 -69.69 44.26 -49.97
C ILE V 273 -70.28 43.02 -50.64
N VAL V 274 -69.45 42.00 -50.89
CA VAL V 274 -69.98 40.78 -51.48
C VAL V 274 -70.87 40.04 -50.48
N GLN V 275 -70.57 40.10 -49.19
CA GLN V 275 -71.47 39.40 -48.28
C GLN V 275 -72.69 40.23 -47.91
N CYS V 276 -72.69 41.54 -48.10
CA CYS V 276 -73.96 42.23 -47.96
C CYS V 276 -74.82 42.07 -49.20
N LEU V 277 -74.21 41.88 -50.38
CA LEU V 277 -74.99 41.43 -51.52
C LEU V 277 -75.47 39.99 -51.34
N ALA V 278 -74.72 39.20 -50.57
CA ALA V 278 -75.20 37.88 -50.20
C ALA V 278 -76.38 37.99 -49.25
N ALA V 279 -76.41 39.03 -48.41
CA ALA V 279 -77.61 39.34 -47.65
C ALA V 279 -78.70 39.92 -48.53
N MET V 280 -78.37 40.39 -49.73
CA MET V 280 -79.35 40.84 -50.69
C MET V 280 -79.91 39.74 -51.57
N LEU V 281 -79.23 38.59 -51.61
CA LEU V 281 -79.67 37.44 -52.40
C LEU V 281 -81.11 37.03 -52.10
N ASP V 282 -81.52 37.13 -50.84
CA ASP V 282 -82.86 36.68 -50.49
C ASP V 282 -83.93 37.57 -51.07
N THR V 283 -83.72 38.89 -51.08
CA THR V 283 -84.65 39.77 -51.75
C THR V 283 -84.50 39.77 -53.26
N VAL V 284 -83.32 39.42 -53.78
CA VAL V 284 -83.14 39.40 -55.22
C VAL V 284 -83.81 38.16 -55.82
N VAL V 285 -83.47 36.99 -55.31
CA VAL V 285 -84.12 35.76 -55.75
C VAL V 285 -85.57 35.75 -55.31
N PHE V 286 -85.78 35.76 -54.00
CA PHE V 286 -87.12 35.80 -53.44
C PHE V 286 -87.67 37.20 -53.63
N LYS V 287 -88.53 37.36 -54.65
CA LYS V 287 -89.20 38.61 -55.03
C LYS V 287 -88.24 39.78 -55.26
N MET W 1 -104.29 119.42 -41.14
CA MET W 1 -104.51 119.32 -39.70
C MET W 1 -105.75 118.51 -39.35
N TYR W 2 -106.91 118.91 -39.88
CA TYR W 2 -108.15 118.13 -39.83
C TYR W 2 -108.66 117.98 -38.40
N GLU W 3 -109.40 118.99 -37.93
CA GLU W 3 -109.63 119.40 -36.54
C GLU W 3 -109.87 118.29 -35.53
N GLN W 4 -110.92 117.50 -35.70
CA GLN W 4 -110.99 116.18 -35.09
C GLN W 4 -111.86 115.30 -35.97
N LEU W 5 -111.27 114.23 -36.50
CA LEU W 5 -112.08 113.30 -37.28
C LEU W 5 -112.86 112.38 -36.36
N LYS W 6 -112.33 112.11 -35.18
CA LYS W 6 -112.97 111.28 -34.18
C LYS W 6 -113.94 112.05 -33.29
N GLY W 7 -114.90 112.77 -33.88
CA GLY W 7 -115.93 113.45 -33.13
C GLY W 7 -116.94 112.53 -32.48
N GLU W 8 -116.93 111.24 -32.84
CA GLU W 8 -117.82 110.23 -32.29
C GLU W 8 -116.94 109.10 -31.75
N TRP W 9 -116.03 109.50 -30.86
CA TRP W 9 -115.03 108.60 -30.28
C TRP W 9 -115.68 107.43 -29.53
N ASN W 10 -116.73 107.68 -28.76
CA ASN W 10 -117.48 106.61 -28.11
C ASN W 10 -118.64 106.09 -28.98
N ARG W 11 -118.75 106.56 -30.22
CA ARG W 11 -119.80 106.15 -31.13
C ARG W 11 -119.09 105.66 -32.39
N LYS W 12 -118.19 104.70 -32.18
CA LYS W 12 -117.18 104.24 -33.11
C LYS W 12 -117.75 103.80 -34.46
N SER W 13 -118.55 102.75 -34.47
CA SER W 13 -119.20 102.28 -35.70
C SER W 13 -120.46 101.50 -35.35
N PRO W 14 -121.61 102.19 -35.28
CA PRO W 14 -122.88 101.50 -35.49
C PRO W 14 -123.19 101.27 -36.96
N ASN W 15 -122.40 101.83 -37.86
CA ASN W 15 -122.53 101.66 -39.30
C ASN W 15 -121.13 101.56 -39.90
N LEU W 16 -121.03 101.69 -41.22
CA LEU W 16 -119.75 101.85 -41.89
C LEU W 16 -119.54 103.29 -42.34
N SER W 17 -120.12 104.23 -41.60
CA SER W 17 -120.07 105.64 -41.95
C SER W 17 -118.66 106.18 -41.77
N LYS W 18 -118.17 106.11 -40.54
CA LYS W 18 -116.79 106.51 -40.31
C LYS W 18 -115.80 105.46 -40.78
N CYS W 19 -116.25 104.28 -41.19
CA CYS W 19 -115.35 103.34 -41.86
C CYS W 19 -115.05 103.78 -43.28
N GLY W 20 -116.07 104.24 -44.02
CA GLY W 20 -115.83 104.85 -45.32
C GLY W 20 -115.07 106.15 -45.20
N GLU W 21 -115.42 106.97 -44.19
CA GLU W 21 -114.65 108.17 -43.89
C GLU W 21 -113.22 107.84 -43.46
N GLU W 22 -113.02 106.65 -42.88
CA GLU W 22 -111.69 106.22 -42.44
C GLU W 22 -110.85 105.78 -43.61
N LEU W 23 -111.45 105.07 -44.56
CA LEU W 23 -110.77 104.77 -45.81
C LEU W 23 -110.36 106.06 -46.52
N GLY W 24 -111.29 107.03 -46.58
CA GLY W 24 -110.96 108.32 -47.18
C GLY W 24 -109.89 109.08 -46.42
N ARG W 25 -109.88 108.98 -45.10
CA ARG W 25 -108.97 109.79 -44.28
C ARG W 25 -107.58 109.16 -44.22
N LEU W 26 -107.51 107.83 -44.13
CA LEU W 26 -106.24 107.13 -44.31
C LEU W 26 -105.69 107.34 -45.70
N LYS W 27 -106.57 107.44 -46.71
CA LYS W 27 -106.08 107.78 -48.03
C LYS W 27 -105.61 109.24 -48.09
N LEU W 28 -106.21 110.12 -47.30
CA LEU W 28 -105.69 111.49 -47.18
C LEU W 28 -104.30 111.51 -46.56
N VAL W 29 -104.06 110.64 -45.57
CA VAL W 29 -102.71 110.49 -45.00
C VAL W 29 -101.74 109.97 -46.07
N LEU W 30 -102.18 108.97 -46.83
CA LEU W 30 -101.40 108.41 -47.93
C LEU W 30 -101.11 109.44 -49.02
N LEU W 31 -102.07 110.31 -49.30
CA LEU W 31 -101.82 111.45 -50.19
C LEU W 31 -100.82 112.43 -49.59
N GLU W 32 -100.94 112.70 -48.29
CA GLU W 32 -100.19 113.82 -47.73
C GLU W 32 -98.74 113.45 -47.45
N LEU W 33 -98.48 112.56 -46.49
CA LEU W 33 -97.05 112.42 -46.23
C LEU W 33 -96.43 111.40 -47.17
N ASN W 34 -96.44 110.12 -46.82
CA ASN W 34 -96.85 108.99 -47.66
C ASN W 34 -97.24 107.89 -46.68
N PHE W 35 -96.42 107.82 -45.64
CA PHE W 35 -96.34 106.84 -44.58
C PHE W 35 -95.29 107.46 -43.66
N LEU W 36 -94.42 106.64 -43.08
CA LEU W 36 -93.26 107.20 -42.40
C LEU W 36 -91.87 106.77 -42.89
N PRO W 37 -91.54 106.82 -44.22
CA PRO W 37 -90.11 106.94 -44.56
C PRO W 37 -89.66 108.38 -44.69
N THR W 38 -89.92 109.22 -43.68
CA THR W 38 -89.57 110.62 -43.72
C THR W 38 -88.92 110.98 -42.39
N THR W 39 -88.00 111.94 -42.43
CA THR W 39 -87.40 112.43 -41.18
C THR W 39 -88.42 113.21 -40.36
N GLY W 40 -89.24 114.02 -41.02
CA GLY W 40 -90.32 114.71 -40.35
C GLY W 40 -89.87 115.93 -39.57
N THR W 41 -90.78 116.88 -39.44
CA THR W 41 -90.52 118.10 -38.70
C THR W 41 -91.31 118.10 -37.39
N LYS W 42 -91.86 116.93 -37.03
CA LYS W 42 -92.55 116.57 -35.79
C LYS W 42 -93.94 117.20 -35.71
N LEU W 43 -94.26 118.14 -36.60
CA LEU W 43 -95.63 118.61 -36.75
C LEU W 43 -96.38 117.86 -37.83
N THR W 44 -95.66 117.29 -38.80
CA THR W 44 -96.26 116.28 -39.67
C THR W 44 -96.30 114.93 -38.99
N LYS W 45 -95.64 114.78 -37.84
CA LYS W 45 -95.77 113.59 -37.02
C LYS W 45 -96.91 113.68 -36.02
N GLN W 46 -97.48 114.87 -35.81
CA GLN W 46 -98.67 114.97 -34.98
C GLN W 46 -99.85 114.27 -35.65
N GLN W 47 -100.02 114.47 -36.96
CA GLN W 47 -101.02 113.68 -37.67
C GLN W 47 -100.57 112.24 -37.89
N LEU W 48 -99.28 111.92 -37.70
CA LEU W 48 -98.91 110.51 -37.64
C LEU W 48 -99.33 109.86 -36.32
N ILE W 49 -99.33 110.62 -35.22
CA ILE W 49 -99.90 110.11 -33.98
C ILE W 49 -101.41 109.94 -34.11
N LEU W 50 -102.06 110.92 -34.77
CA LEU W 50 -103.47 110.75 -35.12
C LEU W 50 -103.68 109.54 -36.03
N ALA W 51 -102.72 109.27 -36.92
CA ALA W 51 -102.80 108.10 -37.77
C ALA W 51 -102.65 106.82 -36.97
N ARG W 52 -101.81 106.84 -35.93
CA ARG W 52 -101.70 105.71 -35.02
C ARG W 52 -103.03 105.41 -34.35
N ASP W 53 -103.66 106.44 -33.80
CA ASP W 53 -104.89 106.23 -33.06
C ASP W 53 -106.05 105.87 -33.97
N ILE W 54 -106.07 106.40 -35.21
CA ILE W 54 -107.15 106.00 -36.10
C ILE W 54 -106.85 104.66 -36.77
N LEU W 55 -105.60 104.18 -36.76
CA LEU W 55 -105.36 102.80 -37.14
C LEU W 55 -105.59 101.83 -35.98
N GLU W 56 -105.53 102.32 -34.75
CA GLU W 56 -106.03 101.54 -33.62
C GLU W 56 -107.54 101.35 -33.73
N ILE W 57 -108.27 102.43 -34.02
CA ILE W 57 -109.71 102.28 -34.20
C ILE W 57 -110.03 101.59 -35.53
N GLY W 58 -109.10 101.61 -36.50
CA GLY W 58 -109.27 100.80 -37.68
C GLY W 58 -109.03 99.33 -37.42
N ALA W 59 -108.14 99.01 -36.48
CA ALA W 59 -108.01 97.63 -36.01
C ALA W 59 -109.27 97.21 -35.25
N GLN W 60 -109.85 98.12 -34.48
CA GLN W 60 -111.10 97.81 -33.81
C GLN W 60 -112.25 97.63 -34.79
N TRP W 61 -112.25 98.39 -35.89
CA TRP W 61 -113.28 98.18 -36.91
C TRP W 61 -113.00 96.94 -37.73
N SER W 62 -111.72 96.54 -37.84
CA SER W 62 -111.37 95.32 -38.56
C SER W 62 -111.70 94.08 -37.74
N ILE W 63 -111.66 94.17 -36.40
CA ILE W 63 -112.15 93.07 -35.58
C ILE W 63 -113.67 93.19 -35.40
N LEU W 64 -114.23 94.37 -35.63
CA LEU W 64 -115.68 94.54 -35.69
C LEU W 64 -116.26 93.86 -36.93
N ARG W 65 -115.56 93.96 -38.06
CA ARG W 65 -115.99 93.34 -39.30
C ARG W 65 -115.41 91.94 -39.48
N LYS W 66 -114.45 91.56 -38.65
CA LYS W 66 -113.68 90.31 -38.72
C LYS W 66 -113.01 90.18 -40.09
N ASP W 67 -112.09 91.10 -40.35
CA ASP W 67 -111.19 91.04 -41.50
C ASP W 67 -109.79 90.92 -40.90
N ILE W 68 -109.41 89.68 -40.59
CA ILE W 68 -108.18 89.35 -39.87
C ILE W 68 -106.92 89.68 -40.65
N PRO W 69 -106.78 89.42 -41.97
CA PRO W 69 -105.59 89.94 -42.66
C PRO W 69 -105.51 91.46 -42.70
N SER W 70 -106.64 92.16 -42.78
CA SER W 70 -106.60 93.61 -42.63
C SER W 70 -106.41 94.01 -41.18
N PHE W 71 -106.93 93.20 -40.25
CA PHE W 71 -106.66 93.43 -38.83
C PHE W 71 -105.18 93.31 -38.52
N GLU W 72 -104.58 92.17 -38.86
CA GLU W 72 -103.16 91.97 -38.59
C GLU W 72 -102.29 92.81 -39.51
N ARG W 73 -102.82 93.28 -40.64
CA ARG W 73 -102.08 94.19 -41.50
C ARG W 73 -102.00 95.58 -40.88
N TYR W 74 -103.12 96.07 -40.36
CA TYR W 74 -103.12 97.32 -39.60
C TYR W 74 -102.34 97.15 -38.30
N MET W 75 -102.29 95.94 -37.78
CA MET W 75 -101.51 95.66 -36.58
C MET W 75 -100.02 95.69 -36.89
N ALA W 76 -99.63 95.16 -38.04
CA ALA W 76 -98.26 95.29 -38.50
C ALA W 76 -97.91 96.74 -38.83
N GLN W 77 -98.88 97.51 -39.31
CA GLN W 77 -98.70 98.95 -39.47
C GLN W 77 -98.42 99.63 -38.13
N LEU W 78 -99.18 99.29 -37.10
CA LEU W 78 -98.97 99.91 -35.78
C LEU W 78 -97.65 99.45 -35.17
N LYS W 79 -97.26 98.21 -35.43
CA LYS W 79 -95.94 97.75 -35.00
C LYS W 79 -94.83 98.48 -35.74
N CYS W 80 -95.06 98.81 -37.02
CA CYS W 80 -94.13 99.66 -37.74
C CYS W 80 -94.20 101.11 -37.25
N TYR W 81 -95.32 101.52 -36.67
CA TYR W 81 -95.35 102.78 -35.91
C TYR W 81 -94.56 102.68 -34.61
N TYR W 82 -94.31 101.46 -34.12
CA TYR W 82 -93.39 101.30 -33.02
C TYR W 82 -92.01 100.81 -33.47
N PHE W 83 -91.92 100.29 -34.69
CA PHE W 83 -90.67 100.17 -35.43
C PHE W 83 -90.31 101.48 -36.12
N ASP W 84 -91.14 102.52 -35.95
CA ASP W 84 -90.86 103.84 -36.50
C ASP W 84 -89.56 104.39 -35.95
N TYR W 85 -88.71 104.90 -36.85
CA TYR W 85 -87.31 105.17 -36.58
C TYR W 85 -87.08 106.26 -35.54
N LYS W 86 -88.11 107.05 -35.21
CA LYS W 86 -88.09 107.95 -34.09
C LYS W 86 -88.91 107.35 -32.96
N GLU W 87 -88.25 107.08 -31.82
CA GLU W 87 -88.99 106.73 -30.61
C GLU W 87 -89.67 107.96 -30.03
N GLN W 88 -89.19 109.15 -30.39
CA GLN W 88 -89.67 110.41 -29.81
C GLN W 88 -91.06 110.71 -30.34
N LEU W 89 -92.05 110.05 -29.77
CA LEU W 89 -93.45 110.18 -30.13
C LEU W 89 -94.28 110.41 -28.88
N PRO W 90 -95.41 111.08 -29.01
CA PRO W 90 -96.38 111.11 -27.91
C PRO W 90 -96.97 109.74 -27.62
N GLU W 91 -97.67 109.68 -26.49
CA GLU W 91 -98.07 108.44 -25.85
C GLU W 91 -99.58 108.28 -25.95
N SER W 92 -100.02 107.12 -26.42
CA SER W 92 -101.43 106.78 -26.52
C SER W 92 -101.82 105.84 -25.38
N ALA W 93 -103.11 105.82 -25.06
CA ALA W 93 -103.58 105.00 -23.95
C ALA W 93 -103.49 103.51 -24.23
N TYR W 94 -103.51 103.11 -25.50
CA TYR W 94 -103.47 101.70 -25.87
C TYR W 94 -102.06 101.21 -26.17
N MET W 95 -101.04 101.95 -25.73
CA MET W 95 -99.66 101.80 -26.22
C MET W 95 -99.09 100.42 -25.93
N HIS W 96 -99.48 99.80 -24.82
CA HIS W 96 -99.00 98.48 -24.49
C HIS W 96 -100.05 97.40 -24.68
N GLN W 97 -101.33 97.69 -24.46
CA GLN W 97 -102.31 96.63 -24.69
C GLN W 97 -102.57 96.38 -26.16
N LEU W 98 -102.06 97.23 -27.08
CA LEU W 98 -102.01 96.82 -28.48
C LEU W 98 -101.00 95.70 -28.67
N LEU W 99 -99.83 95.80 -28.00
CA LEU W 99 -98.90 94.68 -27.97
C LEU W 99 -99.51 93.47 -27.28
N GLY W 100 -100.37 93.69 -26.29
CA GLY W 100 -101.07 92.59 -25.66
C GLY W 100 -102.01 91.85 -26.59
N LEU W 101 -102.79 92.61 -27.38
CA LEU W 101 -103.68 92.00 -28.36
C LEU W 101 -102.89 91.30 -29.46
N ASN W 102 -101.79 91.92 -29.89
CA ASN W 102 -100.90 91.32 -30.89
C ASN W 102 -100.30 90.03 -30.36
N LEU W 103 -99.88 90.02 -29.10
CA LEU W 103 -99.40 88.82 -28.43
C LEU W 103 -100.48 87.74 -28.39
N LEU W 104 -101.72 88.12 -28.07
CA LEU W 104 -102.74 87.11 -27.87
C LEU W 104 -103.14 86.46 -29.19
N PHE W 105 -103.33 87.25 -30.25
CA PHE W 105 -103.58 86.66 -31.55
C PHE W 105 -102.37 85.91 -32.08
N LEU W 106 -101.17 86.43 -31.81
CA LEU W 106 -99.92 85.82 -32.23
C LEU W 106 -99.65 84.50 -31.52
N LEU W 107 -100.21 84.32 -30.33
CA LEU W 107 -100.13 83.06 -29.62
C LEU W 107 -101.24 82.12 -30.07
N SER W 108 -102.42 82.68 -30.37
CA SER W 108 -103.54 81.86 -30.83
C SER W 108 -103.27 81.28 -32.21
N GLN W 109 -102.55 82.01 -33.05
CA GLN W 109 -102.30 81.60 -34.43
C GLN W 109 -101.23 80.52 -34.55
N ASN W 110 -100.69 80.04 -33.42
CA ASN W 110 -99.69 78.97 -33.36
C ASN W 110 -98.43 79.34 -34.13
N ARG W 111 -97.86 80.48 -33.78
CA ARG W 111 -96.57 80.92 -34.30
C ARG W 111 -95.67 81.22 -33.12
N VAL W 112 -94.65 80.39 -32.91
CA VAL W 112 -93.86 80.48 -31.69
C VAL W 112 -92.59 81.29 -31.97
N ALA W 113 -92.16 81.33 -33.24
CA ALA W 113 -91.11 82.26 -33.62
C ALA W 113 -91.61 83.69 -33.53
N GLU W 114 -92.87 83.90 -33.92
CA GLU W 114 -93.53 85.18 -33.69
C GLU W 114 -93.70 85.45 -32.19
N PHE W 115 -93.87 84.40 -31.39
CA PHE W 115 -93.95 84.57 -29.93
C PHE W 115 -92.63 85.05 -29.35
N HIS W 116 -91.52 84.53 -29.84
CA HIS W 116 -90.25 84.96 -29.28
C HIS W 116 -89.77 86.28 -29.86
N THR W 117 -90.13 86.61 -31.11
CA THR W 117 -89.88 87.97 -31.52
C THR W 117 -90.85 88.96 -30.89
N GLU W 118 -91.97 88.48 -30.34
CA GLU W 118 -92.83 89.32 -29.52
C GLU W 118 -92.19 89.59 -28.17
N LEU W 119 -91.57 88.57 -27.58
CA LEU W 119 -90.82 88.78 -26.35
C LEU W 119 -89.41 89.32 -26.58
N GLU W 120 -89.03 89.60 -27.83
CA GLU W 120 -87.70 90.11 -28.14
C GLU W 120 -87.70 91.46 -28.85
N ARG W 121 -88.81 91.91 -29.45
CA ARG W 121 -88.80 93.19 -30.14
C ARG W 121 -88.68 94.36 -29.18
N LEU W 122 -89.22 94.23 -27.97
CA LEU W 122 -89.12 95.24 -26.92
C LEU W 122 -89.10 94.48 -25.62
N PRO W 123 -87.96 93.87 -25.26
CA PRO W 123 -87.95 92.86 -24.20
C PRO W 123 -88.19 93.37 -22.78
N ALA W 124 -87.43 94.40 -22.37
CA ALA W 124 -87.27 94.72 -20.96
C ALA W 124 -88.52 95.31 -20.33
N LYS W 125 -89.40 95.91 -21.11
CA LYS W 125 -90.58 96.57 -20.57
C LYS W 125 -91.78 95.66 -20.47
N ASP W 126 -91.68 94.41 -20.92
CA ASP W 126 -92.82 93.52 -20.93
C ASP W 126 -93.08 92.86 -19.58
N ILE W 127 -92.16 92.99 -18.63
CA ILE W 127 -92.23 92.22 -17.39
C ILE W 127 -93.13 92.89 -16.36
N GLN W 128 -92.91 94.18 -16.11
CA GLN W 128 -93.58 94.86 -15.01
C GLN W 128 -94.90 95.51 -15.46
N THR W 129 -94.82 96.46 -16.38
CA THR W 129 -96.03 97.17 -16.80
C THR W 129 -96.86 96.29 -17.74
N ASN W 130 -98.09 96.76 -17.97
CA ASN W 130 -99.09 96.09 -18.80
C ASN W 130 -99.35 94.65 -18.36
N VAL W 131 -100.13 94.47 -17.29
CA VAL W 131 -100.66 93.16 -16.89
C VAL W 131 -101.34 92.40 -18.05
N TYR W 132 -101.79 93.09 -19.10
CA TYR W 132 -102.17 92.46 -20.37
C TYR W 132 -100.97 92.00 -21.21
N ILE W 133 -99.75 92.03 -20.69
CA ILE W 133 -98.65 91.21 -21.18
C ILE W 133 -98.38 90.06 -20.22
N LYS W 134 -98.32 90.36 -18.92
CA LYS W 134 -97.88 89.38 -17.93
C LYS W 134 -98.91 88.27 -17.76
N HIS W 135 -100.19 88.61 -17.73
CA HIS W 135 -101.27 87.64 -17.68
C HIS W 135 -101.34 86.79 -18.96
N PRO W 136 -101.08 87.33 -20.18
CA PRO W 136 -100.83 86.42 -21.30
C PRO W 136 -99.51 85.65 -21.28
N VAL W 137 -98.39 86.19 -20.80
CA VAL W 137 -97.18 85.37 -20.86
C VAL W 137 -97.16 84.33 -19.72
N SER W 138 -97.68 84.70 -18.55
CA SER W 138 -97.92 83.67 -17.53
C SER W 138 -99.08 82.76 -17.94
N LEU W 139 -99.96 83.23 -18.81
CA LEU W 139 -100.96 82.33 -19.38
C LEU W 139 -100.33 81.37 -20.39
N GLU W 140 -99.27 81.78 -21.07
CA GLU W 140 -98.47 80.86 -21.86
C GLU W 140 -97.77 79.84 -20.96
N GLN W 141 -97.28 80.30 -19.81
CA GLN W 141 -96.76 79.38 -18.79
C GLN W 141 -97.84 78.40 -18.33
N TYR W 142 -99.09 78.85 -18.24
CA TYR W 142 -100.20 77.98 -17.86
C TYR W 142 -100.52 76.98 -18.97
N LEU W 143 -100.36 77.39 -20.23
CA LEU W 143 -100.39 76.44 -21.35
C LEU W 143 -99.21 75.47 -21.32
N MET W 144 -98.10 75.87 -20.70
CA MET W 144 -96.91 75.04 -20.64
C MET W 144 -96.97 73.99 -19.54
N GLU W 145 -97.45 74.37 -18.36
CA GLU W 145 -97.44 73.49 -17.19
C GLU W 145 -98.81 73.46 -16.49
N GLY W 146 -99.81 72.89 -17.15
CA GLY W 146 -101.10 72.81 -16.50
C GLY W 146 -102.28 73.38 -17.25
N SER W 147 -102.25 73.32 -18.58
CA SER W 147 -103.38 73.75 -19.39
C SER W 147 -104.63 72.93 -19.10
N TYR W 148 -105.77 73.45 -19.58
CA TYR W 148 -107.13 73.00 -19.27
C TYR W 148 -107.45 73.13 -17.79
N ASN W 149 -106.86 74.13 -17.13
CA ASN W 149 -107.14 74.43 -15.74
C ASN W 149 -107.38 75.90 -15.46
N LYS W 150 -106.96 76.81 -16.33
CA LYS W 150 -106.92 78.22 -16.01
C LYS W 150 -107.47 79.06 -17.17
N VAL W 151 -108.07 78.40 -18.15
CA VAL W 151 -108.51 79.11 -19.35
C VAL W 151 -109.75 79.95 -19.07
N PHE W 152 -110.79 79.33 -18.55
CA PHE W 152 -111.99 80.05 -18.17
C PHE W 152 -111.72 81.00 -17.00
N LEU W 153 -110.80 80.61 -16.12
CA LEU W 153 -110.43 81.45 -15.00
C LEU W 153 -109.61 82.66 -15.45
N ALA W 154 -108.98 82.58 -16.62
CA ALA W 154 -108.32 83.73 -17.22
C ALA W 154 -109.28 84.58 -18.03
N LYS W 155 -110.30 83.95 -18.65
CA LYS W 155 -111.38 84.69 -19.28
C LYS W 155 -112.16 85.49 -18.24
N GLY W 156 -112.23 84.99 -17.02
CA GLY W 156 -112.79 85.73 -15.89
C GLY W 156 -112.01 86.97 -15.50
N ASN W 157 -110.77 87.14 -15.99
CA ASN W 157 -110.03 88.39 -15.81
C ASN W 157 -109.56 88.89 -17.17
N ILE W 158 -110.46 89.55 -17.88
CA ILE W 158 -110.17 90.55 -18.91
C ILE W 158 -111.22 91.66 -18.72
N PRO W 159 -110.89 92.76 -18.04
CA PRO W 159 -111.82 93.90 -17.99
C PRO W 159 -111.92 94.67 -19.29
N ALA W 160 -111.02 94.47 -20.25
CA ALA W 160 -110.97 95.24 -21.49
C ALA W 160 -111.32 94.29 -22.63
N GLU W 161 -112.61 94.24 -22.98
CA GLU W 161 -113.16 93.19 -23.83
C GLU W 161 -112.69 93.33 -25.27
N SER W 162 -111.47 92.87 -25.49
CA SER W 162 -110.92 92.66 -26.82
C SER W 162 -110.08 91.40 -26.85
N TYR W 163 -109.93 90.73 -25.70
CA TYR W 163 -109.10 89.54 -25.55
C TYR W 163 -109.93 88.26 -25.58
N THR W 164 -111.22 88.36 -25.28
CA THR W 164 -112.09 87.19 -25.34
C THR W 164 -112.32 86.75 -26.78
N PHE W 165 -112.29 87.70 -27.73
CA PHE W 165 -112.40 87.38 -29.15
C PHE W 165 -111.26 86.48 -29.62
N PHE W 166 -110.06 86.67 -29.08
CA PHE W 166 -108.91 85.88 -29.49
C PHE W 166 -108.70 84.66 -28.61
N ILE W 167 -109.19 84.69 -27.37
CA ILE W 167 -109.18 83.42 -26.64
C ILE W 167 -110.37 82.55 -26.98
N ASP W 168 -111.28 83.03 -27.83
CA ASP W 168 -112.15 82.09 -28.55
C ASP W 168 -111.36 81.30 -29.57
N ILE W 169 -110.38 81.93 -30.23
CA ILE W 169 -109.48 81.21 -31.11
C ILE W 169 -108.61 80.26 -30.30
N LEU W 170 -108.22 80.70 -29.09
CA LEU W 170 -107.50 79.81 -28.20
C LEU W 170 -108.41 78.70 -27.67
N LEU W 171 -109.71 78.93 -27.56
CA LEU W 171 -110.63 77.82 -27.30
C LEU W 171 -110.72 76.88 -28.48
N ASP W 172 -110.55 77.37 -29.70
CA ASP W 172 -110.53 76.46 -30.83
C ASP W 172 -109.27 75.60 -30.82
N THR W 173 -108.13 76.20 -30.47
CA THR W 173 -106.92 75.39 -30.31
C THR W 173 -106.92 74.61 -29.00
N ILE W 174 -107.89 74.87 -28.12
CA ILE W 174 -108.18 73.96 -27.02
C ILE W 174 -108.97 72.76 -27.51
N ARG W 175 -110.01 73.00 -28.33
CA ARG W 175 -110.93 71.94 -28.70
C ARG W 175 -110.32 70.98 -29.70
N ASP W 176 -109.46 71.48 -30.60
CA ASP W 176 -108.79 70.56 -31.50
C ASP W 176 -107.79 69.68 -30.75
N GLU W 177 -107.16 70.23 -29.70
CA GLU W 177 -106.25 69.43 -28.91
C GLU W 177 -106.97 68.53 -27.92
N ILE W 178 -108.21 68.85 -27.54
CA ILE W 178 -109.09 67.85 -26.95
C ILE W 178 -109.33 66.72 -27.94
N ALA W 179 -109.71 67.09 -29.18
CA ALA W 179 -109.94 66.17 -30.27
C ALA W 179 -108.71 65.39 -30.70
N GLY W 180 -107.52 65.77 -30.23
CA GLY W 180 -106.32 64.98 -30.46
C GLY W 180 -105.70 64.41 -29.20
N CYS W 181 -106.22 64.78 -28.03
CA CYS W 181 -105.53 64.52 -26.78
C CYS W 181 -106.42 64.06 -25.63
N ILE W 182 -107.66 63.63 -25.87
CA ILE W 182 -108.37 62.90 -24.83
C ILE W 182 -108.81 61.50 -25.27
N GLU W 183 -108.89 61.23 -26.56
CA GLU W 183 -109.12 59.90 -27.13
C GLU W 183 -108.02 59.68 -28.17
N LYS W 184 -107.96 58.46 -28.75
CA LYS W 184 -106.94 57.90 -29.66
C LYS W 184 -105.51 58.14 -29.14
N ALA W 185 -105.37 58.27 -27.84
CA ALA W 185 -104.10 58.26 -27.15
C ALA W 185 -104.23 57.60 -25.79
N TYR W 186 -105.46 57.24 -25.38
CA TYR W 186 -105.72 56.68 -24.07
C TYR W 186 -106.47 55.37 -24.20
N GLU W 187 -107.00 54.85 -23.09
CA GLU W 187 -107.69 53.57 -23.16
C GLU W 187 -109.20 53.76 -23.26
N LYS W 188 -109.79 54.38 -22.24
CA LYS W 188 -111.22 54.62 -22.19
C LYS W 188 -111.50 55.67 -21.13
N ILE W 189 -112.43 56.57 -21.41
CA ILE W 189 -112.89 57.55 -20.44
C ILE W 189 -114.40 57.50 -20.39
N LEU W 190 -114.96 57.82 -19.24
CA LEU W 190 -116.41 57.77 -19.07
C LEU W 190 -117.02 59.12 -19.48
N PHE W 191 -118.34 59.18 -19.53
CA PHE W 191 -119.05 60.33 -20.07
C PHE W 191 -118.91 61.58 -19.22
N THR W 192 -118.63 61.46 -17.92
CA THR W 192 -118.60 62.65 -17.07
C THR W 192 -117.29 63.43 -17.18
N GLU W 193 -116.20 62.78 -17.57
CA GLU W 193 -114.97 63.52 -17.83
C GLU W 193 -115.10 64.35 -19.09
N ALA W 194 -115.71 63.78 -20.12
CA ALA W 194 -116.06 64.54 -21.31
C ALA W 194 -117.13 65.58 -21.02
N THR W 195 -117.96 65.36 -19.99
CA THR W 195 -118.96 66.36 -19.62
C THR W 195 -118.31 67.55 -18.92
N ARG W 196 -117.28 67.29 -18.10
CA ARG W 196 -116.56 68.37 -17.44
C ARG W 196 -115.72 69.16 -18.43
N ILE W 197 -114.83 68.47 -19.16
CA ILE W 197 -113.90 69.18 -20.03
C ILE W 197 -114.60 69.71 -21.27
N LEU W 198 -115.47 68.91 -21.88
CA LEU W 198 -116.32 69.33 -23.00
C LEU W 198 -117.62 69.88 -22.41
N PHE W 199 -117.72 71.20 -22.36
CA PHE W 199 -118.82 71.84 -21.65
C PHE W 199 -120.11 71.78 -22.46
N PHE W 200 -121.18 72.30 -21.85
CA PHE W 200 -122.58 72.30 -22.30
C PHE W 200 -123.17 70.91 -22.41
N ASN W 201 -122.46 69.90 -21.90
CA ASN W 201 -122.85 68.62 -21.30
C ASN W 201 -123.57 67.63 -22.20
N THR W 202 -124.13 68.08 -23.33
CA THR W 202 -124.47 67.35 -24.55
C THR W 202 -124.80 68.35 -25.66
N PRO W 203 -123.83 68.95 -26.33
CA PRO W 203 -124.15 69.59 -27.61
C PRO W 203 -124.02 68.56 -28.73
N LYS W 204 -124.15 69.04 -29.96
CA LYS W 204 -123.60 68.33 -31.11
C LYS W 204 -122.13 68.63 -31.32
N LYS W 205 -121.53 69.35 -30.39
CA LYS W 205 -120.13 69.76 -30.39
C LYS W 205 -119.23 68.68 -29.79
N MET W 206 -119.54 68.21 -28.58
CA MET W 206 -118.83 67.05 -28.06
C MET W 206 -119.24 65.77 -28.77
N THR W 207 -120.45 65.72 -29.30
CA THR W 207 -120.85 64.64 -30.19
C THR W 207 -120.07 64.70 -31.50
N ASP W 208 -119.88 65.93 -32.01
CA ASP W 208 -119.03 66.15 -33.18
C ASP W 208 -117.61 65.70 -32.92
N TYR W 209 -117.11 65.93 -31.71
CA TYR W 209 -115.74 65.53 -31.37
C TYR W 209 -115.63 64.01 -31.26
N ALA W 210 -116.60 63.39 -30.57
CA ALA W 210 -116.60 61.94 -30.39
C ALA W 210 -116.72 61.20 -31.72
N LYS W 211 -117.51 61.73 -32.66
CA LYS W 211 -117.53 61.16 -34.00
C LYS W 211 -116.39 61.67 -34.86
N LYS W 212 -115.74 62.77 -34.48
CA LYS W 212 -114.61 63.32 -35.19
C LYS W 212 -113.35 62.52 -34.92
N ARG W 213 -113.35 61.72 -33.87
CA ARG W 213 -112.25 60.78 -33.69
C ARG W 213 -112.29 59.66 -34.71
N GLY W 214 -113.45 59.42 -35.34
CA GLY W 214 -113.64 58.26 -36.19
C GLY W 214 -114.02 57.07 -35.33
N TRP W 215 -115.03 57.26 -34.50
CA TRP W 215 -115.32 56.28 -33.46
C TRP W 215 -116.77 56.41 -33.00
N VAL W 216 -117.37 55.27 -32.67
CA VAL W 216 -118.77 55.20 -32.28
C VAL W 216 -118.86 54.97 -30.77
N LEU W 217 -119.68 55.76 -30.09
CA LEU W 217 -119.77 55.65 -28.64
C LEU W 217 -120.83 54.65 -28.21
N GLY W 218 -120.65 54.14 -26.99
CA GLY W 218 -121.69 53.39 -26.33
C GLY W 218 -122.37 54.26 -25.31
N PRO W 219 -123.24 53.67 -24.50
CA PRO W 219 -123.87 54.44 -23.41
C PRO W 219 -122.91 54.64 -22.24
N ASN W 220 -122.73 55.90 -21.85
CA ASN W 220 -122.01 56.32 -20.65
C ASN W 220 -120.53 55.91 -20.69
N ASN W 221 -119.94 55.89 -21.88
CA ASN W 221 -118.53 55.52 -21.98
C ASN W 221 -117.96 56.04 -23.28
N TYR W 222 -116.64 56.30 -23.24
CA TYR W 222 -115.87 56.62 -24.44
C TYR W 222 -114.59 55.78 -24.38
N TYR W 223 -114.65 54.58 -24.97
CA TYR W 223 -113.44 53.83 -25.26
C TYR W 223 -112.57 54.59 -26.25
N SER W 224 -111.28 54.27 -26.23
CA SER W 224 -110.29 54.86 -27.13
C SER W 224 -109.49 53.75 -27.80
N PHE W 225 -110.21 52.74 -28.29
CA PHE W 225 -109.66 51.49 -28.78
C PHE W 225 -109.46 51.51 -30.29
N ALA W 226 -109.18 50.32 -30.85
CA ALA W 226 -109.07 50.05 -32.28
C ALA W 226 -107.97 50.86 -32.94
N SER W 227 -106.86 51.05 -32.24
CA SER W 227 -105.74 51.87 -32.72
C SER W 227 -104.45 51.05 -32.72
N GLN W 228 -103.51 51.50 -33.57
CA GLN W 228 -102.14 50.97 -33.66
C GLN W 228 -102.13 49.48 -34.00
N GLN W 229 -102.60 49.22 -35.21
CA GLN W 229 -102.90 47.87 -35.69
C GLN W 229 -101.65 47.18 -36.22
N GLN W 230 -101.72 45.84 -36.24
CA GLN W 230 -100.90 44.87 -36.98
C GLN W 230 -99.48 44.66 -36.40
N LYS W 231 -99.04 45.55 -35.49
CA LYS W 231 -97.66 45.65 -35.01
C LYS W 231 -96.74 45.78 -36.22
N PRO W 232 -96.72 46.93 -36.88
CA PRO W 232 -96.05 47.04 -38.17
C PRO W 232 -94.53 47.01 -38.02
N GLU W 233 -93.87 46.55 -39.08
CA GLU W 233 -92.45 46.26 -39.01
C GLU W 233 -91.64 46.76 -40.21
N ASP W 234 -92.25 46.93 -41.39
CA ASP W 234 -91.59 47.23 -42.67
C ASP W 234 -90.58 46.14 -43.02
N THR W 235 -91.12 44.99 -43.44
CA THR W 235 -90.54 43.64 -43.51
C THR W 235 -89.10 43.52 -44.00
N THR W 236 -88.81 43.85 -45.27
CA THR W 236 -87.47 43.73 -45.82
C THR W 236 -87.10 44.90 -46.72
N ILE W 237 -87.90 45.95 -46.77
CA ILE W 237 -87.67 47.09 -47.66
C ILE W 237 -86.43 47.91 -47.29
N PRO W 238 -86.11 48.20 -46.00
CA PRO W 238 -84.81 48.84 -45.75
C PRO W 238 -83.63 47.96 -46.10
N SER W 239 -83.78 46.63 -46.03
CA SER W 239 -82.71 45.74 -46.48
C SER W 239 -82.43 45.93 -47.97
N THR W 240 -83.48 46.16 -48.75
CA THR W 240 -83.30 46.45 -50.18
C THR W 240 -82.71 47.85 -50.38
N GLU W 241 -83.39 48.87 -49.85
CA GLU W 241 -83.04 50.24 -50.22
C GLU W 241 -81.74 50.72 -49.58
N LEU W 242 -81.31 50.13 -48.48
CA LEU W 242 -80.01 50.50 -47.96
C LEU W 242 -78.89 49.83 -48.73
N ALA W 243 -79.17 48.70 -49.39
CA ALA W 243 -78.21 48.23 -50.40
C ALA W 243 -78.23 49.14 -51.62
N LYS W 244 -79.39 49.73 -51.91
CA LYS W 244 -79.42 50.76 -52.95
C LYS W 244 -78.67 52.02 -52.51
N GLN W 245 -78.45 52.19 -51.20
CA GLN W 245 -77.52 53.22 -50.69
C GLN W 245 -76.07 52.74 -50.79
N VAL W 246 -75.84 51.45 -50.57
CA VAL W 246 -74.52 50.83 -50.79
C VAL W 246 -74.11 50.94 -52.27
N ILE W 247 -75.09 51.07 -53.17
CA ILE W 247 -74.83 51.37 -54.58
C ILE W 247 -74.05 52.68 -54.74
N GLU W 248 -74.55 53.77 -54.15
CA GLU W 248 -73.74 54.98 -54.24
C GLU W 248 -72.54 54.95 -53.29
N TYR W 249 -72.51 54.03 -52.32
CA TYR W 249 -71.26 53.81 -51.61
C TYR W 249 -70.17 53.23 -52.53
N ALA W 250 -70.57 52.30 -53.40
CA ALA W 250 -69.66 51.84 -54.44
C ALA W 250 -69.33 52.94 -55.42
N ARG W 251 -70.28 53.85 -55.67
CA ARG W 251 -69.96 55.04 -56.46
C ARG W 251 -68.95 55.93 -55.76
N GLN W 252 -68.95 55.95 -54.42
CA GLN W 252 -67.91 56.64 -53.68
C GLN W 252 -66.59 55.90 -53.68
N LEU W 253 -66.61 54.59 -53.91
CA LEU W 253 -65.40 53.87 -54.24
C LEU W 253 -64.97 54.11 -55.68
N GLU W 254 -65.90 54.54 -56.52
CA GLU W 254 -65.65 54.79 -57.94
C GLU W 254 -65.05 56.18 -58.18
N MET W 255 -65.63 57.21 -57.55
CA MET W 255 -65.23 58.59 -57.83
C MET W 255 -63.79 58.85 -57.40
N ILE W 256 -63.37 58.28 -56.31
CA ILE W 256 -61.96 58.18 -56.00
C ILE W 256 -61.40 57.00 -56.77
N VAL W 257 -60.22 57.19 -57.36
CA VAL W 257 -59.45 56.27 -58.23
C VAL W 257 -59.80 54.76 -58.26
N MET X 1 -57.21 87.30 -34.46
CA MET X 1 -58.36 86.61 -35.02
C MET X 1 -59.26 86.12 -33.90
N SER X 2 -58.88 86.46 -32.66
CA SER X 2 -59.36 85.74 -31.50
C SER X 2 -60.62 86.33 -30.89
N GLU X 3 -61.03 87.55 -31.25
CA GLU X 3 -61.94 88.23 -30.34
C GLU X 3 -63.35 88.55 -30.87
N LYS X 4 -63.49 89.54 -31.74
CA LYS X 4 -64.57 89.82 -32.70
C LYS X 4 -65.95 90.13 -32.12
N LYS X 5 -66.25 89.75 -30.86
CA LYS X 5 -67.30 90.40 -30.08
C LYS X 5 -66.96 90.40 -28.60
N GLN X 6 -66.25 89.36 -28.19
CA GLN X 6 -65.98 88.98 -26.79
C GLN X 6 -65.11 89.89 -25.91
N PRO X 7 -64.16 90.73 -26.39
CA PRO X 7 -63.47 91.61 -25.43
C PRO X 7 -64.36 92.70 -24.84
N VAL X 8 -65.51 92.97 -25.45
CA VAL X 8 -66.50 93.85 -24.82
C VAL X 8 -67.25 93.08 -23.74
N ASP X 9 -67.73 91.89 -24.06
CA ASP X 9 -68.45 91.07 -23.10
C ASP X 9 -67.65 89.84 -22.70
N GLU X 40 -55.31 64.50 -6.92
CA GLU X 40 -56.43 65.03 -7.68
C GLU X 40 -57.38 65.75 -6.71
N ASP X 41 -58.08 66.77 -7.19
CA ASP X 41 -58.91 67.58 -6.34
C ASP X 41 -60.32 67.00 -6.26
N ASN X 42 -61.27 67.82 -5.84
CA ASN X 42 -62.68 67.45 -5.82
C ASN X 42 -63.39 67.80 -7.13
N TRP X 43 -62.64 68.28 -8.13
CA TRP X 43 -63.23 68.69 -9.40
C TRP X 43 -63.73 67.49 -10.18
N ASP X 44 -63.17 66.30 -9.95
CA ASP X 44 -63.73 65.06 -10.46
C ASP X 44 -64.67 64.39 -9.46
N ASP X 45 -64.51 64.69 -8.17
CA ASP X 45 -65.41 64.14 -7.16
C ASP X 45 -66.79 64.80 -7.21
N ASP X 46 -66.91 65.92 -7.94
CA ASP X 46 -68.16 66.66 -8.13
C ASP X 46 -69.31 65.79 -8.66
N ASN X 47 -68.99 64.72 -9.39
CA ASN X 47 -70.01 63.86 -9.99
C ASN X 47 -70.88 63.18 -8.93
N VAL X 48 -70.26 62.41 -8.03
CA VAL X 48 -71.04 61.80 -6.95
C VAL X 48 -71.21 62.78 -5.80
N GLU X 49 -70.48 63.90 -5.81
CA GLU X 49 -70.73 64.95 -4.84
C GLU X 49 -72.05 65.67 -5.12
N ASP X 50 -72.52 65.63 -6.37
CA ASP X 50 -73.89 65.99 -6.68
C ASP X 50 -74.90 65.06 -6.04
N ASP X 51 -74.50 63.85 -5.66
CA ASP X 51 -75.34 62.99 -4.85
C ASP X 51 -75.01 63.16 -3.37
N PHE X 52 -73.92 63.87 -3.06
CA PHE X 52 -73.57 64.07 -1.66
C PHE X 52 -74.09 65.38 -1.09
N SER X 53 -74.39 66.37 -1.93
CA SER X 53 -74.79 67.66 -1.42
C SER X 53 -76.30 67.81 -1.31
N ASN X 54 -77.03 67.43 -2.33
CA ASN X 54 -78.49 67.51 -2.23
C ASN X 54 -79.08 66.35 -1.43
N GLN X 55 -78.31 65.27 -1.24
CA GLN X 55 -78.82 64.03 -0.68
C GLN X 55 -77.77 63.41 0.23
N LEU X 56 -78.25 62.47 1.06
CA LEU X 56 -77.49 61.55 1.91
C LEU X 56 -76.38 62.21 2.72
N ARG X 57 -76.73 63.15 3.59
CA ARG X 57 -75.76 63.73 4.50
C ARG X 57 -75.92 63.22 5.92
N ALA X 58 -77.00 62.51 6.20
CA ALA X 58 -77.23 61.85 7.47
C ALA X 58 -77.54 60.37 7.19
N GLU X 59 -76.68 59.78 6.35
CA GLU X 59 -76.92 58.49 5.73
C GLU X 59 -76.96 57.32 6.69
N LEU X 60 -75.86 57.05 7.39
CA LEU X 60 -75.89 56.00 8.40
C LEU X 60 -76.35 56.52 9.75
N GLU X 61 -76.84 57.75 9.78
CA GLU X 61 -77.62 58.26 10.89
C GLU X 61 -79.11 57.96 10.73
N LYS X 62 -79.50 57.32 9.63
CA LYS X 62 -80.86 56.78 9.53
C LYS X 62 -80.80 55.32 9.13
N HIS X 63 -79.90 55.01 8.20
CA HIS X 63 -79.73 53.62 7.80
C HIS X 63 -78.99 52.84 8.87
N GLY X 64 -78.13 53.51 9.64
CA GLY X 64 -77.58 52.89 10.83
C GLY X 64 -78.59 52.74 11.94
N TYR X 65 -79.69 53.49 11.88
CA TYR X 65 -80.73 53.40 12.90
C TYR X 65 -81.92 52.59 12.44
N LYS X 66 -81.86 52.00 11.24
CA LYS X 66 -82.84 51.02 10.82
C LYS X 66 -82.86 49.77 11.68
N MET X 67 -81.84 49.54 12.50
CA MET X 67 -81.81 48.40 13.40
C MET X 67 -82.87 48.53 14.48
N GLU X 68 -83.01 49.73 15.05
CA GLU X 68 -83.83 49.91 16.23
C GLU X 68 -85.02 50.84 16.04
N THR X 69 -85.11 51.58 14.94
CA THR X 69 -86.34 52.34 14.68
C THR X 69 -87.49 51.39 14.37
N SER X 70 -87.22 50.34 13.60
CA SER X 70 -88.19 49.27 13.39
C SER X 70 -87.45 48.00 13.02
N SER Y 1 79.95 -79.75 109.59
CA SER Y 1 80.68 -78.99 108.57
C SER Y 1 79.96 -77.68 108.26
N SER Y 2 79.61 -76.95 109.30
CA SER Y 2 78.97 -75.64 109.14
C SER Y 2 80.08 -74.60 109.01
N ALA Y 3 80.23 -74.04 107.81
CA ALA Y 3 81.14 -72.93 107.57
C ALA Y 3 80.35 -71.74 107.08
N GLY Y 4 80.35 -70.66 107.84
CA GLY Y 4 79.65 -69.46 107.46
C GLY Y 4 78.14 -69.56 107.60
N PHE Y 5 77.43 -69.51 106.47
CA PHE Y 5 75.98 -69.42 106.48
C PHE Y 5 75.32 -70.54 105.67
N ASP Y 6 75.97 -71.70 105.58
CA ASP Y 6 75.40 -72.83 104.86
C ASP Y 6 74.15 -73.39 105.52
N ARG Y 7 73.97 -73.14 106.81
CA ARG Y 7 72.82 -73.65 107.53
C ARG Y 7 71.56 -72.83 107.28
N HIS Y 8 71.66 -71.74 106.54
CA HIS Y 8 70.53 -70.83 106.44
C HIS Y 8 70.08 -70.59 105.02
N ILE Y 9 71.00 -70.45 104.07
CA ILE Y 9 70.68 -70.02 102.72
C ILE Y 9 71.26 -71.03 101.73
N THR Y 10 71.02 -70.78 100.45
CA THR Y 10 71.42 -71.71 99.39
C THR Y 10 72.80 -71.33 98.88
N ILE Y 11 73.80 -71.70 99.65
CA ILE Y 11 75.20 -71.60 99.27
C ILE Y 11 75.81 -73.00 99.38
N PHE Y 12 77.08 -73.09 99.01
CA PHE Y 12 77.76 -74.38 99.01
C PHE Y 12 78.55 -74.53 100.29
N SER Y 13 78.40 -75.70 100.91
CA SER Y 13 79.07 -76.05 102.14
C SER Y 13 80.48 -76.52 101.80
N PRO Y 14 81.34 -76.79 102.78
CA PRO Y 14 82.51 -77.62 102.51
C PRO Y 14 82.10 -79.00 102.01
N GLU Y 15 82.97 -79.55 101.14
CA GLU Y 15 83.00 -80.92 100.63
C GLU Y 15 81.90 -81.21 99.61
N GLY Y 16 80.95 -80.30 99.42
CA GLY Y 16 80.13 -80.38 98.24
C GLY Y 16 78.64 -80.25 98.48
N ARG Y 17 78.23 -80.20 99.74
CA ARG Y 17 76.82 -80.26 100.05
C ARG Y 17 76.19 -78.87 100.02
N LEU Y 18 74.88 -78.86 100.10
CA LEU Y 18 74.11 -77.70 100.49
C LEU Y 18 72.91 -78.18 101.28
N TYR Y 19 72.61 -77.51 102.39
CA TYR Y 19 71.74 -78.10 103.40
C TYR Y 19 70.27 -77.82 103.20
N GLN Y 20 69.92 -76.78 102.44
CA GLN Y 20 68.54 -76.33 102.41
C GLN Y 20 67.65 -77.29 101.62
N VAL Y 21 68.13 -77.74 100.46
CA VAL Y 21 67.33 -78.64 99.64
C VAL Y 21 67.26 -80.02 100.27
N GLU Y 22 68.35 -80.47 100.88
CA GLU Y 22 68.27 -81.72 101.62
C GLU Y 22 67.60 -81.55 102.96
N TYR Y 23 67.37 -80.33 103.42
CA TYR Y 23 66.37 -80.11 104.45
C TYR Y 23 64.96 -80.23 103.91
N ALA Y 24 64.76 -79.91 102.64
CA ALA Y 24 63.42 -79.93 102.06
C ALA Y 24 63.00 -81.32 101.63
N PHE Y 25 63.90 -82.30 101.60
CA PHE Y 25 63.48 -83.63 101.22
C PHE Y 25 62.76 -84.36 102.35
N LYS Y 26 62.86 -83.89 103.57
CA LYS Y 26 62.03 -84.37 104.66
C LYS Y 26 60.91 -83.42 104.98
N ALA Y 27 60.75 -82.36 104.18
CA ALA Y 27 59.55 -81.55 104.26
C ALA Y 27 58.34 -82.29 103.72
N ILE Y 28 58.55 -83.34 102.92
CA ILE Y 28 57.47 -84.21 102.54
C ILE Y 28 57.04 -85.05 103.74
N ASN Y 29 57.99 -85.41 104.61
CA ASN Y 29 57.72 -86.36 105.69
C ASN Y 29 56.80 -85.82 106.78
N GLN Y 30 56.68 -84.51 106.92
CA GLN Y 30 55.69 -83.99 107.85
C GLN Y 30 54.29 -83.94 107.26
N GLY Y 31 54.11 -84.38 106.01
CA GLY Y 31 52.76 -84.53 105.49
C GLY Y 31 52.04 -85.71 106.11
N GLY Y 32 52.77 -86.79 106.40
CA GLY Y 32 52.17 -88.01 106.89
C GLY Y 32 51.28 -88.66 105.85
N LEU Y 33 51.88 -89.06 104.72
CA LEU Y 33 51.10 -89.44 103.56
C LEU Y 33 51.92 -90.38 102.70
N THR Y 34 51.24 -91.27 101.99
CA THR Y 34 51.87 -92.32 101.22
C THR Y 34 51.20 -92.44 99.86
N SER Y 35 52.01 -92.50 98.80
CA SER Y 35 51.51 -92.57 97.44
C SER Y 35 52.31 -93.60 96.67
N VAL Y 36 51.63 -94.39 95.85
CA VAL Y 36 52.28 -95.46 95.06
C VAL Y 36 51.77 -95.36 93.63
N ALA Y 37 52.68 -95.37 92.67
CA ALA Y 37 52.35 -95.38 91.25
C ALA Y 37 52.81 -96.68 90.61
N VAL Y 38 52.04 -97.15 89.64
CA VAL Y 38 52.22 -98.46 89.04
C VAL Y 38 52.04 -98.34 87.54
N ARG Y 39 53.05 -98.75 86.77
CA ARG Y 39 52.95 -98.83 85.32
C ARG Y 39 53.58 -100.15 84.91
N GLY Y 40 52.74 -101.16 84.65
CA GLY Y 40 53.22 -102.45 84.19
C GLY Y 40 52.81 -102.73 82.77
N LYS Y 41 51.67 -102.18 82.35
CA LYS Y 41 51.15 -102.36 81.02
C LYS Y 41 50.38 -101.10 80.63
N ASP Y 42 49.48 -101.20 79.67
CA ASP Y 42 48.84 -100.04 79.05
C ASP Y 42 47.80 -99.33 79.93
N CYS Y 43 47.80 -99.60 81.23
CA CYS Y 43 47.07 -98.80 82.19
C CYS Y 43 48.06 -98.16 83.16
N ALA Y 44 47.55 -97.29 84.01
CA ALA Y 44 48.39 -96.63 84.99
C ALA Y 44 47.54 -96.32 86.21
N VAL Y 45 48.02 -96.73 87.38
CA VAL Y 45 47.22 -96.73 88.60
C VAL Y 45 47.95 -95.91 89.66
N ILE Y 46 47.22 -94.99 90.29
CA ILE Y 46 47.69 -94.26 91.46
C ILE Y 46 46.88 -94.75 92.65
N VAL Y 47 47.51 -94.85 93.81
CA VAL Y 47 46.79 -95.11 95.05
C VAL Y 47 47.42 -94.28 96.16
N THR Y 48 46.57 -93.71 97.01
CA THR Y 48 46.98 -92.81 98.08
C THR Y 48 45.86 -92.78 99.11
N GLN Y 49 46.20 -92.91 100.38
CA GLN Y 49 45.20 -92.91 101.44
C GLN Y 49 44.92 -91.50 101.93
N LYS Y 50 43.86 -91.38 102.72
CA LYS Y 50 43.58 -90.18 103.49
C LYS Y 50 43.85 -90.44 104.96
N LYS Y 51 43.75 -89.39 105.77
CA LYS Y 51 43.77 -89.50 107.23
C LYS Y 51 42.83 -88.45 107.80
N VAL Y 52 41.57 -88.81 107.97
CA VAL Y 52 40.54 -87.93 108.49
C VAL Y 52 40.02 -88.52 109.79
N PRO Y 53 40.39 -87.95 110.94
CA PRO Y 53 39.85 -88.43 112.22
C PRO Y 53 38.51 -87.81 112.56
N ASP Y 54 38.02 -86.86 111.76
CA ASP Y 54 36.88 -86.04 112.13
C ASP Y 54 35.63 -86.52 111.42
N LYS Y 55 34.49 -86.35 112.09
CA LYS Y 55 33.20 -86.49 111.44
C LYS Y 55 32.72 -85.18 110.84
N LEU Y 56 33.18 -84.05 111.37
CA LEU Y 56 32.79 -82.73 110.88
C LEU Y 56 33.55 -82.32 109.64
N LEU Y 57 34.61 -83.02 109.30
CA LEU Y 57 35.42 -82.74 108.13
C LEU Y 57 34.83 -83.52 106.95
N ASP Y 58 34.89 -82.93 105.78
CA ASP Y 58 34.26 -83.53 104.61
C ASP Y 58 35.12 -84.68 104.05
N SER Y 59 34.78 -85.15 102.85
CA SER Y 59 35.55 -86.19 102.20
C SER Y 59 35.80 -85.94 100.72
N SER Y 60 34.96 -85.16 100.05
CA SER Y 60 35.22 -84.85 98.65
C SER Y 60 36.36 -83.86 98.51
N THR Y 61 36.51 -82.98 99.49
CA THR Y 61 37.51 -81.91 99.43
C THR Y 61 38.88 -82.34 99.92
N VAL Y 62 39.07 -83.62 100.27
CA VAL Y 62 40.32 -84.06 100.89
C VAL Y 62 41.18 -84.85 99.89
N THR Y 63 40.66 -85.09 98.69
CA THR Y 63 41.31 -85.97 97.72
C THR Y 63 42.56 -85.30 97.14
N HIS Y 64 43.67 -86.03 97.13
CA HIS Y 64 44.92 -85.50 96.61
C HIS Y 64 45.09 -85.72 95.11
N LEU Y 65 44.26 -86.56 94.50
CA LEU Y 65 44.31 -86.73 93.05
C LEU Y 65 43.84 -85.45 92.37
N PHE Y 66 44.74 -84.83 91.63
CA PHE Y 66 44.48 -83.52 91.05
C PHE Y 66 44.55 -83.64 89.54
N LYS Y 67 43.38 -83.58 88.90
CA LYS Y 67 43.28 -83.64 87.46
C LYS Y 67 43.85 -82.36 86.86
N ILE Y 68 45.04 -82.47 86.28
CA ILE Y 68 45.68 -81.30 85.68
C ILE Y 68 45.00 -80.97 84.35
N THR Y 69 44.95 -81.94 83.46
CA THR Y 69 44.34 -81.78 82.16
C THR Y 69 43.45 -83.00 81.97
N GLU Y 70 42.74 -83.08 80.85
CA GLU Y 70 41.84 -84.20 80.59
C GLU Y 70 42.56 -85.52 80.46
N ASN Y 71 43.84 -85.51 80.12
CA ASN Y 71 44.59 -86.74 79.90
C ASN Y 71 45.79 -86.81 80.82
N ILE Y 72 45.85 -85.94 81.81
CA ILE Y 72 46.97 -85.86 82.72
C ILE Y 72 46.43 -85.77 84.13
N GLY Y 73 46.74 -86.78 84.95
CA GLY Y 73 46.45 -86.74 86.36
C GLY Y 73 47.75 -86.76 87.15
N CYS Y 74 47.64 -86.40 88.41
CA CYS Y 74 48.83 -86.37 89.26
C CYS Y 74 48.38 -86.58 90.70
N VAL Y 75 49.36 -86.69 91.58
CA VAL Y 75 49.11 -86.90 93.00
C VAL Y 75 50.17 -86.13 93.78
N MET Y 76 49.79 -85.65 94.95
CA MET Y 76 50.66 -84.82 95.75
C MET Y 76 50.89 -85.41 97.12
N THR Y 77 52.07 -85.13 97.65
CA THR Y 77 52.41 -85.40 99.04
C THR Y 77 53.07 -84.15 99.61
N GLY Y 78 53.56 -84.23 100.85
CA GLY Y 78 54.10 -83.06 101.48
C GLY Y 78 53.00 -82.10 101.92
N MET Y 79 53.41 -80.86 102.14
CA MET Y 79 52.50 -79.84 102.61
C MET Y 79 51.58 -79.38 101.49
N THR Y 80 50.37 -78.99 101.88
CA THR Y 80 49.28 -78.86 100.92
C THR Y 80 49.42 -77.58 100.09
N ALA Y 81 49.96 -76.53 100.69
CA ALA Y 81 50.00 -75.23 100.01
C ALA Y 81 50.95 -75.25 98.83
N ASP Y 82 52.16 -75.80 99.03
CA ASP Y 82 53.11 -75.98 97.94
C ASP Y 82 52.54 -76.90 96.87
N SER Y 83 51.79 -77.92 97.30
CA SER Y 83 51.22 -78.88 96.36
C SER Y 83 50.20 -78.21 95.45
N ARG Y 84 49.26 -77.46 96.04
CA ARG Y 84 48.23 -76.81 95.25
C ARG Y 84 48.81 -75.70 94.38
N SER Y 85 49.83 -75.00 94.88
CA SER Y 85 50.45 -73.94 94.08
C SER Y 85 51.19 -74.53 92.89
N GLN Y 86 51.87 -75.65 93.10
CA GLN Y 86 52.53 -76.37 92.01
C GLN Y 86 51.49 -76.87 91.01
N VAL Y 87 50.31 -77.23 91.52
CA VAL Y 87 49.23 -77.70 90.67
C VAL Y 87 48.71 -76.58 89.76
N GLN Y 88 48.49 -75.38 90.33
CA GLN Y 88 48.05 -74.27 89.47
C GLN Y 88 49.12 -73.86 88.47
N ARG Y 89 50.39 -73.94 88.86
CA ARG Y 89 51.44 -73.67 87.90
C ARG Y 89 51.45 -74.70 86.78
N ALA Y 90 51.19 -75.96 87.11
CA ALA Y 90 51.17 -77.01 86.10
C ALA Y 90 50.00 -76.84 85.15
N ARG Y 91 48.82 -76.52 85.68
CA ARG Y 91 47.64 -76.28 84.85
C ARG Y 91 47.86 -75.09 83.93
N TYR Y 92 48.44 -74.02 84.48
CA TYR Y 92 48.67 -72.82 83.70
C TYR Y 92 49.68 -73.06 82.59
N GLU Y 93 50.74 -73.80 82.88
CA GLU Y 93 51.73 -74.07 81.85
C GLU Y 93 51.22 -75.07 80.83
N ALA Y 94 50.32 -75.97 81.22
CA ALA Y 94 49.70 -76.85 80.24
C ALA Y 94 48.80 -76.08 79.29
N ALA Y 95 48.06 -75.10 79.82
CA ALA Y 95 47.25 -74.26 78.96
C ALA Y 95 48.11 -73.39 78.05
N ASN Y 96 49.28 -72.97 78.55
CA ASN Y 96 50.24 -72.25 77.72
C ASN Y 96 50.75 -73.11 76.58
N TRP Y 97 51.00 -74.40 76.87
CA TRP Y 97 51.39 -75.35 75.84
C TRP Y 97 50.33 -75.46 74.78
N LYS Y 98 49.09 -75.66 75.21
CA LYS Y 98 48.00 -75.91 74.27
C LYS Y 98 47.72 -74.68 73.42
N TYR Y 99 47.90 -73.47 73.96
CA TYR Y 99 47.70 -72.31 73.12
C TYR Y 99 48.88 -72.09 72.17
N LYS Y 100 50.10 -72.20 72.66
CA LYS Y 100 51.24 -71.82 71.82
C LYS Y 100 51.54 -72.87 70.77
N TYR Y 101 51.30 -74.14 71.09
CA TYR Y 101 51.83 -75.21 70.27
C TYR Y 101 50.78 -75.99 69.52
N GLY Y 102 49.50 -75.76 69.82
CA GLY Y 102 48.45 -76.27 68.99
C GLY Y 102 48.01 -77.69 69.26
N TYR Y 103 48.55 -78.33 70.30
CA TYR Y 103 48.18 -79.71 70.58
C TYR Y 103 48.42 -80.01 72.05
N GLU Y 104 48.05 -81.22 72.43
CA GLU Y 104 48.06 -81.64 73.83
C GLU Y 104 49.48 -81.83 74.35
N ILE Y 105 49.71 -81.40 75.59
CA ILE Y 105 51.08 -81.42 76.11
C ILE Y 105 51.49 -82.84 76.47
N PRO Y 106 52.69 -83.28 76.11
CA PRO Y 106 53.21 -84.54 76.64
C PRO Y 106 53.56 -84.41 78.11
N VAL Y 107 53.34 -85.49 78.84
CA VAL Y 107 53.54 -85.50 80.29
C VAL Y 107 55.01 -85.38 80.66
N ASP Y 108 55.92 -85.76 79.76
CA ASP Y 108 57.35 -85.63 80.00
C ASP Y 108 57.78 -84.17 79.99
N MET Y 109 57.34 -83.44 78.95
CA MET Y 109 57.70 -82.03 78.78
C MET Y 109 57.20 -81.19 79.94
N LEU Y 110 56.00 -81.50 80.44
CA LEU Y 110 55.44 -80.75 81.55
C LEU Y 110 56.26 -80.96 82.82
N CYS Y 111 56.67 -82.20 83.07
CA CYS Y 111 57.48 -82.48 84.24
C CYS Y 111 58.85 -81.84 84.13
N LYS Y 112 59.39 -81.76 82.90
CA LYS Y 112 60.62 -81.02 82.67
C LYS Y 112 60.45 -79.54 83.01
N ARG Y 113 59.32 -78.97 82.60
CA ARG Y 113 59.08 -77.55 82.84
C ARG Y 113 58.92 -77.26 84.32
N ILE Y 114 58.21 -78.14 85.04
CA ILE Y 114 58.05 -77.99 86.49
C ILE Y 114 59.39 -78.16 87.19
N ALA Y 115 60.25 -79.05 86.67
CA ALA Y 115 61.59 -79.19 87.21
C ALA Y 115 62.40 -77.92 87.00
N ASP Y 116 62.23 -77.27 85.85
CA ASP Y 116 62.90 -76.01 85.59
C ASP Y 116 62.41 -74.91 86.52
N ILE Y 117 61.09 -74.86 86.75
CA ILE Y 117 60.53 -73.90 87.69
C ILE Y 117 61.03 -74.15 89.10
N SER Y 118 61.20 -75.43 89.45
CA SER Y 118 61.76 -75.76 90.75
C SER Y 118 63.21 -75.32 90.86
N GLN Y 119 63.96 -75.40 89.76
CA GLN Y 119 65.30 -74.82 89.76
C GLN Y 119 65.27 -73.31 89.92
N VAL Y 120 64.29 -72.65 89.27
CA VAL Y 120 64.14 -71.21 89.39
C VAL Y 120 63.91 -70.81 90.84
N TYR Y 121 63.03 -71.54 91.54
CA TYR Y 121 62.88 -71.33 92.97
C TYR Y 121 64.09 -71.84 93.77
N THR Y 122 64.96 -72.64 93.16
CA THR Y 122 66.14 -73.14 93.86
C THR Y 122 67.36 -72.25 93.66
N GLN Y 123 67.47 -71.61 92.50
CA GLN Y 123 68.71 -70.92 92.15
C GLN Y 123 68.92 -69.66 92.98
N ASN Y 124 67.99 -68.72 92.90
CA ASN Y 124 68.12 -67.52 93.72
C ASN Y 124 67.82 -67.89 95.16
N ALA Y 125 68.56 -67.26 96.06
CA ALA Y 125 68.36 -67.47 97.48
C ALA Y 125 67.22 -66.57 97.96
N GLU Y 126 67.00 -66.55 99.29
CA GLU Y 126 65.87 -65.87 99.94
C GLU Y 126 64.52 -66.30 99.38
N MET Y 127 64.42 -67.56 98.95
CA MET Y 127 63.22 -68.08 98.32
C MET Y 127 62.97 -69.48 98.87
N ARG Y 128 61.77 -69.70 99.34
CA ARG Y 128 61.47 -70.96 99.99
C ARG Y 128 61.19 -72.05 98.95
N PRO Y 129 61.95 -73.13 98.97
CA PRO Y 129 61.96 -74.02 97.81
C PRO Y 129 60.89 -75.11 97.78
N LEU Y 130 59.65 -74.77 98.17
CA LEU Y 130 58.43 -75.55 97.89
C LEU Y 130 58.46 -77.04 98.23
N GLY Y 131 58.56 -77.41 99.50
CA GLY Y 131 58.83 -78.78 99.86
C GLY Y 131 57.71 -79.79 99.66
N CYS Y 132 57.36 -80.05 98.40
CA CYS Y 132 56.32 -81.01 98.05
C CYS Y 132 56.81 -81.88 96.91
N CYS Y 133 56.28 -83.09 96.82
CA CYS Y 133 56.67 -84.04 95.78
C CYS Y 133 55.49 -84.33 94.88
N MET Y 134 55.72 -84.25 93.58
CA MET Y 134 54.67 -84.44 92.58
C MET Y 134 54.99 -85.66 91.73
N ILE Y 135 54.02 -86.55 91.61
CA ILE Y 135 54.10 -87.69 90.71
C ILE Y 135 53.05 -87.52 89.64
N LEU Y 136 53.45 -87.64 88.37
CA LEU Y 136 52.54 -87.44 87.25
C LEU Y 136 52.28 -88.76 86.54
N ILE Y 137 51.11 -88.85 85.91
CA ILE Y 137 50.79 -89.94 85.00
C ILE Y 137 50.14 -89.40 83.74
N GLY Y 138 50.34 -90.13 82.64
CA GLY Y 138 49.70 -89.79 81.38
C GLY Y 138 49.91 -90.87 80.36
N ILE Y 139 49.07 -90.83 79.33
CA ILE Y 139 49.15 -91.74 78.19
C ILE Y 139 49.82 -90.97 77.05
N ASP Y 140 50.77 -91.60 76.38
CA ASP Y 140 51.35 -91.04 75.17
C ASP Y 140 51.07 -91.95 74.00
N GLU Y 141 50.78 -91.35 72.86
CA GLU Y 141 50.78 -92.09 71.61
C GLU Y 141 52.21 -92.46 71.26
N GLU Y 142 52.37 -93.67 70.70
CA GLU Y 142 53.63 -94.31 70.34
C GLU Y 142 54.56 -94.56 71.52
N GLN Y 143 54.12 -94.31 72.76
CA GLN Y 143 54.89 -94.62 73.96
C GLN Y 143 54.06 -95.22 75.07
N GLY Y 144 52.73 -95.13 75.03
CA GLY Y 144 51.88 -95.76 76.01
C GLY Y 144 51.68 -94.92 77.25
N PRO Y 145 51.54 -95.56 78.40
CA PRO Y 145 51.40 -94.83 79.67
C PRO Y 145 52.75 -94.41 80.22
N GLN Y 146 52.73 -93.30 80.96
CA GLN Y 146 53.97 -92.75 81.50
C GLN Y 146 53.78 -92.37 82.96
N VAL Y 147 54.86 -92.50 83.70
CA VAL Y 147 54.93 -92.10 85.11
C VAL Y 147 56.14 -91.20 85.24
N TYR Y 148 55.96 -90.05 85.87
CA TYR Y 148 57.07 -89.15 86.15
C TYR Y 148 56.99 -88.67 87.58
N LYS Y 149 58.13 -88.23 88.08
CA LYS Y 149 58.21 -87.66 89.41
C LYS Y 149 58.92 -86.33 89.32
N CYS Y 150 58.45 -85.35 90.09
CA CYS Y 150 59.12 -84.08 90.24
C CYS Y 150 59.72 -84.00 91.63
N ASP Y 151 61.00 -83.71 91.70
CA ASP Y 151 61.59 -83.52 93.01
C ASP Y 151 61.54 -82.05 93.39
N PRO Y 152 61.63 -81.73 94.68
CA PRO Y 152 61.84 -80.34 95.08
C PRO Y 152 63.17 -79.77 94.60
N ALA Y 153 64.16 -80.63 94.38
CA ALA Y 153 65.41 -80.19 93.77
C ALA Y 153 65.28 -79.92 92.27
N GLY Y 154 64.15 -80.24 91.66
CA GLY Y 154 64.03 -80.10 90.23
C GLY Y 154 64.71 -81.20 89.46
N TYR Y 155 64.99 -82.31 90.12
CA TYR Y 155 65.65 -83.47 89.52
C TYR Y 155 64.55 -84.46 89.16
N TYR Y 156 64.10 -84.42 87.93
CA TYR Y 156 62.99 -85.28 87.59
C TYR Y 156 63.50 -86.64 87.12
N CYS Y 157 62.62 -87.62 87.17
CA CYS Y 157 62.88 -88.93 86.59
C CYS Y 157 61.54 -89.52 86.20
N GLY Y 158 61.60 -90.67 85.54
CA GLY Y 158 60.38 -91.33 85.13
C GLY Y 158 60.57 -92.81 84.96
N PHE Y 159 59.73 -93.60 85.63
CA PHE Y 159 60.01 -95.01 85.81
C PHE Y 159 58.75 -95.73 86.28
N LYS Y 160 58.82 -97.05 86.26
CA LYS Y 160 57.63 -97.89 86.29
C LYS Y 160 57.01 -97.96 87.67
N ALA Y 161 57.76 -98.47 88.64
CA ALA Y 161 57.27 -98.65 89.99
C ALA Y 161 57.74 -97.45 90.79
N THR Y 162 56.80 -96.66 91.26
CA THR Y 162 57.08 -95.32 91.75
C THR Y 162 56.30 -95.08 93.03
N ALA Y 163 57.00 -94.58 94.05
CA ALA Y 163 56.37 -94.33 95.33
C ALA Y 163 57.22 -93.34 96.11
N ALA Y 164 56.58 -92.31 96.67
CA ALA Y 164 57.29 -91.31 97.45
C ALA Y 164 56.37 -90.82 98.56
N GLY Y 165 56.98 -90.26 99.61
CA GLY Y 165 56.22 -89.84 100.77
C GLY Y 165 56.96 -90.04 102.07
N VAL Y 166 56.37 -90.84 102.95
CA VAL Y 166 56.90 -91.14 104.28
C VAL Y 166 57.64 -92.46 104.32
N LYS Y 167 56.98 -93.54 103.88
CA LYS Y 167 57.40 -94.92 104.13
C LYS Y 167 57.87 -95.67 102.89
N GLN Y 168 58.55 -95.00 101.97
CA GLN Y 168 58.73 -95.56 100.64
C GLN Y 168 60.12 -96.09 100.37
N THR Y 169 61.05 -95.96 101.32
CA THR Y 169 62.23 -96.80 101.26
C THR Y 169 61.84 -98.27 101.32
N GLU Y 170 60.95 -98.59 102.26
CA GLU Y 170 60.46 -99.95 102.41
C GLU Y 170 59.57 -100.33 101.23
N SER Y 171 58.78 -99.38 100.74
CA SER Y 171 57.90 -99.66 99.62
C SER Y 171 58.69 -99.90 98.35
N THR Y 172 59.76 -99.15 98.13
CA THR Y 172 60.63 -99.41 96.99
C THR Y 172 61.46 -100.67 97.15
N SER Y 173 61.78 -101.07 98.38
CA SER Y 173 62.40 -102.39 98.56
C SER Y 173 61.42 -103.50 98.18
N PHE Y 174 60.16 -103.36 98.57
CA PHE Y 174 59.14 -104.31 98.16
C PHE Y 174 58.90 -104.25 96.65
N LEU Y 175 59.05 -103.09 96.04
CA LEU Y 175 58.88 -103.00 94.60
C LEU Y 175 60.10 -103.52 93.83
N GLU Y 176 61.27 -103.52 94.44
CA GLU Y 176 62.38 -104.27 93.87
C GLU Y 176 62.12 -105.76 93.97
N LYS Y 177 61.60 -106.20 95.11
CA LYS Y 177 61.27 -107.61 95.28
C LYS Y 177 60.05 -108.03 94.46
N LYS Y 178 59.25 -107.08 94.00
CA LYS Y 178 58.00 -107.39 93.31
C LYS Y 178 58.07 -107.18 91.81
N VAL Y 179 58.61 -106.06 91.33
CA VAL Y 179 58.87 -105.94 89.91
C VAL Y 179 60.27 -106.47 89.69
N LYS Y 180 60.37 -107.80 89.73
CA LYS Y 180 61.46 -108.56 89.16
C LYS Y 180 60.93 -109.78 88.44
N LYS Y 181 59.74 -110.22 88.80
CA LYS Y 181 59.04 -111.29 88.12
C LYS Y 181 58.39 -110.72 86.88
N LYS Y 182 58.51 -111.45 85.77
CA LYS Y 182 58.22 -110.92 84.45
C LYS Y 182 56.80 -111.25 83.96
N PHE Y 183 55.83 -111.39 84.86
CA PHE Y 183 54.46 -111.58 84.43
C PHE Y 183 53.90 -110.29 83.82
N ASP Y 184 52.80 -110.45 83.09
CA ASP Y 184 52.09 -109.30 82.55
C ASP Y 184 51.36 -108.57 83.66
N TRP Y 185 50.81 -107.41 83.31
CA TRP Y 185 50.14 -106.55 84.29
C TRP Y 185 48.77 -106.20 83.73
N THR Y 186 47.82 -107.09 83.92
CA THR Y 186 46.54 -106.99 83.20
C THR Y 186 45.51 -106.21 84.00
N PHE Y 187 45.96 -105.06 84.53
CA PHE Y 187 45.18 -103.96 85.11
C PHE Y 187 44.50 -104.27 86.44
N GLU Y 188 44.12 -105.52 86.66
CA GLU Y 188 43.72 -105.92 88.00
C GLU Y 188 44.90 -106.49 88.74
N GLN Y 189 45.86 -107.04 88.00
CA GLN Y 189 47.18 -107.30 88.55
C GLN Y 189 47.81 -106.01 89.06
N THR Y 190 47.65 -104.92 88.31
CA THR Y 190 48.21 -103.64 88.74
C THR Y 190 47.49 -103.10 89.96
N VAL Y 191 46.15 -103.09 89.92
CA VAL Y 191 45.37 -102.57 91.04
C VAL Y 191 45.61 -103.42 92.30
N GLU Y 192 45.66 -104.73 92.14
CA GLU Y 192 45.87 -105.63 93.26
C GLU Y 192 47.27 -105.48 93.85
N THR Y 193 48.29 -105.31 93.00
CA THR Y 193 49.63 -105.11 93.53
C THR Y 193 49.78 -103.76 94.21
N ALA Y 194 49.08 -102.73 93.72
CA ALA Y 194 49.11 -101.45 94.41
C ALA Y 194 48.46 -101.54 95.79
N ILE Y 195 47.30 -102.19 95.85
CA ILE Y 195 46.58 -102.31 97.12
C ILE Y 195 47.37 -103.19 98.09
N THR Y 196 47.94 -104.30 97.60
CA THR Y 196 48.66 -105.19 98.50
C THR Y 196 50.02 -104.64 98.89
N CYS Y 197 50.67 -103.83 98.05
CA CYS Y 197 51.93 -103.25 98.48
C CYS Y 197 51.69 -102.17 99.53
N LEU Y 198 50.64 -101.37 99.35
CA LEU Y 198 50.30 -100.40 100.39
C LEU Y 198 49.80 -101.10 101.66
N SER Y 199 49.13 -102.23 101.51
CA SER Y 199 48.62 -102.98 102.64
C SER Y 199 49.65 -103.91 103.26
N THR Y 200 50.82 -104.03 102.66
CA THR Y 200 51.95 -104.63 103.34
C THR Y 200 52.87 -103.60 103.99
N VAL Y 201 52.93 -102.39 103.43
CA VAL Y 201 53.71 -101.35 104.10
C VAL Y 201 53.02 -100.88 105.36
N LEU Y 202 51.76 -100.46 105.25
CA LEU Y 202 51.08 -99.99 106.45
C LEU Y 202 50.49 -101.12 107.26
N SER Y 203 50.09 -102.22 106.60
CA SER Y 203 49.53 -103.43 107.22
C SER Y 203 48.29 -103.11 108.07
N ILE Y 204 47.29 -102.57 107.38
CA ILE Y 204 46.05 -102.10 108.00
C ILE Y 204 44.85 -102.89 107.50
N ASP Y 205 44.77 -103.14 106.18
CA ASP Y 205 43.75 -103.97 105.53
C ASP Y 205 42.35 -103.43 105.79
N PHE Y 206 42.13 -102.24 105.25
CA PHE Y 206 41.12 -101.31 105.70
C PHE Y 206 40.00 -101.18 104.67
N LYS Y 207 39.07 -100.27 104.97
CA LYS Y 207 37.86 -100.09 104.17
C LYS Y 207 38.21 -99.45 102.83
N PRO Y 208 37.31 -99.50 101.86
CA PRO Y 208 37.52 -98.68 100.65
C PRO Y 208 37.26 -97.18 100.83
N SER Y 209 37.07 -96.72 102.07
CA SER Y 209 36.79 -95.33 102.37
C SER Y 209 38.01 -94.52 102.79
N GLU Y 210 39.21 -95.10 102.70
CA GLU Y 210 40.43 -94.39 103.09
C GLU Y 210 41.36 -94.08 101.93
N ILE Y 211 41.45 -94.96 100.96
CA ILE Y 211 42.32 -94.75 99.81
C ILE Y 211 41.54 -94.15 98.65
N GLU Y 212 42.19 -93.29 97.89
CA GLU Y 212 41.70 -92.83 96.61
C GLU Y 212 42.55 -93.45 95.51
N VAL Y 213 41.90 -93.90 94.45
CA VAL Y 213 42.60 -94.59 93.37
C VAL Y 213 42.36 -93.82 92.08
N GLY Y 214 43.46 -93.40 91.44
CA GLY Y 214 43.40 -92.72 90.16
C GLY Y 214 43.93 -93.64 89.08
N VAL Y 215 43.20 -93.70 87.97
CA VAL Y 215 43.56 -94.58 86.88
C VAL Y 215 43.57 -93.80 85.58
N VAL Y 216 44.40 -94.29 84.66
CA VAL Y 216 44.28 -93.97 83.24
C VAL Y 216 44.78 -95.19 82.49
N THR Y 217 44.18 -95.45 81.33
CA THR Y 217 44.36 -96.72 80.63
C THR Y 217 44.35 -96.42 79.15
N VAL Y 218 45.05 -97.23 78.35
CA VAL Y 218 44.84 -97.13 76.92
C VAL Y 218 43.67 -98.06 76.59
N GLU Y 219 42.49 -97.64 77.02
CA GLU Y 219 41.21 -97.83 76.35
C GLU Y 219 40.35 -96.59 76.43
N ASN Y 220 40.50 -95.81 77.50
CA ASN Y 220 39.92 -94.48 77.63
C ASN Y 220 41.05 -93.62 78.18
N PRO Y 221 41.74 -92.85 77.34
CA PRO Y 221 42.89 -92.06 77.83
C PRO Y 221 42.51 -90.87 78.69
N LYS Y 222 41.23 -90.63 78.94
CA LYS Y 222 40.85 -89.60 79.90
C LYS Y 222 41.23 -90.03 81.30
N PHE Y 223 41.65 -89.06 82.11
CA PHE Y 223 41.96 -89.35 83.50
C PHE Y 223 40.68 -89.66 84.26
N ARG Y 224 40.78 -90.58 85.21
CA ARG Y 224 39.60 -91.19 85.80
C ARG Y 224 39.82 -91.40 87.30
N ILE Y 225 38.82 -91.03 88.09
CA ILE Y 225 38.83 -91.21 89.54
C ILE Y 225 37.79 -92.27 89.89
N LEU Y 226 38.21 -93.27 90.66
CA LEU Y 226 37.37 -94.41 90.90
C LEU Y 226 36.30 -94.12 91.95
N THR Y 227 35.23 -94.91 91.88
CA THR Y 227 34.08 -94.79 92.76
C THR Y 227 34.20 -95.85 93.86
N GLU Y 228 33.62 -95.53 95.02
CA GLU Y 228 33.65 -96.37 96.22
C GLU Y 228 33.21 -97.81 95.95
N ALA Y 229 32.24 -97.99 95.06
CA ALA Y 229 31.71 -99.31 94.78
C ALA Y 229 32.73 -100.17 94.03
N GLU Y 230 33.32 -99.64 92.97
CA GLU Y 230 34.29 -100.44 92.22
C GLU Y 230 35.62 -100.57 92.96
N ILE Y 231 35.95 -99.61 93.81
CA ILE Y 231 37.07 -99.77 94.74
C ILE Y 231 36.82 -100.95 95.67
N ASP Y 232 35.60 -101.03 96.20
CA ASP Y 232 35.23 -102.16 97.04
C ASP Y 232 35.22 -103.46 96.25
N ALA Y 233 34.86 -103.39 94.97
CA ALA Y 233 34.85 -104.56 94.11
C ALA Y 233 36.26 -105.09 93.92
N HIS Y 234 37.23 -104.19 93.68
CA HIS Y 234 38.62 -104.61 93.59
C HIS Y 234 39.13 -105.16 94.93
N LEU Y 235 38.73 -104.55 96.04
CA LEU Y 235 39.23 -104.98 97.35
C LEU Y 235 38.71 -106.36 97.71
N VAL Y 236 37.44 -106.63 97.41
CA VAL Y 236 36.92 -107.97 97.64
C VAL Y 236 37.38 -108.94 96.56
N ALA Y 237 37.82 -108.44 95.40
CA ALA Y 237 38.38 -109.33 94.39
C ALA Y 237 39.79 -109.77 94.75
N LEU Y 238 40.49 -108.98 95.54
CA LEU Y 238 41.79 -109.39 96.07
C LEU Y 238 41.68 -109.98 97.47
N ALA Y 239 40.47 -110.22 97.94
CA ALA Y 239 40.23 -110.76 99.28
C ALA Y 239 40.05 -112.27 99.16
N GLU Y 240 41.11 -113.01 99.43
CA GLU Y 240 41.03 -114.47 99.54
C GLU Y 240 41.61 -114.95 100.87
N GLU Z 1 60.09 -60.01 93.86
CA GLU Z 1 61.12 -60.08 94.90
C GLU Z 1 61.61 -58.69 95.27
N ARG Z 2 62.48 -58.62 96.27
CA ARG Z 2 63.06 -57.35 96.69
C ARG Z 2 64.19 -56.90 95.76
N GLY Z 3 65.01 -57.84 95.29
CA GLY Z 3 66.17 -57.48 94.49
C GLY Z 3 67.25 -56.82 95.32
N TYR Z 4 67.79 -57.56 96.30
CA TYR Z 4 68.85 -57.02 97.15
C TYR Z 4 70.16 -56.89 96.40
N SER Z 5 70.45 -57.85 95.52
CA SER Z 5 71.41 -57.74 94.42
C SER Z 5 72.86 -57.56 94.87
N PHE Z 6 73.23 -57.97 96.09
CA PHE Z 6 74.65 -58.04 96.39
C PHE Z 6 75.12 -59.48 96.25
N SER Z 7 76.35 -59.62 95.76
CA SER Z 7 76.93 -60.93 95.48
C SER Z 7 77.46 -61.51 96.78
N LEU Z 8 77.27 -62.81 96.95
CA LEU Z 8 77.82 -63.50 98.11
C LEU Z 8 79.27 -63.91 97.93
N THR Z 9 79.82 -63.72 96.75
CA THR Z 9 81.18 -64.11 96.44
C THR Z 9 82.09 -62.91 96.69
N THR Z 10 82.84 -62.96 97.78
CA THR Z 10 83.85 -61.95 98.08
C THR Z 10 85.19 -62.65 98.24
N PHE Z 11 86.27 -61.87 98.10
CA PHE Z 11 87.60 -62.44 98.15
C PHE Z 11 88.00 -62.80 99.57
N SER Z 12 88.82 -63.81 99.68
CA SER Z 12 89.43 -64.18 100.95
C SER Z 12 90.55 -63.21 101.28
N PRO Z 13 91.04 -63.22 102.51
CA PRO Z 13 92.35 -62.62 102.76
C PRO Z 13 93.48 -63.32 102.02
N SER Z 14 93.33 -64.62 101.77
CA SER Z 14 94.28 -65.33 100.93
C SER Z 14 94.20 -64.93 99.47
N GLY Z 15 93.04 -64.44 99.04
CA GLY Z 15 92.81 -64.16 97.63
C GLY Z 15 92.04 -65.24 96.91
N LYS Z 16 91.23 -66.02 97.61
CA LYS Z 16 90.50 -67.13 97.03
C LYS Z 16 88.99 -66.87 97.09
N LEU Z 17 88.26 -67.64 96.27
CA LEU Z 17 86.80 -67.55 96.19
C LEU Z 17 86.24 -68.90 96.64
N VAL Z 18 85.86 -68.95 97.91
CA VAL Z 18 85.62 -70.23 98.58
C VAL Z 18 84.32 -70.85 98.10
N GLN Z 19 83.35 -70.03 97.67
CA GLN Z 19 82.14 -70.58 97.09
C GLN Z 19 82.42 -71.26 95.75
N ILE Z 20 83.31 -70.70 94.94
CA ILE Z 20 83.67 -71.34 93.68
C ILE Z 20 84.46 -72.61 93.94
N GLU Z 21 85.33 -72.58 94.97
CA GLU Z 21 86.11 -73.77 95.28
C GLU Z 21 85.23 -74.89 95.84
N TYR Z 22 84.23 -74.53 96.64
CA TYR Z 22 83.26 -75.52 97.11
C TYR Z 22 82.41 -76.04 95.95
N ALA Z 23 82.10 -75.20 94.98
CA ALA Z 23 81.37 -75.65 93.80
C ALA Z 23 82.20 -76.63 92.98
N LEU Z 24 83.51 -76.35 92.88
CA LEU Z 24 84.41 -77.27 92.19
C LEU Z 24 84.52 -78.59 92.93
N ALA Z 25 84.51 -78.54 94.27
CA ALA Z 25 84.52 -79.78 95.04
C ALA Z 25 83.23 -80.56 94.87
N ALA Z 26 82.10 -79.86 94.76
CA ALA Z 26 80.83 -80.51 94.51
C ALA Z 26 80.78 -81.13 93.12
N VAL Z 27 81.46 -80.50 92.15
CA VAL Z 27 81.63 -81.09 90.84
C VAL Z 27 82.44 -82.37 90.93
N ALA Z 28 83.56 -82.32 91.66
CA ALA Z 28 84.43 -83.49 91.80
C ALA Z 28 83.76 -84.61 92.58
N GLY Z 29 82.76 -84.29 93.39
CA GLY Z 29 81.94 -85.30 94.01
C GLY Z 29 80.81 -85.84 93.16
N GLY Z 30 80.83 -85.57 91.85
CA GLY Z 30 79.76 -85.98 90.97
C GLY Z 30 80.06 -87.24 90.19
N ALA Z 31 79.23 -87.50 89.20
CA ALA Z 31 79.35 -88.71 88.40
C ALA Z 31 80.57 -88.63 87.48
N PRO Z 32 81.24 -89.74 87.22
CA PRO Z 32 82.40 -89.71 86.33
C PRO Z 32 81.97 -89.58 84.88
N SER Z 33 82.91 -89.10 84.08
CA SER Z 33 82.71 -88.98 82.64
C SER Z 33 84.07 -88.94 81.96
N VAL Z 34 84.07 -89.10 80.65
CA VAL Z 34 85.29 -89.10 79.86
C VAL Z 34 84.97 -88.57 78.49
N GLY Z 35 85.93 -87.83 77.91
CA GLY Z 35 85.79 -87.31 76.57
C GLY Z 35 87.13 -87.29 75.86
N ILE Z 36 87.18 -87.78 74.63
CA ILE Z 36 88.42 -87.96 73.89
C ILE Z 36 88.27 -87.38 72.49
N LYS Z 37 89.22 -86.52 72.11
CA LYS Z 37 89.32 -86.05 70.73
C LYS Z 37 90.21 -87.01 69.95
N ALA Z 38 89.65 -87.63 68.92
CA ALA Z 38 90.41 -88.47 68.01
C ALA Z 38 90.72 -87.68 66.73
N ALA Z 39 91.35 -88.36 65.77
CA ALA Z 39 91.85 -87.68 64.59
C ALA Z 39 90.75 -87.29 63.62
N ASN Z 40 89.66 -88.04 63.62
CA ASN Z 40 88.50 -87.76 62.77
C ASN Z 40 87.26 -87.33 63.52
N GLY Z 41 87.06 -87.82 64.75
CA GLY Z 41 85.87 -87.49 65.51
C GLY Z 41 86.21 -87.29 66.97
N VAL Z 42 85.20 -86.95 67.77
CA VAL Z 42 85.34 -86.80 69.20
C VAL Z 42 84.28 -87.67 69.88
N VAL Z 43 84.71 -88.42 70.89
CA VAL Z 43 83.83 -89.37 71.57
C VAL Z 43 83.64 -88.91 73.00
N LEU Z 44 82.38 -88.80 73.41
CA LEU Z 44 82.00 -88.54 74.79
C LEU Z 44 81.36 -89.79 75.37
N ALA Z 45 81.60 -90.02 76.66
CA ALA Z 45 81.05 -91.19 77.32
C ALA Z 45 80.81 -90.86 78.78
N THR Z 46 79.61 -91.20 79.26
CA THR Z 46 79.24 -90.99 80.65
C THR Z 46 79.05 -92.35 81.33
N GLU Z 47 78.73 -92.29 82.62
CA GLU Z 47 78.61 -93.48 83.45
C GLU Z 47 77.29 -93.35 84.20
N LYS Z 48 76.28 -94.10 83.78
CA LYS Z 48 74.90 -93.87 84.21
C LYS Z 48 74.38 -95.10 84.96
N LYS Z 49 74.58 -95.12 86.28
CA LYS Z 49 73.99 -96.14 87.14
C LYS Z 49 72.71 -95.60 87.75
N GLN Z 50 71.62 -96.34 87.60
CA GLN Z 50 70.42 -96.05 88.34
C GLN Z 50 70.62 -96.36 89.81
N LYS Z 51 69.84 -95.69 90.67
CA LYS Z 51 69.93 -95.97 92.09
C LYS Z 51 69.29 -97.31 92.43
N SER Z 52 68.17 -97.63 91.81
CA SER Z 52 67.47 -98.88 92.04
C SER Z 52 67.29 -99.60 90.70
N ILE Z 53 66.60 -100.75 90.77
CA ILE Z 53 66.26 -101.49 89.56
C ILE Z 53 64.96 -101.00 88.94
N LEU Z 54 64.31 -100.02 89.55
CA LEU Z 54 63.02 -99.54 89.07
C LEU Z 54 63.16 -98.52 87.95
N TYR Z 55 64.33 -97.92 87.82
CA TYR Z 55 64.46 -96.74 86.98
C TYR Z 55 64.54 -97.10 85.50
N ASP Z 56 63.98 -96.22 84.68
CA ASP Z 56 63.98 -96.32 83.23
C ASP Z 56 65.11 -95.48 82.66
N GLU Z 57 65.60 -95.88 81.50
CA GLU Z 57 66.76 -95.25 80.88
C GLU Z 57 66.42 -94.63 79.54
N ARG Z 58 65.14 -94.40 79.28
CA ARG Z 58 64.72 -93.71 78.07
C ARG Z 58 64.13 -92.34 78.37
N SER Z 59 64.19 -91.88 79.61
CA SER Z 59 63.64 -90.58 79.98
C SER Z 59 64.71 -89.50 80.07
N VAL Z 60 65.70 -89.69 80.92
CA VAL Z 60 66.78 -88.72 81.09
C VAL Z 60 67.95 -89.14 80.23
N HIS Z 61 68.57 -88.19 79.54
CA HIS Z 61 69.62 -88.49 78.58
C HIS Z 61 70.80 -87.57 78.81
N LYS Z 62 71.95 -88.17 79.13
CA LYS Z 62 73.13 -87.39 79.50
C LYS Z 62 73.74 -86.73 78.28
N VAL Z 63 74.09 -87.53 77.27
CA VAL Z 63 74.66 -86.99 76.04
C VAL Z 63 73.60 -86.19 75.31
N GLU Z 64 73.86 -84.90 75.14
CA GLU Z 64 72.83 -84.05 74.57
C GLU Z 64 73.39 -83.17 73.47
N PRO Z 65 72.81 -83.21 72.28
CA PRO Z 65 73.23 -82.30 71.23
C PRO Z 65 72.70 -80.90 71.45
N ILE Z 66 73.48 -79.93 70.99
CA ILE Z 66 73.04 -78.55 70.99
C ILE Z 66 72.69 -78.09 69.58
N THR Z 67 73.37 -78.59 68.56
CA THR Z 67 73.00 -78.39 67.16
C THR Z 67 73.14 -79.77 66.52
N LYS Z 68 73.11 -79.84 65.18
CA LYS Z 68 73.26 -81.12 64.50
C LYS Z 68 74.69 -81.61 64.46
N HIS Z 69 75.65 -80.86 64.99
CA HIS Z 69 77.03 -81.32 64.97
C HIS Z 69 77.76 -80.97 66.25
N ILE Z 70 77.05 -80.71 67.34
CA ILE Z 70 77.66 -80.22 68.57
C ILE Z 70 77.17 -81.07 69.73
N GLY Z 71 78.07 -81.83 70.33
CA GLY Z 71 77.73 -82.64 71.49
C GLY Z 71 78.20 -81.99 72.77
N LEU Z 72 77.57 -82.40 73.88
CA LEU Z 72 77.80 -81.72 75.15
C LEU Z 72 77.35 -82.63 76.29
N VAL Z 73 78.24 -82.91 77.23
CA VAL Z 73 77.93 -83.64 78.45
C VAL Z 73 78.45 -82.84 79.65
N TYR Z 74 78.32 -83.42 80.83
CA TYR Z 74 78.59 -82.69 82.05
C TYR Z 74 79.15 -83.63 83.11
N SER Z 75 79.46 -83.05 84.27
CA SER Z 75 79.72 -83.84 85.47
C SER Z 75 79.27 -82.99 86.67
N GLY Z 76 78.08 -83.27 87.16
CA GLY Z 76 77.48 -82.40 88.16
C GLY Z 76 76.02 -82.69 88.42
N MET Z 77 75.18 -81.65 88.39
CA MET Z 77 73.77 -81.76 88.74
C MET Z 77 72.89 -81.39 87.55
N GLY Z 78 72.07 -82.35 87.14
CA GLY Z 78 71.05 -82.19 86.13
C GLY Z 78 70.16 -80.94 86.15
N PRO Z 79 69.60 -80.55 87.30
CA PRO Z 79 68.74 -79.34 87.31
C PRO Z 79 69.47 -78.06 86.99
N ASP Z 80 70.79 -77.99 87.17
CA ASP Z 80 71.54 -76.89 86.61
C ASP Z 80 71.93 -77.14 85.17
N TYR Z 81 72.23 -78.41 84.87
CA TYR Z 81 72.68 -78.82 83.55
C TYR Z 81 71.65 -78.52 82.48
N ARG Z 82 70.38 -78.77 82.77
CA ARG Z 82 69.33 -78.52 81.79
C ARG Z 82 69.10 -77.04 81.58
N VAL Z 83 69.28 -76.23 82.63
CA VAL Z 83 69.12 -74.78 82.50
C VAL Z 83 70.19 -74.21 81.59
N LEU Z 84 71.44 -74.58 81.84
CA LEU Z 84 72.51 -74.09 80.98
C LEU Z 84 72.42 -74.68 79.57
N VAL Z 85 71.89 -75.90 79.43
CA VAL Z 85 71.63 -76.48 78.12
C VAL Z 85 70.63 -75.65 77.34
N HIS Z 86 69.49 -75.33 77.96
CA HIS Z 86 68.45 -74.57 77.30
C HIS Z 86 68.92 -73.16 76.96
N ARG Z 87 69.74 -72.57 77.83
CA ARG Z 87 70.35 -71.28 77.55
C ARG Z 87 71.25 -71.35 76.33
N ALA Z 88 72.06 -72.41 76.24
CA ALA Z 88 72.94 -72.57 75.09
C ALA Z 88 72.17 -72.85 73.82
N ARG Z 89 71.05 -73.57 73.93
CA ARG Z 89 70.16 -73.81 72.80
C ARG Z 89 69.67 -72.50 72.22
N LYS Z 90 69.09 -71.65 73.07
CA LYS Z 90 68.58 -70.37 72.63
C LYS Z 90 69.69 -69.47 72.10
N LEU Z 91 70.87 -69.55 72.71
CA LEU Z 91 72.01 -68.75 72.30
C LEU Z 91 72.50 -69.14 70.90
N ALA Z 92 72.68 -70.44 70.67
CA ALA Z 92 73.13 -70.91 69.37
C ALA Z 92 72.08 -70.67 68.29
N GLN Z 93 70.80 -70.76 68.66
CA GLN Z 93 69.78 -70.45 67.68
C GLN Z 93 69.73 -68.97 67.35
N GLN Z 94 70.07 -68.10 68.30
CA GLN Z 94 70.16 -66.69 67.99
C GLN Z 94 71.33 -66.40 67.07
N TYR Z 95 72.45 -67.09 67.28
CA TYR Z 95 73.59 -66.95 66.37
C TYR Z 95 73.21 -67.38 64.96
N TYR Z 96 72.47 -68.49 64.84
CA TYR Z 96 72.04 -68.92 63.52
C TYR Z 96 70.99 -67.99 62.92
N LEU Z 97 70.23 -67.29 63.76
CA LEU Z 97 69.33 -66.25 63.27
C LEU Z 97 70.11 -65.11 62.64
N VAL Z 98 71.20 -64.69 63.28
CA VAL Z 98 71.94 -63.54 62.78
C VAL Z 98 72.70 -63.89 61.51
N TYR Z 99 73.45 -64.99 61.54
CA TYR Z 99 74.46 -65.22 60.51
C TYR Z 99 74.07 -66.27 59.49
N GLN Z 100 73.02 -67.04 59.75
CA GLN Z 100 72.47 -68.05 58.84
C GLN Z 100 73.53 -69.09 58.46
N GLU Z 101 74.26 -69.56 59.47
CA GLU Z 101 75.37 -70.49 59.32
C GLU Z 101 75.57 -71.12 60.69
N PRO Z 102 75.94 -72.40 60.77
CA PRO Z 102 76.08 -73.05 62.08
C PRO Z 102 77.24 -72.50 62.90
N ILE Z 103 76.96 -72.31 64.18
CA ILE Z 103 77.86 -71.60 65.10
C ILE Z 103 79.09 -72.45 65.39
N PRO Z 104 80.29 -71.86 65.40
CA PRO Z 104 81.47 -72.63 65.79
C PRO Z 104 81.58 -72.81 67.30
N THR Z 105 82.23 -73.92 67.66
CA THR Z 105 82.31 -74.37 69.04
C THR Z 105 83.06 -73.39 69.93
N ALA Z 106 84.03 -72.69 69.35
CA ALA Z 106 84.72 -71.62 70.07
C ALA Z 106 83.75 -70.52 70.45
N GLN Z 107 82.85 -70.17 69.55
CA GLN Z 107 81.87 -69.13 69.85
C GLN Z 107 80.87 -69.59 70.89
N LEU Z 108 80.49 -70.88 70.83
CA LEU Z 108 79.65 -71.45 71.90
C LEU Z 108 80.32 -71.31 73.25
N VAL Z 109 81.59 -71.70 73.34
CA VAL Z 109 82.24 -71.71 74.63
C VAL Z 109 82.51 -70.30 75.11
N GLN Z 110 82.81 -69.37 74.19
CA GLN Z 110 82.92 -67.95 74.54
C GLN Z 110 81.64 -67.43 75.18
N ARG Z 111 80.51 -67.67 74.53
CA ARG Z 111 79.26 -67.09 75.02
C ARG Z 111 78.79 -67.79 76.30
N VAL Z 112 78.92 -69.11 76.36
CA VAL Z 112 78.50 -69.86 77.54
C VAL Z 112 79.39 -69.54 78.73
N ALA Z 113 80.70 -69.39 78.49
CA ALA Z 113 81.62 -69.00 79.55
C ALA Z 113 81.33 -67.59 80.03
N SER Z 114 80.90 -66.71 79.12
CA SER Z 114 80.51 -65.37 79.54
C SER Z 114 79.26 -65.39 80.41
N VAL Z 115 78.27 -66.21 80.03
CA VAL Z 115 77.03 -66.32 80.81
C VAL Z 115 77.33 -66.92 82.19
N MET Z 116 78.16 -67.96 82.22
CA MET Z 116 78.45 -68.63 83.47
C MET Z 116 79.30 -67.75 84.37
N GLN Z 117 80.22 -66.98 83.78
CA GLN Z 117 80.98 -65.98 84.52
C GLN Z 117 80.07 -64.88 85.07
N GLU Z 118 79.03 -64.53 84.31
CA GLU Z 118 78.04 -63.59 84.82
C GLU Z 118 77.31 -64.17 86.02
N TYR Z 119 77.01 -65.47 85.97
CA TYR Z 119 76.40 -66.11 87.15
C TYR Z 119 77.38 -66.24 88.31
N THR Z 120 78.69 -66.26 88.05
CA THR Z 120 79.64 -66.22 89.15
C THR Z 120 79.63 -64.88 89.85
N GLN Z 121 79.42 -63.81 89.09
CA GLN Z 121 79.62 -62.46 89.58
C GLN Z 121 78.35 -61.82 90.12
N SER Z 122 77.19 -62.21 89.57
CA SER Z 122 75.94 -61.55 89.88
C SER Z 122 75.49 -61.82 91.32
N GLY Z 123 74.44 -61.11 91.72
CA GLY Z 123 74.03 -61.05 93.11
C GLY Z 123 73.31 -62.25 93.68
N GLY Z 124 73.90 -62.85 94.71
CA GLY Z 124 73.21 -63.76 95.59
C GLY Z 124 72.88 -65.13 95.04
N VAL Z 125 73.07 -65.37 93.78
CA VAL Z 125 72.79 -66.69 93.23
C VAL Z 125 74.04 -67.54 93.34
N ARG Z 126 73.84 -68.83 93.45
CA ARG Z 126 75.00 -69.70 93.50
C ARG Z 126 75.55 -69.92 92.10
N PRO Z 127 76.82 -70.26 91.97
CA PRO Z 127 77.30 -70.75 90.67
C PRO Z 127 76.74 -72.13 90.40
N PHE Z 128 76.84 -72.54 89.14
CA PHE Z 128 76.35 -73.84 88.75
C PHE Z 128 77.42 -74.90 88.99
N GLY Z 129 77.06 -75.95 89.74
CA GLY Z 129 77.99 -77.02 90.01
C GLY Z 129 78.01 -78.04 88.90
N VAL Z 130 78.39 -77.60 87.71
CA VAL Z 130 78.39 -78.42 86.50
C VAL Z 130 79.65 -78.10 85.71
N SER Z 131 80.42 -79.12 85.36
CA SER Z 131 81.59 -78.97 84.51
C SER Z 131 81.30 -79.59 83.16
N LEU Z 132 81.33 -78.77 82.12
CA LEU Z 132 80.90 -79.24 80.81
C LEU Z 132 82.06 -79.81 80.01
N LEU Z 133 81.69 -80.62 79.02
CA LEU Z 133 82.64 -81.24 78.10
C LEU Z 133 82.00 -81.06 76.72
N ILE Z 134 82.41 -80.01 76.03
CA ILE Z 134 81.74 -79.57 74.80
C ILE Z 134 82.62 -79.93 73.62
N CYS Z 135 82.00 -80.35 72.52
CA CYS Z 135 82.77 -80.81 71.37
C CYS Z 135 81.94 -80.71 70.10
N GLY Z 136 82.63 -80.77 68.97
CA GLY Z 136 82.00 -80.72 67.67
C GLY Z 136 83.06 -80.71 66.59
N TRP Z 137 82.63 -81.10 65.39
CA TRP Z 137 83.53 -81.27 64.24
C TRP Z 137 83.30 -80.12 63.28
N ASN Z 138 83.99 -79.01 63.53
CA ASN Z 138 83.75 -77.75 62.85
C ASN Z 138 84.87 -77.47 61.86
N GLU Z 139 84.52 -77.44 60.57
CA GLU Z 139 85.43 -77.18 59.45
C GLU Z 139 86.56 -78.19 59.39
N GLY Z 140 86.19 -79.47 59.37
CA GLY Z 140 87.18 -80.53 59.24
C GLY Z 140 87.82 -80.93 60.55
N ARG Z 141 88.49 -80.00 61.20
CA ARG Z 141 89.10 -80.29 62.47
C ARG Z 141 88.02 -80.34 63.56
N PRO Z 142 87.90 -81.42 64.31
CA PRO Z 142 87.03 -81.42 65.47
C PRO Z 142 87.71 -80.74 66.66
N TYR Z 143 86.92 -80.51 67.71
CA TYR Z 143 87.43 -79.81 68.88
C TYR Z 143 86.92 -80.48 70.15
N LEU Z 144 87.46 -80.05 71.29
CA LEU Z 144 87.05 -80.56 72.58
C LEU Z 144 87.33 -79.51 73.63
N PHE Z 145 86.27 -79.02 74.28
CA PHE Z 145 86.36 -77.86 75.17
C PHE Z 145 85.76 -78.21 76.52
N GLN Z 146 86.55 -78.05 77.58
CA GLN Z 146 86.09 -78.29 78.93
C GLN Z 146 86.02 -76.96 79.71
N SER Z 147 84.87 -76.72 80.33
CA SER Z 147 84.62 -75.53 81.15
C SER Z 147 84.46 -75.94 82.61
N ASP Z 148 84.15 -74.94 83.45
CA ASP Z 148 84.16 -75.16 84.89
C ASP Z 148 83.18 -74.18 85.54
N PRO Z 149 82.83 -74.41 86.81
CA PRO Z 149 82.04 -73.39 87.53
C PRO Z 149 82.70 -72.02 87.69
N SER Z 150 84.01 -71.88 87.52
CA SER Z 150 84.59 -70.53 87.61
C SER Z 150 84.40 -69.70 86.36
N GLY Z 151 83.75 -70.27 85.34
CA GLY Z 151 83.57 -69.56 84.10
C GLY Z 151 84.71 -69.70 83.12
N ALA Z 152 85.82 -70.29 83.53
CA ALA Z 152 86.94 -70.48 82.64
C ALA Z 152 86.65 -71.64 81.68
N TYR Z 153 87.60 -71.89 80.78
CA TYR Z 153 87.48 -73.00 79.85
C TYR Z 153 88.86 -73.39 79.38
N PHE Z 154 88.94 -74.59 78.81
CA PHE Z 154 90.20 -75.10 78.31
C PHE Z 154 89.94 -75.84 77.01
N ALA Z 155 90.95 -76.58 76.56
CA ALA Z 155 90.84 -77.39 75.36
C ALA Z 155 91.76 -78.58 75.56
N TRP Z 156 91.24 -79.78 75.38
CA TRP Z 156 91.96 -80.99 75.72
C TRP Z 156 92.01 -81.94 74.54
N LYS Z 157 93.09 -82.71 74.46
CA LYS Z 157 93.10 -83.84 73.55
C LYS Z 157 92.18 -84.94 74.06
N ALA Z 158 92.12 -85.08 75.37
CA ALA Z 158 91.27 -86.01 76.11
C ALA Z 158 91.30 -85.59 77.57
N THR Z 159 90.20 -85.85 78.27
CA THR Z 159 90.14 -85.55 79.70
C THR Z 159 89.04 -86.41 80.32
N ALA Z 160 88.92 -86.29 81.64
CA ALA Z 160 87.91 -87.02 82.40
C ALA Z 160 87.55 -86.18 83.61
N MET Z 161 86.31 -86.33 84.08
CA MET Z 161 85.79 -85.50 85.15
C MET Z 161 84.76 -86.28 85.94
N GLY Z 162 84.88 -86.21 87.27
CA GLY Z 162 83.98 -86.92 88.15
C GLY Z 162 84.72 -87.59 89.27
N LYS Z 163 84.28 -88.78 89.66
CA LYS Z 163 84.99 -89.55 90.66
C LYS Z 163 86.23 -90.19 90.05
N ASN Z 164 87.36 -90.07 90.76
CA ASN Z 164 88.66 -90.64 90.36
C ASN Z 164 89.11 -90.11 89.01
N TYR Z 165 88.87 -88.82 88.78
CA TYR Z 165 89.23 -88.21 87.51
C TYR Z 165 90.74 -88.10 87.35
N VAL Z 166 91.48 -87.99 88.46
CA VAL Z 166 92.94 -88.00 88.37
C VAL Z 166 93.45 -89.39 88.00
N ASN Z 167 92.77 -90.44 88.48
CA ASN Z 167 93.15 -91.80 88.12
C ASN Z 167 92.87 -92.08 86.65
N GLY Z 168 91.69 -91.67 86.18
CA GLY Z 168 91.36 -91.80 84.77
C GLY Z 168 92.24 -90.93 83.89
N LYS Z 169 92.65 -89.78 84.38
CA LYS Z 169 93.53 -88.90 83.62
C LYS Z 169 94.92 -89.48 83.49
N THR Z 170 95.44 -90.07 84.57
CA THR Z 170 96.71 -90.77 84.47
C THR Z 170 96.62 -91.98 83.56
N PHE Z 171 95.46 -92.64 83.50
CA PHE Z 171 95.35 -93.74 82.54
C PHE Z 171 95.24 -93.26 81.11
N LEU Z 172 94.53 -92.15 80.87
CA LEU Z 172 94.41 -91.59 79.53
C LEU Z 172 95.74 -91.08 79.03
N GLU Z 173 96.55 -90.51 79.92
CA GLU Z 173 97.84 -89.98 79.51
C GLU Z 173 98.78 -91.10 79.09
N LYS Z 174 98.63 -92.28 79.70
CA LYS Z 174 99.44 -93.41 79.30
C LYS Z 174 98.87 -94.11 78.08
N ARG Z 175 97.58 -94.46 78.12
CA ARG Z 175 97.02 -95.35 77.10
C ARG Z 175 96.76 -94.61 75.80
N TYR Z 176 96.10 -93.46 75.87
CA TYR Z 176 95.80 -92.71 74.68
C TYR Z 176 97.04 -92.01 74.15
N ASN Z 177 96.90 -91.49 72.93
CA ASN Z 177 97.96 -90.79 72.23
C ASN Z 177 97.30 -89.74 71.35
N GLU Z 178 98.05 -89.18 70.42
CA GLU Z 178 97.48 -88.16 69.56
C GLU Z 178 96.58 -88.76 68.48
N ASP Z 179 97.01 -89.85 67.87
CA ASP Z 179 96.43 -90.35 66.63
C ASP Z 179 95.76 -91.70 66.83
N LEU Z 180 94.44 -91.73 66.69
CA LEU Z 180 93.66 -92.96 66.64
C LEU Z 180 92.53 -92.75 65.65
N GLU Z 181 91.55 -93.65 65.70
CA GLU Z 181 90.28 -93.48 65.01
C GLU Z 181 89.14 -93.43 66.02
N LEU Z 182 87.92 -93.30 65.50
CA LEU Z 182 86.75 -93.12 66.35
C LEU Z 182 86.47 -94.36 67.19
N GLU Z 183 86.61 -95.55 66.60
CA GLU Z 183 86.28 -96.78 67.32
C GLU Z 183 87.32 -97.08 68.39
N ASP Z 184 88.59 -96.82 68.09
CA ASP Z 184 89.63 -96.99 69.09
C ASP Z 184 89.51 -95.98 70.20
N ALA Z 185 89.02 -94.77 69.87
CA ALA Z 185 88.71 -93.78 70.88
C ALA Z 185 87.59 -94.27 71.79
N ILE Z 186 86.54 -94.87 71.19
CA ILE Z 186 85.46 -95.47 71.95
C ILE Z 186 85.99 -96.57 72.86
N HIS Z 187 86.93 -97.38 72.35
CA HIS Z 187 87.47 -98.50 73.11
C HIS Z 187 88.25 -98.02 74.33
N THR Z 188 89.16 -97.06 74.13
CA THR Z 188 89.91 -96.58 75.29
C THR Z 188 89.06 -95.73 76.21
N ALA Z 189 87.97 -95.15 75.69
CA ALA Z 189 87.00 -94.46 76.54
C ALA Z 189 86.26 -95.43 77.44
N ILE Z 190 85.84 -96.57 76.88
CA ILE Z 190 85.20 -97.60 77.69
C ILE Z 190 86.19 -98.18 78.68
N LEU Z 191 87.46 -98.26 78.30
CA LEU Z 191 88.48 -98.78 79.21
C LEU Z 191 88.69 -97.85 80.40
N THR Z 192 88.86 -96.55 80.14
CA THR Z 192 89.04 -95.61 81.24
C THR Z 192 87.75 -95.38 82.01
N LEU Z 193 86.60 -95.67 81.42
CA LEU Z 193 85.38 -95.63 82.19
C LEU Z 193 85.26 -96.84 83.09
N LYS Z 194 85.66 -98.01 82.58
CA LYS Z 194 85.59 -99.26 83.33
C LYS Z 194 86.67 -99.36 84.37
N GLU Z 195 87.68 -98.50 84.32
CA GLU Z 195 88.66 -98.44 85.39
C GLU Z 195 88.04 -97.93 86.69
N SER Z 196 87.14 -96.96 86.60
CA SER Z 196 86.59 -96.32 87.78
C SER Z 196 85.11 -96.61 88.03
N PHE Z 197 84.42 -97.26 87.09
CA PHE Z 197 83.01 -97.55 87.29
C PHE Z 197 82.82 -98.79 88.16
N GLU Z 198 81.56 -99.19 88.30
CA GLU Z 198 81.21 -100.37 89.07
C GLU Z 198 81.50 -101.64 88.27
N GLY Z 199 81.29 -102.78 88.92
CA GLY Z 199 81.57 -104.05 88.27
C GLY Z 199 80.55 -104.44 87.24
N GLN Z 200 79.28 -104.14 87.47
CA GLN Z 200 78.21 -104.51 86.54
C GLN Z 200 78.03 -103.36 85.56
N MET Z 201 78.71 -103.45 84.42
CA MET Z 201 78.62 -102.46 83.36
C MET Z 201 77.95 -103.08 82.15
N THR Z 202 76.81 -102.52 81.76
CA THR Z 202 75.96 -103.05 80.71
C THR Z 202 75.77 -102.02 79.60
N GLU Z 203 74.81 -102.32 78.73
CA GLU Z 203 74.35 -101.41 77.68
C GLU Z 203 73.63 -100.17 78.22
N ASP Z 204 73.23 -100.17 79.48
CA ASP Z 204 72.53 -99.03 80.06
C ASP Z 204 73.33 -98.35 81.14
N ASN Z 205 74.44 -98.95 81.60
CA ASN Z 205 75.28 -98.28 82.57
C ASN Z 205 76.08 -97.15 81.93
N ILE Z 206 76.32 -97.23 80.63
CA ILE Z 206 77.00 -96.18 79.90
C ILE Z 206 76.03 -95.58 78.89
N GLU Z 207 76.39 -94.40 78.37
CA GLU Z 207 75.64 -93.76 77.30
C GLU Z 207 76.63 -92.85 76.59
N VAL Z 208 76.82 -93.09 75.29
CA VAL Z 208 77.97 -92.61 74.56
C VAL Z 208 77.51 -91.78 73.36
N GLY Z 209 78.10 -90.60 73.21
CA GLY Z 209 77.92 -89.80 72.02
C GLY Z 209 79.22 -89.64 71.26
N ILE Z 210 79.12 -89.64 69.93
CA ILE Z 210 80.26 -89.44 69.06
C ILE Z 210 80.02 -88.17 68.26
N CYS Z 211 81.03 -87.71 67.52
CA CYS Z 211 80.89 -86.50 66.69
C CYS Z 211 81.60 -86.74 65.37
N ASN Z 212 80.84 -87.23 64.38
CA ASN Z 212 81.42 -87.42 63.06
C ASN Z 212 81.63 -86.07 62.38
N GLU Z 213 82.43 -86.10 61.31
CA GLU Z 213 82.51 -84.92 60.47
C GLU Z 213 81.23 -84.73 59.68
N ALA Z 214 80.49 -85.82 59.43
CA ALA Z 214 79.17 -85.72 58.85
C ALA Z 214 78.14 -85.09 59.80
N GLY Z 215 78.46 -84.99 61.09
CA GLY Z 215 77.54 -84.42 62.04
C GLY Z 215 77.61 -85.12 63.38
N PHE Z 216 76.85 -84.63 64.35
CA PHE Z 216 76.73 -85.33 65.61
C PHE Z 216 75.97 -86.63 65.42
N ARG Z 217 76.33 -87.62 66.22
CA ARG Z 217 75.57 -88.85 66.30
C ARG Z 217 75.52 -89.29 67.75
N ARG Z 218 74.33 -89.63 68.22
CA ARG Z 218 74.15 -90.18 69.55
C ARG Z 218 73.89 -91.67 69.38
N LEU Z 219 74.76 -92.49 69.97
CA LEU Z 219 74.69 -93.92 69.79
C LEU Z 219 73.49 -94.52 70.51
N THR Z 220 73.09 -95.69 70.05
CA THR Z 220 72.01 -96.41 70.70
C THR Z 220 72.58 -97.54 71.55
N PRO Z 221 71.83 -98.00 72.55
CA PRO Z 221 72.26 -99.21 73.29
C PRO Z 221 72.30 -100.46 72.44
N THR Z 222 71.65 -100.47 71.27
CA THR Z 222 71.83 -101.55 70.31
C THR Z 222 73.30 -101.68 69.90
N GLU Z 223 73.85 -100.62 69.31
CA GLU Z 223 75.26 -100.65 68.94
C GLU Z 223 76.20 -100.60 70.13
N VAL Z 224 75.72 -100.12 71.29
CA VAL Z 224 76.56 -100.18 72.48
C VAL Z 224 76.74 -101.62 72.94
N LYS Z 225 75.63 -102.38 73.02
CA LYS Z 225 75.72 -103.79 73.35
C LYS Z 225 76.36 -104.59 72.23
N ASP Z 226 76.34 -104.06 71.01
CA ASP Z 226 77.19 -104.62 69.97
C ASP Z 226 78.66 -104.39 70.29
N TYR Z 227 79.01 -103.20 70.77
CA TYR Z 227 80.41 -102.87 70.94
C TYR Z 227 80.92 -103.25 72.33
N LEU Z 228 80.18 -102.89 73.38
CA LEU Z 228 80.63 -103.12 74.75
C LEU Z 228 80.38 -104.55 75.23
N ALA Z 229 80.08 -105.48 74.33
CA ALA Z 229 79.94 -106.89 74.68
C ALA Z 229 81.34 -107.47 74.89
N ALA Z 230 81.85 -107.25 76.10
CA ALA Z 230 83.22 -107.58 76.52
C ALA Z 230 84.23 -107.00 75.54
N ILE Z 231 84.17 -105.67 75.40
CA ILE Z 231 85.12 -104.94 74.58
C ILE Z 231 86.49 -105.07 75.25
N ALA Z 232 87.37 -105.84 74.62
CA ALA Z 232 88.58 -106.43 75.22
C ALA Z 232 88.29 -107.11 76.56
N SER AA 1 68.10 -60.03 105.99
CA SER AA 1 68.62 -59.47 104.75
C SER AA 1 69.69 -58.44 105.02
N ARG AA 2 69.96 -58.20 106.31
CA ARG AA 2 71.04 -57.31 106.70
C ARG AA 2 72.05 -57.99 107.60
N ARG AA 3 71.83 -59.25 107.98
CA ARG AA 3 72.88 -60.05 108.60
C ARG AA 3 73.54 -60.98 107.59
N TYR AA 4 73.32 -60.72 106.30
CA TYR AA 4 73.95 -61.47 105.23
C TYR AA 4 74.87 -60.58 104.42
N ASP AA 5 75.03 -59.32 104.84
CA ASP AA 5 75.84 -58.34 104.15
C ASP AA 5 77.32 -58.56 104.48
N SER AA 6 78.14 -58.67 103.45
CA SER AA 6 79.59 -58.62 103.56
C SER AA 6 80.04 -57.17 103.71
N ARG AA 7 81.36 -56.95 103.68
CA ARG AA 7 81.85 -55.57 103.72
C ARG AA 7 81.51 -54.82 102.45
N THR AA 8 81.86 -55.37 101.28
CA THR AA 8 81.42 -55.09 99.91
C THR AA 8 81.80 -53.70 99.36
N THR AA 9 82.09 -52.71 100.23
CA THR AA 9 82.83 -51.51 99.82
C THR AA 9 83.49 -50.73 100.96
N ILE AA 10 83.42 -51.19 102.20
CA ILE AA 10 83.53 -50.26 103.32
C ILE AA 10 84.97 -50.19 103.81
N PHE AA 11 85.34 -49.01 104.32
CA PHE AA 11 86.64 -48.77 104.94
C PHE AA 11 86.81 -49.61 106.21
N SER AA 12 88.04 -49.62 106.69
CA SER AA 12 88.49 -50.56 107.72
C SER AA 12 88.00 -50.13 109.09
N PRO AA 13 88.37 -50.84 110.16
CA PRO AA 13 88.39 -50.20 111.48
C PRO AA 13 89.62 -49.34 111.73
N GLU AA 14 90.49 -49.17 110.70
CA GLU AA 14 91.81 -48.60 110.89
C GLU AA 14 92.26 -47.64 109.79
N GLY AA 15 91.45 -47.38 108.78
CA GLY AA 15 91.78 -46.40 107.77
C GLY AA 15 92.23 -46.95 106.44
N ARG AA 16 92.13 -48.25 106.21
CA ARG AA 16 92.66 -48.85 104.99
C ARG AA 16 91.53 -49.52 104.21
N LEU AA 17 91.90 -50.17 103.12
CA LEU AA 17 90.95 -50.82 102.22
C LEU AA 17 91.16 -52.33 102.20
N TYR AA 18 90.06 -53.05 101.96
CA TYR AA 18 89.97 -54.48 102.21
C TYR AA 18 89.97 -55.29 100.93
N GLN AA 19 88.96 -55.06 100.08
CA GLN AA 19 88.81 -55.80 98.84
C GLN AA 19 89.89 -55.44 97.84
N VAL AA 20 90.38 -54.21 97.89
CA VAL AA 20 91.40 -53.78 96.94
C VAL AA 20 92.72 -54.50 97.23
N GLU AA 21 93.11 -54.55 98.50
CA GLU AA 21 94.32 -55.26 98.90
C GLU AA 21 94.19 -56.75 98.63
N TYR AA 22 93.00 -57.30 98.86
CA TYR AA 22 92.84 -58.72 98.59
C TYR AA 22 92.81 -59.02 97.10
N ALA AA 23 92.36 -58.06 96.29
CA ALA AA 23 92.47 -58.19 94.85
C ALA AA 23 93.91 -58.12 94.40
N MET AA 24 94.73 -57.29 95.06
CA MET AA 24 96.15 -57.22 94.73
C MET AA 24 96.85 -58.54 95.05
N GLU AA 25 96.52 -59.15 96.18
CA GLU AA 25 97.12 -60.45 96.44
C GLU AA 25 96.51 -61.57 95.62
N ALA AA 26 95.31 -61.37 95.06
CA ALA AA 26 94.80 -62.32 94.09
C ALA AA 26 95.49 -62.16 92.75
N ILE AA 27 95.96 -60.94 92.44
CA ILE AA 27 96.85 -60.76 91.29
C ILE AA 27 98.15 -61.50 91.51
N GLY AA 28 98.72 -61.39 92.72
CA GLY AA 28 100.07 -61.88 92.97
C GLY AA 28 100.27 -63.37 92.78
N HIS AA 29 99.20 -64.15 92.90
CA HIS AA 29 99.26 -65.58 92.64
C HIS AA 29 98.70 -65.89 91.24
N ALA AA 30 99.46 -65.47 90.24
CA ALA AA 30 99.10 -65.69 88.85
C ALA AA 30 100.37 -65.75 88.01
N GLY AA 31 100.20 -65.67 86.69
CA GLY AA 31 101.33 -65.70 85.78
C GLY AA 31 102.14 -64.42 85.79
N THR AA 32 103.25 -64.44 85.07
CA THR AA 32 104.18 -63.32 85.01
C THR AA 32 104.22 -62.74 83.61
N CYS AA 33 104.16 -61.42 83.51
CA CYS AA 33 104.27 -60.69 82.25
C CYS AA 33 105.28 -59.55 82.42
N LEU AA 34 105.62 -58.89 81.31
CA LEU AA 34 106.40 -57.66 81.34
C LEU AA 34 106.31 -56.95 79.99
N GLY AA 35 106.66 -55.66 80.01
CA GLY AA 35 106.86 -54.89 78.80
C GLY AA 35 108.17 -54.13 78.90
N ILE AA 36 108.69 -53.77 77.73
CA ILE AA 36 110.08 -53.34 77.63
C ILE AA 36 110.19 -51.99 76.94
N LEU AA 37 111.33 -51.35 77.16
CA LEU AA 37 111.69 -50.09 76.51
C LEU AA 37 112.12 -50.38 75.07
N ALA AA 38 111.30 -49.99 74.11
CA ALA AA 38 111.72 -50.07 72.72
C ALA AA 38 111.09 -48.93 71.96
N ASN AA 39 111.90 -48.28 71.11
CA ASN AA 39 111.42 -47.12 70.37
C ASN AA 39 110.67 -47.56 69.12
N ASP AA 40 111.32 -48.36 68.26
CA ASP AA 40 110.74 -48.81 67.00
C ASP AA 40 110.08 -50.18 67.16
N GLY AA 41 109.06 -50.23 68.00
CA GLY AA 41 108.45 -51.50 68.35
C GLY AA 41 108.19 -51.61 69.84
N VAL AA 42 107.49 -52.67 70.25
CA VAL AA 42 107.30 -52.98 71.67
C VAL AA 42 107.01 -54.48 71.74
N LEU AA 43 107.31 -55.09 72.88
CA LEU AA 43 107.14 -56.52 73.05
C LEU AA 43 106.35 -56.82 74.33
N LEU AA 44 105.95 -58.08 74.46
CA LEU AA 44 105.32 -58.60 75.66
C LEU AA 44 105.91 -59.96 75.98
N ALA AA 45 105.88 -60.31 77.27
CA ALA AA 45 106.30 -61.62 77.72
C ALA AA 45 105.16 -62.27 78.47
N ALA AA 46 105.14 -63.61 78.44
CA ALA AA 46 104.07 -64.35 79.07
C ALA AA 46 104.56 -65.72 79.45
N GLU AA 47 104.01 -66.24 80.55
CA GLU AA 47 104.32 -67.56 81.05
C GLU AA 47 103.08 -68.42 80.96
N ARG AA 48 103.24 -69.66 80.52
CA ARG AA 48 102.12 -70.58 80.38
C ARG AA 48 101.73 -71.12 81.76
N ARG AA 49 100.49 -70.87 82.16
CA ARG AA 49 99.90 -71.61 83.27
C ARG AA 49 99.30 -72.91 82.77
N ASN AA 50 99.33 -73.94 83.62
CA ASN AA 50 98.77 -75.27 83.35
C ASN AA 50 99.42 -75.88 82.09
N ILE AA 51 100.70 -76.21 82.24
CA ILE AA 51 101.54 -76.60 81.12
C ILE AA 51 101.50 -78.11 80.91
N HIS AA 52 100.43 -78.75 81.39
CA HIS AA 52 100.21 -80.18 81.18
C HIS AA 52 100.08 -80.52 79.70
N LYS AA 53 100.56 -81.71 79.34
CA LYS AA 53 100.79 -82.08 77.95
C LYS AA 53 99.54 -82.49 77.20
N LEU AA 54 98.38 -82.56 77.84
CA LEU AA 54 97.19 -83.04 77.16
C LEU AA 54 96.23 -81.92 76.79
N LEU AA 55 96.78 -80.74 76.50
CA LEU AA 55 95.97 -79.65 75.99
C LEU AA 55 96.06 -79.63 74.48
N ASP AA 56 95.49 -78.60 73.87
CA ASP AA 56 95.46 -78.49 72.42
C ASP AA 56 96.28 -77.34 71.88
N GLU AA 57 96.23 -76.19 72.55
CA GLU AA 57 97.01 -74.98 72.24
C GLU AA 57 96.76 -74.48 70.82
N VAL AA 58 95.55 -74.71 70.30
CA VAL AA 58 95.21 -74.29 68.96
C VAL AA 58 94.52 -72.93 68.96
N PHE AA 59 94.55 -72.23 70.09
CA PHE AA 59 93.95 -70.91 70.20
C PHE AA 59 94.84 -69.80 69.67
N PHE AA 60 96.16 -70.04 69.62
CA PHE AA 60 97.23 -69.16 69.19
C PHE AA 60 97.42 -67.96 70.11
N SER AA 61 96.69 -67.88 71.22
CA SER AA 61 96.85 -66.80 72.20
C SER AA 61 96.22 -67.26 73.50
N GLU AA 62 96.98 -67.20 74.58
CA GLU AA 62 96.48 -67.60 75.90
C GLU AA 62 96.49 -66.46 76.91
N LYS AA 63 97.44 -65.53 76.79
CA LYS AA 63 97.43 -64.30 77.57
C LYS AA 63 97.14 -63.07 76.72
N ILE AA 64 97.57 -63.09 75.46
CA ILE AA 64 97.44 -61.92 74.60
C ILE AA 64 96.01 -61.82 74.10
N TYR AA 65 95.51 -60.60 74.00
CA TYR AA 65 94.26 -60.33 73.31
C TYR AA 65 94.51 -59.20 72.33
N LYS AA 66 94.64 -59.54 71.06
CA LYS AA 66 94.83 -58.56 70.00
C LYS AA 66 93.57 -57.72 69.92
N LEU AA 67 93.63 -56.53 70.49
CA LEU AA 67 92.38 -55.91 70.88
C LEU AA 67 91.77 -55.06 69.78
N ASN AA 68 92.47 -54.07 69.20
CA ASN AA 68 91.83 -53.30 68.17
C ASN AA 68 92.42 -53.65 66.81
N GLU AA 69 93.56 -53.08 66.42
CA GLU AA 69 94.35 -53.56 65.30
C GLU AA 69 95.80 -53.43 65.69
N ASP AA 70 96.09 -52.33 66.37
CA ASP AA 70 97.44 -51.87 66.66
C ASP AA 70 97.72 -51.91 68.16
N MET AA 71 96.95 -52.69 68.89
CA MET AA 71 97.08 -52.81 70.34
C MET AA 71 96.74 -54.23 70.74
N ALA AA 72 97.48 -54.73 71.71
CA ALA AA 72 97.15 -55.98 72.36
C ALA AA 72 97.21 -55.74 73.87
N CYS AA 73 96.90 -56.79 74.62
CA CYS AA 73 96.97 -56.68 76.06
C CYS AA 73 97.34 -58.03 76.65
N SER AA 74 98.34 -58.03 77.52
CA SER AA 74 98.56 -59.15 78.40
C SER AA 74 97.63 -59.00 79.59
N VAL AA 75 97.58 -60.02 80.44
CA VAL AA 75 96.58 -60.08 81.50
C VAL AA 75 97.11 -60.99 82.59
N ALA AA 76 96.57 -60.82 83.80
CA ALA AA 76 96.96 -61.62 84.95
C ALA AA 76 95.83 -61.62 85.96
N GLY AA 77 95.43 -62.81 86.41
CA GLY AA 77 94.33 -62.93 87.34
C GLY AA 77 93.33 -63.96 86.90
N ILE AA 78 92.07 -63.79 87.30
CA ILE AA 78 91.03 -64.73 86.94
C ILE AA 78 90.66 -64.52 85.47
N THR AA 79 90.52 -65.61 84.73
CA THR AA 79 90.55 -65.55 83.27
C THR AA 79 89.27 -64.96 82.68
N SER AA 80 88.13 -65.60 82.90
CA SER AA 80 86.88 -65.14 82.28
C SER AA 80 86.41 -63.84 82.91
N ASP AA 81 86.76 -63.62 84.18
CA ASP AA 81 86.62 -62.33 84.83
C ASP AA 81 87.27 -61.23 84.02
N ALA AA 82 88.43 -61.52 83.43
CA ALA AA 82 89.07 -60.60 82.52
C ALA AA 82 88.54 -60.66 81.10
N ASN AA 83 87.98 -61.80 80.67
CA ASN AA 83 87.46 -61.91 79.32
C ASN AA 83 86.24 -61.02 79.13
N VAL AA 84 85.45 -60.86 80.19
CA VAL AA 84 84.39 -59.85 80.22
C VAL AA 84 84.95 -58.48 79.93
N LEU AA 85 86.08 -58.16 80.55
CA LEU AA 85 86.71 -56.86 80.35
C LEU AA 85 87.28 -56.71 78.95
N THR AA 86 87.78 -57.80 78.37
CA THR AA 86 88.30 -57.73 77.01
C THR AA 86 87.21 -57.47 76.00
N ASN AA 87 86.09 -58.17 76.16
CA ASN AA 87 84.95 -57.98 75.26
C ASN AA 87 84.41 -56.57 75.37
N GLU AA 88 84.29 -56.07 76.60
CA GLU AA 88 83.91 -54.69 76.83
C GLU AA 88 84.91 -53.71 76.24
N LEU AA 89 86.19 -54.04 76.34
CA LEU AA 89 87.26 -53.17 75.85
C LEU AA 89 87.21 -53.05 74.33
N ARG AA 90 87.08 -54.19 73.64
CA ARG AA 90 86.94 -54.18 72.18
C ARG AA 90 85.70 -53.43 71.76
N LEU AA 91 84.61 -53.59 72.51
CA LEU AA 91 83.39 -52.84 72.24
C LEU AA 91 83.59 -51.35 72.40
N ILE AA 92 84.34 -50.92 73.42
CA ILE AA 92 84.53 -49.50 73.67
C ILE AA 92 85.40 -48.88 72.60
N ALA AA 93 86.49 -49.57 72.24
CA ALA AA 93 87.35 -49.08 71.16
C ALA AA 93 86.61 -49.06 69.83
N GLN AA 94 85.72 -50.02 69.61
CA GLN AA 94 85.07 -50.08 68.32
C GLN AA 94 83.93 -49.06 68.22
N ARG AA 95 83.27 -48.73 69.33
CA ARG AA 95 82.29 -47.64 69.26
C ARG AA 95 82.97 -46.28 69.19
N TYR AA 96 84.19 -46.17 69.73
CA TYR AA 96 85.01 -45.00 69.45
C TYR AA 96 85.26 -44.87 67.95
N LEU AA 97 85.65 -45.98 67.33
CA LEU AA 97 85.94 -45.96 65.90
C LEU AA 97 84.69 -45.69 65.08
N LEU AA 98 83.55 -46.20 65.54
CA LEU AA 98 82.27 -45.87 64.91
C LEU AA 98 81.97 -44.39 65.02
N GLN AA 99 82.33 -43.79 66.15
CA GLN AA 99 82.04 -42.38 66.36
C GLN AA 99 82.94 -41.49 65.52
N TYR AA 100 84.23 -41.80 65.43
CA TYR AA 100 85.17 -40.84 64.83
C TYR AA 100 85.78 -41.27 63.51
N GLN AA 101 85.81 -42.57 63.21
CA GLN AA 101 86.65 -43.15 62.14
C GLN AA 101 88.08 -42.66 62.25
N GLU AA 102 88.67 -42.92 63.41
CA GLU AA 102 90.08 -42.77 63.67
C GLU AA 102 90.37 -43.75 64.78
N PRO AA 103 91.49 -44.47 64.72
CA PRO AA 103 91.83 -45.38 65.81
C PRO AA 103 92.11 -44.64 67.12
N ILE AA 104 91.98 -45.37 68.20
CA ILE AA 104 91.89 -44.77 69.53
C ILE AA 104 93.30 -44.45 70.04
N PRO AA 105 93.52 -43.28 70.62
CA PRO AA 105 94.87 -42.92 71.10
C PRO AA 105 95.25 -43.51 72.45
N CYS AA 106 94.52 -44.54 72.88
CA CYS AA 106 94.85 -45.55 73.89
C CYS AA 106 94.77 -45.08 75.34
N GLU AA 107 94.85 -43.78 75.60
CA GLU AA 107 94.89 -43.42 77.01
C GLU AA 107 93.49 -43.23 77.55
N GLN AA 108 92.61 -42.61 76.77
CA GLN AA 108 91.22 -42.56 77.17
C GLN AA 108 90.57 -43.93 77.11
N LEU AA 109 91.09 -44.82 76.28
CA LEU AA 109 90.73 -46.24 76.36
C LEU AA 109 91.08 -46.83 77.72
N VAL AA 110 92.31 -46.58 78.17
CA VAL AA 110 92.75 -47.07 79.48
C VAL AA 110 91.89 -46.50 80.59
N THR AA 111 91.61 -45.20 80.54
CA THR AA 111 90.80 -44.59 81.59
C THR AA 111 89.35 -45.06 81.52
N ALA AA 112 88.88 -45.41 80.33
CA ALA AA 112 87.52 -45.95 80.22
C ALA AA 112 87.41 -47.28 80.94
N LEU AA 113 88.36 -48.18 80.70
CA LEU AA 113 88.32 -49.46 81.39
C LEU AA 113 88.55 -49.30 82.89
N CYS AA 114 89.42 -48.36 83.26
CA CYS AA 114 89.68 -48.06 84.66
C CYS AA 114 88.43 -47.51 85.35
N ASP AA 115 87.65 -46.71 84.65
CA ASP AA 115 86.43 -46.17 85.26
C ASP AA 115 85.35 -47.22 85.35
N ILE AA 116 85.34 -48.19 84.42
CA ILE AA 116 84.45 -49.33 84.54
C ILE AA 116 84.78 -50.13 85.80
N LYS AA 117 86.07 -50.29 86.08
CA LYS AA 117 86.46 -51.01 87.28
C LYS AA 117 86.17 -50.19 88.55
N GLN AA 118 86.38 -48.88 88.49
CA GLN AA 118 86.12 -48.01 89.62
C GLN AA 118 84.63 -47.93 89.95
N ALA AA 119 83.78 -48.02 88.92
CA ALA AA 119 82.34 -48.03 89.12
C ALA AA 119 81.87 -49.26 89.90
N TYR AA 120 82.65 -50.33 89.88
CA TYR AA 120 82.44 -51.43 90.81
C TYR AA 120 83.20 -51.25 92.12
N THR AA 121 84.19 -50.36 92.15
CA THR AA 121 84.85 -50.18 93.45
C THR AA 121 83.99 -49.38 94.43
N GLN AA 122 83.44 -48.24 94.01
CA GLN AA 122 82.69 -47.48 95.03
C GLN AA 122 81.29 -48.03 95.26
N PHE AA 123 80.43 -47.94 94.26
CA PHE AA 123 79.08 -48.45 94.42
C PHE AA 123 78.95 -49.74 93.63
N GLY AA 124 77.75 -50.31 93.63
CA GLY AA 124 77.51 -51.55 92.95
C GLY AA 124 77.73 -52.77 93.80
N GLY AA 125 78.61 -52.66 94.81
CA GLY AA 125 78.90 -53.62 95.85
C GLY AA 125 78.98 -55.08 95.46
N LYS AA 126 79.67 -55.34 94.36
CA LYS AA 126 79.85 -56.69 93.87
C LYS AA 126 81.33 -57.04 94.02
N ARG AA 127 81.66 -58.26 93.64
CA ARG AA 127 83.05 -58.68 93.65
C ARG AA 127 83.83 -57.89 92.61
N PRO AA 128 84.83 -57.13 93.01
CA PRO AA 128 85.57 -56.30 92.06
C PRO AA 128 86.47 -57.15 91.17
N PHE AA 129 86.92 -56.53 90.08
CA PHE AA 129 87.82 -57.21 89.14
C PHE AA 129 89.19 -57.31 89.80
N GLY AA 130 89.57 -58.52 90.20
CA GLY AA 130 90.90 -58.74 90.73
C GLY AA 130 91.91 -59.06 89.65
N VAL AA 131 91.90 -58.29 88.57
CA VAL AA 131 92.70 -58.57 87.39
C VAL AA 131 93.43 -57.30 86.98
N SER AA 132 94.76 -57.34 87.01
CA SER AA 132 95.57 -56.33 86.36
C SER AA 132 96.07 -56.85 85.03
N LEU AA 133 96.29 -55.92 84.11
CA LEU AA 133 96.53 -56.31 82.73
C LEU AA 133 97.33 -55.23 82.03
N LEU AA 134 98.00 -55.61 80.96
CA LEU AA 134 98.97 -54.75 80.31
C LEU AA 134 98.38 -54.03 79.12
N TYR AA 135 99.21 -53.17 78.53
CA TYR AA 135 98.84 -52.39 77.36
C TYR AA 135 100.06 -52.14 76.51
N ILE AA 136 99.96 -52.50 75.24
CA ILE AA 136 100.90 -52.06 74.22
C ILE AA 136 100.10 -51.35 73.15
N GLY AA 137 100.76 -50.45 72.43
CA GLY AA 137 100.09 -49.80 71.33
C GLY AA 137 100.86 -48.63 70.80
N TRP AA 138 100.32 -48.09 69.70
CA TRP AA 138 100.95 -47.04 68.93
C TRP AA 138 99.88 -45.98 68.62
N ASP AA 139 100.31 -44.74 68.49
CA ASP AA 139 99.36 -43.68 68.17
C ASP AA 139 100.02 -42.69 67.21
N LYS AA 140 99.34 -41.58 67.00
CA LYS AA 140 99.81 -40.48 66.20
C LYS AA 140 100.38 -39.36 67.04
N HIS AA 141 100.37 -39.51 68.35
CA HIS AA 141 100.76 -38.43 69.24
C HIS AA 141 101.96 -38.76 70.09
N TYR AA 142 102.16 -40.02 70.44
CA TYR AA 142 103.28 -40.43 71.26
C TYR AA 142 104.00 -41.65 70.74
N GLY AA 143 103.46 -42.34 69.75
CA GLY AA 143 104.14 -43.51 69.24
C GLY AA 143 103.87 -44.71 70.12
N PHE AA 144 104.90 -45.52 70.34
CA PHE AA 144 104.75 -46.75 71.08
C PHE AA 144 104.61 -46.46 72.56
N GLN AA 145 103.79 -47.27 73.24
CA GLN AA 145 103.36 -46.96 74.60
C GLN AA 145 103.29 -48.24 75.43
N LEU AA 146 103.24 -48.05 76.75
CA LEU AA 146 103.09 -49.13 77.72
C LEU AA 146 102.26 -48.64 78.90
N TYR AA 147 101.32 -49.45 79.35
CA TYR AA 147 100.48 -49.05 80.47
C TYR AA 147 100.14 -50.25 81.34
N GLN AA 148 99.78 -49.95 82.59
CA GLN AA 148 99.52 -50.93 83.64
C GLN AA 148 98.20 -50.58 84.31
N SER AA 149 97.16 -51.36 84.06
CA SER AA 149 95.91 -51.18 84.77
C SER AA 149 95.98 -51.86 86.13
N ASP AA 150 95.15 -51.39 87.05
CA ASP AA 150 95.11 -51.88 88.41
C ASP AA 150 93.65 -51.96 88.84
N PRO AA 151 93.33 -52.82 89.82
CA PRO AA 151 91.93 -52.94 90.26
C PRO AA 151 91.40 -51.71 90.95
N SER AA 152 92.27 -50.82 91.42
CA SER AA 152 91.83 -49.53 91.92
C SER AA 152 91.23 -48.66 90.83
N GLY AA 153 91.63 -48.87 89.58
CA GLY AA 153 91.36 -47.93 88.53
C GLY AA 153 92.48 -46.93 88.34
N ASN AA 154 93.45 -46.91 89.24
CA ASN AA 154 94.65 -46.15 88.97
C ASN AA 154 95.48 -46.90 87.94
N TYR AA 155 96.11 -46.16 87.04
CA TYR AA 155 96.84 -46.79 85.95
C TYR AA 155 98.24 -46.22 85.87
N GLY AA 156 99.22 -47.09 85.65
CA GLY AA 156 100.62 -46.69 85.61
C GLY AA 156 101.16 -46.68 84.19
N GLY AA 157 101.64 -45.51 83.78
CA GLY AA 157 102.35 -45.39 82.53
C GLY AA 157 103.81 -45.72 82.72
N TRP AA 158 104.19 -46.96 82.39
CA TRP AA 158 105.55 -47.40 82.58
C TRP AA 158 106.29 -47.49 81.26
N LYS AA 159 107.58 -47.79 81.38
CA LYS AA 159 108.35 -48.36 80.29
C LYS AA 159 108.91 -49.74 80.62
N ALA AA 160 108.86 -50.13 81.90
CA ALA AA 160 109.19 -51.49 82.31
C ALA AA 160 108.30 -51.82 83.50
N THR AA 161 107.34 -52.71 83.29
CA THR AA 161 106.20 -52.83 84.18
C THR AA 161 106.40 -53.94 85.22
N CYS AA 162 105.34 -54.25 85.95
CA CYS AA 162 105.42 -55.01 87.19
C CYS AA 162 104.20 -55.91 87.33
N ILE AA 163 104.44 -57.19 87.63
CA ILE AA 163 103.40 -58.14 88.01
C ILE AA 163 103.79 -58.52 89.45
N GLY AA 164 103.08 -59.45 90.07
CA GLY AA 164 103.15 -59.69 91.50
C GLY AA 164 104.40 -60.36 92.05
N ASN AA 165 104.20 -61.26 93.03
CA ASN AA 165 105.27 -61.85 93.82
C ASN AA 165 106.29 -62.58 92.94
N ASN AA 166 105.87 -63.11 91.80
CA ASN AA 166 106.80 -63.70 90.87
C ASN AA 166 107.61 -62.65 90.11
N SER AA 167 107.19 -61.39 90.12
CA SER AA 167 107.83 -60.38 89.27
C SER AA 167 108.44 -59.21 90.02
N ALA AA 168 108.43 -59.21 91.36
CA ALA AA 168 109.12 -58.16 92.09
C ALA AA 168 110.63 -58.24 91.88
N ALA AA 169 111.17 -59.46 91.90
CA ALA AA 169 112.57 -59.66 91.56
C ALA AA 169 112.83 -59.35 90.09
N ALA AA 170 111.84 -59.55 89.23
CA ALA AA 170 111.97 -59.17 87.83
C ALA AA 170 112.14 -57.68 87.69
N VAL AA 171 111.35 -56.90 88.43
CA VAL AA 171 111.47 -55.45 88.38
C VAL AA 171 112.79 -54.99 88.99
N SER AA 172 113.28 -55.73 89.99
CA SER AA 172 114.60 -55.42 90.55
C SER AA 172 115.69 -55.64 89.52
N MET AA 173 115.59 -56.73 88.75
CA MET AA 173 116.55 -56.95 87.67
C MET AA 173 116.39 -55.91 86.56
N LEU AA 174 115.16 -55.44 86.32
CA LEU AA 174 114.94 -54.40 85.32
C LEU AA 174 115.58 -53.08 85.74
N LYS AA 175 115.54 -52.75 87.03
CA LYS AA 175 116.12 -51.50 87.47
C LYS AA 175 117.63 -51.59 87.58
N GLN AA 176 118.15 -52.71 88.07
CA GLN AA 176 119.60 -52.89 88.12
C GLN AA 176 120.20 -53.11 86.74
N ASP AA 177 119.39 -53.51 85.78
CA ASP AA 177 119.85 -53.73 84.42
C ASP AA 177 119.07 -52.84 83.48
N TYR AA 178 118.91 -51.58 83.87
CA TYR AA 178 118.16 -50.65 83.04
C TYR AA 178 118.93 -50.32 81.78
N LYS AA 179 118.20 -50.25 80.67
CA LYS AA 179 118.76 -49.89 79.37
C LYS AA 179 118.08 -48.63 78.88
N GLU AA 180 118.80 -47.85 78.08
CA GLU AA 180 118.24 -46.62 77.55
C GLU AA 180 118.92 -46.26 76.25
N GLY AA 181 118.13 -46.05 75.21
CA GLY AA 181 118.67 -45.65 73.92
C GLY AA 181 118.66 -46.76 72.90
N GLU AA 182 118.99 -47.98 73.30
CA GLU AA 182 119.03 -49.10 72.36
C GLU AA 182 117.62 -49.63 72.14
N MET AA 183 117.09 -49.38 70.95
CA MET AA 183 115.77 -49.84 70.56
C MET AA 183 115.82 -51.15 69.81
N THR AA 184 117.00 -51.77 69.74
CA THR AA 184 117.15 -53.04 69.07
C THR AA 184 116.33 -54.11 69.78
N LEU AA 185 115.36 -54.65 69.05
CA LEU AA 185 114.36 -55.54 69.65
C LEU AA 185 114.98 -56.83 70.13
N LYS AA 186 116.04 -57.30 69.46
CA LYS AA 186 116.69 -58.55 69.83
C LYS AA 186 117.40 -58.42 71.17
N SER AA 187 117.93 -57.23 71.46
CA SER AA 187 118.56 -56.98 72.75
C SER AA 187 117.54 -57.05 73.87
N ALA AA 188 116.37 -56.44 73.66
CA ALA AA 188 115.31 -56.53 74.65
C ALA AA 188 114.76 -57.95 74.75
N LEU AA 189 114.81 -58.71 73.65
CA LEU AA 189 114.43 -60.11 73.72
C LEU AA 189 115.41 -60.92 74.56
N ALA AA 190 116.70 -60.62 74.44
CA ALA AA 190 117.70 -61.26 75.28
C ALA AA 190 117.52 -60.85 76.73
N LEU AA 191 117.16 -59.59 76.96
CA LEU AA 191 116.92 -59.11 78.31
C LEU AA 191 115.71 -59.80 78.93
N ALA AA 192 114.63 -59.94 78.15
CA ALA AA 192 113.44 -60.63 78.63
C ALA AA 192 113.70 -62.11 78.84
N ILE AA 193 114.55 -62.70 77.99
CA ILE AA 193 114.95 -64.10 78.18
C ILE AA 193 115.71 -64.25 79.49
N LYS AA 194 116.56 -63.28 79.81
CA LYS AA 194 117.30 -63.33 81.07
C LYS AA 194 116.38 -63.16 82.28
N VAL AA 195 115.40 -62.25 82.16
CA VAL AA 195 114.46 -62.01 83.24
C VAL AA 195 113.60 -63.24 83.50
N LEU AA 196 113.02 -63.80 82.44
CA LEU AA 196 112.24 -65.03 82.60
C LEU AA 196 113.11 -66.23 82.91
N ASN AA 197 114.42 -66.15 82.65
CA ASN AA 197 115.29 -67.25 83.02
C ASN AA 197 115.52 -67.27 84.52
N LYS AA 198 115.73 -66.10 85.12
CA LYS AA 198 115.87 -66.07 86.58
C LYS AA 198 114.53 -66.30 87.26
N THR AA 199 113.51 -65.57 86.85
CA THR AA 199 112.28 -65.47 87.62
C THR AA 199 111.43 -66.73 87.52
N MET AA 200 111.43 -67.41 86.38
CA MET AA 200 110.77 -68.70 86.34
C MET AA 200 111.64 -69.74 87.02
N ASP AA 201 110.98 -70.68 87.71
CA ASP AA 201 111.63 -71.85 88.28
C ASP AA 201 111.69 -73.00 87.29
N VAL AA 202 111.34 -72.74 86.02
CA VAL AA 202 111.41 -73.73 84.97
C VAL AA 202 112.87 -74.06 84.71
N SER AA 203 113.22 -75.34 84.81
CA SER AA 203 114.57 -75.78 84.52
C SER AA 203 114.84 -75.65 83.03
N LYS AA 204 115.90 -74.90 82.69
CA LYS AA 204 116.46 -74.67 81.36
C LYS AA 204 115.53 -73.92 80.41
N LEU AA 205 114.36 -73.45 80.89
CA LEU AA 205 113.44 -72.57 80.16
C LEU AA 205 112.98 -73.23 78.85
N SER AA 206 112.15 -74.25 79.00
CA SER AA 206 111.51 -74.83 77.83
C SER AA 206 110.62 -73.80 77.14
N ALA AA 207 110.69 -73.75 75.81
CA ALA AA 207 109.95 -72.76 75.03
C ALA AA 207 108.44 -72.98 75.07
N GLU AA 208 108.00 -74.16 75.50
CA GLU AA 208 106.59 -74.44 75.64
C GLU AA 208 106.00 -73.74 76.86
N LYS AA 209 106.83 -73.23 77.77
CA LYS AA 209 106.37 -72.57 78.97
C LYS AA 209 106.32 -71.06 78.84
N VAL AA 210 106.71 -70.51 77.69
CA VAL AA 210 106.83 -69.07 77.51
C VAL AA 210 105.99 -68.64 76.31
N GLU AA 211 105.76 -67.34 76.22
CA GLU AA 211 105.03 -66.76 75.09
C GLU AA 211 105.43 -65.29 74.97
N ILE AA 212 105.67 -64.86 73.73
CA ILE AA 212 106.10 -63.51 73.42
C ILE AA 212 105.31 -63.02 72.21
N ALA AA 213 104.77 -61.81 72.29
CA ALA AA 213 104.20 -61.14 71.15
C ALA AA 213 104.77 -59.74 71.06
N THR AA 214 105.01 -59.27 69.83
CA THR AA 214 105.53 -57.95 69.61
C THR AA 214 104.57 -57.15 68.73
N LEU AA 215 104.92 -55.89 68.55
CA LEU AA 215 104.09 -54.95 67.83
C LEU AA 215 105.03 -53.98 67.14
N THR AA 216 105.18 -54.12 65.83
CA THR AA 216 106.13 -53.34 65.06
C THR AA 216 105.38 -52.43 64.09
N ARG AA 217 106.09 -51.41 63.63
CA ARG AA 217 105.54 -50.41 62.73
C ARG AA 217 106.01 -50.71 61.31
N GLU AA 218 105.07 -51.01 60.42
CA GLU AA 218 105.36 -51.31 59.03
C GLU AA 218 104.51 -50.43 58.13
N ASN AA 219 104.98 -49.21 57.87
CA ASN AA 219 104.74 -48.43 56.66
C ASN AA 219 103.31 -47.91 56.49
N GLY AA 220 102.39 -48.36 57.32
CA GLY AA 220 101.06 -47.80 57.40
C GLY AA 220 100.18 -48.75 58.19
N LYS AA 221 100.75 -49.84 58.67
CA LYS AA 221 99.92 -50.96 59.10
C LYS AA 221 99.99 -51.21 60.60
N THR AA 222 101.19 -51.16 61.18
CA THR AA 222 101.47 -51.41 62.60
C THR AA 222 100.99 -52.81 63.00
N VAL AA 223 101.64 -53.80 62.41
CA VAL AA 223 101.23 -55.19 62.57
C VAL AA 223 101.59 -55.68 63.97
N ILE AA 224 100.85 -56.69 64.41
CA ILE AA 224 101.12 -57.35 65.68
C ILE AA 224 101.68 -58.72 65.36
N ARG AA 225 102.90 -58.97 65.81
CA ARG AA 225 103.60 -60.22 65.53
C ARG AA 225 103.38 -61.17 66.70
N VAL AA 226 102.45 -62.09 66.53
CA VAL AA 226 102.34 -63.22 67.45
C VAL AA 226 103.28 -64.27 66.87
N LEU AA 227 104.54 -64.22 67.30
CA LEU AA 227 105.63 -64.94 66.67
C LEU AA 227 105.59 -66.43 67.02
N LYS AA 228 106.32 -67.22 66.22
CA LYS AA 228 106.29 -68.68 66.33
C LYS AA 228 107.33 -69.15 67.34
N GLN AA 229 107.53 -70.46 67.43
CA GLN AA 229 108.33 -71.05 68.49
C GLN AA 229 109.78 -71.33 68.09
N LYS AA 230 110.08 -71.45 66.79
CA LYS AA 230 111.44 -71.77 66.38
C LYS AA 230 112.40 -70.61 66.63
N GLU AA 231 111.91 -69.37 66.43
CA GLU AA 231 112.72 -68.23 66.80
C GLU AA 231 112.87 -68.11 68.31
N VAL AA 232 111.90 -68.61 69.08
CA VAL AA 232 112.08 -68.72 70.52
C VAL AA 232 113.16 -69.74 70.85
N GLU AA 233 113.21 -70.83 70.06
CA GLU AA 233 114.23 -71.87 70.26
C GLU AA 233 115.63 -71.32 70.01
N GLN AA 234 115.82 -70.61 68.90
CA GLN AA 234 117.12 -70.03 68.64
C GLN AA 234 117.41 -68.85 69.58
N LEU AA 235 116.38 -68.20 70.13
CA LEU AA 235 116.61 -67.21 71.17
C LEU AA 235 117.10 -67.87 72.46
N ILE AA 236 116.58 -69.05 72.77
CA ILE AA 236 117.03 -69.79 73.95
C ILE AA 236 118.47 -70.24 73.77
N LYS AA 237 118.81 -70.74 72.58
CA LYS AA 237 120.21 -71.09 72.30
C LYS AA 237 121.11 -69.85 72.32
N LYS AA 238 120.58 -68.71 71.88
CA LYS AA 238 121.31 -67.45 71.94
C LYS AA 238 121.61 -67.06 73.38
N HIS AA 239 120.61 -67.11 74.25
CA HIS AA 239 120.81 -66.72 75.64
C HIS AA 239 121.67 -67.72 76.39
N GLU AA 240 121.61 -69.01 76.04
CA GLU AA 240 122.48 -69.94 76.73
C GLU AA 240 123.92 -69.86 76.22
N GLU AA 241 124.11 -69.47 74.95
CA GLU AA 241 125.45 -69.10 74.52
C GLU AA 241 125.93 -67.86 75.26
N GLU AA 242 125.03 -66.94 75.57
CA GLU AA 242 125.42 -65.80 76.40
C GLU AA 242 125.69 -66.22 77.84
N GLU AA 243 125.07 -67.29 78.32
CA GLU AA 243 125.39 -67.81 79.65
C GLU AA 243 126.78 -68.44 79.64
N ALA AA 244 127.13 -69.09 78.53
CA ALA AA 244 128.51 -69.56 78.35
C ALA AA 244 129.48 -68.39 78.31
N LYS AA 245 129.07 -67.28 77.68
CA LYS AA 245 129.88 -66.07 77.69
C LYS AA 245 129.99 -65.49 79.10
N ALA AA 246 128.96 -65.64 79.92
CA ALA AA 246 129.01 -65.20 81.30
C ALA AA 246 129.94 -66.06 82.13
N GLU AA 247 129.98 -67.36 81.88
CA GLU AA 247 130.86 -68.25 82.62
C GLU AA 247 132.25 -68.34 82.01
N ARG AA 248 132.51 -67.57 80.95
CA ARG AA 248 133.89 -67.36 80.50
C ARG AA 248 134.79 -66.71 81.54
N GLU AA 249 134.25 -66.06 82.56
CA GLU AA 249 135.02 -65.48 83.65
C GLU AA 249 135.47 -66.52 84.68
N LYS AA 250 135.29 -67.80 84.41
CA LYS AA 250 135.84 -68.87 85.22
C LYS AA 250 136.97 -69.55 84.46
N SER BA 1 69.32 -51.51 93.16
CA SER BA 1 69.90 -50.62 94.16
C SER BA 1 70.06 -51.32 95.50
N TYR BA 2 70.77 -50.67 96.42
CA TYR BA 2 71.15 -51.27 97.69
C TYR BA 2 70.47 -50.55 98.85
N ASP BA 3 69.49 -51.20 99.46
CA ASP BA 3 68.81 -50.62 100.60
C ASP BA 3 69.63 -50.77 101.86
N ARG BA 4 70.78 -50.09 101.93
CA ARG BA 4 71.59 -50.13 103.13
C ARG BA 4 72.27 -48.78 103.31
N ALA BA 5 72.30 -48.32 104.55
CA ALA BA 5 72.92 -47.07 104.89
C ALA BA 5 74.35 -47.34 105.33
N ILE BA 6 75.29 -46.59 104.76
CA ILE BA 6 76.66 -46.58 105.26
C ILE BA 6 76.84 -45.46 106.26
N THR BA 7 75.83 -44.59 106.39
CA THR BA 7 75.95 -43.29 107.02
C THR BA 7 75.29 -43.22 108.38
N VAL BA 8 74.95 -44.37 108.97
CA VAL BA 8 74.31 -44.50 110.28
C VAL BA 8 75.00 -43.69 111.38
N PHE BA 9 74.20 -43.03 112.22
CA PHE BA 9 74.73 -42.16 113.24
C PHE BA 9 75.36 -42.97 114.38
N SER BA 10 76.25 -42.31 115.10
CA SER BA 10 76.93 -42.97 116.20
C SER BA 10 76.08 -42.88 117.46
N PRO BA 11 76.38 -43.71 118.47
CA PRO BA 11 75.75 -43.52 119.78
C PRO BA 11 76.09 -42.19 120.45
N ASP BA 12 77.15 -41.51 120.05
CA ASP BA 12 77.44 -40.19 120.58
C ASP BA 12 77.27 -39.08 119.54
N GLY BA 13 76.72 -39.39 118.37
CA GLY BA 13 76.39 -38.34 117.41
C GLY BA 13 77.45 -38.06 116.37
N HIS BA 14 78.02 -39.11 115.79
CA HIS BA 14 79.09 -38.97 114.81
C HIS BA 14 78.82 -39.86 113.61
N LEU BA 15 79.68 -39.72 112.63
CA LEU BA 15 79.64 -40.49 111.39
C LEU BA 15 80.84 -41.41 111.33
N PHE BA 16 80.59 -42.71 111.17
CA PHE BA 16 81.66 -43.69 111.19
C PHE BA 16 82.50 -43.64 109.91
N GLN BA 17 81.98 -43.02 108.86
CA GLN BA 17 82.65 -43.09 107.56
C GLN BA 17 83.23 -41.78 107.07
N VAL BA 18 82.69 -40.64 107.49
CA VAL BA 18 83.07 -39.38 106.85
C VAL BA 18 84.40 -38.88 107.38
N GLU BA 19 84.43 -38.53 108.67
CA GLU BA 19 85.63 -38.03 109.31
C GLU BA 19 86.70 -39.11 109.40
N TYR BA 20 86.26 -40.35 109.42
CA TYR BA 20 87.12 -41.51 109.38
C TYR BA 20 87.67 -41.79 107.99
N ALA BA 21 86.91 -41.45 106.95
CA ALA BA 21 87.40 -41.54 105.59
C ALA BA 21 88.32 -40.39 105.23
N GLN BA 22 88.30 -39.32 106.03
CA GLN BA 22 89.31 -38.26 105.91
C GLN BA 22 90.72 -38.77 106.17
N GLU BA 23 90.86 -39.88 106.90
CA GLU BA 23 92.17 -40.45 107.20
C GLU BA 23 92.88 -40.96 105.95
N ALA BA 24 92.12 -41.42 104.96
CA ALA BA 24 92.76 -41.85 103.71
C ALA BA 24 93.36 -40.67 102.96
N VAL BA 25 92.75 -39.50 103.06
CA VAL BA 25 93.38 -38.28 102.55
C VAL BA 25 94.59 -37.92 103.40
N LYS BA 26 94.45 -38.05 104.72
CA LYS BA 26 95.54 -37.73 105.64
C LYS BA 26 96.73 -38.66 105.50
N LYS BA 27 96.55 -39.83 104.88
CA LYS BA 27 97.62 -40.76 104.59
C LYS BA 27 98.01 -40.72 103.12
N GLY BA 28 98.02 -39.52 102.54
CA GLY BA 28 98.33 -39.38 101.14
C GLY BA 28 99.51 -38.48 100.86
N SER BA 29 99.68 -38.12 99.59
CA SER BA 29 100.75 -37.21 99.20
C SER BA 29 100.41 -35.79 99.62
N THR BA 30 101.45 -35.01 99.86
CA THR BA 30 101.29 -33.63 100.31
C THR BA 30 101.25 -32.70 99.11
N ALA BA 31 100.44 -31.65 99.23
CA ALA BA 31 100.36 -30.65 98.18
C ALA BA 31 99.92 -29.34 98.80
N VAL BA 32 100.61 -28.26 98.45
CA VAL BA 32 100.29 -26.96 98.97
C VAL BA 32 100.04 -26.00 97.81
N GLY BA 33 99.49 -24.84 98.15
CA GLY BA 33 99.18 -23.83 97.16
C GLY BA 33 98.80 -22.52 97.82
N VAL BA 34 99.29 -21.41 97.28
CA VAL BA 34 98.97 -20.09 97.79
C VAL BA 34 98.47 -19.24 96.63
N ARG BA 35 97.99 -18.05 96.97
CA ARG BA 35 97.66 -17.02 96.00
C ARG BA 35 98.51 -15.79 96.28
N GLY BA 36 99.19 -15.29 95.25
CA GLY BA 36 99.83 -14.00 95.31
C GLY BA 36 98.83 -12.90 94.99
N ARG BA 37 99.36 -11.69 94.82
CA ARG BA 37 98.48 -10.59 94.45
C ARG BA 37 98.10 -10.66 92.98
N ASP BA 38 98.92 -11.32 92.16
CA ASP BA 38 98.56 -11.58 90.78
C ASP BA 38 98.74 -13.03 90.38
N ILE BA 39 99.77 -13.71 90.88
CA ILE BA 39 100.13 -15.03 90.39
C ILE BA 39 99.83 -16.05 91.48
N VAL BA 40 99.23 -17.16 91.08
CA VAL BA 40 98.96 -18.26 92.00
C VAL BA 40 99.97 -19.36 91.73
N VAL BA 41 100.29 -20.11 92.77
CA VAL BA 41 101.37 -21.08 92.72
C VAL BA 41 101.00 -22.25 93.61
N LEU BA 42 101.23 -23.45 93.12
CA LEU BA 42 100.87 -24.67 93.83
C LEU BA 42 101.72 -25.79 93.28
N GLY BA 43 101.54 -26.96 93.87
CA GLY BA 43 102.27 -28.13 93.41
C GLY BA 43 102.13 -29.28 94.38
N VAL BA 44 102.54 -30.45 93.91
CA VAL BA 44 102.49 -31.66 94.72
C VAL BA 44 103.93 -32.08 95.03
N GLU BA 45 104.08 -32.80 96.13
CA GLU BA 45 105.34 -33.42 96.46
C GLU BA 45 105.22 -34.93 96.29
N LYS BA 46 106.32 -35.63 96.58
CA LYS BA 46 106.42 -37.08 96.63
C LYS BA 46 106.04 -37.72 95.29
N LYS BA 47 106.91 -37.49 94.29
CA LYS BA 47 106.74 -38.17 93.02
C LYS BA 47 106.94 -39.68 93.18
N SER BA 48 108.03 -40.08 93.83
CA SER BA 48 108.34 -41.46 94.22
C SER BA 48 108.37 -42.40 93.02
N VAL BA 49 108.97 -41.93 91.93
CA VAL BA 49 109.07 -42.74 90.72
C VAL BA 49 110.16 -43.79 90.87
N ALA BA 50 110.26 -44.68 89.90
CA ALA BA 50 111.26 -45.74 89.93
C ALA BA 50 112.58 -45.33 89.30
N LYS BA 51 112.78 -44.01 89.10
CA LYS BA 51 114.00 -43.34 88.63
C LYS BA 51 114.41 -43.74 87.21
N LEU BA 52 113.64 -44.60 86.54
CA LEU BA 52 113.94 -45.00 85.18
C LEU BA 52 112.67 -45.11 84.35
N GLN BA 53 111.58 -44.46 84.76
CA GLN BA 53 110.26 -44.72 84.20
C GLN BA 53 109.62 -43.41 83.80
N ASP BA 54 108.37 -43.49 83.36
CA ASP BA 54 107.63 -42.32 82.89
C ASP BA 54 106.68 -41.81 83.99
N GLU BA 55 106.47 -40.50 83.98
CA GLU BA 55 105.63 -39.85 84.97
C GLU BA 55 104.73 -38.76 84.39
N ARG BA 56 104.68 -38.61 83.06
CA ARG BA 56 103.84 -37.59 82.47
C ARG BA 56 102.36 -37.93 82.53
N THR BA 57 102.01 -39.18 82.83
CA THR BA 57 100.63 -39.60 82.98
C THR BA 57 100.21 -39.76 84.42
N VAL BA 58 101.12 -39.59 85.36
CA VAL BA 58 100.80 -39.68 86.77
C VAL BA 58 100.66 -38.28 87.39
N ARG BA 59 100.51 -37.26 86.54
CA ARG BA 59 100.45 -35.87 86.99
C ARG BA 59 99.19 -35.61 87.80
N LYS BA 60 99.38 -35.08 89.01
CA LYS BA 60 98.30 -34.86 89.96
C LYS BA 60 97.66 -33.48 89.86
N ILE BA 61 98.12 -32.63 88.95
CA ILE BA 61 97.59 -31.30 88.77
C ILE BA 61 97.11 -31.16 87.34
N CYS BA 62 95.83 -30.86 87.17
CA CYS BA 62 95.30 -30.61 85.84
C CYS BA 62 94.44 -29.35 85.84
N ALA BA 63 93.65 -29.15 84.79
CA ALA BA 63 92.76 -28.03 84.72
C ALA BA 63 91.40 -28.50 84.20
N LEU BA 64 90.37 -27.75 84.55
CA LEU BA 64 89.04 -28.00 84.03
C LEU BA 64 88.67 -27.02 82.92
N ASP BA 65 89.06 -25.76 83.09
CA ASP BA 65 88.92 -24.72 82.09
C ASP BA 65 90.29 -24.06 81.98
N ASP BA 66 90.39 -22.99 81.19
CA ASP BA 66 91.64 -22.25 81.07
C ASP BA 66 91.86 -21.28 82.21
N ASN BA 67 90.97 -21.25 83.19
CA ASN BA 67 90.99 -20.26 84.23
C ASN BA 67 91.04 -20.85 85.63
N VAL BA 68 90.84 -22.15 85.77
CA VAL BA 68 90.80 -22.82 87.05
C VAL BA 68 91.85 -23.92 87.06
N CYS BA 69 92.35 -24.25 88.25
CA CYS BA 69 93.43 -25.20 88.41
C CYS BA 69 93.06 -26.22 89.47
N MET BA 70 93.62 -27.42 89.35
CA MET BA 70 93.23 -28.56 90.17
C MET BA 70 94.39 -29.04 91.03
N ALA BA 71 94.02 -29.77 92.09
CA ALA BA 71 94.93 -30.46 93.00
C ALA BA 71 94.08 -31.42 93.82
N PHE BA 72 94.73 -32.40 94.43
CA PHE BA 72 94.06 -33.36 95.29
C PHE BA 72 95.08 -34.07 96.17
N ALA BA 73 94.57 -35.00 96.98
CA ALA BA 73 95.36 -35.98 97.70
C ALA BA 73 94.51 -37.24 97.85
N GLY BA 74 94.87 -38.10 98.79
CA GLY BA 74 94.10 -39.31 99.01
C GLY BA 74 94.36 -40.33 97.91
N LEU BA 75 93.35 -41.15 97.64
CA LEU BA 75 93.48 -42.11 96.56
C LEU BA 75 93.12 -41.44 95.25
N THR BA 76 93.78 -41.86 94.18
CA THR BA 76 93.78 -41.07 92.97
C THR BA 76 92.53 -41.24 92.13
N ALA BA 77 91.90 -42.41 92.18
CA ALA BA 77 90.86 -42.74 91.21
C ALA BA 77 89.59 -41.94 91.46
N ASP BA 78 89.27 -41.71 92.73
CA ASP BA 78 88.17 -40.82 93.06
C ASP BA 78 88.41 -39.42 92.53
N ALA BA 79 89.66 -38.95 92.60
CA ALA BA 79 89.99 -37.65 92.04
C ALA BA 79 89.85 -37.65 90.54
N ARG BA 80 90.19 -38.76 89.89
CA ARG BA 80 90.04 -38.89 88.45
C ARG BA 80 88.58 -38.76 88.03
N ILE BA 81 87.69 -39.49 88.71
CA ILE BA 81 86.27 -39.44 88.38
C ILE BA 81 85.68 -38.07 88.68
N VAL BA 82 86.07 -37.47 89.81
CA VAL BA 82 85.55 -36.16 90.17
C VAL BA 82 86.04 -35.09 89.20
N ILE BA 83 87.28 -35.24 88.72
CA ILE BA 83 87.80 -34.32 87.73
C ILE BA 83 87.07 -34.45 86.40
N ASN BA 84 86.78 -35.67 85.96
CA ASN BA 84 86.03 -35.84 84.71
C ASN BA 84 84.62 -35.27 84.82
N ARG BA 85 83.97 -35.53 85.96
CA ARG BA 85 82.65 -34.99 86.24
C ARG BA 85 82.66 -33.47 86.25
N ALA BA 86 83.71 -32.89 86.82
CA ALA BA 86 83.81 -31.45 86.90
C ALA BA 86 84.14 -30.84 85.54
N ARG BA 87 84.90 -31.55 84.70
CA ARG BA 87 85.15 -31.11 83.34
C ARG BA 87 83.84 -31.00 82.57
N VAL BA 88 83.05 -32.06 82.62
CA VAL BA 88 81.76 -32.07 81.92
C VAL BA 88 80.85 -31.00 82.50
N GLU BA 89 80.92 -30.78 83.82
CA GLU BA 89 80.06 -29.79 84.46
C GLU BA 89 80.45 -28.37 84.08
N CYS BA 90 81.75 -28.07 84.10
CA CYS BA 90 82.17 -26.70 83.77
C CYS BA 90 81.96 -26.43 82.30
N GLN BA 91 82.07 -27.46 81.46
CA GLN BA 91 81.76 -27.26 80.06
C GLN BA 91 80.27 -27.07 79.85
N SER BA 92 79.43 -27.73 80.65
CA SER BA 92 78.00 -27.48 80.57
C SER BA 92 77.61 -26.12 81.11
N HIS BA 93 78.36 -25.62 82.10
CA HIS BA 93 78.20 -24.24 82.54
C HIS BA 93 78.56 -23.29 81.42
N ARG BA 94 79.67 -23.56 80.73
CA ARG BA 94 80.07 -22.82 79.54
C ARG BA 94 78.99 -22.87 78.45
N LEU BA 95 78.23 -23.96 78.40
CA LEU BA 95 77.14 -24.07 77.44
C LEU BA 95 76.02 -23.09 77.76
N THR BA 96 75.61 -23.02 79.02
CA THR BA 96 74.47 -22.18 79.32
C THR BA 96 74.88 -20.74 79.50
N VAL BA 97 75.67 -20.48 80.54
CA VAL BA 97 76.14 -19.12 80.78
C VAL BA 97 77.45 -18.92 80.04
N GLU BA 98 77.54 -17.84 79.29
CA GLU BA 98 78.69 -17.63 78.42
C GLU BA 98 79.84 -16.91 79.12
N ASP BA 99 79.82 -16.89 80.44
CA ASP BA 99 80.94 -16.38 81.20
C ASP BA 99 82.06 -17.42 81.24
N PRO BA 100 83.26 -17.03 81.64
CA PRO BA 100 84.17 -18.03 82.19
C PRO BA 100 83.62 -18.55 83.51
N VAL BA 101 83.88 -19.82 83.78
CA VAL BA 101 83.32 -20.47 84.95
C VAL BA 101 83.95 -19.88 86.21
N THR BA 102 83.11 -19.34 87.09
CA THR BA 102 83.60 -18.86 88.37
C THR BA 102 83.98 -20.03 89.25
N VAL BA 103 85.00 -19.79 90.08
CA VAL BA 103 85.55 -20.85 90.91
C VAL BA 103 84.55 -21.28 91.99
N GLU BA 104 83.70 -20.35 92.44
CA GLU BA 104 82.79 -20.64 93.52
C GLU BA 104 81.69 -21.59 93.06
N TYR BA 105 81.24 -21.42 91.83
CA TYR BA 105 80.19 -22.27 91.26
C TYR BA 105 80.65 -23.70 91.13
N ILE BA 106 81.87 -23.90 90.63
CA ILE BA 106 82.34 -25.27 90.41
C ILE BA 106 82.71 -25.92 91.74
N THR BA 107 83.16 -25.14 92.72
CA THR BA 107 83.40 -25.72 94.04
C THR BA 107 82.09 -26.09 94.72
N ARG BA 108 81.05 -25.28 94.54
CA ARG BA 108 79.73 -25.67 95.04
C ARG BA 108 79.26 -26.94 94.39
N TYR BA 109 79.53 -27.10 93.10
CA TYR BA 109 79.14 -28.33 92.41
C TYR BA 109 79.86 -29.54 92.97
N ILE BA 110 81.17 -29.43 93.15
CA ILE BA 110 81.95 -30.57 93.61
C ILE BA 110 81.58 -30.93 95.04
N ALA BA 111 81.44 -29.92 95.89
CA ALA BA 111 81.11 -30.16 97.29
C ALA BA 111 79.70 -30.72 97.44
N SER BA 112 78.75 -30.21 96.66
CA SER BA 112 77.38 -30.70 96.73
C SER BA 112 77.29 -32.11 96.16
N LEU BA 113 78.05 -32.41 95.12
CA LEU BA 113 78.03 -33.75 94.53
C LEU BA 113 78.63 -34.76 95.48
N LYS BA 114 79.73 -34.41 96.12
CA LYS BA 114 80.34 -35.31 97.08
C LYS BA 114 79.44 -35.48 98.30
N GLN BA 115 78.70 -34.42 98.67
CA GLN BA 115 77.75 -34.47 99.77
C GLN BA 115 76.59 -35.41 99.48
N ARG BA 116 75.89 -35.21 98.36
CA ARG BA 116 74.78 -36.08 98.04
C ARG BA 116 75.25 -37.48 97.67
N TYR BA 117 76.52 -37.61 97.26
CA TYR BA 117 77.08 -38.91 97.00
C TYR BA 117 77.29 -39.68 98.28
N THR BA 118 77.65 -38.97 99.34
CA THR BA 118 77.63 -39.59 100.66
C THR BA 118 76.22 -39.80 101.17
N GLN BA 119 75.26 -38.99 100.72
CA GLN BA 119 73.92 -39.07 101.28
C GLN BA 119 73.15 -40.27 100.73
N SER BA 120 73.56 -40.81 99.58
CA SER BA 120 72.78 -41.80 98.86
C SER BA 120 72.83 -43.18 99.53
N ASN BA 121 72.24 -44.16 98.85
CA ASN BA 121 72.02 -45.51 99.39
C ASN BA 121 73.18 -46.43 99.01
N GLY BA 122 74.05 -46.70 99.98
CA GLY BA 122 75.07 -47.72 99.86
C GLY BA 122 76.13 -47.38 98.83
N ARG BA 123 76.86 -46.30 99.06
CA ARG BA 123 77.85 -45.83 98.10
C ARG BA 123 79.06 -45.36 98.88
N ARG BA 124 80.23 -45.89 98.52
CA ARG BA 124 81.46 -45.53 99.21
C ARG BA 124 81.89 -44.12 98.82
N PRO BA 125 82.17 -43.26 99.79
CA PRO BA 125 82.50 -41.87 99.48
C PRO BA 125 83.82 -41.71 98.77
N PHE BA 126 83.97 -40.57 98.10
CA PHE BA 126 85.22 -40.20 97.46
C PHE BA 126 86.26 -39.90 98.52
N GLY BA 127 87.35 -40.67 98.53
CA GLY BA 127 88.40 -40.40 99.48
C GLY BA 127 89.42 -39.41 98.96
N ILE BA 128 88.98 -38.20 98.62
CA ILE BA 128 89.86 -37.15 98.13
C ILE BA 128 89.56 -35.87 98.88
N SER BA 129 90.41 -34.87 98.65
CA SER BA 129 90.20 -33.53 99.20
C SER BA 129 90.93 -32.57 98.27
N ALA BA 130 90.17 -31.76 97.54
CA ALA BA 130 90.71 -31.01 96.42
C ALA BA 130 91.05 -29.58 96.82
N LEU BA 131 91.92 -28.97 96.00
CA LEU BA 131 92.27 -27.57 96.08
C LEU BA 131 91.98 -26.95 94.73
N ILE BA 132 91.20 -25.89 94.72
CA ILE BA 132 90.60 -25.38 93.49
C ILE BA 132 90.99 -23.92 93.39
N VAL BA 133 91.87 -23.60 92.46
CA VAL BA 133 92.56 -22.32 92.43
C VAL BA 133 92.16 -21.58 91.17
N GLY BA 134 91.82 -20.30 91.31
CA GLY BA 134 91.47 -19.49 90.15
C GLY BA 134 91.43 -18.02 90.50
N PHE BA 135 91.39 -17.20 89.45
CA PHE BA 135 91.23 -15.76 89.59
C PHE BA 135 90.40 -15.29 88.40
N ASP BA 136 89.11 -15.05 88.63
CA ASP BA 136 88.17 -14.83 87.53
C ASP BA 136 87.62 -13.41 87.51
N PHE BA 137 86.99 -12.96 88.59
CA PHE BA 137 86.28 -11.69 88.59
C PHE BA 137 87.29 -10.58 88.78
N ASP BA 138 87.70 -9.97 87.66
CA ASP BA 138 88.70 -8.91 87.58
C ASP BA 138 90.02 -9.35 88.24
N GLY BA 139 90.37 -10.61 88.04
CA GLY BA 139 91.63 -11.15 88.52
C GLY BA 139 91.77 -11.22 90.03
N THR BA 140 90.71 -11.59 90.73
CA THR BA 140 90.78 -11.66 92.18
C THR BA 140 91.20 -13.06 92.60
N PRO BA 141 92.38 -13.22 93.21
CA PRO BA 141 92.94 -14.57 93.40
C PRO BA 141 92.25 -15.31 94.54
N ARG BA 142 91.78 -16.52 94.23
CA ARG BA 142 91.02 -17.31 95.18
C ARG BA 142 91.50 -18.74 95.13
N LEU BA 143 91.42 -19.42 96.27
CA LEU BA 143 91.56 -20.85 96.28
C LEU BA 143 90.70 -21.39 97.41
N TYR BA 144 89.96 -22.46 97.14
CA TYR BA 144 89.08 -23.04 98.12
C TYR BA 144 89.58 -24.45 98.38
N GLN BA 145 89.15 -25.04 99.49
CA GLN BA 145 89.42 -26.44 99.74
C GLN BA 145 88.11 -27.19 99.80
N THR BA 146 88.22 -28.51 99.74
CA THR BA 146 87.06 -29.38 99.87
C THR BA 146 87.21 -30.24 101.12
N ASP BA 147 86.33 -31.21 101.24
CA ASP BA 147 86.28 -32.08 102.40
C ASP BA 147 85.59 -33.37 101.97
N PRO BA 148 85.91 -34.51 102.59
CA PRO BA 148 85.12 -35.70 102.35
C PRO BA 148 83.66 -35.60 102.74
N SER BA 149 83.29 -34.70 103.65
CA SER BA 149 81.88 -34.37 103.79
C SER BA 149 81.39 -33.56 102.60
N GLY BA 150 82.23 -32.68 102.07
CA GLY BA 150 81.80 -31.86 100.95
C GLY BA 150 81.45 -30.45 101.38
N THR BA 151 82.31 -29.84 102.19
CA THR BA 151 82.10 -28.50 102.72
C THR BA 151 83.19 -27.58 102.18
N TYR BA 152 82.87 -26.84 101.11
CA TYR BA 152 83.85 -25.97 100.48
C TYR BA 152 84.14 -24.77 101.38
N HIS BA 153 85.39 -24.32 101.33
CA HIS BA 153 85.95 -23.56 102.45
C HIS BA 153 87.13 -22.76 101.94
N ALA BA 154 86.95 -21.45 101.79
CA ALA BA 154 87.96 -20.61 101.16
C ALA BA 154 89.11 -20.29 102.11
N TRP BA 155 90.33 -20.47 101.63
CA TRP BA 155 91.54 -20.10 102.35
C TRP BA 155 92.35 -19.10 101.54
N LYS BA 156 93.53 -18.76 102.07
CA LYS BA 156 94.53 -18.00 101.35
C LYS BA 156 95.82 -18.78 101.15
N ALA BA 157 96.10 -19.76 102.00
CA ALA BA 157 97.13 -20.76 101.79
C ALA BA 157 96.58 -22.07 102.33
N ASN BA 158 97.26 -23.16 102.03
CA ASN BA 158 96.72 -24.47 102.38
C ASN BA 158 97.86 -25.47 102.50
N ALA BA 159 97.62 -26.50 103.29
CA ALA BA 159 98.53 -27.62 103.46
C ALA BA 159 97.68 -28.85 103.72
N ILE BA 160 97.87 -29.90 102.92
CA ILE BA 160 97.14 -31.15 103.08
C ILE BA 160 98.12 -32.32 102.96
N GLY BA 161 97.56 -33.52 102.98
CA GLY BA 161 98.38 -34.72 102.83
C GLY BA 161 99.01 -35.13 104.15
N ARG BA 162 100.19 -35.74 104.04
CA ARG BA 162 100.89 -36.22 105.22
C ARG BA 162 101.51 -35.07 106.00
N GLY BA 163 101.22 -35.01 107.30
CA GLY BA 163 101.85 -34.06 108.19
C GLY BA 163 101.55 -32.60 107.92
N ALA BA 164 100.31 -32.30 107.51
CA ALA BA 164 99.94 -30.94 107.12
C ALA BA 164 99.93 -29.98 108.30
N LYS BA 165 99.83 -30.50 109.53
CA LYS BA 165 99.94 -29.65 110.70
C LYS BA 165 101.33 -29.04 110.81
N SER BA 166 102.36 -29.84 110.52
CA SER BA 166 103.72 -29.30 110.53
C SER BA 166 103.96 -28.36 109.35
N VAL BA 167 103.32 -28.61 108.22
CA VAL BA 167 103.46 -27.71 107.08
C VAL BA 167 102.76 -26.38 107.36
N ARG BA 168 101.60 -26.43 108.01
CA ARG BA 168 100.96 -25.21 108.47
C ARG BA 168 101.73 -24.56 109.61
N GLU BA 169 102.52 -25.34 110.34
CA GLU BA 169 103.43 -24.74 111.32
C GLU BA 169 104.57 -24.00 110.64
N PHE BA 170 104.99 -24.48 109.46
CA PHE BA 170 105.90 -23.67 108.66
C PHE BA 170 105.18 -22.44 108.13
N LEU BA 171 103.89 -22.60 107.80
CA LEU BA 171 103.07 -21.45 107.41
C LEU BA 171 102.91 -20.46 108.54
N GLU BA 172 102.98 -20.90 109.79
CA GLU BA 172 102.88 -20.01 110.94
C GLU BA 172 103.97 -18.94 110.91
N LYS BA 173 105.19 -19.33 110.59
CA LYS BA 173 106.22 -18.34 110.31
C LYS BA 173 106.13 -17.79 108.90
N ASN BA 174 105.32 -18.41 108.03
CA ASN BA 174 105.20 -17.94 106.65
C ASN BA 174 103.85 -17.25 106.41
N TYR BA 175 103.26 -16.67 107.45
CA TYR BA 175 102.04 -15.89 107.35
C TYR BA 175 102.30 -14.43 107.04
N THR BA 176 103.47 -14.11 106.53
CA THR BA 176 103.88 -12.72 106.41
C THR BA 176 103.22 -12.07 105.20
N ASP BA 177 102.59 -10.93 105.43
CA ASP BA 177 101.97 -10.20 104.34
C ASP BA 177 103.03 -9.64 103.39
N GLU BA 178 104.19 -9.29 103.96
CA GLU BA 178 105.33 -8.87 103.16
C GLU BA 178 105.74 -10.05 102.29
N ALA BA 179 106.34 -11.07 102.92
CA ALA BA 179 106.82 -12.31 102.27
C ALA BA 179 107.65 -12.04 101.03
N ILE BA 180 108.53 -11.02 101.03
CA ILE BA 180 108.46 -9.87 100.11
C ILE BA 180 107.86 -10.26 98.77
N GLU BA 181 106.72 -9.65 98.43
CA GLU BA 181 105.78 -10.32 97.52
C GLU BA 181 106.18 -10.24 96.06
N THR BA 182 107.28 -10.89 95.72
CA THR BA 182 107.67 -11.14 94.35
C THR BA 182 107.16 -12.51 93.95
N ASP BA 183 107.12 -12.75 92.64
CA ASP BA 183 106.59 -14.02 92.17
C ASP BA 183 107.60 -15.14 92.40
N ASP BA 184 108.88 -14.87 92.12
CA ASP BA 184 109.91 -15.86 92.36
C ASP BA 184 110.11 -16.12 93.84
N LEU BA 185 109.92 -15.09 94.69
CA LEU BA 185 110.09 -15.32 96.12
C LEU BA 185 108.92 -16.10 96.70
N THR BA 186 107.71 -15.85 96.19
CA THR BA 186 106.56 -16.64 96.64
C THR BA 186 106.68 -18.09 96.19
N ILE BA 187 107.09 -18.30 94.93
CA ILE BA 187 107.31 -19.65 94.42
C ILE BA 187 108.38 -20.38 95.21
N LYS BA 188 109.53 -19.71 95.44
CA LYS BA 188 110.63 -20.35 96.14
C LYS BA 188 110.32 -20.55 97.62
N LEU BA 189 109.49 -19.71 98.21
CA LEU BA 189 109.21 -19.85 99.62
C LEU BA 189 108.20 -20.96 99.86
N VAL BA 190 107.20 -21.09 98.98
CA VAL BA 190 106.33 -22.26 99.03
C VAL BA 190 107.11 -23.52 98.64
N ILE BA 191 108.10 -23.38 97.78
CA ILE BA 191 109.00 -24.49 97.45
C ILE BA 191 109.83 -24.87 98.66
N LYS BA 192 110.17 -23.90 99.50
CA LYS BA 192 110.84 -24.21 100.75
C LYS BA 192 109.90 -24.87 101.74
N ALA BA 193 108.61 -24.52 101.68
CA ALA BA 193 107.62 -25.23 102.48
C ALA BA 193 107.51 -26.68 102.04
N LEU BA 194 107.55 -26.93 100.73
CA LEU BA 194 107.59 -28.29 100.23
C LEU BA 194 108.93 -28.95 100.53
N LEU BA 195 109.99 -28.15 100.68
CA LEU BA 195 111.27 -28.64 101.16
C LEU BA 195 111.23 -28.95 102.65
N GLU BA 196 110.20 -28.48 103.36
CA GLU BA 196 109.98 -28.94 104.72
C GLU BA 196 109.18 -30.25 104.79
N VAL BA 197 109.18 -31.05 103.72
CA VAL BA 197 108.56 -32.38 103.72
C VAL BA 197 109.39 -33.33 104.56
N VAL BA 198 108.82 -34.50 104.85
CA VAL BA 198 109.43 -35.45 105.79
C VAL BA 198 110.72 -36.04 105.23
N GLN BA 199 110.85 -36.10 103.92
CA GLN BA 199 112.07 -36.61 103.31
C GLN BA 199 112.94 -35.52 102.71
N SER BA 200 112.33 -34.53 102.07
CA SER BA 200 112.99 -33.42 101.37
C SER BA 200 114.05 -33.93 100.40
N GLY BA 201 113.60 -34.74 99.43
CA GLY BA 201 114.50 -35.27 98.44
C GLY BA 201 115.06 -34.23 97.49
N GLY BA 202 114.33 -33.13 97.27
CA GLY BA 202 114.80 -32.02 96.47
C GLY BA 202 114.57 -32.20 94.99
N LYS BA 203 114.56 -33.44 94.50
CA LYS BA 203 114.37 -33.73 93.09
C LYS BA 203 112.95 -34.19 92.76
N ASN BA 204 112.17 -34.59 93.76
CA ASN BA 204 110.80 -35.01 93.56
C ASN BA 204 109.81 -33.87 93.75
N ILE BA 205 110.29 -32.64 93.66
CA ILE BA 205 109.45 -31.47 93.85
C ILE BA 205 108.82 -31.11 92.52
N GLU BA 206 107.51 -30.92 92.52
CA GLU BA 206 106.75 -30.59 91.31
C GLU BA 206 105.85 -29.41 91.62
N LEU BA 207 106.01 -28.33 90.87
CA LEU BA 207 105.21 -27.13 91.06
C LEU BA 207 104.77 -26.57 89.72
N ALA BA 208 103.57 -25.99 89.69
CA ALA BA 208 103.04 -25.35 88.50
C ALA BA 208 102.25 -24.12 88.93
N VAL BA 209 102.24 -23.10 88.08
CA VAL BA 209 101.75 -21.78 88.45
C VAL BA 209 100.69 -21.31 87.46
N MET BA 210 100.14 -20.14 87.75
CA MET BA 210 99.28 -19.40 86.83
C MET BA 210 99.36 -17.93 87.21
N ARG BA 211 99.53 -17.06 86.20
CA ARG BA 211 99.66 -15.63 86.45
C ARG BA 211 98.37 -14.85 86.20
N ARG BA 212 97.21 -15.47 86.42
CA ARG BA 212 95.86 -14.91 86.36
C ARG BA 212 95.42 -14.47 84.96
N ASP BA 213 96.26 -14.62 83.95
CA ASP BA 213 95.87 -14.46 82.55
C ASP BA 213 96.39 -15.57 81.66
N GLN BA 214 97.41 -16.29 82.08
CA GLN BA 214 98.13 -17.24 81.26
C GLN BA 214 97.43 -18.59 81.33
N SER BA 215 98.10 -19.64 80.88
CA SER BA 215 97.67 -21.00 81.08
C SER BA 215 98.62 -21.66 82.07
N LEU BA 216 98.45 -22.96 82.27
CA LEU BA 216 99.33 -23.69 83.17
C LEU BA 216 100.70 -23.88 82.55
N LYS BA 217 101.74 -23.62 83.33
CA LYS BA 217 103.11 -23.75 82.89
C LYS BA 217 103.82 -24.75 83.80
N ILE BA 218 104.45 -25.74 83.22
CA ILE BA 218 105.19 -26.74 83.97
C ILE BA 218 106.64 -26.30 84.06
N LEU BA 219 107.17 -26.26 85.28
CA LEU BA 219 108.50 -25.70 85.50
C LEU BA 219 109.57 -26.72 85.14
N ASN BA 220 110.81 -26.35 85.42
CA ASN BA 220 111.97 -27.11 85.02
C ASN BA 220 112.91 -27.20 86.21
N PRO BA 221 113.45 -28.39 86.52
CA PRO BA 221 114.15 -28.62 87.79
C PRO BA 221 115.57 -28.06 87.87
N GLU BA 222 115.77 -26.89 87.28
CA GLU BA 222 117.00 -26.11 87.41
C GLU BA 222 116.71 -24.71 87.89
N GLU BA 223 115.59 -24.13 87.47
CA GLU BA 223 115.06 -22.95 88.15
C GLU BA 223 114.70 -23.29 89.58
N ILE BA 224 114.16 -24.49 89.80
CA ILE BA 224 113.94 -24.99 91.15
C ILE BA 224 115.27 -25.20 91.87
N GLU BA 225 116.31 -25.60 91.12
CA GLU BA 225 117.63 -25.70 91.71
C GLU BA 225 118.17 -24.32 92.08
N LYS BA 226 117.89 -23.32 91.24
CA LYS BA 226 118.28 -21.95 91.56
C LYS BA 226 117.54 -21.43 92.77
N TYR BA 227 116.28 -21.83 92.94
CA TYR BA 227 115.49 -21.38 94.07
C TYR BA 227 115.94 -22.05 95.36
N VAL BA 228 116.26 -23.34 95.29
CA VAL BA 228 116.82 -24.03 96.45
C VAL BA 228 118.20 -23.48 96.79
N ALA BA 229 118.97 -23.08 95.77
CA ALA BA 229 120.29 -22.50 96.01
C ALA BA 229 120.19 -21.13 96.66
N GLU BA 230 119.23 -20.31 96.24
CA GLU BA 230 119.09 -19.01 96.90
C GLU BA 230 118.43 -19.16 98.26
N ILE BA 231 117.66 -20.24 98.47
CA ILE BA 231 117.16 -20.53 99.81
C ILE BA 231 118.30 -20.89 100.75
N GLU BA 232 119.26 -21.70 100.26
CA GLU BA 232 120.44 -22.01 101.05
C GLU BA 232 121.32 -20.78 101.23
N LYS BA 233 121.32 -19.87 100.25
CA LYS BA 233 122.04 -18.62 100.39
C LYS BA 233 121.42 -17.74 101.46
N GLU BA 234 120.09 -17.71 101.53
CA GLU BA 234 119.42 -16.98 102.60
C GLU BA 234 119.63 -17.65 103.95
N LYS BA 235 119.73 -18.99 103.96
CA LYS BA 235 120.05 -19.69 105.20
C LYS BA 235 121.45 -19.39 105.68
N GLU BA 236 122.39 -19.17 104.76
CA GLU BA 236 123.73 -18.75 105.15
C GLU BA 236 123.75 -17.29 105.60
N GLU BA 237 123.00 -16.43 104.91
CA GLU BA 237 122.97 -15.00 105.25
C GLU BA 237 122.24 -14.72 106.55
N ASN BA 238 121.37 -15.63 106.99
CA ASN BA 238 120.84 -15.55 108.34
C ASN BA 238 121.93 -15.82 109.38
N GLU BA 239 122.91 -16.66 109.04
CA GLU BA 239 124.03 -16.91 109.91
C GLU BA 239 125.05 -15.77 109.82
N TYR CA 1 74.06 -54.33 113.20
CA TYR CA 1 74.91 -53.27 113.70
C TYR CA 1 74.17 -52.44 114.76
N ASP CA 2 73.78 -53.13 115.83
CA ASP CA 2 73.22 -52.54 117.06
C ASP CA 2 71.97 -51.71 116.80
N ARG CA 3 70.95 -52.38 116.26
CA ARG CA 3 69.59 -51.87 116.10
C ARG CA 3 69.50 -50.60 115.28
N GLY CA 4 69.74 -50.73 113.97
CA GLY CA 4 69.85 -49.62 113.05
C GLY CA 4 68.58 -48.84 112.77
N VAL CA 5 68.51 -48.32 111.54
CA VAL CA 5 67.72 -47.14 111.19
C VAL CA 5 66.22 -47.27 111.38
N ASN CA 6 65.69 -48.45 111.69
CA ASN CA 6 64.25 -48.63 111.59
C ASN CA 6 63.73 -49.48 112.75
N THR CA 7 64.13 -49.15 113.99
CA THR CA 7 63.71 -49.94 115.13
C THR CA 7 63.51 -49.04 116.34
N PHE CA 8 62.39 -49.20 117.03
CA PHE CA 8 62.06 -48.38 118.19
C PHE CA 8 62.85 -48.83 119.42
N SER CA 9 62.61 -48.16 120.52
CA SER CA 9 63.11 -48.56 121.82
C SER CA 9 62.06 -49.37 122.54
N PRO CA 10 62.48 -50.26 123.44
CA PRO CA 10 61.51 -50.89 124.33
C PRO CA 10 60.81 -49.92 125.26
N GLU CA 11 61.43 -48.78 125.55
CA GLU CA 11 60.84 -47.79 126.43
C GLU CA 11 60.40 -46.52 125.72
N GLY CA 12 61.15 -46.05 124.73
CA GLY CA 12 60.87 -44.76 124.12
C GLY CA 12 61.03 -44.76 122.62
N ARG CA 13 61.60 -43.66 122.13
CA ARG CA 13 61.65 -43.32 120.71
C ARG CA 13 62.76 -44.05 119.96
N LEU CA 14 63.04 -43.63 118.73
CA LEU CA 14 64.01 -44.31 117.88
C LEU CA 14 65.43 -44.01 118.34
N PHE CA 15 66.35 -44.89 117.91
CA PHE CA 15 67.76 -44.71 118.24
C PHE CA 15 68.37 -43.55 117.46
N GLN CA 16 68.20 -43.56 116.14
CA GLN CA 16 68.93 -42.63 115.30
C GLN CA 16 68.38 -41.22 115.39
N VAL CA 17 67.09 -41.08 115.72
CA VAL CA 17 66.55 -39.75 115.94
C VAL CA 17 67.15 -39.12 117.19
N GLU CA 18 67.25 -39.91 118.27
CA GLU CA 18 68.00 -39.52 119.45
C GLU CA 18 69.44 -39.20 119.12
N TYR CA 19 70.02 -39.95 118.18
CA TYR CA 19 71.41 -39.73 117.81
C TYR CA 19 71.56 -38.47 116.98
N ALA CA 20 70.53 -38.09 116.24
CA ALA CA 20 70.54 -36.82 115.53
C ALA CA 20 70.48 -35.67 116.50
N ILE CA 21 69.65 -35.81 117.53
CA ILE CA 21 69.57 -34.79 118.58
C ILE CA 21 70.89 -34.67 119.31
N GLU CA 22 71.60 -35.78 119.48
CA GLU CA 22 72.92 -35.71 120.09
C GLU CA 22 73.95 -35.11 119.14
N ALA CA 23 73.82 -35.39 117.85
CA ALA CA 23 74.76 -34.88 116.85
C ALA CA 23 74.60 -33.39 116.61
N ILE CA 24 73.48 -32.80 117.03
CA ILE CA 24 73.36 -31.34 116.99
C ILE CA 24 74.41 -30.68 117.89
N LYS CA 25 74.72 -31.32 119.02
CA LYS CA 25 75.43 -30.67 120.12
C LYS CA 25 76.85 -30.24 119.77
N LEU CA 26 77.49 -30.95 118.83
CA LEU CA 26 78.84 -30.61 118.41
C LEU CA 26 78.94 -29.30 117.64
N GLY CA 27 77.82 -28.78 117.13
CA GLY CA 27 77.86 -27.58 116.34
C GLY CA 27 78.10 -26.33 117.15
N SER CA 28 78.37 -25.24 116.45
CA SER CA 28 78.54 -23.97 117.12
C SER CA 28 77.20 -23.43 117.58
N THR CA 29 77.25 -22.60 118.62
CA THR CA 29 76.01 -22.05 119.12
C THR CA 29 75.55 -20.89 118.24
N ALA CA 30 74.26 -20.59 118.34
CA ALA CA 30 73.68 -19.46 117.64
C ALA CA 30 72.47 -19.03 118.45
N ILE CA 31 72.20 -17.73 118.45
CA ILE CA 31 71.11 -17.18 119.24
C ILE CA 31 70.29 -16.28 118.34
N GLY CA 32 69.00 -16.56 118.24
CA GLY CA 32 68.05 -15.66 117.62
C GLY CA 32 67.07 -15.19 118.68
N ILE CA 33 66.63 -13.95 118.54
CA ILE CA 33 65.73 -13.32 119.49
C ILE CA 33 64.63 -12.60 118.71
N GLN CA 34 63.38 -12.96 118.96
CA GLN CA 34 62.27 -12.23 118.39
C GLN CA 34 62.01 -10.97 119.20
N THR CA 35 61.83 -9.86 118.52
CA THR CA 35 61.29 -8.65 119.11
C THR CA 35 60.28 -8.11 118.12
N SER CA 36 59.19 -7.52 118.63
CA SER CA 36 58.14 -6.98 117.79
C SER CA 36 58.64 -5.87 116.87
N GLU CA 37 59.72 -5.19 117.24
CA GLU CA 37 60.37 -4.28 116.32
C GLU CA 37 61.03 -5.02 115.17
N GLY CA 38 61.50 -6.23 115.41
CA GLY CA 38 62.14 -7.02 114.37
C GLY CA 38 62.95 -8.15 114.95
N VAL CA 39 63.33 -9.07 114.06
CA VAL CA 39 64.10 -10.25 114.47
C VAL CA 39 65.58 -9.99 114.23
N CYS CA 40 66.37 -10.17 115.28
CA CYS CA 40 67.82 -10.17 115.21
C CYS CA 40 68.31 -11.60 115.34
N LEU CA 41 69.56 -11.82 114.95
CA LEU CA 41 70.10 -13.17 114.98
C LEU CA 41 71.62 -13.09 115.04
N ALA CA 42 72.22 -14.07 115.72
CA ALA CA 42 73.67 -14.10 115.87
C ALA CA 42 74.16 -15.53 115.88
N VAL CA 43 75.46 -15.68 115.65
CA VAL CA 43 76.09 -16.99 115.52
C VAL CA 43 77.57 -16.82 115.83
N GLU CA 44 78.26 -17.90 116.14
CA GLU CA 44 79.70 -17.91 116.33
C GLU CA 44 80.34 -18.76 115.24
N LYS CA 45 81.34 -18.19 114.54
CA LYS CA 45 81.90 -18.85 113.38
C LYS CA 45 82.89 -19.95 113.75
N ARG CA 46 83.56 -19.79 114.90
CA ARG CA 46 84.58 -20.72 115.41
C ARG CA 46 85.72 -20.89 114.39
N ILE CA 47 86.42 -19.79 114.17
CA ILE CA 47 87.49 -19.74 113.18
C ILE CA 47 88.79 -20.22 113.81
N THR CA 48 89.49 -21.13 113.12
CA THR CA 48 90.70 -21.77 113.62
C THR CA 48 91.98 -21.11 113.13
N SER CA 49 92.06 -20.78 111.84
CA SER CA 49 93.31 -20.35 111.25
C SER CA 49 93.21 -18.91 110.76
N PRO CA 50 94.34 -18.21 110.65
CA PRO CA 50 94.34 -16.95 109.88
C PRO CA 50 94.09 -17.15 108.40
N LEU CA 51 94.38 -18.34 107.87
CA LEU CA 51 94.01 -18.65 106.49
C LEU CA 51 92.51 -18.77 106.35
N MET CA 52 91.83 -19.15 107.43
CA MET CA 52 90.39 -19.37 107.42
C MET CA 52 89.72 -18.02 107.25
N GLU CA 53 89.41 -17.70 105.99
CA GLU CA 53 88.89 -16.39 105.64
C GLU CA 53 87.48 -16.25 106.20
N PRO CA 54 87.20 -15.18 106.94
CA PRO CA 54 85.97 -15.16 107.76
C PRO CA 54 84.68 -15.03 106.98
N SER CA 55 84.67 -14.21 105.92
CA SER CA 55 83.43 -13.93 105.20
C SER CA 55 83.02 -15.05 104.27
N SER CA 56 83.81 -16.10 104.14
CA SER CA 56 83.44 -17.21 103.28
C SER CA 56 82.57 -18.23 103.98
N ILE CA 57 82.81 -18.46 105.27
CA ILE CA 57 82.01 -19.41 106.03
C ILE CA 57 80.64 -18.81 106.26
N GLU CA 58 79.60 -19.51 105.83
CA GLU CA 58 78.25 -19.03 105.94
C GLU CA 58 77.56 -19.70 107.12
N LYS CA 59 76.88 -18.90 107.93
CA LYS CA 59 75.91 -19.40 108.88
C LYS CA 59 74.54 -18.79 108.62
N ILE CA 60 74.48 -17.46 108.53
CA ILE CA 60 73.28 -16.79 108.08
C ILE CA 60 73.27 -16.84 106.57
N VAL CA 61 72.26 -17.49 106.02
CA VAL CA 61 72.02 -17.47 104.60
C VAL CA 61 70.76 -16.65 104.36
N GLU CA 62 70.50 -16.38 103.09
CA GLU CA 62 69.40 -15.51 102.70
C GLU CA 62 68.40 -16.33 101.90
N ILE CA 63 67.30 -16.68 102.53
CA ILE CA 63 66.27 -17.44 101.84
C ILE CA 63 65.51 -16.56 100.87
N ASP CA 64 64.93 -15.48 101.37
CA ASP CA 64 64.17 -14.59 100.52
C ASP CA 64 64.55 -13.17 100.91
N ALA CA 65 63.78 -12.18 100.43
CA ALA CA 65 64.03 -10.80 100.80
C ALA CA 65 63.66 -10.50 102.25
N HIS CA 66 62.97 -11.40 102.93
CA HIS CA 66 62.63 -11.16 104.33
C HIS CA 66 62.77 -12.41 105.18
N ILE CA 67 63.47 -13.43 104.70
CA ILE CA 67 63.60 -14.69 105.44
C ILE CA 67 65.07 -15.02 105.57
N GLY CA 68 65.56 -15.02 106.82
CA GLY CA 68 66.91 -15.44 107.11
C GLY CA 68 66.95 -16.86 107.65
N CYS CA 69 68.14 -17.27 108.09
CA CYS CA 69 68.33 -18.60 108.63
C CYS CA 69 69.56 -18.66 109.51
N ALA CA 70 69.64 -19.75 110.26
CA ALA CA 70 70.84 -20.13 110.99
C ALA CA 70 70.89 -21.64 111.04
N MET CA 71 72.10 -22.18 111.00
CA MET CA 71 72.29 -23.61 110.87
C MET CA 71 72.98 -24.15 112.13
N SER CA 72 73.26 -25.45 112.11
CA SER CA 72 73.86 -26.13 113.25
C SER CA 72 74.63 -27.33 112.74
N GLY CA 73 75.79 -27.58 113.35
CA GLY CA 73 76.53 -28.82 113.15
C GLY CA 73 76.97 -29.11 111.73
N LEU CA 74 76.26 -30.04 111.11
CA LEU CA 74 76.50 -30.40 109.72
C LEU CA 74 76.16 -29.23 108.82
N ILE CA 75 76.95 -29.07 107.75
CA ILE CA 75 76.93 -27.86 106.95
C ILE CA 75 76.26 -28.07 105.60
N ALA CA 76 76.72 -29.08 104.85
CA ALA CA 76 76.32 -29.20 103.46
C ALA CA 76 74.89 -29.71 103.32
N ASP CA 77 74.45 -30.57 104.26
CA ASP CA 77 73.05 -30.98 104.31
C ASP CA 77 72.16 -29.78 104.54
N ALA CA 78 72.59 -28.89 105.44
CA ALA CA 78 71.88 -27.65 105.69
C ALA CA 78 71.84 -26.80 104.43
N LYS CA 79 72.93 -26.77 103.67
CA LYS CA 79 72.95 -26.01 102.43
C LYS CA 79 71.98 -26.58 101.40
N THR CA 80 71.86 -27.90 101.35
CA THR CA 80 70.90 -28.55 100.46
C THR CA 80 69.47 -28.18 100.84
N LEU CA 81 69.18 -28.23 102.14
CA LEU CA 81 67.87 -27.84 102.64
C LEU CA 81 67.57 -26.37 102.35
N ILE CA 82 68.59 -25.52 102.47
CA ILE CA 82 68.42 -24.09 102.18
C ILE CA 82 68.10 -23.86 100.73
N ASP CA 83 68.83 -24.53 99.83
CA ASP CA 83 68.61 -24.41 98.40
C ASP CA 83 67.20 -24.84 98.03
N LYS CA 84 66.77 -25.99 98.53
CA LYS CA 84 65.45 -26.48 98.17
C LYS CA 84 64.35 -25.65 98.82
N ALA CA 85 64.60 -25.08 100.00
CA ALA CA 85 63.63 -24.19 100.62
C ALA CA 85 63.45 -22.92 99.81
N ARG CA 86 64.54 -22.38 99.28
CA ARG CA 86 64.47 -21.24 98.37
C ARG CA 86 63.67 -21.60 97.13
N VAL CA 87 63.87 -22.81 96.61
CA VAL CA 87 63.13 -23.30 95.44
C VAL CA 87 61.63 -23.33 95.74
N GLU CA 88 61.26 -23.82 96.92
CA GLU CA 88 59.85 -23.99 97.22
C GLU CA 88 59.16 -22.66 97.51
N THR CA 89 59.87 -21.73 98.17
CA THR CA 89 59.35 -20.37 98.32
C THR CA 89 59.23 -19.68 96.97
N GLN CA 90 60.13 -19.98 96.06
CA GLN CA 90 60.05 -19.38 94.73
C GLN CA 90 58.87 -19.93 93.96
N ASN CA 91 58.56 -21.22 94.17
CA ASN CA 91 57.34 -21.78 93.60
C ASN CA 91 56.10 -21.11 94.16
N HIS CA 92 56.11 -20.82 95.46
CA HIS CA 92 54.96 -20.15 96.08
C HIS CA 92 54.79 -18.75 95.54
N TRP CA 93 55.90 -18.04 95.31
CA TRP CA 93 55.82 -16.74 94.65
C TRP CA 93 55.25 -16.87 93.25
N PHE CA 94 55.75 -17.87 92.51
CA PHE CA 94 55.36 -18.08 91.12
C PHE CA 94 53.89 -18.40 91.00
N THR CA 95 53.35 -19.09 91.99
CA THR CA 95 51.98 -19.53 91.92
C THR CA 95 51.00 -18.68 92.74
N TYR CA 96 51.46 -17.67 93.49
CA TYR CA 96 50.50 -16.88 94.26
C TYR CA 96 50.76 -15.38 94.29
N ASN CA 97 51.81 -14.88 93.63
CA ASN CA 97 52.19 -13.45 93.61
C ASN CA 97 52.42 -12.86 94.99
N GLU CA 98 52.86 -13.65 95.95
CA GLU CA 98 53.02 -13.15 97.31
C GLU CA 98 54.14 -13.92 97.98
N THR CA 99 54.28 -13.69 99.28
CA THR CA 99 55.36 -14.29 100.07
C THR CA 99 54.83 -15.52 100.79
N MET CA 100 55.51 -16.65 100.60
CA MET CA 100 55.30 -17.80 101.48
C MET CA 100 55.69 -17.42 102.90
N THR CA 101 54.73 -17.50 103.82
CA THR CA 101 55.02 -17.14 105.21
C THR CA 101 55.91 -18.20 105.86
N VAL CA 102 56.57 -17.78 106.94
CA VAL CA 102 57.72 -18.51 107.46
C VAL CA 102 57.29 -19.82 108.08
N GLU CA 103 56.08 -19.85 108.65
CA GLU CA 103 55.53 -21.10 109.16
C GLU CA 103 55.31 -22.09 108.03
N SER CA 104 54.80 -21.62 106.91
CA SER CA 104 54.62 -22.48 105.75
C SER CA 104 55.96 -22.87 105.14
N VAL CA 105 56.97 -22.00 105.24
CA VAL CA 105 58.33 -22.34 104.82
C VAL CA 105 58.84 -23.53 105.62
N THR CA 106 58.71 -23.45 106.95
CA THR CA 106 59.26 -24.49 107.77
C THR CA 106 58.44 -25.77 107.69
N GLN CA 107 57.15 -25.65 107.40
CA GLN CA 107 56.35 -26.84 107.15
C GLN CA 107 56.73 -27.50 105.84
N ALA CA 108 57.05 -26.71 104.81
CA ALA CA 108 57.54 -27.29 103.57
C ALA CA 108 58.89 -27.95 103.74
N VAL CA 109 59.73 -27.46 104.65
CA VAL CA 109 60.99 -28.14 104.94
C VAL CA 109 60.73 -29.41 105.76
N SER CA 110 59.83 -29.31 106.72
CA SER CA 110 59.55 -30.42 107.63
C SER CA 110 58.61 -31.43 107.04
N ASN CA 111 58.14 -31.23 105.81
CA ASN CA 111 57.56 -32.33 105.06
C ASN CA 111 58.57 -33.44 104.81
N LEU CA 112 59.85 -33.10 104.69
CA LEU CA 112 60.88 -34.10 104.47
C LEU CA 112 62.03 -33.97 105.44
N ALA CA 113 61.86 -33.23 106.53
CA ALA CA 113 62.78 -33.34 107.66
C ALA CA 113 62.88 -34.78 108.13
N LEU CA 114 61.74 -35.47 108.25
CA LEU CA 114 61.74 -36.91 108.44
C LEU CA 114 61.01 -37.56 107.28
N GLN CA 115 61.74 -37.76 106.19
CA GLN CA 115 61.39 -38.72 105.15
C GLN CA 115 62.59 -39.60 104.86
N PHE CA 116 63.34 -39.89 105.92
CA PHE CA 116 64.56 -40.66 105.79
C PHE CA 116 64.20 -42.10 105.45
N GLY CA 117 64.81 -42.61 104.40
CA GLY CA 117 64.49 -43.93 103.93
C GLY CA 117 65.55 -44.46 102.99
N GLU CA 118 65.97 -45.69 103.24
CA GLU CA 118 66.91 -46.36 102.36
C GLU CA 118 66.23 -47.41 101.50
N GLU CA 119 65.03 -47.82 101.89
CA GLU CA 119 64.19 -48.71 101.12
C GLU CA 119 62.80 -48.11 100.98
N ASP CA 120 62.12 -48.53 99.91
CA ASP CA 120 60.73 -48.18 99.59
C ASP CA 120 60.48 -46.66 99.54
N SER CA 127 68.56 -40.54 102.35
CA SER CA 127 68.60 -41.85 103.00
C SER CA 127 68.45 -41.74 104.52
N ARG CA 128 69.47 -41.20 105.17
CA ARG CA 128 69.53 -41.08 106.61
C ARG CA 128 68.77 -39.83 107.06
N PRO CA 129 68.42 -39.74 108.34
CA PRO CA 129 67.93 -38.46 108.86
C PRO CA 129 69.03 -37.44 108.84
N PHE CA 130 68.61 -36.18 108.76
CA PHE CA 130 69.52 -35.05 108.62
C PHE CA 130 70.04 -34.62 109.98
N GLY CA 131 71.20 -33.98 109.96
CA GLY CA 131 71.87 -33.61 111.18
C GLY CA 131 72.00 -32.13 111.42
N VAL CA 132 70.91 -31.39 111.27
CA VAL CA 132 70.97 -29.94 111.42
C VAL CA 132 69.70 -29.47 112.10
N ALA CA 133 69.86 -28.61 113.10
CA ALA CA 133 68.76 -27.87 113.70
C ALA CA 133 68.80 -26.45 113.15
N LEU CA 134 67.67 -25.95 112.69
CA LEU CA 134 67.64 -24.69 111.98
C LEU CA 134 66.89 -23.64 112.77
N LEU CA 135 67.41 -22.43 112.74
CA LEU CA 135 66.77 -21.27 113.33
C LEU CA 135 66.23 -20.41 112.21
N PHE CA 136 64.93 -20.14 112.26
CA PHE CA 136 64.27 -19.41 111.18
C PHE CA 136 63.69 -18.11 111.70
N GLY CA 137 63.99 -17.03 111.02
CA GLY CA 137 63.40 -15.74 111.30
C GLY CA 137 62.80 -15.15 110.06
N GLY CA 138 61.73 -14.39 110.23
CA GLY CA 138 61.10 -13.76 109.10
C GLY CA 138 60.11 -12.72 109.56
N VAL CA 139 59.62 -11.96 108.60
CA VAL CA 139 58.62 -10.93 108.83
C VAL CA 139 57.43 -11.28 107.94
N ASP CA 140 56.39 -11.86 108.53
CA ASP CA 140 55.19 -12.18 107.77
C ASP CA 140 54.20 -11.02 107.87
N GLU CA 141 52.95 -11.26 107.49
CA GLU CA 141 51.90 -10.28 107.70
C GLU CA 141 51.58 -10.07 109.17
N LYS CA 142 51.84 -11.07 110.01
CA LYS CA 142 51.66 -10.96 111.44
C LYS CA 142 52.89 -10.42 112.16
N GLY CA 143 53.71 -9.63 111.48
CA GLY CA 143 54.84 -9.00 112.11
C GLY CA 143 56.08 -9.87 111.99
N PRO CA 144 56.96 -9.78 112.96
CA PRO CA 144 58.14 -10.65 112.99
C PRO CA 144 57.78 -12.04 113.47
N GLN CA 145 58.60 -13.00 113.08
CA GLN CA 145 58.43 -14.39 113.52
C GLN CA 145 59.79 -14.99 113.80
N LEU CA 146 59.83 -15.83 114.83
CA LEU CA 146 61.04 -16.59 115.14
C LEU CA 146 60.67 -18.05 115.30
N PHE CA 147 61.30 -18.90 114.49
CA PHE CA 147 60.91 -20.30 114.35
C PHE CA 147 62.13 -21.19 114.50
N HIS CA 148 61.95 -22.28 115.23
CA HIS CA 148 63.01 -23.26 115.50
C HIS CA 148 62.48 -24.63 115.11
N MET CA 149 63.22 -25.34 114.28
CA MET CA 149 62.87 -26.71 113.96
C MET CA 149 63.95 -27.62 114.53
N ASP CA 150 63.83 -28.89 114.21
CA ASP CA 150 64.80 -29.88 114.66
C ASP CA 150 64.96 -30.91 113.55
N PRO CA 151 65.99 -31.76 113.64
CA PRO CA 151 66.04 -32.93 112.74
C PRO CA 151 64.84 -33.84 112.85
N SER CA 152 64.22 -33.95 114.02
CA SER CA 152 63.02 -34.77 114.12
C SER CA 152 61.77 -34.08 113.61
N GLY CA 153 61.88 -32.89 113.03
CA GLY CA 153 60.75 -32.23 112.42
C GLY CA 153 59.74 -31.65 113.37
N THR CA 154 59.94 -31.80 114.68
CA THR CA 154 59.00 -31.30 115.68
C THR CA 154 59.10 -29.78 115.70
N PHE CA 155 58.33 -29.14 114.83
CA PHE CA 155 58.44 -27.72 114.61
C PHE CA 155 57.67 -26.94 115.66
N VAL CA 156 58.30 -25.90 116.19
CA VAL CA 156 57.67 -25.04 117.19
C VAL CA 156 58.16 -23.61 116.98
N GLN CA 157 57.35 -22.66 117.40
CA GLN CA 157 57.75 -21.27 117.49
C GLN CA 157 58.50 -21.06 118.79
N CYS CA 158 59.62 -20.35 118.71
CA CYS CA 158 60.37 -19.97 119.90
C CYS CA 158 60.47 -18.46 119.97
N ASP CA 159 60.40 -17.92 121.18
CA ASP CA 159 60.47 -16.48 121.35
C ASP CA 159 61.90 -15.97 121.28
N ALA CA 160 62.84 -16.70 121.89
CA ALA CA 160 64.27 -16.45 121.70
C ALA CA 160 65.01 -17.76 122.01
N ARG CA 161 65.43 -18.44 120.96
CA ARG CA 161 66.03 -19.77 121.10
C ARG CA 161 67.54 -19.68 120.94
N ALA CA 162 68.25 -20.51 121.69
CA ALA CA 162 69.67 -20.72 121.53
C ALA CA 162 69.92 -22.20 121.25
N ILE CA 163 70.92 -22.49 120.42
CA ILE CA 163 71.12 -23.84 119.95
C ILE CA 163 72.54 -24.34 120.20
N GLY CA 164 72.80 -25.58 119.78
CA GLY CA 164 74.16 -26.09 119.67
C GLY CA 164 74.83 -26.29 121.01
N SER CA 165 76.13 -26.05 121.02
CA SER CA 165 76.91 -26.18 122.24
C SER CA 165 76.56 -25.06 123.21
N ALA CA 166 76.68 -25.36 124.51
CA ALA CA 166 76.44 -24.43 125.62
C ALA CA 166 75.03 -23.86 125.61
N SER CA 167 74.06 -24.62 125.10
CA SER CA 167 72.71 -24.10 124.98
C SER CA 167 71.95 -24.11 126.30
N GLU CA 168 72.40 -24.88 127.28
CA GLU CA 168 71.73 -24.92 128.59
C GLU CA 168 71.90 -23.58 129.31
N GLY CA 169 73.16 -23.17 129.53
CA GLY CA 169 73.42 -21.90 130.13
C GLY CA 169 72.99 -20.73 129.26
N ALA CA 170 72.98 -20.93 127.95
CA ALA CA 170 72.50 -19.87 127.05
C ALA CA 170 71.02 -19.64 127.23
N GLN CA 171 70.22 -20.71 127.27
CA GLN CA 171 68.79 -20.56 127.52
C GLN CA 171 68.51 -20.06 128.93
N SER CA 172 69.33 -20.47 129.90
CA SER CA 172 69.14 -20.02 131.27
C SER CA 172 69.40 -18.53 131.40
N SER CA 173 70.58 -18.08 130.96
CA SER CA 173 70.94 -16.68 131.00
C SER CA 173 70.09 -15.85 130.04
N LEU CA 174 69.46 -16.47 129.06
CA LEU CA 174 68.51 -15.75 128.23
C LEU CA 174 67.17 -15.57 128.94
N GLN CA 175 66.75 -16.59 129.69
CA GLN CA 175 65.53 -16.47 130.49
C GLN CA 175 65.72 -15.50 131.64
N GLU CA 176 66.96 -15.26 132.05
CA GLU CA 176 67.22 -14.24 133.05
C GLU CA 176 66.93 -12.84 132.50
N VAL CA 177 67.19 -12.63 131.21
CA VAL CA 177 67.16 -11.28 130.67
C VAL CA 177 65.92 -10.96 129.84
N TYR CA 178 65.17 -11.96 129.38
CA TYR CA 178 64.11 -11.70 128.42
C TYR CA 178 62.83 -11.24 129.10
N HIS CA 179 62.11 -10.36 128.41
CA HIS CA 179 60.68 -10.13 128.66
C HIS CA 179 60.02 -9.82 127.32
N LYS CA 180 58.74 -9.49 127.36
CA LYS CA 180 57.96 -9.38 126.12
C LYS CA 180 58.17 -8.05 125.42
N SER CA 181 58.37 -6.97 126.18
CA SER CA 181 58.33 -5.62 125.65
C SER CA 181 59.73 -5.05 125.41
N MET CA 182 60.66 -5.90 124.98
CA MET CA 182 62.03 -5.51 124.74
C MET CA 182 62.14 -4.58 123.53
N THR CA 183 63.33 -4.01 123.35
CA THR CA 183 63.64 -3.22 122.18
C THR CA 183 64.70 -3.93 121.34
N LEU CA 184 65.15 -3.25 120.28
CA LEU CA 184 66.02 -3.87 119.30
C LEU CA 184 67.46 -3.96 119.80
N LYS CA 185 68.11 -2.81 119.98
CA LYS CA 185 69.53 -2.77 120.28
C LYS CA 185 69.84 -3.33 121.65
N GLU CA 186 68.88 -3.23 122.58
CA GLU CA 186 68.96 -3.91 123.86
C GLU CA 186 69.05 -5.41 123.68
N ALA CA 187 68.20 -5.98 122.82
CA ALA CA 187 68.22 -7.41 122.58
C ALA CA 187 69.49 -7.82 121.86
N ILE CA 188 70.01 -6.94 121.00
CA ILE CA 188 71.25 -7.22 120.30
C ILE CA 188 72.41 -7.30 121.27
N LYS CA 189 72.56 -6.30 122.14
CA LYS CA 189 73.68 -6.31 123.06
C LYS CA 189 73.50 -7.37 124.14
N SER CA 190 72.26 -7.67 124.52
CA SER CA 190 72.01 -8.76 125.46
C SER CA 190 72.34 -10.10 124.84
N SER CA 191 72.18 -10.24 123.52
CA SER CA 191 72.55 -11.47 122.85
C SER CA 191 74.07 -11.63 122.80
N LEU CA 192 74.76 -10.56 122.43
CA LEU CA 192 76.21 -10.70 122.28
C LEU CA 192 76.93 -10.77 123.62
N ILE CA 193 76.33 -10.28 124.71
CA ILE CA 193 76.88 -10.54 126.04
C ILE CA 193 76.87 -12.03 126.33
N ILE CA 194 75.76 -12.70 126.03
CA ILE CA 194 75.68 -14.15 126.20
C ILE CA 194 76.64 -14.86 125.28
N LEU CA 195 76.86 -14.31 124.08
CA LEU CA 195 77.81 -14.87 123.13
C LEU CA 195 79.23 -14.85 123.68
N LYS CA 196 79.67 -13.69 124.15
CA LYS CA 196 81.02 -13.65 124.71
C LYS CA 196 81.08 -14.25 126.11
N GLN CA 197 79.95 -14.64 126.70
CA GLN CA 197 79.99 -15.52 127.85
C GLN CA 197 80.12 -16.99 127.47
N VAL CA 198 79.61 -17.40 126.32
CA VAL CA 198 79.68 -18.80 125.94
C VAL CA 198 80.85 -19.12 125.04
N MET CA 199 81.44 -18.12 124.38
CA MET CA 199 82.59 -18.42 123.54
C MET CA 199 83.84 -18.50 124.41
N GLU CA 200 84.94 -18.94 123.79
CA GLU CA 200 86.20 -19.11 124.48
C GLU CA 200 87.25 -18.08 124.09
N GLU CA 201 87.10 -17.43 122.94
CA GLU CA 201 88.04 -16.44 122.47
C GLU CA 201 87.60 -15.04 122.89
N LYS CA 202 88.46 -14.07 122.63
CA LYS CA 202 88.08 -12.69 122.82
C LYS CA 202 87.05 -12.30 121.78
N LEU CA 203 86.02 -11.57 122.20
CA LEU CA 203 85.01 -11.12 121.25
C LEU CA 203 85.56 -9.99 120.41
N ASN CA 204 85.56 -10.18 119.10
CA ASN CA 204 85.99 -9.15 118.17
C ASN CA 204 85.16 -9.28 116.90
N ALA CA 205 85.57 -8.57 115.86
CA ALA CA 205 84.76 -8.41 114.66
C ALA CA 205 84.64 -9.69 113.85
N THR CA 206 85.58 -10.60 113.98
CA THR CA 206 85.64 -11.76 113.10
C THR CA 206 85.08 -13.02 113.72
N ASN CA 207 84.73 -13.00 115.01
CA ASN CA 207 84.13 -14.17 115.64
C ASN CA 207 82.69 -14.35 115.18
N ILE CA 208 81.89 -13.30 115.31
CA ILE CA 208 80.44 -13.41 115.22
C ILE CA 208 79.95 -12.58 114.03
N GLU CA 209 78.65 -12.70 113.74
CA GLU CA 209 77.99 -11.84 112.78
C GLU CA 209 76.52 -11.69 113.17
N LEU CA 210 75.95 -10.53 112.84
CA LEU CA 210 74.56 -10.26 113.14
C LEU CA 210 73.72 -10.18 111.88
N ALA CA 211 72.44 -10.52 112.04
CA ALA CA 211 71.50 -10.57 110.93
C ALA CA 211 70.16 -10.08 111.46
N THR CA 212 69.75 -8.91 111.01
CA THR CA 212 68.59 -8.22 111.56
C THR CA 212 67.60 -7.89 110.46
N VAL CA 213 66.33 -8.25 110.69
CA VAL CA 213 65.26 -7.96 109.75
C VAL CA 213 64.18 -7.15 110.46
N GLN CA 214 63.69 -6.12 109.78
CA GLN CA 214 62.62 -5.27 110.26
C GLN CA 214 61.57 -5.17 109.18
N PRO CA 215 60.32 -4.81 109.52
CA PRO CA 215 59.32 -4.59 108.47
C PRO CA 215 59.63 -3.42 107.55
N GLY CA 216 60.15 -2.33 108.10
CA GLY CA 216 60.57 -1.23 107.25
C GLY CA 216 61.96 -1.40 106.68
N GLN CA 217 62.69 -2.38 107.18
CA GLN CA 217 64.06 -2.67 106.80
C GLN CA 217 64.15 -4.13 106.39
N ASN CA 218 63.25 -4.52 105.48
CA ASN CA 218 63.17 -5.89 105.00
C ASN CA 218 64.45 -6.32 104.29
N PHE CA 219 64.97 -5.45 103.43
CA PHE CA 219 66.19 -5.75 102.71
C PHE CA 219 67.40 -5.71 103.65
N HIS CA 220 68.44 -6.47 103.28
CA HIS CA 220 69.76 -6.50 103.92
C HIS CA 220 69.65 -6.92 105.39
N MET CA 221 69.32 -8.19 105.56
CA MET CA 221 69.24 -8.78 106.90
C MET CA 221 70.65 -9.08 107.42
N PHE CA 222 71.41 -8.01 107.66
CA PHE CA 222 72.83 -8.15 107.93
C PHE CA 222 73.34 -6.86 108.57
N THR CA 223 74.48 -6.97 109.26
CA THR CA 223 75.23 -5.82 109.75
C THR CA 223 76.68 -6.00 109.33
N LYS CA 224 77.22 -5.03 108.58
CA LYS CA 224 78.58 -5.12 108.04
C LYS CA 224 79.44 -4.01 108.62
N GLU CA 225 80.42 -4.39 109.47
CA GLU CA 225 81.46 -3.54 110.05
C GLU CA 225 80.99 -2.39 110.92
N GLU CA 226 79.68 -2.18 111.05
CA GLU CA 226 79.15 -1.37 112.14
C GLU CA 226 78.98 -2.21 113.39
N LEU CA 227 79.00 -3.53 113.20
CA LEU CA 227 79.05 -4.48 114.30
C LEU CA 227 80.27 -4.27 115.19
N GLU CA 228 81.35 -3.71 114.64
CA GLU CA 228 82.50 -3.35 115.46
C GLU CA 228 82.13 -2.25 116.44
N GLU CA 229 81.36 -1.26 115.97
CA GLU CA 229 80.82 -0.25 116.87
C GLU CA 229 79.86 -0.87 117.88
N VAL CA 230 79.11 -1.88 117.46
CA VAL CA 230 78.20 -2.55 118.39
C VAL CA 230 78.97 -3.30 119.47
N ILE CA 231 80.09 -3.91 119.09
CA ILE CA 231 80.93 -4.62 120.06
C ILE CA 231 81.60 -3.65 121.01
N LYS CA 232 82.12 -2.54 120.51
CA LYS CA 232 82.86 -1.63 121.38
C LYS CA 232 81.97 -0.84 122.32
N ASP CA 233 80.64 -0.92 122.17
CA ASP CA 233 79.71 -0.31 123.11
C ASP CA 233 79.39 -1.20 124.29
N ILE CA 234 80.14 -2.29 124.49
CA ILE CA 234 80.03 -3.06 125.70
C ILE CA 234 81.27 -2.76 126.53
N ASN DA 1 66.10 -63.01 123.06
CA ASN DA 1 65.94 -61.57 122.86
C ASN DA 1 66.47 -61.12 121.49
N GLN DA 2 67.06 -62.06 120.75
CA GLN DA 2 67.56 -61.77 119.42
C GLN DA 2 66.47 -61.87 118.35
N TYR DA 3 65.28 -62.34 118.69
CA TYR DA 3 64.17 -62.26 117.76
C TYR DA 3 63.38 -60.97 117.91
N ASP DA 4 63.66 -60.19 118.93
CA ASP DA 4 62.93 -58.94 119.17
C ASP DA 4 63.66 -57.80 118.48
N ASN DA 5 63.67 -57.86 117.17
CA ASN DA 5 64.47 -56.88 116.45
C ASN DA 5 63.68 -56.13 115.39
N ASP DA 6 62.82 -56.81 114.64
CA ASP DA 6 62.29 -56.26 113.40
C ASP DA 6 60.80 -56.55 113.26
N VAL DA 7 60.22 -55.97 112.21
CA VAL DA 7 58.78 -56.05 111.98
C VAL DA 7 58.36 -57.46 111.57
N THR DA 8 59.14 -58.10 110.72
CA THR DA 8 58.72 -59.34 110.08
C THR DA 8 58.69 -60.50 111.08
N VAL DA 9 59.49 -60.42 112.13
CA VAL DA 9 59.77 -61.56 112.98
C VAL DA 9 58.59 -61.83 113.91
N TRP DA 10 58.01 -63.03 113.80
CA TRP DA 10 57.08 -63.51 114.81
C TRP DA 10 57.84 -63.98 116.03
N SER DA 11 57.25 -63.77 117.19
CA SER DA 11 57.83 -64.27 118.41
C SER DA 11 57.54 -65.75 118.57
N PRO DA 12 58.35 -66.47 119.35
CA PRO DA 12 57.95 -67.81 119.78
C PRO DA 12 56.80 -67.83 120.75
N GLN DA 13 56.35 -66.68 121.25
CA GLN DA 13 55.08 -66.56 121.94
C GLN DA 13 54.05 -65.81 121.11
N GLY DA 14 54.38 -65.52 119.84
CA GLY DA 14 53.44 -64.97 118.89
C GLY DA 14 53.23 -63.47 118.96
N ARG DA 15 53.75 -62.81 119.98
CA ARG DA 15 53.54 -61.38 120.17
C ARG DA 15 54.69 -60.65 119.52
N ILE DA 16 54.43 -60.04 118.37
CA ILE DA 16 55.46 -59.23 117.70
C ILE DA 16 55.70 -57.99 118.54
N HIS DA 17 56.87 -57.94 119.19
CA HIS DA 17 57.11 -56.94 120.21
C HIS DA 17 57.41 -55.56 119.65
N GLN DA 18 57.62 -55.44 118.34
CA GLN DA 18 57.73 -54.11 117.74
C GLN DA 18 56.42 -53.35 117.85
N ILE DA 19 55.30 -54.05 117.76
CA ILE DA 19 54.00 -53.42 117.95
C ILE DA 19 53.85 -52.95 119.38
N GLU DA 20 54.29 -53.77 120.35
CA GLU DA 20 54.27 -53.36 121.75
C GLU DA 20 55.17 -52.17 121.99
N TYR DA 21 56.30 -52.12 121.29
CA TYR DA 21 57.22 -50.99 121.42
C TYR DA 21 56.62 -49.74 120.81
N ALA DA 22 55.83 -49.92 119.75
CA ALA DA 22 55.11 -48.79 119.15
C ALA DA 22 54.01 -48.30 120.08
N MET DA 23 53.33 -49.21 120.78
CA MET DA 23 52.32 -48.83 121.76
C MET DA 23 52.93 -48.04 122.90
N GLU DA 24 54.10 -48.48 123.37
CA GLU DA 24 54.78 -47.74 124.43
C GLU DA 24 55.32 -46.41 123.91
N ALA DA 25 55.64 -46.33 122.61
CA ALA DA 25 55.97 -45.04 122.01
C ALA DA 25 54.75 -44.14 121.94
N VAL DA 26 53.57 -44.73 121.78
CA VAL DA 26 52.33 -43.97 121.85
C VAL DA 26 52.09 -43.46 123.26
N LYS DA 27 52.41 -44.27 124.26
CA LYS DA 27 52.12 -43.94 125.66
C LYS DA 27 52.92 -42.76 126.20
N GLN DA 28 53.95 -42.29 125.51
CA GLN DA 28 54.80 -41.22 126.01
C GLN DA 28 54.46 -39.87 125.37
N GLY DA 29 53.25 -39.72 124.86
CA GLY DA 29 52.79 -38.46 124.32
C GLY DA 29 52.20 -37.58 125.39
N SER DA 30 51.45 -36.57 124.94
CA SER DA 30 50.72 -35.70 125.85
C SER DA 30 49.33 -36.29 126.11
N ALA DA 31 48.62 -35.67 127.04
CA ALA DA 31 47.29 -36.13 127.39
C ALA DA 31 46.25 -35.56 126.43
N THR DA 32 45.23 -36.37 126.16
CA THR DA 32 44.07 -35.96 125.38
C THR DA 32 42.89 -36.88 125.67
N VAL DA 33 41.70 -36.32 125.55
CA VAL DA 33 40.44 -37.01 125.86
C VAL DA 33 39.46 -36.70 124.74
N GLY DA 34 38.80 -37.72 124.23
CA GLY DA 34 37.73 -37.53 123.25
C GLY DA 34 36.44 -38.17 123.72
N LEU DA 35 35.32 -37.47 123.47
CA LEU DA 35 34.01 -37.90 123.94
C LEU DA 35 32.92 -37.19 123.13
N LYS DA 36 31.74 -37.82 123.09
CA LYS DA 36 30.62 -37.32 122.30
C LYS DA 36 29.36 -37.23 123.15
N SER DA 37 28.46 -36.36 122.73
CA SER DA 37 27.08 -36.39 123.18
C SER DA 37 26.25 -37.11 122.12
N LYS DA 38 24.94 -37.01 122.23
CA LYS DA 38 24.09 -37.46 121.13
C LYS DA 38 24.13 -36.49 119.96
N THR DA 39 24.49 -35.23 120.18
CA THR DA 39 24.54 -34.23 119.13
C THR DA 39 25.88 -33.57 118.94
N HIS DA 40 26.80 -33.69 119.89
CA HIS DA 40 28.06 -32.97 119.80
C HIS DA 40 29.22 -33.84 120.26
N ALA DA 41 30.31 -33.77 119.51
CA ALA DA 41 31.54 -34.48 119.82
C ALA DA 41 32.62 -33.46 120.15
N VAL DA 42 33.24 -33.63 121.32
CA VAL DA 42 34.25 -32.70 121.81
C VAL DA 42 35.48 -33.52 122.19
N LEU DA 43 36.61 -33.18 121.59
CA LEU DA 43 37.88 -33.77 121.97
C LEU DA 43 38.79 -32.67 122.50
N VAL DA 44 39.44 -32.95 123.62
CA VAL DA 44 40.23 -31.98 124.36
C VAL DA 44 41.62 -32.55 124.54
N ALA DA 45 42.63 -31.78 124.16
CA ALA DA 45 44.01 -32.20 124.34
C ALA DA 45 44.77 -31.20 125.20
N LEU DA 46 45.96 -31.61 125.60
CA LEU DA 46 46.80 -30.85 126.51
C LEU DA 46 48.13 -30.60 125.83
N LYS DA 47 48.61 -29.37 125.90
CA LYS DA 47 49.89 -29.04 125.32
C LYS DA 47 50.98 -29.11 126.37
N ARG DA 48 52.22 -29.21 125.88
CA ARG DA 48 53.39 -29.05 126.72
C ARG DA 48 54.34 -28.09 126.02
N ALA DA 49 55.42 -27.76 126.70
CA ALA DA 49 56.43 -26.89 126.12
C ALA DA 49 57.81 -27.46 126.37
N GLN DA 50 58.77 -26.98 125.59
CA GLN DA 50 60.15 -27.34 125.84
C GLN DA 50 60.73 -26.48 126.96
N SER DA 51 60.38 -25.21 126.98
CA SER DA 51 60.90 -24.27 127.97
C SER DA 51 59.78 -23.32 128.34
N GLU DA 52 60.09 -22.36 129.21
CA GLU DA 52 59.10 -21.36 129.60
C GLU DA 52 58.85 -20.37 128.47
N LEU DA 53 59.91 -19.96 127.77
CA LEU DA 53 59.76 -18.95 126.74
C LEU DA 53 59.09 -19.51 125.49
N ALA DA 54 59.28 -20.80 125.22
CA ALA DA 54 58.89 -21.36 123.94
C ALA DA 54 57.37 -21.47 123.83
N ALA DA 55 56.89 -21.56 122.59
CA ALA DA 55 55.48 -21.80 122.40
C ALA DA 55 55.17 -23.26 122.71
N HIS DA 56 53.89 -23.55 122.90
CA HIS DA 56 53.47 -24.88 123.27
C HIS DA 56 53.16 -25.67 122.00
N GLN DA 57 53.56 -26.93 121.99
CA GLN DA 57 53.25 -27.79 120.85
C GLN DA 57 51.77 -28.14 120.88
N LYS DA 58 51.05 -27.73 119.85
CA LYS DA 58 49.63 -28.03 119.76
C LYS DA 58 49.43 -29.44 119.22
N LYS DA 59 48.31 -30.04 119.62
CA LYS DA 59 47.99 -31.41 119.28
C LYS DA 59 46.72 -31.50 118.43
N ILE DA 60 45.67 -30.79 118.82
CA ILE DA 60 44.44 -30.77 118.04
C ILE DA 60 44.68 -29.96 116.79
N LEU DA 61 44.51 -30.57 115.63
CA LEU DA 61 44.69 -29.89 114.36
C LEU DA 61 43.49 -30.13 113.47
N HIS DA 62 43.26 -29.17 112.59
CA HIS DA 62 42.12 -29.20 111.69
C HIS DA 62 42.35 -30.24 110.61
N VAL DA 63 41.26 -30.84 110.13
CA VAL DA 63 41.34 -31.80 109.04
C VAL DA 63 40.44 -31.37 107.92
N ASP DA 64 39.15 -31.20 108.23
CA ASP DA 64 38.13 -30.96 107.23
C ASP DA 64 37.00 -30.20 107.89
N ASN DA 65 35.96 -29.91 107.11
CA ASN DA 65 34.83 -29.10 107.56
C ASN DA 65 33.99 -29.79 108.62
N HIS DA 66 34.17 -31.08 108.82
CA HIS DA 66 33.46 -31.78 109.86
C HIS DA 66 34.35 -32.80 110.57
N ILE DA 67 35.65 -32.79 110.28
CA ILE DA 67 36.60 -33.76 110.80
C ILE DA 67 37.72 -33.01 111.50
N GLY DA 68 38.09 -33.47 112.69
CA GLY DA 68 39.32 -33.03 113.31
C GLY DA 68 39.93 -34.16 114.11
N ILE DA 69 41.25 -34.17 114.26
CA ILE DA 69 41.92 -35.26 114.98
C ILE DA 69 42.72 -34.69 116.13
N SER DA 70 42.89 -35.50 117.16
CA SER DA 70 43.93 -35.29 118.15
C SER DA 70 45.11 -36.20 117.84
N ILE DA 71 46.17 -36.10 118.64
CA ILE DA 71 47.41 -36.82 118.33
C ILE DA 71 48.22 -36.97 119.62
N ALA DA 72 49.01 -38.04 119.68
CA ALA DA 72 49.99 -38.25 120.75
C ALA DA 72 51.10 -39.14 120.21
N GLY DA 73 52.34 -38.82 120.57
CA GLY DA 73 53.47 -39.60 120.11
C GLY DA 73 54.37 -38.82 119.17
N LEU DA 74 54.53 -39.31 117.95
CA LEU DA 74 55.40 -38.61 117.00
C LEU DA 74 54.60 -37.67 116.13
N THR DA 75 55.30 -36.69 115.57
CA THR DA 75 54.68 -35.58 114.85
C THR DA 75 54.92 -35.63 113.35
N ALA DA 76 56.02 -36.22 112.89
CA ALA DA 76 56.27 -36.32 111.46
C ALA DA 76 55.30 -37.32 110.83
N ASP DA 77 55.10 -38.47 111.47
CA ASP DA 77 54.09 -39.41 111.01
C ASP DA 77 52.70 -38.80 111.14
N ALA DA 78 52.50 -37.93 112.14
CA ALA DA 78 51.24 -37.23 112.29
C ALA DA 78 50.98 -36.32 111.10
N ARG DA 79 51.98 -35.56 110.66
CA ARG DA 79 51.78 -34.71 109.50
C ARG DA 79 51.70 -35.51 108.22
N LEU DA 80 52.34 -36.67 108.17
CA LEU DA 80 52.21 -37.55 107.01
C LEU DA 80 50.78 -38.06 106.87
N LEU DA 81 50.23 -38.59 107.96
CA LEU DA 81 48.84 -39.01 107.94
C LEU DA 81 47.88 -37.85 107.83
N CYS DA 82 48.29 -36.65 108.26
CA CYS DA 82 47.46 -35.47 108.05
C CYS DA 82 47.35 -35.15 106.57
N ASN DA 83 48.47 -35.20 105.86
CA ASN DA 83 48.47 -34.96 104.42
C ASN DA 83 47.65 -36.01 103.70
N PHE DA 84 47.83 -37.27 104.08
CA PHE DA 84 47.05 -38.35 103.48
C PHE DA 84 45.58 -38.25 103.84
N MET DA 85 45.28 -37.77 105.04
CA MET DA 85 43.90 -37.61 105.49
C MET DA 85 43.19 -36.53 104.70
N ARG DA 86 43.84 -35.38 104.54
CA ARG DA 86 43.28 -34.30 103.73
C ARG DA 86 43.13 -34.73 102.29
N GLN DA 87 44.06 -35.55 101.80
CA GLN DA 87 43.97 -36.10 100.46
C GLN DA 87 42.75 -36.98 100.30
N GLU DA 88 42.53 -37.91 101.23
CA GLU DA 88 41.40 -38.82 101.16
C GLU DA 88 40.08 -38.09 101.33
N CYS DA 89 40.09 -36.98 102.08
CA CYS DA 89 38.88 -36.17 102.18
C CYS DA 89 38.59 -35.47 100.85
N LEU DA 90 39.57 -34.75 100.31
CA LEU DA 90 39.29 -33.91 99.15
C LEU DA 90 39.06 -34.71 97.89
N ASP DA 91 39.59 -35.93 97.81
CA ASP DA 91 39.36 -36.75 96.62
C ASP DA 91 37.90 -37.16 96.50
N SER DA 92 37.33 -37.68 97.59
CA SER DA 92 35.92 -38.03 97.56
C SER DA 92 35.05 -36.79 97.51
N ARG DA 93 35.53 -35.67 98.08
CA ARG DA 93 34.83 -34.40 97.93
C ARG DA 93 34.78 -33.96 96.47
N PHE DA 94 35.84 -34.26 95.73
CA PHE DA 94 35.87 -33.95 94.30
C PHE DA 94 34.94 -34.87 93.53
N VAL DA 95 35.09 -36.18 93.71
CA VAL DA 95 34.40 -37.13 92.86
C VAL DA 95 32.92 -37.23 93.24
N PHE DA 96 32.64 -37.60 94.48
CA PHE DA 96 31.27 -37.89 94.88
C PHE DA 96 30.49 -36.66 95.30
N ASP DA 97 31.17 -35.53 95.55
CA ASP DA 97 30.58 -34.27 95.94
C ASP DA 97 29.72 -34.42 97.19
N ARG DA 98 30.21 -35.21 98.13
CA ARG DA 98 29.61 -35.32 99.45
C ARG DA 98 30.74 -35.38 100.46
N PRO DA 99 30.48 -35.02 101.71
CA PRO DA 99 31.45 -35.32 102.75
C PRO DA 99 31.44 -36.81 103.06
N LEU DA 100 32.57 -37.30 103.46
CA LEU DA 100 32.70 -38.73 103.70
C LEU DA 100 32.05 -39.14 105.00
N PRO DA 101 31.48 -40.34 105.06
CA PRO DA 101 31.28 -41.00 106.35
C PRO DA 101 32.61 -41.30 107.00
N VAL DA 102 32.59 -41.37 108.32
CA VAL DA 102 33.84 -41.39 109.07
C VAL DA 102 34.45 -42.78 109.04
N SER DA 103 33.61 -43.81 109.08
CA SER DA 103 34.07 -45.18 109.24
C SER DA 103 34.86 -45.67 108.04
N ARG DA 104 34.43 -45.29 106.84
CA ARG DA 104 35.16 -45.70 105.64
C ARG DA 104 36.52 -45.00 105.55
N LEU DA 105 36.60 -43.77 106.05
CA LEU DA 105 37.88 -43.07 106.11
C LEU DA 105 38.83 -43.74 107.10
N VAL DA 106 38.30 -44.16 108.25
CA VAL DA 106 39.17 -44.80 109.24
C VAL DA 106 39.59 -46.20 108.77
N SER DA 107 38.73 -46.86 107.98
CA SER DA 107 39.14 -48.11 107.35
C SER DA 107 40.24 -47.88 106.33
N LEU DA 108 40.17 -46.76 105.60
CA LEU DA 108 41.26 -46.41 104.69
C LEU DA 108 42.55 -46.13 105.44
N ILE DA 109 42.45 -45.51 106.62
CA ILE DA 109 43.63 -45.25 107.43
C ILE DA 109 44.25 -46.55 107.91
N GLY DA 110 43.41 -47.51 108.31
CA GLY DA 110 43.91 -48.81 108.72
C GLY DA 110 44.57 -49.57 107.58
N SER DA 111 44.00 -49.48 106.38
CA SER DA 111 44.62 -50.10 105.21
C SER DA 111 45.93 -49.41 104.85
N LYS DA 112 46.00 -48.09 105.05
CA LYS DA 112 47.21 -47.34 104.79
C LYS DA 112 48.33 -47.74 105.73
N THR DA 113 48.02 -47.87 107.02
CA THR DA 113 48.99 -48.29 108.00
C THR DA 113 49.17 -49.79 108.07
N GLN DA 114 48.44 -50.55 107.25
CA GLN DA 114 48.56 -52.00 107.28
C GLN DA 114 49.90 -52.46 106.75
N ILE DA 115 50.28 -51.95 105.57
CA ILE DA 115 51.55 -52.36 104.95
C ILE DA 115 52.79 -52.05 105.78
N PRO DA 116 52.98 -50.84 106.36
CA PRO DA 116 54.20 -50.64 107.16
C PRO DA 116 54.22 -51.38 108.49
N THR DA 117 53.19 -52.13 108.83
CA THR DA 117 53.26 -53.13 109.87
C THR DA 117 53.44 -54.52 109.31
N GLN DA 118 53.60 -54.66 108.01
CA GLN DA 118 53.61 -55.98 107.44
C GLN DA 118 54.83 -56.30 106.62
N ARG DA 119 55.29 -55.38 105.77
CA ARG DA 119 56.45 -55.69 104.96
C ARG DA 119 57.73 -55.39 105.72
N TYR DA 120 58.86 -55.72 105.10
CA TYR DA 120 60.15 -55.34 105.67
C TYR DA 120 60.56 -54.01 105.11
N GLY DA 121 61.08 -53.15 105.96
CA GLY DA 121 61.62 -51.88 105.53
C GLY DA 121 60.85 -50.67 105.99
N ARG DA 122 59.78 -50.83 106.75
CA ARG DA 122 59.04 -49.71 107.28
C ARG DA 122 58.74 -49.98 108.75
N ARG DA 123 58.67 -48.94 109.52
CA ARG DA 123 58.25 -49.14 110.88
C ARG DA 123 56.77 -48.90 111.03
N PRO DA 124 56.15 -49.48 112.04
CA PRO DA 124 54.79 -49.03 112.42
C PRO DA 124 54.80 -47.58 112.88
N TYR DA 125 53.68 -46.92 112.67
CA TYR DA 125 53.57 -45.49 112.92
C TYR DA 125 53.29 -45.22 114.39
N GLY DA 126 54.14 -44.42 115.02
CA GLY DA 126 53.82 -43.93 116.34
C GLY DA 126 52.81 -42.79 116.24
N VAL DA 127 51.57 -43.06 116.66
CA VAL DA 127 50.48 -42.17 116.27
C VAL DA 127 49.39 -42.27 117.34
N GLY DA 128 48.70 -41.15 117.57
CA GLY DA 128 47.77 -41.02 118.67
C GLY DA 128 46.40 -40.48 118.29
N LEU DA 129 45.85 -40.92 117.17
CA LEU DA 129 44.64 -40.30 116.62
C LEU DA 129 43.40 -40.54 117.47
N LEU DA 130 42.67 -39.46 117.73
CA LEU DA 130 41.30 -39.51 118.24
C LEU DA 130 40.45 -38.73 117.25
N ILE DA 131 39.53 -39.42 116.59
CA ILE DA 131 38.88 -38.91 115.38
C ILE DA 131 37.44 -38.54 115.69
N ALA DA 132 37.06 -37.32 115.36
CA ALA DA 132 35.69 -36.85 115.51
C ALA DA 132 35.15 -36.41 114.15
N GLY DA 133 33.95 -36.90 113.82
CA GLY DA 133 33.36 -36.58 112.53
C GLY DA 133 31.84 -36.70 112.59
N TYR DA 134 31.22 -36.46 111.45
CA TYR DA 134 29.76 -36.48 111.33
C TYR DA 134 29.33 -37.08 110.01
N ASP DA 135 28.84 -38.30 110.07
CA ASP DA 135 28.08 -38.87 108.97
C ASP DA 135 26.60 -38.53 109.19
N ASP DA 136 25.71 -39.18 108.45
CA ASP DA 136 24.28 -38.92 108.61
C ASP DA 136 23.75 -39.47 109.93
N MET DA 137 24.45 -40.42 110.54
CA MET DA 137 24.06 -40.96 111.84
C MET DA 137 24.88 -40.35 112.97
N GLY DA 138 25.38 -39.12 112.80
CA GLY DA 138 25.78 -38.31 113.92
C GLY DA 138 27.27 -38.28 114.23
N PRO DA 139 27.58 -37.91 115.48
CA PRO DA 139 28.98 -37.85 115.90
C PRO DA 139 29.57 -39.24 116.08
N HIS DA 140 30.89 -39.33 115.94
CA HIS DA 140 31.63 -40.56 116.20
C HIS DA 140 32.97 -40.24 116.83
N ILE DA 141 33.34 -41.04 117.82
CA ILE DA 141 34.61 -40.90 118.51
C ILE DA 141 35.38 -42.19 118.27
N PHE DA 142 36.37 -42.12 117.39
CA PHE DA 142 37.18 -43.28 117.04
C PHE DA 142 38.60 -43.06 117.54
N GLN DA 143 39.26 -44.16 117.88
CA GLN DA 143 40.67 -44.12 118.19
C GLN DA 143 41.40 -45.09 117.28
N THR DA 144 42.66 -44.80 117.01
CA THR DA 144 43.51 -45.67 116.21
C THR DA 144 44.58 -46.26 117.09
N CYS DA 145 45.48 -47.00 116.47
CA CYS DA 145 46.62 -47.60 117.15
C CYS DA 145 47.67 -47.92 116.10
N PRO DA 146 48.93 -48.10 116.49
CA PRO DA 146 49.92 -48.58 115.52
C PRO DA 146 49.68 -50.00 115.04
N SER DA 147 48.87 -50.79 115.73
CA SER DA 147 48.41 -52.06 115.22
C SER DA 147 47.19 -51.91 114.32
N ALA DA 148 46.74 -50.67 114.11
CA ALA DA 148 45.63 -50.28 113.23
C ALA DA 148 44.30 -50.92 113.62
N ASN DA 149 44.18 -51.45 114.83
CA ASN DA 149 42.93 -52.06 115.29
C ASN DA 149 42.12 -50.92 115.89
N TYR DA 150 41.51 -50.16 114.99
CA TYR DA 150 40.77 -48.97 115.38
C TYR DA 150 39.48 -49.35 116.08
N PHE DA 151 39.13 -48.58 117.09
CA PHE DA 151 38.02 -48.89 117.96
C PHE DA 151 37.00 -47.76 117.92
N ASP DA 152 35.75 -48.11 118.15
CA ASP DA 152 34.72 -47.13 118.45
C ASP DA 152 34.36 -47.24 119.92
N CYS DA 153 34.03 -46.10 120.51
CA CYS DA 153 33.64 -46.00 121.89
C CYS DA 153 32.50 -45.01 121.99
N ARG DA 154 32.28 -44.53 123.20
CA ARG DA 154 31.59 -43.27 123.43
C ARG DA 154 32.50 -42.22 124.05
N ALA DA 155 33.62 -42.64 124.65
CA ALA DA 155 34.61 -41.74 125.25
C ALA DA 155 35.91 -42.53 125.44
N MET DA 156 37.00 -42.06 124.85
CA MET DA 156 38.33 -42.60 125.13
C MET DA 156 39.32 -41.50 125.45
N SER DA 157 40.48 -41.95 125.90
CA SER DA 157 41.52 -41.05 126.42
C SER DA 157 42.86 -41.78 126.36
N ILE DA 158 43.82 -41.22 125.64
CA ILE DA 158 45.15 -41.80 125.55
C ILE DA 158 46.18 -40.73 125.83
N GLY DA 159 47.36 -41.18 126.26
CA GLY DA 159 48.47 -40.33 126.63
C GLY DA 159 49.01 -40.76 127.97
N ALA DA 160 49.75 -39.86 128.60
CA ALA DA 160 50.37 -40.16 129.89
C ALA DA 160 49.33 -40.14 130.99
N ARG DA 161 49.51 -41.05 131.96
CA ARG DA 161 48.68 -41.32 133.14
C ARG DA 161 47.17 -41.28 132.87
N SER DA 162 46.77 -41.84 131.74
CA SER DA 162 45.40 -41.70 131.25
C SER DA 162 44.42 -42.66 131.91
N GLN DA 163 44.87 -43.47 132.87
CA GLN DA 163 43.97 -44.44 133.50
C GLN DA 163 42.96 -43.74 134.40
N SER DA 164 43.39 -42.68 135.08
CA SER DA 164 42.49 -41.88 135.90
C SER DA 164 41.40 -41.24 135.06
N ALA DA 165 41.77 -40.78 133.86
CA ALA DA 165 40.77 -40.28 132.92
C ALA DA 165 39.78 -41.37 132.54
N ARG DA 166 40.26 -42.60 132.38
CA ARG DA 166 39.37 -43.70 132.03
C ARG DA 166 38.41 -44.03 133.18
N THR DA 167 38.88 -43.91 134.42
CA THR DA 167 38.00 -44.11 135.56
C THR DA 167 36.93 -43.02 135.62
N TYR DA 168 37.31 -41.78 135.31
CA TYR DA 168 36.34 -40.68 135.29
C TYR DA 168 35.31 -40.90 134.18
N LEU DA 169 35.75 -41.39 133.03
CA LEU DA 169 34.82 -41.70 131.95
C LEU DA 169 33.90 -42.85 132.32
N GLU DA 170 34.41 -43.82 133.10
CA GLU DA 170 33.55 -44.88 133.60
C GLU DA 170 32.48 -44.33 134.52
N ARG DA 171 32.86 -43.47 135.45
CA ARG DA 171 31.88 -42.99 136.41
C ARG DA 171 31.05 -41.82 135.89
N HIS DA 172 31.23 -41.40 134.64
CA HIS DA 172 30.30 -40.42 134.08
C HIS DA 172 29.81 -40.71 132.67
N MET DA 173 30.05 -41.92 132.15
CA MET DA 173 29.53 -42.27 130.82
C MET DA 173 28.01 -42.36 130.78
N SER DA 174 27.37 -42.61 131.92
CA SER DA 174 25.91 -42.50 131.96
C SER DA 174 25.48 -41.04 131.89
N GLU DA 175 26.25 -40.14 132.47
CA GLU DA 175 25.88 -38.74 132.51
C GLU DA 175 26.14 -38.03 131.19
N PHE DA 176 27.09 -38.54 130.39
CA PHE DA 176 27.57 -37.81 129.22
C PHE DA 176 26.51 -37.65 128.13
N MET DA 177 25.59 -38.61 128.00
CA MET DA 177 24.80 -38.71 126.79
C MET DA 177 23.71 -37.66 126.69
N GLU DA 178 23.38 -36.98 127.79
CA GLU DA 178 22.22 -36.12 127.79
C GLU DA 178 22.53 -34.63 127.74
N CYS DA 179 23.73 -34.24 128.10
CA CYS DA 179 24.01 -32.84 128.35
C CYS DA 179 24.30 -32.08 127.07
N ASN DA 180 24.23 -30.76 127.15
CA ASN DA 180 24.61 -29.92 126.04
C ASN DA 180 26.10 -29.56 126.17
N LEU DA 181 26.53 -28.53 125.44
CA LEU DA 181 27.94 -28.33 125.11
C LEU DA 181 28.78 -27.99 126.33
N ASN DA 182 28.29 -27.07 127.18
CA ASN DA 182 29.15 -26.42 128.17
C ASN DA 182 29.60 -27.39 129.25
N GLU DA 183 28.65 -28.06 129.89
CA GLU DA 183 29.05 -28.98 130.94
C GLU DA 183 29.69 -30.24 130.39
N LEU DA 184 29.44 -30.57 129.12
CA LEU DA 184 30.21 -31.63 128.46
C LEU DA 184 31.67 -31.25 128.36
N VAL DA 185 31.93 -29.99 127.98
CA VAL DA 185 33.29 -29.46 127.92
C VAL DA 185 33.94 -29.51 129.29
N LYS DA 186 33.19 -29.13 130.32
CA LYS DA 186 33.83 -29.21 131.62
C LYS DA 186 33.86 -30.63 132.18
N HIS DA 187 33.10 -31.57 131.62
CA HIS DA 187 33.37 -32.97 131.88
C HIS DA 187 34.70 -33.39 131.30
N GLY DA 188 34.99 -32.93 130.07
CA GLY DA 188 36.27 -33.23 129.45
C GLY DA 188 37.45 -32.69 130.25
N LEU DA 189 37.34 -31.45 130.69
CA LEU DA 189 38.44 -30.94 131.49
C LEU DA 189 38.36 -31.38 132.96
N ARG DA 190 37.24 -31.94 133.43
CA ARG DA 190 37.24 -32.71 134.67
C ARG DA 190 37.66 -34.15 134.46
N ALA DA 191 38.11 -34.49 133.28
CA ALA DA 191 39.06 -35.58 133.15
C ALA DA 191 40.49 -35.07 133.09
N LEU DA 192 40.70 -33.96 132.38
CA LEU DA 192 42.05 -33.43 132.21
C LEU DA 192 42.67 -32.94 133.51
N ARG DA 193 41.87 -32.45 134.45
CA ARG DA 193 42.44 -32.00 135.71
C ARG DA 193 42.81 -33.15 136.63
N GLU DA 194 42.47 -34.38 136.27
CA GLU DA 194 42.98 -35.57 136.94
C GLU DA 194 43.97 -36.33 136.08
N THR DA 195 44.18 -35.92 134.83
CA THR DA 195 45.36 -36.36 134.12
C THR DA 195 46.62 -35.59 134.51
N LEU DA 196 46.56 -34.74 135.53
CA LEU DA 196 47.68 -33.97 136.03
C LEU DA 196 47.98 -34.36 137.47
N PRO DA 197 49.22 -34.19 137.91
CA PRO DA 197 49.52 -34.28 139.35
C PRO DA 197 48.82 -33.17 140.13
N ALA DA 198 48.53 -33.46 141.39
CA ALA DA 198 47.63 -32.63 142.18
C ALA DA 198 48.26 -31.34 142.68
N GLU DA 199 49.58 -31.21 142.62
CA GLU DA 199 50.24 -30.03 143.16
C GLU DA 199 50.24 -28.86 142.19
N GLN DA 200 49.70 -29.04 140.98
CA GLN DA 200 49.54 -27.93 140.05
C GLN DA 200 48.18 -28.04 139.39
N ASP DA 201 47.78 -26.96 138.73
CA ASP DA 201 46.43 -26.81 138.22
C ASP DA 201 46.44 -26.56 136.73
N LEU DA 202 45.36 -26.95 136.07
CA LEU DA 202 45.15 -26.65 134.66
C LEU DA 202 44.98 -25.16 134.46
N THR DA 203 45.88 -24.56 133.69
CA THR DA 203 45.85 -23.16 133.36
C THR DA 203 45.18 -22.96 132.00
N THR DA 204 45.30 -21.77 131.44
CA THR DA 204 44.76 -21.51 130.11
C THR DA 204 45.70 -22.02 129.02
N LYS DA 205 46.93 -21.49 128.99
CA LYS DA 205 47.82 -21.55 127.83
C LYS DA 205 48.31 -22.94 127.48
N ASN DA 206 47.98 -23.95 128.27
CA ASN DA 206 48.41 -25.32 128.06
C ASN DA 206 47.33 -26.22 127.48
N VAL DA 207 46.10 -25.74 127.36
CA VAL DA 207 44.97 -26.59 127.03
C VAL DA 207 44.38 -26.11 125.71
N SER DA 208 43.73 -27.03 125.00
CA SER DA 208 42.99 -26.68 123.80
C SER DA 208 41.85 -27.65 123.60
N ILE DA 209 40.76 -27.14 123.02
CA ILE DA 209 39.51 -27.88 122.87
C ILE DA 209 39.05 -27.72 121.43
N GLY DA 210 38.61 -28.81 120.82
CA GLY DA 210 38.02 -28.73 119.50
C GLY DA 210 36.63 -29.31 119.44
N ILE DA 211 35.65 -28.50 119.09
CA ILE DA 211 34.26 -28.93 119.05
C ILE DA 211 33.80 -28.97 117.60
N VAL DA 212 33.18 -30.07 117.21
CA VAL DA 212 32.45 -30.16 115.96
C VAL DA 212 31.04 -30.62 116.26
N GLY DA 213 30.05 -30.03 115.58
CA GLY DA 213 28.67 -30.34 115.82
C GLY DA 213 27.99 -30.85 114.57
N LYS DA 214 26.76 -31.33 114.75
CA LYS DA 214 26.00 -31.86 113.62
C LYS DA 214 25.61 -30.74 112.66
N ASP DA 215 25.44 -29.52 113.16
CA ASP DA 215 25.31 -28.33 112.33
C ASP DA 215 26.43 -27.32 112.58
N LEU DA 216 27.34 -27.60 113.50
CA LEU DA 216 28.46 -26.73 113.81
C LEU DA 216 29.72 -27.24 113.13
N GLU DA 217 30.38 -26.36 112.39
CA GLU DA 217 31.64 -26.70 111.73
C GLU DA 217 32.75 -26.84 112.77
N PHE DA 218 33.71 -27.73 112.46
CA PHE DA 218 34.79 -28.05 113.38
C PHE DA 218 35.73 -26.88 113.60
N THR DA 219 35.94 -26.51 114.87
CA THR DA 219 36.73 -25.33 115.19
C THR DA 219 37.52 -25.57 116.47
N ILE DA 220 38.79 -25.13 116.48
CA ILE DA 220 39.70 -25.29 117.60
C ILE DA 220 39.83 -23.95 118.32
N TYR DA 221 40.02 -23.97 119.63
CA TYR DA 221 40.12 -22.75 120.41
C TYR DA 221 41.33 -22.82 121.34
N ASP DA 222 41.88 -21.65 121.67
CA ASP DA 222 43.12 -21.59 122.45
C ASP DA 222 43.13 -20.33 123.30
N ASP DA 223 42.76 -20.50 124.58
CA ASP DA 223 42.81 -19.60 125.73
C ASP DA 223 41.76 -18.49 125.69
N ASP DA 224 41.20 -18.23 124.52
CA ASP DA 224 40.39 -17.04 124.29
C ASP DA 224 38.92 -17.34 124.28
N ASP DA 225 38.50 -18.32 123.49
CA ASP DA 225 37.20 -18.95 123.68
C ASP DA 225 37.30 -20.13 124.61
N VAL DA 226 38.45 -20.28 125.27
CA VAL DA 226 38.63 -21.25 126.32
C VAL DA 226 38.50 -20.63 127.70
N SER DA 227 38.90 -19.35 127.86
CA SER DA 227 38.62 -18.56 129.06
C SER DA 227 37.14 -18.54 129.49
N PRO DA 228 36.13 -18.52 128.59
CA PRO DA 228 34.78 -18.79 129.09
C PRO DA 228 34.56 -20.23 129.50
N PHE DA 229 35.23 -21.17 128.86
CA PHE DA 229 35.03 -22.58 129.22
C PHE DA 229 35.70 -22.91 130.55
N LEU DA 230 36.75 -22.19 130.91
CA LEU DA 230 37.51 -22.53 132.11
C LEU DA 230 36.88 -21.98 133.38
N GLU DA 231 35.94 -21.06 133.28
CA GLU DA 231 35.20 -20.67 134.46
C GLU DA 231 34.03 -21.64 134.64
N GLY DA 232 33.44 -21.59 135.83
CA GLY DA 232 32.46 -22.58 136.21
C GLY DA 232 33.08 -23.81 136.82
N LEU DA 233 34.18 -23.66 137.55
CA LEU DA 233 34.91 -24.77 138.12
C LEU DA 233 35.18 -24.52 139.59
N GLU DA 234 35.40 -25.60 140.32
CA GLU DA 234 35.82 -25.58 141.71
C GLU DA 234 37.19 -26.22 141.83
N GLU DA 235 37.77 -26.12 143.02
CA GLU DA 235 39.06 -26.73 143.29
C GLU DA 235 38.89 -28.23 143.50
N ARG DA 236 40.01 -28.94 143.47
CA ARG DA 236 40.00 -30.36 143.75
C ARG DA 236 39.73 -30.59 145.24
N PRO DA 237 39.04 -31.70 145.59
CA PRO DA 237 38.67 -31.93 147.00
C PRO DA 237 39.85 -32.33 147.87
N GLN DA 238 40.64 -31.34 148.29
CA GLN DA 238 41.78 -31.58 149.17
C GLN DA 238 41.36 -31.52 150.63
N THR EA 5 65.89 -72.54 117.43
CA THR EA 5 67.16 -72.10 117.99
C THR EA 5 68.13 -71.69 116.88
N GLY EA 6 67.98 -70.47 116.39
CA GLY EA 6 68.80 -69.96 115.32
C GLY EA 6 68.17 -70.02 113.96
N TYR EA 7 67.18 -70.89 113.77
CA TYR EA 7 66.52 -71.04 112.48
C TYR EA 7 65.10 -70.51 112.47
N ASP EA 8 64.58 -70.12 113.63
CA ASP EA 8 63.21 -69.65 113.75
C ASP EA 8 63.05 -68.17 113.42
N LEU EA 9 64.11 -67.52 112.95
CA LEU EA 9 64.06 -66.09 112.70
C LEU EA 9 63.44 -65.78 111.33
N SER EA 10 64.03 -66.33 110.28
CA SER EA 10 63.56 -66.02 108.94
C SER EA 10 62.36 -66.88 108.58
N ALA EA 11 61.56 -66.34 107.67
CA ALA EA 11 60.43 -67.06 107.07
C ALA EA 11 60.84 -67.84 105.85
N SER EA 12 62.11 -67.79 105.47
CA SER EA 12 62.59 -68.52 104.31
C SER EA 12 63.38 -69.76 104.67
N THR EA 13 63.92 -69.81 105.89
CA THR EA 13 64.76 -70.93 106.29
C THR EA 13 63.93 -72.13 106.70
N PHE EA 14 64.52 -73.31 106.57
CA PHE EA 14 63.94 -74.52 107.12
C PHE EA 14 64.68 -74.91 108.39
N SER EA 15 64.14 -75.90 109.06
CA SER EA 15 64.73 -76.40 110.28
C SER EA 15 65.49 -77.68 110.00
N PRO EA 16 66.39 -78.09 110.90
CA PRO EA 16 67.05 -79.39 110.73
C PRO EA 16 66.14 -80.60 110.90
N ASP EA 17 64.87 -80.42 111.28
CA ASP EA 17 63.90 -81.51 111.18
C ASP EA 17 62.87 -81.28 110.09
N GLY EA 18 62.82 -80.08 109.51
CA GLY EA 18 62.13 -79.87 108.26
C GLY EA 18 60.85 -79.06 108.30
N ARG EA 19 60.57 -78.30 109.36
CA ARG EA 19 59.38 -77.48 109.41
C ARG EA 19 59.74 -76.02 109.64
N VAL EA 20 58.77 -75.14 109.38
CA VAL EA 20 58.97 -73.69 109.53
C VAL EA 20 58.27 -73.24 110.81
N PHE EA 21 59.06 -72.75 111.76
CA PHE EA 21 58.50 -72.30 113.03
C PHE EA 21 57.78 -70.97 112.92
N GLN EA 22 58.12 -70.16 111.92
CA GLN EA 22 57.38 -68.92 111.66
C GLN EA 22 55.92 -69.20 111.36
N VAL EA 23 55.65 -70.25 110.60
CA VAL EA 23 54.29 -70.65 110.34
C VAL EA 23 53.63 -71.16 111.61
N GLU EA 24 54.39 -71.88 112.44
CA GLU EA 24 53.84 -72.42 113.68
C GLU EA 24 53.55 -71.32 114.67
N TYR EA 25 54.47 -70.35 114.77
CA TYR EA 25 54.27 -69.19 115.64
C TYR EA 25 53.09 -68.36 115.16
N ALA EA 26 52.86 -68.32 113.85
CA ALA EA 26 51.68 -67.65 113.34
C ALA EA 26 50.41 -68.44 113.64
N MET EA 27 50.50 -69.77 113.63
CA MET EA 27 49.33 -70.61 113.91
C MET EA 27 48.87 -70.46 115.34
N LYS EA 28 49.78 -70.52 116.30
CA LYS EA 28 49.37 -70.46 117.70
C LYS EA 28 49.17 -69.04 118.19
N ALA EA 29 49.28 -68.04 117.31
CA ALA EA 29 48.97 -66.67 117.70
C ALA EA 29 47.47 -66.49 117.88
N VAL EA 30 46.66 -67.08 117.00
CA VAL EA 30 45.21 -66.93 117.03
C VAL EA 30 44.59 -67.71 118.18
N GLU EA 31 45.33 -68.66 118.75
CA GLU EA 31 44.84 -69.52 119.82
C GLU EA 31 44.46 -68.71 121.06
N ASN EA 32 45.14 -67.60 121.31
CA ASN EA 32 44.81 -66.73 122.41
C ASN EA 32 43.65 -65.78 122.11
N SER EA 33 43.22 -65.69 120.86
CA SER EA 33 42.13 -64.77 120.51
C SER EA 33 40.78 -65.37 120.88
N SER EA 34 39.73 -64.61 120.59
CA SER EA 34 38.37 -64.98 120.98
C SER EA 34 37.89 -66.20 120.20
N THR EA 35 36.86 -66.83 120.73
CA THR EA 35 36.34 -68.05 120.15
C THR EA 35 35.34 -67.74 119.05
N ALA EA 36 35.54 -68.33 117.87
CA ALA EA 36 34.69 -68.10 116.71
C ALA EA 36 34.37 -69.44 116.07
N ILE EA 37 33.08 -69.76 115.95
CA ILE EA 37 32.65 -71.05 115.45
C ILE EA 37 31.81 -70.86 114.19
N GLY EA 38 31.52 -71.98 113.54
CA GLY EA 38 30.67 -71.98 112.36
C GLY EA 38 30.16 -73.37 112.09
N ILE EA 39 28.99 -73.43 111.47
CA ILE EA 39 28.27 -74.67 111.20
C ILE EA 39 27.24 -74.40 110.12
N ARG EA 40 27.00 -75.37 109.26
CA ARG EA 40 25.97 -75.22 108.25
C ARG EA 40 24.81 -76.18 108.52
N CYS EA 41 23.65 -75.82 108.00
CA CYS EA 41 22.51 -76.70 107.98
C CYS EA 41 22.23 -77.07 106.52
N LYS EA 42 21.12 -77.77 106.29
CA LYS EA 42 20.83 -78.29 104.97
C LYS EA 42 20.42 -77.23 103.96
N ASP EA 43 20.07 -76.02 104.40
CA ASP EA 43 19.78 -74.95 103.44
C ASP EA 43 20.44 -73.64 103.86
N GLY EA 44 21.56 -73.71 104.55
CA GLY EA 44 22.25 -72.49 104.93
C GLY EA 44 23.41 -72.76 105.85
N VAL EA 45 24.16 -71.70 106.12
CA VAL EA 45 25.31 -71.73 107.01
C VAL EA 45 25.09 -70.66 108.07
N VAL EA 46 25.44 -70.98 109.32
CA VAL EA 46 25.32 -70.04 110.43
C VAL EA 46 26.71 -69.81 111.02
N PHE EA 47 27.06 -68.55 111.23
CA PHE EA 47 28.30 -68.21 111.90
C PHE EA 47 28.04 -67.80 113.35
N GLY EA 48 29.10 -67.80 114.14
CA GLY EA 48 28.96 -67.47 115.55
C GLY EA 48 30.27 -67.15 116.22
N VAL EA 49 30.33 -66.02 116.93
CA VAL EA 49 31.53 -65.53 117.57
C VAL EA 49 31.22 -65.14 119.01
N GLU EA 50 31.90 -65.77 119.96
CA GLU EA 50 31.94 -65.25 121.32
C GLU EA 50 32.85 -64.02 121.32
N LYS EA 51 32.24 -62.85 121.46
CA LYS EA 51 32.95 -61.60 121.41
C LYS EA 51 32.91 -60.95 122.79
N LEU EA 52 34.02 -60.34 123.19
CA LEU EA 52 34.16 -59.85 124.55
C LEU EA 52 34.22 -58.33 124.55
N VAL EA 53 33.53 -57.74 125.51
CA VAL EA 53 33.76 -56.35 125.89
C VAL EA 53 35.03 -56.33 126.71
N LEU EA 54 35.86 -55.29 126.52
CA LEU EA 54 37.08 -55.19 127.31
C LEU EA 54 36.79 -54.99 128.79
N SER EA 55 36.32 -53.80 129.19
CA SER EA 55 35.60 -53.74 130.45
C SER EA 55 34.27 -52.99 130.31
N LYS EA 56 34.37 -51.69 130.05
CA LYS EA 56 33.21 -50.80 130.06
C LYS EA 56 33.38 -49.73 128.99
N LEU EA 57 34.26 -49.98 128.04
CA LEU EA 57 34.77 -48.96 127.15
C LEU EA 57 34.27 -49.14 125.75
N TYR EA 58 33.61 -50.26 125.50
CA TYR EA 58 33.21 -50.66 124.17
C TYR EA 58 31.80 -50.10 123.93
N GLU EA 59 31.17 -50.44 122.81
CA GLU EA 59 29.87 -49.85 122.50
C GLU EA 59 28.87 -50.90 122.01
N GLU EA 60 29.27 -52.17 121.97
CA GLU EA 60 28.42 -53.31 121.58
C GLU EA 60 27.84 -53.09 120.18
N GLY EA 61 28.74 -53.18 119.21
CA GLY EA 61 28.40 -52.85 117.84
C GLY EA 61 29.52 -52.19 117.06
N SER EA 62 30.68 -52.07 117.67
CA SER EA 62 31.88 -51.71 116.94
C SER EA 62 32.54 -52.95 116.38
N ASN EA 63 33.54 -52.72 115.50
CA ASN EA 63 34.61 -53.61 115.06
C ASN EA 63 34.26 -55.10 114.89
N LYS EA 64 33.15 -55.38 114.21
CA LYS EA 64 32.61 -56.72 114.14
C LYS EA 64 33.51 -57.64 113.34
N ARG EA 65 33.91 -58.75 113.96
CA ARG EA 65 34.69 -59.77 113.27
C ARG EA 65 33.87 -60.53 112.24
N LEU EA 66 32.55 -60.49 112.33
CA LEU EA 66 31.70 -61.04 111.28
C LEU EA 66 31.73 -60.08 110.10
N PHE EA 67 32.50 -60.44 109.09
CA PHE EA 67 32.61 -59.61 107.90
C PHE EA 67 31.51 -59.95 106.91
N ASN EA 68 31.52 -59.26 105.78
CA ASN EA 68 30.57 -59.53 104.72
C ASN EA 68 31.29 -59.16 103.42
N VAL EA 69 31.86 -60.15 102.77
CA VAL EA 69 32.74 -59.88 101.63
C VAL EA 69 31.93 -59.72 100.35
N ASP EA 70 31.17 -60.73 99.99
CA ASP EA 70 30.35 -60.70 98.80
C ASP EA 70 28.89 -60.64 99.23
N ARG EA 71 28.00 -60.55 98.25
CA ARG EA 71 26.56 -60.54 98.48
C ARG EA 71 26.09 -61.80 99.19
N HIS EA 72 26.76 -62.92 98.96
CA HIS EA 72 26.39 -64.19 99.58
C HIS EA 72 27.55 -64.79 100.36
N VAL EA 73 28.66 -64.07 100.51
CA VAL EA 73 29.84 -64.59 101.20
C VAL EA 73 30.29 -63.56 102.23
N GLY EA 74 30.53 -63.99 103.47
CA GLY EA 74 31.17 -63.16 104.45
C GLY EA 74 32.06 -63.98 105.35
N MET EA 75 32.93 -63.27 106.07
CA MET EA 75 33.95 -63.89 106.90
C MET EA 75 33.55 -63.85 108.37
N ALA EA 76 34.22 -64.69 109.15
CA ALA EA 76 33.96 -64.88 110.57
C ALA EA 76 35.27 -64.89 111.33
N VAL EA 77 36.06 -63.82 111.14
CA VAL EA 77 37.49 -63.85 111.43
C VAL EA 77 37.77 -63.94 112.93
N ALA EA 78 39.01 -64.33 113.23
CA ALA EA 78 39.52 -64.42 114.59
C ALA EA 78 41.04 -64.33 114.51
N GLY EA 79 41.63 -63.65 115.48
CA GLY EA 79 43.07 -63.42 115.47
C GLY EA 79 43.37 -61.94 115.54
N LEU EA 80 44.46 -61.51 114.90
CA LEU EA 80 44.74 -60.08 114.84
C LEU EA 80 43.82 -59.42 113.84
N LEU EA 81 43.17 -58.34 114.27
CA LEU EA 81 41.99 -57.85 113.58
C LEU EA 81 42.32 -57.12 112.29
N ALA EA 82 43.36 -56.29 112.30
CA ALA EA 82 43.65 -55.44 111.14
C ALA EA 82 44.12 -56.27 109.95
N ASP EA 83 44.89 -57.33 110.23
CA ASP EA 83 45.30 -58.25 109.18
C ASP EA 83 44.10 -58.94 108.57
N ALA EA 84 43.11 -59.27 109.40
CA ALA EA 84 41.86 -59.84 108.89
C ALA EA 84 41.09 -58.82 108.07
N ARG EA 85 41.14 -57.54 108.46
CA ARG EA 85 40.50 -56.49 107.67
C ARG EA 85 41.14 -56.39 106.29
N SER EA 86 42.47 -56.42 106.25
CA SER EA 86 43.20 -56.33 104.99
C SER EA 86 42.93 -57.54 104.09
N LEU EA 87 42.91 -58.73 104.70
CA LEU EA 87 42.68 -59.94 103.91
C LEU EA 87 41.25 -59.98 103.41
N ALA EA 88 40.30 -59.46 104.20
CA ALA EA 88 38.92 -59.34 103.73
C ALA EA 88 38.82 -58.37 102.56
N ASP EA 89 39.62 -57.30 102.59
CA ASP EA 89 39.64 -56.36 101.48
C ASP EA 89 40.20 -57.01 100.22
N ILE EA 90 41.20 -57.87 100.38
CA ILE EA 90 41.74 -58.63 99.25
C ILE EA 90 40.67 -59.58 98.69
N ALA EA 91 39.88 -60.18 99.56
CA ALA EA 91 38.82 -61.07 99.12
C ALA EA 91 37.73 -60.31 98.38
N ARG EA 92 37.39 -59.12 98.86
CA ARG EA 92 36.46 -58.23 98.16
C ARG EA 92 37.01 -57.88 96.78
N GLU EA 93 38.32 -57.66 96.70
CA GLU EA 93 38.96 -57.32 95.44
C GLU EA 93 38.87 -58.48 94.45
N GLU EA 94 39.09 -59.70 94.93
CA GLU EA 94 39.04 -60.87 94.05
C GLU EA 94 37.62 -61.15 93.58
N ALA EA 95 36.64 -61.01 94.48
CA ALA EA 95 35.25 -61.17 94.08
C ALA EA 95 34.83 -60.11 93.07
N SER EA 96 35.36 -58.89 93.23
CA SER EA 96 35.09 -57.83 92.27
C SER EA 96 35.69 -58.17 90.90
N ASN EA 97 36.90 -58.73 90.88
CA ASN EA 97 37.50 -59.18 89.62
C ASN EA 97 36.67 -60.26 88.95
N PHE EA 98 36.19 -61.22 89.73
CA PHE EA 98 35.45 -62.33 89.13
C PHE EA 98 34.12 -61.86 88.58
N ARG EA 99 33.45 -60.99 89.33
CA ARG EA 99 32.18 -60.44 88.89
C ARG EA 99 32.36 -59.54 87.67
N SER EA 100 33.48 -58.83 87.59
CA SER EA 100 33.69 -57.96 86.46
C SER EA 100 34.12 -58.73 85.22
N ASN EA 101 34.80 -59.85 85.41
CA ASN EA 101 35.36 -60.58 84.28
C ASN EA 101 34.49 -61.73 83.81
N PHE EA 102 33.48 -62.10 84.59
CA PHE EA 102 32.62 -63.21 84.21
C PHE EA 102 31.14 -62.96 84.44
N GLY EA 103 30.77 -61.95 85.22
CA GLY EA 103 29.41 -61.47 85.23
C GLY EA 103 28.43 -62.26 86.07
N TYR EA 104 28.90 -63.15 86.93
CA TYR EA 104 28.00 -63.91 87.79
C TYR EA 104 28.70 -64.18 89.10
N ASN EA 105 28.04 -64.92 89.97
CA ASN EA 105 28.51 -65.05 91.33
C ASN EA 105 29.72 -65.98 91.41
N ILE EA 106 30.64 -65.63 92.29
CA ILE EA 106 31.85 -66.43 92.50
C ILE EA 106 31.51 -67.70 93.26
N PRO EA 107 31.90 -68.87 92.78
CA PRO EA 107 31.81 -70.08 93.61
C PRO EA 107 32.84 -70.02 94.72
N LEU EA 108 32.51 -70.66 95.84
CA LEU EA 108 33.33 -70.50 97.03
C LEU EA 108 34.64 -71.27 96.92
N LYS EA 109 34.67 -72.31 96.08
CA LYS EA 109 35.88 -73.14 95.95
C LYS EA 109 37.02 -72.36 95.31
N HIS EA 110 36.74 -71.72 94.17
CA HIS EA 110 37.77 -70.97 93.47
C HIS EA 110 38.22 -69.76 94.27
N LEU EA 111 37.28 -69.11 94.97
CA LEU EA 111 37.61 -67.99 95.83
C LEU EA 111 38.52 -68.41 96.97
N ALA EA 112 38.20 -69.54 97.60
CA ALA EA 112 39.04 -70.08 98.66
C ALA EA 112 40.42 -70.45 98.13
N ASP EA 113 40.50 -70.93 96.88
CA ASP EA 113 41.79 -71.25 96.29
C ASP EA 113 42.63 -70.00 96.06
N ARG EA 114 42.00 -68.92 95.59
CA ARG EA 114 42.73 -67.68 95.38
C ARG EA 114 43.21 -67.08 96.69
N VAL EA 115 42.36 -67.12 97.72
CA VAL EA 115 42.75 -66.60 99.02
C VAL EA 115 43.86 -67.45 99.64
N ALA EA 116 43.78 -68.77 99.45
CA ALA EA 116 44.80 -69.66 99.98
C ALA EA 116 46.14 -69.45 99.28
N MET EA 117 46.11 -69.19 97.97
CA MET EA 117 47.37 -68.89 97.29
C MET EA 117 47.93 -67.54 97.70
N TYR EA 118 47.05 -66.58 98.01
CA TYR EA 118 47.51 -65.29 98.49
C TYR EA 118 48.20 -65.41 99.84
N VAL EA 119 47.58 -66.17 100.75
CA VAL EA 119 48.19 -66.47 102.05
C VAL EA 119 49.47 -67.25 101.87
N HIS EA 120 49.50 -68.15 100.87
CA HIS EA 120 50.69 -68.94 100.61
C HIS EA 120 51.86 -68.07 100.17
N ALA EA 121 51.59 -67.12 99.27
CA ALA EA 121 52.62 -66.17 98.84
C ALA EA 121 53.09 -65.31 100.00
N TYR EA 122 52.21 -64.98 100.92
CA TYR EA 122 52.70 -64.27 102.11
C TYR EA 122 53.37 -65.18 103.14
N THR EA 123 53.26 -66.50 102.99
CA THR EA 123 54.07 -67.39 103.83
C THR EA 123 55.40 -67.77 103.20
N LEU EA 124 55.58 -67.54 101.90
CA LEU EA 124 56.81 -68.00 101.25
C LEU EA 124 58.01 -67.14 101.61
N TYR EA 125 57.95 -65.86 101.29
CA TYR EA 125 59.16 -65.04 101.26
C TYR EA 125 59.60 -64.60 102.64
N SER EA 126 60.75 -63.94 102.67
CA SER EA 126 61.34 -63.43 103.89
C SER EA 126 61.02 -61.98 104.14
N ALA EA 127 60.46 -61.27 103.16
CA ALA EA 127 60.19 -59.85 103.32
C ALA EA 127 58.97 -59.60 104.20
N VAL EA 128 58.01 -60.52 104.20
CA VAL EA 128 56.74 -60.31 104.87
C VAL EA 128 56.56 -61.39 105.91
N ARG EA 129 55.61 -61.17 106.80
CA ARG EA 129 55.32 -62.24 107.73
C ARG EA 129 54.11 -63.03 107.26
N PRO EA 130 53.95 -64.27 107.72
CA PRO EA 130 52.68 -64.96 107.52
C PRO EA 130 51.58 -64.32 108.33
N PHE EA 131 50.35 -64.54 107.89
CA PHE EA 131 49.21 -63.90 108.52
C PHE EA 131 48.89 -64.52 109.87
N GLY EA 132 48.37 -63.69 110.76
CA GLY EA 132 48.02 -64.11 112.11
C GLY EA 132 46.52 -64.15 112.25
N CYS EA 133 45.85 -64.72 111.25
CA CYS EA 133 44.40 -64.75 111.22
C CYS EA 133 43.91 -66.16 110.94
N SER EA 134 42.68 -66.41 111.35
CA SER EA 134 41.99 -67.64 110.99
C SER EA 134 40.52 -67.32 110.93
N PHE EA 135 39.88 -67.65 109.82
CA PHE EA 135 38.55 -67.17 109.54
C PHE EA 135 37.70 -68.28 108.94
N MET EA 136 36.45 -67.94 108.64
CA MET EA 136 35.50 -68.86 108.05
C MET EA 136 34.98 -68.26 106.74
N LEU EA 137 34.51 -69.14 105.85
CA LEU EA 137 33.88 -68.71 104.61
C LEU EA 137 32.63 -69.54 104.38
N GLY EA 138 31.47 -68.88 104.41
CA GLY EA 138 30.21 -69.56 104.18
C GLY EA 138 29.36 -68.88 103.13
N SER EA 139 28.51 -69.65 102.46
CA SER EA 139 27.74 -69.11 101.35
C SER EA 139 26.55 -70.01 101.10
N TYR EA 140 25.76 -69.63 100.09
CA TYR EA 140 24.68 -70.49 99.61
C TYR EA 140 24.45 -70.21 98.13
N SER EA 141 24.09 -71.26 97.41
CA SER EA 141 23.68 -71.12 96.02
C SER EA 141 22.49 -72.02 95.77
N VAL EA 142 21.68 -71.66 94.78
CA VAL EA 142 20.55 -72.47 94.39
C VAL EA 142 20.98 -73.69 93.60
N ASN EA 143 22.14 -73.64 92.95
CA ASN EA 143 22.65 -74.76 92.18
C ASN EA 143 23.80 -75.46 92.88
N ASP EA 144 24.21 -74.97 94.04
CA ASP EA 144 25.31 -75.55 94.78
C ASP EA 144 25.01 -75.85 96.23
N GLY EA 145 24.00 -75.23 96.82
CA GLY EA 145 23.70 -75.50 98.22
C GLY EA 145 24.60 -74.68 99.14
N ALA EA 146 24.85 -75.23 100.33
CA ALA EA 146 25.60 -74.54 101.36
C ALA EA 146 27.02 -75.06 101.39
N GLN EA 147 27.99 -74.13 101.46
CA GLN EA 147 29.40 -74.49 101.48
C GLN EA 147 30.10 -73.74 102.59
N LEU EA 148 30.90 -74.46 103.37
CA LEU EA 148 31.64 -73.91 104.48
C LEU EA 148 33.10 -74.30 104.34
N TYR EA 149 33.98 -73.31 104.20
CA TYR EA 149 35.41 -73.57 104.06
C TYR EA 149 36.15 -73.01 105.27
N MET EA 150 37.46 -73.19 105.26
CA MET EA 150 38.28 -73.00 106.45
C MET EA 150 39.74 -72.77 106.12
N ILE EA 151 40.31 -71.68 106.60
CA ILE EA 151 41.65 -71.27 106.20
C ILE EA 151 42.49 -71.02 107.45
N ASP EA 152 43.56 -71.78 107.57
CA ASP EA 152 44.53 -71.66 108.64
C ASP EA 152 45.48 -70.50 108.35
N PRO EA 153 46.34 -70.11 109.30
CA PRO EA 153 47.42 -69.17 108.98
C PRO EA 153 48.42 -69.68 107.96
N SER EA 154 48.55 -70.99 107.74
CA SER EA 154 49.45 -71.45 106.71
C SER EA 154 48.86 -71.26 105.32
N GLY EA 155 47.58 -71.59 105.16
CA GLY EA 155 46.96 -71.43 103.87
C GLY EA 155 46.31 -72.69 103.35
N VAL EA 156 46.13 -73.69 104.21
CA VAL EA 156 45.47 -74.92 103.80
C VAL EA 156 43.97 -74.73 103.93
N SER EA 157 43.25 -74.95 102.83
CA SER EA 157 41.83 -74.59 102.75
C SER EA 157 41.03 -75.76 102.20
N TYR EA 158 40.13 -76.30 103.02
CA TYR EA 158 39.17 -77.30 102.57
C TYR EA 158 37.91 -77.18 103.42
N GLY EA 159 37.01 -78.15 103.25
CA GLY EA 159 35.65 -77.99 103.72
C GLY EA 159 35.19 -78.80 104.91
N TYR EA 160 34.29 -78.21 105.68
CA TYR EA 160 33.75 -78.80 106.90
C TYR EA 160 32.24 -78.75 106.84
N TRP EA 161 31.63 -79.43 107.81
CA TRP EA 161 30.28 -79.05 108.23
C TRP EA 161 30.36 -78.04 109.37
N GLY EA 162 31.23 -78.28 110.34
CA GLY EA 162 31.39 -77.39 111.46
C GLY EA 162 32.85 -77.13 111.78
N CYS EA 163 33.08 -75.99 112.43
CA CYS EA 163 34.42 -75.64 112.89
C CYS EA 163 34.33 -74.70 114.09
N ALA EA 164 35.48 -74.46 114.69
CA ALA EA 164 35.62 -73.60 115.85
C ALA EA 164 37.02 -73.04 115.84
N ILE EA 165 37.15 -71.74 116.09
CA ILE EA 165 38.44 -71.06 116.07
C ILE EA 165 38.53 -70.20 117.31
N GLY EA 166 39.49 -70.49 118.16
CA GLY EA 166 39.66 -69.78 119.40
C GLY EA 166 40.29 -70.69 120.44
N LYS EA 167 39.97 -70.42 121.71
CA LYS EA 167 40.43 -71.28 122.80
C LYS EA 167 39.81 -72.66 122.70
N ALA EA 168 38.49 -72.73 122.82
CA ALA EA 168 37.78 -74.01 122.85
C ALA EA 168 37.60 -74.56 121.44
N ARG EA 169 38.72 -74.85 120.80
CA ARG EA 169 38.67 -75.43 119.46
C ARG EA 169 38.22 -76.87 119.52
N GLN EA 170 38.88 -77.67 120.37
CA GLN EA 170 38.43 -79.03 120.60
C GLN EA 170 37.15 -79.04 121.42
N ALA EA 171 37.05 -78.16 122.41
CA ALA EA 171 35.97 -78.22 123.38
C ALA EA 171 34.65 -77.73 122.80
N ALA EA 172 34.64 -77.07 121.64
CA ALA EA 172 33.37 -76.80 121.00
C ALA EA 172 32.96 -77.96 120.11
N LYS EA 173 33.87 -78.44 119.26
CA LYS EA 173 33.54 -79.55 118.37
C LYS EA 173 33.40 -80.87 119.10
N THR EA 174 33.66 -80.91 120.41
CA THR EA 174 33.27 -82.05 121.23
C THR EA 174 31.77 -82.28 121.17
N GLU EA 175 30.98 -81.21 121.21
CA GLU EA 175 29.53 -81.30 121.21
C GLU EA 175 28.89 -80.63 119.99
N ILE EA 176 29.68 -80.02 119.10
CA ILE EA 176 29.16 -79.69 117.79
C ILE EA 176 28.88 -80.97 117.02
N GLU EA 177 29.72 -81.98 117.18
CA GLU EA 177 29.61 -83.22 116.42
C GLU EA 177 28.40 -84.06 116.81
N LYS EA 178 27.84 -83.88 118.00
CA LYS EA 178 26.64 -84.63 118.37
C LYS EA 178 25.36 -83.93 117.96
N LEU EA 179 25.45 -82.89 117.15
CA LEU EA 179 24.27 -82.21 116.64
C LEU EA 179 23.81 -82.87 115.35
N GLN EA 180 22.49 -83.04 115.24
CA GLN EA 180 21.89 -83.70 114.07
C GLN EA 180 21.82 -82.68 112.94
N MET EA 181 22.95 -82.50 112.28
CA MET EA 181 23.20 -81.31 111.47
C MET EA 181 22.48 -81.34 110.13
N LYS EA 182 22.16 -82.51 109.60
CA LYS EA 182 21.55 -82.57 108.28
C LYS EA 182 20.07 -82.24 108.34
N GLU EA 183 19.37 -82.81 109.31
CA GLU EA 183 17.93 -82.78 109.33
C GLU EA 183 17.38 -81.52 109.97
N MET EA 184 18.22 -80.59 110.38
CA MET EA 184 17.79 -79.35 111.01
C MET EA 184 17.89 -78.20 110.03
N THR EA 185 16.88 -77.34 110.06
CA THR EA 185 17.01 -76.05 109.38
C THR EA 185 17.81 -75.11 110.26
N CYS EA 186 18.30 -74.05 109.65
CA CYS EA 186 19.22 -73.15 110.34
C CYS EA 186 18.55 -72.31 111.41
N ARG EA 187 17.22 -72.21 111.41
CA ARG EA 187 16.54 -71.49 112.48
C ARG EA 187 16.67 -72.20 113.82
N ASP EA 188 16.74 -73.54 113.79
CA ASP EA 188 17.11 -74.28 114.99
C ASP EA 188 18.58 -74.07 115.31
N ILE EA 189 19.40 -74.01 114.27
CA ILE EA 189 20.84 -73.86 114.42
C ILE EA 189 21.20 -72.50 115.01
N VAL EA 190 20.29 -71.52 114.93
CA VAL EA 190 20.48 -70.24 115.63
C VAL EA 190 20.65 -70.47 117.12
N LYS EA 191 19.67 -71.10 117.76
CA LYS EA 191 19.80 -71.35 119.18
C LYS EA 191 20.79 -72.47 119.47
N GLU EA 192 21.10 -73.32 118.49
CA GLU EA 192 22.19 -74.28 118.67
C GLU EA 192 23.52 -73.56 118.85
N VAL EA 193 23.81 -72.61 117.98
CA VAL EA 193 25.04 -71.81 118.09
C VAL EA 193 25.01 -71.00 119.37
N ALA EA 194 23.82 -70.52 119.75
CA ALA EA 194 23.66 -69.80 121.01
C ALA EA 194 24.05 -70.66 122.20
N LYS EA 195 23.61 -71.93 122.21
CA LYS EA 195 23.94 -72.76 123.36
C LYS EA 195 25.39 -73.20 123.34
N ILE EA 196 25.99 -73.35 122.15
CA ILE EA 196 27.39 -73.78 122.10
C ILE EA 196 28.30 -72.65 122.55
N ILE EA 197 27.98 -71.41 122.14
CA ILE EA 197 28.72 -70.26 122.64
C ILE EA 197 28.49 -70.09 124.14
N TYR EA 198 27.26 -70.30 124.60
CA TYR EA 198 26.94 -70.02 125.99
C TYR EA 198 27.53 -71.04 126.95
N ILE EA 199 27.72 -72.29 126.51
CA ILE EA 199 28.28 -73.30 127.40
C ILE EA 199 29.74 -73.00 127.71
N VAL EA 200 30.52 -72.66 126.70
CA VAL EA 200 31.94 -72.40 126.90
C VAL EA 200 32.15 -71.04 127.56
N HIS EA 201 32.83 -71.05 128.71
CA HIS EA 201 33.42 -69.89 129.37
C HIS EA 201 32.37 -68.82 129.72
N ASP EA 202 31.50 -69.19 130.66
CA ASP EA 202 30.50 -68.25 131.12
C ASP EA 202 31.12 -67.13 131.95
N GLU EA 203 31.83 -67.48 133.03
CA GLU EA 203 32.32 -66.44 133.93
C GLU EA 203 33.70 -66.73 134.52
N VAL EA 204 34.42 -67.76 134.06
CA VAL EA 204 35.51 -68.32 134.85
C VAL EA 204 36.74 -67.41 134.82
N LYS EA 205 37.22 -67.09 133.62
CA LYS EA 205 38.39 -66.22 133.53
C LYS EA 205 38.01 -64.75 133.30
N ASP EA 206 36.95 -64.49 132.56
CA ASP EA 206 36.50 -63.13 132.31
C ASP EA 206 35.21 -62.84 133.06
N LYS EA 207 34.66 -61.65 132.83
CA LYS EA 207 33.44 -61.20 133.46
C LYS EA 207 32.22 -61.35 132.54
N ALA EA 208 32.33 -60.92 131.30
CA ALA EA 208 31.19 -60.92 130.39
C ALA EA 208 31.65 -61.14 128.97
N PHE EA 209 30.79 -61.73 128.16
CA PHE EA 209 30.99 -61.86 126.73
C PHE EA 209 29.72 -61.41 126.03
N GLU EA 210 29.73 -61.43 124.70
CA GLU EA 210 28.59 -60.96 123.94
C GLU EA 210 28.54 -61.71 122.62
N LEU EA 211 27.33 -61.95 122.14
CA LEU EA 211 27.09 -62.87 121.04
C LEU EA 211 26.66 -62.14 119.77
N GLU EA 212 27.31 -62.50 118.66
CA GLU EA 212 26.86 -62.12 117.33
C GLU EA 212 26.69 -63.38 116.49
N LEU EA 213 25.76 -63.35 115.55
CA LEU EA 213 25.42 -64.53 114.76
C LEU EA 213 25.24 -64.13 113.30
N SER EA 214 26.18 -64.50 112.45
CA SER EA 214 26.01 -64.26 111.02
C SER EA 214 25.38 -65.47 110.35
N TRP EA 215 24.81 -65.22 109.17
CA TRP EA 215 23.69 -66.03 108.75
C TRP EA 215 23.44 -65.87 107.26
N VAL EA 216 23.57 -66.97 106.52
CA VAL EA 216 23.34 -66.97 105.09
C VAL EA 216 22.59 -68.26 104.78
N GLY EA 217 21.81 -68.24 103.71
CA GLY EA 217 21.25 -69.49 103.24
C GLY EA 217 20.00 -69.24 102.41
N GLU EA 218 19.20 -70.31 102.34
CA GLU EA 218 18.00 -70.29 101.51
C GLU EA 218 16.93 -69.39 102.11
N LEU EA 219 16.89 -69.27 103.44
CA LEU EA 219 15.85 -68.47 104.05
C LEU EA 219 16.08 -66.98 103.81
N THR EA 220 17.33 -66.56 103.63
CA THR EA 220 17.62 -65.19 103.26
C THR EA 220 17.64 -65.01 101.76
N ASN EA 221 17.24 -66.04 101.01
CA ASN EA 221 17.21 -66.07 99.53
C ASN EA 221 18.58 -65.79 98.94
N GLY EA 222 19.63 -66.29 99.59
CA GLY EA 222 20.98 -66.07 99.14
C GLY EA 222 21.63 -64.82 99.66
N ARG EA 223 20.93 -64.02 100.45
CA ARG EA 223 21.55 -62.86 101.05
C ARG EA 223 22.35 -63.28 102.27
N HIS EA 224 23.36 -62.49 102.60
CA HIS EA 224 24.17 -62.74 103.79
C HIS EA 224 24.12 -61.53 104.68
N GLU EA 225 23.66 -61.74 105.91
CA GLU EA 225 23.55 -60.67 106.88
C GLU EA 225 23.59 -61.29 108.27
N ILE EA 226 23.83 -60.43 109.26
CA ILE EA 226 23.67 -60.85 110.64
C ILE EA 226 22.18 -61.08 110.89
N VAL EA 227 21.87 -62.02 111.79
CA VAL EA 227 20.49 -62.20 112.23
C VAL EA 227 19.99 -60.95 112.92
N PRO EA 228 18.71 -60.67 112.87
CA PRO EA 228 18.12 -59.84 113.89
C PRO EA 228 18.03 -60.68 115.14
N LYS EA 229 19.10 -60.72 115.95
CA LYS EA 229 19.14 -61.62 117.10
C LYS EA 229 18.12 -61.22 118.15
N ASP EA 230 17.92 -59.91 118.32
CA ASP EA 230 16.87 -59.39 119.19
C ASP EA 230 15.50 -59.91 118.76
N ILE EA 231 15.28 -60.02 117.46
CA ILE EA 231 14.08 -60.70 116.97
C ILE EA 231 14.21 -62.18 117.27
N ARG EA 232 13.22 -62.70 118.00
CA ARG EA 232 13.03 -64.07 118.50
C ARG EA 232 13.96 -64.43 119.64
N GLU EA 233 14.99 -63.59 119.88
CA GLU EA 233 15.76 -63.44 121.14
C GLU EA 233 16.18 -64.79 121.70
N GLU EA 234 16.71 -65.61 120.81
CA GLU EA 234 16.72 -67.06 121.03
C GLU EA 234 17.75 -67.53 122.04
N ALA EA 235 18.81 -66.77 122.26
CA ALA EA 235 19.86 -67.20 123.18
C ALA EA 235 19.40 -67.18 124.63
N GLU EA 236 18.99 -66.01 125.11
CA GLU EA 236 18.93 -65.74 126.54
C GLU EA 236 17.84 -66.53 127.22
N LYS EA 237 16.66 -66.58 126.63
CA LYS EA 237 15.58 -67.41 127.15
C LYS EA 237 15.86 -68.90 126.99
N TYR EA 238 16.86 -69.28 126.21
CA TYR EA 238 17.36 -70.64 126.21
C TYR EA 238 18.63 -70.80 127.04
N ALA EA 239 19.46 -69.76 127.12
CA ALA EA 239 20.68 -69.82 127.92
C ALA EA 239 20.36 -69.97 129.39
N LYS EA 240 19.30 -69.32 129.86
CA LYS EA 240 18.89 -69.48 131.23
C LYS EA 240 18.27 -70.84 131.49
N GLU EA 241 17.90 -71.57 130.44
CA GLU EA 241 17.46 -72.94 130.57
C GLU EA 241 18.56 -73.95 130.21
N SER EA 242 19.70 -73.47 129.72
CA SER EA 242 20.82 -74.35 129.39
C SER EA 242 21.88 -74.37 130.47
N LEU EA 243 21.64 -73.70 131.59
CA LEU EA 243 22.49 -73.84 132.76
C LEU EA 243 22.07 -74.99 133.66
N LYS EA 244 20.92 -75.59 133.40
CA LYS EA 244 20.44 -76.72 134.18
C LYS EA 244 19.76 -77.74 133.27
N THR FA 1 29.59 -66.54 55.33
CA THR FA 1 28.98 -65.23 55.46
C THR FA 1 27.76 -65.30 56.35
N THR FA 2 26.72 -65.94 55.82
CA THR FA 2 25.43 -65.95 56.49
C THR FA 2 25.42 -67.04 57.55
N ILE FA 3 25.35 -66.64 58.80
CA ILE FA 3 25.38 -67.58 59.91
C ILE FA 3 24.07 -67.46 60.67
N MET FA 4 23.70 -68.56 61.35
CA MET FA 4 22.39 -68.62 61.97
C MET FA 4 22.41 -69.64 63.11
N ALA FA 5 21.78 -69.28 64.23
CA ALA FA 5 21.72 -70.16 65.40
C ALA FA 5 20.33 -70.10 66.01
N VAL FA 6 19.73 -71.28 66.20
CA VAL FA 6 18.35 -71.40 66.64
C VAL FA 6 18.30 -72.38 67.79
N GLN FA 7 17.66 -71.98 68.89
CA GLN FA 7 17.43 -72.90 69.99
C GLN FA 7 16.07 -73.56 69.88
N PHE FA 8 15.90 -74.63 70.63
CA PHE FA 8 14.62 -75.31 70.76
C PHE FA 8 14.53 -75.85 72.18
N ASP FA 9 13.66 -76.84 72.38
CA ASP FA 9 13.45 -77.41 73.71
C ASP FA 9 14.69 -78.16 74.20
N GLY FA 10 15.17 -79.12 73.41
CA GLY FA 10 16.28 -79.95 73.86
C GLY FA 10 17.61 -79.22 73.81
N GLY FA 11 17.91 -78.58 72.71
CA GLY FA 11 19.19 -77.92 72.53
C GLY FA 11 19.10 -76.79 71.55
N VAL FA 12 20.16 -76.59 70.80
CA VAL FA 12 20.23 -75.52 69.82
C VAL FA 12 20.60 -76.11 68.46
N VAL FA 13 20.39 -75.31 67.42
CA VAL FA 13 20.73 -75.68 66.06
C VAL FA 13 21.48 -74.51 65.44
N LEU FA 14 22.65 -74.79 64.88
CA LEU FA 14 23.50 -73.77 64.29
C LEU FA 14 23.46 -73.90 62.77
N GLY FA 15 24.23 -73.05 62.09
CA GLY FA 15 24.30 -73.14 60.65
C GLY FA 15 25.01 -72.00 59.94
N ALA FA 16 25.70 -72.32 58.85
CA ALA FA 16 26.42 -71.32 58.07
C ALA FA 16 26.64 -71.82 56.65
N ASP FA 17 26.96 -70.88 55.77
CA ASP FA 17 27.52 -71.17 54.45
C ASP FA 17 29.03 -71.35 54.60
N SER FA 18 29.77 -71.45 53.49
CA SER FA 18 31.20 -71.50 53.73
C SER FA 18 32.00 -70.34 53.14
N ARG FA 19 32.20 -70.36 51.81
CA ARG FA 19 32.52 -69.26 50.90
C ARG FA 19 33.20 -68.03 51.48
N THR FA 20 34.39 -68.20 52.06
CA THR FA 20 35.18 -67.05 52.48
C THR FA 20 35.71 -66.33 51.25
N THR FA 21 35.31 -65.08 51.07
CA THR FA 21 35.61 -64.32 49.88
C THR FA 21 36.62 -63.21 50.18
N THR FA 22 37.23 -62.70 49.12
CA THR FA 22 38.05 -61.50 49.17
C THR FA 22 37.85 -60.71 47.88
N GLY FA 23 37.25 -59.52 48.02
CA GLY FA 23 36.88 -58.75 46.86
C GLY FA 23 35.76 -59.43 46.09
N SER FA 24 36.01 -59.76 44.83
CA SER FA 24 35.06 -60.54 44.04
C SER FA 24 35.53 -61.96 43.82
N TYR FA 25 36.73 -62.30 44.27
CA TYR FA 25 37.29 -63.63 44.10
C TYR FA 25 37.12 -64.43 45.38
N ILE FA 26 36.69 -65.68 45.25
CA ILE FA 26 36.55 -66.55 46.40
C ILE FA 26 37.90 -67.18 46.69
N ALA FA 27 38.43 -66.97 47.89
CA ALA FA 27 39.68 -67.61 48.27
C ALA FA 27 39.45 -69.07 48.63
N ASN FA 28 38.40 -69.37 49.37
CA ASN FA 28 38.18 -70.72 49.88
C ASN FA 28 36.74 -71.11 49.63
N ARG FA 29 36.55 -72.28 49.05
CA ARG FA 29 35.26 -72.71 48.56
C ARG FA 29 34.49 -73.47 49.64
N VAL FA 30 35.20 -73.99 50.64
CA VAL FA 30 34.59 -74.72 51.73
C VAL FA 30 35.36 -74.41 53.01
N THR FA 31 34.64 -74.07 54.07
CA THR FA 31 35.23 -73.43 55.25
C THR FA 31 34.42 -73.80 56.48
N ASP FA 32 35.11 -74.17 57.55
CA ASP FA 32 34.48 -74.37 58.85
C ASP FA 32 34.23 -73.00 59.49
N LYS FA 33 33.08 -72.42 59.19
CA LYS FA 33 32.75 -71.13 59.79
C LYS FA 33 32.38 -71.26 61.26
N LEU FA 34 31.93 -72.45 61.67
CA LEU FA 34 31.63 -72.73 63.06
C LEU FA 34 32.82 -73.45 63.69
N THR FA 35 33.09 -73.14 64.96
CA THR FA 35 34.30 -73.62 65.61
C THR FA 35 33.97 -74.15 67.00
N PRO FA 36 34.42 -75.35 67.35
CA PRO FA 36 34.27 -75.83 68.73
C PRO FA 36 35.17 -75.07 69.68
N ILE FA 37 34.68 -74.86 70.89
CA ILE FA 37 35.51 -74.28 71.94
C ILE FA 37 35.59 -75.29 73.07
N HIS FA 38 34.45 -75.53 73.70
CA HIS FA 38 34.30 -76.61 74.65
C HIS FA 38 33.61 -77.75 73.90
N ASP FA 39 33.48 -78.89 74.55
CA ASP FA 39 32.85 -80.04 73.90
C ASP FA 39 31.34 -79.90 73.76
N ARG FA 40 30.74 -78.87 74.35
CA ARG FA 40 29.32 -78.63 74.23
C ARG FA 40 28.98 -77.24 73.71
N ILE FA 41 29.97 -76.38 73.50
CA ILE FA 41 29.74 -74.97 73.24
C ILE FA 41 30.43 -74.59 71.94
N PHE FA 42 29.66 -74.08 70.99
CA PHE FA 42 30.22 -73.65 69.71
C PHE FA 42 30.11 -72.14 69.55
N CYS FA 43 30.79 -71.65 68.51
CA CYS FA 43 30.62 -70.28 68.06
C CYS FA 43 30.75 -70.27 66.55
N CYS FA 44 30.06 -69.33 65.91
CA CYS FA 44 30.19 -69.11 64.48
C CYS FA 44 30.53 -67.65 64.24
N ARG FA 45 31.45 -67.42 63.31
CA ARG FA 45 32.09 -66.13 63.15
C ARG FA 45 31.82 -65.54 61.78
N SER FA 46 31.98 -64.22 61.70
CA SER FA 46 31.83 -63.49 60.44
C SER FA 46 32.67 -62.22 60.53
N GLY FA 47 32.49 -61.32 59.57
CA GLY FA 47 33.36 -60.16 59.52
C GLY FA 47 34.72 -60.56 58.98
N SER FA 48 35.77 -60.06 59.62
CA SER FA 48 37.11 -60.47 59.23
C SER FA 48 37.39 -61.89 59.67
N ALA FA 49 38.40 -62.49 59.05
CA ALA FA 49 38.67 -63.91 59.28
C ALA FA 49 39.69 -64.13 60.39
N ALA FA 50 40.89 -63.57 60.21
CA ALA FA 50 41.98 -63.81 61.15
C ALA FA 50 41.69 -63.24 62.53
N ASP FA 51 40.98 -62.11 62.56
CA ASP FA 51 40.65 -61.44 63.81
C ASP FA 51 39.74 -62.32 64.67
N THR FA 52 38.66 -62.82 64.06
CA THR FA 52 37.75 -63.71 64.76
C THR FA 52 38.40 -65.03 65.10
N GLN FA 53 39.33 -65.51 64.26
CA GLN FA 53 40.08 -66.70 64.58
C GLN FA 53 40.91 -66.52 65.85
N ALA FA 54 41.60 -65.38 65.95
CA ALA FA 54 42.41 -65.11 67.12
C ALA FA 54 41.56 -64.93 68.36
N VAL FA 55 40.40 -64.29 68.20
CA VAL FA 55 39.48 -64.11 69.33
C VAL FA 55 38.97 -65.46 69.80
N ALA FA 56 38.60 -66.33 68.87
CA ALA FA 56 38.11 -67.66 69.24
C ALA FA 56 39.19 -68.50 69.89
N ASP FA 57 40.43 -68.35 69.45
CA ASP FA 57 41.54 -69.08 70.07
C ASP FA 57 41.79 -68.61 71.49
N ALA FA 58 41.77 -67.30 71.71
CA ALA FA 58 42.03 -66.79 73.05
C ALA FA 58 40.88 -67.11 73.99
N VAL FA 59 39.65 -67.08 73.47
CA VAL FA 59 38.50 -67.48 74.27
C VAL FA 59 38.57 -68.97 74.61
N THR FA 60 39.05 -69.78 73.66
CA THR FA 60 39.28 -71.20 73.91
C THR FA 60 40.29 -71.40 75.03
N TYR FA 61 41.35 -70.61 75.01
CA TYR FA 61 42.39 -70.63 76.04
C TYR FA 61 41.82 -70.33 77.41
N GLN FA 62 41.21 -69.15 77.57
CA GLN FA 62 40.70 -68.72 78.87
C GLN FA 62 39.56 -69.61 79.35
N LEU FA 63 38.70 -70.05 78.43
CA LEU FA 63 37.53 -70.80 78.82
C LEU FA 63 37.89 -72.22 79.24
N GLY FA 64 38.79 -72.88 78.50
CA GLY FA 64 39.23 -74.20 78.90
C GLY FA 64 39.99 -74.16 80.22
N PHE FA 65 40.79 -73.11 80.41
CA PHE FA 65 41.50 -72.94 81.67
C PHE FA 65 40.53 -72.76 82.84
N HIS FA 66 39.51 -71.93 82.64
CA HIS FA 66 38.51 -71.67 83.65
C HIS FA 66 37.69 -72.92 83.97
N SER FA 67 37.31 -73.66 82.92
CA SER FA 67 36.53 -74.87 83.08
C SER FA 67 37.29 -75.98 83.77
N ILE FA 68 38.61 -76.03 83.58
CA ILE FA 68 39.41 -77.02 84.30
C ILE FA 68 39.59 -76.60 85.75
N GLU FA 69 39.76 -75.29 86.00
CA GLU FA 69 39.87 -74.84 87.39
C GLU FA 69 38.56 -74.98 88.16
N LEU FA 70 37.42 -74.97 87.47
CA LEU FA 70 36.17 -75.23 88.16
C LEU FA 70 36.00 -76.70 88.46
N ASN FA 71 36.61 -77.56 87.64
CA ASN FA 71 36.37 -79.02 87.62
C ASN FA 71 34.89 -79.32 87.41
N GLU FA 72 34.26 -78.53 86.54
CA GLU FA 72 32.83 -78.56 86.30
C GLU FA 72 32.57 -78.24 84.84
N PRO FA 73 31.42 -78.62 84.29
CA PRO FA 73 31.02 -78.10 82.99
C PRO FA 73 30.79 -76.61 83.04
N PRO FA 74 31.31 -75.85 82.08
CA PRO FA 74 31.16 -74.40 82.10
C PRO FA 74 29.82 -73.97 81.55
N LEU FA 75 29.50 -72.70 81.77
CA LEU FA 75 28.27 -72.11 81.28
C LEU FA 75 28.50 -71.47 79.92
N VAL FA 76 27.40 -71.27 79.20
CA VAL FA 76 27.45 -70.62 77.90
C VAL FA 76 27.49 -69.10 78.07
N HIS FA 77 26.76 -68.61 79.08
CA HIS FA 77 26.81 -67.19 79.44
C HIS FA 77 28.21 -66.76 79.86
N THR FA 78 29.00 -67.69 80.41
CA THR FA 78 30.38 -67.39 80.76
C THR FA 78 31.21 -67.07 79.52
N ALA FA 79 31.10 -67.92 78.50
CA ALA FA 79 31.82 -67.68 77.25
C ALA FA 79 31.29 -66.45 76.53
N ALA FA 80 29.99 -66.19 76.67
CA ALA FA 80 29.42 -64.97 76.13
C ALA FA 80 30.01 -63.75 76.79
N SER FA 81 30.21 -63.80 78.11
CA SER FA 81 30.83 -62.70 78.82
C SER FA 81 32.28 -62.51 78.38
N LEU FA 82 32.96 -63.62 78.11
CA LEU FA 82 34.34 -63.53 77.66
C LEU FA 82 34.45 -62.90 76.28
N PHE FA 83 33.57 -63.31 75.35
CA PHE FA 83 33.53 -62.66 74.05
C PHE FA 83 33.17 -61.19 74.15
N LYS FA 84 32.28 -60.84 75.08
CA LYS FA 84 31.90 -59.44 75.26
C LYS FA 84 33.09 -58.62 75.74
N GLU FA 85 33.85 -59.16 76.69
CA GLU FA 85 35.01 -58.45 77.20
C GLU FA 85 36.09 -58.29 76.14
N MET FA 86 36.43 -59.37 75.44
CA MET FA 86 37.50 -59.30 74.46
C MET FA 86 37.10 -58.50 73.23
N CYS FA 87 35.82 -58.49 72.89
CA CYS FA 87 35.39 -57.63 71.80
C CYS FA 87 35.42 -56.18 72.20
N TYR FA 88 34.81 -55.84 73.34
CA TYR FA 88 34.59 -54.44 73.66
C TYR FA 88 35.87 -53.74 74.12
N ARG FA 89 36.77 -54.46 74.79
CA ARG FA 89 37.89 -53.79 75.46
C ARG FA 89 38.85 -53.16 74.47
N TYR FA 90 39.09 -53.82 73.34
CA TYR FA 90 39.98 -53.24 72.34
C TYR FA 90 39.34 -53.20 70.97
N ARG FA 91 38.09 -52.70 70.88
CA ARG FA 91 37.23 -52.98 69.74
C ARG FA 91 37.74 -52.44 68.41
N GLU FA 92 37.47 -51.19 68.04
CA GLU FA 92 38.36 -50.25 67.37
C GLU FA 92 39.13 -50.67 66.12
N ASP FA 93 39.16 -51.98 65.82
CA ASP FA 93 40.08 -52.59 64.89
C ASP FA 93 39.50 -53.84 64.28
N LEU FA 94 38.54 -54.46 64.93
CA LEU FA 94 38.12 -55.82 64.66
C LEU FA 94 36.73 -55.80 64.05
N MET FA 95 36.39 -56.85 63.33
CA MET FA 95 35.05 -56.98 62.75
C MET FA 95 34.56 -58.38 63.08
N ALA FA 96 33.86 -58.50 64.21
CA ALA FA 96 33.43 -59.79 64.73
C ALA FA 96 31.93 -59.94 64.56
N GLY FA 97 31.52 -61.09 64.05
CA GLY FA 97 30.11 -61.42 63.92
C GLY FA 97 29.79 -62.61 64.80
N ILE FA 98 30.27 -62.59 66.04
CA ILE FA 98 30.29 -63.79 66.86
C ILE FA 98 28.89 -64.09 67.38
N ILE FA 99 28.45 -65.32 67.20
CA ILE FA 99 27.23 -65.84 67.80
C ILE FA 99 27.61 -67.03 68.66
N ILE FA 100 27.28 -66.97 69.93
CA ILE FA 100 27.62 -68.01 70.88
C ILE FA 100 26.38 -68.88 71.08
N ALA FA 101 26.56 -70.19 70.97
CA ALA FA 101 25.48 -71.12 71.20
C ALA FA 101 26.02 -72.37 71.88
N GLY FA 102 25.13 -73.14 72.47
CA GLY FA 102 25.49 -74.39 73.08
C GLY FA 102 24.52 -74.85 74.13
N TRP FA 103 24.38 -76.16 74.28
CA TRP FA 103 23.56 -76.71 75.35
C TRP FA 103 24.30 -76.60 76.67
N ASP FA 104 23.55 -76.38 77.73
CA ASP FA 104 24.11 -76.31 79.06
C ASP FA 104 23.31 -77.21 80.00
N PRO FA 105 23.99 -77.87 80.94
CA PRO FA 105 23.23 -78.72 81.89
C PRO FA 105 22.39 -77.92 82.87
N GLN FA 106 22.90 -76.78 83.33
CA GLN FA 106 22.11 -75.96 84.23
C GLN FA 106 20.99 -75.24 83.49
N GLU FA 107 21.25 -74.80 82.27
CA GLU FA 107 20.37 -73.82 81.62
C GLU FA 107 19.86 -74.24 80.24
N GLY FA 108 20.01 -75.51 79.86
CA GLY FA 108 19.46 -75.93 78.58
C GLY FA 108 20.28 -75.38 77.42
N GLY FA 109 19.60 -75.19 76.28
CA GLY FA 109 20.22 -74.54 75.15
C GLY FA 109 20.07 -73.03 75.26
N GLN FA 110 21.13 -72.31 74.92
CA GLN FA 110 21.10 -70.86 74.89
C GLN FA 110 21.82 -70.38 73.64
N VAL FA 111 21.39 -69.23 73.13
CA VAL FA 111 22.02 -68.60 71.99
C VAL FA 111 22.27 -67.13 72.32
N TYR FA 112 23.53 -66.72 72.31
CA TYR FA 112 23.89 -65.32 72.48
C TYR FA 112 24.50 -64.82 71.18
N SER FA 113 24.39 -63.51 70.96
CA SER FA 113 24.97 -62.89 69.78
C SER FA 113 25.82 -61.72 70.20
N VAL FA 114 26.98 -61.58 69.56
CA VAL FA 114 27.82 -60.41 69.75
C VAL FA 114 28.03 -59.78 68.39
N PRO FA 115 27.44 -58.64 68.12
CA PRO FA 115 27.68 -57.96 66.85
C PRO FA 115 28.96 -57.16 66.89
N MET FA 116 29.19 -56.36 65.84
CA MET FA 116 30.43 -55.61 65.69
C MET FA 116 30.65 -54.55 66.77
N GLY FA 117 29.60 -54.14 67.46
CA GLY FA 117 29.74 -53.13 68.49
C GLY FA 117 30.45 -53.63 69.73
N GLY FA 118 29.96 -54.73 70.29
CA GLY FA 118 30.54 -55.28 71.50
C GLY FA 118 29.49 -55.53 72.54
N MET FA 119 28.24 -55.28 72.18
CA MET FA 119 27.13 -55.57 73.08
C MET FA 119 26.79 -57.05 73.05
N MET FA 120 26.00 -57.47 74.02
CA MET FA 120 25.65 -58.87 74.19
C MET FA 120 24.16 -58.96 74.54
N VAL FA 121 23.45 -59.90 73.92
CA VAL FA 121 22.06 -60.13 74.24
C VAL FA 121 21.75 -61.60 73.98
N ARG FA 122 20.79 -62.13 74.73
CA ARG FA 122 20.31 -63.49 74.54
C ARG FA 122 19.09 -63.46 73.63
N GLN FA 123 19.08 -64.34 72.64
CA GLN FA 123 17.97 -64.45 71.72
C GLN FA 123 17.58 -65.91 71.54
N SER FA 124 16.41 -66.10 70.95
CA SER FA 124 15.93 -67.41 70.57
C SER FA 124 16.35 -67.79 69.17
N PHE FA 125 16.77 -66.83 68.36
CA PHE FA 125 17.26 -67.08 67.02
C PHE FA 125 18.18 -65.92 66.66
N ALA FA 126 19.09 -66.17 65.73
CA ALA FA 126 20.08 -65.16 65.41
C ALA FA 126 20.46 -65.25 63.94
N ILE FA 127 20.82 -64.09 63.39
CA ILE FA 127 21.39 -63.99 62.05
C ILE FA 127 22.80 -63.47 62.20
N GLY FA 128 23.53 -63.38 61.10
CA GLY FA 128 24.82 -62.74 61.15
C GLY FA 128 25.54 -62.80 59.83
N GLY FA 129 26.32 -61.77 59.53
CA GLY FA 129 26.98 -61.68 58.25
C GLY FA 129 26.24 -60.74 57.32
N SER FA 130 26.91 -60.39 56.23
CA SER FA 130 26.34 -59.43 55.29
C SER FA 130 25.16 -60.02 54.53
N GLY FA 131 25.15 -61.32 54.30
CA GLY FA 131 24.06 -61.91 53.55
C GLY FA 131 23.00 -62.48 54.47
N SER FA 132 22.87 -61.91 55.66
CA SER FA 132 21.91 -62.43 56.62
C SER FA 132 20.60 -61.68 56.61
N SER FA 133 20.54 -60.53 55.94
CA SER FA 133 19.41 -59.61 56.07
C SER FA 133 18.14 -60.18 55.48
N TYR FA 134 18.25 -61.04 54.48
CA TYR FA 134 17.09 -61.48 53.73
C TYR FA 134 16.31 -62.53 54.53
N ILE FA 135 17.02 -63.56 54.94
CA ILE FA 135 16.42 -64.57 55.80
C ILE FA 135 16.15 -64.00 57.18
N TYR FA 136 16.80 -62.89 57.55
CA TYR FA 136 16.30 -62.12 58.67
C TYR FA 136 14.99 -61.46 58.35
N GLY FA 137 14.75 -61.16 57.07
CA GLY FA 137 13.47 -60.65 56.66
C GLY FA 137 12.33 -61.63 56.91
N TYR FA 138 12.60 -62.92 56.74
CA TYR FA 138 11.50 -63.85 56.97
C TYR FA 138 11.70 -64.84 58.12
N VAL FA 139 12.74 -64.67 58.93
CA VAL FA 139 12.87 -65.53 60.09
C VAL FA 139 11.84 -65.15 61.14
N ASP FA 140 11.35 -63.93 61.12
CA ASP FA 140 10.23 -63.53 61.95
C ASP FA 140 8.89 -63.79 61.28
N ALA FA 141 8.91 -64.41 60.11
CA ALA FA 141 7.70 -64.86 59.42
C ALA FA 141 7.48 -66.36 59.57
N THR FA 142 8.52 -67.14 59.32
CA THR FA 142 8.38 -68.59 59.22
C THR FA 142 8.49 -69.27 60.58
N TYR FA 143 9.21 -68.67 61.53
CA TYR FA 143 9.41 -69.27 62.84
C TYR FA 143 8.11 -69.36 63.62
N ARG FA 144 8.00 -70.44 64.38
CA ARG FA 144 6.93 -70.67 65.33
C ARG FA 144 7.56 -71.13 66.62
N GLU FA 145 7.03 -70.67 67.74
CA GLU FA 145 7.60 -71.04 69.03
C GLU FA 145 7.32 -72.50 69.34
N GLY FA 146 8.35 -73.19 69.83
CA GLY FA 146 8.18 -74.56 70.25
C GLY FA 146 8.36 -75.53 69.13
N MET FA 147 9.49 -75.44 68.43
CA MET FA 147 9.74 -76.37 67.35
C MET FA 147 10.35 -77.67 67.88
N THR FA 148 10.45 -78.64 66.98
CA THR FA 148 11.20 -79.86 67.26
C THR FA 148 12.58 -79.70 66.65
N LYS FA 149 13.37 -80.77 66.73
CA LYS FA 149 14.72 -80.70 66.17
C LYS FA 149 14.68 -80.68 64.66
N GLU FA 150 13.93 -81.60 64.05
CA GLU FA 150 13.89 -81.72 62.60
C GLU FA 150 13.24 -80.52 61.95
N GLU FA 151 12.28 -79.90 62.65
CA GLU FA 151 11.70 -78.65 62.18
C GLU FA 151 12.75 -77.55 62.17
N CYS FA 152 13.61 -77.51 63.19
CA CYS FA 152 14.69 -76.51 63.20
C CYS FA 152 15.70 -76.79 62.08
N LEU FA 153 15.99 -78.07 61.83
CA LEU FA 153 16.88 -78.44 60.75
C LEU FA 153 16.33 -78.01 59.40
N GLN FA 154 15.05 -78.27 59.16
CA GLN FA 154 14.42 -77.83 57.91
C GLN FA 154 14.33 -76.31 57.84
N PHE FA 155 14.11 -75.67 58.98
CA PHE FA 155 13.97 -74.22 59.07
C PHE FA 155 15.26 -73.52 58.66
N THR FA 156 16.36 -73.91 59.30
CA THR FA 156 17.67 -73.40 58.94
C THR FA 156 18.08 -73.85 57.54
N ALA FA 157 17.60 -75.00 57.09
CA ALA FA 157 17.92 -75.47 55.75
C ALA FA 157 17.32 -74.55 54.69
N ASN FA 158 16.03 -74.23 54.84
CA ASN FA 158 15.39 -73.31 53.91
C ASN FA 158 16.00 -71.92 54.00
N ALA FA 159 16.32 -71.49 55.23
CA ALA FA 159 16.92 -70.18 55.45
C ALA FA 159 18.25 -70.04 54.72
N LEU FA 160 19.20 -70.91 55.05
CA LEU FA 160 20.51 -70.85 54.42
C LEU FA 160 20.45 -71.21 52.95
N ALA FA 161 19.42 -71.97 52.53
CA ALA FA 161 19.23 -72.24 51.11
C ALA FA 161 18.93 -70.96 50.34
N LEU FA 162 17.98 -70.17 50.83
CA LEU FA 162 17.67 -68.94 50.12
C LEU FA 162 18.73 -67.88 50.29
N ALA FA 163 19.45 -67.90 51.42
CA ALA FA 163 20.55 -66.96 51.59
C ALA FA 163 21.70 -67.26 50.65
N MET FA 164 22.05 -68.55 50.51
CA MET FA 164 23.08 -68.98 49.57
C MET FA 164 22.63 -68.78 48.14
N GLU FA 165 21.34 -68.86 47.89
CA GLU FA 165 20.86 -68.67 46.53
C GLU FA 165 20.88 -67.20 46.13
N ARG FA 166 20.48 -66.32 47.05
CA ARG FA 166 20.23 -64.94 46.65
C ARG FA 166 21.48 -64.08 46.77
N ASP FA 167 22.18 -64.16 47.90
CA ASP FA 167 23.35 -63.32 48.12
C ASP FA 167 24.50 -63.74 47.22
N GLY FA 168 25.23 -62.74 46.72
CA GLY FA 168 26.34 -63.04 45.83
C GLY FA 168 27.54 -63.60 46.58
N SER FA 169 27.84 -63.06 47.76
CA SER FA 169 28.98 -63.54 48.53
C SER FA 169 28.67 -64.89 49.16
N SER FA 170 27.42 -65.08 49.59
CA SER FA 170 27.01 -66.36 50.14
C SER FA 170 26.83 -67.39 49.04
N GLY FA 171 26.82 -68.65 49.45
CA GLY FA 171 26.73 -69.76 48.53
C GLY FA 171 27.51 -70.93 49.09
N GLY FA 172 27.94 -71.79 48.20
CA GLY FA 172 28.94 -72.80 48.58
C GLY FA 172 28.28 -74.09 49.06
N VAL FA 173 28.33 -74.31 50.37
CA VAL FA 173 27.87 -75.57 50.97
C VAL FA 173 27.24 -75.24 52.32
N ILE FA 174 26.40 -76.14 52.79
CA ILE FA 174 25.64 -75.95 54.01
C ILE FA 174 26.28 -76.75 55.12
N ARG FA 175 26.59 -76.11 56.24
CA ARG FA 175 27.05 -76.81 57.42
C ARG FA 175 26.06 -76.62 58.56
N LEU FA 176 25.70 -77.72 59.21
CA LEU FA 176 24.77 -77.70 60.31
C LEU FA 176 25.40 -78.33 61.54
N ALA FA 177 24.78 -78.09 62.68
CA ALA FA 177 25.28 -78.62 63.94
C ALA FA 177 24.12 -78.82 64.89
N ALA FA 178 24.08 -79.97 65.53
CA ALA FA 178 23.05 -80.27 66.53
C ALA FA 178 23.76 -80.50 67.86
N ILE FA 179 23.48 -79.63 68.82
CA ILE FA 179 24.00 -79.74 70.17
C ILE FA 179 22.82 -79.83 71.12
N ALA FA 180 22.81 -80.86 71.97
CA ALA FA 180 21.76 -81.02 72.95
C ALA FA 180 22.38 -81.56 74.24
N GLU FA 181 21.54 -82.14 75.10
CA GLU FA 181 22.05 -82.89 76.23
C GLU FA 181 22.86 -84.09 75.78
N SER FA 182 22.43 -84.74 74.70
CA SER FA 182 23.01 -86.00 74.31
C SER FA 182 24.41 -85.82 73.73
N GLY FA 183 24.49 -85.30 72.51
CA GLY FA 183 25.77 -85.25 71.86
C GLY FA 183 25.83 -84.16 70.83
N VAL FA 184 26.99 -84.07 70.20
CA VAL FA 184 27.25 -83.11 69.14
C VAL FA 184 27.10 -83.85 67.83
N GLU FA 185 26.13 -83.43 67.03
CA GLU FA 185 25.78 -84.12 65.80
C GLU FA 185 25.90 -83.12 64.67
N ARG FA 186 27.01 -83.19 63.95
CA ARG FA 186 27.29 -82.26 62.87
C ARG FA 186 27.06 -82.96 61.54
N GLN FA 187 26.54 -82.22 60.58
CA GLN FA 187 26.28 -82.77 59.26
C GLN FA 187 26.37 -81.64 58.25
N VAL FA 188 26.57 -82.03 57.01
CA VAL FA 188 26.84 -81.09 55.92
C VAL FA 188 25.83 -81.36 54.82
N LEU FA 189 24.99 -80.37 54.54
CA LEU FA 189 24.11 -80.52 53.39
C LEU FA 189 24.76 -79.92 52.16
N LEU FA 190 24.43 -80.50 51.00
CA LEU FA 190 25.05 -80.13 49.74
C LEU FA 190 24.16 -80.60 48.61
N GLY FA 191 24.03 -79.78 47.58
CA GLY FA 191 23.21 -80.13 46.43
C GLY FA 191 21.72 -80.01 46.70
N THR GA 1 55.45 -64.85 40.11
CA THR GA 1 55.39 -65.58 41.36
C THR GA 1 54.03 -66.25 41.54
N THR GA 2 54.05 -67.57 41.55
CA THR GA 2 52.86 -68.41 41.59
C THR GA 2 53.26 -69.68 42.32
N ILE GA 3 52.89 -69.79 43.58
CA ILE GA 3 53.12 -71.02 44.32
C ILE GA 3 51.79 -71.73 44.48
N ALA GA 4 51.87 -73.07 44.54
CA ALA GA 4 50.66 -73.85 44.70
C ALA GA 4 51.00 -75.11 45.47
N GLY GA 5 49.98 -75.74 46.03
CA GLY GA 5 50.17 -76.93 46.83
C GLY GA 5 49.07 -77.92 46.54
N VAL GA 6 49.34 -79.19 46.89
CA VAL GA 6 48.37 -80.25 46.69
C VAL GA 6 48.72 -81.35 47.66
N VAL GA 7 47.75 -82.23 47.93
CA VAL GA 7 47.95 -83.41 48.76
C VAL GA 7 47.54 -84.63 47.95
N TYR GA 8 48.50 -85.51 47.68
CA TYR GA 8 48.20 -86.75 46.99
C TYR GA 8 47.90 -87.83 48.03
N LYS GA 9 47.88 -89.10 47.61
CA LYS GA 9 47.45 -90.20 48.48
C LYS GA 9 48.35 -90.41 49.69
N ASP GA 10 49.56 -89.87 49.69
CA ASP GA 10 50.44 -90.03 50.85
C ASP GA 10 50.94 -88.71 51.42
N GLY GA 11 51.31 -87.75 50.59
CA GLY GA 11 51.98 -86.54 51.05
C GLY GA 11 51.65 -85.34 50.21
N ILE GA 12 52.61 -84.44 50.07
CA ILE GA 12 52.39 -83.09 49.56
C ILE GA 12 53.39 -82.80 48.45
N VAL GA 13 52.90 -82.27 47.33
CA VAL GA 13 53.73 -81.83 46.23
C VAL GA 13 53.59 -80.32 46.09
N LEU GA 14 54.70 -79.61 46.21
CA LEU GA 14 54.72 -78.16 46.14
C LEU GA 14 55.40 -77.69 44.87
N GLY GA 15 54.99 -76.53 44.37
CA GLY GA 15 55.61 -75.95 43.18
C GLY GA 15 55.75 -74.45 43.29
N ALA GA 16 56.63 -73.90 42.46
CA ALA GA 16 56.90 -72.46 42.48
C ALA GA 16 57.56 -72.05 41.17
N ASP GA 17 57.61 -70.74 40.96
CA ASP GA 17 58.27 -70.12 39.82
C ASP GA 17 59.20 -69.03 40.32
N THR GA 18 60.42 -69.00 39.80
CA THR GA 18 61.50 -68.30 40.48
C THR GA 18 61.95 -67.05 39.72
N ARG GA 19 61.01 -66.22 39.31
CA ARG GA 19 61.33 -64.91 38.77
C ARG GA 19 61.15 -63.89 39.90
N ALA GA 20 62.25 -63.38 40.39
CA ALA GA 20 62.23 -62.35 41.43
C ALA GA 20 62.22 -61.01 40.71
N THR GA 21 61.03 -60.45 40.55
CA THR GA 21 60.90 -59.15 39.93
C THR GA 21 61.03 -58.03 40.96
N GLU GA 22 61.63 -56.94 40.53
CA GLU GA 22 61.69 -55.70 41.29
C GLU GA 22 61.04 -54.63 40.41
N GLY GA 23 59.75 -54.40 40.64
CA GLY GA 23 59.06 -53.38 39.90
C GLY GA 23 58.63 -53.88 38.54
N MET GA 24 59.30 -53.42 37.49
CA MET GA 24 58.91 -53.75 36.14
C MET GA 24 59.99 -54.54 35.41
N VAL GA 25 61.08 -54.85 36.09
CA VAL GA 25 62.25 -55.45 35.47
C VAL GA 25 62.45 -56.84 36.06
N VAL GA 26 62.74 -57.82 35.21
CA VAL GA 26 63.14 -59.14 35.69
C VAL GA 26 64.50 -59.01 36.34
N ALA GA 27 64.55 -59.13 37.67
CA ALA GA 27 65.81 -58.96 38.38
C ALA GA 27 66.55 -60.27 38.62
N ASP GA 28 65.84 -61.40 38.64
CA ASP GA 28 66.47 -62.69 38.86
C ASP GA 28 65.79 -63.72 37.99
N LYS GA 29 66.53 -64.77 37.65
CA LYS GA 29 65.99 -65.89 36.93
C LYS GA 29 66.03 -67.18 37.75
N ASN GA 30 66.56 -67.13 38.97
CA ASN GA 30 66.57 -68.31 39.83
C ASN GA 30 66.64 -67.85 41.28
N CYS GA 31 65.48 -67.86 41.95
CA CYS GA 31 65.36 -67.49 43.35
C CYS GA 31 64.55 -68.55 44.07
N SER GA 32 65.18 -69.26 45.00
CA SER GA 32 64.53 -70.36 45.71
C SER GA 32 63.50 -69.80 46.68
N LYS GA 33 62.23 -69.88 46.29
CA LYS GA 33 61.17 -69.54 47.23
C LYS GA 33 60.66 -70.76 47.99
N ILE GA 34 61.17 -71.94 47.70
CA ILE GA 34 60.87 -73.12 48.49
C ILE GA 34 61.86 -73.13 49.65
N HIS GA 35 61.36 -72.95 50.85
CA HIS GA 35 62.21 -72.72 52.01
C HIS GA 35 62.22 -73.92 52.95
N PHE GA 36 63.33 -74.05 53.67
CA PHE GA 36 63.47 -75.08 54.68
C PHE GA 36 62.74 -74.66 55.95
N ILE GA 37 62.14 -75.64 56.61
CA ILE GA 37 61.63 -75.47 57.97
C ILE GA 37 62.19 -76.59 58.82
N SER GA 38 61.97 -77.81 58.39
CA SER GA 38 62.26 -78.98 59.21
C SER GA 38 62.57 -80.12 58.26
N PRO GA 39 63.03 -81.26 58.77
CA PRO GA 39 63.09 -82.46 57.92
C PRO GA 39 61.76 -82.91 57.33
N ASN GA 40 60.62 -82.59 57.94
CA ASN GA 40 59.34 -82.96 57.35
C ASN GA 40 58.56 -81.79 56.79
N ILE GA 41 58.76 -80.58 57.29
CA ILE GA 41 57.95 -79.43 56.92
C ILE GA 41 58.83 -78.51 56.10
N TYR GA 42 58.28 -78.00 55.02
CA TYR GA 42 58.81 -76.86 54.29
C TYR GA 42 57.79 -75.73 54.31
N CYS GA 43 58.12 -74.64 53.63
CA CYS GA 43 57.17 -73.57 53.44
C CYS GA 43 57.52 -72.85 52.14
N CYS GA 44 56.49 -72.31 51.50
CA CYS GA 44 56.66 -71.50 50.31
C CYS GA 44 56.04 -70.13 50.55
N GLY GA 45 56.61 -69.12 49.89
CA GLY GA 45 56.26 -67.74 50.16
C GLY GA 45 55.88 -67.00 48.90
N ALA GA 46 55.28 -65.83 49.11
CA ALA GA 46 54.96 -64.92 48.02
C ALA GA 46 54.85 -63.51 48.59
N GLY GA 47 54.75 -62.53 47.71
CA GLY GA 47 54.63 -61.15 48.14
C GLY GA 47 56.00 -60.56 48.41
N THR GA 48 56.15 -59.92 49.57
CA THR GA 48 57.42 -59.34 49.96
C THR GA 48 58.41 -60.45 50.30
N ALA GA 49 59.51 -60.50 49.54
CA ALA GA 49 60.42 -61.64 49.61
C ALA GA 49 61.22 -61.64 50.90
N ALA GA 50 61.77 -60.48 51.28
CA ALA GA 50 62.64 -60.40 52.46
C ALA GA 50 61.87 -60.67 53.74
N ASP GA 51 60.62 -60.22 53.80
CA ASP GA 51 59.80 -60.47 54.98
C ASP GA 51 59.49 -61.94 55.14
N THR GA 52 59.14 -62.60 54.02
CA THR GA 52 58.92 -64.05 54.04
C THR GA 52 60.18 -64.79 54.44
N ASP GA 53 61.34 -64.35 53.95
CA ASP GA 53 62.58 -65.05 54.27
C ASP GA 53 62.94 -64.91 55.74
N MET GA 54 62.85 -63.69 56.28
CA MET GA 54 63.17 -63.49 57.70
C MET GA 54 62.18 -64.21 58.59
N THR GA 55 60.90 -64.21 58.20
CA THR GA 55 59.88 -64.90 58.98
C THR GA 55 60.09 -66.41 58.96
N THR GA 56 60.39 -66.97 57.79
CA THR GA 56 60.52 -68.42 57.70
C THR GA 56 61.81 -68.87 58.36
N GLN GA 57 62.85 -68.04 58.38
CA GLN GA 57 64.06 -68.41 59.09
C GLN GA 57 63.87 -68.32 60.59
N LEU GA 58 63.11 -67.32 61.05
CA LEU GA 58 62.80 -67.22 62.47
C LEU GA 58 61.98 -68.42 62.94
N ILE GA 59 60.96 -68.78 62.18
CA ILE GA 59 60.12 -69.91 62.58
C ILE GA 59 60.88 -71.23 62.46
N SER GA 60 61.79 -71.35 61.49
CA SER GA 60 62.60 -72.55 61.39
C SER GA 60 63.54 -72.69 62.58
N SER GA 61 64.11 -71.58 63.04
CA SER GA 61 64.94 -71.60 64.24
C SER GA 61 64.12 -71.98 65.46
N ASN GA 62 62.91 -71.42 65.56
CA ASN GA 62 62.05 -71.72 66.71
C ASN GA 62 61.62 -73.17 66.72
N LEU GA 63 61.36 -73.75 65.56
CA LEU GA 63 60.91 -75.13 65.51
C LEU GA 63 62.06 -76.10 65.69
N GLU GA 64 63.26 -75.73 65.23
CA GLU GA 64 64.45 -76.50 65.56
C GLU GA 64 64.67 -76.51 67.06
N LEU GA 65 64.50 -75.35 67.69
CA LEU GA 65 64.60 -75.23 69.14
C LEU GA 65 63.57 -76.11 69.84
N HIS GA 66 62.32 -76.01 69.42
CA HIS GA 66 61.26 -76.74 70.11
C HIS GA 66 61.37 -78.24 69.88
N SER GA 67 61.79 -78.65 68.69
CA SER GA 67 61.93 -80.07 68.40
C SER GA 67 63.11 -80.66 69.16
N LEU GA 68 64.22 -79.93 69.23
CA LEU GA 68 65.37 -80.45 69.93
C LEU GA 68 65.15 -80.40 71.43
N SER GA 69 64.29 -79.49 71.89
CA SER GA 69 63.81 -79.55 73.26
C SER GA 69 62.91 -80.75 73.48
N THR GA 70 62.13 -81.10 72.46
CA THR GA 70 61.21 -82.22 72.58
C THR GA 70 61.95 -83.54 72.39
N GLY GA 71 62.65 -83.68 71.28
CA GLY GA 71 63.33 -84.91 70.97
C GLY GA 71 62.58 -85.82 70.02
N ARG GA 72 61.65 -85.29 69.23
CA ARG GA 72 60.92 -86.09 68.28
C ARG GA 72 60.51 -85.20 67.10
N LEU GA 73 59.72 -85.75 66.21
CA LEU GA 73 59.34 -85.08 64.98
C LEU GA 73 58.34 -83.97 65.28
N PRO GA 74 58.49 -82.80 64.66
CA PRO GA 74 57.54 -81.71 64.89
C PRO GA 74 56.19 -81.98 64.26
N ARG GA 75 55.22 -81.15 64.63
CA ARG GA 75 53.89 -81.19 64.08
C ARG GA 75 53.66 -79.96 63.20
N VAL GA 76 52.80 -80.12 62.20
CA VAL GA 76 52.54 -79.02 61.27
C VAL GA 76 51.74 -77.92 61.95
N VAL GA 77 50.79 -78.32 62.81
CA VAL GA 77 49.89 -77.37 63.44
C VAL GA 77 50.62 -76.45 64.40
N THR GA 78 51.77 -76.88 64.92
CA THR GA 78 52.58 -76.00 65.75
C THR GA 78 53.17 -74.88 64.91
N ALA GA 79 53.66 -75.20 63.71
CA ALA GA 79 54.13 -74.19 62.79
C ALA GA 79 53.00 -73.27 62.35
N ASN GA 80 51.81 -73.85 62.16
CA ASN GA 80 50.64 -73.06 61.79
C ASN GA 80 50.31 -72.05 62.88
N ARG GA 81 50.33 -72.50 64.14
CA ARG GA 81 49.99 -71.64 65.26
C ARG GA 81 51.03 -70.54 65.44
N MET GA 82 52.31 -70.90 65.29
CA MET GA 82 53.38 -69.89 65.41
C MET GA 82 53.28 -68.84 64.33
N LEU GA 83 53.06 -69.26 63.08
CA LEU GA 83 52.97 -68.30 61.99
C LEU GA 83 51.76 -67.40 62.12
N LYS GA 84 50.59 -67.97 62.47
CA LYS GA 84 49.40 -67.13 62.56
C LYS GA 84 49.49 -66.18 63.74
N GLN GA 85 50.14 -66.60 64.84
CA GLN GA 85 50.23 -65.73 66.00
C GLN GA 85 51.21 -64.60 65.75
N MET GA 86 52.32 -64.89 65.07
CA MET GA 86 53.27 -63.84 64.72
C MET GA 86 52.68 -62.85 63.73
N LEU GA 87 52.06 -63.34 62.66
CA LEU GA 87 51.54 -62.44 61.65
C LEU GA 87 50.32 -61.68 62.14
N PHE GA 88 49.60 -62.21 63.12
CA PHE GA 88 48.57 -61.37 63.70
C PHE GA 88 49.14 -60.37 64.69
N ARG GA 89 50.27 -60.70 65.32
CA ARG GA 89 50.94 -59.75 66.19
C ARG GA 89 51.41 -58.53 65.40
N TYR GA 90 51.89 -58.73 64.18
CA TYR GA 90 52.33 -57.58 63.40
C TYR GA 90 51.20 -56.83 62.72
N GLN GA 91 49.94 -57.22 62.97
CA GLN GA 91 48.75 -56.43 62.65
C GLN GA 91 48.63 -56.19 61.13
N GLY GA 92 49.05 -57.18 60.34
CA GLY GA 92 48.92 -57.08 58.91
C GLY GA 92 49.89 -56.15 58.23
N TYR GA 93 50.89 -55.63 58.96
CA TYR GA 93 51.88 -54.78 58.32
C TYR GA 93 52.78 -55.59 57.41
N ILE GA 94 53.33 -56.68 57.93
CA ILE GA 94 54.30 -57.49 57.19
C ILE GA 94 53.55 -58.33 56.16
N GLY GA 95 53.91 -58.17 54.90
CA GLY GA 95 53.28 -58.92 53.84
C GLY GA 95 53.92 -60.27 53.65
N ALA GA 96 53.22 -61.33 54.05
CA ALA GA 96 53.73 -62.70 53.97
C ALA GA 96 52.59 -63.60 53.49
N ALA GA 97 52.63 -63.96 52.21
CA ALA GA 97 51.70 -64.93 51.64
C ALA GA 97 52.37 -66.29 51.66
N LEU GA 98 51.96 -67.14 52.60
CA LEU GA 98 52.69 -68.37 52.88
C LEU GA 98 51.85 -69.61 52.64
N VAL GA 99 52.49 -70.64 52.11
CA VAL GA 99 51.92 -71.96 51.95
C VAL GA 99 52.76 -72.92 52.76
N LEU GA 100 52.12 -73.63 53.69
CA LEU GA 100 52.81 -74.47 54.65
C LEU GA 100 52.47 -75.93 54.39
N GLY GA 101 53.50 -76.77 54.35
CA GLY GA 101 53.28 -78.18 54.10
C GLY GA 101 54.24 -79.11 54.79
N GLY GA 102 53.71 -80.21 55.31
CA GLY GA 102 54.53 -81.25 55.93
C GLY GA 102 53.70 -82.48 56.19
N VAL GA 103 54.38 -83.57 56.52
CA VAL GA 103 53.74 -84.82 56.87
C VAL GA 103 54.11 -85.15 58.30
N ASP GA 104 53.11 -85.24 59.16
CA ASP GA 104 53.30 -85.52 60.57
C ASP GA 104 53.11 -87.00 60.84
N VAL GA 105 53.02 -87.32 62.13
CA VAL GA 105 52.52 -88.61 62.57
C VAL GA 105 51.10 -88.82 62.07
N THR GA 106 50.30 -87.76 62.06
CA THR GA 106 48.93 -87.85 61.56
C THR GA 106 48.88 -87.96 60.04
N GLY GA 107 49.92 -87.50 59.34
CA GLY GA 107 49.94 -87.62 57.90
C GLY GA 107 50.15 -86.27 57.23
N PRO GA 108 49.74 -86.17 55.96
CA PRO GA 108 49.95 -84.92 55.23
C PRO GA 108 48.94 -83.85 55.64
N HIS GA 109 49.42 -82.62 55.76
CA HIS GA 109 48.55 -81.51 56.13
C HIS GA 109 49.01 -80.26 55.39
N LEU GA 110 48.10 -79.63 54.67
CA LEU GA 110 48.41 -78.49 53.85
C LEU GA 110 47.68 -77.26 54.35
N TYR GA 111 48.38 -76.13 54.45
CA TYR GA 111 47.78 -74.90 54.91
C TYR GA 111 48.08 -73.73 53.98
N SER GA 112 47.16 -72.79 53.93
CA SER GA 112 47.36 -71.49 53.29
C SER GA 112 47.37 -70.41 54.35
N ILE GA 113 48.30 -69.47 54.23
CA ILE GA 113 48.40 -68.36 55.16
C ILE GA 113 48.39 -67.07 54.36
N TYR GA 114 47.43 -66.22 54.64
CA TYR GA 114 47.21 -64.86 54.20
C TYR GA 114 47.84 -63.91 55.21
N PRO GA 115 48.45 -62.81 54.75
CA PRO GA 115 49.35 -62.02 55.61
C PRO GA 115 48.69 -61.31 56.79
N HIS GA 116 47.35 -61.29 56.88
CA HIS GA 116 46.75 -60.84 58.12
C HIS GA 116 46.79 -61.92 59.17
N GLY GA 117 46.79 -63.18 58.75
CA GLY GA 117 46.94 -64.28 59.68
C GLY GA 117 45.85 -65.34 59.55
N SER GA 118 45.02 -65.21 58.53
CA SER GA 118 43.88 -66.10 58.35
C SER GA 118 44.37 -67.38 57.70
N THR GA 119 44.14 -68.50 58.36
CA THR GA 119 44.70 -69.78 57.97
C THR GA 119 43.60 -70.77 57.60
N ASP GA 120 43.89 -71.62 56.63
CA ASP GA 120 42.93 -72.55 56.07
C ASP GA 120 43.58 -73.90 55.83
N LYS GA 121 42.90 -74.97 56.21
CA LYS GA 121 43.32 -76.33 55.90
C LYS GA 121 42.62 -76.78 54.63
N LEU GA 122 43.38 -76.98 53.57
CA LEU GA 122 42.80 -77.24 52.25
C LEU GA 122 43.62 -78.30 51.54
N PRO GA 123 42.99 -79.10 50.67
CA PRO GA 123 43.75 -80.09 49.91
C PRO GA 123 44.58 -79.48 48.81
N TYR GA 124 44.22 -78.30 48.32
CA TYR GA 124 45.01 -77.64 47.29
C TYR GA 124 44.76 -76.15 47.38
N VAL GA 125 45.85 -75.37 47.32
CA VAL GA 125 45.78 -73.92 47.36
C VAL GA 125 46.69 -73.38 46.27
N THR GA 126 46.44 -72.12 45.89
CA THR GA 126 47.38 -71.35 45.08
C THR GA 126 47.55 -69.98 45.70
N MET GA 127 48.79 -69.50 45.72
CA MET GA 127 49.09 -68.16 46.19
C MET GA 127 50.06 -67.51 45.21
N GLY GA 128 50.05 -66.19 45.20
CA GLY GA 128 50.94 -65.45 44.35
C GLY GA 128 50.19 -64.60 43.34
N SER GA 129 50.93 -63.98 42.43
CA SER GA 129 50.33 -63.03 41.51
C SER GA 129 49.58 -63.71 40.38
N GLY GA 130 50.19 -64.74 39.78
CA GLY GA 130 49.50 -65.46 38.74
C GLY GA 130 48.92 -66.76 39.27
N SER GA 131 48.47 -66.74 40.52
CA SER GA 131 47.96 -67.95 41.16
C SER GA 131 46.65 -68.44 40.54
N LEU GA 132 45.96 -67.57 39.81
CA LEU GA 132 44.67 -67.91 39.26
C LEU GA 132 44.78 -68.96 38.15
N ALA GA 133 45.89 -68.96 37.41
CA ALA GA 133 46.09 -69.97 36.38
C ALA GA 133 46.27 -71.35 36.98
N ALA GA 134 47.04 -71.44 38.06
CA ALA GA 134 47.24 -72.72 38.71
C ALA GA 134 45.96 -73.17 39.43
N MET GA 135 45.16 -72.22 39.93
CA MET GA 135 43.89 -72.61 40.52
C MET GA 135 42.91 -73.07 39.44
N ALA GA 136 43.04 -72.52 38.22
CA ALA GA 136 42.27 -73.02 37.09
C ALA GA 136 42.64 -74.45 36.75
N VAL GA 137 43.93 -74.73 36.68
CA VAL GA 137 44.39 -76.08 36.34
C VAL GA 137 43.98 -77.08 37.41
N PHE GA 138 44.07 -76.68 38.68
CA PHE GA 138 43.62 -77.57 39.76
C PHE GA 138 42.14 -77.84 39.68
N GLU GA 139 41.32 -76.78 39.68
CA GLU GA 139 39.87 -76.94 39.71
C GLU GA 139 39.34 -77.59 38.45
N ASP GA 140 40.09 -77.50 37.35
CA ASP GA 140 39.82 -78.36 36.21
C ASP GA 140 40.10 -79.81 36.54
N LYS GA 141 41.32 -80.11 36.94
CA LYS GA 141 41.83 -81.47 36.87
C LYS GA 141 42.27 -82.01 38.21
N PHE GA 142 41.48 -81.79 39.26
CA PHE GA 142 41.75 -82.41 40.54
C PHE GA 142 40.74 -83.51 40.80
N ARG GA 143 41.22 -84.57 41.45
CA ARG GA 143 40.46 -85.67 41.98
C ARG GA 143 41.14 -86.09 43.27
N PRO GA 144 40.41 -86.61 44.24
CA PRO GA 144 41.04 -86.93 45.53
C PRO GA 144 41.88 -88.19 45.47
N ASP GA 145 42.98 -88.16 46.24
CA ASP GA 145 43.92 -89.27 46.42
C ASP GA 145 44.50 -89.74 45.07
N MET GA 146 45.26 -88.84 44.47
CA MET GA 146 45.95 -89.14 43.24
C MET GA 146 47.23 -89.91 43.51
N GLU GA 147 47.90 -90.30 42.43
CA GLU GA 147 49.18 -90.97 42.57
C GLU GA 147 50.30 -89.95 42.48
N GLU GA 148 51.54 -90.43 42.46
CA GLU GA 148 52.71 -89.56 42.56
C GLU GA 148 52.93 -88.76 41.29
N GLU GA 149 53.10 -89.46 40.17
CA GLU GA 149 53.40 -88.79 38.92
C GLU GA 149 52.21 -88.01 38.39
N GLU GA 150 50.99 -88.45 38.72
CA GLU GA 150 49.80 -87.69 38.41
C GLU GA 150 49.82 -86.32 39.09
N ALA GA 151 50.12 -86.31 40.39
CA ALA GA 151 50.16 -85.06 41.15
C ALA GA 151 51.32 -84.18 40.70
N LYS GA 152 52.47 -84.79 40.42
CA LYS GA 152 53.62 -84.02 39.97
C LYS GA 152 53.37 -83.39 38.60
N ASN GA 153 52.78 -84.17 37.69
CA ASN GA 153 52.43 -83.64 36.38
C ASN GA 153 51.39 -82.53 36.49
N LEU GA 154 50.44 -82.70 37.41
CA LEU GA 154 49.39 -81.70 37.57
C LEU GA 154 49.93 -80.39 38.09
N VAL GA 155 50.78 -80.44 39.12
CA VAL GA 155 51.34 -79.22 39.69
C VAL GA 155 52.27 -78.55 38.70
N SER GA 156 53.07 -79.34 37.98
CA SER GA 156 53.97 -78.79 36.97
C SER GA 156 53.20 -78.12 35.85
N GLU GA 157 52.11 -78.76 35.41
CA GLU GA 157 51.26 -78.19 34.36
C GLU GA 157 50.56 -76.94 34.86
N ALA GA 158 50.24 -76.88 36.15
CA ALA GA 158 49.62 -75.70 36.74
C ALA GA 158 50.57 -74.51 36.71
N ILE GA 159 51.80 -74.71 37.19
CA ILE GA 159 52.76 -73.61 37.18
C ILE GA 159 53.18 -73.28 35.75
N ALA GA 160 53.09 -74.26 34.84
CA ALA GA 160 53.36 -74.01 33.43
C ALA GA 160 52.29 -73.11 32.82
N ALA GA 161 51.03 -73.34 33.19
CA ALA GA 161 49.99 -72.43 32.75
C ALA GA 161 50.16 -71.04 33.36
N GLY GA 162 50.66 -70.99 34.60
CA GLY GA 162 50.97 -69.70 35.19
C GLY GA 162 52.09 -68.97 34.48
N ILE GA 163 53.08 -69.70 33.99
CA ILE GA 163 54.20 -69.06 33.30
C ILE GA 163 53.80 -68.67 31.88
N PHE GA 164 52.91 -69.44 31.25
CA PHE GA 164 52.31 -68.92 30.02
C PHE GA 164 51.29 -67.82 30.29
N ASN GA 165 50.91 -67.58 31.53
CA ASN GA 165 50.22 -66.38 31.92
C ASN GA 165 51.28 -65.34 32.33
N ASP GA 166 50.86 -64.15 32.74
CA ASP GA 166 51.82 -63.10 33.01
C ASP GA 166 52.50 -63.32 34.37
N LEU GA 167 53.72 -62.80 34.48
CA LEU GA 167 54.54 -62.83 35.70
C LEU GA 167 54.82 -64.26 36.16
N GLY GA 168 55.24 -65.09 35.22
CA GLY GA 168 55.68 -66.43 35.55
C GLY GA 168 57.15 -66.43 35.91
N SER GA 169 57.94 -67.28 35.26
CA SER GA 169 59.38 -67.27 35.45
C SER GA 169 60.05 -67.85 34.22
N GLY GA 170 61.29 -67.45 33.97
CA GLY GA 170 62.09 -68.11 32.96
C GLY GA 170 62.52 -69.50 33.36
N SER GA 171 62.46 -69.80 34.66
CA SER GA 171 63.14 -70.96 35.21
C SER GA 171 62.49 -72.28 34.84
N ASN GA 172 63.26 -73.32 35.09
CA ASN GA 172 62.86 -74.72 35.15
C ASN GA 172 62.11 -75.06 36.42
N ILE GA 173 60.77 -75.01 36.37
CA ILE GA 173 59.81 -74.93 37.47
C ILE GA 173 60.14 -75.81 38.66
N ASP GA 174 60.27 -75.21 39.83
CA ASP GA 174 60.74 -75.94 40.99
C ASP GA 174 59.62 -76.77 41.58
N LEU GA 175 59.94 -77.99 41.98
CA LEU GA 175 58.99 -78.85 42.63
C LEU GA 175 59.60 -79.36 43.93
N CYS GA 176 58.76 -80.00 44.72
CA CYS GA 176 59.21 -80.59 45.96
C CYS GA 176 58.22 -81.68 46.36
N VAL GA 177 58.76 -82.81 46.80
CA VAL GA 177 57.94 -83.95 47.19
C VAL GA 177 58.22 -84.25 48.66
N ILE GA 178 57.16 -84.28 49.45
CA ILE GA 178 57.24 -84.71 50.84
C ILE GA 178 56.40 -85.96 51.00
N SER GA 179 57.04 -87.03 51.42
CA SER GA 179 56.32 -88.24 51.82
C SER GA 179 56.67 -88.54 53.27
N LYS GA 180 56.15 -89.67 53.76
CA LYS GA 180 56.30 -89.99 55.18
C LYS GA 180 57.71 -90.42 55.53
N ASN GA 181 58.47 -90.89 54.55
CA ASN GA 181 59.83 -91.34 54.80
C ASN GA 181 60.83 -90.66 53.88
N LYS GA 182 60.39 -90.37 52.66
CA LYS GA 182 61.27 -89.88 51.60
C LYS GA 182 61.00 -88.41 51.32
N LEU GA 183 61.99 -87.58 51.57
CA LEU GA 183 61.93 -86.15 51.24
C LEU GA 183 62.75 -85.89 49.99
N ASP GA 184 62.14 -85.20 49.03
CA ASP GA 184 62.78 -84.92 47.76
C ASP GA 184 62.73 -83.43 47.48
N PHE GA 185 63.59 -82.99 46.57
CA PHE GA 185 63.78 -81.55 46.31
C PHE GA 185 64.44 -81.41 44.95
N LEU GA 186 63.75 -80.76 44.01
CA LEU GA 186 64.15 -80.78 42.59
C LEU GA 186 64.24 -79.37 42.05
N ARG GA 187 65.45 -78.84 41.86
CA ARG GA 187 65.50 -77.54 41.21
C ARG GA 187 65.30 -77.66 39.70
N PRO GA 188 66.18 -78.34 38.89
CA PRO GA 188 65.98 -78.16 37.44
C PRO GA 188 65.00 -79.17 36.82
N TYR GA 189 63.72 -79.01 37.12
CA TYR GA 189 62.75 -80.05 36.79
C TYR GA 189 62.48 -80.13 35.29
N THR GA 190 62.01 -79.03 34.70
CA THR GA 190 61.69 -79.04 33.27
C THR GA 190 61.92 -77.66 32.71
N VAL GA 191 62.75 -77.58 31.66
CA VAL GA 191 63.06 -76.32 30.99
C VAL GA 191 62.25 -76.24 29.71
N PRO GA 192 61.16 -75.47 29.66
CA PRO GA 192 60.46 -75.31 28.38
C PRO GA 192 61.07 -74.23 27.53
N ASN GA 193 61.79 -73.31 28.17
CA ASN GA 193 62.24 -72.06 27.56
C ASN GA 193 63.76 -72.11 27.45
N LYS GA 194 64.24 -72.65 26.34
CA LYS GA 194 65.67 -72.65 26.08
C LYS GA 194 66.12 -71.27 25.59
N LYS GA 195 67.30 -70.86 26.05
CA LYS GA 195 67.83 -69.57 25.64
C LYS GA 195 68.27 -69.62 24.18
N GLY GA 196 67.70 -68.72 23.38
CA GLY GA 196 68.13 -68.61 21.99
C GLY GA 196 69.52 -68.01 21.89
N THR GA 197 70.39 -68.73 21.18
CA THR GA 197 71.79 -68.33 21.09
C THR GA 197 71.95 -67.10 20.22
N ARG GA 198 72.84 -66.21 20.64
CA ARG GA 198 73.16 -65.03 19.87
C ARG GA 198 73.89 -65.46 18.60
N LEU GA 199 73.48 -64.90 17.46
CA LEU GA 199 74.18 -65.07 16.20
C LEU GA 199 75.09 -63.86 15.94
N GLY GA 200 75.63 -63.32 17.02
CA GLY GA 200 76.37 -62.07 16.96
C GLY GA 200 77.84 -62.20 16.63
N ARG GA 201 78.71 -61.64 17.48
CA ARG GA 201 78.31 -61.26 18.84
C ARG GA 201 78.82 -59.84 19.06
N TYR GA 202 78.60 -59.29 20.25
CA TYR GA 202 78.85 -57.89 20.54
C TYR GA 202 80.26 -57.80 21.11
N ARG GA 203 81.21 -57.69 20.20
CA ARG GA 203 82.59 -57.92 20.57
C ARG GA 203 83.29 -56.61 20.92
N CYS GA 204 84.51 -56.78 21.43
CA CYS GA 204 85.34 -55.72 21.96
C CYS GA 204 86.79 -56.15 21.77
N GLU GA 205 87.71 -55.55 22.52
CA GLU GA 205 89.12 -55.78 22.29
C GLU GA 205 89.90 -55.28 23.50
N LYS GA 206 91.10 -55.80 23.71
CA LYS GA 206 91.86 -55.53 24.93
C LYS GA 206 92.66 -54.24 24.72
N GLY GA 207 91.98 -53.11 24.86
CA GLY GA 207 92.62 -51.83 24.67
C GLY GA 207 91.76 -50.84 23.90
N THR GA 208 90.48 -51.16 23.75
CA THR GA 208 89.54 -50.23 23.12
C THR GA 208 88.95 -49.23 24.11
N THR GA 209 89.52 -49.09 25.29
CA THR GA 209 88.99 -48.18 26.31
C THR GA 209 90.15 -47.39 26.91
N ALA GA 210 89.97 -46.09 27.04
CA ALA GA 210 91.01 -45.25 27.63
C ALA GA 210 91.10 -45.47 29.14
N VAL GA 211 92.32 -45.59 29.64
CA VAL GA 211 92.60 -45.85 31.05
C VAL GA 211 93.35 -44.64 31.60
N LEU GA 212 92.93 -44.14 32.77
CA LEU GA 212 93.57 -42.97 33.35
C LEU GA 212 94.56 -43.29 34.46
N THR GA 213 94.23 -44.20 35.38
CA THR GA 213 95.12 -44.47 36.51
C THR GA 213 95.01 -45.93 36.91
N GLU GA 214 96.05 -46.71 36.62
CA GLU GA 214 96.09 -48.11 37.01
C GLU GA 214 96.95 -48.29 38.25
N LYS GA 215 96.66 -49.36 38.99
CA LYS GA 215 97.34 -49.63 40.26
C LYS GA 215 97.50 -51.12 40.43
N ILE GA 216 98.59 -51.52 41.07
CA ILE GA 216 98.91 -52.92 41.30
C ILE GA 216 99.09 -53.11 42.79
N THR GA 217 98.48 -54.15 43.35
CA THR GA 217 98.68 -54.50 44.75
C THR GA 217 98.79 -56.01 44.88
N PRO GA 218 99.96 -56.55 45.21
CA PRO GA 218 100.10 -58.00 45.35
C PRO GA 218 99.39 -58.52 46.59
N LEU GA 219 99.23 -59.84 46.62
CA LEU GA 219 98.58 -60.52 47.74
C LEU GA 219 99.38 -61.78 48.07
N GLU GA 220 98.82 -62.60 48.96
CA GLU GA 220 99.44 -63.85 49.36
C GLU GA 220 98.74 -65.05 48.73
N SER HA 1 63.20 -39.81 42.11
CA SER HA 1 62.76 -40.42 43.37
C SER HA 1 63.72 -40.13 44.50
N ILE HA 2 63.49 -40.82 45.62
CA ILE HA 2 64.39 -40.72 46.75
C ILE HA 2 65.70 -41.42 46.43
N MET HA 3 65.66 -42.53 45.68
CA MET HA 3 66.89 -43.12 45.18
C MET HA 3 67.55 -42.21 44.15
N SER HA 4 66.77 -41.44 43.42
CA SER HA 4 67.30 -40.48 42.45
C SER HA 4 67.46 -39.09 43.04
N TYR HA 5 67.81 -39.01 44.32
CA TYR HA 5 68.07 -37.72 44.93
C TYR HA 5 69.51 -37.27 44.69
N ASN HA 6 70.46 -38.20 44.75
CA ASN HA 6 71.87 -37.88 44.48
C ASN HA 6 72.45 -38.71 43.35
N GLY HA 7 71.63 -39.41 42.59
CA GLY HA 7 72.21 -40.26 41.57
C GLY HA 7 72.80 -41.52 42.19
N GLY HA 8 73.66 -42.17 41.40
CA GLY HA 8 74.35 -43.35 41.88
C GLY HA 8 74.13 -44.58 41.03
N ALA HA 9 75.19 -45.35 40.79
CA ALA HA 9 75.11 -46.60 40.04
C ALA HA 9 76.30 -47.46 40.39
N VAL HA 10 76.05 -48.73 40.68
CA VAL HA 10 77.10 -49.69 41.00
C VAL HA 10 76.90 -50.93 40.13
N MET HA 11 77.94 -51.32 39.41
CA MET HA 11 77.92 -52.53 38.61
C MET HA 11 78.94 -53.52 39.16
N ALA HA 12 78.55 -54.79 39.23
CA ALA HA 12 79.46 -55.88 39.53
C ALA HA 12 79.27 -56.95 38.47
N MET HA 13 80.37 -57.62 38.12
CA MET HA 13 80.34 -58.62 37.05
C MET HA 13 81.24 -59.78 37.43
N LYS HA 14 80.72 -60.99 37.32
CA LYS HA 14 81.48 -62.19 37.64
C LYS HA 14 82.21 -62.69 36.41
N GLY HA 15 83.50 -62.92 36.55
CA GLY HA 15 84.32 -63.46 35.49
C GLY HA 15 84.52 -64.95 35.62
N LYS HA 16 85.67 -65.43 35.13
CA LYS HA 16 85.97 -66.84 35.22
C LYS HA 16 86.38 -67.24 36.63
N ASN HA 17 87.53 -66.73 37.08
CA ASN HA 17 88.06 -67.04 38.39
C ASN HA 17 88.28 -65.78 39.19
N CYS HA 18 87.71 -64.68 38.71
CA CYS HA 18 87.96 -63.34 39.22
C CYS HA 18 86.64 -62.58 39.15
N VAL HA 19 86.63 -61.41 39.77
CA VAL HA 19 85.40 -60.63 39.89
C VAL HA 19 85.74 -59.16 39.73
N ALA HA 20 84.86 -58.42 39.06
CA ALA HA 20 85.06 -57.02 38.74
C ALA HA 20 83.87 -56.21 39.23
N ILE HA 21 84.15 -55.10 39.89
CA ILE HA 21 83.12 -54.19 40.40
C ILE HA 21 83.49 -52.77 40.00
N ALA HA 22 82.48 -51.96 39.68
CA ALA HA 22 82.72 -50.59 39.27
C ALA HA 22 81.56 -49.72 39.72
N ALA HA 23 81.85 -48.44 39.86
CA ALA HA 23 80.83 -47.46 40.22
C ALA HA 23 81.20 -46.10 39.66
N ASP HA 24 80.29 -45.16 39.83
CA ASP HA 24 80.43 -43.81 39.31
C ASP HA 24 81.17 -42.91 40.29
N ARG HA 25 81.44 -41.68 39.85
CA ARG HA 25 82.18 -40.72 40.64
C ARG HA 25 81.42 -39.45 40.95
N ARG HA 26 80.26 -39.24 40.33
CA ARG HA 26 79.51 -38.00 40.52
C ARG HA 26 78.84 -37.99 41.88
N PHE HA 27 78.90 -36.84 42.55
CA PHE HA 27 78.11 -36.58 43.74
C PHE HA 27 77.50 -35.19 43.67
N GLY HA 28 76.25 -35.07 44.07
CA GLY HA 28 75.63 -33.77 44.18
C GLY HA 28 74.16 -33.88 44.53
N ILE HA 29 73.56 -32.70 44.73
CA ILE HA 29 72.13 -32.59 45.00
C ILE HA 29 71.45 -32.67 43.64
N GLN HA 30 70.11 -32.81 43.65
CA GLN HA 30 69.21 -33.19 42.57
C GLN HA 30 69.55 -32.69 41.16
N ALA HA 31 69.91 -31.43 41.03
CA ALA HA 31 70.35 -30.92 39.75
C ALA HA 31 71.76 -30.35 39.78
N GLN HA 32 72.34 -30.18 40.96
CA GLN HA 32 73.63 -29.52 41.10
C GLN HA 32 74.64 -30.51 41.64
N MET HA 33 75.62 -30.85 40.81
CA MET HA 33 76.68 -31.72 41.32
C MET HA 33 77.61 -30.92 42.21
N VAL HA 34 78.41 -31.63 43.00
CA VAL HA 34 79.29 -31.00 43.95
C VAL HA 34 80.73 -31.37 43.64
N THR HA 35 81.01 -32.66 43.59
CA THR HA 35 82.39 -33.12 43.44
C THR HA 35 82.42 -34.39 42.61
N THR HA 36 83.65 -34.78 42.24
CA THR HA 36 83.89 -35.91 41.36
C THR HA 36 84.66 -37.03 42.06
N ASP HA 37 84.77 -36.99 43.38
CA ASP HA 37 85.66 -37.89 44.09
C ASP HA 37 84.97 -38.51 45.30
N PHE HA 38 83.69 -38.81 45.17
CA PHE HA 38 82.95 -39.42 46.27
C PHE HA 38 83.14 -40.93 46.25
N GLN HA 39 83.43 -41.51 47.41
CA GLN HA 39 83.66 -42.93 47.50
C GLN HA 39 82.35 -43.68 47.73
N LYS HA 40 82.11 -44.69 46.90
CA LYS HA 40 80.95 -45.56 47.04
C LYS HA 40 81.33 -47.03 47.13
N ILE HA 41 82.59 -47.37 46.96
CA ILE HA 41 83.06 -48.75 46.98
C ILE HA 41 83.96 -48.90 48.18
N PHE HA 42 83.65 -49.86 49.04
CA PHE HA 42 84.44 -49.86 50.25
C PHE HA 42 85.12 -51.19 50.48
N PRO HA 43 86.38 -51.17 50.91
CA PRO HA 43 87.11 -52.41 51.16
C PRO HA 43 86.66 -53.04 52.47
N MET HA 44 86.20 -54.28 52.38
CA MET HA 44 85.75 -55.02 53.55
C MET HA 44 86.60 -56.28 53.57
N GLY HA 45 87.72 -56.22 54.27
CA GLY HA 45 88.65 -57.32 54.24
C GLY HA 45 89.44 -57.33 52.95
N ASP HA 46 90.04 -58.48 52.67
CA ASP HA 46 90.91 -58.62 51.51
C ASP HA 46 90.20 -59.35 50.39
N ARG HA 47 90.41 -58.86 49.16
CA ARG HA 47 89.85 -59.41 47.92
C ARG HA 47 88.32 -59.45 47.96
N LEU HA 48 87.71 -58.43 48.56
CA LEU HA 48 86.28 -58.45 48.83
C LEU HA 48 85.81 -57.03 49.06
N TYR HA 49 84.97 -56.50 48.17
CA TYR HA 49 84.49 -55.13 48.27
C TYR HA 49 82.98 -55.11 48.40
N ILE HA 50 82.47 -53.94 48.76
CA ILE HA 50 81.03 -53.70 48.81
C ILE HA 50 80.75 -52.35 48.16
N GLY HA 51 79.60 -52.25 47.52
CA GLY HA 51 79.18 -51.02 46.87
C GLY HA 51 77.82 -50.59 47.38
N LEU HA 52 77.62 -49.28 47.48
CA LEU HA 52 76.36 -48.71 47.93
C LEU HA 52 75.95 -47.60 46.98
N ALA HA 53 74.69 -47.63 46.59
CA ALA HA 53 74.14 -46.63 45.68
C ALA HA 53 72.80 -46.18 46.18
N GLY HA 54 72.48 -44.90 45.91
CA GLY HA 54 71.25 -44.29 46.39
C GLY HA 54 71.56 -43.03 47.18
N LEU HA 55 70.91 -42.90 48.33
CA LEU HA 55 71.17 -41.77 49.19
C LEU HA 55 72.52 -41.94 49.87
N ALA HA 56 73.39 -40.92 49.72
CA ALA HA 56 74.75 -41.02 50.21
C ALA HA 56 74.83 -40.99 51.73
N THR HA 57 73.79 -40.45 52.37
CA THR HA 57 73.67 -40.49 53.82
C THR HA 57 73.69 -41.90 54.33
N ASP HA 58 72.80 -42.74 53.79
CA ASP HA 58 72.78 -44.14 54.18
C ASP HA 58 74.01 -44.87 53.69
N VAL HA 59 74.65 -44.38 52.61
CA VAL HA 59 75.89 -44.97 52.13
C VAL HA 59 76.97 -44.88 53.19
N GLN HA 60 77.26 -43.67 53.64
CA GLN HA 60 78.29 -43.50 54.66
C GLN HA 60 77.88 -44.11 55.99
N THR HA 61 76.59 -44.04 56.32
CA THR HA 61 76.11 -44.55 57.60
C THR HA 61 76.23 -46.06 57.67
N VAL HA 62 75.66 -46.76 56.69
CA VAL HA 62 75.68 -48.21 56.64
C VAL HA 62 77.09 -48.73 56.42
N ALA HA 63 77.94 -47.98 55.70
CA ALA HA 63 79.33 -48.38 55.57
C ALA HA 63 80.03 -48.38 56.92
N GLN HA 64 79.78 -47.34 57.73
CA GLN HA 64 80.41 -47.30 59.05
C GLN HA 64 79.84 -48.37 59.97
N ARG HA 65 78.53 -48.64 59.88
CA ARG HA 65 77.92 -49.64 60.76
C ARG HA 65 78.38 -51.05 60.40
N LEU HA 66 78.52 -51.32 59.10
CA LEU HA 66 78.98 -52.64 58.69
C LEU HA 66 80.44 -52.83 59.01
N LYS HA 67 81.26 -51.76 58.89
CA LYS HA 67 82.66 -51.87 59.28
C LYS HA 67 82.79 -52.10 60.77
N PHE HA 68 81.92 -51.47 61.55
CA PHE HA 68 81.80 -51.71 62.99
C PHE HA 68 81.55 -53.18 63.30
N ARG HA 69 80.48 -53.73 62.73
CA ARG HA 69 80.14 -55.12 63.03
C ARG HA 69 81.17 -56.08 62.46
N LEU HA 70 81.79 -55.72 61.34
CA LEU HA 70 82.79 -56.60 60.72
C LEU HA 70 84.05 -56.68 61.55
N ASN HA 71 84.54 -55.55 62.05
CA ASN HA 71 85.73 -55.60 62.89
C ASN HA 71 85.42 -56.27 64.21
N LEU HA 72 84.19 -56.12 64.72
CA LEU HA 72 83.80 -56.89 65.91
C LEU HA 72 83.83 -58.38 65.64
N TYR HA 73 83.39 -58.80 64.45
CA TYR HA 73 83.40 -60.23 64.15
C TYR HA 73 84.81 -60.75 63.96
N GLU HA 74 85.64 -60.03 63.22
CA GLU HA 74 87.00 -60.50 62.98
C GLU HA 74 87.90 -60.37 64.19
N LEU HA 75 87.50 -59.61 65.20
CA LEU HA 75 88.25 -59.64 66.44
C LEU HA 75 87.69 -60.64 67.42
N LYS HA 76 86.40 -60.95 67.37
CA LYS HA 76 85.89 -62.02 68.21
C LYS HA 76 86.27 -63.39 67.67
N GLU HA 77 86.41 -63.51 66.35
CA GLU HA 77 86.85 -64.75 65.73
C GLU HA 77 87.97 -64.41 64.75
N GLY HA 78 89.11 -65.06 64.93
CA GLY HA 78 90.35 -64.63 64.29
C GLY HA 78 90.38 -64.77 62.79
N ARG HA 79 89.51 -65.60 62.22
CA ARG HA 79 89.48 -65.77 60.78
C ARG HA 79 88.82 -64.57 60.12
N GLN HA 80 88.91 -64.53 58.81
CA GLN HA 80 88.21 -63.51 58.05
C GLN HA 80 86.87 -64.04 57.58
N ILE HA 81 86.09 -63.15 56.99
CA ILE HA 81 84.66 -63.40 56.80
C ILE HA 81 84.43 -64.15 55.50
N LYS HA 82 83.46 -65.03 55.51
CA LYS HA 82 82.91 -65.64 54.32
C LYS HA 82 81.79 -64.76 53.75
N PRO HA 83 81.60 -64.76 52.43
CA PRO HA 83 80.69 -63.78 51.83
C PRO HA 83 79.23 -63.99 52.15
N TYR HA 84 78.79 -65.23 52.35
CA TYR HA 84 77.42 -65.48 52.78
C TYR HA 84 77.17 -64.92 54.16
N THR HA 85 78.17 -65.00 55.03
CA THR HA 85 78.06 -64.42 56.37
C THR HA 85 77.91 -62.92 56.29
N LEU HA 86 78.66 -62.29 55.39
CA LEU HA 86 78.55 -60.86 55.18
C LEU HA 86 77.18 -60.50 54.62
N MET HA 87 76.66 -61.34 53.72
CA MET HA 87 75.35 -61.09 53.14
C MET HA 87 74.25 -61.19 54.17
N SER HA 88 74.34 -62.18 55.06
CA SER HA 88 73.37 -62.31 56.14
C SER HA 88 73.47 -61.14 57.12
N MET HA 89 74.70 -60.65 57.35
CA MET HA 89 74.88 -59.52 58.25
C MET HA 89 74.27 -58.25 57.67
N VAL HA 90 74.47 -58.03 56.36
CA VAL HA 90 73.87 -56.88 55.70
C VAL HA 90 72.36 -56.98 55.69
N ALA HA 91 71.84 -58.20 55.49
CA ALA HA 91 70.39 -58.41 55.51
C ALA HA 91 69.82 -58.13 56.89
N ASN HA 92 70.54 -58.52 57.94
CA ASN HA 92 70.08 -58.26 59.29
C ASN HA 92 70.08 -56.77 59.60
N LEU HA 93 71.16 -56.07 59.24
CA LEU HA 93 71.26 -54.65 59.57
C LEU HA 93 70.23 -53.84 58.80
N LEU HA 94 69.94 -54.23 57.55
CA LEU HA 94 68.92 -53.53 56.80
C LEU HA 94 67.52 -53.90 57.27
N TYR HA 95 67.34 -55.11 57.79
CA TYR HA 95 66.02 -55.52 58.23
C TYR HA 95 65.69 -55.01 59.62
N GLU HA 96 66.70 -54.53 60.37
CA GLU HA 96 66.43 -53.91 61.66
C GLU HA 96 65.58 -52.66 61.54
N LYS HA 97 65.76 -51.87 60.49
CA LYS HA 97 64.91 -50.72 60.25
C LYS HA 97 63.84 -51.08 59.23
N ARG HA 98 62.90 -51.91 59.70
CA ARG HA 98 61.83 -52.40 58.83
C ARG HA 98 60.90 -51.27 58.40
N PHE HA 99 60.59 -50.38 59.31
CA PHE HA 99 59.73 -49.24 59.00
C PHE HA 99 60.49 -47.92 59.05
N GLY HA 100 61.79 -47.95 59.32
CA GLY HA 100 62.63 -46.78 59.29
C GLY HA 100 63.74 -46.88 58.27
N PRO HA 101 63.40 -47.29 57.05
CA PRO HA 101 64.37 -48.02 56.22
C PRO HA 101 65.48 -47.13 55.66
N TYR HA 102 66.64 -47.74 55.46
CA TYR HA 102 67.69 -47.08 54.71
C TYR HA 102 67.38 -47.11 53.23
N TYR HA 103 67.93 -46.14 52.52
CA TYR HA 103 67.68 -45.98 51.09
C TYR HA 103 68.98 -46.28 50.37
N THR HA 104 69.24 -47.58 50.17
CA THR HA 104 70.43 -48.02 49.48
C THR HA 104 70.16 -49.41 48.92
N GLU HA 105 70.99 -49.80 47.96
CA GLU HA 105 70.93 -51.15 47.39
C GLU HA 105 72.34 -51.70 47.39
N PRO HA 106 72.70 -52.45 48.43
CA PRO HA 106 74.07 -52.94 48.56
C PRO HA 106 74.38 -54.03 47.55
N VAL HA 107 75.61 -54.01 47.07
CA VAL HA 107 76.15 -55.04 46.20
C VAL HA 107 77.43 -55.54 46.84
N ILE HA 108 77.52 -56.84 47.08
CA ILE HA 108 78.70 -57.45 47.68
C ILE HA 108 79.43 -58.19 46.58
N ALA HA 109 80.72 -57.90 46.46
CA ALA HA 109 81.57 -58.57 45.48
C ALA HA 109 82.79 -59.09 46.20
N GLY HA 110 83.01 -60.39 46.14
CA GLY HA 110 84.13 -60.98 46.84
C GLY HA 110 84.47 -62.34 46.29
N LEU HA 111 85.63 -62.81 46.71
CA LEU HA 111 86.14 -64.11 46.33
C LEU HA 111 85.92 -65.11 47.45
N ASP HA 112 86.24 -66.33 47.17
CA ASP HA 112 86.24 -67.30 48.25
C ASP HA 112 87.47 -67.08 49.12
N PRO HA 113 87.37 -67.22 50.44
CA PRO HA 113 88.57 -67.10 51.29
C PRO HA 113 89.49 -68.29 51.19
N LYS HA 114 88.98 -69.48 50.86
CA LYS HA 114 89.78 -70.68 50.77
C LYS HA 114 90.18 -71.00 49.34
N THR HA 115 89.21 -71.08 48.44
CA THR HA 115 89.45 -71.29 47.03
C THR HA 115 89.41 -69.94 46.32
N PHE HA 116 89.39 -69.97 45.00
CA PHE HA 116 89.28 -68.78 44.18
C PHE HA 116 87.86 -68.57 43.65
N LYS HA 117 86.86 -69.08 44.36
CA LYS HA 117 85.50 -68.98 43.89
C LYS HA 117 85.01 -67.54 44.02
N PRO HA 118 84.56 -66.92 42.94
CA PRO HA 118 84.02 -65.56 43.04
C PRO HA 118 82.62 -65.59 43.63
N PHE HA 119 82.16 -64.42 44.04
CA PHE HA 119 80.83 -64.32 44.61
C PHE HA 119 80.26 -62.95 44.32
N ILE HA 120 79.06 -62.92 43.79
CA ILE HA 120 78.32 -61.68 43.57
C ILE HA 120 76.92 -61.87 44.12
N CYS HA 121 76.38 -60.80 44.70
CA CYS HA 121 75.01 -60.77 45.18
C CYS HA 121 74.59 -59.32 45.32
N SER HA 122 73.29 -59.11 45.42
CA SER HA 122 72.73 -57.79 45.67
C SER HA 122 71.60 -57.93 46.66
N LEU HA 123 71.29 -56.83 47.33
CA LEU HA 123 70.19 -56.81 48.28
C LEU HA 123 69.31 -55.60 48.01
N ASP HA 124 68.12 -55.63 48.60
CA ASP HA 124 67.14 -54.57 48.44
C ASP HA 124 67.22 -53.62 49.63
N LEU HA 125 66.31 -52.65 49.66
CA LEU HA 125 66.33 -51.64 50.70
C LEU HA 125 65.75 -52.13 52.01
N ILE HA 126 65.30 -53.38 52.10
CA ILE HA 126 64.82 -53.94 53.35
C ILE HA 126 65.63 -55.18 53.69
N GLY HA 127 66.44 -55.65 52.74
CA GLY HA 127 67.26 -56.81 53.04
C GLY HA 127 66.87 -58.10 52.34
N CYS HA 128 66.55 -58.05 51.06
CA CYS HA 128 66.28 -59.26 50.30
C CYS HA 128 67.53 -59.71 49.57
N PRO HA 129 68.19 -60.77 50.00
CA PRO HA 129 69.41 -61.22 49.31
C PRO HA 129 69.06 -61.91 48.00
N MET HA 130 70.03 -61.87 47.07
CA MET HA 130 69.78 -62.39 45.74
C MET HA 130 71.12 -62.73 45.11
N VAL HA 131 71.40 -64.02 44.95
CA VAL HA 131 72.67 -64.49 44.39
C VAL HA 131 72.46 -64.93 42.96
N THR HA 132 73.41 -64.57 42.09
CA THR HA 132 73.40 -64.99 40.69
C THR HA 132 74.77 -65.49 40.28
N ASP HA 133 75.00 -65.61 38.97
CA ASP HA 133 76.30 -65.98 38.42
C ASP HA 133 76.84 -65.01 37.39
N ASP HA 134 76.03 -64.09 36.87
CA ASP HA 134 76.42 -63.25 35.76
C ASP HA 134 76.84 -61.85 36.21
N PHE HA 135 75.94 -61.09 36.81
CA PHE HA 135 76.14 -59.69 37.15
C PHE HA 135 74.99 -59.27 38.05
N VAL HA 136 75.25 -58.30 38.92
CA VAL HA 136 74.20 -57.60 39.64
C VAL HA 136 74.48 -56.11 39.55
N VAL HA 137 73.41 -55.33 39.51
CA VAL HA 137 73.49 -53.88 39.35
C VAL HA 137 72.61 -53.24 40.41
N SER HA 138 72.79 -51.93 40.59
CA SER HA 138 71.95 -51.15 41.48
C SER HA 138 72.00 -49.69 41.05
N GLY HA 139 71.19 -48.89 41.71
CA GLY HA 139 71.24 -47.46 41.56
C GLY HA 139 70.08 -46.91 40.74
N THR HA 140 70.28 -45.68 40.25
CA THR HA 140 69.22 -44.98 39.55
C THR HA 140 68.95 -45.60 38.18
N CYS HA 141 69.96 -45.60 37.32
CA CYS HA 141 69.86 -46.30 36.05
C CYS HA 141 69.85 -47.80 36.32
N ALA HA 142 68.84 -48.49 35.80
CA ALA HA 142 68.81 -49.93 35.89
C ALA HA 142 68.77 -50.59 34.53
N GLU HA 143 67.76 -50.25 33.72
CA GLU HA 143 67.51 -50.95 32.46
C GLU HA 143 68.64 -50.77 31.45
N GLN HA 144 69.35 -49.65 31.58
CA GLN HA 144 70.55 -49.38 30.79
C GLN HA 144 71.59 -50.47 31.03
N MET HA 145 71.96 -50.66 32.29
CA MET HA 145 72.98 -51.65 32.62
C MET HA 145 72.46 -53.06 32.42
N TYR HA 146 71.16 -53.29 32.61
CA TYR HA 146 70.58 -54.59 32.32
C TYR HA 146 70.72 -54.95 30.85
N GLY HA 147 70.37 -54.03 29.95
CA GLY HA 147 70.49 -54.29 28.54
C GLY HA 147 71.93 -54.47 28.10
N MET HA 148 72.84 -53.67 28.65
CA MET HA 148 74.25 -53.78 28.28
C MET HA 148 74.85 -55.10 28.76
N CYS HA 149 74.59 -55.47 30.02
CA CYS HA 149 75.18 -56.69 30.55
C CYS HA 149 74.53 -57.93 29.96
N GLU HA 150 73.24 -57.89 29.65
CA GLU HA 150 72.65 -59.00 28.93
C GLU HA 150 73.07 -59.02 27.47
N SER HA 151 73.62 -57.93 26.97
CA SER HA 151 74.14 -57.89 25.62
C SER HA 151 75.57 -58.38 25.52
N LEU HA 152 76.37 -58.19 26.56
CA LEU HA 152 77.82 -58.31 26.43
C LEU HA 152 78.44 -59.45 27.23
N TRP HA 153 77.71 -60.09 28.12
CA TRP HA 153 78.35 -61.01 29.05
C TRP HA 153 78.55 -62.38 28.45
N GLU HA 154 79.70 -62.99 28.76
CA GLU HA 154 80.03 -64.36 28.46
C GLU HA 154 80.36 -65.10 29.74
N PRO HA 155 80.14 -66.42 29.80
CA PRO HA 155 80.35 -67.13 31.06
C PRO HA 155 81.81 -67.25 31.48
N ASN HA 156 82.71 -67.54 30.56
CA ASN HA 156 84.10 -67.80 30.91
C ASN HA 156 84.96 -66.71 30.29
N MET HA 157 85.46 -65.80 31.13
CA MET HA 157 86.13 -64.60 30.66
C MET HA 157 87.43 -64.39 31.42
N ASP HA 158 88.51 -64.19 30.69
CA ASP HA 158 89.75 -63.69 31.26
C ASP HA 158 89.54 -62.29 31.84
N PRO HA 159 90.37 -61.89 32.81
CA PRO HA 159 90.20 -60.55 33.43
C PRO HA 159 90.35 -59.39 32.46
N ASP HA 160 91.02 -59.57 31.33
CA ASP HA 160 91.15 -58.47 30.38
C ASP HA 160 89.85 -58.22 29.65
N HIS HA 161 89.23 -59.26 29.11
CA HIS HA 161 87.95 -59.05 28.43
C HIS HA 161 86.83 -58.79 29.42
N LEU HA 162 86.94 -59.34 30.63
CA LEU HA 162 86.06 -58.96 31.71
C LEU HA 162 86.14 -57.46 31.97
N PHE HA 163 87.37 -56.95 32.03
CA PHE HA 163 87.60 -55.53 32.23
C PHE HA 163 87.02 -54.70 31.10
N GLU HA 164 87.24 -55.13 29.86
CA GLU HA 164 86.79 -54.31 28.74
C GLU HA 164 85.28 -54.36 28.56
N THR HA 165 84.68 -55.51 28.87
CA THR HA 165 83.23 -55.62 28.84
C THR HA 165 82.59 -54.73 29.89
N ILE HA 166 83.09 -54.79 31.13
CA ILE HA 166 82.51 -53.98 32.18
C ILE HA 166 82.80 -52.50 31.94
N SER HA 167 83.91 -52.20 31.26
CA SER HA 167 84.24 -50.81 30.93
C SER HA 167 83.27 -50.24 29.92
N GLN HA 168 83.06 -50.96 28.81
CA GLN HA 168 82.12 -50.49 27.78
C GLN HA 168 80.70 -50.42 28.31
N ALA HA 169 80.33 -51.38 29.15
CA ALA HA 169 78.98 -51.41 29.71
C ALA HA 169 78.72 -50.21 30.59
N MET HA 170 79.65 -49.92 31.51
CA MET HA 170 79.51 -48.77 32.39
C MET HA 170 79.53 -47.46 31.61
N LEU HA 171 80.43 -47.34 30.63
CA LEU HA 171 80.54 -46.10 29.86
C LEU HA 171 79.26 -45.80 29.09
N ASN HA 172 78.75 -46.78 28.35
CA ASN HA 172 77.57 -46.53 27.54
C ASN HA 172 76.32 -46.35 28.40
N ALA HA 173 76.19 -47.15 29.46
CA ALA HA 173 74.99 -47.06 30.29
C ALA HA 173 74.97 -45.79 31.12
N VAL HA 174 76.14 -45.28 31.50
CA VAL HA 174 76.17 -44.04 32.26
C VAL HA 174 76.00 -42.85 31.34
N ASP HA 175 76.59 -42.91 30.14
CA ASP HA 175 76.43 -41.83 29.16
C ASP HA 175 74.99 -41.71 28.68
N ARG HA 176 74.24 -42.81 28.67
CA ARG HA 176 72.82 -42.66 28.42
C ARG HA 176 72.10 -42.08 29.63
N ASP HA 177 72.60 -42.31 30.84
CA ASP HA 177 71.94 -41.76 32.02
C ASP HA 177 72.22 -40.28 32.15
N ALA HA 178 71.30 -39.57 32.80
CA ALA HA 178 71.40 -38.13 32.99
C ALA HA 178 72.08 -37.76 34.30
N VAL HA 179 71.50 -38.18 35.43
CA VAL HA 179 71.91 -37.64 36.73
C VAL HA 179 73.18 -38.28 37.27
N SER HA 180 73.68 -39.32 36.63
CA SER HA 180 74.85 -40.05 37.15
C SER HA 180 75.91 -40.05 36.07
N GLY HA 181 77.09 -39.54 36.40
CA GLY HA 181 78.18 -39.52 35.45
C GLY HA 181 79.51 -39.15 36.07
N MET HA 182 80.25 -38.29 35.37
CA MET HA 182 81.40 -37.55 35.89
C MET HA 182 82.54 -38.48 36.32
N GLY HA 183 82.78 -39.50 35.51
CA GLY HA 183 83.87 -40.41 35.76
C GLY HA 183 83.40 -41.71 36.36
N VAL HA 184 84.17 -42.76 36.10
CA VAL HA 184 83.89 -44.11 36.59
C VAL HA 184 85.16 -44.67 37.20
N ILE HA 185 85.06 -45.24 38.39
CA ILE HA 185 86.14 -46.00 39.00
C ILE HA 185 85.87 -47.47 38.76
N VAL HA 186 86.93 -48.24 38.48
CA VAL HA 186 86.82 -49.65 38.19
C VAL HA 186 87.76 -50.41 39.10
N HIS HA 187 87.23 -51.36 39.85
CA HIS HA 187 88.03 -52.30 40.62
C HIS HA 187 87.95 -53.66 39.95
N ILE HA 188 89.09 -54.15 39.48
CA ILE HA 188 89.20 -55.53 39.03
C ILE HA 188 90.17 -56.25 39.95
N ILE HA 189 89.67 -57.27 40.63
CA ILE HA 189 90.46 -58.02 41.59
C ILE HA 189 90.48 -59.48 41.18
N GLU HA 190 91.40 -60.21 41.79
CA GLU HA 190 91.51 -61.66 41.61
C GLU HA 190 92.21 -62.21 42.85
N LYS HA 191 92.54 -63.50 42.81
CA LYS HA 191 93.21 -64.14 43.94
C LYS HA 191 94.59 -63.57 44.17
N ASP HA 192 95.29 -63.23 43.08
CA ASP HA 192 96.68 -62.83 43.17
C ASP HA 192 96.85 -61.35 43.50
N LYS HA 193 95.97 -60.49 43.00
CA LYS HA 193 96.25 -59.06 43.05
C LYS HA 193 94.94 -58.28 42.99
N ILE HA 194 95.06 -56.98 43.22
CA ILE HA 194 93.96 -56.03 43.23
C ILE HA 194 94.34 -54.88 42.31
N THR HA 195 93.52 -54.65 41.30
CA THR HA 195 93.78 -53.59 40.33
C THR HA 195 92.62 -52.60 40.34
N THR HA 196 92.95 -51.32 40.39
CA THR HA 196 91.96 -50.26 40.43
C THR HA 196 92.25 -49.28 39.30
N ARG HA 197 91.33 -49.18 38.36
CA ARG HA 197 91.51 -48.29 37.23
C ARG HA 197 90.39 -47.28 37.16
N THR HA 198 90.72 -46.10 36.66
CA THR HA 198 89.75 -45.04 36.41
C THR HA 198 89.70 -44.78 34.91
N LEU HA 199 88.49 -44.58 34.40
CA LEU HA 199 88.30 -44.45 32.96
C LEU HA 199 88.10 -42.99 32.59
N LYS HA 200 88.49 -42.67 31.35
CA LYS HA 200 88.23 -41.35 30.79
C LYS HA 200 86.80 -41.35 30.28
N ALA HA 201 85.89 -40.99 31.16
CA ALA HA 201 84.49 -40.92 30.82
C ALA HA 201 84.16 -39.57 30.20
N ARG HA 202 83.03 -39.52 29.50
CA ARG HA 202 82.54 -38.26 28.98
C ARG HA 202 82.12 -37.37 30.14
N MET HA 203 82.73 -36.19 30.20
CA MET HA 203 82.58 -35.29 31.33
C MET HA 203 81.32 -34.43 31.25
N ASP HA 204 80.44 -34.73 30.30
CA ASP HA 204 79.22 -33.97 30.10
C ASP HA 204 78.12 -34.38 31.06
N MET IA 1 69.58 -20.14 52.43
CA MET IA 1 69.13 -18.82 52.03
C MET IA 1 70.26 -17.84 51.72
N GLU IA 2 71.10 -17.58 52.73
CA GLU IA 2 71.86 -16.33 52.69
C GLU IA 2 73.13 -16.33 51.81
N TYR IA 3 74.30 -16.81 52.31
CA TYR IA 3 75.54 -17.06 51.58
C TYR IA 3 76.64 -17.50 52.55
N LEU IA 4 77.60 -18.32 52.08
CA LEU IA 4 78.96 -18.47 52.60
C LEU IA 4 79.78 -19.37 51.68
N ILE IA 5 81.04 -18.97 51.41
CA ILE IA 5 81.93 -19.62 50.44
C ILE IA 5 83.03 -20.40 51.16
N GLY IA 6 83.65 -21.37 50.46
CA GLY IA 6 84.63 -22.29 51.04
C GLY IA 6 85.95 -22.55 50.32
N ILE IA 7 86.64 -21.52 49.80
CA ILE IA 7 87.79 -21.73 48.90
C ILE IA 7 88.98 -22.37 49.62
N GLN IA 8 89.56 -23.40 49.01
CA GLN IA 8 90.77 -24.08 49.46
C GLN IA 8 92.00 -23.58 48.71
N GLY IA 9 93.11 -23.41 49.42
CA GLY IA 9 94.40 -23.16 48.80
C GLY IA 9 95.35 -24.32 49.01
N PRO IA 10 96.65 -24.11 48.73
CA PRO IA 10 97.64 -25.15 49.08
C PRO IA 10 97.86 -25.29 50.57
N ASP IA 11 97.96 -24.19 51.30
CA ASP IA 11 98.19 -24.26 52.73
C ASP IA 11 97.32 -23.28 53.49
N TYR IA 12 96.13 -23.02 52.99
CA TYR IA 12 95.21 -22.08 53.62
C TYR IA 12 93.80 -22.37 53.13
N VAL IA 13 92.82 -22.05 53.95
CA VAL IA 13 91.42 -22.17 53.59
C VAL IA 13 90.74 -20.83 53.78
N LEU IA 14 90.14 -20.32 52.72
CA LEU IA 14 89.54 -18.99 52.71
C LEU IA 14 88.03 -19.14 52.81
N VAL IA 15 87.47 -18.84 53.97
CA VAL IA 15 86.03 -18.84 54.16
C VAL IA 15 85.55 -17.41 54.28
N ALA IA 16 84.29 -17.20 53.89
CA ALA IA 16 83.69 -15.88 53.99
C ALA IA 16 82.18 -16.06 54.04
N SER IA 17 81.58 -15.71 55.17
CA SER IA 17 80.14 -15.69 55.29
C SER IA 17 79.66 -14.25 55.19
N ASP IA 18 78.39 -14.05 55.49
CA ASP IA 18 77.79 -12.74 55.47
C ASP IA 18 77.53 -12.24 56.88
N ARG IA 19 76.87 -11.10 56.99
CA ARG IA 19 76.57 -10.48 58.28
C ARG IA 19 75.08 -10.16 58.39
N VAL IA 20 74.24 -11.02 57.83
CA VAL IA 20 72.82 -10.73 57.65
C VAL IA 20 72.01 -11.64 58.55
N ALA IA 21 71.03 -11.06 59.24
CA ALA IA 21 70.10 -11.81 60.09
C ALA IA 21 68.68 -11.35 59.85
N ALA IA 22 68.25 -11.36 58.59
CA ALA IA 22 66.94 -10.86 58.20
C ALA IA 22 65.83 -11.82 58.64
N SER IA 23 64.60 -11.27 58.74
CA SER IA 23 63.41 -12.06 59.08
C SER IA 23 62.24 -11.66 58.17
N ASN IA 24 62.17 -12.32 57.01
CA ASN IA 24 61.01 -12.49 56.13
C ASN IA 24 60.55 -11.21 55.42
N ILE IA 25 60.90 -10.05 55.95
CA ILE IA 25 60.64 -8.78 55.29
C ILE IA 25 61.87 -7.88 55.39
N VAL IA 26 62.36 -7.69 56.61
CA VAL IA 26 63.38 -6.70 56.89
C VAL IA 26 64.62 -7.39 57.43
N GLN IA 27 65.73 -6.67 57.35
CA GLN IA 27 67.01 -7.14 57.87
C GLN IA 27 67.09 -6.67 59.31
N MET IA 28 66.92 -7.61 60.24
CA MET IA 28 66.91 -7.25 61.66
C MET IA 28 68.31 -6.88 62.13
N LYS IA 29 69.33 -7.55 61.61
CA LYS IA 29 70.68 -7.35 62.10
C LYS IA 29 71.65 -7.38 60.93
N ASP IA 30 72.44 -6.32 60.83
CA ASP IA 30 73.39 -6.15 59.73
C ASP IA 30 74.83 -6.33 60.16
N ASP IA 31 75.07 -6.85 61.36
CA ASP IA 31 76.42 -7.18 61.79
C ASP IA 31 76.47 -8.53 62.50
N HIS IA 32 75.62 -9.47 62.10
CA HIS IA 32 75.58 -10.79 62.70
C HIS IA 32 76.85 -11.56 62.34
N ASP IA 33 77.21 -12.51 63.21
CA ASP IA 33 78.37 -13.36 62.95
C ASP IA 33 77.93 -14.81 63.00
N LYS IA 34 78.26 -15.57 61.96
CA LYS IA 34 77.96 -16.98 61.88
C LYS IA 34 79.21 -17.83 62.03
N MET IA 35 80.30 -17.24 62.51
CA MET IA 35 81.60 -17.90 62.58
C MET IA 35 81.86 -18.39 63.98
N PHE IA 36 82.19 -19.68 64.10
CA PHE IA 36 82.26 -20.36 65.40
C PHE IA 36 83.64 -21.00 65.52
N LYS IA 37 84.54 -20.31 66.22
CA LYS IA 37 85.91 -20.77 66.40
C LYS IA 37 85.89 -22.00 67.29
N MET IA 38 86.06 -23.18 66.69
CA MET IA 38 86.03 -24.40 67.47
C MET IA 38 87.30 -24.55 68.29
N SER IA 39 88.45 -24.55 67.63
CA SER IA 39 89.71 -24.66 68.34
C SER IA 39 90.69 -23.72 67.67
N GLU IA 40 91.98 -23.94 67.92
CA GLU IA 40 93.01 -23.05 67.42
C GLU IA 40 93.24 -23.19 65.92
N LYS IA 41 92.73 -24.24 65.29
CA LYS IA 41 92.90 -24.33 63.85
C LYS IA 41 91.65 -24.84 63.14
N ILE IA 42 90.49 -24.84 63.80
CA ILE IA 42 89.27 -25.44 63.25
C ILE IA 42 88.14 -24.43 63.37
N LEU IA 43 87.56 -24.03 62.25
CA LEU IA 43 86.43 -23.13 62.21
C LEU IA 43 85.15 -23.87 61.86
N LEU IA 44 84.03 -23.18 62.05
CA LEU IA 44 82.72 -23.76 61.78
C LEU IA 44 81.76 -22.67 61.32
N LEU IA 45 81.00 -22.99 60.28
CA LEU IA 45 79.94 -22.14 59.78
C LEU IA 45 78.63 -22.91 59.80
N CYS IA 46 77.52 -22.19 59.68
CA CYS IA 46 76.22 -22.82 59.74
C CYS IA 46 75.19 -22.00 59.01
N VAL IA 47 74.32 -22.68 58.26
CA VAL IA 47 73.18 -22.07 57.58
C VAL IA 47 71.98 -23.01 57.73
N GLY IA 48 70.85 -22.48 58.19
CA GLY IA 48 69.65 -23.28 58.23
C GLY IA 48 68.52 -22.62 58.99
N GLU IA 49 67.72 -23.41 59.68
CA GLU IA 49 66.73 -22.87 60.59
C GLU IA 49 67.43 -22.27 61.79
N ALA IA 50 67.27 -20.96 61.97
CA ALA IA 50 68.14 -20.18 62.85
C ALA IA 50 67.95 -20.47 64.34
N GLY IA 51 67.01 -21.35 64.71
CA GLY IA 51 66.94 -21.82 66.08
C GLY IA 51 67.78 -23.05 66.26
N ASP IA 52 67.89 -23.85 65.21
CA ASP IA 52 68.72 -25.05 65.28
C ASP IA 52 70.18 -24.74 65.13
N THR IA 53 70.51 -23.63 64.46
CA THR IA 53 71.89 -23.24 64.23
C THR IA 53 72.62 -23.01 65.55
N VAL IA 54 72.01 -22.23 66.44
CA VAL IA 54 72.67 -21.86 67.68
C VAL IA 54 72.77 -23.07 68.61
N GLN IA 55 71.75 -23.93 68.61
CA GLN IA 55 71.77 -25.13 69.44
C GLN IA 55 72.85 -26.10 68.99
N PHE IA 56 72.97 -26.26 67.67
CA PHE IA 56 73.98 -27.16 67.15
C PHE IA 56 75.38 -26.60 67.38
N ALA IA 57 75.52 -25.27 67.28
CA ALA IA 57 76.78 -24.61 67.61
C ALA IA 57 77.17 -24.83 69.05
N GLU IA 58 76.19 -24.74 69.96
CA GLU IA 58 76.40 -25.04 71.37
C GLU IA 58 76.98 -26.43 71.55
N TYR IA 59 76.28 -27.42 71.01
CA TYR IA 59 76.61 -28.81 71.24
C TYR IA 59 77.99 -29.14 70.68
N ILE IA 60 78.23 -28.75 69.42
CA ILE IA 60 79.48 -29.10 68.75
C ILE IA 60 80.65 -28.36 69.38
N GLN IA 61 80.51 -27.04 69.55
CA GLN IA 61 81.57 -26.21 70.09
C GLN IA 61 81.97 -26.65 71.49
N LYS IA 62 81.00 -26.84 72.37
CA LYS IA 62 81.37 -27.18 73.74
C LYS IA 62 81.83 -28.63 73.86
N ASN IA 63 81.36 -29.53 72.99
CA ASN IA 63 81.89 -30.88 73.09
C ASN IA 63 83.31 -30.97 72.55
N VAL IA 64 83.66 -30.14 71.58
CA VAL IA 64 85.05 -30.14 71.11
C VAL IA 64 85.96 -29.49 72.14
N GLN IA 65 85.50 -28.44 72.81
CA GLN IA 65 86.25 -27.90 73.94
C GLN IA 65 86.39 -28.93 75.06
N LEU IA 66 85.37 -29.76 75.27
CA LEU IA 66 85.44 -30.84 76.24
C LEU IA 66 86.49 -31.87 75.87
N TYR IA 67 86.54 -32.24 74.59
CA TYR IA 67 87.55 -33.18 74.10
C TYR IA 67 88.95 -32.62 74.32
N LYS IA 68 89.10 -31.33 74.03
CA LYS IA 68 90.37 -30.64 74.22
C LYS IA 68 90.81 -30.67 75.67
N MET IA 69 89.90 -30.40 76.59
CA MET IA 69 90.31 -30.40 77.99
C MET IA 69 90.52 -31.81 78.52
N ARG IA 70 89.79 -32.79 77.99
CA ARG IA 70 89.94 -34.16 78.48
C ARG IA 70 91.24 -34.78 78.00
N ASN IA 71 91.42 -34.89 76.70
CA ASN IA 71 92.62 -35.54 76.22
C ASN IA 71 93.83 -34.62 76.22
N GLY IA 72 93.65 -33.31 76.28
CA GLY IA 72 94.76 -32.41 76.38
C GLY IA 72 95.27 -31.84 75.08
N TYR IA 73 94.63 -32.14 73.96
CA TYR IA 73 95.16 -31.73 72.67
C TYR IA 73 94.02 -31.59 71.68
N GLU IA 74 94.33 -31.00 70.54
CA GLU IA 74 93.35 -30.52 69.59
C GLU IA 74 93.05 -31.60 68.54
N LEU IA 75 91.78 -31.67 68.15
CA LEU IA 75 91.33 -32.64 67.16
C LEU IA 75 91.91 -32.38 65.78
N SER IA 76 91.86 -33.43 64.97
CA SER IA 76 91.97 -33.26 63.54
C SER IA 76 90.70 -32.61 63.03
N PRO IA 77 90.76 -31.93 61.88
CA PRO IA 77 89.52 -31.49 61.22
C PRO IA 77 88.68 -32.67 60.75
N THR IA 78 89.32 -33.78 60.42
CA THR IA 78 88.62 -34.92 59.83
C THR IA 78 87.73 -35.61 60.85
N ALA IA 79 88.27 -35.90 62.03
CA ALA IA 79 87.49 -36.58 63.06
C ALA IA 79 86.37 -35.69 63.58
N ALA IA 80 86.62 -34.38 63.67
CA ALA IA 80 85.58 -33.45 64.04
C ALA IA 80 84.49 -33.39 62.98
N ALA IA 81 84.89 -33.45 61.70
CA ALA IA 81 83.93 -33.47 60.62
C ALA IA 81 83.06 -34.70 60.67
N ASN IA 82 83.67 -35.85 60.94
CA ASN IA 82 82.91 -37.08 61.04
C ASN IA 82 82.00 -37.06 62.26
N PHE IA 83 82.44 -36.41 63.34
CA PHE IA 83 81.61 -36.30 64.52
C PHE IA 83 80.37 -35.46 64.26
N THR IA 84 80.52 -34.36 63.53
CA THR IA 84 79.37 -33.55 63.14
C THR IA 84 78.42 -34.32 62.24
N ARG IA 85 78.97 -35.05 61.25
CA ARG IA 85 78.13 -35.87 60.38
C ARG IA 85 77.41 -36.95 61.18
N ARG IA 86 78.09 -37.51 62.17
CA ARG IA 86 77.50 -38.51 63.02
C ARG IA 86 76.33 -37.95 63.81
N ASN IA 87 76.48 -36.74 64.33
CA ASN IA 87 75.38 -36.17 65.10
C ASN IA 87 74.23 -35.74 64.21
N LEU IA 88 74.49 -35.32 62.97
CA LEU IA 88 73.39 -35.10 62.03
C LEU IA 88 72.65 -36.38 61.73
N ALA IA 89 73.40 -37.46 61.49
CA ALA IA 89 72.77 -38.72 61.14
C ALA IA 89 71.98 -39.30 62.30
N ASP IA 90 72.41 -39.04 63.53
CA ASP IA 90 71.66 -39.50 64.67
C ASP IA 90 70.44 -38.62 64.93
N CYS IA 91 70.59 -37.32 64.72
CA CYS IA 91 69.49 -36.40 64.99
C CYS IA 91 68.43 -36.41 63.89
N LEU IA 92 68.74 -36.98 62.72
CA LEU IA 92 67.82 -36.91 61.59
C LEU IA 92 66.62 -37.82 61.81
N ARG IA 93 66.85 -39.12 62.00
CA ARG IA 93 65.75 -40.07 62.18
C ARG IA 93 65.29 -40.02 63.63
N SER IA 94 64.63 -38.91 63.97
CA SER IA 94 64.11 -38.71 65.31
C SER IA 94 62.81 -37.93 65.20
N ARG IA 95 62.19 -37.67 66.34
CA ARG IA 95 61.07 -36.77 66.37
C ARG IA 95 61.49 -35.32 66.29
N THR IA 96 62.78 -35.03 66.53
CA THR IA 96 63.31 -33.67 66.53
C THR IA 96 64.44 -33.61 65.52
N PRO IA 97 64.16 -33.27 64.27
CA PRO IA 97 65.22 -33.10 63.30
C PRO IA 97 65.80 -31.69 63.36
N TYR IA 98 67.05 -31.59 62.94
CA TYR IA 98 67.69 -30.30 62.73
C TYR IA 98 67.86 -30.11 61.23
N HIS IA 99 67.66 -28.88 60.76
CA HIS IA 99 67.80 -28.59 59.34
C HIS IA 99 68.85 -27.51 59.16
N VAL IA 100 70.11 -27.94 59.09
CA VAL IA 100 71.24 -27.02 58.99
C VAL IA 100 72.07 -27.40 57.76
N ASN IA 101 72.94 -26.48 57.37
CA ASN IA 101 73.83 -26.68 56.23
C ASN IA 101 75.19 -26.12 56.59
N LEU IA 102 76.17 -27.00 56.73
CA LEU IA 102 77.44 -26.66 57.33
C LEU IA 102 78.56 -26.74 56.31
N LEU IA 103 79.70 -26.17 56.68
CA LEU IA 103 80.98 -26.52 56.09
C LEU IA 103 82.07 -26.22 57.11
N LEU IA 104 83.01 -27.13 57.21
CA LEU IA 104 84.07 -27.10 58.20
C LEU IA 104 85.39 -26.79 57.56
N ALA IA 105 86.18 -25.94 58.21
CA ALA IA 105 87.48 -25.53 57.72
C ALA IA 105 88.49 -25.75 58.83
N GLY IA 106 89.48 -26.59 58.58
CA GLY IA 106 90.45 -26.93 59.58
C GLY IA 106 91.86 -26.88 59.02
N TYR IA 107 92.82 -27.23 59.87
CA TYR IA 107 94.22 -27.26 59.46
C TYR IA 107 94.97 -28.21 60.37
N ASP IA 108 95.63 -29.20 59.79
CA ASP IA 108 96.45 -30.15 60.52
C ASP IA 108 97.92 -29.78 60.38
N GLU IA 109 98.71 -30.22 61.37
CA GLU IA 109 100.15 -30.18 61.24
C GLU IA 109 100.64 -31.15 60.17
N HIS IA 110 99.93 -32.26 59.99
CA HIS IA 110 100.30 -33.29 59.03
C HIS IA 110 99.50 -33.19 57.74
N GLU IA 111 98.17 -33.18 57.84
CA GLU IA 111 97.34 -33.13 56.65
C GLU IA 111 97.29 -31.74 56.04
N GLY IA 112 97.77 -30.73 56.74
CA GLY IA 112 97.69 -29.38 56.25
C GLY IA 112 96.25 -28.91 56.27
N PRO IA 113 95.87 -28.12 55.27
CA PRO IA 113 94.49 -27.63 55.21
C PRO IA 113 93.55 -28.71 54.69
N ALA IA 114 92.28 -28.55 55.04
CA ALA IA 114 91.24 -29.44 54.58
C ALA IA 114 89.89 -28.72 54.69
N LEU IA 115 89.03 -28.97 53.72
CA LEU IA 115 87.69 -28.39 53.68
C LEU IA 115 86.69 -29.51 53.77
N TYR IA 116 85.64 -29.32 54.54
CA TYR IA 116 84.53 -30.23 54.45
C TYR IA 116 83.26 -29.48 54.07
N TYR IA 117 82.18 -30.23 53.88
CA TYR IA 117 80.93 -29.70 53.36
C TYR IA 117 79.81 -30.61 53.80
N MET IA 118 78.89 -30.09 54.60
CA MET IA 118 77.75 -30.88 55.03
C MET IA 118 76.53 -30.57 54.16
N ASP IA 119 75.38 -30.98 54.66
CA ASP IA 119 74.12 -30.88 53.97
C ASP IA 119 73.05 -30.94 55.05
N TYR IA 120 71.79 -30.77 54.66
CA TYR IA 120 70.72 -31.08 55.59
C TYR IA 120 70.40 -32.56 55.60
N LEU IA 121 71.12 -33.35 54.83
CA LEU IA 121 70.99 -34.80 54.83
C LEU IA 121 72.31 -35.49 55.10
N ALA IA 122 73.19 -34.83 55.88
CA ALA IA 122 74.25 -35.50 56.65
C ALA IA 122 75.28 -36.20 55.76
N ALA IA 123 75.82 -35.47 54.80
CA ALA IA 123 76.78 -36.03 53.87
C ALA IA 123 78.14 -35.38 54.07
N LEU IA 124 79.18 -36.19 54.16
CA LEU IA 124 80.53 -35.70 54.12
C LEU IA 124 80.89 -35.31 52.69
N ALA IA 125 81.86 -34.40 52.56
CA ALA IA 125 82.41 -34.03 51.27
C ALA IA 125 83.78 -33.43 51.49
N LYS IA 126 84.68 -33.66 50.55
CA LYS IA 126 86.02 -33.07 50.60
C LYS IA 126 86.10 -32.15 49.39
N ALA IA 127 85.78 -30.90 49.59
CA ALA IA 127 85.62 -30.11 48.39
C ALA IA 127 86.83 -29.21 48.15
N PRO IA 128 87.09 -28.87 46.90
CA PRO IA 128 88.02 -27.78 46.63
C PRO IA 128 87.37 -26.45 46.93
N PHE IA 129 86.06 -26.38 46.72
CA PHE IA 129 85.27 -25.17 46.97
C PHE IA 129 83.80 -25.54 46.93
N ALA IA 130 83.04 -25.01 47.89
CA ALA IA 130 81.59 -25.16 47.89
C ALA IA 130 80.97 -23.93 48.55
N ALA IA 131 79.64 -23.91 48.53
CA ALA IA 131 78.87 -22.83 49.11
C ALA IA 131 77.47 -23.34 49.41
N HIS IA 132 76.61 -22.42 49.86
CA HIS IA 132 75.23 -22.77 50.14
C HIS IA 132 74.31 -21.69 49.61
N GLY IA 133 73.04 -22.01 49.49
CA GLY IA 133 72.08 -21.00 49.13
C GLY IA 133 72.07 -20.74 47.64
N TYR IA 134 71.88 -19.48 47.27
CA TYR IA 134 71.68 -19.09 45.87
C TYR IA 134 72.89 -18.38 45.32
N GLY IA 135 73.60 -17.70 46.20
CA GLY IA 135 74.96 -17.32 45.93
C GLY IA 135 75.84 -18.51 45.61
N ALA IA 136 75.54 -19.69 46.18
CA ALA IA 136 76.16 -20.93 45.73
C ALA IA 136 75.96 -21.15 44.24
N PHE IA 137 74.70 -21.05 43.79
CA PHE IA 137 74.30 -21.31 42.41
C PHE IA 137 75.10 -20.45 41.45
N LEU IA 138 75.21 -19.17 41.75
CA LEU IA 138 76.01 -18.32 40.87
C LEU IA 138 77.51 -18.51 41.09
N THR IA 139 77.97 -18.42 42.33
CA THR IA 139 79.39 -18.23 42.57
C THR IA 139 80.21 -19.49 42.42
N LEU IA 140 79.60 -20.68 42.35
CA LEU IA 140 80.49 -21.81 42.09
C LEU IA 140 80.92 -21.80 40.64
N SER IA 141 80.06 -21.31 39.75
CA SER IA 141 80.47 -21.06 38.36
C SER IA 141 81.48 -19.93 38.30
N ILE IA 142 81.16 -18.80 38.98
CA ILE IA 142 81.97 -17.57 38.90
C ILE IA 142 83.37 -17.80 39.47
N LEU IA 143 83.51 -18.82 40.28
CA LEU IA 143 84.78 -19.26 40.78
C LEU IA 143 85.39 -20.37 39.93
N ASP IA 144 84.56 -21.22 39.35
CA ASP IA 144 85.05 -22.38 38.64
C ASP IA 144 85.66 -22.03 37.30
N ARG IA 145 85.43 -20.81 36.80
CA ARG IA 145 86.26 -20.40 35.67
C ARG IA 145 87.71 -20.19 36.09
N TYR IA 146 87.94 -19.76 37.33
CA TYR IA 146 89.26 -19.25 37.68
C TYR IA 146 89.90 -19.99 38.86
N TYR IA 147 89.89 -21.30 38.85
CA TYR IA 147 90.49 -22.01 39.95
C TYR IA 147 91.80 -22.64 39.50
N THR IA 148 92.79 -22.55 40.38
CA THR IA 148 94.06 -23.19 40.20
C THR IA 148 94.33 -23.75 41.59
N PRO IA 149 94.77 -25.01 41.70
CA PRO IA 149 95.10 -25.55 43.02
C PRO IA 149 96.26 -24.85 43.69
N THR IA 150 97.25 -24.41 42.93
CA THR IA 150 98.41 -23.71 43.47
C THR IA 150 98.21 -22.21 43.28
N ILE IA 151 97.25 -21.67 44.00
CA ILE IA 151 96.90 -20.26 43.89
C ILE IA 151 97.37 -19.55 45.14
N SER IA 152 97.73 -18.27 45.00
CA SER IA 152 98.20 -17.53 46.16
C SER IA 152 97.01 -16.91 46.90
N ARG IA 153 97.29 -16.47 48.12
CA ARG IA 153 96.21 -15.93 48.96
C ARG IA 153 95.74 -14.58 48.45
N GLU IA 154 96.61 -13.81 47.82
CA GLU IA 154 96.18 -12.51 47.29
C GLU IA 154 95.37 -12.68 46.02
N ARG IA 155 95.74 -13.65 45.18
CA ARG IA 155 94.91 -14.01 44.03
C ARG IA 155 93.57 -14.54 44.49
N ALA IA 156 93.54 -15.28 45.60
CA ALA IA 156 92.27 -15.80 46.10
C ALA IA 156 91.42 -14.69 46.68
N VAL IA 157 92.05 -13.71 47.33
CA VAL IA 157 91.32 -12.56 47.85
C VAL IA 157 90.72 -11.74 46.72
N GLU IA 158 91.51 -11.45 45.69
CA GLU IA 158 90.99 -10.69 44.56
C GLU IA 158 89.95 -11.49 43.79
N LEU IA 159 90.09 -12.81 43.77
CA LEU IA 159 89.08 -13.66 43.16
C LEU IA 159 87.77 -13.57 43.91
N LEU IA 160 87.85 -13.49 45.24
CA LEU IA 160 86.67 -13.27 46.04
C LEU IA 160 86.10 -11.87 45.81
N ARG IA 161 86.97 -10.87 45.61
CA ARG IA 161 86.54 -9.51 45.28
C ARG IA 161 85.69 -9.52 44.01
N LYS IA 162 86.22 -10.14 42.96
CA LYS IA 162 85.54 -10.26 41.68
C LYS IA 162 84.25 -11.04 41.81
N CYS IA 163 84.26 -12.08 42.64
CA CYS IA 163 83.11 -12.97 42.73
C CYS IA 163 81.97 -12.29 43.48
N LEU IA 164 82.31 -11.51 44.51
CA LEU IA 164 81.33 -10.65 45.15
C LEU IA 164 80.84 -9.56 44.21
N GLU IA 165 81.73 -9.02 43.37
CA GLU IA 165 81.33 -8.04 42.38
C GLU IA 165 80.33 -8.61 41.39
N GLU IA 166 80.42 -9.90 41.11
CA GLU IA 166 79.42 -10.53 40.26
C GLU IA 166 78.21 -11.01 41.05
N LEU IA 167 78.31 -11.12 42.36
CA LEU IA 167 77.11 -11.44 43.13
C LEU IA 167 76.22 -10.22 43.31
N GLN IA 168 76.82 -9.04 43.47
CA GLN IA 168 76.03 -7.82 43.68
C GLN IA 168 75.46 -7.23 42.39
N LYS IA 169 75.41 -7.99 41.31
CA LYS IA 169 74.89 -7.48 40.04
C LYS IA 169 73.59 -8.14 39.63
N ARG IA 170 73.44 -9.44 39.81
CA ARG IA 170 72.25 -10.14 39.35
C ARG IA 170 71.68 -11.02 40.44
N PHE IA 171 71.42 -10.44 41.59
CA PHE IA 171 70.81 -11.22 42.66
C PHE IA 171 69.82 -10.39 43.46
N ILE IA 172 68.78 -11.06 43.94
CA ILE IA 172 67.64 -10.34 44.50
C ILE IA 172 67.83 -10.01 45.97
N LEU IA 173 68.65 -10.75 46.70
CA LEU IA 173 68.85 -10.38 48.08
C LEU IA 173 69.86 -9.24 48.17
N ASN IA 174 70.07 -8.73 49.38
CA ASN IA 174 70.79 -7.47 49.53
C ASN IA 174 72.28 -7.72 49.73
N LEU IA 175 72.64 -8.41 50.82
CA LEU IA 175 73.98 -8.85 51.19
C LEU IA 175 75.05 -7.76 51.11
N PRO IA 176 75.06 -6.78 52.00
CA PRO IA 176 76.01 -5.69 51.86
C PRO IA 176 77.43 -6.02 52.30
N THR IA 177 77.59 -6.67 53.45
CA THR IA 177 78.88 -6.77 54.13
C THR IA 177 79.22 -8.23 54.38
N PHE IA 178 80.41 -8.65 53.93
CA PHE IA 178 80.88 -10.01 54.16
C PHE IA 178 82.14 -9.98 55.01
N SER IA 179 82.14 -10.72 56.10
CA SER IA 179 83.33 -10.89 56.91
C SER IA 179 84.11 -12.11 56.43
N VAL IA 180 85.43 -12.05 56.59
CA VAL IA 180 86.36 -12.97 55.95
C VAL IA 180 87.37 -13.46 56.96
N ARG IA 181 87.53 -14.78 57.06
CA ARG IA 181 88.63 -15.38 57.82
C ARG IA 181 89.64 -16.00 56.87
N ILE IA 182 90.76 -16.43 57.45
CA ILE IA 182 91.73 -17.28 56.78
C ILE IA 182 92.37 -18.15 57.85
N ILE IA 183 92.79 -19.35 57.46
CA ILE IA 183 93.45 -20.28 58.36
C ILE IA 183 94.85 -20.55 57.80
N ASP IA 184 95.85 -20.55 58.67
CA ASP IA 184 97.23 -20.78 58.24
C ASP IA 184 97.87 -21.76 59.21
N LYS IA 185 99.20 -21.82 59.15
CA LYS IA 185 99.96 -22.58 60.13
C LYS IA 185 99.91 -21.95 61.51
N ASN IA 186 99.65 -20.65 61.60
CA ASN IA 186 99.59 -19.98 62.89
C ASN IA 186 98.25 -20.23 63.54
N GLY IA 187 97.16 -19.90 62.85
CA GLY IA 187 95.84 -20.09 63.41
C GLY IA 187 94.76 -19.53 62.51
N ILE IA 188 93.77 -18.89 63.11
CA ILE IA 188 92.70 -18.24 62.37
C ILE IA 188 92.99 -16.75 62.35
N HIS IA 189 93.17 -16.20 61.17
CA HIS IA 189 93.39 -14.77 61.01
C HIS IA 189 92.20 -14.16 60.31
N ASP IA 190 91.70 -13.06 60.86
CA ASP IA 190 90.56 -12.38 60.31
C ASP IA 190 91.02 -11.27 59.38
N LEU IA 191 90.59 -11.33 58.13
CA LEU IA 191 90.79 -10.21 57.24
C LEU IA 191 89.72 -9.17 57.49
N ASP IA 192 89.81 -8.05 56.79
CA ASP IA 192 88.88 -6.95 57.02
C ASP IA 192 87.49 -7.26 56.47
N ASN IA 193 86.51 -6.53 56.99
CA ASN IA 193 85.13 -6.72 56.55
C ASN IA 193 84.99 -6.19 55.13
N ILE IA 194 84.41 -6.99 54.26
CA ILE IA 194 84.36 -6.68 52.84
C ILE IA 194 82.93 -6.29 52.51
N SER IA 195 82.71 -5.02 52.27
CA SER IA 195 81.44 -4.54 51.75
C SER IA 195 81.70 -3.77 50.48
N PHE IA 196 80.65 -3.58 49.70
CA PHE IA 196 80.81 -2.79 48.49
C PHE IA 196 79.67 -1.79 48.32
N PRO IA 197 80.00 -0.54 48.02
CA PRO IA 197 79.00 0.37 47.47
C PRO IA 197 78.63 -0.04 46.04
N LYS IA 198 77.33 -0.13 45.77
CA LYS IA 198 76.86 -0.75 44.54
C LYS IA 198 77.04 0.17 43.33
N GLN IA 199 76.37 1.31 43.34
CA GLN IA 199 76.44 2.22 42.20
C GLN IA 199 77.58 3.23 42.34
N THR JA 1 49.46 -4.42 67.44
CA THR JA 1 50.59 -4.60 68.33
C THR JA 1 51.91 -4.24 67.67
N THR JA 2 52.62 -3.30 68.29
CA THR JA 2 53.95 -2.92 67.85
C THR JA 2 54.73 -2.43 69.06
N THR JA 3 55.88 -3.03 69.29
CA THR JA 3 56.80 -2.61 70.32
C THR JA 3 58.11 -2.20 69.66
N LEU JA 4 58.94 -1.48 70.41
CA LEU JA 4 60.28 -1.20 69.93
C LEU JA 4 61.21 -1.07 71.11
N ALA JA 5 62.50 -1.19 70.81
CA ALA JA 5 63.54 -1.01 71.82
C ALA JA 5 64.83 -0.65 71.09
N PHE JA 6 65.56 0.31 71.64
CA PHE JA 6 66.86 0.65 71.10
C PHE JA 6 67.70 1.21 72.24
N LYS JA 7 68.97 0.85 72.27
CA LYS JA 7 69.86 1.34 73.30
C LYS JA 7 70.72 2.46 72.76
N PHE JA 8 71.19 3.30 73.66
CA PHE JA 8 71.99 4.45 73.28
C PHE JA 8 72.97 4.70 74.43
N ARG JA 9 73.54 5.90 74.45
CA ARG JA 9 74.54 6.27 75.44
C ARG JA 9 74.00 6.18 76.86
N HIS JA 10 72.83 6.75 77.11
CA HIS JA 10 72.29 6.78 78.47
C HIS JA 10 71.22 5.72 78.63
N GLY JA 11 71.64 4.46 78.53
CA GLY JA 11 70.71 3.37 78.81
C GLY JA 11 69.85 3.00 77.62
N VAL JA 12 68.70 2.39 77.92
CA VAL JA 12 67.84 1.75 76.93
C VAL JA 12 66.44 2.35 77.02
N ILE JA 13 65.84 2.59 75.86
CA ILE JA 13 64.46 3.06 75.77
C ILE JA 13 63.57 1.89 75.37
N VAL JA 14 62.47 1.71 76.09
CA VAL JA 14 61.49 0.69 75.77
C VAL JA 14 60.11 1.33 75.77
N ALA JA 15 59.37 1.17 74.68
CA ALA JA 15 58.01 1.65 74.59
C ALA JA 15 57.14 0.62 73.88
N ALA JA 16 55.84 0.71 74.13
CA ALA JA 16 54.90 -0.24 73.55
C ALA JA 16 53.52 0.39 73.53
N ASP JA 17 52.65 -0.21 72.74
CA ASP JA 17 51.24 0.14 72.74
C ASP JA 17 50.51 -0.71 73.78
N SER JA 18 49.19 -0.60 73.84
CA SER JA 18 48.42 -1.34 74.83
C SER JA 18 47.17 -1.97 74.23
N ARG JA 19 47.10 -2.05 72.91
CA ARG JA 19 45.96 -2.63 72.22
C ARG JA 19 46.21 -4.10 71.97
N ALA JA 20 45.30 -4.95 72.42
CA ALA JA 20 45.38 -6.39 72.21
C ALA JA 20 44.01 -6.85 71.75
N THR JA 21 43.86 -7.09 70.45
CA THR JA 21 42.57 -7.41 69.88
C THR JA 21 42.30 -8.90 69.99
N ALA JA 22 41.20 -9.33 69.36
CA ALA JA 22 40.86 -10.75 69.22
C ALA JA 22 40.24 -10.88 67.83
N GLY JA 23 41.07 -11.18 66.85
CA GLY JA 23 40.63 -11.20 65.47
C GLY JA 23 40.34 -9.80 64.99
N ALA JA 24 39.09 -9.54 64.62
CA ALA JA 24 38.65 -8.21 64.21
C ALA JA 24 38.12 -7.40 65.38
N TYR JA 25 38.19 -7.94 66.60
CA TYR JA 25 37.53 -7.37 67.76
C TYR JA 25 38.56 -6.94 68.78
N ILE JA 26 38.48 -5.69 69.22
CA ILE JA 26 39.37 -5.20 70.26
C ILE JA 26 38.92 -5.75 71.60
N ALA JA 27 39.83 -6.44 72.30
CA ALA JA 27 39.52 -6.85 73.65
C ALA JA 27 39.66 -5.69 74.63
N SER JA 28 40.86 -5.11 74.71
CA SER JA 28 41.09 -3.99 75.61
C SER JA 28 41.99 -2.96 74.94
N GLN JA 29 42.01 -1.78 75.55
CA GLN JA 29 42.86 -0.69 75.13
C GLN JA 29 44.02 -0.45 76.08
N THR JA 30 44.05 -1.13 77.22
CA THR JA 30 45.01 -0.84 78.28
C THR JA 30 45.76 -2.10 78.68
N VAL JA 31 46.15 -2.93 77.71
CA VAL JA 31 46.87 -4.15 78.02
C VAL JA 31 48.34 -3.79 78.23
N LYS JA 32 48.79 -3.87 79.47
CA LYS JA 32 50.14 -3.45 79.85
C LYS JA 32 51.13 -4.50 79.34
N LYS JA 33 51.73 -4.21 78.19
CA LYS JA 33 52.47 -5.25 77.48
C LYS JA 33 53.87 -5.45 78.03
N VAL JA 34 54.52 -4.39 78.48
CA VAL JA 34 55.92 -4.49 78.89
C VAL JA 34 55.92 -5.12 80.28
N ILE JA 35 56.19 -6.42 80.34
CA ILE JA 35 56.08 -7.18 81.57
C ILE JA 35 57.30 -6.89 82.44
N GLU JA 36 57.06 -6.35 83.62
CA GLU JA 36 58.12 -5.95 84.52
C GLU JA 36 58.69 -7.18 85.19
N ILE JA 37 59.84 -7.64 84.72
CA ILE JA 37 60.44 -8.86 85.24
C ILE JA 37 61.02 -8.65 86.62
N ASN JA 38 61.88 -7.67 86.76
CA ASN JA 38 62.70 -7.47 87.95
C ASN JA 38 62.79 -5.98 88.26
N PRO JA 39 63.50 -5.59 89.32
CA PRO JA 39 63.97 -4.19 89.38
C PRO JA 39 65.04 -3.85 88.36
N TYR JA 40 65.51 -4.81 87.57
CA TYR JA 40 66.59 -4.58 86.63
C TYR JA 40 66.35 -5.23 85.27
N LEU JA 41 65.25 -5.93 85.07
CA LEU JA 41 64.93 -6.52 83.78
C LEU JA 41 63.56 -6.08 83.31
N LEU JA 42 63.41 -5.99 81.99
CA LEU JA 42 62.13 -5.71 81.37
C LEU JA 42 61.90 -6.72 80.27
N GLY JA 43 60.77 -7.42 80.35
CA GLY JA 43 60.33 -8.25 79.26
C GLY JA 43 59.11 -7.65 78.61
N THR JA 44 58.84 -8.07 77.39
CA THR JA 44 57.77 -7.49 76.59
C THR JA 44 56.71 -8.55 76.32
N MET JA 45 55.64 -8.14 75.65
CA MET JA 45 54.60 -9.05 75.19
C MET JA 45 54.45 -8.83 73.70
N ALA JA 46 54.95 -9.75 72.89
CA ALA JA 46 55.04 -9.54 71.45
C ALA JA 46 54.48 -10.77 70.76
N GLY JA 47 53.18 -10.75 70.53
CA GLY JA 47 52.52 -11.83 69.82
C GLY JA 47 52.10 -12.89 70.79
N GLY JA 48 50.81 -13.02 71.05
CA GLY JA 48 50.33 -13.94 72.07
C GLY JA 48 50.51 -13.38 73.47
N ALA JA 49 49.47 -13.47 74.27
CA ALA JA 49 49.57 -12.87 75.60
C ALA JA 49 50.06 -13.86 76.63
N ALA JA 50 49.44 -15.04 76.66
CA ALA JA 50 49.74 -16.01 77.72
C ALA JA 50 51.13 -16.59 77.57
N ASP JA 51 51.61 -16.74 76.33
CA ASP JA 51 52.94 -17.29 76.13
C ASP JA 51 54.01 -16.34 76.66
N CYS JA 52 53.93 -15.08 76.24
CA CYS JA 52 54.87 -14.06 76.72
C CYS JA 52 54.77 -13.91 78.22
N SER JA 53 53.54 -13.91 78.74
CA SER JA 53 53.29 -13.73 80.16
C SER JA 53 53.91 -14.85 80.98
N PHE JA 54 53.55 -16.09 80.64
CA PHE JA 54 53.95 -17.24 81.43
C PHE JA 54 55.45 -17.45 81.36
N TRP JA 55 56.01 -17.38 80.15
CA TRP JA 55 57.42 -17.69 80.02
C TRP JA 55 58.30 -16.58 80.59
N GLU JA 56 57.86 -15.32 80.54
CA GLU JA 56 58.65 -14.31 81.21
C GLU JA 56 58.50 -14.38 82.72
N ARG JA 57 57.34 -14.84 83.22
CA ARG JA 57 57.22 -15.05 84.66
C ARG JA 57 58.12 -16.20 85.11
N LEU JA 58 58.21 -17.25 84.30
CA LEU JA 58 59.11 -18.35 84.61
C LEU JA 58 60.56 -17.92 84.54
N LEU JA 59 60.89 -17.03 83.62
CA LEU JA 59 62.25 -16.51 83.55
C LEU JA 59 62.58 -15.65 84.76
N ALA JA 60 61.59 -14.89 85.25
CA ALA JA 60 61.79 -14.10 86.46
C ALA JA 60 62.02 -14.99 87.67
N ARG JA 61 61.24 -16.08 87.76
CA ARG JA 61 61.47 -17.11 88.75
C ARG JA 61 62.89 -17.65 88.71
N GLN JA 62 63.36 -17.97 87.51
CA GLN JA 62 64.67 -18.57 87.36
C GLN JA 62 65.79 -17.59 87.71
N CYS JA 63 65.62 -16.32 87.34
CA CYS JA 63 66.61 -15.30 87.68
C CYS JA 63 66.67 -15.07 89.18
N ARG JA 64 65.51 -15.11 89.85
CA ARG JA 64 65.52 -14.96 91.30
C ARG JA 64 66.21 -16.13 91.97
N ILE JA 65 66.02 -17.34 91.42
CA ILE JA 65 66.74 -18.52 91.91
C ILE JA 65 68.24 -18.34 91.76
N TYR JA 66 68.67 -17.87 90.59
CA TYR JA 66 70.10 -17.65 90.33
C TYR JA 66 70.69 -16.63 91.28
N GLU JA 67 69.98 -15.53 91.50
CA GLU JA 67 70.50 -14.46 92.33
C GLU JA 67 70.57 -14.89 93.79
N LEU JA 68 69.57 -15.63 94.25
CA LEU JA 68 69.62 -16.13 95.62
C LEU JA 68 70.61 -17.27 95.78
N ARG JA 69 71.05 -17.89 94.68
CA ARG JA 69 72.12 -18.86 94.80
C ARG JA 69 73.51 -18.23 94.76
N ASN JA 70 73.69 -17.13 94.05
CA ASN JA 70 75.03 -16.63 93.84
C ASN JA 70 75.29 -15.25 94.40
N LYS JA 71 74.32 -14.66 95.12
CA LYS JA 71 74.43 -13.35 95.77
C LYS JA 71 74.78 -12.24 94.79
N GLU JA 72 74.34 -12.38 93.54
CA GLU JA 72 74.89 -11.57 92.46
C GLU JA 72 73.86 -11.44 91.37
N ARG JA 73 73.70 -10.23 90.85
CA ARG JA 73 72.72 -9.99 89.79
C ARG JA 73 73.16 -10.68 88.51
N ILE JA 74 72.19 -11.33 87.84
CA ILE JA 74 72.46 -12.08 86.63
C ILE JA 74 72.62 -11.13 85.44
N SER JA 75 73.32 -11.59 84.42
CA SER JA 75 73.52 -10.79 83.22
C SER JA 75 72.31 -10.90 82.30
N VAL JA 76 72.34 -10.11 81.22
CA VAL JA 76 71.21 -10.04 80.31
C VAL JA 76 71.27 -11.20 79.32
N ALA JA 77 72.47 -11.52 78.85
CA ALA JA 77 72.66 -12.62 77.91
C ALA JA 77 72.27 -13.94 78.52
N ALA JA 78 72.52 -14.10 79.83
CA ALA JA 78 72.13 -15.34 80.50
C ALA JA 78 70.62 -15.48 80.55
N ALA JA 79 69.90 -14.38 80.78
CA ALA JA 79 68.45 -14.44 80.83
C ALA JA 79 67.87 -14.73 79.46
N SER JA 80 68.43 -14.10 78.42
CA SER JA 80 68.00 -14.39 77.05
C SER JA 80 68.30 -15.84 76.68
N LYS JA 81 69.41 -16.36 77.19
CA LYS JA 81 69.78 -17.74 76.95
C LYS JA 81 68.79 -18.71 77.58
N LEU JA 82 68.44 -18.48 78.84
CA LEU JA 82 67.53 -19.36 79.53
C LEU JA 82 66.13 -19.30 78.94
N LEU JA 83 65.71 -18.10 78.52
CA LEU JA 83 64.43 -17.98 77.82
C LEU JA 83 64.44 -18.75 76.51
N ALA JA 84 65.55 -18.68 75.77
CA ALA JA 84 65.65 -19.40 74.51
C ALA JA 84 65.64 -20.90 74.72
N ASN JA 85 66.34 -21.38 75.74
CA ASN JA 85 66.36 -22.82 76.02
C ASN JA 85 65.00 -23.32 76.46
N MET JA 86 64.32 -22.57 77.31
CA MET JA 86 63.03 -23.05 77.81
C MET JA 86 61.95 -22.93 76.75
N VAL JA 87 62.10 -22.01 75.81
CA VAL JA 87 61.14 -21.96 74.71
C VAL JA 87 61.41 -23.03 73.68
N TYR JA 88 62.68 -23.36 73.42
CA TYR JA 88 63.07 -24.22 72.32
C TYR JA 88 62.55 -25.65 72.44
N GLN JA 89 62.25 -26.10 73.66
CA GLN JA 89 61.76 -27.47 73.85
C GLN JA 89 60.36 -27.69 73.35
N TYR JA 90 59.65 -26.71 72.81
CA TYR JA 90 58.30 -26.90 72.32
C TYR JA 90 58.22 -26.37 70.90
N LYS JA 91 59.29 -26.61 70.14
CA LYS JA 91 59.38 -26.12 68.78
C LYS JA 91 58.39 -26.86 67.89
N GLY JA 92 57.64 -26.11 67.09
CA GLY JA 92 56.66 -26.69 66.21
C GLY JA 92 55.33 -27.00 66.86
N MET JA 93 55.26 -27.02 68.20
CA MET JA 93 54.01 -27.32 68.88
C MET JA 93 53.08 -26.13 68.98
N GLY JA 94 53.43 -24.99 68.39
CA GLY JA 94 52.49 -23.90 68.25
C GLY JA 94 52.56 -22.87 69.36
N LEU JA 95 53.76 -22.45 69.72
CA LEU JA 95 53.93 -21.32 70.62
C LEU JA 95 54.25 -20.08 69.80
N SER JA 96 53.52 -19.01 70.07
CA SER JA 96 53.73 -17.74 69.38
C SER JA 96 54.34 -16.77 70.38
N MET JA 97 55.59 -16.39 70.13
CA MET JA 97 56.31 -15.56 71.09
C MET JA 97 57.49 -14.89 70.39
N GLY JA 98 57.53 -13.57 70.42
CA GLY JA 98 58.63 -12.85 69.84
C GLY JA 98 59.14 -11.72 70.72
N THR JA 99 59.22 -11.96 72.02
CA THR JA 99 59.43 -10.89 72.98
C THR JA 99 60.86 -10.36 72.95
N MET JA 100 61.07 -9.28 73.71
CA MET JA 100 62.36 -8.62 73.79
C MET JA 100 62.85 -8.60 75.23
N ILE JA 101 64.17 -8.68 75.37
CA ILE JA 101 64.84 -8.77 76.65
C ILE JA 101 65.73 -7.56 76.81
N CYS JA 102 65.49 -6.77 77.85
CA CYS JA 102 66.28 -5.58 78.10
C CYS JA 102 66.73 -5.58 79.54
N GLY JA 103 67.91 -5.02 79.76
CA GLY JA 103 68.44 -4.93 81.10
C GLY JA 103 69.85 -4.39 81.07
N TRP JA 104 70.36 -4.08 82.26
CA TRP JA 104 71.69 -3.52 82.40
C TRP JA 104 72.67 -4.62 82.78
N ASP JA 105 73.90 -4.48 82.28
CA ASP JA 105 74.91 -5.51 82.40
C ASP JA 105 76.11 -4.93 83.13
N LYS JA 106 76.97 -5.83 83.60
CA LYS JA 106 78.34 -5.44 83.94
C LYS JA 106 79.07 -4.94 82.70
N ARG JA 107 78.73 -5.49 81.53
CA ARG JA 107 79.18 -4.92 80.26
C ARG JA 107 78.44 -3.64 79.91
N GLY JA 108 77.31 -3.35 80.55
CA GLY JA 108 76.66 -2.07 80.39
C GLY JA 108 75.23 -2.19 79.94
N PRO JA 109 74.92 -1.58 78.81
CA PRO JA 109 73.60 -1.77 78.20
C PRO JA 109 73.50 -3.15 77.58
N GLY JA 110 72.32 -3.76 77.73
CA GLY JA 110 72.12 -5.09 77.19
C GLY JA 110 70.80 -5.22 76.46
N LEU JA 111 70.85 -5.67 75.21
CA LEU JA 111 69.68 -5.73 74.34
C LEU JA 111 69.72 -7.03 73.56
N TYR JA 112 68.75 -7.89 73.81
CA TYR JA 112 68.64 -9.15 73.10
C TYR JA 112 67.24 -9.34 72.56
N TYR JA 113 67.10 -10.35 71.71
CA TYR JA 113 65.83 -10.61 71.03
C TYR JA 113 65.67 -12.11 70.85
N VAL JA 114 64.67 -12.67 71.52
CA VAL JA 114 64.41 -14.11 71.52
C VAL JA 114 63.03 -14.34 70.93
N ASP JA 115 62.96 -15.22 69.95
CA ASP JA 115 61.70 -15.63 69.34
C ASP JA 115 61.24 -16.99 69.87
N SER JA 116 60.01 -17.34 69.50
CA SER JA 116 59.58 -18.72 69.61
C SER JA 116 60.29 -19.62 68.60
N GLU JA 117 60.84 -19.04 67.54
CA GLU JA 117 61.64 -19.77 66.57
C GLU JA 117 63.09 -19.94 66.99
N GLY JA 118 63.51 -19.33 68.10
CA GLY JA 118 64.87 -19.47 68.55
C GLY JA 118 65.85 -18.54 67.87
N ASN JA 119 65.44 -17.32 67.54
CA ASN JA 119 66.30 -16.40 66.82
C ASN JA 119 67.04 -15.48 67.80
N ARG JA 120 67.78 -16.11 68.72
CA ARG JA 120 68.43 -15.38 69.80
C ARG JA 120 69.54 -14.49 69.30
N ILE JA 121 69.27 -13.19 69.24
CA ILE JA 121 70.21 -12.22 68.69
C ILE JA 121 70.28 -11.01 69.60
N SER JA 122 71.45 -10.38 69.62
CA SER JA 122 71.57 -9.03 70.12
C SER JA 122 71.40 -8.05 68.96
N GLY JA 123 71.73 -6.80 69.20
CA GLY JA 123 71.61 -5.78 68.19
C GLY JA 123 71.64 -4.41 68.83
N ALA JA 124 71.22 -3.43 68.06
CA ALA JA 124 71.11 -2.07 68.55
C ALA JA 124 69.70 -1.52 68.49
N THR JA 125 68.95 -1.84 67.44
CA THR JA 125 67.58 -1.36 67.28
C THR JA 125 66.68 -2.54 66.96
N PHE JA 126 65.46 -2.52 67.50
CA PHE JA 126 64.52 -3.59 67.24
C PHE JA 126 63.10 -3.06 67.24
N SER JA 127 62.23 -3.79 66.55
CA SER JA 127 60.81 -3.47 66.56
C SER JA 127 60.03 -4.74 66.22
N VAL JA 128 59.08 -5.09 67.08
CA VAL JA 128 58.38 -6.36 66.94
C VAL JA 128 56.90 -6.06 66.77
N GLY JA 129 56.22 -6.84 65.95
CA GLY JA 129 54.79 -6.75 65.83
C GLY JA 129 54.33 -6.57 64.40
N SER JA 130 53.04 -6.28 64.26
CA SER JA 130 52.43 -6.14 62.94
C SER JA 130 52.91 -4.86 62.25
N GLY JA 131 52.74 -3.71 62.89
CA GLY JA 131 53.19 -2.46 62.31
C GLY JA 131 54.60 -2.13 62.75
N SER JA 132 55.43 -3.16 62.92
CA SER JA 132 56.78 -2.98 63.43
C SER JA 132 57.68 -2.31 62.41
N VAL JA 133 57.40 -2.51 61.12
CA VAL JA 133 58.18 -1.90 60.06
C VAL JA 133 58.02 -0.38 60.05
N TYR JA 134 56.88 0.11 60.52
CA TYR JA 134 56.66 1.55 60.60
C TYR JA 134 57.57 2.16 61.65
N ALA JA 135 57.65 1.51 62.82
CA ALA JA 135 58.56 1.94 63.87
C ALA JA 135 60.01 1.81 63.43
N TYR JA 136 60.33 0.74 62.67
CA TYR JA 136 61.65 0.60 62.05
C TYR JA 136 62.00 1.81 61.21
N GLY JA 137 61.09 2.20 60.32
CA GLY JA 137 61.33 3.32 59.42
C GLY JA 137 61.56 4.64 60.13
N VAL JA 138 60.64 5.01 61.01
CA VAL JA 138 60.77 6.33 61.63
C VAL JA 138 61.87 6.34 62.70
N MET JA 139 62.17 5.18 63.31
CA MET JA 139 63.26 5.11 64.26
C MET JA 139 64.61 5.21 63.55
N ASP JA 140 64.79 4.44 62.48
CA ASP JA 140 66.04 4.49 61.74
C ASP JA 140 66.19 5.76 60.93
N ARG JA 141 65.12 6.54 60.79
CA ARG JA 141 65.30 7.96 60.56
C ARG JA 141 65.93 8.62 61.78
N GLY JA 142 65.26 8.56 62.93
CA GLY JA 142 65.72 9.36 64.03
C GLY JA 142 66.81 8.79 64.92
N TYR JA 143 67.41 7.67 64.54
CA TYR JA 143 68.37 7.00 65.41
C TYR JA 143 69.76 7.58 65.25
N SER JA 144 70.46 7.68 66.38
CA SER JA 144 71.91 7.73 66.41
C SER JA 144 72.34 7.12 67.74
N TYR JA 145 73.63 7.24 68.04
CA TYR JA 145 74.07 6.77 69.35
C TYR JA 145 74.15 7.89 70.37
N ASP JA 146 74.48 9.11 69.94
CA ASP JA 146 74.72 10.21 70.86
C ASP JA 146 73.48 11.06 71.09
N LEU JA 147 72.30 10.44 71.09
CA LEU JA 147 71.06 11.16 71.29
C LEU JA 147 70.91 11.57 72.75
N GLU JA 148 70.03 12.53 72.98
CA GLU JA 148 69.79 13.02 74.33
C GLU JA 148 68.62 12.27 74.96
N VAL JA 149 68.17 12.77 76.11
CA VAL JA 149 67.11 12.12 76.87
C VAL JA 149 65.75 12.45 76.28
N GLU JA 150 65.44 13.74 76.21
CA GLU JA 150 64.19 14.19 75.64
C GLU JA 150 64.12 13.86 74.16
N GLN JA 151 65.26 13.87 73.47
CA GLN JA 151 65.31 13.49 72.06
C GLN JA 151 64.90 12.04 71.86
N ALA JA 152 65.42 11.15 72.72
CA ALA JA 152 65.06 9.74 72.61
C ALA JA 152 63.60 9.51 72.99
N TYR JA 153 63.12 10.24 74.00
CA TYR JA 153 61.73 10.12 74.40
C TYR JA 153 60.80 10.55 73.28
N ASP JA 154 61.12 11.67 72.64
CA ASP JA 154 60.28 12.17 71.56
C ASP JA 154 60.37 11.26 70.34
N LEU JA 155 61.54 10.68 70.09
CA LEU JA 155 61.69 9.73 68.99
C LEU JA 155 60.82 8.51 69.19
N ALA JA 156 60.92 7.88 70.38
CA ALA JA 156 60.14 6.69 70.65
C ALA JA 156 58.65 6.98 70.67
N ARG JA 157 58.27 8.12 71.24
CA ARG JA 157 56.86 8.46 71.33
C ARG JA 157 56.26 8.77 69.97
N ARG JA 158 56.99 9.54 69.16
CA ARG JA 158 56.61 9.79 67.78
C ARG JA 158 56.51 8.50 66.98
N ALA JA 159 57.41 7.55 67.26
CA ALA JA 159 57.42 6.29 66.55
C ALA JA 159 56.18 5.47 66.86
N ILE JA 160 55.84 5.35 68.14
CA ILE JA 160 54.65 4.61 68.53
C ILE JA 160 53.40 5.30 68.00
N TYR JA 161 53.41 6.64 67.94
CA TYR JA 161 52.27 7.36 67.42
C TYR JA 161 52.07 7.10 65.93
N GLN JA 162 53.15 7.13 65.15
CA GLN JA 162 53.03 6.87 63.71
C GLN JA 162 52.62 5.43 63.46
N ALA JA 163 53.09 4.51 64.30
CA ALA JA 163 52.73 3.10 64.17
C ALA JA 163 51.24 2.89 64.42
N THR JA 164 50.72 3.46 65.51
CA THR JA 164 49.30 3.37 65.77
C THR JA 164 48.48 4.16 64.78
N TYR JA 165 49.07 5.15 64.13
CA TYR JA 165 48.33 5.91 63.13
C TYR JA 165 48.13 5.09 61.88
N ARG JA 166 49.15 4.36 61.45
CA ARG JA 166 48.99 3.66 60.18
C ARG JA 166 48.39 2.28 60.35
N ASP JA 167 48.90 1.48 61.27
CA ASP JA 167 48.35 0.15 61.45
C ASP JA 167 47.08 0.22 62.30
N ALA JA 168 46.16 -0.70 62.02
CA ALA JA 168 44.89 -0.74 62.72
C ALA JA 168 44.91 -1.66 63.93
N TYR JA 169 45.89 -2.56 64.03
CA TYR JA 169 46.01 -3.43 65.19
C TYR JA 169 46.76 -2.78 66.33
N SER JA 170 46.97 -1.47 66.29
CA SER JA 170 47.77 -0.82 67.31
C SER JA 170 47.06 0.43 67.79
N GLY JA 171 47.15 0.68 69.09
CA GLY JA 171 46.47 1.79 69.70
C GLY JA 171 46.50 1.65 71.20
N GLY JA 172 45.64 2.42 71.86
CA GLY JA 172 45.66 2.46 73.29
C GLY JA 172 46.77 3.36 73.78
N ALA JA 173 46.99 3.31 75.09
CA ALA JA 173 47.94 4.22 75.72
C ALA JA 173 49.37 3.85 75.35
N VAL JA 174 50.21 4.87 75.24
CA VAL JA 174 51.60 4.70 74.86
C VAL JA 174 52.43 4.69 76.14
N ASN JA 175 52.82 3.50 76.59
CA ASN JA 175 53.70 3.45 77.74
C ASN JA 175 55.13 3.75 77.32
N LEU JA 176 55.93 4.20 78.28
CA LEU JA 176 57.30 4.60 77.96
C LEU JA 176 58.19 4.26 79.14
N TYR JA 177 59.10 3.33 78.93
CA TYR JA 177 60.03 2.92 79.97
C TYR JA 177 61.45 3.33 79.63
N HIS JA 178 62.25 3.52 80.66
CA HIS JA 178 63.64 3.93 80.51
C HIS JA 178 64.51 3.17 81.48
N VAL JA 179 65.49 2.46 80.95
CA VAL JA 179 66.43 1.70 81.75
C VAL JA 179 67.67 2.55 81.95
N ARG JA 180 68.13 2.64 83.19
CA ARG JA 180 69.37 3.29 83.52
C ARG JA 180 70.40 2.24 83.92
N GLU JA 181 71.56 2.72 84.39
CA GLU JA 181 72.58 1.82 84.90
C GLU JA 181 72.11 1.10 86.15
N ASP JA 182 71.44 1.80 87.04
CA ASP JA 182 70.99 1.20 88.29
C ASP JA 182 69.68 0.43 88.14
N GLY JA 183 68.72 1.00 87.43
CA GLY JA 183 67.41 0.36 87.36
C GLY JA 183 66.57 1.03 86.29
N TRP JA 184 65.44 0.39 86.02
CA TRP JA 184 64.50 0.92 85.05
C TRP JA 184 63.55 1.92 85.69
N ILE JA 185 62.97 2.77 84.86
CA ILE JA 185 62.09 3.83 85.33
C ILE JA 185 60.99 4.04 84.30
N ARG JA 186 59.74 4.04 84.74
CA ARG JA 186 58.65 4.51 83.90
C ARG JA 186 58.77 6.01 83.67
N VAL JA 187 58.65 6.42 82.42
CA VAL JA 187 58.62 7.85 82.15
C VAL JA 187 57.18 8.32 82.19
N SER JA 188 56.35 7.81 81.27
CA SER JA 188 55.00 8.31 81.14
C SER JA 188 54.15 7.31 80.39
N SER JA 189 52.84 7.51 80.46
CA SER JA 189 51.86 6.73 79.70
C SER JA 189 50.88 7.72 79.06
N ASP JA 190 51.03 7.94 77.76
CA ASP JA 190 50.24 8.93 77.05
C ASP JA 190 49.25 8.25 76.10
N ASN JA 191 48.11 8.90 75.90
CA ASN JA 191 47.08 8.38 75.01
C ASN JA 191 47.39 8.79 73.57
N VAL JA 192 46.73 8.11 72.63
CA VAL JA 192 46.92 8.41 71.21
C VAL JA 192 46.40 9.81 70.88
N ALA JA 193 45.16 10.08 71.28
CA ALA JA 193 44.47 11.31 70.86
C ALA JA 193 45.16 12.55 71.41
N ASP JA 194 45.73 12.44 72.60
CA ASP JA 194 46.54 13.53 73.14
C ASP JA 194 47.74 13.81 72.27
N LEU JA 195 48.40 12.76 71.78
CA LEU JA 195 49.55 12.95 70.91
C LEU JA 195 49.14 13.45 69.54
N HIS JA 196 47.95 13.09 69.07
CA HIS JA 196 47.46 13.62 67.81
C HIS JA 196 47.17 15.12 67.92
N GLU JA 197 46.53 15.52 69.01
CA GLU JA 197 46.29 16.93 69.27
C GLU JA 197 47.59 17.69 69.47
N LYS JA 198 48.59 17.03 70.04
CA LYS JA 198 49.85 17.69 70.34
C LYS JA 198 50.74 17.81 69.11
N TYR JA 199 50.75 16.79 68.26
CA TYR JA 199 51.74 16.65 67.21
C TYR JA 199 51.18 16.86 65.82
N SER JA 200 49.86 16.92 65.67
CA SER JA 200 49.26 17.18 64.38
C SER JA 200 49.39 18.64 63.98
N GLY JA 201 49.70 19.53 64.92
CA GLY JA 201 49.84 20.94 64.63
C GLY JA 201 49.15 21.76 65.69
N ARG KA 1 33.55 -36.41 62.58
CA ARG KA 1 33.73 -37.29 63.73
C ARG KA 1 33.41 -36.54 65.01
N PHE KA 2 33.68 -37.17 66.15
CA PHE KA 2 33.61 -36.52 67.46
C PHE KA 2 34.42 -35.24 67.51
N SER KA 3 33.79 -34.17 67.92
CA SER KA 3 34.43 -32.90 68.23
C SER KA 3 34.53 -32.73 69.74
N PRO KA 4 35.67 -32.28 70.26
CA PRO KA 4 35.80 -32.15 71.72
C PRO KA 4 35.09 -30.95 72.31
N TYR KA 5 34.71 -29.96 71.49
CA TYR KA 5 34.09 -28.75 71.99
C TYR KA 5 32.68 -28.62 71.47
N VAL KA 6 31.89 -27.79 72.16
CA VAL KA 6 30.62 -27.30 71.67
C VAL KA 6 30.38 -25.96 72.35
N PHE KA 7 29.58 -25.11 71.72
CA PHE KA 7 29.35 -23.76 72.23
C PHE KA 7 28.01 -23.71 72.96
N ASN KA 8 28.05 -23.49 74.27
CA ASN KA 8 26.84 -23.32 75.05
C ASN KA 8 26.36 -21.88 75.11
N GLY KA 9 27.24 -20.93 74.86
CA GLY KA 9 26.89 -19.55 75.09
C GLY KA 9 26.99 -19.19 76.56
N GLY KA 10 26.54 -17.97 76.85
CA GLY KA 10 26.61 -17.43 78.19
C GLY KA 10 27.04 -15.99 78.20
N THR KA 11 26.73 -15.28 79.28
CA THR KA 11 27.02 -13.87 79.38
C THR KA 11 27.37 -13.54 80.82
N ILE KA 12 28.59 -13.08 81.05
CA ILE KA 12 29.05 -12.75 82.39
C ILE KA 12 29.39 -11.27 82.41
N LEU KA 13 28.89 -10.57 83.41
CA LEU KA 13 29.17 -9.16 83.58
C LEU KA 13 29.86 -8.94 84.92
N ALA KA 14 30.78 -8.01 84.95
CA ALA KA 14 31.45 -7.66 86.19
C ALA KA 14 31.73 -6.17 86.19
N ILE KA 15 31.58 -5.55 87.36
CA ILE KA 15 31.85 -4.13 87.54
C ILE KA 15 32.62 -3.97 88.83
N ALA KA 16 33.81 -3.40 88.75
CA ALA KA 16 34.61 -3.10 89.93
C ALA KA 16 34.24 -1.72 90.43
N GLY KA 17 33.62 -1.66 91.61
CA GLY KA 17 33.29 -0.40 92.24
C GLY KA 17 34.34 0.01 93.25
N GLU KA 18 34.01 1.04 94.01
CA GLU KA 18 34.97 1.57 94.98
C GLU KA 18 35.15 0.62 96.16
N ASP KA 19 34.06 0.08 96.68
CA ASP KA 19 34.15 -0.91 97.75
C ASP KA 19 33.23 -2.08 97.47
N PHE KA 20 32.99 -2.38 96.19
CA PHE KA 20 32.05 -3.41 95.84
C PHE KA 20 32.42 -3.98 94.48
N ALA KA 21 31.96 -5.20 94.23
CA ALA KA 21 32.10 -5.84 92.94
C ALA KA 21 30.76 -6.49 92.63
N ILE KA 22 30.14 -6.09 91.53
CA ILE KA 22 28.87 -6.64 91.11
C ILE KA 22 29.12 -7.60 89.96
N VAL KA 23 28.72 -8.86 90.15
CA VAL KA 23 28.87 -9.89 89.14
C VAL KA 23 27.49 -10.47 88.88
N ALA KA 24 27.08 -10.50 87.62
CA ALA KA 24 25.78 -11.00 87.25
C ALA KA 24 25.88 -11.88 86.01
N SER KA 25 24.91 -12.77 85.86
CA SER KA 25 24.86 -13.68 84.71
C SER KA 25 23.47 -14.22 84.55
N ASP KA 26 23.09 -14.51 83.30
CA ASP KA 26 21.88 -15.27 83.03
C ASP KA 26 22.08 -16.73 83.42
N THR KA 27 20.96 -17.46 83.47
CA THR KA 27 20.99 -18.85 83.89
C THR KA 27 20.52 -19.79 82.78
N ARG KA 28 20.66 -19.38 81.53
CA ARG KA 28 20.21 -20.16 80.40
C ARG KA 28 21.34 -21.05 79.89
N LEU KA 29 21.04 -22.34 79.69
CA LEU KA 29 21.99 -23.28 79.11
C LEU KA 29 21.40 -23.84 77.83
N SER KA 30 22.10 -23.65 76.72
CA SER KA 30 21.59 -23.99 75.41
C SER KA 30 22.61 -24.82 74.65
N GLU KA 31 22.18 -25.31 73.48
CA GLU KA 31 23.05 -26.02 72.56
C GLU KA 31 22.48 -25.86 71.17
N GLY KA 32 23.16 -25.10 70.32
CA GLY KA 32 22.73 -24.94 68.94
C GLY KA 32 21.40 -24.22 68.83
N PHE KA 33 20.35 -24.98 68.55
CA PHE KA 33 19.01 -24.46 68.40
C PHE KA 33 18.07 -25.13 69.38
N SER KA 34 18.53 -25.32 70.61
CA SER KA 34 17.73 -25.95 71.64
C SER KA 34 18.03 -25.30 72.97
N ILE KA 35 17.13 -25.51 73.93
CA ILE KA 35 17.25 -24.97 75.26
C ILE KA 35 17.26 -26.14 76.23
N HIS KA 36 18.37 -26.30 76.95
CA HIS KA 36 18.44 -27.41 77.89
C HIS KA 36 17.74 -27.06 79.19
N THR KA 37 17.97 -25.86 79.70
CA THR KA 37 17.31 -25.43 80.92
C THR KA 37 17.21 -23.92 80.92
N ARG KA 38 16.52 -23.40 81.94
CA ARG KA 38 16.48 -21.97 82.19
C ARG KA 38 17.05 -21.66 83.57
N ASP KA 39 17.79 -22.60 84.16
CA ASP KA 39 18.39 -22.37 85.48
C ASP KA 39 19.74 -23.09 85.49
N SER KA 40 20.80 -22.32 85.31
CA SER KA 40 22.18 -22.73 85.47
C SER KA 40 23.00 -21.50 85.78
N PRO KA 41 23.14 -21.12 87.05
CA PRO KA 41 23.77 -19.84 87.37
C PRO KA 41 25.28 -19.89 87.16
N LYS KA 42 25.78 -18.95 86.37
CA LYS KA 42 27.19 -18.95 86.04
C LYS KA 42 28.06 -18.44 87.17
N CYS KA 43 27.47 -17.72 88.12
CA CYS KA 43 28.23 -17.19 89.24
C CYS KA 43 28.41 -18.27 90.31
N TYR KA 44 29.51 -18.18 91.04
CA TYR KA 44 29.79 -19.13 92.11
C TYR KA 44 30.53 -18.44 93.24
N LYS KA 45 30.07 -18.67 94.46
CA LYS KA 45 30.61 -18.02 95.64
C LYS KA 45 31.80 -18.82 96.13
N LEU KA 46 33.00 -18.26 96.00
CA LEU KA 46 34.19 -18.97 96.47
C LEU KA 46 34.43 -18.73 97.95
N THR KA 47 34.73 -17.48 98.31
CA THR KA 47 34.90 -17.09 99.70
C THR KA 47 33.88 -16.00 99.99
N ASP KA 48 34.02 -15.38 101.15
CA ASP KA 48 33.15 -14.27 101.50
C ASP KA 48 33.46 -12.99 100.70
N LYS KA 49 34.56 -12.95 99.96
CA LYS KA 49 34.90 -11.78 99.18
C LYS KA 49 35.25 -12.12 97.74
N THR KA 50 34.85 -13.29 97.24
CA THR KA 50 35.25 -13.69 95.90
C THR KA 50 34.15 -14.51 95.25
N VAL KA 51 33.69 -14.05 94.09
CA VAL KA 51 32.74 -14.77 93.26
C VAL KA 51 33.32 -14.88 91.86
N ILE KA 52 33.31 -16.08 91.31
CA ILE KA 52 33.85 -16.34 89.98
C ILE KA 52 32.69 -16.62 89.05
N GLY KA 53 32.86 -16.23 87.78
CA GLY KA 53 31.93 -16.60 86.74
C GLY KA 53 32.64 -17.44 85.69
N CYS KA 54 31.91 -18.37 85.08
CA CYS KA 54 32.47 -19.27 84.09
C CYS KA 54 31.46 -19.49 82.98
N SER KA 55 31.80 -19.08 81.75
CA SER KA 55 30.96 -19.29 80.59
C SER KA 55 31.72 -20.08 79.53
N GLY KA 56 31.01 -20.36 78.44
CA GLY KA 56 31.60 -21.12 77.35
C GLY KA 56 31.15 -22.55 77.36
N PHE KA 57 32.08 -23.48 77.18
CA PHE KA 57 31.75 -24.89 77.30
C PHE KA 57 31.49 -25.24 78.75
N HIS KA 58 30.33 -25.85 79.01
CA HIS KA 58 29.82 -25.96 80.36
C HIS KA 58 30.55 -27.03 81.18
N GLY KA 59 30.96 -28.13 80.54
CA GLY KA 59 31.61 -29.20 81.27
C GLY KA 59 32.97 -28.79 81.80
N ASP KA 60 33.73 -28.05 80.99
CA ASP KA 60 34.98 -27.48 81.46
C ASP KA 60 34.74 -26.46 82.56
N CYS KA 61 33.62 -25.73 82.51
CA CYS KA 61 33.26 -24.82 83.61
C CYS KA 61 33.07 -25.57 84.91
N LEU KA 62 32.36 -26.70 84.85
CA LEU KA 62 32.13 -27.52 86.04
C LEU KA 62 33.44 -28.07 86.60
N THR KA 63 34.26 -28.63 85.71
CA THR KA 63 35.53 -29.23 86.12
C THR KA 63 36.45 -28.19 86.73
N LEU KA 64 36.55 -27.03 86.08
CA LEU KA 64 37.40 -25.95 86.56
C LEU KA 64 36.91 -25.42 87.90
N THR KA 65 35.59 -25.31 88.06
CA THR KA 65 35.01 -24.87 89.32
C THR KA 65 35.40 -25.79 90.46
N LYS KA 66 35.28 -27.09 90.22
CA LYS KA 66 35.60 -28.06 91.26
C LYS KA 66 37.09 -28.08 91.58
N ILE KA 67 37.93 -27.90 90.57
CA ILE KA 67 39.37 -27.85 90.79
C ILE KA 67 39.76 -26.62 91.58
N ILE KA 68 39.12 -25.48 91.29
CA ILE KA 68 39.38 -24.25 92.03
C ILE KA 68 38.96 -24.39 93.47
N GLU KA 69 37.83 -25.05 93.71
CA GLU KA 69 37.39 -25.30 95.09
C GLU KA 69 38.37 -26.20 95.82
N ALA KA 70 38.89 -27.21 95.13
CA ALA KA 70 39.86 -28.11 95.75
C ALA KA 70 41.15 -27.39 96.10
N ARG KA 71 41.63 -26.52 95.22
CA ARG KA 71 42.87 -25.83 95.49
C ARG KA 71 42.70 -24.75 96.55
N LEU KA 72 41.52 -24.14 96.62
CA LEU KA 72 41.18 -23.28 97.74
C LEU KA 72 41.26 -24.02 99.06
N LYS KA 73 40.70 -25.23 99.09
CA LYS KA 73 40.75 -26.03 100.31
C LYS KA 73 42.17 -26.43 100.64
N MET KA 74 43.00 -26.66 99.63
CA MET KA 74 44.41 -26.98 99.87
C MET KA 74 45.16 -25.79 100.47
N TYR KA 75 44.91 -24.59 99.95
CA TYR KA 75 45.57 -23.40 100.50
C TYR KA 75 45.13 -23.14 101.93
N LYS KA 76 43.83 -23.29 102.20
CA LYS KA 76 43.32 -23.00 103.53
C LYS KA 76 43.81 -24.04 104.53
N HIS KA 77 43.77 -25.31 104.15
CA HIS KA 77 44.21 -26.37 105.05
C HIS KA 77 45.72 -26.48 105.13
N SER KA 78 46.45 -25.76 104.31
CA SER KA 78 47.90 -25.72 104.48
C SER KA 78 48.38 -24.44 105.16
N ASN KA 79 47.68 -23.32 104.98
CA ASN KA 79 48.26 -22.02 105.30
C ASN KA 79 47.39 -21.18 106.22
N ASN KA 80 46.35 -21.78 106.80
CA ASN KA 80 45.59 -21.22 107.93
C ASN KA 80 44.88 -19.92 107.62
N LYS KA 81 44.70 -19.58 106.34
CA LYS KA 81 44.06 -18.34 105.95
C LYS KA 81 43.53 -18.51 104.53
N ALA KA 82 42.55 -17.67 104.18
CA ALA KA 82 42.00 -17.72 102.85
C ALA KA 82 42.93 -17.01 101.87
N MET KA 83 42.72 -17.29 100.58
CA MET KA 83 43.51 -16.63 99.56
C MET KA 83 43.05 -15.19 99.40
N THR KA 84 43.87 -14.42 98.69
CA THR KA 84 43.44 -13.10 98.26
C THR KA 84 42.69 -13.27 96.94
N THR KA 85 42.32 -12.16 96.32
CA THR KA 85 41.69 -12.28 95.01
C THR KA 85 42.74 -12.46 93.91
N GLY KA 86 43.81 -11.66 93.97
CA GLY KA 86 44.85 -11.75 92.97
C GLY KA 86 45.62 -13.06 93.02
N ALA KA 87 45.72 -13.67 94.19
CA ALA KA 87 46.33 -14.98 94.28
C ALA KA 87 45.49 -16.02 93.57
N ILE KA 88 44.17 -15.91 93.70
CA ILE KA 88 43.27 -16.80 92.97
C ILE KA 88 43.38 -16.55 91.47
N ALA KA 89 43.57 -15.29 91.08
CA ALA KA 89 43.73 -14.96 89.66
C ALA KA 89 45.02 -15.58 89.11
N ALA KA 90 46.10 -15.49 89.86
CA ALA KA 90 47.36 -16.10 89.45
C ALA KA 90 47.24 -17.61 89.39
N MET KA 91 46.55 -18.21 90.36
CA MET KA 91 46.42 -19.66 90.39
C MET KA 91 45.58 -20.17 89.23
N LEU KA 92 44.52 -19.44 88.90
CA LEU KA 92 43.70 -19.80 87.74
C LEU KA 92 44.47 -19.64 86.44
N SER KA 93 45.31 -18.62 86.34
CA SER KA 93 46.13 -18.46 85.14
C SER KA 93 47.14 -19.58 85.00
N THR KA 94 47.70 -20.03 86.12
CA THR KA 94 48.60 -21.18 86.09
C THR KA 94 47.88 -22.44 85.67
N ILE KA 95 46.62 -22.60 86.09
CA ILE KA 95 45.83 -23.75 85.66
C ILE KA 95 45.58 -23.72 84.16
N LEU KA 96 45.15 -22.55 83.66
CA LEU KA 96 44.83 -22.43 82.25
C LEU KA 96 46.06 -22.58 81.37
N TYR KA 97 47.25 -22.27 81.88
CA TYR KA 97 48.41 -22.60 81.07
C TYR KA 97 48.85 -24.03 81.30
N SER KA 98 48.50 -24.62 82.45
CA SER KA 98 48.82 -26.02 82.69
C SER KA 98 48.01 -26.95 81.83
N ARG KA 99 46.95 -26.45 81.19
CA ARG KA 99 46.33 -27.24 80.14
C ARG KA 99 46.43 -26.51 78.81
N ARG KA 100 47.65 -26.07 78.47
CA ARG KA 100 47.89 -25.30 77.25
C ARG KA 100 47.52 -26.05 75.98
N PHE KA 101 48.12 -27.22 75.78
CA PHE KA 101 48.00 -27.90 74.50
C PHE KA 101 46.71 -28.70 74.37
N PHE KA 102 45.83 -28.61 75.37
CA PHE KA 102 44.43 -28.99 75.19
C PHE KA 102 43.64 -28.00 76.01
N PRO KA 103 43.28 -26.87 75.42
CA PRO KA 103 42.85 -25.72 76.22
C PRO KA 103 41.44 -25.86 76.74
N TYR KA 104 41.17 -25.17 77.83
CA TYR KA 104 39.79 -24.98 78.25
C TYR KA 104 39.14 -23.88 77.43
N TYR KA 105 38.01 -24.22 76.81
CA TYR KA 105 37.25 -23.25 76.04
C TYR KA 105 36.23 -22.61 76.97
N VAL KA 106 36.77 -21.85 77.93
CA VAL KA 106 35.99 -21.26 79.01
C VAL KA 106 36.49 -19.85 79.25
N TYR KA 107 35.59 -18.89 79.15
CA TYR KA 107 35.90 -17.53 79.54
C TYR KA 107 35.66 -17.38 81.04
N ASN KA 108 36.52 -16.64 81.70
CA ASN KA 108 36.53 -16.56 83.14
C ASN KA 108 36.68 -15.13 83.60
N ILE KA 109 35.87 -14.75 84.58
CA ILE KA 109 35.92 -13.42 85.17
C ILE KA 109 35.82 -13.57 86.67
N ILE KA 110 36.81 -13.04 87.39
CA ILE KA 110 36.79 -13.03 88.85
C ILE KA 110 36.55 -11.61 89.30
N GLY KA 111 35.46 -11.40 90.03
CA GLY KA 111 35.24 -10.15 90.71
C GLY KA 111 35.36 -10.35 92.21
N GLY KA 112 35.73 -9.31 92.94
CA GLY KA 112 35.89 -9.45 94.36
C GLY KA 112 36.72 -8.33 94.92
N LEU KA 113 36.95 -8.43 96.22
CA LEU KA 113 37.64 -7.39 96.95
C LEU KA 113 39.13 -7.71 97.06
N ASP KA 114 39.93 -6.66 97.15
CA ASP KA 114 41.35 -6.82 97.43
C ASP KA 114 41.54 -6.94 98.95
N GLU KA 115 42.79 -6.87 99.39
CA GLU KA 115 43.05 -6.81 100.81
C GLU KA 115 42.87 -5.40 101.35
N GLU KA 116 42.76 -4.41 100.47
CA GLU KA 116 42.39 -3.07 100.88
C GLU KA 116 40.89 -2.88 100.99
N GLY KA 117 40.09 -3.89 100.65
CA GLY KA 117 38.66 -3.75 100.70
C GLY KA 117 38.08 -2.96 99.57
N LYS KA 118 38.72 -2.98 98.42
CA LYS KA 118 38.29 -2.22 97.24
C LYS KA 118 37.92 -3.19 96.14
N GLY KA 119 37.10 -2.71 95.21
CA GLY KA 119 36.61 -3.56 94.15
C GLY KA 119 37.71 -3.94 93.18
N ALA KA 120 37.60 -5.14 92.61
CA ALA KA 120 38.62 -5.66 91.72
C ALA KA 120 37.99 -6.67 90.78
N VAL KA 121 38.22 -6.47 89.49
CA VAL KA 121 37.80 -7.41 88.45
C VAL KA 121 39.04 -7.92 87.74
N TYR KA 122 39.16 -9.24 87.64
CA TYR KA 122 40.25 -9.87 86.93
C TYR KA 122 39.67 -10.64 85.74
N SER KA 123 40.04 -10.21 84.53
CA SER KA 123 39.61 -10.85 83.30
C SER KA 123 40.53 -12.00 82.95
N PHE KA 124 40.10 -12.81 81.99
CA PHE KA 124 40.89 -13.95 81.54
C PHE KA 124 40.64 -14.19 80.06
N ASP KA 125 41.35 -15.17 79.53
CA ASP KA 125 41.29 -15.64 78.15
C ASP KA 125 41.36 -17.17 78.19
N PRO KA 126 41.03 -17.90 77.11
CA PRO KA 126 41.10 -19.37 77.18
C PRO KA 126 42.49 -19.94 77.39
N VAL KA 127 43.55 -19.20 77.10
CA VAL KA 127 44.89 -19.75 77.23
C VAL KA 127 45.58 -19.33 78.53
N GLY KA 128 45.13 -18.28 79.20
CA GLY KA 128 45.62 -18.02 80.54
C GLY KA 128 46.32 -16.72 80.85
N SER KA 129 46.02 -15.65 80.12
CA SER KA 129 46.50 -14.32 80.49
C SER KA 129 45.43 -13.60 81.30
N TYR KA 130 45.87 -12.60 82.06
CA TYR KA 130 44.92 -11.91 82.92
C TYR KA 130 45.39 -10.50 83.20
N GLN KA 131 44.46 -9.67 83.67
CA GLN KA 131 44.72 -8.27 83.98
C GLN KA 131 43.60 -7.75 84.87
N ARG KA 132 43.90 -6.66 85.57
CA ARG KA 132 42.99 -6.07 86.54
C ARG KA 132 42.33 -4.86 85.93
N ASP KA 133 41.05 -4.99 85.59
CA ASP KA 133 40.33 -3.90 84.96
C ASP KA 133 39.08 -3.56 85.76
N SER KA 134 38.34 -2.57 85.26
CA SER KA 134 37.17 -2.03 85.95
C SER KA 134 35.87 -2.72 85.58
N PHE KA 135 35.79 -3.29 84.39
CA PHE KA 135 34.55 -3.85 83.88
C PHE KA 135 34.86 -4.73 82.68
N LYS KA 136 34.24 -5.90 82.63
CA LYS KA 136 34.34 -6.78 81.47
C LYS KA 136 33.01 -7.44 81.21
N ALA KA 137 32.81 -7.83 79.96
CA ALA KA 137 31.64 -8.59 79.54
C ALA KA 137 32.15 -9.84 78.85
N GLY KA 138 31.81 -11.00 79.38
CA GLY KA 138 32.34 -12.26 78.89
C GLY KA 138 31.27 -13.08 78.20
N GLY KA 139 31.68 -13.83 77.19
CA GLY KA 139 30.79 -14.77 76.56
C GLY KA 139 30.29 -14.34 75.20
N SER KA 140 29.04 -14.71 74.91
CA SER KA 140 28.47 -14.45 73.60
C SER KA 140 28.16 -12.97 73.42
N ALA KA 141 27.71 -12.30 74.48
CA ALA KA 141 27.21 -10.93 74.37
C ALA KA 141 28.25 -9.88 74.70
N SER KA 142 29.53 -10.16 74.44
CA SER KA 142 30.58 -9.23 74.82
C SER KA 142 30.55 -7.96 73.98
N ALA KA 143 30.40 -8.12 72.66
CA ALA KA 143 30.37 -6.96 71.78
C ALA KA 143 29.11 -6.14 71.96
N MET KA 144 28.02 -6.74 72.44
CA MET KA 144 26.82 -5.98 72.72
C MET KA 144 26.91 -5.17 74.01
N LEU KA 145 27.90 -5.43 74.85
CA LEU KA 145 27.92 -4.81 76.17
C LEU KA 145 29.14 -3.97 76.45
N GLN KA 146 30.28 -4.24 75.80
CA GLN KA 146 31.45 -3.40 76.00
C GLN KA 146 31.28 -1.91 75.64
N PRO KA 147 30.71 -1.51 74.49
CA PRO KA 147 30.69 -0.07 74.21
C PRO KA 147 29.75 0.73 75.10
N LEU KA 148 28.68 0.12 75.59
CA LEU KA 148 27.79 0.86 76.46
C LEU KA 148 28.44 1.13 77.81
N LEU KA 149 29.20 0.15 78.31
CA LEU KA 149 29.96 0.39 79.53
C LEU KA 149 31.11 1.36 79.28
N ASP KA 150 31.64 1.38 78.05
CA ASP KA 150 32.62 2.40 77.70
C ASP KA 150 32.02 3.79 77.72
N ASN KA 151 30.74 3.90 77.36
CA ASN KA 151 30.08 5.19 77.44
C ASN KA 151 29.76 5.56 78.88
N GLN KA 152 29.30 4.60 79.68
CA GLN KA 152 28.73 4.91 80.99
C GLN KA 152 29.75 4.79 82.11
N VAL KA 153 30.45 3.67 82.20
CA VAL KA 153 31.43 3.50 83.26
C VAL KA 153 32.68 4.33 82.96
N GLY KA 154 33.18 4.22 81.73
CA GLY KA 154 34.40 4.93 81.40
C GLY KA 154 34.22 6.41 81.17
N PHE KA 155 32.97 6.84 80.96
CA PHE KA 155 32.62 8.20 80.50
C PHE KA 155 33.34 8.56 79.21
N LYS KA 156 33.60 7.57 78.38
CA LYS KA 156 34.54 7.75 77.28
C LYS KA 156 33.81 8.19 76.01
N ASN KA 157 34.60 8.82 75.12
CA ASN KA 157 34.12 9.57 73.94
C ASN KA 157 33.13 10.66 74.33
N MET KA 158 33.27 11.22 75.51
CA MET KA 158 32.32 12.20 76.01
C MET KA 158 33.02 13.53 76.22
N GLN KA 159 32.24 14.59 76.12
CA GLN KA 159 32.74 15.95 76.18
C GLN KA 159 32.04 16.68 77.31
N ASN KA 160 32.84 17.30 78.18
CA ASN KA 160 32.38 18.17 79.27
C ASN KA 160 31.50 17.40 80.25
N VAL KA 161 31.78 16.12 80.43
CA VAL KA 161 31.05 15.27 81.37
C VAL KA 161 32.03 14.89 82.47
N GLU KA 162 31.72 15.33 83.68
CA GLU KA 162 32.60 15.10 84.82
C GLU KA 162 32.52 13.64 85.27
N HIS KA 163 33.46 13.26 86.12
CA HIS KA 163 33.59 11.88 86.59
C HIS KA 163 33.01 11.79 87.99
N VAL KA 164 31.80 11.25 88.10
CA VAL KA 164 31.22 10.91 89.39
C VAL KA 164 31.64 9.48 89.67
N PRO KA 165 32.01 9.14 90.91
CA PRO KA 165 32.22 7.73 91.23
C PRO KA 165 30.91 6.97 91.16
N LEU KA 166 30.98 5.77 90.57
CA LEU KA 166 29.80 4.95 90.34
C LEU KA 166 29.31 4.37 91.66
N SER KA 167 28.06 4.64 92.00
CA SER KA 167 27.49 4.14 93.24
C SER KA 167 27.01 2.71 93.03
N LEU KA 168 26.36 2.16 94.05
CA LEU KA 168 25.93 0.77 94.00
C LEU KA 168 24.62 0.63 93.24
N ASP KA 169 23.59 1.36 93.67
CA ASP KA 169 22.25 1.18 93.11
C ASP KA 169 22.15 1.72 91.69
N ARG KA 170 22.91 2.77 91.39
CA ARG KA 170 22.99 3.25 90.01
C ARG KA 170 23.59 2.18 89.12
N ALA KA 171 24.61 1.47 89.61
CA ALA KA 171 25.15 0.33 88.89
C ALA KA 171 24.16 -0.80 88.80
N MET KA 172 23.27 -0.94 89.79
CA MET KA 172 22.23 -1.96 89.72
C MET KA 172 21.27 -1.68 88.58
N ARG KA 173 20.87 -0.42 88.44
CA ARG KA 173 20.04 -0.01 87.32
C ARG KA 173 20.78 -0.20 85.99
N LEU KA 174 22.08 0.07 85.99
CA LEU KA 174 22.91 -0.17 84.81
C LEU KA 174 22.89 -1.64 84.40
N VAL KA 175 23.05 -2.55 85.36
CA VAL KA 175 23.10 -3.98 85.07
C VAL KA 175 21.77 -4.48 84.55
N LYS KA 176 20.67 -4.00 85.16
CA LYS KA 176 19.36 -4.43 84.70
C LYS KA 176 19.07 -3.90 83.30
N ASP KA 177 19.48 -2.65 83.03
CA ASP KA 177 19.31 -2.07 81.71
C ASP KA 177 20.11 -2.83 80.65
N VAL KA 178 21.36 -3.18 80.96
CA VAL KA 178 22.19 -3.79 79.92
C VAL KA 178 21.78 -5.22 79.69
N PHE KA 179 21.31 -5.94 80.72
CA PHE KA 179 20.86 -7.29 80.45
C PHE KA 179 19.54 -7.33 79.70
N ILE KA 180 18.63 -6.39 79.96
CA ILE KA 180 17.41 -6.33 79.17
C ILE KA 180 17.72 -5.97 77.72
N SER KA 181 18.55 -4.94 77.52
CA SER KA 181 18.86 -4.48 76.17
C SER KA 181 19.66 -5.52 75.39
N ALA KA 182 20.48 -6.32 76.07
CA ALA KA 182 21.19 -7.37 75.37
C ALA KA 182 20.30 -8.56 75.09
N ALA KA 183 19.36 -8.88 75.97
CA ALA KA 183 18.45 -9.99 75.71
C ALA KA 183 17.42 -9.65 74.66
N GLU KA 184 17.29 -8.36 74.31
CA GLU KA 184 16.48 -7.99 73.15
C GLU KA 184 17.07 -8.53 71.85
N ARG KA 185 18.40 -8.59 71.75
CA ARG KA 185 19.05 -8.89 70.48
C ARG KA 185 19.90 -10.15 70.47
N ASP KA 186 20.34 -10.64 71.62
CA ASP KA 186 21.08 -11.87 71.69
C ASP KA 186 20.11 -13.06 71.67
N VAL KA 187 20.59 -14.17 71.12
CA VAL KA 187 19.84 -15.41 71.16
C VAL KA 187 20.31 -16.32 72.29
N TYR KA 188 21.44 -16.02 72.92
CA TYR KA 188 21.97 -16.83 74.01
C TYR KA 188 21.80 -16.16 75.36
N THR KA 189 20.73 -15.40 75.55
CA THR KA 189 20.60 -14.58 76.74
C THR KA 189 19.14 -14.46 77.13
N GLY KA 190 18.82 -14.77 78.39
CA GLY KA 190 17.54 -14.38 78.94
C GLY KA 190 17.08 -15.33 80.02
N ASP KA 191 15.78 -15.21 80.30
CA ASP KA 191 14.90 -16.01 81.15
C ASP KA 191 15.09 -15.75 82.65
N ALA KA 192 16.18 -15.10 83.07
CA ALA KA 192 16.50 -14.86 84.48
C ALA KA 192 17.74 -14.02 84.61
N LEU KA 193 18.10 -13.66 85.83
CA LEU KA 193 19.35 -12.96 86.09
C LEU KA 193 19.75 -13.18 87.53
N ARG KA 194 20.93 -13.73 87.75
CA ARG KA 194 21.49 -13.99 89.07
C ARG KA 194 22.57 -12.95 89.34
N ILE KA 195 22.30 -12.02 90.23
CA ILE KA 195 23.20 -10.92 90.52
C ILE KA 195 23.90 -11.18 91.84
N CYS KA 196 25.22 -11.15 91.83
CA CYS KA 196 26.01 -11.37 93.04
C CYS KA 196 26.78 -10.10 93.39
N ILE KA 197 26.64 -9.66 94.64
CA ILE KA 197 27.22 -8.41 95.12
C ILE KA 197 28.16 -8.74 96.26
N VAL KA 198 29.40 -8.29 96.14
CA VAL KA 198 30.39 -8.48 97.20
C VAL KA 198 30.51 -7.16 97.94
N THR KA 199 30.19 -7.19 99.22
CA THR KA 199 30.38 -6.06 100.12
C THR KA 199 31.47 -6.41 101.12
N LYS KA 200 31.69 -5.52 102.07
CA LYS KA 200 32.57 -5.84 103.19
C LYS KA 200 31.85 -6.63 104.28
N GLU KA 201 30.65 -7.12 104.00
CA GLU KA 201 29.85 -7.84 104.98
C GLU KA 201 29.38 -9.19 104.47
N GLY KA 202 29.68 -9.54 103.24
CA GLY KA 202 29.33 -10.83 102.71
C GLY KA 202 28.88 -10.72 101.27
N ILE KA 203 28.08 -11.70 100.87
CA ILE KA 203 27.61 -11.84 99.50
C ILE KA 203 26.11 -11.66 99.50
N ARG KA 204 25.62 -10.77 98.65
CA ARG KA 204 24.19 -10.65 98.45
C ARG KA 204 23.81 -11.16 97.06
N GLU KA 205 22.72 -11.90 97.02
CA GLU KA 205 22.22 -12.48 95.79
C GLU KA 205 20.84 -11.93 95.50
N GLU KA 206 20.47 -11.97 94.22
CA GLU KA 206 19.23 -11.36 93.78
C GLU KA 206 18.82 -11.98 92.47
N THR KA 207 17.53 -12.29 92.34
CA THR KA 207 16.99 -12.97 91.17
C THR KA 207 16.02 -12.04 90.46
N VAL KA 208 16.37 -11.63 89.25
CA VAL KA 208 15.53 -10.76 88.44
C VAL KA 208 15.20 -11.48 87.15
N SER KA 209 13.92 -11.59 86.83
CA SER KA 209 13.52 -12.34 85.66
C SER KA 209 13.78 -11.54 84.38
N LEU KA 210 13.61 -12.20 83.24
CA LEU KA 210 13.76 -11.58 81.93
C LEU KA 210 12.66 -12.09 81.02
N ARG KA 211 12.81 -11.86 79.72
CA ARG KA 211 11.84 -12.34 78.75
C ARG KA 211 11.95 -13.86 78.60
N LYS KA 212 10.81 -14.47 78.25
CA LYS KA 212 10.66 -15.92 78.29
C LYS KA 212 10.86 -16.60 76.94
N ASP KA 213 11.37 -15.89 75.94
CA ASP KA 213 11.69 -16.54 74.68
C ASP KA 213 13.20 -16.69 74.47
N THR LA 1 34.55 -44.42 72.19
CA THR LA 1 34.02 -45.04 70.98
C THR LA 1 33.79 -43.99 69.91
N GLN LA 2 34.45 -44.18 68.76
CA GLN LA 2 34.39 -43.18 67.70
C GLN LA 2 33.09 -43.28 66.91
N ASN LA 3 32.74 -44.47 66.46
CA ASN LA 3 31.59 -44.64 65.60
C ASN LA 3 30.53 -45.45 66.31
N PRO LA 4 29.37 -44.86 66.61
CA PRO LA 4 28.32 -45.59 67.32
C PRO LA 4 27.69 -46.66 66.44
N MET LA 5 27.75 -47.91 66.91
CA MET LA 5 27.19 -49.01 66.13
C MET LA 5 25.69 -49.16 66.40
N VAL LA 6 25.34 -49.55 67.62
CA VAL LA 6 23.96 -49.86 67.96
C VAL LA 6 23.48 -48.81 68.94
N THR LA 7 22.65 -47.89 68.45
CA THR LA 7 22.15 -46.81 69.26
C THR LA 7 20.74 -47.13 69.74
N GLY LA 8 20.40 -46.57 70.90
CA GLY LA 8 19.02 -46.47 71.32
C GLY LA 8 18.40 -45.23 70.73
N THR LA 9 17.42 -44.69 71.45
CA THR LA 9 16.76 -43.47 71.01
C THR LA 9 16.31 -42.70 72.25
N SER LA 10 15.35 -41.82 72.07
CA SER LA 10 14.97 -40.82 73.05
C SER LA 10 14.48 -41.44 74.36
N VAL LA 11 14.81 -40.76 75.46
CA VAL LA 11 14.43 -41.18 76.80
C VAL LA 11 13.64 -40.03 77.43
N LEU LA 12 12.52 -40.35 78.06
CA LEU LA 12 11.67 -39.35 78.69
C LEU LA 12 11.60 -39.61 80.18
N GLY LA 13 11.78 -38.55 80.95
CA GLY LA 13 11.67 -38.62 82.39
C GLY LA 13 11.20 -37.31 82.98
N VAL LA 14 10.36 -37.39 84.01
CA VAL LA 14 9.78 -36.18 84.60
C VAL LA 14 9.48 -36.45 86.07
N LYS LA 15 9.73 -35.43 86.89
CA LYS LA 15 9.37 -35.50 88.29
C LYS LA 15 7.87 -35.36 88.45
N PHE LA 16 7.37 -35.78 89.61
CA PHE LA 16 6.06 -35.38 90.08
C PHE LA 16 6.12 -35.27 91.59
N GLU LA 17 4.95 -35.21 92.22
CA GLU LA 17 4.87 -35.06 93.66
C GLU LA 17 5.31 -36.36 94.32
N GLY LA 18 6.51 -36.34 94.89
CA GLY LA 18 6.99 -37.48 95.65
C GLY LA 18 7.41 -38.65 94.80
N GLY LA 19 7.88 -38.40 93.59
CA GLY LA 19 8.32 -39.47 92.74
C GLY LA 19 8.67 -38.94 91.38
N VAL LA 20 9.40 -39.76 90.63
CA VAL LA 20 9.83 -39.46 89.27
C VAL LA 20 9.51 -40.67 88.40
N VAL LA 21 8.90 -40.44 87.25
CA VAL LA 21 8.65 -41.49 86.28
C VAL LA 21 9.62 -41.29 85.11
N ILE LA 22 10.18 -42.40 84.61
CA ILE LA 22 11.08 -42.41 83.46
C ILE LA 22 10.68 -43.55 82.54
N ALA LA 23 10.52 -43.26 81.25
CA ALA LA 23 10.15 -44.32 80.32
C ALA LA 23 10.86 -44.17 78.99
N ALA LA 24 11.25 -45.31 78.41
CA ALA LA 24 11.82 -45.36 77.07
C ALA LA 24 11.43 -46.70 76.44
N ASP LA 25 11.70 -46.82 75.14
CA ASP LA 25 11.33 -47.98 74.37
C ASP LA 25 12.44 -49.04 74.37
N MET LA 26 12.29 -50.06 73.54
CA MET LA 26 13.00 -51.33 73.65
C MET LA 26 13.60 -51.74 72.32
N LEU LA 27 14.31 -50.83 71.67
CA LEU LA 27 14.73 -51.01 70.28
C LEU LA 27 16.24 -50.86 70.15
N GLY LA 28 16.84 -51.76 69.38
CA GLY LA 28 18.29 -51.84 69.23
C GLY LA 28 18.77 -51.61 67.82
N SER LA 29 18.29 -50.55 67.17
CA SER LA 29 18.51 -50.35 65.75
C SER LA 29 19.97 -50.10 65.40
N TYR LA 30 20.38 -50.66 64.27
CA TYR LA 30 21.73 -50.58 63.73
C TYR LA 30 21.66 -49.99 62.33
N GLY LA 31 22.11 -48.75 62.17
CA GLY LA 31 21.98 -48.12 60.88
C GLY LA 31 20.55 -47.72 60.62
N SER LA 32 19.85 -48.48 59.78
CA SER LA 32 18.41 -48.34 59.62
C SER LA 32 17.67 -49.59 60.02
N LEU LA 33 18.37 -50.69 60.27
CA LEU LA 33 17.73 -51.96 60.59
C LEU LA 33 17.41 -52.03 62.08
N ALA LA 34 16.14 -52.28 62.39
CA ALA LA 34 15.73 -52.60 63.75
C ALA LA 34 16.20 -54.02 64.05
N ARG LA 35 17.44 -54.13 64.50
CA ARG LA 35 18.03 -55.45 64.67
C ARG LA 35 17.64 -56.07 66.01
N PHE LA 36 17.54 -55.27 67.06
CA PHE LA 36 17.29 -55.81 68.39
C PHE LA 36 16.03 -55.17 68.95
N ARG LA 37 14.89 -55.76 68.62
CA ARG LA 37 13.62 -55.17 69.01
C ARG LA 37 13.15 -55.63 70.38
N ASN LA 38 14.01 -56.30 71.14
CA ASN LA 38 13.66 -56.69 72.51
C ASN LA 38 14.91 -56.51 73.36
N ILE LA 39 15.04 -55.32 73.95
CA ILE LA 39 16.14 -55.01 74.86
C ILE LA 39 15.58 -54.21 76.03
N SER LA 40 16.34 -54.19 77.10
CA SER LA 40 16.03 -53.35 78.26
C SER LA 40 17.01 -52.19 78.27
N ARG LA 41 16.49 -50.98 78.44
CA ARG LA 41 17.32 -49.79 78.39
C ARG LA 41 17.24 -48.99 79.68
N ILE LA 42 16.81 -49.62 80.78
CA ILE LA 42 16.68 -48.94 82.06
C ILE LA 42 17.26 -49.82 83.15
N MET LA 43 18.21 -49.29 83.91
CA MET LA 43 18.77 -49.99 85.05
C MET LA 43 18.02 -49.61 86.32
N ARG LA 44 17.60 -50.62 87.07
CA ARG LA 44 17.04 -50.41 88.41
C ARG LA 44 18.19 -50.44 89.40
N VAL LA 45 18.66 -49.26 89.80
CA VAL LA 45 19.65 -49.14 90.85
C VAL LA 45 18.91 -49.44 92.16
N ASN LA 46 19.68 -49.70 93.23
CA ASN LA 46 19.28 -50.42 94.43
C ASN LA 46 17.91 -50.13 95.05
N ASN LA 47 17.68 -48.94 95.57
CA ASN LA 47 16.35 -48.61 96.07
C ASN LA 47 15.88 -47.20 95.75
N SER LA 48 16.76 -46.27 95.39
CA SER LA 48 16.33 -44.89 95.24
C SER LA 48 16.49 -44.38 93.83
N THR LA 49 17.69 -44.48 93.27
CA THR LA 49 17.90 -43.91 91.96
C THR LA 49 17.69 -44.94 90.86
N MET LA 50 17.84 -44.48 89.63
CA MET LA 50 17.42 -45.22 88.45
C MET LA 50 18.01 -44.55 87.22
N LEU LA 51 18.47 -45.36 86.28
CA LEU LA 51 19.21 -44.86 85.12
C LEU LA 51 18.54 -45.29 83.82
N GLY LA 52 18.43 -44.35 82.90
CA GLY LA 52 18.10 -44.67 81.53
C GLY LA 52 19.08 -43.97 80.62
N ALA LA 53 19.38 -44.62 79.50
CA ALA LA 53 20.46 -44.15 78.65
C ALA LA 53 20.08 -44.29 77.19
N SER LA 54 20.87 -43.63 76.35
CA SER LA 54 20.74 -43.75 74.91
C SER LA 54 22.11 -43.95 74.28
N GLY LA 55 22.16 -43.99 72.96
CA GLY LA 55 23.43 -44.18 72.28
C GLY LA 55 23.88 -45.64 72.32
N ASP LA 56 25.19 -45.82 72.34
CA ASP LA 56 25.79 -47.14 72.16
C ASP LA 56 25.50 -48.04 73.35
N TYR LA 57 24.86 -49.18 73.07
CA TYR LA 57 24.34 -50.03 74.12
C TYR LA 57 25.45 -50.78 74.84
N ALA LA 58 26.57 -51.03 74.17
CA ALA LA 58 27.68 -51.72 74.81
C ALA LA 58 28.27 -50.87 75.94
N ASP LA 59 28.34 -49.57 75.71
CA ASP LA 59 28.77 -48.66 76.77
C ASP LA 59 27.77 -48.63 77.91
N PHE LA 60 26.48 -48.78 77.59
CA PHE LA 60 25.48 -48.86 78.64
C PHE LA 60 25.63 -50.13 79.46
N GLN LA 61 25.97 -51.25 78.80
CA GLN LA 61 26.27 -52.48 79.52
C GLN LA 61 27.48 -52.30 80.43
N TYR LA 62 28.51 -51.61 79.94
CA TYR LA 62 29.72 -51.40 80.72
C TYR LA 62 29.45 -50.53 81.94
N LEU LA 63 28.73 -49.43 81.75
CA LEU LA 63 28.42 -48.55 82.87
C LEU LA 63 27.48 -49.22 83.85
N LYS LA 64 26.58 -50.07 83.34
CA LYS LA 64 25.71 -50.86 84.20
C LYS LA 64 26.52 -51.79 85.08
N GLN LA 65 27.54 -52.41 84.49
CA GLN LA 65 28.43 -53.30 85.22
C GLN LA 65 29.18 -52.55 86.31
N VAL LA 66 29.74 -51.38 85.97
CA VAL LA 66 30.55 -50.62 86.91
C VAL LA 66 29.70 -50.10 88.06
N LEU LA 67 28.51 -49.57 87.73
CA LEU LA 67 27.65 -49.02 88.77
C LEU LA 67 27.10 -50.11 89.67
N GLY LA 68 26.78 -51.28 89.10
CA GLY LA 68 26.39 -52.41 89.92
C GLY LA 68 27.48 -52.84 90.88
N GLN LA 69 28.73 -52.80 90.40
CA GLN LA 69 29.87 -53.12 91.26
C GLN LA 69 30.00 -52.13 92.40
N MET LA 70 29.85 -50.83 92.11
CA MET LA 70 30.01 -49.80 93.13
C MET LA 70 28.89 -49.87 94.17
N VAL LA 71 27.66 -50.09 93.71
CA VAL LA 71 26.51 -50.15 94.61
C VAL LA 71 26.60 -51.37 95.52
N ILE LA 72 26.98 -52.51 94.94
CA ILE LA 72 27.17 -53.72 95.73
C ILE LA 72 28.31 -53.53 96.74
N ASP LA 73 29.34 -52.78 96.36
CA ASP LA 73 30.44 -52.53 97.29
C ASP LA 73 30.02 -51.68 98.47
N GLU LA 74 29.26 -50.61 98.23
CA GLU LA 74 28.85 -49.80 99.37
C GLU LA 74 27.80 -50.53 100.21
N GLU LA 75 26.96 -51.35 99.59
CA GLU LA 75 26.04 -52.14 100.39
C GLU LA 75 26.75 -53.22 101.20
N LEU LA 76 27.90 -53.69 100.75
CA LEU LA 76 28.67 -54.62 101.54
C LEU LA 76 29.59 -53.92 102.53
N LEU LA 77 29.65 -52.59 102.49
CA LEU LA 77 30.28 -51.90 103.62
C LEU LA 77 29.51 -52.13 104.92
N GLY LA 78 28.19 -52.30 104.83
CA GLY LA 78 27.39 -52.60 106.00
C GLY LA 78 27.24 -51.46 106.98
N ASP LA 79 27.49 -50.22 106.54
CA ASP LA 79 27.40 -49.06 107.41
C ASP LA 79 26.04 -48.39 107.40
N GLY LA 80 25.14 -48.80 106.50
CA GLY LA 80 23.83 -48.20 106.45
C GLY LA 80 23.75 -46.92 105.66
N HIS LA 81 24.80 -46.54 104.96
CA HIS LA 81 24.78 -45.39 104.07
C HIS LA 81 24.84 -45.88 102.63
N SER LA 82 24.06 -45.25 101.77
CA SER LA 82 24.06 -45.53 100.34
C SER LA 82 24.47 -44.25 99.62
N TYR LA 83 24.43 -44.31 98.29
CA TYR LA 83 24.71 -43.13 97.48
C TYR LA 83 23.43 -42.35 97.25
N SER LA 84 23.51 -41.03 97.38
CA SER LA 84 22.46 -40.19 96.87
C SER LA 84 22.47 -40.23 95.34
N PRO LA 85 21.32 -39.99 94.70
CA PRO LA 85 21.32 -39.90 93.23
C PRO LA 85 22.15 -38.76 92.69
N ARG LA 86 22.28 -37.67 93.45
CA ARG LA 86 23.15 -36.59 93.02
C ARG LA 86 24.61 -37.00 93.07
N ALA LA 87 24.98 -37.88 93.99
CA ALA LA 87 26.33 -38.42 94.02
C ALA LA 87 26.57 -39.32 92.82
N ILE LA 88 25.55 -40.08 92.42
CA ILE LA 88 25.61 -40.89 91.21
C ILE LA 88 25.83 -39.99 90.00
N HIS LA 89 25.12 -38.86 89.97
CA HIS LA 89 25.24 -37.89 88.91
C HIS LA 89 26.64 -37.29 88.86
N SER LA 90 27.20 -36.96 90.03
CA SER LA 90 28.54 -36.40 90.12
C SER LA 90 29.60 -37.38 89.66
N TRP LA 91 29.52 -38.62 90.13
CA TRP LA 91 30.48 -39.65 89.72
C TRP LA 91 30.41 -39.90 88.22
N LEU LA 92 29.19 -40.00 87.69
CA LEU LA 92 29.02 -40.28 86.28
C LEU LA 92 29.52 -39.14 85.42
N THR LA 93 29.32 -37.91 85.89
CA THR LA 93 29.79 -36.74 85.18
C THR LA 93 31.31 -36.70 85.13
N ARG LA 94 31.95 -37.00 86.26
CA ARG LA 94 33.40 -37.04 86.29
C ARG LA 94 33.95 -38.16 85.42
N ALA LA 95 33.24 -39.29 85.38
CA ALA LA 95 33.65 -40.40 84.54
C ALA LA 95 33.57 -40.06 83.06
N MET LA 96 32.47 -39.43 82.64
CA MET LA 96 32.31 -39.06 81.24
C MET LA 96 33.30 -37.99 80.83
N TYR LA 97 33.59 -37.05 81.73
CA TYR LA 97 34.56 -36.02 81.42
C TYR LA 97 35.95 -36.61 81.30
N SER LA 98 36.27 -37.60 82.14
CA SER LA 98 37.55 -38.27 81.99
C SER LA 98 37.62 -39.12 80.73
N ARG LA 99 36.49 -39.62 80.25
CA ARG LA 99 36.48 -40.33 78.97
C ARG LA 99 36.74 -39.38 77.82
N ARG LA 100 36.03 -38.26 77.77
CA ARG LA 100 36.24 -37.33 76.67
C ARG LA 100 37.54 -36.55 76.79
N SER LA 101 38.15 -36.56 77.97
CA SER LA 101 39.44 -35.88 78.13
C SER LA 101 40.52 -36.61 77.38
N LYS LA 102 40.42 -37.94 77.35
CA LYS LA 102 41.39 -38.79 76.71
C LYS LA 102 41.04 -39.09 75.27
N MET LA 103 40.11 -38.32 74.69
CA MET LA 103 39.63 -38.44 73.32
C MET LA 103 39.00 -39.80 73.02
N ASN LA 104 38.52 -40.50 74.04
CA ASN LA 104 37.80 -41.75 73.86
C ASN LA 104 36.41 -41.54 74.43
N PRO LA 105 35.51 -41.00 73.64
CA PRO LA 105 34.18 -40.65 74.16
C PRO LA 105 33.30 -41.87 74.29
N LEU LA 106 32.47 -41.86 75.32
CA LEU LA 106 31.40 -42.86 75.44
C LEU LA 106 30.15 -42.27 74.83
N TRP LA 107 29.76 -42.79 73.68
CA TRP LA 107 28.62 -42.27 72.93
C TRP LA 107 27.36 -42.64 73.69
N ASN LA 108 26.96 -41.78 74.62
CA ASN LA 108 25.77 -42.04 75.42
C ASN LA 108 25.03 -40.74 75.67
N THR LA 109 23.84 -40.89 76.22
CA THR LA 109 23.04 -39.75 76.67
C THR LA 109 22.18 -40.32 77.80
N MET LA 110 22.54 -40.00 79.03
CA MET LA 110 22.04 -40.74 80.18
C MET LA 110 21.14 -39.89 81.05
N VAL LA 111 20.14 -40.54 81.64
CA VAL LA 111 19.13 -39.89 82.44
C VAL LA 111 19.07 -40.55 83.81
N ILE LA 112 19.29 -39.75 84.85
CA ILE LA 112 19.29 -40.23 86.23
C ILE LA 112 18.07 -39.66 86.93
N GLY LA 113 17.22 -40.53 87.46
CA GLY LA 113 16.13 -40.12 88.30
C GLY LA 113 16.15 -40.82 89.63
N GLY LA 114 15.93 -40.08 90.72
CA GLY LA 114 15.94 -40.67 92.04
C GLY LA 114 15.09 -39.87 93.00
N TYR LA 115 14.58 -40.56 94.02
CA TYR LA 115 13.81 -39.93 95.08
C TYR LA 115 14.39 -40.41 96.41
N ALA LA 116 14.93 -39.48 97.18
CA ALA LA 116 15.50 -39.81 98.47
C ALA LA 116 15.37 -38.62 99.40
N ASP LA 117 15.04 -38.89 100.66
CA ASP LA 117 15.00 -37.91 101.75
C ASP LA 117 14.01 -36.78 101.46
N GLY LA 118 12.81 -37.16 101.05
CA GLY LA 118 11.76 -36.19 100.83
C GLY LA 118 11.79 -35.52 99.47
N GLU LA 119 12.95 -35.45 98.85
CA GLU LA 119 13.12 -34.71 97.62
C GLU LA 119 13.29 -35.64 96.43
N SER LA 120 12.65 -35.27 95.33
CA SER LA 120 12.88 -35.95 94.06
C SER LA 120 14.14 -35.40 93.41
N PHE LA 121 14.65 -36.16 92.45
CA PHE LA 121 15.84 -35.72 91.73
C PHE LA 121 15.80 -36.26 90.30
N LEU LA 122 16.21 -35.43 89.36
CA LEU LA 122 16.24 -35.82 87.95
C LEU LA 122 17.48 -35.20 87.32
N GLY LA 123 18.46 -36.03 87.01
CA GLY LA 123 19.71 -35.52 86.45
C GLY LA 123 19.97 -35.89 85.01
N TYR LA 124 20.73 -35.07 84.32
CA TYR LA 124 21.10 -35.28 82.92
C TYR LA 124 22.61 -35.43 82.82
N VAL LA 125 23.06 -36.33 81.96
CA VAL LA 125 24.48 -36.51 81.66
C VAL LA 125 24.64 -36.60 80.15
N ASP LA 126 25.45 -35.71 79.59
CA ASP LA 126 25.77 -35.70 78.16
C ASP LA 126 26.99 -36.57 77.92
N MET LA 127 27.27 -36.84 76.64
CA MET LA 127 28.56 -37.41 76.27
C MET LA 127 29.69 -36.47 76.61
N LEU LA 128 29.50 -35.18 76.42
CA LEU LA 128 30.53 -34.18 76.64
C LEU LA 128 30.73 -33.81 78.10
N GLY LA 129 30.05 -34.47 79.03
CA GLY LA 129 30.13 -34.06 80.40
C GLY LA 129 29.26 -32.90 80.76
N VAL LA 130 28.47 -32.39 79.82
CA VAL LA 130 27.50 -31.34 80.11
C VAL LA 130 26.41 -31.95 80.97
N ALA LA 131 26.17 -31.36 82.13
CA ALA LA 131 25.29 -32.01 83.08
C ALA LA 131 24.55 -30.96 83.88
N TYR LA 132 23.27 -31.22 84.13
CA TYR LA 132 22.45 -30.26 84.87
C TYR LA 132 21.28 -30.97 85.50
N GLU LA 133 20.57 -30.25 86.35
CA GLU LA 133 19.32 -30.69 86.93
C GLU LA 133 18.19 -29.96 86.23
N ALA LA 134 17.01 -30.59 86.20
CA ALA LA 134 15.91 -30.07 85.40
C ALA LA 134 14.62 -30.67 85.90
N PRO LA 135 13.48 -29.99 85.74
CA PRO LA 135 12.21 -30.61 86.07
C PRO LA 135 11.74 -31.63 85.05
N SER LA 136 12.26 -31.60 83.83
CA SER LA 136 11.80 -32.51 82.79
C SER LA 136 12.90 -32.69 81.76
N LEU LA 137 13.31 -33.93 81.53
CA LEU LA 137 14.38 -34.23 80.61
C LEU LA 137 13.89 -35.04 79.42
N ALA LA 138 14.54 -34.82 78.29
CA ALA LA 138 14.13 -35.41 77.01
C ALA LA 138 15.35 -35.44 76.11
N THR LA 139 15.71 -36.62 75.63
CA THR LA 139 16.99 -36.84 74.98
C THR LA 139 16.81 -37.04 73.48
N GLY LA 140 17.92 -36.88 72.77
CA GLY LA 140 17.96 -37.13 71.35
C GLY LA 140 17.05 -36.21 70.57
N TYR LA 141 16.04 -36.81 69.95
CA TYR LA 141 14.98 -36.04 69.33
C TYR LA 141 13.92 -35.62 70.32
N GLY LA 142 13.93 -36.17 71.53
CA GLY LA 142 12.91 -35.83 72.51
C GLY LA 142 12.94 -34.38 72.93
N ALA LA 143 14.14 -33.79 72.98
CA ALA LA 143 14.27 -32.37 73.24
C ALA LA 143 13.73 -31.52 72.10
N TYR LA 144 13.65 -32.07 70.91
CA TYR LA 144 13.01 -31.37 69.81
C TYR LA 144 11.52 -31.61 69.76
N LEU LA 145 11.06 -32.74 70.29
CA LEU LA 145 9.70 -33.17 70.01
C LEU LA 145 8.79 -33.14 71.25
N ALA LA 146 9.15 -33.84 72.32
CA ALA LA 146 8.26 -33.95 73.45
C ALA LA 146 8.60 -32.99 74.57
N GLN LA 147 9.78 -32.38 74.52
CA GLN LA 147 10.11 -31.29 75.43
C GLN LA 147 9.13 -30.12 75.40
N PRO LA 148 8.55 -29.67 74.27
CA PRO LA 148 7.54 -28.61 74.37
C PRO LA 148 6.27 -29.00 75.09
N LEU LA 149 5.89 -30.28 75.11
CA LEU LA 149 4.76 -30.69 75.92
C LEU LA 149 5.08 -30.59 77.40
N LEU LA 150 6.30 -30.99 77.76
CA LEU LA 150 6.78 -30.87 79.13
C LEU LA 150 6.79 -29.42 79.58
N ARG LA 151 7.41 -28.55 78.78
CA ARG LA 151 7.51 -27.15 79.16
C ARG LA 151 6.19 -26.41 78.98
N GLU LA 152 5.26 -26.97 78.23
CA GLU LA 152 3.91 -26.43 78.20
C GLU LA 152 3.19 -26.70 79.50
N VAL LA 153 3.17 -27.96 79.92
CA VAL LA 153 2.31 -28.33 81.05
C VAL LA 153 2.94 -27.90 82.37
N LEU LA 154 4.28 -27.96 82.49
CA LEU LA 154 4.92 -27.55 83.72
C LEU LA 154 4.80 -26.06 83.97
N GLU LA 155 4.74 -25.25 82.90
CA GLU LA 155 4.41 -23.84 83.09
C GLU LA 155 2.95 -23.67 83.46
N LYS LA 156 2.06 -24.46 82.85
CA LYS LA 156 0.64 -24.36 83.18
C LYS LA 156 0.37 -24.93 84.56
N GLN LA 157 1.19 -25.86 85.04
CA GLN LA 157 1.04 -26.43 86.37
C GLN LA 157 2.37 -26.96 86.86
N PRO LA 158 2.96 -26.37 87.90
CA PRO LA 158 4.34 -26.72 88.26
C PRO LA 158 4.49 -28.09 88.91
N VAL LA 159 3.52 -28.53 89.71
CA VAL LA 159 3.56 -29.84 90.29
C VAL LA 159 2.59 -30.75 89.54
N LEU LA 160 2.75 -32.05 89.71
CA LEU LA 160 1.90 -33.00 89.01
C LEU LA 160 1.58 -34.16 89.93
N SER LA 161 0.71 -35.05 89.46
CA SER LA 161 0.46 -36.31 90.13
C SER LA 161 1.18 -37.42 89.39
N GLN LA 162 1.13 -38.62 89.96
CA GLN LA 162 1.68 -39.78 89.28
C GLN LA 162 0.87 -40.13 88.05
N THR LA 163 -0.46 -40.03 88.15
CA THR LA 163 -1.33 -40.39 87.04
C THR LA 163 -1.24 -39.37 85.92
N GLU LA 164 -1.18 -38.08 86.27
CA GLU LA 164 -1.01 -37.02 85.28
C GLU LA 164 0.29 -37.18 84.51
N ALA LA 165 1.38 -37.44 85.23
CA ALA LA 165 2.68 -37.60 84.61
C ALA LA 165 2.72 -38.85 83.74
N ARG LA 166 2.11 -39.94 84.22
CA ARG LA 166 2.09 -41.19 83.47
C ARG LA 166 1.27 -41.04 82.19
N ASP LA 167 0.15 -40.33 82.29
CA ASP LA 167 -0.66 -40.00 81.13
C ASP LA 167 0.13 -39.20 80.10
N LEU LA 168 0.85 -38.18 80.56
CA LEU LA 168 1.59 -37.31 79.66
C LEU LA 168 2.75 -38.06 79.00
N VAL LA 169 3.39 -38.95 79.75
CA VAL LA 169 4.46 -39.78 79.18
C VAL LA 169 3.91 -40.72 78.12
N GLU LA 170 2.72 -41.28 78.36
CA GLU LA 170 2.07 -42.12 77.35
C GLU LA 170 1.80 -41.34 76.08
N ARG LA 171 1.34 -40.10 76.22
CA ARG LA 171 1.07 -39.26 75.04
C ARG LA 171 2.36 -38.92 74.30
N CYS LA 172 3.40 -38.56 75.03
CA CYS LA 172 4.67 -38.16 74.41
C CYS LA 172 5.34 -39.34 73.71
N MET LA 173 5.24 -40.53 74.30
CA MET LA 173 5.79 -41.70 73.63
C MET LA 173 4.96 -42.08 72.41
N ARG LA 174 3.65 -41.81 72.44
CA ARG LA 174 2.84 -42.02 71.25
C ARG LA 174 3.26 -41.08 70.12
N VAL LA 175 3.55 -39.83 70.46
CA VAL LA 175 3.97 -38.86 69.45
C VAL LA 175 5.34 -39.23 68.89
N LEU LA 176 6.25 -39.63 69.78
CA LEU LA 176 7.55 -40.11 69.32
C LEU LA 176 7.43 -41.39 68.51
N TYR LA 177 6.40 -42.18 68.74
CA TYR LA 177 6.12 -43.26 67.80
C TYR LA 177 5.60 -42.72 66.48
N TYR LA 178 4.87 -41.60 66.50
CA TYR LA 178 4.32 -41.07 65.25
C TYR LA 178 5.40 -40.55 64.32
N ARG LA 179 6.40 -39.81 64.81
CA ARG LA 179 7.21 -39.15 63.78
C ARG LA 179 8.71 -39.37 63.94
N ASP LA 180 9.14 -40.38 64.67
CA ASP LA 180 10.55 -40.76 64.71
C ASP LA 180 10.77 -42.04 63.93
N ALA LA 181 11.77 -42.04 63.05
CA ALA LA 181 12.12 -43.22 62.31
C ALA LA 181 12.86 -44.23 63.17
N ARG LA 182 13.34 -43.82 64.34
CA ARG LA 182 14.06 -44.68 65.26
C ARG LA 182 13.17 -45.11 66.42
N SER LA 183 11.87 -45.26 66.17
CA SER LA 183 10.91 -45.60 67.20
C SER LA 183 10.30 -46.96 66.94
N TYR LA 184 9.58 -47.46 67.95
CA TYR LA 184 9.00 -48.78 67.90
C TYR LA 184 7.87 -48.82 68.93
N ASN LA 185 6.80 -49.54 68.60
CA ASN LA 185 5.60 -49.53 69.43
C ASN LA 185 5.71 -50.58 70.54
N ARG LA 186 6.73 -50.41 71.38
CA ARG LA 186 6.90 -51.23 72.56
C ARG LA 186 7.81 -50.47 73.51
N PHE LA 187 7.28 -50.07 74.65
CA PHE LA 187 8.06 -49.28 75.59
C PHE LA 187 7.74 -49.77 76.99
N GLN LA 188 8.63 -49.45 77.92
CA GLN LA 188 8.46 -49.82 79.30
C GLN LA 188 8.56 -48.58 80.17
N ILE LA 189 7.76 -48.55 81.23
CA ILE LA 189 7.67 -47.41 82.14
C ILE LA 189 8.30 -47.81 83.47
N ALA LA 190 9.17 -46.97 84.00
CA ALA LA 190 9.78 -47.21 85.28
C ALA LA 190 9.60 -45.99 86.17
N THR LA 191 9.25 -46.22 87.43
CA THR LA 191 8.91 -45.12 88.32
C THR LA 191 9.50 -45.40 89.69
N VAL LA 192 9.97 -44.34 90.35
CA VAL LA 192 10.51 -44.45 91.70
C VAL LA 192 9.61 -43.68 92.66
N THR LA 193 9.51 -44.18 93.88
CA THR LA 193 8.82 -43.53 94.98
C THR LA 193 9.67 -43.69 96.22
N GLU LA 194 9.08 -43.42 97.37
CA GLU LA 194 9.66 -43.87 98.62
C GLU LA 194 9.32 -45.33 98.92
N LYS LA 195 8.36 -45.90 98.20
CA LYS LA 195 8.04 -47.30 98.33
C LYS LA 195 9.00 -48.19 97.55
N GLY LA 196 9.88 -47.60 96.74
CA GLY LA 196 10.92 -48.36 96.08
C GLY LA 196 10.96 -48.07 94.60
N VAL LA 197 11.57 -48.99 93.88
CA VAL LA 197 11.78 -48.88 92.44
C VAL LA 197 10.94 -49.95 91.76
N GLU LA 198 10.15 -49.55 90.76
CA GLU LA 198 9.30 -50.50 90.06
C GLU LA 198 9.33 -50.22 88.58
N ILE LA 199 9.54 -51.27 87.79
CA ILE LA 199 9.59 -51.21 86.34
C ILE LA 199 8.32 -51.85 85.80
N GLU LA 200 7.52 -51.07 85.09
CA GLU LA 200 6.35 -51.68 84.48
C GLU LA 200 6.74 -52.31 83.15
N GLY LA 201 5.84 -53.10 82.59
CA GLY LA 201 6.18 -54.03 81.55
C GLY LA 201 6.23 -53.40 80.17
N PRO LA 202 6.39 -54.26 79.16
CA PRO LA 202 6.51 -53.77 77.79
C PRO LA 202 5.17 -53.32 77.21
N LEU LA 203 4.77 -52.10 77.54
CA LEU LA 203 3.51 -51.57 77.07
C LEU LA 203 3.61 -51.18 75.61
N SER LA 204 2.47 -50.83 75.02
CA SER LA 204 2.43 -50.34 73.65
C SER LA 204 1.46 -49.17 73.59
N THR LA 205 1.28 -48.62 72.39
CA THR LA 205 0.54 -47.39 72.21
C THR LA 205 -0.76 -47.65 71.46
N GLU LA 206 -1.55 -46.59 71.35
CA GLU LA 206 -2.82 -46.61 70.63
C GLU LA 206 -2.74 -45.55 69.55
N THR LA 207 -2.77 -45.98 68.29
CA THR LA 207 -2.49 -45.06 67.19
C THR LA 207 -3.78 -44.63 66.50
N ASN LA 208 -3.67 -43.53 65.78
CA ASN LA 208 -4.73 -43.02 64.92
C ASN LA 208 -4.16 -42.84 63.53
N TRP LA 209 -4.96 -43.18 62.53
CA TRP LA 209 -4.54 -43.01 61.15
C TRP LA 209 -5.67 -42.49 60.28
N ASP LA 210 -6.60 -41.74 60.87
CA ASP LA 210 -7.76 -41.26 60.14
C ASP LA 210 -7.44 -40.13 59.18
N ILE LA 211 -6.23 -39.57 59.26
CA ILE LA 211 -5.84 -38.56 58.29
C ILE LA 211 -5.47 -39.18 56.97
N ALA LA 212 -5.25 -40.50 56.93
CA ALA LA 212 -4.87 -41.16 55.70
C ALA LA 212 -6.04 -41.28 54.73
N HIS LA 213 -7.27 -41.19 55.22
CA HIS LA 213 -8.43 -41.24 54.34
C HIS LA 213 -8.65 -39.95 53.57
N MET LA 214 -7.99 -38.87 53.96
CA MET LA 214 -7.95 -37.68 53.12
C MET LA 214 -7.02 -37.92 51.95
N ILE LA 215 -7.10 -37.02 50.96
CA ILE LA 215 -6.23 -37.12 49.80
C ILE LA 215 -4.82 -36.68 50.17
N VAL MA 1 -31.70 8.43 50.13
CA VAL MA 1 -31.41 9.33 49.03
C VAL MA 1 -31.95 8.72 47.75
N GLN MA 2 -31.24 7.70 47.25
CA GLN MA 2 -31.72 6.95 46.10
C GLN MA 2 -32.97 6.16 46.44
N VAL MA 3 -33.09 5.73 47.70
CA VAL MA 3 -34.31 5.10 48.17
C VAL MA 3 -35.47 6.10 48.23
N LYS MA 4 -35.17 7.39 48.30
CA LYS MA 4 -36.20 8.42 48.23
C LYS MA 4 -36.44 8.88 46.81
N GLU MA 5 -35.50 8.60 45.89
CA GLU MA 5 -35.73 8.91 44.48
C GLU MA 5 -36.90 8.11 43.91
N GLN MA 6 -36.98 6.83 44.23
CA GLN MA 6 -38.16 6.06 43.86
C GLN MA 6 -39.38 6.44 44.67
N SER MA 7 -39.19 6.96 45.88
CA SER MA 7 -40.31 7.31 46.73
C SER MA 7 -41.00 8.58 46.26
N ILE MA 8 -40.24 9.51 45.65
CA ILE MA 8 -40.84 10.64 44.95
C ILE MA 8 -41.75 10.16 43.83
N LEU MA 9 -41.31 9.15 43.06
CA LEU MA 9 -42.17 8.60 42.02
C LEU MA 9 -43.38 7.88 42.61
N GLU MA 10 -43.19 7.22 43.74
CA GLU MA 10 -44.27 6.47 44.38
C GLU MA 10 -45.38 7.40 44.89
N LEU MA 11 -44.99 8.41 45.67
CA LEU MA 11 -45.98 9.35 46.18
C LEU MA 11 -46.56 10.24 45.08
N GLY MA 12 -45.76 10.55 44.04
CA GLY MA 12 -46.30 11.31 42.92
C GLY MA 12 -47.24 10.49 42.06
N SER MA 13 -47.02 9.18 41.99
CA SER MA 13 -47.97 8.31 41.32
C SER MA 13 -49.26 8.20 42.11
N LEU MA 14 -49.17 8.19 43.45
CA LEU MA 14 -50.37 8.28 44.28
C LEU MA 14 -51.12 9.58 44.01
N LEU MA 15 -50.40 10.68 43.94
CA LEU MA 15 -51.02 11.98 43.68
C LEU MA 15 -51.56 12.10 42.26
N ALA MA 16 -51.07 11.29 41.32
CA ALA MA 16 -51.62 11.31 39.97
C ALA MA 16 -52.80 10.37 39.79
N LYS MA 17 -52.77 9.20 40.45
CA LYS MA 17 -53.88 8.26 40.34
C LYS MA 17 -55.09 8.74 41.15
N THR MA 18 -54.90 9.01 42.45
CA THR MA 18 -56.00 9.39 43.31
C THR MA 18 -55.88 10.78 43.91
N GLY MA 19 -54.67 11.31 44.05
CA GLY MA 19 -54.48 12.63 44.62
C GLY MA 19 -54.91 13.73 43.68
N GLN MA 20 -54.74 14.95 44.15
CA GLN MA 20 -55.35 16.09 43.51
C GLN MA 20 -54.28 17.11 43.11
N ALA MA 21 -54.73 18.27 42.65
CA ALA MA 21 -53.88 19.18 41.89
C ALA MA 21 -52.85 19.88 42.76
N ALA MA 22 -53.30 20.56 43.81
CA ALA MA 22 -52.40 21.38 44.62
C ALA MA 22 -51.43 20.56 45.44
N GLU MA 23 -51.73 19.28 45.68
CA GLU MA 23 -50.85 18.43 46.47
C GLU MA 23 -49.62 18.05 45.66
N LEU MA 24 -49.82 17.59 44.43
CA LEU MA 24 -48.70 17.23 43.58
C LEU MA 24 -47.96 18.48 43.09
N GLY MA 25 -48.67 19.61 42.92
CA GLY MA 25 -47.99 20.86 42.63
C GLY MA 25 -47.12 21.33 43.80
N GLY MA 26 -47.61 21.14 45.02
CA GLY MA 26 -46.77 21.38 46.18
C GLY MA 26 -45.59 20.44 46.25
N LEU MA 27 -45.76 19.21 45.75
CA LEU MA 27 -44.64 18.28 45.71
C LEU MA 27 -43.58 18.73 44.68
N LEU MA 28 -44.04 19.25 43.53
CA LEU MA 28 -43.11 19.83 42.56
C LEU MA 28 -42.38 21.04 43.12
N LYS MA 29 -43.07 21.85 43.92
CA LYS MA 29 -42.36 22.94 44.57
C LYS MA 29 -41.54 22.48 45.77
N TYR MA 30 -41.79 21.28 46.28
CA TYR MA 30 -41.15 20.74 47.47
C TYR MA 30 -39.83 20.05 47.17
N VAL MA 31 -39.71 19.43 45.99
CA VAL MA 31 -38.53 18.63 45.71
C VAL MA 31 -37.45 19.46 45.03
N ARG MA 32 -37.60 20.78 45.08
CA ARG MA 32 -36.64 21.68 44.45
C ARG MA 32 -35.29 21.74 45.17
N PRO MA 33 -35.19 21.71 46.51
CA PRO MA 33 -33.88 21.44 47.10
C PRO MA 33 -33.44 19.99 46.98
N PHE MA 34 -34.38 19.06 46.74
CA PHE MA 34 -34.02 17.65 46.64
C PHE MA 34 -33.16 17.42 45.40
N LEU MA 35 -33.47 18.10 44.31
CA LEU MA 35 -32.65 17.99 43.10
C LEU MA 35 -31.28 18.61 43.32
N ASN MA 36 -31.23 19.69 44.10
CA ASN MA 36 -29.95 20.27 44.50
C ASN MA 36 -29.13 19.28 45.32
N SER MA 37 -29.80 18.41 46.08
CA SER MA 37 -29.08 17.38 46.82
C SER MA 37 -28.62 16.25 45.90
N ILE MA 38 -29.52 15.65 45.13
CA ILE MA 38 -29.20 14.44 44.39
C ILE MA 38 -28.38 14.74 43.15
N SER MA 39 -27.84 13.69 42.53
CA SER MA 39 -26.98 13.81 41.36
C SER MA 39 -27.78 14.26 40.14
N LYS MA 40 -27.21 15.21 39.39
CA LYS MA 40 -27.89 15.95 38.34
C LYS MA 40 -28.12 15.15 37.08
N ALA MA 41 -27.70 13.88 37.04
CA ALA MA 41 -27.90 13.06 35.85
C ALA MA 41 -29.36 12.63 35.73
N LYS MA 42 -29.91 12.07 36.79
CA LYS MA 42 -31.32 11.66 36.82
C LYS MA 42 -32.25 12.82 37.12
N ALA MA 43 -31.73 14.04 37.20
CA ALA MA 43 -32.56 15.21 37.45
C ALA MA 43 -33.58 15.44 36.34
N ALA MA 44 -33.18 15.19 35.10
CA ALA MA 44 -34.09 15.34 33.97
C ALA MA 44 -35.21 14.32 34.04
N ARG MA 45 -34.92 13.11 34.52
CA ARG MA 45 -35.95 12.10 34.73
C ARG MA 45 -36.97 12.57 35.76
N LEU MA 46 -36.49 13.23 36.82
CA LEU MA 46 -37.38 13.75 37.85
C LEU MA 46 -38.26 14.87 37.30
N VAL MA 47 -37.66 15.76 36.51
CA VAL MA 47 -38.39 16.87 35.89
C VAL MA 47 -39.48 16.36 34.97
N ARG MA 48 -39.14 15.39 34.11
CA ARG MA 48 -40.14 14.78 33.23
C ARG MA 48 -41.25 14.11 34.01
N SER MA 49 -40.88 13.23 34.95
CA SER MA 49 -41.82 12.40 35.68
C SER MA 49 -42.79 13.24 36.51
N LEU MA 50 -42.33 14.39 37.00
CA LEU MA 50 -43.27 15.25 37.72
C LEU MA 50 -44.08 16.12 36.77
N LEU MA 51 -43.41 16.84 35.86
CA LEU MA 51 -44.08 17.88 35.08
C LEU MA 51 -45.07 17.29 34.09
N ASP MA 52 -44.63 16.30 33.29
CA ASP MA 52 -45.48 15.75 32.25
C ASP MA 52 -46.67 15.01 32.84
N LEU MA 53 -46.44 14.22 33.88
CA LEU MA 53 -47.52 13.50 34.52
C LEU MA 53 -48.35 14.37 35.46
N PHE MA 54 -47.93 15.60 35.73
CA PHE MA 54 -48.85 16.54 36.37
C PHE MA 54 -49.71 17.26 35.34
N LEU MA 55 -49.13 17.65 34.22
CA LEU MA 55 -49.91 18.30 33.18
C LEU MA 55 -50.83 17.34 32.45
N ASP MA 56 -50.60 16.04 32.57
CA ASP MA 56 -51.51 15.05 32.03
C ASP MA 56 -52.46 14.50 33.09
N MET MA 57 -52.65 15.24 34.19
CA MET MA 57 -53.71 14.91 35.15
C MET MA 57 -55.03 15.56 34.75
N GLU MA 58 -55.04 16.89 34.68
CA GLU MA 58 -56.30 17.61 34.59
C GLU MA 58 -56.03 19.02 34.10
N ALA MA 59 -56.97 19.54 33.31
CA ALA MA 59 -56.91 20.93 32.87
C ALA MA 59 -57.21 21.84 34.05
N ALA MA 60 -56.16 22.47 34.59
CA ALA MA 60 -56.28 23.45 35.67
C ALA MA 60 -55.41 24.64 35.26
N THR MA 61 -56.00 25.56 34.51
CA THR MA 61 -55.26 26.59 33.78
C THR MA 61 -54.57 27.61 34.67
N GLY MA 62 -54.91 27.67 35.95
CA GLY MA 62 -54.17 28.53 36.85
C GLY MA 62 -52.86 27.95 37.33
N GLN MA 63 -52.57 26.71 36.95
CA GLN MA 63 -51.38 26.02 37.41
C GLN MA 63 -50.47 25.52 36.30
N GLU MA 64 -51.00 25.20 35.12
CA GLU MA 64 -50.23 24.64 34.01
C GLU MA 64 -49.13 25.58 33.53
N VAL MA 65 -49.54 26.74 33.00
CA VAL MA 65 -48.57 27.72 32.54
C VAL MA 65 -47.85 28.37 33.73
N GLU MA 66 -48.42 28.30 34.93
CA GLU MA 66 -47.77 28.89 36.10
C GLU MA 66 -46.59 28.05 36.55
N LEU MA 67 -46.76 26.72 36.60
CA LEU MA 67 -45.64 25.82 36.88
C LEU MA 67 -44.66 25.76 35.72
N CYS MA 68 -45.14 25.95 34.48
CA CYS MA 68 -44.21 26.13 33.38
C CYS MA 68 -43.36 27.37 33.57
N LEU MA 69 -43.95 28.45 34.08
CA LEU MA 69 -43.20 29.65 34.43
C LEU MA 69 -42.23 29.38 35.56
N GLU MA 70 -42.61 28.56 36.53
CA GLU MA 70 -41.69 28.17 37.60
C GLU MA 70 -40.50 27.41 37.04
N CYS MA 71 -40.74 26.53 36.07
CA CYS MA 71 -39.66 25.81 35.42
C CYS MA 71 -38.78 26.75 34.62
N ILE MA 72 -39.38 27.79 34.02
CA ILE MA 72 -38.61 28.84 33.36
C ILE MA 72 -37.73 29.57 34.37
N GLU MA 73 -38.28 29.88 35.54
CA GLU MA 73 -37.55 30.58 36.59
C GLU MA 73 -36.35 29.77 37.06
N TRP MA 74 -36.56 28.49 37.36
CA TRP MA 74 -35.46 27.68 37.85
C TRP MA 74 -34.48 27.32 36.74
N ALA MA 75 -34.95 27.19 35.50
CA ALA MA 75 -34.06 26.88 34.40
C ALA MA 75 -33.20 28.08 34.02
N LYS MA 76 -33.69 29.28 34.25
CA LYS MA 76 -32.88 30.47 34.08
C LYS MA 76 -32.20 30.89 35.38
N SER MA 77 -32.40 30.15 36.46
CA SER MA 77 -31.67 30.38 37.69
C SER MA 77 -30.43 29.47 37.78
N GLU MA 78 -30.63 28.16 37.66
CA GLU MA 78 -29.47 27.27 37.67
C GLU MA 78 -28.72 27.34 36.34
N LYS MA 79 -29.44 27.68 35.26
CA LYS MA 79 -28.91 27.99 33.93
C LYS MA 79 -28.14 26.83 33.30
N ARG MA 80 -28.83 25.72 33.06
CA ARG MA 80 -28.30 24.65 32.23
C ARG MA 80 -29.12 24.54 30.96
N THR MA 81 -28.45 24.18 29.86
CA THR MA 81 -29.03 24.21 28.54
C THR MA 81 -29.79 22.93 28.22
N PHE MA 82 -29.22 21.78 28.57
CA PHE MA 82 -29.76 20.49 28.17
C PHE MA 82 -31.11 20.18 28.81
N LEU MA 83 -31.41 20.78 29.96
CA LEU MA 83 -32.64 20.49 30.66
C LEU MA 83 -33.79 21.41 30.27
N ARG MA 84 -33.49 22.69 30.01
CA ARG MA 84 -34.55 23.67 29.77
C ARG MA 84 -35.25 23.47 28.44
N GLN MA 85 -34.65 22.73 27.51
CA GLN MA 85 -35.25 22.57 26.19
C GLN MA 85 -36.49 21.68 26.22
N ALA MA 86 -36.51 20.69 27.12
CA ALA MA 86 -37.72 19.91 27.33
C ALA MA 86 -38.83 20.77 27.91
N LEU MA 87 -38.47 21.71 28.78
CA LEU MA 87 -39.43 22.67 29.32
C LEU MA 87 -39.96 23.56 28.20
N GLU MA 88 -39.07 23.94 27.27
CA GLU MA 88 -39.46 24.72 26.10
C GLU MA 88 -40.48 23.96 25.25
N ALA MA 89 -40.21 22.70 24.98
CA ALA MA 89 -41.10 21.87 24.17
C ALA MA 89 -42.45 21.68 24.85
N ARG MA 90 -42.44 21.45 26.16
CA ARG MA 90 -43.69 21.27 26.89
C ARG MA 90 -44.49 22.57 26.93
N LEU MA 91 -43.81 23.71 27.04
CA LEU MA 91 -44.51 24.99 27.07
C LEU MA 91 -45.12 25.35 25.73
N VAL MA 92 -44.42 25.05 24.64
CA VAL MA 92 -45.01 25.37 23.35
C VAL MA 92 -46.12 24.36 23.02
N SER MA 93 -46.04 23.14 23.55
CA SER MA 93 -47.18 22.23 23.46
C SER MA 93 -48.37 22.76 24.24
N LEU MA 94 -48.12 23.32 25.42
CA LEU MA 94 -49.20 23.87 26.23
C LEU MA 94 -49.80 25.12 25.57
N TYR MA 95 -48.97 25.88 24.86
CA TYR MA 95 -49.47 27.01 24.09
C TYR MA 95 -50.31 26.55 22.91
N PHE MA 96 -49.94 25.43 22.30
CA PHE MA 96 -50.78 24.88 21.24
C PHE MA 96 -52.07 24.30 21.80
N ASP MA 97 -52.09 23.93 23.08
CA ASP MA 97 -53.28 23.37 23.70
C ASP MA 97 -54.44 24.36 23.84
N THR MA 98 -54.27 25.64 23.53
CA THR MA 98 -55.39 26.56 23.37
C THR MA 98 -55.33 27.28 22.03
N LYS MA 99 -54.44 26.84 21.13
CA LYS MA 99 -54.19 27.41 19.80
C LYS MA 99 -53.88 28.90 19.90
N ARG MA 100 -52.77 29.18 20.57
CA ARG MA 100 -52.38 30.56 20.82
C ARG MA 100 -51.81 31.17 19.56
N TYR MA 101 -52.15 32.44 19.34
CA TYR MA 101 -52.02 33.08 18.04
C TYR MA 101 -50.58 33.47 17.75
N GLN MA 102 -49.90 34.13 18.68
CA GLN MA 102 -48.55 34.56 18.40
C GLN MA 102 -47.49 34.06 19.36
N GLU MA 103 -47.78 33.97 20.67
CA GLU MA 103 -46.72 33.69 21.64
C GLU MA 103 -46.16 32.28 21.52
N ALA MA 104 -46.93 31.34 20.97
CA ALA MA 104 -46.38 30.04 20.61
C ALA MA 104 -45.29 30.19 19.55
N LEU MA 105 -45.54 31.02 18.54
CA LEU MA 105 -44.55 31.26 17.50
C LEU MA 105 -43.38 32.09 18.03
N HIS MA 106 -43.65 32.97 18.98
CA HIS MA 106 -42.59 33.74 19.61
C HIS MA 106 -41.69 32.84 20.44
N LEU MA 107 -42.25 31.77 21.00
CA LEU MA 107 -41.43 30.80 21.70
C LEU MA 107 -40.66 29.92 20.71
N GLY MA 108 -41.30 29.57 19.59
CA GLY MA 108 -40.59 28.83 18.56
C GLY MA 108 -39.44 29.59 17.95
N SER MA 109 -39.54 30.92 17.93
CA SER MA 109 -38.43 31.75 17.53
C SER MA 109 -37.28 31.74 18.53
N GLN MA 110 -37.53 31.32 19.78
CA GLN MA 110 -36.44 31.03 20.70
C GLN MA 110 -35.96 29.60 20.57
N LEU MA 111 -36.83 28.68 20.18
CA LEU MA 111 -36.42 27.30 19.94
C LEU MA 111 -35.49 27.18 18.75
N LEU MA 112 -35.69 28.03 17.74
CA LEU MA 112 -34.76 28.05 16.62
C LEU MA 112 -33.42 28.65 17.00
N ARG MA 113 -33.33 29.36 18.12
CA ARG MA 113 -32.05 29.92 18.53
C ARG MA 113 -31.11 28.86 19.10
N GLU MA 114 -31.62 27.70 19.48
CA GLU MA 114 -30.82 26.74 20.23
C GLU MA 114 -30.60 25.45 19.47
N LEU MA 115 -31.65 24.90 18.87
CA LEU MA 115 -31.61 23.52 18.40
C LEU MA 115 -30.82 23.37 17.10
N LYS MA 116 -31.00 24.30 16.15
CA LYS MA 116 -30.39 24.16 14.84
C LYS MA 116 -28.87 24.32 14.85
N LYS MA 117 -28.28 24.76 15.96
CA LYS MA 117 -26.83 24.77 16.13
C LYS MA 117 -26.33 23.48 16.77
N MET MA 118 -27.12 22.87 17.65
CA MET MA 118 -26.69 21.68 18.37
C MET MA 118 -26.84 20.43 17.51
N ASP MA 119 -26.69 19.26 18.14
CA ASP MA 119 -26.57 18.01 17.41
C ASP MA 119 -27.86 17.22 17.38
N ASP MA 120 -28.71 17.33 18.41
CA ASP MA 120 -29.87 16.45 18.53
C ASP MA 120 -30.92 16.82 17.50
N LYS MA 121 -30.84 16.19 16.33
CA LYS MA 121 -31.62 16.58 15.17
C LYS MA 121 -33.08 16.16 15.32
N ALA MA 122 -33.35 15.10 16.07
CA ALA MA 122 -34.74 14.71 16.32
C ALA MA 122 -35.43 15.68 17.27
N LEU MA 123 -34.67 16.27 18.21
CA LEU MA 123 -35.24 17.25 19.11
C LEU MA 123 -35.64 18.53 18.40
N LEU MA 124 -35.02 18.83 17.25
CA LEU MA 124 -35.48 19.91 16.40
C LEU MA 124 -36.91 19.67 15.95
N VAL MA 125 -37.14 18.58 15.22
CA VAL MA 125 -38.46 18.32 14.67
C VAL MA 125 -39.45 17.92 15.76
N GLU MA 126 -38.96 17.56 16.95
CA GLU MA 126 -39.81 17.40 18.13
C GLU MA 126 -40.59 18.67 18.49
N VAL MA 127 -40.14 19.85 18.03
CA VAL MA 127 -40.97 21.05 18.06
C VAL MA 127 -41.28 21.59 16.67
N GLN MA 128 -40.49 21.27 15.64
CA GLN MA 128 -40.79 21.77 14.30
C GLN MA 128 -42.05 21.14 13.73
N LEU MA 129 -42.32 19.89 14.10
CA LEU MA 129 -43.54 19.24 13.68
C LEU MA 129 -44.74 19.84 14.40
N LEU MA 130 -44.54 20.29 15.64
CA LEU MA 130 -45.56 21.05 16.33
C LEU MA 130 -45.81 22.39 15.66
N GLU MA 131 -44.75 23.00 15.13
CA GLU MA 131 -44.96 24.21 14.34
C GLU MA 131 -45.67 23.91 13.03
N SER MA 132 -45.42 22.73 12.46
CA SER MA 132 -46.19 22.30 11.30
C SER MA 132 -47.65 22.05 11.64
N LYS MA 133 -47.94 21.75 12.90
CA LYS MA 133 -49.33 21.73 13.32
C LYS MA 133 -49.90 23.14 13.41
N THR MA 134 -49.13 24.06 14.01
CA THR MA 134 -49.71 25.37 14.29
C THR MA 134 -49.82 26.23 13.03
N TYR MA 135 -49.00 25.97 12.00
CA TYR MA 135 -49.22 26.66 10.74
C TYR MA 135 -50.36 26.04 9.94
N HIS MA 136 -50.88 24.90 10.35
CA HIS MA 136 -52.21 24.51 9.90
C HIS MA 136 -53.28 25.13 10.76
N ALA MA 137 -52.98 25.33 12.04
CA ALA MA 137 -53.94 25.91 12.97
C ALA MA 137 -54.24 27.36 12.62
N LEU MA 138 -53.28 28.08 12.05
CA LEU MA 138 -53.53 29.39 11.47
C LEU MA 138 -53.66 29.32 9.96
N SER MA 139 -53.55 28.11 9.38
CA SER MA 139 -53.68 27.84 7.94
C SER MA 139 -52.63 28.59 7.12
N ASN MA 140 -51.39 28.58 7.57
CA ASN MA 140 -50.25 29.02 6.78
C ASN MA 140 -49.77 27.80 6.02
N LEU MA 141 -50.27 27.65 4.79
CA LEU MA 141 -50.07 26.40 4.06
C LEU MA 141 -48.64 26.21 3.54
N PRO MA 142 -47.99 27.17 2.85
CA PRO MA 142 -46.64 26.86 2.34
C PRO MA 142 -45.61 26.77 3.43
N LYS MA 143 -45.77 27.50 4.53
CA LYS MA 143 -44.80 27.41 5.61
C LYS MA 143 -44.96 26.09 6.38
N ALA MA 144 -46.18 25.58 6.48
CA ALA MA 144 -46.36 24.24 7.02
C ALA MA 144 -45.80 23.18 6.07
N ARG MA 145 -45.88 23.41 4.76
CA ARG MA 145 -45.21 22.55 3.80
C ARG MA 145 -43.70 22.57 4.00
N ALA MA 146 -43.14 23.74 4.24
CA ALA MA 146 -41.71 23.86 4.49
C ALA MA 146 -41.31 23.17 5.79
N ALA MA 147 -42.17 23.25 6.80
CA ALA MA 147 -41.90 22.57 8.06
C ALA MA 147 -41.96 21.05 7.91
N LEU MA 148 -42.91 20.56 7.10
CA LEU MA 148 -42.97 19.14 6.82
C LEU MA 148 -41.75 18.68 6.01
N THR MA 149 -41.30 19.52 5.08
CA THR MA 149 -40.11 19.18 4.30
C THR MA 149 -38.87 19.16 5.19
N SER MA 150 -38.81 20.08 6.18
CA SER MA 150 -37.74 20.05 7.15
C SER MA 150 -37.79 18.79 8.00
N ALA MA 151 -39.01 18.34 8.33
CA ALA MA 151 -39.16 17.08 9.06
C ALA MA 151 -38.68 15.89 8.24
N ARG MA 152 -38.99 15.89 6.94
CA ARG MA 152 -38.60 14.78 6.09
C ARG MA 152 -37.09 14.76 5.88
N THR MA 153 -36.48 15.93 5.68
CA THR MA 153 -35.02 15.95 5.55
C THR MA 153 -34.33 15.87 6.90
N THR MA 154 -35.07 15.93 8.00
CA THR MA 154 -34.53 15.67 9.32
C THR MA 154 -34.50 14.19 9.63
N ALA MA 155 -35.63 13.51 9.44
CA ALA MA 155 -35.79 12.15 9.93
C ALA MA 155 -34.98 11.13 9.19
N ASN MA 156 -34.19 11.43 8.17
CA ASN MA 156 -33.32 10.38 7.65
C ASN MA 156 -31.93 10.54 8.24
N ALA MA 157 -31.82 10.53 9.57
CA ALA MA 157 -30.53 10.35 10.23
C ALA MA 157 -30.68 9.60 11.54
N ILE MA 158 -31.91 9.22 11.87
CA ILE MA 158 -32.28 8.76 13.21
C ILE MA 158 -33.10 7.49 13.08
N TYR MA 159 -32.77 6.47 13.88
CA TYR MA 159 -33.25 5.11 13.63
C TYR MA 159 -34.72 4.97 13.97
N CYS MA 160 -35.04 4.84 15.27
CA CYS MA 160 -36.33 5.13 15.93
C CYS MA 160 -36.28 5.06 17.46
N PRO MA 161 -35.49 5.87 18.19
CA PRO MA 161 -35.39 5.64 19.65
C PRO MA 161 -36.61 6.10 20.43
N PRO MA 162 -37.28 7.26 20.09
CA PRO MA 162 -38.70 7.36 20.47
C PRO MA 162 -39.59 6.97 19.31
N LYS MA 163 -40.90 6.97 19.52
CA LYS MA 163 -41.86 6.90 18.43
C LYS MA 163 -42.01 8.31 17.83
N LEU MA 164 -41.48 8.48 16.62
CA LEU MA 164 -41.61 9.74 15.90
C LEU MA 164 -42.02 9.58 14.47
N GLN MA 165 -41.92 8.37 13.90
CA GLN MA 165 -42.22 8.19 12.50
C GLN MA 165 -43.71 8.30 12.22
N ALA MA 166 -44.53 7.72 13.10
CA ALA MA 166 -45.96 7.68 12.86
C ALA MA 166 -46.60 9.06 13.00
N THR MA 167 -46.10 9.87 13.94
CA THR MA 167 -46.60 11.23 14.09
C THR MA 167 -46.30 12.06 12.86
N LEU MA 168 -45.07 11.93 12.35
CA LEU MA 168 -44.68 12.57 11.11
C LEU MA 168 -45.54 12.12 9.94
N ASP MA 169 -45.84 10.82 9.87
CA ASP MA 169 -46.63 10.29 8.76
C ASP MA 169 -48.06 10.81 8.82
N MET MA 170 -48.63 10.87 10.03
CA MET MA 170 -49.96 11.41 10.21
C MET MA 170 -50.04 12.86 9.78
N GLN MA 171 -49.11 13.70 10.25
CA GLN MA 171 -49.22 15.10 9.89
C GLN MA 171 -48.79 15.36 8.46
N SER MA 172 -48.00 14.45 7.88
CA SER MA 172 -47.80 14.44 6.44
C SER MA 172 -49.13 14.23 5.72
N GLY MA 173 -49.94 13.30 6.22
CA GLY MA 173 -51.29 13.15 5.72
C GLY MA 173 -52.15 14.39 5.91
N ILE MA 174 -51.94 15.12 7.01
CA ILE MA 174 -52.67 16.37 7.25
C ILE MA 174 -52.31 17.41 6.18
N ILE MA 175 -51.03 17.56 5.88
CA ILE MA 175 -50.64 18.55 4.87
C ILE MA 175 -51.03 18.09 3.46
N HIS MA 176 -51.03 16.79 3.21
CA HIS MA 176 -51.58 16.29 1.95
C HIS MA 176 -53.09 16.35 1.89
N ALA MA 177 -53.75 16.54 3.04
CA ALA MA 177 -55.21 16.68 3.09
C ALA MA 177 -55.66 18.12 3.01
N ALA MA 178 -54.82 19.07 3.43
CA ALA MA 178 -55.12 20.47 3.18
C ALA MA 178 -55.02 20.82 1.70
N GLU MA 179 -54.27 20.04 0.92
CA GLU MA 179 -54.23 20.23 -0.52
C GLU MA 179 -55.55 19.82 -1.16
N GLU MA 180 -56.15 18.73 -0.65
CA GLU MA 180 -57.31 18.05 -1.23
C GLU MA 180 -57.07 17.65 -2.69
N LYS MA 181 -55.82 17.36 -3.05
CA LYS MA 181 -55.48 16.90 -4.39
C LYS MA 181 -55.22 15.40 -4.40
N ASP MA 182 -54.25 14.95 -3.62
CA ASP MA 182 -53.88 13.54 -3.57
C ASP MA 182 -54.36 12.96 -2.25
N TRP MA 183 -55.07 11.85 -2.35
CA TRP MA 183 -55.72 11.23 -1.21
C TRP MA 183 -55.27 9.80 -0.98
N LYS MA 184 -54.87 9.08 -2.03
CA LYS MA 184 -54.46 7.70 -1.86
C LYS MA 184 -53.12 7.61 -1.17
N THR MA 185 -52.17 8.47 -1.55
CA THR MA 185 -50.88 8.50 -0.87
C THR MA 185 -51.01 9.04 0.55
N ALA MA 186 -51.88 10.03 0.74
CA ALA MA 186 -52.16 10.52 2.08
C ALA MA 186 -52.79 9.44 2.96
N TYR MA 187 -53.68 8.64 2.38
CA TYR MA 187 -54.25 7.51 3.07
C TYR MA 187 -53.20 6.47 3.40
N SER MA 188 -52.22 6.31 2.51
CA SER MA 188 -51.08 5.44 2.81
C SER MA 188 -50.27 5.96 3.98
N TYR MA 189 -50.12 7.29 4.08
CA TYR MA 189 -49.39 7.87 5.21
C TYR MA 189 -50.17 7.69 6.51
N PHE MA 190 -51.50 7.87 6.48
CA PHE MA 190 -52.30 7.63 7.67
C PHE MA 190 -52.27 6.16 8.06
N TYR MA 191 -52.23 5.27 7.07
CA TYR MA 191 -52.18 3.85 7.37
C TYR MA 191 -50.83 3.47 7.97
N GLU MA 192 -49.76 4.08 7.48
CA GLU MA 192 -48.44 3.81 8.06
C GLU MA 192 -48.33 4.39 9.46
N ALA MA 193 -48.94 5.56 9.68
CA ALA MA 193 -49.07 6.10 11.03
C ALA MA 193 -49.82 5.13 11.92
N PHE MA 194 -50.92 4.57 11.40
CA PHE MA 194 -51.72 3.60 12.14
C PHE MA 194 -50.94 2.33 12.45
N GLU MA 195 -50.07 1.92 11.52
CA GLU MA 195 -49.15 0.82 11.80
C GLU MA 195 -48.20 1.18 12.92
N GLY MA 196 -47.78 2.43 12.97
CA GLY MA 196 -47.05 2.93 14.13
C GLY MA 196 -47.89 3.27 15.33
N TYR MA 197 -49.20 3.05 15.28
CA TYR MA 197 -50.10 3.36 16.37
C TYR MA 197 -50.71 2.11 16.99
N ASP MA 198 -50.05 0.97 16.88
CA ASP MA 198 -50.63 -0.28 17.34
C ASP MA 198 -50.41 -0.41 18.84
N SER MA 199 -51.50 -0.26 19.61
CA SER MA 199 -51.66 -0.58 21.02
C SER MA 199 -50.79 0.23 21.97
N ILE MA 200 -49.99 1.16 21.47
CA ILE MA 200 -49.19 2.04 22.32
C ILE MA 200 -49.63 3.48 22.24
N ASP MA 201 -50.49 3.83 21.27
CA ASP MA 201 -50.92 5.21 21.08
C ASP MA 201 -52.40 5.19 20.76
N SER MA 202 -53.23 5.06 21.80
CA SER MA 202 -54.69 5.08 21.70
C SER MA 202 -55.30 6.48 21.51
N PRO MA 203 -54.86 7.56 22.18
CA PRO MA 203 -55.42 8.89 21.84
C PRO MA 203 -55.15 9.34 20.41
N LYS MA 204 -54.19 8.76 19.73
CA LYS MA 204 -54.01 9.04 18.31
C LYS MA 204 -54.68 8.01 17.41
N ALA MA 205 -54.71 6.74 17.81
CA ALA MA 205 -55.42 5.75 17.00
C ALA MA 205 -56.94 5.86 17.12
N ILE MA 206 -57.45 6.62 18.09
CA ILE MA 206 -58.90 6.81 18.15
C ILE MA 206 -59.35 7.75 17.02
N THR MA 207 -58.49 8.65 16.56
CA THR MA 207 -58.81 9.52 15.44
C THR MA 207 -58.03 9.16 14.20
N SER MA 208 -57.14 8.17 14.27
CA SER MA 208 -56.50 7.66 13.06
C SER MA 208 -57.50 6.95 12.17
N LEU MA 209 -58.42 6.19 12.79
CA LEU MA 209 -59.53 5.63 12.05
C LEU MA 209 -60.40 6.72 11.45
N LYS MA 210 -60.63 7.78 12.22
CA LYS MA 210 -61.40 8.93 11.73
C LYS MA 210 -60.75 9.53 10.51
N TYR MA 211 -59.44 9.74 10.55
CA TYR MA 211 -58.73 10.37 9.45
C TYR MA 211 -58.68 9.46 8.23
N MET MA 212 -58.39 8.18 8.42
CA MET MA 212 -58.28 7.29 7.26
C MET MA 212 -59.63 7.02 6.62
N LEU MA 213 -60.71 6.98 7.41
CA LEU MA 213 -61.98 6.67 6.80
C LEU MA 213 -62.70 7.91 6.32
N LEU MA 214 -62.39 9.07 6.91
CA LEU MA 214 -62.77 10.34 6.32
C LEU MA 214 -62.03 10.54 5.00
N CYS MA 215 -60.81 10.03 4.90
CA CYS MA 215 -60.09 10.08 3.64
C CYS MA 215 -60.67 9.10 2.63
N LYS MA 216 -61.16 7.96 3.08
CA LYS MA 216 -61.66 6.99 2.12
C LYS MA 216 -63.07 7.36 1.64
N ILE MA 217 -63.88 7.95 2.53
CA ILE MA 217 -65.10 8.64 2.09
C ILE MA 217 -64.74 9.81 1.18
N MET MA 218 -63.66 10.52 1.51
CA MET MA 218 -63.12 11.54 0.61
C MET MA 218 -62.59 10.90 -0.67
N LEU MA 219 -62.10 9.67 -0.59
CA LEU MA 219 -61.74 8.93 -1.78
C LEU MA 219 -62.97 8.38 -2.49
N ASN MA 220 -64.14 8.42 -1.83
CA ASN MA 220 -65.46 8.12 -2.40
C ASN MA 220 -65.60 6.65 -2.80
N THR MA 221 -65.01 5.77 -2.00
CA THR MA 221 -65.21 4.33 -2.12
C THR MA 221 -65.84 3.85 -0.82
N PRO MA 222 -67.15 4.03 -0.63
CA PRO MA 222 -67.79 3.62 0.62
C PRO MA 222 -67.88 2.11 0.77
N GLU MA 223 -67.76 1.36 -0.32
CA GLU MA 223 -67.63 -0.08 -0.26
C GLU MA 223 -66.43 -0.49 0.57
N ASP MA 224 -65.29 0.14 0.34
CA ASP MA 224 -64.11 -0.20 1.11
C ASP MA 224 -64.14 0.40 2.51
N VAL MA 225 -64.90 1.47 2.72
CA VAL MA 225 -65.10 1.98 4.08
C VAL MA 225 -65.89 0.97 4.90
N GLN MA 226 -66.94 0.41 4.29
CA GLN MA 226 -67.70 -0.66 4.94
C GLN MA 226 -66.85 -1.91 5.15
N ALA MA 227 -66.00 -2.24 4.17
CA ALA MA 227 -65.17 -3.44 4.28
C ALA MA 227 -64.02 -3.26 5.27
N LEU MA 228 -63.61 -2.03 5.57
CA LEU MA 228 -62.53 -1.79 6.52
C LEU MA 228 -62.99 -1.34 7.89
N VAL MA 229 -64.26 -0.93 8.04
CA VAL MA 229 -64.86 -1.01 9.36
C VAL MA 229 -65.27 -2.44 9.65
N SER MA 230 -65.38 -3.28 8.61
CA SER MA 230 -65.35 -4.72 8.75
C SER MA 230 -63.92 -5.25 8.89
N GLY MA 231 -62.93 -4.38 8.82
CA GLY MA 231 -61.57 -4.78 9.12
C GLY MA 231 -61.40 -5.15 10.58
N LYS MA 232 -60.54 -6.12 10.83
CA LYS MA 232 -60.46 -6.77 12.14
C LYS MA 232 -59.89 -5.83 13.21
N LEU MA 233 -58.96 -4.97 12.83
CA LEU MA 233 -58.29 -4.15 13.83
C LEU MA 233 -59.09 -2.88 14.11
N ALA MA 234 -59.89 -2.44 13.14
CA ALA MA 234 -60.87 -1.40 13.41
C ALA MA 234 -61.96 -1.89 14.35
N LEU MA 235 -62.34 -3.16 14.24
CA LEU MA 235 -63.25 -3.76 15.20
C LEU MA 235 -62.57 -4.03 16.53
N ARG MA 236 -61.25 -4.19 16.52
CA ARG MA 236 -60.49 -4.19 17.76
C ARG MA 236 -60.53 -2.81 18.43
N TYR MA 237 -60.52 -1.75 17.62
CA TYR MA 237 -60.43 -0.39 18.17
C TYR MA 237 -61.70 0.40 17.92
N ALA MA 238 -62.86 -0.21 18.15
CA ALA MA 238 -64.14 0.42 17.84
C ALA MA 238 -64.61 1.32 18.98
N GLY MA 239 -65.72 2.02 18.73
CA GLY MA 239 -66.31 2.94 19.69
C GLY MA 239 -67.59 3.58 19.18
N ARG MA 240 -67.71 4.89 19.35
CA ARG MA 240 -68.83 5.66 18.80
C ARG MA 240 -68.45 6.43 17.56
N GLN MA 241 -67.17 6.79 17.45
CA GLN MA 241 -66.67 7.39 16.22
C GLN MA 241 -66.73 6.41 15.07
N THR MA 242 -66.65 5.10 15.34
CA THR MA 242 -66.89 4.15 14.27
C THR MA 242 -68.37 4.11 13.90
N GLU MA 243 -69.28 4.45 14.82
CA GLU MA 243 -70.68 4.58 14.44
C GLU MA 243 -70.88 5.80 13.56
N ALA MA 244 -70.13 6.88 13.84
CA ALA MA 244 -70.13 8.04 12.96
C ALA MA 244 -69.62 7.69 11.56
N LEU MA 245 -68.52 6.96 11.50
CA LEU MA 245 -67.95 6.55 10.22
C LEU MA 245 -68.88 5.64 9.45
N LYS MA 246 -69.55 4.71 10.14
CA LYS MA 246 -70.45 3.79 9.48
C LYS MA 246 -71.72 4.48 9.00
N CYS MA 247 -72.28 5.39 9.79
CA CYS MA 247 -73.53 6.04 9.40
C CYS MA 247 -73.30 7.03 8.26
N VAL MA 248 -72.23 7.83 8.32
CA VAL MA 248 -71.93 8.72 7.21
C VAL MA 248 -71.45 7.91 5.99
N ALA MA 249 -70.85 6.73 6.22
CA ALA MA 249 -70.46 5.85 5.13
C ALA MA 249 -71.66 5.33 4.38
N GLN MA 250 -72.70 4.92 5.11
CA GLN MA 250 -73.93 4.50 4.45
C GLN MA 250 -74.64 5.68 3.78
N ALA MA 251 -74.56 6.86 4.42
CA ALA MA 251 -75.20 8.05 3.88
C ALA MA 251 -74.59 8.46 2.54
N SER MA 252 -73.28 8.33 2.40
CA SER MA 252 -72.64 8.55 1.11
C SER MA 252 -72.70 7.31 0.22
N LYS MA 253 -72.97 6.15 0.81
CA LYS MA 253 -73.14 4.93 0.01
C LYS MA 253 -74.43 4.98 -0.80
N ASN MA 254 -75.47 5.60 -0.24
CA ASN MA 254 -76.73 5.67 -0.94
C ASN MA 254 -77.17 7.07 -1.30
N ARG MA 255 -76.40 8.10 -0.94
CA ARG MA 255 -76.58 9.50 -1.31
C ARG MA 255 -77.91 10.07 -0.87
N SER MA 256 -78.55 9.46 0.12
CA SER MA 256 -79.71 10.06 0.76
C SER MA 256 -79.21 11.24 1.56
N LEU MA 257 -79.41 12.44 1.01
CA LEU MA 257 -78.87 13.64 1.62
C LEU MA 257 -79.57 13.96 2.93
N ALA MA 258 -80.80 13.49 3.09
CA ALA MA 258 -81.49 13.57 4.37
C ALA MA 258 -80.84 12.67 5.41
N ASP MA 259 -80.47 11.44 5.01
CA ASP MA 259 -79.70 10.56 5.87
C ASP MA 259 -78.37 11.19 6.24
N PHE MA 260 -77.74 11.85 5.26
CA PHE MA 260 -76.49 12.56 5.49
C PHE MA 260 -76.64 13.64 6.55
N GLU MA 261 -77.63 14.51 6.37
CA GLU MA 261 -77.86 15.61 7.30
C GLU MA 261 -78.22 15.10 8.69
N LYS MA 262 -79.10 14.09 8.76
CA LYS MA 262 -79.59 13.59 10.02
C LYS MA 262 -78.48 12.91 10.82
N ALA MA 263 -77.83 11.91 10.21
CA ALA MA 263 -76.73 11.21 10.88
C ALA MA 263 -75.53 12.10 11.11
N LEU MA 264 -75.37 13.16 10.31
CA LEU MA 264 -74.31 14.12 10.52
C LEU MA 264 -74.56 14.94 11.78
N THR MA 265 -75.78 15.43 11.94
CA THR MA 265 -76.08 16.28 13.07
C THR MA 265 -76.34 15.47 14.34
N ASP MA 266 -76.51 14.15 14.21
CA ASP MA 266 -76.63 13.30 15.40
C ASP MA 266 -75.34 13.28 16.20
N TYR MA 267 -74.19 13.35 15.53
CA TYR MA 267 -72.91 13.15 16.19
C TYR MA 267 -72.05 14.40 16.04
N ARG MA 268 -72.66 15.56 16.30
CA ARG MA 268 -71.99 16.84 16.09
C ARG MA 268 -70.81 17.02 17.03
N ALA MA 269 -70.93 16.51 18.26
CA ALA MA 269 -69.84 16.63 19.24
C ALA MA 269 -68.62 15.82 18.84
N GLU MA 270 -68.80 14.75 18.06
CA GLU MA 270 -67.68 14.05 17.46
C GLU MA 270 -67.40 14.51 16.03
N LEU MA 271 -68.32 15.27 15.44
CA LEU MA 271 -68.08 15.90 14.15
C LEU MA 271 -67.19 17.13 14.28
N ARG MA 272 -67.04 17.67 15.48
CA ARG MA 272 -66.14 18.78 15.70
C ARG MA 272 -64.68 18.40 15.43
N ASP MA 273 -64.30 17.16 15.74
CA ASP MA 273 -62.92 16.69 15.57
C ASP MA 273 -62.47 16.63 14.11
N ASP MA 274 -63.38 16.73 13.16
CA ASP MA 274 -63.02 17.06 11.78
C ASP MA 274 -63.41 18.50 11.52
N PRO MA 275 -62.49 19.46 11.69
CA PRO MA 275 -62.78 20.84 11.26
C PRO MA 275 -62.92 20.99 9.75
N ILE MA 276 -62.55 19.98 8.96
CA ILE MA 276 -62.87 20.02 7.54
C ILE MA 276 -64.28 19.47 7.43
N ILE MA 277 -65.27 20.31 7.72
CA ILE MA 277 -66.65 20.00 7.38
C ILE MA 277 -66.95 20.46 5.98
N SER MA 278 -66.00 21.17 5.34
CA SER MA 278 -66.12 21.49 3.93
C SER MA 278 -66.15 20.24 3.08
N THR MA 279 -65.49 19.17 3.54
CA THR MA 279 -65.68 17.86 2.95
C THR MA 279 -67.13 17.42 3.02
N HIS MA 280 -67.78 17.62 4.15
CA HIS MA 280 -69.13 17.11 4.33
C HIS MA 280 -70.14 17.94 3.54
N LEU MA 281 -70.13 19.26 3.73
CA LEU MA 281 -71.00 20.11 2.95
C LEU MA 281 -70.58 20.22 1.49
N ALA MA 282 -69.40 19.73 1.13
CA ALA MA 282 -69.05 19.61 -0.27
C ALA MA 282 -69.40 18.24 -0.84
N LYS MA 283 -69.65 17.25 0.00
CA LYS MA 283 -70.32 16.09 -0.55
C LYS MA 283 -71.78 16.42 -0.78
N LEU MA 284 -72.37 17.17 0.16
CA LEU MA 284 -73.67 17.80 -0.05
C LEU MA 284 -73.67 18.64 -1.31
N TYR MA 285 -72.67 19.50 -1.47
CA TYR MA 285 -72.60 20.44 -2.58
C TYR MA 285 -72.28 19.73 -3.89
N ASP MA 286 -71.10 19.11 -3.98
CA ASP MA 286 -70.60 18.34 -5.11
C ASP MA 286 -71.44 17.10 -5.41
N ASN MA 287 -72.45 16.77 -4.62
CA ASN MA 287 -73.52 15.94 -5.11
C ASN MA 287 -74.67 16.78 -5.62
N LEU MA 288 -74.96 17.90 -4.94
CA LEU MA 288 -76.11 18.72 -5.28
C LEU MA 288 -75.95 19.41 -6.63
N LEU MA 289 -74.71 19.54 -7.11
CA LEU MA 289 -74.48 20.06 -8.45
C LEU MA 289 -75.09 19.14 -9.49
N GLU MA 290 -74.73 17.85 -9.47
CA GLU MA 290 -75.40 16.94 -10.39
C GLU MA 290 -76.81 16.60 -9.98
N GLN MA 291 -77.19 16.83 -8.72
CA GLN MA 291 -78.61 16.73 -8.35
C GLN MA 291 -79.41 17.82 -9.04
N ASN MA 292 -78.90 19.04 -9.06
CA ASN MA 292 -79.57 20.09 -9.80
C ASN MA 292 -79.40 19.93 -11.30
N LEU MA 293 -78.41 19.14 -11.74
CA LEU MA 293 -78.35 18.81 -13.16
C LEU MA 293 -79.42 17.79 -13.56
N ILE MA 294 -79.64 16.76 -12.74
CA ILE MA 294 -80.71 15.83 -13.07
C ILE MA 294 -82.07 16.42 -12.76
N ARG MA 295 -82.14 17.40 -11.86
CA ARG MA 295 -83.35 18.17 -11.62
C ARG MA 295 -83.38 19.47 -12.42
N VAL MA 296 -82.51 19.63 -13.40
CA VAL MA 296 -82.63 20.72 -14.35
C VAL MA 296 -82.93 20.22 -15.76
N ILE MA 297 -82.80 18.91 -16.00
CA ILE MA 297 -83.15 18.30 -17.27
C ILE MA 297 -84.59 17.81 -17.26
N GLU MA 298 -85.06 17.25 -16.15
CA GLU MA 298 -86.48 16.95 -15.99
C GLU MA 298 -87.41 18.16 -16.11
N PRO MA 299 -87.00 19.43 -15.80
CA PRO MA 299 -87.75 20.61 -16.25
C PRO MA 299 -88.29 20.73 -17.67
N PHE MA 300 -87.84 19.95 -18.64
CA PHE MA 300 -88.55 19.90 -19.92
C PHE MA 300 -89.22 18.56 -20.15
N SER MA 301 -89.49 17.77 -19.10
CA SER MA 301 -90.22 16.51 -19.25
C SER MA 301 -91.64 16.61 -18.72
N ARG MA 302 -91.81 16.90 -17.43
CA ARG MA 302 -93.05 17.48 -16.91
C ARG MA 302 -92.71 18.22 -15.61
N VAL MA 303 -92.56 19.53 -15.71
CA VAL MA 303 -92.22 20.35 -14.55
C VAL MA 303 -93.49 20.55 -13.71
N GLN MA 304 -93.32 20.70 -12.41
CA GLN MA 304 -94.48 20.88 -11.56
C GLN MA 304 -94.53 22.32 -11.02
N ILE MA 305 -95.48 22.55 -10.11
CA ILE MA 305 -95.83 23.89 -9.64
C ILE MA 305 -94.65 24.52 -8.91
N GLU MA 306 -94.48 25.84 -9.13
CA GLU MA 306 -93.34 26.63 -8.67
C GLU MA 306 -92.04 26.04 -9.19
N HIS MA 307 -91.80 26.31 -10.48
CA HIS MA 307 -90.73 25.74 -11.28
C HIS MA 307 -89.35 25.90 -10.67
N ILE MA 308 -89.15 26.82 -9.74
CA ILE MA 308 -87.84 27.07 -9.17
C ILE MA 308 -87.71 26.58 -7.73
N SER MA 309 -88.78 26.58 -6.92
CA SER MA 309 -88.62 26.18 -5.53
C SER MA 309 -89.70 25.20 -5.09
N SER MA 310 -90.12 24.30 -5.96
CA SER MA 310 -90.78 23.10 -5.46
C SER MA 310 -90.37 21.86 -6.23
N LEU MA 311 -89.31 21.93 -7.02
CA LEU MA 311 -88.93 20.78 -7.82
C LEU MA 311 -88.08 19.81 -7.03
N ILE MA 312 -87.18 20.31 -6.20
CA ILE MA 312 -86.22 19.48 -5.48
C ILE MA 312 -86.97 18.71 -4.39
N LYS MA 313 -86.28 17.75 -3.75
CA LYS MA 313 -86.64 17.01 -2.54
C LYS MA 313 -87.49 17.78 -1.54
N LEU MA 314 -87.18 19.08 -1.36
CA LEU MA 314 -87.94 20.07 -0.61
C LEU MA 314 -88.11 19.61 0.83
N SER MA 315 -87.00 19.59 1.58
CA SER MA 315 -86.94 18.91 2.86
C SER MA 315 -86.78 19.93 3.98
N LYS MA 316 -87.68 19.84 4.97
CA LYS MA 316 -87.59 20.52 6.26
C LYS MA 316 -87.64 22.03 6.16
N ALA MA 317 -88.78 22.56 5.67
CA ALA MA 317 -89.14 23.98 5.70
C ALA MA 317 -88.19 24.86 4.89
N ASP MA 318 -88.33 24.79 3.55
CA ASP MA 318 -87.56 25.56 2.57
C ASP MA 318 -86.09 25.17 2.61
N VAL MA 319 -85.79 24.09 1.89
CA VAL MA 319 -84.42 23.61 1.78
C VAL MA 319 -83.56 24.53 0.90
N GLU MA 320 -84.15 25.53 0.26
CA GLU MA 320 -83.38 26.56 -0.45
C GLU MA 320 -82.77 27.59 0.47
N ARG MA 321 -82.30 28.68 -0.15
CA ARG MA 321 -81.12 29.50 0.19
C ARG MA 321 -79.83 28.71 -0.04
N LYS MA 322 -79.89 27.62 -0.81
CA LYS MA 322 -78.69 26.98 -1.34
C LYS MA 322 -78.66 27.01 -2.85
N LEU MA 323 -79.77 26.65 -3.50
CA LEU MA 323 -79.84 26.68 -4.96
C LEU MA 323 -79.78 28.11 -5.47
N SER MA 324 -80.66 28.96 -4.95
CA SER MA 324 -80.63 30.39 -5.20
C SER MA 324 -79.31 31.01 -4.77
N GLN MA 325 -78.67 30.45 -3.74
CA GLN MA 325 -77.35 30.89 -3.35
C GLN MA 325 -76.31 30.54 -4.40
N MET MA 326 -76.51 29.45 -5.13
CA MET MA 326 -75.57 29.07 -6.18
C MET MA 326 -75.92 29.63 -7.54
N ILE MA 327 -77.04 30.32 -7.67
CA ILE MA 327 -77.24 31.24 -8.79
C ILE MA 327 -76.72 32.63 -8.45
N LEU MA 328 -76.89 33.08 -7.20
CA LEU MA 328 -76.31 34.33 -6.71
C LEU MA 328 -74.78 34.33 -6.70
N ASP MA 329 -74.20 33.51 -5.83
CA ASP MA 329 -72.76 33.38 -5.68
C ASP MA 329 -72.13 32.78 -6.92
N LYS MA 330 -72.50 31.55 -7.24
CA LYS MA 330 -71.91 30.87 -8.37
C LYS MA 330 -72.82 31.01 -9.57
N LYS MA 331 -72.52 30.25 -10.63
CA LYS MA 331 -73.23 30.43 -11.88
C LYS MA 331 -73.03 29.22 -12.78
N PHE MA 332 -74.05 28.97 -13.59
CA PHE MA 332 -74.02 28.08 -14.74
C PHE MA 332 -74.85 28.68 -15.86
N HIS MA 333 -74.95 30.02 -15.85
CA HIS MA 333 -75.91 30.81 -16.64
C HIS MA 333 -77.35 30.38 -16.35
N GLY MA 334 -77.63 30.05 -15.10
CA GLY MA 334 -78.95 29.63 -14.67
C GLY MA 334 -79.84 30.76 -14.21
N ILE MA 335 -80.30 31.57 -15.16
CA ILE MA 335 -81.16 32.69 -14.83
C ILE MA 335 -82.55 32.16 -14.45
N LEU MA 336 -83.22 32.90 -13.55
CA LEU MA 336 -84.50 32.47 -13.01
C LEU MA 336 -85.65 32.94 -13.89
N ASP MA 337 -86.60 32.03 -14.13
CA ASP MA 337 -87.91 32.35 -14.65
C ASP MA 337 -88.93 31.62 -13.78
N GLN MA 338 -89.88 32.36 -13.23
CA GLN MA 338 -90.89 31.77 -12.36
C GLN MA 338 -91.99 31.08 -13.16
N GLY MA 339 -92.02 31.25 -14.47
CA GLY MA 339 -93.11 30.75 -15.30
C GLY MA 339 -92.74 30.07 -16.59
N GLU MA 340 -91.60 29.39 -16.62
CA GLU MA 340 -91.22 28.56 -17.77
C GLU MA 340 -91.22 27.09 -17.40
N GLY MA 341 -90.46 26.71 -16.40
CA GLY MA 341 -90.25 25.33 -16.06
C GLY MA 341 -88.80 24.94 -16.22
N VAL MA 342 -88.23 25.34 -17.35
CA VAL MA 342 -86.90 24.90 -17.73
C VAL MA 342 -85.83 25.78 -17.09
N LEU MA 343 -86.21 27.00 -16.66
CA LEU MA 343 -85.33 27.98 -15.99
C LEU MA 343 -84.13 28.32 -16.86
N ILE MA 344 -84.46 28.84 -18.06
CA ILE MA 344 -83.72 28.65 -19.31
C ILE MA 344 -82.27 29.08 -19.27
N ILE MA 345 -81.36 28.15 -19.55
CA ILE MA 345 -79.94 28.43 -19.66
C ILE MA 345 -79.61 28.47 -21.15
N PHE MA 346 -79.45 29.67 -21.70
CA PHE MA 346 -78.99 29.81 -23.07
C PHE MA 346 -78.10 31.04 -23.16
N ASP MA 347 -77.11 30.97 -24.04
CA ASP MA 347 -76.06 31.99 -24.12
C ASP MA 347 -75.32 31.85 -25.44
N GLU MA 348 -74.59 32.90 -25.78
CA GLU MA 348 -73.73 32.93 -26.97
C GLU MA 348 -72.36 33.41 -26.54
N PRO MA 349 -71.43 32.51 -26.25
CA PRO MA 349 -70.09 32.92 -25.80
C PRO MA 349 -69.28 33.63 -26.89
N PRO MA 350 -69.11 33.10 -28.16
CA PRO MA 350 -68.20 33.83 -29.07
C PRO MA 350 -68.83 35.08 -29.67
N VAL MA 351 -68.47 36.24 -29.10
CA VAL MA 351 -68.90 37.52 -29.63
C VAL MA 351 -67.65 38.40 -29.70
N ASP MA 352 -66.48 37.74 -29.79
CA ASP MA 352 -65.18 38.39 -29.82
C ASP MA 352 -64.96 39.30 -31.02
N LYS MA 353 -65.80 39.18 -32.04
CA LYS MA 353 -65.82 40.08 -33.20
C LYS MA 353 -65.89 41.54 -32.77
N THR MA 354 -66.77 41.84 -31.81
CA THR MA 354 -66.87 43.20 -31.36
C THR MA 354 -65.83 43.51 -30.29
N TYR MA 355 -65.40 42.46 -29.56
CA TYR MA 355 -64.45 42.63 -28.46
C TYR MA 355 -63.09 43.11 -28.96
N GLU MA 356 -62.50 42.37 -29.90
CA GLU MA 356 -61.14 42.68 -30.35
C GLU MA 356 -61.11 43.99 -31.11
N ALA MA 357 -62.21 44.34 -31.80
CA ALA MA 357 -62.29 45.63 -32.46
C ALA MA 357 -62.40 46.77 -31.46
N ALA MA 358 -63.14 46.56 -30.37
CA ALA MA 358 -63.21 47.58 -29.32
C ALA MA 358 -61.86 47.76 -28.66
N LEU MA 359 -61.14 46.66 -28.44
CA LEU MA 359 -59.78 46.72 -27.91
C LEU MA 359 -58.83 47.41 -28.86
N GLU MA 360 -59.08 47.29 -30.16
CA GLU MA 360 -58.30 48.05 -31.13
C GLU MA 360 -58.58 49.54 -31.04
N THR MA 361 -59.87 49.92 -31.04
CA THR MA 361 -60.24 51.34 -31.02
C THR MA 361 -59.75 52.04 -29.77
N ILE MA 362 -59.71 51.32 -28.63
CA ILE MA 362 -59.13 51.84 -27.40
C ILE MA 362 -57.69 52.30 -27.61
N GLN MA 363 -56.89 51.51 -28.32
CA GLN MA 363 -55.52 51.90 -28.55
C GLN MA 363 -55.37 52.83 -29.74
N ASN MA 364 -56.28 52.75 -30.71
CA ASN MA 364 -56.20 53.62 -31.87
C ASN MA 364 -56.49 55.06 -31.52
N MET MA 365 -57.41 55.30 -30.59
CA MET MA 365 -57.62 56.66 -30.11
C MET MA 365 -56.38 57.21 -29.42
N SER MA 366 -55.63 56.34 -28.72
CA SER MA 366 -54.38 56.76 -28.13
C SER MA 366 -53.34 57.06 -29.20
N LYS MA 367 -53.34 56.29 -30.30
CA LYS MA 367 -52.41 56.58 -31.38
C LYS MA 367 -52.75 57.89 -32.09
N VAL MA 368 -54.03 58.21 -32.17
CA VAL MA 368 -54.44 59.50 -32.72
C VAL MA 368 -54.01 60.63 -31.79
N VAL MA 369 -54.16 60.43 -30.48
CA VAL MA 369 -53.70 61.42 -29.50
C VAL MA 369 -52.20 61.62 -29.60
N ASP MA 370 -51.45 60.53 -29.76
CA ASP MA 370 -50.00 60.63 -29.84
C ASP MA 370 -49.51 61.08 -31.21
N SER MA 371 -50.40 61.13 -32.20
CA SER MA 371 -50.09 61.82 -33.45
C SER MA 371 -50.48 63.29 -33.41
N LEU MA 372 -51.45 63.65 -32.55
CA LEU MA 372 -51.87 65.04 -32.39
C LEU MA 372 -50.75 65.97 -31.97
N TYR MA 373 -49.73 65.45 -31.29
CA TYR MA 373 -48.58 66.27 -30.94
C TYR MA 373 -47.81 66.70 -32.17
N ASN MA 374 -47.53 65.75 -33.06
CA ASN MA 374 -46.90 66.04 -34.35
C ASN MA 374 -47.77 67.00 -35.15
N LYS MA 375 -49.08 66.78 -35.11
CA LYS MA 375 -50.04 67.60 -35.85
C LYS MA 375 -50.02 69.05 -35.39
N ALA MA 376 -50.22 69.26 -34.09
CA ALA MA 376 -50.26 70.62 -33.55
C ALA MA 376 -48.89 71.26 -33.46
N LYS MA 377 -47.82 70.49 -33.60
CA LYS MA 377 -46.49 71.08 -33.50
C LYS MA 377 -45.90 71.46 -34.85
N LYS MA 378 -46.18 70.69 -35.91
CA LYS MA 378 -45.49 70.97 -37.17
C LYS MA 378 -46.08 72.17 -37.91
N LEU MA 379 -47.33 72.55 -37.64
CA LEU MA 379 -47.86 73.73 -38.29
C LEU MA 379 -47.28 74.99 -37.66
N THR MA 380 -47.57 75.19 -36.37
CA THR MA 380 -47.20 76.40 -35.65
C THR MA 380 -47.37 76.20 -34.15
N GLN NA 13 25.67 57.88 -36.58
CA GLN NA 13 24.98 58.45 -37.72
C GLN NA 13 25.80 58.27 -38.98
N VAL NA 14 26.74 57.33 -38.95
CA VAL NA 14 27.51 56.95 -40.12
C VAL NA 14 26.86 55.78 -40.84
N GLU NA 15 26.79 54.64 -40.16
CA GLU NA 15 26.13 53.48 -40.74
C GLU NA 15 24.63 53.65 -40.78
N ASP NA 16 24.09 54.46 -39.87
CA ASP NA 16 22.67 54.80 -39.90
C ASP NA 16 22.32 55.55 -41.17
N ASP NA 17 22.99 56.67 -41.41
CA ASP NA 17 22.99 57.43 -42.67
C ASP NA 17 23.14 56.52 -43.86
N ILE NA 18 24.16 55.64 -43.82
CA ILE NA 18 24.48 54.76 -44.94
C ILE NA 18 23.32 53.87 -45.30
N GLN NA 19 22.78 53.12 -44.33
CA GLN NA 19 21.63 52.25 -44.59
C GLN NA 19 20.39 53.04 -44.99
N GLN NA 20 20.10 54.12 -44.25
CA GLN NA 20 18.87 54.87 -44.44
C GLN NA 20 18.80 55.53 -45.81
N LEU NA 21 19.78 56.37 -46.14
CA LEU NA 21 19.69 57.05 -47.43
C LEU NA 21 20.09 56.16 -48.60
N LEU NA 22 20.81 55.04 -48.38
CA LEU NA 22 21.08 54.15 -49.49
C LEU NA 22 19.83 53.37 -49.86
N LYS NA 23 19.08 52.89 -48.87
CA LYS NA 23 17.78 52.27 -49.15
C LYS NA 23 16.79 53.30 -49.68
N LYS NA 24 16.93 54.56 -49.28
CA LYS NA 24 16.04 55.60 -49.80
C LYS NA 24 16.33 55.88 -51.27
N ILE NA 25 17.62 55.91 -51.64
CA ILE NA 25 18.00 56.06 -53.05
C ILE NA 25 17.52 54.86 -53.85
N ASN NA 26 17.57 53.67 -53.25
CA ASN NA 26 17.02 52.47 -53.89
C ASN NA 26 15.52 52.59 -54.11
N GLU NA 27 14.78 53.01 -53.09
CA GLU NA 27 13.33 53.12 -53.20
C GLU NA 27 12.92 54.20 -54.18
N LEU NA 28 13.65 55.33 -54.19
CA LEU NA 28 13.38 56.38 -55.14
C LEU NA 28 13.73 55.98 -56.56
N THR NA 29 14.73 55.11 -56.73
CA THR NA 29 14.99 54.53 -58.03
C THR NA 29 13.85 53.61 -58.46
N GLY NA 30 13.30 52.85 -57.50
CA GLY NA 30 12.19 51.97 -57.82
C GLY NA 30 10.90 52.69 -58.12
N ILE NA 31 10.71 53.87 -57.54
CA ILE NA 31 9.47 54.62 -57.72
C ILE NA 31 9.30 55.10 -59.16
N LYS NA 32 10.39 55.55 -59.78
CA LYS NA 32 10.28 56.02 -61.15
C LYS NA 32 10.27 54.89 -62.16
N GLU NA 33 10.62 53.67 -61.76
CA GLU NA 33 10.38 52.51 -62.59
C GLU NA 33 8.96 51.96 -62.41
N SER NA 34 8.37 52.17 -61.23
CA SER NA 34 6.95 51.86 -61.05
C SER NA 34 6.07 52.86 -61.78
N ASP NA 35 6.58 54.07 -61.99
CA ASP NA 35 5.86 55.06 -62.80
C ASP NA 35 6.24 55.01 -64.27
N THR NA 36 7.44 54.57 -64.60
CA THR NA 36 7.90 54.54 -65.99
C THR NA 36 7.26 53.42 -66.78
N GLY NA 37 6.73 52.40 -66.11
CA GLY NA 37 6.00 51.35 -66.80
C GLY NA 37 4.67 51.79 -67.35
N LEU NA 38 4.14 52.91 -66.87
CA LEU NA 38 2.89 53.46 -67.37
C LEU NA 38 2.95 54.97 -67.45
N LEU NA 46 0.31 26.55 -78.33
CA LEU NA 46 0.49 27.34 -79.53
C LEU NA 46 0.12 26.54 -80.77
N ALA NA 47 0.98 26.60 -81.79
CA ALA NA 47 0.78 25.86 -83.02
C ALA NA 47 1.24 24.41 -82.93
N ALA NA 48 1.63 23.94 -81.75
CA ALA NA 48 2.16 22.58 -81.63
C ALA NA 48 1.08 21.53 -81.85
N ASP NA 49 -0.01 21.57 -81.09
CA ASP NA 49 -1.04 20.55 -81.26
C ASP NA 49 -2.47 21.08 -81.14
N LYS NA 50 -2.71 22.34 -81.50
CA LYS NA 50 -4.02 22.96 -81.31
C LYS NA 50 -5.08 22.34 -82.24
N GLN NA 51 -4.72 22.15 -83.51
CA GLN NA 51 -5.67 21.55 -84.46
C GLN NA 51 -5.96 20.10 -84.12
N THR NA 52 -4.97 19.41 -83.55
CA THR NA 52 -5.20 18.07 -83.01
C THR NA 52 -6.25 18.11 -81.91
N LEU NA 53 -6.20 19.15 -81.08
CA LEU NA 53 -7.14 19.29 -79.97
C LEU NA 53 -8.54 19.60 -80.45
N GLN NA 54 -8.65 20.43 -81.49
CA GLN NA 54 -9.97 20.65 -82.08
C GLN NA 54 -10.47 19.42 -82.81
N SER NA 55 -9.58 18.52 -83.24
CA SER NA 55 -10.00 17.21 -83.71
C SER NA 55 -10.31 16.27 -82.56
N GLU NA 56 -9.89 16.60 -81.34
CA GLU NA 56 -10.13 15.78 -80.16
C GLU NA 56 -11.30 16.30 -79.33
N GLN NA 57 -11.97 17.33 -79.78
CA GLN NA 57 -13.32 17.56 -79.28
C GLN NA 57 -14.28 16.53 -79.88
N PRO NA 58 -14.09 16.04 -81.16
CA PRO NA 58 -14.74 14.77 -81.54
C PRO NA 58 -14.13 13.49 -80.96
N LEU NA 59 -13.24 13.58 -79.99
CA LEU NA 59 -12.89 12.40 -79.21
C LEU NA 59 -13.94 12.18 -78.11
N GLN NA 60 -13.70 11.23 -77.23
CA GLN NA 60 -14.74 10.71 -76.35
C GLN NA 60 -14.22 10.70 -74.92
N VAL NA 61 -15.15 10.80 -73.97
CA VAL NA 61 -14.76 11.03 -72.57
C VAL NA 61 -14.21 9.75 -71.95
N ALA NA 62 -14.82 8.59 -72.25
CA ALA NA 62 -14.36 7.26 -71.87
C ALA NA 62 -14.17 7.07 -70.36
N ARG NA 63 -15.26 7.11 -69.60
CA ARG NA 63 -15.21 6.86 -68.17
C ARG NA 63 -14.86 5.41 -67.89
N CYS NA 64 -13.96 5.18 -66.94
CA CYS NA 64 -13.51 3.84 -66.61
C CYS NA 64 -14.30 3.27 -65.44
N THR NA 65 -14.38 1.94 -65.39
CA THR NA 65 -15.33 1.25 -64.52
C THR NA 65 -14.71 -0.02 -63.97
N LYS NA 66 -15.59 -0.89 -63.46
CA LYS NA 66 -15.23 -2.18 -62.91
C LYS NA 66 -16.37 -3.15 -63.21
N ILE NA 67 -16.03 -4.41 -63.45
CA ILE NA 67 -16.99 -5.42 -63.88
C ILE NA 67 -17.23 -6.40 -62.75
N ILE NA 68 -18.50 -6.64 -62.44
CA ILE NA 68 -18.85 -7.75 -61.55
C ILE NA 68 -18.79 -9.07 -62.31
N ASN NA 69 -19.64 -9.22 -63.32
CA ASN NA 69 -19.75 -10.49 -64.02
C ASN NA 69 -20.42 -10.30 -65.37
N ALA NA 70 -20.27 -11.31 -66.20
CA ALA NA 70 -20.90 -11.42 -67.50
C ALA NA 70 -22.21 -12.19 -67.36
N ASP NA 71 -22.81 -12.52 -68.48
CA ASP NA 71 -23.89 -13.49 -68.52
C ASP NA 71 -23.57 -14.58 -69.53
N SER NA 72 -24.51 -15.49 -69.71
CA SER NA 72 -24.32 -16.66 -70.55
C SER NA 72 -24.92 -16.40 -71.93
N GLU NA 73 -24.18 -16.84 -72.97
CA GLU NA 73 -24.56 -16.86 -74.38
C GLU NA 73 -24.72 -15.48 -75.03
N ASP NA 74 -24.58 -14.43 -74.22
CA ASP NA 74 -24.77 -13.04 -74.57
C ASP NA 74 -23.93 -12.24 -73.58
N PRO NA 75 -23.41 -11.07 -74.00
CA PRO NA 75 -22.56 -10.29 -73.08
C PRO NA 75 -23.27 -9.84 -71.81
N LYS NA 76 -24.25 -8.93 -71.97
CA LYS NA 76 -25.12 -8.40 -70.93
C LYS NA 76 -24.37 -8.05 -69.65
N TYR NA 77 -23.42 -7.14 -69.79
CA TYR NA 77 -22.41 -6.93 -68.76
C TYR NA 77 -22.95 -6.13 -67.59
N ILE NA 78 -22.57 -6.55 -66.40
CA ILE NA 78 -23.07 -5.97 -65.15
C ILE NA 78 -21.92 -5.23 -64.50
N ILE NA 79 -22.07 -3.92 -64.37
CA ILE NA 79 -20.97 -3.02 -64.02
C ILE NA 79 -21.41 -2.03 -62.96
N ASN NA 80 -20.63 -1.93 -61.89
CA ASN NA 80 -20.57 -0.75 -61.05
C ASN NA 80 -19.39 0.11 -61.47
N VAL NA 81 -19.61 1.44 -61.52
CA VAL NA 81 -18.59 2.33 -62.07
C VAL NA 81 -17.38 2.36 -61.15
N LYS NA 82 -17.49 3.07 -60.03
CA LYS NA 82 -16.75 2.73 -58.82
C LYS NA 82 -17.62 3.13 -57.65
N GLN NA 83 -18.52 4.07 -57.91
CA GLN NA 83 -19.13 4.86 -56.86
C GLN NA 83 -20.64 4.95 -57.00
N PHE NA 84 -21.09 5.14 -58.25
CA PHE NA 84 -22.45 5.59 -58.54
C PHE NA 84 -23.52 4.59 -58.13
N ALA NA 85 -23.54 3.47 -58.82
CA ALA NA 85 -24.62 2.50 -58.79
C ALA NA 85 -24.10 1.24 -59.44
N LYS NA 86 -25.01 0.35 -59.82
CA LYS NA 86 -24.67 -0.82 -60.63
C LYS NA 86 -25.62 -0.86 -61.81
N PHE NA 87 -25.11 -1.28 -62.97
CA PHE NA 87 -25.86 -1.19 -64.21
C PHE NA 87 -25.73 -2.47 -65.00
N VAL NA 88 -26.78 -2.79 -65.77
CA VAL NA 88 -26.66 -3.74 -66.87
C VAL NA 88 -26.36 -2.94 -68.12
N VAL NA 89 -25.19 -3.17 -68.70
CA VAL NA 89 -24.74 -2.43 -69.87
C VAL NA 89 -24.46 -3.43 -70.97
N ASP NA 90 -24.22 -2.90 -72.16
CA ASP NA 90 -23.75 -3.71 -73.27
C ASP NA 90 -22.57 -3.02 -73.92
N LEU NA 91 -21.66 -3.84 -74.43
CA LEU NA 91 -20.44 -3.37 -75.07
C LEU NA 91 -20.73 -2.65 -76.38
N SER NA 92 -19.83 -1.74 -76.73
CA SER NA 92 -19.78 -1.27 -78.10
C SER NA 92 -19.24 -2.38 -78.98
N ASP NA 93 -19.54 -2.29 -80.27
CA ASP NA 93 -19.16 -3.37 -81.19
C ASP NA 93 -17.70 -3.32 -81.60
N GLN NA 94 -16.93 -2.36 -81.08
CA GLN NA 94 -15.52 -2.21 -81.40
C GLN NA 94 -14.62 -2.90 -80.39
N VAL NA 95 -15.18 -3.77 -79.55
CA VAL NA 95 -14.41 -4.43 -78.49
C VAL NA 95 -13.82 -5.73 -79.00
N ALA NA 96 -12.84 -6.23 -78.26
CA ALA NA 96 -12.56 -7.66 -78.29
C ALA NA 96 -13.62 -8.32 -77.44
N PRO NA 97 -14.54 -9.11 -78.03
CA PRO NA 97 -15.70 -9.60 -77.27
C PRO NA 97 -15.40 -10.70 -76.27
N THR NA 98 -14.13 -11.03 -76.10
CA THR NA 98 -13.66 -12.09 -75.21
C THR NA 98 -13.05 -11.55 -73.93
N ASP NA 99 -12.16 -10.56 -74.04
CA ASP NA 99 -11.34 -10.11 -72.91
C ASP NA 99 -11.99 -8.97 -72.16
N ILE NA 100 -13.25 -9.15 -71.75
CA ILE NA 100 -13.97 -8.14 -70.99
C ILE NA 100 -14.39 -8.82 -69.70
N GLU NA 101 -13.50 -9.66 -69.16
CA GLU NA 101 -13.84 -10.56 -68.07
C GLU NA 101 -14.09 -9.83 -66.76
N GLU NA 102 -14.30 -10.62 -65.71
CA GLU NA 102 -14.70 -10.10 -64.42
C GLU NA 102 -13.52 -9.43 -63.73
N GLY NA 103 -13.83 -8.37 -62.97
CA GLY NA 103 -12.80 -7.61 -62.28
C GLY NA 103 -11.87 -6.84 -63.19
N MET NA 104 -12.16 -6.77 -64.48
CA MET NA 104 -11.26 -6.17 -65.45
C MET NA 104 -11.75 -4.75 -65.69
N ARG NA 105 -10.96 -3.77 -65.25
CA ARG NA 105 -11.37 -2.38 -65.36
C ARG NA 105 -11.40 -1.94 -66.82
N VAL NA 106 -12.56 -1.48 -67.25
CA VAL NA 106 -12.83 -1.16 -68.64
C VAL NA 106 -13.39 0.25 -68.73
N GLY NA 107 -13.25 0.84 -69.91
CA GLY NA 107 -13.76 2.18 -70.16
C GLY NA 107 -15.17 2.12 -70.73
N VAL NA 108 -16.07 2.93 -70.17
CA VAL NA 108 -17.50 2.88 -70.47
C VAL NA 108 -17.96 4.26 -70.89
N ASP NA 109 -18.78 4.30 -71.95
CA ASP NA 109 -19.33 5.53 -72.49
C ASP NA 109 -20.22 6.25 -71.47
N ARG NA 110 -20.26 7.56 -71.58
CA ARG NA 110 -21.11 8.40 -70.74
C ARG NA 110 -22.58 8.17 -71.01
N ASN NA 111 -23.02 8.45 -72.24
CA ASN NA 111 -24.43 8.34 -72.58
C ASN NA 111 -24.84 6.88 -72.75
N LYS NA 112 -24.26 6.21 -73.74
CA LYS NA 112 -24.74 4.89 -74.15
C LYS NA 112 -24.35 3.79 -73.20
N TYR NA 113 -23.44 4.08 -72.24
CA TYR NA 113 -22.86 3.09 -71.34
C TYR NA 113 -22.24 1.92 -72.08
N GLN NA 114 -21.58 2.20 -73.20
CA GLN NA 114 -20.97 1.14 -73.97
C GLN NA 114 -19.47 1.09 -73.72
N ILE NA 115 -18.94 -0.11 -73.80
CA ILE NA 115 -17.62 -0.43 -73.30
C ILE NA 115 -16.63 -0.36 -74.46
N HIS NA 116 -15.40 0.06 -74.18
CA HIS NA 116 -14.46 0.22 -75.29
C HIS NA 116 -13.26 -0.72 -75.24
N ILE NA 117 -12.37 -0.53 -74.26
CA ILE NA 117 -11.11 -1.27 -74.18
C ILE NA 117 -10.81 -1.56 -72.71
N PRO NA 118 -10.44 -2.79 -72.35
CA PRO NA 118 -9.91 -3.04 -71.01
C PRO NA 118 -8.50 -2.49 -70.86
N LEU NA 119 -8.22 -1.92 -69.71
CA LEU NA 119 -6.92 -1.36 -69.36
C LEU NA 119 -6.50 -1.98 -68.03
N PRO NA 120 -5.19 -2.02 -67.74
CA PRO NA 120 -4.74 -2.70 -66.52
C PRO NA 120 -5.25 -1.99 -65.28
N PRO NA 121 -5.55 -2.74 -64.22
CA PRO NA 121 -6.37 -2.19 -63.14
C PRO NA 121 -5.62 -1.29 -62.18
N LYS NA 122 -6.34 -0.91 -61.13
CA LYS NA 122 -5.78 -0.15 -60.02
C LYS NA 122 -4.67 -0.94 -59.36
N ILE NA 123 -3.48 -0.34 -59.27
CA ILE NA 123 -2.34 -1.06 -58.73
C ILE NA 123 -2.19 -0.82 -57.24
N ASP NA 124 -2.07 0.45 -56.84
CA ASP NA 124 -2.28 1.11 -55.56
C ASP NA 124 -1.98 2.58 -55.75
N PRO NA 125 -2.37 3.46 -54.83
CA PRO NA 125 -1.93 4.84 -54.93
C PRO NA 125 -0.44 5.04 -54.67
N THR NA 126 0.18 4.26 -53.78
CA THR NA 126 1.60 4.46 -53.52
C THR NA 126 2.43 3.21 -53.35
N VAL NA 127 2.01 2.09 -53.93
CA VAL NA 127 2.77 0.85 -53.89
C VAL NA 127 3.42 0.54 -55.23
N THR NA 128 2.96 1.16 -56.32
CA THR NA 128 3.72 1.15 -57.56
C THR NA 128 5.02 1.95 -57.40
N MET NA 129 5.11 2.79 -56.38
CA MET NA 129 6.20 3.71 -56.18
C MET NA 129 7.37 3.08 -55.42
N MET NA 130 7.49 1.75 -55.44
CA MET NA 130 8.61 1.10 -54.81
C MET NA 130 9.36 0.14 -55.73
N GLN NA 131 8.90 -0.04 -56.96
CA GLN NA 131 9.78 -0.58 -57.99
C GLN NA 131 10.96 0.35 -58.18
N VAL NA 132 12.13 -0.23 -58.47
CA VAL NA 132 13.37 0.53 -58.35
C VAL NA 132 13.52 1.53 -59.50
N GLU NA 133 13.11 1.14 -60.73
CA GLU NA 133 13.07 1.96 -61.94
C GLU NA 133 14.44 2.44 -62.42
N GLU NA 134 15.52 2.09 -61.71
CA GLU NA 134 16.89 2.33 -62.12
C GLU NA 134 17.74 1.14 -61.72
N LYS NA 135 19.04 1.27 -61.92
CA LYS NA 135 20.02 0.25 -61.56
C LYS NA 135 21.22 0.93 -60.95
N PRO NA 136 21.42 0.83 -59.64
CA PRO NA 136 22.60 1.45 -59.02
C PRO NA 136 23.87 0.71 -59.38
N ASP NA 137 24.96 1.47 -59.47
CA ASP NA 137 26.25 0.92 -59.90
C ASP NA 137 27.05 0.41 -58.70
N VAL NA 138 26.42 -0.49 -57.95
CA VAL NA 138 27.10 -1.31 -56.97
C VAL NA 138 27.42 -2.63 -57.66
N THR NA 139 28.68 -3.02 -57.65
CA THR NA 139 29.16 -4.16 -58.41
C THR NA 139 29.69 -5.21 -57.44
N TYR NA 140 29.62 -6.48 -57.84
CA TYR NA 140 30.12 -7.60 -57.04
C TYR NA 140 31.58 -7.44 -56.65
N SER NA 141 32.38 -6.80 -57.51
CA SER NA 141 33.78 -6.50 -57.22
C SER NA 141 33.97 -5.61 -55.99
N ASP NA 142 32.94 -4.85 -55.61
CA ASP NA 142 33.02 -3.95 -54.47
C ASP NA 142 32.62 -4.63 -53.16
N VAL NA 143 32.31 -5.92 -53.19
CA VAL NA 143 31.70 -6.62 -52.06
C VAL NA 143 32.71 -7.67 -51.60
N GLY NA 144 34.00 -7.37 -51.71
CA GLY NA 144 35.03 -8.37 -51.53
C GLY NA 144 35.14 -8.90 -50.11
N GLY NA 145 35.74 -10.08 -49.99
CA GLY NA 145 35.91 -10.75 -48.72
C GLY NA 145 34.82 -11.74 -48.35
N CYS NA 146 33.83 -11.96 -49.22
CA CYS NA 146 32.71 -12.85 -48.94
C CYS NA 146 32.46 -13.75 -50.16
N LYS NA 147 33.54 -14.38 -50.63
CA LYS NA 147 33.54 -15.09 -51.91
C LYS NA 147 32.58 -16.27 -51.90
N GLU NA 148 32.42 -16.93 -50.75
CA GLU NA 148 31.42 -17.97 -50.61
C GLU NA 148 30.02 -17.40 -50.74
N GLN NA 149 29.74 -16.29 -50.04
CA GLN NA 149 28.47 -15.61 -50.17
C GLN NA 149 28.24 -15.13 -51.60
N ILE NA 150 29.29 -14.62 -52.24
CA ILE NA 150 29.22 -14.18 -53.63
C ILE NA 150 28.82 -15.32 -54.55
N GLU NA 151 29.49 -16.47 -54.42
CA GLU NA 151 29.24 -17.57 -55.34
C GLU NA 151 27.90 -18.24 -55.08
N LYS NA 152 27.50 -18.35 -53.81
CA LYS NA 152 26.20 -18.95 -53.52
C LYS NA 152 25.05 -18.03 -53.91
N LEU NA 153 25.23 -16.72 -53.73
CA LEU NA 153 24.22 -15.76 -54.19
C LEU NA 153 24.13 -15.75 -55.71
N ARG NA 154 25.28 -15.85 -56.38
CA ARG NA 154 25.34 -16.05 -57.83
C ARG NA 154 24.51 -17.27 -58.24
N GLU NA 155 24.77 -18.40 -57.59
CA GLU NA 155 24.10 -19.66 -57.85
C GLU NA 155 22.59 -19.56 -57.67
N VAL NA 156 22.16 -18.89 -56.60
CA VAL NA 156 20.73 -18.74 -56.32
C VAL NA 156 20.07 -17.84 -57.35
N VAL NA 157 20.59 -16.64 -57.53
CA VAL NA 157 19.86 -15.58 -58.22
C VAL NA 157 20.22 -15.49 -59.69
N GLU NA 158 21.51 -15.39 -60.00
CA GLU NA 158 21.93 -15.02 -61.35
C GLU NA 158 21.77 -16.18 -62.33
N THR NA 159 22.06 -17.40 -61.88
CA THR NA 159 22.10 -18.54 -62.79
C THR NA 159 20.73 -18.99 -63.32
N PRO NA 160 19.69 -19.31 -62.52
CA PRO NA 160 18.46 -19.83 -63.16
C PRO NA 160 17.67 -18.76 -63.88
N LEU NA 161 17.84 -17.50 -63.50
CA LEU NA 161 17.06 -16.43 -64.09
C LEU NA 161 17.68 -15.94 -65.40
N LEU NA 162 18.89 -16.37 -65.74
CA LEU NA 162 19.48 -15.96 -67.01
C LEU NA 162 19.94 -17.17 -67.82
N HIS NA 163 20.34 -18.24 -67.15
CA HIS NA 163 20.92 -19.39 -67.82
C HIS NA 163 20.37 -20.67 -67.20
N PRO NA 164 19.16 -21.11 -67.61
CA PRO NA 164 18.57 -22.36 -67.11
C PRO NA 164 19.18 -23.60 -67.75
N GLU NA 165 20.50 -23.72 -67.66
CA GLU NA 165 21.29 -24.64 -68.45
C GLU NA 165 21.46 -25.98 -67.74
N ARG NA 166 21.76 -25.94 -66.45
CA ARG NA 166 22.04 -27.15 -65.69
C ARG NA 166 20.88 -27.60 -64.83
N PHE NA 167 20.04 -26.67 -64.38
CA PHE NA 167 18.98 -27.00 -63.43
C PHE NA 167 17.90 -27.85 -64.06
N VAL NA 168 17.24 -27.32 -65.09
CA VAL NA 168 16.09 -28.02 -65.67
C VAL NA 168 16.57 -29.24 -66.46
N ASN NA 169 17.73 -29.13 -67.11
CA ASN NA 169 18.18 -30.19 -68.01
C ASN NA 169 18.58 -31.47 -67.30
N LEU NA 170 18.83 -31.43 -65.99
CA LEU NA 170 18.87 -32.64 -65.20
C LEU NA 170 17.54 -32.91 -64.53
N GLY NA 171 16.78 -31.85 -64.24
CA GLY NA 171 15.48 -31.99 -63.62
C GLY NA 171 15.48 -31.65 -62.14
N ILE NA 172 16.16 -30.58 -61.75
CA ILE NA 172 16.23 -30.14 -60.36
C ILE NA 172 15.65 -28.72 -60.28
N GLU NA 173 15.33 -28.31 -59.06
CA GLU NA 173 14.68 -27.01 -58.90
C GLU NA 173 15.67 -25.98 -58.39
N PRO NA 174 15.50 -24.72 -58.74
CA PRO NA 174 16.22 -23.65 -58.07
C PRO NA 174 15.51 -23.21 -56.79
N PRO NA 175 16.25 -22.79 -55.78
CA PRO NA 175 15.64 -22.36 -54.50
C PRO NA 175 15.00 -20.98 -54.64
N LYS NA 176 13.76 -20.87 -54.21
CA LYS NA 176 13.07 -19.59 -54.29
C LYS NA 176 13.46 -18.62 -53.19
N GLY NA 177 14.04 -19.09 -52.08
CA GLY NA 177 14.22 -18.25 -50.90
C GLY NA 177 15.61 -18.29 -50.31
N VAL NA 178 16.09 -17.11 -49.91
CA VAL NA 178 17.41 -16.91 -49.31
C VAL NA 178 17.30 -15.82 -48.26
N LEU NA 179 17.82 -16.10 -47.06
CA LEU NA 179 17.82 -15.16 -45.96
C LEU NA 179 19.22 -14.57 -45.81
N LEU NA 180 19.30 -13.36 -45.24
CA LEU NA 180 20.57 -12.74 -44.93
C LEU NA 180 20.50 -12.06 -43.58
N PHE NA 181 21.65 -12.01 -42.91
CA PHE NA 181 21.88 -11.22 -41.70
C PHE NA 181 23.38 -11.10 -41.53
N GLY NA 182 23.79 -10.55 -40.39
CA GLY NA 182 25.18 -10.44 -40.05
C GLY NA 182 25.45 -9.20 -39.23
N PRO NA 183 26.71 -8.82 -39.10
CA PRO NA 183 27.05 -7.57 -38.42
C PRO NA 183 26.56 -6.37 -39.22
N PRO NA 184 26.05 -5.33 -38.54
CA PRO NA 184 25.66 -4.10 -39.24
C PRO NA 184 26.87 -3.40 -39.85
N GLY NA 185 26.85 -3.25 -41.16
CA GLY NA 185 27.99 -2.77 -41.90
C GLY NA 185 28.77 -3.84 -42.63
N THR NA 186 28.11 -4.86 -43.16
CA THR NA 186 28.85 -5.98 -43.75
C THR NA 186 28.59 -6.14 -45.25
N GLY NA 187 27.43 -5.74 -45.74
CA GLY NA 187 27.25 -5.79 -47.17
C GLY NA 187 25.92 -6.35 -47.63
N LYS NA 188 24.96 -6.47 -46.71
CA LYS NA 188 23.60 -6.80 -47.11
C LYS NA 188 23.07 -5.77 -48.08
N THR NA 189 23.26 -4.49 -47.74
CA THR NA 189 23.04 -3.41 -48.68
C THR NA 189 23.88 -3.57 -49.94
N LEU NA 190 25.15 -3.96 -49.78
CA LEU NA 190 26.03 -4.11 -50.94
C LEU NA 190 25.58 -5.24 -51.85
N CYS NA 191 25.23 -6.39 -51.28
CA CYS NA 191 24.81 -7.51 -52.11
C CYS NA 191 23.47 -7.22 -52.79
N ALA NA 192 22.55 -6.58 -52.06
CA ALA NA 192 21.24 -6.27 -52.61
C ALA NA 192 21.34 -5.27 -53.75
N ARG NA 193 22.14 -4.22 -53.57
CA ARG NA 193 22.36 -3.27 -54.64
C ARG NA 193 23.29 -3.82 -55.71
N ALA NA 194 24.05 -4.86 -55.39
CA ALA NA 194 25.03 -5.39 -56.32
C ALA NA 194 24.39 -6.33 -57.32
N VAL NA 195 23.34 -7.03 -56.90
CA VAL NA 195 22.51 -7.76 -57.85
C VAL NA 195 21.90 -6.80 -58.85
N ALA NA 196 21.45 -5.64 -58.38
CA ALA NA 196 20.71 -4.67 -59.20
C ALA NA 196 21.54 -4.05 -60.31
N ASN NA 197 22.86 -4.19 -60.29
CA ASN NA 197 23.63 -3.82 -61.48
C ASN NA 197 23.41 -4.83 -62.59
N ARG NA 198 23.42 -6.12 -62.25
CA ARG NA 198 23.30 -7.20 -63.21
C ARG NA 198 22.01 -7.97 -62.98
N THR NA 199 20.93 -7.23 -62.71
CA THR NA 199 19.67 -7.86 -62.33
C THR NA 199 19.02 -8.61 -63.49
N ASP NA 200 18.83 -7.93 -64.64
CA ASP NA 200 18.06 -8.39 -65.79
C ASP NA 200 16.64 -8.81 -65.39
N ALA NA 201 16.11 -8.22 -64.33
CA ALA NA 201 14.86 -8.62 -63.73
C ALA NA 201 14.16 -7.39 -63.17
N CYS NA 202 12.87 -7.54 -62.88
CA CYS NA 202 12.09 -6.43 -62.34
C CYS NA 202 12.28 -6.38 -60.82
N PHE NA 203 13.36 -5.73 -60.40
CA PHE NA 203 13.71 -5.61 -58.99
C PHE NA 203 12.71 -4.72 -58.27
N ILE NA 204 12.26 -5.16 -57.10
CA ILE NA 204 11.27 -4.44 -56.31
C ILE NA 204 11.82 -4.26 -54.91
N ARG NA 205 11.78 -3.02 -54.42
CA ARG NA 205 12.21 -2.70 -53.07
C ARG NA 205 11.02 -2.74 -52.13
N VAL NA 206 11.20 -3.38 -50.98
CA VAL NA 206 10.19 -3.41 -49.93
C VAL NA 206 10.88 -3.12 -48.61
N ILE NA 207 10.55 -1.99 -48.00
CA ILE NA 207 10.92 -1.75 -46.61
C ILE NA 207 10.03 -2.61 -45.73
N GLY NA 208 10.61 -3.22 -44.70
CA GLY NA 208 9.82 -3.94 -43.72
C GLY NA 208 8.90 -3.08 -42.88
N SER NA 209 9.12 -1.77 -42.88
CA SER NA 209 8.24 -0.83 -42.20
C SER NA 209 7.13 -0.32 -43.12
N GLU NA 210 7.05 -0.82 -44.36
CA GLU NA 210 5.94 -0.43 -45.24
C GLU NA 210 4.62 -0.98 -44.75
N LEU NA 211 4.64 -2.08 -44.03
CA LEU NA 211 3.46 -2.73 -43.48
C LEU NA 211 2.95 -2.06 -42.21
N VAL NA 212 3.53 -0.93 -41.85
CA VAL NA 212 3.14 -0.19 -40.67
C VAL NA 212 2.17 0.88 -41.17
N GLN NA 213 0.90 0.55 -41.18
CA GLN NA 213 -0.16 1.48 -41.56
C GLN NA 213 -1.05 1.77 -40.35
N LYS NA 214 -2.02 2.66 -40.56
CA LYS NA 214 -2.98 2.98 -39.52
C LYS NA 214 -4.13 1.99 -39.49
N TYR NA 215 -4.63 1.61 -40.65
CA TYR NA 215 -5.91 0.94 -40.73
C TYR NA 215 -5.76 -0.58 -40.76
N VAL NA 216 -6.79 -1.24 -40.23
CA VAL NA 216 -6.74 -2.67 -39.95
C VAL NA 216 -6.72 -3.45 -41.26
N GLY NA 217 -5.89 -4.49 -41.31
CA GLY NA 217 -5.83 -5.38 -42.46
C GLY NA 217 -5.31 -4.74 -43.73
N GLU NA 218 -4.65 -3.59 -43.62
CA GLU NA 218 -4.18 -2.92 -44.83
C GLU NA 218 -2.93 -3.60 -45.37
N GLY NA 219 -2.08 -4.10 -44.48
CA GLY NA 219 -0.90 -4.84 -44.91
C GLY NA 219 -1.23 -6.10 -45.69
N ALA NA 220 -2.39 -6.69 -45.44
CA ALA NA 220 -2.90 -7.75 -46.30
C ALA NA 220 -3.05 -7.27 -47.73
N ARG NA 221 -3.67 -6.10 -47.92
CA ARG NA 221 -3.80 -5.49 -49.24
C ARG NA 221 -2.43 -5.15 -49.82
N MET NA 222 -1.47 -4.81 -48.95
CA MET NA 222 -0.13 -4.51 -49.40
C MET NA 222 0.56 -5.75 -49.96
N VAL NA 223 0.43 -6.88 -49.25
CA VAL NA 223 0.99 -8.15 -49.73
C VAL NA 223 0.31 -8.58 -51.02
N ARG NA 224 -1.01 -8.36 -51.09
CA ARG NA 224 -1.80 -8.59 -52.31
C ARG NA 224 -1.20 -7.87 -53.50
N GLU NA 225 -1.02 -6.56 -53.37
CA GLU NA 225 -0.62 -5.79 -54.54
C GLU NA 225 0.86 -5.95 -54.84
N LEU NA 226 1.67 -6.25 -53.82
CA LEU NA 226 3.03 -6.73 -54.06
C LEU NA 226 3.06 -7.94 -54.97
N PHE NA 227 2.33 -9.00 -54.60
CA PHE NA 227 2.41 -10.18 -55.44
C PHE NA 227 1.62 -10.04 -56.73
N GLU NA 228 0.67 -9.13 -56.80
CA GLU NA 228 0.03 -8.91 -58.08
C GLU NA 228 0.89 -8.10 -59.02
N MET NA 229 1.77 -7.25 -58.49
CA MET NA 229 2.82 -6.71 -59.35
C MET NA 229 3.83 -7.78 -59.72
N ALA NA 230 4.03 -8.77 -58.84
CA ALA NA 230 5.02 -9.80 -59.09
C ALA NA 230 4.57 -10.77 -60.18
N ARG NA 231 3.26 -11.02 -60.27
CA ARG NA 231 2.81 -12.10 -61.16
C ARG NA 231 2.77 -11.69 -62.62
N THR NA 232 2.33 -10.46 -62.92
CA THR NA 232 2.11 -10.01 -64.28
C THR NA 232 3.39 -9.98 -65.10
N LYS NA 233 4.31 -9.13 -64.71
CA LYS NA 233 5.65 -9.18 -65.25
C LYS NA 233 6.37 -10.42 -64.72
N LYS NA 234 7.08 -11.11 -65.60
CA LYS NA 234 7.67 -12.38 -65.22
C LYS NA 234 9.14 -12.22 -64.88
N ALA NA 235 9.67 -13.19 -64.12
CA ALA NA 235 11.06 -13.30 -63.72
C ALA NA 235 11.55 -12.06 -62.97
N CYS NA 236 10.96 -11.77 -61.82
CA CYS NA 236 11.21 -10.51 -61.13
C CYS NA 236 11.85 -10.76 -59.77
N LEU NA 237 12.40 -9.70 -59.21
CA LEU NA 237 12.97 -9.70 -57.87
C LEU NA 237 12.16 -8.83 -56.94
N ILE NA 238 11.97 -9.30 -55.71
CA ILE NA 238 11.38 -8.51 -54.64
C ILE NA 238 12.34 -8.57 -53.48
N PHE NA 239 12.74 -7.41 -52.99
CA PHE NA 239 13.68 -7.37 -51.87
C PHE NA 239 12.98 -6.86 -50.61
N PHE NA 240 12.91 -7.71 -49.61
CA PHE NA 240 12.50 -7.29 -48.27
C PHE NA 240 13.70 -6.74 -47.53
N ASP NA 241 13.46 -5.83 -46.61
CA ASP NA 241 14.55 -5.27 -45.84
C ASP NA 241 14.05 -4.87 -44.45
N GLU NA 242 14.80 -5.26 -43.42
CA GLU NA 242 14.46 -5.07 -42.01
C GLU NA 242 13.09 -5.66 -41.68
N ILE NA 243 13.06 -6.99 -41.68
CA ILE NA 243 11.83 -7.76 -41.56
C ILE NA 243 11.48 -8.00 -40.09
N ASP NA 244 12.16 -7.29 -39.19
CA ASP NA 244 11.78 -7.29 -37.78
C ASP NA 244 10.40 -6.66 -37.60
N ALA NA 245 10.18 -5.51 -38.23
CA ALA NA 245 8.90 -4.80 -38.13
C ALA NA 245 7.75 -5.58 -38.77
N ILE NA 246 8.07 -6.49 -39.69
CA ILE NA 246 7.09 -7.41 -40.24
C ILE NA 246 6.60 -8.38 -39.17
N GLY NA 247 7.41 -8.64 -38.16
CA GLY NA 247 6.97 -9.39 -36.99
C GLY NA 247 8.00 -10.41 -36.57
N GLY NA 248 8.15 -10.57 -35.26
CA GLY NA 248 9.10 -11.52 -34.73
C GLY NA 248 8.50 -12.86 -34.41
N ALA NA 249 7.36 -12.85 -33.71
CA ALA NA 249 6.78 -14.10 -33.22
C ALA NA 249 5.28 -14.01 -33.19
N ARG NA 250 4.64 -14.92 -32.46
CA ARG NA 250 3.19 -15.03 -32.43
C ARG NA 250 2.74 -14.94 -30.98
N PHE NA 251 3.19 -13.86 -30.33
CA PHE NA 251 2.93 -13.58 -28.93
C PHE NA 251 1.45 -13.66 -28.58
N ASP NA 252 1.17 -14.14 -27.38
CA ASP NA 252 -0.20 -14.27 -26.89
C ASP NA 252 -0.26 -13.76 -25.46
N ASP NA 253 -1.18 -12.83 -25.22
CA ASP NA 253 -1.33 -12.22 -23.92
C ASP NA 253 -2.72 -11.63 -23.82
N GLY NA 254 -3.14 -11.35 -22.58
CA GLY NA 254 -4.49 -10.88 -22.32
C GLY NA 254 -4.74 -9.40 -22.58
N ALA NA 255 -4.02 -8.81 -23.52
CA ALA NA 255 -4.16 -7.40 -23.83
C ALA NA 255 -4.32 -7.09 -25.30
N GLY NA 256 -4.06 -8.02 -26.20
CA GLY NA 256 -4.21 -7.77 -27.62
C GLY NA 256 -3.23 -6.77 -28.18
N GLY NA 257 -1.96 -7.16 -28.28
CA GLY NA 257 -0.94 -6.25 -28.72
C GLY NA 257 -0.68 -6.33 -30.21
N ASP NA 258 0.40 -7.00 -30.59
CA ASP NA 258 0.89 -7.02 -31.96
C ASP NA 258 -0.05 -7.89 -32.80
N ASN NA 259 -1.06 -7.27 -33.38
CA ASN NA 259 -2.07 -8.01 -34.14
C ASN NA 259 -2.07 -7.67 -35.62
N GLU NA 260 -2.17 -6.39 -35.97
CA GLU NA 260 -2.16 -6.00 -37.39
C GLU NA 260 -0.87 -6.41 -38.05
N VAL NA 261 0.24 -6.22 -37.34
CA VAL NA 261 1.53 -6.74 -37.76
C VAL NA 261 1.48 -8.26 -37.89
N GLN NA 262 0.78 -8.93 -36.98
CA GLN NA 262 0.73 -10.39 -36.97
C GLN NA 262 -0.05 -10.95 -38.15
N ARG NA 263 -1.23 -10.38 -38.43
CA ARG NA 263 -2.00 -10.81 -39.58
C ARG NA 263 -1.32 -10.45 -40.88
N THR NA 264 -0.67 -9.28 -40.91
CA THR NA 264 0.12 -8.90 -42.09
C THR NA 264 1.24 -9.90 -42.32
N MET NA 265 1.86 -10.37 -41.24
CA MET NA 265 2.94 -11.33 -41.31
C MET NA 265 2.45 -12.68 -41.83
N LEU NA 266 1.32 -13.15 -41.32
CA LEU NA 266 0.80 -14.44 -41.77
C LEU NA 266 0.27 -14.38 -43.21
N GLU NA 267 -0.31 -13.25 -43.60
CA GLU NA 267 -0.76 -13.09 -44.98
C GLU NA 267 0.43 -13.02 -45.92
N LEU NA 268 1.53 -12.44 -45.46
CA LEU NA 268 2.76 -12.44 -46.23
C LEU NA 268 3.31 -13.86 -46.39
N ILE NA 269 3.17 -14.68 -45.35
CA ILE NA 269 3.57 -16.09 -45.45
C ILE NA 269 2.69 -16.82 -46.47
N ASN NA 270 1.39 -16.57 -46.45
CA ASN NA 270 0.48 -17.34 -47.30
C ASN NA 270 0.62 -16.95 -48.77
N GLN NA 271 0.41 -15.66 -49.08
CA GLN NA 271 0.60 -15.19 -50.44
C GLN NA 271 2.06 -15.16 -50.86
N LEU NA 272 2.99 -15.42 -49.93
CA LEU NA 272 4.33 -15.81 -50.32
C LEU NA 272 4.33 -17.17 -50.98
N ASP NA 273 3.93 -18.20 -50.26
CA ASP NA 273 3.99 -19.55 -50.76
C ASP NA 273 2.86 -20.40 -50.20
N GLY NA 274 2.40 -21.33 -51.03
CA GLY NA 274 1.31 -22.19 -50.65
C GLY NA 274 0.10 -22.08 -51.54
N PHE NA 275 -0.46 -23.24 -51.91
CA PHE NA 275 -1.69 -23.38 -52.67
C PHE NA 275 -1.56 -22.68 -54.02
N ASP NA 276 -0.80 -23.31 -54.94
CA ASP NA 276 -0.22 -22.74 -56.16
C ASP NA 276 0.63 -21.53 -55.79
N PRO NA 277 1.88 -21.76 -55.36
CA PRO NA 277 2.73 -20.66 -54.88
C PRO NA 277 3.19 -19.66 -55.94
N ARG NA 278 4.23 -18.92 -55.54
CA ARG NA 278 4.61 -17.65 -56.16
C ARG NA 278 4.88 -17.74 -57.67
N GLY NA 279 5.64 -18.74 -58.11
CA GLY NA 279 6.10 -18.75 -59.49
C GLY NA 279 7.57 -18.40 -59.62
N ASN NA 280 7.88 -17.48 -60.53
CA ASN NA 280 9.27 -17.16 -60.83
C ASN NA 280 9.66 -15.81 -60.19
N ILE NA 281 9.71 -15.83 -58.86
CA ILE NA 281 10.15 -14.69 -58.07
C ILE NA 281 11.23 -15.18 -57.12
N LYS NA 282 12.31 -14.40 -56.97
CA LYS NA 282 13.28 -14.65 -55.91
C LYS NA 282 13.26 -13.49 -54.92
N VAL NA 283 13.08 -13.82 -53.64
CA VAL NA 283 13.01 -12.85 -52.56
C VAL NA 283 14.26 -12.99 -51.71
N LEU NA 284 14.98 -11.90 -51.55
CA LEU NA 284 16.12 -11.82 -50.66
C LEU NA 284 15.67 -11.09 -49.40
N MET NA 285 15.81 -11.74 -48.27
CA MET NA 285 15.40 -11.16 -47.00
C MET NA 285 16.62 -10.81 -46.15
N ALA NA 286 16.49 -9.72 -45.40
CA ALA NA 286 17.58 -9.26 -44.57
C ALA NA 286 17.01 -8.80 -43.24
N THR NA 287 17.83 -8.93 -42.21
CA THR NA 287 17.50 -8.49 -40.86
C THR NA 287 18.81 -8.37 -40.10
N ASN NA 288 18.74 -7.70 -38.95
CA ASN NA 288 19.88 -7.63 -38.08
C ASN NA 288 19.62 -8.33 -36.75
N ARG NA 289 18.49 -9.02 -36.64
CA ARG NA 289 18.12 -9.80 -35.47
C ARG NA 289 17.37 -11.05 -35.90
N PRO NA 290 18.04 -12.01 -36.54
CA PRO NA 290 17.31 -13.19 -37.06
C PRO NA 290 16.84 -14.13 -35.97
N ASP NA 291 17.40 -14.05 -34.77
CA ASP NA 291 17.07 -15.02 -33.71
C ASP NA 291 15.63 -14.88 -33.26
N THR NA 292 15.10 -13.66 -33.27
CA THR NA 292 13.71 -13.42 -32.94
C THR NA 292 12.83 -13.46 -34.20
N LEU NA 293 12.87 -14.56 -34.94
CA LEU NA 293 11.95 -14.78 -36.04
C LEU NA 293 11.13 -16.03 -35.79
N ASP NA 294 9.87 -15.98 -36.21
CA ASP NA 294 8.98 -17.11 -36.08
C ASP NA 294 9.46 -18.26 -36.98
N PRO NA 295 9.27 -19.51 -36.55
CA PRO NA 295 9.66 -20.64 -37.42
C PRO NA 295 8.87 -20.77 -38.72
N ALA NA 296 7.73 -20.09 -38.83
CA ALA NA 296 6.97 -20.16 -40.08
C ALA NA 296 7.72 -19.49 -41.22
N LEU NA 297 8.52 -18.48 -40.93
CA LEU NA 297 9.42 -17.93 -41.94
C LEU NA 297 10.69 -18.74 -42.05
N MET NA 298 11.16 -19.28 -40.93
CA MET NA 298 12.43 -19.99 -40.88
C MET NA 298 12.38 -21.36 -41.53
N ARG NA 299 11.21 -21.99 -41.65
CA ARG NA 299 11.15 -23.31 -42.26
C ARG NA 299 11.40 -23.22 -43.76
N PRO NA 300 12.21 -24.12 -44.33
CA PRO NA 300 12.63 -23.96 -45.73
C PRO NA 300 11.57 -24.37 -46.71
N GLY NA 301 11.88 -24.22 -48.00
CA GLY NA 301 10.87 -24.14 -49.02
C GLY NA 301 10.41 -22.70 -49.16
N ARG NA 302 10.12 -22.07 -48.02
CA ARG NA 302 9.90 -20.64 -47.96
C ARG NA 302 11.21 -19.90 -48.12
N LEU NA 303 12.24 -20.31 -47.40
CA LEU NA 303 13.59 -19.77 -47.57
C LEU NA 303 14.58 -20.90 -47.37
N ASP NA 304 15.38 -21.20 -48.39
CA ASP NA 304 16.21 -22.41 -48.34
C ASP NA 304 17.60 -22.18 -47.77
N ARG NA 305 18.41 -21.36 -48.45
CA ARG NA 305 19.81 -21.20 -48.06
C ARG NA 305 19.92 -20.05 -47.07
N LYS NA 306 20.29 -20.37 -45.83
CA LYS NA 306 20.36 -19.40 -44.75
C LYS NA 306 21.75 -18.77 -44.72
N ILE NA 307 22.03 -18.00 -45.76
CA ILE NA 307 23.36 -17.45 -45.97
C ILE NA 307 23.56 -16.26 -45.05
N GLU NA 308 24.64 -16.28 -44.28
CA GLU NA 308 24.91 -15.25 -43.28
C GLU NA 308 26.20 -14.53 -43.62
N PHE NA 309 26.50 -13.50 -42.83
CA PHE NA 309 27.70 -12.70 -42.99
C PHE NA 309 28.55 -12.76 -41.74
N SER NA 310 29.86 -12.87 -41.92
CA SER NA 310 30.80 -12.76 -40.83
C SER NA 310 31.62 -11.47 -40.98
N LEU NA 311 32.47 -11.22 -40.00
CA LEU NA 311 33.37 -10.08 -40.06
C LEU NA 311 34.51 -10.37 -41.03
N PRO NA 312 35.10 -9.34 -41.63
CA PRO NA 312 36.29 -9.56 -42.43
C PRO NA 312 37.50 -9.86 -41.55
N ASP NA 313 37.90 -11.13 -41.53
CA ASP NA 313 38.92 -11.62 -40.62
C ASP NA 313 40.32 -11.64 -41.22
N LEU NA 314 40.44 -11.57 -42.53
CA LEU NA 314 41.70 -11.79 -43.23
C LEU NA 314 41.87 -10.71 -44.28
N GLU NA 315 42.72 -10.99 -45.26
CA GLU NA 315 43.09 -10.07 -46.35
C GLU NA 315 41.95 -9.66 -47.27
N GLY NA 316 40.74 -10.20 -47.03
CA GLY NA 316 39.54 -9.52 -47.51
C GLY NA 316 39.45 -8.09 -47.04
N ARG NA 317 39.89 -7.82 -45.80
CA ARG NA 317 40.10 -6.45 -45.32
C ARG NA 317 41.04 -5.68 -46.24
N THR NA 318 42.13 -6.30 -46.65
CA THR NA 318 43.04 -5.65 -47.59
C THR NA 318 42.40 -5.47 -48.95
N HIS NA 319 41.51 -6.38 -49.33
CA HIS NA 319 40.81 -6.19 -50.58
C HIS NA 319 39.81 -5.03 -50.51
N ILE NA 320 39.19 -4.84 -49.36
CA ILE NA 320 38.30 -3.69 -49.17
C ILE NA 320 39.11 -2.41 -49.15
N PHE NA 321 40.32 -2.48 -48.58
CA PHE NA 321 41.28 -1.38 -48.69
C PHE NA 321 41.60 -1.07 -50.15
N LYS NA 322 41.76 -2.10 -50.97
CA LYS NA 322 42.07 -1.90 -52.38
C LYS NA 322 40.88 -1.35 -53.15
N ILE NA 323 39.67 -1.69 -52.73
CA ILE NA 323 38.46 -1.13 -53.34
C ILE NA 323 38.37 0.36 -53.03
N HIS NA 324 38.43 0.69 -51.74
CA HIS NA 324 38.31 2.06 -51.27
C HIS NA 324 39.56 2.89 -51.54
N ALA NA 325 40.61 2.28 -52.08
CA ALA NA 325 41.82 3.00 -52.47
C ALA NA 325 42.06 3.01 -53.96
N ARG NA 326 41.41 2.15 -54.74
CA ARG NA 326 41.66 2.14 -56.17
C ARG NA 326 41.01 3.32 -56.88
N SER NA 327 40.05 3.98 -56.22
CA SER NA 327 39.42 5.17 -56.75
C SER NA 327 40.08 6.46 -56.26
N MET NA 328 41.33 6.38 -55.80
CA MET NA 328 42.02 7.57 -55.33
C MET NA 328 43.50 7.45 -55.62
N SER NA 329 44.10 8.57 -55.99
CA SER NA 329 45.52 8.61 -56.36
C SER NA 329 46.34 8.66 -55.09
N VAL NA 330 47.12 7.61 -54.84
CA VAL NA 330 47.75 7.45 -53.54
C VAL NA 330 49.26 7.40 -53.66
N GLU NA 331 49.93 7.28 -52.53
CA GLU NA 331 51.34 6.95 -52.50
C GLU NA 331 51.49 5.46 -52.75
N ARG NA 332 52.35 5.09 -53.71
CA ARG NA 332 52.54 3.70 -54.07
C ARG NA 332 53.37 2.92 -53.07
N ASP NA 333 53.96 3.59 -52.08
CA ASP NA 333 54.94 2.97 -51.21
C ASP NA 333 54.29 2.38 -49.97
N ILE NA 334 53.02 2.02 -50.07
CA ILE NA 334 52.20 1.71 -48.91
C ILE NA 334 51.83 0.23 -48.92
N ARG NA 335 51.43 -0.25 -47.75
CA ARG NA 335 50.92 -1.59 -47.54
C ARG NA 335 49.48 -1.48 -47.05
N PHE NA 336 48.82 -2.63 -46.92
CA PHE NA 336 47.43 -2.62 -46.53
C PHE NA 336 47.17 -3.56 -45.37
N GLU NA 337 47.97 -4.62 -45.27
CA GLU NA 337 47.75 -5.64 -44.26
C GLU NA 337 48.09 -5.15 -42.86
N LEU NA 338 48.91 -4.10 -42.74
CA LEU NA 338 49.28 -3.58 -41.43
C LEU NA 338 48.07 -2.98 -40.72
N LEU NA 339 47.29 -2.16 -41.42
CA LEU NA 339 46.09 -1.59 -40.80
C LEU NA 339 44.99 -2.65 -40.68
N ALA NA 340 44.99 -3.65 -41.57
CA ALA NA 340 44.05 -4.76 -41.46
C ALA NA 340 44.33 -5.60 -40.22
N ARG NA 341 45.60 -5.68 -39.81
CA ARG NA 341 45.93 -6.23 -38.50
C ARG NA 341 45.36 -5.36 -37.38
N LEU NA 342 45.39 -4.05 -37.58
CA LEU NA 342 44.95 -3.11 -36.55
C LEU NA 342 43.45 -2.96 -36.49
N CYS NA 343 42.70 -3.74 -37.27
CA CYS NA 343 41.24 -3.64 -37.29
C CYS NA 343 40.65 -5.05 -37.43
N PRO NA 344 40.73 -5.89 -36.37
CA PRO NA 344 40.20 -7.26 -36.50
C PRO NA 344 38.69 -7.30 -36.58
N ASN NA 345 38.05 -6.64 -35.61
CA ASN NA 345 36.61 -6.68 -35.45
C ASN NA 345 35.87 -5.73 -36.38
N SER NA 346 36.60 -4.87 -37.09
CA SER NA 346 36.00 -3.76 -37.81
C SER NA 346 35.14 -4.23 -38.97
N THR NA 347 34.26 -3.35 -39.41
CA THR NA 347 33.36 -3.58 -40.52
C THR NA 347 33.84 -2.82 -41.75
N GLY NA 348 33.32 -3.24 -42.91
CA GLY NA 348 33.60 -2.55 -44.16
C GLY NA 348 33.09 -1.12 -44.20
N ALA NA 349 32.04 -0.82 -43.43
CA ALA NA 349 31.63 0.57 -43.26
C ALA NA 349 32.69 1.36 -42.50
N GLU NA 350 33.27 0.75 -41.48
CA GLU NA 350 34.34 1.40 -40.73
C GLU NA 350 35.60 1.53 -41.57
N ILE NA 351 35.87 0.53 -42.42
CA ILE NA 351 36.94 0.62 -43.40
C ILE NA 351 36.72 1.79 -44.35
N ARG NA 352 35.48 1.95 -44.80
CA ARG NA 352 35.14 3.03 -45.73
C ARG NA 352 35.30 4.37 -45.05
N SER NA 353 34.90 4.45 -43.78
CA SER NA 353 35.07 5.69 -43.02
C SER NA 353 36.53 6.04 -42.85
N VAL NA 354 37.38 5.04 -42.59
CA VAL NA 354 38.81 5.29 -42.42
C VAL NA 354 39.45 5.73 -43.73
N CYS NA 355 39.07 5.09 -44.84
CA CYS NA 355 39.67 5.45 -46.13
C CYS NA 355 39.25 6.84 -46.57
N THR NA 356 37.96 7.15 -46.44
CA THR NA 356 37.48 8.49 -46.75
C THR NA 356 38.07 9.52 -45.80
N GLU NA 357 38.28 9.14 -44.53
CA GLU NA 357 38.79 10.09 -43.56
C GLU NA 357 40.26 10.39 -43.83
N ALA NA 358 41.02 9.39 -44.25
CA ALA NA 358 42.41 9.61 -44.61
C ALA NA 358 42.53 10.42 -45.90
N GLY NA 359 41.63 10.17 -46.86
CA GLY NA 359 41.55 11.04 -48.03
C GLY NA 359 41.22 12.46 -47.67
N MET NA 360 40.30 12.65 -46.71
CA MET NA 360 39.99 13.99 -46.22
C MET NA 360 41.16 14.62 -45.47
N PHE NA 361 41.96 13.81 -44.75
CA PHE NA 361 43.20 14.31 -44.16
C PHE NA 361 44.15 14.81 -45.24
N ALA NA 362 44.21 14.09 -46.36
CA ALA NA 362 45.05 14.53 -47.47
C ALA NA 362 44.49 15.78 -48.14
N ILE NA 363 43.18 15.97 -48.10
CA ILE NA 363 42.58 17.19 -48.64
C ILE NA 363 42.68 18.37 -47.65
N ARG NA 364 42.80 18.09 -46.34
CA ARG NA 364 43.17 19.10 -45.36
C ARG NA 364 44.52 19.69 -45.72
N ALA NA 365 45.47 18.83 -46.04
CA ALA NA 365 46.71 19.27 -46.65
C ALA NA 365 46.43 19.76 -48.07
N ARG NA 366 47.34 20.58 -48.57
CA ARG NA 366 47.24 21.05 -49.94
C ARG NA 366 47.99 20.15 -50.92
N ARG NA 367 48.17 18.88 -50.57
CA ARG NA 367 48.77 17.88 -51.44
C ARG NA 367 47.73 17.38 -52.44
N LYS NA 368 48.07 16.32 -53.17
CA LYS NA 368 47.09 15.66 -54.01
C LYS NA 368 47.15 14.15 -53.83
N ILE NA 369 48.21 13.66 -53.18
CA ILE NA 369 48.38 12.24 -52.92
C ILE NA 369 48.55 12.03 -51.42
N ALA NA 370 47.88 11.01 -50.89
CA ALA NA 370 47.88 10.75 -49.47
C ALA NA 370 49.15 10.04 -49.04
N THR NA 371 49.26 9.77 -47.74
CA THR NA 371 50.32 8.95 -47.18
C THR NA 371 49.69 7.78 -46.44
N GLU NA 372 50.53 6.77 -46.17
CA GLU NA 372 50.16 5.77 -45.19
C GLU NA 372 50.05 6.39 -43.80
N LYS NA 373 50.77 7.48 -43.56
CA LYS NA 373 50.59 8.24 -42.33
C LYS NA 373 49.25 8.95 -42.29
N ASP NA 374 48.65 9.26 -43.45
CA ASP NA 374 47.26 9.73 -43.43
C ASP NA 374 46.31 8.62 -43.00
N PHE NA 375 46.61 7.38 -43.40
CA PHE NA 375 45.87 6.24 -42.88
C PHE NA 375 46.11 6.06 -41.39
N LEU NA 376 47.32 6.37 -40.92
CA LEU NA 376 47.61 6.35 -39.49
C LEU NA 376 46.77 7.38 -38.75
N GLU NA 377 46.64 8.57 -39.33
CA GLU NA 377 45.79 9.62 -38.78
C GLU NA 377 44.34 9.17 -38.70
N ALA NA 378 43.85 8.54 -39.76
CA ALA NA 378 42.46 8.10 -39.81
C ALA NA 378 42.17 7.00 -38.81
N VAL NA 379 43.06 6.01 -38.72
CA VAL NA 379 42.91 4.92 -37.75
C VAL NA 379 42.98 5.47 -36.33
N ASN NA 380 44.09 6.16 -36.01
CA ASN NA 380 44.36 6.66 -34.68
C ASN NA 380 43.56 7.86 -34.32
N LYS NA 381 42.63 8.27 -35.18
CA LYS NA 381 41.65 9.28 -34.84
C LYS NA 381 40.25 8.70 -34.73
N VAL NA 382 39.83 7.86 -35.66
CA VAL NA 382 38.49 7.29 -35.60
C VAL NA 382 38.37 6.26 -34.49
N ILE NA 383 39.26 5.26 -34.48
CA ILE NA 383 39.12 4.12 -33.58
C ILE NA 383 39.44 4.53 -32.14
N LYS NA 384 40.07 5.68 -31.96
CA LYS NA 384 40.33 6.16 -30.62
C LYS NA 384 39.27 7.18 -30.22
N SER NA 385 39.11 8.22 -31.04
CA SER NA 385 38.16 9.27 -30.72
C SER NA 385 36.71 8.81 -30.82
N TYR NA 386 36.38 7.92 -31.75
CA TYR NA 386 34.97 7.55 -31.94
C TYR NA 386 34.82 6.04 -32.00
N ALA NA 387 35.57 5.35 -31.13
CA ALA NA 387 35.22 4.00 -30.71
C ALA NA 387 35.59 3.81 -29.23
N LYS NA 388 36.14 4.86 -28.63
CA LYS NA 388 36.50 4.80 -27.23
C LYS NA 388 36.03 5.99 -26.42
N PHE NA 389 35.77 7.16 -27.02
CA PHE NA 389 35.16 8.29 -26.30
C PHE NA 389 33.65 8.17 -26.29
N SER NA 390 33.10 7.20 -27.02
CA SER NA 390 31.69 6.92 -26.94
C SER NA 390 31.53 5.47 -26.50
N ALA NA 391 31.30 5.23 -25.20
CA ALA NA 391 31.22 6.25 -24.17
C ALA NA 391 32.57 6.56 -23.48
N THR NA 392 32.59 7.68 -22.74
CA THR NA 392 33.79 8.21 -22.08
C THR NA 392 34.15 7.37 -20.87
N PRO NA 393 35.40 6.90 -20.76
CA PRO NA 393 35.88 6.43 -19.45
C PRO NA 393 36.60 7.55 -18.70
N ARG NA 394 36.39 7.65 -17.40
CA ARG NA 394 37.12 8.58 -16.54
C ARG NA 394 37.53 7.86 -15.27
N TYR NA 395 38.05 6.65 -15.42
CA TYR NA 395 38.22 5.77 -14.27
C TYR NA 395 39.21 4.69 -14.66
N MET NA 396 40.10 4.34 -13.72
CA MET NA 396 41.04 3.30 -14.09
C MET NA 396 40.43 1.92 -13.87
N THR NA 397 40.39 1.46 -12.62
CA THR NA 397 39.69 0.28 -12.10
C THR NA 397 40.08 -1.06 -12.71
N TYR NA 398 40.77 -1.03 -13.84
CA TYR NA 398 40.95 -2.17 -14.72
C TYR NA 398 42.42 -2.46 -14.98
N ASN NA 399 43.17 -1.43 -15.35
CA ASN NA 399 44.48 -1.58 -15.94
C ASN NA 399 45.56 -1.67 -14.87
N LEU OA 14 16.68 58.43 -34.57
CA LEU OA 14 16.51 59.35 -35.70
C LEU OA 14 16.39 58.58 -37.00
N GLU OA 15 16.73 57.29 -36.95
CA GLU OA 15 16.67 56.43 -38.13
C GLU OA 15 15.28 55.87 -38.39
N ARG OA 16 14.25 56.34 -37.69
CA ARG OA 16 12.90 55.83 -37.93
C ARG OA 16 12.34 56.32 -39.25
N ILE OA 17 12.76 57.50 -39.72
CA ILE OA 17 12.29 58.11 -40.94
C ILE OA 17 12.63 57.23 -42.14
N LYS OA 18 13.92 56.95 -42.31
CA LYS OA 18 14.37 56.10 -43.40
C LYS OA 18 13.83 54.68 -43.30
N ASP OA 19 13.67 54.18 -42.08
CA ASP OA 19 13.12 52.85 -41.86
C ASP OA 19 11.69 52.76 -42.37
N TYR OA 20 10.83 53.68 -41.93
CA TYR OA 20 9.43 53.67 -42.35
C TYR OA 20 9.30 53.95 -43.84
N LEU OA 21 10.09 54.89 -44.37
CA LEU OA 21 9.96 55.25 -45.78
C LEU OA 21 10.43 54.12 -46.68
N LEU OA 22 11.54 53.46 -46.33
CA LEU OA 22 12.01 52.34 -47.11
C LEU OA 22 11.08 51.14 -47.00
N MET OA 23 10.46 50.95 -45.82
CA MET OA 23 9.52 49.85 -45.66
C MET OA 23 8.28 50.06 -46.53
N GLU OA 24 7.76 51.29 -46.53
CA GLU OA 24 6.58 51.61 -47.33
C GLU OA 24 6.89 51.55 -48.82
N GLU OA 25 8.08 52.02 -49.21
CA GLU OA 25 8.50 51.92 -50.61
C GLU OA 25 8.65 50.47 -51.05
N GLU OA 26 9.19 49.62 -50.16
CA GLU OA 26 9.33 48.19 -50.45
C GLU OA 26 7.97 47.54 -50.66
N PHE OA 27 7.01 47.84 -49.76
CA PHE OA 27 5.68 47.25 -49.88
C PHE OA 27 4.96 47.74 -51.14
N ILE OA 28 5.10 49.02 -51.47
CA ILE OA 28 4.40 49.57 -52.63
C ILE OA 28 5.02 49.06 -53.92
N ARG OA 29 6.35 48.91 -53.97
CA ARG OA 29 6.98 48.37 -55.16
C ARG OA 29 6.76 46.88 -55.29
N ASN OA 30 6.54 46.18 -54.18
CA ASN OA 30 6.14 44.78 -54.25
C ASN OA 30 4.70 44.64 -54.75
N GLN OA 31 3.86 45.62 -54.45
CA GLN OA 31 2.46 45.59 -54.90
C GLN OA 31 2.30 46.18 -56.30
N GLU OA 32 3.37 46.21 -57.08
CA GLU OA 32 3.35 46.83 -58.40
C GLU OA 32 3.21 45.82 -59.53
N GLN OA 33 2.82 44.59 -59.23
CA GLN OA 33 2.61 43.58 -60.26
C GLN OA 33 1.33 43.83 -61.02
N LYS OA 40 -5.52 40.37 -77.41
CA LYS OA 40 -4.38 41.22 -77.09
C LYS OA 40 -3.32 41.15 -78.17
N GLN OA 41 -2.07 41.38 -77.78
CA GLN OA 41 -0.95 41.34 -78.71
C GLN OA 41 -0.77 39.95 -79.31
N GLU OA 42 -0.94 38.92 -78.48
CA GLU OA 42 -0.80 37.54 -78.93
C GLU OA 42 -2.15 36.92 -79.24
N GLU OA 43 -2.29 36.37 -80.45
CA GLU OA 43 -3.54 35.76 -80.88
C GLU OA 43 -3.47 34.24 -80.75
N GLU OA 44 -2.29 33.65 -80.93
CA GLU OA 44 -2.13 32.21 -80.72
C GLU OA 44 -2.29 31.86 -79.25
N ARG OA 45 -1.77 32.72 -78.37
CA ARG OA 45 -1.96 32.54 -76.92
C ARG OA 45 -3.43 32.68 -76.55
N SER OA 46 -4.15 33.61 -77.20
CA SER OA 46 -5.58 33.73 -76.95
C SER OA 46 -6.36 32.54 -77.52
N LYS OA 47 -5.86 31.93 -78.59
CA LYS OA 47 -6.50 30.72 -79.10
C LYS OA 47 -6.28 29.54 -78.16
N VAL OA 48 -5.11 29.49 -77.52
CA VAL OA 48 -4.89 28.50 -76.48
C VAL OA 48 -5.75 28.81 -75.26
N ASP OA 49 -5.98 30.09 -74.98
CA ASP OA 49 -6.95 30.48 -73.95
C ASP OA 49 -8.34 29.98 -74.28
N ASP OA 50 -8.72 30.06 -75.54
CA ASP OA 50 -10.04 29.61 -75.95
C ASP OA 50 -10.13 28.10 -76.09
N LEU OA 51 -9.00 27.41 -76.20
CA LEU OA 51 -9.03 25.96 -76.05
C LEU OA 51 -9.21 25.58 -74.59
N ARG OA 52 -8.74 26.42 -73.67
CA ARG OA 52 -9.08 26.26 -72.27
C ARG OA 52 -10.53 26.66 -72.06
N GLY OA 53 -11.18 26.01 -71.10
CA GLY OA 53 -12.54 26.36 -70.77
C GLY OA 53 -12.59 27.64 -69.95
N THR OA 54 -13.81 28.15 -69.77
CA THR OA 54 -14.00 29.20 -68.78
C THR OA 54 -14.10 28.60 -67.37
N PRO OA 55 -14.86 27.49 -67.14
CA PRO OA 55 -14.63 26.82 -65.82
C PRO OA 55 -13.54 25.74 -65.85
N MET OA 56 -12.28 26.18 -65.82
CA MET OA 56 -11.15 25.25 -65.83
C MET OA 56 -11.08 24.48 -64.53
N SER OA 57 -11.67 23.29 -64.53
CA SER OA 57 -11.75 22.47 -63.34
C SER OA 57 -10.40 21.84 -63.02
N VAL OA 58 -10.32 21.24 -61.83
CA VAL OA 58 -9.08 20.74 -61.27
C VAL OA 58 -9.27 19.29 -60.85
N GLY OA 59 -8.33 18.42 -61.24
CA GLY OA 59 -8.38 17.02 -60.86
C GLY OA 59 -7.05 16.45 -60.39
N THR OA 60 -6.96 15.13 -60.31
CA THR OA 60 -5.76 14.46 -59.81
C THR OA 60 -5.51 13.21 -60.65
N LEU OA 61 -4.25 12.94 -60.94
CA LEU OA 61 -3.85 11.86 -61.82
C LEU OA 61 -3.82 10.52 -61.09
N GLU OA 62 -3.96 9.45 -61.87
CA GLU OA 62 -3.66 8.11 -61.35
C GLU OA 62 -2.54 7.45 -62.14
N GLU OA 63 -2.73 7.32 -63.44
CA GLU OA 63 -1.75 6.71 -64.33
C GLU OA 63 -1.65 7.55 -65.60
N ILE OA 64 -0.61 7.28 -66.38
CA ILE OA 64 -0.36 8.01 -67.61
C ILE OA 64 -0.25 7.00 -68.74
N ILE OA 65 -1.06 7.18 -69.78
CA ILE OA 65 -1.05 6.31 -70.96
C ILE OA 65 -0.53 7.15 -72.11
N ASP OA 66 0.30 6.54 -72.96
CA ASP OA 66 1.05 7.30 -73.97
C ASP OA 66 0.19 7.88 -75.07
N ASP OA 67 -1.04 7.41 -75.24
CA ASP OA 67 -1.87 7.78 -76.38
C ASP OA 67 -2.56 9.12 -76.25
N ASN OA 68 -1.80 10.17 -75.89
CA ASN OA 68 -2.21 11.57 -75.69
C ASN OA 68 -3.21 11.77 -74.55
N HIS OA 69 -3.76 10.72 -73.96
CA HIS OA 69 -4.73 10.84 -72.89
C HIS OA 69 -4.34 9.87 -71.78
N ALA OA 70 -4.76 10.21 -70.58
CA ALA OA 70 -4.43 9.43 -69.40
C ALA OA 70 -5.68 9.33 -68.54
N ILE OA 71 -5.55 8.72 -67.37
CA ILE OA 71 -6.66 8.57 -66.43
C ILE OA 71 -6.47 9.56 -65.29
N VAL OA 72 -7.53 10.32 -65.01
CA VAL OA 72 -7.54 11.28 -63.92
C VAL OA 72 -8.57 10.83 -62.90
N SER OA 73 -8.70 11.57 -61.81
CA SER OA 73 -9.77 11.32 -60.85
C SER OA 73 -10.39 12.65 -60.48
N THR OA 74 -11.70 12.65 -60.28
CA THR OA 74 -12.40 13.86 -59.90
C THR OA 74 -12.27 14.09 -58.40
N SER OA 75 -13.05 15.05 -57.88
CA SER OA 75 -13.09 15.28 -56.45
C SER OA 75 -13.74 14.11 -55.73
N VAL OA 76 -14.93 13.70 -56.20
CA VAL OA 76 -15.68 12.66 -55.51
C VAL OA 76 -15.31 11.26 -56.01
N GLY OA 77 -14.67 11.14 -57.17
CA GLY OA 77 -14.22 9.84 -57.60
C GLY OA 77 -14.70 9.35 -58.95
N SER OA 78 -15.04 10.26 -59.85
CA SER OA 78 -15.25 9.86 -61.24
C SER OA 78 -13.94 10.00 -62.00
N GLU OA 79 -13.74 9.11 -62.97
CA GLU OA 79 -12.43 8.94 -63.60
C GLU OA 79 -12.61 8.81 -65.10
N HIS OA 80 -11.76 9.49 -65.87
CA HIS OA 80 -11.98 9.61 -67.30
C HIS OA 80 -10.66 9.51 -68.07
N TYR OA 81 -10.77 9.08 -69.33
CA TYR OA 81 -9.66 9.09 -70.27
C TYR OA 81 -9.72 10.39 -71.05
N VAL OA 82 -8.93 11.38 -70.63
CA VAL OA 82 -9.02 12.73 -71.17
C VAL OA 82 -7.65 13.20 -71.62
N SER OA 83 -7.62 13.97 -72.70
CA SER OA 83 -6.40 14.28 -73.42
C SER OA 83 -5.82 15.61 -72.95
N ILE OA 84 -4.59 15.90 -73.40
CA ILE OA 84 -3.79 17.02 -72.89
C ILE OA 84 -3.72 18.13 -73.94
N LEU OA 85 -3.92 19.37 -73.48
CA LEU OA 85 -3.60 20.53 -74.31
C LEU OA 85 -2.09 20.65 -74.43
N SER OA 86 -1.55 20.28 -75.59
CA SER OA 86 -0.12 20.05 -75.72
C SER OA 86 0.61 21.32 -76.19
N PHE OA 87 0.71 22.28 -75.27
CA PHE OA 87 1.77 23.28 -75.35
C PHE OA 87 2.48 23.31 -74.01
N VAL OA 88 1.79 22.88 -72.98
CA VAL OA 88 2.40 22.59 -71.69
C VAL OA 88 2.69 21.09 -71.64
N ASP OA 89 3.89 20.74 -71.19
CA ASP OA 89 4.45 19.41 -71.44
C ASP OA 89 3.83 18.37 -70.50
N LYS OA 90 3.77 17.14 -71.00
CA LYS OA 90 3.34 16.01 -70.21
C LYS OA 90 4.46 15.43 -69.36
N ASP OA 91 5.73 15.78 -69.64
CA ASP OA 91 6.81 15.42 -68.73
C ASP OA 91 6.72 16.15 -67.41
N LEU OA 92 5.98 17.26 -67.35
CA LEU OA 92 5.61 17.87 -66.09
C LEU OA 92 4.70 16.96 -65.26
N LEU OA 93 3.94 16.08 -65.91
CA LEU OA 93 2.96 15.27 -65.22
C LEU OA 93 3.62 14.07 -64.57
N GLU OA 94 3.38 13.90 -63.28
CA GLU OA 94 3.77 12.72 -62.54
C GLU OA 94 2.55 12.18 -61.81
N PRO OA 95 2.50 10.87 -61.56
CA PRO OA 95 1.44 10.32 -60.71
C PRO OA 95 1.50 10.92 -59.31
N GLY OA 96 0.40 11.54 -58.91
CA GLY OA 96 0.36 12.27 -57.66
C GLY OA 96 0.54 13.75 -57.87
N CYS OA 97 -0.15 14.32 -58.84
CA CYS OA 97 -0.10 15.75 -59.11
C CYS OA 97 -1.51 16.27 -59.33
N SER OA 98 -1.66 17.59 -59.17
CA SER OA 98 -2.94 18.25 -59.36
C SER OA 98 -2.92 18.96 -60.71
N VAL OA 99 -3.97 18.74 -61.50
CA VAL OA 99 -3.97 19.13 -62.91
C VAL OA 99 -5.12 20.08 -63.19
N LEU OA 100 -5.25 20.48 -64.45
CA LEU OA 100 -6.34 21.35 -64.88
C LEU OA 100 -7.20 20.57 -65.85
N LEU OA 101 -8.49 20.51 -65.56
CA LEU OA 101 -9.42 19.73 -66.36
C LEU OA 101 -10.51 20.64 -66.93
N ASN OA 102 -11.14 20.16 -67.99
CA ASN OA 102 -12.20 20.90 -68.64
C ASN OA 102 -13.55 20.48 -68.05
N HIS OA 103 -14.60 21.18 -68.46
CA HIS OA 103 -15.96 20.70 -68.21
C HIS OA 103 -16.60 20.08 -69.42
N LYS OA 104 -16.18 20.44 -70.61
CA LYS OA 104 -16.92 20.06 -71.81
C LYS OA 104 -16.54 18.69 -72.34
N VAL OA 105 -15.25 18.33 -72.29
CA VAL OA 105 -14.84 16.96 -72.57
C VAL OA 105 -13.93 16.51 -71.44
N HIS OA 106 -13.80 17.37 -70.42
CA HIS OA 106 -12.99 17.15 -69.22
C HIS OA 106 -11.50 16.96 -69.52
N ALA OA 107 -11.06 17.45 -70.69
CA ALA OA 107 -9.69 17.24 -71.15
C ALA OA 107 -8.69 17.89 -70.21
N VAL OA 108 -7.50 17.27 -70.13
CA VAL OA 108 -6.44 17.82 -69.30
C VAL OA 108 -5.97 19.12 -69.91
N ILE OA 109 -6.12 20.21 -69.18
CA ILE OA 109 -5.88 21.54 -69.73
C ILE OA 109 -4.43 21.96 -69.55
N GLY OA 110 -3.89 21.82 -68.35
CA GLY OA 110 -2.52 22.25 -68.17
C GLY OA 110 -2.01 21.88 -66.80
N VAL OA 111 -0.84 22.41 -66.50
CA VAL OA 111 -0.17 22.13 -65.24
C VAL OA 111 -0.60 23.18 -64.22
N LEU OA 112 -0.91 22.72 -63.02
CA LEU OA 112 -1.18 23.60 -61.88
C LEU OA 112 0.07 23.65 -61.02
N MET OA 113 0.37 24.82 -60.46
CA MET OA 113 1.41 24.89 -59.45
C MET OA 113 0.99 24.08 -58.23
N ASP OA 114 1.96 23.39 -57.65
CA ASP OA 114 1.68 22.31 -56.73
C ASP OA 114 1.18 22.84 -55.39
N ASP OA 115 0.59 21.93 -54.61
CA ASP OA 115 0.21 22.27 -53.25
C ASP OA 115 1.45 22.44 -52.40
N THR OA 116 1.84 23.69 -52.18
CA THR OA 116 2.98 24.00 -51.32
C THR OA 116 2.54 23.76 -49.88
N ASP OA 117 2.62 22.48 -49.49
CA ASP OA 117 2.01 21.96 -48.27
C ASP OA 117 2.64 22.57 -47.01
N PRO OA 118 1.94 22.54 -45.87
CA PRO OA 118 2.53 23.12 -44.64
C PRO OA 118 3.79 22.44 -44.14
N LEU OA 119 4.16 21.26 -44.66
CA LEU OA 119 5.49 20.74 -44.42
C LEU OA 119 6.57 21.67 -44.97
N VAL OA 120 6.36 22.22 -46.16
CA VAL OA 120 7.34 23.17 -46.71
C VAL OA 120 7.29 24.49 -45.95
N THR OA 121 6.09 25.01 -45.67
CA THR OA 121 6.00 26.32 -45.05
C THR OA 121 6.44 26.29 -43.59
N VAL OA 122 6.36 25.14 -42.93
CA VAL OA 122 6.93 25.01 -41.59
C VAL OA 122 8.42 24.72 -41.66
N MET OA 123 8.81 23.68 -42.38
CA MET OA 123 10.15 23.13 -42.26
C MET OA 123 11.17 23.81 -43.16
N LYS OA 124 10.80 24.09 -44.42
CA LYS OA 124 11.73 24.69 -45.38
C LYS OA 124 11.91 26.16 -45.02
N VAL OA 125 12.86 26.39 -44.10
CA VAL OA 125 13.18 27.75 -43.64
C VAL OA 125 13.93 28.45 -44.76
N GLU OA 126 13.32 29.51 -45.31
CA GLU OA 126 13.92 30.28 -46.39
C GLU OA 126 15.04 31.20 -45.89
N LYS OA 127 15.17 31.38 -44.58
CA LYS OA 127 15.93 32.49 -44.03
C LYS OA 127 17.24 32.02 -43.42
N ALA OA 128 18.32 32.67 -43.83
CA ALA OA 128 19.61 32.60 -43.16
C ALA OA 128 19.47 33.34 -41.86
N PRO OA 129 19.34 32.62 -40.73
CA PRO OA 129 18.74 33.20 -39.50
C PRO OA 129 19.45 34.37 -38.83
N GLN OA 130 20.69 34.18 -38.40
CA GLN OA 130 21.37 35.12 -37.51
C GLN OA 130 22.83 35.28 -37.88
N GLU OA 131 23.64 35.70 -36.91
CA GLU OA 131 25.06 35.96 -37.11
C GLU OA 131 25.80 34.74 -37.64
N THR OA 132 26.85 34.99 -38.39
CA THR OA 132 27.59 33.97 -39.10
C THR OA 132 28.65 33.40 -38.16
N TYR OA 133 29.68 32.74 -38.69
CA TYR OA 133 30.73 32.03 -37.94
C TYR OA 133 31.53 32.93 -37.00
N ALA OA 134 31.31 34.24 -37.01
CA ALA OA 134 31.81 35.15 -35.99
C ALA OA 134 30.93 35.19 -34.74
N ASP OA 135 30.01 34.23 -34.56
CA ASP OA 135 29.20 34.13 -33.36
C ASP OA 135 29.53 32.88 -32.56
N ILE OA 136 30.74 32.35 -32.73
CA ILE OA 136 31.19 31.11 -32.11
C ILE OA 136 31.79 31.36 -30.73
N GLY OA 137 32.06 30.29 -29.99
CA GLY OA 137 32.93 30.34 -28.85
C GLY OA 137 33.63 29.01 -28.61
N GLY OA 138 34.97 29.02 -28.56
CA GLY OA 138 35.72 27.80 -28.35
C GLY OA 138 35.77 26.87 -29.53
N LEU OA 139 35.49 27.37 -30.72
CA LEU OA 139 35.39 26.62 -31.96
C LEU OA 139 36.73 26.55 -32.70
N ASP OA 140 36.65 26.51 -34.04
CA ASP OA 140 37.73 26.63 -35.03
C ASP OA 140 38.46 25.34 -35.29
N ASN OA 141 38.05 24.25 -34.65
CA ASN OA 141 38.26 22.96 -35.30
C ASN OA 141 36.95 22.38 -35.80
N GLN OA 142 35.89 22.41 -34.99
CA GLN OA 142 34.64 21.80 -35.38
C GLN OA 142 33.96 22.58 -36.50
N ILE OA 143 34.18 23.90 -36.55
CA ILE OA 143 33.80 24.69 -37.72
C ILE OA 143 34.47 24.16 -38.97
N GLN OA 144 35.75 23.83 -38.87
CA GLN OA 144 36.49 23.32 -40.01
C GLN OA 144 36.00 21.92 -40.39
N GLU OA 145 35.57 21.13 -39.41
CA GLU OA 145 35.01 19.81 -39.69
C GLU OA 145 33.67 19.91 -40.42
N ILE OA 146 32.74 20.71 -39.88
CA ILE OA 146 31.44 20.85 -40.52
C ILE OA 146 31.56 21.56 -41.87
N LYS OA 147 32.59 22.41 -42.00
CA LYS OA 147 32.87 23.09 -43.26
C LYS OA 147 33.30 22.09 -44.32
N GLU OA 148 34.39 21.35 -44.04
CA GLU OA 148 34.87 20.37 -45.01
C GLU OA 148 33.97 19.15 -45.13
N SER OA 149 32.99 18.97 -44.27
CA SER OA 149 32.07 17.85 -44.42
C SER OA 149 30.73 18.21 -45.02
N VAL OA 150 30.36 19.49 -45.04
CA VAL OA 150 29.09 19.89 -45.63
C VAL OA 150 29.31 20.95 -46.70
N GLU OA 151 29.96 22.05 -46.32
CA GLU OA 151 30.12 23.18 -47.23
C GLU OA 151 31.04 22.85 -48.39
N LEU OA 152 32.17 22.22 -48.11
CA LEU OA 152 33.10 21.82 -49.15
C LEU OA 152 32.53 20.72 -50.06
N PRO OA 153 31.70 19.77 -49.58
CA PRO OA 153 30.89 19.00 -50.54
C PRO OA 153 29.85 19.84 -51.26
N LEU OA 154 29.34 20.90 -50.64
CA LEU OA 154 28.35 21.72 -51.32
C LEU OA 154 29.03 22.71 -52.27
N THR OA 155 29.84 23.62 -51.71
CA THR OA 155 30.27 24.79 -52.47
C THR OA 155 31.39 24.45 -53.43
N HIS OA 156 32.44 23.80 -52.94
CA HIS OA 156 33.63 23.52 -53.74
C HIS OA 156 34.00 22.04 -53.74
N PRO OA 157 33.16 21.15 -54.35
CA PRO OA 157 33.60 19.75 -54.47
C PRO OA 157 34.41 19.48 -55.73
N GLU OA 158 35.47 20.25 -55.94
CA GLU OA 158 36.40 19.94 -57.01
C GLU OA 158 37.52 19.04 -56.55
N TYR OA 159 37.64 18.84 -55.25
CA TYR OA 159 38.73 18.03 -54.72
C TYR OA 159 38.36 16.56 -54.78
N TYR OA 160 37.05 16.27 -54.74
CA TYR OA 160 36.56 14.93 -54.99
C TYR OA 160 36.73 14.54 -56.45
N GLU OA 161 36.83 15.50 -57.37
CA GLU OA 161 37.38 15.18 -58.68
C GLU OA 161 38.86 14.84 -58.58
N GLU OA 162 39.61 15.65 -57.81
CA GLU OA 162 41.05 15.52 -57.73
C GLU OA 162 41.50 14.20 -57.11
N MET OA 163 40.67 13.58 -56.28
CA MET OA 163 41.03 12.28 -55.74
C MET OA 163 40.04 11.18 -56.12
N GLY OA 164 38.75 11.39 -55.93
CA GLY OA 164 37.78 10.36 -56.29
C GLY OA 164 37.22 9.63 -55.10
N ILE OA 165 37.00 10.37 -54.01
CA ILE OA 165 36.63 9.80 -52.73
C ILE OA 165 35.26 10.33 -52.34
N LYS OA 166 34.48 9.49 -51.65
CA LYS OA 166 33.17 9.89 -51.16
C LYS OA 166 33.30 10.99 -50.12
N PRO OA 167 32.36 11.94 -50.10
CA PRO OA 167 32.29 12.85 -48.98
C PRO OA 167 31.79 12.13 -47.74
N PRO OA 168 32.14 12.59 -46.54
CA PRO OA 168 31.53 12.05 -45.33
C PRO OA 168 30.05 12.42 -45.26
N LYS OA 169 29.28 11.56 -44.61
CA LYS OA 169 27.83 11.67 -44.72
C LYS OA 169 27.18 12.39 -43.55
N GLY OA 170 27.25 11.80 -42.35
CA GLY OA 170 26.45 12.24 -41.23
C GLY OA 170 27.28 12.96 -40.19
N VAL OA 171 26.61 13.87 -39.46
CA VAL OA 171 27.25 14.71 -38.45
C VAL OA 171 26.48 14.56 -37.15
N ILE OA 172 27.20 14.39 -36.04
CA ILE OA 172 26.57 14.34 -34.72
C ILE OA 172 27.19 15.41 -33.82
N LEU OA 173 26.34 16.26 -33.25
CA LEU OA 173 26.74 17.28 -32.30
C LEU OA 173 26.34 16.81 -30.92
N TYR OA 174 27.30 16.70 -30.00
CA TYR OA 174 26.93 16.22 -28.68
C TYR OA 174 27.77 16.85 -27.60
N GLY OA 175 27.13 17.11 -26.47
CA GLY OA 175 27.75 17.73 -25.34
C GLY OA 175 26.73 18.21 -24.33
N PRO OA 176 27.14 19.14 -23.48
CA PRO OA 176 26.25 19.64 -22.42
C PRO OA 176 25.17 20.54 -22.99
N PRO OA 177 24.07 20.73 -22.26
CA PRO OA 177 22.99 21.60 -22.77
C PRO OA 177 23.37 23.07 -22.71
N GLY OA 178 23.21 23.76 -23.84
CA GLY OA 178 23.62 25.13 -23.96
C GLY OA 178 25.00 25.32 -24.56
N THR OA 179 25.48 24.37 -25.35
CA THR OA 179 26.83 24.38 -25.88
C THR OA 179 26.93 25.14 -27.19
N GLY OA 180 25.84 25.20 -27.94
CA GLY OA 180 25.86 25.76 -29.28
C GLY OA 180 25.47 24.79 -30.36
N LYS OA 181 24.79 23.70 -30.02
CA LYS OA 181 24.11 22.87 -31.01
C LYS OA 181 23.14 23.72 -31.82
N THR OA 182 22.29 24.46 -31.09
CA THR OA 182 21.39 25.44 -31.68
C THR OA 182 22.17 26.48 -32.49
N LEU OA 183 23.29 26.94 -31.93
CA LEU OA 183 24.06 28.00 -32.57
C LEU OA 183 24.72 27.53 -33.86
N LEU OA 184 25.29 26.32 -33.86
CA LEU OA 184 25.91 25.82 -35.08
C LEU OA 184 24.86 25.43 -36.10
N ALA OA 185 23.69 24.96 -35.64
CA ALA OA 185 22.59 24.67 -36.56
C ALA OA 185 22.13 25.93 -37.27
N LYS OA 186 22.05 27.04 -36.55
CA LYS OA 186 21.76 28.31 -37.18
C LYS OA 186 22.91 28.82 -38.03
N ALA OA 187 24.14 28.40 -37.73
CA ALA OA 187 25.30 28.86 -38.49
C ALA OA 187 25.36 28.20 -39.87
N VAL OA 188 25.10 26.89 -39.94
CA VAL OA 188 25.13 26.22 -41.24
C VAL OA 188 23.94 26.67 -42.07
N ALA OA 189 22.82 26.97 -41.43
CA ALA OA 189 21.68 27.52 -42.17
C ALA OA 189 21.88 28.98 -42.52
N ASN OA 190 22.88 29.64 -41.95
CA ASN OA 190 23.16 31.02 -42.34
C ASN OA 190 23.95 31.04 -43.65
N GLN OA 191 25.15 30.48 -43.65
CA GLN OA 191 25.88 30.31 -44.89
C GLN OA 191 25.31 29.09 -45.58
N THR OA 192 24.33 29.30 -46.45
CA THR OA 192 23.76 28.17 -47.17
C THR OA 192 23.38 28.61 -48.57
N SER OA 193 23.24 27.60 -49.43
CA SER OA 193 22.70 27.79 -50.77
C SER OA 193 21.73 26.68 -51.11
N ALA OA 194 21.43 25.80 -50.15
CA ALA OA 194 20.54 24.67 -50.33
C ALA OA 194 19.36 24.81 -49.38
N THR OA 195 18.34 24.01 -49.64
CA THR OA 195 17.12 24.11 -48.85
C THR OA 195 17.32 23.45 -47.50
N PHE OA 196 17.00 24.19 -46.44
CA PHE OA 196 17.22 23.71 -45.08
C PHE OA 196 15.93 23.14 -44.51
N LEU OA 197 16.06 22.04 -43.78
CA LEU OA 197 14.95 21.46 -43.05
C LEU OA 197 15.34 21.27 -41.59
N ARG OA 198 14.34 21.42 -40.71
CA ARG OA 198 14.58 21.36 -39.27
C ARG OA 198 13.47 20.56 -38.62
N VAL OA 199 13.84 19.57 -37.82
CA VAL OA 199 12.91 18.74 -37.07
C VAL OA 199 13.38 18.68 -35.63
N VAL OA 200 12.48 18.91 -34.68
CA VAL OA 200 12.75 18.59 -33.29
C VAL OA 200 12.36 17.14 -33.05
N GLY OA 201 13.28 16.38 -32.45
CA GLY OA 201 13.17 14.93 -32.30
C GLY OA 201 12.03 14.45 -31.43
N SER OA 202 11.35 15.34 -30.72
CA SER OA 202 10.22 14.93 -29.91
C SER OA 202 8.93 14.81 -30.70
N GLU OA 203 8.94 15.18 -31.98
CA GLU OA 203 7.72 15.16 -32.77
C GLU OA 203 7.35 13.78 -33.28
N LEU OA 204 8.20 12.78 -33.11
CA LEU OA 204 8.03 11.56 -33.89
C LEU OA 204 7.18 10.52 -33.18
N ILE OA 205 6.29 10.95 -32.29
CA ILE OA 205 5.27 10.08 -31.70
C ILE OA 205 3.95 10.81 -31.78
N GLN OA 206 2.95 10.19 -32.39
CA GLN OA 206 1.62 10.78 -32.49
C GLN OA 206 0.57 9.85 -31.89
N LYS OA 207 -0.62 10.40 -31.74
CA LYS OA 207 -1.75 9.69 -31.14
C LYS OA 207 -2.46 8.78 -32.11
N TYR OA 208 -1.71 7.97 -32.85
CA TYR OA 208 -2.25 7.01 -33.79
C TYR OA 208 -1.28 5.85 -33.90
N LEU OA 209 -1.70 4.80 -34.57
CA LEU OA 209 -0.86 3.63 -34.80
C LEU OA 209 -0.18 3.80 -36.15
N GLY OA 210 1.14 3.88 -36.14
CA GLY OA 210 1.86 4.01 -37.40
C GLY OA 210 1.75 5.38 -38.03
N ASP OA 211 2.22 6.41 -37.34
CA ASP OA 211 2.32 7.73 -37.93
C ASP OA 211 3.76 8.19 -38.07
N GLY OA 212 4.69 7.56 -37.39
CA GLY OA 212 6.10 7.85 -37.50
C GLY OA 212 6.71 7.57 -38.85
N PRO OA 213 6.60 6.32 -39.36
CA PRO OA 213 7.11 6.03 -40.71
C PRO OA 213 6.50 6.86 -41.83
N LYS OA 214 5.22 7.25 -41.71
CA LYS OA 214 4.63 8.14 -42.70
C LYS OA 214 5.32 9.50 -42.68
N LEU OA 215 5.59 10.02 -41.48
CA LEU OA 215 6.36 11.25 -41.32
C LEU OA 215 7.75 11.12 -41.92
N VAL OA 216 8.42 9.99 -41.67
CA VAL OA 216 9.76 9.75 -42.18
C VAL OA 216 9.76 9.76 -43.70
N ARG OA 217 8.83 9.03 -44.31
CA ARG OA 217 8.81 8.90 -45.76
C ARG OA 217 8.44 10.21 -46.43
N GLU OA 218 7.44 10.92 -45.91
CA GLU OA 218 7.05 12.16 -46.57
C GLU OA 218 8.06 13.27 -46.33
N LEU OA 219 8.63 13.34 -45.11
CA LEU OA 219 9.71 14.26 -44.79
C LEU OA 219 10.90 14.10 -45.72
N PHE OA 220 11.43 12.89 -45.81
CA PHE OA 220 12.63 12.74 -46.62
C PHE OA 220 12.34 12.66 -48.11
N ARG OA 221 11.09 12.37 -48.50
CA ARG OA 221 10.72 12.51 -49.90
C ARG OA 221 10.72 13.98 -50.31
N VAL OA 222 10.11 14.85 -49.48
CA VAL OA 222 10.14 16.28 -49.77
C VAL OA 222 11.57 16.81 -49.71
N ALA OA 223 12.40 16.23 -48.84
CA ALA OA 223 13.82 16.56 -48.83
C ALA OA 223 14.51 16.16 -50.11
N GLU OA 224 14.12 15.04 -50.70
CA GLU OA 224 14.81 14.52 -51.86
C GLU OA 224 14.27 15.08 -53.18
N GLU OA 225 13.06 15.65 -53.16
CA GLU OA 225 12.41 16.07 -54.40
C GLU OA 225 12.88 17.42 -54.93
N HIS OA 226 13.18 18.37 -54.06
CA HIS OA 226 13.42 19.73 -54.54
C HIS OA 226 14.81 19.88 -55.15
N ALA OA 227 15.84 19.63 -54.36
CA ALA OA 227 17.20 20.04 -54.67
C ALA OA 227 18.14 19.23 -53.80
N PRO OA 228 19.46 19.39 -53.94
CA PRO OA 228 20.34 19.12 -52.79
C PRO OA 228 19.93 19.96 -51.59
N SER OA 229 20.05 19.37 -50.41
CA SER OA 229 19.44 19.94 -49.22
C SER OA 229 20.24 19.54 -47.98
N ILE OA 230 19.83 20.07 -46.84
CA ILE OA 230 20.39 19.68 -45.55
C ILE OA 230 19.22 19.40 -44.61
N VAL OA 231 19.21 18.22 -44.02
CA VAL OA 231 18.24 17.85 -43.00
C VAL OA 231 18.93 17.92 -41.66
N PHE OA 232 18.45 18.79 -40.79
CA PHE OA 232 18.94 18.84 -39.43
C PHE OA 232 17.83 18.41 -38.48
N ILE OA 233 18.13 17.43 -37.63
CA ILE OA 233 17.23 17.00 -36.58
C ILE OA 233 17.94 17.20 -35.25
N ASP OA 234 17.21 17.63 -34.23
CA ASP OA 234 17.81 17.93 -32.95
C ASP OA 234 17.04 17.25 -31.83
N GLU OA 235 17.76 16.93 -30.75
CA GLU OA 235 17.28 16.12 -29.62
C GLU OA 235 16.64 14.82 -30.08
N ILE OA 236 17.38 14.09 -30.91
CA ILE OA 236 16.90 12.80 -31.41
C ILE OA 236 16.88 11.74 -30.32
N ASP OA 237 17.60 11.95 -29.23
CA ASP OA 237 17.58 11.06 -28.07
C ASP OA 237 16.24 11.03 -27.35
N ALA OA 238 15.32 11.92 -27.68
CA ALA OA 238 14.00 11.97 -27.08
C ALA OA 238 13.04 10.92 -27.63
N ILE OA 239 13.52 9.91 -28.36
CA ILE OA 239 12.67 8.83 -28.84
C ILE OA 239 12.97 7.51 -28.17
N GLY OA 240 14.15 7.35 -27.57
CA GLY OA 240 14.51 6.08 -26.97
C GLY OA 240 14.23 6.02 -25.49
N THR OA 241 14.43 7.14 -24.81
CA THR OA 241 14.30 7.22 -23.36
C THR OA 241 13.10 8.06 -22.94
N LYS OA 242 12.01 8.00 -23.70
CA LYS OA 242 10.82 8.78 -23.40
C LYS OA 242 9.58 7.92 -23.57
N ARG OA 243 8.68 7.97 -22.59
CA ARG OA 243 7.39 7.31 -22.70
C ARG OA 243 6.29 8.32 -22.44
N TYR OA 244 5.13 8.08 -23.04
CA TYR OA 244 3.99 8.96 -22.88
C TYR OA 244 2.73 8.14 -22.68
N ASP OA 245 1.81 8.68 -21.88
CA ASP OA 245 0.45 8.16 -21.86
C ASP OA 245 -0.28 8.51 -23.15
N SER OA 246 0.17 9.57 -23.82
CA SER OA 246 -0.26 9.91 -25.17
C SER OA 246 0.56 9.10 -26.18
N ASN OA 247 0.34 7.79 -26.14
CA ASN OA 247 1.04 6.88 -27.04
C ASN OA 247 0.21 5.62 -27.21
N SER OA 248 -0.08 5.28 -28.45
CA SER OA 248 -0.73 4.03 -28.80
C SER OA 248 0.32 3.03 -29.25
N GLY OA 249 0.05 1.76 -28.98
CA GLY OA 249 1.10 0.77 -29.12
C GLY OA 249 2.18 1.03 -28.09
N GLY OA 250 3.31 1.58 -28.55
CA GLY OA 250 4.35 1.93 -27.60
C GLY OA 250 5.73 1.60 -28.12
N GLU OA 251 6.47 0.80 -27.35
CA GLU OA 251 7.83 0.43 -27.72
C GLU OA 251 7.85 -0.40 -29.00
N ARG OA 252 6.79 -1.18 -29.24
CA ARG OA 252 6.64 -1.92 -30.49
C ARG OA 252 5.97 -1.06 -31.56
N GLU OA 253 6.01 0.24 -31.37
CA GLU OA 253 5.87 1.20 -32.46
C GLU OA 253 7.02 2.20 -32.50
N ILE OA 254 7.64 2.51 -31.35
CA ILE OA 254 8.88 3.27 -31.32
C ILE OA 254 9.98 2.54 -32.09
N GLN OA 255 10.07 1.22 -31.91
CA GLN OA 255 11.04 0.41 -32.65
C GLN OA 255 10.75 0.43 -34.13
N ARG OA 256 9.48 0.51 -34.51
CA ARG OA 256 9.13 0.55 -35.93
C ARG OA 256 9.48 1.91 -36.52
N THR OA 257 9.29 2.98 -35.73
CA THR OA 257 9.72 4.31 -36.16
C THR OA 257 11.22 4.38 -36.35
N MET OA 258 11.95 3.84 -35.38
CA MET OA 258 13.40 3.75 -35.45
C MET OA 258 13.84 2.90 -36.63
N LEU OA 259 13.10 1.83 -36.94
CA LEU OA 259 13.52 0.93 -38.00
C LEU OA 259 13.22 1.54 -39.37
N GLU OA 260 12.15 2.32 -39.48
CA GLU OA 260 11.90 3.04 -40.73
C GLU OA 260 12.96 4.11 -40.97
N LEU OA 261 13.30 4.89 -39.94
CA LEU OA 261 14.38 5.86 -40.08
C LEU OA 261 15.72 5.17 -40.36
N LEU OA 262 15.88 3.97 -39.81
CA LEU OA 262 17.05 3.15 -40.05
C LEU OA 262 17.18 2.78 -41.52
N ASN OA 263 16.09 2.30 -42.12
CA ASN OA 263 16.10 2.02 -43.56
C ASN OA 263 16.15 3.30 -44.38
N GLN OA 264 15.65 4.41 -43.85
CA GLN OA 264 15.63 5.64 -44.62
C GLN OA 264 17.05 6.19 -44.76
N LEU OA 265 17.80 6.18 -43.67
CA LEU OA 265 19.11 6.82 -43.64
C LEU OA 265 20.13 6.02 -44.43
N ASP OA 266 20.17 4.70 -44.24
CA ASP OA 266 21.22 3.88 -44.83
C ASP OA 266 20.60 2.88 -45.79
N GLY OA 267 19.70 3.37 -46.63
CA GLY OA 267 18.98 2.52 -47.54
C GLY OA 267 19.65 2.38 -48.90
N PHE OA 268 18.87 2.63 -49.96
CA PHE OA 268 19.21 2.24 -51.31
C PHE OA 268 19.32 3.45 -52.23
N ASP OA 269 19.36 3.15 -53.54
CA ASP OA 269 18.91 3.95 -54.68
C ASP OA 269 19.52 5.36 -54.74
N SER OA 270 20.80 5.47 -54.35
CA SER OA 270 21.59 6.71 -54.44
C SER OA 270 20.92 7.86 -53.71
N ARG OA 271 20.91 7.77 -52.38
CA ARG OA 271 20.21 8.60 -51.39
C ARG OA 271 20.15 10.10 -51.72
N GLY OA 272 21.23 10.64 -52.26
CA GLY OA 272 21.25 11.99 -52.79
C GLY OA 272 22.13 12.90 -51.96
N ASP OA 273 22.31 14.12 -52.49
CA ASP OA 273 23.13 15.15 -51.86
C ASP OA 273 22.32 15.84 -50.76
N VAL OA 274 21.99 15.06 -49.75
CA VAL OA 274 21.20 15.53 -48.61
C VAL OA 274 22.05 15.26 -47.38
N LYS OA 275 22.75 16.28 -46.91
CA LYS OA 275 23.55 16.12 -45.70
C LYS OA 275 22.65 16.00 -44.50
N VAL OA 276 22.85 14.95 -43.72
CA VAL OA 276 22.02 14.66 -42.55
C VAL OA 276 22.84 14.95 -41.32
N ILE OA 277 22.38 15.90 -40.52
CA ILE OA 277 23.12 16.39 -39.36
C ILE OA 277 22.24 16.24 -38.14
N MET OA 278 22.76 15.61 -37.10
CA MET OA 278 22.01 15.33 -35.89
C MET OA 278 22.69 16.01 -34.72
N ALA OA 279 21.93 16.20 -33.64
CA ALA OA 279 22.46 16.87 -32.47
C ALA OA 279 21.79 16.33 -31.22
N THR OA 280 22.60 15.92 -30.25
CA THR OA 280 22.10 15.28 -29.04
C THR OA 280 22.68 15.98 -27.83
N ASN OA 281 22.01 15.82 -26.69
CA ASN OA 281 22.61 16.13 -25.39
C ASN OA 281 23.42 14.93 -24.88
N ARG OA 282 22.74 13.81 -24.64
CA ARG OA 282 23.41 12.60 -24.20
C ARG OA 282 23.71 11.70 -25.41
N ILE OA 283 24.60 10.73 -25.20
CA ILE OA 283 25.03 9.92 -26.33
C ILE OA 283 24.92 8.44 -25.98
N GLU OA 284 24.71 8.14 -24.69
CA GLU OA 284 24.85 6.77 -24.21
C GLU OA 284 23.62 5.93 -24.54
N THR OA 285 22.45 6.54 -24.64
CA THR OA 285 21.21 5.80 -24.83
C THR OA 285 20.82 5.67 -26.30
N LEU OA 286 21.79 5.65 -27.21
CA LEU OA 286 21.49 5.65 -28.63
C LEU OA 286 21.87 4.32 -29.26
N ASP OA 287 21.19 4.01 -30.37
CA ASP OA 287 21.39 2.78 -31.14
C ASP OA 287 22.82 2.72 -31.69
N PRO OA 288 23.58 1.68 -31.35
CA PRO OA 288 24.88 1.47 -32.03
C PRO OA 288 24.77 1.22 -33.51
N ALA OA 289 23.60 0.79 -33.99
CA ALA OA 289 23.38 0.65 -35.42
C ALA OA 289 23.15 1.99 -36.11
N LEU OA 290 23.04 3.09 -35.37
CA LEU OA 290 22.81 4.39 -35.97
C LEU OA 290 23.99 5.32 -35.85
N ILE OA 291 25.00 4.98 -35.04
CA ILE OA 291 26.21 5.78 -34.92
C ILE OA 291 27.35 5.17 -35.73
N ARG OA 292 27.12 3.98 -36.30
CA ARG OA 292 28.08 3.35 -37.19
C ARG OA 292 28.19 4.14 -38.49
N PRO OA 293 29.37 4.14 -39.13
CA PRO OA 293 29.52 4.86 -40.40
C PRO OA 293 28.84 4.16 -41.54
N GLY OA 294 28.79 4.80 -42.70
CA GLY OA 294 27.77 4.48 -43.67
C GLY OA 294 26.56 5.38 -43.42
N ARG OA 295 26.06 5.36 -42.19
CA ARG OA 295 25.09 6.37 -41.80
C ARG OA 295 25.78 7.69 -41.47
N ILE OA 296 26.59 7.69 -40.43
CA ILE OA 296 27.18 8.91 -39.88
C ILE OA 296 28.68 8.73 -39.84
N ASP OA 297 29.39 9.53 -40.65
CA ASP OA 297 30.83 9.39 -40.80
C ASP OA 297 31.61 10.36 -39.93
N ARG OA 298 31.02 11.50 -39.57
CA ARG OA 298 31.72 12.49 -38.78
C ARG OA 298 30.96 12.73 -37.47
N LYS OA 299 31.27 11.91 -36.49
CA LYS OA 299 30.88 12.22 -35.12
C LYS OA 299 31.74 13.38 -34.66
N ILE OA 300 31.16 14.33 -33.94
CA ILE OA 300 31.87 15.55 -33.58
C ILE OA 300 31.64 15.83 -32.11
N GLU OA 301 32.73 15.89 -31.35
CA GLU OA 301 32.65 16.22 -29.93
C GLU OA 301 32.38 17.71 -29.75
N PHE OA 302 31.41 18.04 -28.90
CA PHE OA 302 31.35 19.39 -28.35
C PHE OA 302 31.64 19.31 -26.86
N PRO OA 303 32.89 19.50 -26.44
CA PRO OA 303 33.16 19.73 -25.02
C PRO OA 303 33.01 21.21 -24.69
N LEU OA 304 32.93 21.49 -23.40
CA LEU OA 304 32.99 22.91 -23.01
C LEU OA 304 34.47 23.31 -23.13
N PRO OA 305 34.81 24.14 -24.13
CA PRO OA 305 36.18 24.10 -24.70
C PRO OA 305 37.30 24.61 -23.81
N ASP OA 306 37.21 25.86 -23.34
CA ASP OA 306 38.33 26.48 -22.64
C ASP OA 306 37.87 27.70 -21.87
N GLU OA 307 38.70 28.10 -20.91
CA GLU OA 307 38.47 29.30 -20.12
C GLU OA 307 39.00 30.56 -20.78
N LYS OA 308 39.48 30.47 -22.01
CA LYS OA 308 39.99 31.61 -22.74
C LYS OA 308 38.97 32.21 -23.69
N THR OA 309 38.22 31.36 -24.38
CA THR OA 309 37.15 31.81 -25.26
C THR OA 309 35.86 32.12 -24.51
N LYS OA 310 35.85 32.01 -23.18
CA LYS OA 310 34.86 32.72 -22.37
C LYS OA 310 34.85 34.20 -22.73
N LYS OA 311 36.06 34.78 -22.85
CA LYS OA 311 36.19 36.19 -23.15
C LYS OA 311 35.70 36.54 -24.55
N ARG OA 312 35.80 35.60 -25.49
CA ARG OA 312 35.27 35.86 -26.82
C ARG OA 312 33.76 35.91 -26.83
N ILE OA 313 33.11 35.10 -26.00
CA ILE OA 313 31.67 35.13 -25.94
C ILE OA 313 31.19 36.36 -25.16
N PHE OA 314 31.91 36.76 -24.12
CA PHE OA 314 31.65 38.05 -23.49
C PHE OA 314 31.89 39.22 -24.43
N GLN OA 315 32.85 39.08 -25.34
CA GLN OA 315 33.15 40.13 -26.31
C GLN OA 315 32.03 40.24 -27.34
N ILE OA 316 31.60 39.11 -27.88
CA ILE OA 316 30.58 39.10 -28.93
C ILE OA 316 29.22 39.47 -28.36
N HIS OA 317 28.85 38.90 -27.22
CA HIS OA 317 27.55 39.19 -26.64
C HIS OA 317 27.48 40.55 -25.96
N THR OA 318 28.59 41.28 -25.90
CA THR OA 318 28.56 42.69 -25.52
C THR OA 318 29.18 43.57 -26.59
N SER OA 319 29.22 43.09 -27.83
CA SER OA 319 29.79 43.89 -28.91
C SER OA 319 28.87 45.02 -29.37
N ARG OA 320 27.58 44.93 -29.05
CA ARG OA 320 26.59 45.92 -29.46
C ARG OA 320 25.73 46.32 -28.28
N MET OA 321 26.39 46.60 -27.16
CA MET OA 321 25.75 47.22 -26.01
C MET OA 321 26.77 48.11 -25.31
N THR OA 322 26.35 49.30 -24.91
CA THR OA 322 27.26 50.24 -24.28
C THR OA 322 27.57 49.81 -22.87
N LEU OA 323 28.86 49.70 -22.56
CA LEU OA 323 29.28 49.21 -21.27
C LEU OA 323 30.54 49.97 -20.87
N ALA OA 324 30.73 50.19 -19.57
CA ALA OA 324 31.92 50.88 -19.09
C ALA OA 324 33.09 49.89 -19.07
N ASP OA 325 34.22 50.28 -18.48
CA ASP OA 325 35.25 49.24 -18.39
C ASP OA 325 34.98 48.39 -17.17
N ASP OA 326 35.30 48.90 -15.98
CA ASP OA 326 34.75 48.53 -14.67
C ASP OA 326 34.75 47.06 -14.26
N VAL OA 327 35.16 46.14 -15.13
CA VAL OA 327 35.13 44.71 -14.85
C VAL OA 327 36.34 44.08 -15.53
N THR OA 328 36.73 42.92 -15.02
CA THR OA 328 37.63 42.03 -15.72
C THR OA 328 36.90 40.72 -15.93
N LEU OA 329 37.07 40.14 -17.12
CA LEU OA 329 36.46 38.85 -17.41
C LEU OA 329 37.14 37.73 -16.63
N ASP OA 330 38.35 37.96 -16.11
CA ASP OA 330 39.00 37.00 -15.23
C ASP OA 330 38.23 36.80 -13.93
N ASP OA 331 37.54 37.84 -13.47
CA ASP OA 331 36.61 37.69 -12.35
C ASP OA 331 35.47 36.76 -12.71
N LEU OA 332 35.09 36.71 -13.98
CA LEU OA 332 34.08 35.78 -14.45
C LEU OA 332 34.70 34.55 -15.11
N ILE OA 333 36.02 34.40 -15.01
CA ILE OA 333 36.68 33.13 -15.29
C ILE OA 333 36.90 32.33 -14.01
N MET OA 334 37.29 32.99 -12.93
CA MET OA 334 37.49 32.31 -11.65
C MET OA 334 36.24 32.39 -10.79
N ALA OA 335 35.13 31.92 -11.34
CA ALA OA 335 33.90 31.86 -10.57
C ALA OA 335 33.25 30.49 -10.66
N LYS OA 336 33.28 29.91 -11.85
CA LYS OA 336 32.54 28.68 -12.15
C LYS OA 336 33.38 27.81 -13.07
N ASP OA 337 33.25 26.50 -12.89
CA ASP OA 337 34.11 25.54 -13.57
C ASP OA 337 33.55 25.02 -14.90
N ASP OA 338 32.24 25.08 -15.12
CA ASP OA 338 31.66 24.71 -16.41
C ASP OA 338 31.19 25.96 -17.15
N LEU OA 339 31.52 26.04 -18.43
CA LEU OA 339 31.40 27.26 -19.20
C LEU OA 339 30.52 27.02 -20.43
N SER OA 340 29.72 28.03 -20.78
CA SER OA 340 28.82 27.92 -21.92
C SER OA 340 28.43 29.30 -22.38
N GLY OA 341 27.94 29.38 -23.62
CA GLY OA 341 27.22 30.57 -24.05
C GLY OA 341 25.90 30.75 -23.33
N ALA OA 342 25.32 29.66 -22.82
CA ALA OA 342 24.16 29.72 -21.95
C ALA OA 342 24.51 30.37 -20.61
N ASP OA 343 25.77 30.28 -20.19
CA ASP OA 343 26.20 31.05 -19.03
C ASP OA 343 26.28 32.52 -19.36
N ILE OA 344 27.02 32.86 -20.42
CA ILE OA 344 27.47 34.23 -20.65
C ILE OA 344 26.32 35.08 -21.17
N LYS OA 345 25.47 34.51 -22.01
CA LYS OA 345 24.29 35.25 -22.46
C LYS OA 345 23.30 35.49 -21.33
N ALA OA 346 23.18 34.54 -20.40
CA ALA OA 346 22.36 34.75 -19.22
C ALA OA 346 22.93 35.85 -18.35
N ILE OA 347 24.26 35.90 -18.23
CA ILE OA 347 24.93 36.98 -17.52
C ILE OA 347 24.63 38.33 -18.16
N CYS OA 348 24.68 38.39 -19.48
CA CYS OA 348 24.40 39.62 -20.21
C CYS OA 348 22.95 40.07 -20.03
N THR OA 349 22.00 39.14 -20.17
CA THR OA 349 20.59 39.49 -20.04
C THR OA 349 20.23 39.88 -18.62
N GLU OA 350 20.79 39.19 -17.64
CA GLU OA 350 20.50 39.55 -16.25
C GLU OA 350 21.18 40.86 -15.89
N ALA OA 351 22.33 41.16 -16.51
CA ALA OA 351 22.96 42.46 -16.32
C ALA OA 351 22.09 43.56 -16.92
N GLY OA 352 21.44 43.29 -18.05
CA GLY OA 352 20.50 44.24 -18.59
C GLY OA 352 19.26 44.41 -17.73
N LEU OA 353 18.82 43.33 -17.09
CA LEU OA 353 17.69 43.43 -16.16
C LEU OA 353 18.07 44.26 -14.93
N MET OA 354 19.29 44.10 -14.44
CA MET OA 354 19.75 44.93 -13.34
C MET OA 354 20.02 46.36 -13.78
N ALA OA 355 20.28 46.57 -15.08
CA ALA OA 355 20.49 47.91 -15.61
C ALA OA 355 19.18 48.69 -15.71
N LEU OA 356 18.16 48.08 -16.31
CA LEU OA 356 16.84 48.70 -16.33
C LEU OA 356 16.16 48.67 -14.96
N ARG OA 357 16.66 47.83 -14.04
CA ARG OA 357 16.21 47.86 -12.66
C ARG OA 357 16.71 49.10 -11.96
N GLU OA 358 17.89 49.60 -12.35
CA GLU OA 358 18.50 50.77 -11.75
C GLU OA 358 18.64 51.89 -12.77
N ARG OA 359 17.84 51.83 -13.84
CA ARG OA 359 17.66 52.80 -14.93
C ARG OA 359 18.93 53.49 -15.42
N ARG OA 360 20.00 52.72 -15.59
CA ARG OA 360 21.28 53.22 -16.07
C ARG OA 360 21.58 52.66 -17.45
N MET OA 361 22.68 53.15 -18.02
CA MET OA 361 23.38 52.50 -19.13
C MET OA 361 24.84 52.36 -18.72
N LYS OA 362 25.67 51.88 -19.65
CA LYS OA 362 27.13 51.70 -19.46
C LYS OA 362 27.42 50.84 -18.23
N VAL OA 363 27.01 49.57 -18.37
CA VAL OA 363 26.78 48.66 -17.25
C VAL OA 363 28.00 48.51 -16.36
N THR OA 364 27.79 48.71 -15.06
CA THR OA 364 28.88 48.75 -14.10
C THR OA 364 29.14 47.35 -13.53
N ASN OA 365 29.92 47.30 -12.45
CA ASN OA 365 30.43 46.05 -11.92
C ASN OA 365 29.41 45.34 -11.05
N GLU OA 366 28.60 46.10 -10.29
CA GLU OA 366 27.69 45.50 -9.32
C GLU OA 366 26.57 44.74 -10.00
N ASP OA 367 26.16 45.20 -11.19
CA ASP OA 367 25.25 44.42 -12.02
C ASP OA 367 25.85 43.09 -12.40
N PHE OA 368 27.12 43.09 -12.80
CA PHE OA 368 27.81 41.83 -13.09
C PHE OA 368 27.94 40.94 -11.86
N LYS OA 369 28.12 41.52 -10.68
CA LYS OA 369 28.32 40.68 -9.50
C LYS OA 369 27.02 40.03 -9.04
N LYS OA 370 25.94 40.82 -8.92
CA LYS OA 370 24.65 40.26 -8.55
C LYS OA 370 24.12 39.34 -9.64
N SER OA 371 24.38 39.67 -10.92
CA SER OA 371 23.99 38.81 -12.03
C SER OA 371 24.75 37.50 -12.01
N LYS OA 372 26.04 37.55 -11.70
CA LYS OA 372 26.91 36.41 -11.50
C LYS OA 372 26.34 35.45 -10.46
N GLU OA 373 26.12 35.97 -9.25
CA GLU OA 373 25.63 35.13 -8.16
C GLU OA 373 24.24 34.55 -8.46
N ASN OA 374 23.33 35.38 -9.00
CA ASN OA 374 21.98 34.91 -9.23
C ASN OA 374 21.91 33.93 -10.40
N VAL OA 375 22.84 34.01 -11.35
CA VAL OA 375 22.84 33.06 -12.47
C VAL OA 375 23.53 31.76 -12.08
N LEU OA 376 24.59 31.82 -11.28
CA LEU OA 376 25.22 30.58 -10.83
C LEU OA 376 24.28 29.80 -9.91
N TYR OA 377 23.51 30.51 -9.08
CA TYR OA 377 22.49 29.85 -8.28
C TYR OA 377 21.34 29.34 -9.14
N LYS OA 378 20.93 30.11 -10.14
CA LYS OA 378 19.77 29.75 -10.98
C LYS OA 378 20.20 29.68 -12.45
N LYS OA 379 20.66 28.51 -12.90
CA LYS OA 379 20.77 27.31 -12.08
C LYS OA 379 22.04 26.56 -12.32
N GLN OA 380 22.81 26.43 -11.26
CA GLN OA 380 23.71 25.31 -11.05
C GLN OA 380 23.97 25.21 -9.55
N GLU OA 381 23.29 24.31 -8.84
CA GLU OA 381 23.92 23.90 -7.59
C GLU OA 381 23.93 22.39 -7.39
N GLY OA 382 22.77 21.82 -7.04
CA GLY OA 382 22.64 20.41 -6.72
C GLY OA 382 23.30 20.02 -5.42
N THR OA 383 22.64 19.36 -4.48
CA THR OA 383 21.21 19.21 -4.32
C THR OA 383 21.09 19.77 -2.89
N PRO OA 384 19.85 19.96 -2.29
CA PRO OA 384 19.73 20.39 -0.88
C PRO OA 384 20.63 19.73 0.17
N GLU OA 385 21.16 20.58 1.05
CA GLU OA 385 22.25 20.23 1.97
C GLU OA 385 21.79 19.22 3.02
N GLY OA 386 22.49 18.09 3.13
CA GLY OA 386 23.72 17.84 2.39
C GLY OA 386 24.28 16.42 2.44
N LEU OA 387 24.66 15.78 1.32
CA LEU OA 387 24.56 16.19 -0.13
C LEU OA 387 25.22 17.51 -0.59
N TYR OA 388 26.55 17.54 -0.71
CA TYR OA 388 27.43 16.39 -0.44
C TYR OA 388 27.96 16.38 1.02
N LEU OA 389 28.68 17.37 1.56
CA LEU OA 389 29.17 18.63 0.96
C LEU OA 389 30.68 18.71 1.09
N TYR PA 14 -68.74 96.10 -68.68
CA TYR PA 14 -67.62 95.21 -68.42
C TYR PA 14 -68.07 93.76 -68.37
N LEU PA 15 -68.60 93.30 -69.51
CA LEU PA 15 -69.15 91.95 -69.65
C LEU PA 15 -68.06 90.89 -69.49
N SER PA 16 -67.24 90.74 -70.52
CA SER PA 16 -66.18 89.75 -70.54
C SER PA 16 -64.90 90.30 -69.94
N LYS PA 17 -64.91 91.59 -69.60
CA LYS PA 17 -63.85 92.17 -68.80
C LYS PA 17 -63.78 91.57 -67.40
N ILE PA 18 -64.86 90.93 -66.93
CA ILE PA 18 -64.88 90.25 -65.63
C ILE PA 18 -65.04 88.74 -65.77
N GLU PA 19 -65.66 88.25 -66.85
CA GLU PA 19 -65.81 86.81 -67.08
C GLU PA 19 -64.44 86.13 -67.16
N GLU PA 20 -63.53 86.76 -67.90
CA GLU PA 20 -62.16 86.28 -68.02
C GLU PA 20 -61.43 86.30 -66.69
N LEU PA 21 -61.83 87.16 -65.76
CA LEU PA 21 -61.16 87.22 -64.48
C LEU PA 21 -61.58 86.05 -63.61
N GLN PA 22 -62.88 85.79 -63.57
CA GLN PA 22 -63.40 84.64 -62.87
C GLN PA 22 -63.01 83.32 -63.54
N LEU PA 23 -62.54 83.36 -64.77
CA LEU PA 23 -61.90 82.21 -65.36
C LEU PA 23 -60.37 82.21 -65.17
N ILE PA 24 -59.77 83.35 -64.79
CA ILE PA 24 -58.42 83.34 -64.25
C ILE PA 24 -58.40 82.66 -62.89
N VAL PA 25 -59.51 82.75 -62.14
CA VAL PA 25 -59.65 82.01 -60.88
C VAL PA 25 -59.55 80.50 -61.08
N ASN PA 26 -59.91 80.00 -62.26
CA ASN PA 26 -59.79 78.59 -62.59
C ASN PA 26 -58.36 78.12 -62.84
N ASP PA 27 -57.35 78.98 -62.68
CA ASP PA 27 -55.99 78.49 -62.54
C ASP PA 27 -55.81 77.76 -61.23
N LYS PA 28 -56.62 78.08 -60.23
CA LYS PA 28 -56.58 77.33 -58.99
C LYS PA 28 -57.34 76.02 -59.10
N SER PA 29 -58.22 75.90 -60.10
CA SER PA 29 -58.67 74.59 -60.54
C SER PA 29 -57.56 73.76 -61.15
N GLN PA 30 -56.54 74.40 -61.73
CA GLN PA 30 -55.48 73.68 -62.42
C GLN PA 30 -54.45 73.10 -61.46
N ASN PA 31 -54.33 73.65 -60.25
CA ASN PA 31 -53.47 73.04 -59.25
C ASN PA 31 -53.99 71.68 -58.81
N LEU PA 32 -55.32 71.52 -58.77
CA LEU PA 32 -55.91 70.20 -58.52
C LEU PA 32 -55.56 69.22 -59.63
N ARG PA 33 -55.51 69.72 -60.87
CA ARG PA 33 -55.10 68.88 -61.99
C ARG PA 33 -53.64 68.48 -61.92
N ARG PA 34 -52.77 69.44 -61.57
CA ARG PA 34 -51.36 69.11 -61.38
C ARG PA 34 -51.17 68.13 -60.23
N LEU PA 35 -52.03 68.24 -59.21
CA LEU PA 35 -52.07 67.24 -58.17
C LEU PA 35 -52.46 65.88 -58.72
N GLN PA 36 -53.47 65.82 -59.59
CA GLN PA 36 -53.88 64.55 -60.20
C GLN PA 36 -52.79 63.97 -61.08
N ALA PA 37 -52.07 64.83 -61.80
CA ALA PA 37 -50.94 64.39 -62.60
C ALA PA 37 -49.85 63.82 -61.71
N GLN PA 38 -49.66 64.42 -60.53
CA GLN PA 38 -48.78 63.85 -59.52
C GLN PA 38 -49.31 62.52 -59.00
N ARG PA 39 -50.63 62.34 -58.91
CA ARG PA 39 -51.18 61.06 -58.48
C ARG PA 39 -50.92 59.96 -59.50
N ASN PA 40 -51.07 60.28 -60.78
CA ASN PA 40 -50.78 59.31 -61.83
C ASN PA 40 -49.29 59.04 -61.93
N GLU PA 41 -48.45 60.04 -61.65
CA GLU PA 41 -47.02 59.79 -61.59
C GLU PA 41 -46.67 58.95 -60.38
N LEU PA 42 -47.42 59.10 -59.30
CA LEU PA 42 -47.40 58.10 -58.26
C LEU PA 42 -47.99 56.79 -58.78
N ASN PA 43 -47.45 55.68 -58.27
CA ASN PA 43 -47.70 54.29 -58.64
C ASN PA 43 -47.20 53.94 -60.05
N ALA PA 44 -46.75 54.93 -60.83
CA ALA PA 44 -46.07 54.64 -62.08
C ALA PA 44 -44.72 53.99 -61.82
N LYS PA 45 -44.00 54.47 -60.81
CA LYS PA 45 -42.75 53.80 -60.47
C LYS PA 45 -43.00 52.55 -59.65
N VAL PA 46 -44.16 52.45 -58.99
CA VAL PA 46 -44.53 51.21 -58.32
C VAL PA 46 -44.78 50.11 -59.34
N ARG PA 47 -45.49 50.42 -60.43
CA ARG PA 47 -45.71 49.41 -61.46
C ARG PA 47 -44.42 49.13 -62.23
N LEU PA 48 -43.61 50.16 -62.47
CA LEU PA 48 -42.30 49.90 -63.07
C LEU PA 48 -41.33 49.20 -62.13
N LEU PA 49 -41.61 49.12 -60.83
CA LEU PA 49 -40.80 48.32 -59.95
C LEU PA 49 -41.30 46.89 -59.89
N ARG PA 50 -42.62 46.72 -59.85
CA ARG PA 50 -43.20 45.39 -59.69
C ARG PA 50 -43.15 44.57 -60.96
N GLU PA 51 -43.24 45.23 -62.13
CA GLU PA 51 -42.96 44.51 -63.37
C GLU PA 51 -41.52 44.07 -63.44
N GLU PA 52 -40.61 44.83 -62.84
CA GLU PA 52 -39.21 44.44 -62.78
C GLU PA 52 -38.94 43.67 -61.48
N LEU PA 53 -39.69 42.60 -61.28
CA LEU PA 53 -39.37 41.63 -60.24
C LEU PA 53 -38.86 40.32 -60.79
N GLN PA 54 -38.71 40.21 -62.10
CA GLN PA 54 -38.09 39.03 -62.67
C GLN PA 54 -36.58 39.07 -62.55
N LEU PA 55 -36.04 40.22 -62.13
CA LEU PA 55 -34.73 40.27 -61.49
C LEU PA 55 -34.64 39.31 -60.32
N LEU PA 56 -35.71 39.22 -59.54
CA LEU PA 56 -35.74 38.25 -58.45
C LEU PA 56 -36.02 36.85 -58.95
N GLN PA 57 -36.58 36.71 -60.15
CA GLN PA 57 -36.75 35.40 -60.77
C GLN PA 57 -35.51 34.92 -61.50
N GLU PA 58 -34.36 35.56 -61.28
CA GLU PA 58 -33.13 35.15 -61.94
C GLU PA 58 -32.48 34.02 -61.16
N GLN PA 59 -31.71 33.20 -61.90
CA GLN PA 59 -31.09 31.98 -61.40
C GLN PA 59 -30.14 32.27 -60.24
N GLY PA 60 -29.98 31.28 -59.36
CA GLY PA 60 -29.17 31.44 -58.16
C GLY PA 60 -27.68 31.49 -58.43
N SER PA 61 -26.91 31.39 -57.35
CA SER PA 61 -25.47 31.51 -57.46
C SER PA 61 -24.80 30.72 -56.34
N TYR PA 62 -23.48 30.59 -56.47
CA TYR PA 62 -22.67 29.70 -55.64
C TYR PA 62 -21.75 30.49 -54.72
N VAL PA 63 -21.72 30.09 -53.46
CA VAL PA 63 -20.78 30.62 -52.48
C VAL PA 63 -19.59 29.67 -52.40
N GLY PA 64 -18.38 30.22 -52.50
CA GLY PA 64 -17.18 29.42 -52.57
C GLY PA 64 -16.05 29.89 -51.69
N GLU PA 65 -14.86 29.34 -51.91
CA GLU PA 65 -13.69 29.66 -51.09
C GLU PA 65 -12.53 30.01 -52.00
N VAL PA 66 -12.04 31.24 -51.89
CA VAL PA 66 -10.91 31.70 -52.69
C VAL PA 66 -9.63 31.37 -51.93
N VAL PA 67 -8.79 30.53 -52.52
CA VAL PA 67 -7.48 30.27 -51.96
C VAL PA 67 -6.64 31.52 -52.16
N ARG PA 68 -6.37 31.85 -53.42
CA ARG PA 68 -5.54 32.96 -53.87
C ARG PA 68 -5.61 33.00 -55.39
N ALA PA 69 -5.35 34.17 -55.95
CA ALA PA 69 -5.49 34.38 -57.39
C ALA PA 69 -4.27 33.84 -58.13
N MET PA 70 -4.30 33.92 -59.45
CA MET PA 70 -3.12 33.61 -60.24
C MET PA 70 -3.13 34.52 -61.46
N ASP PA 71 -2.28 34.21 -62.44
CA ASP PA 71 -1.92 35.13 -63.50
C ASP PA 71 -3.06 35.30 -64.51
N LYS PA 72 -2.89 36.30 -65.38
CA LYS PA 72 -3.77 36.61 -66.51
C LYS PA 72 -5.21 36.88 -66.09
N LYS PA 73 -5.36 37.53 -64.93
CA LYS PA 73 -6.64 37.84 -64.30
C LYS PA 73 -7.48 36.57 -64.11
N LYS PA 74 -6.93 35.63 -63.35
CA LYS PA 74 -7.65 34.39 -63.08
C LYS PA 74 -7.54 34.08 -61.60
N VAL PA 75 -8.56 33.38 -61.09
CA VAL PA 75 -8.73 33.14 -59.66
C VAL PA 75 -9.11 31.67 -59.46
N LEU PA 76 -9.33 31.29 -58.21
CA LEU PA 76 -9.58 29.90 -57.84
C LEU PA 76 -10.66 29.82 -56.77
N VAL PA 77 -11.54 28.83 -56.88
CA VAL PA 77 -12.71 28.69 -56.00
C VAL PA 77 -12.93 27.23 -55.66
N LYS PA 78 -13.00 26.93 -54.36
CA LYS PA 78 -13.54 25.68 -53.81
C LYS PA 78 -14.95 25.94 -53.31
N VAL PA 79 -15.96 25.25 -53.87
CA VAL PA 79 -17.28 25.89 -53.85
C VAL PA 79 -18.05 25.68 -52.54
N HIS PA 80 -18.96 24.68 -52.45
CA HIS PA 80 -19.37 24.31 -51.09
C HIS PA 80 -18.93 22.89 -50.70
N PRO PA 81 -19.25 21.82 -51.44
CA PRO PA 81 -18.62 20.52 -51.14
C PRO PA 81 -17.50 20.13 -52.09
N GLU PA 82 -17.23 20.92 -53.12
CA GLU PA 82 -16.57 20.44 -54.33
C GLU PA 82 -15.11 20.85 -54.33
N GLY PA 83 -14.39 20.36 -55.34
CA GLY PA 83 -12.98 20.64 -55.43
C GLY PA 83 -12.65 22.03 -55.94
N LYS PA 84 -11.56 22.15 -56.68
CA LYS PA 84 -11.07 23.45 -57.10
C LYS PA 84 -11.51 23.75 -58.52
N PHE PA 85 -11.81 25.01 -58.77
CA PHE PA 85 -12.31 25.43 -60.08
C PHE PA 85 -11.70 26.79 -60.39
N VAL PA 86 -10.76 26.81 -61.31
CA VAL PA 86 -10.22 28.08 -61.79
C VAL PA 86 -11.34 28.80 -62.54
N VAL PA 87 -11.79 29.92 -62.00
CA VAL PA 87 -12.94 30.60 -62.56
C VAL PA 87 -12.49 31.95 -63.10
N ASP PA 88 -13.33 32.52 -63.96
CA ASP PA 88 -13.01 33.74 -64.66
C ASP PA 88 -13.55 34.95 -63.91
N VAL PA 89 -12.89 36.08 -64.10
CA VAL PA 89 -13.25 37.31 -63.41
C VAL PA 89 -14.21 38.11 -64.28
N ASP PA 90 -15.02 38.94 -63.62
CA ASP PA 90 -15.95 39.86 -64.27
C ASP PA 90 -15.26 41.21 -64.45
N LYS PA 91 -16.01 42.24 -64.83
CA LYS PA 91 -15.48 43.58 -64.99
C LYS PA 91 -15.71 44.47 -63.78
N ASN PA 92 -16.85 44.32 -63.10
CA ASN PA 92 -17.22 45.21 -62.00
C ASN PA 92 -16.72 44.71 -60.66
N ILE PA 93 -15.64 43.95 -60.65
CA ILE PA 93 -15.11 43.38 -59.42
C ILE PA 93 -13.67 43.85 -59.24
N ASP PA 94 -13.01 43.35 -58.19
CA ASP PA 94 -11.69 43.84 -57.81
C ASP PA 94 -10.73 42.67 -57.64
N ILE PA 95 -9.71 42.61 -58.49
CA ILE PA 95 -8.63 41.66 -58.28
C ILE PA 95 -7.84 42.06 -57.04
N ASN PA 96 -7.79 43.36 -56.74
CA ASN PA 96 -7.08 43.85 -55.57
C ASN PA 96 -7.81 43.60 -54.27
N ASP PA 97 -8.98 42.96 -54.30
CA ASP PA 97 -9.65 42.50 -53.09
C ASP PA 97 -9.67 40.99 -52.98
N VAL PA 98 -8.85 40.29 -53.78
CA VAL PA 98 -8.76 38.83 -53.68
C VAL PA 98 -7.95 38.53 -52.42
N THR PA 99 -8.64 38.14 -51.37
CA THR PA 99 -8.10 37.82 -50.06
C THR PA 99 -7.92 36.32 -49.91
N PRO PA 100 -6.98 35.90 -49.07
CA PRO PA 100 -6.90 34.46 -48.75
C PRO PA 100 -8.08 34.04 -47.90
N ASN PA 101 -8.77 32.99 -48.35
CA ASN PA 101 -9.87 32.32 -47.63
C ASN PA 101 -11.03 33.28 -47.37
N CYS PA 102 -11.60 33.78 -48.47
CA CYS PA 102 -12.73 34.70 -48.43
C CYS PA 102 -13.85 34.17 -49.30
N ARG PA 103 -15.07 34.21 -48.78
CA ARG PA 103 -16.21 33.84 -49.61
C ARG PA 103 -16.50 34.96 -50.58
N VAL PA 104 -16.85 34.58 -51.80
CA VAL PA 104 -17.28 35.52 -52.82
C VAL PA 104 -18.51 34.97 -53.52
N ALA PA 105 -19.32 35.86 -54.07
CA ALA PA 105 -20.45 35.44 -54.86
C ALA PA 105 -19.97 34.98 -56.23
N LEU PA 106 -20.19 33.71 -56.54
CA LEU PA 106 -19.83 33.13 -57.82
C LEU PA 106 -21.09 32.70 -58.54
N ARG PA 107 -21.23 33.12 -59.79
CA ARG PA 107 -22.34 32.66 -60.61
C ARG PA 107 -22.24 31.16 -60.85
N ASN PA 108 -23.38 30.58 -61.22
CA ASN PA 108 -23.48 29.14 -61.34
C ASN PA 108 -23.41 28.62 -62.78
N ASP PA 109 -23.89 29.39 -63.74
CA ASP PA 109 -23.89 28.94 -65.12
C ASP PA 109 -22.48 28.95 -65.68
N SER PA 110 -21.88 30.12 -65.77
CA SER PA 110 -20.58 30.27 -66.40
C SER PA 110 -19.43 30.29 -65.40
N TYR PA 111 -19.75 30.23 -64.11
CA TYR PA 111 -18.81 30.40 -63.00
C TYR PA 111 -18.03 31.71 -63.12
N THR PA 112 -18.78 32.81 -63.17
CA THR PA 112 -18.21 34.14 -63.20
C THR PA 112 -18.38 34.79 -61.84
N LEU PA 113 -17.39 35.57 -61.42
CA LEU PA 113 -17.46 36.21 -60.12
C LEU PA 113 -18.52 37.30 -60.12
N HIS PA 114 -19.37 37.27 -59.10
CA HIS PA 114 -20.42 38.25 -58.96
C HIS PA 114 -20.06 39.34 -57.98
N LYS PA 115 -19.73 38.97 -56.74
CA LYS PA 115 -19.56 39.95 -55.68
C LYS PA 115 -18.71 39.31 -54.60
N ILE PA 116 -18.19 40.15 -53.71
CA ILE PA 116 -17.42 39.69 -52.56
C ILE PA 116 -18.38 39.42 -51.43
N LEU PA 117 -18.29 38.25 -50.83
CA LEU PA 117 -19.14 37.99 -49.67
C LEU PA 117 -18.42 38.37 -48.39
N PRO PA 118 -19.06 39.12 -47.49
CA PRO PA 118 -18.41 39.53 -46.25
C PRO PA 118 -18.43 38.40 -45.23
N ASN PA 119 -17.91 38.72 -44.03
CA ASN PA 119 -18.05 37.93 -42.81
C ASN PA 119 -17.49 36.52 -42.96
N LYS PA 120 -16.19 36.42 -43.21
CA LYS PA 120 -15.58 35.19 -43.70
C LYS PA 120 -15.64 34.00 -42.76
N VAL PA 121 -14.84 34.01 -41.69
CA VAL PA 121 -14.58 32.77 -40.96
C VAL PA 121 -14.68 32.85 -39.43
N ASP PA 122 -13.90 33.76 -38.81
CA ASP PA 122 -13.62 33.91 -37.37
C ASP PA 122 -12.98 32.67 -36.73
N PRO PA 123 -11.76 32.25 -37.15
CA PRO PA 123 -11.21 30.99 -36.63
C PRO PA 123 -10.69 31.07 -35.19
N LEU PA 124 -9.99 32.16 -34.89
CA LEU PA 124 -9.48 32.36 -33.54
C LEU PA 124 -10.63 32.63 -32.58
N VAL PA 125 -11.69 33.27 -33.07
CA VAL PA 125 -12.90 33.44 -32.29
C VAL PA 125 -13.55 32.09 -32.04
N SER PA 126 -13.45 31.16 -32.99
CA SER PA 126 -14.03 29.84 -32.82
C SER PA 126 -13.27 29.05 -31.76
N LEU PA 127 -11.94 29.10 -31.81
CA LEU PA 127 -11.15 28.45 -30.76
C LEU PA 127 -11.35 29.13 -29.41
N MET PA 128 -11.55 30.45 -29.41
CA MET PA 128 -11.84 31.17 -28.18
C MET PA 128 -13.16 30.70 -27.57
N MET PA 129 -14.17 30.51 -28.42
CA MET PA 129 -15.46 30.01 -27.97
C MET PA 129 -15.42 28.53 -27.63
N VAL PA 130 -14.44 27.79 -28.17
CA VAL PA 130 -14.15 26.47 -27.63
C VAL PA 130 -13.65 26.61 -26.20
N GLU PA 131 -12.85 27.63 -25.93
CA GLU PA 131 -12.27 27.75 -24.59
C GLU PA 131 -13.27 28.25 -23.55
N LYS PA 132 -13.81 29.46 -23.77
CA LYS PA 132 -14.59 30.22 -22.78
C LYS PA 132 -13.82 30.31 -21.45
N VAL PA 133 -12.71 31.04 -21.52
CA VAL PA 133 -11.89 31.26 -20.32
C VAL PA 133 -12.62 32.31 -19.50
N PRO PA 134 -12.36 32.42 -18.19
CA PRO PA 134 -12.93 33.54 -17.45
C PRO PA 134 -12.29 34.86 -17.85
N ASP PA 135 -13.05 35.69 -18.57
CA ASP PA 135 -12.54 36.99 -18.98
C ASP PA 135 -12.42 37.92 -17.77
N SER PA 136 -11.27 38.59 -17.66
CA SER PA 136 -10.92 39.25 -16.43
C SER PA 136 -10.34 40.63 -16.70
N THR PA 137 -10.09 41.34 -15.59
CA THR PA 137 -9.43 42.63 -15.57
C THR PA 137 -8.75 42.74 -14.20
N TYR PA 138 -8.23 43.93 -13.89
CA TYR PA 138 -7.39 44.09 -12.71
C TYR PA 138 -8.19 44.05 -11.41
N GLU PA 139 -9.45 44.49 -11.44
CA GLU PA 139 -10.21 44.76 -10.22
C GLU PA 139 -10.62 43.53 -9.41
N MET PA 140 -10.23 42.34 -9.85
CA MET PA 140 -10.72 41.11 -9.24
C MET PA 140 -9.64 40.19 -8.69
N ILE PA 141 -8.36 40.49 -8.90
CA ILE PA 141 -7.31 39.60 -8.44
C ILE PA 141 -6.64 40.27 -7.23
N GLY PA 142 -7.42 41.07 -6.51
CA GLY PA 142 -6.94 41.70 -5.30
C GLY PA 142 -6.59 40.69 -4.21
N GLY PA 143 -5.94 41.22 -3.18
CA GLY PA 143 -5.30 40.39 -2.18
C GLY PA 143 -3.84 40.14 -2.47
N LEU PA 144 -3.39 40.45 -3.69
CA LEU PA 144 -2.01 40.32 -4.07
C LEU PA 144 -1.75 41.24 -5.26
N ASP PA 145 -0.64 41.96 -5.21
CA ASP PA 145 -0.20 42.78 -6.33
C ASP PA 145 1.27 42.61 -6.68
N LYS PA 146 2.03 41.80 -5.93
CA LYS PA 146 3.44 41.61 -6.22
C LYS PA 146 3.64 40.90 -7.56
N GLN PA 147 2.97 39.76 -7.73
CA GLN PA 147 3.06 38.99 -8.97
C GLN PA 147 2.48 39.78 -10.14
N ILE PA 148 1.48 40.62 -9.86
CA ILE PA 148 0.93 41.50 -10.89
C ILE PA 148 1.99 42.47 -11.37
N LYS PA 149 2.76 43.05 -10.44
CA LYS PA 149 3.83 43.96 -10.84
C LYS PA 149 4.97 43.22 -11.52
N GLU PA 150 5.24 41.97 -11.12
CA GLU PA 150 6.25 41.16 -11.78
C GLU PA 150 5.90 40.91 -13.25
N ILE PA 151 4.66 40.51 -13.50
CA ILE PA 151 4.26 40.20 -14.86
C ILE PA 151 4.02 41.47 -15.67
N LYS PA 152 3.69 42.59 -15.01
CA LYS PA 152 3.77 43.90 -15.67
C LYS PA 152 5.18 44.16 -16.18
N GLU PA 153 6.17 44.08 -15.27
CA GLU PA 153 7.57 44.33 -15.59
C GLU PA 153 8.12 43.38 -16.66
N VAL PA 154 7.56 42.17 -16.77
CA VAL PA 154 8.13 41.18 -17.68
C VAL PA 154 7.31 41.01 -18.96
N ILE PA 155 6.09 41.55 -19.04
CA ILE PA 155 5.28 41.39 -20.24
C ILE PA 155 4.83 42.73 -20.82
N GLU PA 156 4.30 43.61 -19.97
CA GLU PA 156 3.86 44.91 -20.46
C GLU PA 156 5.03 45.74 -20.94
N LEU PA 157 6.19 45.56 -20.33
CA LEU PA 157 7.39 46.30 -20.70
C LEU PA 157 7.98 45.84 -22.03
N PRO PA 158 8.00 44.54 -22.39
CA PRO PA 158 8.24 44.21 -23.81
C PRO PA 158 7.22 44.81 -24.77
N VAL PA 159 5.96 44.89 -24.37
CA VAL PA 159 4.93 45.37 -25.29
C VAL PA 159 4.99 46.89 -25.41
N LYS PA 160 4.84 47.60 -24.29
CA LYS PA 160 4.73 49.05 -24.33
C LYS PA 160 6.04 49.69 -24.76
N HIS PA 161 7.16 49.11 -24.36
CA HIS PA 161 8.48 49.70 -24.62
C HIS PA 161 9.46 48.66 -25.14
N PRO PA 162 9.39 48.31 -26.43
CA PRO PA 162 10.52 47.59 -27.03
C PRO PA 162 11.74 48.47 -27.16
N GLU PA 163 11.53 49.79 -27.20
CA GLU PA 163 12.61 50.75 -27.36
C GLU PA 163 13.54 50.74 -26.16
N LEU PA 164 12.98 50.57 -24.96
CA LEU PA 164 13.82 50.56 -23.76
C LEU PA 164 14.68 49.31 -23.69
N PHE PA 165 14.17 48.19 -24.20
CA PHE PA 165 14.99 46.98 -24.27
C PHE PA 165 16.06 47.12 -25.34
N GLU PA 166 15.68 47.56 -26.53
CA GLU PA 166 16.63 47.63 -27.63
C GLU PA 166 17.60 48.79 -27.52
N ALA PA 167 17.35 49.75 -26.63
CA ALA PA 167 18.25 50.89 -26.49
C ALA PA 167 19.56 50.46 -25.87
N LEU PA 168 19.50 49.84 -24.70
CA LEU PA 168 20.71 49.32 -24.09
C LEU PA 168 21.21 48.06 -24.78
N GLY PA 169 20.37 47.40 -25.57
CA GLY PA 169 20.80 46.26 -26.34
C GLY PA 169 20.80 44.97 -25.54
N ILE PA 170 19.64 44.63 -25.00
CA ILE PA 170 19.46 43.41 -24.21
C ILE PA 170 18.53 42.47 -24.96
N ALA PA 171 18.62 41.19 -24.64
CA ALA PA 171 17.67 40.22 -25.17
C ALA PA 171 16.46 40.16 -24.25
N GLN PA 172 15.28 40.43 -24.80
CA GLN PA 172 14.06 40.44 -24.01
C GLN PA 172 13.64 39.03 -23.62
N PRO PA 173 13.03 38.87 -22.44
CA PRO PA 173 12.52 37.56 -22.05
C PRO PA 173 11.32 37.15 -22.88
N LYS PA 174 11.17 35.84 -23.04
CA LYS PA 174 10.19 35.28 -23.94
C LYS PA 174 9.39 34.12 -23.36
N GLY PA 175 9.89 33.44 -22.35
CA GLY PA 175 9.13 32.40 -21.68
C GLY PA 175 9.14 32.57 -20.18
N VAL PA 176 7.98 32.82 -19.60
CA VAL PA 176 7.85 33.01 -18.17
C VAL PA 176 7.12 31.79 -17.61
N LEU PA 177 7.85 30.92 -16.91
CA LEU PA 177 7.23 29.79 -16.29
C LEU PA 177 6.63 30.20 -14.95
N LEU PA 178 5.37 29.88 -14.76
CA LEU PA 178 4.68 30.16 -13.51
C LEU PA 178 4.43 28.85 -12.78
N TYR PA 179 4.45 28.90 -11.45
CA TYR PA 179 4.27 27.70 -10.66
C TYR PA 179 3.50 28.02 -9.39
N GLY PA 180 2.64 27.07 -8.97
CA GLY PA 180 1.86 27.24 -7.77
C GLY PA 180 0.71 26.26 -7.63
N PRO PA 181 0.07 26.28 -6.45
CA PRO PA 181 -1.07 25.39 -6.22
C PRO PA 181 -2.28 25.86 -7.02
N PRO PA 182 -3.22 24.97 -7.31
CA PRO PA 182 -4.43 25.38 -8.06
C PRO PA 182 -5.36 26.22 -7.22
N GLY PA 183 -6.03 27.17 -7.90
CA GLY PA 183 -6.97 28.04 -7.26
C GLY PA 183 -6.42 29.36 -6.80
N THR PA 184 -5.14 29.65 -7.05
CA THR PA 184 -4.52 30.90 -6.66
C THR PA 184 -4.48 31.88 -7.83
N GLY PA 185 -5.39 31.72 -8.77
CA GLY PA 185 -5.44 32.59 -9.94
C GLY PA 185 -4.31 32.32 -10.91
N LYS PA 186 -4.10 31.04 -11.26
CA LYS PA 186 -3.08 30.70 -12.25
C LYS PA 186 -3.49 31.05 -13.67
N THR PA 187 -4.74 31.38 -13.89
CA THR PA 187 -5.25 31.67 -15.22
C THR PA 187 -5.93 33.03 -15.29
N LEU PA 188 -6.56 33.48 -14.20
CA LEU PA 188 -7.12 34.82 -14.13
C LEU PA 188 -6.02 35.87 -14.30
N LEU PA 189 -4.82 35.57 -13.82
CA LEU PA 189 -3.68 36.48 -13.86
C LEU PA 189 -3.25 36.78 -15.29
N ALA PA 190 -2.97 35.73 -16.06
CA ALA PA 190 -2.53 35.92 -17.44
C ALA PA 190 -3.63 36.51 -18.31
N ARG PA 191 -4.88 36.20 -17.99
CA ARG PA 191 -5.99 36.76 -18.75
C ARG PA 191 -6.15 38.25 -18.48
N ALA PA 192 -5.95 38.67 -17.22
CA ALA PA 192 -5.99 40.10 -16.92
C ALA PA 192 -4.77 40.84 -17.46
N VAL PA 193 -3.63 40.15 -17.57
CA VAL PA 193 -2.46 40.74 -18.22
C VAL PA 193 -2.74 40.98 -19.70
N ALA PA 194 -3.16 39.92 -20.41
CA ALA PA 194 -3.46 40.03 -21.84
C ALA PA 194 -4.65 40.96 -22.11
N HIS PA 195 -5.53 41.18 -21.12
CA HIS PA 195 -6.61 42.14 -21.30
C HIS PA 195 -6.11 43.57 -21.23
N HIS PA 196 -5.25 43.87 -20.26
CA HIS PA 196 -4.76 45.23 -20.11
C HIS PA 196 -3.48 45.48 -20.88
N THR PA 197 -3.25 44.70 -21.93
CA THR PA 197 -2.27 45.06 -22.93
C THR PA 197 -2.77 44.84 -24.35
N ASP PA 198 -3.99 44.31 -24.53
CA ASP PA 198 -4.60 43.96 -25.81
C ASP PA 198 -3.69 43.05 -26.64
N CYS PA 199 -3.44 41.87 -26.08
CA CYS PA 199 -2.78 40.81 -26.81
C CYS PA 199 -3.75 39.66 -27.06
N THR PA 200 -3.55 38.97 -28.17
CA THR PA 200 -4.42 37.85 -28.53
C THR PA 200 -4.12 36.67 -27.61
N PHE PA 201 -5.10 36.33 -26.76
CA PHE PA 201 -4.92 35.30 -25.76
C PHE PA 201 -5.21 33.94 -26.35
N ILE PA 202 -4.33 32.97 -26.10
CA ILE PA 202 -4.37 31.66 -26.72
C ILE PA 202 -4.23 30.60 -25.64
N ARG PA 203 -5.12 29.59 -25.65
CA ARG PA 203 -5.09 28.50 -24.68
C ARG PA 203 -5.18 27.17 -25.45
N VAL PA 204 -4.03 26.63 -25.83
CA VAL PA 204 -3.96 25.35 -26.55
C VAL PA 204 -3.87 24.26 -25.50
N SER PA 205 -4.99 23.61 -25.20
CA SER PA 205 -4.91 22.67 -24.10
C SER PA 205 -4.70 21.22 -24.53
N GLY PA 206 -5.75 20.56 -25.03
CA GLY PA 206 -5.57 19.16 -25.36
C GLY PA 206 -6.49 18.50 -26.36
N SER PA 207 -7.16 19.23 -27.24
CA SER PA 207 -8.29 18.63 -27.93
C SER PA 207 -8.02 18.42 -29.41
N GLU PA 208 -8.77 17.46 -29.96
CA GLU PA 208 -8.81 17.30 -31.41
C GLU PA 208 -9.65 18.39 -32.07
N LEU PA 209 -10.56 19.01 -31.32
CA LEU PA 209 -11.16 20.27 -31.76
C LEU PA 209 -10.08 21.31 -32.01
N VAL PA 210 -9.16 21.43 -31.04
CA VAL PA 210 -8.08 22.40 -31.11
C VAL PA 210 -7.15 22.09 -32.28
N GLN PA 211 -6.75 20.83 -32.41
CA GLN PA 211 -5.84 20.44 -33.48
C GLN PA 211 -6.50 20.59 -34.86
N LYS PA 212 -7.79 20.29 -34.94
CA LYS PA 212 -8.51 20.45 -36.19
C LYS PA 212 -8.69 21.92 -36.54
N PHE PA 213 -8.73 22.82 -35.56
CA PHE PA 213 -8.79 24.23 -35.91
C PHE PA 213 -7.44 24.92 -36.02
N ILE PA 214 -6.34 24.30 -35.61
CA ILE PA 214 -5.03 24.89 -35.89
C ILE PA 214 -4.72 24.67 -37.36
N GLY PA 215 -4.64 23.42 -37.78
CA GLY PA 215 -4.55 23.09 -39.18
C GLY PA 215 -5.74 22.24 -39.56
N GLU PA 216 -5.50 20.94 -39.70
CA GLU PA 216 -6.54 19.91 -39.70
C GLU PA 216 -6.12 18.79 -38.77
N GLY PA 217 -5.43 19.14 -37.68
CA GLY PA 217 -4.75 18.16 -36.85
C GLY PA 217 -3.69 17.37 -37.58
N ALA PA 218 -3.08 17.99 -38.61
CA ALA PA 218 -2.32 17.27 -39.62
C ALA PA 218 -1.06 16.59 -39.09
N ARG PA 219 -0.04 17.35 -38.70
CA ARG PA 219 1.22 16.73 -38.33
C ARG PA 219 1.82 17.30 -37.05
N MET PA 220 1.63 18.60 -36.82
CA MET PA 220 2.24 19.23 -35.65
C MET PA 220 1.42 20.46 -35.27
N VAL PA 221 1.96 21.24 -34.33
CA VAL PA 221 1.25 22.38 -33.75
C VAL PA 221 1.79 23.71 -34.30
N ARG PA 222 2.91 23.69 -35.01
CA ARG PA 222 3.65 24.89 -35.42
C ARG PA 222 2.94 25.74 -36.46
N GLU PA 223 1.71 25.41 -36.83
CA GLU PA 223 0.83 26.35 -37.49
C GLU PA 223 0.20 27.33 -36.51
N LEU PA 224 0.43 27.12 -35.21
CA LEU PA 224 0.12 28.15 -34.23
C LEU PA 224 1.06 29.33 -34.39
N PHE PA 225 2.29 29.08 -34.85
CA PHE PA 225 3.23 30.14 -35.20
C PHE PA 225 2.67 31.02 -36.31
N VAL PA 226 1.92 30.42 -37.24
CA VAL PA 226 1.23 31.20 -38.27
C VAL PA 226 0.19 32.10 -37.62
N MET PA 227 -0.57 31.58 -36.67
CA MET PA 227 -1.49 32.40 -35.91
C MET PA 227 -0.79 33.22 -34.82
N ALA PA 228 0.51 33.01 -34.61
CA ALA PA 228 1.25 33.83 -33.67
C ALA PA 228 1.78 35.11 -34.34
N ARG PA 229 2.55 34.94 -35.43
CA ARG PA 229 3.14 36.08 -36.12
C ARG PA 229 2.08 37.00 -36.70
N GLU PA 230 1.11 36.43 -37.41
CA GLU PA 230 0.08 37.21 -38.08
C GLU PA 230 -0.89 37.88 -37.12
N HIS PA 231 -0.86 37.48 -35.85
CA HIS PA 231 -1.64 38.08 -34.79
C HIS PA 231 -0.67 38.46 -33.67
N ALA PA 232 0.37 39.21 -34.08
CA ALA PA 232 1.63 39.41 -33.36
C ALA PA 232 1.55 39.75 -31.87
N PRO PA 233 0.55 40.51 -31.36
CA PRO PA 233 0.37 40.53 -29.91
C PRO PA 233 -0.19 39.22 -29.40
N SER PA 234 0.65 38.22 -29.19
CA SER PA 234 0.20 36.86 -28.88
C SER PA 234 0.69 36.45 -27.50
N ILE PA 235 -0.24 36.07 -26.64
CA ILE PA 235 0.06 35.48 -25.33
C ILE PA 235 -0.62 34.12 -25.29
N ILE PA 236 0.17 33.08 -25.18
CA ILE PA 236 -0.30 31.70 -25.27
C ILE PA 236 -0.27 31.10 -23.88
N PHE PA 237 -1.32 30.36 -23.52
CA PHE PA 237 -1.42 29.80 -22.19
C PHE PA 237 -1.57 28.28 -22.26
N MET PA 238 -0.94 27.59 -21.32
CA MET PA 238 -0.93 26.14 -21.25
C MET PA 238 -1.27 25.68 -19.84
N ASP PA 239 -1.68 24.42 -19.73
CA ASP PA 239 -2.05 23.83 -18.46
C ASP PA 239 -0.96 22.84 -18.03
N GLU PA 240 -1.21 22.14 -16.93
CA GLU PA 240 -0.28 21.22 -16.30
C GLU PA 240 0.17 20.07 -17.19
N SER PA 257 3.28 14.30 -19.46
CA SER PA 257 4.54 14.87 -19.92
C SER PA 257 4.47 15.29 -21.38
N GLU PA 258 3.25 15.32 -21.91
CA GLU PA 258 3.02 15.64 -23.32
C GLU PA 258 2.85 17.13 -23.58
N VAL PA 259 2.10 17.82 -22.72
CA VAL PA 259 1.93 19.27 -22.83
C VAL PA 259 3.28 19.96 -22.74
N GLN PA 260 4.14 19.48 -21.85
CA GLN PA 260 5.49 19.99 -21.74
C GLN PA 260 6.32 19.65 -22.97
N ARG PA 261 6.04 18.52 -23.62
CA ARG PA 261 6.73 18.19 -24.86
C ARG PA 261 6.35 19.15 -25.99
N THR PA 262 5.05 19.51 -26.07
CA THR PA 262 4.61 20.48 -27.06
C THR PA 262 5.22 21.85 -26.79
N MET PA 263 5.27 22.25 -25.52
CA MET PA 263 5.96 23.47 -25.13
C MET PA 263 7.43 23.42 -25.46
N LEU PA 264 8.06 22.24 -25.35
CA LEU PA 264 9.46 22.09 -25.72
C LEU PA 264 9.68 22.31 -27.21
N GLU PA 265 8.78 21.79 -28.06
CA GLU PA 265 8.88 22.08 -29.50
C GLU PA 265 8.76 23.57 -29.78
N LEU PA 266 7.76 24.21 -29.16
CA LEU PA 266 7.52 25.63 -29.39
C LEU PA 266 8.72 26.48 -28.97
N LEU PA 267 9.24 26.23 -27.77
CA LEU PA 267 10.36 26.99 -27.27
C LEU PA 267 11.69 26.60 -27.92
N ASN PA 268 11.76 25.44 -28.56
CA ASN PA 268 12.93 25.10 -29.34
C ASN PA 268 12.94 25.76 -30.71
N GLN PA 269 11.80 26.26 -31.20
CA GLN PA 269 11.92 27.13 -32.37
C GLN PA 269 11.92 28.61 -32.05
N LEU PA 270 11.07 29.08 -31.14
CA LEU PA 270 10.86 30.52 -31.01
C LEU PA 270 12.04 31.27 -30.38
N ASP PA 271 12.99 30.57 -29.77
CA ASP PA 271 14.16 31.21 -29.18
C ASP PA 271 15.16 31.57 -30.29
N GLY PA 272 14.95 32.74 -30.87
CA GLY PA 272 15.93 33.31 -31.78
C GLY PA 272 15.98 32.73 -33.18
N PHE PA 273 15.19 31.71 -33.49
CA PHE PA 273 15.20 31.12 -34.82
C PHE PA 273 13.84 31.39 -35.45
N GLU PA 274 13.33 32.60 -35.22
CA GLU PA 274 12.00 32.99 -35.69
C GLU PA 274 12.01 34.52 -35.75
N ALA PA 275 10.83 35.14 -35.83
CA ALA PA 275 10.65 36.50 -36.31
C ALA PA 275 10.18 37.40 -35.16
N THR PA 276 9.64 38.58 -35.52
CA THR PA 276 9.26 39.66 -34.62
C THR PA 276 8.49 39.19 -33.38
N LYS PA 277 8.87 39.74 -32.22
CA LYS PA 277 8.39 39.32 -30.91
C LYS PA 277 7.00 39.85 -30.58
N ASN PA 278 6.74 39.96 -29.27
CA ASN PA 278 5.43 39.94 -28.58
C ASN PA 278 4.79 38.56 -28.68
N ILE PA 279 5.63 37.52 -28.78
CA ILE PA 279 5.19 36.14 -28.79
C ILE PA 279 5.74 35.51 -27.51
N LYS PA 280 4.92 35.46 -26.46
CA LYS PA 280 5.35 34.93 -25.18
C LYS PA 280 4.33 33.91 -24.69
N VAL PA 281 4.83 32.79 -24.16
CA VAL PA 281 3.97 31.72 -23.67
C VAL PA 281 4.00 31.73 -22.15
N ILE PA 282 2.94 31.16 -21.58
CA ILE PA 282 2.75 31.13 -20.13
C ILE PA 282 2.22 29.75 -19.75
N MET PA 283 2.96 29.04 -18.91
CA MET PA 283 2.48 27.80 -18.32
C MET PA 283 2.48 27.95 -16.81
N ALA PA 284 1.34 27.65 -16.18
CA ALA PA 284 1.20 27.72 -14.74
C ALA PA 284 0.71 26.37 -14.24
N THR PA 285 1.54 25.70 -13.44
CA THR PA 285 1.23 24.39 -12.89
C THR PA 285 1.77 24.32 -11.47
N ASN PA 286 1.82 23.12 -10.93
CA ASN PA 286 2.56 22.83 -9.71
C ASN PA 286 3.61 21.76 -10.02
N ARG PA 287 4.30 21.31 -8.97
CA ARG PA 287 5.31 20.25 -9.02
C ARG PA 287 6.41 20.59 -10.00
N ILE PA 288 7.27 21.53 -9.62
CA ILE PA 288 8.19 22.20 -10.54
C ILE PA 288 9.23 21.22 -11.11
N ASP PA 289 9.58 20.17 -10.38
CA ASP PA 289 10.72 19.35 -10.80
C ASP PA 289 10.36 18.36 -11.90
N ILE PA 290 9.08 17.99 -12.05
CA ILE PA 290 8.77 16.96 -13.04
C ILE PA 290 8.83 17.48 -14.47
N LEU PA 291 8.65 18.78 -14.68
CA LEU PA 291 9.00 19.31 -15.99
C LEU PA 291 10.51 19.41 -16.11
N ASP PA 292 10.98 19.41 -17.36
CA ASP PA 292 12.38 19.15 -17.67
C ASP PA 292 13.29 20.26 -17.13
N SER PA 293 14.55 19.90 -16.93
CA SER PA 293 15.55 20.83 -16.45
C SER PA 293 16.31 21.49 -17.59
N ALA PA 294 16.45 20.80 -18.73
CA ALA PA 294 16.88 21.47 -19.95
C ALA PA 294 15.86 22.50 -20.40
N LEU PA 295 14.59 22.24 -20.11
CA LEU PA 295 13.55 23.25 -20.21
C LEU PA 295 13.87 24.45 -19.32
N LEU PA 296 14.35 24.18 -18.10
CA LEU PA 296 14.74 25.25 -17.19
C LEU PA 296 16.20 25.63 -17.33
N ARG PA 297 16.76 25.48 -18.53
CA ARG PA 297 18.00 26.16 -18.85
C ARG PA 297 17.78 27.66 -18.71
N PRO PA 298 18.68 28.38 -18.03
CA PRO PA 298 18.44 29.80 -17.76
C PRO PA 298 18.42 30.70 -18.98
N GLY PA 299 18.93 30.23 -20.12
CA GLY PA 299 18.80 30.97 -21.37
C GLY PA 299 17.56 30.58 -22.14
N ARG PA 300 16.63 29.91 -21.46
CA ARG PA 300 15.38 29.46 -22.04
C ARG PA 300 14.17 29.88 -21.21
N ILE PA 301 14.28 29.86 -19.88
CA ILE PA 301 13.22 30.30 -18.99
C ILE PA 301 13.86 31.15 -17.89
N ASP PA 302 13.33 32.35 -17.68
CA ASP PA 302 13.96 33.34 -16.82
C ASP PA 302 13.26 33.50 -15.48
N ARG PA 303 11.99 33.87 -15.49
CA ARG PA 303 11.31 34.37 -14.30
C ARG PA 303 10.34 33.32 -13.78
N LYS PA 304 10.82 32.46 -12.90
CA LYS PA 304 9.98 31.50 -12.22
C LYS PA 304 9.33 32.21 -11.06
N ILE PA 305 8.02 32.42 -11.13
CA ILE PA 305 7.31 33.29 -10.22
C ILE PA 305 6.37 32.43 -9.38
N GLU PA 306 6.59 32.43 -8.07
CA GLU PA 306 5.80 31.61 -7.17
C GLU PA 306 4.38 32.14 -7.06
N PHE PA 307 3.50 31.26 -6.58
CA PHE PA 307 2.10 31.59 -6.34
C PHE PA 307 1.80 31.28 -4.88
N PRO PA 308 1.40 32.25 -4.08
CA PRO PA 308 1.19 32.00 -2.66
C PRO PA 308 -0.21 31.53 -2.39
N PRO PA 309 -0.44 30.81 -1.29
CA PRO PA 309 -1.80 30.64 -0.81
C PRO PA 309 -2.33 31.97 -0.29
N PRO PA 310 -3.64 32.22 -0.42
CA PRO PA 310 -4.19 33.50 0.01
C PRO PA 310 -4.18 33.62 1.54
N ASN PA 311 -3.53 34.66 2.02
CA ASN PA 311 -3.41 34.93 3.45
C ASN PA 311 -4.68 35.63 3.95
N GLU PA 312 -4.66 36.04 5.23
CA GLU PA 312 -5.86 36.49 5.93
C GLU PA 312 -6.45 37.74 5.31
N GLU PA 313 -5.64 38.79 5.15
CA GLU PA 313 -6.10 39.96 4.43
C GLU PA 313 -6.31 39.66 2.95
N ALA PA 314 -5.54 38.72 2.39
CA ALA PA 314 -5.73 38.34 1.00
C ALA PA 314 -7.05 37.61 0.80
N ARG PA 315 -7.38 36.69 1.72
CA ARG PA 315 -8.69 36.05 1.70
C ARG PA 315 -9.80 37.06 1.96
N LEU PA 316 -9.51 38.08 2.78
CA LEU PA 316 -10.47 39.16 3.01
C LEU PA 316 -10.76 39.92 1.72
N ASP PA 317 -9.72 40.22 0.96
CA ASP PA 317 -9.90 40.98 -0.28
C ASP PA 317 -10.58 40.14 -1.35
N ILE PA 318 -10.22 38.84 -1.42
CA ILE PA 318 -10.91 37.90 -2.31
C ILE PA 318 -12.38 37.81 -1.94
N LEU PA 319 -12.67 37.80 -0.64
CA LEU PA 319 -14.05 37.78 -0.16
C LEU PA 319 -14.80 39.06 -0.54
N LYS PA 320 -14.14 40.22 -0.40
CA LYS PA 320 -14.78 41.48 -0.73
C LYS PA 320 -15.05 41.60 -2.21
N ILE PA 321 -14.17 41.06 -3.05
CA ILE PA 321 -14.42 41.07 -4.49
C ILE PA 321 -15.53 40.11 -4.86
N HIS PA 322 -15.45 38.86 -4.39
CA HIS PA 322 -16.43 37.86 -4.76
C HIS PA 322 -17.75 37.99 -4.01
N SER PA 323 -17.86 38.93 -3.08
CA SER PA 323 -19.11 39.17 -2.36
C SER PA 323 -19.68 40.57 -2.54
N ARG PA 324 -18.89 41.50 -3.08
CA ARG PA 324 -19.28 42.92 -3.11
C ARG PA 324 -20.47 43.14 -4.02
N LYS PA 325 -20.60 42.35 -5.07
CA LYS PA 325 -21.62 42.56 -6.08
C LYS PA 325 -22.91 41.80 -5.80
N MET PA 326 -23.10 41.30 -4.58
CA MET PA 326 -24.30 40.57 -4.24
C MET PA 326 -25.27 41.43 -3.41
N ASN PA 327 -26.33 40.79 -2.94
CA ASN PA 327 -27.42 41.43 -2.21
C ASN PA 327 -27.30 41.05 -0.73
N LEU PA 328 -26.53 41.84 0.02
CA LEU PA 328 -26.26 41.55 1.42
C LEU PA 328 -27.38 42.03 2.34
N THR PA 329 -27.36 41.51 3.55
CA THR PA 329 -28.13 42.08 4.65
C THR PA 329 -27.54 43.42 5.06
N ARG PA 330 -28.40 44.41 5.29
CA ARG PA 330 -27.98 45.67 5.88
C ARG PA 330 -27.48 45.41 7.29
N GLY PA 331 -26.17 45.46 7.46
CA GLY PA 331 -25.50 44.98 8.66
C GLY PA 331 -24.77 43.66 8.39
N ILE PA 332 -23.46 43.74 8.22
CA ILE PA 332 -22.64 42.58 7.88
C ILE PA 332 -21.22 42.86 8.31
N ASN PA 333 -20.48 41.80 8.63
CA ASN PA 333 -19.04 41.86 8.85
C ASN PA 333 -18.37 40.90 7.89
N LEU PA 334 -17.12 41.19 7.54
CA LEU PA 334 -16.38 40.37 6.59
C LEU PA 334 -15.08 39.78 7.14
N ARG PA 335 -14.45 40.45 8.11
CA ARG PA 335 -13.17 39.96 8.62
C ARG PA 335 -13.31 38.69 9.44
N LYS PA 336 -14.47 38.53 10.10
CA LYS PA 336 -14.77 37.28 10.80
C LYS PA 336 -14.79 36.11 9.83
N ILE PA 337 -15.45 36.29 8.70
CA ILE PA 337 -15.51 35.26 7.65
C ILE PA 337 -14.12 35.00 7.09
N ALA PA 338 -13.33 36.06 6.93
CA ALA PA 338 -11.98 35.93 6.41
C ALA PA 338 -11.08 35.17 7.38
N GLU PA 339 -11.33 35.28 8.68
CA GLU PA 339 -10.57 34.54 9.66
C GLU PA 339 -11.18 33.18 9.96
N LEU PA 340 -12.35 32.89 9.41
CA LEU PA 340 -12.87 31.51 9.47
C LEU PA 340 -12.07 30.59 8.55
N MET PA 341 -11.71 31.07 7.38
CA MET PA 341 -10.99 30.24 6.42
C MET PA 341 -9.52 30.12 6.83
N PRO PA 342 -8.98 28.91 6.92
CA PRO PA 342 -7.54 28.77 7.13
C PRO PA 342 -6.76 28.79 5.82
N GLY PA 343 -7.41 29.25 4.74
CA GLY PA 343 -6.84 29.26 3.42
C GLY PA 343 -7.60 28.39 2.44
N ALA PA 344 -8.37 29.04 1.57
CA ALA PA 344 -9.16 28.43 0.51
C ALA PA 344 -8.44 28.62 -0.82
N SER PA 345 -9.10 28.23 -1.90
CA SER PA 345 -8.65 28.62 -3.23
C SER PA 345 -9.32 29.94 -3.58
N GLY PA 346 -9.21 30.38 -4.84
CA GLY PA 346 -9.88 31.59 -5.25
C GLY PA 346 -11.35 31.35 -5.51
N ALA PA 347 -11.66 30.27 -6.22
CA ALA PA 347 -13.03 29.98 -6.60
C ALA PA 347 -13.80 29.21 -5.53
N GLU PA 348 -13.20 28.98 -4.36
CA GLU PA 348 -14.00 28.44 -3.26
C GLU PA 348 -14.73 29.53 -2.52
N VAL PA 349 -14.13 30.72 -2.43
CA VAL PA 349 -14.77 31.85 -1.78
C VAL PA 349 -15.99 32.31 -2.57
N LYS PA 350 -15.93 32.23 -3.89
CA LYS PA 350 -17.08 32.50 -4.75
C LYS PA 350 -18.22 31.54 -4.46
N GLY PA 351 -17.89 30.25 -4.33
CA GLY PA 351 -18.89 29.26 -3.94
C GLY PA 351 -19.46 29.52 -2.56
N VAL PA 352 -18.63 29.98 -1.63
CA VAL PA 352 -19.09 30.42 -0.30
C VAL PA 352 -20.16 31.50 -0.43
N CYS PA 353 -19.86 32.51 -1.24
CA CYS PA 353 -20.77 33.65 -1.39
C CYS PA 353 -22.08 33.23 -2.06
N THR PA 354 -21.99 32.48 -3.16
CA THR PA 354 -23.19 32.10 -3.90
C THR PA 354 -24.04 31.12 -3.13
N GLU PA 355 -23.44 30.19 -2.40
CA GLU PA 355 -24.27 29.28 -1.62
C GLU PA 355 -24.75 29.91 -0.33
N ALA PA 356 -24.09 30.97 0.16
CA ALA PA 356 -24.71 31.77 1.21
C ALA PA 356 -25.93 32.51 0.68
N GLY PA 357 -25.89 32.95 -0.57
CA GLY PA 357 -27.10 33.47 -1.21
C GLY PA 357 -28.17 32.41 -1.36
N MET PA 358 -27.77 31.17 -1.64
CA MET PA 358 -28.70 30.06 -1.66
C MET PA 358 -29.32 29.82 -0.29
N TYR PA 359 -28.49 29.91 0.76
CA TYR PA 359 -28.96 29.81 2.14
C TYR PA 359 -29.91 30.94 2.51
N ALA PA 360 -29.73 32.11 1.90
CA ALA PA 360 -30.67 33.19 2.09
C ALA PA 360 -31.98 32.92 1.35
N LEU PA 361 -31.91 32.33 0.15
CA LEU PA 361 -33.12 32.12 -0.62
C LEU PA 361 -33.94 30.92 -0.13
N ARG PA 362 -33.29 29.92 0.46
CA ARG PA 362 -34.04 28.81 1.03
C ARG PA 362 -34.82 29.23 2.28
N GLU PA 363 -34.45 30.33 2.92
CA GLU PA 363 -35.27 30.98 3.94
C GLU PA 363 -36.09 32.12 3.37
N ARG PA 364 -36.31 32.11 2.05
CA ARG PA 364 -37.19 33.03 1.32
C ARG PA 364 -36.75 34.48 1.50
N ARG PA 365 -35.44 34.71 1.44
CA ARG PA 365 -34.90 36.04 1.59
C ARG PA 365 -33.90 36.31 0.47
N VAL PA 366 -33.69 37.59 0.23
CA VAL PA 366 -32.69 38.06 -0.71
C VAL PA 366 -31.53 38.74 -0.02
N HIS PA 367 -31.54 38.80 1.30
CA HIS PA 367 -30.48 39.42 2.07
C HIS PA 367 -29.64 38.36 2.77
N VAL PA 368 -28.33 38.60 2.83
CA VAL PA 368 -27.37 37.58 3.22
C VAL PA 368 -26.78 37.98 4.57
N THR PA 369 -27.23 37.31 5.62
CA THR PA 369 -26.74 37.55 6.97
C THR PA 369 -25.37 36.90 7.16
N GLN PA 370 -24.85 36.95 8.37
CA GLN PA 370 -23.61 36.25 8.66
C GLN PA 370 -23.82 34.75 8.84
N GLU PA 371 -25.02 34.31 9.22
CA GLU PA 371 -25.27 32.90 9.48
C GLU PA 371 -25.32 32.09 8.19
N ASP PA 372 -25.66 32.74 7.07
CA ASP PA 372 -25.49 32.11 5.76
C ASP PA 372 -24.01 31.80 5.51
N PHE PA 373 -23.12 32.72 5.86
CA PHE PA 373 -21.69 32.45 5.79
C PHE PA 373 -21.27 31.41 6.81
N GLU PA 374 -21.92 31.37 7.97
CA GLU PA 374 -21.60 30.36 8.99
C GLU PA 374 -21.96 28.97 8.51
N MET PA 375 -22.98 28.86 7.66
CA MET PA 375 -23.29 27.58 7.03
C MET PA 375 -22.41 27.29 5.81
N ALA PA 376 -22.02 28.33 5.07
CA ALA PA 376 -21.23 28.12 3.85
C ALA PA 376 -19.78 27.76 4.16
N VAL PA 377 -19.22 28.32 5.23
CA VAL PA 377 -17.91 27.92 5.71
C VAL PA 377 -17.90 26.44 6.07
N ALA PA 378 -18.94 25.97 6.74
CA ALA PA 378 -19.03 24.54 7.05
C ALA PA 378 -19.28 23.70 5.81
N LYS PA 379 -19.95 24.26 4.80
CA LYS PA 379 -20.16 23.52 3.56
C LYS PA 379 -18.85 23.29 2.82
N VAL PA 380 -17.99 24.31 2.78
CA VAL PA 380 -16.71 24.17 2.09
C VAL PA 380 -15.68 23.46 2.99
N MET PA 381 -15.92 23.46 4.31
CA MET PA 381 -15.03 22.84 5.31
C MET PA 381 -14.77 21.36 5.07
N GLN PA 382 -15.66 20.66 4.35
CA GLN PA 382 -15.51 19.24 4.04
C GLN PA 382 -14.38 18.95 3.05
N LYS PA 383 -13.68 19.99 2.62
CA LYS PA 383 -12.43 19.85 1.89
C LYS PA 383 -11.37 19.18 2.77
N ASP PA 384 -11.15 19.68 3.98
CA ASP PA 384 -10.15 19.08 4.84
C ASP PA 384 -10.59 19.13 6.30
N SER PA 385 -10.40 18.00 6.96
CA SER PA 385 -10.83 17.71 8.31
C SER PA 385 -9.84 16.64 8.73
N GLU PA 386 -10.31 15.62 9.45
CA GLU PA 386 -9.67 14.30 9.51
C GLU PA 386 -8.29 14.28 10.18
N LYS PA 387 -8.33 14.16 11.51
CA LYS PA 387 -7.11 14.08 12.30
C LYS PA 387 -7.23 12.88 13.23
N ASN PA 388 -6.29 12.74 14.17
CA ASN PA 388 -5.44 11.53 14.34
C ASN PA 388 -4.51 11.36 13.13
N MET PA 389 -4.20 12.48 12.47
CA MET PA 389 -3.09 12.58 11.53
C MET PA 389 -2.25 13.82 11.82
N SER PA 390 -1.89 13.99 13.09
CA SER PA 390 -0.75 14.82 13.50
C SER PA 390 -0.02 13.81 14.38
N ILE PA 391 0.75 12.90 13.76
CA ILE PA 391 1.97 13.04 12.93
C ILE PA 391 2.23 14.24 12.01
N LYS PA 392 3.46 14.77 12.21
CA LYS PA 392 4.34 15.66 11.39
C LYS PA 392 4.47 16.98 12.14
N ASP QA 1 -57.80 95.09 -75.44
CA ASP QA 1 -56.76 94.08 -75.23
C ASP QA 1 -57.35 92.88 -74.52
N LEU QA 2 -58.65 92.95 -74.24
CA LEU QA 2 -59.31 91.94 -73.43
C LEU QA 2 -59.63 90.68 -74.21
N TYR QA 3 -60.06 90.81 -75.47
CA TYR QA 3 -60.63 89.68 -76.21
C TYR QA 3 -59.60 88.60 -76.50
N SER QA 4 -58.32 88.97 -76.51
CA SER QA 4 -57.27 87.98 -76.60
C SER QA 4 -57.13 87.14 -75.33
N ARG QA 5 -57.61 87.62 -74.18
CA ARG QA 5 -57.28 86.94 -72.93
C ARG QA 5 -58.09 85.66 -72.73
N TYR QA 6 -59.42 85.76 -72.83
CA TYR QA 6 -60.20 84.53 -72.75
C TYR QA 6 -60.19 83.77 -74.06
N LYS QA 7 -59.45 84.18 -75.06
CA LYS QA 7 -59.30 83.27 -76.18
C LYS QA 7 -58.09 82.36 -75.99
N LYS QA 8 -57.20 82.74 -75.08
CA LYS QA 8 -56.13 81.86 -74.62
C LYS QA 8 -56.58 81.00 -73.45
N LEU QA 9 -57.11 81.64 -72.41
CA LEU QA 9 -57.22 80.95 -71.12
C LEU QA 9 -58.43 80.02 -71.09
N GLN QA 10 -59.48 80.32 -71.87
CA GLN QA 10 -60.58 79.38 -72.04
C GLN QA 10 -60.13 78.10 -72.72
N GLN QA 11 -59.30 78.23 -73.76
CA GLN QA 11 -58.73 77.05 -74.42
C GLN QA 11 -57.81 76.28 -73.48
N GLU QA 12 -57.03 77.00 -72.66
CA GLU QA 12 -56.24 76.36 -71.62
C GLU QA 12 -57.12 75.58 -70.65
N LEU QA 13 -58.25 76.18 -70.27
CA LEU QA 13 -59.13 75.57 -69.28
C LEU QA 13 -59.80 74.32 -69.82
N GLU QA 14 -60.20 74.35 -71.09
CA GLU QA 14 -60.88 73.17 -71.60
C GLU QA 14 -59.89 72.06 -71.96
N PHE QA 15 -58.67 72.42 -72.40
CA PHE QA 15 -57.61 71.42 -72.50
C PHE QA 15 -57.30 70.79 -71.16
N LEU QA 16 -57.31 71.60 -70.09
CA LEU QA 16 -56.97 71.04 -68.79
C LEU QA 16 -58.11 70.20 -68.23
N GLU QA 17 -59.36 70.53 -68.56
CA GLU QA 17 -60.46 69.65 -68.17
C GLU QA 17 -60.43 68.33 -68.93
N VAL QA 18 -60.02 68.36 -70.20
CA VAL QA 18 -59.78 67.18 -71.01
C VAL QA 18 -58.79 66.24 -70.32
N GLN QA 19 -57.59 66.73 -70.01
CA GLN QA 19 -56.65 65.82 -69.35
C GLN QA 19 -57.00 65.53 -67.89
N GLU QA 20 -57.76 66.39 -67.23
CA GLU QA 20 -58.16 66.10 -65.86
C GLU QA 20 -59.18 64.98 -65.82
N GLU QA 21 -59.99 64.84 -66.87
CA GLU QA 21 -60.85 63.68 -66.96
C GLU QA 21 -60.06 62.43 -67.36
N TYR QA 22 -59.00 62.60 -68.15
CA TYR QA 22 -58.28 61.42 -68.65
C TYR QA 22 -57.45 60.75 -67.57
N ILE QA 23 -56.74 61.55 -66.77
CA ILE QA 23 -55.78 61.05 -65.78
C ILE QA 23 -56.46 60.22 -64.69
N LYS QA 24 -57.73 60.48 -64.43
CA LYS QA 24 -58.50 59.65 -63.49
C LYS QA 24 -58.59 58.21 -63.95
N ASP QA 25 -59.03 58.00 -65.20
CA ASP QA 25 -59.11 56.66 -65.76
C ASP QA 25 -57.73 56.06 -65.99
N GLU QA 26 -56.72 56.90 -66.23
CA GLU QA 26 -55.32 56.45 -66.24
C GLU QA 26 -54.94 55.77 -64.94
N GLN QA 27 -55.11 56.50 -63.84
CA GLN QA 27 -54.77 55.98 -62.51
C GLN QA 27 -55.65 54.78 -62.15
N LYS QA 28 -56.86 54.74 -62.70
CA LYS QA 28 -57.71 53.57 -62.57
C LYS QA 28 -57.08 52.34 -63.22
N ASN QA 29 -56.72 52.45 -64.51
CA ASN QA 29 -56.20 51.30 -65.26
C ASN QA 29 -54.84 50.85 -64.73
N LEU QA 30 -54.10 51.75 -64.07
CA LEU QA 30 -52.86 51.35 -63.42
C LEU QA 30 -53.10 50.35 -62.31
N LYS QA 31 -54.22 50.46 -61.59
CA LYS QA 31 -54.48 49.48 -60.54
C LYS QA 31 -54.82 48.11 -61.10
N LYS QA 32 -55.40 48.03 -62.31
CA LYS QA 32 -55.65 46.72 -62.92
C LYS QA 32 -54.33 46.08 -63.34
N GLU QA 33 -53.43 46.89 -63.92
CA GLU QA 33 -52.10 46.36 -64.20
C GLU QA 33 -51.36 45.98 -62.94
N PHE QA 34 -51.64 46.66 -61.84
CA PHE QA 34 -51.08 46.35 -60.54
C PHE QA 34 -51.63 45.03 -59.98
N LEU QA 35 -52.91 44.75 -60.23
CA LEU QA 35 -53.47 43.47 -59.79
C LEU QA 35 -52.93 42.32 -60.61
N HIS QA 36 -52.72 42.52 -61.92
CA HIS QA 36 -52.01 41.53 -62.72
C HIS QA 36 -50.61 41.29 -62.17
N ALA QA 37 -49.93 42.35 -61.75
CA ALA QA 37 -48.62 42.22 -61.12
C ALA QA 37 -48.70 41.48 -59.80
N GLN QA 38 -49.79 41.69 -59.06
CA GLN QA 38 -50.01 40.96 -57.82
C GLN QA 38 -50.15 39.47 -58.06
N GLU QA 39 -50.93 39.09 -59.07
CA GLU QA 39 -51.07 37.66 -59.36
C GLU QA 39 -49.76 37.05 -59.85
N GLU QA 40 -49.00 37.83 -60.64
CA GLU QA 40 -47.65 37.43 -61.03
C GLU QA 40 -46.73 37.25 -59.82
N VAL QA 41 -46.95 38.01 -58.75
CA VAL QA 41 -46.19 37.79 -57.53
C VAL QA 41 -46.67 36.53 -56.82
N LYS QA 42 -48.00 36.37 -56.73
CA LYS QA 42 -48.59 35.29 -55.94
C LYS QA 42 -48.30 33.92 -56.56
N ARG QA 43 -48.16 33.85 -57.87
CA ARG QA 43 -47.99 32.53 -58.47
C ARG QA 43 -46.56 32.01 -58.39
N ILE QA 44 -45.66 32.67 -57.66
CA ILE QA 44 -44.30 32.18 -57.51
C ILE QA 44 -44.22 31.01 -56.52
N GLN QA 45 -45.29 30.75 -55.77
CA GLN QA 45 -45.31 29.66 -54.78
C GLN QA 45 -46.69 28.98 -54.81
N SER QA 46 -46.78 27.87 -55.55
CA SER QA 46 -48.01 27.11 -55.59
C SER QA 46 -47.82 25.62 -55.40
N ILE QA 47 -47.22 24.94 -56.37
CA ILE QA 47 -46.99 23.51 -56.33
C ILE QA 47 -45.73 23.16 -55.54
N PRO QA 48 -44.51 23.75 -55.82
CA PRO QA 48 -43.36 23.24 -55.08
C PRO QA 48 -43.19 23.97 -53.78
N LEU QA 49 -42.18 23.56 -53.03
CA LEU QA 49 -41.31 24.33 -52.15
C LEU QA 49 -40.14 23.44 -51.80
N VAL QA 50 -38.97 24.02 -51.66
CA VAL QA 50 -37.74 23.29 -51.34
C VAL QA 50 -37.14 23.92 -50.09
N ILE QA 51 -37.37 23.26 -48.96
CA ILE QA 51 -37.04 23.81 -47.65
C ILE QA 51 -35.53 23.86 -47.49
N GLY QA 52 -35.01 25.06 -47.20
CA GLY QA 52 -33.69 25.22 -46.68
C GLY QA 52 -33.71 25.82 -45.29
N GLN QA 53 -32.60 26.44 -44.93
CA GLN QA 53 -32.59 27.26 -43.72
C GLN QA 53 -31.71 28.48 -43.98
N PHE QA 54 -32.07 29.58 -43.34
CA PHE QA 54 -31.40 30.84 -43.55
C PHE QA 54 -30.05 30.84 -42.84
N LEU QA 55 -29.00 31.14 -43.59
CA LEU QA 55 -27.65 31.13 -43.02
C LEU QA 55 -27.15 32.53 -42.70
N GLU QA 56 -27.06 33.40 -43.70
CA GLU QA 56 -26.56 34.75 -43.49
C GLU QA 56 -27.36 35.73 -44.34
N ALA QA 57 -27.27 36.99 -43.95
CA ALA QA 57 -27.82 38.11 -44.72
C ALA QA 57 -26.66 39.03 -45.09
N VAL QA 58 -26.41 39.17 -46.40
CA VAL QA 58 -25.46 40.18 -46.86
C VAL QA 58 -26.01 41.57 -46.55
N ASP QA 59 -27.13 41.90 -47.17
CA ASP QA 59 -27.74 43.22 -47.11
C ASP QA 59 -29.20 43.04 -47.51
N GLN QA 60 -29.85 44.14 -47.89
CA GLN QA 60 -31.15 44.02 -48.52
C GLN QA 60 -31.01 43.33 -49.87
N ASN QA 61 -32.07 42.57 -50.22
CA ASN QA 61 -32.29 41.89 -51.51
C ASN QA 61 -31.14 40.97 -51.94
N THR QA 62 -30.39 40.44 -50.96
CA THR QA 62 -29.29 39.51 -51.18
C THR QA 62 -28.90 38.78 -49.89
N ALA QA 63 -28.87 37.45 -49.93
CA ALA QA 63 -28.55 36.67 -48.74
C ALA QA 63 -27.86 35.37 -49.14
N ILE QA 64 -27.41 34.63 -48.12
CA ILE QA 64 -26.88 33.28 -48.30
C ILE QA 64 -27.76 32.32 -47.50
N VAL QA 65 -28.26 31.30 -48.17
CA VAL QA 65 -28.96 30.22 -47.50
C VAL QA 65 -28.33 28.89 -47.88
N GLY QA 66 -28.34 27.96 -46.93
CA GLY QA 66 -27.95 26.61 -47.19
C GLY QA 66 -29.19 25.75 -47.31
N SER QA 67 -29.52 25.35 -48.53
CA SER QA 67 -30.67 24.49 -48.74
C SER QA 67 -30.39 23.08 -48.21
N THR QA 68 -31.44 22.28 -48.11
CA THR QA 68 -31.32 20.92 -47.62
C THR QA 68 -30.95 19.93 -48.71
N THR QA 69 -30.39 20.40 -49.81
CA THR QA 69 -29.55 19.57 -50.67
C THR QA 69 -28.13 19.46 -50.12
N GLY QA 70 -27.86 20.09 -48.97
CA GLY QA 70 -26.55 20.11 -48.38
C GLY QA 70 -25.68 21.25 -48.88
N SER QA 71 -25.88 21.68 -50.12
CA SER QA 71 -25.06 22.72 -50.71
C SER QA 71 -25.50 24.08 -50.17
N ASN QA 72 -24.91 25.14 -50.71
CA ASN QA 72 -25.04 26.45 -50.10
C ASN QA 72 -25.06 27.48 -51.23
N TYR QA 73 -25.94 28.47 -51.12
CA TYR QA 73 -26.23 29.30 -52.29
C TYR QA 73 -26.20 30.79 -51.99
N TYR QA 74 -25.62 31.52 -52.93
CA TYR QA 74 -25.78 32.97 -53.01
C TYR QA 74 -27.10 33.27 -53.69
N VAL QA 75 -28.04 33.86 -52.96
CA VAL QA 75 -29.39 34.06 -53.46
C VAL QA 75 -29.82 35.50 -53.22
N ARG QA 76 -31.07 35.77 -53.58
CA ARG QA 76 -31.72 37.05 -53.37
C ARG QA 76 -33.02 36.82 -52.61
N ILE QA 77 -33.49 37.86 -51.90
CA ILE QA 77 -34.69 37.72 -51.10
C ILE QA 77 -35.79 38.60 -51.70
N LEU QA 78 -37.02 38.31 -51.31
CA LEU QA 78 -38.17 39.05 -51.79
C LEU QA 78 -38.56 40.13 -50.79
N SER QA 79 -39.27 41.13 -51.29
CA SER QA 79 -39.83 42.18 -50.44
C SER QA 79 -41.16 41.76 -49.84
N THR QA 80 -41.61 40.53 -50.09
CA THR QA 80 -42.77 39.98 -49.41
C THR QA 80 -42.42 39.58 -47.98
N ILE QA 81 -41.18 39.16 -47.75
CA ILE QA 81 -40.75 38.74 -46.43
C ILE QA 81 -40.57 39.97 -45.56
N ASP QA 82 -41.21 39.96 -44.39
CA ASP QA 82 -40.90 40.95 -43.36
C ASP QA 82 -39.51 40.69 -42.82
N ARG QA 83 -38.66 41.72 -42.83
CA ARG QA 83 -37.23 41.56 -42.64
C ARG QA 83 -36.84 41.17 -41.21
N GLU QA 84 -37.77 41.14 -40.27
CA GLU QA 84 -37.43 40.73 -38.92
C GLU QA 84 -37.39 39.22 -38.75
N LEU QA 85 -37.97 38.46 -39.67
CA LEU QA 85 -38.05 37.00 -39.53
C LEU QA 85 -36.88 36.30 -40.19
N LEU QA 86 -35.66 36.72 -39.84
CA LEU QA 86 -34.42 36.19 -40.40
C LEU QA 86 -33.45 35.76 -39.30
N LYS QA 87 -33.85 35.98 -38.04
CA LYS QA 87 -33.10 36.42 -36.88
C LYS QA 87 -31.65 35.89 -36.73
N PRO QA 88 -31.33 34.59 -36.39
CA PRO QA 88 -30.28 33.94 -37.17
C PRO QA 88 -30.78 33.00 -38.25
N ASN QA 89 -31.83 32.25 -37.92
CA ASN QA 89 -32.05 30.93 -38.53
C ASN QA 89 -33.55 30.70 -38.57
N ALA QA 90 -34.11 30.67 -39.77
CA ALA QA 90 -35.50 30.34 -39.96
C ALA QA 90 -35.62 29.21 -40.96
N SER QA 91 -36.65 28.39 -40.81
CA SER QA 91 -37.04 27.52 -41.90
C SER QA 91 -37.57 28.39 -43.02
N VAL QA 92 -36.98 28.27 -44.20
CA VAL QA 92 -37.25 29.20 -45.28
C VAL QA 92 -37.77 28.42 -46.49
N ALA QA 93 -38.35 29.16 -47.43
CA ALA QA 93 -38.91 28.58 -48.64
C ALA QA 93 -38.18 29.10 -49.87
N LEU QA 94 -37.98 28.20 -50.83
CA LEU QA 94 -37.18 28.48 -52.02
C LEU QA 94 -37.98 28.17 -53.28
N HIS QA 95 -37.30 28.26 -54.41
CA HIS QA 95 -37.86 28.03 -55.72
C HIS QA 95 -37.19 26.82 -56.35
N LYS QA 96 -37.80 26.24 -57.38
CA LYS QA 96 -37.16 25.10 -58.03
C LYS QA 96 -36.08 25.55 -59.02
N HIS QA 97 -36.48 26.26 -60.07
CA HIS QA 97 -35.54 26.65 -61.12
C HIS QA 97 -34.50 27.65 -60.65
N SER QA 98 -34.92 28.86 -60.29
CA SER QA 98 -33.96 29.89 -59.92
C SER QA 98 -33.41 29.68 -58.52
N ASN QA 99 -34.16 28.99 -57.67
CA ASN QA 99 -33.80 28.66 -56.29
C ASN QA 99 -33.51 29.92 -55.47
N ALA QA 100 -34.51 30.82 -55.41
CA ALA QA 100 -34.43 32.03 -54.63
C ALA QA 100 -35.43 31.98 -53.50
N LEU QA 101 -35.16 32.74 -52.43
CA LEU QA 101 -36.02 32.70 -51.24
C LEU QA 101 -37.40 33.26 -51.54
N VAL QA 102 -38.42 32.58 -51.01
CA VAL QA 102 -39.79 32.97 -51.32
C VAL QA 102 -40.52 33.35 -50.03
N ASP QA 103 -40.17 32.71 -48.91
CA ASP QA 103 -41.03 32.78 -47.74
C ASP QA 103 -40.28 32.28 -46.51
N VAL QA 104 -40.62 32.85 -45.36
CA VAL QA 104 -40.16 32.38 -44.06
C VAL QA 104 -41.28 31.58 -43.41
N LEU QA 105 -40.96 30.41 -42.88
CA LEU QA 105 -41.94 29.51 -42.32
C LEU QA 105 -42.08 29.71 -40.81
N PRO QA 106 -43.22 29.33 -40.23
CA PRO QA 106 -43.34 29.30 -38.77
C PRO QA 106 -42.45 28.21 -38.18
N PRO QA 107 -42.13 28.31 -36.87
CA PRO QA 107 -41.33 27.26 -36.21
C PRO QA 107 -41.93 25.86 -36.25
N GLU QA 108 -41.22 24.98 -36.95
CA GLU QA 108 -41.58 23.62 -37.29
C GLU QA 108 -40.28 22.85 -37.46
N ALA QA 109 -40.26 21.80 -38.30
CA ALA QA 109 -39.14 20.88 -38.47
C ALA QA 109 -38.90 20.20 -37.14
N ASP QA 110 -39.79 19.23 -36.89
CA ASP QA 110 -40.01 18.41 -35.69
C ASP QA 110 -38.84 18.27 -34.72
N SER QA 111 -39.18 18.23 -33.42
CA SER QA 111 -38.27 17.77 -32.38
C SER QA 111 -38.67 16.32 -32.09
N SER QA 112 -38.65 15.55 -33.17
CA SER QA 112 -38.55 14.10 -33.31
C SER QA 112 -39.79 13.27 -32.99
N ILE QA 113 -40.77 13.74 -32.22
CA ILE QA 113 -42.09 13.95 -32.80
C ILE QA 113 -42.33 15.44 -32.81
N MET QA 114 -42.67 15.96 -31.61
CA MET QA 114 -42.46 17.29 -31.04
C MET QA 114 -42.93 17.26 -29.59
N MET QA 115 -42.04 17.50 -28.61
CA MET QA 115 -42.31 17.79 -27.17
C MET QA 115 -43.27 16.81 -26.46
N LEU QA 116 -43.60 15.66 -27.09
CA LEU QA 116 -44.50 14.59 -26.67
C LEU QA 116 -45.99 14.98 -26.58
N THR QA 117 -46.27 16.28 -26.49
CA THR QA 117 -47.53 17.03 -26.69
C THR QA 117 -48.70 16.71 -25.77
N SER QA 118 -48.81 15.50 -25.24
CA SER QA 118 -50.03 15.24 -24.51
C SER QA 118 -49.88 14.54 -23.17
N ASP QA 119 -49.46 13.29 -23.25
CA ASP QA 119 -49.71 12.31 -22.21
C ASP QA 119 -48.69 11.19 -22.22
N GLN QA 120 -47.64 11.28 -23.03
CA GLN QA 120 -46.62 10.25 -23.10
C GLN QA 120 -45.60 10.44 -21.98
N LYS QA 121 -46.10 10.57 -20.76
CA LYS QA 121 -45.28 10.63 -19.58
C LYS QA 121 -44.81 9.23 -19.25
N PRO QA 122 -43.71 9.09 -18.50
CA PRO QA 122 -43.42 7.79 -17.88
C PRO QA 122 -44.36 7.43 -16.76
N ASP QA 123 -45.20 8.37 -16.30
CA ASP QA 123 -46.30 8.14 -15.36
C ASP QA 123 -45.75 7.65 -14.01
N VAL QA 124 -44.83 8.42 -13.45
CA VAL QA 124 -44.17 8.11 -12.19
C VAL QA 124 -44.50 9.20 -11.20
N MET QA 125 -44.98 8.81 -10.02
CA MET QA 125 -45.30 9.78 -9.01
C MET QA 125 -44.03 10.40 -8.42
N TYR QA 126 -44.20 11.51 -7.73
CA TYR QA 126 -43.04 12.24 -7.21
C TYR QA 126 -42.54 11.63 -5.92
N ALA QA 127 -43.45 11.09 -5.10
CA ALA QA 127 -43.09 10.35 -3.91
C ALA QA 127 -42.67 8.91 -4.20
N ASP QA 128 -42.79 8.47 -5.46
CA ASP QA 128 -42.43 7.12 -5.83
C ASP QA 128 -40.93 6.90 -5.72
N ILE QA 129 -40.14 7.94 -5.90
CA ILE QA 129 -38.71 7.86 -5.64
C ILE QA 129 -38.51 7.76 -4.13
N GLY QA 130 -37.93 6.66 -3.69
CA GLY QA 130 -37.88 6.35 -2.28
C GLY QA 130 -36.63 6.81 -1.56
N GLY QA 131 -36.79 7.77 -0.65
CA GLY QA 131 -35.71 8.22 0.21
C GLY QA 131 -34.54 8.88 -0.50
N MET QA 132 -34.81 9.98 -1.21
CA MET QA 132 -33.75 10.78 -1.82
C MET QA 132 -34.00 12.22 -1.41
N ASP QA 133 -33.48 12.61 -0.26
CA ASP QA 133 -33.56 14.01 0.14
C ASP QA 133 -32.61 14.85 -0.70
N ILE QA 134 -31.35 14.42 -0.76
CA ILE QA 134 -30.28 15.17 -1.44
C ILE QA 134 -30.59 15.31 -2.93
N GLN QA 135 -30.97 14.21 -3.57
CA GLN QA 135 -31.12 14.20 -5.02
C GLN QA 135 -32.33 15.00 -5.45
N LYS QA 136 -33.48 14.74 -4.83
CA LYS QA 136 -34.71 15.42 -5.21
C LYS QA 136 -34.66 16.91 -4.86
N GLN QA 137 -34.12 17.24 -3.68
CA GLN QA 137 -34.02 18.65 -3.28
C GLN QA 137 -33.01 19.40 -4.15
N GLU QA 138 -31.87 18.77 -4.45
CA GLU QA 138 -30.82 19.38 -5.24
C GLU QA 138 -31.30 19.67 -6.66
N VAL QA 139 -31.87 18.67 -7.34
CA VAL QA 139 -32.35 18.90 -8.69
C VAL QA 139 -33.61 19.75 -8.70
N ARG QA 140 -34.35 19.80 -7.59
CA ARG QA 140 -35.46 20.73 -7.47
C ARG QA 140 -34.97 22.17 -7.46
N GLU QA 141 -33.91 22.44 -6.68
CA GLU QA 141 -33.22 23.72 -6.76
C GLU QA 141 -32.66 24.00 -8.15
N ALA QA 142 -32.20 22.96 -8.84
CA ALA QA 142 -31.55 23.15 -10.14
C ALA QA 142 -32.56 23.55 -11.21
N VAL QA 143 -33.68 22.83 -11.29
CA VAL QA 143 -34.62 22.98 -12.40
C VAL QA 143 -36.00 23.39 -11.91
N GLU QA 144 -36.52 22.72 -10.88
CA GLU QA 144 -37.92 22.87 -10.53
C GLU QA 144 -38.19 24.17 -9.78
N LEU QA 145 -37.17 24.74 -9.13
CA LEU QA 145 -37.25 26.06 -8.52
C LEU QA 145 -37.09 27.22 -9.52
N PRO QA 146 -36.19 27.18 -10.52
CA PRO QA 146 -36.25 28.21 -11.58
C PRO QA 146 -37.50 28.14 -12.45
N LEU QA 147 -38.31 27.09 -12.35
CA LEU QA 147 -39.61 27.08 -13.00
C LEU QA 147 -40.56 28.10 -12.37
N THR QA 148 -40.40 28.39 -11.08
CA THR QA 148 -41.32 29.27 -10.36
C THR QA 148 -40.65 30.54 -9.89
N HIS QA 149 -39.58 30.45 -9.11
CA HIS QA 149 -38.99 31.61 -8.42
C HIS QA 149 -37.81 32.20 -9.15
N PHE QA 150 -37.82 32.15 -10.49
CA PHE QA 150 -36.82 32.83 -11.31
C PHE QA 150 -36.76 34.33 -11.04
N GLU QA 151 -37.89 34.92 -10.66
CA GLU QA 151 -37.92 36.32 -10.27
C GLU QA 151 -37.43 36.55 -8.84
N LEU QA 152 -37.25 35.49 -8.04
CA LEU QA 152 -36.38 35.61 -6.87
C LEU QA 152 -34.92 35.37 -7.22
N TYR QA 153 -34.65 34.53 -8.22
CA TYR QA 153 -33.28 34.31 -8.66
C TYR QA 153 -32.65 35.59 -9.21
N LYS QA 154 -33.41 36.34 -10.01
CA LYS QA 154 -32.83 37.47 -10.74
C LYS QA 154 -32.42 38.62 -9.84
N GLN QA 155 -33.13 38.85 -8.73
CA GLN QA 155 -32.84 40.03 -7.94
C GLN QA 155 -31.60 39.83 -7.08
N ILE QA 156 -31.26 38.59 -6.74
CA ILE QA 156 -30.04 38.36 -5.97
C ILE QA 156 -28.82 38.41 -6.89
N GLY QA 157 -28.93 37.78 -8.06
CA GLY QA 157 -27.80 37.64 -8.95
C GLY QA 157 -27.15 36.27 -8.80
N ILE QA 158 -27.98 35.24 -8.72
CA ILE QA 158 -27.49 33.89 -8.46
C ILE QA 158 -26.96 33.24 -9.72
N ASP QA 159 -27.61 33.54 -10.86
CA ASP QA 159 -27.43 32.89 -12.16
C ASP QA 159 -27.65 31.38 -12.02
N PRO QA 160 -28.89 30.93 -11.86
CA PRO QA 160 -29.16 29.48 -11.84
C PRO QA 160 -28.77 28.85 -13.16
N PRO QA 161 -28.24 27.62 -13.13
CA PRO QA 161 -27.58 27.07 -14.32
C PRO QA 161 -28.53 26.80 -15.47
N ARG QA 162 -27.98 26.89 -16.68
CA ARG QA 162 -28.74 26.64 -17.89
C ARG QA 162 -29.15 25.17 -17.98
N GLY QA 163 -28.21 24.28 -17.69
CA GLY QA 163 -28.51 22.86 -17.70
C GLY QA 163 -27.95 22.16 -16.48
N VAL QA 164 -27.93 20.82 -16.50
CA VAL QA 164 -27.43 20.05 -15.36
C VAL QA 164 -26.90 18.73 -15.88
N LEU QA 165 -26.14 18.02 -15.03
CA LEU QA 165 -25.51 16.76 -15.42
C LEU QA 165 -25.79 15.71 -14.35
N MET QA 166 -26.24 14.54 -14.79
CA MET QA 166 -26.42 13.39 -13.91
C MET QA 166 -25.46 12.29 -14.28
N TYR QA 167 -24.94 11.60 -13.27
CA TYR QA 167 -24.04 10.47 -13.46
C TYR QA 167 -24.08 9.63 -12.19
N GLY QA 168 -23.17 8.67 -12.11
CA GLY QA 168 -23.05 7.86 -10.92
C GLY QA 168 -22.95 6.40 -11.28
N PRO QA 169 -23.05 5.53 -10.28
CA PRO QA 169 -23.26 4.10 -10.56
C PRO QA 169 -24.56 3.89 -11.29
N PRO QA 170 -24.50 3.36 -12.49
CA PRO QA 170 -25.71 3.29 -13.33
C PRO QA 170 -26.66 2.19 -12.94
N GLY QA 171 -27.84 2.60 -12.50
CA GLY QA 171 -28.82 1.71 -11.93
C GLY QA 171 -29.32 2.33 -10.65
N CYS QA 172 -28.91 3.58 -10.42
CA CYS QA 172 -29.37 4.38 -9.29
C CYS QA 172 -30.50 5.32 -9.68
N GLY QA 173 -31.30 4.93 -10.68
CA GLY QA 173 -32.48 5.69 -11.05
C GLY QA 173 -32.21 6.99 -11.76
N LYS QA 174 -31.19 7.03 -12.63
CA LYS QA 174 -30.90 8.24 -13.38
C LYS QA 174 -32.05 8.59 -14.31
N THR QA 175 -32.62 7.59 -14.97
CA THR QA 175 -33.81 7.83 -15.77
C THR QA 175 -35.00 8.18 -14.88
N MET QA 176 -35.06 7.62 -13.67
CA MET QA 176 -36.27 7.68 -12.85
C MET QA 176 -36.56 9.08 -12.32
N LEU QA 177 -35.53 9.86 -12.02
CA LEU QA 177 -35.77 11.25 -11.63
C LEU QA 177 -36.29 12.05 -12.81
N ALA QA 178 -35.77 11.79 -14.02
CA ALA QA 178 -36.31 12.44 -15.20
C ALA QA 178 -37.75 12.01 -15.47
N LYS QA 179 -38.06 10.75 -15.14
CA LYS QA 179 -39.43 10.25 -15.24
C LYS QA 179 -40.37 11.04 -14.34
N ALA QA 180 -40.01 11.16 -13.06
CA ALA QA 180 -40.85 11.87 -12.09
C ALA QA 180 -40.93 13.36 -12.40
N VAL QA 181 -39.84 13.95 -12.91
CA VAL QA 181 -39.86 15.35 -13.30
C VAL QA 181 -40.79 15.56 -14.49
N ALA QA 182 -40.63 14.74 -15.53
CA ALA QA 182 -41.47 14.83 -16.71
C ALA QA 182 -42.94 14.56 -16.39
N HIS QA 183 -43.21 13.73 -15.41
CA HIS QA 183 -44.59 13.52 -15.02
C HIS QA 183 -45.12 14.73 -14.25
N HIS QA 184 -44.30 15.31 -13.37
CA HIS QA 184 -44.69 16.48 -12.61
C HIS QA 184 -44.13 17.78 -13.15
N THR QA 185 -43.77 17.85 -14.43
CA THR QA 185 -43.47 19.13 -15.03
C THR QA 185 -44.77 19.82 -15.46
N THR QA 186 -44.64 21.02 -15.96
CA THR QA 186 -45.74 21.76 -16.55
C THR QA 186 -45.49 22.17 -17.98
N ALA QA 187 -44.27 22.58 -18.32
CA ALA QA 187 -43.96 23.15 -19.62
C ALA QA 187 -43.72 22.05 -20.65
N ALA QA 188 -43.17 22.44 -21.79
CA ALA QA 188 -42.82 21.49 -22.84
C ALA QA 188 -41.67 20.60 -22.41
N PHE QA 189 -41.74 19.33 -22.78
CA PHE QA 189 -40.73 18.35 -22.42
C PHE QA 189 -40.28 17.59 -23.65
N ILE QA 190 -39.01 17.73 -24.00
CA ILE QA 190 -38.41 17.00 -25.10
C ILE QA 190 -37.43 15.98 -24.52
N ARG QA 191 -37.64 14.72 -24.84
CA ARG QA 191 -36.61 13.70 -24.66
C ARG QA 191 -35.76 13.64 -25.91
N VAL QA 192 -34.47 13.38 -25.74
CA VAL QA 192 -33.54 13.30 -26.86
C VAL QA 192 -32.72 12.03 -26.70
N VAL QA 193 -32.83 11.13 -27.67
CA VAL QA 193 -31.92 10.00 -27.75
C VAL QA 193 -30.52 10.53 -28.02
N GLY QA 194 -29.55 10.10 -27.21
CA GLY QA 194 -28.18 10.51 -27.43
C GLY QA 194 -27.60 10.01 -28.74
N SER QA 195 -28.01 8.83 -29.18
CA SER QA 195 -27.53 8.24 -30.42
C SER QA 195 -28.35 8.65 -31.63
N GLU QA 196 -29.25 9.62 -31.47
CA GLU QA 196 -30.19 9.93 -32.54
C GLU QA 196 -29.55 10.70 -33.68
N PHE QA 197 -28.52 11.47 -33.39
CA PHE QA 197 -28.10 12.52 -34.31
C PHE QA 197 -27.27 11.96 -35.46
N VAL QA 198 -26.48 10.92 -35.21
CA VAL QA 198 -25.68 10.33 -36.27
C VAL QA 198 -26.57 9.50 -37.19
N GLN QA 199 -26.94 10.07 -38.34
CA GLN QA 199 -27.87 9.43 -39.25
C GLN QA 199 -27.35 9.50 -40.69
N LYS QA 200 -28.12 8.86 -41.58
CA LYS QA 200 -27.62 8.53 -42.92
C LYS QA 200 -27.37 9.76 -43.78
N TYR QA 201 -28.16 10.82 -43.60
CA TYR QA 201 -28.00 11.98 -44.46
C TYR QA 201 -26.83 12.83 -43.97
N LEU QA 202 -25.99 13.26 -44.90
CA LEU QA 202 -24.75 13.94 -44.56
C LEU QA 202 -25.04 15.42 -44.31
N GLY QA 203 -25.44 15.72 -43.08
CA GLY QA 203 -25.67 17.10 -42.71
C GLY QA 203 -26.95 17.33 -41.92
N GLU QA 204 -27.63 16.25 -41.54
CA GLU QA 204 -28.90 16.38 -40.84
C GLU QA 204 -28.71 16.89 -39.41
N GLY QA 205 -27.61 16.52 -38.78
CA GLY QA 205 -27.31 16.83 -37.39
C GLY QA 205 -27.35 18.28 -36.94
N PRO QA 206 -26.65 19.19 -37.64
CA PRO QA 206 -26.74 20.61 -37.24
C PRO QA 206 -28.13 21.18 -37.36
N ARG QA 207 -28.86 20.79 -38.39
CA ARG QA 207 -30.26 21.21 -38.49
C ARG QA 207 -31.10 20.62 -37.38
N MET QA 208 -30.79 19.40 -36.93
CA MET QA 208 -31.54 18.81 -35.82
C MET QA 208 -31.29 19.54 -34.51
N VAL QA 209 -30.03 19.91 -34.25
CA VAL QA 209 -29.71 20.68 -33.05
C VAL QA 209 -30.35 22.07 -33.11
N ARG QA 210 -30.41 22.65 -34.31
CA ARG QA 210 -31.11 23.91 -34.47
C ARG QA 210 -32.61 23.75 -34.24
N ASP QA 211 -33.18 22.63 -34.67
CA ASP QA 211 -34.59 22.33 -34.39
C ASP QA 211 -34.84 22.30 -32.89
N VAL QA 212 -33.96 21.61 -32.17
CA VAL QA 212 -34.04 21.49 -30.71
C VAL QA 212 -34.01 22.86 -30.05
N PHE QA 213 -32.99 23.66 -30.35
CA PHE QA 213 -32.82 24.91 -29.63
C PHE QA 213 -33.76 26.01 -30.09
N ARG QA 214 -34.13 26.03 -31.38
CA ARG QA 214 -35.16 26.98 -31.82
C ARG QA 214 -36.50 26.69 -31.18
N LEU QA 215 -36.86 25.40 -31.08
CA LEU QA 215 -38.11 25.07 -30.40
C LEU QA 215 -38.03 25.34 -28.91
N ALA QA 216 -36.84 25.17 -28.33
CA ALA QA 216 -36.63 25.42 -26.91
C ALA QA 216 -36.78 26.90 -26.57
N LYS QA 217 -36.23 27.78 -27.40
CA LYS QA 217 -36.47 29.20 -27.21
C LYS QA 217 -37.90 29.57 -27.61
N GLU QA 218 -38.50 28.79 -28.52
CA GLU QA 218 -39.79 29.15 -29.08
C GLU QA 218 -40.92 28.94 -28.09
N ASN QA 219 -40.96 27.77 -27.45
CA ASN QA 219 -42.07 27.43 -26.56
C ASN QA 219 -42.16 28.33 -25.33
N ALA QA 220 -41.15 28.27 -24.49
CA ALA QA 220 -41.37 28.53 -23.08
C ALA QA 220 -40.04 28.56 -22.34
N PRO QA 221 -40.04 28.94 -21.07
CA PRO QA 221 -38.97 28.47 -20.18
C PRO QA 221 -39.14 26.98 -19.87
N ALA QA 222 -38.81 26.13 -20.83
CA ALA QA 222 -39.23 24.73 -20.85
C ALA QA 222 -38.06 23.83 -20.49
N ILE QA 223 -38.30 22.51 -20.58
CA ILE QA 223 -37.38 21.49 -20.11
C ILE QA 223 -37.09 20.53 -21.26
N ILE QA 224 -35.82 20.22 -21.48
CA ILE QA 224 -35.41 19.15 -22.38
C ILE QA 224 -34.57 18.18 -21.56
N PHE QA 225 -34.79 16.88 -21.78
CA PHE QA 225 -33.97 15.85 -21.13
C PHE QA 225 -33.21 15.08 -22.21
N ILE QA 226 -31.91 15.23 -22.23
CA ILE QA 226 -31.06 14.58 -23.21
C ILE QA 226 -30.26 13.53 -22.46
N ASP QA 227 -30.62 12.27 -22.65
CA ASP QA 227 -29.92 11.18 -21.99
C ASP QA 227 -28.94 10.56 -22.98
N GLU QA 228 -27.93 9.88 -22.41
CA GLU QA 228 -26.88 9.17 -23.15
C GLU QA 228 -26.12 10.10 -24.07
N ILE QA 229 -25.73 11.27 -23.53
CA ILE QA 229 -24.99 12.25 -24.33
C ILE QA 229 -23.56 11.82 -24.59
N ASP QA 230 -23.10 10.75 -23.91
CA ASP QA 230 -21.85 10.09 -24.25
C ASP QA 230 -21.81 9.61 -25.68
N ALA QA 231 -22.97 9.31 -26.27
CA ALA QA 231 -23.07 9.06 -27.70
C ALA QA 231 -22.68 10.28 -28.52
N ILE QA 232 -22.88 11.47 -27.99
CA ILE QA 232 -22.42 12.70 -28.65
C ILE QA 232 -21.09 13.16 -28.07
N ALA QA 233 -21.01 13.26 -26.74
CA ALA QA 233 -19.78 13.67 -26.07
C ALA QA 233 -18.73 12.56 -26.13
N THR QA 234 -17.80 12.69 -27.07
CA THR QA 234 -16.61 11.85 -27.15
C THR QA 234 -15.45 12.78 -27.48
N LYS QA 235 -14.45 12.81 -26.60
CA LYS QA 235 -13.40 13.82 -26.74
C LYS QA 235 -12.46 13.54 -27.90
N ARG QA 236 -12.26 12.29 -28.28
CA ARG QA 236 -11.30 11.97 -29.33
C ARG QA 236 -12.03 11.75 -30.65
N PHE QA 237 -11.36 12.12 -31.73
CA PHE QA 237 -11.87 11.94 -33.08
C PHE QA 237 -10.74 11.43 -33.95
N ASP QA 238 -11.01 11.39 -35.24
CA ASP QA 238 -9.98 11.12 -36.25
C ASP QA 238 -10.49 11.81 -37.51
N ALA QA 239 -9.90 12.94 -37.84
CA ALA QA 239 -10.38 13.75 -38.97
C ALA QA 239 -9.86 13.24 -40.31
N GLN QA 240 -10.04 11.96 -40.57
CA GLN QA 240 -9.80 11.36 -41.88
C GLN QA 240 -10.82 10.28 -42.19
N THR QA 241 -11.47 9.71 -41.18
CA THR QA 241 -12.53 8.72 -41.40
C THR QA 241 -13.75 9.35 -42.04
N GLY QA 242 -14.01 10.62 -41.77
CA GLY QA 242 -15.22 11.26 -42.24
C GLY QA 242 -16.37 11.22 -41.26
N ALA QA 243 -16.68 10.02 -40.75
CA ALA QA 243 -17.76 9.87 -39.78
C ALA QA 243 -17.45 10.54 -38.45
N ASP QA 244 -16.16 10.71 -38.11
CA ASP QA 244 -15.83 11.44 -36.90
C ASP QA 244 -16.11 12.93 -37.04
N ARG QA 245 -16.03 13.45 -38.27
CA ARG QA 245 -16.13 14.89 -38.44
C ARG QA 245 -17.55 15.38 -38.27
N GLU QA 246 -18.55 14.55 -38.58
CA GLU QA 246 -19.92 14.97 -38.30
C GLU QA 246 -20.20 14.94 -36.81
N VAL QA 247 -19.64 13.98 -36.08
CA VAL QA 247 -19.79 13.99 -34.63
C VAL QA 247 -19.10 15.21 -34.04
N GLN QA 248 -17.95 15.59 -34.63
CA GLN QA 248 -17.22 16.76 -34.20
C GLN QA 248 -18.02 18.04 -34.42
N ARG QA 249 -18.61 18.20 -35.61
CA ARG QA 249 -19.38 19.40 -35.86
C ARG QA 249 -20.73 19.39 -35.17
N ILE QA 250 -21.26 18.22 -34.80
CA ILE QA 250 -22.42 18.17 -33.92
C ILE QA 250 -22.06 18.71 -32.54
N LEU QA 251 -20.89 18.33 -32.03
CA LEU QA 251 -20.44 18.92 -30.77
C LEU QA 251 -20.20 20.42 -30.87
N LEU QA 252 -19.65 20.89 -32.00
CA LEU QA 252 -19.41 22.31 -32.18
C LEU QA 252 -20.71 23.09 -32.31
N GLU QA 253 -21.66 22.56 -33.08
CA GLU QA 253 -23.02 23.08 -33.17
C GLU QA 253 -23.67 23.18 -31.80
N LEU QA 254 -23.46 22.16 -30.97
CA LEU QA 254 -23.99 22.20 -29.62
C LEU QA 254 -23.31 23.27 -28.78
N LEU QA 255 -21.99 23.39 -28.92
CA LEU QA 255 -21.20 24.33 -28.13
C LEU QA 255 -21.58 25.78 -28.41
N ASN QA 256 -21.60 26.15 -29.69
CA ASN QA 256 -21.82 27.54 -30.05
C ASN QA 256 -23.24 27.99 -29.76
N GLN QA 257 -24.18 27.06 -29.68
CA GLN QA 257 -25.55 27.37 -29.33
C GLN QA 257 -25.88 27.05 -27.87
N MET QA 258 -24.86 26.88 -27.03
CA MET QA 258 -25.09 26.61 -25.61
C MET QA 258 -24.76 27.79 -24.72
N ASP QA 259 -23.71 28.54 -25.06
CA ASP QA 259 -23.22 29.58 -24.18
C ASP QA 259 -24.12 30.81 -24.22
N GLY QA 260 -24.67 31.10 -25.39
CA GLY QA 260 -25.36 32.35 -25.64
C GLY QA 260 -26.82 32.23 -26.03
N PHE QA 261 -27.63 31.45 -25.30
CA PHE QA 261 -29.04 31.28 -25.68
C PHE QA 261 -29.83 32.58 -25.76
N ASP QA 262 -30.22 33.12 -24.59
CA ASP QA 262 -30.70 34.49 -24.46
C ASP QA 262 -30.38 35.08 -23.09
N GLN QA 263 -29.75 34.31 -22.19
CA GLN QA 263 -29.55 34.55 -20.76
C GLN QA 263 -30.85 34.69 -19.96
N ASN QA 264 -32.01 34.59 -20.60
CA ASN QA 264 -33.31 34.75 -19.95
C ASN QA 264 -34.32 33.66 -20.29
N VAL QA 265 -34.23 33.03 -21.46
CA VAL QA 265 -35.16 31.97 -21.84
C VAL QA 265 -34.73 30.72 -21.08
N ASN QA 266 -35.46 30.40 -19.99
CA ASN QA 266 -35.02 29.36 -19.08
C ASN QA 266 -35.23 27.97 -19.65
N VAL QA 267 -34.48 27.65 -20.68
CA VAL QA 267 -34.43 26.29 -21.20
C VAL QA 267 -33.62 25.46 -20.22
N LYS QA 268 -34.16 24.32 -19.82
CA LYS QA 268 -33.46 23.42 -18.91
C LYS QA 268 -33.15 22.14 -19.66
N VAL QA 269 -31.88 21.94 -19.96
CA VAL QA 269 -31.39 20.77 -20.67
C VAL QA 269 -30.72 19.86 -19.64
N ILE QA 270 -31.34 18.73 -19.35
CA ILE QA 270 -30.77 17.78 -18.42
C ILE QA 270 -29.95 16.78 -19.22
N MET QA 271 -28.63 16.84 -19.05
CA MET QA 271 -27.72 15.88 -19.63
C MET QA 271 -27.44 14.78 -18.63
N ALA QA 272 -27.23 13.57 -19.13
CA ALA QA 272 -27.09 12.43 -18.25
C ALA QA 272 -26.27 11.35 -18.94
N THR QA 273 -25.19 10.94 -18.29
CA THR QA 273 -24.42 9.77 -18.66
C THR QA 273 -24.30 8.86 -17.45
N ASN QA 274 -23.58 7.76 -17.65
CA ASN QA 274 -23.02 6.98 -16.56
C ASN QA 274 -21.53 7.19 -16.42
N ARG QA 275 -20.85 7.39 -17.55
CA ARG QA 275 -19.40 7.52 -17.61
C ARG QA 275 -19.03 8.98 -17.60
N ALA QA 276 -18.21 9.39 -16.63
CA ALA QA 276 -17.68 10.74 -16.57
C ALA QA 276 -16.21 10.79 -16.97
N ASP QA 277 -15.82 9.95 -17.92
CA ASP QA 277 -14.45 9.92 -18.39
C ASP QA 277 -14.32 10.46 -19.82
N THR QA 278 -15.19 10.02 -20.72
CA THR QA 278 -15.14 10.43 -22.12
C THR QA 278 -15.93 11.71 -22.37
N LEU QA 279 -15.63 12.75 -21.60
CA LEU QA 279 -16.26 14.06 -21.74
C LEU QA 279 -15.17 15.11 -21.83
N ASP QA 280 -15.27 15.95 -22.86
CA ASP QA 280 -14.34 17.05 -23.04
C ASP QA 280 -14.47 18.04 -21.90
N PRO QA 281 -13.37 18.45 -21.25
CA PRO QA 281 -13.45 19.54 -20.26
C PRO QA 281 -13.93 20.88 -20.81
N ALA QA 282 -13.95 21.07 -22.13
CA ALA QA 282 -14.61 22.23 -22.70
C ALA QA 282 -16.13 22.17 -22.59
N LEU QA 283 -16.67 21.01 -22.24
CA LEU QA 283 -18.11 20.90 -22.04
C LEU QA 283 -18.53 21.24 -20.61
N LEU QA 284 -17.77 20.76 -19.62
CA LEU QA 284 -18.10 20.99 -18.22
C LEU QA 284 -17.52 22.34 -17.79
N ARG QA 285 -18.21 23.40 -18.18
CA ARG QA 285 -17.76 24.76 -17.95
C ARG QA 285 -18.79 25.55 -17.15
N PRO QA 286 -18.37 26.61 -16.47
CA PRO QA 286 -19.33 27.58 -15.95
C PRO QA 286 -20.14 28.21 -17.06
N GLY QA 287 -21.46 28.25 -16.86
CA GLY QA 287 -22.40 28.70 -17.87
C GLY QA 287 -22.95 27.57 -18.71
N ARG QA 288 -22.13 26.57 -19.05
CA ARG QA 288 -22.59 25.41 -19.80
C ARG QA 288 -23.29 24.43 -18.88
N LEU QA 289 -22.55 23.88 -17.92
CA LEU QA 289 -23.08 22.91 -16.95
C LEU QA 289 -22.43 23.24 -15.61
N ASP QA 290 -23.16 23.97 -14.77
CA ASP QA 290 -22.56 24.47 -13.54
C ASP QA 290 -22.49 23.39 -12.47
N ARG QA 291 -23.56 22.62 -12.30
CA ARG QA 291 -23.62 21.63 -11.24
C ARG QA 291 -23.06 20.29 -11.70
N LYS QA 292 -22.46 19.57 -10.75
CA LYS QA 292 -21.96 18.21 -10.96
C LYS QA 292 -22.68 17.32 -9.97
N ILE QA 293 -23.71 16.61 -10.43
CA ILE QA 293 -24.59 15.85 -9.56
C ILE QA 293 -24.51 14.38 -9.93
N GLU QA 294 -24.11 13.56 -8.97
CA GLU QA 294 -24.11 12.11 -9.12
C GLU QA 294 -25.34 11.51 -8.45
N PHE QA 295 -25.64 10.28 -8.84
CA PHE QA 295 -26.60 9.42 -8.10
C PHE QA 295 -25.81 8.27 -7.50
N PRO QA 296 -25.32 8.42 -6.28
CA PRO QA 296 -24.55 7.35 -5.65
C PRO QA 296 -25.44 6.18 -5.24
N LEU QA 297 -24.79 5.11 -4.83
CA LEU QA 297 -25.47 3.93 -4.35
C LEU QA 297 -26.12 4.19 -3.00
N PRO QA 298 -27.25 3.53 -2.71
CA PRO QA 298 -27.90 3.75 -1.42
C PRO QA 298 -27.16 3.12 -0.27
N ASP QA 299 -27.64 3.37 0.95
CA ASP QA 299 -27.07 2.79 2.15
C ASP QA 299 -28.20 2.07 2.87
N ARG QA 300 -27.95 1.68 4.12
CA ARG QA 300 -28.83 0.78 4.85
C ARG QA 300 -30.22 1.34 5.06
N ARG QA 301 -30.34 2.63 5.33
CA ARG QA 301 -31.66 3.15 5.61
C ARG QA 301 -32.39 3.55 4.33
N GLN QA 302 -31.66 3.99 3.31
CA GLN QA 302 -32.30 4.30 2.03
C GLN QA 302 -32.87 3.05 1.38
N LYS QA 303 -32.22 1.90 1.57
CA LYS QA 303 -32.78 0.67 1.05
C LYS QA 303 -34.03 0.25 1.81
N ARG QA 304 -34.08 0.52 3.11
CA ARG QA 304 -35.29 0.30 3.89
C ARG QA 304 -36.43 1.16 3.35
N LEU QA 305 -36.14 2.42 3.07
CA LEU QA 305 -37.17 3.32 2.56
C LEU QA 305 -37.62 2.91 1.16
N ILE QA 306 -36.67 2.47 0.32
CA ILE QA 306 -36.98 1.99 -1.03
C ILE QA 306 -37.84 0.73 -0.95
N PHE QA 307 -37.52 -0.17 -0.02
CA PHE QA 307 -38.33 -1.35 0.19
C PHE QA 307 -39.73 -1.01 0.65
N SER QA 308 -39.84 -0.03 1.57
CA SER QA 308 -41.16 0.42 2.03
C SER QA 308 -41.98 1.01 0.89
N THR QA 309 -41.34 1.69 -0.05
CA THR QA 309 -42.05 2.22 -1.21
C THR QA 309 -42.48 1.10 -2.16
N ILE QA 310 -41.54 0.25 -2.56
CA ILE QA 310 -41.81 -0.70 -3.64
C ILE QA 310 -42.71 -1.84 -3.19
N THR QA 311 -42.56 -2.30 -1.95
CA THR QA 311 -43.33 -3.44 -1.47
C THR QA 311 -44.76 -3.08 -1.09
N SER QA 312 -45.16 -1.82 -1.24
CA SER QA 312 -46.54 -1.43 -0.99
C SER QA 312 -47.50 -1.90 -2.08
N LYS QA 313 -46.99 -2.31 -3.24
CA LYS QA 313 -47.85 -2.75 -4.33
C LYS QA 313 -48.19 -4.23 -4.23
N MET QA 314 -47.25 -5.06 -3.79
CA MET QA 314 -47.55 -6.46 -3.59
C MET QA 314 -48.35 -6.65 -2.31
N ASN QA 315 -48.86 -7.87 -2.13
CA ASN QA 315 -49.85 -8.11 -1.08
C ASN QA 315 -49.21 -8.39 0.27
N LEU QA 316 -47.98 -8.93 0.29
CA LEU QA 316 -47.07 -8.83 1.42
C LEU QA 316 -47.56 -9.48 2.71
N SER QA 317 -47.37 -10.80 2.86
CA SER QA 317 -47.74 -11.48 4.10
C SER QA 317 -46.94 -10.87 5.26
N GLU QA 318 -47.67 -10.11 6.09
CA GLU QA 318 -47.18 -9.00 6.90
C GLU QA 318 -46.31 -9.40 8.10
N GLU QA 319 -45.98 -10.67 8.27
CA GLU QA 319 -45.01 -11.05 9.30
C GLU QA 319 -43.71 -11.53 8.68
N VAL QA 320 -43.42 -11.05 7.48
CA VAL QA 320 -42.15 -11.28 6.79
C VAL QA 320 -41.37 -9.97 6.82
N ASP QA 321 -40.30 -9.94 7.59
CA ASP QA 321 -39.48 -8.74 7.68
C ASP QA 321 -38.43 -8.73 6.57
N LEU QA 322 -38.28 -7.57 5.94
CA LEU QA 322 -37.31 -7.38 4.87
C LEU QA 322 -36.10 -6.58 5.31
N GLU QA 323 -36.17 -5.94 6.48
CA GLU QA 323 -35.04 -5.22 7.04
C GLU QA 323 -33.86 -6.15 7.33
N ASP QA 324 -34.14 -7.42 7.61
CA ASP QA 324 -33.10 -8.39 7.88
C ASP QA 324 -32.34 -8.83 6.64
N TYR QA 325 -32.78 -8.43 5.46
CA TYR QA 325 -31.99 -8.60 4.25
C TYR QA 325 -31.23 -7.35 3.88
N VAL QA 326 -31.67 -6.19 4.39
CA VAL QA 326 -30.86 -4.99 4.34
C VAL QA 326 -29.69 -5.09 5.30
N ALA QA 327 -29.77 -6.01 6.27
CA ALA QA 327 -28.61 -6.39 7.06
C ALA QA 327 -27.55 -7.08 6.21
N ARG QA 328 -27.91 -7.57 5.03
CA ARG QA 328 -26.93 -8.13 4.11
C ARG QA 328 -26.43 -7.06 3.15
N PRO QA 329 -25.16 -6.65 3.24
CA PRO QA 329 -24.63 -5.55 2.43
C PRO QA 329 -24.32 -5.97 0.98
N ASP QA 330 -23.90 -5.08 0.04
CA ASP QA 330 -23.88 -3.61 0.17
C ASP QA 330 -24.42 -2.58 -0.88
N LYS QA 331 -24.17 -2.55 -2.22
CA LYS QA 331 -23.91 -3.47 -3.38
C LYS QA 331 -25.25 -3.91 -4.00
N ILE QA 332 -26.36 -3.59 -3.33
CA ILE QA 332 -27.64 -3.43 -4.00
C ILE QA 332 -27.67 -2.11 -4.77
N SER QA 333 -27.87 -2.17 -6.08
CA SER QA 333 -28.21 -0.95 -6.82
C SER QA 333 -29.72 -0.75 -6.84
N GLY QA 334 -30.13 0.49 -7.11
CA GLY QA 334 -31.55 0.85 -7.13
C GLY QA 334 -32.37 0.12 -8.17
N ALA QA 335 -31.76 -0.31 -9.27
CA ALA QA 335 -32.49 -1.03 -10.30
C ALA QA 335 -32.75 -2.48 -9.91
N ASP QA 336 -32.09 -2.96 -8.87
CA ASP QA 336 -32.17 -4.37 -8.50
C ASP QA 336 -33.36 -4.68 -7.62
N ILE QA 337 -33.90 -3.67 -6.92
CA ILE QA 337 -34.98 -3.91 -5.94
C ILE QA 337 -36.23 -4.41 -6.64
N ASN QA 338 -36.62 -3.74 -7.71
CA ASN QA 338 -37.83 -4.12 -8.42
C ASN QA 338 -37.66 -5.45 -9.12
N SER QA 339 -36.44 -5.77 -9.56
CA SER QA 339 -36.20 -7.10 -10.13
C SER QA 339 -36.24 -8.20 -9.09
N ILE QA 340 -35.77 -7.91 -7.87
CA ILE QA 340 -35.96 -8.83 -6.74
C ILE QA 340 -37.43 -9.03 -6.45
N CYS QA 341 -38.19 -7.93 -6.46
CA CYS QA 341 -39.63 -8.01 -6.25
C CYS QA 341 -40.33 -8.77 -7.35
N GLN QA 342 -39.83 -8.66 -8.59
CA GLN QA 342 -40.40 -9.43 -9.68
C GLN QA 342 -40.09 -10.92 -9.55
N GLU QA 343 -38.87 -11.25 -9.13
CA GLU QA 343 -38.52 -12.64 -8.90
C GLU QA 343 -39.40 -13.24 -7.81
N SER QA 344 -39.60 -12.49 -6.72
CA SER QA 344 -40.47 -12.94 -5.63
C SER QA 344 -41.91 -13.10 -6.09
N GLY QA 345 -42.42 -12.12 -6.83
CA GLY QA 345 -43.80 -12.15 -7.25
C GLY QA 345 -44.09 -13.23 -8.27
N MET QA 346 -43.19 -13.44 -9.23
CA MET QA 346 -43.41 -14.49 -10.21
C MET QA 346 -43.16 -15.86 -9.62
N LEU QA 347 -42.31 -15.97 -8.60
CA LEU QA 347 -42.23 -17.22 -7.86
C LEU QA 347 -43.53 -17.50 -7.11
N ALA QA 348 -44.17 -16.44 -6.58
CA ALA QA 348 -45.48 -16.61 -5.96
C ALA QA 348 -46.56 -16.92 -6.99
N VAL QA 349 -46.38 -16.46 -8.23
CA VAL QA 349 -47.25 -16.89 -9.33
C VAL QA 349 -47.08 -18.38 -9.57
N ARG QA 350 -45.85 -18.88 -9.47
CA ARG QA 350 -45.64 -20.32 -9.54
C ARG QA 350 -46.22 -21.02 -8.33
N GLU QA 351 -46.26 -20.35 -7.17
CA GLU QA 351 -46.98 -20.82 -5.99
C GLU QA 351 -48.50 -20.75 -6.16
N ASN QA 352 -48.99 -20.06 -7.21
CA ASN QA 352 -50.40 -19.91 -7.54
C ASN QA 352 -51.17 -19.25 -6.41
N ARG QA 353 -50.53 -18.30 -5.74
CA ARG QA 353 -51.08 -17.59 -4.61
C ARG QA 353 -50.56 -16.17 -4.67
N TYR QA 354 -51.36 -15.23 -4.18
CA TYR QA 354 -51.00 -13.81 -4.24
C TYR QA 354 -50.26 -13.36 -3.00
N ILE QA 355 -49.59 -14.26 -2.30
CA ILE QA 355 -49.10 -14.01 -0.95
C ILE QA 355 -47.58 -14.11 -0.92
N VAL QA 356 -46.96 -13.11 -0.31
CA VAL QA 356 -45.53 -12.86 -0.42
C VAL QA 356 -44.88 -13.37 0.87
N LEU QA 357 -44.36 -14.59 0.84
CA LEU QA 357 -43.65 -15.13 2.00
C LEU QA 357 -42.16 -14.81 1.97
N ALA QA 358 -41.46 -15.30 2.99
CA ALA QA 358 -40.04 -15.02 3.15
C ALA QA 358 -39.20 -15.86 2.21
N LYS QA 359 -39.65 -17.08 1.89
CA LYS QA 359 -38.88 -17.95 1.00
C LYS QA 359 -38.82 -17.40 -0.40
N ASP QA 360 -39.82 -16.61 -0.79
CA ASP QA 360 -39.75 -15.83 -2.01
C ASP QA 360 -38.54 -14.89 -1.98
N PHE QA 361 -38.34 -14.20 -0.85
CA PHE QA 361 -37.17 -13.33 -0.73
C PHE QA 361 -35.88 -14.11 -0.60
N GLU QA 362 -35.95 -15.34 -0.08
CA GLU QA 362 -34.79 -16.21 -0.04
C GLU QA 362 -34.31 -16.55 -1.44
N LYS QA 363 -35.22 -17.01 -2.28
CA LYS QA 363 -34.89 -17.31 -3.67
C LYS QA 363 -34.49 -16.05 -4.43
N ALA QA 364 -35.11 -14.92 -4.09
CA ALA QA 364 -34.80 -13.65 -4.75
C ALA QA 364 -33.39 -13.18 -4.40
N TYR QA 365 -33.01 -13.28 -3.12
CA TYR QA 365 -31.66 -12.95 -2.71
C TYR QA 365 -30.65 -13.91 -3.33
N LYS QA 366 -31.01 -15.19 -3.40
CA LYS QA 366 -30.08 -16.17 -3.92
C LYS QA 366 -29.95 -16.11 -5.44
N THR QA 367 -30.92 -15.49 -6.12
CA THR QA 367 -30.91 -15.42 -7.58
C THR QA 367 -30.41 -14.08 -8.09
N VAL QA 368 -30.90 -12.98 -7.54
CA VAL QA 368 -30.57 -11.66 -8.08
C VAL QA 368 -29.34 -11.07 -7.38
N ILE QA 369 -28.83 -11.73 -6.35
CA ILE QA 369 -27.50 -11.45 -5.81
C ILE QA 369 -26.73 -12.76 -6.03
N LYS QA 370 -26.09 -12.98 -7.20
CA LYS QA 370 -25.25 -12.16 -8.14
C LYS QA 370 -24.01 -11.65 -7.40
N LYS QA 371 -23.14 -12.66 -7.18
CA LYS QA 371 -21.75 -12.61 -6.70
C LYS QA 371 -21.10 -11.23 -6.66
N ASP QA 372 -20.38 -10.93 -5.57
CA ASP QA 372 -20.11 -11.88 -4.50
C ASP QA 372 -21.03 -11.67 -3.31
N GLU QA 373 -20.87 -12.56 -2.33
CA GLU QA 373 -21.36 -12.42 -0.95
C GLU QA 373 -20.82 -13.55 -0.09
N GLN QA 374 -20.51 -13.24 1.17
CA GLN QA 374 -20.38 -14.22 2.23
C GLN QA 374 -21.25 -13.91 3.48
N GLU QA 375 -21.22 -12.72 4.11
CA GLU QA 375 -20.40 -11.51 3.84
C GLU QA 375 -19.19 -11.38 4.75
N HIS QA 376 -19.45 -11.20 6.05
CA HIS QA 376 -18.48 -10.60 6.97
C HIS QA 376 -18.78 -10.92 8.43
N GLU QA 377 -18.47 -9.94 9.30
CA GLU QA 377 -18.18 -10.00 10.74
C GLU QA 377 -16.82 -10.66 10.97
N PHE QA 378 -15.81 -10.01 10.42
CA PHE QA 378 -14.46 -10.05 10.92
C PHE QA 378 -13.90 -8.65 10.82
N TYR QA 379 -13.18 -8.25 11.88
CA TYR QA 379 -12.48 -6.99 12.10
C TYR QA 379 -13.34 -5.73 12.09
N LYS QA 380 -14.66 -5.88 11.91
CA LYS QA 380 -15.63 -4.77 11.80
C LYS QA 380 -15.22 -3.56 10.97
N LYS RA 1 -68.38 -43.09 -96.04
CA LYS RA 1 -67.93 -41.93 -96.80
C LYS RA 1 -68.31 -40.65 -96.08
N LEU RA 2 -68.62 -40.76 -94.79
CA LEU RA 2 -69.03 -39.64 -93.96
C LEU RA 2 -67.97 -39.27 -92.94
N LEU RA 3 -66.69 -39.36 -93.33
CA LEU RA 3 -65.58 -39.01 -92.47
C LEU RA 3 -65.20 -37.53 -92.59
N GLU RA 4 -65.96 -36.74 -93.34
CA GLU RA 4 -65.68 -35.32 -93.45
C GLU RA 4 -65.99 -34.57 -92.18
N HIS RA 5 -66.89 -35.10 -91.34
CA HIS RA 5 -67.14 -34.51 -90.03
C HIS RA 5 -65.89 -34.62 -89.16
N LYS RA 6 -65.22 -35.78 -89.20
CA LYS RA 6 -64.00 -35.97 -88.43
C LYS RA 6 -62.87 -35.08 -88.92
N GLU RA 7 -62.77 -34.89 -90.24
CA GLU RA 7 -61.72 -34.04 -90.80
C GLU RA 7 -61.97 -32.57 -90.50
N ILE RA 8 -63.22 -32.13 -90.66
CA ILE RA 8 -63.60 -30.75 -90.33
C ILE RA 8 -63.39 -30.48 -88.85
N ASP RA 9 -63.77 -31.42 -87.99
CA ASP RA 9 -63.57 -31.25 -86.56
C ASP RA 9 -62.09 -31.33 -86.19
N GLY RA 10 -61.29 -32.08 -86.94
CA GLY RA 10 -59.86 -32.14 -86.71
C GLY RA 10 -59.18 -30.82 -87.00
N ARG RA 11 -59.45 -30.29 -88.21
CA ARG RA 11 -58.90 -28.99 -88.58
C ARG RA 11 -59.44 -27.87 -87.69
N LEU RA 12 -60.72 -27.95 -87.29
CA LEU RA 12 -61.31 -26.91 -86.46
C LEU RA 12 -60.81 -26.97 -85.03
N LYS RA 13 -60.57 -28.18 -84.51
CA LYS RA 13 -60.04 -28.31 -83.16
C LYS RA 13 -58.57 -27.94 -83.10
N GLU RA 14 -57.80 -28.29 -84.14
CA GLU RA 14 -56.43 -27.83 -84.27
C GLU RA 14 -56.35 -26.30 -84.32
N LEU RA 15 -57.16 -25.69 -85.19
CA LEU RA 15 -57.23 -24.25 -85.30
C LEU RA 15 -57.79 -23.59 -84.04
N ARG RA 16 -58.68 -24.27 -83.32
CA ARG RA 16 -59.31 -23.70 -82.13
C ARG RA 16 -58.37 -23.71 -80.94
N GLU RA 17 -57.66 -24.83 -80.74
CA GLU RA 17 -56.62 -24.88 -79.72
C GLU RA 17 -55.48 -23.93 -80.06
N GLN RA 18 -55.13 -23.83 -81.35
CA GLN RA 18 -54.11 -22.89 -81.77
C GLN RA 18 -54.53 -21.45 -81.53
N LEU RA 19 -55.80 -21.13 -81.81
CA LEU RA 19 -56.31 -19.77 -81.60
C LEU RA 19 -56.41 -19.45 -80.12
N LYS RA 20 -56.86 -20.41 -79.31
CA LYS RA 20 -56.95 -20.24 -77.86
C LYS RA 20 -55.58 -19.97 -77.25
N GLU RA 21 -54.60 -20.82 -77.55
CA GLU RA 21 -53.27 -20.64 -76.99
C GLU RA 21 -52.55 -19.42 -77.56
N LEU RA 22 -52.74 -19.14 -78.85
CA LEU RA 22 -52.04 -18.04 -79.50
C LEU RA 22 -52.64 -16.69 -79.12
N THR RA 23 -53.96 -16.60 -79.07
CA THR RA 23 -54.60 -15.41 -78.52
C THR RA 23 -54.38 -15.28 -77.03
N LYS RA 24 -54.11 -16.38 -76.32
CA LYS RA 24 -53.74 -16.27 -74.92
C LYS RA 24 -52.34 -15.68 -74.77
N GLN RA 25 -51.43 -16.07 -75.68
CA GLN RA 25 -50.11 -15.45 -75.73
C GLN RA 25 -50.20 -13.98 -76.11
N TYR RA 26 -51.00 -13.67 -77.13
CA TYR RA 26 -51.23 -12.30 -77.56
C TYR RA 26 -51.93 -11.48 -76.49
N GLU RA 27 -52.74 -12.12 -75.65
CA GLU RA 27 -53.43 -11.43 -74.56
C GLU RA 27 -52.49 -11.15 -73.39
N LYS RA 28 -51.63 -12.11 -73.07
CA LYS RA 28 -50.58 -11.89 -72.08
C LYS RA 28 -49.66 -10.74 -72.50
N SER RA 29 -49.21 -10.77 -73.76
CA SER RA 29 -48.42 -9.67 -74.28
C SER RA 29 -49.25 -8.40 -74.46
N GLU RA 30 -50.57 -8.51 -74.59
CA GLU RA 30 -51.41 -7.33 -74.66
C GLU RA 30 -51.50 -6.64 -73.31
N ASN RA 31 -51.71 -7.40 -72.24
CA ASN RA 31 -51.72 -6.82 -70.90
C ASN RA 31 -50.34 -6.28 -70.53
N ASP RA 32 -49.28 -7.01 -70.89
CA ASP RA 32 -47.93 -6.57 -70.58
C ASP RA 32 -47.49 -5.42 -71.48
N LEU RA 33 -48.18 -5.21 -72.61
CA LEU RA 33 -47.93 -4.06 -73.45
C LEU RA 33 -48.74 -2.85 -73.02
N LYS RA 34 -49.94 -3.07 -72.47
CA LYS RA 34 -50.73 -2.00 -71.90
C LYS RA 34 -50.06 -1.44 -70.66
N ALA RA 35 -49.52 -2.32 -69.82
CA ALA RA 35 -48.84 -1.88 -68.62
C ALA RA 35 -47.47 -1.22 -68.87
N LEU RA 36 -47.02 -0.95 -70.11
CA LEU RA 36 -45.66 -0.45 -70.33
C LEU RA 36 -45.51 1.01 -69.95
N GLN RA 37 -46.50 1.84 -70.24
CA GLN RA 37 -46.27 3.27 -70.32
C GLN RA 37 -46.26 3.95 -68.96
N SER RA 38 -46.64 3.25 -67.89
CA SER RA 38 -46.77 3.87 -66.58
C SER RA 38 -45.41 4.28 -66.03
N VAL RA 39 -45.43 5.26 -65.12
CA VAL RA 39 -44.23 5.87 -64.58
C VAL RA 39 -44.26 5.74 -63.06
N GLY RA 40 -43.13 5.35 -62.48
CA GLY RA 40 -43.04 5.17 -61.04
C GLY RA 40 -43.10 6.47 -60.26
N GLN RA 41 -43.14 6.31 -58.94
CA GLN RA 41 -43.38 7.41 -58.02
C GLN RA 41 -42.31 7.46 -56.95
N ILE RA 42 -42.31 8.53 -56.17
CA ILE RA 42 -41.28 8.80 -55.19
C ILE RA 42 -41.78 8.41 -53.81
N VAL RA 43 -40.94 7.67 -53.08
CA VAL RA 43 -41.25 7.26 -51.72
C VAL RA 43 -40.81 8.35 -50.77
N GLY RA 44 -41.74 8.83 -49.94
CA GLY RA 44 -41.40 9.82 -48.93
C GLY RA 44 -42.25 9.62 -47.69
N GLU RA 45 -41.82 10.26 -46.61
CA GLU RA 45 -42.53 10.20 -45.34
C GLU RA 45 -42.98 11.60 -44.92
N VAL RA 46 -44.08 11.63 -44.19
CA VAL RA 46 -44.73 12.88 -43.80
C VAL RA 46 -44.08 13.38 -42.51
N LEU RA 47 -43.50 14.58 -42.56
CA LEU RA 47 -42.99 15.18 -41.34
C LEU RA 47 -44.15 15.72 -40.50
N LYS RA 48 -44.90 16.66 -41.06
CA LYS RA 48 -46.04 17.24 -40.38
C LYS RA 48 -46.94 17.90 -41.42
N GLN RA 49 -48.19 18.10 -41.05
CA GLN RA 49 -49.13 18.82 -41.89
C GLN RA 49 -49.04 20.30 -41.61
N LEU RA 50 -48.77 21.10 -42.64
CA LEU RA 50 -48.60 22.52 -42.43
C LEU RA 50 -49.93 23.25 -42.35
N THR RA 51 -50.70 23.26 -43.44
CA THR RA 51 -52.04 23.81 -43.44
C THR RA 51 -53.00 22.75 -43.96
N GLU RA 52 -54.24 23.18 -44.22
CA GLU RA 52 -55.21 22.30 -44.87
C GLU RA 52 -54.75 21.88 -46.25
N GLU RA 53 -54.01 22.74 -46.95
CA GLU RA 53 -53.50 22.41 -48.26
C GLU RA 53 -52.01 22.07 -48.27
N LYS RA 54 -51.28 22.40 -47.22
CA LYS RA 54 -49.82 22.30 -47.26
C LYS RA 54 -49.35 21.16 -46.37
N PHE RA 55 -48.40 20.39 -46.89
CA PHE RA 55 -47.95 19.16 -46.25
C PHE RA 55 -46.44 19.09 -46.35
N ILE RA 56 -45.78 18.91 -45.21
CA ILE RA 56 -44.33 18.93 -45.12
C ILE RA 56 -43.85 17.49 -45.11
N VAL RA 57 -43.17 17.08 -46.18
CA VAL RA 57 -42.67 15.71 -46.30
C VAL RA 57 -41.17 15.75 -46.53
N LYS RA 58 -40.50 14.71 -46.03
CA LYS RA 58 -39.06 14.51 -46.25
C LYS RA 58 -38.87 13.09 -46.76
N ALA RA 59 -38.49 12.97 -48.03
CA ALA RA 59 -38.14 11.66 -48.54
C ALA RA 59 -36.77 11.24 -48.02
N THR RA 60 -36.50 9.94 -48.13
CA THR RA 60 -35.27 9.37 -47.58
C THR RA 60 -34.03 9.77 -48.35
N ASN RA 61 -34.20 10.20 -49.59
CA ASN RA 61 -33.07 10.40 -50.49
C ASN RA 61 -32.43 11.78 -50.37
N GLY RA 62 -32.95 12.64 -49.51
CA GLY RA 62 -32.46 13.98 -49.46
C GLY RA 62 -33.41 14.99 -48.85
N PRO RA 63 -33.65 16.08 -49.58
CA PRO RA 63 -34.21 17.29 -48.97
C PRO RA 63 -35.68 17.21 -48.57
N ARG RA 64 -36.19 18.33 -48.09
CA ARG RA 64 -37.55 18.46 -47.60
C ARG RA 64 -38.39 19.26 -48.58
N TYR RA 65 -39.70 19.01 -48.57
CA TYR RA 65 -40.59 19.56 -49.57
C TYR RA 65 -41.93 19.94 -48.94
N VAL RA 66 -42.66 20.80 -49.64
CA VAL RA 66 -44.01 21.22 -49.23
C VAL RA 66 -44.92 21.12 -50.45
N VAL RA 67 -45.85 20.17 -50.42
CA VAL RA 67 -46.84 20.01 -51.48
C VAL RA 67 -48.21 19.76 -50.88
N GLY RA 68 -49.19 19.48 -51.75
CA GLY RA 68 -50.54 19.22 -51.31
C GLY RA 68 -51.11 17.96 -51.93
N CYS RA 69 -52.36 17.67 -51.56
CA CYS RA 69 -53.04 16.48 -52.01
C CYS RA 69 -53.60 16.67 -53.42
N ARG RA 70 -54.16 15.60 -53.99
CA ARG RA 70 -54.73 15.71 -55.31
C ARG RA 70 -56.17 16.22 -55.30
N ARG RA 71 -57.11 15.32 -54.99
CA ARG RA 71 -58.47 15.71 -54.66
C ARG RA 71 -58.99 14.91 -53.47
N GLN RA 72 -58.69 13.62 -53.47
CA GLN RA 72 -59.43 12.67 -52.66
C GLN RA 72 -58.47 11.87 -51.80
N LEU RA 73 -57.48 12.54 -51.23
CA LEU RA 73 -56.42 11.84 -50.54
C LEU RA 73 -56.76 11.60 -49.08
N ASP RA 74 -57.86 12.19 -48.58
CA ASP RA 74 -58.44 11.92 -47.27
C ASP RA 74 -57.45 12.26 -46.15
N LYS RA 75 -57.25 13.57 -46.01
CA LYS RA 75 -56.13 14.16 -45.28
C LYS RA 75 -56.03 13.75 -43.82
N SER RA 76 -57.11 13.25 -43.21
CA SER RA 76 -57.06 12.77 -41.84
C SER RA 76 -56.25 11.48 -41.71
N LYS RA 77 -56.05 10.77 -42.81
CA LYS RA 77 -55.20 9.59 -42.80
C LYS RA 77 -53.75 9.97 -42.54
N LEU RA 78 -53.33 11.15 -43.02
CA LEU RA 78 -51.93 11.56 -42.97
C LEU RA 78 -51.58 11.96 -41.54
N LYS RA 79 -51.28 10.96 -40.75
CA LYS RA 79 -50.67 11.22 -39.46
C LYS RA 79 -49.21 11.57 -39.68
N PRO RA 80 -48.63 12.42 -38.83
CA PRO RA 80 -47.21 12.77 -39.00
C PRO RA 80 -46.29 11.59 -38.78
N GLY RA 81 -45.66 11.13 -39.85
CA GLY RA 81 -44.84 9.95 -39.81
C GLY RA 81 -45.30 8.82 -40.69
N THR RA 82 -46.33 9.02 -41.49
CA THR RA 82 -46.73 7.98 -42.42
C THR RA 82 -45.90 8.07 -43.70
N ARG RA 83 -45.80 6.93 -44.38
CA ARG RA 83 -45.02 6.80 -45.60
C ARG RA 83 -45.96 6.96 -46.78
N VAL RA 84 -45.68 7.94 -47.64
CA VAL RA 84 -46.57 8.29 -48.74
C VAL RA 84 -45.82 8.24 -50.06
N ALA RA 85 -46.56 8.50 -51.13
CA ALA RA 85 -46.05 8.48 -52.48
C ALA RA 85 -46.06 9.90 -53.05
N LEU RA 86 -45.11 10.16 -53.96
CA LEU RA 86 -44.96 11.48 -54.56
C LEU RA 86 -44.72 11.31 -56.06
N ASP RA 87 -45.21 12.28 -56.83
CA ASP RA 87 -44.92 12.33 -58.25
C ASP RA 87 -43.44 12.64 -58.48
N MET RA 88 -42.91 12.18 -59.61
CA MET RA 88 -41.53 12.49 -59.93
C MET RA 88 -41.38 13.94 -60.41
N THR RA 89 -42.29 14.42 -61.25
CA THR RA 89 -42.18 15.76 -61.82
C THR RA 89 -42.96 16.77 -60.99
N THR RA 90 -44.26 16.55 -60.86
CA THR RA 90 -45.13 17.49 -60.18
C THR RA 90 -44.91 17.48 -58.68
N LEU RA 91 -44.45 16.35 -58.15
CA LEU RA 91 -43.94 16.15 -56.80
C LEU RA 91 -45.03 16.28 -55.73
N THR RA 92 -46.30 16.37 -56.12
CA THR RA 92 -47.36 16.37 -55.13
C THR RA 92 -47.64 14.96 -54.63
N ILE RA 93 -48.50 14.88 -53.63
CA ILE RA 93 -48.78 13.62 -52.97
C ILE RA 93 -49.79 12.85 -53.80
N MET RA 94 -49.57 11.54 -53.95
CA MET RA 94 -50.42 10.70 -54.78
C MET RA 94 -51.27 9.75 -53.94
N ARG RA 95 -50.65 8.94 -53.10
CA ARG RA 95 -51.36 7.88 -52.40
C ARG RA 95 -50.68 7.61 -51.07
N TYR RA 96 -51.47 7.53 -50.01
CA TYR RA 96 -50.96 7.08 -48.73
C TYR RA 96 -50.58 5.60 -48.84
N LEU RA 97 -49.47 5.24 -48.24
CA LEU RA 97 -48.93 3.90 -48.40
C LEU RA 97 -48.70 3.26 -47.04
N PRO RA 98 -48.81 1.93 -46.96
CA PRO RA 98 -48.44 1.23 -45.72
C PRO RA 98 -46.93 1.29 -45.48
N ARG RA 99 -46.54 0.86 -44.30
CA ARG RA 99 -45.18 1.12 -43.84
C ARG RA 99 -44.19 0.13 -44.46
N GLU RA 100 -42.91 0.50 -44.37
CA GLU RA 100 -41.83 -0.26 -44.95
C GLU RA 100 -41.57 -1.54 -44.17
N VAL RA 101 -40.80 -2.45 -44.76
CA VAL RA 101 -40.54 -3.71 -44.10
C VAL RA 101 -39.05 -3.90 -43.87
N ASP RA 102 -38.19 -3.30 -44.74
CA ASP RA 102 -36.73 -3.45 -44.71
C ASP RA 102 -36.29 -4.91 -44.69
N PRO RA 103 -36.23 -5.55 -45.87
CA PRO RA 103 -36.13 -7.03 -45.94
C PRO RA 103 -34.88 -7.65 -45.31
N LEU RA 104 -33.96 -6.86 -44.74
CA LEU RA 104 -33.04 -7.39 -43.75
C LEU RA 104 -33.77 -8.04 -42.58
N VAL RA 105 -34.93 -7.49 -42.22
CA VAL RA 105 -35.81 -8.13 -41.24
C VAL RA 105 -36.30 -9.47 -41.78
N TYR RA 106 -36.64 -9.52 -43.08
CA TYR RA 106 -37.27 -10.69 -43.66
C TYR RA 106 -36.30 -11.86 -43.77
N ASN RA 107 -35.02 -11.58 -43.96
CA ASN RA 107 -34.03 -12.63 -44.02
C ASN RA 107 -33.71 -13.21 -42.65
N MET RA 108 -34.23 -12.59 -41.59
CA MET RA 108 -34.19 -13.15 -40.24
C MET RA 108 -35.59 -13.18 -39.63
N SER RA 109 -36.62 -13.21 -40.48
CA SER RA 109 -37.99 -13.49 -40.07
C SER RA 109 -38.52 -14.75 -40.71
N HIS RA 110 -38.44 -14.85 -42.04
CA HIS RA 110 -38.96 -16.02 -42.72
C HIS RA 110 -38.02 -17.22 -42.56
N GLU RA 111 -36.73 -16.96 -42.34
CA GLU RA 111 -35.71 -17.98 -42.44
C GLU RA 111 -35.55 -18.79 -41.14
N ASP RA 112 -36.62 -18.97 -40.39
CA ASP RA 112 -36.66 -20.03 -39.40
C ASP RA 112 -36.90 -21.37 -40.09
N PRO RA 113 -35.99 -22.32 -40.01
CA PRO RA 113 -36.24 -23.65 -40.57
C PRO RA 113 -37.02 -24.49 -39.55
N GLY RA 114 -37.35 -25.71 -39.96
CA GLY RA 114 -38.00 -26.64 -39.05
C GLY RA 114 -37.05 -27.11 -37.97
N ASN RA 115 -37.64 -27.65 -36.91
CA ASN RA 115 -36.88 -28.18 -35.78
C ASN RA 115 -37.80 -29.09 -34.98
N VAL RA 116 -37.20 -29.84 -34.07
CA VAL RA 116 -37.90 -30.67 -33.09
C VAL RA 116 -38.02 -29.85 -31.80
N SER RA 117 -39.12 -30.05 -31.08
CA SER RA 117 -39.44 -29.27 -29.90
C SER RA 117 -38.56 -29.66 -28.72
N TYR RA 118 -38.88 -29.08 -27.56
CA TYR RA 118 -38.01 -29.03 -26.39
C TYR RA 118 -37.86 -30.37 -25.68
N SER RA 119 -38.51 -31.43 -26.15
CA SER RA 119 -38.19 -32.78 -25.70
C SER RA 119 -36.88 -33.29 -26.27
N GLU RA 120 -36.38 -32.67 -27.35
CA GLU RA 120 -35.14 -33.12 -27.95
C GLU RA 120 -33.95 -32.77 -27.07
N ILE RA 121 -33.90 -31.54 -26.58
CA ILE RA 121 -32.92 -31.15 -25.57
C ILE RA 121 -33.32 -31.77 -24.24
N GLY RA 122 -32.42 -31.76 -23.27
CA GLY RA 122 -32.72 -32.33 -21.99
C GLY RA 122 -31.54 -32.20 -21.05
N GLY RA 123 -31.74 -32.74 -19.84
CA GLY RA 123 -30.76 -32.63 -18.78
C GLY RA 123 -30.66 -31.26 -18.13
N LEU RA 124 -31.44 -30.30 -18.59
CA LEU RA 124 -31.42 -28.92 -18.14
C LEU RA 124 -32.85 -28.43 -17.93
N SER RA 125 -33.63 -29.28 -17.26
CA SER RA 125 -35.06 -29.10 -17.03
C SER RA 125 -35.40 -27.93 -16.12
N GLU RA 126 -34.42 -27.36 -15.41
CA GLU RA 126 -34.65 -26.11 -14.71
C GLU RA 126 -34.95 -24.99 -15.69
N GLN RA 127 -34.04 -24.78 -16.65
CA GLN RA 127 -34.10 -23.61 -17.52
C GLN RA 127 -35.27 -23.68 -18.48
N ILE RA 128 -35.64 -24.88 -18.91
CA ILE RA 128 -36.73 -25.12 -19.85
C ILE RA 128 -38.03 -24.61 -19.25
N ARG RA 129 -38.37 -25.20 -18.10
CA ARG RA 129 -39.54 -24.79 -17.32
C ARG RA 129 -39.46 -23.32 -16.94
N GLU RA 130 -38.26 -22.84 -16.59
CA GLU RA 130 -38.13 -21.49 -16.07
C GLU RA 130 -38.32 -20.45 -17.17
N LEU RA 131 -37.81 -20.73 -18.37
CA LEU RA 131 -38.02 -19.84 -19.50
C LEU RA 131 -39.47 -19.85 -19.93
N ARG RA 132 -40.10 -21.03 -19.86
CA ARG RA 132 -41.54 -21.13 -20.13
C ARG RA 132 -42.34 -20.28 -19.16
N GLU RA 133 -42.03 -20.37 -17.86
CA GLU RA 133 -42.72 -19.61 -16.84
C GLU RA 133 -42.49 -18.11 -16.99
N VAL RA 134 -41.31 -17.71 -17.47
CA VAL RA 134 -41.05 -16.28 -17.57
C VAL RA 134 -41.51 -15.66 -18.89
N ILE RA 135 -41.73 -16.47 -19.94
CA ILE RA 135 -42.14 -15.95 -21.24
C ILE RA 135 -43.59 -16.28 -21.56
N GLU RA 136 -43.93 -17.57 -21.59
CA GLU RA 136 -45.19 -18.00 -22.19
C GLU RA 136 -46.38 -17.63 -21.32
N LEU RA 137 -46.20 -17.67 -20.02
CA LEU RA 137 -47.30 -17.33 -19.13
C LEU RA 137 -47.67 -15.85 -19.09
N PRO RA 138 -46.75 -14.87 -19.07
CA PRO RA 138 -47.20 -13.47 -19.18
C PRO RA 138 -47.58 -13.04 -20.59
N LEU RA 139 -47.56 -13.92 -21.59
CA LEU RA 139 -48.13 -13.60 -22.88
C LEU RA 139 -49.42 -14.36 -23.17
N THR RA 140 -49.63 -15.50 -22.52
CA THR RA 140 -50.90 -16.20 -22.63
C THR RA 140 -51.91 -15.74 -21.59
N ASN RA 141 -51.48 -15.64 -20.33
CA ASN RA 141 -52.37 -15.27 -19.22
C ASN RA 141 -51.70 -14.17 -18.41
N PRO RA 142 -51.88 -12.92 -18.80
CA PRO RA 142 -51.24 -11.82 -18.05
C PRO RA 142 -51.91 -11.54 -16.70
N GLU RA 143 -53.12 -12.02 -16.48
CA GLU RA 143 -53.85 -11.71 -15.26
C GLU RA 143 -53.31 -12.47 -14.05
N LEU RA 144 -52.57 -13.56 -14.26
CA LEU RA 144 -51.83 -14.17 -13.18
C LEU RA 144 -50.73 -13.24 -12.67
N PHE RA 145 -50.24 -12.37 -13.54
CA PHE RA 145 -49.18 -11.44 -13.25
C PHE RA 145 -49.71 -10.04 -12.98
N GLN RA 146 -51.02 -9.84 -13.14
CA GLN RA 146 -51.69 -8.59 -12.82
C GLN RA 146 -52.47 -8.66 -11.51
N ARG RA 147 -53.00 -9.84 -11.16
CA ARG RA 147 -53.64 -10.04 -9.87
C ARG RA 147 -52.65 -9.82 -8.74
N VAL RA 148 -51.41 -10.28 -8.94
CA VAL RA 148 -50.33 -9.92 -8.04
C VAL RA 148 -50.00 -8.43 -8.17
N GLY RA 149 -50.12 -7.88 -9.36
CA GLY RA 149 -49.81 -6.47 -9.57
C GLY RA 149 -48.33 -6.19 -9.65
N ILE RA 150 -47.56 -7.09 -10.25
CA ILE RA 150 -46.13 -6.92 -10.42
C ILE RA 150 -45.81 -7.03 -11.91
N ILE RA 151 -45.12 -6.03 -12.43
CA ILE RA 151 -44.67 -5.91 -13.81
C ILE RA 151 -43.93 -7.18 -14.23
N PRO RA 152 -44.20 -7.74 -15.40
CA PRO RA 152 -43.52 -8.96 -15.82
C PRO RA 152 -42.07 -8.67 -16.18
N PRO RA 153 -41.19 -9.66 -16.05
CA PRO RA 153 -39.82 -9.48 -16.52
C PRO RA 153 -39.77 -9.43 -18.04
N LYS RA 154 -38.83 -8.65 -18.55
CA LYS RA 154 -38.74 -8.42 -19.98
C LYS RA 154 -37.67 -9.26 -20.64
N GLY RA 155 -36.43 -9.11 -20.19
CA GLY RA 155 -35.27 -9.68 -20.86
C GLY RA 155 -34.69 -10.85 -20.10
N CYS RA 156 -34.30 -11.87 -20.86
CA CYS RA 156 -33.71 -13.08 -20.31
C CYS RA 156 -32.33 -13.29 -20.92
N LEU RA 157 -31.37 -13.66 -20.09
CA LEU RA 157 -29.98 -13.85 -20.51
C LEU RA 157 -29.57 -15.29 -20.31
N LEU RA 158 -29.35 -16.00 -21.42
CA LEU RA 158 -28.76 -17.32 -21.36
C LEU RA 158 -27.25 -17.19 -21.41
N TYR RA 159 -26.55 -17.90 -20.53
CA TYR RA 159 -25.10 -17.86 -20.53
C TYR RA 159 -24.58 -19.15 -19.93
N GLY RA 160 -23.28 -19.35 -20.11
CA GLY RA 160 -22.64 -20.54 -19.61
C GLY RA 160 -21.47 -20.95 -20.50
N PRO RA 161 -20.96 -22.16 -20.28
CA PRO RA 161 -19.87 -22.65 -21.12
C PRO RA 161 -20.34 -22.89 -22.54
N PRO RA 162 -19.43 -22.85 -23.51
CA PRO RA 162 -19.81 -23.09 -24.90
C PRO RA 162 -20.23 -24.53 -25.12
N GLY RA 163 -21.24 -24.70 -25.96
CA GLY RA 163 -21.67 -26.03 -26.36
C GLY RA 163 -22.74 -26.64 -25.48
N THR RA 164 -23.33 -25.87 -24.59
CA THR RA 164 -24.42 -26.35 -23.75
C THR RA 164 -25.77 -26.26 -24.43
N GLY RA 165 -25.79 -26.02 -25.74
CA GLY RA 165 -27.05 -25.93 -26.45
C GLY RA 165 -27.82 -24.67 -26.13
N LYS RA 166 -27.11 -23.56 -25.91
CA LYS RA 166 -27.78 -22.28 -25.69
C LYS RA 166 -28.57 -21.85 -26.91
N THR RA 167 -28.10 -22.23 -28.10
CA THR RA 167 -28.84 -21.92 -29.32
C THR RA 167 -30.08 -22.78 -29.45
N LEU RA 168 -29.94 -24.10 -29.24
CA LEU RA 168 -31.02 -25.02 -29.55
C LEU RA 168 -32.19 -24.90 -28.57
N LEU RA 169 -31.97 -24.31 -27.38
CA LEU RA 169 -33.10 -24.08 -26.48
C LEU RA 169 -34.03 -23.01 -27.04
N ALA RA 170 -33.46 -21.90 -27.50
CA ALA RA 170 -34.25 -20.91 -28.22
C ALA RA 170 -34.80 -21.47 -29.52
N ARG RA 171 -34.08 -22.39 -30.16
CA ARG RA 171 -34.61 -23.03 -31.35
C ARG RA 171 -35.80 -23.92 -31.04
N ALA RA 172 -35.80 -24.53 -29.85
CA ALA RA 172 -36.95 -25.31 -29.41
C ALA RA 172 -38.13 -24.42 -29.10
N VAL RA 173 -37.86 -23.24 -28.56
CA VAL RA 173 -38.91 -22.23 -28.40
C VAL RA 173 -39.43 -21.81 -29.78
N ALA RA 174 -38.52 -21.69 -30.74
CA ALA RA 174 -38.83 -21.45 -32.15
C ALA RA 174 -39.49 -22.64 -32.83
N SER RA 175 -39.61 -23.78 -32.13
CA SER RA 175 -40.50 -24.84 -32.55
C SER RA 175 -41.63 -25.08 -31.55
N GLN RA 176 -41.85 -24.16 -30.61
CA GLN RA 176 -42.95 -24.30 -29.66
C GLN RA 176 -44.01 -23.22 -29.83
N LEU RA 177 -43.63 -21.95 -29.79
CA LEU RA 177 -44.62 -20.88 -29.95
C LEU RA 177 -44.89 -20.55 -31.42
N ASP RA 178 -43.84 -20.54 -32.24
CA ASP RA 178 -43.90 -20.40 -33.70
C ASP RA 178 -44.59 -19.10 -34.13
N CYS RA 179 -44.36 -18.03 -33.38
CA CYS RA 179 -45.14 -16.82 -33.59
C CYS RA 179 -44.39 -15.76 -34.40
N ASN RA 180 -43.35 -15.14 -33.86
CA ASN RA 180 -42.71 -14.09 -34.63
C ASN RA 180 -41.21 -13.99 -34.36
N PHE RA 181 -40.50 -15.11 -34.41
CA PHE RA 181 -39.11 -15.17 -33.97
C PHE RA 181 -38.21 -14.37 -34.90
N LEU RA 182 -37.78 -13.20 -34.43
CA LEU RA 182 -36.88 -12.35 -35.19
C LEU RA 182 -35.48 -12.67 -34.72
N LYS RA 183 -35.00 -13.84 -35.14
CA LYS RA 183 -33.70 -14.32 -34.67
C LYS RA 183 -32.59 -13.56 -35.39
N VAL RA 184 -32.12 -12.53 -34.72
CA VAL RA 184 -31.01 -11.72 -35.24
C VAL RA 184 -29.71 -12.43 -34.85
N VAL RA 185 -28.88 -12.71 -35.85
CA VAL RA 185 -27.56 -13.26 -35.55
C VAL RA 185 -26.61 -12.22 -34.99
N SER RA 186 -26.93 -10.94 -35.12
CA SER RA 186 -26.25 -9.80 -34.48
C SER RA 186 -24.79 -9.67 -34.87
N SER RA 187 -24.37 -10.30 -35.96
CA SER RA 187 -23.06 -10.08 -36.53
C SER RA 187 -23.13 -9.56 -37.94
N SER RA 188 -24.21 -9.88 -38.66
CA SER RA 188 -24.43 -9.40 -40.02
C SER RA 188 -25.28 -8.13 -40.03
N ILE RA 189 -25.20 -7.32 -38.98
CA ILE RA 189 -25.96 -6.08 -38.93
C ILE RA 189 -25.15 -4.96 -39.54
N VAL RA 190 -23.97 -4.68 -38.95
CA VAL RA 190 -23.11 -3.62 -39.43
C VAL RA 190 -22.54 -3.98 -40.80
N ASP RA 191 -22.62 -3.05 -41.74
CA ASP RA 191 -22.15 -3.34 -43.10
C ASP RA 191 -20.97 -2.47 -43.50
N LYS RA 192 -21.16 -1.15 -43.68
CA LYS RA 192 -20.04 -0.21 -43.64
C LYS RA 192 -20.44 1.19 -43.18
N TYR RA 193 -21.73 1.51 -43.22
CA TYR RA 193 -22.15 2.89 -43.39
C TYR RA 193 -22.31 3.59 -42.03
N ILE RA 194 -22.86 4.82 -42.08
CA ILE RA 194 -22.80 5.75 -40.96
C ILE RA 194 -23.85 5.43 -39.92
N GLY RA 195 -25.12 5.55 -40.30
CA GLY RA 195 -26.19 5.40 -39.34
C GLY RA 195 -27.16 4.33 -39.76
N GLU RA 196 -26.70 3.45 -40.66
CA GLU RA 196 -27.57 2.41 -41.19
C GLU RA 196 -27.97 1.40 -40.12
N SER RA 197 -27.03 1.05 -39.25
CA SER RA 197 -27.31 0.09 -38.19
C SER RA 197 -28.31 0.62 -37.18
N ALA RA 198 -28.21 1.92 -36.86
CA ALA RA 198 -29.18 2.57 -35.98
C ALA RA 198 -30.58 2.54 -36.59
N ARG RA 199 -30.66 2.76 -37.90
CA ARG RA 199 -31.95 2.72 -38.57
C ARG RA 199 -32.53 1.32 -38.62
N LEU RA 200 -31.65 0.31 -38.75
CA LEU RA 200 -32.12 -1.07 -38.69
C LEU RA 200 -32.63 -1.43 -37.30
N ILE RA 201 -32.02 -0.87 -36.26
CA ILE RA 201 -32.50 -1.09 -34.90
C ILE RA 201 -33.86 -0.44 -34.66
N ARG RA 202 -34.02 0.80 -35.16
CA ARG RA 202 -35.32 1.46 -35.15
C ARG RA 202 -36.36 0.64 -35.89
N GLU RA 203 -36.00 0.09 -37.04
CA GLU RA 203 -36.92 -0.71 -37.85
C GLU RA 203 -37.36 -1.96 -37.10
N MET RA 204 -36.42 -2.66 -36.47
CA MET RA 204 -36.76 -3.87 -35.72
C MET RA 204 -37.64 -3.54 -34.53
N PHE RA 205 -37.38 -2.42 -33.87
CA PHE RA 205 -38.20 -2.09 -32.71
C PHE RA 205 -39.60 -1.61 -33.08
N ASN RA 206 -39.74 -0.94 -34.22
CA ASN RA 206 -41.06 -0.58 -34.72
C ASN RA 206 -41.85 -1.83 -35.11
N TYR RA 207 -41.20 -2.73 -35.86
CA TYR RA 207 -41.82 -3.96 -36.31
C TYR RA 207 -42.22 -4.84 -35.14
N ALA RA 208 -41.39 -4.86 -34.09
CA ALA RA 208 -41.75 -5.61 -32.89
C ALA RA 208 -42.86 -4.93 -32.11
N ARG RA 209 -42.91 -3.59 -32.17
CA ARG RA 209 -43.98 -2.87 -31.50
C ARG RA 209 -45.32 -3.17 -32.16
N ASP RA 210 -45.32 -3.33 -33.48
CA ASP RA 210 -46.59 -3.48 -34.17
C ASP RA 210 -47.13 -4.90 -34.06
N HIS RA 211 -46.38 -5.90 -34.51
CA HIS RA 211 -46.81 -7.28 -34.45
C HIS RA 211 -46.64 -7.79 -33.02
N GLN RA 212 -47.62 -7.43 -32.19
CA GLN RA 212 -47.65 -7.45 -30.73
C GLN RA 212 -47.01 -8.68 -30.06
N PRO RA 213 -47.22 -9.93 -30.53
CA PRO RA 213 -46.39 -11.00 -29.92
C PRO RA 213 -45.07 -11.26 -30.68
N CYS RA 214 -44.09 -10.39 -30.50
CA CYS RA 214 -42.78 -10.63 -31.08
C CYS RA 214 -41.78 -11.15 -30.07
N ILE RA 215 -40.85 -11.96 -30.57
CA ILE RA 215 -39.77 -12.51 -29.79
C ILE RA 215 -38.48 -11.97 -30.37
N ILE RA 216 -37.78 -11.15 -29.62
CA ILE RA 216 -36.48 -10.65 -30.02
C ILE RA 216 -35.44 -11.67 -29.59
N PHE RA 217 -34.57 -12.05 -30.52
CA PHE RA 217 -33.49 -12.97 -30.21
C PHE RA 217 -32.21 -12.47 -30.88
N MET RA 218 -31.20 -12.19 -30.07
CA MET RA 218 -29.92 -11.69 -30.55
C MET RA 218 -28.83 -12.62 -30.05
N ASP RA 219 -28.36 -13.49 -30.92
CA ASP RA 219 -27.27 -14.39 -30.57
C ASP RA 219 -25.95 -13.65 -30.64
N GLU RA 220 -24.92 -14.22 -30.00
CA GLU RA 220 -23.51 -13.79 -29.96
C GLU RA 220 -23.31 -12.28 -29.79
N ILE RA 221 -23.86 -11.76 -28.69
CA ILE RA 221 -24.01 -10.31 -28.47
C ILE RA 221 -22.66 -9.61 -28.45
N ASP RA 222 -21.65 -10.26 -27.86
CA ASP RA 222 -20.38 -9.64 -27.44
C ASP RA 222 -19.64 -8.91 -28.55
N ALA RA 223 -19.88 -9.29 -29.81
CA ALA RA 223 -19.35 -8.52 -30.93
C ALA RA 223 -19.95 -7.11 -30.95
N ILE RA 224 -21.26 -7.02 -30.83
CA ILE RA 224 -21.91 -5.72 -30.94
C ILE RA 224 -22.05 -5.04 -29.58
N GLY RA 225 -21.87 -5.78 -28.49
CA GLY RA 225 -21.99 -5.23 -27.16
C GLY RA 225 -20.75 -4.48 -26.73
N GLY RA 226 -19.62 -5.19 -26.59
CA GLY RA 226 -18.41 -4.65 -25.98
C GLY RA 226 -18.69 -4.25 -24.53
N ARG RA 227 -17.75 -3.47 -23.99
CA ARG RA 227 -18.06 -2.74 -22.76
C ARG RA 227 -17.96 -1.24 -22.99
N ARG RA 228 -16.77 -0.72 -23.27
CA ARG RA 228 -16.47 0.71 -23.37
C ARG RA 228 -14.98 0.78 -23.70
N PHE RA 229 -14.53 1.95 -24.15
CA PHE RA 229 -13.13 2.18 -24.44
C PHE RA 229 -12.70 3.56 -23.97
N SER RA 230 -11.37 3.75 -23.94
CA SER RA 230 -10.74 5.05 -23.79
C SER RA 230 -10.50 5.68 -25.17
N GLU RA 231 -11.42 5.42 -26.10
CA GLU RA 231 -11.51 6.07 -27.40
C GLU RA 231 -10.30 5.70 -28.24
N GLY RA 232 -10.29 4.47 -28.74
CA GLY RA 232 -9.17 3.92 -29.49
C GLY RA 232 -9.47 3.93 -30.96
N THR RA 233 -9.94 2.81 -31.51
CA THR RA 233 -10.26 2.76 -32.93
C THR RA 233 -11.56 3.50 -33.20
N SER RA 234 -11.62 4.17 -34.36
CA SER RA 234 -12.71 5.09 -34.66
C SER RA 234 -14.02 4.37 -34.92
N ALA RA 235 -13.97 3.15 -35.48
CA ALA RA 235 -15.18 2.40 -35.75
C ALA RA 235 -15.89 1.99 -34.47
N ASP RA 236 -15.13 1.89 -33.37
CA ASP RA 236 -15.68 1.59 -32.07
C ASP RA 236 -16.61 2.68 -31.55
N ARG RA 237 -16.45 3.92 -32.02
CA ARG RA 237 -17.38 4.99 -31.69
C ARG RA 237 -18.78 4.65 -32.19
N GLU RA 238 -18.90 4.36 -33.48
CA GLU RA 238 -20.19 3.97 -34.02
C GLU RA 238 -20.67 2.63 -33.50
N ILE RA 239 -19.74 1.76 -33.10
CA ILE RA 239 -20.11 0.56 -32.36
C ILE RA 239 -20.84 0.94 -31.07
N GLN RA 240 -20.27 1.86 -30.30
CA GLN RA 240 -20.87 2.20 -29.02
C GLN RA 240 -22.17 2.97 -29.21
N ARG RA 241 -22.27 3.78 -30.27
CA ARG RA 241 -23.53 4.42 -30.58
C ARG RA 241 -24.59 3.43 -31.04
N THR RA 242 -24.18 2.40 -31.79
CA THR RA 242 -25.09 1.34 -32.19
C THR RA 242 -25.56 0.55 -30.97
N LEU RA 243 -24.72 0.47 -29.96
CA LEU RA 243 -25.12 -0.23 -28.73
C LEU RA 243 -26.02 0.66 -27.89
N MET RA 244 -25.74 1.97 -27.86
CA MET RA 244 -26.56 2.90 -27.10
C MET RA 244 -27.92 3.12 -27.74
N GLU RA 245 -28.04 2.84 -29.04
CA GLU RA 245 -29.36 2.69 -29.67
C GLU RA 245 -30.22 1.67 -28.94
N LEU RA 246 -29.67 0.48 -28.74
CA LEU RA 246 -30.37 -0.57 -28.01
C LEU RA 246 -30.59 -0.15 -26.56
N LEU RA 247 -29.56 0.43 -25.94
CA LEU RA 247 -29.63 0.87 -24.54
C LEU RA 247 -30.73 1.89 -24.30
N ASN RA 248 -31.00 2.74 -25.28
CA ASN RA 248 -32.12 3.66 -25.12
C ASN RA 248 -33.42 2.96 -25.44
N GLN RA 249 -33.58 2.46 -26.67
CA GLN RA 249 -34.90 2.07 -27.14
C GLN RA 249 -35.39 0.74 -26.57
N MET RA 250 -34.54 -0.03 -25.89
CA MET RA 250 -35.11 -1.12 -25.10
C MET RA 250 -35.83 -0.59 -23.88
N ASP RA 251 -35.42 0.55 -23.35
CA ASP RA 251 -36.07 1.13 -22.18
C ASP RA 251 -36.80 2.40 -22.54
N GLY RA 252 -36.10 3.43 -23.05
CA GLY RA 252 -36.70 4.69 -23.47
C GLY RA 252 -37.54 5.37 -22.41
N PHE RA 253 -38.62 6.00 -22.87
CA PHE RA 253 -39.75 6.37 -22.04
C PHE RA 253 -40.99 5.56 -22.40
N ASP RA 254 -41.25 5.37 -23.68
CA ASP RA 254 -42.31 4.49 -24.13
C ASP RA 254 -41.89 3.05 -23.87
N THR RA 255 -42.44 2.45 -22.81
CA THR RA 255 -42.07 1.09 -22.45
C THR RA 255 -42.58 0.08 -23.46
N LEU RA 256 -41.76 -0.93 -23.73
CA LEU RA 256 -42.15 -2.01 -24.61
C LEU RA 256 -43.21 -2.88 -23.93
N HIS RA 257 -43.94 -3.62 -24.75
CA HIS RA 257 -44.97 -4.52 -24.26
C HIS RA 257 -44.95 -5.78 -25.10
N ARG RA 258 -44.89 -6.94 -24.42
CA ARG RA 258 -44.73 -8.27 -24.99
C ARG RA 258 -43.47 -8.42 -25.83
N VAL RA 259 -42.50 -7.52 -25.67
CA VAL RA 259 -41.26 -7.55 -26.44
C VAL RA 259 -40.27 -8.33 -25.56
N LYS RA 260 -40.23 -9.63 -25.77
CA LYS RA 260 -39.42 -10.50 -24.94
C LYS RA 260 -38.10 -10.77 -25.64
N MET RA 261 -37.01 -10.45 -24.98
CA MET RA 261 -35.69 -10.47 -25.58
C MET RA 261 -34.92 -11.66 -25.03
N ILE RA 262 -34.52 -12.56 -25.92
CA ILE RA 262 -33.78 -13.75 -25.54
C ILE RA 262 -32.34 -13.58 -26.00
N MET RA 263 -31.42 -13.73 -25.06
CA MET RA 263 -30.04 -13.35 -25.28
C MET RA 263 -29.12 -14.51 -24.96
N ALA RA 264 -28.06 -14.66 -25.75
CA ALA RA 264 -27.10 -15.73 -25.57
C ALA RA 264 -25.70 -15.21 -25.87
N THR RA 265 -24.72 -15.72 -25.12
CA THR RA 265 -23.36 -15.24 -25.22
C THR RA 265 -22.39 -16.40 -25.09
N ASN RA 266 -21.15 -16.14 -25.50
CA ASN RA 266 -20.04 -17.08 -25.34
C ASN RA 266 -19.23 -16.79 -24.09
N ARG RA 267 -18.95 -15.53 -23.80
CA ARG RA 267 -18.48 -15.14 -22.49
C ARG RA 267 -19.20 -13.87 -22.05
N PRO RA 268 -19.98 -13.94 -20.97
CA PRO RA 268 -20.71 -12.78 -20.48
C PRO RA 268 -19.88 -11.83 -19.62
N ASP RA 269 -18.58 -12.06 -19.48
CA ASP RA 269 -17.78 -11.18 -18.66
C ASP RA 269 -17.43 -9.88 -19.37
N THR RA 270 -17.52 -9.87 -20.70
CA THR RA 270 -17.09 -8.74 -21.50
C THR RA 270 -18.23 -7.82 -21.88
N LEU RA 271 -19.44 -8.05 -21.35
CA LEU RA 271 -20.53 -7.16 -21.66
C LEU RA 271 -20.37 -5.82 -20.95
N ASP RA 272 -21.09 -4.84 -21.45
CA ASP RA 272 -21.19 -3.55 -20.79
C ASP RA 272 -22.15 -3.67 -19.61
N PRO RA 273 -21.75 -3.21 -18.42
CA PRO RA 273 -22.72 -3.01 -17.31
C PRO RA 273 -23.94 -2.16 -17.63
N ALA RA 274 -23.86 -1.32 -18.66
CA ALA RA 274 -25.06 -0.69 -19.20
C ALA RA 274 -26.07 -1.72 -19.69
N LEU RA 275 -25.58 -2.84 -20.23
CA LEU RA 275 -26.48 -3.91 -20.64
C LEU RA 275 -26.71 -4.93 -19.54
N LEU RA 276 -25.82 -4.98 -18.55
CA LEU RA 276 -25.86 -6.04 -17.55
C LEU RA 276 -26.91 -5.81 -16.46
N ARG RA 277 -27.48 -4.60 -16.35
CA ARG RA 277 -28.41 -4.37 -15.28
C ARG RA 277 -29.74 -5.07 -15.53
N PRO RA 278 -30.52 -5.31 -14.49
CA PRO RA 278 -31.92 -5.70 -14.68
C PRO RA 278 -32.76 -4.57 -15.25
N GLY RA 279 -34.01 -4.88 -15.55
CA GLY RA 279 -34.84 -3.93 -16.25
C GLY RA 279 -34.78 -4.16 -17.75
N ARG RA 280 -33.59 -4.04 -18.33
CA ARG RA 280 -33.41 -4.48 -19.70
C ARG RA 280 -33.38 -6.00 -19.78
N LEU RA 281 -32.43 -6.63 -19.12
CA LEU RA 281 -32.33 -8.08 -19.02
C LEU RA 281 -32.57 -8.45 -17.57
N ASP RA 282 -33.73 -9.01 -17.28
CA ASP RA 282 -34.18 -9.15 -15.90
C ASP RA 282 -33.42 -10.23 -15.15
N ARG RA 283 -33.54 -11.49 -15.57
CA ARG RA 283 -33.02 -12.60 -14.81
C ARG RA 283 -31.89 -13.28 -15.58
N LYS RA 284 -30.72 -13.33 -14.97
CA LYS RA 284 -29.61 -14.11 -15.50
C LYS RA 284 -29.93 -15.58 -15.39
N ILE RA 285 -29.94 -16.27 -16.52
CA ILE RA 285 -30.30 -17.69 -16.57
C ILE RA 285 -29.07 -18.46 -17.02
N HIS RA 286 -28.57 -19.32 -16.15
CA HIS RA 286 -27.28 -19.96 -16.33
C HIS RA 286 -27.47 -21.41 -16.72
N ILE RA 287 -26.77 -21.83 -17.76
CA ILE RA 287 -26.72 -23.22 -18.17
C ILE RA 287 -25.29 -23.70 -17.95
N ASP RA 288 -25.15 -24.93 -17.45
CA ASP RA 288 -23.82 -25.50 -17.23
C ASP RA 288 -23.79 -26.91 -17.80
N LEU RA 289 -22.67 -27.59 -17.56
CA LEU RA 289 -22.42 -28.89 -18.19
C LEU RA 289 -23.30 -29.96 -17.55
N PRO RA 290 -23.71 -30.96 -18.32
CA PRO RA 290 -24.60 -32.02 -17.79
C PRO RA 290 -23.95 -32.84 -16.68
N ASN RA 291 -24.79 -33.29 -15.75
CA ASN RA 291 -24.41 -34.22 -14.70
C ASN RA 291 -24.55 -35.64 -15.22
N GLU RA 292 -24.46 -36.63 -14.32
CA GLU RA 292 -24.47 -38.03 -14.74
C GLU RA 292 -25.81 -38.44 -15.32
N GLN RA 293 -26.89 -38.13 -14.62
CA GLN RA 293 -28.23 -38.42 -15.14
C GLN RA 293 -28.53 -37.58 -16.37
N ALA RA 294 -28.00 -36.36 -16.42
CA ALA RA 294 -28.20 -35.50 -17.58
C ALA RA 294 -27.42 -36.00 -18.78
N ARG RA 295 -26.17 -36.44 -18.57
CA ARG RA 295 -25.40 -37.08 -19.65
C ARG RA 295 -26.09 -38.34 -20.12
N LEU RA 296 -26.70 -39.08 -19.20
CA LEU RA 296 -27.49 -40.26 -19.56
C LEU RA 296 -28.66 -39.87 -20.45
N ASP RA 297 -29.31 -38.76 -20.12
CA ASP RA 297 -30.49 -38.31 -20.85
C ASP RA 297 -30.13 -37.90 -22.27
N ILE RA 298 -29.10 -37.06 -22.43
CA ILE RA 298 -28.68 -36.64 -23.77
C ILE RA 298 -28.15 -37.82 -24.57
N LEU RA 299 -27.40 -38.73 -23.93
CA LEU RA 299 -26.85 -39.89 -24.63
C LEU RA 299 -27.95 -40.79 -25.15
N LYS RA 300 -28.98 -41.06 -24.35
CA LYS RA 300 -30.08 -41.88 -24.83
C LYS RA 300 -31.02 -41.14 -25.75
N ILE RA 301 -30.96 -39.81 -25.77
CA ILE RA 301 -31.67 -39.07 -26.81
C ILE RA 301 -30.95 -39.22 -28.14
N HIS RA 302 -29.63 -39.12 -28.15
CA HIS RA 302 -28.91 -39.31 -29.40
C HIS RA 302 -28.86 -40.77 -29.83
N ALA RA 303 -28.83 -41.70 -28.88
CA ALA RA 303 -28.71 -43.11 -29.20
C ALA RA 303 -30.02 -43.76 -29.62
N GLY RA 304 -31.07 -42.97 -29.89
CA GLY RA 304 -32.32 -43.52 -30.33
C GLY RA 304 -32.27 -44.12 -31.72
N PRO RA 305 -32.14 -43.27 -32.75
CA PRO RA 305 -32.16 -43.80 -34.12
C PRO RA 305 -30.80 -44.26 -34.62
N ILE RA 306 -30.07 -45.03 -33.83
CA ILE RA 306 -28.76 -45.54 -34.23
C ILE RA 306 -28.80 -47.05 -34.24
N THR RA 307 -28.44 -47.63 -35.38
CA THR RA 307 -28.53 -49.08 -35.61
C THR RA 307 -27.45 -49.80 -34.81
N LYS RA 308 -27.86 -50.54 -33.79
CA LYS RA 308 -26.92 -51.20 -32.90
C LYS RA 308 -27.60 -52.45 -32.34
N HIS RA 309 -27.02 -53.02 -31.29
CA HIS RA 309 -27.57 -54.21 -30.67
C HIS RA 309 -27.69 -53.99 -29.17
N GLY RA 310 -28.48 -54.85 -28.52
CA GLY RA 310 -28.80 -54.70 -27.12
C GLY RA 310 -27.65 -55.07 -26.20
N GLU RA 311 -26.61 -54.25 -26.20
CA GLU RA 311 -25.38 -54.55 -25.49
C GLU RA 311 -24.87 -53.33 -24.73
N ILE RA 312 -25.55 -52.19 -24.83
CA ILE RA 312 -24.94 -50.91 -24.54
C ILE RA 312 -24.97 -50.65 -23.04
N ASP RA 313 -23.81 -50.76 -22.40
CA ASP RA 313 -23.69 -50.22 -21.05
C ASP RA 313 -23.62 -48.70 -21.19
N TYR RA 314 -24.76 -48.04 -21.04
CA TYR RA 314 -24.78 -46.59 -21.04
C TYR RA 314 -24.05 -46.03 -19.82
N GLU RA 315 -24.07 -46.76 -18.71
CA GLU RA 315 -23.38 -46.33 -17.51
C GLU RA 315 -21.87 -46.30 -17.71
N ALA RA 316 -21.33 -47.21 -18.51
CA ALA RA 316 -19.90 -47.19 -18.80
C ALA RA 316 -19.52 -45.94 -19.60
N ILE RA 317 -20.31 -45.62 -20.62
CA ILE RA 317 -20.02 -44.49 -21.49
C ILE RA 317 -20.16 -43.18 -20.73
N VAL RA 318 -21.22 -43.05 -19.94
CA VAL RA 318 -21.43 -41.87 -19.12
C VAL RA 318 -20.40 -41.83 -17.99
N LYS RA 319 -19.88 -42.99 -17.57
CA LYS RA 319 -18.87 -43.02 -16.53
C LYS RA 319 -17.55 -42.46 -17.04
N LEU RA 320 -17.15 -42.88 -18.23
CA LEU RA 320 -15.97 -42.27 -18.83
C LEU RA 320 -16.27 -40.85 -19.31
N SER RA 321 -17.53 -40.51 -19.54
CA SER RA 321 -17.89 -39.14 -19.89
C SER RA 321 -17.74 -38.24 -18.67
N ASP RA 322 -16.98 -37.16 -18.80
CA ASP RA 322 -16.68 -36.33 -17.64
C ASP RA 322 -16.65 -34.87 -18.10
N GLY RA 323 -17.68 -34.11 -17.72
CA GLY RA 323 -17.72 -32.68 -17.94
C GLY RA 323 -17.78 -32.31 -19.40
N PHE RA 324 -18.89 -32.64 -20.05
CA PHE RA 324 -18.98 -32.60 -21.50
C PHE RA 324 -20.14 -31.69 -21.90
N ASN RA 325 -20.48 -31.70 -23.17
CA ASN RA 325 -21.36 -30.71 -23.78
C ASN RA 325 -22.60 -31.33 -24.41
N GLY RA 326 -23.45 -30.45 -24.94
CA GLY RA 326 -24.53 -30.85 -25.84
C GLY RA 326 -23.96 -31.60 -27.04
N ALA RA 327 -22.79 -31.15 -27.50
CA ALA RA 327 -22.27 -31.59 -28.78
C ALA RA 327 -21.16 -32.61 -28.63
N ASP RA 328 -20.49 -32.62 -27.47
CA ASP RA 328 -19.56 -33.67 -27.09
C ASP RA 328 -20.13 -35.07 -27.22
N LEU RA 329 -21.28 -35.33 -26.61
CA LEU RA 329 -21.86 -36.66 -26.68
C LEU RA 329 -22.55 -36.90 -28.01
N ARG RA 330 -22.99 -35.83 -28.65
CA ARG RA 330 -23.37 -35.90 -30.05
C ARG RA 330 -22.19 -36.32 -30.92
N ASN RA 331 -21.00 -35.77 -30.63
CA ASN RA 331 -19.80 -36.19 -31.33
C ASN RA 331 -19.42 -37.62 -30.97
N VAL RA 332 -19.75 -38.06 -29.74
CA VAL RA 332 -19.53 -39.44 -29.35
C VAL RA 332 -20.35 -40.38 -30.21
N CYS RA 333 -21.64 -40.07 -30.37
CA CYS RA 333 -22.50 -40.91 -31.20
C CYS RA 333 -22.10 -40.83 -32.68
N THR RA 334 -21.68 -39.64 -33.14
CA THR RA 334 -21.26 -39.47 -34.53
C THR RA 334 -20.00 -40.27 -34.82
N GLU RA 335 -19.00 -40.16 -33.96
CA GLU RA 335 -17.79 -40.94 -34.13
C GLU RA 335 -17.99 -42.41 -33.83
N ALA RA 336 -19.01 -42.76 -33.04
CA ALA RA 336 -19.38 -44.15 -32.89
C ALA RA 336 -19.85 -44.71 -34.22
N GLY RA 337 -20.66 -43.94 -34.94
CA GLY RA 337 -21.03 -44.32 -36.30
C GLY RA 337 -19.83 -44.35 -37.24
N MET RA 338 -18.88 -43.45 -37.04
CA MET RA 338 -17.65 -43.43 -37.82
C MET RA 338 -16.86 -44.73 -37.63
N PHE RA 339 -16.58 -45.09 -36.37
CA PHE RA 339 -15.93 -46.34 -36.05
C PHE RA 339 -16.75 -47.56 -36.45
N ALA RA 340 -18.07 -47.42 -36.58
CA ALA RA 340 -18.87 -48.50 -37.13
C ALA RA 340 -18.57 -48.70 -38.61
N ILE RA 341 -18.49 -47.60 -39.37
CA ILE RA 341 -18.12 -47.72 -40.78
C ILE RA 341 -16.65 -48.08 -40.94
N ARG RA 342 -15.81 -47.74 -39.96
CA ARG RA 342 -14.48 -48.34 -39.87
C ARG RA 342 -14.64 -49.83 -39.67
N ALA RA 343 -13.98 -50.60 -40.54
CA ALA RA 343 -14.00 -52.07 -40.64
C ALA RA 343 -15.37 -52.64 -40.98
N ASP RA 344 -16.31 -51.80 -41.44
CA ASP RA 344 -17.57 -52.18 -42.10
C ASP RA 344 -18.43 -53.16 -41.32
N HIS RA 345 -18.92 -52.75 -40.15
CA HIS RA 345 -19.63 -53.67 -39.28
C HIS RA 345 -21.14 -53.68 -39.50
N ASP RA 346 -21.72 -52.57 -39.98
CA ASP RA 346 -23.11 -52.38 -40.41
C ASP RA 346 -24.09 -52.37 -39.23
N PHE RA 347 -23.62 -52.73 -38.03
CA PHE RA 347 -24.11 -52.31 -36.73
C PHE RA 347 -23.03 -51.54 -35.99
N VAL RA 348 -23.41 -50.89 -34.90
CA VAL RA 348 -22.47 -50.16 -34.06
C VAL RA 348 -22.14 -51.01 -32.84
N VAL RA 349 -20.91 -51.51 -32.77
CA VAL RA 349 -20.52 -52.30 -31.61
C VAL RA 349 -20.24 -51.36 -30.44
N GLN RA 350 -20.32 -51.91 -29.22
CA GLN RA 350 -20.20 -51.10 -28.01
C GLN RA 350 -18.78 -50.58 -27.81
N GLU RA 351 -17.79 -51.25 -28.38
CA GLU RA 351 -16.40 -50.80 -28.27
C GLU RA 351 -16.16 -49.55 -29.09
N ASP RA 352 -16.94 -49.34 -30.16
CA ASP RA 352 -16.86 -48.10 -30.92
C ASP RA 352 -17.21 -46.89 -30.07
N PHE RA 353 -18.12 -47.07 -29.11
CA PHE RA 353 -18.44 -45.98 -28.19
C PHE RA 353 -17.26 -45.64 -27.30
N MET RA 354 -16.52 -46.66 -26.85
CA MET RA 354 -15.34 -46.40 -26.03
C MET RA 354 -14.22 -45.78 -26.86
N LYS RA 355 -14.10 -46.18 -28.12
CA LYS RA 355 -13.15 -45.55 -29.04
C LYS RA 355 -13.50 -44.09 -29.28
N ALA RA 356 -14.78 -43.79 -29.43
CA ALA RA 356 -15.21 -42.41 -29.62
C ALA RA 356 -15.03 -41.60 -28.33
N VAL RA 357 -15.22 -42.23 -27.17
CA VAL RA 357 -14.99 -41.55 -25.90
C VAL RA 357 -13.52 -41.20 -25.74
N ARG RA 358 -12.63 -42.11 -26.14
CA ARG RA 358 -11.21 -41.79 -26.10
C ARG RA 358 -10.81 -40.81 -27.19
N LYS RA 359 -11.57 -40.74 -28.27
CA LYS RA 359 -11.36 -39.66 -29.24
C LYS RA 359 -11.76 -38.31 -28.66
N VAL RA 360 -12.85 -38.27 -27.90
CA VAL RA 360 -13.24 -37.05 -27.19
C VAL RA 360 -12.20 -36.69 -26.13
N ALA RA 361 -11.61 -37.71 -25.50
CA ALA RA 361 -10.53 -37.48 -24.55
C ALA RA 361 -9.30 -36.91 -25.23
N ASP RA 362 -9.05 -37.33 -26.47
CA ASP RA 362 -7.99 -36.70 -27.25
C ASP RA 362 -8.36 -35.28 -27.63
N SER RA 363 -9.64 -35.02 -27.86
CA SER RA 363 -10.06 -33.69 -28.30
C SER RA 363 -9.92 -32.66 -27.19
N LYS RA 364 -10.45 -32.97 -26.00
CA LYS RA 364 -10.53 -31.99 -24.93
C LYS RA 364 -9.30 -32.02 -24.03
N LYS RA 365 -8.15 -32.46 -24.56
CA LYS RA 365 -6.86 -32.15 -23.97
C LYS RA 365 -6.23 -30.95 -24.65
N LEU RA 366 -7.04 -30.12 -25.31
CA LEU RA 366 -6.58 -28.89 -25.93
C LEU RA 366 -7.46 -27.70 -25.58
N GLU RA 367 -8.43 -27.87 -24.68
CA GLU RA 367 -9.40 -26.85 -24.34
C GLU RA 367 -9.50 -26.72 -22.82
N SER RA 368 -9.74 -25.49 -22.36
CA SER RA 368 -9.81 -25.21 -20.93
C SER RA 368 -10.54 -23.89 -20.71
N LYS RA 369 -10.55 -23.44 -19.45
CA LYS RA 369 -11.08 -22.17 -18.96
C LYS RA 369 -12.54 -21.98 -19.37
N LEU RA 370 -13.41 -22.80 -18.80
CA LEU RA 370 -14.80 -22.90 -19.22
C LEU RA 370 -15.75 -22.32 -18.19
N ASP RA 371 -15.34 -21.27 -17.49
CA ASP RA 371 -16.11 -20.71 -16.37
C ASP RA 371 -16.02 -19.19 -16.39
N TYR RA 372 -17.00 -18.56 -17.05
CA TYR RA 372 -17.07 -17.11 -17.21
C TYR RA 372 -18.34 -16.64 -16.51
N LYS RA 373 -18.26 -16.47 -15.20
CA LYS RA 373 -19.49 -15.94 -14.62
C LYS RA 373 -19.46 -14.42 -14.64
N PRO RA 374 -20.48 -13.76 -15.15
CA PRO RA 374 -20.44 -12.29 -15.23
C PRO RA 374 -20.72 -11.65 -13.89
N VAL RA 375 -20.08 -10.50 -13.67
CA VAL RA 375 -20.26 -9.65 -12.49
C VAL RA 375 -19.99 -10.36 -11.16
N ARG SA 1 -74.94 -37.81 -98.84
CA ARG SA 1 -73.59 -37.25 -98.80
C ARG SA 1 -73.63 -35.73 -98.72
N THR SA 2 -74.81 -35.19 -98.41
CA THR SA 2 -74.98 -33.74 -98.34
C THR SA 2 -74.32 -33.15 -97.10
N ARG SA 3 -74.46 -33.83 -95.96
CA ARG SA 3 -73.83 -33.36 -94.73
C ARG SA 3 -72.30 -33.50 -94.79
N LEU SA 4 -71.80 -34.47 -95.57
CA LEU SA 4 -70.36 -34.60 -95.75
C LEU SA 4 -69.79 -33.41 -96.54
N LEU SA 5 -70.50 -32.98 -97.58
CA LEU SA 5 -70.06 -31.80 -98.32
C LEU SA 5 -70.26 -30.51 -97.51
N ASP SA 6 -71.31 -30.48 -96.68
CA ASP SA 6 -71.51 -29.36 -95.76
C ASP SA 6 -70.35 -29.24 -94.78
N SER SA 7 -69.92 -30.38 -94.21
CA SER SA 7 -68.74 -30.37 -93.35
C SER SA 7 -67.47 -30.11 -94.14
N GLU SA 8 -67.45 -30.45 -95.43
CA GLU SA 8 -66.28 -30.15 -96.26
C GLU SA 8 -66.14 -28.64 -96.47
N ILE SA 9 -67.25 -27.94 -96.70
CA ILE SA 9 -67.19 -26.49 -96.78
C ILE SA 9 -66.99 -25.88 -95.40
N LYS SA 10 -67.46 -26.56 -94.35
CA LYS SA 10 -67.20 -26.09 -92.99
C LYS SA 10 -65.73 -26.26 -92.60
N ILE SA 11 -65.04 -27.21 -93.23
CA ILE SA 11 -63.59 -27.31 -93.06
C ILE SA 11 -62.91 -26.10 -93.68
N MET SA 12 -63.43 -25.59 -94.80
CA MET SA 12 -62.91 -24.36 -95.37
C MET SA 12 -63.27 -23.14 -94.52
N LYS SA 13 -64.45 -23.15 -93.88
CA LYS SA 13 -64.80 -22.10 -92.94
C LYS SA 13 -63.93 -22.14 -91.69
N SER SA 14 -63.54 -23.34 -91.25
CA SER SA 14 -62.61 -23.45 -90.14
C SER SA 14 -61.19 -23.11 -90.56
N GLU SA 15 -60.87 -23.28 -91.83
CA GLU SA 15 -59.59 -22.75 -92.34
C GLU SA 15 -59.62 -21.24 -92.41
N VAL SA 16 -60.77 -20.64 -92.69
CA VAL SA 16 -60.91 -19.19 -92.61
C VAL SA 16 -60.80 -18.73 -91.16
N LEU SA 17 -61.30 -19.55 -90.22
CA LEU SA 17 -61.12 -19.24 -88.80
C LEU SA 17 -59.68 -19.41 -88.37
N ARG SA 18 -58.95 -20.36 -88.96
CA ARG SA 18 -57.52 -20.47 -88.74
C ARG SA 18 -56.77 -19.28 -89.34
N VAL SA 19 -57.27 -18.74 -90.45
CA VAL SA 19 -56.69 -17.52 -91.00
C VAL SA 19 -56.97 -16.33 -90.10
N THR SA 20 -58.15 -16.30 -89.47
CA THR SA 20 -58.45 -15.25 -88.50
C THR SA 20 -57.56 -15.40 -87.26
N HIS SA 21 -57.28 -16.64 -86.86
CA HIS SA 21 -56.34 -16.90 -85.79
C HIS SA 21 -54.93 -16.45 -86.17
N GLU SA 22 -54.53 -16.73 -87.42
CA GLU SA 22 -53.23 -16.30 -87.93
C GLU SA 22 -53.13 -14.78 -87.94
N LEU SA 23 -54.20 -14.09 -88.33
CA LEU SA 23 -54.19 -12.63 -88.37
C LEU SA 23 -54.13 -12.04 -86.97
N GLN SA 24 -55.11 -12.37 -86.12
CA GLN SA 24 -55.16 -11.83 -84.76
C GLN SA 24 -54.03 -12.35 -83.86
N ALA SA 25 -53.31 -13.38 -84.29
CA ALA SA 25 -52.12 -13.83 -83.59
C ALA SA 25 -50.87 -13.12 -84.10
N MET SA 26 -50.60 -13.20 -85.40
CA MET SA 26 -49.37 -12.67 -85.97
C MET SA 26 -49.33 -11.15 -85.89
N LYS SA 27 -50.42 -10.48 -86.28
CA LYS SA 27 -50.46 -9.02 -86.28
C LYS SA 27 -50.32 -8.45 -84.87
N ASP SA 28 -51.19 -8.90 -83.96
CA ASP SA 28 -51.15 -8.42 -82.57
C ASP SA 28 -49.84 -8.79 -81.89
N LYS SA 29 -49.31 -9.98 -82.21
CA LYS SA 29 -48.06 -10.44 -81.61
C LYS SA 29 -46.89 -9.59 -82.07
N ILE SA 30 -46.80 -9.30 -83.36
CA ILE SA 30 -45.69 -8.51 -83.89
C ILE SA 30 -45.81 -7.05 -83.46
N LYS SA 31 -47.03 -6.53 -83.28
CA LYS SA 31 -47.19 -5.18 -82.73
C LYS SA 31 -46.73 -5.11 -81.28
N GLU SA 32 -47.07 -6.12 -80.48
CA GLU SA 32 -46.62 -6.14 -79.09
C GLU SA 32 -45.13 -6.46 -79.01
N ASN SA 33 -44.60 -7.21 -79.97
CA ASN SA 33 -43.14 -7.38 -80.07
C ASN SA 33 -42.46 -6.07 -80.46
N SER SA 34 -43.13 -5.23 -81.24
CA SER SA 34 -42.57 -3.92 -81.58
C SER SA 34 -42.59 -2.99 -80.38
N GLU SA 35 -43.61 -3.10 -79.54
CA GLU SA 35 -43.59 -2.33 -78.30
C GLU SA 35 -42.49 -2.84 -77.36
N LYS SA 36 -42.28 -4.16 -77.32
CA LYS SA 36 -41.17 -4.71 -76.57
C LYS SA 36 -39.81 -4.40 -77.20
N ILE SA 37 -39.78 -4.12 -78.50
CA ILE SA 37 -38.59 -3.55 -79.13
C ILE SA 37 -38.35 -2.14 -78.59
N LYS SA 38 -39.41 -1.33 -78.51
CA LYS SA 38 -39.27 0.04 -78.02
C LYS SA 38 -38.85 0.09 -76.55
N VAL SA 39 -39.32 -0.85 -75.75
CA VAL SA 39 -39.16 -0.77 -74.30
C VAL SA 39 -37.93 -1.58 -73.87
N ASN SA 40 -37.69 -2.69 -74.54
CA ASN SA 40 -36.69 -3.63 -74.08
C ASN SA 40 -35.32 -3.44 -74.70
N LYS SA 41 -35.21 -2.72 -75.83
CA LYS SA 41 -33.89 -2.49 -76.39
C LYS SA 41 -33.09 -1.40 -75.68
N THR SA 42 -33.59 -0.86 -74.57
CA THR SA 42 -32.97 0.29 -73.91
C THR SA 42 -31.86 -0.18 -72.98
N LEU SA 43 -30.88 -0.87 -73.58
CA LEU SA 43 -29.92 -1.77 -72.95
C LEU SA 43 -29.20 -1.30 -71.68
N PRO SA 44 -28.92 0.01 -71.46
CA PRO SA 44 -28.54 0.42 -70.11
C PRO SA 44 -29.68 0.22 -69.10
N TYR SA 45 -29.51 -0.71 -68.18
CA TYR SA 45 -30.51 -0.98 -67.15
C TYR SA 45 -29.91 -0.70 -65.78
N LEU SA 46 -30.49 0.24 -65.05
CA LEU SA 46 -30.14 0.42 -63.65
C LEU SA 46 -30.68 -0.73 -62.83
N VAL SA 47 -29.82 -1.37 -62.04
CA VAL SA 47 -30.24 -2.45 -61.19
C VAL SA 47 -30.30 -1.94 -59.76
N SER SA 48 -30.95 -2.71 -58.92
CA SER SA 48 -31.50 -2.15 -57.69
C SER SA 48 -31.86 -3.29 -56.76
N ASN SA 49 -32.53 -2.98 -55.65
CA ASN SA 49 -33.00 -4.01 -54.72
C ASN SA 49 -34.47 -3.82 -54.40
N VAL SA 50 -35.22 -4.91 -54.51
CA VAL SA 50 -36.64 -4.90 -54.20
C VAL SA 50 -36.82 -4.83 -52.69
N ILE SA 51 -37.47 -3.77 -52.21
CA ILE SA 51 -37.67 -3.67 -50.77
C ILE SA 51 -38.87 -4.50 -50.37
N GLU SA 52 -40.07 -4.16 -50.86
CA GLU SA 52 -41.27 -4.88 -50.45
C GLU SA 52 -42.15 -5.16 -51.67
N LEU SA 53 -43.25 -5.87 -51.39
CA LEU SA 53 -44.26 -6.22 -52.39
C LEU SA 53 -45.61 -5.90 -51.78
N LEU SA 54 -46.23 -4.81 -52.20
CA LEU SA 54 -47.52 -4.41 -51.66
C LEU SA 54 -48.66 -4.88 -52.56
N ASP SA 55 -49.82 -5.10 -51.95
CA ASP SA 55 -50.99 -5.61 -52.64
C ASP SA 55 -52.19 -4.70 -52.33
N VAL SA 56 -52.36 -3.67 -53.15
CA VAL SA 56 -53.56 -2.83 -53.10
C VAL SA 56 -54.09 -2.61 -54.50
N LYS SA 77 -49.23 -6.42 -55.70
CA LYS SA 77 -49.00 -6.21 -57.11
C LYS SA 77 -48.37 -4.85 -57.29
N CYS SA 78 -47.74 -4.38 -56.20
CA CYS SA 78 -47.02 -3.12 -56.17
C CYS SA 78 -45.64 -3.37 -55.59
N ALA SA 79 -44.61 -2.87 -56.28
CA ALA SA 79 -43.23 -3.12 -55.93
C ALA SA 79 -42.51 -1.81 -55.66
N VAL SA 80 -41.64 -1.82 -54.67
CA VAL SA 80 -40.87 -0.64 -54.28
C VAL SA 80 -39.40 -0.94 -54.52
N ILE SA 81 -38.74 -0.04 -55.22
CA ILE SA 81 -37.38 -0.24 -55.70
C ILE SA 81 -36.46 0.70 -54.93
N LYS SA 82 -35.41 0.13 -54.32
CA LYS SA 82 -34.29 0.91 -53.82
C LYS SA 82 -33.16 0.81 -54.82
N THR SA 83 -32.84 1.92 -55.47
CA THR SA 83 -31.80 1.96 -56.49
C THR SA 83 -30.44 1.69 -55.88
N SER SA 84 -29.49 1.36 -56.76
CA SER SA 84 -28.09 1.28 -56.37
C SER SA 84 -27.43 2.64 -56.26
N THR SA 85 -28.18 3.72 -56.52
CA THR SA 85 -27.81 5.07 -56.10
C THR SA 85 -28.24 5.36 -54.68
N ARG SA 86 -28.57 4.32 -53.91
CA ARG SA 86 -29.03 4.39 -52.52
C ARG SA 86 -30.34 5.18 -52.38
N GLN SA 87 -31.13 5.25 -53.45
CA GLN SA 87 -32.36 6.01 -53.43
C GLN SA 87 -33.53 5.11 -53.81
N THR SA 88 -34.74 5.62 -53.59
CA THR SA 88 -35.93 4.81 -53.65
C THR SA 88 -36.90 5.28 -54.73
N TYR SA 89 -37.78 4.38 -55.13
CA TYR SA 89 -38.89 4.66 -56.03
C TYR SA 89 -40.05 3.75 -55.68
N PHE SA 90 -41.25 4.32 -55.68
CA PHE SA 90 -42.46 3.51 -55.69
C PHE SA 90 -42.89 3.28 -57.13
N LEU SA 91 -43.44 2.10 -57.39
CA LEU SA 91 -44.22 1.92 -58.58
C LEU SA 91 -45.41 1.00 -58.29
N PRO SA 92 -46.59 1.35 -58.82
CA PRO SA 92 -47.76 0.50 -58.63
C PRO SA 92 -47.90 -0.59 -59.67
N VAL SA 93 -47.19 -0.48 -60.79
CA VAL SA 93 -47.28 -1.41 -61.90
C VAL SA 93 -45.95 -2.14 -61.98
N ILE SA 94 -46.00 -3.47 -61.88
CA ILE SA 94 -44.79 -4.27 -61.70
C ILE SA 94 -43.91 -4.22 -62.95
N GLY SA 95 -44.46 -4.65 -64.09
CA GLY SA 95 -43.74 -4.62 -65.35
C GLY SA 95 -43.69 -5.99 -66.00
N LEU SA 96 -42.60 -6.23 -66.73
CA LEU SA 96 -42.52 -7.41 -67.58
C LEU SA 96 -41.93 -8.62 -66.86
N VAL SA 97 -42.42 -8.90 -65.65
CA VAL SA 97 -42.04 -10.07 -64.87
C VAL SA 97 -43.30 -10.64 -64.23
N ASP SA 98 -43.13 -11.67 -63.39
CA ASP SA 98 -44.22 -12.27 -62.64
C ASP SA 98 -43.96 -12.10 -61.16
N ALA SA 99 -45.05 -12.09 -60.37
CA ALA SA 99 -44.92 -11.83 -58.95
C ALA SA 99 -44.30 -13.00 -58.20
N GLU SA 100 -44.38 -14.21 -58.76
CA GLU SA 100 -43.69 -15.35 -58.16
C GLU SA 100 -42.18 -15.19 -58.24
N LYS SA 101 -41.69 -14.52 -59.28
CA LYS SA 101 -40.27 -14.34 -59.49
C LYS SA 101 -39.63 -13.41 -58.47
N LEU SA 102 -40.42 -12.61 -57.78
CA LEU SA 102 -39.92 -11.49 -56.98
C LEU SA 102 -40.04 -11.83 -55.51
N LYS SA 103 -38.93 -12.11 -54.89
CA LYS SA 103 -38.83 -12.26 -53.45
C LYS SA 103 -38.21 -10.99 -52.87
N PRO SA 104 -38.36 -10.73 -51.57
CA PRO SA 104 -37.76 -9.52 -50.99
C PRO SA 104 -36.24 -9.53 -51.07
N GLY SA 105 -35.70 -8.50 -51.74
CA GLY SA 105 -34.27 -8.36 -51.90
C GLY SA 105 -33.73 -8.94 -53.19
N ASP SA 106 -34.29 -8.53 -54.32
CA ASP SA 106 -33.89 -9.03 -55.63
C ASP SA 106 -33.23 -7.94 -56.44
N LEU SA 107 -32.22 -8.33 -57.22
CA LEU SA 107 -31.69 -7.44 -58.25
C LEU SA 107 -32.60 -7.49 -59.46
N VAL SA 108 -33.20 -6.35 -59.79
CA VAL SA 108 -34.11 -6.23 -60.91
C VAL SA 108 -33.53 -5.20 -61.89
N GLY SA 109 -33.47 -5.58 -63.16
CA GLY SA 109 -32.94 -4.70 -64.19
C GLY SA 109 -33.97 -3.69 -64.63
N VAL SA 110 -33.80 -2.45 -64.20
CA VAL SA 110 -34.82 -1.42 -64.36
C VAL SA 110 -34.28 -0.37 -65.31
N ASN SA 111 -35.14 0.10 -66.20
CA ASN SA 111 -34.73 1.14 -67.14
C ASN SA 111 -34.51 2.45 -66.39
N LYS SA 112 -33.55 3.24 -66.87
CA LYS SA 112 -33.33 4.57 -66.32
C LYS SA 112 -34.54 5.45 -66.54
N ASP SA 113 -35.00 5.54 -67.78
CA ASP SA 113 -36.03 6.49 -68.17
C ASP SA 113 -37.39 6.10 -67.60
N SER SA 114 -37.87 4.93 -67.98
CA SER SA 114 -39.23 4.52 -67.63
C SER SA 114 -39.36 4.13 -66.18
N TYR SA 115 -38.25 3.75 -65.53
CA TYR SA 115 -38.22 3.15 -64.19
C TYR SA 115 -39.16 1.95 -64.11
N LEU SA 116 -38.95 0.99 -65.01
CA LEU SA 116 -39.78 -0.20 -65.09
C LEU SA 116 -38.89 -1.44 -65.08
N ILE SA 117 -39.31 -2.46 -64.34
CA ILE SA 117 -38.55 -3.68 -64.15
C ILE SA 117 -38.53 -4.47 -65.46
N LEU SA 118 -37.33 -4.75 -65.96
CA LEU SA 118 -37.19 -5.39 -67.26
C LEU SA 118 -36.49 -6.74 -67.23
N GLU SA 119 -35.52 -6.95 -66.35
CA GLU SA 119 -34.80 -8.22 -66.30
C GLU SA 119 -34.92 -8.83 -64.92
N THR SA 120 -34.15 -9.89 -64.71
CA THR SA 120 -33.94 -10.46 -63.38
C THR SA 120 -32.50 -10.96 -63.33
N LEU SA 121 -31.71 -10.41 -62.42
CA LEU SA 121 -30.28 -10.68 -62.39
C LEU SA 121 -30.04 -11.97 -61.63
N PRO SA 122 -28.93 -12.67 -61.90
CA PRO SA 122 -28.71 -13.93 -61.19
C PRO SA 122 -27.76 -13.90 -60.02
N THR SA 123 -26.94 -12.87 -59.84
CA THR SA 123 -25.83 -12.95 -58.89
C THR SA 123 -25.64 -11.65 -58.13
N GLU SA 124 -25.40 -11.76 -56.83
CA GLU SA 124 -25.27 -10.64 -55.91
C GLU SA 124 -23.94 -10.68 -55.19
N TYR SA 125 -22.89 -11.15 -55.86
CA TYR SA 125 -21.65 -11.52 -55.19
C TYR SA 125 -20.57 -10.45 -55.32
N ASP SA 126 -19.55 -10.60 -54.48
CA ASP SA 126 -18.28 -9.91 -54.68
C ASP SA 126 -17.47 -10.64 -55.73
N SER SA 127 -16.69 -9.88 -56.51
CA SER SA 127 -15.72 -10.52 -57.38
C SER SA 127 -14.55 -11.10 -56.59
N ARG SA 128 -14.35 -10.63 -55.35
CA ARG SA 128 -13.31 -11.21 -54.51
C ARG SA 128 -13.70 -12.62 -54.08
N VAL SA 129 -14.99 -12.84 -53.81
CA VAL SA 129 -15.50 -14.19 -53.57
C VAL SA 129 -15.33 -15.05 -54.81
N LYS SA 130 -15.52 -14.44 -55.99
CA LYS SA 130 -15.30 -15.15 -57.25
C LYS SA 130 -13.84 -15.53 -57.42
N ALA SA 131 -12.92 -14.69 -56.94
CA ALA SA 131 -11.50 -14.98 -57.01
C ALA SA 131 -11.08 -16.09 -56.07
N MET SA 132 -11.92 -16.43 -55.09
CA MET SA 132 -11.61 -17.52 -54.17
C MET SA 132 -11.84 -18.89 -54.77
N GLU SA 133 -12.56 -18.97 -55.89
CA GLU SA 133 -12.95 -20.23 -56.48
C GLU SA 133 -11.76 -20.96 -57.07
N VAL SA 134 -11.80 -22.28 -57.02
CA VAL SA 134 -10.67 -23.13 -57.37
C VAL SA 134 -10.98 -23.80 -58.70
N ASP SA 135 -10.32 -23.33 -59.76
CA ASP SA 135 -10.41 -23.93 -61.09
C ASP SA 135 -9.10 -24.51 -61.58
N GLU SA 136 -8.00 -24.27 -60.86
CA GLU SA 136 -6.68 -24.50 -61.45
C GLU SA 136 -6.30 -25.97 -61.44
N ARG SA 137 -6.77 -26.73 -60.43
CA ARG SA 137 -6.55 -28.17 -60.26
C ARG SA 137 -5.07 -28.55 -60.32
N PRO SA 138 -4.31 -28.36 -59.22
CA PRO SA 138 -2.93 -28.87 -59.20
C PRO SA 138 -2.86 -30.39 -59.17
N THR SA 139 -1.65 -30.93 -59.07
CA THR SA 139 -1.47 -32.39 -59.17
C THR SA 139 -0.60 -32.89 -58.02
N GLU SA 140 -1.25 -33.42 -56.98
CA GLU SA 140 -0.59 -34.13 -55.90
C GLU SA 140 -1.36 -35.43 -55.66
N GLN SA 141 -0.95 -36.50 -56.35
CA GLN SA 141 -1.50 -37.81 -56.07
C GLN SA 141 -0.98 -38.31 -54.74
N TYR SA 142 -1.73 -39.24 -54.12
CA TYR SA 142 -1.42 -39.67 -52.75
C TYR SA 142 -0.09 -40.42 -52.64
N SER SA 143 0.48 -40.87 -53.76
CA SER SA 143 1.83 -41.40 -53.73
C SER SA 143 2.88 -40.32 -53.48
N ASP SA 144 2.55 -39.05 -53.64
CA ASP SA 144 3.48 -38.00 -53.26
C ASP SA 144 3.52 -37.82 -51.74
N ILE SA 145 2.50 -38.26 -51.04
CA ILE SA 145 2.47 -38.19 -49.59
C ILE SA 145 3.02 -39.50 -49.05
N GLY SA 146 3.96 -39.40 -48.11
CA GLY SA 146 4.50 -40.58 -47.47
C GLY SA 146 4.38 -40.53 -45.97
N GLY SA 147 3.94 -41.63 -45.36
CA GLY SA 147 3.93 -41.77 -43.92
C GLY SA 147 2.93 -40.91 -43.18
N LEU SA 148 1.78 -40.64 -43.79
CA LEU SA 148 0.70 -39.90 -43.16
C LEU SA 148 -0.60 -40.66 -43.28
N ASP SA 149 -0.52 -41.97 -43.04
CA ASP SA 149 -1.55 -42.90 -43.50
C ASP SA 149 -2.84 -42.73 -42.73
N LYS SA 150 -2.76 -42.70 -41.40
CA LYS SA 150 -3.96 -42.54 -40.59
C LYS SA 150 -4.63 -41.20 -40.83
N GLN SA 151 -3.85 -40.16 -41.12
CA GLN SA 151 -4.44 -38.85 -41.38
C GLN SA 151 -5.20 -38.83 -42.70
N ILE SA 152 -4.65 -39.51 -43.72
CA ILE SA 152 -5.35 -39.67 -44.99
C ILE SA 152 -6.61 -40.50 -44.81
N GLN SA 153 -6.53 -41.55 -43.98
CA GLN SA 153 -7.70 -42.34 -43.62
C GLN SA 153 -8.79 -41.48 -43.01
N GLU SA 154 -8.43 -40.70 -41.99
CA GLU SA 154 -9.37 -39.84 -41.29
C GLU SA 154 -10.01 -38.83 -42.23
N LEU SA 155 -9.22 -38.26 -43.13
CA LEU SA 155 -9.73 -37.21 -44.01
C LEU SA 155 -10.66 -37.78 -45.07
N VAL SA 156 -10.26 -38.88 -45.70
CA VAL SA 156 -11.09 -39.47 -46.75
C VAL SA 156 -12.36 -40.09 -46.17
N GLU SA 157 -12.22 -40.82 -45.06
CA GLU SA 157 -13.37 -41.41 -44.36
C GLU SA 157 -14.28 -40.34 -43.77
N ALA SA 158 -13.77 -39.13 -43.54
CA ALA SA 158 -14.60 -38.05 -43.03
C ALA SA 158 -15.24 -37.20 -44.12
N ILE SA 159 -14.67 -37.17 -45.32
CA ILE SA 159 -15.14 -36.27 -46.37
C ILE SA 159 -15.73 -37.03 -47.55
N VAL SA 160 -14.97 -37.96 -48.13
CA VAL SA 160 -15.39 -38.59 -49.38
C VAL SA 160 -16.56 -39.54 -49.14
N LEU SA 161 -16.63 -40.15 -47.96
CA LEU SA 161 -17.76 -41.02 -47.67
C LEU SA 161 -19.04 -40.23 -47.36
N PRO SA 162 -19.03 -39.06 -46.71
CA PRO SA 162 -20.22 -38.21 -46.79
C PRO SA 162 -20.42 -37.52 -48.13
N MET SA 163 -19.57 -37.76 -49.12
CA MET SA 163 -19.70 -37.21 -50.46
C MET SA 163 -20.20 -38.23 -51.48
N ASN SA 164 -19.78 -39.49 -51.36
CA ASN SA 164 -20.21 -40.54 -52.28
C ASN SA 164 -21.14 -41.56 -51.64
N HIS SA 165 -21.19 -41.62 -50.31
CA HIS SA 165 -21.91 -42.67 -49.61
C HIS SA 165 -22.75 -42.03 -48.51
N LYS SA 166 -23.52 -41.02 -48.90
CA LYS SA 166 -24.51 -40.45 -47.99
C LYS SA 166 -25.51 -41.51 -47.55
N GLU SA 167 -25.87 -42.42 -48.45
CA GLU SA 167 -26.78 -43.51 -48.11
C GLU SA 167 -26.20 -44.45 -47.07
N LYS SA 168 -24.87 -44.59 -47.03
CA LYS SA 168 -24.22 -45.43 -46.03
C LYS SA 168 -24.46 -44.90 -44.62
N PHE SA 169 -24.12 -43.63 -44.39
CA PHE SA 169 -24.39 -42.98 -43.10
C PHE SA 169 -25.88 -42.95 -42.79
N GLU SA 170 -26.70 -42.68 -43.81
CA GLU SA 170 -28.13 -42.53 -43.60
C GLU SA 170 -28.83 -43.86 -43.37
N ASN SA 171 -28.23 -44.97 -43.79
CA ASN SA 171 -28.73 -46.27 -43.34
C ASN SA 171 -28.16 -46.64 -41.99
N LEU SA 172 -26.95 -46.17 -41.67
CA LEU SA 172 -26.50 -46.25 -40.29
C LEU SA 172 -27.36 -45.37 -39.40
N GLY SA 173 -27.67 -44.16 -39.87
CA GLY SA 173 -28.61 -43.30 -39.17
C GLY SA 173 -28.01 -42.36 -38.15
N ILE SA 174 -27.02 -41.56 -38.54
CA ILE SA 174 -26.70 -40.40 -37.70
C ILE SA 174 -26.81 -39.10 -38.47
N GLN SA 175 -25.84 -38.85 -39.37
CA GLN SA 175 -25.55 -37.58 -40.03
C GLN SA 175 -24.17 -37.69 -40.65
N PRO SA 176 -23.81 -36.80 -41.57
CA PRO SA 176 -22.41 -36.52 -41.80
C PRO SA 176 -21.84 -35.64 -40.70
N PRO SA 177 -20.53 -35.72 -40.44
CA PRO SA 177 -19.93 -34.90 -39.37
C PRO SA 177 -19.81 -33.41 -39.69
N LYS SA 178 -19.16 -32.65 -38.81
CA LYS SA 178 -19.02 -31.20 -38.97
C LYS SA 178 -17.60 -30.76 -38.62
N GLY SA 179 -16.73 -30.70 -39.62
CA GLY SA 179 -15.46 -30.03 -39.47
C GLY SA 179 -14.25 -30.91 -39.19
N VAL SA 180 -13.13 -30.61 -39.85
CA VAL SA 180 -11.87 -31.32 -39.66
C VAL SA 180 -10.77 -30.28 -39.50
N LEU SA 181 -9.96 -30.43 -38.47
CA LEU SA 181 -8.95 -29.45 -38.10
C LEU SA 181 -7.56 -29.99 -38.37
N MET SA 182 -6.65 -29.10 -38.79
CA MET SA 182 -5.24 -29.43 -38.95
C MET SA 182 -4.40 -28.48 -38.09
N TYR SA 183 -3.47 -29.05 -37.35
CA TYR SA 183 -2.63 -28.30 -36.43
C TYR SA 183 -1.37 -29.11 -36.13
N GLY SA 184 -0.44 -28.48 -35.41
CA GLY SA 184 0.79 -29.14 -35.04
C GLY SA 184 2.01 -28.35 -35.42
N PRO SA 185 3.10 -29.04 -35.77
CA PRO SA 185 4.30 -28.36 -36.23
C PRO SA 185 4.07 -27.73 -37.59
N PRO SA 186 4.73 -26.60 -37.87
CA PRO SA 186 4.45 -25.87 -39.11
C PRO SA 186 5.04 -26.49 -40.35
N GLY SA 187 5.88 -27.51 -40.24
CA GLY SA 187 6.56 -28.06 -41.38
C GLY SA 187 6.04 -29.40 -41.84
N THR SA 188 5.05 -29.94 -41.13
CA THR SA 188 4.51 -31.25 -41.44
C THR SA 188 3.81 -31.31 -42.78
N GLY SA 189 3.35 -30.19 -43.30
CA GLY SA 189 2.66 -30.19 -44.57
C GLY SA 189 1.18 -30.26 -44.33
N LYS SA 190 0.54 -29.10 -44.41
CA LYS SA 190 -0.90 -29.02 -44.29
C LYS SA 190 -1.49 -28.60 -45.62
N THR SA 191 -0.77 -27.72 -46.33
CA THR SA 191 -1.04 -27.37 -47.71
C THR SA 191 -1.10 -28.60 -48.62
N LEU SA 192 -0.32 -29.63 -48.28
CA LEU SA 192 -0.23 -30.82 -49.11
C LEU SA 192 -1.52 -31.61 -49.15
N LEU SA 193 -2.22 -31.73 -48.01
CA LEU SA 193 -3.46 -32.48 -48.03
C LEU SA 193 -4.56 -31.72 -48.77
N ALA SA 194 -4.56 -30.39 -48.63
CA ALA SA 194 -5.47 -29.56 -49.41
C ALA SA 194 -5.24 -29.74 -50.90
N ARG SA 195 -3.99 -29.57 -51.33
CA ARG SA 195 -3.63 -29.73 -52.74
C ARG SA 195 -3.91 -31.13 -53.24
N ALA SA 196 -3.67 -32.14 -52.39
CA ALA SA 196 -3.83 -33.53 -52.80
C ALA SA 196 -5.30 -33.90 -52.98
N CYS SA 197 -6.12 -33.61 -51.96
CA CYS SA 197 -7.52 -33.99 -52.05
C CYS SA 197 -8.28 -33.10 -53.02
N ALA SA 198 -7.83 -31.86 -53.25
CA ALA SA 198 -8.38 -31.10 -54.35
C ALA SA 198 -7.96 -31.66 -55.69
N ALA SA 199 -6.76 -32.25 -55.77
CA ALA SA 199 -6.28 -32.84 -57.01
C ALA SA 199 -7.00 -34.13 -57.34
N GLN SA 200 -7.39 -34.90 -56.33
CA GLN SA 200 -7.96 -36.22 -56.55
C GLN SA 200 -9.48 -36.15 -56.64
N THR SA 201 -10.13 -35.59 -55.62
CA THR SA 201 -11.57 -35.46 -55.65
C THR SA 201 -11.98 -34.35 -56.62
N LYS SA 202 -13.26 -34.35 -56.99
CA LYS SA 202 -13.80 -33.44 -57.97
C LYS SA 202 -15.08 -32.79 -57.47
N ALA SA 203 -15.08 -32.35 -56.21
CA ALA SA 203 -16.19 -31.58 -55.69
C ALA SA 203 -15.92 -30.10 -55.95
N THR SA 204 -16.89 -29.25 -55.64
CA THR SA 204 -16.67 -27.81 -55.73
C THR SA 204 -15.80 -27.39 -54.55
N PHE SA 205 -14.51 -27.23 -54.82
CA PHE SA 205 -13.54 -26.95 -53.77
C PHE SA 205 -13.32 -25.45 -53.65
N LEU SA 206 -13.19 -24.99 -52.41
CA LEU SA 206 -13.11 -23.55 -52.15
C LEU SA 206 -12.05 -23.30 -51.08
N LYS SA 207 -11.16 -22.34 -51.36
CA LYS SA 207 -10.09 -21.98 -50.45
C LYS SA 207 -10.47 -20.71 -49.70
N LEU SA 208 -9.74 -20.46 -48.61
CA LEU SA 208 -9.91 -19.22 -47.86
C LEU SA 208 -8.71 -18.93 -46.97
N ALA SA 209 -8.14 -17.74 -47.10
CA ALA SA 209 -7.06 -17.33 -46.21
C ALA SA 209 -7.63 -16.55 -45.03
N GLY SA 210 -6.82 -16.48 -43.97
CA GLY SA 210 -7.22 -15.81 -42.75
C GLY SA 210 -7.34 -14.30 -42.87
N PRO SA 211 -6.20 -13.61 -43.07
CA PRO SA 211 -6.23 -12.14 -43.10
C PRO SA 211 -6.91 -11.54 -44.32
N GLN SA 212 -7.23 -12.32 -45.36
CA GLN SA 212 -8.00 -11.81 -46.48
C GLN SA 212 -9.44 -11.47 -46.12
N LEU SA 213 -9.90 -11.91 -44.96
CA LEU SA 213 -11.27 -11.73 -44.49
C LEU SA 213 -11.47 -10.40 -43.79
N VAL SA 214 -10.57 -10.06 -42.87
CA VAL SA 214 -10.68 -8.80 -42.14
C VAL SA 214 -10.33 -7.66 -43.08
N GLN SA 215 -11.20 -6.66 -43.14
CA GLN SA 215 -11.04 -5.57 -44.08
C GLN SA 215 -10.92 -4.24 -43.35
N MET SA 216 -10.50 -3.23 -44.11
CA MET SA 216 -10.26 -1.90 -43.55
C MET SA 216 -11.54 -1.28 -43.00
N PHE SA 217 -12.65 -1.45 -43.70
CA PHE SA 217 -13.88 -0.90 -43.18
C PHE SA 217 -14.48 -1.83 -42.15
N ILE SA 218 -15.48 -1.32 -41.44
CA ILE SA 218 -16.18 -2.05 -40.40
C ILE SA 218 -17.38 -2.77 -41.00
N GLY SA 219 -17.33 -4.10 -40.98
CA GLY SA 219 -18.45 -4.92 -41.38
C GLY SA 219 -18.31 -5.63 -42.70
N ASP SA 220 -17.21 -5.40 -43.43
CA ASP SA 220 -17.06 -6.04 -44.73
C ASP SA 220 -16.74 -7.52 -44.61
N GLY SA 221 -16.14 -7.94 -43.49
CA GLY SA 221 -15.89 -9.35 -43.30
C GLY SA 221 -17.16 -10.15 -43.14
N ALA SA 222 -18.19 -9.56 -42.53
CA ALA SA 222 -19.48 -10.22 -42.41
C ALA SA 222 -20.09 -10.46 -43.79
N LYS SA 223 -20.08 -9.42 -44.62
CA LYS SA 223 -20.46 -9.52 -46.03
C LYS SA 223 -19.68 -10.61 -46.75
N LEU SA 224 -18.36 -10.62 -46.54
CA LEU SA 224 -17.47 -11.49 -47.32
C LEU SA 224 -17.69 -12.96 -46.94
N VAL SA 225 -17.75 -13.25 -45.65
CA VAL SA 225 -17.97 -14.62 -45.19
C VAL SA 225 -19.38 -15.09 -45.52
N ARG SA 226 -20.38 -14.20 -45.43
CA ARG SA 226 -21.75 -14.59 -45.74
C ARG SA 226 -21.92 -14.88 -47.22
N ASP SA 227 -21.37 -14.03 -48.08
CA ASP SA 227 -21.41 -14.26 -49.52
C ASP SA 227 -20.58 -15.47 -49.91
N ALA SA 228 -19.50 -15.76 -49.18
CA ALA SA 228 -18.72 -16.96 -49.46
C ALA SA 228 -19.51 -18.22 -49.13
N PHE SA 229 -20.19 -18.23 -47.98
CA PHE SA 229 -21.06 -19.35 -47.64
C PHE SA 229 -22.20 -19.51 -48.64
N ALA SA 230 -22.75 -18.40 -49.13
CA ALA SA 230 -23.80 -18.46 -50.13
C ALA SA 230 -23.30 -19.08 -51.43
N LEU SA 231 -22.14 -18.60 -51.90
CA LEU SA 231 -21.60 -19.08 -53.18
C LEU SA 231 -21.20 -20.55 -53.09
N ALA SA 232 -20.66 -20.97 -51.94
CA ALA SA 232 -20.34 -22.38 -51.78
C ALA SA 232 -21.60 -23.22 -51.63
N LYS SA 233 -22.64 -22.69 -51.01
CA LYS SA 233 -23.86 -23.46 -50.80
C LYS SA 233 -24.63 -23.64 -52.09
N GLU SA 234 -24.52 -22.70 -53.01
CA GLU SA 234 -25.18 -22.85 -54.31
C GLU SA 234 -24.43 -23.79 -55.25
N LYS SA 235 -23.35 -24.40 -54.80
CA LYS SA 235 -22.61 -25.42 -55.54
C LYS SA 235 -22.33 -26.59 -54.59
N ALA SA 236 -23.42 -27.12 -54.01
CA ALA SA 236 -23.59 -27.97 -52.83
C ALA SA 236 -22.50 -28.99 -52.49
N PRO SA 237 -21.87 -29.73 -53.46
CA PRO SA 237 -20.70 -30.52 -53.03
C PRO SA 237 -19.51 -29.61 -52.75
N SER SA 238 -19.51 -29.00 -51.57
CA SER SA 238 -18.70 -27.82 -51.28
C SER SA 238 -17.68 -28.18 -50.21
N ILE SA 239 -16.41 -28.05 -50.55
CA ILE SA 239 -15.32 -28.28 -49.61
C ILE SA 239 -14.63 -26.95 -49.37
N ILE SA 240 -14.83 -26.39 -48.20
CA ILE SA 240 -14.21 -25.12 -47.83
C ILE SA 240 -12.85 -25.38 -47.19
N PHE SA 241 -11.82 -24.77 -47.75
CA PHE SA 241 -10.49 -24.80 -47.17
C PHE SA 241 -10.22 -23.48 -46.46
N ILE SA 242 -9.71 -23.57 -45.23
CA ILE SA 242 -9.41 -22.41 -44.41
C ILE SA 242 -7.92 -22.43 -44.11
N ASP SA 243 -7.26 -21.30 -44.34
CA ASP SA 243 -5.82 -21.19 -44.08
C ASP SA 243 -5.58 -20.12 -43.02
N GLU SA 244 -4.68 -20.44 -42.08
CA GLU SA 244 -4.35 -19.69 -40.86
C GLU SA 244 -5.59 -19.13 -40.16
N LEU SA 245 -6.41 -20.03 -39.63
CA LEU SA 245 -7.55 -19.64 -38.82
C LEU SA 245 -7.13 -18.83 -37.60
N ASP SA 246 -5.97 -19.12 -37.02
CA ASP SA 246 -5.45 -18.38 -35.87
C ASP SA 246 -5.14 -16.91 -36.17
N ALA SA 247 -5.06 -16.51 -37.44
CA ALA SA 247 -5.03 -15.10 -37.75
C ALA SA 247 -6.31 -14.42 -37.33
N ILE SA 248 -7.45 -15.06 -37.56
CA ILE SA 248 -8.73 -14.52 -37.14
C ILE SA 248 -9.29 -15.22 -35.91
N GLY SA 249 -8.79 -16.41 -35.58
CA GLY SA 249 -9.15 -17.05 -34.34
C GLY SA 249 -8.30 -16.53 -33.21
N THR SA 250 -8.95 -15.99 -32.18
CA THR SA 250 -8.25 -15.34 -31.09
C THR SA 250 -9.01 -15.61 -29.80
N LYS SA 251 -8.30 -15.96 -28.73
CA LYS SA 251 -8.92 -15.90 -27.42
C LYS SA 251 -9.21 -14.45 -27.10
N ARG SA 252 -10.47 -14.07 -27.17
CA ARG SA 252 -10.86 -12.68 -26.98
C ARG SA 252 -10.70 -12.27 -25.53
N PHE SA 253 -10.73 -10.98 -25.30
CA PHE SA 253 -10.34 -10.42 -24.02
C PHE SA 253 -11.21 -9.22 -23.68
N ASP SA 254 -11.54 -9.08 -22.40
CA ASP SA 254 -12.16 -7.89 -21.87
C ASP SA 254 -11.08 -7.06 -21.19
N SER SA 255 -10.97 -5.80 -21.59
CA SER SA 255 -9.96 -4.92 -21.06
C SER SA 255 -10.48 -3.49 -21.22
N GLU SA 256 -9.61 -2.52 -21.00
CA GLU SA 256 -9.92 -1.13 -21.27
C GLU SA 256 -8.78 -0.53 -22.07
N LYS SA 257 -9.05 0.66 -22.61
CA LYS SA 257 -8.13 1.59 -23.25
C LYS SA 257 -7.67 1.14 -24.64
N ALA SA 258 -7.97 -0.11 -25.01
CA ALA SA 258 -7.44 -0.70 -26.23
C ALA SA 258 -8.18 -2.01 -26.48
N GLY SA 259 -8.17 -2.42 -27.75
CA GLY SA 259 -8.83 -3.63 -28.18
C GLY SA 259 -9.18 -3.57 -29.64
N ASP SA 260 -8.95 -4.68 -30.34
CA ASP SA 260 -9.21 -4.76 -31.77
C ASP SA 260 -10.42 -5.67 -31.96
N ARG SA 261 -11.55 -5.07 -32.32
CA ARG SA 261 -12.86 -5.68 -32.18
C ARG SA 261 -13.29 -6.49 -33.40
N GLU SA 262 -13.14 -5.91 -34.59
CA GLU SA 262 -13.78 -6.41 -35.81
C GLU SA 262 -13.30 -7.81 -36.19
N VAL SA 263 -12.13 -8.21 -35.70
CA VAL SA 263 -11.62 -9.56 -35.89
C VAL SA 263 -12.57 -10.58 -35.29
N GLN SA 264 -13.02 -10.33 -34.05
CA GLN SA 264 -14.00 -11.22 -33.44
C GLN SA 264 -15.35 -11.12 -34.12
N ARG SA 265 -15.64 -9.99 -34.76
CA ARG SA 265 -16.89 -9.87 -35.50
C ARG SA 265 -16.90 -10.80 -36.70
N THR SA 266 -15.81 -10.82 -37.46
CA THR SA 266 -15.70 -11.74 -38.58
C THR SA 266 -15.65 -13.19 -38.12
N MET SA 267 -15.04 -13.44 -36.96
CA MET SA 267 -14.98 -14.80 -36.44
C MET SA 267 -16.36 -15.29 -35.99
N LEU SA 268 -17.13 -14.42 -35.34
CA LEU SA 268 -18.47 -14.78 -34.92
C LEU SA 268 -19.42 -14.90 -36.10
N GLU SA 269 -19.21 -14.10 -37.15
CA GLU SA 269 -19.87 -14.32 -38.44
C GLU SA 269 -19.62 -15.73 -38.95
N LEU SA 270 -18.34 -16.12 -39.01
CA LEU SA 270 -17.95 -17.46 -39.44
C LEU SA 270 -18.62 -18.56 -38.63
N LEU SA 271 -18.59 -18.42 -37.30
CA LEU SA 271 -19.11 -19.45 -36.42
C LEU SA 271 -20.63 -19.57 -36.52
N ASN SA 272 -21.34 -18.45 -36.48
CA ASN SA 272 -22.80 -18.51 -36.44
C ASN SA 272 -23.37 -18.88 -37.81
N GLN SA 273 -22.83 -18.30 -38.88
CA GLN SA 273 -23.22 -18.74 -40.20
C GLN SA 273 -22.67 -20.12 -40.54
N LEU SA 274 -21.75 -20.65 -39.74
CA LEU SA 274 -21.24 -22.00 -39.83
C LEU SA 274 -22.12 -23.01 -39.11
N ASP SA 275 -22.51 -22.72 -37.88
CA ASP SA 275 -23.11 -23.71 -37.01
C ASP SA 275 -24.15 -23.04 -36.12
N GLY SA 276 -25.06 -23.84 -35.58
CA GLY SA 276 -26.07 -23.35 -34.67
C GLY SA 276 -27.43 -23.26 -35.33
N PHE SA 277 -28.11 -22.13 -35.15
CA PHE SA 277 -29.38 -21.89 -35.84
C PHE SA 277 -29.12 -21.73 -37.33
N GLN SA 278 -30.13 -22.15 -38.13
CA GLN SA 278 -30.08 -22.34 -39.58
C GLN SA 278 -28.95 -23.30 -39.95
N PRO SA 279 -29.08 -24.58 -39.63
CA PRO SA 279 -28.00 -25.52 -39.94
C PRO SA 279 -27.93 -25.82 -41.42
N ASN SA 280 -26.77 -26.29 -41.85
CA ASN SA 280 -26.58 -26.72 -43.22
C ASN SA 280 -25.98 -28.12 -43.23
N THR SA 281 -26.12 -28.77 -44.37
CA THR SA 281 -25.73 -30.17 -44.53
C THR SA 281 -24.67 -30.40 -45.58
N GLN SA 282 -24.37 -29.40 -46.41
CA GLN SA 282 -23.60 -29.58 -47.62
C GLN SA 282 -22.23 -28.93 -47.56
N VAL SA 283 -21.90 -28.32 -46.45
CA VAL SA 283 -20.62 -27.66 -46.26
C VAL SA 283 -19.61 -28.69 -45.79
N LYS SA 284 -18.38 -28.60 -46.29
CA LYS SA 284 -17.28 -29.39 -45.77
C LYS SA 284 -16.09 -28.47 -45.50
N VAL SA 285 -15.51 -28.60 -44.31
CA VAL SA 285 -14.59 -27.62 -43.78
C VAL SA 285 -13.22 -28.26 -43.60
N ILE SA 286 -12.17 -27.56 -44.04
CA ILE SA 286 -10.79 -27.93 -43.78
C ILE SA 286 -10.06 -26.68 -43.32
N ALA SA 287 -9.56 -26.71 -42.09
CA ALA SA 287 -8.83 -25.58 -41.54
C ALA SA 287 -7.45 -26.02 -41.10
N ALA SA 288 -6.51 -25.08 -41.14
CA ALA SA 288 -5.11 -25.37 -40.84
C ALA SA 288 -4.50 -24.20 -40.11
N THR SA 289 -4.00 -24.45 -38.90
CA THR SA 289 -3.28 -23.48 -38.12
C THR SA 289 -1.89 -24.00 -37.81
N ASN SA 290 -1.02 -23.10 -37.38
CA ASN SA 290 0.29 -23.52 -36.93
C ASN SA 290 0.39 -23.61 -35.41
N ARG SA 291 -0.39 -22.83 -34.69
CA ARG SA 291 -0.45 -22.96 -33.24
C ARG SA 291 -1.89 -23.27 -32.83
N VAL SA 292 -2.11 -23.53 -31.55
CA VAL SA 292 -3.38 -24.10 -31.14
C VAL SA 292 -4.11 -23.21 -30.13
N ASP SA 293 -3.44 -22.91 -29.02
CA ASP SA 293 -4.16 -22.41 -27.87
C ASP SA 293 -4.47 -20.92 -27.94
N ILE SA 294 -4.24 -20.29 -29.09
CA ILE SA 294 -4.68 -18.93 -29.31
C ILE SA 294 -6.19 -18.87 -29.43
N LEU SA 295 -6.80 -19.97 -29.88
CA LEU SA 295 -8.17 -20.01 -30.35
C LEU SA 295 -9.16 -20.04 -29.18
N ASP SA 296 -10.39 -19.59 -29.46
CA ASP SA 296 -11.47 -19.76 -28.53
C ASP SA 296 -11.88 -21.23 -28.43
N PRO SA 297 -12.42 -21.65 -27.28
CA PRO SA 297 -13.04 -22.98 -27.23
C PRO SA 297 -14.33 -23.05 -28.02
N ALA SA 298 -15.03 -21.92 -28.20
CA ALA SA 298 -16.22 -21.89 -29.05
C ALA SA 298 -15.88 -21.99 -30.54
N LEU SA 299 -14.60 -21.90 -30.90
CA LEU SA 299 -14.18 -22.24 -32.25
C LEU SA 299 -14.20 -23.75 -32.50
N LEU SA 300 -14.13 -24.56 -31.46
CA LEU SA 300 -14.10 -26.00 -31.66
C LEU SA 300 -15.14 -26.75 -30.84
N ARG SA 301 -14.91 -26.84 -29.53
CA ARG SA 301 -15.78 -27.29 -28.45
C ARG SA 301 -16.13 -28.78 -28.47
N SER SA 302 -16.52 -29.31 -29.63
CA SER SA 302 -16.45 -30.71 -29.97
C SER SA 302 -16.39 -30.82 -31.47
N GLY SA 303 -17.26 -30.03 -32.10
CA GLY SA 303 -17.74 -30.27 -33.44
C GLY SA 303 -18.18 -29.05 -34.18
N ARG SA 304 -17.82 -27.86 -33.70
CA ARG SA 304 -17.64 -26.75 -34.63
C ARG SA 304 -16.65 -27.16 -35.70
N LEU SA 305 -15.51 -27.71 -35.27
CA LEU SA 305 -14.76 -28.67 -36.07
C LEU SA 305 -14.72 -29.98 -35.29
N ASP SA 306 -14.98 -31.09 -35.99
CA ASP SA 306 -15.33 -32.35 -35.30
C ASP SA 306 -14.11 -33.19 -34.99
N ARG SA 307 -13.35 -33.57 -36.01
CA ARG SA 307 -12.24 -34.50 -35.84
C ARG SA 307 -10.96 -33.72 -35.58
N LYS SA 308 -10.50 -33.74 -34.34
CA LYS SA 308 -9.29 -33.04 -33.95
C LYS SA 308 -8.10 -33.89 -34.34
N ILE SA 309 -7.33 -33.44 -35.34
CA ILE SA 309 -6.31 -34.25 -35.96
C ILE SA 309 -4.98 -33.51 -35.89
N GLU SA 310 -4.04 -34.03 -35.10
CA GLU SA 310 -2.72 -33.44 -35.10
C GLU SA 310 -1.88 -34.05 -36.22
N PHE SA 311 -0.74 -33.43 -36.47
CA PHE SA 311 0.22 -33.93 -37.47
C PHE SA 311 1.54 -34.28 -36.82
N PRO SA 312 1.97 -35.54 -36.88
CA PRO SA 312 3.27 -35.91 -36.34
C PRO SA 312 4.39 -35.60 -37.30
N MET SA 313 5.52 -35.55 -36.79
CA MET SA 313 6.73 -35.40 -37.58
C MET SA 313 7.24 -36.78 -37.98
N PRO SA 314 8.01 -36.89 -39.07
CA PRO SA 314 8.53 -38.22 -39.49
C PRO SA 314 9.49 -38.82 -38.48
N ASN SA 315 9.10 -39.97 -37.94
CA ASN SA 315 9.79 -40.60 -36.82
C ASN SA 315 11.20 -41.03 -37.17
N GLU SA 316 11.33 -42.07 -37.99
CA GLU SA 316 12.56 -42.32 -38.73
C GLU SA 316 12.28 -42.65 -40.19
N GLU SA 317 11.30 -43.52 -40.41
CA GLU SA 317 11.17 -44.19 -41.69
C GLU SA 317 10.58 -43.28 -42.74
N ALA SA 318 9.65 -42.42 -42.32
CA ALA SA 318 9.04 -41.46 -43.22
C ALA SA 318 10.02 -40.41 -43.70
N ARG SA 319 11.14 -40.22 -42.99
CA ARG SA 319 12.19 -39.34 -43.49
C ARG SA 319 12.82 -39.90 -44.77
N ALA SA 320 13.20 -41.17 -44.74
CA ALA SA 320 13.71 -41.82 -45.95
C ALA SA 320 12.62 -41.92 -47.01
N ARG SA 321 11.37 -42.06 -46.58
CA ARG SA 321 10.25 -42.05 -47.52
C ARG SA 321 10.14 -40.72 -48.25
N ILE SA 322 10.21 -39.60 -47.52
CA ILE SA 322 10.09 -38.27 -48.11
C ILE SA 322 11.30 -37.97 -48.98
N MET SA 323 12.49 -38.43 -48.57
CA MET SA 323 13.67 -38.28 -49.41
C MET SA 323 13.53 -39.05 -50.71
N GLN SA 324 12.98 -40.26 -50.64
CA GLN SA 324 12.70 -41.05 -51.83
C GLN SA 324 11.69 -40.36 -52.74
N ILE SA 325 10.67 -39.76 -52.15
CA ILE SA 325 9.61 -39.08 -52.90
C ILE SA 325 10.17 -37.91 -53.67
N HIS SA 326 10.89 -37.02 -52.98
CA HIS SA 326 11.36 -35.85 -53.71
C HIS SA 326 12.58 -36.15 -54.57
N SER SA 327 13.34 -37.21 -54.29
CA SER SA 327 14.47 -37.59 -55.11
C SER SA 327 14.08 -38.49 -56.27
N ARG SA 328 12.79 -38.81 -56.38
CA ARG SA 328 12.29 -39.59 -57.51
C ARG SA 328 12.54 -38.90 -58.85
N LYS SA 329 12.56 -37.57 -58.88
CA LYS SA 329 12.77 -36.87 -60.13
C LYS SA 329 14.24 -36.78 -60.52
N MET SA 330 15.13 -36.72 -59.54
CA MET SA 330 16.55 -36.58 -59.84
C MET SA 330 17.12 -37.90 -60.34
N ASN SA 331 18.18 -37.81 -61.13
CA ASN SA 331 18.91 -38.97 -61.62
C ASN SA 331 20.01 -39.29 -60.62
N VAL SA 332 19.97 -40.51 -60.08
CA VAL SA 332 20.81 -40.90 -58.94
C VAL SA 332 21.72 -42.03 -59.39
N SER SA 333 23.00 -41.92 -59.06
CA SER SA 333 23.86 -43.11 -59.02
C SER SA 333 23.59 -43.76 -57.67
N PRO SA 334 22.82 -44.85 -57.63
CA PRO SA 334 22.17 -45.26 -56.38
C PRO SA 334 23.08 -45.94 -55.37
N ASP SA 335 24.20 -45.33 -55.02
CA ASP SA 335 25.03 -45.81 -53.92
C ASP SA 335 24.67 -45.01 -52.67
N VAL SA 336 23.43 -45.16 -52.24
CA VAL SA 336 22.88 -44.38 -51.14
C VAL SA 336 21.98 -45.28 -50.32
N ASN SA 337 22.29 -45.41 -49.04
CA ASN SA 337 21.32 -45.92 -48.08
C ASN SA 337 20.59 -44.71 -47.52
N TYR SA 338 19.33 -44.55 -47.91
CA TYR SA 338 18.50 -43.51 -47.34
C TYR SA 338 18.20 -43.75 -45.87
N GLU SA 339 18.31 -45.00 -45.42
CA GLU SA 339 18.03 -45.30 -44.01
C GLU SA 339 19.14 -44.82 -43.10
N GLU SA 340 20.39 -44.79 -43.59
CA GLU SA 340 21.46 -44.07 -42.91
C GLU SA 340 21.10 -42.61 -42.68
N LEU SA 341 20.60 -41.98 -43.74
CA LEU SA 341 20.34 -40.55 -43.71
C LEU SA 341 19.15 -40.24 -42.83
N ALA SA 342 18.13 -41.10 -42.88
CA ALA SA 342 16.98 -40.95 -42.00
C ALA SA 342 17.33 -41.29 -40.57
N ARG SA 343 18.34 -42.11 -40.36
CA ARG SA 343 18.73 -42.51 -39.02
C ARG SA 343 19.67 -41.49 -38.38
N CYS SA 344 20.31 -40.64 -39.17
CA CYS SA 344 21.16 -39.60 -38.62
C CYS SA 344 20.44 -38.25 -38.50
N THR SA 345 19.66 -37.86 -39.50
CA THR SA 345 18.91 -36.60 -39.43
C THR SA 345 17.75 -36.75 -38.47
N ASP SA 346 17.88 -36.19 -37.28
CA ASP SA 346 16.82 -36.29 -36.29
C ASP SA 346 15.93 -35.06 -36.38
N ASP SA 347 14.61 -35.29 -36.40
CA ASP SA 347 13.56 -34.29 -36.21
C ASP SA 347 13.63 -33.19 -37.27
N PHE SA 348 13.45 -33.61 -38.51
CA PHE SA 348 13.26 -32.69 -39.62
C PHE SA 348 11.83 -32.78 -40.12
N ASN SA 349 11.44 -31.80 -40.92
CA ASN SA 349 10.15 -31.86 -41.58
C ASN SA 349 10.34 -32.41 -42.98
N GLY SA 350 9.28 -32.40 -43.78
CA GLY SA 350 9.42 -32.78 -45.16
C GLY SA 350 10.16 -31.74 -45.99
N ALA SA 351 10.00 -30.46 -45.64
CA ALA SA 351 10.67 -29.41 -46.37
C ALA SA 351 12.17 -29.41 -46.11
N GLN SA 352 12.59 -29.84 -44.93
CA GLN SA 352 14.03 -29.92 -44.68
C GLN SA 352 14.65 -31.08 -45.42
N CYS SA 353 13.91 -32.17 -45.58
CA CYS SA 353 14.38 -33.25 -46.46
C CYS SA 353 14.37 -32.82 -47.92
N LYS SA 354 13.43 -31.96 -48.31
CA LYS SA 354 13.45 -31.43 -49.67
C LYS SA 354 14.66 -30.52 -49.89
N ALA SA 355 15.00 -29.73 -48.87
CA ALA SA 355 16.19 -28.89 -48.94
C ALA SA 355 17.45 -29.73 -49.03
N VAL SA 356 17.48 -30.84 -48.29
CA VAL SA 356 18.56 -31.83 -48.41
C VAL SA 356 18.69 -32.30 -49.85
N CYS SA 357 17.55 -32.67 -50.46
CA CYS SA 357 17.52 -33.19 -51.82
C CYS SA 357 18.06 -32.17 -52.83
N VAL SA 358 17.56 -30.94 -52.77
CA VAL SA 358 17.93 -29.94 -53.78
C VAL SA 358 19.36 -29.43 -53.56
N GLU SA 359 19.74 -29.21 -52.30
CA GLU SA 359 21.11 -28.80 -52.02
C GLU SA 359 22.10 -29.92 -52.31
N ALA SA 360 21.68 -31.18 -52.20
CA ALA SA 360 22.53 -32.29 -52.63
C ALA SA 360 22.70 -32.29 -54.14
N GLY SA 361 21.62 -31.96 -54.87
CA GLY SA 361 21.71 -31.81 -56.32
C GLY SA 361 22.71 -30.74 -56.73
N MET SA 362 22.63 -29.57 -56.11
CA MET SA 362 23.58 -28.53 -56.49
C MET SA 362 24.95 -28.70 -55.86
N ILE SA 363 25.08 -29.50 -54.80
CA ILE SA 363 26.39 -29.90 -54.33
C ILE SA 363 27.05 -30.86 -55.29
N ALA SA 364 26.26 -31.73 -55.93
CA ALA SA 364 26.78 -32.53 -57.03
C ALA SA 364 27.11 -31.64 -58.22
N LEU SA 365 26.38 -30.54 -58.37
CA LEU SA 365 26.63 -29.63 -59.47
C LEU SA 365 27.80 -28.68 -59.19
N ARG SA 366 28.27 -28.61 -57.95
CA ARG SA 366 29.57 -27.99 -57.68
C ARG SA 366 30.68 -28.71 -58.43
N ARG SA 367 30.66 -30.05 -58.39
CA ARG SA 367 31.44 -30.82 -59.34
C ARG SA 367 30.89 -30.62 -60.75
N GLY SA 368 29.58 -30.72 -60.90
CA GLY SA 368 28.92 -30.49 -62.17
C GLY SA 368 28.99 -31.60 -63.18
N ALA SA 369 29.81 -32.62 -62.95
CA ALA SA 369 30.00 -33.66 -63.96
C ALA SA 369 28.82 -34.62 -64.03
N THR SA 370 28.53 -35.30 -62.92
CA THR SA 370 27.73 -36.50 -62.98
C THR SA 370 26.50 -36.45 -62.08
N GLU SA 371 25.85 -37.60 -61.92
CA GLU SA 371 24.64 -37.72 -61.11
C GLU SA 371 25.01 -37.71 -59.62
N LEU SA 372 24.02 -38.05 -58.79
CA LEU SA 372 24.16 -37.84 -57.36
C LEU SA 372 25.04 -38.91 -56.73
N THR SA 373 25.79 -38.51 -55.71
CA THR SA 373 26.59 -39.42 -54.90
C THR SA 373 26.08 -39.38 -53.48
N HIS SA 374 26.63 -40.26 -52.65
CA HIS SA 374 26.20 -40.31 -51.26
C HIS SA 374 26.72 -39.10 -50.48
N GLU SA 375 27.94 -38.65 -50.80
CA GLU SA 375 28.51 -37.50 -50.11
C GLU SA 375 27.79 -36.22 -50.47
N ASP SA 376 27.14 -36.19 -51.64
CA ASP SA 376 26.24 -35.09 -51.97
C ASP SA 376 25.10 -35.00 -50.97
N TYR SA 377 24.49 -36.15 -50.65
CA TYR SA 377 23.45 -36.19 -49.62
C TYR SA 377 24.00 -35.83 -48.26
N MET SA 378 25.24 -36.27 -47.96
CA MET SA 378 25.86 -35.96 -46.67
C MET SA 378 26.05 -34.46 -46.48
N GLU SA 379 26.57 -33.79 -47.51
CA GLU SA 379 26.78 -32.35 -47.41
C GLU SA 379 25.48 -31.57 -47.47
N GLY SA 380 24.46 -32.11 -48.17
CA GLY SA 380 23.13 -31.53 -48.08
C GLY SA 380 22.59 -31.56 -46.66
N ILE SA 381 22.79 -32.68 -45.97
CA ILE SA 381 22.47 -32.78 -44.55
C ILE SA 381 23.25 -31.74 -43.76
N LEU SA 382 24.57 -31.68 -43.98
CA LEU SA 382 25.47 -30.79 -43.26
C LEU SA 382 25.17 -29.31 -43.47
N GLU SA 383 24.44 -28.96 -44.51
CA GLU SA 383 23.86 -27.63 -44.56
C GLU SA 383 22.52 -27.56 -43.83
N VAL SA 384 21.65 -28.56 -44.04
CA VAL SA 384 20.31 -28.49 -43.45
C VAL SA 384 20.33 -28.71 -41.93
N GLN SA 385 21.33 -29.43 -41.41
CA GLN SA 385 21.52 -29.73 -39.97
C GLN SA 385 21.34 -28.61 -38.96
N ALA SA 386 22.12 -27.56 -39.09
CA ALA SA 386 22.32 -26.56 -38.05
C ALA SA 386 21.88 -25.19 -38.59
N LYS SA 387 21.59 -24.15 -37.78
CA LYS SA 387 21.54 -23.91 -36.28
C LYS SA 387 22.86 -24.07 -35.53
N LYS SA 388 23.90 -23.42 -36.04
CA LYS SA 388 25.26 -23.82 -35.71
C LYS SA 388 25.69 -23.39 -34.31
N LYS SA 389 26.07 -24.39 -33.51
CA LYS SA 389 26.61 -24.27 -32.15
C LYS SA 389 27.42 -25.54 -31.88
N ALA SA 390 28.75 -25.52 -31.65
CA ALA SA 390 29.78 -24.45 -31.68
C ALA SA 390 29.60 -23.22 -30.79
N ASN SA 391 29.56 -23.38 -29.46
CA ASN SA 391 29.52 -22.18 -28.63
C ASN SA 391 30.82 -21.93 -27.86
N LEU SA 392 31.45 -22.85 -27.11
CA LEU SA 392 31.16 -24.18 -26.55
C LEU SA 392 31.10 -23.98 -25.01
N GLN SA 393 31.96 -23.04 -24.59
CA GLN SA 393 32.57 -22.81 -23.27
C GLN SA 393 31.89 -23.12 -21.95
N TYR SA 394 32.73 -23.42 -20.93
CA TYR SA 394 32.50 -23.68 -19.50
C TYR SA 394 32.17 -25.14 -19.28
N TYR SA 395 32.09 -25.92 -20.34
CA TYR SA 395 31.64 -27.29 -20.18
C TYR SA 395 32.77 -28.28 -20.42
N ALA SA 396 34.01 -27.78 -20.38
CA ALA SA 396 35.23 -28.57 -20.18
C ALA SA 396 35.51 -29.62 -21.26
N ARG TA 6 12.20 65.08 -3.73
CA ARG TA 6 11.15 65.57 -2.85
C ARG TA 6 9.98 66.15 -3.63
N ASP TA 7 9.02 66.71 -2.91
CA ASP TA 7 7.90 67.37 -3.54
C ASP TA 7 8.36 68.71 -4.11
N LYS TA 8 7.61 69.21 -5.09
CA LYS TA 8 7.91 70.50 -5.68
C LYS TA 8 7.30 71.66 -4.92
N ALA TA 9 6.67 71.39 -3.78
CA ALA TA 9 6.13 72.48 -2.96
C ALA TA 9 7.17 73.45 -2.40
N PRO TA 10 8.36 73.04 -1.86
CA PRO TA 10 9.31 74.07 -1.40
C PRO TA 10 10.08 74.75 -2.54
N VAL TA 11 10.35 74.01 -3.62
CA VAL TA 11 11.28 74.50 -4.62
C VAL TA 11 10.56 75.12 -5.80
N GLN TA 12 9.26 74.90 -5.93
CA GLN TA 12 8.54 75.35 -7.12
C GLN TA 12 8.18 76.85 -7.14
N PRO TA 13 7.72 77.49 -6.05
CA PRO TA 13 7.47 78.94 -6.16
C PRO TA 13 8.72 79.82 -6.14
N GLN TA 14 9.92 79.25 -6.26
CA GLN TA 14 11.14 80.07 -6.31
C GLN TA 14 11.27 80.82 -7.63
N GLN TA 15 10.59 80.35 -8.68
CA GLN TA 15 10.59 81.05 -9.96
C GLN TA 15 9.68 82.27 -9.93
N SER TA 16 8.80 82.35 -8.95
CA SER TA 16 7.88 83.49 -8.87
C SER TA 16 8.54 84.83 -8.50
N PRO TA 17 9.48 84.94 -7.51
CA PRO TA 17 10.11 86.26 -7.31
C PRO TA 17 11.07 86.66 -8.42
N ALA TA 18 11.27 87.96 -8.58
CA ALA TA 18 12.25 88.49 -9.51
C ALA TA 18 13.48 89.08 -8.84
N ALA TA 19 13.65 88.89 -7.52
CA ALA TA 19 14.82 89.37 -6.83
C ALA TA 19 16.06 88.60 -7.28
N ALA TA 20 17.14 89.34 -7.49
CA ALA TA 20 18.42 88.76 -7.91
C ALA TA 20 19.01 87.69 -6.99
N PRO TA 21 19.04 87.83 -5.64
CA PRO TA 21 19.68 86.76 -4.84
C PRO TA 21 18.98 85.42 -4.90
N GLY TA 22 17.64 85.40 -5.01
CA GLY TA 22 16.93 84.14 -5.14
C GLY TA 22 17.25 83.42 -6.43
N GLY TA 23 17.50 84.17 -7.50
CA GLY TA 23 17.99 83.56 -8.72
C GLY TA 23 19.44 83.09 -8.60
N THR TA 24 20.29 83.91 -7.99
CA THR TA 24 21.72 83.61 -8.00
C THR TA 24 22.08 82.56 -6.93
N ASP TA 25 21.13 82.15 -6.10
CA ASP TA 25 21.39 80.94 -5.32
C ASP TA 25 20.50 79.79 -5.75
N GLU TA 26 19.35 80.08 -6.36
CA GLU TA 26 18.47 79.03 -6.85
C GLU TA 26 19.06 78.32 -8.05
N LYS TA 27 19.76 79.07 -8.91
CA LYS TA 27 20.37 78.44 -10.08
C LYS TA 27 21.59 77.57 -9.74
N PRO TA 28 22.44 77.90 -8.76
CA PRO TA 28 23.35 76.85 -8.26
C PRO TA 28 22.65 75.73 -7.51
N SER TA 29 21.51 76.01 -6.88
CA SER TA 29 20.72 74.93 -6.29
C SER TA 29 20.10 74.06 -7.36
N GLY TA 30 19.67 74.68 -8.48
CA GLY TA 30 19.19 73.89 -9.60
C GLY TA 30 20.30 73.20 -10.37
N LYS TA 31 21.53 73.67 -10.20
CA LYS TA 31 22.67 73.02 -10.84
C LYS TA 31 22.98 71.68 -10.16
N GLU TA 32 22.79 71.61 -8.85
CA GLU TA 32 23.00 70.35 -8.13
C GLU TA 32 21.94 69.33 -8.51
N ARG TA 33 20.70 69.78 -8.69
CA ARG TA 33 19.65 68.87 -9.16
C ARG TA 33 19.64 68.75 -10.67
N ARG TA 34 20.56 69.42 -11.37
CA ARG TA 34 20.62 69.34 -12.83
C ARG TA 34 21.35 68.08 -13.28
N ASP TA 35 21.88 67.28 -12.34
CA ASP TA 35 22.40 65.96 -12.66
C ASP TA 35 21.32 65.02 -13.18
N ALA TA 36 20.07 65.22 -12.77
CA ALA TA 36 18.94 64.53 -13.37
C ALA TA 36 17.97 65.54 -13.96
N GLY TA 37 18.45 66.77 -14.16
CA GLY TA 37 17.64 67.86 -14.67
C GLY TA 37 16.74 68.41 -13.59
N ASP TA 38 15.72 67.64 -13.23
CA ASP TA 38 14.89 67.91 -12.06
C ASP TA 38 14.42 66.55 -11.57
N LYS TA 39 13.37 66.55 -10.75
CA LYS TA 39 12.65 65.34 -10.40
C LYS TA 39 12.08 64.59 -11.62
N ASP TA 40 11.79 65.30 -12.71
CA ASP TA 40 10.90 64.82 -13.76
C ASP TA 40 11.20 65.57 -15.05
N LYS TA 41 10.22 65.55 -15.95
CA LYS TA 41 10.33 66.04 -17.33
C LYS TA 41 10.21 67.56 -17.45
N GLU TA 42 10.47 68.32 -16.37
CA GLU TA 42 10.56 69.78 -16.36
C GLU TA 42 9.22 70.43 -16.74
N GLN TA 43 8.25 70.28 -15.84
CA GLN TA 43 6.99 71.00 -15.99
C GLN TA 43 7.02 72.34 -15.25
N GLU TA 44 8.21 72.92 -15.10
CA GLU TA 44 8.32 74.32 -14.72
C GLU TA 44 8.16 75.24 -15.93
N LEU TA 45 8.19 74.66 -17.14
CA LEU TA 45 8.33 75.38 -18.41
C LEU TA 45 7.25 76.43 -18.62
N SER TA 46 5.98 76.05 -18.40
CA SER TA 46 4.87 76.95 -18.71
C SER TA 46 4.80 78.12 -17.75
N GLU TA 47 5.49 78.02 -16.61
CA GLU TA 47 5.50 79.10 -15.64
C GLU TA 47 6.77 79.94 -15.77
N GLU TA 48 7.88 79.32 -16.20
CA GLU TA 48 9.15 80.04 -16.26
C GLU TA 48 9.48 80.55 -17.65
N ASP TA 49 8.65 80.28 -18.65
CA ASP TA 49 8.84 80.90 -19.96
C ASP TA 49 8.45 82.37 -19.93
N LYS TA 50 7.67 82.78 -18.93
CA LYS TA 50 7.38 84.20 -18.72
C LYS TA 50 8.61 84.97 -18.30
N GLN TA 51 9.58 84.29 -17.67
CA GLN TA 51 10.82 84.90 -17.18
C GLN TA 51 11.82 85.23 -18.30
N LEU TA 52 11.40 85.15 -19.56
CA LEU TA 52 12.29 85.41 -20.70
C LEU TA 52 12.72 86.87 -20.75
N GLN TA 53 11.81 87.80 -20.47
CA GLN TA 53 12.11 89.22 -20.67
C GLN TA 53 12.99 89.79 -19.57
N ASP TA 54 13.14 89.07 -18.46
CA ASP TA 54 14.00 89.51 -17.37
C ASP TA 54 15.46 89.43 -17.77
N GLU TA 55 16.24 90.42 -17.32
CA GLU TA 55 17.65 90.52 -17.67
C GLU TA 55 18.54 90.29 -16.44
N LEU TA 70 23.01 90.43 -13.31
CA LEU TA 70 24.35 90.05 -12.87
C LEU TA 70 24.69 88.65 -13.35
N TYR TA 71 24.13 87.64 -12.70
CA TYR TA 71 24.30 86.25 -13.13
C TYR TA 71 23.16 85.85 -14.07
N ARG TA 72 22.90 86.73 -15.02
CA ARG TA 72 22.05 86.42 -16.17
C ARG TA 72 22.64 85.42 -17.17
N PRO TA 73 23.98 85.21 -17.33
CA PRO TA 73 24.38 84.01 -18.10
C PRO TA 73 24.07 82.70 -17.40
N ALA TA 74 23.98 82.70 -16.07
CA ALA TA 74 23.45 81.53 -15.38
C ALA TA 74 21.97 81.36 -15.67
N LEU TA 75 21.25 82.47 -15.86
CA LEU TA 75 19.88 82.41 -16.33
C LEU TA 75 19.81 81.92 -17.76
N GLU TA 76 20.86 82.19 -18.54
CA GLU TA 76 20.96 81.59 -19.88
C GLU TA 76 21.22 80.09 -19.77
N GLU TA 77 21.93 79.66 -18.73
CA GLU TA 77 22.15 78.22 -18.53
C GLU TA 77 20.87 77.52 -18.13
N LEU TA 78 20.08 78.15 -17.27
CA LEU TA 78 18.76 77.62 -16.95
C LEU TA 78 17.85 77.62 -18.17
N ARG TA 79 17.95 78.65 -19.01
CA ARG TA 79 17.03 78.80 -20.13
C ARG TA 79 17.35 77.82 -21.25
N ARG TA 80 18.64 77.68 -21.59
CA ARG TA 80 19.04 76.64 -22.53
C ARG TA 80 18.86 75.26 -21.92
N GLN TA 81 18.86 75.16 -20.59
CA GLN TA 81 18.66 73.87 -19.95
C GLN TA 81 17.23 73.40 -20.10
N ILE TA 82 16.28 74.32 -19.95
CA ILE TA 82 14.88 73.90 -19.99
C ILE TA 82 14.35 73.87 -21.42
N ARG TA 83 14.77 74.83 -22.26
CA ARG TA 83 14.38 74.80 -23.67
C ARG TA 83 15.07 73.64 -24.38
N SER TA 84 16.33 73.37 -24.04
CA SER TA 84 17.00 72.17 -24.52
C SER TA 84 16.38 70.93 -23.92
N SER TA 85 15.79 71.06 -22.72
CA SER TA 85 15.16 69.93 -22.07
C SER TA 85 13.88 69.51 -22.76
N THR TA 86 13.04 70.44 -23.23
CA THR TA 86 11.82 69.98 -23.92
C THR TA 86 11.99 69.90 -25.44
N THR TA 87 12.02 71.03 -26.14
CA THR TA 87 12.17 70.99 -27.60
C THR TA 87 12.17 72.35 -28.32
N SER TA 88 13.17 72.54 -29.19
CA SER TA 88 13.37 73.74 -30.00
C SER TA 88 14.47 73.47 -31.04
N MET TA 89 14.49 74.18 -32.16
CA MET TA 89 15.55 73.90 -33.13
C MET TA 89 16.54 75.03 -33.31
N THR TA 90 16.15 76.27 -33.02
CA THR TA 90 17.02 77.43 -33.19
C THR TA 90 17.16 78.25 -31.93
N SER TA 91 16.09 78.37 -31.13
CA SER TA 91 16.16 79.18 -29.91
C SER TA 91 16.89 78.44 -28.80
N VAL TA 92 17.14 77.15 -28.97
CA VAL TA 92 17.83 76.37 -27.94
C VAL TA 92 19.33 76.72 -27.84
N PRO TA 93 20.13 76.72 -28.92
CA PRO TA 93 21.55 77.07 -28.71
C PRO TA 93 21.80 78.57 -28.64
N LYS TA 94 20.76 79.39 -28.70
CA LYS TA 94 20.95 80.83 -28.55
C LYS TA 94 21.41 81.25 -27.16
N PRO TA 95 20.93 80.68 -26.03
CA PRO TA 95 21.58 80.98 -24.76
C PRO TA 95 22.99 80.42 -24.61
N LEU TA 96 23.39 79.44 -25.43
CA LEU TA 96 24.76 78.95 -25.32
C LEU TA 96 25.71 79.81 -26.14
N LYS TA 97 25.27 80.27 -27.30
CA LYS TA 97 26.09 81.21 -28.07
C LYS TA 97 26.07 82.59 -27.42
N PHE TA 98 25.06 82.87 -26.62
CA PHE TA 98 25.08 84.07 -25.79
C PHE TA 98 25.82 83.82 -24.48
N LEU TA 99 26.01 82.55 -24.12
CA LEU TA 99 26.47 82.24 -22.78
C LEU TA 99 27.99 82.24 -22.68
N ARG TA 100 28.67 81.77 -23.74
CA ARG TA 100 30.12 81.53 -23.79
C ARG TA 100 30.51 80.59 -22.65
N PRO TA 101 30.31 79.27 -22.82
CA PRO TA 101 30.21 78.32 -21.69
C PRO TA 101 31.36 78.36 -20.70
N HIS TA 102 30.99 78.53 -19.44
CA HIS TA 102 31.86 79.07 -18.40
C HIS TA 102 31.49 78.35 -17.11
N TYR TA 103 31.99 78.84 -15.98
CA TYR TA 103 31.68 78.39 -14.62
C TYR TA 103 32.03 76.91 -14.39
N ASN TA 118 35.03 63.90 -16.86
CA ASN TA 118 34.17 62.73 -16.94
C ASN TA 118 33.20 62.72 -15.77
N LYS TA 119 32.00 63.24 -15.99
CA LYS TA 119 30.96 63.30 -14.97
C LYS TA 119 29.62 62.93 -15.59
N ARG TA 120 28.67 62.55 -14.74
CA ARG TA 120 27.30 62.30 -15.20
C ARG TA 120 26.63 63.60 -15.66
N PHE TA 121 26.78 64.66 -14.88
CA PHE TA 121 26.28 65.98 -15.28
C PHE TA 121 27.00 66.49 -16.53
N ALA TA 122 28.30 66.19 -16.64
CA ALA TA 122 29.04 66.60 -17.83
C ALA TA 122 28.64 65.77 -19.04
N ALA TA 123 28.27 64.51 -18.82
CA ALA TA 123 27.71 63.71 -19.91
C ALA TA 123 26.34 64.23 -20.31
N ASP TA 124 25.60 64.81 -19.36
CA ASP TA 124 24.29 65.34 -19.68
C ASP TA 124 24.39 66.65 -20.47
N ILE TA 125 24.93 67.70 -19.85
CA ILE TA 125 24.91 69.00 -20.51
C ILE TA 125 25.96 69.07 -21.60
N ILE TA 126 26.99 68.23 -21.54
CA ILE TA 126 27.96 68.19 -22.62
C ILE TA 126 27.56 67.18 -23.69
N SER TA 127 27.43 65.90 -23.31
CA SER TA 127 27.27 64.83 -24.30
C SER TA 127 25.97 64.91 -25.09
N VAL TA 128 24.82 64.71 -24.44
CA VAL TA 128 23.58 64.66 -25.21
C VAL TA 128 23.09 66.07 -25.53
N LEU TA 129 23.26 67.01 -24.60
CA LEU TA 129 22.73 68.35 -24.82
C LEU TA 129 23.64 69.16 -25.72
N ALA TA 130 24.95 69.06 -25.54
CA ALA TA 130 25.85 69.79 -26.42
C ALA TA 130 26.01 69.08 -27.75
N MET TA 131 25.87 67.76 -27.77
CA MET TA 131 25.96 67.03 -29.04
C MET TA 131 24.75 67.30 -29.91
N THR TA 132 23.54 67.16 -29.35
CA THR TA 132 22.35 67.36 -30.16
C THR TA 132 22.08 68.85 -30.38
N MET TA 133 22.29 69.65 -29.35
CA MET TA 133 22.06 71.10 -29.43
C MET TA 133 23.09 71.78 -30.31
N SER TA 134 24.37 71.44 -30.14
CA SER TA 134 25.40 71.97 -31.02
C SER TA 134 25.28 71.35 -32.41
N GLY TA 135 24.71 70.15 -32.50
CA GLY TA 135 24.49 69.55 -33.80
C GLY TA 135 23.43 70.28 -34.60
N GLU TA 136 22.33 70.66 -33.95
CA GLU TA 136 21.30 71.43 -34.66
C GLU TA 136 21.75 72.86 -34.88
N ARG TA 137 22.66 73.38 -34.05
CA ARG TA 137 23.20 74.71 -34.36
C ARG TA 137 24.14 74.65 -35.55
N GLU TA 138 24.95 73.60 -35.66
CA GLU TA 138 25.83 73.46 -36.82
C GLU TA 138 25.05 73.16 -38.09
N CYS TA 139 23.95 72.43 -37.97
CA CYS TA 139 23.13 72.17 -39.16
C CYS TA 139 22.36 73.41 -39.57
N LEU TA 140 21.79 74.12 -38.59
CA LEU TA 140 20.93 75.27 -38.90
C LEU TA 140 21.75 76.46 -39.39
N LYS TA 141 22.94 76.67 -38.83
CA LYS TA 141 23.79 77.74 -39.33
C LYS TA 141 24.61 77.29 -40.52
N TYR TA 142 24.83 75.97 -40.66
CA TYR TA 142 25.53 75.48 -41.84
C TYR TA 142 24.65 75.59 -43.08
N ARG TA 143 23.34 75.43 -42.91
CA ARG TA 143 22.43 75.62 -44.03
C ARG TA 143 21.94 77.07 -44.10
N LEU TA 144 22.01 77.81 -42.99
CA LEU TA 144 21.42 79.14 -42.94
C LEU TA 144 22.37 80.20 -43.48
N VAL TA 145 23.50 80.40 -42.81
CA VAL TA 145 24.39 81.52 -43.11
C VAL TA 145 25.57 80.99 -43.93
N GLY TA 146 26.08 81.84 -44.81
CA GLY TA 146 27.20 81.48 -45.66
C GLY TA 146 27.34 82.37 -46.87
N ALA TA 163 29.30 81.75 -38.37
CA ALA TA 163 30.21 82.73 -37.82
C ALA TA 163 31.42 82.04 -37.18
N GLY TA 164 32.23 82.82 -36.47
CA GLY TA 164 33.33 82.23 -35.71
C GLY TA 164 32.88 81.62 -34.41
N GLU TA 165 31.68 82.00 -33.94
CA GLU TA 165 31.15 81.48 -32.69
C GLU TA 165 30.90 79.98 -32.79
N VAL TA 166 30.31 79.53 -33.90
CA VAL TA 166 30.06 78.11 -34.09
C VAL TA 166 31.37 77.37 -34.36
N ALA TA 167 32.40 78.07 -34.82
CA ALA TA 167 33.71 77.45 -34.94
C ALA TA 167 34.34 77.20 -33.58
N LYS TA 168 34.19 78.17 -32.67
CA LYS TA 168 34.72 78.02 -31.32
C LYS TA 168 33.96 76.95 -30.54
N GLU TA 169 32.63 76.96 -30.65
CA GLU TA 169 31.80 75.93 -30.04
C GLU TA 169 32.09 74.56 -30.66
N TRP TA 170 32.40 74.54 -31.95
CA TRP TA 170 32.64 73.29 -32.64
C TRP TA 170 33.98 72.69 -32.22
N GLN TA 171 35.00 73.54 -32.03
CA GLN TA 171 36.28 73.06 -31.52
C GLN TA 171 36.17 72.67 -30.05
N GLU TA 172 35.31 73.36 -29.30
CA GLU TA 172 35.11 73.02 -27.90
C GLU TA 172 34.41 71.66 -27.76
N LEU TA 173 33.39 71.41 -28.58
CA LEU TA 173 32.72 70.12 -28.56
C LEU TA 173 33.63 69.04 -29.12
N ASP TA 174 34.51 69.40 -30.06
CA ASP TA 174 35.52 68.47 -30.55
C ASP TA 174 36.47 68.06 -29.43
N ASP TA 175 36.88 69.02 -28.61
CA ASP TA 175 37.76 68.74 -27.49
C ASP TA 175 37.03 67.89 -26.43
N ALA TA 176 35.75 68.21 -26.20
CA ALA TA 176 34.98 67.48 -25.20
C ALA TA 176 34.71 66.05 -25.63
N GLU TA 177 34.60 65.81 -26.94
CA GLU TA 177 34.42 64.43 -27.40
C GLU TA 177 35.76 63.73 -27.59
N LYS TA 178 36.85 64.51 -27.62
CA LYS TA 178 38.16 63.90 -27.41
C LYS TA 178 38.34 63.48 -25.95
N VAL TA 179 37.62 64.15 -25.04
CA VAL TA 179 37.60 63.69 -23.65
C VAL TA 179 36.72 62.45 -23.52
N GLN TA 180 35.56 62.45 -24.18
CA GLN TA 180 34.64 61.31 -24.08
C GLN TA 180 35.20 60.07 -24.75
N ARG TA 181 35.97 60.24 -25.83
CA ARG TA 181 36.76 59.22 -26.52
C ARG TA 181 35.94 58.15 -27.25
N GLU TA 182 34.61 58.28 -27.31
CA GLU TA 182 33.88 57.42 -28.23
C GLU TA 182 33.69 58.19 -29.53
N PRO TA 183 34.47 57.87 -30.55
CA PRO TA 183 34.34 58.56 -31.84
C PRO TA 183 33.07 58.10 -32.56
N LEU TA 184 33.22 57.69 -33.82
CA LEU TA 184 32.13 57.18 -34.65
C LEU TA 184 30.89 58.08 -34.85
N LEU TA 185 30.26 58.54 -33.77
CA LEU TA 185 29.05 59.34 -33.94
C LEU TA 185 29.37 60.83 -33.88
N THR TA 186 30.33 61.20 -33.01
CA THR TA 186 30.80 62.57 -32.95
C THR TA 186 31.49 62.95 -34.25
N LEU TA 187 32.24 62.01 -34.84
CA LEU TA 187 32.91 62.20 -36.11
C LEU TA 187 31.92 62.46 -37.23
N VAL TA 188 30.94 61.55 -37.39
CA VAL TA 188 30.00 61.66 -38.51
C VAL TA 188 29.07 62.86 -38.30
N LYS TA 189 28.91 63.31 -37.05
CA LYS TA 189 28.23 64.57 -36.82
C LYS TA 189 29.10 65.75 -37.23
N GLU TA 190 30.40 65.68 -36.95
CA GLU TA 190 31.26 66.81 -37.21
C GLU TA 190 31.84 66.79 -38.62
N ILE TA 191 31.39 65.85 -39.46
CA ILE TA 191 31.73 65.94 -40.88
C ILE TA 191 31.05 67.14 -41.52
N VAL TA 192 29.74 67.25 -41.36
CA VAL TA 192 28.89 68.21 -42.08
C VAL TA 192 29.24 69.66 -41.73
N PRO TA 193 29.92 69.97 -40.59
CA PRO TA 193 30.61 71.25 -40.76
C PRO TA 193 31.88 71.10 -41.60
N LEU TA 207 40.09 73.35 -43.91
CA LEU TA 207 38.75 72.80 -43.73
C LEU TA 207 38.50 72.44 -42.27
N LEU TA 208 37.24 72.51 -41.86
CA LEU TA 208 36.87 72.19 -40.48
C LEU TA 208 37.29 70.77 -40.11
N MET TA 209 36.94 69.82 -40.97
CA MET TA 209 37.28 68.42 -40.74
C MET TA 209 38.80 68.21 -40.77
N GLU TA 210 39.53 69.07 -41.50
CA GLU TA 210 40.99 69.00 -41.54
C GLU TA 210 41.60 69.27 -40.17
N ILE TA 211 41.32 70.45 -39.60
CA ILE TA 211 41.83 70.79 -38.28
C ILE TA 211 41.18 69.95 -37.20
N GLU TA 212 40.03 69.36 -37.51
CA GLU TA 212 39.45 68.34 -36.64
C GLU TA 212 40.32 67.09 -36.59
N GLN TA 213 40.84 66.64 -37.74
CA GLN TA 213 41.64 65.43 -37.74
C GLN TA 213 43.02 65.67 -37.15
N VAL TA 214 43.71 66.74 -37.58
CA VAL TA 214 45.05 66.98 -37.05
C VAL TA 214 44.98 67.48 -35.61
N ASP TA 215 43.82 68.02 -35.22
CA ASP TA 215 43.59 68.33 -33.81
C ASP TA 215 43.33 67.06 -33.01
N MET TA 216 42.66 66.09 -33.62
CA MET TA 216 42.26 64.90 -32.87
C MET TA 216 43.36 63.85 -32.86
N LEU TA 217 44.09 63.70 -33.96
CA LEU TA 217 45.01 62.57 -34.08
C LEU TA 217 46.31 62.78 -33.33
N GLU TA 218 46.37 62.29 -32.08
CA GLU TA 218 47.63 62.15 -31.38
C GLU TA 218 47.96 60.70 -31.06
N LYS TA 219 47.06 59.98 -30.41
CA LYS TA 219 47.37 58.66 -29.87
C LYS TA 219 46.64 57.53 -30.59
N ASP TA 220 45.31 57.60 -30.66
CA ASP TA 220 44.55 56.50 -31.24
C ASP TA 220 44.65 56.51 -32.75
N ILE TA 221 45.07 55.38 -33.31
CA ILE TA 221 45.46 55.29 -34.72
C ILE TA 221 44.44 54.49 -35.50
N ASP TA 222 44.07 53.34 -34.96
CA ASP TA 222 43.29 52.37 -35.75
C ASP TA 222 41.79 52.59 -35.58
N GLU TA 223 41.39 53.30 -34.53
CA GLU TA 223 39.98 53.66 -34.40
C GLU TA 223 39.62 54.77 -35.36
N ASN TA 224 40.44 55.82 -35.42
CA ASN TA 224 40.21 56.90 -36.36
C ASN TA 224 40.49 56.43 -37.78
N ALA TA 225 41.62 55.76 -37.97
CA ALA TA 225 42.02 55.26 -39.28
C ALA TA 225 41.05 54.20 -39.80
N TYR TA 226 40.97 53.07 -39.08
CA TYR TA 226 40.13 51.97 -39.52
C TYR TA 226 38.66 52.32 -39.40
N ALA TA 227 38.21 52.77 -38.22
CA ALA TA 227 36.81 53.06 -38.02
C ALA TA 227 36.37 54.28 -38.82
N LYS TA 228 37.03 55.43 -38.59
CA LYS TA 228 36.63 56.68 -39.23
C LYS TA 228 36.86 56.64 -40.74
N VAL TA 229 38.03 56.16 -41.14
CA VAL TA 229 38.34 56.20 -42.57
C VAL TA 229 37.61 55.08 -43.30
N CYS TA 230 37.26 54.00 -42.59
CA CYS TA 230 36.43 52.97 -43.21
C CYS TA 230 35.00 53.45 -43.42
N LEU TA 231 34.35 53.90 -42.34
CA LEU TA 231 32.93 54.28 -42.45
C LEU TA 231 32.76 55.55 -43.24
N TYR TA 232 33.73 56.46 -43.15
CA TYR TA 232 33.60 57.73 -43.83
C TYR TA 232 34.20 57.69 -45.23
N LEU TA 233 35.10 56.76 -45.50
CA LEU TA 233 35.48 56.52 -46.89
C LEU TA 233 34.34 55.84 -47.63
N THR TA 234 33.76 54.80 -47.03
CA THR TA 234 32.69 54.04 -47.66
C THR TA 234 31.42 54.87 -47.78
N SER TA 235 31.06 55.57 -46.70
CA SER TA 235 29.89 56.43 -46.75
C SER TA 235 30.17 57.71 -47.52
N CYS TA 236 31.44 58.06 -47.71
CA CYS TA 236 31.75 59.27 -48.46
C CYS TA 236 31.68 59.02 -49.95
N VAL TA 237 32.10 57.84 -50.40
CA VAL TA 237 31.87 57.49 -51.79
C VAL TA 237 30.42 57.05 -51.98
N ASN TA 238 29.78 56.59 -50.92
CA ASN TA 238 28.43 56.02 -50.99
C ASN TA 238 27.38 57.13 -51.05
N TYR TA 239 27.27 57.91 -49.97
CA TYR TA 239 26.25 58.93 -49.83
C TYR TA 239 26.73 60.35 -50.12
N VAL TA 240 27.93 60.71 -49.66
CA VAL TA 240 28.43 62.09 -49.69
C VAL TA 240 28.83 62.45 -51.12
N PRO TA 241 28.60 63.67 -51.59
CA PRO TA 241 29.18 64.10 -52.86
C PRO TA 241 30.70 64.25 -52.78
N GLU TA 242 31.29 64.35 -53.96
CA GLU TA 242 32.72 64.35 -54.20
C GLU TA 242 33.61 65.40 -53.51
N PRO TA 243 33.24 66.70 -53.39
CA PRO TA 243 34.29 67.68 -53.01
C PRO TA 243 34.81 67.58 -51.58
N GLU TA 244 34.07 66.95 -50.68
CA GLU TA 244 34.60 66.77 -49.33
C GLU TA 244 35.50 65.54 -49.25
N ASN TA 245 35.37 64.64 -50.23
CA ASN TA 245 36.23 63.46 -50.28
C ASN TA 245 37.68 63.85 -50.55
N SER TA 246 37.88 64.98 -51.22
CA SER TA 246 39.24 65.50 -51.37
C SER TA 246 39.82 65.93 -50.03
N ALA TA 247 38.98 66.45 -49.14
CA ALA TA 247 39.46 66.81 -47.81
C ALA TA 247 39.73 65.57 -46.96
N LEU TA 248 38.91 64.53 -47.15
CA LEU TA 248 39.21 63.20 -46.60
C LEU TA 248 40.59 62.73 -47.06
N LEU TA 249 40.86 62.86 -48.34
CA LEU TA 249 42.06 62.29 -48.94
C LEU TA 249 43.30 63.10 -48.58
N ARG TA 250 43.16 64.41 -48.43
CA ARG TA 250 44.33 65.24 -48.15
C ARG TA 250 44.65 65.25 -46.66
N CYS TA 251 43.63 65.33 -45.81
CA CYS TA 251 43.96 65.31 -44.38
C CYS TA 251 44.23 63.90 -43.92
N ALA TA 252 43.62 62.91 -44.59
CA ALA TA 252 44.03 61.52 -44.40
C ALA TA 252 45.43 61.30 -44.94
N LEU TA 253 45.85 62.05 -45.97
CA LEU TA 253 47.25 62.04 -46.36
C LEU TA 253 48.13 62.65 -45.27
N GLY TA 254 47.59 63.60 -44.50
CA GLY TA 254 48.35 64.16 -43.40
C GLY TA 254 48.54 63.18 -42.26
N VAL TA 255 47.44 62.63 -41.75
CA VAL TA 255 47.53 61.78 -40.57
C VAL TA 255 48.08 60.41 -40.95
N PHE TA 256 47.87 59.97 -42.19
CA PHE TA 256 48.47 58.72 -42.64
C PHE TA 256 49.90 58.94 -43.08
N ARG TA 257 50.23 60.19 -43.41
CA ARG TA 257 51.64 60.56 -43.58
C ARG TA 257 52.36 60.51 -42.25
N LYS TA 258 51.66 60.80 -41.16
CA LYS TA 258 52.23 60.57 -39.83
C LYS TA 258 52.36 59.10 -39.54
N PHE TA 259 51.50 58.27 -40.11
CA PHE TA 259 51.35 56.90 -39.62
C PHE TA 259 52.02 55.90 -40.55
N SER TA 260 52.18 54.68 -40.02
CA SER TA 260 52.74 53.56 -40.77
C SER TA 260 51.61 52.78 -41.43
N ARG TA 261 51.95 51.58 -41.94
CA ARG TA 261 51.08 50.72 -42.75
C ARG TA 261 50.55 51.49 -43.97
N PHE TA 262 51.49 51.78 -44.84
CA PHE TA 262 51.36 52.60 -46.04
C PHE TA 262 50.30 52.26 -47.10
N PRO TA 263 49.77 51.01 -47.24
CA PRO TA 263 48.64 50.83 -48.18
C PRO TA 263 47.37 51.61 -47.86
N GLU TA 264 47.23 52.18 -46.65
CA GLU TA 264 46.18 53.18 -46.46
C GLU TA 264 46.47 54.41 -47.32
N ALA TA 265 47.74 54.83 -47.40
CA ALA TA 265 48.11 55.95 -48.24
C ALA TA 265 48.14 55.52 -49.70
N LEU TA 266 48.29 54.23 -49.96
CA LEU TA 266 48.27 53.78 -51.35
C LEU TA 266 46.84 53.68 -51.87
N ARG TA 267 45.87 53.45 -50.99
CA ARG TA 267 44.47 53.58 -51.39
C ARG TA 267 44.08 55.06 -51.45
N LEU TA 268 44.76 55.89 -50.67
CA LEU TA 268 44.68 57.34 -50.92
C LEU TA 268 45.28 57.70 -52.27
N ALA TA 269 46.27 56.94 -52.75
CA ALA TA 269 46.75 57.14 -54.10
C ALA TA 269 45.78 56.56 -55.12
N LEU TA 270 44.97 55.59 -54.70
CA LEU TA 270 43.94 55.06 -55.58
C LEU TA 270 42.84 56.09 -55.82
N MET TA 271 42.41 56.80 -54.77
CA MET TA 271 41.33 57.75 -54.98
C MET TA 271 41.86 59.13 -55.39
N LEU TA 272 43.03 59.51 -54.90
CA LEU TA 272 43.66 60.77 -55.31
C LEU TA 272 44.24 60.76 -56.71
N ASN TA 273 45.02 59.73 -57.05
CA ASN TA 273 45.91 59.69 -58.21
C ASN TA 273 46.87 60.89 -58.19
N ASP TA 274 47.73 60.89 -57.17
CA ASP TA 274 48.70 61.96 -56.98
C ASP TA 274 50.13 61.43 -57.20
N MET TA 275 50.99 62.31 -57.68
CA MET TA 275 52.35 61.96 -58.07
C MET TA 275 53.38 62.25 -56.97
N GLU TA 276 53.05 63.17 -56.06
CA GLU TA 276 53.91 63.46 -54.92
C GLU TA 276 53.83 62.32 -53.94
N LEU TA 277 52.67 61.66 -53.92
CA LEU TA 277 52.40 60.61 -52.96
C LEU TA 277 53.30 59.40 -53.19
N VAL TA 278 53.57 59.09 -54.45
CA VAL TA 278 54.36 57.89 -54.73
C VAL TA 278 55.85 58.16 -54.45
N GLU TA 279 56.27 59.41 -54.57
CA GLU TA 279 57.63 59.76 -54.18
C GLU TA 279 57.78 59.73 -52.67
N ASP TA 280 56.77 60.23 -51.95
CA ASP TA 280 56.80 60.20 -50.49
C ASP TA 280 56.71 58.77 -49.96
N ILE TA 281 55.94 57.92 -50.64
CA ILE TA 281 55.74 56.56 -50.17
C ILE TA 281 56.84 55.66 -50.71
N PHE TA 282 57.71 56.18 -51.56
CA PHE TA 282 58.86 55.40 -51.97
C PHE TA 282 60.13 55.82 -51.23
N THR TA 283 60.21 57.08 -50.79
CA THR TA 283 61.25 57.38 -49.81
C THR TA 283 60.87 56.82 -48.43
N SER TA 284 59.56 56.70 -48.18
CA SER TA 284 59.11 56.17 -46.90
C SER TA 284 58.98 54.66 -46.94
N CYS TA 285 58.66 54.10 -48.11
CA CYS TA 285 58.56 52.65 -48.22
C CYS TA 285 59.87 52.05 -48.70
N LYS TA 286 60.83 52.89 -49.06
CA LYS TA 286 62.22 52.45 -49.05
C LYS TA 286 62.82 52.63 -47.65
N ASP TA 287 62.32 53.63 -46.90
CA ASP TA 287 62.71 53.78 -45.51
C ASP TA 287 62.25 52.58 -44.68
N VAL TA 288 61.16 51.93 -45.09
CA VAL TA 288 60.72 50.68 -44.49
C VAL TA 288 61.01 49.56 -45.50
N VAL TA 289 62.16 48.93 -45.36
CA VAL TA 289 62.57 47.86 -46.26
C VAL TA 289 61.76 46.60 -46.00
N MET TA 297 55.55 42.07 -48.67
CA MET TA 297 56.96 42.39 -48.61
C MET TA 297 57.30 43.58 -49.50
N LEU TA 298 58.52 43.60 -50.03
CA LEU TA 298 59.02 44.74 -50.81
C LEU TA 298 58.62 44.61 -52.28
N GLY TA 299 59.00 43.49 -52.90
CA GLY TA 299 58.53 43.21 -54.25
C GLY TA 299 57.03 42.99 -54.30
N ARG TA 300 56.43 42.59 -53.18
CA ARG TA 300 54.99 42.42 -53.13
C ARG TA 300 54.27 43.76 -53.16
N HIS TA 301 54.80 44.80 -52.48
CA HIS TA 301 54.19 46.10 -52.67
C HIS TA 301 54.58 46.71 -54.00
N GLY TA 302 55.64 46.17 -54.63
CA GLY TA 302 55.80 46.40 -56.06
C GLY TA 302 54.66 45.80 -56.88
N VAL TA 303 54.17 44.64 -56.46
CA VAL TA 303 53.12 43.94 -57.20
C VAL TA 303 51.79 44.67 -57.09
N PHE TA 304 51.29 44.88 -55.86
CA PHE TA 304 50.03 45.62 -55.80
C PHE TA 304 50.23 47.12 -55.96
N LEU TA 305 51.48 47.59 -55.97
CA LEU TA 305 51.75 48.92 -56.49
C LEU TA 305 51.43 48.99 -57.98
N GLU TA 306 51.94 48.04 -58.76
CA GLU TA 306 51.72 48.09 -60.21
C GLU TA 306 50.28 47.73 -60.56
N LEU TA 307 49.66 46.84 -59.79
CA LEU TA 307 48.24 46.56 -59.95
C LEU TA 307 47.40 47.77 -59.57
N SER TA 308 47.77 48.46 -58.51
CA SER TA 308 46.97 49.57 -58.00
C SER TA 308 47.09 50.80 -58.89
N GLU TA 309 48.26 51.02 -59.48
CA GLU TA 309 48.53 52.26 -60.19
C GLU TA 309 47.83 52.27 -61.55
N ASP TA 310 47.51 53.48 -62.01
CA ASP TA 310 46.98 53.66 -63.36
C ASP TA 310 48.08 53.89 -64.38
N VAL TA 311 47.69 54.36 -65.56
CA VAL TA 311 48.59 54.49 -66.71
C VAL TA 311 49.58 55.64 -66.54
N GLU TA 312 49.20 56.70 -65.84
CA GLU TA 312 50.00 57.91 -65.76
C GLU TA 312 51.19 57.79 -64.81
N GLU TA 313 50.95 57.31 -63.59
CA GLU TA 313 51.91 57.53 -62.53
C GLU TA 313 53.05 56.51 -62.52
N TYR TA 314 53.02 55.48 -63.37
CA TYR TA 314 54.22 54.67 -63.49
C TYR TA 314 55.16 55.23 -64.53
N GLU TA 315 54.65 56.07 -65.42
CA GLU TA 315 55.53 56.73 -66.38
C GLU TA 315 56.08 58.03 -65.81
N ASP TA 316 55.23 58.77 -65.06
CA ASP TA 316 55.76 59.87 -64.26
C ASP TA 316 56.68 59.34 -63.16
N LEU TA 317 56.32 58.18 -62.60
CA LEU TA 317 57.16 57.55 -61.60
C LEU TA 317 58.48 57.07 -62.19
N THR TA 318 58.45 56.55 -63.42
CA THR TA 318 59.70 56.07 -64.00
C THR TA 318 60.50 57.21 -64.61
N GLU TA 319 59.91 58.41 -64.73
CA GLU TA 319 60.75 59.51 -65.20
C GLU TA 319 61.39 60.27 -64.03
N ILE TA 320 60.65 60.54 -62.95
CA ILE TA 320 61.28 61.20 -61.81
C ILE TA 320 62.16 60.21 -61.06
N MET TA 321 61.77 58.93 -61.05
CA MET TA 321 62.67 57.92 -60.52
C MET TA 321 63.70 57.52 -61.57
N SER TA 322 63.48 57.86 -62.84
CA SER TA 322 64.60 57.74 -63.78
C SER TA 322 65.66 58.78 -63.46
N ASN TA 323 65.24 59.91 -62.88
CA ASN TA 323 66.21 60.90 -62.41
C ASN TA 323 66.90 60.42 -61.13
N VAL TA 324 66.15 60.05 -60.10
CA VAL TA 324 66.70 59.90 -58.75
C VAL TA 324 67.02 58.44 -58.41
N GLN TA 325 65.99 57.59 -58.33
CA GLN TA 325 65.90 56.13 -58.15
C GLN TA 325 66.46 55.57 -56.85
N LEU TA 326 67.42 56.25 -56.23
CA LEU TA 326 67.96 56.06 -54.88
C LEU TA 326 68.55 54.67 -54.59
N ASN TA 327 68.17 53.62 -55.34
CA ASN TA 327 68.83 52.32 -55.29
C ASN TA 327 68.74 51.61 -56.65
N SER TA 328 67.97 52.21 -57.57
CA SER TA 328 67.54 51.69 -58.88
C SER TA 328 66.59 50.49 -58.83
N ASN TA 329 66.30 50.00 -57.62
CA ASN TA 329 65.43 48.85 -57.50
C ASN TA 329 63.96 49.25 -57.61
N PHE TA 330 63.66 50.55 -57.47
CA PHE TA 330 62.31 51.02 -57.77
C PHE TA 330 62.14 51.28 -59.25
N LEU TA 331 63.24 51.50 -59.98
CA LEU TA 331 63.17 51.43 -61.43
C LEU TA 331 63.07 49.99 -61.89
N ALA TA 332 63.61 49.06 -61.10
CA ALA TA 332 63.40 47.65 -61.38
C ALA TA 332 61.94 47.26 -61.16
N LEU TA 333 61.43 47.50 -59.95
CA LEU TA 333 60.08 47.07 -59.59
C LEU TA 333 59.02 47.91 -60.28
N ALA TA 334 59.02 49.20 -60.00
CA ALA TA 334 57.86 50.05 -60.28
C ALA TA 334 57.92 50.68 -61.67
N ARG TA 335 58.21 49.86 -62.68
CA ARG TA 335 57.69 50.13 -64.01
C ARG TA 335 56.99 48.92 -64.63
N GLU TA 336 57.55 47.71 -64.50
CA GLU TA 336 57.20 46.52 -65.24
C GLU TA 336 58.15 45.43 -64.75
N LEU TA 337 58.06 44.26 -65.38
CA LEU TA 337 58.93 43.09 -65.19
C LEU TA 337 59.25 42.53 -63.79
N ASP TA 338 58.74 43.12 -62.73
CA ASP TA 338 59.03 42.60 -61.41
C ASP TA 338 57.77 42.41 -60.59
N ILE TA 339 56.64 42.89 -61.13
CA ILE TA 339 55.35 42.31 -60.77
C ILE TA 339 55.26 40.89 -61.36
N MET TA 340 55.97 40.66 -62.47
CA MET TA 340 55.78 39.47 -63.27
C MET TA 340 56.91 38.45 -63.17
N GLU TA 341 58.10 38.83 -62.71
CA GLU TA 341 59.13 37.82 -62.53
C GLU TA 341 58.91 36.82 -61.39
N PRO TA 342 58.31 37.15 -60.22
CA PRO TA 342 58.13 36.06 -59.23
C PRO TA 342 56.97 35.14 -59.57
N LYS TA 343 55.95 35.65 -60.26
CA LYS TA 343 54.67 34.93 -60.35
C LYS TA 343 54.76 33.68 -61.20
N VAL TA 344 55.20 33.81 -62.46
CA VAL TA 344 55.06 32.73 -63.43
C VAL TA 344 55.85 31.47 -63.08
N PRO TA 345 57.11 31.54 -62.60
CA PRO TA 345 57.69 30.31 -62.01
C PRO TA 345 56.93 29.81 -60.80
N ASP TA 346 56.53 30.69 -59.87
CA ASP TA 346 55.76 30.26 -58.71
C ASP TA 346 54.36 29.80 -59.12
N ASP TA 347 53.85 30.32 -60.25
CA ASP TA 347 52.63 29.77 -60.84
C ASP TA 347 52.83 28.34 -61.28
N ILE TA 348 54.00 28.03 -61.84
CA ILE TA 348 54.28 26.64 -62.22
C ILE TA 348 54.51 25.78 -60.99
N TYR TA 349 55.01 26.38 -59.90
CA TYR TA 349 55.52 25.57 -58.80
C TYR TA 349 54.40 25.11 -57.88
N LYS TA 350 53.68 26.05 -57.27
CA LYS TA 350 52.68 25.68 -56.28
C LYS TA 350 51.40 25.12 -56.89
N THR TA 351 51.17 25.33 -58.18
CA THR TA 351 50.01 24.80 -58.86
C THR TA 351 50.43 23.66 -59.78
N HIS TA 352 49.54 22.68 -59.95
CA HIS TA 352 49.84 21.52 -60.79
C HIS TA 352 48.56 21.21 -61.57
N LEU TA 353 48.48 21.74 -62.78
CA LEU TA 353 47.27 21.59 -63.59
C LEU TA 353 47.44 20.48 -64.61
N GLU TA 354 46.42 19.63 -64.71
CA GLU TA 354 46.52 18.34 -65.39
C GLU TA 354 46.28 18.56 -66.89
N ASN TA 355 46.11 17.47 -67.66
CA ASN TA 355 46.09 17.51 -69.11
C ASN TA 355 44.74 17.14 -69.73
N ASN TA 356 43.78 16.69 -68.93
CA ASN TA 356 42.53 16.16 -69.49
C ASN TA 356 41.52 17.27 -69.77
N ARG TA 357 41.90 18.52 -69.59
CA ARG TA 357 41.07 19.63 -70.06
C ARG TA 357 41.64 20.22 -71.33
N PHE TA 358 42.97 20.16 -71.49
CA PHE TA 358 43.58 20.26 -72.82
C PHE TA 358 42.99 19.23 -73.75
N GLY TA 359 42.94 17.97 -73.31
CA GLY TA 359 42.49 16.90 -74.18
C GLY TA 359 40.99 16.75 -74.19
N GLY TA 360 40.35 16.91 -73.03
CA GLY TA 360 38.90 16.79 -72.97
C GLY TA 360 38.20 18.09 -73.36
N SER TA 361 38.49 19.16 -72.61
CA SER TA 361 38.02 20.48 -72.98
C SER TA 361 38.66 20.94 -74.28
N GLY TA 362 39.86 20.42 -74.57
CA GLY TA 362 40.39 20.54 -75.92
C GLY TA 362 39.96 19.44 -76.85
N SER TA 363 38.96 18.63 -76.45
CA SER TA 363 38.44 17.62 -77.37
C SER TA 363 37.04 17.98 -77.86
N GLN TA 364 36.33 18.81 -77.11
CA GLN TA 364 35.01 19.30 -77.54
C GLN TA 364 34.82 19.47 -79.07
N VAL TA 365 35.01 18.40 -79.83
CA VAL TA 365 34.83 18.31 -81.30
C VAL TA 365 35.60 19.25 -82.27
N ASP TA 366 34.96 19.62 -83.39
CA ASP TA 366 35.59 20.47 -84.42
C ASP TA 366 34.58 21.22 -85.34
N SER TA 367 35.06 22.20 -86.09
CA SER TA 367 34.21 23.00 -86.99
C SER TA 367 34.80 24.35 -87.35
N ALA TA 368 36.11 24.51 -87.12
CA ALA TA 368 36.92 25.70 -87.41
C ALA TA 368 36.48 26.96 -86.67
N ARG TA 369 35.50 26.84 -85.78
CA ARG TA 369 34.97 27.93 -84.98
C ARG TA 369 35.12 27.63 -83.50
N MET TA 370 34.42 26.54 -83.18
CA MET TA 370 34.40 25.92 -81.87
C MET TA 370 35.81 25.39 -81.68
N ASN TA 371 36.36 24.81 -82.75
CA ASN TA 371 37.73 24.33 -82.76
C ASN TA 371 38.68 25.53 -82.66
N LEU TA 372 38.33 26.58 -83.41
CA LEU TA 372 39.12 27.81 -83.42
C LEU TA 372 39.09 28.45 -82.05
N ALA TA 373 37.89 28.43 -81.45
CA ALA TA 373 37.69 28.96 -80.11
C ALA TA 373 38.46 28.12 -79.11
N SER TA 374 38.44 26.80 -79.34
CA SER TA 374 39.13 25.86 -78.50
C SER TA 374 40.59 26.21 -78.60
N SER TA 375 41.09 26.54 -79.79
CA SER TA 375 42.50 26.90 -79.73
C SER TA 375 42.67 28.05 -78.75
N PHE TA 376 41.76 29.02 -78.78
CA PHE TA 376 41.86 30.14 -77.86
C PHE TA 376 41.74 29.65 -76.42
N VAL TA 377 40.81 28.73 -76.18
CA VAL TA 377 40.61 28.20 -74.84
C VAL TA 377 41.84 27.46 -74.36
N ASN TA 378 42.46 26.67 -75.25
CA ASN TA 378 43.67 25.93 -74.90
C ASN TA 378 44.80 26.91 -74.63
N GLY TA 379 44.85 27.93 -75.47
CA GLY TA 379 45.83 28.99 -75.44
C GLY TA 379 45.70 29.76 -74.16
N PHE TA 380 44.49 30.05 -73.69
CA PHE TA 380 44.50 30.78 -72.44
C PHE TA 380 44.59 29.84 -71.25
N VAL TA 381 45.25 28.70 -71.44
CA VAL TA 381 45.40 27.71 -70.38
C VAL TA 381 46.20 28.27 -69.21
N ASN TA 382 47.26 29.03 -69.52
CA ASN TA 382 48.10 29.63 -68.49
C ASN TA 382 47.73 31.07 -68.24
N GLN TA 387 52.43 21.41 -66.94
CA GLN TA 387 52.09 22.83 -66.86
C GLN TA 387 53.21 23.69 -67.43
N ASP TA 388 53.19 23.87 -68.74
CA ASP TA 388 54.20 24.63 -69.45
C ASP TA 388 53.57 25.24 -70.69
N LYS TA 389 54.34 26.04 -71.43
CA LYS TA 389 53.79 26.65 -72.61
C LYS TA 389 53.79 25.53 -73.65
N LEU TA 390 53.00 24.51 -73.34
CA LEU TA 390 52.83 23.33 -74.17
C LEU TA 390 51.87 23.58 -75.33
N LEU TA 391 50.72 24.21 -75.05
CA LEU TA 391 49.72 24.45 -76.10
C LEU TA 391 50.24 25.49 -77.10
N THR TA 392 51.20 26.29 -76.68
CA THR TA 392 51.97 27.13 -77.61
C THR TA 392 52.71 26.27 -78.63
N ASP TA 393 53.49 25.31 -78.15
CA ASP TA 393 54.39 24.58 -79.04
C ASP TA 393 53.80 23.25 -79.49
N ASP TA 394 52.48 23.09 -79.39
CA ASP TA 394 51.86 21.87 -79.91
C ASP TA 394 51.83 21.91 -81.44
N GLY TA 395 52.93 21.45 -82.04
CA GLY TA 395 53.08 21.17 -83.46
C GLY TA 395 52.60 22.21 -84.45
N ASN TA 396 52.05 21.68 -85.55
CA ASN TA 396 51.54 22.42 -86.69
C ASN TA 396 50.27 21.74 -87.20
N LYS TA 397 49.63 22.40 -88.17
CA LYS TA 397 48.38 22.01 -88.89
C LYS TA 397 47.09 22.37 -88.15
N TRP TA 398 47.23 23.02 -87.00
CA TRP TA 398 46.08 23.51 -86.26
C TRP TA 398 45.79 24.95 -86.65
N LEU TA 399 46.84 25.74 -86.87
CA LEU TA 399 46.69 27.10 -87.35
C LEU TA 399 46.56 27.13 -88.86
N TYR TA 400 46.92 26.04 -89.55
CA TYR TA 400 46.72 25.99 -90.99
C TYR TA 400 45.27 25.65 -91.33
N LYS TA 401 44.58 24.93 -90.43
CA LYS TA 401 43.13 24.79 -90.55
C LYS TA 401 42.43 26.13 -90.35
N ASN TA 402 43.07 27.04 -89.62
CA ASN TA 402 42.47 28.29 -89.19
C ASN TA 402 42.38 29.29 -90.35
N LYS TA 403 41.48 30.26 -90.19
CA LYS TA 403 41.16 31.26 -91.20
C LYS TA 403 41.40 32.64 -90.61
N ASP TA 404 41.20 33.68 -91.44
CA ASP TA 404 41.82 35.00 -91.34
C ASP TA 404 41.80 35.68 -89.97
N HIS TA 405 40.62 35.98 -89.45
CA HIS TA 405 40.56 36.69 -88.17
C HIS TA 405 40.74 35.74 -87.00
N GLY TA 406 40.42 34.48 -87.21
CA GLY TA 406 40.85 33.47 -86.26
C GLY TA 406 42.33 33.21 -86.35
N MET TA 407 42.95 33.47 -87.51
CA MET TA 407 44.40 33.41 -87.61
C MET TA 407 45.03 34.58 -86.88
N LEU TA 408 44.33 35.72 -86.83
CA LEU TA 408 44.72 36.78 -85.89
C LEU TA 408 44.61 36.29 -84.45
N SER TA 409 43.52 35.57 -84.13
CA SER TA 409 43.30 35.12 -82.76
C SER TA 409 44.33 34.06 -82.34
N ALA TA 410 44.76 33.23 -83.28
CA ALA TA 410 45.72 32.17 -82.95
C ALA TA 410 47.14 32.68 -83.00
N ALA TA 411 47.41 33.66 -83.87
CA ALA TA 411 48.72 34.30 -83.87
C ALA TA 411 48.92 35.14 -82.63
N ALA TA 412 47.83 35.69 -82.09
CA ALA TA 412 47.88 36.37 -80.81
C ALA TA 412 47.79 35.40 -79.63
N SER TA 413 47.35 34.16 -79.88
CA SER TA 413 47.14 33.21 -78.80
C SER TA 413 48.45 32.77 -78.17
N LEU TA 414 49.54 32.73 -78.96
CA LEU TA 414 50.85 32.52 -78.38
C LEU TA 414 51.28 33.72 -77.55
N GLY TA 415 50.72 34.89 -77.83
CA GLY TA 415 50.80 35.98 -76.87
C GLY TA 415 50.02 35.68 -75.61
N MET TA 416 48.88 35.01 -75.73
CA MET TA 416 48.01 34.86 -74.59
C MET TA 416 48.49 33.77 -73.63
N ILE TA 417 49.26 32.79 -74.14
CA ILE TA 417 49.75 31.73 -73.26
C ILE TA 417 50.88 32.24 -72.38
N LEU TA 418 51.52 33.32 -72.78
CA LEU TA 418 52.81 33.72 -72.25
C LEU TA 418 52.92 35.21 -71.98
N LEU TA 419 52.09 35.79 -71.13
CA LEU TA 419 52.28 37.21 -70.80
C LEU TA 419 53.43 37.44 -69.83
N TRP TA 420 54.59 36.88 -70.15
CA TRP TA 420 55.88 36.96 -69.49
C TRP TA 420 56.84 36.30 -70.50
N ASP TA 421 58.09 35.98 -70.10
CA ASP TA 421 59.14 35.40 -70.92
C ASP TA 421 59.48 36.35 -72.06
N VAL TA 422 60.02 37.51 -71.68
CA VAL TA 422 60.42 38.58 -72.60
C VAL TA 422 61.37 38.08 -73.65
N ASP TA 423 62.43 37.38 -73.24
CA ASP TA 423 63.39 36.83 -74.18
C ASP TA 423 62.78 35.68 -74.97
N GLY TA 424 61.92 34.90 -74.32
CA GLY TA 424 61.24 33.82 -75.02
C GLY TA 424 60.13 34.28 -75.93
N GLY TA 425 59.60 35.49 -75.71
CA GLY TA 425 58.56 36.00 -76.57
C GLY TA 425 59.04 36.27 -77.99
N LEU TA 426 60.23 36.85 -78.10
CA LEU TA 426 60.81 37.12 -79.42
C LEU TA 426 61.17 35.82 -80.13
N THR TA 427 61.69 34.84 -79.39
CA THR TA 427 62.16 33.61 -80.03
C THR TA 427 61.04 32.60 -80.23
N GLN TA 428 59.84 32.87 -79.70
CA GLN TA 428 58.69 32.05 -80.07
C GLN TA 428 57.88 32.71 -81.18
N ILE TA 429 57.68 34.02 -81.09
CA ILE TA 429 56.88 34.70 -82.09
C ILE TA 429 57.68 34.89 -83.39
N ASP TA 430 59.03 34.78 -83.33
CA ASP TA 430 59.89 35.11 -84.46
C ASP TA 430 59.67 34.21 -85.67
N LYS TA 431 59.27 32.95 -85.43
CA LYS TA 431 58.87 32.08 -86.53
C LYS TA 431 57.61 32.61 -87.20
N TYR TA 432 56.67 33.11 -86.39
CA TYR TA 432 55.44 33.64 -86.95
C TYR TA 432 55.57 35.12 -87.31
N LEU TA 433 56.69 35.75 -86.96
CA LEU TA 433 56.96 37.08 -87.48
C LEU TA 433 57.31 37.01 -88.95
N TYR TA 434 56.90 38.04 -89.69
CA TYR TA 434 57.20 38.28 -91.12
C TYR TA 434 56.95 37.06 -92.01
N SER TA 435 55.90 36.31 -91.66
CA SER TA 435 55.64 35.04 -92.31
C SER TA 435 54.97 35.25 -93.67
N SER TA 436 54.48 34.15 -94.25
CA SER TA 436 53.82 34.26 -95.56
C SER TA 436 52.46 34.91 -95.44
N GLU TA 437 51.84 34.84 -94.26
CA GLU TA 437 50.49 35.32 -94.07
C GLU TA 437 50.47 36.66 -93.36
N ASP TA 438 49.63 37.54 -93.89
CA ASP TA 438 49.32 38.83 -93.28
C ASP TA 438 48.76 38.69 -91.87
N TYR TA 439 47.89 37.71 -91.66
CA TYR TA 439 47.26 37.57 -90.35
C TYR TA 439 48.22 36.95 -89.34
N ILE TA 440 49.16 36.13 -89.81
CA ILE TA 440 50.16 35.55 -88.93
C ILE TA 440 51.14 36.62 -88.46
N LYS TA 441 51.55 37.50 -89.37
CA LYS TA 441 52.50 38.55 -88.97
C LYS TA 441 51.82 39.64 -88.17
N SER TA 442 50.57 39.99 -88.51
CA SER TA 442 49.90 41.08 -87.82
C SER TA 442 49.39 40.63 -86.44
N GLY TA 443 48.84 39.43 -86.37
CA GLY TA 443 48.55 38.83 -85.08
C GLY TA 443 49.79 38.46 -84.30
N ALA TA 444 50.93 38.31 -84.98
CA ALA TA 444 52.19 38.04 -84.29
C ALA TA 444 52.72 39.28 -83.58
N LEU TA 445 52.69 40.43 -84.26
CA LEU TA 445 53.01 41.68 -83.58
C LEU TA 445 51.96 42.04 -82.54
N LEU TA 446 50.71 41.62 -82.77
CA LEU TA 446 49.69 41.72 -81.73
C LEU TA 446 50.08 40.91 -80.49
N ALA TA 447 50.61 39.70 -80.70
CA ALA TA 447 51.09 38.87 -79.60
C ALA TA 447 52.27 39.52 -78.88
N CYS TA 448 53.15 40.18 -79.65
CA CYS TA 448 54.25 40.94 -79.04
C CYS TA 448 53.73 42.09 -78.19
N GLY TA 449 52.62 42.71 -78.59
CA GLY TA 449 51.99 43.70 -77.74
C GLY TA 449 51.29 43.09 -76.54
N ILE TA 450 50.89 41.81 -76.64
CA ILE TA 450 50.20 41.16 -75.53
C ILE TA 450 51.17 40.82 -74.41
N VAL TA 451 52.33 40.24 -74.76
CA VAL TA 451 53.15 39.51 -73.78
C VAL TA 451 53.72 40.43 -72.71
N ASN TA 452 53.93 41.71 -73.02
CA ASN TA 452 54.64 42.59 -72.11
C ASN TA 452 54.08 44.00 -72.20
N SER TA 453 54.65 44.88 -71.37
CA SER TA 453 54.34 46.31 -71.45
C SER TA 453 55.57 47.18 -71.19
N GLY TA 454 56.76 46.60 -71.09
CA GLY TA 454 57.95 47.38 -70.81
C GLY TA 454 59.09 47.18 -71.80
N VAL TA 455 58.85 46.37 -72.83
CA VAL TA 455 59.90 46.03 -73.79
C VAL TA 455 60.20 47.23 -74.68
N ARG TA 456 59.18 47.72 -75.39
CA ARG TA 456 59.11 48.82 -76.36
C ARG TA 456 60.11 48.69 -77.51
N ASN TA 457 60.74 47.53 -77.68
CA ASN TA 457 61.61 47.32 -78.83
C ASN TA 457 60.89 46.50 -79.91
N GLU TA 458 59.66 46.09 -79.63
CA GLU TA 458 58.82 45.48 -80.65
C GLU TA 458 58.07 46.52 -81.47
N CYS TA 459 58.17 47.79 -81.09
CA CYS TA 459 57.45 48.85 -81.77
C CYS TA 459 57.91 48.99 -83.21
N ASP TA 460 59.14 49.42 -83.39
CA ASP TA 460 59.84 49.67 -84.66
C ASP TA 460 59.70 48.65 -85.80
N PRO TA 461 59.71 47.32 -85.60
CA PRO TA 461 59.39 46.45 -86.75
C PRO TA 461 57.95 46.56 -87.20
N ALA TA 462 57.05 46.83 -86.26
CA ALA TA 462 55.67 47.11 -86.63
C ALA TA 462 55.47 48.59 -86.94
N LEU TA 463 55.98 49.44 -86.06
CA LEU TA 463 55.85 50.89 -86.20
C LEU TA 463 56.31 51.40 -87.55
N ALA TA 464 57.42 50.86 -88.03
CA ALA TA 464 57.97 51.29 -89.32
C ALA TA 464 57.02 50.95 -90.46
N LEU TA 465 56.34 49.81 -90.38
CA LEU TA 465 55.57 49.32 -91.51
C LEU TA 465 54.22 50.02 -91.68
N LEU TA 466 53.65 50.53 -90.57
CA LEU TA 466 52.22 50.81 -90.39
C LEU TA 466 51.50 51.48 -91.56
N SER TA 467 52.16 52.43 -92.23
CA SER TA 467 51.52 53.24 -93.25
C SER TA 467 51.21 52.41 -94.50
N ASP TA 468 49.95 52.51 -94.93
CA ASP TA 468 49.48 51.82 -96.12
C ASP TA 468 48.70 52.75 -97.04
N TYR TA 469 48.14 53.83 -96.47
CA TYR TA 469 47.43 54.95 -97.07
C TYR TA 469 46.02 54.61 -97.57
N VAL TA 470 45.69 53.33 -97.76
CA VAL TA 470 44.28 52.94 -97.73
C VAL TA 470 43.98 51.61 -97.03
N LEU TA 471 44.37 50.48 -97.61
CA LEU TA 471 44.00 49.23 -96.97
C LEU TA 471 44.91 48.05 -97.26
N HIS TA 472 46.20 48.28 -97.09
CA HIS TA 472 47.19 47.22 -97.28
C HIS TA 472 47.43 46.50 -95.95
N ASN TA 473 48.34 45.52 -95.93
CA ASN TA 473 48.74 44.61 -94.86
C ASN TA 473 48.98 45.32 -93.53
N SER TA 474 49.87 46.32 -93.53
CA SER TA 474 50.38 46.92 -92.30
C SER TA 474 49.33 47.70 -91.52
N ASN TA 475 48.15 47.90 -92.10
CA ASN TA 475 47.03 48.41 -91.32
C ASN TA 475 46.45 47.34 -90.40
N THR TA 476 46.60 46.06 -90.73
CA THR TA 476 46.21 45.01 -89.80
C THR TA 476 47.27 44.82 -88.73
N MET TA 477 48.53 45.04 -89.09
CA MET TA 477 49.59 45.20 -88.10
C MET TA 477 49.41 46.48 -87.30
N ARG TA 478 48.65 47.41 -87.87
CA ARG TA 478 48.33 48.65 -87.17
C ARG TA 478 47.29 48.33 -86.10
N LEU TA 479 46.38 47.41 -86.42
CA LEU TA 479 45.35 46.98 -85.51
C LEU TA 479 45.97 46.20 -84.35
N GLY TA 480 46.83 45.24 -84.66
CA GLY TA 480 47.46 44.49 -83.59
C GLY TA 480 48.58 45.23 -82.88
N SER TA 481 49.15 46.24 -83.54
CA SER TA 481 50.34 46.87 -83.02
C SER TA 481 50.02 48.24 -82.42
N ILE TA 482 49.05 48.93 -82.99
CA ILE TA 482 48.49 50.08 -82.28
C ILE TA 482 47.75 49.61 -81.04
N PHE TA 483 47.03 48.50 -81.14
CA PHE TA 483 46.36 47.97 -79.96
C PHE TA 483 47.36 47.40 -78.96
N GLY TA 484 48.34 46.62 -79.46
CA GLY TA 484 49.30 46.00 -78.55
C GLY TA 484 50.29 47.00 -77.97
N LEU TA 485 50.51 48.11 -78.66
CA LEU TA 485 51.30 49.18 -78.09
C LEU TA 485 50.46 50.00 -77.12
N GLY TA 486 49.14 50.05 -77.33
CA GLY TA 486 48.26 50.52 -76.29
C GLY TA 486 48.31 49.63 -75.06
N LEU TA 487 48.51 48.33 -75.26
CA LEU TA 487 48.77 47.43 -74.14
C LEU TA 487 50.12 47.73 -73.51
N ALA TA 488 51.10 48.09 -74.35
CA ALA TA 488 52.47 48.38 -73.91
C ALA TA 488 52.83 49.59 -73.03
N TYR TA 489 52.30 50.78 -73.31
CA TYR TA 489 52.69 51.98 -72.53
C TYR TA 489 51.61 53.01 -72.20
N ALA TA 490 51.77 53.60 -71.02
CA ALA TA 490 50.91 54.63 -70.46
C ALA TA 490 51.75 55.77 -69.87
N GLY TA 491 52.20 56.68 -70.73
CA GLY TA 491 53.03 57.80 -70.32
C GLY TA 491 52.25 58.98 -69.77
N SER TA 492 52.95 60.08 -69.48
CA SER TA 492 52.30 61.28 -68.96
C SER TA 492 51.31 61.68 -70.03
N ASN TA 493 51.75 61.57 -71.28
CA ASN TA 493 50.90 61.76 -72.39
C ASN TA 493 51.85 61.19 -73.43
N ARG TA 494 51.92 59.86 -73.77
CA ARG TA 494 52.88 59.63 -74.91
C ARG TA 494 52.41 60.45 -76.19
N GLU TA 495 53.27 61.29 -76.84
CA GLU TA 495 52.76 62.04 -78.00
C GLU TA 495 53.29 61.48 -79.31
N ASP TA 496 54.41 60.74 -79.29
CA ASP TA 496 55.01 60.27 -80.54
C ASP TA 496 54.16 59.19 -81.19
N VAL TA 497 53.59 58.30 -80.39
CA VAL TA 497 52.72 57.25 -80.90
C VAL TA 497 51.40 57.87 -81.39
N LEU TA 498 51.02 59.02 -80.86
CA LEU TA 498 49.79 59.66 -81.32
C LEU TA 498 50.05 60.47 -82.58
N THR TA 499 51.26 61.01 -82.75
CA THR TA 499 51.64 61.55 -84.04
C THR TA 499 51.73 60.45 -85.08
N LEU TA 500 52.02 59.22 -84.65
CA LEU TA 500 51.77 58.08 -85.53
C LEU TA 500 50.28 57.84 -85.72
N LEU TA 501 49.45 58.16 -84.71
CA LEU TA 501 48.01 57.92 -84.83
C LEU TA 501 47.30 58.94 -85.69
N LEU TA 502 47.96 60.05 -86.05
CA LEU TA 502 47.31 61.01 -86.95
C LEU TA 502 47.19 60.50 -88.39
N PRO TA 503 48.17 59.81 -89.00
CA PRO TA 503 47.87 59.14 -90.27
C PRO TA 503 47.08 57.84 -90.11
N VAL TA 504 46.76 57.43 -88.89
CA VAL TA 504 45.90 56.26 -88.71
C VAL TA 504 44.44 56.66 -88.87
N MET TA 505 44.01 57.67 -88.12
CA MET TA 505 42.65 58.18 -88.31
C MET TA 505 42.54 58.96 -89.61
N GLY TA 506 43.63 59.62 -90.01
CA GLY TA 506 43.68 60.20 -91.34
C GLY TA 506 43.74 59.14 -92.43
N ASP TA 507 44.20 57.94 -92.10
CA ASP TA 507 44.17 56.83 -93.04
C ASP TA 507 42.73 56.35 -93.22
N SER TA 508 42.08 55.95 -92.11
CA SER TA 508 40.66 55.58 -92.06
C SER TA 508 40.32 54.43 -93.02
N LYS TA 509 40.86 53.26 -92.73
CA LYS TA 509 40.55 52.07 -93.50
C LYS TA 509 39.10 51.66 -93.26
N SER TA 510 38.51 50.99 -94.26
CA SER TA 510 37.15 50.48 -94.14
C SER TA 510 37.06 49.37 -93.09
N SER TA 511 38.18 48.71 -92.80
CA SER TA 511 38.30 47.86 -91.62
C SER TA 511 37.99 48.67 -90.37
N MET TA 512 37.00 48.18 -89.61
CA MET TA 512 36.53 48.89 -88.43
C MET TA 512 37.63 49.08 -87.40
N GLU TA 513 38.37 48.01 -87.10
CA GLU TA 513 39.25 48.02 -85.94
C GLU TA 513 40.51 48.86 -86.13
N VAL TA 514 40.69 49.50 -87.30
CA VAL TA 514 41.71 50.55 -87.42
C VAL TA 514 41.37 51.71 -86.50
N ALA TA 515 40.23 52.37 -86.78
CA ALA TA 515 39.76 53.43 -85.89
C ALA TA 515 39.32 52.87 -84.55
N GLY TA 516 38.93 51.58 -84.51
CA GLY TA 516 38.62 50.93 -83.25
C GLY TA 516 39.79 50.92 -82.29
N VAL TA 517 40.92 50.32 -82.69
CA VAL TA 517 42.08 50.30 -81.82
C VAL TA 517 42.79 51.65 -81.80
N THR TA 518 42.44 52.56 -82.71
CA THR TA 518 42.90 53.93 -82.58
C THR TA 518 42.29 54.58 -81.34
N ALA TA 519 40.95 54.59 -81.29
CA ALA TA 519 40.25 55.18 -80.15
C ALA TA 519 40.54 54.43 -78.87
N LEU TA 520 40.48 53.09 -78.91
CA LEU TA 520 40.70 52.30 -77.72
C LEU TA 520 42.15 52.36 -77.26
N ALA TA 521 43.09 52.38 -78.19
CA ALA TA 521 44.50 52.40 -77.81
C ALA TA 521 44.93 53.76 -77.28
N CYS TA 522 44.50 54.84 -77.95
CA CYS TA 522 44.81 56.18 -77.44
C CYS TA 522 44.03 56.47 -76.17
N GLY TA 523 42.92 55.76 -75.97
CA GLY TA 523 42.22 55.84 -74.71
C GLY TA 523 42.97 55.13 -73.60
N MET TA 524 43.56 53.96 -73.89
CA MET TA 524 44.41 53.28 -72.92
C MET TA 524 45.64 54.10 -72.59
N ILE TA 525 46.14 54.86 -73.56
CA ILE TA 525 47.13 55.89 -73.28
C ILE TA 525 46.53 57.01 -72.44
N ALA TA 526 45.23 57.27 -72.63
CA ALA TA 526 44.61 58.49 -72.14
C ALA TA 526 43.67 58.29 -70.96
N VAL TA 527 43.42 57.04 -70.53
CA VAL TA 527 42.68 56.83 -69.29
C VAL TA 527 43.52 57.29 -68.12
N GLY TA 528 42.91 58.03 -67.20
CA GLY TA 528 43.64 58.65 -66.11
C GLY TA 528 44.24 59.98 -66.46
N SER TA 529 43.75 60.64 -67.50
CA SER TA 529 44.21 61.99 -67.83
C SER TA 529 43.77 62.97 -66.76
N CYS TA 530 44.48 64.10 -66.68
CA CYS TA 530 44.27 65.06 -65.61
C CYS TA 530 42.94 65.78 -65.77
N ASN TA 531 41.89 65.24 -65.14
CA ASN TA 531 40.48 65.59 -65.37
C ASN TA 531 40.11 65.51 -66.84
N GLY TA 532 40.65 64.52 -67.54
CA GLY TA 532 40.55 64.37 -68.97
C GLY TA 532 41.21 65.53 -69.69
N ASP TA 533 40.89 65.62 -70.99
CA ASP TA 533 41.29 66.72 -71.85
C ASP TA 533 40.40 66.68 -73.08
N VAL TA 534 40.25 67.84 -73.73
CA VAL TA 534 39.40 67.97 -74.90
C VAL TA 534 40.35 68.31 -76.03
N THR TA 535 41.57 67.76 -75.93
CA THR TA 535 42.68 68.11 -76.81
C THR TA 535 42.42 67.69 -78.25
N SER TA 536 43.33 68.12 -79.13
CA SER TA 536 43.12 68.00 -80.57
C SER TA 536 43.22 66.56 -81.06
N THR TA 537 43.68 65.65 -80.21
CA THR TA 537 43.68 64.24 -80.51
C THR TA 537 42.24 63.73 -80.66
N ILE TA 538 41.50 63.77 -79.55
CA ILE TA 538 40.14 63.26 -79.58
C ILE TA 538 39.19 64.28 -80.17
N LEU TA 539 39.56 65.57 -80.14
CA LEU TA 539 38.83 66.57 -80.90
C LEU TA 539 38.93 66.30 -82.39
N GLN TA 540 40.13 65.90 -82.82
CA GLN TA 540 40.36 65.49 -84.20
C GLN TA 540 39.56 64.25 -84.55
N THR TA 541 39.44 63.30 -83.62
CA THR TA 541 38.63 62.14 -83.98
C THR TA 541 37.14 62.40 -83.82
N ILE TA 542 36.75 63.48 -83.15
CA ILE TA 542 35.36 63.93 -83.20
C ILE TA 542 35.05 64.52 -84.57
N MET TA 543 35.91 65.41 -85.05
CA MET TA 543 35.64 66.07 -86.32
C MET TA 543 35.80 65.12 -87.49
N GLU TA 544 36.81 64.24 -87.43
CA GLU TA 544 36.97 63.23 -88.47
C GLU TA 544 36.00 62.07 -88.26
N LYS TA 545 35.43 61.94 -87.07
CA LYS TA 545 34.30 61.04 -86.86
C LYS TA 545 33.06 61.52 -87.57
N SER TA 546 32.67 62.77 -87.31
CA SER TA 546 31.50 63.37 -87.95
C SER TA 546 31.75 63.70 -89.41
N GLU TA 547 33.00 63.57 -89.87
CA GLU TA 547 33.29 63.62 -91.30
C GLU TA 547 32.54 62.52 -92.05
N THR TA 548 32.73 61.26 -91.65
CA THR TA 548 32.15 60.13 -92.36
C THR TA 548 31.10 59.39 -91.52
N GLU TA 549 29.84 59.52 -91.94
CA GLU TA 549 28.76 58.76 -91.33
C GLU TA 549 28.55 57.42 -92.05
N LEU TA 550 29.42 56.46 -91.77
CA LEU TA 550 29.35 55.15 -92.42
C LEU TA 550 29.82 54.10 -91.43
N LYS TA 551 29.16 52.93 -91.45
CA LYS TA 551 29.53 51.76 -90.66
C LYS TA 551 29.52 52.07 -89.15
N ASP TA 552 28.30 52.19 -88.64
CA ASP TA 552 27.97 52.69 -87.29
C ASP TA 552 28.75 52.08 -86.13
N THR TA 553 29.41 50.94 -86.34
CA THR TA 553 30.42 50.44 -85.41
C THR TA 553 31.53 51.47 -85.19
N TYR TA 554 31.87 52.26 -86.21
CA TYR TA 554 32.70 53.44 -86.01
C TYR TA 554 32.06 54.43 -85.05
N ALA TA 555 30.76 54.69 -85.24
CA ALA TA 555 30.04 55.61 -84.37
C ALA TA 555 29.79 55.03 -82.98
N ARG TA 556 30.16 53.77 -82.74
CA ARG TA 556 30.09 53.19 -81.42
C ARG TA 556 31.46 53.13 -80.76
N TRP TA 557 32.48 52.70 -81.51
CA TRP TA 557 33.79 52.45 -80.89
C TRP TA 557 34.69 53.68 -80.91
N LEU TA 558 34.36 54.70 -81.68
CA LEU TA 558 35.04 55.97 -81.46
C LEU TA 558 34.58 56.68 -80.17
N PRO TA 559 33.28 56.72 -79.80
CA PRO TA 559 32.94 57.24 -78.46
C PRO TA 559 33.42 56.37 -77.31
N LEU TA 560 33.78 55.12 -77.57
CA LEU TA 560 34.58 54.33 -76.62
C LEU TA 560 35.84 55.08 -76.22
N GLY TA 561 36.72 55.34 -77.18
CA GLY TA 561 37.99 55.97 -76.84
C GLY TA 561 37.84 57.43 -76.47
N LEU TA 562 36.77 58.08 -76.97
CA LEU TA 562 36.40 59.39 -76.45
C LEU TA 562 36.15 59.34 -74.95
N GLY TA 563 35.25 58.45 -74.52
CA GLY TA 563 34.96 58.33 -73.10
C GLY TA 563 36.13 57.79 -72.29
N LEU TA 564 37.04 57.08 -72.94
CA LEU TA 564 38.27 56.66 -72.28
C LEU TA 564 39.17 57.86 -72.00
N ASN TA 565 39.25 58.80 -72.95
CA ASN TA 565 39.98 60.03 -72.66
C ASN TA 565 39.22 60.88 -71.65
N HIS TA 566 37.89 60.75 -71.58
CA HIS TA 566 37.16 61.42 -70.51
C HIS TA 566 37.40 60.78 -69.16
N LEU TA 567 37.86 59.53 -69.12
CA LEU TA 567 38.20 58.92 -67.84
C LEU TA 567 39.48 59.54 -67.31
N GLY TA 568 39.58 59.61 -65.98
CA GLY TA 568 40.52 60.47 -65.31
C GLY TA 568 39.89 61.73 -64.77
N LYS TA 569 38.60 61.93 -65.06
CA LYS TA 569 37.84 63.08 -64.61
C LYS TA 569 37.68 63.07 -63.09
N GLY TA 570 37.55 64.26 -62.51
CA GLY TA 570 36.93 64.42 -61.22
C GLY TA 570 35.74 65.35 -61.33
N GLU TA 571 35.86 66.35 -62.20
CA GLU TA 571 34.86 67.41 -62.28
C GLU TA 571 34.58 67.86 -63.71
N ALA TA 572 34.85 67.02 -64.71
CA ALA TA 572 34.98 67.46 -66.10
C ALA TA 572 33.68 67.97 -66.67
N ILE TA 573 33.77 69.11 -67.34
CA ILE TA 573 32.65 69.70 -68.07
C ILE TA 573 32.68 69.26 -69.53
N GLU TA 574 33.43 68.18 -69.81
CA GLU TA 574 33.66 67.72 -71.16
C GLU TA 574 32.41 67.08 -71.75
N ALA TA 575 31.47 66.67 -70.90
CA ALA TA 575 30.16 66.24 -71.39
C ALA TA 575 29.38 67.42 -71.94
N ILE TA 576 29.59 68.60 -71.36
CA ILE TA 576 28.95 69.81 -71.87
C ILE TA 576 29.69 70.29 -73.12
N LEU TA 577 31.00 70.11 -73.15
CA LEU TA 577 31.79 70.55 -74.29
C LEU TA 577 31.51 69.69 -75.52
N ALA TA 578 31.58 68.37 -75.36
CA ALA TA 578 31.17 67.46 -76.43
C ALA TA 578 29.66 67.50 -76.65
N ALA TA 579 28.91 67.97 -75.65
CA ALA TA 579 27.49 68.19 -75.88
C ALA TA 579 27.26 69.35 -76.83
N LEU TA 580 28.10 70.38 -76.75
CA LEU TA 580 27.96 71.50 -77.69
C LEU TA 580 28.50 71.12 -79.06
N GLU TA 581 29.63 70.41 -79.09
CA GLU TA 581 30.27 70.12 -80.38
C GLU TA 581 29.54 69.02 -81.14
N VAL TA 582 29.04 68.01 -80.44
CA VAL TA 582 28.85 66.68 -80.99
C VAL TA 582 27.41 66.42 -81.39
N VAL TA 583 26.44 66.80 -80.55
CA VAL TA 583 25.12 66.15 -80.52
C VAL TA 583 24.33 66.46 -81.78
N SER TA 584 23.59 65.44 -82.23
CA SER TA 584 22.87 65.44 -83.50
C SER TA 584 21.90 64.27 -83.47
N GLU TA 585 21.51 63.79 -84.66
CA GLU TA 585 20.91 62.49 -84.92
C GLU TA 585 21.59 61.38 -84.11
N PRO TA 586 20.82 60.35 -83.63
CA PRO TA 586 21.25 59.58 -82.44
C PRO TA 586 22.54 58.76 -82.54
N PHE TA 587 23.27 58.84 -83.65
CA PHE TA 587 24.64 58.37 -83.66
C PHE TA 587 25.49 59.19 -82.71
N ARG TA 588 25.42 60.53 -82.84
CA ARG TA 588 26.22 61.40 -82.00
C ARG TA 588 25.50 61.78 -80.72
N SER TA 589 24.20 61.52 -80.64
CA SER TA 589 23.54 61.53 -79.33
C SER TA 589 23.86 60.24 -78.58
N PHE TA 590 24.19 59.18 -79.32
CA PHE TA 590 24.74 57.99 -78.70
C PHE TA 590 26.19 58.22 -78.28
N ALA TA 591 26.90 59.09 -79.01
CA ALA TA 591 28.17 59.58 -78.50
C ALA TA 591 27.97 60.41 -77.24
N ASN TA 592 26.89 61.20 -77.20
CA ASN TA 592 26.55 61.97 -76.01
C ASN TA 592 26.27 61.07 -74.81
N THR TA 593 25.58 59.94 -75.06
CA THR TA 593 25.32 59.06 -73.93
C THR TA 593 26.56 58.24 -73.58
N LEU TA 594 27.52 58.11 -74.49
CA LEU TA 594 28.77 57.45 -74.14
C LEU TA 594 29.63 58.33 -73.25
N VAL TA 595 29.73 59.62 -73.58
CA VAL TA 595 30.43 60.55 -72.70
C VAL TA 595 29.67 60.72 -71.40
N ASP TA 596 28.33 60.65 -71.45
CA ASP TA 596 27.51 60.68 -70.25
C ASP TA 596 27.77 59.47 -69.36
N VAL TA 597 28.05 58.31 -69.97
CA VAL TA 597 28.42 57.13 -69.20
C VAL TA 597 29.80 57.31 -68.58
N CYS TA 598 30.79 57.66 -69.40
CA CYS TA 598 32.17 57.53 -68.97
C CYS TA 598 32.60 58.70 -68.09
N ALA TA 599 31.88 59.82 -68.13
CA ALA TA 599 32.28 60.97 -67.34
C ALA TA 599 31.78 60.88 -65.91
N TYR TA 600 30.99 59.85 -65.58
CA TYR TA 600 30.22 59.77 -64.34
C TYR TA 600 30.47 58.48 -63.59
N ALA TA 601 31.75 58.19 -63.27
CA ALA TA 601 32.20 56.93 -62.66
C ALA TA 601 31.39 56.45 -61.46
N GLY TA 602 30.97 57.36 -60.58
CA GLY TA 602 30.10 56.95 -59.49
C GLY TA 602 30.40 57.58 -58.14
N SER TA 603 29.37 58.14 -57.52
CA SER TA 603 29.44 58.77 -56.20
C SER TA 603 28.05 58.78 -55.61
N GLY TA 604 27.84 59.57 -54.56
CA GLY TA 604 26.47 59.81 -54.15
C GLY TA 604 25.93 60.96 -54.96
N ASN TA 605 25.35 60.63 -56.11
CA ASN TA 605 24.95 61.59 -57.12
C ASN TA 605 23.69 61.14 -57.83
N VAL TA 606 22.65 60.79 -57.05
CA VAL TA 606 21.45 60.06 -57.47
C VAL TA 606 20.62 60.82 -58.51
N LEU TA 607 20.92 62.11 -58.72
CA LEU TA 607 20.22 62.91 -59.71
C LEU TA 607 20.42 62.36 -61.12
N LYS TA 608 21.61 61.83 -61.42
CA LYS TA 608 21.77 61.15 -62.70
C LYS TA 608 21.20 59.74 -62.67
N VAL TA 609 20.81 59.26 -61.50
CA VAL TA 609 20.16 57.95 -61.42
C VAL TA 609 18.66 58.10 -61.66
N GLN TA 610 18.09 59.26 -61.32
CA GLN TA 610 16.72 59.51 -61.75
C GLN TA 610 16.68 60.06 -63.16
N GLN TA 611 17.77 60.71 -63.60
CA GLN TA 611 17.98 60.93 -65.02
C GLN TA 611 18.06 59.60 -65.76
N LEU TA 612 18.76 58.63 -65.16
CA LEU TA 612 18.76 57.25 -65.66
C LEU TA 612 17.36 56.66 -65.69
N LEU TA 613 16.52 57.01 -64.70
CA LEU TA 613 15.13 56.52 -64.69
C LEU TA 613 14.33 57.08 -65.85
N HIS TA 614 14.47 58.37 -66.15
CA HIS TA 614 13.64 58.96 -67.18
C HIS TA 614 14.18 58.65 -68.58
N ILE TA 615 15.46 58.92 -68.82
CA ILE TA 615 16.00 58.71 -70.15
C ILE TA 615 16.30 57.24 -70.40
N CYS TA 616 16.16 56.39 -69.37
CA CYS TA 616 16.07 54.95 -69.59
C CYS TA 616 14.87 54.58 -70.46
N SER TA 617 13.80 55.38 -70.42
CA SER TA 617 12.62 55.12 -71.24
C SER TA 617 12.68 55.75 -72.62
N GLU TA 618 13.88 56.03 -73.13
CA GLU TA 618 14.02 56.65 -74.45
C GLU TA 618 13.77 55.62 -75.56
N HIS TA 619 13.08 56.07 -76.61
CA HIS TA 619 12.67 55.19 -77.71
C HIS TA 619 13.85 54.66 -78.52
N PHE TA 620 14.97 55.39 -78.59
CA PHE TA 620 16.17 54.83 -79.20
C PHE TA 620 16.81 53.86 -78.22
N ASP TA 621 16.96 52.60 -78.65
CA ASP TA 621 17.19 51.49 -77.72
C ASP TA 621 18.64 51.03 -77.71
N SER TA 622 19.58 51.90 -78.05
CA SER TA 622 21.00 51.63 -77.82
C SER TA 622 21.65 52.61 -76.86
N LYS TA 623 21.21 53.87 -76.83
CA LYS TA 623 21.52 54.72 -75.70
C LYS TA 623 20.88 54.19 -74.41
N GLU TA 624 19.77 53.45 -74.54
CA GLU TA 624 19.33 52.59 -73.45
C GLU TA 624 20.40 51.57 -73.07
N LYS TA 625 21.07 50.98 -74.08
CA LYS TA 625 22.00 49.89 -73.80
C LYS TA 625 23.21 50.36 -73.02
N GLU TA 626 23.86 51.43 -73.50
CA GLU TA 626 25.04 51.86 -72.76
C GLU TA 626 24.69 52.71 -71.55
N GLU TA 627 23.63 53.52 -71.67
CA GLU TA 627 23.23 54.43 -70.58
C GLU TA 627 22.73 53.64 -69.38
N ASP TA 628 21.97 52.57 -69.62
CA ASP TA 628 21.63 51.69 -68.51
C ASP TA 628 22.81 50.80 -68.14
N LYS TA 629 23.76 50.61 -69.08
CA LYS TA 629 24.91 49.76 -68.81
C LYS TA 629 25.92 50.42 -67.88
N ASP TA 630 25.77 51.74 -67.64
CA ASP TA 630 26.68 52.47 -66.74
C ASP TA 630 26.58 52.01 -65.27
N LYS TA 631 25.52 51.25 -64.93
CA LYS TA 631 25.19 50.97 -63.53
C LYS TA 631 26.28 50.20 -62.79
N LYS TA 632 26.93 49.25 -63.46
CA LYS TA 632 27.96 48.47 -62.79
C LYS TA 632 29.24 49.27 -62.60
N GLU TA 633 29.39 50.36 -63.36
CA GLU TA 633 30.43 51.32 -63.03
C GLU TA 633 30.03 52.16 -61.82
N LYS TA 634 28.76 52.58 -61.76
CA LYS TA 634 28.37 53.60 -60.80
C LYS TA 634 28.27 53.04 -59.38
N LYS TA 635 27.39 52.07 -59.17
CA LYS TA 635 27.05 51.58 -57.84
C LYS TA 635 27.78 50.30 -57.49
N ASP TA 636 29.03 50.19 -57.95
CA ASP TA 636 29.80 48.95 -57.80
C ASP TA 636 30.14 48.63 -56.35
N LYS TA 637 30.13 49.64 -55.47
CA LYS TA 637 30.50 49.39 -54.08
C LYS TA 637 29.25 49.07 -53.23
N ASP TA 638 28.22 49.89 -53.33
CA ASP TA 638 26.93 49.59 -52.70
C ASP TA 638 26.14 48.68 -53.63
N LYS TA 639 26.58 47.43 -53.67
CA LYS TA 639 26.09 46.46 -54.64
C LYS TA 639 24.82 45.75 -54.20
N LYS TA 640 24.24 46.12 -53.06
CA LYS TA 640 23.00 45.47 -52.63
C LYS TA 640 21.81 46.07 -53.37
N GLU TA 641 21.99 47.29 -53.86
CA GLU TA 641 20.95 47.97 -54.62
C GLU TA 641 21.10 47.57 -56.09
N ALA TA 642 22.29 47.08 -56.44
CA ALA TA 642 22.55 46.65 -57.81
C ALA TA 642 21.61 45.57 -58.36
N PRO TA 643 21.04 44.65 -57.57
CA PRO TA 643 19.86 43.92 -58.07
C PRO TA 643 18.71 44.86 -58.36
N ALA TA 644 18.29 44.85 -59.62
CA ALA TA 644 17.19 45.68 -60.08
C ALA TA 644 16.25 44.82 -60.88
N ASP TA 645 15.18 45.43 -61.38
CA ASP TA 645 14.17 44.69 -62.11
C ASP TA 645 14.37 44.74 -63.60
N MET TA 646 15.63 44.74 -64.05
CA MET TA 646 15.91 44.78 -65.48
C MET TA 646 15.47 43.51 -66.17
N GLY TA 647 15.52 42.38 -65.47
CA GLY TA 647 14.91 41.16 -65.99
C GLY TA 647 13.40 41.24 -66.02
N ALA TA 648 12.80 42.02 -65.11
CA ALA TA 648 11.36 42.22 -65.14
C ALA TA 648 10.93 43.17 -66.24
N HIS TA 649 11.88 43.83 -66.91
CA HIS TA 649 11.56 44.62 -68.10
C HIS TA 649 11.56 43.72 -69.32
N GLN TA 650 11.29 44.30 -70.50
CA GLN TA 650 11.07 43.52 -71.71
C GLN TA 650 11.94 43.91 -72.89
N GLY TA 651 12.70 45.00 -72.79
CA GLY TA 651 13.55 45.43 -73.89
C GLY TA 651 14.85 44.66 -73.92
N VAL TA 652 14.81 43.43 -74.47
CA VAL TA 652 15.70 42.28 -74.23
C VAL TA 652 17.19 42.61 -74.06
N ALA TA 653 17.65 43.67 -74.75
CA ALA TA 653 18.98 44.21 -74.49
C ALA TA 653 19.14 44.70 -73.06
N VAL TA 654 18.04 45.08 -72.39
CA VAL TA 654 18.09 45.46 -70.98
C VAL TA 654 18.42 44.24 -70.10
N LEU TA 655 17.84 43.08 -70.43
CA LEU TA 655 18.24 41.84 -69.77
C LEU TA 655 19.69 41.52 -70.09
N GLY TA 656 20.14 41.89 -71.30
CA GLY TA 656 21.57 41.90 -71.57
C GLY TA 656 22.36 42.83 -70.67
N ILE TA 657 21.78 43.98 -70.29
CA ILE TA 657 22.51 44.97 -69.50
C ILE TA 657 22.72 44.48 -68.08
N ALA TA 658 21.68 43.95 -67.44
CA ALA TA 658 21.85 43.34 -66.13
C ALA TA 658 22.78 42.14 -66.20
N LEU TA 659 22.69 41.40 -67.32
CA LEU TA 659 23.55 40.26 -67.58
C LEU TA 659 25.02 40.67 -67.64
N ILE TA 660 25.30 41.86 -68.15
CA ILE TA 660 26.62 42.47 -67.99
C ILE TA 660 26.87 42.82 -66.54
N ALA TA 661 25.84 43.37 -65.89
CA ALA TA 661 26.03 44.12 -64.64
C ALA TA 661 26.39 43.21 -63.48
N MET TA 662 26.11 41.91 -63.58
CA MET TA 662 26.66 40.99 -62.61
C MET TA 662 28.18 40.90 -62.75
N GLY TA 663 28.62 40.51 -63.95
CA GLY TA 663 30.03 40.50 -64.26
C GLY TA 663 30.93 39.38 -63.79
N GLU TA 664 32.03 39.76 -63.14
CA GLU TA 664 33.01 38.77 -62.71
C GLU TA 664 33.38 38.66 -61.23
N GLU TA 665 33.09 39.64 -60.36
CA GLU TA 665 33.57 39.35 -59.01
C GLU TA 665 33.06 38.01 -58.48
N ILE TA 666 33.11 37.85 -57.15
CA ILE TA 666 33.05 36.51 -56.53
C ILE TA 666 31.66 35.88 -56.70
N GLY TA 667 30.63 36.69 -56.95
CA GLY TA 667 29.38 36.17 -57.46
C GLY TA 667 28.51 35.33 -56.54
N ALA TA 668 27.82 35.95 -55.59
CA ALA TA 668 27.02 35.25 -54.60
C ALA TA 668 25.82 34.51 -55.18
N GLU TA 669 25.07 33.82 -54.31
CA GLU TA 669 23.97 32.93 -54.71
C GLU TA 669 22.82 33.68 -55.35
N MET TA 670 22.69 34.97 -55.05
CA MET TA 670 21.66 35.78 -55.69
C MET TA 670 22.03 36.04 -57.15
N ALA TA 671 23.32 36.21 -57.44
CA ALA TA 671 23.77 36.41 -58.81
C ALA TA 671 23.53 35.17 -59.66
N LEU TA 672 23.96 34.01 -59.17
CA LEU TA 672 23.70 32.75 -59.87
C LEU TA 672 22.21 32.44 -59.92
N ARG TA 673 21.45 32.94 -58.94
CA ARG TA 673 19.99 32.83 -58.98
C ARG TA 673 19.42 33.66 -60.12
N THR TA 674 20.02 34.82 -60.40
CA THR TA 674 19.64 35.56 -61.61
C THR TA 674 20.10 34.83 -62.86
N PHE TA 675 21.19 34.06 -62.77
CA PHE TA 675 21.57 33.23 -63.90
C PHE TA 675 20.68 32.00 -64.02
N GLY TA 676 19.81 31.76 -63.04
CA GLY TA 676 18.76 30.76 -63.23
C GLY TA 676 17.82 31.13 -64.38
N HIS TA 677 17.36 32.37 -64.40
CA HIS TA 677 16.50 32.80 -65.51
C HIS TA 677 17.32 33.23 -66.71
N LEU TA 678 18.43 33.95 -66.47
CA LEU TA 678 19.23 34.46 -67.58
C LEU TA 678 19.94 33.34 -68.32
N LEU TA 679 20.18 32.21 -67.63
CA LEU TA 679 20.66 31.01 -68.28
C LEU TA 679 19.67 30.51 -69.33
N ARG TA 680 18.38 30.62 -69.05
CA ARG TA 680 17.35 30.12 -69.95
C ARG TA 680 16.75 31.28 -70.73
N TYR TA 681 17.30 31.49 -71.94
CA TYR TA 681 16.69 32.37 -72.91
C TYR TA 681 17.01 31.85 -74.31
N GLY TA 682 16.25 32.30 -75.30
CA GLY TA 682 16.27 31.67 -76.61
C GLY TA 682 16.99 32.42 -77.72
N GLU TA 683 17.16 33.73 -77.59
CA GLU TA 683 17.84 34.47 -78.63
C GLU TA 683 19.34 34.21 -78.57
N PRO TA 684 20.00 33.94 -79.69
CA PRO TA 684 21.39 33.43 -79.65
C PRO TA 684 22.41 34.46 -79.24
N THR TA 685 22.07 35.75 -79.32
CA THR TA 685 22.98 36.77 -78.82
C THR TA 685 22.83 36.94 -77.30
N LEU TA 686 21.67 36.59 -76.75
CA LEU TA 686 21.48 36.71 -75.31
C LEU TA 686 21.81 35.41 -74.61
N ARG TA 687 21.39 34.28 -75.20
CA ARG TA 687 21.91 32.98 -74.79
C ARG TA 687 23.41 32.89 -75.03
N ARG TA 688 23.92 33.58 -76.05
CA ARG TA 688 25.35 33.81 -76.17
C ARG TA 688 25.86 34.75 -75.08
N ALA TA 689 25.03 35.68 -74.64
CA ALA TA 689 25.54 36.71 -73.74
C ALA TA 689 25.65 36.21 -72.30
N VAL TA 690 24.93 35.15 -71.95
CA VAL TA 690 24.91 34.69 -70.56
C VAL TA 690 26.17 33.94 -70.10
N PRO TA 691 26.80 33.01 -70.89
CA PRO TA 691 27.92 32.28 -70.30
C PRO TA 691 29.19 33.09 -70.12
N LEU TA 692 29.28 34.24 -70.79
CA LEU TA 692 30.49 35.05 -70.74
C LEU TA 692 30.66 35.68 -69.36
N ALA TA 693 29.70 36.49 -68.94
CA ALA TA 693 29.74 37.04 -67.59
C ALA TA 693 29.41 35.97 -66.56
N LEU TA 694 28.69 34.92 -66.97
CA LEU TA 694 28.39 33.81 -66.06
C LEU TA 694 29.66 33.09 -65.61
N ALA TA 695 30.62 32.91 -66.51
CA ALA TA 695 31.84 32.23 -66.10
C ALA TA 695 32.98 33.23 -65.83
N LEU TA 696 32.76 34.50 -66.14
CA LEU TA 696 33.59 35.55 -65.55
C LEU TA 696 33.31 35.69 -64.06
N ILE TA 697 32.06 35.47 -63.65
CA ILE TA 697 31.72 35.71 -62.25
C ILE TA 697 32.13 34.50 -61.39
N SER TA 698 32.60 33.43 -62.04
CA SER TA 698 33.19 32.28 -61.36
C SER TA 698 34.48 31.90 -62.08
N VAL TA 699 35.60 32.45 -61.64
CA VAL TA 699 36.88 32.18 -62.26
C VAL TA 699 37.72 31.25 -61.38
N SER TA 714 27.79 19.25 -60.27
CA SER TA 714 28.93 19.98 -59.76
C SER TA 714 28.59 21.45 -59.51
N HIS TA 715 29.61 22.25 -59.22
CA HIS TA 715 29.41 23.67 -58.96
C HIS TA 715 29.71 24.51 -60.20
N ASP TA 716 30.98 24.89 -60.36
CA ASP TA 716 31.39 25.68 -61.51
C ASP TA 716 30.93 25.11 -62.84
N ALA TA 717 31.14 23.80 -63.06
CA ALA TA 717 30.85 23.23 -64.36
C ALA TA 717 29.39 22.78 -64.46
N ASP TA 718 28.64 22.91 -63.36
CA ASP TA 718 27.22 22.57 -63.37
C ASP TA 718 26.40 23.44 -64.32
N PRO TA 719 26.52 24.78 -64.35
CA PRO TA 719 25.78 25.52 -65.39
C PRO TA 719 26.32 25.28 -66.78
N GLU TA 720 27.57 24.86 -66.91
CA GLU TA 720 28.15 24.55 -68.22
C GLU TA 720 27.47 23.35 -68.86
N VAL TA 721 27.40 22.24 -68.12
CA VAL TA 721 26.68 21.06 -68.60
C VAL TA 721 25.19 21.36 -68.70
N SER TA 722 24.71 22.32 -67.90
CA SER TA 722 23.36 22.82 -68.12
C SER TA 722 23.22 23.53 -69.47
N TYR TA 723 24.29 24.19 -69.95
CA TYR TA 723 24.22 24.79 -71.28
C TYR TA 723 24.27 23.72 -72.36
N ASN TA 724 24.98 22.62 -72.08
CA ASN TA 724 24.91 21.46 -72.96
C ASN TA 724 23.49 20.92 -73.01
N SER TA 725 22.77 21.02 -71.89
CA SER TA 725 21.36 20.66 -71.89
C SER TA 725 20.52 21.72 -72.60
N ILE TA 726 21.01 22.96 -72.68
CA ILE TA 726 20.25 24.00 -73.38
C ILE TA 726 20.30 23.78 -74.89
N PHE TA 727 21.50 23.75 -75.46
CA PHE TA 727 21.57 23.53 -76.91
C PHE TA 727 21.39 22.07 -77.25
N ALA TA 728 22.27 21.21 -76.75
CA ALA TA 728 22.15 19.78 -76.99
C ALA TA 728 21.44 19.10 -75.82
N ALA TA 739 22.67 27.24 -81.20
CA ALA TA 739 23.21 27.11 -82.55
C ALA TA 739 24.73 27.05 -82.52
N ARG TA 740 25.34 27.39 -83.65
CA ARG TA 740 26.81 27.50 -83.71
C ARG TA 740 27.30 28.64 -82.84
N LEU TA 741 26.50 29.72 -82.76
CA LEU TA 741 26.79 30.83 -81.86
C LEU TA 741 26.79 30.38 -80.41
N ALA TA 742 25.77 29.58 -80.09
CA ALA TA 742 25.57 29.02 -78.77
C ALA TA 742 26.74 28.13 -78.42
N ALA TA 743 27.22 27.36 -79.39
CA ALA TA 743 28.38 26.49 -79.17
C ALA TA 743 29.59 27.37 -78.85
N MET TA 744 29.74 28.46 -79.61
CA MET TA 744 30.82 29.40 -79.42
C MET TA 744 30.70 30.06 -78.05
N LEU TA 745 29.47 30.39 -77.67
CA LEU TA 745 29.19 30.99 -76.37
C LEU TA 745 29.58 30.03 -75.26
N ARG TA 746 29.27 28.75 -75.45
CA ARG TA 746 29.60 27.71 -74.49
C ARG TA 746 31.11 27.60 -74.36
N GLN TA 747 31.82 27.69 -75.47
CA GLN TA 747 33.28 27.65 -75.47
C GLN TA 747 33.83 28.84 -74.69
N LEU TA 748 33.21 30.01 -74.88
CA LEU TA 748 33.61 31.22 -74.17
C LEU TA 748 33.39 31.05 -72.67
N ALA TA 749 32.28 30.41 -72.31
CA ALA TA 749 31.94 30.13 -70.92
C ALA TA 749 32.97 29.21 -70.32
N GLN TA 750 33.41 28.21 -71.10
CA GLN TA 750 34.42 27.26 -70.66
C GLN TA 750 35.74 27.99 -70.42
N TYR TA 751 36.06 28.94 -71.30
CA TYR TA 751 37.26 29.75 -71.18
C TYR TA 751 37.20 30.57 -69.90
N HIS TA 752 36.01 31.12 -69.61
CA HIS TA 752 35.80 31.90 -68.40
C HIS TA 752 35.98 31.02 -67.16
N ALA TA 753 35.49 29.79 -67.25
CA ALA TA 753 35.58 28.83 -66.16
C ALA TA 753 37.05 28.59 -65.87
N LYS TA 754 37.86 28.48 -66.92
CA LYS TA 754 39.29 28.28 -66.68
C LYS TA 754 40.11 28.91 -67.81
N LYS TA 773 38.43 50.49 -58.55
CA LYS TA 773 38.20 50.80 -59.96
C LYS TA 773 39.50 50.86 -60.78
N GLY TA 774 40.13 49.71 -60.97
CA GLY TA 774 41.25 49.65 -61.89
C GLY TA 774 40.75 49.69 -63.32
N THR TA 775 41.21 50.66 -64.10
CA THR TA 775 40.65 50.93 -65.42
C THR TA 775 40.96 49.81 -66.41
N LEU TA 776 42.07 49.10 -66.16
CA LEU TA 776 42.52 48.04 -67.05
C LEU TA 776 41.53 46.88 -67.13
N THR TA 777 40.76 46.67 -66.07
CA THR TA 777 39.66 45.72 -66.15
C THR TA 777 38.33 46.39 -66.50
N LEU TA 778 38.34 47.72 -66.66
CA LEU TA 778 37.09 48.42 -66.96
C LEU TA 778 36.90 48.61 -68.46
N CYS TA 779 38.00 48.75 -69.20
CA CYS TA 779 37.89 49.00 -70.63
C CYS TA 779 37.41 47.81 -71.48
N PRO TA 780 38.04 46.61 -71.44
CA PRO TA 780 37.87 45.69 -72.59
C PRO TA 780 36.51 45.03 -72.70
N TYR TA 781 35.70 45.03 -71.64
CA TYR TA 781 34.38 44.43 -71.79
C TYR TA 781 33.37 45.43 -72.34
N HIS TA 782 33.58 46.72 -72.06
CA HIS TA 782 32.82 47.72 -72.79
C HIS TA 782 33.31 47.79 -74.23
N SER TA 783 34.56 47.37 -74.47
CA SER TA 783 34.96 47.08 -75.85
C SER TA 783 34.24 45.85 -76.39
N ASP TA 784 33.84 44.92 -75.51
CA ASP TA 784 33.15 43.72 -75.95
C ASP TA 784 31.66 43.97 -76.23
N ARG TA 785 31.13 45.13 -75.83
CA ARG TA 785 29.67 45.31 -75.83
C ARG TA 785 29.00 45.41 -77.19
N GLN TA 786 29.72 45.23 -78.30
CA GLN TA 786 29.07 45.18 -79.61
C GLN TA 786 29.20 43.81 -80.27
N LEU TA 787 28.98 42.74 -79.50
CA LEU TA 787 29.37 41.39 -79.89
C LEU TA 787 28.51 40.79 -81.01
N MET TA 788 27.31 41.33 -81.25
CA MET TA 788 26.35 40.71 -82.16
C MET TA 788 26.73 40.87 -83.64
N SER TA 789 27.90 40.38 -84.00
CA SER TA 789 28.53 40.77 -85.25
C SER TA 789 29.45 39.70 -85.80
N GLN TA 790 30.34 40.11 -86.70
CA GLN TA 790 31.20 39.23 -87.47
C GLN TA 790 32.30 38.67 -86.55
N VAL TA 791 32.94 37.58 -86.98
CA VAL TA 791 34.13 37.06 -86.32
C VAL TA 791 35.34 37.95 -86.57
N ALA TA 792 35.24 38.86 -87.54
CA ALA TA 792 36.24 39.91 -87.70
C ALA TA 792 36.27 40.82 -86.48
N VAL TA 793 35.09 41.10 -85.94
CA VAL TA 793 35.00 41.77 -84.64
C VAL TA 793 35.54 40.85 -83.56
N ALA TA 794 35.29 39.55 -83.68
CA ALA TA 794 35.77 38.60 -82.69
C ALA TA 794 37.26 38.31 -82.85
N GLY TA 795 37.88 38.81 -83.92
CA GLY TA 795 39.33 38.80 -84.00
C GLY TA 795 39.97 39.74 -82.99
N LEU TA 796 39.21 40.75 -82.53
CA LEU TA 796 39.67 41.61 -81.46
C LEU TA 796 39.06 41.21 -80.10
N LEU TA 797 38.17 40.22 -80.12
CA LEU TA 797 37.53 39.75 -78.90
C LEU TA 797 38.56 39.28 -77.88
N THR TA 798 39.74 38.92 -78.35
CA THR TA 798 40.81 38.44 -77.48
C THR TA 798 41.78 39.56 -77.15
N VAL TA 799 41.24 40.72 -76.78
CA VAL TA 799 42.07 41.88 -76.43
C VAL TA 799 41.55 42.56 -75.18
N LEU TA 800 40.68 41.82 -74.48
CA LEU TA 800 40.11 42.24 -73.21
C LEU TA 800 41.03 41.62 -72.19
N VAL TA 801 42.27 42.09 -72.17
CA VAL TA 801 43.30 41.55 -71.28
C VAL TA 801 43.19 42.14 -69.88
N SER TA 802 42.29 41.59 -69.07
CA SER TA 802 42.08 42.08 -67.70
C SER TA 802 42.48 41.14 -66.56
N PHE TA 803 43.25 40.08 -66.85
CA PHE TA 803 43.59 39.15 -65.79
C PHE TA 803 45.08 38.84 -65.78
N LEU TA 804 45.65 38.69 -64.59
CA LEU TA 804 47.06 38.40 -64.44
C LEU TA 804 47.47 37.17 -65.26
ZN ZN UA . -32.42 16.31 -77.55
PG AGS VA . 22.11 -2.78 -41.36
S1G AGS VA . 21.20 -4.49 -41.14
O2G AGS VA . 21.24 -1.82 -42.22
O3G AGS VA . 22.43 -2.14 -39.98
PB AGS VA . 23.30 -3.14 -43.72
O1B AGS VA . 24.16 -4.38 -44.00
O2B AGS VA . 21.88 -3.27 -44.10
O3B AGS VA . 23.42 -2.93 -42.15
PA AGS VA . 25.52 -1.93 -44.62
O1A AGS VA . 25.93 -0.92 -43.54
O2A AGS VA . 26.09 -3.29 -44.50
O3A AGS VA . 23.96 -1.99 -44.57
O5' AGS VA . 25.94 -1.37 -46.01
C5' AGS VA . 27.32 -1.47 -46.37
C4' AGS VA . 28.06 -0.21 -46.00
O4' AGS VA . 29.34 -0.57 -45.46
C3' AGS VA . 28.45 0.63 -47.21
O3' AGS VA . 28.93 1.90 -46.77
C2' AGS VA . 29.59 -0.20 -47.79
O2' AGS VA . 30.46 0.56 -48.62
C1' AGS VA . 30.30 -0.65 -46.51
N9 AGS VA . 30.80 -2.02 -46.53
C8 AGS VA . 30.45 -3.01 -45.66
N7 AGS VA . 31.05 -4.16 -45.88
C5 AGS VA . 31.84 -3.90 -46.99
C6 AGS VA . 32.71 -4.71 -47.74
N6 AGS VA . 32.94 -6.00 -47.47
N1 AGS VA . 33.34 -4.15 -48.79
C2 AGS VA . 33.12 -2.87 -49.07
N3 AGS VA . 32.31 -2.01 -48.44
C4 AGS VA . 31.71 -2.58 -47.40
PG AGS WA . -28.99 3.45 -16.36
S1G AGS WA . -29.64 2.42 -17.88
O2G AGS WA . -28.70 2.49 -15.18
O3G AGS WA . -27.71 4.23 -16.76
PB AGS WA . -31.46 3.68 -15.66
O1B AGS WA . -32.27 3.98 -16.86
O2B AGS WA . -31.09 2.19 -15.56
O3B AGS WA . -30.09 4.40 -15.82
PA AGS WA . -33.62 3.32 -14.06
O1A AGS WA . -34.56 4.41 -13.54
O2A AGS WA . -34.11 2.58 -15.24
O3A AGS WA . -32.20 3.99 -14.29
O5' AGS WA . -33.40 2.20 -12.99
C5' AGS WA . -33.86 2.37 -11.65
C4' AGS WA . -35.12 1.58 -11.42
O4' AGS WA . -35.05 0.97 -10.11
C3' AGS WA . -36.40 2.42 -11.45
O3' AGS WA . -37.08 2.18 -12.68
C2' AGS WA . -37.22 1.89 -10.27
O2' AGS WA . -38.11 0.84 -10.64
C1' AGS WA . -36.15 1.38 -9.31
N9 AGS WA . -35.68 2.35 -8.33
C8 AGS WA . -34.44 2.92 -8.26
N7 AGS WA . -34.29 3.76 -7.26
C5 AGS WA . -35.52 3.73 -6.62
C6 AGS WA . -36.02 4.40 -5.50
N6 AGS WA . -35.31 5.27 -4.78
N1 AGS WA . -37.29 4.15 -5.13
C2 AGS WA . -38.01 3.29 -5.85
N3 AGS WA . -37.65 2.60 -6.93
C4 AGS WA . -36.38 2.87 -7.28
PG AGS XA . -21.41 -21.81 -28.39
S1G AGS XA . -20.07 -23.10 -28.96
O2G AGS XA . -21.65 -20.83 -29.57
O3G AGS XA . -20.91 -20.98 -27.18
PB AGS XA . -24.07 -22.10 -28.70
O1B AGS XA . -24.69 -21.11 -27.80
O2B AGS XA . -23.74 -21.57 -30.10
O3B AGS XA . -22.72 -22.56 -28.04
PA AGS XA . -24.22 -24.33 -29.87
O1A AGS XA . -22.94 -24.64 -29.09
O2A AGS XA . -23.98 -23.64 -31.15
O3A AGS XA . -24.97 -23.36 -28.91
O5' AGS XA . -25.13 -25.60 -30.06
C5' AGS XA . -24.55 -26.90 -29.86
C4' AGS XA . -25.40 -27.93 -30.57
O4' AGS XA . -25.20 -29.22 -29.96
C3' AGS XA . -26.89 -27.66 -30.52
O3' AGS XA . -27.29 -27.04 -31.73
C2' AGS XA . -27.50 -29.06 -30.42
O2' AGS XA . -27.65 -29.64 -31.70
C1' AGS XA . -26.44 -29.82 -29.65
N9 AGS XA . -26.59 -29.83 -28.21
C8 AGS XA . -25.87 -29.06 -27.32
N7 AGS XA . -26.11 -29.34 -26.05
C5 AGS XA . -27.13 -30.28 -26.12
C6 AGS XA . -27.88 -30.93 -25.12
N6 AGS XA . -27.72 -30.72 -23.81
N1 AGS XA . -28.77 -31.86 -25.51
C2 AGS XA . -28.94 -32.09 -26.82
N3 AGS XA . -28.30 -31.53 -27.86
C4 AGS XA . -27.41 -30.62 -27.43
PG AGS YA . 1.60 -25.48 -42.42
S1G AGS YA . -0.04 -24.45 -42.30
O2G AGS YA . 2.77 -24.47 -42.64
O3G AGS YA . 1.87 -26.25 -41.10
PB AGS YA . 2.90 -26.36 -44.46
O1B AGS YA . 3.10 -24.95 -44.83
O2B AGS YA . 3.91 -27.03 -43.53
O3B AGS YA . 1.59 -26.46 -43.63
PA AGS YA . 4.27 -27.06 -46.58
O1A AGS YA . 5.33 -26.56 -45.57
O2A AGS YA . 4.00 -26.22 -47.76
O3A AGS YA . 2.94 -27.23 -45.74
O5' AGS YA . 4.58 -28.52 -47.12
C5' AGS YA . 5.61 -29.37 -46.59
C4' AGS YA . 6.63 -29.62 -47.67
O4' AGS YA . 7.49 -30.71 -47.29
C3' AGS YA . 6.09 -29.94 -49.06
O3' AGS YA . 6.58 -28.99 -50.00
C2' AGS YA . 6.57 -31.37 -49.38
O2' AGS YA . 7.44 -31.44 -50.50
C1' AGS YA . 7.27 -31.84 -48.11
N9 AGS YA . 6.55 -32.86 -47.33
C8 AGS YA . 6.03 -32.73 -46.08
N7 AGS YA . 5.44 -33.81 -45.63
C5 AGS YA . 5.61 -34.72 -46.66
C6 AGS YA . 5.21 -36.07 -46.82
N6 AGS YA . 4.54 -36.75 -45.88
N1 AGS YA . 5.53 -36.69 -47.97
C2 AGS YA . 6.20 -36.01 -48.90
N3 AGS YA . 6.62 -34.74 -48.88
C4 AGS YA . 6.29 -34.16 -47.73
#